data_8RVE
#
_entry.id   8RVE
#
_entity_poly.entity_id   1
_entity_poly.type   'polypeptide(L)'
_entity_poly.pdbx_seq_one_letter_code
;MSTRSVSSSSYRRMFGGPGTASRPSSSRSYVTTSTRTYSLGSALRPSTSRSLYASSPGGVYATRSSAVRLRSSVPGVRLL
QDSVDFSLADAINTEFKNTRTNEKVELQELNDRFANYIDKVRFLEQQNKILLAELEQLKGQGKSRLGDLYEEEMRELRRQ
VDQLTNDKARVEVERDNLAEDIMRLREKLQEEMLQREEAENTLQSFRQDVDNASLARLDLERKVESLQEEIAFLKKLHEE
EIQELQAQIQEQHVQIDVDVSKPDLTAALRDVRQQYESVAAKNLQEAEEWYKSKFADLSEAANRNNDALRQAKQESTEYR
RQVQSLTCEVDALKGTNESLERQMREMEENFAVEAANYQDTIGRLQDEIQNMKEEMARHLREYQDLLNVKMALDIEIATY
RKLLEGEESRISLPLPNFSSLNLRETNLDSLPLVDTHSKRTLLIKTVETRDGQVINETSQHHDDLE
;
_entity_poly.pdbx_strand_id   0,1,2,3,4,5,6,7,8,9,A,AA,AB,AC,AD,AE,AF,AG,AH,AI,AJ,AK,AL,AM,AN,AO,AP,B,C,D,E,F,G,H,I,J,K,L,M,N,O,P,Q,R,S,T,U,V,W,X,Y,Z,a,b,c,d,e,f,g,h,i,j,k,l,m,n,o,p,q,r,s,t,u,v,w,x,y,z
#
# COMPACT_ATOMS: atom_id res chain seq x y z
N SER A 214 10.04 -121.97 -107.14
CA SER A 214 10.38 -121.77 -105.73
C SER A 214 11.74 -121.09 -105.55
N LEU A 215 12.66 -121.16 -106.53
CA LEU A 215 13.91 -120.38 -106.53
C LEU A 215 13.69 -118.93 -106.98
N ALA A 216 12.72 -118.66 -107.85
CA ALA A 216 12.25 -117.29 -108.15
C ALA A 216 11.53 -116.66 -106.95
N ARG A 217 10.83 -117.46 -106.13
CA ARG A 217 10.39 -117.08 -104.78
C ARG A 217 11.58 -116.72 -103.89
N LEU A 218 12.54 -117.63 -103.75
CA LEU A 218 13.66 -117.44 -102.83
C LEU A 218 14.64 -116.34 -103.20
N ASP A 219 14.93 -116.13 -104.47
CA ASP A 219 15.93 -115.15 -104.91
C ASP A 219 15.45 -113.70 -104.64
N LEU A 220 14.13 -113.49 -104.63
CA LEU A 220 13.48 -112.28 -104.14
C LEU A 220 13.33 -112.27 -102.61
N GLU A 221 12.90 -113.38 -101.98
CA GLU A 221 12.73 -113.44 -100.52
C GLU A 221 14.05 -113.26 -99.77
N ARG A 222 15.15 -113.85 -100.24
CA ARG A 222 16.50 -113.64 -99.68
C ARG A 222 16.98 -112.21 -99.83
N LYS A 223 16.59 -111.50 -100.90
CA LYS A 223 16.89 -110.08 -101.07
C LYS A 223 16.15 -109.23 -100.04
N VAL A 224 14.85 -109.48 -99.84
CA VAL A 224 14.08 -108.76 -98.81
C VAL A 224 14.50 -109.17 -97.39
N GLU A 225 14.87 -110.45 -97.16
CA GLU A 225 15.37 -110.99 -95.88
C GLU A 225 16.70 -110.32 -95.49
N SER A 226 17.62 -110.21 -96.46
CA SER A 226 18.90 -109.50 -96.29
C SER A 226 18.69 -107.99 -96.09
N LEU A 227 17.79 -107.37 -96.87
CA LEU A 227 17.48 -105.94 -96.74
C LEU A 227 16.78 -105.60 -95.41
N GLN A 228 15.98 -106.51 -94.84
CA GLN A 228 15.35 -106.31 -93.53
C GLN A 228 16.33 -106.55 -92.36
N GLU A 229 17.29 -107.48 -92.47
CA GLU A 229 18.44 -107.52 -91.55
C GLU A 229 19.36 -106.29 -91.69
N GLU A 230 19.56 -105.79 -92.92
CA GLU A 230 20.28 -104.53 -93.18
C GLU A 230 19.52 -103.30 -92.65
N ILE A 231 18.19 -103.26 -92.69
CA ILE A 231 17.40 -102.19 -92.05
C ILE A 231 17.52 -102.28 -90.53
N ALA A 232 17.43 -103.48 -89.94
CA ALA A 232 17.69 -103.67 -88.51
C ALA A 232 19.13 -103.26 -88.14
N PHE A 233 20.12 -103.54 -88.99
CA PHE A 233 21.52 -103.18 -88.78
C PHE A 233 21.77 -101.67 -88.92
N LEU A 234 21.20 -101.03 -89.93
CA LEU A 234 21.17 -99.57 -90.10
C LEU A 234 20.42 -98.86 -88.97
N LYS A 235 19.43 -99.50 -88.34
CA LYS A 235 18.68 -98.92 -87.21
C LYS A 235 19.33 -99.14 -85.84
N LYS A 236 20.05 -100.26 -85.63
CA LYS A 236 20.96 -100.41 -84.47
C LYS A 236 22.28 -99.63 -84.63
N LEU A 237 22.63 -99.15 -85.83
CA LEU A 237 23.65 -98.12 -86.08
C LEU A 237 23.11 -96.68 -85.99
N HIS A 238 21.86 -96.42 -86.43
CA HIS A 238 21.22 -95.11 -86.21
C HIS A 238 20.99 -94.82 -84.72
N GLU A 239 20.96 -95.84 -83.86
CA GLU A 239 21.03 -95.70 -82.41
C GLU A 239 22.32 -94.98 -81.94
N GLU A 240 23.45 -95.25 -82.60
CA GLU A 240 24.75 -94.61 -82.36
C GLU A 240 24.82 -93.20 -82.97
N GLU A 241 24.15 -92.94 -84.10
CA GLU A 241 23.98 -91.58 -84.64
C GLU A 241 23.11 -90.67 -83.74
N ILE A 242 22.02 -91.20 -83.16
CA ILE A 242 21.28 -90.46 -82.12
C ILE A 242 22.11 -90.37 -80.82
N GLN A 243 23.06 -91.28 -80.57
CA GLN A 243 23.98 -91.16 -79.42
C GLN A 243 25.06 -90.08 -79.61
N GLU A 244 25.45 -89.73 -80.83
CA GLU A 244 26.25 -88.52 -81.07
C GLU A 244 25.43 -87.23 -80.88
N LEU A 245 24.12 -87.23 -81.20
CA LEU A 245 23.22 -86.14 -80.81
C LEU A 245 23.06 -86.03 -79.28
N GLN A 246 22.83 -87.15 -78.59
CA GLN A 246 22.73 -87.16 -77.13
C GLN A 246 24.06 -86.74 -76.46
N ALA A 247 25.21 -87.04 -77.09
CA ALA A 247 26.52 -86.54 -76.66
C ALA A 247 26.67 -85.02 -76.82
N GLN A 248 26.14 -84.40 -77.89
CA GLN A 248 26.06 -82.93 -77.98
C GLN A 248 25.23 -82.34 -76.84
N ILE A 249 24.06 -82.92 -76.55
CA ILE A 249 23.20 -82.46 -75.43
C ILE A 249 23.90 -82.65 -74.08
N GLN A 250 24.75 -83.67 -73.94
CA GLN A 250 25.57 -83.94 -72.76
C GLN A 250 26.77 -82.98 -72.61
N GLU A 251 27.31 -82.45 -73.71
CA GLU A 251 28.42 -81.48 -73.74
C GLU A 251 28.00 -80.01 -73.59
N GLN A 252 26.73 -79.64 -73.79
CA GLN A 252 26.18 -78.26 -73.69
C GLN A 252 26.17 -77.64 -72.26
N HIS A 253 27.10 -78.03 -71.39
CA HIS A 253 27.02 -77.94 -69.93
C HIS A 253 28.16 -77.18 -69.19
N VAL A 254 29.08 -76.32 -69.67
CA VAL A 254 29.21 -75.30 -70.76
C VAL A 254 28.27 -74.09 -70.68
N GLN A 255 28.84 -72.88 -70.82
CA GLN A 255 28.32 -71.50 -70.62
C GLN A 255 28.39 -70.89 -69.20
N ILE A 256 27.86 -69.65 -69.07
CA ILE A 256 27.98 -68.72 -67.94
C ILE A 256 26.61 -68.13 -67.58
N ASP A 257 26.51 -67.59 -66.36
CA ASP A 257 25.31 -66.93 -65.83
C ASP A 257 24.82 -65.76 -66.70
N VAL A 258 23.53 -65.83 -67.02
CA VAL A 258 22.81 -64.97 -67.97
C VAL A 258 22.20 -63.76 -67.26
N ASP A 259 22.58 -62.56 -67.71
CA ASP A 259 22.19 -61.23 -67.21
C ASP A 259 22.44 -60.93 -65.71
N VAL A 260 22.67 -61.93 -64.85
CA VAL A 260 23.17 -61.71 -63.47
C VAL A 260 24.70 -61.68 -63.39
N SER A 261 25.44 -62.43 -64.20
CA SER A 261 26.92 -62.28 -64.34
C SER A 261 27.36 -61.01 -65.09
N LYS A 262 26.49 -60.00 -65.11
CA LYS A 262 26.68 -58.69 -65.73
C LYS A 262 26.59 -57.58 -64.66
N PRO A 263 27.40 -57.63 -63.58
CA PRO A 263 27.33 -56.70 -62.46
C PRO A 263 27.68 -55.27 -62.93
N ASP A 264 26.66 -54.47 -63.25
CA ASP A 264 26.64 -53.78 -64.54
C ASP A 264 27.74 -52.71 -64.74
N LEU A 265 28.51 -52.89 -65.82
CA LEU A 265 29.45 -51.89 -66.32
C LEU A 265 28.74 -50.68 -66.94
N THR A 266 27.58 -50.87 -67.59
CA THR A 266 26.83 -49.77 -68.18
C THR A 266 26.16 -48.91 -67.11
N ALA A 267 25.81 -49.47 -65.95
CA ALA A 267 25.46 -48.73 -64.73
C ALA A 267 26.64 -47.91 -64.20
N ALA A 268 27.86 -48.47 -64.13
CA ALA A 268 29.04 -47.71 -63.72
C ALA A 268 29.39 -46.55 -64.69
N LEU A 269 29.21 -46.75 -65.99
CA LEU A 269 29.36 -45.69 -67.00
C LEU A 269 28.18 -44.69 -67.04
N ARG A 270 27.00 -45.07 -66.54
CA ARG A 270 25.78 -44.26 -66.42
C ARG A 270 25.86 -43.35 -65.20
N ASP A 271 26.35 -43.88 -64.07
CA ASP A 271 26.71 -43.15 -62.87
C ASP A 271 27.69 -42.01 -63.15
N VAL A 272 28.85 -42.31 -63.75
CA VAL A 272 29.88 -41.30 -64.05
C VAL A 272 29.36 -40.18 -64.96
N ARG A 273 28.44 -40.46 -65.89
CA ARG A 273 27.82 -39.45 -66.76
C ARG A 273 26.80 -38.58 -66.01
N GLN A 274 25.87 -39.20 -65.30
CA GLN A 274 24.83 -38.50 -64.53
C GLN A 274 25.41 -37.74 -63.33
N GLN A 275 26.51 -38.22 -62.78
CA GLN A 275 27.34 -37.56 -61.77
C GLN A 275 28.08 -36.35 -62.34
N TYR A 276 28.69 -36.43 -63.54
CA TYR A 276 29.27 -35.25 -64.20
C TYR A 276 28.23 -34.22 -64.65
N GLU A 277 27.05 -34.65 -65.12
CA GLU A 277 25.92 -33.77 -65.45
C GLU A 277 25.42 -33.00 -64.22
N SER A 278 25.29 -33.71 -63.08
CA SER A 278 24.93 -33.12 -61.78
C SER A 278 26.00 -32.18 -61.21
N VAL A 279 27.28 -32.59 -61.28
CA VAL A 279 28.42 -31.79 -60.81
C VAL A 279 28.60 -30.52 -61.64
N ALA A 280 28.46 -30.60 -62.96
CA ALA A 280 28.55 -29.42 -63.83
C ALA A 280 27.43 -28.42 -63.55
N ALA A 281 26.19 -28.88 -63.34
CA ALA A 281 25.09 -28.02 -62.93
C ALA A 281 25.31 -27.39 -61.55
N LYS A 282 25.70 -28.17 -60.53
CA LYS A 282 25.84 -27.70 -59.14
C LYS A 282 27.05 -26.80 -58.92
N ASN A 283 28.18 -27.06 -59.58
CA ASN A 283 29.36 -26.18 -59.58
C ASN A 283 29.06 -24.81 -60.21
N LEU A 284 28.17 -24.74 -61.21
CA LEU A 284 27.71 -23.46 -61.78
C LEU A 284 26.70 -22.75 -60.88
N GLN A 285 25.76 -23.48 -60.27
CA GLN A 285 24.72 -22.93 -59.39
C GLN A 285 25.28 -22.42 -58.05
N GLU A 286 26.29 -23.10 -57.48
CA GLU A 286 27.06 -22.62 -56.32
C GLU A 286 27.75 -21.27 -56.60
N ALA A 287 28.37 -21.13 -57.78
CA ALA A 287 29.05 -19.92 -58.19
C ALA A 287 28.09 -18.73 -58.42
N GLU A 288 26.89 -18.99 -58.96
CA GLU A 288 25.83 -17.99 -59.08
C GLU A 288 25.25 -17.58 -57.71
N GLU A 289 25.03 -18.53 -56.81
CA GLU A 289 24.45 -18.27 -55.50
C GLU A 289 25.42 -17.56 -54.54
N TRP A 290 26.71 -17.85 -54.63
CA TRP A 290 27.75 -17.04 -53.99
C TRP A 290 27.87 -15.65 -54.62
N TYR A 291 27.67 -15.49 -55.94
CA TYR A 291 27.64 -14.16 -56.56
C TYR A 291 26.49 -13.28 -56.02
N LYS A 292 25.27 -13.83 -55.88
CA LYS A 292 24.14 -13.12 -55.25
C LYS A 292 24.42 -12.74 -53.80
N SER A 293 24.96 -13.70 -53.04
CA SER A 293 25.19 -13.57 -51.60
C SER A 293 26.30 -12.58 -51.26
N LYS A 294 27.39 -12.62 -52.03
CA LYS A 294 28.48 -11.64 -52.00
C LYS A 294 28.02 -10.25 -52.43
N PHE A 295 27.11 -10.17 -53.41
CA PHE A 295 26.51 -8.91 -53.81
C PHE A 295 25.63 -8.29 -52.70
N ALA A 296 24.91 -9.10 -51.92
CA ALA A 296 24.13 -8.64 -50.76
C ALA A 296 25.03 -8.09 -49.64
N ASP A 297 26.08 -8.83 -49.25
CA ASP A 297 27.10 -8.42 -48.27
C ASP A 297 27.76 -7.08 -48.65
N LEU A 298 28.33 -7.01 -49.86
CA LEU A 298 29.00 -5.80 -50.35
C LEU A 298 28.06 -4.60 -50.49
N SER A 299 26.81 -4.83 -50.93
CA SER A 299 25.81 -3.75 -51.06
C SER A 299 25.36 -3.21 -49.72
N GLU A 300 25.12 -4.06 -48.73
CA GLU A 300 24.67 -3.62 -47.41
C GLU A 300 25.80 -3.15 -46.50
N ALA A 301 27.04 -3.58 -46.72
CA ALA A 301 28.23 -2.94 -46.16
C ALA A 301 28.43 -1.53 -46.75
N ALA A 302 28.21 -1.35 -48.05
CA ALA A 302 28.21 -0.03 -48.68
C ALA A 302 27.02 0.85 -48.21
N ASN A 303 25.84 0.27 -47.96
CA ASN A 303 24.72 0.97 -47.34
C ASN A 303 25.01 1.37 -45.89
N ARG A 304 25.67 0.52 -45.10
CA ARG A 304 26.02 0.85 -43.70
C ARG A 304 26.97 2.04 -43.63
N ASN A 305 27.98 2.04 -44.49
CA ASN A 305 28.93 3.15 -44.58
C ASN A 305 28.25 4.43 -45.08
N ASN A 306 27.37 4.33 -46.09
CA ASN A 306 26.51 5.45 -46.51
C ASN A 306 25.62 5.99 -45.38
N ASP A 307 25.07 5.11 -44.53
CA ASP A 307 24.06 5.46 -43.55
C ASP A 307 24.60 5.98 -42.22
N ALA A 308 25.74 5.45 -41.75
CA ALA A 308 26.52 6.07 -40.69
C ALA A 308 27.06 7.46 -41.13
N LEU A 309 27.46 7.58 -42.41
CA LEU A 309 27.77 8.88 -43.03
C LEU A 309 26.55 9.78 -43.31
N ARG A 310 25.31 9.35 -43.06
CA ARG A 310 24.08 10.18 -43.09
C ARG A 310 23.62 10.57 -41.68
N GLN A 311 23.68 9.64 -40.72
CA GLN A 311 23.47 9.90 -39.29
C GLN A 311 24.43 10.98 -38.78
N ALA A 312 25.73 10.81 -39.07
CA ALA A 312 26.78 11.78 -38.77
C ALA A 312 26.69 13.10 -39.57
N LYS A 313 25.93 13.14 -40.68
CA LYS A 313 25.65 14.39 -41.43
C LYS A 313 24.43 15.15 -40.93
N GLN A 314 23.45 14.46 -40.36
CA GLN A 314 22.33 15.10 -39.64
C GLN A 314 22.82 15.71 -38.32
N GLU A 315 23.64 14.94 -37.59
CA GLU A 315 24.43 15.37 -36.42
C GLU A 315 25.43 16.51 -36.74
N SER A 316 26.19 16.41 -37.85
CA SER A 316 27.04 17.52 -38.30
C SER A 316 26.24 18.77 -38.69
N THR A 317 25.00 18.63 -39.17
CA THR A 317 24.16 19.80 -39.52
C THR A 317 23.60 20.47 -38.26
N GLU A 318 23.37 19.68 -37.21
CA GLU A 318 22.91 20.12 -35.90
C GLU A 318 23.95 20.93 -35.12
N TYR A 319 25.10 20.31 -34.81
CA TYR A 319 26.13 20.98 -34.03
C TYR A 319 26.75 22.18 -34.76
N ARG A 320 26.77 22.19 -36.10
CA ARG A 320 27.15 23.39 -36.87
C ARG A 320 26.15 24.54 -36.69
N ARG A 321 24.84 24.27 -36.71
CA ARG A 321 23.82 25.30 -36.46
C ARG A 321 23.87 25.83 -35.03
N GLN A 322 24.02 24.94 -34.05
CA GLN A 322 24.13 25.34 -32.64
C GLN A 322 25.41 26.15 -32.36
N VAL A 323 26.53 25.80 -32.98
CA VAL A 323 27.79 26.58 -32.94
C VAL A 323 27.70 27.91 -33.69
N GLN A 324 27.00 27.97 -34.83
CA GLN A 324 26.77 29.23 -35.55
C GLN A 324 25.82 30.17 -34.80
N SER A 325 24.82 29.62 -34.09
CA SER A 325 23.92 30.37 -33.19
C SER A 325 24.69 30.92 -31.97
N LEU A 326 25.59 30.11 -31.39
CA LEU A 326 26.55 30.53 -30.36
C LEU A 326 27.57 31.55 -30.87
N THR A 327 27.93 31.54 -32.15
CA THR A 327 28.81 32.57 -32.73
C THR A 327 28.09 33.92 -32.82
N CYS A 328 26.79 33.90 -33.16
CA CYS A 328 25.94 35.09 -33.13
C CYS A 328 25.73 35.62 -31.70
N GLU A 329 25.65 34.76 -30.69
CA GLU A 329 25.70 35.16 -29.27
C GLU A 329 26.99 35.92 -28.95
N VAL A 330 28.14 35.32 -29.22
CA VAL A 330 29.44 35.83 -28.79
C VAL A 330 29.76 37.20 -29.42
N ASP A 331 29.21 37.50 -30.60
CA ASP A 331 29.37 38.81 -31.24
C ASP A 331 28.24 39.81 -30.94
N ALA A 332 27.02 39.35 -30.59
CA ALA A 332 25.95 40.19 -30.03
C ALA A 332 26.14 40.57 -28.55
N LEU A 333 26.79 39.71 -27.76
CA LEU A 333 27.30 39.99 -26.42
C LEU A 333 28.35 41.09 -26.46
N LYS A 334 29.37 40.98 -27.34
CA LYS A 334 30.38 42.05 -27.50
C LYS A 334 29.81 43.41 -27.92
N GLY A 335 28.83 43.46 -28.81
CA GLY A 335 28.14 44.72 -29.16
C GLY A 335 27.26 45.28 -28.02
N THR A 336 27.00 44.46 -27.01
CA THR A 336 26.33 44.83 -25.75
C THR A 336 27.33 45.10 -24.60
N ASN A 337 28.54 44.53 -24.64
CA ASN A 337 29.72 44.93 -23.85
C ASN A 337 30.20 46.35 -24.27
N GLU A 338 30.19 46.65 -25.58
CA GLU A 338 30.29 48.02 -26.15
C GLU A 338 29.09 48.94 -25.83
N SER A 339 27.98 48.37 -25.33
CA SER A 339 26.88 49.15 -24.76
C SER A 339 27.05 49.40 -23.26
N LEU A 340 27.63 48.48 -22.48
CA LEU A 340 28.02 48.71 -21.08
C LEU A 340 29.09 49.81 -20.94
N GLU A 341 30.01 49.88 -21.90
CA GLU A 341 30.94 51.02 -22.07
C GLU A 341 30.25 52.38 -22.35
N ARG A 342 28.94 52.40 -22.67
CA ARG A 342 28.10 53.62 -22.73
C ARG A 342 27.32 53.87 -21.44
N GLN A 343 26.87 52.83 -20.75
CA GLN A 343 26.21 52.95 -19.44
C GLN A 343 27.19 53.43 -18.35
N MET A 344 28.48 53.14 -18.49
CA MET A 344 29.53 53.80 -17.70
C MET A 344 29.79 55.28 -18.09
N ARG A 345 29.19 55.78 -19.19
CA ARG A 345 29.13 57.22 -19.57
C ARG A 345 27.82 57.87 -19.17
N GLU A 346 26.70 57.14 -19.16
CA GLU A 346 25.48 57.57 -18.48
C GLU A 346 25.69 57.70 -16.95
N MET A 347 26.64 56.94 -16.39
CA MET A 347 27.23 57.17 -15.05
C MET A 347 27.97 58.51 -14.94
N GLU A 348 28.86 58.80 -15.89
CA GLU A 348 29.66 60.02 -15.90
C GLU A 348 28.80 61.27 -16.20
N GLU A 349 27.65 61.11 -16.87
CA GLU A 349 26.60 62.13 -17.05
C GLU A 349 25.74 62.31 -15.79
N ASN A 350 25.39 61.24 -15.07
CA ASN A 350 24.77 61.34 -13.74
C ASN A 350 25.72 61.97 -12.70
N PHE A 351 27.04 61.76 -12.83
CA PHE A 351 28.04 62.53 -12.09
C PHE A 351 28.22 63.97 -12.63
N ALA A 352 27.95 64.25 -13.90
CA ALA A 352 27.85 65.62 -14.41
C ALA A 352 26.62 66.37 -13.84
N VAL A 353 25.52 65.66 -13.53
CA VAL A 353 24.39 66.24 -12.77
C VAL A 353 24.74 66.44 -11.28
N GLU A 354 25.54 65.56 -10.68
CA GLU A 354 26.12 65.78 -9.33
C GLU A 354 27.03 67.01 -9.28
N ALA A 355 27.89 67.16 -10.29
CA ALA A 355 28.76 68.31 -10.48
C ALA A 355 27.99 69.60 -10.85
N ALA A 356 26.82 69.51 -11.49
CA ALA A 356 25.96 70.66 -11.79
C ALA A 356 25.19 71.14 -10.55
N ASN A 357 24.62 70.22 -9.77
CA ASN A 357 24.04 70.55 -8.46
C ASN A 357 25.11 70.98 -7.43
N TYR A 358 26.36 70.51 -7.58
CA TYR A 358 27.51 71.01 -6.83
C TYR A 358 28.06 72.35 -7.37
N GLN A 359 27.87 72.68 -8.64
CA GLN A 359 28.16 74.01 -9.19
C GLN A 359 27.18 75.04 -8.62
N ASP A 360 25.87 74.77 -8.63
CA ASP A 360 24.89 75.67 -8.02
C ASP A 360 25.02 75.72 -6.49
N THR A 361 25.46 74.62 -5.85
CA THR A 361 25.91 74.63 -4.43
C THR A 361 27.03 75.65 -4.21
N ILE A 362 28.15 75.47 -4.91
CA ILE A 362 29.35 76.29 -4.70
C ILE A 362 29.08 77.73 -5.10
N GLY A 363 28.38 77.99 -6.20
CA GLY A 363 28.05 79.35 -6.65
C GLY A 363 27.14 80.08 -5.67
N ARG A 364 26.00 79.48 -5.30
CA ARG A 364 25.00 80.14 -4.46
C ARG A 364 25.47 80.33 -3.02
N LEU A 365 26.19 79.36 -2.44
CA LEU A 365 26.82 79.55 -1.14
C LEU A 365 27.99 80.54 -1.21
N GLN A 366 28.87 80.47 -2.23
CA GLN A 366 30.10 81.26 -2.25
C GLN A 366 29.83 82.74 -2.52
N ASP A 367 28.95 83.08 -3.45
CA ASP A 367 28.66 84.47 -3.80
C ASP A 367 28.07 85.22 -2.61
N GLU A 368 27.10 84.67 -1.90
CA GLU A 368 26.54 85.34 -0.72
C GLU A 368 27.40 85.21 0.55
N ILE A 369 28.16 84.13 0.75
CA ILE A 369 29.11 84.05 1.88
C ILE A 369 30.35 84.93 1.67
N GLN A 370 30.66 85.29 0.42
CA GLN A 370 31.67 86.28 0.08
C GLN A 370 31.13 87.72 0.07
N ASN A 371 29.89 87.95 -0.37
CA ASN A 371 29.20 89.23 -0.19
C ASN A 371 29.11 89.59 1.29
N MET A 372 28.75 88.61 2.13
CA MET A 372 28.85 88.67 3.58
C MET A 372 30.28 88.97 4.04
N LYS A 373 31.27 88.14 3.69
CA LYS A 373 32.63 88.29 4.24
C LYS A 373 33.27 89.64 3.87
N GLU A 374 33.01 90.14 2.67
CA GLU A 374 33.45 91.44 2.21
C GLU A 374 32.65 92.61 2.79
N GLU A 375 31.31 92.55 2.77
CA GLU A 375 30.44 93.57 3.38
C GLU A 375 30.70 93.71 4.87
N MET A 376 30.87 92.62 5.61
CA MET A 376 30.97 92.67 7.08
C MET A 376 32.34 93.20 7.54
N ALA A 377 33.41 92.84 6.84
CA ALA A 377 34.72 93.47 7.00
C ALA A 377 34.76 94.94 6.51
N ARG A 378 33.74 95.39 5.75
CA ARG A 378 33.47 96.79 5.42
C ARG A 378 32.57 97.48 6.45
N HIS A 379 31.47 96.89 6.92
CA HIS A 379 30.52 97.48 7.88
C HIS A 379 31.17 97.84 9.23
N LEU A 380 32.04 96.97 9.75
CA LEU A 380 32.83 97.31 10.95
C LEU A 380 33.76 98.51 10.73
N ARG A 381 34.32 98.63 9.53
CA ARG A 381 35.19 99.73 9.12
C ARG A 381 34.41 101.00 8.76
N GLU A 382 33.17 100.85 8.31
CA GLU A 382 32.22 101.89 7.91
C GLU A 382 31.57 102.56 9.13
N TYR A 383 31.17 101.75 10.12
CA TYR A 383 30.91 102.24 11.49
C TYR A 383 32.17 102.85 12.09
N GLN A 384 33.34 102.21 12.00
CA GLN A 384 34.59 102.81 12.46
C GLN A 384 34.91 104.14 11.78
N ASP A 385 34.56 104.35 10.51
CA ASP A 385 34.85 105.59 9.78
C ASP A 385 33.81 106.70 9.98
N LEU A 386 32.54 106.37 10.23
CA LEU A 386 31.56 107.31 10.82
C LEU A 386 32.02 107.78 12.22
N LEU A 387 32.61 106.86 12.98
CA LEU A 387 33.21 107.12 14.30
C LEU A 387 34.61 107.77 14.23
N ASN A 388 35.26 107.73 13.05
CA ASN A 388 36.50 108.43 12.71
C ASN A 388 36.21 109.87 12.28
N VAL A 389 35.10 110.12 11.57
CA VAL A 389 34.53 111.45 11.33
C VAL A 389 34.11 112.10 12.66
N LYS A 390 33.44 111.35 13.54
CA LYS A 390 33.16 111.80 14.92
C LYS A 390 34.43 112.10 15.72
N MET A 391 35.48 111.29 15.60
CA MET A 391 36.77 111.53 16.25
C MET A 391 37.51 112.78 15.70
N ALA A 392 37.49 112.99 14.39
CA ALA A 392 38.10 114.15 13.73
C ALA A 392 37.38 115.44 14.12
N LEU A 393 36.04 115.39 14.15
CA LEU A 393 35.18 116.43 14.72
C LEU A 393 35.52 116.68 16.20
N ASP A 394 35.77 115.66 17.03
CA ASP A 394 36.18 115.86 18.43
C ASP A 394 37.51 116.63 18.56
N ILE A 395 38.51 116.39 17.72
CA ILE A 395 39.79 117.14 17.72
C ILE A 395 39.60 118.59 17.20
N GLU A 396 38.85 118.77 16.11
CA GLU A 396 38.58 120.09 15.53
C GLU A 396 37.73 120.96 16.46
N ILE A 397 36.72 120.35 17.09
CA ILE A 397 35.91 120.94 18.14
C ILE A 397 36.80 121.25 19.35
N ALA A 398 37.85 120.50 19.70
CA ALA A 398 38.82 120.93 20.72
C ALA A 398 39.61 122.18 20.35
N THR A 399 40.10 122.24 19.13
CA THR A 399 40.93 123.35 18.64
C THR A 399 40.11 124.64 18.58
N TYR A 400 38.81 124.52 18.26
CA TYR A 400 37.81 125.59 18.36
C TYR A 400 37.46 125.95 19.81
N ARG A 401 37.14 124.94 20.64
CA ARG A 401 36.67 125.07 22.03
C ARG A 401 37.70 125.73 22.92
N LYS A 402 38.97 125.33 22.84
CA LYS A 402 40.06 125.94 23.62
C LYS A 402 40.35 127.41 23.23
N LEU A 403 39.74 127.94 22.17
CA LEU A 403 39.84 129.35 21.77
C LEU A 403 38.54 130.15 21.94
N LEU A 404 37.39 129.65 21.48
CA LEU A 404 36.11 130.39 21.60
C LEU A 404 35.49 130.22 22.98
N GLU A 405 35.12 128.99 23.33
CA GLU A 405 34.73 128.66 24.71
C GLU A 405 35.93 128.81 25.67
N GLY A 406 37.15 128.91 25.12
CA GLY A 406 38.39 129.25 25.79
C GLY A 406 38.76 130.75 25.80
N GLU A 407 37.86 131.64 25.34
CA GLU A 407 37.78 133.07 25.71
C GLU A 407 36.51 133.38 26.50
N GLU A 408 35.42 132.64 26.23
CA GLU A 408 34.40 132.39 27.26
C GLU A 408 35.09 131.86 28.53
N SER A 409 36.27 131.21 28.47
CA SER A 409 37.21 130.95 29.59
C SER A 409 37.31 132.00 30.68
N ARG A 410 37.36 133.28 30.32
CA ARG A 410 37.50 134.36 31.32
C ARG A 410 36.12 134.75 31.90
N ILE A 411 35.22 133.76 31.76
CA ILE A 411 33.84 133.49 32.16
C ILE A 411 33.58 131.93 32.28
N SER A 412 34.50 131.00 31.86
CA SER A 412 34.22 129.61 31.35
C SER A 412 35.47 128.61 31.29
N LEU A 413 35.92 127.89 30.18
CA LEU A 413 37.24 127.17 29.78
C LEU A 413 37.23 126.01 28.63
N PRO A 414 37.90 124.77 28.55
CA PRO A 414 38.28 124.07 27.25
C PRO A 414 37.74 122.64 26.78
N LEU A 415 38.42 121.50 27.12
CA LEU A 415 38.78 120.29 26.26
C LEU A 415 37.68 119.31 25.73
N PRO A 416 37.60 119.17 24.39
CA PRO A 416 37.42 117.87 23.68
C PRO A 416 38.65 116.96 23.54
N ASN A 417 38.42 115.64 23.44
CA ASN A 417 39.50 114.62 23.36
C ASN A 417 39.70 113.98 21.96
N PHE A 418 39.19 112.75 21.78
CA PHE A 418 39.57 111.76 20.76
C PHE A 418 38.72 110.48 20.93
N SER A 419 38.72 109.64 19.90
CA SER A 419 38.00 108.36 19.71
C SER A 419 36.48 108.50 19.54
N SER A 420 35.95 107.58 18.72
CA SER A 420 34.80 106.71 19.06
C SER A 420 34.90 105.34 18.36
N LEU A 421 36.12 104.94 17.99
CA LEU A 421 36.40 103.88 17.00
C LEU A 421 35.86 102.49 17.40
N ASN A 422 35.04 101.90 16.53
CA ASN A 422 34.45 100.59 16.75
C ASN A 422 34.46 99.69 15.50
N LEU A 423 35.68 99.32 15.10
CA LEU A 423 35.95 98.01 14.49
C LEU A 423 36.31 97.04 15.63
N ARG A 424 35.59 95.93 15.75
CA ARG A 424 35.80 94.79 16.66
C ARG A 424 35.52 93.49 15.88
N GLU A 425 35.71 92.35 16.52
CA GLU A 425 35.46 91.04 15.94
C GLU A 425 34.00 90.82 15.50
N THR A 426 33.84 90.03 14.44
CA THR A 426 32.54 89.54 13.93
C THR A 426 32.51 88.02 13.76
N ASN A 427 33.30 87.31 14.57
CA ASN A 427 33.72 85.93 14.30
C ASN A 427 34.59 85.84 13.01
N LEU A 428 35.51 86.80 12.86
CA LEU A 428 36.63 86.71 11.90
C LEU A 428 37.97 86.47 12.61
N ASP A 429 38.03 86.82 13.90
CA ASP A 429 39.18 86.73 14.79
C ASP A 429 39.11 85.45 15.64
N SER A 430 37.92 85.14 16.16
CA SER A 430 37.49 83.78 16.46
C SER A 430 36.84 83.16 15.23
N LEU A 431 37.32 81.99 14.77
CA LEU A 431 36.83 81.28 13.60
C LEU A 431 36.63 79.79 13.91
N PRO A 432 35.66 79.12 13.26
CA PRO A 432 35.71 77.68 13.07
C PRO A 432 36.87 77.35 12.12
N LEU A 433 37.72 76.40 12.52
CA LEU A 433 38.32 75.49 11.54
C LEU A 433 37.33 74.34 11.28
N VAL A 434 37.18 73.98 10.00
CA VAL A 434 36.45 72.79 9.55
C VAL A 434 36.93 72.47 8.14
N ASP A 435 37.24 71.21 7.87
CA ASP A 435 37.64 70.71 6.57
C ASP A 435 37.05 69.30 6.31
N THR A 436 36.72 69.02 5.06
CA THR A 436 36.11 67.78 4.57
C THR A 436 36.21 67.73 3.03
N HIS A 437 35.47 66.84 2.36
CA HIS A 437 35.38 66.70 0.89
C HIS A 437 36.74 66.32 0.26
N SER A 438 37.16 65.11 0.58
CA SER A 438 38.39 64.48 0.07
C SER A 438 38.25 63.77 -1.28
N LYS A 439 37.01 63.61 -1.78
CA LYS A 439 36.59 62.79 -2.94
C LYS A 439 36.34 61.33 -2.59
N ARG A 440 35.08 61.03 -2.30
CA ARG A 440 34.51 59.69 -2.16
C ARG A 440 34.24 59.11 -3.57
N THR A 441 35.33 58.76 -4.23
CA THR A 441 35.36 58.04 -5.53
C THR A 441 34.72 56.65 -5.44
N LEU A 442 33.39 56.57 -5.52
CA LEU A 442 32.60 55.33 -5.69
C LEU A 442 32.71 54.79 -7.12
N LEU A 443 33.88 54.23 -7.42
CA LEU A 443 34.15 53.46 -8.64
C LEU A 443 33.55 52.04 -8.54
N ILE A 444 32.21 51.95 -8.60
CA ILE A 444 31.48 50.67 -8.54
C ILE A 444 31.77 49.86 -9.80
N LYS A 445 32.21 48.60 -9.64
CA LYS A 445 32.58 47.73 -10.77
C LYS A 445 32.22 46.27 -10.47
N THR A 446 31.12 45.80 -11.05
CA THR A 446 30.84 44.37 -11.29
C THR A 446 31.59 43.89 -12.55
N VAL A 447 31.04 42.98 -13.38
CA VAL A 447 31.70 41.69 -13.75
C VAL A 447 31.78 40.82 -12.50
N GLU A 448 31.39 39.54 -12.40
CA GLU A 448 30.55 38.68 -13.24
C GLU A 448 31.09 38.14 -14.58
N THR A 449 32.21 37.40 -14.51
CA THR A 449 32.39 36.21 -15.39
C THR A 449 31.44 35.11 -14.93
N ARG A 450 30.72 34.50 -15.87
CA ARG A 450 29.82 33.36 -15.61
C ARG A 450 30.27 32.14 -16.40
N ASP A 451 30.34 30.97 -15.76
CA ASP A 451 30.61 29.68 -16.42
C ASP A 451 31.94 29.64 -17.24
N GLY A 452 32.82 30.63 -17.04
CA GLY A 452 34.06 30.87 -17.80
C GLY A 452 33.94 31.81 -19.01
N GLN A 453 32.78 32.46 -19.20
CA GLN A 453 32.48 33.42 -20.26
C GLN A 453 32.08 34.79 -19.65
N VAL A 454 32.52 35.89 -20.26
CA VAL A 454 32.00 37.23 -19.91
C VAL A 454 30.56 37.33 -20.42
N ILE A 455 29.62 37.68 -19.54
CA ILE A 455 28.20 37.90 -19.84
C ILE A 455 27.78 39.36 -19.55
N ASN A 456 28.69 40.16 -18.97
CA ASN A 456 28.63 41.62 -18.86
C ASN A 456 30.01 42.15 -18.41
N GLU A 457 30.40 43.35 -18.86
CA GLU A 457 31.59 44.06 -18.37
C GLU A 457 31.28 45.51 -17.92
N THR A 458 30.91 45.68 -16.66
CA THR A 458 30.70 47.01 -16.06
C THR A 458 32.01 47.66 -15.62
N SER A 459 32.10 48.99 -15.70
CA SER A 459 33.10 49.78 -14.98
C SER A 459 32.61 51.22 -14.73
N GLN A 460 31.79 51.40 -13.70
CA GLN A 460 31.19 52.69 -13.36
C GLN A 460 32.16 53.63 -12.61
N HIS A 461 32.02 54.95 -12.81
CA HIS A 461 32.86 56.00 -12.19
C HIS A 461 32.04 57.16 -11.59
N HIS A 462 31.52 57.01 -10.37
CA HIS A 462 31.03 58.16 -9.58
C HIS A 462 32.16 58.72 -8.72
N ASP A 463 32.31 60.05 -8.65
CA ASP A 463 32.96 60.72 -7.52
C ASP A 463 31.92 61.47 -6.69
N ASP A 464 31.76 61.05 -5.43
CA ASP A 464 30.92 61.71 -4.43
C ASP A 464 31.79 62.77 -3.73
N LEU A 465 31.42 64.04 -3.74
CA LEU A 465 32.21 65.08 -3.08
C LEU A 465 31.99 65.08 -1.55
N GLU A 466 32.36 63.95 -0.94
CA GLU A 466 32.57 63.64 0.50
C GLU A 466 33.97 63.01 0.70
N MET B 1 -14.96 -97.65 -61.76
CA MET B 1 -14.41 -98.89 -61.18
C MET B 1 -15.06 -100.08 -61.88
N SER B 2 -14.33 -101.18 -62.07
CA SER B 2 -14.84 -102.42 -62.68
C SER B 2 -14.24 -103.63 -61.99
N THR B 3 -15.07 -104.51 -61.43
CA THR B 3 -14.61 -105.65 -60.61
C THR B 3 -13.90 -106.69 -61.48
N ARG B 4 -12.57 -106.81 -61.30
CA ARG B 4 -11.71 -107.84 -61.93
C ARG B 4 -12.03 -109.25 -61.41
N SER B 5 -13.16 -109.80 -61.83
CA SER B 5 -13.66 -111.11 -61.38
C SER B 5 -13.00 -112.23 -62.19
N VAL B 6 -11.94 -112.83 -61.63
CA VAL B 6 -11.34 -114.10 -62.10
C VAL B 6 -12.23 -115.29 -61.71
N SER B 7 -13.46 -115.26 -62.24
CA SER B 7 -14.59 -116.08 -61.78
C SER B 7 -14.35 -117.57 -61.95
N SER B 8 -15.12 -118.38 -61.20
CA SER B 8 -15.60 -119.64 -61.78
C SER B 8 -16.64 -119.35 -62.86
N SER B 9 -16.19 -119.52 -64.10
CA SER B 9 -16.85 -119.00 -65.30
C SER B 9 -18.23 -119.65 -65.47
N SER B 10 -19.18 -118.87 -65.97
CA SER B 10 -20.60 -119.25 -66.11
C SER B 10 -20.88 -120.35 -67.14
N TYR B 11 -19.85 -121.08 -67.59
CA TYR B 11 -19.97 -122.31 -68.38
C TYR B 11 -19.59 -123.58 -67.61
N ARG B 12 -19.01 -123.48 -66.40
CA ARG B 12 -18.72 -124.64 -65.53
C ARG B 12 -18.98 -124.46 -64.02
N ARG B 13 -19.23 -123.25 -63.52
CA ARG B 13 -19.57 -123.00 -62.10
C ARG B 13 -20.77 -123.84 -61.63
N MET B 14 -21.88 -123.80 -62.35
CA MET B 14 -23.09 -124.59 -62.07
C MET B 14 -23.13 -125.93 -62.82
N PHE B 15 -22.01 -126.38 -63.40
CA PHE B 15 -21.99 -127.50 -64.37
C PHE B 15 -20.82 -128.50 -64.13
N GLY B 16 -20.27 -128.56 -62.91
CA GLY B 16 -19.42 -129.65 -62.40
C GLY B 16 -18.33 -130.21 -63.35
N GLY B 17 -17.61 -129.32 -64.06
CA GLY B 17 -16.72 -129.69 -65.18
C GLY B 17 -15.37 -130.29 -64.76
N PRO B 18 -14.80 -131.14 -65.64
CA PRO B 18 -13.78 -132.16 -65.36
C PRO B 18 -13.41 -132.50 -63.90
N GLY B 19 -14.30 -133.05 -63.08
CA GLY B 19 -15.78 -133.05 -63.20
C GLY B 19 -16.50 -134.41 -63.28
N THR B 20 -17.60 -134.50 -62.53
CA THR B 20 -18.61 -135.56 -62.62
C THR B 20 -19.79 -135.25 -63.57
N ALA B 21 -19.93 -134.00 -64.04
CA ALA B 21 -20.86 -133.65 -65.12
C ALA B 21 -20.31 -133.98 -66.52
N SER B 22 -18.99 -133.96 -66.68
CA SER B 22 -18.25 -134.69 -67.74
C SER B 22 -18.24 -136.22 -67.54
N ARG B 23 -18.90 -136.71 -66.50
CA ARG B 23 -19.44 -138.07 -66.33
C ARG B 23 -18.47 -139.20 -66.76
N PRO B 24 -17.46 -139.51 -65.93
CA PRO B 24 -16.69 -140.76 -66.01
C PRO B 24 -17.56 -141.99 -65.65
N MET B 154 -37.07 -154.81 -34.84
CA MET B 154 -37.55 -153.48 -35.23
C MET B 154 -38.86 -153.05 -34.53
N ARG B 155 -39.77 -153.99 -34.29
CA ARG B 155 -40.99 -153.73 -33.49
C ARG B 155 -40.71 -153.48 -32.01
N GLU B 156 -39.74 -154.16 -31.42
CA GLU B 156 -39.24 -153.84 -30.07
C GLU B 156 -38.46 -152.52 -30.05
N LEU B 157 -37.67 -152.21 -31.09
CA LEU B 157 -36.97 -150.93 -31.22
C LEU B 157 -37.98 -149.77 -31.20
N ARG B 158 -38.98 -149.80 -32.06
CA ARG B 158 -39.99 -148.73 -32.15
C ARG B 158 -40.94 -148.68 -30.95
N ARG B 159 -41.13 -149.78 -30.23
CA ARG B 159 -41.82 -149.77 -28.93
C ARG B 159 -40.95 -149.14 -27.82
N GLN B 160 -39.63 -149.32 -27.87
CA GLN B 160 -38.72 -148.54 -27.03
C GLN B 160 -38.78 -147.06 -27.39
N VAL B 161 -38.90 -146.70 -28.68
CA VAL B 161 -39.13 -145.30 -29.09
C VAL B 161 -40.37 -144.71 -28.44
N ASP B 162 -41.54 -145.36 -28.54
CA ASP B 162 -42.81 -144.76 -28.11
C ASP B 162 -42.86 -144.49 -26.59
N GLN B 163 -42.28 -145.40 -25.82
CA GLN B 163 -42.24 -145.32 -24.37
C GLN B 163 -41.11 -144.42 -23.85
N LEU B 164 -40.01 -144.29 -24.59
CA LEU B 164 -38.90 -143.40 -24.24
C LEU B 164 -39.19 -141.95 -24.61
N THR B 165 -39.63 -141.64 -25.83
CA THR B 165 -39.81 -140.26 -26.26
C THR B 165 -40.94 -139.57 -25.51
N ASN B 166 -41.96 -140.32 -25.05
CA ASN B 166 -43.15 -139.75 -24.40
C ASN B 166 -42.97 -139.48 -22.89
N ASP B 167 -42.24 -140.31 -22.14
CA ASP B 167 -41.86 -139.94 -20.76
C ASP B 167 -40.85 -138.78 -20.74
N LYS B 168 -39.98 -138.68 -21.76
CA LYS B 168 -39.17 -137.48 -21.96
C LYS B 168 -40.02 -136.26 -22.30
N ALA B 169 -41.01 -136.35 -23.19
CA ALA B 169 -41.91 -135.25 -23.51
C ALA B 169 -42.76 -134.78 -22.32
N ARG B 170 -43.09 -135.68 -21.38
CA ARG B 170 -43.68 -135.33 -20.08
C ARG B 170 -42.73 -134.50 -19.21
N VAL B 171 -41.46 -134.90 -19.08
CA VAL B 171 -40.44 -134.12 -18.35
C VAL B 171 -40.11 -132.80 -19.06
N GLU B 172 -40.13 -132.78 -20.39
CA GLU B 172 -39.87 -131.57 -21.19
C GLU B 172 -41.00 -130.56 -21.07
N VAL B 173 -42.28 -130.98 -21.09
CA VAL B 173 -43.39 -130.03 -20.86
C VAL B 173 -43.47 -129.55 -19.40
N GLU B 174 -42.96 -130.35 -18.44
CA GLU B 174 -42.70 -129.90 -17.07
C GLU B 174 -41.57 -128.83 -16.96
N ARG B 175 -40.89 -128.50 -18.07
CA ARG B 175 -39.93 -127.38 -18.21
C ARG B 175 -40.35 -126.31 -19.24
N ASP B 176 -41.04 -126.69 -20.32
CA ASP B 176 -41.59 -125.79 -21.36
C ASP B 176 -42.58 -124.77 -20.77
N ASN B 177 -43.36 -125.16 -19.76
CA ASN B 177 -44.19 -124.23 -18.98
C ASN B 177 -43.36 -123.13 -18.26
N LEU B 178 -42.18 -123.47 -17.70
CA LEU B 178 -41.30 -122.49 -17.06
C LEU B 178 -40.69 -121.53 -18.08
N ALA B 179 -40.30 -122.04 -19.25
CA ALA B 179 -39.72 -121.26 -20.34
C ALA B 179 -40.74 -120.42 -21.13
N GLU B 180 -42.01 -120.81 -21.16
CA GLU B 180 -43.07 -119.94 -21.66
C GLU B 180 -43.39 -118.84 -20.65
N ASP B 181 -43.48 -119.15 -19.34
CA ASP B 181 -43.69 -118.13 -18.30
C ASP B 181 -42.54 -117.12 -18.20
N ILE B 182 -41.27 -117.53 -18.29
CA ILE B 182 -40.16 -116.58 -18.34
C ILE B 182 -40.15 -115.73 -19.63
N MET B 183 -40.51 -116.29 -20.79
CA MET B 183 -40.56 -115.53 -22.05
C MET B 183 -41.73 -114.53 -22.07
N ARG B 184 -42.89 -114.92 -21.52
CA ARG B 184 -44.04 -114.03 -21.26
C ARG B 184 -43.67 -112.92 -20.27
N LEU B 185 -42.99 -113.29 -19.18
CA LEU B 185 -42.53 -112.34 -18.19
C LEU B 185 -41.40 -111.44 -18.71
N ARG B 186 -40.57 -111.86 -19.68
CA ARG B 186 -39.62 -110.95 -20.35
C ARG B 186 -40.35 -109.82 -21.05
N GLU B 187 -41.34 -110.13 -21.88
CA GLU B 187 -42.06 -109.14 -22.68
C GLU B 187 -42.72 -108.08 -21.79
N LYS B 188 -43.40 -108.54 -20.72
CA LYS B 188 -44.00 -107.68 -19.70
C LYS B 188 -42.97 -106.88 -18.89
N LEU B 189 -41.97 -107.55 -18.31
CA LEU B 189 -40.96 -106.91 -17.46
C LEU B 189 -40.11 -105.94 -18.27
N GLN B 190 -39.89 -106.18 -19.56
CA GLN B 190 -39.30 -105.17 -20.44
C GLN B 190 -40.24 -103.99 -20.71
N GLU B 191 -41.55 -104.18 -20.91
CA GLU B 191 -42.52 -103.06 -20.95
C GLU B 191 -42.53 -102.24 -19.65
N GLU B 192 -42.34 -102.90 -18.49
CA GLU B 192 -42.10 -102.23 -17.21
C GLU B 192 -40.78 -101.41 -17.24
N MET B 193 -39.65 -101.98 -17.71
CA MET B 193 -38.40 -101.22 -17.90
C MET B 193 -38.56 -100.02 -18.83
N LEU B 194 -39.30 -100.15 -19.93
CA LEU B 194 -39.49 -99.11 -20.95
C LEU B 194 -40.04 -97.81 -20.34
N GLN B 195 -40.86 -97.89 -19.30
CA GLN B 195 -41.30 -96.73 -18.50
C GLN B 195 -40.37 -96.46 -17.28
N ARG B 196 -40.02 -97.50 -16.51
CA ARG B 196 -39.42 -97.28 -15.18
C ARG B 196 -37.95 -96.86 -15.27
N GLU B 197 -37.16 -97.48 -16.15
CA GLU B 197 -35.76 -97.11 -16.36
C GLU B 197 -35.55 -95.87 -17.25
N GLU B 198 -36.56 -95.41 -18.00
CA GLU B 198 -36.51 -94.04 -18.54
C GLU B 198 -36.70 -93.02 -17.43
N ALA B 199 -37.69 -93.25 -16.56
CA ALA B 199 -38.10 -92.30 -15.55
C ALA B 199 -36.98 -92.13 -14.51
N GLU B 200 -36.49 -93.24 -13.98
CA GLU B 200 -35.37 -93.39 -13.03
C GLU B 200 -34.22 -92.38 -13.26
N ASN B 201 -33.40 -92.56 -14.30
CA ASN B 201 -32.27 -91.67 -14.54
C ASN B 201 -32.65 -90.28 -15.10
N THR B 202 -33.79 -90.17 -15.78
CA THR B 202 -34.31 -88.86 -16.22
C THR B 202 -34.60 -87.95 -15.03
N LEU B 203 -35.24 -88.52 -14.02
CA LEU B 203 -35.58 -87.87 -12.77
C LEU B 203 -34.35 -87.65 -11.84
N GLN B 204 -33.19 -88.26 -12.13
CA GLN B 204 -31.90 -87.92 -11.48
C GLN B 204 -31.22 -86.67 -12.03
N SER B 205 -31.54 -86.24 -13.26
CA SER B 205 -31.22 -84.88 -13.69
C SER B 205 -31.95 -83.85 -12.83
N PHE B 206 -33.14 -84.21 -12.35
CA PHE B 206 -34.02 -83.35 -11.56
C PHE B 206 -33.77 -83.50 -10.05
N ARG B 207 -33.22 -84.63 -9.60
CA ARG B 207 -32.73 -84.85 -8.24
C ARG B 207 -31.72 -83.79 -7.82
N GLN B 208 -30.82 -83.45 -8.74
CA GLN B 208 -29.90 -82.31 -8.62
C GLN B 208 -30.64 -80.99 -8.38
N ASP B 209 -31.66 -80.70 -9.18
CA ASP B 209 -32.39 -79.44 -9.14
C ASP B 209 -33.38 -79.33 -7.96
N VAL B 210 -33.83 -80.44 -7.34
CA VAL B 210 -34.59 -80.42 -6.06
C VAL B 210 -33.67 -80.37 -4.85
N ASP B 211 -32.51 -81.00 -4.90
CA ASP B 211 -31.53 -80.93 -3.82
C ASP B 211 -30.97 -79.51 -3.72
N ASN B 212 -30.67 -78.91 -4.88
CA ASN B 212 -30.45 -77.47 -5.08
C ASN B 212 -31.63 -76.62 -4.56
N ALA B 213 -32.88 -76.93 -4.94
CA ALA B 213 -34.05 -76.15 -4.52
C ALA B 213 -34.45 -76.29 -3.04
N SER B 214 -34.14 -77.42 -2.39
CA SER B 214 -34.46 -77.71 -1.00
C SER B 214 -33.41 -77.12 -0.04
N LEU B 215 -32.16 -77.11 -0.47
CA LEU B 215 -31.13 -76.23 0.09
C LEU B 215 -31.47 -74.75 -0.17
N ALA B 216 -32.07 -74.45 -1.33
CA ALA B 216 -32.59 -73.12 -1.62
C ALA B 216 -33.77 -72.71 -0.72
N ARG B 217 -34.62 -73.64 -0.25
CA ARG B 217 -35.64 -73.36 0.79
C ARG B 217 -35.02 -72.91 2.11
N LEU B 218 -33.92 -73.56 2.53
CA LEU B 218 -33.13 -73.12 3.69
C LEU B 218 -32.41 -71.78 3.43
N ASP B 219 -32.11 -71.44 2.18
CA ASP B 219 -31.62 -70.10 1.83
C ASP B 219 -32.65 -69.01 2.14
N LEU B 220 -33.96 -69.24 1.92
CA LEU B 220 -34.96 -68.23 2.24
C LEU B 220 -35.16 -68.06 3.74
N GLU B 221 -34.95 -69.09 4.54
CA GLU B 221 -34.98 -68.93 6.00
C GLU B 221 -33.86 -67.97 6.46
N ARG B 222 -32.68 -68.06 5.83
CA ARG B 222 -31.56 -67.10 6.00
C ARG B 222 -31.78 -65.73 5.35
N LYS B 223 -32.38 -65.68 4.14
CA LYS B 223 -32.63 -64.41 3.42
C LYS B 223 -33.79 -63.63 4.04
N VAL B 224 -34.84 -64.29 4.53
CA VAL B 224 -35.96 -63.69 5.28
C VAL B 224 -35.49 -63.18 6.65
N GLU B 225 -34.58 -63.89 7.31
CA GLU B 225 -33.86 -63.39 8.50
C GLU B 225 -33.04 -62.13 8.20
N SER B 226 -32.25 -62.15 7.12
CA SER B 226 -31.43 -61.00 6.69
C SER B 226 -32.28 -59.78 6.28
N LEU B 227 -33.33 -59.99 5.48
CA LEU B 227 -34.28 -58.97 5.02
C LEU B 227 -35.17 -58.44 6.16
N GLN B 228 -35.41 -59.19 7.23
CA GLN B 228 -36.15 -58.68 8.39
C GLN B 228 -35.31 -57.69 9.23
N GLU B 229 -33.98 -57.85 9.29
CA GLU B 229 -33.09 -56.81 9.83
C GLU B 229 -32.77 -55.69 8.84
N GLU B 230 -32.77 -55.92 7.52
CA GLU B 230 -32.77 -54.84 6.53
C GLU B 230 -34.02 -53.95 6.65
N ILE B 231 -35.21 -54.56 6.76
CA ILE B 231 -36.46 -53.86 7.04
C ILE B 231 -36.48 -53.23 8.46
N ALA B 232 -35.66 -53.70 9.40
CA ALA B 232 -35.44 -53.02 10.68
C ALA B 232 -34.50 -51.80 10.56
N PHE B 233 -33.43 -51.86 9.76
CA PHE B 233 -32.62 -50.70 9.38
C PHE B 233 -33.41 -49.67 8.55
N LEU B 234 -34.33 -50.12 7.70
CA LEU B 234 -35.23 -49.26 6.95
C LEU B 234 -36.32 -48.63 7.83
N LYS B 235 -36.79 -49.30 8.89
CA LYS B 235 -37.69 -48.71 9.91
C LYS B 235 -36.99 -47.67 10.78
N LYS B 236 -35.76 -47.97 11.25
CA LYS B 236 -34.88 -47.02 11.93
C LYS B 236 -34.56 -45.83 11.02
N LEU B 237 -34.37 -46.06 9.73
CA LEU B 237 -34.21 -45.01 8.72
C LEU B 237 -35.45 -44.11 8.60
N HIS B 238 -36.67 -44.65 8.68
CA HIS B 238 -37.89 -43.83 8.71
C HIS B 238 -38.02 -43.00 9.99
N GLU B 239 -37.56 -43.52 11.13
CA GLU B 239 -37.59 -42.81 12.42
C GLU B 239 -36.54 -41.68 12.46
N GLU B 240 -35.36 -41.89 11.86
CA GLU B 240 -34.35 -40.85 11.62
C GLU B 240 -34.79 -39.83 10.53
N GLU B 241 -35.48 -40.28 9.49
CA GLU B 241 -36.08 -39.46 8.41
C GLU B 241 -37.22 -38.58 8.92
N ILE B 242 -38.00 -39.03 9.91
CA ILE B 242 -39.02 -38.20 10.59
C ILE B 242 -38.37 -37.18 11.55
N GLN B 243 -37.31 -37.55 12.27
CA GLN B 243 -36.54 -36.59 13.08
C GLN B 243 -35.87 -35.52 12.21
N GLU B 244 -35.33 -35.91 11.04
CA GLU B 244 -34.74 -35.00 10.06
C GLU B 244 -35.77 -34.07 9.41
N LEU B 245 -36.99 -34.54 9.12
CA LEU B 245 -38.09 -33.66 8.69
C LEU B 245 -38.46 -32.60 9.75
N GLN B 246 -38.50 -32.98 11.03
CA GLN B 246 -38.75 -32.03 12.13
C GLN B 246 -37.57 -31.06 12.37
N ALA B 247 -36.33 -31.50 12.10
CA ALA B 247 -35.15 -30.64 12.11
C ALA B 247 -35.17 -29.64 10.94
N GLN B 248 -35.47 -30.11 9.72
CA GLN B 248 -35.62 -29.30 8.50
C GLN B 248 -36.73 -28.25 8.62
N ILE B 249 -37.88 -28.59 9.23
CA ILE B 249 -38.96 -27.63 9.52
C ILE B 249 -38.54 -26.52 10.49
N GLN B 250 -37.75 -26.83 11.52
CA GLN B 250 -37.19 -25.83 12.44
C GLN B 250 -36.02 -25.04 11.82
N GLU B 251 -35.24 -25.69 10.95
CA GLU B 251 -34.04 -25.15 10.31
C GLU B 251 -34.37 -24.16 9.21
N GLN B 252 -35.38 -24.42 8.39
CA GLN B 252 -35.86 -23.49 7.38
C GLN B 252 -36.58 -22.25 7.96
N HIS B 253 -37.10 -22.30 9.20
CA HIS B 253 -37.89 -21.22 9.80
C HIS B 253 -37.55 -20.94 11.27
N VAL B 254 -36.58 -20.03 11.44
CA VAL B 254 -36.41 -19.17 12.64
C VAL B 254 -35.83 -17.79 12.31
N GLN B 255 -35.32 -17.61 11.09
CA GLN B 255 -34.83 -16.35 10.51
C GLN B 255 -35.87 -15.21 10.36
N ILE B 256 -37.15 -15.48 10.58
CA ILE B 256 -38.25 -14.53 10.44
C ILE B 256 -38.46 -14.07 8.97
N ASP B 257 -38.73 -15.05 8.10
CA ASP B 257 -39.55 -14.89 6.88
C ASP B 257 -39.00 -13.89 5.83
N VAL B 258 -39.86 -13.31 4.98
CA VAL B 258 -39.54 -12.06 4.25
C VAL B 258 -39.82 -10.87 5.15
N ASP B 259 -39.06 -9.80 5.00
CA ASP B 259 -39.21 -8.62 5.86
C ASP B 259 -39.17 -7.28 5.05
N VAL B 260 -40.09 -7.16 4.07
CA VAL B 260 -40.10 -6.07 3.03
C VAL B 260 -40.65 -4.70 3.46
N SER B 261 -40.95 -4.48 4.74
CA SER B 261 -41.67 -3.26 5.18
C SER B 261 -40.73 -2.22 5.82
N LYS B 262 -40.62 -1.46 6.12
CA LYS B 262 -40.56 -0.73 4.83
C LYS B 262 -39.06 -0.44 4.56
N PRO B 263 -38.73 0.20 3.42
CA PRO B 263 -37.68 1.21 3.37
C PRO B 263 -38.14 2.60 3.84
N ASP B 264 -36.57 3.19 2.35
CA ASP B 264 -35.76 4.12 3.11
C ASP B 264 -36.52 5.45 3.37
N LEU B 265 -37.02 5.56 4.62
CA LEU B 265 -37.29 6.75 5.48
C LEU B 265 -38.60 6.52 6.24
N THR B 266 -38.53 6.63 7.56
CA THR B 266 -39.66 7.02 8.41
C THR B 266 -39.27 8.02 9.50
N ALA B 267 -37.97 8.06 9.85
CA ALA B 267 -37.37 8.87 10.90
C ALA B 267 -37.78 10.34 10.83
N ALA B 268 -37.29 11.11 9.85
CA ALA B 268 -37.46 12.58 9.88
C ALA B 268 -38.92 13.09 10.00
N LEU B 269 -39.92 12.35 9.51
CA LEU B 269 -41.34 12.68 9.73
C LEU B 269 -41.84 12.34 11.15
N ARG B 270 -41.37 11.25 11.74
CA ARG B 270 -41.60 10.85 13.14
C ARG B 270 -40.81 11.73 14.12
N ASP B 271 -39.55 12.01 13.81
CA ASP B 271 -38.64 12.80 14.62
C ASP B 271 -39.02 14.26 14.69
N VAL B 272 -39.27 14.93 13.56
CA VAL B 272 -39.73 16.32 13.55
C VAL B 272 -41.05 16.51 14.30
N ARG B 273 -41.93 15.50 14.32
CA ARG B 273 -43.16 15.52 15.16
C ARG B 273 -42.86 15.34 16.65
N GLN B 274 -42.14 14.29 17.05
CA GLN B 274 -41.84 14.03 18.48
C GLN B 274 -40.91 15.07 19.10
N GLN B 275 -40.03 15.65 18.27
CA GLN B 275 -39.30 16.87 18.56
C GLN B 275 -40.27 18.05 18.76
N TYR B 276 -41.22 18.33 17.87
CA TYR B 276 -42.21 19.40 18.08
C TYR B 276 -43.12 19.20 19.31
N GLU B 277 -43.48 17.97 19.68
CA GLU B 277 -44.16 17.68 20.96
C GLU B 277 -43.25 18.01 22.17
N SER B 278 -42.03 17.47 22.19
CA SER B 278 -41.02 17.75 23.22
C SER B 278 -40.64 19.25 23.29
N VAL B 279 -40.69 19.95 22.16
CA VAL B 279 -40.42 21.38 21.99
C VAL B 279 -41.58 22.25 22.42
N ALA B 280 -42.82 21.75 22.43
CA ALA B 280 -43.94 22.49 23.05
C ALA B 280 -43.76 22.63 24.57
N ALA B 281 -43.26 21.59 25.24
CA ALA B 281 -42.85 21.67 26.65
C ALA B 281 -41.56 22.48 26.85
N LYS B 282 -40.58 22.35 25.95
CA LYS B 282 -39.32 23.13 25.98
C LYS B 282 -39.58 24.64 25.86
N ASN B 283 -40.40 25.04 24.90
CA ASN B 283 -40.75 26.45 24.65
C ASN B 283 -41.57 27.08 25.79
N LEU B 284 -42.29 26.28 26.58
CA LEU B 284 -42.92 26.71 27.83
C LEU B 284 -41.91 26.86 28.99
N GLN B 285 -40.84 26.07 29.01
CA GLN B 285 -39.67 26.31 29.88
C GLN B 285 -38.80 27.50 29.41
N GLU B 286 -38.67 27.75 28.10
CA GLU B 286 -38.10 29.02 27.61
C GLU B 286 -38.98 30.22 28.01
N ALA B 287 -40.31 30.08 28.01
CA ALA B 287 -41.19 31.10 28.57
C ALA B 287 -40.96 31.32 30.08
N GLU B 288 -40.76 30.27 30.88
CA GLU B 288 -40.36 30.37 32.30
C GLU B 288 -39.01 31.10 32.49
N GLU B 289 -38.01 30.88 31.64
CA GLU B 289 -36.75 31.64 31.62
C GLU B 289 -36.94 33.11 31.18
N TRP B 290 -37.73 33.37 30.14
CA TRP B 290 -38.07 34.71 29.66
C TRP B 290 -38.85 35.52 30.70
N TYR B 291 -39.75 34.85 31.43
CA TYR B 291 -40.48 35.43 32.55
C TYR B 291 -39.55 35.74 33.71
N LYS B 292 -38.66 34.81 34.12
CA LYS B 292 -37.64 35.09 35.15
C LYS B 292 -36.74 36.28 34.79
N SER B 293 -36.33 36.45 33.53
CA SER B 293 -35.54 37.61 33.11
C SER B 293 -36.33 38.93 33.17
N LYS B 294 -37.54 38.96 32.60
CA LYS B 294 -38.43 40.15 32.64
C LYS B 294 -38.86 40.51 34.06
N PHE B 295 -39.02 39.51 34.91
CA PHE B 295 -39.37 39.66 36.32
C PHE B 295 -38.17 40.07 37.18
N ALA B 296 -36.93 39.75 36.78
CA ALA B 296 -35.73 40.37 37.33
C ALA B 296 -35.60 41.85 36.92
N ASP B 297 -36.01 42.22 35.69
CA ASP B 297 -36.06 43.63 35.24
C ASP B 297 -37.10 44.46 36.03
N LEU B 298 -38.29 43.89 36.28
CA LEU B 298 -39.29 44.49 37.19
C LEU B 298 -38.80 44.51 38.65
N SER B 299 -38.12 43.45 39.09
CA SER B 299 -37.51 43.39 40.43
C SER B 299 -36.36 44.39 40.60
N GLU B 300 -35.71 44.84 39.53
CA GLU B 300 -34.71 45.91 39.56
C GLU B 300 -35.35 47.32 39.56
N ALA B 301 -36.48 47.50 38.88
CA ALA B 301 -37.32 48.69 39.07
C ALA B 301 -37.85 48.79 40.53
N ALA B 302 -38.08 47.64 41.19
CA ALA B 302 -38.35 47.51 42.61
C ALA B 302 -37.10 47.67 43.51
N ASN B 303 -35.91 47.20 43.10
CA ASN B 303 -34.67 47.40 43.87
C ASN B 303 -34.30 48.88 43.98
N ARG B 304 -34.58 49.70 42.96
CA ARG B 304 -34.44 51.16 43.02
C ARG B 304 -35.33 51.81 44.10
N ASN B 305 -36.41 51.16 44.51
CA ASN B 305 -37.26 51.57 45.63
C ASN B 305 -36.75 51.03 46.99
N ASN B 306 -36.22 49.81 47.01
CA ASN B 306 -35.57 49.26 48.20
C ASN B 306 -34.29 50.04 48.56
N ASP B 307 -33.51 50.45 47.55
CA ASP B 307 -32.38 51.36 47.70
C ASP B 307 -32.79 52.74 48.19
N ALA B 308 -33.89 53.32 47.69
CA ALA B 308 -34.42 54.56 48.24
C ALA B 308 -34.81 54.42 49.73
N LEU B 309 -35.48 53.32 50.12
CA LEU B 309 -35.82 52.99 51.51
C LEU B 309 -34.59 52.69 52.40
N ARG B 310 -33.49 52.17 51.84
CA ARG B 310 -32.24 51.92 52.58
C ARG B 310 -31.39 53.20 52.72
N GLN B 311 -31.37 54.04 51.68
CA GLN B 311 -30.68 55.32 51.66
C GLN B 311 -31.40 56.38 52.52
N ALA B 312 -32.74 56.40 52.53
CA ALA B 312 -33.54 57.26 53.42
C ALA B 312 -33.35 56.95 54.91
N LYS B 313 -33.07 55.68 55.27
CA LYS B 313 -32.68 55.31 56.64
C LYS B 313 -31.29 55.84 57.00
N GLN B 314 -30.32 55.78 56.09
CA GLN B 314 -28.97 56.32 56.28
C GLN B 314 -29.01 57.86 56.37
N GLU B 315 -29.65 58.49 55.39
CA GLU B 315 -29.99 59.92 55.29
C GLU B 315 -30.62 60.45 56.58
N SER B 316 -31.61 59.74 57.15
CA SER B 316 -32.30 60.14 58.38
C SER B 316 -31.36 60.42 59.58
N THR B 317 -30.18 59.79 59.60
CA THR B 317 -29.20 59.92 60.68
C THR B 317 -28.44 61.24 60.65
N GLU B 318 -28.24 61.82 59.46
CA GLU B 318 -27.85 63.22 59.31
C GLU B 318 -29.05 64.15 59.24
N TYR B 319 -30.15 63.73 58.59
CA TYR B 319 -31.33 64.56 58.38
C TYR B 319 -31.96 65.01 59.71
N ARG B 320 -32.06 64.13 60.71
CA ARG B 320 -32.51 64.55 62.06
C ARG B 320 -31.62 65.62 62.70
N ARG B 321 -30.28 65.55 62.51
CA ARG B 321 -29.36 66.61 62.96
C ARG B 321 -29.46 67.87 62.12
N GLN B 322 -29.59 67.76 60.80
CA GLN B 322 -29.71 68.90 59.88
C GLN B 322 -31.00 69.68 60.15
N VAL B 323 -32.12 68.97 60.33
CA VAL B 323 -33.41 69.51 60.79
C VAL B 323 -33.30 70.22 62.14
N GLN B 324 -32.69 69.56 63.14
CA GLN B 324 -32.59 70.13 64.48
C GLN B 324 -31.60 71.30 64.55
N SER B 325 -30.51 71.29 63.76
CA SER B 325 -29.54 72.39 63.67
C SER B 325 -30.13 73.59 62.94
N LEU B 326 -30.74 73.37 61.78
CA LEU B 326 -31.45 74.41 61.02
C LEU B 326 -32.71 74.93 61.74
N THR B 327 -33.37 74.11 62.56
CA THR B 327 -34.39 74.61 63.51
C THR B 327 -33.75 75.55 64.53
N CYS B 328 -32.73 75.12 65.26
CA CYS B 328 -32.09 75.92 66.32
C CYS B 328 -31.33 77.14 65.78
N GLU B 329 -30.82 77.11 64.55
CA GLU B 329 -30.17 78.23 63.88
C GLU B 329 -31.18 79.26 63.38
N VAL B 330 -32.36 78.82 62.91
CA VAL B 330 -33.52 79.70 62.73
C VAL B 330 -33.97 80.28 64.07
N ASP B 331 -34.20 79.45 65.09
CA ASP B 331 -34.65 79.85 66.42
C ASP B 331 -33.67 80.80 67.14
N ALA B 332 -32.36 80.60 66.94
CA ALA B 332 -31.32 81.53 67.39
C ALA B 332 -31.29 82.83 66.58
N LEU B 333 -31.54 82.82 65.27
CA LEU B 333 -31.79 84.04 64.49
C LEU B 333 -33.09 84.74 64.93
N LYS B 334 -34.06 84.02 65.50
CA LYS B 334 -35.35 84.56 65.93
C LYS B 334 -35.28 85.23 67.31
N GLY B 335 -34.55 84.61 68.22
CA GLY B 335 -34.07 85.23 69.46
C GLY B 335 -33.03 86.35 69.24
N THR B 336 -32.29 86.31 68.12
CA THR B 336 -31.43 87.42 67.69
C THR B 336 -32.24 88.59 67.12
N ASN B 337 -33.28 88.34 66.33
CA ASN B 337 -34.10 89.40 65.73
C ASN B 337 -34.99 90.12 66.76
N GLU B 338 -35.58 89.42 67.74
CA GLU B 338 -36.26 90.10 68.88
C GLU B 338 -35.26 90.93 69.70
N SER B 339 -34.02 90.44 69.86
CA SER B 339 -32.97 91.13 70.62
C SER B 339 -32.26 92.23 69.81
N LEU B 340 -32.39 92.21 68.48
CA LEU B 340 -31.97 93.29 67.59
C LEU B 340 -33.00 94.41 67.56
N GLU B 341 -34.29 94.09 67.64
CA GLU B 341 -35.32 95.09 67.91
C GLU B 341 -35.20 95.70 69.32
N ARG B 342 -34.66 94.96 70.30
CA ARG B 342 -34.24 95.55 71.60
C ARG B 342 -33.03 96.48 71.48
N GLN B 343 -32.08 96.18 70.59
CA GLN B 343 -31.04 97.16 70.25
C GLN B 343 -31.60 98.38 69.50
N MET B 344 -32.64 98.22 68.69
CA MET B 344 -33.33 99.35 68.04
C MET B 344 -34.21 100.17 68.99
N ARG B 345 -34.81 99.57 70.02
CA ARG B 345 -35.48 100.31 71.11
C ARG B 345 -34.46 101.11 71.92
N GLU B 346 -33.33 100.50 72.23
CA GLU B 346 -32.27 101.16 72.98
C GLU B 346 -31.55 102.20 72.11
N MET B 347 -31.57 102.07 70.78
CA MET B 347 -31.27 103.17 69.84
C MET B 347 -32.35 104.26 69.76
N GLU B 348 -33.64 103.94 69.90
CA GLU B 348 -34.70 104.95 69.96
C GLU B 348 -34.54 105.86 71.19
N GLU B 349 -34.22 105.26 72.34
CA GLU B 349 -33.85 105.98 73.55
C GLU B 349 -32.53 106.76 73.38
N ASN B 350 -31.51 106.23 72.68
CA ASN B 350 -30.27 106.95 72.41
C ASN B 350 -30.45 108.18 71.50
N PHE B 351 -31.18 108.09 70.39
CA PHE B 351 -31.48 109.26 69.54
C PHE B 351 -32.38 110.27 70.26
N ALA B 352 -33.25 109.79 71.16
CA ALA B 352 -34.12 110.63 71.94
C ALA B 352 -33.41 111.42 73.05
N VAL B 353 -32.57 110.75 73.85
CA VAL B 353 -31.72 111.40 74.86
C VAL B 353 -30.66 112.29 74.20
N GLU B 354 -30.12 111.90 73.04
CA GLU B 354 -29.27 112.79 72.21
C GLU B 354 -29.99 114.07 71.82
N ALA B 355 -31.23 113.98 71.32
CA ALA B 355 -31.96 115.17 70.91
C ALA B 355 -32.44 116.02 72.10
N ALA B 356 -33.09 115.41 73.09
CA ALA B 356 -33.81 116.11 74.16
C ALA B 356 -32.95 116.43 75.38
N ASN B 357 -32.16 115.49 75.89
CA ASN B 357 -31.31 115.70 77.08
C ASN B 357 -30.12 116.64 76.79
N TYR B 358 -29.62 116.65 75.55
CA TYR B 358 -28.69 117.71 75.11
C TYR B 358 -29.33 119.11 75.16
N GLN B 359 -30.60 119.24 74.76
CA GLN B 359 -31.32 120.51 74.91
C GLN B 359 -31.83 120.78 76.34
N ASP B 360 -31.89 119.79 77.24
CA ASP B 360 -31.99 120.04 78.68
C ASP B 360 -30.71 120.67 79.23
N THR B 361 -29.56 120.26 78.71
CA THR B 361 -28.26 120.86 79.04
C THR B 361 -28.12 122.26 78.44
N ILE B 362 -28.67 122.51 77.25
CA ILE B 362 -28.87 123.87 76.73
C ILE B 362 -29.87 124.66 77.59
N GLY B 363 -30.90 124.02 78.15
CA GLY B 363 -31.89 124.63 79.06
C GLY B 363 -31.26 125.09 80.36
N ARG B 364 -30.49 124.24 81.04
CA ARG B 364 -29.74 124.61 82.24
C ARG B 364 -28.63 125.65 81.97
N LEU B 365 -28.12 125.72 80.74
CA LEU B 365 -27.26 126.82 80.30
C LEU B 365 -28.04 128.10 79.94
N GLN B 366 -29.29 128.01 79.46
CA GLN B 366 -30.20 129.15 79.31
C GLN B 366 -30.63 129.72 80.66
N ASP B 367 -30.75 128.93 81.71
CA ASP B 367 -30.90 129.41 83.09
C ASP B 367 -29.69 130.28 83.49
N GLU B 368 -28.48 129.71 83.44
CA GLU B 368 -27.25 130.43 83.81
C GLU B 368 -26.99 131.67 82.91
N ILE B 369 -27.23 131.57 81.60
CA ILE B 369 -27.01 132.67 80.64
C ILE B 369 -28.07 133.75 80.75
N GLN B 370 -29.35 133.40 80.87
CA GLN B 370 -30.44 134.39 80.94
C GLN B 370 -30.54 135.01 82.35
N ASN B 371 -30.09 134.32 83.41
CA ASN B 371 -29.81 134.92 84.71
C ASN B 371 -28.61 135.91 84.64
N THR B 436 -35.04 142.72 63.34
CA THR B 436 -34.93 142.45 64.80
C THR B 436 -36.24 142.47 65.64
N HIS B 437 -37.39 141.91 65.24
CA HIS B 437 -37.63 140.87 64.22
C HIS B 437 -36.54 139.80 64.16
N SER B 438 -36.20 139.30 65.35
CA SER B 438 -35.12 138.32 65.56
C SER B 438 -35.56 136.92 65.11
N LYS B 439 -34.66 135.95 65.20
CA LYS B 439 -34.76 134.60 64.64
C LYS B 439 -35.84 133.77 65.34
N ARG B 440 -37.10 134.01 64.95
CA ARG B 440 -38.27 133.20 65.28
C ARG B 440 -38.36 131.98 64.35
N THR B 441 -37.34 131.13 64.39
CA THR B 441 -37.21 129.95 63.53
C THR B 441 -38.18 128.83 63.94
N LEU B 442 -39.37 128.76 63.32
CA LEU B 442 -40.20 127.55 63.41
C LEU B 442 -39.52 126.42 62.63
N LEU B 443 -38.80 125.55 63.34
CA LEU B 443 -38.20 124.34 62.80
C LEU B 443 -39.21 123.18 62.91
N ILE B 444 -39.98 122.96 61.85
CA ILE B 444 -40.79 121.74 61.72
C ILE B 444 -39.87 120.61 61.23
N LYS B 445 -39.60 119.58 62.04
CA LYS B 445 -38.93 118.34 61.59
C LYS B 445 -39.97 117.42 60.93
N THR B 446 -40.39 117.75 59.72
CA THR B 446 -41.34 116.92 58.96
C THR B 446 -40.63 115.65 58.48
N VAL B 447 -40.62 114.60 59.31
CA VAL B 447 -40.14 113.26 58.90
C VAL B 447 -41.30 112.47 58.29
N GLU B 448 -41.31 112.43 56.96
CA GLU B 448 -42.34 111.76 56.17
C GLU B 448 -42.10 110.24 56.14
N THR B 449 -42.52 109.57 57.22
CA THR B 449 -42.32 108.14 57.50
C THR B 449 -43.09 107.23 56.54
N ARG B 450 -42.58 107.12 55.31
CA ARG B 450 -42.45 105.84 54.60
C ARG B 450 -41.00 105.37 54.78
N ASP B 451 -40.70 105.00 56.02
CA ASP B 451 -39.37 104.65 56.49
C ASP B 451 -38.36 105.82 56.44
N GLY B 452 -37.08 105.53 56.72
CA GLY B 452 -36.17 106.42 57.43
C GLY B 452 -34.92 106.78 56.63
N GLN B 453 -34.15 105.76 56.21
CA GLN B 453 -33.11 105.93 55.17
C GLN B 453 -33.71 106.17 53.76
N VAL B 454 -35.05 106.22 53.61
CA VAL B 454 -35.76 106.57 52.35
C VAL B 454 -36.79 107.71 52.51
N ILE B 455 -36.43 108.96 52.84
CA ILE B 455 -35.16 109.59 53.27
C ILE B 455 -35.44 110.97 53.95
N ASN B 456 -36.72 111.25 54.22
CA ASN B 456 -37.27 112.61 54.23
C ASN B 456 -37.16 113.32 55.59
N GLU B 457 -35.94 113.61 56.03
CA GLU B 457 -35.65 114.52 57.15
C GLU B 457 -35.91 116.01 56.81
N THR B 458 -37.15 116.40 56.49
CA THR B 458 -37.47 117.80 56.15
C THR B 458 -37.50 118.69 57.39
N SER B 459 -36.33 119.11 57.87
CA SER B 459 -36.13 120.20 58.84
C SER B 459 -36.42 121.56 58.22
N GLN B 460 -37.71 121.86 57.99
CA GLN B 460 -38.18 123.15 57.48
C GLN B 460 -37.86 124.25 58.50
N HIS B 461 -36.75 124.97 58.30
CA HIS B 461 -36.40 126.17 59.08
C HIS B 461 -37.23 127.36 58.56
N HIS B 462 -38.45 127.57 59.06
CA HIS B 462 -39.16 128.84 58.85
C HIS B 462 -38.57 129.90 59.80
N ASP B 463 -37.38 130.40 59.44
CA ASP B 463 -36.78 131.63 60.00
C ASP B 463 -37.74 132.81 59.75
N ASP B 464 -38.64 133.05 60.72
CA ASP B 464 -39.58 134.17 60.68
C ASP B 464 -38.97 135.40 61.34
N LEU B 465 -39.36 136.57 60.84
CA LEU B 465 -38.91 137.88 61.29
C LEU B 465 -40.12 138.67 61.84
N GLU B 466 -40.57 138.27 63.03
CA GLU B 466 -41.80 138.72 63.73
C GLU B 466 -41.79 140.18 64.20
N MET C 1 -11.13 -104.93 -49.29
CA MET C 1 -12.20 -105.48 -50.17
C MET C 1 -12.02 -106.99 -50.32
N SER C 2 -13.08 -107.70 -50.72
CA SER C 2 -12.96 -109.02 -51.36
C SER C 2 -12.14 -108.93 -52.65
N THR C 3 -11.52 -110.03 -53.07
CA THR C 3 -11.03 -110.21 -54.45
C THR C 3 -11.45 -111.57 -54.98
N ARG C 4 -12.21 -111.60 -56.08
CA ARG C 4 -12.57 -112.82 -56.81
C ARG C 4 -11.40 -113.28 -57.69
N SER C 5 -10.31 -113.68 -57.05
CA SER C 5 -9.14 -114.31 -57.70
C SER C 5 -9.41 -115.79 -58.00
N VAL C 6 -8.45 -116.50 -58.61
CA VAL C 6 -8.50 -117.97 -58.72
C VAL C 6 -8.61 -118.59 -57.33
N SER C 7 -9.80 -119.11 -57.05
CA SER C 7 -10.23 -119.67 -55.76
C SER C 7 -11.36 -120.64 -56.07
N SER C 8 -12.45 -120.08 -56.61
CA SER C 8 -13.28 -120.72 -57.62
C SER C 8 -12.59 -120.63 -59.01
N SER C 9 -12.14 -121.76 -59.59
CA SER C 9 -11.36 -121.76 -60.84
C SER C 9 -12.16 -121.38 -62.10
N SER C 10 -11.54 -120.63 -63.03
CA SER C 10 -12.11 -120.31 -64.34
C SER C 10 -11.86 -121.42 -65.37
N TYR C 11 -12.93 -121.90 -66.00
CA TYR C 11 -12.84 -122.60 -67.28
C TYR C 11 -12.64 -121.60 -68.42
N ARG C 12 -11.37 -121.22 -68.65
CA ARG C 12 -10.86 -120.56 -69.87
C ARG C 12 -10.65 -121.55 -71.03
N ARG C 13 -10.32 -122.79 -70.68
CA ARG C 13 -10.10 -123.96 -71.56
C ARG C 13 -10.32 -125.24 -70.73
N MET C 14 -9.59 -126.32 -70.98
CA MET C 14 -9.70 -127.64 -70.31
C MET C 14 -11.00 -128.42 -70.61
N PHE C 15 -12.08 -127.71 -70.95
CA PHE C 15 -13.17 -128.21 -71.78
C PHE C 15 -13.39 -127.20 -72.93
N GLY C 16 -13.17 -127.56 -74.21
CA GLY C 16 -12.74 -128.86 -74.73
C GLY C 16 -13.88 -129.85 -74.91
N GLY C 17 -13.70 -131.07 -74.41
CA GLY C 17 -14.61 -132.21 -74.66
C GLY C 17 -14.26 -133.05 -75.90
N PRO C 18 -12.99 -133.47 -76.10
CA PRO C 18 -12.57 -134.18 -77.32
C PRO C 18 -13.26 -135.56 -77.50
N GLY C 19 -13.79 -136.15 -76.43
CA GLY C 19 -14.58 -137.38 -76.48
C GLY C 19 -15.93 -137.25 -77.22
N THR C 20 -16.35 -136.05 -77.61
CA THR C 20 -17.59 -135.80 -78.38
C THR C 20 -17.61 -136.56 -79.72
N GLU C 153 -30.91 -150.46 -41.85
CA GLU C 153 -31.56 -149.14 -41.95
C GLU C 153 -32.37 -148.81 -40.68
N MET C 154 -33.20 -149.72 -40.19
CA MET C 154 -34.02 -149.49 -38.98
C MET C 154 -33.21 -149.65 -37.68
N ARG C 155 -32.09 -150.38 -37.70
CA ARG C 155 -31.07 -150.29 -36.64
C ARG C 155 -30.43 -148.91 -36.61
N GLU C 156 -30.14 -148.29 -37.75
CA GLU C 156 -29.62 -146.92 -37.78
C GLU C 156 -30.66 -145.90 -37.29
N LEU C 157 -31.91 -146.01 -37.72
CA LEU C 157 -33.06 -145.30 -37.13
C LEU C 157 -33.14 -145.45 -35.60
N ARG C 158 -33.01 -146.66 -35.07
CA ARG C 158 -33.00 -146.89 -33.62
C ARG C 158 -31.79 -146.29 -32.94
N ARG C 159 -30.58 -146.35 -33.53
CA ARG C 159 -29.42 -145.60 -33.02
C ARG C 159 -29.71 -144.09 -33.02
N GLN C 160 -30.37 -143.57 -34.06
CA GLN C 160 -30.81 -142.18 -34.13
C GLN C 160 -31.93 -141.84 -33.12
N VAL C 161 -32.74 -142.80 -32.64
CA VAL C 161 -33.73 -142.55 -31.56
C VAL C 161 -33.21 -142.79 -30.14
N ASP C 162 -32.38 -143.81 -29.92
CA ASP C 162 -31.59 -143.94 -28.68
C ASP C 162 -30.76 -142.67 -28.49
N GLN C 163 -30.17 -142.17 -29.58
CA GLN C 163 -29.53 -140.86 -29.64
C GLN C 163 -30.51 -139.71 -29.41
N LEU C 164 -31.67 -139.64 -30.11
CA LEU C 164 -32.62 -138.54 -29.90
C LEU C 164 -33.23 -138.51 -28.50
N THR C 165 -33.31 -139.65 -27.80
CA THR C 165 -33.78 -139.78 -26.41
C THR C 165 -32.72 -139.32 -25.41
N ASN C 166 -31.46 -139.73 -25.59
CA ASN C 166 -30.33 -139.26 -24.80
C ASN C 166 -30.04 -137.77 -25.05
N ASP C 167 -30.21 -137.32 -26.30
CA ASP C 167 -30.24 -135.92 -26.71
C ASP C 167 -31.38 -135.17 -26.02
N LYS C 168 -32.65 -135.60 -26.16
CA LYS C 168 -33.83 -135.05 -25.45
C LYS C 168 -33.57 -134.85 -23.96
N ALA C 169 -33.00 -135.86 -23.28
CA ALA C 169 -32.66 -135.76 -21.87
C ALA C 169 -31.45 -134.83 -21.56
N ARG C 170 -30.38 -134.86 -22.35
CA ARG C 170 -29.22 -133.95 -22.22
C ARG C 170 -29.67 -132.52 -22.45
N VAL C 171 -30.30 -132.27 -23.58
CA VAL C 171 -30.66 -130.96 -24.07
C VAL C 171 -31.79 -130.32 -23.27
N GLU C 172 -32.64 -131.13 -22.62
CA GLU C 172 -33.53 -130.62 -21.59
C GLU C 172 -32.77 -130.10 -20.37
N VAL C 173 -31.70 -130.78 -19.93
CA VAL C 173 -30.79 -130.24 -18.91
C VAL C 173 -29.97 -129.03 -19.40
N GLU C 174 -29.50 -129.01 -20.65
CA GLU C 174 -28.79 -127.85 -21.21
C GLU C 174 -29.70 -126.63 -21.44
N ARG C 175 -31.02 -126.82 -21.60
CA ARG C 175 -32.01 -125.74 -21.53
C ARG C 175 -32.41 -125.41 -20.11
N ASP C 176 -32.48 -126.38 -19.21
CA ASP C 176 -32.73 -126.17 -17.78
C ASP C 176 -31.60 -125.32 -17.14
N ASN C 177 -30.35 -125.42 -17.62
CA ASN C 177 -29.29 -124.46 -17.26
C ASN C 177 -29.66 -123.00 -17.62
N LEU C 178 -30.05 -122.77 -18.88
CA LEU C 178 -30.39 -121.42 -19.38
C LEU C 178 -31.67 -120.91 -18.72
N ALA C 179 -32.74 -121.71 -18.77
CA ALA C 179 -34.06 -121.37 -18.27
C ALA C 179 -34.13 -121.34 -16.74
N GLU C 180 -33.23 -121.97 -15.99
CA GLU C 180 -33.08 -121.79 -14.53
C GLU C 180 -32.36 -120.48 -14.19
N ASP C 181 -31.35 -120.06 -14.96
CA ASP C 181 -30.79 -118.71 -14.86
C ASP C 181 -31.77 -117.63 -15.35
N ILE C 182 -32.55 -117.87 -16.41
CA ILE C 182 -33.66 -116.97 -16.75
C ILE C 182 -34.79 -117.04 -15.71
N MET C 183 -35.07 -118.17 -15.04
CA MET C 183 -36.12 -118.27 -14.01
C MET C 183 -35.74 -117.51 -12.74
N ARG C 184 -34.48 -117.66 -12.29
CA ARG C 184 -33.88 -116.85 -11.21
C ARG C 184 -33.88 -115.37 -11.58
N LEU C 185 -33.45 -115.05 -12.80
CA LEU C 185 -33.50 -113.69 -13.34
C LEU C 185 -34.94 -113.18 -13.34
N ARG C 186 -35.93 -113.89 -13.89
CA ARG C 186 -37.35 -113.52 -13.95
C ARG C 186 -37.96 -113.21 -12.58
N GLU C 187 -37.66 -114.02 -11.56
CA GLU C 187 -38.12 -113.76 -10.19
C GLU C 187 -37.44 -112.53 -9.57
N LYS C 188 -36.12 -112.43 -9.72
CA LYS C 188 -35.34 -111.22 -9.38
C LYS C 188 -35.70 -110.01 -10.22
N LEU C 189 -36.27 -110.19 -11.41
CA LEU C 189 -36.60 -109.16 -12.39
C LEU C 189 -38.01 -108.62 -12.14
N GLN C 190 -38.91 -109.43 -11.57
CA GLN C 190 -40.12 -108.95 -10.91
C GLN C 190 -39.78 -108.12 -9.65
N GLU C 191 -38.80 -108.55 -8.86
CA GLU C 191 -38.26 -107.73 -7.75
C GLU C 191 -37.56 -106.46 -8.24
N GLU C 192 -36.79 -106.52 -9.34
CA GLU C 192 -36.19 -105.34 -9.95
C GLU C 192 -37.23 -104.38 -10.52
N MET C 193 -38.29 -104.82 -11.20
CA MET C 193 -39.31 -103.89 -11.70
C MET C 193 -40.03 -103.15 -10.56
N LEU C 194 -40.14 -103.77 -9.39
CA LEU C 194 -40.53 -103.06 -8.16
C LEU C 194 -39.44 -102.08 -7.67
N GLN C 195 -38.14 -102.43 -7.72
CA GLN C 195 -37.06 -101.49 -7.42
C GLN C 195 -36.98 -100.29 -8.38
N ARG C 196 -37.26 -100.48 -9.69
CA ARG C 196 -37.25 -99.39 -10.69
C ARG C 196 -38.58 -98.62 -10.72
N GLU C 197 -39.70 -99.23 -10.34
CA GLU C 197 -40.95 -98.49 -10.09
C GLU C 197 -40.91 -97.69 -8.77
N GLU C 198 -40.15 -98.17 -7.79
CA GLU C 198 -39.74 -97.40 -6.61
C GLU C 198 -38.85 -96.22 -7.02
N ALA C 199 -37.90 -96.41 -7.94
CA ALA C 199 -37.09 -95.32 -8.50
C ALA C 199 -37.94 -94.32 -9.31
N GLU C 200 -38.86 -94.76 -10.18
CA GLU C 200 -39.79 -93.87 -10.88
C GLU C 200 -40.62 -93.02 -9.90
N ASN C 201 -41.33 -93.66 -8.96
CA ASN C 201 -42.25 -92.94 -8.08
C ASN C 201 -41.52 -92.06 -7.05
N THR C 202 -40.38 -92.52 -6.53
CA THR C 202 -39.55 -91.77 -5.59
C THR C 202 -38.93 -90.54 -6.26
N LEU C 203 -38.27 -90.75 -7.40
CA LEU C 203 -37.61 -89.66 -8.13
C LEU C 203 -38.63 -88.77 -8.86
N GLN C 204 -39.86 -89.24 -9.13
CA GLN C 204 -40.94 -88.39 -9.67
C GLN C 204 -41.64 -87.56 -8.59
N SER C 205 -41.70 -88.05 -7.36
CA SER C 205 -42.05 -87.24 -6.18
C SER C 205 -40.99 -86.15 -5.93
N PHE C 206 -39.71 -86.50 -6.06
CA PHE C 206 -38.61 -85.55 -6.01
C PHE C 206 -38.53 -84.60 -7.23
N ARG C 207 -39.06 -84.98 -8.40
CA ARG C 207 -39.31 -84.04 -9.53
C ARG C 207 -40.44 -83.07 -9.22
N GLN C 208 -41.53 -83.51 -8.61
CA GLN C 208 -42.56 -82.59 -8.11
C GLN C 208 -41.98 -81.65 -7.05
N ASP C 209 -41.02 -82.11 -6.25
CA ASP C 209 -40.33 -81.25 -5.28
C ASP C 209 -39.18 -80.40 -5.85
N VAL C 210 -38.77 -80.55 -7.12
CA VAL C 210 -38.06 -79.46 -7.84
C VAL C 210 -39.01 -78.28 -7.99
N ASP C 211 -40.18 -78.54 -8.55
CA ASP C 211 -41.23 -77.55 -8.81
C ASP C 211 -41.74 -76.96 -7.49
N ASN C 212 -42.14 -77.78 -6.52
CA ASN C 212 -42.62 -77.33 -5.20
C ASN C 212 -41.56 -76.56 -4.41
N ALA C 213 -40.32 -77.06 -4.30
CA ALA C 213 -39.31 -76.42 -3.45
C ALA C 213 -38.77 -75.13 -4.08
N SER C 214 -38.54 -75.11 -5.39
CA SER C 214 -38.15 -73.89 -6.09
C SER C 214 -39.32 -72.92 -6.29
N LEU C 215 -40.57 -73.39 -6.28
CA LEU C 215 -41.76 -72.53 -6.27
C LEU C 215 -42.07 -71.97 -4.87
N ALA C 216 -41.76 -72.69 -3.80
CA ALA C 216 -41.76 -72.16 -2.43
C ALA C 216 -40.64 -71.12 -2.21
N ARG C 217 -39.50 -71.26 -2.89
CA ARG C 217 -38.50 -70.19 -3.06
C ARG C 217 -39.11 -68.99 -3.78
N LEU C 218 -39.69 -69.19 -4.95
CA LEU C 218 -40.19 -68.09 -5.78
C LEU C 218 -41.40 -67.35 -5.23
N ASP C 219 -42.34 -68.02 -4.59
CA ASP C 219 -43.57 -67.42 -4.09
C ASP C 219 -43.30 -66.44 -2.93
N LEU C 220 -42.22 -66.68 -2.18
CA LEU C 220 -41.63 -65.74 -1.22
C LEU C 220 -40.74 -64.70 -1.90
N GLU C 221 -39.85 -65.09 -2.82
CA GLU C 221 -38.96 -64.15 -3.51
C GLU C 221 -39.70 -63.12 -4.35
N ARG C 222 -40.77 -63.51 -5.06
CA ARG C 222 -41.64 -62.59 -5.79
C ARG C 222 -42.39 -61.63 -4.87
N LYS C 223 -42.73 -62.04 -3.65
CA LYS C 223 -43.33 -61.15 -2.64
C LYS C 223 -42.33 -60.10 -2.18
N VAL C 224 -41.09 -60.49 -1.87
CA VAL C 224 -40.04 -59.53 -1.49
C VAL C 224 -39.59 -58.67 -2.68
N GLU C 225 -39.55 -59.22 -3.91
CA GLU C 225 -39.24 -58.52 -5.16
C GLU C 225 -40.27 -57.42 -5.46
N SER C 226 -41.56 -57.77 -5.33
CA SER C 226 -42.67 -56.82 -5.47
C SER C 226 -42.67 -55.77 -4.35
N LEU C 227 -42.42 -56.18 -3.09
CA LEU C 227 -42.36 -55.26 -1.96
C LEU C 227 -41.14 -54.31 -2.04
N GLN C 228 -40.02 -54.72 -2.63
CA GLN C 228 -38.85 -53.85 -2.84
C GLN C 228 -39.04 -52.89 -4.03
N GLU C 229 -39.74 -53.29 -5.10
CA GLU C 229 -40.22 -52.32 -6.11
C GLU C 229 -41.29 -51.37 -5.54
N GLU C 230 -42.17 -51.85 -4.67
CA GLU C 230 -43.14 -51.02 -3.93
C GLU C 230 -42.46 -50.07 -2.93
N ILE C 231 -41.36 -50.46 -2.26
CA ILE C 231 -40.57 -49.55 -1.43
C ILE C 231 -39.86 -48.49 -2.30
N ALA C 232 -39.27 -48.88 -3.43
CA ALA C 232 -38.73 -47.92 -4.39
C ALA C 232 -39.82 -46.97 -4.93
N PHE C 233 -41.03 -47.46 -5.17
CA PHE C 233 -42.17 -46.68 -5.64
C PHE C 233 -42.73 -45.72 -4.57
N LEU C 234 -42.87 -46.20 -3.34
CA LEU C 234 -43.20 -45.38 -2.16
C LEU C 234 -42.12 -44.35 -1.83
N LYS C 235 -40.84 -44.60 -2.17
CA LYS C 235 -39.75 -43.65 -1.95
C LYS C 235 -39.55 -42.63 -3.08
N LYS C 236 -39.84 -43.00 -4.34
CA LYS C 236 -40.01 -42.01 -5.43
C LYS C 236 -41.32 -41.23 -5.38
N LEU C 237 -42.32 -41.67 -4.59
CA LEU C 237 -43.49 -40.89 -4.17
C LEU C 237 -43.24 -40.05 -2.90
N HIS C 238 -42.48 -40.55 -1.93
CA HIS C 238 -42.05 -39.74 -0.77
C HIS C 238 -41.14 -38.56 -1.18
N GLU C 239 -40.50 -38.63 -2.34
CA GLU C 239 -39.84 -37.49 -2.98
C GLU C 239 -40.82 -36.33 -3.26
N GLU C 240 -42.06 -36.63 -3.66
CA GLU C 240 -43.14 -35.68 -3.89
C GLU C 240 -43.77 -35.17 -2.57
N GLU C 241 -43.82 -36.00 -1.53
CA GLU C 241 -44.21 -35.56 -0.17
C GLU C 241 -43.19 -34.59 0.46
N ILE C 242 -41.88 -34.83 0.28
CA ILE C 242 -40.85 -33.84 0.66
C ILE C 242 -40.90 -32.62 -0.29
N GLN C 243 -41.41 -32.75 -1.52
CA GLN C 243 -41.61 -31.60 -2.41
C GLN C 243 -42.80 -30.71 -2.01
N GLU C 244 -43.82 -31.24 -1.34
CA GLU C 244 -44.83 -30.40 -0.68
C GLU C 244 -44.28 -29.67 0.57
N LEU C 245 -43.34 -30.28 1.31
CA LEU C 245 -42.59 -29.56 2.35
C LEU C 245 -41.68 -28.46 1.75
N GLN C 246 -40.93 -28.76 0.68
CA GLN C 246 -40.11 -27.76 0.00
C GLN C 246 -40.96 -26.63 -0.62
N ALA C 247 -42.18 -26.93 -1.05
CA ALA C 247 -43.17 -25.93 -1.48
C ALA C 247 -43.65 -25.01 -0.35
N GLN C 248 -43.86 -25.52 0.87
CA GLN C 248 -44.10 -24.66 2.05
C GLN C 248 -42.92 -23.72 2.30
N ILE C 249 -41.68 -24.23 2.27
CA ILE C 249 -40.47 -23.40 2.45
C ILE C 249 -40.34 -22.35 1.33
N GLN C 250 -40.80 -22.67 0.12
CA GLN C 250 -40.84 -21.77 -1.04
C GLN C 250 -41.94 -20.70 -0.94
N GLU C 251 -43.05 -20.97 -0.27
CA GLU C 251 -44.17 -20.04 -0.03
C GLU C 251 -44.01 -19.12 1.19
N GLN C 252 -43.11 -19.39 2.13
CA GLN C 252 -42.84 -18.59 3.35
C GLN C 252 -42.22 -17.18 3.14
N HIS C 253 -42.48 -16.55 1.98
CA HIS C 253 -41.68 -15.48 1.38
C HIS C 253 -42.40 -14.13 1.06
N VAL C 254 -43.57 -13.65 1.51
CA VAL C 254 -44.42 -13.73 2.74
C VAL C 254 -43.81 -13.16 4.03
N GLN C 255 -44.58 -12.31 4.75
CA GLN C 255 -44.29 -11.44 5.91
C GLN C 255 -43.72 -10.02 5.63
N ILE C 256 -43.44 -9.29 6.72
CA ILE C 256 -43.14 -7.85 6.82
C ILE C 256 -41.91 -7.61 7.70
N ASP C 257 -41.29 -6.44 7.56
CA ASP C 257 -40.13 -5.98 8.33
C ASP C 257 -40.36 -5.99 9.86
N VAL C 258 -39.43 -6.64 10.55
CA VAL C 258 -39.48 -6.96 11.98
C VAL C 258 -38.82 -5.86 12.82
N ASP C 259 -39.58 -5.29 13.75
CA ASP C 259 -39.23 -4.20 14.68
C ASP C 259 -38.73 -2.87 14.04
N VAL C 260 -38.30 -2.84 12.77
CA VAL C 260 -38.07 -1.58 12.03
C VAL C 260 -39.31 -1.05 11.31
N SER C 261 -40.22 -1.89 10.82
CA SER C 261 -41.55 -1.47 10.32
C SER C 261 -42.53 -1.05 11.44
N LYS C 262 -42.00 -0.66 12.59
CA LYS C 262 -42.71 -0.21 13.79
C LYS C 262 -42.28 1.24 14.12
N PRO C 263 -42.40 2.21 13.19
CA PRO C 263 -41.93 3.59 13.37
C PRO C 263 -42.73 4.27 14.50
N ASP C 264 -42.18 4.27 15.71
CA ASP C 264 -42.95 3.79 16.87
C ASP C 264 -44.17 4.66 17.26
N LEU C 265 -45.33 4.01 17.31
CA LEU C 265 -46.56 4.58 17.86
C LEU C 265 -46.50 4.71 19.39
N THR C 266 -45.82 3.79 20.08
CA THR C 266 -45.69 3.86 21.54
C THR C 266 -44.73 4.98 21.97
N ALA C 267 -43.75 5.34 21.13
CA ALA C 267 -42.97 6.56 21.26
C ALA C 267 -43.83 7.81 21.06
N ALA C 268 -44.71 7.86 20.06
CA ALA C 268 -45.63 8.99 19.88
C ALA C 268 -46.63 9.16 21.05
N LEU C 269 -47.11 8.05 21.63
CA LEU C 269 -47.95 8.06 22.85
C LEU C 269 -47.16 8.34 24.15
N ARG C 270 -45.84 8.10 24.15
CA ARG C 270 -44.90 8.34 25.26
C ARG C 270 -44.50 9.82 25.30
N ASP C 271 -44.24 10.42 24.13
CA ASP C 271 -44.05 11.85 23.92
C ASP C 271 -45.23 12.67 24.46
N VAL C 272 -46.45 12.39 23.99
CA VAL C 272 -47.65 13.13 24.43
C VAL C 272 -47.89 13.06 25.94
N ARG C 273 -47.54 11.95 26.61
CA ARG C 273 -47.64 11.81 28.06
C ARG C 273 -46.57 12.60 28.81
N GLN C 274 -45.30 12.43 28.43
CA GLN C 274 -44.16 13.12 29.04
C GLN C 274 -44.17 14.63 28.76
N GLN C 275 -44.74 15.03 27.62
CA GLN C 275 -45.03 16.41 27.25
C GLN C 275 -46.17 17.00 28.09
N TYR C 276 -47.27 16.28 28.34
CA TYR C 276 -48.31 16.75 29.27
C TYR C 276 -47.85 16.78 30.73
N GLU C 277 -47.03 15.83 31.18
CA GLU C 277 -46.40 15.84 32.52
C GLU C 277 -45.48 17.06 32.71
N SER C 278 -44.68 17.37 31.69
CA SER C 278 -43.81 18.55 31.66
C SER C 278 -44.58 19.87 31.59
N VAL C 279 -45.62 19.94 30.73
CA VAL C 279 -46.49 21.12 30.57
C VAL C 279 -47.28 21.41 31.84
N ALA C 280 -47.83 20.38 32.50
CA ALA C 280 -48.57 20.55 33.75
C ALA C 280 -47.66 21.07 34.88
N ALA C 281 -46.43 20.56 34.99
CA ALA C 281 -45.45 21.08 35.94
C ALA C 281 -45.03 22.53 35.62
N LYS C 282 -44.70 22.86 34.36
CA LYS C 282 -44.21 24.18 33.98
C LYS C 282 -45.27 25.28 33.98
N ASN C 283 -46.51 24.97 33.59
CA ASN C 283 -47.65 25.88 33.71
C ASN C 283 -47.97 26.23 35.18
N LEU C 284 -47.75 25.31 36.13
CA LEU C 284 -47.88 25.60 37.57
C LEU C 284 -46.69 26.40 38.11
N GLN C 285 -45.47 26.08 37.70
CA GLN C 285 -44.24 26.76 38.15
C GLN C 285 -44.12 28.20 37.61
N GLU C 286 -44.55 28.46 36.37
CA GLU C 286 -44.69 29.81 35.80
C GLU C 286 -45.65 30.68 36.63
N ALA C 287 -46.80 30.12 37.03
CA ALA C 287 -47.81 30.81 37.83
C ALA C 287 -47.33 31.13 39.26
N GLU C 288 -46.55 30.23 39.88
CA GLU C 288 -45.91 30.48 41.17
C GLU C 288 -44.79 31.55 41.07
N GLU C 289 -43.97 31.50 40.02
CA GLU C 289 -42.86 32.43 39.84
C GLU C 289 -43.31 33.84 39.46
N TRP C 290 -44.39 33.97 38.68
CA TRP C 290 -45.09 35.26 38.50
C TRP C 290 -45.76 35.73 39.79
N TYR C 291 -46.30 34.85 40.63
CA TYR C 291 -46.82 35.27 41.95
C TYR C 291 -45.74 35.87 42.86
N LYS C 292 -44.54 35.26 42.94
CA LYS C 292 -43.39 35.83 43.68
C LYS C 292 -42.95 37.19 43.12
N SER C 293 -42.85 37.26 41.80
CA SER C 293 -42.34 38.43 41.08
C SER C 293 -43.28 39.63 41.14
N LYS C 294 -44.58 39.38 40.99
CA LYS C 294 -45.65 40.35 41.20
C LYS C 294 -45.73 40.81 42.66
N PHE C 295 -45.47 39.90 43.62
CA PHE C 295 -45.40 40.26 45.03
C PHE C 295 -44.21 41.18 45.35
N ALA C 296 -43.07 41.00 44.69
CA ALA C 296 -41.90 41.89 44.82
C ALA C 296 -42.17 43.30 44.27
N ASP C 297 -42.73 43.40 43.05
CA ASP C 297 -43.15 44.65 42.41
C ASP C 297 -44.15 45.44 43.29
N LEU C 298 -45.26 44.81 43.68
CA LEU C 298 -46.29 45.44 44.50
C LEU C 298 -45.78 45.84 45.90
N SER C 299 -44.92 45.02 46.51
CA SER C 299 -44.34 45.32 47.83
C SER C 299 -43.37 46.49 47.78
N GLU C 300 -42.51 46.56 46.78
CA GLU C 300 -41.54 47.65 46.67
C GLU C 300 -42.10 48.94 46.05
N ALA C 301 -43.18 48.86 45.27
CA ALA C 301 -44.02 50.01 44.93
C ALA C 301 -44.73 50.57 46.18
N ALA C 302 -45.25 49.70 47.04
CA ALA C 302 -45.81 50.10 48.34
C ALA C 302 -44.72 50.65 49.30
N ASN C 303 -43.50 50.11 49.29
CA ASN C 303 -42.37 50.68 50.02
C ASN C 303 -41.95 52.04 49.47
N ARG C 304 -41.93 52.25 48.15
CA ARG C 304 -41.59 53.55 47.56
C ARG C 304 -42.56 54.64 47.97
N ASN C 305 -43.84 54.33 47.93
CA ASN C 305 -44.89 55.26 48.37
C ASN C 305 -44.79 55.52 49.88
N ASN C 306 -44.55 54.49 50.70
CA ASN C 306 -44.26 54.68 52.13
C ASN C 306 -43.02 55.55 52.38
N ASP C 307 -41.98 55.43 51.56
CA ASP C 307 -40.68 56.06 51.81
C ASP C 307 -40.56 57.49 51.29
N ALA C 308 -41.16 57.80 50.14
CA ALA C 308 -41.39 59.18 49.73
C ALA C 308 -42.33 59.93 50.73
N LEU C 309 -43.33 59.22 51.27
CA LEU C 309 -44.15 59.70 52.40
C LEU C 309 -43.43 59.74 53.76
N ARG C 310 -42.17 59.27 53.88
CA ARG C 310 -41.32 59.43 55.07
C ARG C 310 -40.28 60.54 54.88
N GLN C 311 -39.67 60.64 53.70
CA GLN C 311 -38.80 61.75 53.28
C GLN C 311 -39.55 63.09 53.40
N ALA C 312 -40.75 63.16 52.81
CA ALA C 312 -41.66 64.30 52.92
C ALA C 312 -42.22 64.55 54.33
N LYS C 313 -42.16 63.58 55.26
CA LYS C 313 -42.55 63.77 56.67
C LYS C 313 -41.40 64.26 57.54
N GLN C 314 -40.14 63.93 57.21
CA GLN C 314 -38.96 64.53 57.84
C GLN C 314 -38.81 66.00 57.41
N GLU C 315 -38.98 66.25 56.12
CA GLU C 315 -39.13 67.58 55.50
C GLU C 315 -40.33 68.39 56.05
N SER C 316 -41.52 67.76 56.18
CA SER C 316 -42.67 68.40 56.84
C SER C 316 -42.42 68.71 58.32
N THR C 317 -41.61 67.91 59.02
CA THR C 317 -41.28 68.18 60.43
C THR C 317 -40.28 69.33 60.57
N GLU C 318 -39.41 69.50 59.58
CA GLU C 318 -38.43 70.58 59.47
C GLU C 318 -39.06 71.94 59.23
N TYR C 319 -39.75 72.10 58.10
CA TYR C 319 -40.34 73.39 57.73
C TYR C 319 -41.44 73.83 58.70
N ARG C 320 -42.16 72.89 59.35
CA ARG C 320 -43.08 73.24 60.45
C ARG C 320 -42.36 73.81 61.67
N ARG C 321 -41.22 73.24 62.08
CA ARG C 321 -40.42 73.78 63.19
C ARG C 321 -39.83 75.15 62.86
N GLN C 322 -39.29 75.31 61.65
CA GLN C 322 -38.73 76.59 61.20
C GLN C 322 -39.81 77.69 61.10
N VAL C 323 -41.01 77.36 60.61
CA VAL C 323 -42.18 78.25 60.59
C VAL C 323 -42.72 78.55 61.99
N GLN C 324 -42.73 77.59 62.92
CA GLN C 324 -43.14 77.82 64.31
C GLN C 324 -42.11 78.68 65.08
N SER C 325 -40.83 78.53 64.78
CA SER C 325 -39.74 79.39 65.31
C SER C 325 -39.86 80.83 64.77
N LEU C 326 -40.16 80.98 63.47
CA LEU C 326 -40.52 82.26 62.84
C LEU C 326 -41.83 82.86 63.38
N THR C 327 -42.78 82.05 63.83
CA THR C 327 -44.01 82.56 64.48
C THR C 327 -43.70 83.16 65.86
N CYS C 328 -42.77 82.53 66.59
CA CYS C 328 -42.25 83.06 67.86
C CYS C 328 -41.44 84.36 67.66
N GLU C 329 -40.70 84.49 66.54
CA GLU C 329 -40.10 85.77 66.14
C GLU C 329 -41.14 86.86 65.95
N VAL C 330 -42.15 86.61 65.11
CA VAL C 330 -43.11 87.63 64.69
C VAL C 330 -43.94 88.16 65.86
N ASP C 331 -44.14 87.37 66.92
CA ASP C 331 -44.84 87.80 68.13
C ASP C 331 -43.91 88.32 69.25
N ALA C 332 -42.62 87.93 69.28
CA ALA C 332 -41.59 88.54 70.14
C ALA C 332 -41.06 89.89 69.60
N LEU C 333 -41.05 90.08 68.28
CA LEU C 333 -40.83 91.36 67.60
C LEU C 333 -41.94 92.34 67.95
N LYS C 334 -43.23 91.96 67.84
CA LYS C 334 -44.36 92.83 68.25
C LYS C 334 -44.33 93.24 69.72
N GLY C 335 -43.99 92.35 70.66
CA GLY C 335 -43.80 92.72 72.07
C GLY C 335 -42.58 93.63 72.33
N THR C 336 -41.69 93.74 71.35
CA THR C 336 -40.56 94.67 71.31
C THR C 336 -40.86 95.95 70.50
N ASN C 337 -41.79 95.91 69.54
CA ASN C 337 -42.45 97.06 68.91
C ASN C 337 -43.32 97.83 69.94
N GLU C 338 -44.03 97.09 70.82
CA GLU C 338 -44.66 97.60 72.06
C GLU C 338 -43.66 98.07 73.14
N SER C 339 -42.37 97.73 72.98
CA SER C 339 -41.29 98.32 73.78
C SER C 339 -40.71 99.59 73.16
N LEU C 340 -40.63 99.71 71.82
CA LEU C 340 -40.29 100.97 71.13
C LEU C 340 -41.31 102.09 71.39
N GLU C 341 -42.60 101.72 71.50
CA GLU C 341 -43.65 102.61 72.00
C GLU C 341 -43.47 103.08 73.47
N ARG C 342 -42.54 102.50 74.23
CA ARG C 342 -42.07 102.99 75.55
C ARG C 342 -40.81 103.84 75.46
N GLN C 343 -39.89 103.52 74.56
CA GLN C 343 -38.68 104.32 74.32
C GLN C 343 -39.03 105.69 73.69
N MET C 344 -40.15 105.78 72.95
CA MET C 344 -40.75 107.07 72.58
C MET C 344 -41.41 107.83 73.76
N ARG C 345 -41.57 107.20 74.93
CA ARG C 345 -41.97 107.84 76.21
C ARG C 345 -40.78 108.17 77.10
N GLU C 346 -39.71 107.38 77.06
CA GLU C 346 -38.41 107.77 77.62
C GLU C 346 -37.83 109.00 76.86
N MET C 347 -38.20 109.19 75.58
CA MET C 347 -38.05 110.44 74.84
C MET C 347 -38.86 111.61 75.44
N GLU C 348 -40.15 111.38 75.71
CA GLU C 348 -41.04 112.39 76.26
C GLU C 348 -40.70 112.73 77.73
N GLU C 349 -40.04 111.83 78.46
CA GLU C 349 -39.44 112.05 79.78
C GLU C 349 -38.10 112.80 79.69
N ASN C 350 -37.25 112.51 78.71
CA ASN C 350 -36.06 113.35 78.42
C ASN C 350 -36.44 114.76 77.94
N PHE C 351 -37.58 114.92 77.25
CA PHE C 351 -38.18 116.23 77.01
C PHE C 351 -38.87 116.83 78.25
N ALA C 352 -39.34 116.04 79.21
CA ALA C 352 -39.76 116.53 80.51
C ALA C 352 -38.58 117.05 81.36
N VAL C 353 -37.37 116.50 81.19
CA VAL C 353 -36.13 117.08 81.75
C VAL C 353 -35.70 118.35 81.02
N GLU C 354 -35.90 118.45 79.70
CA GLU C 354 -35.74 119.71 78.94
C GLU C 354 -36.70 120.80 79.43
N ALA C 355 -37.97 120.44 79.62
CA ALA C 355 -39.00 121.30 80.18
C ALA C 355 -38.78 121.65 81.66
N ALA C 356 -38.11 120.80 82.45
CA ALA C 356 -37.74 121.07 83.84
C ALA C 356 -36.55 122.03 83.95
N ASN C 357 -35.51 121.84 83.14
CA ASN C 357 -34.41 122.80 83.02
C ASN C 357 -34.86 124.11 82.34
N TYR C 358 -35.89 124.07 81.49
CA TYR C 358 -36.57 125.26 80.96
C TYR C 358 -37.54 125.91 81.97
N GLN C 359 -38.10 125.16 82.93
CA GLN C 359 -38.85 125.72 84.05
C GLN C 359 -37.94 126.49 85.00
N ASP C 360 -36.80 125.93 85.40
CA ASP C 360 -35.81 126.66 86.21
C ASP C 360 -35.15 127.81 85.44
N THR C 361 -34.99 127.68 84.11
CA THR C 361 -34.66 128.82 83.22
C THR C 361 -35.66 129.96 83.35
N ILE C 362 -36.93 129.68 83.05
CA ILE C 362 -37.97 130.70 83.01
C ILE C 362 -38.21 131.27 84.41
N GLY C 363 -38.24 130.46 85.46
CA GLY C 363 -38.43 130.92 86.83
C GLY C 363 -37.29 131.82 87.31
N ARG C 364 -36.04 131.36 87.21
CA ARG C 364 -34.88 132.09 87.74
C ARG C 364 -34.58 133.37 86.96
N LEU C 365 -34.72 133.35 85.64
CA LEU C 365 -34.61 134.58 84.84
C LEU C 365 -35.81 135.51 85.08
N VAL C 434 -36.62 141.89 70.52
CA VAL C 434 -36.02 140.59 70.19
C VAL C 434 -37.10 139.53 70.43
N ASP C 435 -37.26 138.61 69.49
CA ASP C 435 -38.18 137.47 69.57
C ASP C 435 -37.56 136.23 68.91
N THR C 436 -37.88 135.06 69.47
CA THR C 436 -37.39 133.74 69.06
C THR C 436 -38.25 132.65 69.74
N HIS C 437 -37.81 131.39 69.74
CA HIS C 437 -38.46 130.24 70.39
C HIS C 437 -39.85 129.94 69.81
N SER C 438 -39.84 129.51 68.55
CA SER C 438 -41.01 129.11 67.77
C SER C 438 -41.44 127.65 67.97
N LYS C 439 -40.65 126.83 68.67
CA LYS C 439 -40.74 125.36 68.81
C LYS C 439 -40.08 124.59 67.67
N ARG C 440 -38.82 124.24 67.88
CA ARG C 440 -38.03 123.30 67.08
C ARG C 440 -38.41 121.86 67.47
N THR C 441 -39.61 121.48 67.02
CA THR C 441 -40.17 120.12 67.11
C THR C 441 -39.34 119.08 66.33
N LEU C 442 -38.25 118.59 66.92
CA LEU C 442 -37.44 117.45 66.43
C LEU C 442 -38.17 116.11 66.69
N LEU C 443 -39.21 115.88 65.88
CA LEU C 443 -39.92 114.60 65.79
C LEU C 443 -39.11 113.58 64.96
N ILE C 444 -38.01 113.09 65.52
CA ILE C 444 -37.13 112.10 64.88
C ILE C 444 -37.87 110.76 64.76
N LYS C 445 -37.93 110.20 63.55
CA LYS C 445 -38.66 108.95 63.28
C LYS C 445 -37.95 108.12 62.21
N THR C 446 -37.24 107.08 62.65
CA THR C 446 -36.86 105.91 61.83
C THR C 446 -38.05 104.93 61.75
N VAL C 447 -37.85 103.59 61.73
CA VAL C 447 -38.37 102.69 60.64
C VAL C 447 -37.64 103.04 59.36
N GLU C 448 -37.04 102.17 58.53
CA GLU C 448 -36.59 100.78 58.69
C GLU C 448 -37.64 99.64 58.69
N THR C 449 -38.42 99.54 57.60
CA THR C 449 -38.81 98.21 57.07
C THR C 449 -37.57 97.54 56.47
N ARG C 450 -37.33 96.27 56.79
CA ARG C 450 -36.24 95.46 56.23
C ARG C 450 -36.81 94.25 55.51
N ASP C 451 -36.34 93.97 54.29
CA ASP C 451 -36.66 92.75 53.53
C ASP C 451 -38.18 92.53 53.31
N GLY C 452 -39.00 93.57 53.54
CA GLY C 452 -40.48 93.55 53.51
C GLY C 452 -41.16 93.26 54.86
N GLN C 453 -40.41 93.21 55.96
CA GLN C 453 -40.86 92.99 57.34
C GLN C 453 -40.47 94.18 58.24
N VAL C 454 -41.34 94.59 59.15
CA VAL C 454 -40.97 95.55 60.22
C VAL C 454 -40.04 94.84 61.21
N ILE C 455 -38.86 95.42 61.46
CA ILE C 455 -37.85 94.92 62.42
C ILE C 455 -37.62 95.95 63.55
N ASN C 456 -38.24 97.14 63.45
CA ASN C 456 -38.39 98.14 64.51
C ASN C 456 -39.41 99.21 64.05
N GLU C 457 -40.19 99.77 64.98
CA GLU C 457 -41.06 100.93 64.73
C GLU C 457 -40.84 102.08 65.73
N THR C 458 -39.90 102.98 65.40
CA THR C 458 -39.66 104.20 66.20
C THR C 458 -40.65 105.31 65.86
N SER C 459 -41.01 106.13 66.85
CA SER C 459 -41.62 107.45 66.63
C SER C 459 -41.34 108.42 67.79
N GLN C 460 -40.16 109.01 67.80
CA GLN C 460 -39.71 109.91 68.88
C GLN C 460 -40.31 111.32 68.76
N HIS C 461 -40.53 112.00 69.90
CA HIS C 461 -41.11 113.36 69.99
C HIS C 461 -40.33 114.29 70.94
N HIS C 462 -39.24 114.90 70.47
CA HIS C 462 -38.62 116.06 71.16
C HIS C 462 -39.24 117.36 70.63
N ASP C 463 -39.56 118.31 71.52
CA ASP C 463 -39.65 119.73 71.17
C ASP C 463 -38.49 120.50 71.79
N ASP C 464 -37.64 121.07 70.94
CA ASP C 464 -36.54 121.96 71.33
C ASP C 464 -37.11 123.38 71.38
N LEU C 465 -37.02 124.09 72.50
CA LEU C 465 -37.54 125.46 72.59
C LEU C 465 -36.58 126.48 71.93
N GLU C 466 -36.36 126.29 70.63
CA GLU C 466 -35.75 127.16 69.60
C GLU C 466 -36.70 127.31 68.39
N ARG D 4 -30.08 -138.60 -72.27
CA ARG D 4 -30.85 -137.33 -72.33
C ARG D 4 -30.37 -136.31 -71.31
N SER D 5 -29.05 -136.16 -71.24
CA SER D 5 -28.41 -135.17 -70.38
C SER D 5 -28.47 -133.79 -71.04
N VAL D 6 -28.93 -132.78 -70.30
CA VAL D 6 -29.06 -131.38 -70.76
C VAL D 6 -27.69 -130.82 -71.20
N SER D 7 -27.64 -130.19 -72.38
CA SER D 7 -26.37 -129.77 -73.00
C SER D 7 -26.10 -128.26 -72.98
N SER D 8 -26.49 -127.58 -71.88
CA SER D 8 -26.12 -126.18 -71.63
C SER D 8 -24.59 -125.99 -71.64
N SER D 9 -24.09 -125.32 -72.67
CA SER D 9 -22.83 -124.56 -72.62
C SER D 9 -23.06 -123.22 -71.90
N SER D 10 -22.36 -122.14 -72.30
CA SER D 10 -22.82 -120.76 -72.03
C SER D 10 -24.20 -120.49 -72.67
N TYR D 11 -24.39 -120.98 -73.91
CA TYR D 11 -25.68 -121.33 -74.57
C TYR D 11 -26.73 -120.21 -74.79
N ARG D 12 -26.80 -119.20 -73.92
CA ARG D 12 -27.56 -117.95 -74.10
C ARG D 12 -26.55 -116.79 -74.10
N ARG D 13 -25.90 -116.60 -75.26
CA ARG D 13 -24.71 -115.74 -75.46
C ARG D 13 -23.58 -116.14 -74.48
N MET D 14 -22.69 -115.21 -74.10
CA MET D 14 -21.55 -115.49 -73.20
C MET D 14 -21.11 -114.33 -72.28
N PHE D 15 -21.77 -113.17 -72.36
CA PHE D 15 -21.23 -111.88 -71.92
C PHE D 15 -21.54 -111.56 -70.45
N GLY D 16 -20.91 -112.29 -69.52
CA GLY D 16 -20.87 -111.88 -68.12
C GLY D 16 -22.19 -112.12 -67.36
N GLY D 17 -22.73 -111.05 -66.80
CA GLY D 17 -24.11 -110.93 -66.30
C GLY D 17 -24.72 -109.66 -66.90
N PRO D 18 -25.97 -109.27 -66.53
CA PRO D 18 -26.72 -108.24 -67.26
C PRO D 18 -26.01 -106.89 -67.52
N GLY D 19 -25.24 -106.27 -66.62
CA GLY D 19 -25.00 -106.64 -65.21
C GLY D 19 -24.08 -105.68 -64.45
N THR D 20 -23.29 -104.86 -65.15
CA THR D 20 -22.58 -103.70 -64.55
C THR D 20 -22.24 -102.67 -65.63
N ALA D 21 -23.15 -101.73 -65.90
CA ALA D 21 -22.92 -100.60 -66.82
C ALA D 21 -22.01 -99.50 -66.24
N SER D 22 -21.18 -99.80 -65.24
CA SER D 22 -20.13 -98.92 -64.70
C SER D 22 -20.60 -97.52 -64.24
N ARG D 23 -21.74 -97.44 -63.54
CA ARG D 23 -22.29 -96.21 -62.92
C ARG D 23 -21.17 -95.38 -62.24
N PRO D 24 -20.85 -94.17 -62.71
CA PRO D 24 -19.58 -93.51 -62.38
C PRO D 24 -19.53 -93.05 -60.92
N SER D 25 -18.67 -93.70 -60.13
CA SER D 25 -18.39 -93.33 -58.74
C SER D 25 -17.54 -92.05 -58.65
N SER D 26 -18.20 -90.88 -58.71
CA SER D 26 -17.55 -89.57 -58.55
C SER D 26 -16.69 -89.49 -57.28
N SER D 27 -15.62 -88.68 -57.30
CA SER D 27 -14.66 -88.51 -56.19
C SER D 27 -15.20 -87.70 -55.00
N ARG D 28 -16.48 -87.82 -54.65
CA ARG D 28 -17.05 -87.38 -53.36
C ARG D 28 -16.58 -88.25 -52.17
N SER D 29 -15.68 -89.20 -52.42
CA SER D 29 -14.73 -89.81 -51.48
C SER D 29 -13.50 -88.93 -51.14
N TYR D 30 -13.38 -87.72 -51.70
CA TYR D 30 -12.56 -86.63 -51.17
C TYR D 30 -13.20 -85.98 -49.92
N VAL D 31 -12.41 -85.17 -49.21
CA VAL D 31 -12.89 -84.32 -48.11
C VAL D 31 -13.63 -83.11 -48.69
N THR D 32 -14.80 -82.75 -48.16
CA THR D 32 -15.53 -81.53 -48.59
C THR D 32 -14.71 -80.28 -48.25
N THR D 33 -14.64 -79.32 -49.17
CA THR D 33 -13.65 -78.23 -49.13
C THR D 33 -13.69 -77.41 -47.83
N SER D 34 -12.52 -76.89 -47.43
CA SER D 34 -12.41 -75.96 -46.32
C SER D 34 -12.94 -74.58 -46.73
N THR D 35 -14.08 -74.15 -46.18
CA THR D 35 -14.73 -72.87 -46.54
C THR D 35 -14.04 -71.64 -45.90
N ARG D 36 -12.72 -71.71 -45.69
CA ARG D 36 -11.89 -70.73 -44.96
C ARG D 36 -11.77 -69.39 -45.70
N THR D 37 -12.85 -68.63 -45.65
CA THR D 37 -12.89 -67.19 -45.93
C THR D 37 -12.64 -66.39 -44.65
N TYR D 38 -12.39 -65.08 -44.77
CA TYR D 38 -12.03 -64.21 -43.64
C TYR D 38 -12.63 -62.81 -43.82
N SER D 39 -13.17 -62.22 -42.74
CA SER D 39 -13.69 -60.85 -42.75
C SER D 39 -12.74 -59.91 -41.99
N LEU D 40 -12.08 -59.02 -42.74
CA LEU D 40 -11.30 -57.90 -42.21
C LEU D 40 -12.22 -56.79 -41.68
N GLY D 41 -12.99 -57.09 -40.64
CA GLY D 41 -14.05 -56.19 -40.15
C GLY D 41 -13.58 -54.99 -39.32
N SER D 42 -12.27 -54.86 -39.04
CA SER D 42 -11.69 -53.85 -38.14
C SER D 42 -11.00 -52.71 -38.88
N ALA D 43 -10.04 -53.01 -39.76
CA ALA D 43 -9.25 -52.00 -40.47
C ALA D 43 -10.08 -51.13 -41.43
N LEU D 44 -11.23 -51.63 -41.89
CA LEU D 44 -12.21 -50.91 -42.73
C LEU D 44 -12.98 -49.78 -42.00
N ARG D 45 -12.60 -49.43 -40.77
CA ARG D 45 -12.99 -48.22 -40.04
C ARG D 45 -11.76 -47.66 -39.30
N PRO D 46 -10.85 -46.90 -39.98
CA PRO D 46 -9.51 -46.55 -39.49
C PRO D 46 -9.55 -45.62 -38.26
N SER D 47 -9.73 -46.25 -37.09
CA SER D 47 -10.07 -45.62 -35.82
C SER D 47 -8.83 -45.04 -35.13
N THR D 48 -8.45 -43.82 -35.49
CA THR D 48 -7.25 -43.14 -34.96
C THR D 48 -7.53 -41.69 -34.55
N SER D 49 -7.06 -41.29 -33.37
CA SER D 49 -7.13 -39.91 -32.90
C SER D 49 -6.17 -39.00 -33.69
N ARG D 50 -6.71 -38.29 -34.68
CA ARG D 50 -6.05 -37.12 -35.31
C ARG D 50 -5.99 -35.89 -34.38
N SER D 51 -6.67 -35.93 -33.24
CA SER D 51 -6.52 -34.95 -32.15
C SER D 51 -5.19 -35.15 -31.41
N LEU D 52 -4.11 -34.61 -31.98
CA LEU D 52 -2.75 -34.62 -31.41
C LEU D 52 -2.04 -33.25 -31.50
N TYR D 53 -2.73 -32.22 -31.99
CA TYR D 53 -2.28 -30.83 -32.00
C TYR D 53 -2.32 -30.21 -30.58
N ALA D 54 -1.48 -29.19 -30.34
CA ALA D 54 -1.41 -28.49 -29.04
C ALA D 54 -1.07 -27.00 -29.20
N SER D 55 -2.08 -26.15 -29.37
CA SER D 55 -1.91 -24.69 -29.47
C SER D 55 -1.55 -24.06 -28.12
N SER D 56 -0.49 -23.25 -28.07
CA SER D 56 -0.12 -22.48 -26.89
C SER D 56 -0.94 -21.17 -26.80
N PRO D 57 -1.53 -20.83 -25.62
CA PRO D 57 -2.09 -19.50 -25.35
C PRO D 57 -1.05 -18.48 -24.82
N GLY D 58 0.24 -18.84 -24.84
CA GLY D 58 1.31 -17.94 -24.41
C GLY D 58 1.46 -16.69 -25.29
N GLY D 59 2.03 -15.62 -24.74
CA GLY D 59 2.17 -14.32 -25.42
C GLY D 59 1.17 -13.24 -24.99
N VAL D 60 0.13 -13.59 -24.22
CA VAL D 60 -0.83 -12.64 -23.64
C VAL D 60 -0.23 -11.88 -22.45
N TYR D 61 0.58 -10.85 -22.73
CA TYR D 61 1.21 -9.99 -21.72
C TYR D 61 0.45 -8.67 -21.53
N ALA D 62 -0.51 -8.66 -20.59
CA ALA D 62 -1.26 -7.46 -20.23
C ALA D 62 -0.35 -6.38 -19.59
N THR D 63 -0.18 -5.25 -20.26
CA THR D 63 0.66 -4.14 -19.76
C THR D 63 -0.09 -3.33 -18.69
N ARG D 64 0.36 -3.42 -17.44
CA ARG D 64 -0.16 -2.59 -16.33
C ARG D 64 0.24 -1.12 -16.52
N SER D 65 -0.73 -0.29 -16.94
CA SER D 65 -0.59 1.17 -16.88
C SER D 65 -0.34 1.65 -15.45
N SER D 66 0.66 2.53 -15.29
CA SER D 66 1.12 3.05 -14.00
C SER D 66 1.30 4.57 -14.04
N ALA D 67 0.26 5.28 -14.50
CA ALA D 67 0.16 6.72 -14.38
C ALA D 67 0.46 7.21 -12.95
N VAL D 68 0.96 8.45 -12.83
CA VAL D 68 1.42 9.03 -11.54
C VAL D 68 0.29 9.11 -10.49
N ARG D 69 -0.97 9.29 -10.94
CA ARG D 69 -2.18 9.35 -10.09
C ARG D 69 -2.08 10.38 -8.94
N LEU D 70 -1.33 11.45 -9.19
CA LEU D 70 -1.18 12.64 -8.35
C LEU D 70 -1.28 13.87 -9.26
N ARG D 71 -2.13 14.84 -8.91
CA ARG D 71 -2.28 16.10 -9.64
C ARG D 71 -1.08 17.03 -9.37
N SER D 72 -0.92 18.07 -10.19
CA SER D 72 0.30 18.90 -10.28
C SER D 72 0.91 19.30 -8.92
N SER D 73 2.14 18.83 -8.70
CA SER D 73 2.99 19.05 -7.50
C SER D 73 2.45 18.33 -6.24
N VAL D 74 2.35 19.03 -5.12
CA VAL D 74 1.59 18.59 -3.92
C VAL D 74 0.07 18.63 -4.26
N PRO D 75 -0.88 18.40 -3.31
CA PRO D 75 -2.29 18.74 -3.52
C PRO D 75 -2.49 20.11 -4.19
N GLY D 76 -3.19 20.07 -5.34
CA GLY D 76 -2.72 20.72 -6.57
C GLY D 76 -2.76 22.25 -6.66
N VAL D 77 -1.99 22.77 -7.62
CA VAL D 77 -2.04 24.20 -8.06
C VAL D 77 -2.73 24.40 -9.42
N ARG D 78 -3.24 23.30 -10.01
CA ARG D 78 -4.12 23.22 -11.19
C ARG D 78 -5.07 22.03 -10.99
N LEU D 79 -6.21 22.02 -11.68
CA LEU D 79 -7.23 20.97 -11.53
C LEU D 79 -7.94 20.63 -12.87
N LEU D 80 -8.45 21.64 -13.59
CA LEU D 80 -9.07 21.50 -14.93
C LEU D 80 -8.29 20.63 -15.94
N GLN D 81 -6.98 20.84 -16.04
CA GLN D 81 -6.13 20.15 -17.03
C GLN D 81 -5.49 18.90 -16.40
N ASP D 82 -6.25 17.82 -16.34
CA ASP D 82 -5.79 16.47 -15.98
C ASP D 82 -6.26 15.37 -16.95
N SER D 83 -6.77 15.77 -18.12
CA SER D 83 -7.23 14.92 -19.22
C SER D 83 -8.31 13.92 -18.78
N VAL D 84 -9.51 14.46 -18.55
CA VAL D 84 -10.75 13.68 -18.58
C VAL D 84 -10.92 13.10 -19.98
N ASP D 85 -10.80 11.78 -20.05
CA ASP D 85 -10.66 11.00 -21.28
C ASP D 85 -10.89 9.51 -20.97
N PHE D 86 -10.06 8.95 -20.06
CA PHE D 86 -9.65 7.54 -20.01
C PHE D 86 -10.74 6.44 -20.05
N SER D 87 -12.00 6.77 -19.79
CA SER D 87 -13.12 5.91 -20.18
C SER D 87 -13.23 5.73 -21.70
N LEU D 88 -12.61 6.60 -22.52
CA LEU D 88 -12.25 6.33 -23.92
C LEU D 88 -11.29 5.15 -24.05
N ALA D 89 -10.23 5.08 -23.26
CA ALA D 89 -9.28 3.96 -23.32
C ALA D 89 -9.89 2.63 -22.86
N ASP D 90 -10.83 2.66 -21.91
CA ASP D 90 -11.60 1.48 -21.50
C ASP D 90 -12.78 1.13 -22.43
N ALA D 91 -13.35 2.10 -23.15
CA ALA D 91 -14.25 1.87 -24.27
C ALA D 91 -13.52 1.38 -25.53
N ILE D 92 -12.23 1.71 -25.69
CA ILE D 92 -11.33 1.07 -26.67
C ILE D 92 -10.89 -0.33 -26.21
N ASN D 93 -10.86 -0.63 -24.91
CA ASN D 93 -10.71 -2.00 -24.43
C ASN D 93 -11.94 -2.87 -24.74
N THR D 94 -13.15 -2.32 -24.74
CA THR D 94 -14.35 -3.00 -25.26
C THR D 94 -14.48 -2.92 -26.80
N GLU D 95 -13.90 -1.92 -27.48
CA GLU D 95 -13.70 -1.97 -28.94
C GLU D 95 -12.80 -3.14 -29.31
N PHE D 96 -11.69 -3.39 -28.60
CA PHE D 96 -10.86 -4.58 -28.84
C PHE D 96 -11.44 -5.91 -28.31
N LYS D 97 -12.45 -5.89 -27.44
CA LYS D 97 -13.29 -7.08 -27.17
C LYS D 97 -14.17 -7.39 -28.39
N ASN D 98 -14.90 -6.40 -28.88
CA ASN D 98 -15.84 -6.56 -29.98
C ASN D 98 -15.15 -6.74 -31.35
N THR D 99 -13.93 -6.19 -31.49
CA THR D 99 -12.99 -6.45 -32.59
C THR D 99 -12.53 -7.90 -32.64
N ARG D 100 -12.29 -8.56 -31.50
CA ARG D 100 -11.92 -10.00 -31.44
C ARG D 100 -13.12 -10.94 -31.56
N THR D 101 -14.30 -10.42 -31.28
CA THR D 101 -15.58 -11.13 -31.51
C THR D 101 -15.93 -11.09 -32.99
N ASN D 102 -15.61 -9.97 -33.65
CA ASN D 102 -15.55 -9.79 -35.10
C ASN D 102 -14.46 -10.64 -35.78
N GLU D 103 -13.18 -10.35 -35.54
CA GLU D 103 -11.99 -10.86 -36.26
C GLU D 103 -11.94 -12.39 -36.28
N LYS D 104 -12.26 -13.04 -35.17
CA LYS D 104 -12.26 -14.51 -35.09
C LYS D 104 -13.42 -15.16 -35.83
N VAL D 105 -14.44 -14.38 -36.17
CA VAL D 105 -15.72 -14.84 -36.74
C VAL D 105 -15.87 -14.36 -38.21
N GLU D 106 -15.13 -13.31 -38.59
CA GLU D 106 -14.52 -13.12 -39.92
C GLU D 106 -13.52 -14.24 -40.27
N LEU D 107 -13.05 -14.96 -39.25
CA LEU D 107 -12.30 -16.22 -39.35
C LEU D 107 -13.11 -17.47 -38.87
N GLN D 108 -14.45 -17.41 -38.70
CA GLN D 108 -15.30 -18.59 -38.35
C GLN D 108 -16.46 -18.86 -39.33
N GLU D 109 -17.03 -17.83 -39.98
CA GLU D 109 -17.56 -17.97 -41.36
C GLU D 109 -16.51 -18.63 -42.24
N LEU D 110 -15.26 -18.28 -41.98
CA LEU D 110 -14.13 -18.72 -42.77
C LEU D 110 -13.84 -20.22 -42.70
N ASN D 111 -13.60 -20.71 -41.48
CA ASN D 111 -13.29 -22.12 -41.25
C ASN D 111 -14.47 -23.02 -41.59
N ASP D 112 -15.69 -22.47 -41.59
CA ASP D 112 -16.93 -23.20 -41.83
C ASP D 112 -17.47 -23.09 -43.26
N ARG D 113 -16.99 -22.10 -44.02
CA ARG D 113 -16.93 -22.11 -45.49
C ARG D 113 -15.92 -23.15 -46.00
N PHE D 114 -14.71 -23.18 -45.41
CA PHE D 114 -13.78 -24.31 -45.60
C PHE D 114 -14.38 -25.66 -45.16
N ALA D 115 -15.13 -25.70 -44.05
CA ALA D 115 -15.77 -26.93 -43.58
C ALA D 115 -16.86 -27.39 -44.53
N ASN D 116 -17.74 -26.52 -45.04
CA ASN D 116 -18.76 -26.91 -46.01
C ASN D 116 -18.12 -27.35 -47.36
N TYR D 117 -16.98 -26.78 -47.76
CA TYR D 117 -16.17 -27.37 -48.85
C TYR D 117 -15.49 -28.72 -48.52
N ILE D 118 -15.13 -29.01 -47.26
CA ILE D 118 -14.73 -30.37 -46.84
C ILE D 118 -15.93 -31.30 -46.71
N ASP D 119 -17.11 -30.75 -46.52
CA ASP D 119 -18.30 -31.51 -46.17
C ASP D 119 -19.11 -31.86 -47.43
N LYS D 120 -18.99 -31.04 -48.48
CA LYS D 120 -18.96 -31.42 -49.90
C LYS D 120 -18.09 -32.66 -50.21
N VAL D 121 -16.88 -32.79 -49.64
CA VAL D 121 -16.06 -34.01 -49.86
C VAL D 121 -16.65 -35.19 -49.12
N ARG D 122 -17.21 -34.99 -47.93
CA ARG D 122 -17.98 -35.98 -47.15
C ARG D 122 -19.31 -36.37 -47.81
N PHE D 123 -19.98 -35.47 -48.53
CA PHE D 123 -21.26 -35.69 -49.22
C PHE D 123 -21.04 -36.55 -50.45
N LEU D 124 -19.99 -36.24 -51.21
CA LEU D 124 -19.54 -37.13 -52.27
C LEU D 124 -18.95 -38.42 -51.74
N GLU D 125 -18.22 -38.44 -50.62
CA GLU D 125 -17.73 -39.69 -50.02
C GLU D 125 -18.89 -40.59 -49.54
N GLN D 126 -19.99 -40.02 -49.05
CA GLN D 126 -21.20 -40.76 -48.66
C GLN D 126 -22.04 -41.21 -49.86
N GLN D 127 -22.30 -40.34 -50.84
CA GLN D 127 -23.02 -40.71 -52.06
C GLN D 127 -22.23 -41.72 -52.91
N ASN D 128 -20.90 -41.56 -52.97
CA ASN D 128 -19.95 -42.52 -53.52
C ASN D 128 -19.84 -43.81 -52.69
N LYS D 129 -20.12 -43.78 -51.37
CA LYS D 129 -20.17 -45.01 -50.54
C LYS D 129 -21.47 -45.79 -50.72
N ILE D 130 -22.60 -45.12 -50.96
CA ILE D 130 -23.87 -45.77 -51.32
C ILE D 130 -23.76 -46.38 -52.72
N LEU D 131 -23.22 -45.61 -53.67
CA LEU D 131 -22.77 -46.03 -55.00
C LEU D 131 -21.85 -47.26 -54.98
N LEU D 132 -20.80 -47.28 -54.15
CA LEU D 132 -19.87 -48.41 -54.04
C LEU D 132 -20.37 -49.57 -53.14
N ALA D 133 -21.54 -49.43 -52.48
CA ALA D 133 -22.25 -50.57 -51.89
C ALA D 133 -23.25 -51.17 -52.90
N GLU D 134 -23.98 -50.28 -53.59
CA GLU D 134 -24.94 -50.57 -54.65
C GLU D 134 -24.27 -51.23 -55.87
N LEU D 135 -23.05 -50.81 -56.23
CA LEU D 135 -22.21 -51.45 -57.25
C LEU D 135 -21.77 -52.87 -56.86
N GLU D 136 -21.56 -53.17 -55.58
CA GLU D 136 -21.27 -54.53 -55.10
C GLU D 136 -22.55 -55.40 -54.98
N GLN D 137 -23.70 -54.80 -54.69
CA GLN D 137 -25.01 -55.46 -54.73
C GLN D 137 -25.44 -55.79 -56.18
N LEU D 138 -25.16 -54.88 -57.11
CA LEU D 138 -25.26 -55.00 -58.57
C LEU D 138 -24.48 -56.22 -59.08
N LYS D 139 -23.17 -56.26 -58.83
CA LYS D 139 -22.28 -57.37 -59.24
C LYS D 139 -22.62 -58.69 -58.55
N GLY D 140 -22.99 -58.60 -57.27
CA GLY D 140 -23.27 -59.75 -56.42
C GLY D 140 -24.57 -60.44 -56.81
N GLN D 141 -25.62 -59.68 -57.14
CA GLN D 141 -26.92 -60.21 -57.53
C GLN D 141 -27.05 -60.48 -59.03
N GLY D 142 -26.80 -59.47 -59.87
CA GLY D 142 -27.22 -59.43 -61.27
C GLY D 142 -26.63 -60.56 -62.11
N LYS D 143 -25.30 -60.59 -62.24
CA LYS D 143 -24.56 -61.57 -63.01
C LYS D 143 -24.15 -62.79 -62.20
N SER D 144 -23.61 -62.60 -60.99
CA SER D 144 -23.18 -63.74 -60.16
C SER D 144 -24.40 -64.47 -59.61
N ARG D 145 -25.02 -64.03 -58.51
CA ARG D 145 -25.96 -64.87 -57.77
C ARG D 145 -27.14 -65.38 -58.60
N LEU D 146 -27.73 -64.55 -59.46
CA LEU D 146 -28.84 -64.98 -60.33
C LEU D 146 -28.35 -65.91 -61.47
N GLY D 147 -27.14 -65.70 -62.00
CA GLY D 147 -26.49 -66.65 -62.90
C GLY D 147 -26.12 -67.98 -62.23
N ASP D 148 -25.49 -67.93 -61.04
CA ASP D 148 -25.05 -69.08 -60.26
C ASP D 148 -26.20 -70.05 -59.90
N LEU D 149 -27.41 -69.52 -59.66
CA LEU D 149 -28.63 -70.30 -59.37
C LEU D 149 -29.22 -70.92 -60.64
N TYR D 150 -29.58 -70.08 -61.63
CA TYR D 150 -30.31 -70.55 -62.80
C TYR D 150 -29.43 -71.37 -63.76
N GLU D 151 -28.09 -71.24 -63.67
CA GLU D 151 -27.16 -72.20 -64.28
C GLU D 151 -27.12 -73.58 -63.59
N GLU D 152 -27.55 -73.76 -62.33
CA GLU D 152 -27.76 -75.08 -61.72
C GLU D 152 -29.20 -75.62 -61.96
N GLU D 153 -30.23 -74.76 -62.00
CA GLU D 153 -31.60 -75.18 -62.40
C GLU D 153 -31.65 -75.65 -63.85
N MET D 154 -30.98 -74.93 -64.77
CA MET D 154 -30.84 -75.38 -66.16
C MET D 154 -30.08 -76.71 -66.24
N ARG D 155 -29.15 -77.02 -65.32
CA ARG D 155 -28.49 -78.35 -65.26
C ARG D 155 -29.40 -79.44 -64.73
N GLU D 156 -30.36 -79.14 -63.86
CA GLU D 156 -31.36 -80.10 -63.36
C GLU D 156 -32.49 -80.36 -64.36
N LEU D 157 -32.77 -79.44 -65.28
CA LEU D 157 -33.57 -79.65 -66.49
C LEU D 157 -32.76 -80.41 -67.55
N ARG D 158 -31.54 -79.94 -67.83
CA ARG D 158 -30.61 -80.54 -68.79
C ARG D 158 -30.18 -81.96 -68.43
N ARG D 159 -30.19 -82.34 -67.14
CA ARG D 159 -29.98 -83.73 -66.69
C ARG D 159 -31.01 -84.71 -67.25
N GLN D 160 -32.27 -84.27 -67.36
CA GLN D 160 -33.36 -85.06 -67.93
C GLN D 160 -33.43 -84.95 -69.47
N VAL D 161 -32.92 -83.85 -70.03
CA VAL D 161 -32.65 -83.70 -71.48
C VAL D 161 -31.54 -84.64 -71.97
N ASP D 162 -30.46 -84.77 -71.20
CA ASP D 162 -29.44 -85.80 -71.41
C ASP D 162 -29.98 -87.22 -71.10
N GLN D 163 -31.01 -87.38 -70.26
CA GLN D 163 -31.66 -88.68 -70.02
C GLN D 163 -32.37 -89.21 -71.28
N LEU D 164 -33.23 -88.43 -71.97
CA LEU D 164 -33.75 -88.86 -73.31
C LEU D 164 -32.61 -89.08 -74.30
N THR D 165 -31.58 -88.25 -74.26
CA THR D 165 -30.48 -88.34 -75.23
C THR D 165 -29.64 -89.62 -75.05
N ASN D 166 -29.74 -90.27 -73.88
CA ASN D 166 -29.45 -91.71 -73.72
C ASN D 166 -30.65 -92.58 -74.15
N ASP D 167 -31.84 -92.40 -73.56
CA ASP D 167 -33.03 -93.27 -73.73
C ASP D 167 -33.38 -93.52 -75.22
N LYS D 168 -33.58 -92.45 -76.00
CA LYS D 168 -33.95 -92.52 -77.43
C LYS D 168 -32.90 -93.22 -78.29
N ALA D 169 -31.65 -92.78 -78.17
CA ALA D 169 -30.53 -93.37 -78.93
C ALA D 169 -30.29 -94.84 -78.54
N ARG D 170 -30.57 -95.20 -77.29
CA ARG D 170 -30.50 -96.57 -76.79
C ARG D 170 -31.64 -97.45 -77.33
N VAL D 171 -32.90 -97.01 -77.30
CA VAL D 171 -34.01 -97.83 -77.81
C VAL D 171 -33.93 -98.04 -79.33
N GLU D 172 -33.43 -97.05 -80.06
CA GLU D 172 -33.17 -97.16 -81.51
C GLU D 172 -32.01 -98.14 -81.81
N VAL D 173 -30.89 -98.05 -81.08
CA VAL D 173 -29.75 -98.97 -81.25
C VAL D 173 -30.06 -100.40 -80.78
N GLU D 174 -30.77 -100.57 -79.67
CA GLU D 174 -31.15 -101.90 -79.17
C GLU D 174 -32.21 -102.57 -80.06
N ARG D 175 -33.11 -101.82 -80.71
CA ARG D 175 -34.13 -102.37 -81.66
C ARG D 175 -33.47 -103.05 -82.85
N ASP D 176 -32.58 -102.33 -83.54
CA ASP D 176 -31.99 -102.81 -84.79
C ASP D 176 -30.88 -103.86 -84.57
N ASN D 177 -30.30 -103.95 -83.36
CA ASN D 177 -29.38 -105.04 -82.99
C ASN D 177 -30.09 -106.33 -82.60
N LEU D 178 -31.07 -106.25 -81.69
CA LEU D 178 -31.72 -107.45 -81.14
C LEU D 178 -32.71 -108.09 -82.12
N ALA D 179 -33.10 -107.36 -83.17
CA ALA D 179 -33.79 -107.91 -84.34
C ALA D 179 -33.04 -109.11 -84.94
N GLU D 180 -31.78 -108.93 -85.34
CA GLU D 180 -30.94 -110.04 -85.79
C GLU D 180 -30.53 -111.01 -84.66
N ASP D 181 -30.13 -110.55 -83.46
CA ASP D 181 -29.67 -111.45 -82.38
C ASP D 181 -30.75 -112.42 -81.86
N ILE D 182 -32.04 -112.08 -81.96
CA ILE D 182 -33.17 -112.93 -81.55
C ILE D 182 -33.88 -113.61 -82.73
N MET D 183 -33.91 -113.00 -83.92
CA MET D 183 -34.35 -113.66 -85.16
C MET D 183 -33.48 -114.89 -85.50
N ARG D 184 -32.16 -114.79 -85.29
CA ARG D 184 -31.18 -115.89 -85.36
C ARG D 184 -31.20 -116.86 -84.17
N LEU D 185 -32.13 -116.68 -83.22
CA LEU D 185 -32.54 -117.66 -82.20
C LEU D 185 -33.94 -118.26 -82.44
N ARG D 186 -34.74 -117.74 -83.37
CA ARG D 186 -35.99 -118.37 -83.85
C ARG D 186 -35.74 -119.26 -85.07
N GLU D 187 -34.84 -118.83 -85.95
CA GLU D 187 -34.34 -119.59 -87.11
C GLU D 187 -33.77 -120.97 -86.75
N LYS D 188 -33.13 -121.07 -85.58
CA LYS D 188 -32.57 -122.34 -85.07
C LYS D 188 -33.58 -123.25 -84.38
N LEU D 189 -34.70 -122.70 -83.94
CA LEU D 189 -35.84 -123.51 -83.47
C LEU D 189 -36.69 -124.01 -84.64
N GLN D 190 -36.71 -123.27 -85.75
CA GLN D 190 -37.20 -123.73 -87.06
C GLN D 190 -36.34 -124.86 -87.62
N GLU D 191 -35.01 -124.79 -87.52
CA GLU D 191 -34.12 -125.93 -87.80
C GLU D 191 -34.46 -127.16 -86.96
N GLU D 192 -34.69 -127.01 -85.64
CA GLU D 192 -35.02 -128.13 -84.75
C GLU D 192 -36.41 -128.75 -85.01
N MET D 193 -37.41 -127.99 -85.47
CA MET D 193 -38.76 -128.49 -85.75
C MET D 193 -39.00 -128.97 -87.17
N LEU D 194 -38.32 -128.39 -88.18
CA LEU D 194 -38.35 -128.96 -89.52
C LEU D 194 -37.68 -130.35 -89.59
N SER E 2 -25.24 -138.03 -74.54
CA SER E 2 -25.52 -136.60 -74.74
C SER E 2 -24.71 -135.82 -73.69
N THR E 3 -23.86 -134.91 -74.14
CA THR E 3 -22.87 -134.32 -73.24
C THR E 3 -23.60 -133.40 -72.25
N ARG E 4 -23.47 -133.69 -70.96
CA ARG E 4 -23.74 -132.72 -69.88
C ARG E 4 -22.70 -131.59 -69.97
N SER E 5 -22.96 -130.64 -70.84
CA SER E 5 -22.08 -129.51 -71.11
C SER E 5 -21.90 -128.63 -69.87
N VAL E 6 -20.77 -127.94 -69.81
CA VAL E 6 -20.45 -127.08 -68.66
C VAL E 6 -21.22 -125.76 -68.80
N SER E 7 -22.35 -125.69 -68.10
CA SER E 7 -23.15 -124.46 -67.99
C SER E 7 -22.33 -123.39 -67.26
N SER E 8 -21.82 -122.41 -68.02
CA SER E 8 -20.68 -121.58 -67.62
C SER E 8 -21.08 -120.11 -67.44
N SER E 9 -22.07 -119.87 -66.59
CA SER E 9 -22.41 -118.52 -66.10
C SER E 9 -21.26 -117.89 -65.28
N SER E 10 -21.40 -116.63 -64.90
CA SER E 10 -20.38 -115.80 -64.23
C SER E 10 -20.09 -116.15 -62.76
N TYR E 11 -20.10 -117.44 -62.40
CA TYR E 11 -19.52 -117.96 -61.15
C TYR E 11 -18.02 -117.66 -60.96
N ARG E 12 -17.35 -117.15 -62.01
CA ARG E 12 -15.90 -116.84 -62.07
C ARG E 12 -15.51 -115.48 -61.46
N ARG E 13 -16.40 -114.47 -61.55
CA ARG E 13 -16.18 -113.07 -61.11
C ARG E 13 -17.53 -112.34 -61.04
N MET E 14 -17.57 -111.01 -61.16
CA MET E 14 -18.75 -110.16 -60.86
C MET E 14 -19.15 -110.11 -59.37
N PHE E 15 -18.60 -111.00 -58.55
CA PHE E 15 -18.61 -110.92 -57.10
C PHE E 15 -17.31 -110.29 -56.57
N GLY E 16 -17.32 -109.60 -55.43
CA GLY E 16 -18.47 -109.26 -54.57
C GLY E 16 -18.14 -109.42 -53.09
N GLY E 17 -18.73 -108.57 -52.26
CA GLY E 17 -18.25 -108.31 -50.89
C GLY E 17 -17.64 -106.91 -50.75
N PRO E 18 -16.52 -106.58 -51.42
CA PRO E 18 -15.96 -105.23 -51.46
C PRO E 18 -16.71 -104.30 -52.46
N GLY E 19 -18.03 -104.41 -52.54
CA GLY E 19 -18.89 -103.44 -53.24
C GLY E 19 -18.96 -102.07 -52.54
N THR E 20 -18.44 -101.99 -51.30
CA THR E 20 -18.22 -100.78 -50.49
C THR E 20 -17.14 -99.86 -51.07
N ALA E 21 -17.41 -99.28 -52.25
CA ALA E 21 -16.51 -98.41 -53.00
C ALA E 21 -16.40 -97.00 -52.37
N SER E 22 -17.04 -95.98 -52.96
CA SER E 22 -17.05 -94.61 -52.44
C SER E 22 -17.92 -94.47 -51.18
N ARG E 23 -17.34 -94.83 -50.04
CA ARG E 23 -17.81 -94.35 -48.73
C ARG E 23 -17.68 -92.81 -48.67
N PRO E 24 -18.66 -92.08 -48.09
CA PRO E 24 -18.67 -90.62 -48.09
C PRO E 24 -17.62 -90.03 -47.13
N SER E 25 -16.40 -89.81 -47.62
CA SER E 25 -15.41 -88.97 -46.92
C SER E 25 -15.84 -87.51 -46.77
N SER E 26 -16.83 -87.08 -47.56
CA SER E 26 -17.58 -85.83 -47.41
C SER E 26 -18.30 -85.68 -46.07
N SER E 27 -18.49 -86.77 -45.31
CA SER E 27 -18.91 -86.74 -43.90
C SER E 27 -17.94 -85.95 -43.02
N ARG E 28 -16.65 -85.93 -43.39
CA ARG E 28 -15.73 -84.84 -43.03
C ARG E 28 -15.93 -83.70 -44.04
N SER E 29 -16.68 -82.70 -43.61
CA SER E 29 -16.60 -81.34 -44.13
C SER E 29 -15.84 -80.43 -43.16
N TYR E 30 -15.40 -79.27 -43.63
CA TYR E 30 -14.94 -78.17 -42.76
C TYR E 30 -15.59 -76.86 -43.22
N VAL E 31 -16.76 -76.59 -42.65
CA VAL E 31 -17.47 -75.32 -42.82
C VAL E 31 -17.06 -74.35 -41.71
N THR E 32 -16.78 -73.11 -42.08
CA THR E 32 -16.53 -71.97 -41.20
C THR E 32 -17.07 -70.70 -41.86
N THR E 33 -17.58 -69.77 -41.07
CA THR E 33 -17.96 -68.44 -41.56
C THR E 33 -16.72 -67.61 -41.90
N SER E 34 -16.93 -66.54 -42.67
CA SER E 34 -15.94 -65.50 -43.01
C SER E 34 -15.51 -64.73 -41.77
N THR E 35 -14.60 -65.34 -41.01
CA THR E 35 -14.44 -65.04 -39.57
C THR E 35 -14.04 -63.58 -39.35
N ARG E 36 -14.83 -62.84 -38.57
CA ARG E 36 -14.64 -61.41 -38.33
C ARG E 36 -13.51 -61.16 -37.33
N THR E 37 -12.61 -60.25 -37.68
CA THR E 37 -12.05 -59.32 -36.67
C THR E 37 -13.00 -58.14 -36.51
N TYR E 38 -13.48 -57.88 -35.29
CA TYR E 38 -14.45 -56.81 -35.01
C TYR E 38 -13.79 -55.43 -34.91
N SER E 39 -14.46 -54.38 -35.39
CA SER E 39 -14.07 -52.98 -35.21
C SER E 39 -14.38 -52.48 -33.79
N LEU E 40 -13.59 -51.49 -33.32
CA LEU E 40 -13.80 -50.79 -32.05
C LEU E 40 -13.44 -49.30 -32.20
N GLY E 41 -14.36 -48.41 -31.84
CA GLY E 41 -14.12 -46.96 -31.82
C GLY E 41 -13.22 -46.47 -30.66
N SER E 42 -12.69 -47.36 -29.82
CA SER E 42 -11.94 -47.01 -28.62
C SER E 42 -10.61 -46.30 -28.90
N ALA E 43 -10.01 -46.48 -30.08
CA ALA E 43 -8.82 -45.74 -30.53
C ALA E 43 -9.15 -44.49 -31.40
N LEU E 44 -10.40 -44.33 -31.83
CA LEU E 44 -10.91 -43.09 -32.42
C LEU E 44 -11.30 -42.05 -31.35
N ARG E 45 -11.67 -42.50 -30.15
CA ARG E 45 -12.11 -41.66 -29.02
C ARG E 45 -10.94 -41.28 -28.09
N PRO E 46 -10.37 -40.06 -28.17
CA PRO E 46 -9.42 -39.55 -27.18
C PRO E 46 -10.12 -39.06 -25.89
N SER E 47 -9.32 -38.66 -24.89
CA SER E 47 -9.76 -37.91 -23.72
C SER E 47 -9.76 -36.40 -23.97
N THR E 48 -10.94 -35.80 -24.16
CA THR E 48 -11.11 -34.33 -24.17
C THR E 48 -10.99 -33.76 -22.75
N SER E 49 -9.75 -33.46 -22.32
CA SER E 49 -9.47 -32.94 -20.97
C SER E 49 -9.91 -31.48 -20.79
N ARG E 50 -10.72 -31.19 -19.76
CA ARG E 50 -11.10 -29.83 -19.36
C ARG E 50 -10.06 -29.21 -18.42
N SER E 51 -9.19 -28.37 -18.96
CA SER E 51 -8.40 -27.40 -18.19
C SER E 51 -9.30 -26.33 -17.56
N LEU E 52 -9.18 -26.11 -16.25
CA LEU E 52 -9.84 -25.01 -15.53
C LEU E 52 -8.83 -23.91 -15.19
N TYR E 53 -9.19 -22.65 -15.46
CA TYR E 53 -8.31 -21.50 -15.27
C TYR E 53 -8.80 -20.60 -14.12
N ALA E 54 -8.33 -20.88 -12.91
CA ALA E 54 -8.74 -20.22 -11.68
C ALA E 54 -8.18 -18.78 -11.54
N SER E 55 -8.74 -17.82 -12.28
CA SER E 55 -8.40 -16.40 -12.15
C SER E 55 -8.93 -15.80 -10.84
N SER E 56 -8.02 -15.23 -10.03
CA SER E 56 -8.35 -14.34 -8.91
C SER E 56 -7.80 -12.93 -9.18
N PRO E 57 -8.64 -11.93 -9.48
CA PRO E 57 -8.19 -10.55 -9.75
C PRO E 57 -7.42 -9.92 -8.59
N GLY E 58 -6.52 -8.98 -8.91
CA GLY E 58 -5.67 -8.29 -7.93
C GLY E 58 -6.45 -7.29 -7.06
N GLY E 59 -6.21 -7.33 -5.75
CA GLY E 59 -6.84 -6.42 -4.78
C GLY E 59 -6.47 -4.93 -4.98
N VAL E 60 -7.41 -4.03 -4.64
CA VAL E 60 -7.26 -2.58 -4.85
C VAL E 60 -6.41 -1.92 -3.76
N TYR E 61 -5.09 -1.93 -3.98
CA TYR E 61 -4.10 -1.22 -3.17
C TYR E 61 -3.64 0.07 -3.86
N ALA E 62 -3.77 1.19 -3.14
CA ALA E 62 -3.36 2.54 -3.55
C ALA E 62 -3.10 3.38 -2.28
N THR E 63 -2.61 4.61 -2.43
CA THR E 63 -2.01 5.43 -1.35
C THR E 63 -3.04 5.98 -0.33
N ARG E 64 -3.64 5.09 0.49
CA ARG E 64 -4.57 5.45 1.58
C ARG E 64 -3.93 6.25 2.72
N SER E 65 -2.60 6.33 2.76
CA SER E 65 -1.82 7.23 3.63
C SER E 65 -1.59 8.64 3.05
N SER E 66 -2.07 8.91 1.83
CA SER E 66 -2.22 10.28 1.32
C SER E 66 -3.30 11.04 2.10
N ALA E 67 -3.38 12.36 1.92
CA ALA E 67 -4.47 13.21 2.38
C ALA E 67 -4.77 13.19 3.90
N VAL E 68 -3.79 12.81 4.75
CA VAL E 68 -3.80 12.99 6.23
C VAL E 68 -4.25 14.40 6.63
N ARG E 69 -3.76 15.39 5.88
CA ARG E 69 -4.57 16.48 5.34
C ARG E 69 -4.20 16.61 3.85
N LEU E 70 -5.03 17.28 3.04
CA LEU E 70 -4.50 17.96 1.87
C LEU E 70 -3.53 19.06 2.31
N ARG E 71 -2.41 19.24 1.59
CA ARG E 71 -1.43 20.28 1.94
C ARG E 71 -2.04 21.67 1.69
N SER E 72 -1.62 22.62 2.52
CA SER E 72 -1.82 24.06 2.30
C SER E 72 -0.51 24.81 2.01
N SER E 73 0.64 24.12 2.09
CA SER E 73 1.98 24.65 1.74
C SER E 73 2.08 25.08 0.27
N VAL E 74 1.36 24.35 -0.59
CA VAL E 74 0.68 24.92 -1.76
C VAL E 74 -0.76 24.39 -1.64
N PRO E 75 -1.78 25.26 -1.52
CA PRO E 75 -3.17 24.83 -1.40
C PRO E 75 -3.77 24.52 -2.77
N GLY E 76 -4.96 23.90 -2.75
CA GLY E 76 -5.81 23.60 -3.91
C GLY E 76 -6.27 24.82 -4.72
N VAL E 77 -5.40 25.45 -5.53
CA VAL E 77 -5.79 26.49 -6.50
C VAL E 77 -6.49 25.84 -7.69
N ARG E 78 -7.82 25.87 -7.61
CA ARG E 78 -8.71 24.88 -8.24
C ARG E 78 -9.56 25.48 -9.35
N LEU E 79 -8.87 25.84 -10.44
CA LEU E 79 -9.31 25.67 -11.83
C LEU E 79 -10.51 24.72 -11.97
N LEU E 80 -11.74 25.26 -11.99
CA LEU E 80 -12.97 24.56 -12.39
C LEU E 80 -13.24 24.82 -13.88
N GLN E 81 -14.53 24.81 -14.26
CA GLN E 81 -15.02 24.64 -15.63
C GLN E 81 -14.79 23.21 -16.14
N ASP E 82 -15.65 22.88 -17.11
CA ASP E 82 -16.29 21.58 -17.31
C ASP E 82 -16.91 21.59 -18.72
N SER E 83 -17.66 20.55 -19.10
CA SER E 83 -17.93 20.19 -20.51
C SER E 83 -16.64 19.70 -21.18
N VAL E 84 -16.30 18.45 -20.83
CA VAL E 84 -15.05 17.77 -21.17
C VAL E 84 -15.33 16.33 -21.58
N ASP E 85 -14.45 15.80 -22.43
CA ASP E 85 -14.58 14.52 -23.13
C ASP E 85 -15.05 13.35 -22.25
N PHE E 86 -16.20 12.69 -22.48
CA PHE E 86 -17.16 12.70 -23.62
C PHE E 86 -16.65 12.11 -24.95
N SER E 87 -15.33 12.10 -25.20
CA SER E 87 -14.66 11.16 -26.11
C SER E 87 -14.91 9.69 -25.73
N LEU E 88 -15.24 9.42 -24.46
CA LEU E 88 -15.67 8.10 -23.99
C LEU E 88 -16.98 7.61 -24.64
N ALA E 89 -17.90 8.51 -25.02
CA ALA E 89 -19.13 8.16 -25.72
C ALA E 89 -18.90 7.94 -27.23
N ASP E 90 -17.97 8.68 -27.84
CA ASP E 90 -17.48 8.41 -29.19
C ASP E 90 -16.73 7.07 -29.27
N ALA E 91 -15.94 6.75 -28.25
CA ALA E 91 -15.26 5.46 -28.11
C ALA E 91 -16.21 4.30 -27.76
N ILE E 92 -17.34 4.54 -27.07
CA ILE E 92 -18.45 3.58 -27.00
C ILE E 92 -19.12 3.41 -28.37
N ASN E 93 -19.05 4.40 -29.27
CA ASN E 93 -19.47 4.25 -30.66
C ASN E 93 -18.37 3.71 -31.61
N THR E 94 -17.10 3.66 -31.23
CA THR E 94 -16.09 2.82 -31.90
C THR E 94 -16.10 1.37 -31.38
N GLU E 95 -16.51 1.16 -30.12
CA GLU E 95 -16.99 -0.13 -29.63
C GLU E 95 -18.20 -0.61 -30.44
N PHE E 96 -19.22 0.24 -30.62
CA PHE E 96 -20.42 -0.12 -31.38
C PHE E 96 -20.17 -0.24 -32.89
N LYS E 97 -19.14 0.43 -33.46
CA LYS E 97 -18.66 0.14 -34.83
C LYS E 97 -18.15 -1.29 -34.95
N ASN E 98 -17.25 -1.73 -34.08
CA ASN E 98 -16.69 -3.08 -34.15
C ASN E 98 -17.65 -4.13 -33.55
N THR E 99 -18.73 -3.67 -32.92
CA THR E 99 -19.95 -4.45 -32.64
C THR E 99 -20.83 -4.59 -33.88
N ARG E 100 -20.96 -3.59 -34.76
CA ARG E 100 -21.60 -3.79 -36.08
C ARG E 100 -20.84 -4.83 -36.92
N THR E 101 -19.51 -4.83 -36.90
CA THR E 101 -18.75 -5.89 -37.59
C THR E 101 -18.98 -7.27 -36.94
N ASN E 102 -19.11 -7.35 -35.61
CA ASN E 102 -19.43 -8.63 -34.94
C ASN E 102 -20.89 -9.10 -35.07
N GLU E 103 -21.87 -8.21 -35.16
CA GLU E 103 -23.27 -8.54 -35.46
C GLU E 103 -23.44 -9.09 -36.88
N LYS E 104 -22.79 -8.45 -37.87
CA LYS E 104 -22.88 -8.84 -39.28
C LYS E 104 -22.13 -10.15 -39.56
N VAL E 105 -21.13 -10.47 -38.74
CA VAL E 105 -20.39 -11.72 -38.88
C VAL E 105 -20.87 -12.83 -37.94
N GLU E 106 -21.59 -12.53 -36.86
CA GLU E 106 -22.46 -13.51 -36.17
C GLU E 106 -23.70 -13.86 -37.03
N LEU E 107 -24.20 -12.94 -37.85
CA LEU E 107 -25.21 -13.27 -38.87
C LEU E 107 -24.65 -14.17 -39.99
N GLN E 108 -23.37 -14.01 -40.37
CA GLN E 108 -22.74 -14.86 -41.39
C GLN E 108 -22.27 -16.21 -40.84
N GLU E 109 -21.66 -16.24 -39.64
CA GLU E 109 -21.40 -17.45 -38.85
C GLU E 109 -22.67 -18.23 -38.49
N LEU E 110 -23.84 -17.59 -38.45
CA LEU E 110 -25.09 -18.31 -38.33
C LEU E 110 -25.51 -19.05 -39.63
N ASN E 111 -25.20 -18.53 -40.83
CA ASN E 111 -25.33 -19.28 -42.08
C ASN E 111 -24.28 -20.41 -42.17
N ASP E 112 -23.08 -20.17 -41.68
CA ASP E 112 -21.99 -21.16 -41.67
C ASP E 112 -22.15 -22.26 -40.62
N ARG E 113 -22.85 -21.95 -39.54
CA ARG E 113 -23.43 -22.93 -38.63
C ARG E 113 -24.70 -23.55 -39.17
N PHE E 114 -25.48 -22.91 -40.05
CA PHE E 114 -26.50 -23.62 -40.81
C PHE E 114 -25.84 -24.66 -41.71
N ALA E 115 -24.79 -24.35 -42.49
CA ALA E 115 -24.04 -25.34 -43.27
C ALA E 115 -23.45 -26.48 -42.41
N ASN E 116 -22.77 -26.19 -41.31
CA ASN E 116 -22.23 -27.22 -40.40
C ASN E 116 -23.32 -27.99 -39.62
N TYR E 117 -24.53 -27.44 -39.44
CA TYR E 117 -25.67 -28.20 -38.93
C TYR E 117 -26.44 -28.93 -40.04
N ILE E 118 -26.35 -28.49 -41.29
CA ILE E 118 -26.86 -29.22 -42.46
C ILE E 118 -25.92 -30.38 -42.79
N ASP E 119 -24.59 -30.26 -42.65
CA ASP E 119 -23.63 -31.39 -42.63
C ASP E 119 -24.03 -32.46 -41.61
N LYS E 120 -24.33 -32.02 -40.39
CA LYS E 120 -24.80 -32.90 -39.32
C LYS E 120 -26.16 -33.56 -39.61
N VAL E 121 -27.04 -32.94 -40.39
CA VAL E 121 -28.32 -33.53 -40.88
C VAL E 121 -28.12 -34.41 -42.11
N ARG E 122 -27.21 -34.04 -43.02
CA ARG E 122 -26.78 -34.82 -44.19
C ARG E 122 -26.14 -36.12 -43.73
N PHE E 123 -25.25 -36.09 -42.73
CA PHE E 123 -24.71 -37.29 -42.07
C PHE E 123 -25.75 -38.08 -41.28
N LEU E 124 -26.70 -37.43 -40.60
CA LEU E 124 -27.76 -38.14 -39.88
C LEU E 124 -28.60 -38.98 -40.84
N GLU E 125 -29.06 -38.37 -41.93
CA GLU E 125 -29.77 -39.09 -42.98
C GLU E 125 -28.87 -40.08 -43.72
N GLN E 126 -27.67 -39.69 -44.18
CA GLN E 126 -26.81 -40.57 -44.98
C GLN E 126 -26.17 -41.73 -44.20
N GLN E 127 -25.92 -41.62 -42.89
CA GLN E 127 -25.55 -42.81 -42.10
C GLN E 127 -26.74 -43.74 -41.85
N ASN E 128 -27.97 -43.22 -41.85
CA ASN E 128 -29.16 -44.06 -42.02
C ASN E 128 -29.29 -44.61 -43.45
N LYS E 129 -29.00 -43.83 -44.51
CA LYS E 129 -29.16 -44.25 -45.91
C LYS E 129 -28.15 -45.33 -46.32
N ILE E 130 -26.89 -45.21 -45.91
CA ILE E 130 -25.88 -46.28 -46.07
C ILE E 130 -26.34 -47.54 -45.33
N LEU E 131 -26.90 -47.40 -44.13
CA LEU E 131 -27.38 -48.54 -43.35
C LEU E 131 -28.67 -49.17 -43.92
N LEU E 132 -29.54 -48.39 -44.58
CA LEU E 132 -30.72 -48.90 -45.28
C LEU E 132 -30.33 -49.61 -46.59
N ALA E 133 -29.41 -49.02 -47.37
CA ALA E 133 -28.85 -49.65 -48.57
C ALA E 133 -28.01 -50.91 -48.27
N GLU E 134 -27.14 -50.89 -47.26
CA GLU E 134 -26.40 -52.09 -46.77
C GLU E 134 -27.33 -53.11 -46.02
N LEU E 135 -28.66 -52.88 -45.93
CA LEU E 135 -29.65 -53.81 -45.36
C LEU E 135 -30.81 -54.23 -46.28
N GLU E 136 -31.29 -53.42 -47.23
CA GLU E 136 -32.62 -53.65 -47.84
C GLU E 136 -32.67 -54.86 -48.78
N GLN E 137 -31.53 -55.15 -49.40
CA GLN E 137 -31.24 -56.42 -50.09
C GLN E 137 -31.09 -57.62 -49.13
N LEU E 138 -30.93 -57.38 -47.82
CA LEU E 138 -30.95 -58.39 -46.75
C LEU E 138 -32.33 -58.53 -46.07
N LYS E 139 -33.33 -57.73 -46.46
CA LYS E 139 -34.69 -57.72 -45.90
C LYS E 139 -35.74 -58.20 -46.89
N GLY E 140 -36.01 -57.42 -47.94
CA GLY E 140 -37.13 -57.64 -48.86
C GLY E 140 -36.84 -58.71 -49.91
N GLN E 141 -35.78 -58.45 -50.68
CA GLN E 141 -35.04 -59.50 -51.39
C GLN E 141 -34.47 -60.57 -50.43
N GLY E 142 -34.25 -60.23 -49.16
CA GLY E 142 -33.87 -61.14 -48.08
C GLY E 142 -34.93 -62.15 -47.63
N LYS E 143 -36.15 -62.10 -48.17
CA LYS E 143 -37.14 -63.20 -48.15
C LYS E 143 -37.45 -63.76 -49.53
N SER E 144 -37.53 -62.93 -50.56
CA SER E 144 -37.84 -63.43 -51.91
C SER E 144 -36.73 -64.32 -52.48
N ARG E 145 -35.44 -63.94 -52.31
CA ARG E 145 -34.26 -64.77 -52.65
C ARG E 145 -34.08 -66.02 -51.77
N LEU E 146 -34.79 -66.10 -50.64
CA LEU E 146 -34.77 -67.27 -49.77
C LEU E 146 -35.81 -68.32 -50.19
N GLY E 147 -36.96 -67.90 -50.74
CA GLY E 147 -37.88 -68.77 -51.47
C GLY E 147 -37.31 -69.24 -52.82
N ASP E 148 -36.68 -68.31 -53.54
CA ASP E 148 -35.91 -68.56 -54.79
C ASP E 148 -34.86 -69.68 -54.61
N LEU E 149 -34.16 -69.69 -53.46
CA LEU E 149 -33.20 -70.74 -53.09
C LEU E 149 -33.86 -72.04 -52.58
N TYR E 150 -34.93 -71.95 -51.77
CA TYR E 150 -35.61 -73.13 -51.27
C TYR E 150 -36.32 -73.92 -52.37
N GLU E 151 -36.69 -73.30 -53.49
CA GLU E 151 -37.21 -74.04 -54.65
C GLU E 151 -36.10 -74.69 -55.51
N GLU E 152 -34.85 -74.20 -55.49
CA GLU E 152 -33.67 -74.95 -55.98
C GLU E 152 -33.33 -76.16 -55.08
N GLU E 153 -33.32 -75.98 -53.75
CA GLU E 153 -33.16 -77.08 -52.81
C GLU E 153 -34.31 -78.11 -52.93
N MET E 154 -35.54 -77.64 -53.19
CA MET E 154 -36.69 -78.48 -53.51
C MET E 154 -36.57 -79.15 -54.87
N ARG E 155 -35.90 -78.57 -55.87
CA ARG E 155 -35.71 -79.19 -57.19
C ARG E 155 -34.81 -80.42 -57.12
N GLU E 156 -33.64 -80.39 -56.47
CA GLU E 156 -32.85 -81.62 -56.38
C GLU E 156 -33.61 -82.71 -55.60
N LEU E 157 -34.33 -82.33 -54.53
CA LEU E 157 -35.17 -83.28 -53.78
C LEU E 157 -36.33 -83.85 -54.62
N ARG E 158 -36.99 -83.00 -55.42
CA ARG E 158 -38.03 -83.34 -56.39
C ARG E 158 -37.47 -84.31 -57.43
N ARG E 159 -36.35 -83.98 -58.06
CA ARG E 159 -35.67 -84.86 -59.04
C ARG E 159 -35.20 -86.18 -58.44
N GLN E 160 -34.75 -86.22 -57.18
CA GLN E 160 -34.39 -87.47 -56.49
C GLN E 160 -35.62 -88.35 -56.20
N VAL E 161 -36.72 -87.78 -55.69
CA VAL E 161 -37.98 -88.49 -55.40
C VAL E 161 -38.67 -88.97 -56.67
N ASP E 162 -38.62 -88.15 -57.72
CA ASP E 162 -39.11 -88.43 -59.06
C ASP E 162 -38.33 -89.58 -59.73
N GLN E 163 -36.98 -89.55 -59.70
CA GLN E 163 -36.16 -90.67 -60.18
C GLN E 163 -36.40 -92.00 -59.43
N LEU E 164 -36.70 -91.95 -58.13
CA LEU E 164 -37.09 -93.14 -57.35
C LEU E 164 -38.52 -93.62 -57.66
N THR E 165 -39.42 -92.71 -58.03
CA THR E 165 -40.79 -93.05 -58.47
C THR E 165 -40.77 -93.74 -59.83
N ASN E 166 -39.93 -93.22 -60.73
CA ASN E 166 -39.74 -93.74 -62.08
C ASN E 166 -39.09 -95.13 -62.04
N ASP E 167 -37.98 -95.32 -61.31
CA ASP E 167 -37.34 -96.64 -61.16
C ASP E 167 -38.21 -97.68 -60.46
N LYS E 168 -39.09 -97.28 -59.53
CA LYS E 168 -40.03 -98.18 -58.87
C LYS E 168 -41.07 -98.74 -59.85
N ALA E 169 -41.92 -97.87 -60.40
CA ALA E 169 -43.07 -98.32 -61.20
C ALA E 169 -42.70 -98.70 -62.64
N ARG E 170 -41.47 -98.37 -63.08
CA ARG E 170 -40.75 -99.03 -64.19
C ARG E 170 -40.74 -100.56 -64.03
N VAL E 171 -40.24 -101.06 -62.90
CA VAL E 171 -40.15 -102.51 -62.63
C VAL E 171 -41.53 -103.16 -62.48
N GLU E 172 -42.56 -102.38 -62.18
CA GLU E 172 -43.91 -102.91 -62.00
C GLU E 172 -44.55 -103.35 -63.32
N VAL E 173 -44.37 -102.56 -64.40
CA VAL E 173 -44.93 -102.85 -65.74
C VAL E 173 -43.94 -103.53 -66.70
N GLU E 174 -42.63 -103.30 -66.51
CA GLU E 174 -41.53 -104.13 -67.08
C GLU E 174 -41.77 -105.61 -66.82
N ARG E 175 -41.96 -105.96 -65.55
CA ARG E 175 -42.01 -107.33 -65.04
C ARG E 175 -43.18 -108.11 -65.63
N ASP E 176 -44.34 -107.47 -65.73
CA ASP E 176 -45.58 -108.15 -66.12
C ASP E 176 -45.61 -108.45 -67.63
N ASN E 177 -45.13 -107.52 -68.47
CA ASN E 177 -44.86 -107.84 -69.88
C ASN E 177 -43.68 -108.84 -70.05
N LEU E 178 -42.59 -108.72 -69.28
CA LEU E 178 -41.49 -109.71 -69.31
C LEU E 178 -41.91 -111.11 -68.80
N ALA E 179 -42.94 -111.22 -67.97
CA ALA E 179 -43.55 -112.49 -67.61
C ALA E 179 -44.42 -113.08 -68.74
N GLU E 180 -45.00 -112.22 -69.59
CA GLU E 180 -45.76 -112.59 -70.79
C GLU E 180 -44.84 -113.08 -71.93
N ASP E 181 -43.75 -112.38 -72.30
CA ASP E 181 -42.71 -112.88 -73.26
C ASP E 181 -42.18 -114.26 -72.86
N ILE E 182 -41.76 -114.37 -71.60
CA ILE E 182 -41.19 -115.60 -71.07
C ILE E 182 -42.25 -116.71 -70.96
N MET E 183 -43.56 -116.40 -71.04
CA MET E 183 -44.62 -117.37 -71.28
C MET E 183 -44.88 -117.64 -72.78
N ARG E 184 -44.89 -116.62 -73.64
CA ARG E 184 -45.12 -116.72 -75.09
C ARG E 184 -44.10 -117.58 -75.81
N LEU E 185 -42.80 -117.40 -75.51
CA LEU E 185 -41.75 -118.30 -76.00
C LEU E 185 -41.83 -119.69 -75.34
N ARG E 186 -42.36 -119.81 -74.12
CA ARG E 186 -42.55 -121.12 -73.46
C ARG E 186 -43.72 -121.92 -73.99
N GLU E 187 -44.84 -121.31 -74.38
CA GLU E 187 -46.05 -122.01 -74.87
C GLU E 187 -45.71 -122.88 -76.10
N LYS E 188 -45.12 -122.22 -77.11
CA LYS E 188 -44.34 -122.79 -78.21
C LYS E 188 -43.37 -123.90 -77.81
N LEU E 189 -42.41 -123.61 -76.93
CA LEU E 189 -41.36 -124.58 -76.55
C LEU E 189 -41.87 -125.78 -75.73
N GLN E 190 -42.99 -125.63 -75.01
CA GLN E 190 -43.59 -126.67 -74.18
C GLN E 190 -44.46 -127.61 -75.02
N GLU E 191 -45.23 -127.08 -75.95
CA GLU E 191 -45.98 -127.86 -76.94
C GLU E 191 -45.05 -128.61 -77.92
N GLU E 192 -43.95 -127.97 -78.34
CA GLU E 192 -42.88 -128.68 -79.06
C GLU E 192 -42.19 -129.74 -78.20
N MET E 193 -42.00 -129.50 -76.90
CA MET E 193 -41.42 -130.50 -75.99
C MET E 193 -42.33 -131.72 -75.79
N LEU E 194 -43.66 -131.54 -75.77
CA LEU E 194 -44.63 -132.64 -75.67
C LEU E 194 -44.55 -133.59 -76.88
N GLN E 195 -44.59 -133.02 -78.10
CA GLN E 195 -44.37 -133.81 -79.32
C GLN E 195 -42.97 -134.46 -79.34
N ARG E 196 -41.92 -133.73 -78.94
CA ARG E 196 -40.53 -134.20 -79.01
C ARG E 196 -40.28 -135.42 -78.12
N LEU F 185 -47.20 -124.73 -92.44
CA LEU F 185 -47.50 -123.78 -91.37
C LEU F 185 -46.33 -123.63 -90.38
N ARG F 186 -45.47 -124.62 -90.17
CA ARG F 186 -44.22 -124.44 -89.40
C ARG F 186 -43.33 -123.39 -90.04
N GLU F 187 -43.05 -123.52 -91.34
CA GLU F 187 -42.13 -122.63 -92.05
C GLU F 187 -42.61 -121.18 -91.98
N LYS F 188 -43.90 -120.97 -92.25
CA LYS F 188 -44.57 -119.66 -92.13
C LYS F 188 -44.61 -119.13 -90.68
N LEU F 189 -45.12 -119.93 -89.74
CA LEU F 189 -45.28 -119.51 -88.34
C LEU F 189 -43.92 -119.27 -87.69
N GLN F 190 -42.86 -119.97 -88.10
CA GLN F 190 -41.51 -119.61 -87.71
C GLN F 190 -41.02 -118.30 -88.35
N GLU F 191 -41.30 -118.01 -89.62
CA GLU F 191 -41.05 -116.67 -90.20
C GLU F 191 -41.79 -115.55 -89.46
N GLU F 192 -43.01 -115.83 -88.96
CA GLU F 192 -43.74 -114.95 -88.05
C GLU F 192 -42.99 -114.77 -86.71
N MET F 193 -42.51 -115.86 -86.07
CA MET F 193 -41.67 -115.77 -84.86
C MET F 193 -40.39 -114.96 -85.09
N LEU F 194 -39.71 -115.13 -86.24
CA LEU F 194 -38.45 -114.48 -86.57
C LEU F 194 -38.54 -112.94 -86.47
N GLN F 195 -39.70 -112.35 -86.77
CA GLN F 195 -39.99 -110.94 -86.52
C GLN F 195 -40.64 -110.69 -85.14
N ARG F 196 -41.66 -111.48 -84.76
CA ARG F 196 -42.53 -111.10 -83.63
C ARG F 196 -41.85 -111.36 -82.28
N GLU F 197 -41.15 -112.48 -82.12
CA GLU F 197 -40.42 -112.79 -80.89
C GLU F 197 -39.05 -112.09 -80.76
N GLU F 198 -38.50 -111.52 -81.85
CA GLU F 198 -37.41 -110.53 -81.69
C GLU F 198 -37.97 -109.23 -81.13
N ALA F 199 -39.08 -108.76 -81.69
CA ALA F 199 -39.64 -107.47 -81.39
C ALA F 199 -40.13 -107.43 -79.94
N GLU F 200 -40.94 -108.42 -79.55
CA GLU F 200 -41.49 -108.69 -78.23
C GLU F 200 -40.53 -108.34 -77.07
N ASN F 201 -39.50 -109.16 -76.83
CA ASN F 201 -38.58 -108.93 -75.71
C ASN F 201 -37.60 -107.75 -75.94
N THR F 202 -37.28 -107.42 -77.19
CA THR F 202 -36.47 -106.22 -77.50
C THR F 202 -37.17 -104.94 -77.02
N LEU F 203 -38.46 -104.86 -77.30
CA LEU F 203 -39.34 -103.77 -76.91
C LEU F 203 -39.68 -103.78 -75.41
N GLN F 204 -39.39 -104.85 -74.66
CA GLN F 204 -39.42 -104.88 -73.17
C GLN F 204 -38.21 -104.24 -72.49
N SER F 205 -37.07 -104.13 -73.19
CA SER F 205 -36.00 -103.22 -72.75
C SER F 205 -36.49 -101.77 -72.77
N PHE F 206 -37.39 -101.46 -73.70
CA PHE F 206 -37.94 -100.12 -73.92
C PHE F 206 -39.21 -99.87 -73.11
N ARG F 207 -39.94 -100.93 -72.71
CA ARG F 207 -41.07 -100.88 -71.77
C ARG F 207 -40.66 -100.24 -70.45
N GLN F 208 -39.47 -100.59 -69.97
CA GLN F 208 -38.82 -99.94 -68.83
C GLN F 208 -38.63 -98.43 -69.04
N ASP F 209 -38.12 -98.03 -70.20
CA ASP F 209 -37.79 -96.63 -70.50
C ASP F 209 -39.04 -95.78 -70.83
N VAL F 210 -40.18 -96.35 -71.26
CA VAL F 210 -41.48 -95.63 -71.38
C VAL F 210 -42.23 -95.57 -70.06
N ASP F 211 -42.14 -96.59 -69.22
CA ASP F 211 -42.75 -96.58 -67.90
C ASP F 211 -42.05 -95.55 -67.00
N ASN F 212 -40.71 -95.52 -67.08
CA ASN F 212 -39.84 -94.43 -66.62
C ASN F 212 -40.25 -93.07 -67.21
N ALA F 213 -40.41 -92.95 -68.54
CA ALA F 213 -40.75 -91.68 -69.20
C ALA F 213 -42.19 -91.18 -68.95
N SER F 214 -43.14 -92.07 -68.69
CA SER F 214 -44.56 -91.75 -68.47
C SER F 214 -44.81 -91.36 -67.01
N LEU F 215 -44.08 -91.98 -66.08
CA LEU F 215 -43.88 -91.46 -64.73
C LEU F 215 -43.11 -90.13 -64.77
N ALA F 216 -42.16 -90.00 -65.71
CA ALA F 216 -41.47 -88.74 -65.94
C ALA F 216 -42.38 -87.64 -66.50
N ARG F 217 -43.43 -87.94 -67.28
CA ARG F 217 -44.48 -86.97 -67.66
C ARG F 217 -45.24 -86.42 -66.45
N LEU F 218 -45.57 -87.28 -65.48
CA LEU F 218 -46.15 -86.85 -64.19
C LEU F 218 -45.13 -86.06 -63.34
N ASP F 219 -43.82 -86.29 -63.52
CA ASP F 219 -42.80 -85.44 -62.90
C ASP F 219 -42.87 -83.99 -63.39
N LEU F 220 -43.16 -83.74 -64.68
CA LEU F 220 -43.26 -82.36 -65.18
C LEU F 220 -44.51 -81.67 -64.68
N GLU F 221 -45.60 -82.38 -64.43
CA GLU F 221 -46.78 -81.78 -63.79
C GLU F 221 -46.43 -81.25 -62.38
N ARG F 222 -45.60 -81.99 -61.63
CA ARG F 222 -45.01 -81.56 -60.35
C ARG F 222 -43.91 -80.49 -60.48
N LYS F 223 -43.03 -80.60 -61.48
CA LYS F 223 -41.92 -79.63 -61.70
C LYS F 223 -42.43 -78.30 -62.25
N VAL F 224 -43.44 -78.30 -63.12
CA VAL F 224 -44.12 -77.10 -63.63
C VAL F 224 -44.93 -76.42 -62.53
N GLU F 225 -45.55 -77.18 -61.63
CA GLU F 225 -46.15 -76.67 -60.39
C GLU F 225 -45.09 -75.99 -59.48
N SER F 226 -43.96 -76.67 -59.24
CA SER F 226 -42.85 -76.14 -58.42
C SER F 226 -42.21 -74.88 -59.03
N LEU F 227 -41.91 -74.90 -60.33
CA LEU F 227 -41.34 -73.78 -61.10
C LEU F 227 -42.32 -72.61 -61.27
N GLN F 228 -43.64 -72.83 -61.22
CA GLN F 228 -44.61 -71.73 -61.24
C GLN F 228 -44.65 -70.94 -59.92
N GLU F 229 -44.41 -71.59 -58.77
CA GLU F 229 -44.16 -70.88 -57.51
C GLU F 229 -42.72 -70.35 -57.36
N GLU F 230 -41.70 -70.97 -57.97
CA GLU F 230 -40.37 -70.35 -58.11
C GLU F 230 -40.44 -69.04 -58.94
N ILE F 231 -41.13 -69.06 -60.08
CA ILE F 231 -41.41 -67.87 -60.87
C ILE F 231 -42.35 -66.88 -60.14
N ALA F 232 -43.13 -67.31 -59.15
CA ALA F 232 -43.85 -66.41 -58.26
C ALA F 232 -42.95 -65.78 -57.18
N PHE F 233 -41.99 -66.51 -56.60
CA PHE F 233 -40.92 -65.95 -55.76
C PHE F 233 -40.00 -65.00 -56.53
N LEU F 234 -39.72 -65.29 -57.80
CA LEU F 234 -38.96 -64.43 -58.69
C LEU F 234 -39.74 -63.18 -59.11
N LYS F 235 -41.07 -63.24 -59.25
CA LYS F 235 -41.92 -62.05 -59.46
C LYS F 235 -42.01 -61.15 -58.22
N LYS F 236 -42.20 -61.76 -57.03
CA LYS F 236 -42.10 -61.08 -55.74
C LYS F 236 -40.71 -60.46 -55.55
N LEU F 237 -39.66 -61.14 -55.98
CA LEU F 237 -38.30 -60.62 -56.00
C LEU F 237 -38.15 -59.41 -56.90
N HIS F 238 -38.80 -59.34 -58.07
CA HIS F 238 -38.80 -58.14 -58.92
C HIS F 238 -39.57 -56.97 -58.29
N GLU F 239 -40.64 -57.24 -57.54
CA GLU F 239 -41.42 -56.21 -56.85
C GLU F 239 -40.66 -55.64 -55.63
N GLU F 240 -39.92 -56.48 -54.91
CA GLU F 240 -38.96 -56.07 -53.87
C GLU F 240 -37.71 -55.35 -54.45
N GLU F 241 -37.21 -55.80 -55.60
CA GLU F 241 -36.11 -55.20 -56.36
C GLU F 241 -36.47 -53.82 -56.94
N ILE F 242 -37.73 -53.59 -57.32
CA ILE F 242 -38.24 -52.26 -57.70
C ILE F 242 -38.42 -51.32 -56.49
N GLN F 243 -38.89 -51.84 -55.35
CA GLN F 243 -38.94 -51.07 -54.10
C GLN F 243 -37.54 -50.69 -53.61
N GLU F 244 -36.57 -51.61 -53.73
CA GLU F 244 -35.17 -51.37 -53.39
C GLU F 244 -34.49 -50.37 -54.33
N LEU F 245 -34.80 -50.36 -55.64
CA LEU F 245 -34.35 -49.31 -56.56
C LEU F 245 -34.88 -47.92 -56.17
N GLN F 246 -36.16 -47.83 -55.76
CA GLN F 246 -36.73 -46.56 -55.28
C GLN F 246 -36.18 -46.12 -53.91
N ALA F 247 -35.80 -47.07 -53.05
CA ALA F 247 -35.10 -46.80 -51.80
C ALA F 247 -33.66 -46.30 -52.06
N GLN F 248 -32.92 -46.96 -52.94
CA GLN F 248 -31.56 -46.60 -53.38
C GLN F 248 -31.51 -45.21 -54.04
N ILE F 249 -32.50 -44.86 -54.87
CA ILE F 249 -32.62 -43.51 -55.47
C ILE F 249 -32.84 -42.41 -54.41
N GLN F 250 -33.63 -42.67 -53.36
CA GLN F 250 -33.82 -41.74 -52.24
C GLN F 250 -32.62 -41.73 -51.28
N GLU F 251 -31.95 -42.86 -51.13
CA GLU F 251 -30.84 -43.08 -50.21
C GLU F 251 -29.54 -42.45 -50.71
N GLN F 252 -29.24 -42.53 -52.00
CA GLN F 252 -28.10 -41.85 -52.62
C GLN F 252 -28.26 -40.32 -52.69
N HIS F 253 -29.48 -39.76 -52.63
CA HIS F 253 -29.73 -38.32 -52.80
C HIS F 253 -30.76 -37.75 -51.83
N VAL F 254 -30.24 -37.30 -50.68
CA VAL F 254 -30.84 -36.26 -49.81
C VAL F 254 -29.78 -35.40 -49.09
N GLN F 255 -28.51 -35.82 -49.12
CA GLN F 255 -27.32 -35.12 -48.61
C GLN F 255 -26.98 -33.78 -49.29
N ILE F 256 -27.66 -33.44 -50.39
CA ILE F 256 -27.41 -32.22 -51.17
C ILE F 256 -26.03 -32.20 -51.87
N ASP F 257 -25.80 -33.21 -52.70
CA ASP F 257 -24.92 -33.13 -53.89
C ASP F 257 -23.42 -32.82 -53.60
N VAL F 258 -22.68 -32.25 -54.56
CA VAL F 258 -21.42 -31.53 -54.28
C VAL F 258 -21.74 -30.10 -53.85
N ASP F 259 -20.91 -29.54 -52.97
CA ASP F 259 -21.18 -28.19 -52.45
C ASP F 259 -19.89 -27.31 -52.41
N VAL F 260 -19.25 -27.15 -53.60
CA VAL F 260 -17.90 -26.53 -53.77
C VAL F 260 -17.80 -25.00 -53.73
N SER F 261 -18.88 -24.28 -53.40
CA SER F 261 -18.92 -22.81 -53.54
C SER F 261 -18.74 -22.08 -52.20
N LYS F 262 -18.64 -21.37 -51.79
CA LYS F 262 -17.19 -21.19 -52.07
C LYS F 262 -16.41 -21.62 -50.82
N PRO F 263 -15.07 -21.56 -50.85
CA PRO F 263 -14.27 -21.12 -49.69
C PRO F 263 -14.19 -19.59 -49.56
N ASP F 264 -12.23 -20.18 -48.65
CA ASP F 264 -12.23 -19.46 -47.41
C ASP F 264 -12.08 -17.93 -47.62
N LEU F 265 -13.22 -17.24 -47.51
CA LEU F 265 -13.51 -15.84 -47.08
C LEU F 265 -14.63 -15.27 -47.97
N THR F 266 -15.69 -14.79 -47.32
CA THR F 266 -16.56 -13.74 -47.87
C THR F 266 -16.93 -12.68 -46.82
N ALA F 267 -16.85 -13.06 -45.53
CA ALA F 267 -17.22 -12.27 -44.36
C ALA F 267 -16.62 -10.86 -44.38
N ALA F 268 -15.31 -10.70 -44.16
CA ALA F 268 -14.73 -9.36 -43.93
C ALA F 268 -15.01 -8.31 -45.03
N LEU F 269 -15.22 -8.70 -46.30
CA LEU F 269 -15.65 -7.77 -47.36
C LEU F 269 -17.15 -7.42 -47.28
N ARG F 270 -18.01 -8.36 -46.90
CA ARG F 270 -19.44 -8.17 -46.61
C ARG F 270 -19.66 -7.42 -45.29
N ASP F 271 -18.92 -7.78 -44.25
CA ASP F 271 -19.00 -7.21 -42.92
C ASP F 271 -18.52 -5.77 -42.86
N VAL F 272 -17.34 -5.46 -43.39
CA VAL F 272 -16.84 -4.07 -43.43
C VAL F 272 -17.77 -3.15 -44.23
N ARG F 273 -18.48 -3.66 -45.24
CA ARG F 273 -19.53 -2.90 -45.95
C ARG F 273 -20.79 -2.70 -45.12
N GLN F 274 -21.41 -3.76 -44.59
CA GLN F 274 -22.65 -3.65 -43.80
C GLN F 274 -22.44 -2.93 -42.46
N GLN F 275 -21.25 -3.04 -41.90
CA GLN F 275 -20.74 -2.19 -40.84
C GLN F 275 -20.67 -0.73 -41.29
N TYR F 276 -20.05 -0.39 -42.43
CA TYR F 276 -20.03 0.99 -42.94
C TYR F 276 -21.43 1.57 -43.27
N GLU F 277 -22.40 0.77 -43.74
CA GLU F 277 -23.80 1.20 -43.86
C GLU F 277 -24.42 1.50 -42.48
N SER F 278 -24.34 0.55 -41.55
CA SER F 278 -24.80 0.72 -40.16
C SER F 278 -24.10 1.88 -39.42
N VAL F 279 -22.84 2.15 -39.77
CA VAL F 279 -21.99 3.22 -39.24
C VAL F 279 -22.29 4.57 -39.87
N ALA F 280 -22.88 4.64 -41.07
CA ALA F 280 -23.39 5.91 -41.60
C ALA F 280 -24.57 6.44 -40.77
N ALA F 281 -25.47 5.56 -40.31
CA ALA F 281 -26.51 5.91 -39.35
C ALA F 281 -25.96 6.16 -37.93
N LYS F 282 -24.97 5.36 -37.48
CA LYS F 282 -24.31 5.55 -36.18
C LYS F 282 -23.60 6.91 -36.07
N ASN F 283 -22.83 7.29 -37.10
CA ASN F 283 -22.10 8.55 -37.15
C ASN F 283 -23.02 9.79 -37.23
N LEU F 284 -24.25 9.63 -37.73
CA LEU F 284 -25.30 10.65 -37.65
C LEU F 284 -25.95 10.74 -36.24
N GLN F 285 -26.00 9.65 -35.50
CA GLN F 285 -26.31 9.66 -34.06
C GLN F 285 -25.14 10.19 -33.21
N GLU F 286 -23.87 9.94 -33.56
CA GLU F 286 -22.74 10.65 -32.95
C GLU F 286 -22.79 12.16 -33.25
N ALA F 287 -23.23 12.57 -34.45
CA ALA F 287 -23.50 13.97 -34.72
C ALA F 287 -24.63 14.55 -33.84
N GLU F 288 -25.72 13.82 -33.60
CA GLU F 288 -26.77 14.19 -32.62
C GLU F 288 -26.23 14.34 -31.18
N GLU F 289 -25.31 13.48 -30.73
CA GLU F 289 -24.61 13.63 -29.44
C GLU F 289 -23.65 14.83 -29.42
N TRP F 290 -22.87 15.04 -30.48
CA TRP F 290 -21.96 16.19 -30.64
C TRP F 290 -22.71 17.52 -30.69
N TYR F 291 -23.87 17.54 -31.34
CA TYR F 291 -24.78 18.68 -31.36
C TYR F 291 -25.37 18.93 -29.98
N LYS F 292 -25.88 17.92 -29.27
CA LYS F 292 -26.34 18.08 -27.88
C LYS F 292 -25.26 18.62 -26.94
N SER F 293 -24.01 18.21 -27.07
CA SER F 293 -22.90 18.77 -26.27
C SER F 293 -22.60 20.23 -26.61
N LYS F 294 -22.43 20.56 -27.89
CA LYS F 294 -22.19 21.96 -28.35
C LYS F 294 -23.36 22.89 -28.04
N PHE F 295 -24.58 22.35 -28.08
CA PHE F 295 -25.80 23.06 -27.75
C PHE F 295 -26.02 23.22 -26.25
N ALA F 296 -25.47 22.32 -25.41
CA ALA F 296 -25.32 22.55 -23.98
C ALA F 296 -24.28 23.64 -23.67
N ASP F 297 -23.19 23.73 -24.44
CA ASP F 297 -22.21 24.83 -24.33
C ASP F 297 -22.81 26.21 -24.69
N LEU F 298 -23.60 26.28 -25.77
CA LEU F 298 -24.39 27.47 -26.11
C LEU F 298 -25.49 27.76 -25.08
N SER F 299 -26.14 26.71 -24.55
CA SER F 299 -27.13 26.84 -23.48
C SER F 299 -26.51 27.29 -22.15
N GLU F 300 -25.21 27.09 -21.92
CA GLU F 300 -24.48 27.62 -20.76
C GLU F 300 -24.05 29.08 -20.97
N ALA F 301 -23.71 29.48 -22.20
CA ALA F 301 -23.59 30.90 -22.56
C ALA F 301 -24.93 31.65 -22.38
N ALA F 302 -26.05 30.97 -22.60
CA ALA F 302 -27.40 31.41 -22.27
C ALA F 302 -27.75 31.33 -20.76
N ASN F 303 -27.29 30.33 -20.01
CA ASN F 303 -27.49 30.25 -18.56
C ASN F 303 -26.83 31.40 -17.81
N ARG F 304 -25.67 31.90 -18.29
CA ARG F 304 -25.04 33.14 -17.77
C ARG F 304 -25.93 34.38 -17.92
N ASN F 305 -26.86 34.38 -18.87
CA ASN F 305 -27.87 35.42 -19.03
C ASN F 305 -29.12 35.19 -18.16
N ASN F 306 -29.54 33.93 -17.99
CA ASN F 306 -30.61 33.57 -17.06
C ASN F 306 -30.20 33.84 -15.60
N ASP F 307 -28.95 33.57 -15.23
CA ASP F 307 -28.36 33.95 -13.95
C ASP F 307 -28.28 35.46 -13.77
N ALA F 308 -27.91 36.23 -14.79
CA ALA F 308 -27.98 37.69 -14.71
C ALA F 308 -29.41 38.19 -14.47
N LEU F 309 -30.42 37.63 -15.16
CA LEU F 309 -31.85 37.92 -14.95
C LEU F 309 -32.39 37.46 -13.60
N ARG F 310 -31.83 36.40 -12.99
CA ARG F 310 -32.22 35.92 -11.66
C ARG F 310 -31.54 36.73 -10.54
N GLN F 311 -30.28 37.11 -10.74
CA GLN F 311 -29.50 37.94 -9.82
C GLN F 311 -29.97 39.41 -9.83
N ALA F 312 -30.34 39.96 -10.99
CA ALA F 312 -30.95 41.30 -11.11
C ALA F 312 -32.30 41.43 -10.39
N LYS F 313 -33.09 40.34 -10.32
CA LYS F 313 -34.31 40.30 -9.49
C LYS F 313 -34.00 40.31 -7.99
N GLN F 314 -32.97 39.59 -7.55
CA GLN F 314 -32.52 39.58 -6.15
C GLN F 314 -31.92 40.95 -5.76
N GLU F 315 -30.98 41.44 -6.58
CA GLU F 315 -30.37 42.77 -6.55
C GLU F 315 -31.40 43.88 -6.43
N SER F 316 -32.48 43.84 -7.23
CA SER F 316 -33.55 44.86 -7.22
C SER F 316 -34.17 45.10 -5.83
N THR F 317 -34.14 44.10 -4.94
CA THR F 317 -34.73 44.15 -3.60
C THR F 317 -33.90 44.98 -2.62
N GLU F 318 -32.59 45.03 -2.80
CA GLU F 318 -31.72 46.03 -2.17
C GLU F 318 -31.59 47.29 -3.02
N TYR F 319 -31.53 47.16 -4.35
CA TYR F 319 -31.33 48.28 -5.27
C TYR F 319 -32.43 49.33 -5.16
N ARG F 320 -33.70 48.93 -5.04
CA ARG F 320 -34.79 49.90 -4.76
C ARG F 320 -34.60 50.66 -3.45
N ARG F 321 -34.11 50.02 -2.39
CA ARG F 321 -33.76 50.70 -1.12
C ARG F 321 -32.51 51.56 -1.24
N GLN F 322 -31.47 51.10 -1.93
CA GLN F 322 -30.23 51.84 -2.15
C GLN F 322 -30.48 53.12 -2.96
N VAL F 323 -31.26 53.01 -4.04
CA VAL F 323 -31.77 54.13 -4.84
C VAL F 323 -32.57 55.12 -3.99
N GLN F 324 -33.54 54.63 -3.22
CA GLN F 324 -34.40 55.50 -2.41
C GLN F 324 -33.66 56.14 -1.23
N SER F 325 -32.69 55.45 -0.62
CA SER F 325 -31.85 55.98 0.47
C SER F 325 -30.87 57.02 -0.05
N LEU F 326 -30.15 56.70 -1.13
CA LEU F 326 -29.24 57.64 -1.81
C LEU F 326 -29.99 58.82 -2.47
N THR F 327 -31.24 58.63 -2.91
CA THR F 327 -32.10 59.77 -3.28
C THR F 327 -32.38 60.65 -2.07
N CYS F 328 -32.90 60.10 -0.96
CA CYS F 328 -33.26 60.86 0.23
C CYS F 328 -32.07 61.44 0.98
N GLU F 329 -30.88 60.83 0.90
CA GLU F 329 -29.63 61.32 1.47
C GLU F 329 -29.04 62.46 0.63
N VAL F 330 -29.16 62.39 -0.71
CA VAL F 330 -28.94 63.56 -1.57
C VAL F 330 -29.96 64.66 -1.26
N ASP F 331 -31.25 64.35 -1.24
CA ASP F 331 -32.35 65.30 -0.98
C ASP F 331 -32.25 65.95 0.42
N ALA F 332 -31.79 65.20 1.43
CA ALA F 332 -31.48 65.73 2.76
C ALA F 332 -30.22 66.59 2.77
N LEU F 333 -29.17 66.25 2.01
CA LEU F 333 -28.03 67.16 1.77
C LEU F 333 -28.47 68.42 0.99
N LYS F 334 -29.55 68.36 0.20
CA LYS F 334 -30.04 69.49 -0.62
C LYS F 334 -30.89 70.46 0.19
N GLY F 335 -31.75 69.93 1.07
CA GLY F 335 -32.39 70.66 2.16
C GLY F 335 -31.40 71.14 3.25
N THR F 336 -30.27 70.46 3.41
CA THR F 336 -29.16 70.94 4.26
C THR F 336 -28.40 72.09 3.61
N ASN F 337 -28.12 72.05 2.31
CA ASN F 337 -27.37 73.09 1.61
C ASN F 337 -28.18 74.39 1.44
N GLU F 338 -29.50 74.34 1.16
CA GLU F 338 -30.36 75.54 1.22
C GLU F 338 -30.41 76.12 2.65
N SER F 339 -30.40 75.25 3.67
CA SER F 339 -30.46 75.67 5.07
C SER F 339 -29.08 76.09 5.63
N LEU F 340 -27.99 75.70 4.96
CA LEU F 340 -26.64 76.18 5.22
C LEU F 340 -26.42 77.55 4.59
N GLU F 341 -26.98 77.81 3.41
CA GLU F 341 -27.05 79.16 2.88
C GLU F 341 -27.95 80.09 3.72
N ARG F 342 -28.97 79.55 4.42
CA ARG F 342 -29.69 80.30 5.48
C ARG F 342 -28.83 80.57 6.72
N GLN F 343 -27.94 79.66 7.10
CA GLN F 343 -26.93 79.98 8.12
C GLN F 343 -25.91 81.02 7.61
N MET F 344 -25.57 81.05 6.32
CA MET F 344 -24.72 82.08 5.73
C MET F 344 -25.41 83.44 5.57
N ARG F 345 -26.72 83.49 5.32
CA ARG F 345 -27.52 84.74 5.38
C ARG F 345 -27.57 85.28 6.82
N GLU F 346 -27.79 84.39 7.78
CA GLU F 346 -27.83 84.78 9.18
C GLU F 346 -26.43 85.12 9.70
N MET F 347 -25.35 84.59 9.09
CA MET F 347 -23.99 85.12 9.24
C MET F 347 -23.74 86.46 8.54
N GLU F 348 -24.36 86.74 7.39
CA GLU F 348 -24.27 88.06 6.75
C GLU F 348 -24.86 89.16 7.63
N GLU F 349 -26.02 88.89 8.23
CA GLU F 349 -26.63 89.74 9.26
C GLU F 349 -25.76 89.83 10.52
N ASN F 350 -25.13 88.75 10.99
CA ASN F 350 -24.22 88.78 12.15
C ASN F 350 -22.95 89.63 11.91
N PHE F 351 -22.26 89.50 10.78
CA PHE F 351 -21.10 90.35 10.47
C PHE F 351 -21.51 91.81 10.22
N ALA F 352 -22.73 92.02 9.73
CA ALA F 352 -23.28 93.34 9.50
C ALA F 352 -23.68 94.09 10.79
N VAL F 353 -24.41 93.44 11.68
CA VAL F 353 -24.75 93.97 13.01
C VAL F 353 -23.49 94.11 13.89
N GLU F 354 -22.51 93.19 13.78
CA GLU F 354 -21.19 93.35 14.39
C GLU F 354 -20.50 94.63 13.92
N ALA F 355 -20.46 94.88 12.61
CA ALA F 355 -19.78 96.07 12.09
C ALA F 355 -20.55 97.37 12.39
N ALA F 356 -21.85 97.41 12.08
CA ALA F 356 -22.65 98.63 12.06
C ALA F 356 -23.31 98.96 13.41
N ASN F 357 -23.94 97.99 14.09
CA ASN F 357 -24.62 98.21 15.38
C ASN F 357 -23.63 98.46 16.53
N TYR F 358 -22.43 97.87 16.45
CA TYR F 358 -21.32 98.28 17.34
C TYR F 358 -20.92 99.75 17.15
N GLN F 359 -20.87 100.25 15.91
CA GLN F 359 -20.65 101.68 15.65
C GLN F 359 -21.89 102.56 15.88
N ASP F 360 -23.11 102.02 15.96
CA ASP F 360 -24.26 102.73 16.55
C ASP F 360 -24.09 102.94 18.05
N THR F 361 -23.49 101.95 18.73
CA THR F 361 -23.16 102.06 20.15
C THR F 361 -21.98 103.02 20.38
N ILE F 362 -21.01 103.08 19.46
CA ILE F 362 -20.03 104.17 19.41
C ILE F 362 -20.69 105.51 19.09
N GLY F 363 -21.74 105.56 18.26
CA GLY F 363 -22.51 106.76 17.93
C GLY F 363 -23.24 107.32 19.14
N ARG F 364 -23.98 106.49 19.88
CA ARG F 364 -24.64 106.89 21.14
C ARG F 364 -23.63 107.26 22.25
N LEU F 365 -22.41 106.72 22.20
CA LEU F 365 -21.30 107.19 23.05
C LEU F 365 -20.66 108.49 22.53
N GLN F 366 -20.64 108.77 21.21
CA GLN F 366 -20.25 110.06 20.65
C GLN F 366 -21.27 111.15 20.98
N ASP F 367 -22.56 110.84 21.12
CA ASP F 367 -23.56 111.75 21.69
C ASP F 367 -23.18 112.14 23.13
N GLU F 368 -23.05 111.16 24.02
CA GLU F 368 -22.68 111.41 25.42
C GLU F 368 -21.31 112.09 25.58
N ILE F 369 -20.30 111.69 24.80
CA ILE F 369 -18.94 112.24 24.87
C ILE F 369 -18.85 113.64 24.25
N GLN F 370 -19.46 113.87 23.10
CA GLN F 370 -19.40 115.17 22.44
C GLN F 370 -20.34 116.20 23.09
N ASN F 371 -21.43 115.76 23.75
CA ASN F 371 -22.20 116.57 24.70
C ASN F 371 -21.36 116.92 25.95
N MET F 372 -20.56 116.01 26.50
CA MET F 372 -19.61 116.36 27.58
C MET F 372 -18.48 117.29 27.11
N LYS F 373 -18.12 117.26 25.82
CA LYS F 373 -17.12 118.18 25.23
C LYS F 373 -17.71 119.52 24.79
N GLU F 374 -19.00 119.58 24.47
CA GLU F 374 -19.79 120.80 24.41
C GLU F 374 -19.77 121.50 25.76
N GLU F 375 -20.11 120.79 26.84
CA GLU F 375 -20.23 121.47 28.14
C GLU F 375 -18.86 121.87 28.71
N MET F 376 -17.81 121.11 28.38
CA MET F 376 -16.41 121.54 28.58
C MET F 376 -16.05 122.77 27.74
N ALA F 377 -16.38 122.77 26.45
CA ALA F 377 -16.18 123.90 25.54
C ALA F 377 -17.00 125.14 25.96
N ARG F 378 -18.17 124.97 26.57
CA ARG F 378 -19.00 126.02 27.16
C ARG F 378 -18.42 126.56 28.45
N HIS F 379 -17.96 125.68 29.34
CA HIS F 379 -17.19 126.05 30.53
C HIS F 379 -15.86 126.76 30.23
N LEU F 380 -15.20 126.49 29.09
CA LEU F 380 -14.06 127.30 28.62
C LEU F 380 -14.46 128.76 28.33
N ARG F 381 -15.58 128.97 27.62
CA ARG F 381 -16.05 130.31 27.27
C ARG F 381 -16.68 131.01 28.48
N GLU F 382 -17.37 130.29 29.36
CA GLU F 382 -17.96 130.81 30.60
C GLU F 382 -16.91 131.15 31.68
N TYR F 383 -15.82 130.39 31.77
CA TYR F 383 -14.68 130.80 32.60
C TYR F 383 -13.97 132.04 32.04
N GLN F 384 -13.89 132.16 30.72
CA GLN F 384 -13.42 133.38 30.07
C GLN F 384 -14.43 134.55 30.15
N ASP F 385 -15.75 134.31 30.29
CA ASP F 385 -16.74 135.34 30.68
C ASP F 385 -16.49 135.82 32.12
N LEU F 386 -16.17 134.92 33.06
CA LEU F 386 -15.76 135.30 34.42
C LEU F 386 -14.42 136.07 34.46
N LEU F 387 -13.47 135.73 33.57
CA LEU F 387 -12.29 136.55 33.34
C LEU F 387 -12.63 137.88 32.67
N ASN F 388 -13.64 137.96 31.82
CA ASN F 388 -14.12 139.23 31.26
C ASN F 388 -14.85 140.08 32.30
N VAL F 389 -15.54 139.50 33.27
CA VAL F 389 -16.05 140.22 34.46
C VAL F 389 -14.91 140.72 35.35
N LYS F 390 -13.84 139.94 35.56
CA LYS F 390 -12.65 140.43 36.25
C LYS F 390 -11.99 141.58 35.48
N MET F 391 -11.70 141.37 34.21
CA MET F 391 -10.98 142.32 33.35
C MET F 391 -11.79 143.61 33.11
N ALA F 392 -13.12 143.51 33.12
CA ALA F 392 -14.06 144.62 33.19
C ALA F 392 -13.92 145.42 34.48
N LEU F 393 -13.88 144.74 35.64
CA LEU F 393 -13.61 145.41 36.91
C LEU F 393 -12.19 145.99 36.99
N ASP F 394 -11.19 145.35 36.39
CA ASP F 394 -9.83 145.92 36.28
C ASP F 394 -9.83 147.26 35.51
N ILE F 395 -10.46 147.31 34.31
CA ILE F 395 -10.56 148.55 33.51
C ILE F 395 -11.55 149.55 34.09
N GLU F 396 -12.66 149.14 34.72
CA GLU F 396 -13.62 150.04 35.37
C GLU F 396 -13.04 150.66 36.65
N ILE F 397 -12.22 149.91 37.39
CA ILE F 397 -11.37 150.48 38.45
C ILE F 397 -10.37 151.46 37.85
N ALA F 398 -9.72 151.11 36.73
CA ALA F 398 -8.76 151.99 36.05
C ALA F 398 -9.40 153.28 35.53
N THR F 399 -10.65 153.23 35.06
CA THR F 399 -11.32 154.34 34.41
C THR F 399 -12.19 155.14 35.36
N TYR F 400 -12.58 154.55 36.50
CA TYR F 400 -12.87 155.30 37.71
C TYR F 400 -11.62 156.01 38.24
N ARG F 401 -10.40 155.47 38.06
CA ARG F 401 -9.16 156.28 38.29
C ARG F 401 -8.98 157.41 37.26
N LYS F 402 -9.42 157.24 36.01
CA LYS F 402 -9.48 158.33 35.01
C LYS F 402 -10.63 159.33 35.26
N PHE F 418 -5.61 157.45 36.82
CA PHE F 418 -5.34 156.71 35.57
C PHE F 418 -5.04 155.19 35.60
N SER F 419 -4.82 154.56 36.76
CA SER F 419 -4.00 153.36 36.87
C SER F 419 -4.73 152.16 37.50
N SER F 420 -5.14 151.25 36.61
CA SER F 420 -5.36 149.81 36.83
C SER F 420 -5.51 149.08 35.47
N LEU F 421 -4.89 149.65 34.42
CA LEU F 421 -5.33 149.48 33.02
C LEU F 421 -5.32 148.01 32.58
N ASN F 422 -6.45 147.56 32.05
CA ASN F 422 -6.61 146.22 31.49
C ASN F 422 -6.75 146.26 29.96
N LEU F 423 -6.04 145.33 29.32
CA LEU F 423 -6.14 144.94 27.92
C LEU F 423 -5.57 143.50 27.80
N ARG F 424 -5.53 143.02 26.56
CA ARG F 424 -5.03 141.73 26.06
C ARG F 424 -6.00 140.53 26.18
N GLU F 425 -6.15 139.68 25.15
CA GLU F 425 -5.33 139.25 23.98
C GLU F 425 -4.22 138.21 24.29
N THR F 426 -4.35 137.02 23.71
CA THR F 426 -3.33 135.94 23.78
C THR F 426 -2.07 136.20 22.94
N ASN F 427 -2.10 137.15 21.99
CA ASN F 427 -0.93 137.75 21.33
C ASN F 427 -0.08 136.70 20.57
N LEU F 428 1.21 136.53 20.91
CA LEU F 428 2.24 135.92 20.07
C LEU F 428 1.96 134.43 19.80
N ASP F 429 1.96 134.06 18.51
CA ASP F 429 1.80 132.66 18.03
C ASP F 429 0.54 131.94 18.57
N SER F 430 -0.46 132.73 18.97
CA SER F 430 -1.51 132.27 19.90
C SER F 430 -2.78 131.71 19.26
N LEU F 431 -2.87 131.78 17.92
CA LEU F 431 -3.49 130.74 17.11
C LEU F 431 -2.34 129.94 16.46
N PRO F 432 -1.76 128.94 17.16
CA PRO F 432 -0.49 128.34 16.77
C PRO F 432 -0.60 127.53 15.48
N LEU F 433 0.52 126.95 15.04
CA LEU F 433 0.59 125.86 14.07
C LEU F 433 0.09 124.51 14.64
N VAL F 434 -1.17 124.49 15.07
CA VAL F 434 -1.91 123.30 15.53
C VAL F 434 -2.25 122.46 14.30
N ASP F 435 -1.26 121.71 13.82
CA ASP F 435 -1.35 120.99 12.55
C ASP F 435 -1.09 119.48 12.70
N THR F 436 -2.03 118.63 13.13
CA THR F 436 -3.36 118.82 13.76
C THR F 436 -4.43 119.63 12.99
N HIS F 437 -4.66 119.47 11.68
CA HIS F 437 -4.33 118.35 10.78
C HIS F 437 -4.43 116.97 11.44
N SER F 438 -5.58 116.78 12.11
CA SER F 438 -5.89 115.58 12.89
C SER F 438 -6.24 114.41 11.96
N LYS F 439 -6.49 113.24 12.55
CA LYS F 439 -6.64 111.93 11.88
C LYS F 439 -7.90 111.88 11.03
N ARG F 440 -7.82 112.46 9.83
CA ARG F 440 -8.79 112.33 8.74
C ARG F 440 -8.57 111.02 7.96
N THR F 441 -8.70 109.90 8.66
CA THR F 441 -8.44 108.56 8.12
C THR F 441 -9.56 108.11 7.17
N LEU F 442 -9.40 108.33 5.86
CA LEU F 442 -10.25 107.64 4.86
C LEU F 442 -9.89 106.15 4.84
N LEU F 443 -10.67 105.34 5.56
CA LEU F 443 -10.58 103.89 5.54
C LEU F 443 -11.47 103.33 4.43
N ILE F 444 -10.88 103.11 3.25
CA ILE F 444 -11.54 102.34 2.19
C ILE F 444 -11.36 100.85 2.51
N LYS F 445 -12.44 100.11 2.82
CA LYS F 445 -12.40 98.63 2.90
C LYS F 445 -12.56 98.05 1.48
N THR F 446 -11.49 98.11 0.69
CA THR F 446 -11.48 97.53 -0.65
C THR F 446 -11.43 96.01 -0.56
N VAL F 447 -12.60 95.36 -0.47
CA VAL F 447 -12.71 93.89 -0.55
C VAL F 447 -12.85 93.47 -2.01
N GLU F 448 -11.75 93.02 -2.59
CA GLU F 448 -11.66 92.61 -3.99
C GLU F 448 -12.24 91.20 -4.18
N THR F 449 -13.57 91.14 -4.26
CA THR F 449 -14.39 89.90 -4.31
C THR F 449 -14.18 89.13 -5.62
N ARG F 450 -13.05 88.44 -5.72
CA ARG F 450 -12.97 87.06 -6.22
C ARG F 450 -12.93 86.14 -5.00
N ASP F 451 -14.06 86.09 -4.31
CA ASP F 451 -14.23 85.40 -3.04
C ASP F 451 -13.39 86.00 -1.88
N GLY F 452 -13.40 85.32 -0.72
CA GLY F 452 -13.35 85.96 0.59
C GLY F 452 -12.16 85.51 1.43
N GLN F 453 -12.04 84.20 1.67
CA GLN F 453 -10.80 83.61 2.18
C GLN F 453 -9.65 83.61 1.13
N VAL F 454 -9.87 84.13 -0.08
CA VAL F 454 -8.85 84.32 -1.14
C VAL F 454 -8.77 85.76 -1.69
N ILE F 455 -8.40 86.80 -0.93
CA ILE F 455 -8.13 86.97 0.52
C ILE F 455 -8.18 88.48 0.90
N ASN F 456 -8.64 89.32 -0.03
CA ASN F 456 -8.21 90.72 -0.16
C ASN F 456 -9.02 91.71 0.68
N GLU F 457 -8.92 91.61 2.01
CA GLU F 457 -9.39 92.64 2.95
C GLU F 457 -8.52 93.91 2.96
N THR F 458 -8.42 94.64 1.84
CA THR F 458 -7.60 95.86 1.77
C THR F 458 -8.28 97.04 2.48
N SER F 459 -8.17 97.08 3.81
CA SER F 459 -8.46 98.24 4.66
C SER F 459 -7.41 99.34 4.48
N GLN F 460 -7.44 100.04 3.34
CA GLN F 460 -6.57 101.18 3.04
C GLN F 460 -6.86 102.32 4.03
N HIS F 461 -6.06 102.43 5.09
CA HIS F 461 -6.09 103.57 6.02
C HIS F 461 -5.36 104.77 5.38
N HIS F 462 -6.04 105.59 4.58
CA HIS F 462 -5.49 106.90 4.19
C HIS F 462 -5.66 107.87 5.36
N ASP F 463 -4.81 107.73 6.37
CA ASP F 463 -4.57 108.72 7.44
C ASP F 463 -4.10 110.04 6.79
N ASP F 464 -5.08 110.91 6.46
CA ASP F 464 -4.82 112.24 5.91
C ASP F 464 -4.66 113.26 7.04
N LEU F 465 -3.83 114.27 6.77
CA LEU F 465 -3.50 115.36 7.70
C LEU F 465 -3.96 116.69 7.06
N GLU F 466 -5.28 116.91 7.06
CA GLU F 466 -6.02 118.01 6.38
C GLU F 466 -5.78 119.41 6.96
N ILE G 182 -48.66 -131.96 -83.30
CA ILE G 182 -48.28 -130.85 -84.19
C ILE G 182 -49.52 -130.14 -84.76
N MET G 183 -50.66 -130.79 -85.00
CA MET G 183 -51.88 -130.13 -85.51
C MET G 183 -52.52 -129.22 -84.45
N ARG G 184 -52.62 -129.72 -83.21
CA ARG G 184 -53.00 -128.92 -82.04
C ARG G 184 -52.04 -127.76 -81.82
N LEU G 185 -50.73 -128.04 -81.87
CA LEU G 185 -49.69 -127.02 -81.80
C LEU G 185 -49.86 -126.01 -82.93
N ARG G 186 -49.99 -126.40 -84.20
CA ARG G 186 -50.17 -125.53 -85.37
C ARG G 186 -51.37 -124.59 -85.25
N GLU G 187 -52.52 -125.08 -84.77
CA GLU G 187 -53.70 -124.24 -84.53
C GLU G 187 -53.48 -123.26 -83.37
N LYS G 188 -52.95 -123.75 -82.25
CA LYS G 188 -52.48 -122.91 -81.13
C LYS G 188 -51.33 -121.98 -81.50
N LEU G 189 -50.57 -122.29 -82.53
CA LEU G 189 -49.36 -121.58 -82.97
C LEU G 189 -49.73 -120.48 -83.96
N GLN G 190 -50.83 -120.64 -84.71
CA GLN G 190 -51.52 -119.53 -85.38
C GLN G 190 -52.13 -118.55 -84.35
N GLU G 191 -52.73 -119.07 -83.26
CA GLU G 191 -53.16 -118.22 -82.13
C GLU G 191 -51.97 -117.56 -81.41
N GLU G 192 -50.85 -118.27 -81.20
CA GLU G 192 -49.63 -117.68 -80.64
C GLU G 192 -49.02 -116.62 -81.55
N MET G 193 -48.94 -116.80 -82.87
CA MET G 193 -48.38 -115.74 -83.73
C MET G 193 -49.23 -114.46 -83.71
N LEU G 194 -50.53 -114.58 -83.46
CA LEU G 194 -51.37 -113.43 -83.10
C LEU G 194 -51.05 -112.87 -81.71
N GLN G 195 -50.80 -113.69 -80.69
CA GLN G 195 -50.34 -113.23 -79.37
C GLN G 195 -48.96 -112.53 -79.41
N ARG G 196 -48.02 -112.99 -80.24
CA ARG G 196 -46.69 -112.37 -80.39
C ARG G 196 -46.68 -111.19 -81.37
N GLU G 197 -47.59 -111.14 -82.34
CA GLU G 197 -47.83 -109.93 -83.14
C GLU G 197 -48.58 -108.84 -82.35
N GLU G 198 -49.43 -109.25 -81.39
CA GLU G 198 -49.97 -108.38 -80.35
C GLU G 198 -48.85 -107.85 -79.45
N ALA G 199 -47.88 -108.68 -79.05
CA ALA G 199 -46.69 -108.24 -78.32
C ALA G 199 -45.80 -107.29 -79.13
N GLU G 200 -45.51 -107.58 -80.42
CA GLU G 200 -44.78 -106.67 -81.30
C GLU G 200 -45.48 -105.30 -81.41
N ASN G 201 -46.76 -105.26 -81.79
CA ASN G 201 -47.45 -104.00 -82.05
C ASN G 201 -47.73 -103.21 -80.76
N THR G 202 -48.06 -103.89 -79.66
CA THR G 202 -48.29 -103.29 -78.35
C THR G 202 -47.01 -102.69 -77.78
N LEU G 203 -45.94 -103.49 -77.73
CA LEU G 203 -44.65 -103.04 -77.19
C LEU G 203 -43.92 -102.09 -78.17
N GLN G 204 -44.25 -102.09 -79.47
CA GLN G 204 -43.71 -101.10 -80.42
C GLN G 204 -44.46 -99.77 -80.38
N SER G 205 -45.75 -99.78 -80.03
CA SER G 205 -46.49 -98.57 -79.65
C SER G 205 -45.93 -97.98 -78.34
N PHE G 206 -45.61 -98.84 -77.37
CA PHE G 206 -44.92 -98.44 -76.14
C PHE G 206 -43.44 -98.03 -76.35
N ARG G 207 -42.75 -98.52 -77.40
CA ARG G 207 -41.46 -97.96 -77.86
C ARG G 207 -41.60 -96.58 -78.47
N GLN G 208 -42.63 -96.34 -79.28
CA GLN G 208 -42.93 -94.98 -79.74
C GLN G 208 -43.26 -94.06 -78.56
N ASP G 209 -43.88 -94.58 -77.50
CA ASP G 209 -44.12 -93.82 -76.27
C ASP G 209 -42.93 -93.72 -75.29
N VAL G 210 -41.81 -94.42 -75.49
CA VAL G 210 -40.52 -93.98 -74.92
C VAL G 210 -40.14 -92.64 -75.51
N ASP G 211 -40.10 -92.57 -76.84
CA ASP G 211 -39.74 -91.39 -77.60
C ASP G 211 -40.74 -90.26 -77.35
N ASN G 212 -42.05 -90.49 -77.50
CA ASN G 212 -43.10 -89.50 -77.26
C ASN G 212 -43.13 -89.01 -75.80
N ALA G 213 -43.10 -89.90 -74.80
CA ALA G 213 -43.26 -89.48 -73.41
C ALA G 213 -42.00 -88.78 -72.87
N SER G 214 -40.81 -89.28 -73.21
CA SER G 214 -39.56 -88.60 -72.86
C SER G 214 -39.31 -87.36 -73.72
N LEU G 215 -39.87 -87.26 -74.93
CA LEU G 215 -39.83 -86.04 -75.75
C LEU G 215 -40.85 -85.00 -75.30
N ALA G 216 -42.00 -85.41 -74.75
CA ALA G 216 -42.93 -84.52 -74.04
C ALA G 216 -42.35 -83.99 -72.72
N ARG G 217 -41.51 -84.79 -72.04
CA ARG G 217 -40.61 -84.32 -70.98
C ARG G 217 -39.64 -83.26 -71.50
N LEU G 218 -38.89 -83.58 -72.56
CA LEU G 218 -37.84 -82.70 -73.05
C LEU G 218 -38.32 -81.41 -73.71
N ASP G 219 -39.44 -81.40 -74.42
CA ASP G 219 -39.93 -80.23 -75.14
C ASP G 219 -40.40 -79.13 -74.17
N LEU G 220 -40.86 -79.53 -72.97
CA LEU G 220 -41.09 -78.66 -71.82
C LEU G 220 -39.80 -78.33 -71.06
N GLU G 221 -38.94 -79.31 -70.78
CA GLU G 221 -37.68 -79.07 -70.05
C GLU G 221 -36.72 -78.16 -70.79
N ARG G 222 -36.59 -78.30 -72.11
CA ARG G 222 -35.81 -77.38 -72.96
C ARG G 222 -36.37 -75.97 -72.98
N LYS G 223 -37.70 -75.80 -72.88
CA LYS G 223 -38.33 -74.48 -72.75
C LYS G 223 -37.98 -73.82 -71.43
N VAL G 224 -38.06 -74.55 -70.31
CA VAL G 224 -37.67 -74.02 -69.00
C VAL G 224 -36.14 -73.84 -68.89
N GLU G 225 -35.34 -74.72 -69.51
CA GLU G 225 -33.86 -74.64 -69.58
C GLU G 225 -33.41 -73.38 -70.33
N SER G 226 -34.04 -73.12 -71.49
CA SER G 226 -33.82 -71.90 -72.28
C SER G 226 -34.31 -70.65 -71.54
N LEU G 227 -35.49 -70.70 -70.91
CA LEU G 227 -36.02 -69.57 -70.14
C LEU G 227 -35.20 -69.26 -68.88
N GLN G 228 -34.56 -70.25 -68.25
CA GLN G 228 -33.67 -70.03 -67.10
C GLN G 228 -32.28 -69.51 -67.52
N GLU G 229 -31.74 -69.91 -68.68
CA GLU G 229 -30.60 -69.21 -69.27
C GLU G 229 -30.96 -67.78 -69.73
N GLU G 230 -32.17 -67.56 -70.27
CA GLU G 230 -32.68 -66.23 -70.59
C GLU G 230 -32.94 -65.37 -69.34
N ILE G 231 -33.36 -65.93 -68.20
CA ILE G 231 -33.45 -65.20 -66.93
C ILE G 231 -32.05 -64.85 -66.42
N ALA G 232 -31.08 -65.77 -66.47
CA ALA G 232 -29.69 -65.46 -66.16
C ALA G 232 -29.11 -64.39 -67.09
N PHE G 233 -29.47 -64.40 -68.38
CA PHE G 233 -29.05 -63.42 -69.38
C PHE G 233 -29.69 -62.04 -69.17
N LEU G 234 -31.00 -62.00 -68.90
CA LEU G 234 -31.73 -60.79 -68.48
C LEU G 234 -31.25 -60.23 -67.15
N LYS G 235 -30.71 -61.06 -66.24
CA LYS G 235 -30.17 -60.61 -64.96
C LYS G 235 -28.70 -60.17 -65.00
N LYS G 236 -27.86 -60.76 -65.87
CA LYS G 236 -26.55 -60.20 -66.22
C LYS G 236 -26.62 -58.98 -67.17
N LEU G 237 -27.76 -58.72 -67.81
CA LEU G 237 -28.11 -57.44 -68.46
C LEU G 237 -28.75 -56.42 -67.50
N HIS G 238 -29.58 -56.85 -66.55
CA HIS G 238 -30.09 -55.96 -65.49
C HIS G 238 -28.98 -55.43 -64.58
N GLU G 239 -27.83 -56.11 -64.52
CA GLU G 239 -26.60 -55.59 -63.93
C GLU G 239 -26.11 -54.29 -64.61
N GLU G 240 -26.26 -54.19 -65.93
CA GLU G 240 -25.94 -53.00 -66.73
C GLU G 240 -27.02 -51.90 -66.60
N GLU G 241 -28.29 -52.27 -66.42
CA GLU G 241 -29.36 -51.30 -66.08
C GLU G 241 -29.18 -50.68 -64.68
N ILE G 242 -28.77 -51.46 -63.67
CA ILE G 242 -28.36 -50.90 -62.36
C ILE G 242 -27.03 -50.13 -62.51
N GLN G 243 -26.18 -50.43 -63.50
CA GLN G 243 -24.97 -49.64 -63.75
C GLN G 243 -25.26 -48.27 -64.41
N GLU G 244 -26.35 -48.10 -65.15
CA GLU G 244 -26.82 -46.77 -65.55
C GLU G 244 -27.40 -45.97 -64.36
N LEU G 245 -28.04 -46.63 -63.38
CA LEU G 245 -28.40 -45.99 -62.11
C LEU G 245 -27.14 -45.59 -61.30
N GLN G 246 -26.16 -46.48 -61.16
CA GLN G 246 -24.90 -46.17 -60.47
C GLN G 246 -24.12 -45.05 -61.20
N ALA G 247 -24.23 -44.96 -62.52
CA ALA G 247 -23.69 -43.84 -63.30
C ALA G 247 -24.38 -42.51 -63.02
N GLN G 248 -25.71 -42.47 -62.82
CA GLN G 248 -26.40 -41.26 -62.34
C GLN G 248 -25.87 -40.84 -60.96
N ILE G 249 -25.72 -41.78 -60.03
CA ILE G 249 -25.17 -41.49 -58.68
C ILE G 249 -23.72 -41.00 -58.77
N GLN G 250 -22.95 -41.47 -59.76
CA GLN G 250 -21.58 -41.05 -60.04
C GLN G 250 -21.49 -39.65 -60.70
N GLU G 251 -22.51 -39.23 -61.46
CA GLU G 251 -22.60 -37.91 -62.10
C GLU G 251 -23.19 -36.79 -61.22
N GLN G 252 -23.87 -37.09 -60.10
CA GLN G 252 -24.48 -36.12 -59.17
C GLN G 252 -23.49 -35.23 -58.36
N HIS G 253 -22.30 -34.94 -58.91
CA HIS G 253 -21.09 -34.53 -58.20
C HIS G 253 -20.42 -33.18 -58.62
N VAL G 254 -20.93 -32.16 -59.33
CA VAL G 254 -22.25 -31.50 -59.58
C VAL G 254 -22.92 -30.85 -58.36
N GLN G 255 -23.37 -29.58 -58.53
CA GLN G 255 -23.90 -28.58 -57.56
C GLN G 255 -22.87 -27.67 -56.84
N ILE G 256 -23.40 -26.81 -55.95
CA ILE G 256 -22.76 -25.66 -55.28
C ILE G 256 -23.05 -25.67 -53.78
N ASP G 257 -22.24 -24.95 -53.01
CA ASP G 257 -22.37 -24.78 -51.55
C ASP G 257 -23.74 -24.21 -51.13
N VAL G 258 -24.36 -24.91 -50.18
CA VAL G 258 -25.73 -24.72 -49.71
C VAL G 258 -25.77 -23.77 -48.51
N ASP G 259 -26.53 -22.69 -48.64
CA ASP G 259 -26.73 -21.59 -47.67
C ASP G 259 -25.46 -20.85 -47.16
N VAL G 260 -24.25 -21.39 -47.32
CA VAL G 260 -23.00 -20.63 -47.11
C VAL G 260 -22.50 -19.92 -48.35
N SER G 261 -22.71 -20.43 -49.57
CA SER G 261 -22.48 -19.69 -50.83
C SER G 261 -23.51 -18.59 -51.12
N LYS G 262 -24.18 -18.10 -50.08
CA LYS G 262 -25.18 -17.05 -50.08
C LYS G 262 -24.72 -15.87 -49.20
N PRO G 263 -23.52 -15.27 -49.46
CA PRO G 263 -22.94 -14.22 -48.63
C PRO G 263 -23.82 -12.96 -48.68
N ASP G 264 -24.70 -12.80 -47.69
CA ASP G 264 -26.12 -12.54 -48.00
C ASP G 264 -26.40 -11.19 -48.68
N LEU G 265 -27.06 -11.26 -49.85
CA LEU G 265 -27.63 -10.11 -50.54
C LEU G 265 -28.85 -9.54 -49.81
N THR G 266 -29.66 -10.38 -49.16
CA THR G 266 -30.83 -9.91 -48.41
C THR G 266 -30.43 -9.20 -47.12
N ALA G 267 -29.29 -9.55 -46.52
CA ALA G 267 -28.63 -8.76 -45.49
C ALA G 267 -28.15 -7.40 -46.01
N ALA G 268 -27.52 -7.33 -47.19
CA ALA G 268 -27.14 -6.04 -47.78
C ALA G 268 -28.34 -5.13 -48.12
N LEU G 269 -29.46 -5.71 -48.58
CA LEU G 269 -30.72 -4.98 -48.79
C LEU G 269 -31.48 -4.65 -47.48
N ARG G 270 -31.23 -5.38 -46.40
CA ARG G 270 -31.79 -5.19 -45.05
C ARG G 270 -31.06 -4.07 -44.31
N ASP G 271 -29.73 -4.02 -44.43
CA ASP G 271 -28.87 -2.93 -44.00
C ASP G 271 -29.29 -1.59 -44.59
N VAL G 272 -29.36 -1.48 -45.93
CA VAL G 272 -29.74 -0.23 -46.61
C VAL G 272 -31.14 0.27 -46.20
N ARG G 273 -32.08 -0.61 -45.89
CA ARG G 273 -33.42 -0.23 -45.40
C ARG G 273 -33.41 0.25 -43.95
N GLN G 274 -32.80 -0.51 -43.06
CA GLN G 274 -32.70 -0.18 -41.63
C GLN G 274 -31.79 1.03 -41.38
N GLN G 275 -30.80 1.25 -42.24
CA GLN G 275 -29.95 2.43 -42.31
C GLN G 275 -30.73 3.66 -42.81
N TYR G 276 -31.57 3.56 -43.85
CA TYR G 276 -32.46 4.67 -44.24
C TYR G 276 -33.56 4.98 -43.22
N GLU G 277 -34.13 3.98 -42.55
CA GLU G 277 -35.08 4.15 -41.45
C GLU G 277 -34.45 4.90 -40.27
N SER G 278 -33.21 4.53 -39.91
CA SER G 278 -32.42 5.18 -38.86
C SER G 278 -31.99 6.61 -39.24
N VAL G 279 -31.53 6.81 -40.48
CA VAL G 279 -31.12 8.12 -41.01
C VAL G 279 -32.29 9.08 -41.10
N ALA G 280 -33.46 8.62 -41.57
CA ALA G 280 -34.67 9.46 -41.64
C ALA G 280 -35.14 9.90 -40.25
N ALA G 281 -35.10 9.01 -39.25
CA ALA G 281 -35.40 9.37 -37.87
C ALA G 281 -34.39 10.35 -37.28
N LYS G 282 -33.08 10.10 -37.44
CA LYS G 282 -32.02 10.93 -36.83
C LYS G 282 -31.84 12.29 -37.48
N ASN G 283 -31.99 12.40 -38.80
CA ASN G 283 -32.01 13.67 -39.52
C ASN G 283 -33.20 14.57 -39.11
N LEU G 284 -34.35 13.98 -38.74
CA LEU G 284 -35.49 14.74 -38.18
C LEU G 284 -35.26 15.13 -36.72
N GLN G 285 -34.70 14.23 -35.89
CA GLN G 285 -34.44 14.47 -34.47
C GLN G 285 -33.32 15.49 -34.22
N GLU G 286 -32.27 15.50 -35.05
CA GLU G 286 -31.23 16.54 -35.08
C GLU G 286 -31.82 17.94 -35.36
N ALA G 287 -32.73 18.03 -36.33
CA ALA G 287 -33.37 19.28 -36.70
C ALA G 287 -34.32 19.82 -35.61
N GLU G 288 -35.03 18.93 -34.89
CA GLU G 288 -35.84 19.29 -33.72
C GLU G 288 -34.97 19.74 -32.53
N GLU G 289 -33.86 19.05 -32.27
CA GLU G 289 -32.98 19.34 -31.13
C GLU G 289 -32.16 20.62 -31.33
N TRP G 290 -31.75 20.92 -32.57
CA TRP G 290 -31.23 22.24 -32.93
C TRP G 290 -32.30 23.33 -32.86
N TYR G 291 -33.56 23.05 -33.20
CA TYR G 291 -34.64 24.03 -33.01
C TYR G 291 -34.84 24.41 -31.53
N LYS G 292 -34.85 23.43 -30.60
CA LYS G 292 -34.91 23.69 -29.14
C LYS G 292 -33.71 24.51 -28.66
N SER G 293 -32.51 24.12 -29.11
CA SER G 293 -31.24 24.69 -28.66
C SER G 293 -31.03 26.12 -29.15
N LYS G 294 -31.37 26.38 -30.42
CA LYS G 294 -31.43 27.71 -31.02
C LYS G 294 -32.49 28.59 -30.36
N PHE G 295 -33.63 28.01 -29.97
CA PHE G 295 -34.67 28.74 -29.23
C PHE G 295 -34.19 29.15 -27.82
N ALA G 296 -33.38 28.34 -27.14
CA ALA G 296 -32.77 28.68 -25.86
C ALA G 296 -31.75 29.83 -25.96
N ASP G 297 -30.83 29.75 -26.93
CA ASP G 297 -29.85 30.80 -27.26
C ASP G 297 -30.53 32.15 -27.56
N LEU G 298 -31.45 32.17 -28.53
CA LEU G 298 -32.17 33.38 -28.92
C LEU G 298 -33.03 33.96 -27.79
N SER G 299 -33.68 33.11 -26.99
CA SER G 299 -34.50 33.55 -25.86
C SER G 299 -33.68 34.16 -24.74
N GLU G 300 -32.54 33.56 -24.38
CA GLU G 300 -31.69 34.08 -23.31
C GLU G 300 -30.75 35.21 -23.75
N ALA G 301 -30.44 35.34 -25.04
CA ALA G 301 -29.87 36.55 -25.61
C ALA G 301 -30.89 37.71 -25.58
N ALA G 302 -32.16 37.44 -25.89
CA ALA G 302 -33.23 38.42 -25.72
C ALA G 302 -33.51 38.76 -24.25
N ASN G 303 -33.39 37.81 -23.32
CA ASN G 303 -33.45 38.08 -21.88
C ASN G 303 -32.26 38.91 -21.40
N ARG G 304 -31.03 38.67 -21.89
CA ARG G 304 -29.86 39.46 -21.51
C ARG G 304 -30.00 40.92 -21.90
N ASN G 305 -30.46 41.15 -23.13
CA ASN G 305 -30.72 42.51 -23.63
C ASN G 305 -31.86 43.17 -22.85
N ASN G 306 -32.95 42.45 -22.55
CA ASN G 306 -34.00 42.94 -21.65
C ASN G 306 -33.48 43.28 -20.25
N ASP G 307 -32.54 42.50 -19.70
CA ASP G 307 -32.11 42.60 -18.31
C ASP G 307 -31.01 43.62 -18.06
N ALA G 308 -30.06 43.77 -18.99
CA ALA G 308 -29.16 44.92 -19.02
C ALA G 308 -29.95 46.25 -19.23
N LEU G 309 -31.00 46.21 -20.06
CA LEU G 309 -31.98 47.31 -20.19
C LEU G 309 -32.92 47.48 -18.97
N ARG G 310 -32.88 46.62 -17.95
CA ARG G 310 -33.58 46.79 -16.65
C ARG G 310 -32.64 47.27 -15.55
N GLN G 311 -31.42 46.74 -15.49
CA GLN G 311 -30.32 47.22 -14.63
C GLN G 311 -30.04 48.71 -14.89
N ALA G 312 -29.85 49.06 -16.17
CA ALA G 312 -29.69 50.44 -16.64
C ALA G 312 -30.93 51.33 -16.47
N LYS G 313 -32.14 50.76 -16.28
CA LYS G 313 -33.36 51.52 -15.97
C LYS G 313 -33.57 51.76 -14.47
N GLN G 314 -33.08 50.87 -13.62
CA GLN G 314 -33.02 51.11 -12.17
C GLN G 314 -31.97 52.18 -11.84
N GLU G 315 -30.80 52.07 -12.48
CA GLU G 315 -29.73 53.08 -12.52
C GLU G 315 -30.18 54.42 -13.15
N SER G 316 -30.90 54.39 -14.28
CA SER G 316 -31.50 55.61 -14.85
C SER G 316 -32.55 56.24 -13.94
N THR G 317 -33.28 55.46 -13.13
CA THR G 317 -34.27 56.00 -12.19
C THR G 317 -33.59 56.64 -10.98
N GLU G 318 -32.43 56.13 -10.59
CA GLU G 318 -31.59 56.63 -9.50
C GLU G 318 -30.94 57.98 -9.81
N TYR G 319 -30.12 58.03 -10.86
CA TYR G 319 -29.40 59.26 -11.20
C TYR G 319 -30.34 60.39 -11.65
N ARG G 320 -31.51 60.07 -12.23
CA ARG G 320 -32.56 61.08 -12.49
C ARG G 320 -33.13 61.67 -11.21
N ARG G 321 -33.41 60.86 -10.18
CA ARG G 321 -33.89 61.36 -8.88
C ARG G 321 -32.85 62.19 -8.16
N GLN G 322 -31.59 61.74 -8.16
CA GLN G 322 -30.48 62.47 -7.53
C GLN G 322 -30.21 63.81 -8.25
N VAL G 323 -30.29 63.85 -9.58
CA VAL G 323 -30.20 65.09 -10.39
C VAL G 323 -31.42 66.01 -10.19
N GLN G 324 -32.63 65.47 -10.07
CA GLN G 324 -33.83 66.27 -9.77
C GLN G 324 -33.81 66.84 -8.34
N SER G 325 -33.25 66.11 -7.38
CA SER G 325 -33.02 66.58 -6.00
C SER G 325 -31.96 67.70 -5.98
N LEU G 326 -30.88 67.55 -6.75
CA LEU G 326 -29.88 68.59 -7.00
C LEU G 326 -30.43 69.80 -7.77
N THR G 327 -31.45 69.62 -8.61
CA THR G 327 -32.12 70.75 -9.28
C THR G 327 -32.94 71.57 -8.27
N CYS G 328 -33.59 70.90 -7.32
CA CYS G 328 -34.29 71.55 -6.20
C CYS G 328 -33.32 72.28 -5.26
N GLU G 329 -32.10 71.75 -5.04
CA GLU G 329 -31.01 72.48 -4.37
C GLU G 329 -30.66 73.77 -5.09
N VAL G 330 -30.34 73.70 -6.38
CA VAL G 330 -29.81 74.83 -7.14
C VAL G 330 -30.81 75.99 -7.24
N ASP G 331 -32.11 75.71 -7.17
CA ASP G 331 -33.14 76.75 -7.16
C ASP G 331 -33.61 77.18 -5.75
N ALA G 332 -33.45 76.34 -4.72
CA ALA G 332 -33.61 76.72 -3.31
C ALA G 332 -32.42 77.51 -2.73
N LEU G 333 -31.20 77.25 -3.22
CA LEU G 333 -29.99 78.05 -3.00
C LEU G 333 -30.18 79.45 -3.58
N LYS G 334 -30.61 79.59 -4.84
CA LYS G 334 -30.89 80.92 -5.44
C LYS G 334 -31.95 81.74 -4.70
N GLY G 335 -33.04 81.12 -4.22
CA GLY G 335 -34.03 81.81 -3.37
C GLY G 335 -33.51 82.20 -1.98
N THR G 336 -32.37 81.62 -1.58
CA THR G 336 -31.61 81.97 -0.38
C THR G 336 -30.43 82.93 -0.66
N ASN G 337 -29.91 82.96 -1.88
CA ASN G 337 -29.04 84.02 -2.44
C ASN G 337 -29.83 85.35 -2.58
N GLU G 338 -31.10 85.28 -3.01
CA GLU G 338 -32.11 86.36 -2.91
C GLU G 338 -32.54 86.71 -1.46
N SER G 339 -32.19 85.85 -0.49
CA SER G 339 -32.32 86.17 0.93
C SER G 339 -31.05 86.84 1.50
N LEU G 340 -29.84 86.50 1.04
CA LEU G 340 -28.60 87.22 1.37
C LEU G 340 -28.62 88.68 0.86
N GLU G 341 -29.23 88.91 -0.30
CA GLU G 341 -29.56 90.25 -0.79
C GLU G 341 -30.55 91.05 0.09
N ARG G 342 -31.20 90.41 1.08
CA ARG G 342 -31.97 91.07 2.16
C ARG G 342 -31.17 91.27 3.44
N GLN G 343 -30.27 90.34 3.78
CA GLN G 343 -29.37 90.48 4.94
C GLN G 343 -28.34 91.60 4.71
N MET G 344 -27.98 91.88 3.45
CA MET G 344 -27.26 93.12 3.09
C MET G 344 -28.12 94.41 3.19
N ARG G 345 -29.44 94.31 3.39
CA ARG G 345 -30.36 95.42 3.74
C ARG G 345 -30.64 95.50 5.23
N GLU G 346 -30.65 94.39 5.95
CA GLU G 346 -30.58 94.38 7.42
C GLU G 346 -29.24 94.97 7.91
N MET G 347 -28.17 94.87 7.11
CA MET G 347 -26.94 95.66 7.24
C MET G 347 -27.16 97.18 7.07
N GLU G 348 -27.85 97.58 6.01
CA GLU G 348 -28.13 98.98 5.71
C GLU G 348 -29.13 99.60 6.71
N GLU G 349 -29.97 98.79 7.36
CA GLU G 349 -30.83 99.16 8.50
C GLU G 349 -30.04 99.25 9.82
N ASN G 350 -29.09 98.35 10.08
CA ASN G 350 -28.15 98.50 11.19
C ASN G 350 -27.21 99.72 11.02
N PHE G 351 -26.87 100.09 9.78
CA PHE G 351 -26.26 101.38 9.48
C PHE G 351 -27.25 102.56 9.55
N ALA G 352 -28.54 102.37 9.34
CA ALA G 352 -29.56 103.38 9.64
C ALA G 352 -29.71 103.62 11.16
N VAL G 353 -29.47 102.61 12.00
CA VAL G 353 -29.35 102.80 13.47
C VAL G 353 -28.04 103.49 13.85
N GLU G 354 -26.93 103.24 13.15
CA GLU G 354 -25.69 104.02 13.29
C GLU G 354 -25.88 105.50 12.93
N ALA G 355 -26.57 105.75 11.82
CA ALA G 355 -26.94 107.08 11.36
C ALA G 355 -28.00 107.76 12.27
N ALA G 356 -28.85 107.01 12.96
CA ALA G 356 -29.82 107.54 13.93
C ALA G 356 -29.15 107.92 15.26
N ASN G 357 -28.25 107.08 15.78
CA ASN G 357 -27.41 107.43 16.93
C ASN G 357 -26.38 108.53 16.59
N TYR G 358 -25.97 108.64 15.32
CA TYR G 358 -25.18 109.77 14.80
C TYR G 358 -26.03 111.03 14.54
N GLN G 359 -27.33 110.91 14.27
CA GLN G 359 -28.25 112.05 14.22
C GLN G 359 -28.46 112.65 15.61
N ASP G 360 -28.72 111.84 16.63
CA ASP G 360 -28.82 112.33 18.01
C ASP G 360 -27.46 112.81 18.56
N THR G 361 -26.34 112.22 18.10
CA THR G 361 -24.99 112.78 18.31
C THR G 361 -24.88 114.20 17.78
N ILE G 362 -25.11 114.37 16.47
CA ILE G 362 -24.92 115.66 15.80
C ILE G 362 -25.92 116.68 16.31
N GLY G 363 -27.18 116.33 16.53
CA GLY G 363 -28.21 117.23 17.05
C GLY G 363 -27.89 117.71 18.47
N ARG G 364 -27.65 116.78 19.40
CA ARG G 364 -27.46 117.11 20.82
C ARG G 364 -26.14 117.85 21.08
N LEU G 365 -25.06 117.47 20.40
CA LEU G 365 -23.81 118.24 20.47
C LEU G 365 -23.94 119.59 19.76
N GLN G 366 -24.56 119.66 18.56
CA GLN G 366 -24.55 120.89 17.76
C GLN G 366 -25.44 121.98 18.33
N ASP G 367 -26.65 121.64 18.81
CA ASP G 367 -27.58 122.63 19.34
C ASP G 367 -27.01 123.31 20.58
N GLU G 368 -26.44 122.58 21.54
CA GLU G 368 -25.84 123.21 22.72
C GLU G 368 -24.43 123.80 22.47
N ILE G 369 -23.61 123.26 21.56
CA ILE G 369 -22.32 123.89 21.21
C ILE G 369 -22.52 125.14 20.35
N GLN G 370 -23.66 125.27 19.66
CA GLN G 370 -24.06 126.49 18.97
C GLN G 370 -24.80 127.49 19.88
N ASN G 371 -25.62 127.03 20.83
CA ASN G 371 -26.18 127.86 21.90
C ASN G 371 -25.05 128.51 22.70
N MET G 372 -24.03 127.71 23.06
CA MET G 372 -22.75 128.17 23.60
C MET G 372 -22.07 129.18 22.66
N LYS G 373 -21.77 128.82 21.41
CA LYS G 373 -20.97 129.69 20.53
C LYS G 373 -21.64 131.04 20.26
N GLU G 374 -22.97 131.05 20.15
CA GLU G 374 -23.76 132.26 19.98
C GLU G 374 -23.95 133.04 21.28
N GLU G 375 -24.31 132.41 22.39
CA GLU G 375 -24.43 133.05 23.70
C GLU G 375 -23.11 133.66 24.15
N MET G 376 -21.98 132.98 23.97
CA MET G 376 -20.69 133.43 24.52
C MET G 376 -20.12 134.61 23.72
N ALA G 377 -20.29 134.60 22.39
CA ALA G 377 -20.03 135.76 21.54
C ALA G 377 -21.03 136.92 21.77
N ARG G 378 -22.17 136.67 22.45
CA ARG G 378 -23.09 137.67 22.99
C ARG G 378 -22.72 138.13 24.41
N HIS G 379 -22.37 137.25 25.36
CA HIS G 379 -22.03 137.58 26.76
C HIS G 379 -20.83 138.51 26.88
N LEU G 380 -19.77 138.28 26.08
CA LEU G 380 -18.64 139.22 26.01
C LEU G 380 -19.05 140.61 25.52
N ARG G 381 -19.98 140.66 24.57
CA ARG G 381 -20.53 141.89 24.00
C ARG G 381 -21.58 142.55 24.92
N GLU G 382 -22.26 141.76 25.74
CA GLU G 382 -23.29 142.14 26.71
C GLU G 382 -22.67 142.73 27.98
N TYR G 383 -21.60 142.11 28.49
CA TYR G 383 -20.68 142.75 29.43
C TYR G 383 -20.04 143.98 28.81
N GLN G 384 -19.53 143.92 27.57
CA GLN G 384 -19.01 145.12 26.88
C GLN G 384 -20.06 146.24 26.75
N ASP G 385 -21.35 145.94 26.59
CA ASP G 385 -22.40 146.95 26.42
C ASP G 385 -22.96 147.50 27.75
N LEU G 386 -22.95 146.71 28.83
CA LEU G 386 -23.10 147.24 30.20
C LEU G 386 -21.94 148.20 30.54
N LEU G 387 -20.73 147.86 30.07
CA LEU G 387 -19.52 148.68 30.19
C LEU G 387 -19.44 149.84 29.17
N ASN G 388 -20.28 149.80 28.12
CA ASN G 388 -20.50 150.86 27.14
C ASN G 388 -21.54 151.87 27.66
N VAL G 389 -22.57 151.42 28.38
CA VAL G 389 -23.47 152.25 29.19
C VAL G 389 -22.69 152.95 30.30
N LYS G 390 -21.80 152.24 31.01
CA LYS G 390 -20.86 152.84 31.97
C LYS G 390 -19.92 153.86 31.32
N MET G 391 -19.41 153.60 30.12
CA MET G 391 -18.57 154.54 29.37
C MET G 391 -19.33 155.80 28.91
N ALA G 392 -20.57 155.65 28.44
CA ALA G 392 -21.42 156.75 28.01
C ALA G 392 -21.81 157.64 29.20
N LEU G 393 -22.15 157.01 30.33
CA LEU G 393 -22.30 157.68 31.63
C LEU G 393 -21.02 158.41 32.04
N ASP G 394 -19.82 157.84 31.86
CA ASP G 394 -18.56 158.55 32.15
C ASP G 394 -18.38 159.84 31.32
N ILE G 395 -18.74 159.86 30.03
CA ILE G 395 -18.68 161.07 29.19
C ILE G 395 -19.75 162.11 29.58
N PHE G 418 -13.54 158.05 30.01
CA PHE G 418 -13.94 157.10 28.94
C PHE G 418 -13.52 155.67 29.34
N SER G 419 -14.09 154.69 28.64
CA SER G 419 -13.94 153.22 28.78
C SER G 419 -14.58 152.62 30.04
N SER G 420 -15.08 151.40 29.84
CA SER G 420 -14.75 150.22 30.69
C SER G 420 -14.79 148.90 29.89
N LEU G 421 -14.62 149.01 28.57
CA LEU G 421 -14.97 147.97 27.59
C LEU G 421 -14.21 146.64 27.77
N ASN G 422 -14.98 145.56 27.92
CA ASN G 422 -14.44 144.21 28.11
C ASN G 422 -15.15 143.13 27.28
N LEU G 423 -15.02 143.25 25.96
CA LEU G 423 -14.95 142.09 25.06
C LEU G 423 -13.47 141.70 24.92
N ARG G 424 -13.13 140.45 25.24
CA ARG G 424 -11.81 139.80 25.07
C ARG G 424 -12.06 138.36 24.59
N GLU G 425 -10.99 137.62 24.33
CA GLU G 425 -11.05 136.24 23.89
C GLU G 425 -11.76 135.29 24.88
N THR G 426 -12.42 134.27 24.33
CA THR G 426 -13.02 133.16 25.06
C THR G 426 -12.58 131.79 24.53
N ASN G 427 -11.37 131.72 23.98
CA ASN G 427 -10.94 130.65 23.07
C ASN G 427 -11.77 130.64 21.76
N LEU G 428 -12.04 131.83 21.22
CA LEU G 428 -12.52 132.01 19.84
C LEU G 428 -11.43 132.58 18.91
N ASP G 429 -10.43 133.22 19.52
CA ASP G 429 -9.29 133.88 18.88
C ASP G 429 -8.05 132.96 18.89
N SER G 430 -7.82 132.30 20.03
CA SER G 430 -7.12 131.01 20.08
C SER G 430 -8.14 129.88 19.92
N LEU G 431 -7.93 128.97 18.96
CA LEU G 431 -8.82 127.85 18.66
C LEU G 431 -8.02 126.55 18.49
N PRO G 432 -8.59 125.38 18.83
CA PRO G 432 -8.16 124.12 18.25
C PRO G 432 -8.53 124.11 16.77
N LEU G 433 -7.57 123.77 15.91
CA LEU G 433 -7.89 123.01 14.70
C LEU G 433 -7.94 121.52 15.07
N VAL G 434 -8.95 120.81 14.56
CA VAL G 434 -9.08 119.36 14.61
C VAL G 434 -10.05 118.94 13.51
N ASP G 435 -9.70 117.92 12.74
CA ASP G 435 -10.52 117.34 11.68
C ASP G 435 -10.35 115.81 11.65
N THR G 436 -11.43 115.10 11.31
CA THR G 436 -11.53 113.64 11.23
C THR G 436 -12.83 113.26 10.48
N HIS G 437 -13.27 111.99 10.56
CA HIS G 437 -14.51 111.47 9.97
C HIS G 437 -14.54 111.59 8.44
N SER G 438 -13.65 110.81 7.82
CA SER G 438 -13.50 110.69 6.36
C SER G 438 -14.43 109.68 5.70
N LYS G 439 -15.15 108.86 6.50
CA LYS G 439 -15.96 107.68 6.11
C LYS G 439 -15.15 106.39 6.01
N ARG G 440 -15.12 105.65 7.11
CA ARG G 440 -14.64 104.28 7.23
C ARG G 440 -15.71 103.31 6.69
N THR G 441 -15.85 103.32 5.37
CA THR G 441 -16.67 102.40 4.57
C THR G 441 -16.22 100.93 4.71
N LEU G 442 -16.64 100.25 5.79
CA LEU G 442 -16.51 98.80 5.99
C LEU G 442 -17.52 98.02 5.14
N LEU G 443 -17.23 97.98 3.83
CA LEU G 443 -17.91 97.14 2.86
C LEU G 443 -17.43 95.68 2.96
N ILE G 444 -17.81 94.99 4.04
CA ILE G 444 -17.46 93.58 4.29
C ILE G 444 -18.16 92.69 3.26
N LYS G 445 -17.40 91.84 2.56
CA LYS G 445 -17.92 90.98 1.50
C LYS G 445 -17.19 89.63 1.46
N THR G 446 -17.82 88.60 2.00
CA THR G 446 -17.53 87.18 1.69
C THR G 446 -18.23 86.78 0.38
N VAL G 447 -18.74 85.54 0.21
CA VAL G 447 -18.36 84.63 -0.92
C VAL G 447 -16.90 84.23 -0.73
N GLU G 448 -16.42 82.99 -0.77
CA GLU G 448 -17.05 81.66 -0.66
C GLU G 448 -17.85 81.10 -1.86
N THR G 449 -17.19 80.97 -3.02
CA THR G 449 -17.42 79.82 -3.92
C THR G 449 -16.86 78.56 -3.25
N ARG G 450 -17.63 77.47 -3.23
CA ARG G 450 -17.20 76.16 -2.72
C ARG G 450 -17.28 75.12 -3.82
N ASP G 451 -16.24 74.30 -3.98
CA ASP G 451 -16.23 73.14 -4.89
C ASP G 451 -16.56 73.49 -6.38
N GLY G 452 -16.53 74.79 -6.74
CA GLY G 452 -16.93 75.35 -8.04
C GLY G 452 -18.40 75.80 -8.14
N GLN G 453 -19.14 75.80 -7.04
CA GLN G 453 -20.54 76.23 -6.91
C GLN G 453 -20.67 77.38 -5.89
N VAL G 454 -21.52 78.37 -6.17
CA VAL G 454 -21.89 79.38 -5.15
C VAL G 454 -22.79 78.71 -4.11
N ILE G 455 -22.41 78.82 -2.83
CA ILE G 455 -23.16 78.30 -1.68
C ILE G 455 -23.61 79.45 -0.74
N ASN G 456 -23.17 80.68 -1.01
CA ASN G 456 -23.67 81.94 -0.46
C ASN G 456 -23.10 83.12 -1.28
N GLU G 457 -23.86 84.21 -1.42
CA GLU G 457 -23.39 85.47 -2.00
C GLU G 457 -23.66 86.69 -1.09
N THR G 458 -22.72 87.00 -0.20
CA THR G 458 -22.80 88.20 0.66
C THR G 458 -22.30 89.45 -0.07
N SER G 459 -22.87 90.61 0.23
CA SER G 459 -22.27 91.91 -0.07
C SER G 459 -22.76 93.01 0.91
N GLN G 460 -22.17 93.05 2.09
CA GLN G 460 -22.56 93.98 3.16
C GLN G 460 -22.00 95.40 2.94
N HIS G 461 -22.74 96.43 3.39
CA HIS G 461 -22.38 97.86 3.27
C HIS G 461 -22.55 98.66 4.58
N HIS G 462 -21.57 98.60 5.49
CA HIS G 462 -21.48 99.56 6.60
C HIS G 462 -20.63 100.76 6.17
N ASP G 463 -21.06 101.99 6.50
CA ASP G 463 -20.16 103.14 6.63
C ASP G 463 -20.02 103.53 8.10
N ASP G 464 -18.80 103.42 8.63
CA ASP G 464 -18.43 103.87 9.97
C ASP G 464 -18.00 105.34 9.85
N LEU G 465 -18.62 106.27 10.58
CA LEU G 465 -18.22 107.68 10.50
C LEU G 465 -16.95 107.97 11.33
N GLU G 466 -15.87 107.31 10.92
CA GLU G 466 -14.44 107.49 11.24
C GLU G 466 -13.61 107.61 9.94
N PRO H 24 4.55 -130.83 -86.54
CA PRO H 24 4.91 -130.66 -85.13
C PRO H 24 3.89 -129.82 -84.36
N SER H 25 3.18 -130.47 -83.44
CA SER H 25 2.23 -129.83 -82.51
C SER H 25 2.96 -129.03 -81.42
N SER H 26 3.34 -127.79 -81.72
CA SER H 26 3.97 -126.87 -80.75
C SER H 26 3.17 -126.73 -79.46
N SER H 27 3.84 -126.47 -78.33
CA SER H 27 3.24 -126.36 -76.99
C SER H 27 2.44 -125.07 -76.76
N ARG H 28 1.72 -124.56 -77.76
CA ARG H 28 0.65 -123.54 -77.60
C ARG H 28 -0.62 -124.10 -76.91
N SER H 29 -0.55 -125.36 -76.46
CA SER H 29 -1.37 -125.96 -75.40
C SER H 29 -0.92 -125.58 -73.97
N TYR H 30 0.13 -124.77 -73.79
CA TYR H 30 0.38 -123.99 -72.58
C TYR H 30 -0.57 -122.79 -72.45
N VAL H 31 -0.60 -122.17 -71.26
CA VAL H 31 -1.29 -120.90 -71.01
C VAL H 31 -0.46 -119.75 -71.59
N THR H 32 -1.09 -118.80 -72.31
CA THR H 32 -0.39 -117.60 -72.81
C THR H 32 0.10 -116.75 -71.65
N THR H 33 1.33 -116.24 -71.73
CA THR H 33 2.06 -115.68 -70.58
C THR H 33 1.31 -114.55 -69.86
N SER H 34 1.52 -114.44 -68.55
CA SER H 34 1.03 -113.33 -67.74
C SER H 34 1.83 -112.05 -68.05
N THR H 35 1.23 -111.06 -68.71
CA THR H 35 1.92 -109.81 -69.09
C THR H 35 2.12 -108.82 -67.91
N ARG H 36 2.27 -109.35 -66.69
CA ARG H 36 2.32 -108.60 -65.41
C ARG H 36 3.58 -107.74 -65.28
N THR H 37 3.57 -106.63 -66.01
CA THR H 37 4.43 -105.46 -65.81
C THR H 37 3.76 -104.47 -64.85
N TYR H 38 4.52 -103.48 -64.35
CA TYR H 38 4.05 -102.51 -63.36
C TYR H 38 4.64 -101.12 -63.60
N SER H 39 3.84 -100.06 -63.48
CA SER H 39 4.31 -98.68 -63.59
C SER H 39 4.34 -98.01 -62.21
N LEU H 40 5.56 -97.75 -61.72
CA LEU H 40 5.84 -96.92 -60.54
C LEU H 40 5.60 -95.43 -60.84
N GLY H 41 4.36 -95.05 -61.16
CA GLY H 41 4.04 -93.70 -61.65
C GLY H 41 4.00 -92.60 -60.59
N SER H 42 4.19 -92.92 -59.30
CA SER H 42 4.04 -92.00 -58.17
C SER H 42 5.36 -91.52 -57.58
N ALA H 43 6.25 -92.44 -57.19
CA ALA H 43 7.52 -92.11 -56.54
C ALA H 43 8.50 -91.33 -57.45
N LEU H 44 8.34 -91.45 -58.78
CA LEU H 44 9.10 -90.70 -59.80
C LEU H 44 8.76 -89.19 -59.88
N ARG H 45 7.97 -88.66 -58.94
CA ARG H 45 7.79 -87.22 -58.68
C ARG H 45 7.74 -87.00 -57.16
N PRO H 46 8.91 -86.92 -56.46
CA PRO H 46 9.03 -87.00 -54.99
C PRO H 46 8.38 -85.80 -54.28
N SER H 47 7.07 -85.90 -54.11
CA SER H 47 6.16 -84.82 -53.72
C SER H 47 6.17 -84.59 -52.21
N THR H 48 7.13 -83.80 -51.72
CA THR H 48 7.31 -83.53 -50.28
C THR H 48 7.53 -82.05 -49.98
N SER H 49 6.83 -81.52 -48.98
CA SER H 49 7.03 -80.15 -48.49
C SER H 49 8.37 -80.00 -47.76
N ARG H 50 9.38 -79.48 -48.48
CA ARG H 50 10.62 -78.93 -47.86
C ARG H 50 10.38 -77.61 -47.12
N SER H 51 9.19 -77.02 -47.24
CA SER H 51 8.74 -75.89 -46.41
C SER H 51 8.41 -76.36 -44.99
N LEU H 52 9.44 -76.50 -44.16
CA LEU H 52 9.33 -76.87 -42.73
C LEU H 52 10.20 -76.00 -41.80
N TYR H 53 10.89 -74.99 -42.35
CA TYR H 53 11.63 -73.97 -41.62
C TYR H 53 10.70 -72.98 -40.91
N ALA H 54 11.16 -72.36 -39.81
CA ALA H 54 10.39 -71.37 -39.04
C ALA H 54 11.29 -70.28 -38.43
N SER H 55 11.53 -69.19 -39.17
CA SER H 55 12.30 -68.04 -38.70
C SER H 55 11.53 -67.21 -37.66
N SER H 56 12.16 -66.93 -36.52
CA SER H 56 11.59 -66.03 -35.51
C SER H 56 11.86 -64.55 -35.85
N PRO H 57 10.85 -63.64 -35.79
CA PRO H 57 11.04 -62.20 -35.83
C PRO H 57 11.33 -61.57 -34.45
N GLY H 58 11.56 -62.39 -33.41
CA GLY H 58 11.89 -61.91 -32.07
C GLY H 58 13.23 -61.17 -32.01
N GLY H 59 13.39 -60.29 -31.01
CA GLY H 59 14.60 -59.45 -30.84
C GLY H 59 14.42 -57.99 -31.26
N VAL H 60 13.32 -57.63 -31.95
CA VAL H 60 12.98 -56.24 -32.30
C VAL H 60 12.46 -55.46 -31.08
N TYR H 61 13.38 -54.98 -30.24
CA TYR H 61 13.08 -54.17 -29.04
C TYR H 61 13.29 -52.67 -29.30
N ALA H 62 12.23 -51.99 -29.74
CA ALA H 62 12.24 -50.54 -29.95
C ALA H 62 12.41 -49.77 -28.62
N THR H 63 13.54 -49.08 -28.46
CA THR H 63 13.84 -48.30 -27.25
C THR H 63 13.08 -46.97 -27.25
N ARG H 64 12.11 -46.82 -26.35
CA ARG H 64 11.38 -45.56 -26.13
C ARG H 64 12.30 -44.50 -25.51
N SER H 65 12.76 -43.54 -26.31
CA SER H 65 13.40 -42.32 -25.80
C SER H 65 12.46 -41.55 -24.87
N SER H 66 12.98 -41.14 -23.71
CA SER H 66 12.25 -40.47 -22.64
C SER H 66 13.01 -39.25 -22.11
N ALA H 67 13.41 -38.37 -23.03
CA ALA H 67 13.93 -37.04 -22.72
C ALA H 67 13.02 -36.29 -21.72
N VAL H 68 13.60 -35.39 -20.93
CA VAL H 68 12.88 -34.66 -19.85
C VAL H 68 11.71 -33.81 -20.38
N ARG H 69 11.81 -33.30 -21.61
CA ARG H 69 10.77 -32.50 -22.30
C ARG H 69 10.28 -31.29 -21.48
N LEU H 70 11.18 -30.74 -20.65
CA LEU H 70 11.04 -29.51 -19.87
C LEU H 70 12.32 -28.70 -20.02
N ARG H 71 12.21 -27.42 -20.39
CA ARG H 71 13.36 -26.50 -20.50
C ARG H 71 13.87 -26.09 -19.12
N SER H 72 15.07 -25.52 -19.06
CA SER H 72 15.86 -25.32 -17.83
C SER H 72 15.05 -24.78 -16.63
N SER H 73 15.00 -25.62 -15.57
CA SER H 73 14.32 -25.38 -14.28
C SER H 73 12.77 -25.39 -14.40
N VAL H 74 12.10 -24.39 -13.84
CA VAL H 74 10.68 -24.09 -14.12
C VAL H 74 10.55 -23.56 -15.57
N PRO H 75 9.38 -23.09 -16.05
CA PRO H 75 9.30 -22.29 -17.29
C PRO H 75 10.43 -21.24 -17.41
N GLY H 76 11.19 -21.36 -18.51
CA GLY H 76 12.66 -21.38 -18.45
C GLY H 76 13.40 -20.07 -18.14
N VAL H 77 14.67 -20.23 -17.74
CA VAL H 77 15.66 -19.13 -17.61
C VAL H 77 16.71 -19.11 -18.74
N ARG H 78 16.58 -20.04 -19.70
CA ARG H 78 17.30 -20.13 -20.98
C ARG H 78 16.33 -20.71 -22.02
N LEU H 79 16.59 -20.48 -23.31
CA LEU H 79 15.73 -20.93 -24.41
C LEU H 79 16.51 -21.37 -25.66
N LEU H 80 17.43 -20.53 -26.16
CA LEU H 80 18.34 -20.82 -27.30
C LEU H 80 19.03 -22.20 -27.26
N GLN H 81 19.58 -22.57 -26.10
CA GLN H 81 20.34 -23.81 -25.94
C GLN H 81 19.45 -24.95 -25.44
N ASP H 82 18.69 -25.55 -26.36
CA ASP H 82 17.92 -26.78 -26.13
C ASP H 82 18.13 -27.86 -27.23
N SER H 83 19.16 -27.67 -28.06
CA SER H 83 19.59 -28.58 -29.13
C SER H 83 18.48 -28.86 -30.14
N VAL H 84 18.19 -27.84 -30.96
CA VAL H 84 17.50 -28.03 -32.25
C VAL H 84 18.40 -28.91 -33.13
N ASP H 85 17.91 -30.11 -33.39
CA ASP H 85 18.65 -31.23 -33.98
C ASP H 85 17.66 -32.33 -34.41
N PHE H 86 16.88 -32.85 -33.45
CA PHE H 86 16.32 -34.22 -33.43
C PHE H 86 15.58 -34.74 -34.68
N SER H 87 15.14 -33.87 -35.58
CA SER H 87 14.78 -34.28 -36.94
C SER H 87 15.96 -34.87 -37.72
N LEU H 88 17.21 -34.64 -37.29
CA LEU H 88 18.39 -35.45 -37.64
C LEU H 88 18.24 -36.89 -37.15
N ALA H 89 17.83 -37.13 -35.91
CA ALA H 89 17.67 -38.49 -35.39
C ALA H 89 16.50 -39.24 -36.06
N ASP H 90 15.45 -38.54 -36.48
CA ASP H 90 14.36 -39.13 -37.27
C ASP H 90 14.66 -39.25 -38.77
N ALA H 91 15.54 -38.41 -39.33
CA ALA H 91 16.15 -38.60 -40.65
C ALA H 91 17.22 -39.72 -40.66
N ILE H 92 17.84 -40.00 -39.52
CA ILE H 92 18.66 -41.22 -39.30
C ILE H 92 17.78 -42.45 -39.08
N ASN H 93 16.54 -42.31 -38.58
CA ASN H 93 15.57 -43.41 -38.59
C ASN H 93 15.10 -43.76 -40.01
N THR H 94 15.00 -42.80 -40.93
CA THR H 94 14.82 -43.07 -42.37
C THR H 94 16.11 -43.44 -43.11
N GLU H 95 17.30 -43.03 -42.63
CA GLU H 95 18.58 -43.61 -43.08
C GLU H 95 18.63 -45.09 -42.74
N PHE H 96 18.23 -45.53 -41.55
CA PHE H 96 18.14 -46.96 -41.21
C PHE H 96 16.95 -47.70 -41.83
N LYS H 97 15.91 -47.01 -42.34
CA LYS H 97 14.94 -47.61 -43.26
C LYS H 97 15.58 -47.91 -44.62
N ASN H 98 16.24 -46.93 -45.21
CA ASN H 98 16.84 -47.04 -46.54
C ASN H 98 18.11 -47.89 -46.54
N THR H 99 18.82 -47.95 -45.40
CA THR H 99 19.92 -48.90 -45.11
C THR H 99 19.43 -50.35 -45.10
N ARG H 100 18.24 -50.65 -44.57
CA ARG H 100 17.66 -52.02 -44.58
C ARG H 100 17.01 -52.39 -45.91
N THR H 101 16.66 -51.38 -46.71
CA THR H 101 16.18 -51.55 -48.09
C THR H 101 17.36 -51.85 -49.01
N ASN H 102 18.52 -51.23 -48.72
CA ASN H 102 19.84 -51.55 -49.24
C ASN H 102 20.35 -52.94 -48.78
N GLU H 103 20.63 -53.12 -47.49
CA GLU H 103 21.36 -54.25 -46.89
C GLU H 103 20.72 -55.60 -47.22
N LYS H 104 19.40 -55.68 -47.20
CA LYS H 104 18.68 -56.92 -47.54
C LYS H 104 18.69 -57.26 -49.03
N VAL H 105 19.04 -56.28 -49.87
CA VAL H 105 18.97 -56.35 -51.33
C VAL H 105 20.38 -56.34 -51.96
N GLU H 106 21.38 -55.85 -51.21
CA GLU H 106 22.78 -56.36 -51.19
C GLU H 106 22.85 -57.83 -50.74
N LEU H 107 21.79 -58.32 -50.09
CA LEU H 107 21.53 -59.73 -49.78
C LEU H 107 20.35 -60.33 -50.60
N GLN H 108 19.84 -59.69 -51.68
CA GLN H 108 18.80 -60.25 -52.57
C GLN H 108 19.18 -60.33 -54.06
N GLU H 109 20.03 -59.43 -54.57
CA GLU H 109 20.99 -59.77 -55.65
C GLU H 109 21.75 -61.03 -55.27
N LEU H 110 22.04 -61.15 -53.98
CA LEU H 110 22.83 -62.23 -53.44
C LEU H 110 22.19 -63.61 -53.53
N ASN H 111 21.00 -63.74 -52.93
CA ASN H 111 20.27 -65.01 -52.92
C ASN H 111 19.82 -65.42 -54.31
N ASP H 112 19.74 -64.46 -55.24
CA ASP H 112 19.26 -64.67 -56.60
C ASP H 112 20.38 -64.82 -57.65
N ARG H 113 21.60 -64.40 -57.30
CA ARG H 113 22.86 -64.89 -57.87
C ARG H 113 23.13 -66.35 -57.46
N PHE H 114 22.95 -66.67 -56.17
CA PHE H 114 22.87 -68.07 -55.72
C PHE H 114 21.73 -68.86 -56.39
N ALA H 115 20.55 -68.25 -56.59
CA ALA H 115 19.42 -68.89 -57.26
C ALA H 115 19.73 -69.16 -58.73
N ASN H 116 20.29 -68.22 -59.49
CA ASN H 116 20.66 -68.46 -60.89
C ASN H 116 21.79 -69.51 -61.00
N TYR H 117 22.71 -69.61 -60.03
CA TYR H 117 23.61 -70.79 -59.93
C TYR H 117 22.92 -72.11 -59.53
N ILE H 118 21.83 -72.11 -58.76
CA ILE H 118 20.97 -73.30 -58.58
C ILE H 118 20.11 -73.59 -59.81
N ASP H 119 19.86 -72.58 -60.64
CA ASP H 119 18.89 -72.66 -61.70
C ASP H 119 19.58 -73.03 -63.02
N LYS H 120 20.87 -72.71 -63.15
CA LYS H 120 21.93 -73.50 -63.81
C LYS H 120 21.88 -75.00 -63.50
N VAL H 121 21.68 -75.42 -62.24
CA VAL H 121 21.57 -76.86 -61.92
C VAL H 121 20.23 -77.41 -62.42
N ARG H 122 19.15 -76.63 -62.36
CA ARG H 122 17.84 -76.94 -62.95
C ARG H 122 17.85 -76.95 -64.49
N PHE H 123 18.68 -76.14 -65.15
CA PHE H 123 18.81 -76.04 -66.61
C PHE H 123 19.53 -77.25 -67.15
N LEU H 124 20.61 -77.65 -66.47
CA LEU H 124 21.26 -78.93 -66.74
C LEU H 124 20.40 -80.11 -66.33
N GLU H 125 19.64 -80.06 -65.23
CA GLU H 125 18.71 -81.14 -64.87
C GLU H 125 17.58 -81.31 -65.90
N GLN H 126 17.11 -80.22 -66.51
CA GLN H 126 16.12 -80.25 -67.59
C GLN H 126 16.69 -80.68 -68.94
N GLN H 127 17.83 -80.14 -69.36
CA GLN H 127 18.51 -80.56 -70.59
C GLN H 127 19.01 -82.01 -70.51
N ASN H 128 19.51 -82.42 -69.34
CA ASN H 128 19.83 -83.80 -68.98
C ASN H 128 18.57 -84.69 -68.85
N LYS H 129 17.38 -84.15 -68.55
CA LYS H 129 16.12 -84.91 -68.54
C LYS H 129 15.56 -85.13 -69.96
N ILE H 130 15.74 -84.18 -70.87
CA ILE H 130 15.40 -84.34 -72.29
C ILE H 130 16.36 -85.35 -72.94
N LEU H 131 17.66 -85.19 -72.67
CA LEU H 131 18.73 -86.17 -72.94
C LEU H 131 18.43 -87.58 -72.43
N LEU H 132 18.02 -87.76 -71.17
CA LEU H 132 17.68 -89.07 -70.60
C LEU H 132 16.26 -89.58 -70.95
N ALA H 133 15.43 -88.79 -71.65
CA ALA H 133 14.23 -89.30 -72.32
C ALA H 133 14.53 -89.73 -73.76
N GLU H 134 15.30 -88.90 -74.47
CA GLU H 134 15.82 -89.10 -75.82
C GLU H 134 16.76 -90.32 -75.91
N LEU H 135 17.59 -90.56 -74.90
CA LEU H 135 18.41 -91.77 -74.74
C LEU H 135 17.57 -93.05 -74.56
N GLU H 136 16.41 -92.98 -73.91
CA GLU H 136 15.48 -94.12 -73.80
C GLU H 136 14.63 -94.32 -75.07
N GLN H 137 14.33 -93.25 -75.82
CA GLN H 137 13.70 -93.31 -77.14
C GLN H 137 14.67 -93.88 -78.20
N LEU H 138 15.95 -93.50 -78.12
CA LEU H 138 17.10 -94.02 -78.85
C LEU H 138 17.22 -95.55 -78.69
N LYS H 139 17.36 -96.03 -77.44
CA LYS H 139 17.47 -97.47 -77.12
C LYS H 139 16.20 -98.25 -77.46
N GLY H 140 15.05 -97.62 -77.22
CA GLY H 140 13.74 -98.23 -77.40
C GLY H 140 13.40 -98.43 -78.87
N GLN H 141 13.72 -97.46 -79.73
CA GLN H 141 13.44 -97.53 -81.17
C GLN H 141 14.57 -98.18 -81.98
N GLY H 142 15.80 -97.67 -81.85
CA GLY H 142 16.90 -97.92 -82.80
C GLY H 142 17.28 -99.39 -82.92
N LYS H 143 17.74 -99.98 -81.82
CA LYS H 143 18.18 -101.37 -81.74
C LYS H 143 17.08 -102.33 -81.35
N SER H 144 16.27 -102.00 -80.32
CA SER H 144 15.19 -102.88 -79.89
C SER H 144 14.05 -102.85 -80.91
N ARG H 145 13.13 -101.88 -80.87
CA ARG H 145 11.85 -102.00 -81.59
C ARG H 145 12.01 -102.23 -83.09
N LEU H 146 12.93 -101.55 -83.77
CA LEU H 146 13.18 -101.75 -85.21
C LEU H 146 13.88 -103.11 -85.49
N GLY H 147 14.77 -103.57 -84.60
CA GLY H 147 15.29 -104.94 -84.65
C GLY H 147 14.24 -106.02 -84.38
N ASP H 148 13.44 -105.85 -83.33
CA ASP H 148 12.38 -106.77 -82.90
C ASP H 148 11.32 -107.03 -84.00
N LEU H 149 11.01 -106.02 -84.82
CA LEU H 149 10.08 -106.12 -85.95
C LEU H 149 10.71 -106.81 -87.17
N TYR H 150 11.82 -106.26 -87.67
CA TYR H 150 12.41 -106.74 -88.92
C TYR H 150 13.12 -108.11 -88.76
N GLU H 151 13.47 -108.50 -87.52
CA GLU H 151 13.82 -109.88 -87.20
C GLU H 151 12.64 -110.88 -87.22
N GLU H 152 11.37 -110.45 -87.12
CA GLU H 152 10.20 -111.32 -87.38
C GLU H 152 9.77 -111.29 -88.86
N GLU H 153 9.89 -110.15 -89.57
CA GLU H 153 9.66 -110.09 -91.04
C GLU H 153 10.67 -110.94 -91.81
N MET H 154 11.96 -110.87 -91.42
CA MET H 154 12.98 -111.76 -91.99
C MET H 154 12.69 -113.23 -91.70
N ARG H 155 12.02 -113.58 -90.58
CA ARG H 155 11.57 -114.96 -90.31
C ARG H 155 10.37 -115.37 -91.15
N GLU H 156 9.50 -114.46 -91.55
CA GLU H 156 8.38 -114.73 -92.46
C GLU H 156 8.78 -114.82 -93.93
N LEU H 157 9.89 -114.20 -94.33
CA LEU H 157 10.60 -114.45 -95.59
C LEU H 157 11.40 -115.76 -95.52
N ARG H 158 12.19 -115.93 -94.44
CA ARG H 158 13.00 -117.12 -94.19
C ARG H 158 12.19 -118.40 -94.02
N ARG H 159 10.93 -118.32 -93.58
CA ARG H 159 9.99 -119.45 -93.55
C ARG H 159 9.74 -120.06 -94.94
N GLN H 160 9.67 -119.22 -95.97
CA GLN H 160 9.51 -119.65 -97.36
C GLN H 160 10.85 -120.01 -98.04
N VAL H 161 11.95 -119.44 -97.55
CA VAL H 161 13.32 -119.87 -97.89
C VAL H 161 13.64 -121.28 -97.36
N ASP H 162 13.23 -121.59 -96.12
CA ASP H 162 13.24 -122.95 -95.57
C ASP H 162 12.21 -123.86 -96.27
N GLN H 163 11.13 -123.32 -96.86
CA GLN H 163 10.16 -124.10 -97.65
C GLN H 163 10.80 -124.67 -98.94
N LEU H 164 11.49 -123.88 -99.79
CA LEU H 164 12.29 -124.46 -100.91
C LEU H 164 13.36 -125.41 -100.38
N THR H 165 13.98 -125.10 -99.25
CA THR H 165 15.08 -125.92 -98.73
C THR H 165 14.59 -127.30 -98.24
N ALA I 21 -5.65 -133.29 -80.43
CA ALA I 21 -4.37 -133.14 -79.75
C ALA I 21 -4.26 -131.77 -79.03
N SER I 22 -3.48 -130.82 -79.59
CA SER I 22 -3.32 -129.48 -79.03
C SER I 22 -4.57 -128.62 -79.22
N ARG I 23 -5.55 -128.79 -78.33
CA ARG I 23 -6.58 -127.78 -78.07
C ARG I 23 -5.90 -126.48 -77.55
N PRO I 24 -6.36 -125.28 -77.97
CA PRO I 24 -5.71 -124.02 -77.62
C PRO I 24 -5.98 -123.63 -76.17
N SER I 25 -5.12 -124.07 -75.25
CA SER I 25 -5.06 -123.54 -73.87
C SER I 25 -4.67 -122.06 -73.83
N SER I 26 -4.08 -121.54 -74.91
CA SER I 26 -3.86 -120.12 -75.20
C SER I 26 -5.15 -119.28 -75.22
N SER I 27 -6.33 -119.90 -75.34
CA SER I 27 -7.64 -119.26 -75.10
C SER I 27 -7.76 -118.69 -73.69
N ARG I 28 -7.07 -119.31 -72.71
CA ARG I 28 -6.64 -118.62 -71.49
C ARG I 28 -5.33 -117.88 -71.80
N SER I 29 -5.48 -116.58 -72.03
CA SER I 29 -4.41 -115.60 -71.84
C SER I 29 -4.61 -114.81 -70.54
N TYR I 30 -3.57 -114.14 -70.06
CA TYR I 30 -3.69 -113.11 -69.02
C TYR I 30 -2.91 -111.87 -69.46
N VAL I 31 -3.61 -110.98 -70.17
CA VAL I 31 -3.10 -109.66 -70.54
C VAL I 31 -3.51 -108.64 -69.48
N THR I 32 -2.56 -107.80 -69.08
CA THR I 32 -2.74 -106.63 -68.21
C THR I 32 -1.76 -105.54 -68.64
N THR I 33 -2.17 -104.28 -68.52
CA THR I 33 -1.27 -103.14 -68.72
C THR I 33 -0.27 -103.02 -67.57
N SER I 34 0.81 -102.26 -67.82
CA SER I 34 1.83 -101.87 -66.84
C SER I 34 1.23 -100.99 -65.74
N THR I 35 0.58 -101.63 -64.78
CA THR I 35 -0.47 -100.99 -63.97
C THR I 35 0.10 -99.83 -63.15
N ARG I 36 -0.45 -98.62 -63.34
CA ARG I 36 0.03 -97.39 -62.71
C ARG I 36 -0.40 -97.31 -61.24
N THR I 37 0.55 -96.99 -60.37
CA THR I 37 0.25 -96.10 -59.23
C THR I 37 0.38 -94.65 -59.70
N TYR I 38 -0.67 -93.85 -59.55
CA TYR I 38 -0.71 -92.45 -60.01
C TYR I 38 0.00 -91.50 -59.04
N SER I 39 0.68 -90.47 -59.57
CA SER I 39 1.25 -89.37 -58.80
C SER I 39 0.19 -88.37 -58.35
N LEU I 40 0.45 -87.68 -57.22
CA LEU I 40 -0.39 -86.59 -56.70
C LEU I 40 0.49 -85.51 -56.07
N GLY I 41 0.32 -84.26 -56.49
CA GLY I 41 1.00 -83.10 -55.91
C GLY I 41 0.51 -82.67 -54.52
N SER I 42 -0.46 -83.38 -53.94
CA SER I 42 -1.12 -83.00 -52.67
C SER I 42 -0.19 -83.01 -51.45
N ALA I 43 0.90 -83.77 -51.48
CA ALA I 43 1.95 -83.74 -50.44
C ALA I 43 3.15 -82.82 -50.77
N LEU I 44 3.23 -82.32 -52.01
CA LEU I 44 4.14 -81.23 -52.40
C LEU I 44 3.58 -79.85 -52.02
N ARG I 45 2.26 -79.70 -51.96
CA ARG I 45 1.55 -78.44 -51.66
C ARG I 45 1.24 -78.29 -50.15
N PRO I 46 2.02 -77.50 -49.38
CA PRO I 46 1.67 -77.12 -48.01
C PRO I 46 0.60 -76.01 -47.97
N SER I 47 0.15 -75.69 -46.75
CA SER I 47 -0.66 -74.49 -46.46
C SER I 47 0.23 -73.26 -46.18
N THR I 48 0.33 -72.33 -47.13
CA THR I 48 0.93 -71.00 -46.92
C THR I 48 0.02 -70.11 -46.07
N SER I 49 0.13 -70.21 -44.74
CA SER I 49 -0.72 -69.45 -43.81
C SER I 49 -0.35 -67.96 -43.75
N ARG I 50 -1.32 -67.07 -43.95
CA ARG I 50 -1.17 -65.61 -43.77
C ARG I 50 -1.40 -65.20 -42.32
N SER I 51 -0.32 -64.99 -41.57
CA SER I 51 -0.33 -64.22 -40.31
C SER I 51 -0.65 -62.75 -40.58
N LEU I 52 -1.64 -62.19 -39.87
CA LEU I 52 -1.94 -60.75 -39.87
C LEU I 52 -1.46 -60.10 -38.57
N TYR I 53 -0.77 -58.96 -38.68
CA TYR I 53 -0.17 -58.26 -37.54
C TYR I 53 -0.90 -56.93 -37.26
N ALA I 54 -1.92 -56.97 -36.40
CA ALA I 54 -2.79 -55.85 -36.09
C ALA I 54 -2.12 -54.79 -35.18
N SER I 55 -1.23 -53.97 -35.75
CA SER I 55 -0.61 -52.85 -35.03
C SER I 55 -1.61 -51.70 -34.80
N SER I 56 -1.79 -51.32 -33.53
CA SER I 56 -2.44 -50.07 -33.12
C SER I 56 -1.43 -49.16 -32.40
N PRO I 57 -0.97 -48.06 -33.01
CA PRO I 57 -0.01 -47.14 -32.39
C PRO I 57 -0.49 -46.53 -31.06
N GLY I 58 0.45 -46.18 -30.18
CA GLY I 58 0.15 -45.61 -28.86
C GLY I 58 -0.36 -44.17 -28.92
N GLY I 59 -1.44 -43.88 -28.18
CA GLY I 59 -2.02 -42.54 -28.09
C GLY I 59 -1.11 -41.47 -27.49
N VAL I 60 -1.26 -40.21 -27.93
CA VAL I 60 -0.39 -39.10 -27.52
C VAL I 60 -0.78 -38.53 -26.16
N TYR I 61 -0.23 -39.13 -25.10
CA TYR I 61 -0.33 -38.65 -23.72
C TYR I 61 0.96 -37.94 -23.29
N ALA I 62 0.81 -36.69 -22.82
CA ALA I 62 1.85 -35.82 -22.29
C ALA I 62 1.23 -34.80 -21.33
N THR I 63 2.04 -33.99 -20.66
CA THR I 63 1.65 -33.18 -19.49
C THR I 63 0.73 -31.98 -19.81
N ARG I 64 -0.52 -32.24 -20.21
CA ARG I 64 -1.56 -31.22 -20.49
C ARG I 64 -2.00 -30.43 -19.25
N SER I 65 -1.61 -30.87 -18.04
CA SER I 65 -1.74 -30.14 -16.77
C SER I 65 -0.56 -29.20 -16.47
N SER I 66 0.46 -29.15 -17.32
CA SER I 66 1.46 -28.08 -17.32
C SER I 66 0.83 -26.74 -17.75
N ALA I 67 1.56 -25.64 -17.57
CA ALA I 67 1.21 -24.32 -18.12
C ALA I 67 -0.18 -23.74 -17.74
N VAL I 68 -0.78 -24.19 -16.63
CA VAL I 68 -1.97 -23.57 -15.97
C VAL I 68 -1.82 -22.05 -15.84
N ARG I 69 -0.59 -21.63 -15.49
CA ARG I 69 0.13 -20.53 -16.14
C ARG I 69 1.55 -21.04 -16.41
N LEU I 70 2.30 -20.38 -17.31
CA LEU I 70 3.76 -20.38 -17.17
C LEU I 70 4.14 -19.68 -15.85
N ARG I 71 5.13 -20.20 -15.13
CA ARG I 71 5.58 -19.59 -13.87
C ARG I 71 6.22 -18.23 -14.16
N SER I 72 6.07 -17.31 -13.22
CA SER I 72 6.83 -16.06 -13.12
C SER I 72 7.78 -16.03 -11.91
N SER I 73 7.73 -17.06 -11.04
CA SER I 73 8.63 -17.24 -9.89
C SER I 73 10.11 -17.38 -10.30
N VAL I 74 10.32 -17.98 -11.48
CA VAL I 74 11.37 -17.60 -12.42
C VAL I 74 10.64 -17.44 -13.76
N PRO I 75 10.63 -16.25 -14.38
CA PRO I 75 9.95 -16.02 -15.65
C PRO I 75 10.81 -16.49 -16.83
N GLY I 76 10.18 -16.54 -18.01
CA GLY I 76 10.79 -16.82 -19.32
C GLY I 76 11.90 -15.84 -19.76
N VAL I 77 13.10 -15.91 -19.18
CA VAL I 77 14.29 -15.16 -19.65
C VAL I 77 14.81 -15.82 -20.93
N ARG I 78 14.38 -15.24 -22.06
CA ARG I 78 14.24 -15.94 -23.33
C ARG I 78 15.21 -15.44 -24.39
N LEU I 79 16.48 -15.74 -24.16
CA LEU I 79 17.48 -16.15 -25.16
C LEU I 79 16.83 -16.53 -26.52
N LEU I 80 16.74 -15.58 -27.45
CA LEU I 80 16.41 -15.83 -28.87
C LEU I 80 17.73 -15.96 -29.67
N GLN I 81 17.69 -15.58 -30.96
CA GLN I 81 18.65 -15.96 -32.00
C GLN I 81 18.51 -17.45 -32.38
N ASP I 82 18.94 -17.70 -33.61
CA ASP I 82 18.36 -18.61 -34.59
C ASP I 82 19.40 -18.81 -35.71
N SER I 83 19.05 -19.53 -36.79
CA SER I 83 20.01 -20.18 -37.69
C SER I 83 20.72 -21.32 -36.98
N VAL I 84 19.97 -22.43 -36.84
CA VAL I 84 20.31 -23.61 -36.06
C VAL I 84 19.95 -24.87 -36.85
N ASP I 85 20.68 -25.95 -36.57
CA ASP I 85 20.68 -27.22 -37.29
C ASP I 85 19.27 -27.76 -37.62
N PHE I 86 18.86 -27.94 -38.89
CA PHE I 86 19.56 -27.91 -40.19
C PHE I 86 20.58 -29.05 -40.46
N SER I 87 21.16 -29.65 -39.42
CA SER I 87 21.70 -31.02 -39.44
C SER I 87 20.67 -32.07 -39.88
N LEU I 88 19.37 -31.78 -39.69
CA LEU I 88 18.26 -32.59 -40.21
C LEU I 88 18.23 -32.69 -41.75
N ALA I 89 18.70 -31.68 -42.48
CA ALA I 89 18.79 -31.70 -43.95
C ALA I 89 20.05 -32.46 -44.42
N ASP I 90 21.15 -32.39 -43.68
CA ASP I 90 22.32 -33.24 -43.89
C ASP I 90 22.01 -34.72 -43.59
N ALA I 91 21.22 -34.99 -42.56
CA ALA I 91 20.71 -36.32 -42.24
C ALA I 91 19.64 -36.83 -43.21
N ILE I 92 18.85 -35.96 -43.84
CA ILE I 92 18.04 -36.32 -45.02
C ILE I 92 18.95 -36.64 -46.23
N ASN I 93 20.16 -36.10 -46.29
CA ASN I 93 21.17 -36.50 -47.28
C ASN I 93 22.06 -37.69 -46.86
N THR I 94 22.06 -38.13 -45.60
CA THR I 94 22.54 -39.47 -45.20
C THR I 94 21.47 -40.55 -45.37
N GLU I 95 20.18 -40.17 -45.24
CA GLU I 95 19.05 -40.93 -45.78
C GLU I 95 19.20 -41.11 -47.29
N PHE I 96 19.43 -40.03 -48.05
CA PHE I 96 19.58 -40.11 -49.50
C PHE I 96 20.89 -40.79 -49.95
N LYS I 97 21.96 -40.80 -49.13
CA LYS I 97 23.14 -41.68 -49.34
C LYS I 97 22.75 -43.15 -49.31
N ASN I 98 22.06 -43.61 -48.27
CA ASN I 98 21.69 -45.02 -48.15
C ASN I 98 20.44 -45.35 -49.00
N THR I 99 19.80 -44.33 -49.56
CA THR I 99 18.88 -44.42 -50.71
C THR I 99 19.62 -44.59 -52.03
N ARG I 100 20.78 -43.95 -52.27
CA ARG I 100 21.63 -44.29 -53.42
C ARG I 100 22.09 -45.74 -53.37
N THR I 101 22.47 -46.27 -52.20
CA THR I 101 22.80 -47.70 -52.10
C THR I 101 21.57 -48.59 -52.37
N ASN I 102 20.36 -48.19 -51.94
CA ASN I 102 19.14 -48.96 -52.25
C ASN I 102 18.62 -48.82 -53.71
N GLU I 103 18.81 -47.69 -54.38
CA GLU I 103 18.53 -47.51 -55.82
C GLU I 103 19.46 -48.36 -56.70
N LYS I 104 20.76 -48.39 -56.38
CA LYS I 104 21.76 -49.13 -57.14
C LYS I 104 21.63 -50.64 -56.94
N VAL I 105 21.08 -51.07 -55.80
CA VAL I 105 20.85 -52.48 -55.52
C VAL I 105 19.43 -52.95 -55.82
N GLU I 106 18.44 -52.06 -55.92
CA GLU I 106 17.17 -52.34 -56.64
C GLU I 106 17.39 -52.42 -58.17
N LEU I 107 18.37 -51.68 -58.73
CA LEU I 107 18.81 -51.89 -60.11
C LEU I 107 19.51 -53.25 -60.31
N GLN I 108 20.27 -53.74 -59.32
CA GLN I 108 20.94 -55.04 -59.41
C GLN I 108 20.00 -56.21 -59.11
N GLU I 109 19.14 -56.10 -58.09
CA GLU I 109 18.01 -57.00 -57.83
C GLU I 109 17.00 -57.05 -58.97
N LEU I 110 16.91 -56.03 -59.81
CA LEU I 110 16.14 -56.11 -61.05
C LEU I 110 16.81 -56.99 -62.14
N ASN I 111 18.14 -57.03 -62.24
CA ASN I 111 18.83 -58.03 -63.07
C ASN I 111 18.71 -59.44 -62.48
N ASP I 112 18.74 -59.57 -61.15
CA ASP I 112 18.61 -60.84 -60.46
C ASP I 112 17.18 -61.41 -60.42
N ARG I 113 16.20 -60.52 -60.50
CA ARG I 113 14.82 -60.84 -60.88
C ARG I 113 14.65 -61.04 -62.37
N PHE I 114 15.47 -60.46 -63.25
CA PHE I 114 15.52 -60.90 -64.64
C PHE I 114 16.01 -62.35 -64.70
N ALA I 115 17.09 -62.73 -64.03
CA ALA I 115 17.53 -64.14 -63.96
C ALA I 115 16.48 -65.09 -63.36
N ASN I 116 15.85 -64.76 -62.24
CA ASN I 116 14.78 -65.57 -61.65
C ASN I 116 13.46 -65.56 -62.46
N TYR I 117 13.22 -64.55 -63.30
CA TYR I 117 12.12 -64.58 -64.28
C TYR I 117 12.52 -65.26 -65.60
N ILE I 118 13.82 -65.31 -65.93
CA ILE I 118 14.34 -66.09 -67.05
C ILE I 118 14.37 -67.58 -66.66
N ASP I 119 14.69 -67.97 -65.41
CA ASP I 119 14.43 -69.31 -64.84
C ASP I 119 12.98 -69.75 -65.04
N LYS I 120 12.05 -68.87 -64.68
CA LYS I 120 10.62 -69.10 -64.86
C LYS I 120 10.18 -69.22 -66.33
N VAL I 121 10.88 -68.58 -67.28
CA VAL I 121 10.67 -68.73 -68.73
C VAL I 121 11.39 -69.96 -69.30
N ARG I 122 12.58 -70.28 -68.80
CA ARG I 122 13.36 -71.50 -69.11
C ARG I 122 12.57 -72.73 -68.68
N PHE I 123 11.98 -72.74 -67.48
CA PHE I 123 11.04 -73.78 -67.03
C PHE I 123 9.72 -73.80 -67.81
N LEU I 124 9.17 -72.65 -68.19
CA LEU I 124 7.94 -72.61 -68.99
C LEU I 124 8.16 -73.30 -70.33
N GLU I 125 9.23 -72.94 -71.04
CA GLU I 125 9.59 -73.61 -72.28
C GLU I 125 10.05 -75.05 -72.04
N GLN I 126 10.94 -75.34 -71.10
CA GLN I 126 11.49 -76.69 -70.90
C GLN I 126 10.50 -77.70 -70.30
N GLN I 127 9.49 -77.29 -69.51
CA GLN I 127 8.40 -78.21 -69.16
C GLN I 127 7.44 -78.46 -70.32
N ASN I 128 7.31 -77.52 -71.27
CA ASN I 128 6.74 -77.83 -72.58
C ASN I 128 7.70 -78.71 -73.43
N LYS I 129 9.02 -78.48 -73.43
CA LYS I 129 9.98 -79.22 -74.26
C LYS I 129 10.15 -80.68 -73.82
N ILE I 130 10.20 -80.95 -72.52
CA ILE I 130 10.14 -82.33 -71.98
C ILE I 130 8.82 -83.00 -72.37
N LEU I 131 7.70 -82.27 -72.33
CA LEU I 131 6.41 -82.81 -72.72
C LEU I 131 6.25 -83.02 -74.24
N LEU I 132 6.91 -82.22 -75.08
CA LEU I 132 6.95 -82.40 -76.52
C LEU I 132 7.86 -83.58 -76.91
N ALA I 133 9.05 -83.69 -76.29
CA ALA I 133 9.95 -84.83 -76.46
C ALA I 133 9.37 -86.16 -75.93
N GLU I 134 8.76 -86.17 -74.73
CA GLU I 134 8.01 -87.34 -74.18
C GLU I 134 6.67 -87.61 -74.92
N LEU I 135 6.33 -86.86 -75.99
CA LEU I 135 5.15 -87.08 -76.86
C LEU I 135 5.43 -87.27 -78.36
N GLU I 136 6.46 -86.69 -78.98
CA GLU I 136 6.49 -86.54 -80.44
C GLU I 136 6.74 -87.87 -81.18
N GLN I 137 7.47 -88.77 -80.52
CA GLN I 137 7.57 -90.19 -80.88
C GLN I 137 6.27 -90.99 -80.64
N LEU I 138 5.31 -90.43 -79.90
CA LEU I 138 3.95 -90.95 -79.72
C LEU I 138 2.91 -90.30 -80.67
N LYS I 139 3.31 -89.34 -81.51
CA LYS I 139 2.46 -88.62 -82.45
C LYS I 139 2.80 -88.92 -83.91
N GLY I 140 3.96 -88.47 -84.39
CA GLY I 140 4.33 -88.51 -85.81
C GLY I 140 4.83 -89.88 -86.26
N GLN I 141 5.90 -90.32 -85.59
CA GLN I 141 6.25 -91.74 -85.51
C GLN I 141 5.12 -92.59 -84.88
N GLY I 142 4.26 -91.98 -84.07
CA GLY I 142 3.03 -92.58 -83.51
C GLY I 142 1.90 -92.88 -84.50
N LYS I 143 2.05 -92.52 -85.78
CA LYS I 143 1.26 -93.07 -86.90
C LYS I 143 2.10 -93.86 -87.90
N SER I 144 3.32 -93.44 -88.19
CA SER I 144 4.16 -94.18 -89.15
C SER I 144 4.57 -95.56 -88.64
N ARG I 145 4.95 -95.69 -87.35
CA ARG I 145 5.21 -97.00 -86.67
C ARG I 145 3.95 -97.86 -86.46
N LEU I 146 2.76 -97.29 -86.63
CA LEU I 146 1.50 -98.03 -86.54
C LEU I 146 1.10 -98.65 -87.89
N GLY I 147 1.44 -98.00 -89.01
CA GLY I 147 1.42 -98.62 -90.34
C GLY I 147 2.52 -99.68 -90.52
N ASP I 148 3.73 -99.36 -90.05
CA ASP I 148 4.89 -100.27 -89.96
C ASP I 148 4.54 -101.60 -89.25
N LEU I 149 3.76 -101.52 -88.16
CA LEU I 149 3.24 -102.69 -87.43
C LEU I 149 2.04 -103.38 -88.12
N TYR I 150 1.10 -102.63 -88.68
CA TYR I 150 -0.05 -103.22 -89.37
C TYR I 150 0.34 -103.97 -90.64
N GLU I 151 1.47 -103.63 -91.29
CA GLU I 151 1.98 -104.43 -92.41
C GLU I 151 2.74 -105.71 -91.96
N GLU I 152 3.29 -105.77 -90.74
CA GLU I 152 3.71 -107.04 -90.10
C GLU I 152 2.51 -107.93 -89.73
N GLU I 153 1.47 -107.37 -89.12
CA GLU I 153 0.21 -108.08 -88.86
C GLU I 153 -0.46 -108.55 -90.17
N MET I 154 -0.38 -107.74 -91.23
CA MET I 154 -0.81 -108.10 -92.59
C MET I 154 0.09 -109.16 -93.22
N ARG I 155 1.40 -109.23 -92.91
CA ARG I 155 2.29 -110.27 -93.44
C ARG I 155 1.95 -111.66 -92.94
N GLU I 156 1.73 -111.89 -91.64
CA GLU I 156 1.33 -113.24 -91.22
C GLU I 156 -0.03 -113.62 -91.84
N LEU I 157 -0.98 -112.68 -91.91
CA LEU I 157 -2.27 -112.92 -92.57
C LEU I 157 -2.13 -113.22 -94.08
N ARG I 158 -1.27 -112.47 -94.78
CA ARG I 158 -0.87 -112.66 -96.18
C ARG I 158 -0.27 -114.04 -96.37
N ARG I 159 0.74 -114.41 -95.57
CA ARG I 159 1.37 -115.75 -95.60
C ARG I 159 0.40 -116.88 -95.28
N GLN I 160 -0.55 -116.70 -94.37
CA GLN I 160 -1.59 -117.70 -94.08
C GLN I 160 -2.59 -117.88 -95.24
N VAL I 161 -3.07 -116.78 -95.85
CA VAL I 161 -3.98 -116.81 -97.01
C VAL I 161 -3.30 -117.34 -98.27
N ASP I 162 -2.04 -116.99 -98.46
CA ASP I 162 -1.15 -117.46 -99.52
C ASP I 162 -0.87 -118.97 -99.40
N GLN I 163 -0.52 -119.47 -98.20
CA GLN I 163 -0.36 -120.92 -97.96
C GLN I 163 -1.66 -121.73 -98.19
N LEU I 164 -2.84 -121.16 -97.89
CA LEU I 164 -4.13 -121.78 -98.22
C LEU I 164 -4.48 -121.73 -99.71
N THR I 165 -4.02 -120.70 -100.42
CA THR I 165 -4.18 -120.58 -101.89
C THR I 165 -3.32 -121.61 -102.61
N ASN I 166 -2.08 -121.79 -102.13
CA ASN I 166 -1.12 -122.73 -102.66
C ASN I 166 -1.57 -124.18 -102.42
N ASP I 167 -1.97 -124.55 -101.20
CA ASP I 167 -2.50 -125.90 -100.90
C ASP I 167 -3.81 -126.23 -101.63
N LEU J 215 1.85 -120.76 -107.68
CA LEU J 215 0.99 -119.95 -106.81
C LEU J 215 1.82 -119.13 -105.82
N ALA J 216 2.94 -119.69 -105.35
CA ALA J 216 3.90 -118.96 -104.53
C ALA J 216 4.61 -117.82 -105.29
N ARG J 217 4.83 -117.91 -106.60
CA ARG J 217 5.29 -116.77 -107.43
C ARG J 217 4.29 -115.62 -107.45
N LEU J 218 3.00 -115.92 -107.55
CA LEU J 218 1.93 -114.91 -107.41
C LEU J 218 1.83 -114.38 -105.97
N ASP J 219 2.26 -115.14 -104.96
CA ASP J 219 2.40 -114.62 -103.59
C ASP J 219 3.44 -113.50 -103.50
N LEU J 220 4.57 -113.58 -104.23
CA LEU J 220 5.56 -112.51 -104.18
C LEU J 220 5.10 -111.26 -104.89
N GLU J 221 4.26 -111.36 -105.91
CA GLU J 221 3.66 -110.17 -106.52
C GLU J 221 2.78 -109.41 -105.50
N ARG J 222 2.05 -110.14 -104.64
CA ARG J 222 1.32 -109.60 -103.48
C ARG J 222 2.21 -109.16 -102.31
N LYS J 223 3.27 -109.91 -101.99
CA LYS J 223 4.18 -109.59 -100.87
C LYS J 223 5.10 -108.42 -101.21
N VAL J 224 5.57 -108.29 -102.46
CA VAL J 224 6.33 -107.15 -102.96
C VAL J 224 5.46 -105.89 -103.03
N GLU J 225 4.19 -106.01 -103.39
CA GLU J 225 3.19 -104.94 -103.27
C GLU J 225 3.01 -104.50 -101.80
N SER J 226 2.83 -105.45 -100.88
CA SER J 226 2.68 -105.18 -99.44
C SER J 226 3.93 -104.54 -98.81
N LEU J 227 5.12 -105.09 -99.11
CA LEU J 227 6.42 -104.60 -98.64
C LEU J 227 6.81 -103.25 -99.28
N GLN J 228 6.30 -102.90 -100.47
CA GLN J 228 6.54 -101.57 -101.04
C GLN J 228 5.74 -100.47 -100.33
N GLU J 229 4.55 -100.75 -99.80
CA GLU J 229 3.86 -99.84 -98.88
C GLU J 229 4.37 -99.91 -97.42
N GLU J 230 4.91 -101.05 -96.95
CA GLU J 230 5.68 -101.09 -95.68
C GLU J 230 6.93 -100.20 -95.76
N ILE J 231 7.70 -100.29 -96.86
CA ILE J 231 8.83 -99.41 -97.14
C ILE J 231 8.38 -97.95 -97.40
N ALA J 232 7.13 -97.70 -97.78
CA ALA J 232 6.56 -96.35 -97.81
C ALA J 232 6.18 -95.82 -96.41
N PHE J 233 5.63 -96.65 -95.51
CA PHE J 233 5.47 -96.33 -94.08
C PHE J 233 6.80 -96.13 -93.36
N LEU J 234 7.83 -96.89 -93.73
CA LEU J 234 9.18 -96.74 -93.22
C LEU J 234 9.88 -95.47 -93.76
N LYS J 235 9.59 -95.04 -94.99
CA LYS J 235 10.06 -93.75 -95.53
C LYS J 235 9.37 -92.54 -94.87
N LYS J 236 8.05 -92.61 -94.69
CA LYS J 236 7.26 -91.66 -93.89
C LYS J 236 7.77 -91.62 -92.44
N LEU J 237 8.13 -92.77 -91.87
CA LEU J 237 8.75 -92.86 -90.56
C LEU J 237 10.11 -92.16 -90.51
N HIS J 238 10.95 -92.22 -91.55
CA HIS J 238 12.21 -91.45 -91.61
C HIS J 238 11.97 -89.94 -91.71
N GLU J 239 10.91 -89.51 -92.40
CA GLU J 239 10.55 -88.09 -92.54
C GLU J 239 9.98 -87.52 -91.23
N GLU J 240 9.21 -88.31 -90.48
CA GLU J 240 8.78 -88.01 -89.11
C GLU J 240 9.94 -88.07 -88.09
N GLU J 241 10.86 -89.02 -88.25
CA GLU J 241 12.09 -89.19 -87.44
C GLU J 241 13.08 -88.03 -87.65
N ILE J 242 13.15 -87.44 -88.86
CA ILE J 242 13.93 -86.22 -89.13
C ILE J 242 13.25 -84.96 -88.55
N GLN J 243 11.92 -84.86 -88.61
CA GLN J 243 11.19 -83.78 -87.94
C GLN J 243 11.33 -83.86 -86.41
N GLU J 244 11.30 -85.07 -85.85
CA GLU J 244 11.51 -85.32 -84.42
C GLU J 244 12.95 -85.02 -83.98
N LEU J 245 13.98 -85.31 -84.78
CA LEU J 245 15.35 -84.87 -84.51
C LEU J 245 15.48 -83.34 -84.47
N GLN J 246 14.82 -82.62 -85.39
CA GLN J 246 14.81 -81.15 -85.37
C GLN J 246 13.99 -80.56 -84.21
N ALA J 247 12.94 -81.26 -83.75
CA ALA J 247 12.20 -80.91 -82.55
C ALA J 247 13.04 -81.13 -81.28
N GLN J 248 13.71 -82.28 -81.17
CA GLN J 248 14.63 -82.64 -80.07
C GLN J 248 15.82 -81.68 -79.96
N ILE J 249 16.41 -81.24 -81.09
CA ILE J 249 17.47 -80.21 -81.11
C ILE J 249 17.00 -78.85 -80.57
N GLN J 250 15.77 -78.43 -80.89
CA GLN J 250 15.17 -77.20 -80.35
C GLN J 250 14.70 -77.36 -78.90
N GLU J 251 14.25 -78.56 -78.53
CA GLU J 251 13.69 -78.91 -77.23
C GLU J 251 14.76 -79.03 -76.15
N GLN J 252 15.91 -79.63 -76.46
CA GLN J 252 17.05 -79.69 -75.54
C GLN J 252 17.75 -78.33 -75.32
N HIS J 253 17.60 -77.35 -76.23
CA HIS J 253 18.32 -76.07 -76.16
C HIS J 253 17.44 -74.85 -76.51
N VAL J 254 16.82 -74.31 -75.46
CA VAL J 254 16.37 -72.90 -75.36
C VAL J 254 16.43 -72.36 -73.92
N GLN J 255 16.62 -73.24 -72.93
CA GLN J 255 16.83 -72.95 -71.51
C GLN J 255 18.10 -72.14 -71.16
N ILE J 256 19.00 -71.92 -72.12
CA ILE J 256 20.27 -71.21 -71.93
C ILE J 256 21.26 -71.97 -71.00
N ASP J 257 21.59 -73.20 -71.41
CA ASP J 257 22.88 -73.85 -71.12
C ASP J 257 23.20 -74.09 -69.61
N VAL J 258 24.48 -74.19 -69.22
CA VAL J 258 24.91 -73.99 -67.83
C VAL J 258 25.08 -72.50 -67.56
N ASP J 259 24.82 -72.06 -66.34
CA ASP J 259 24.90 -70.63 -66.00
C ASP J 259 25.62 -70.37 -64.65
N VAL J 260 26.88 -70.86 -64.55
CA VAL J 260 27.68 -70.93 -63.28
C VAL J 260 28.35 -69.63 -62.80
N SER J 261 28.09 -68.48 -63.42
CA SER J 261 28.85 -67.24 -63.15
C SER J 261 28.08 -66.26 -62.25
N LYS J 262 28.07 -65.57 -61.80
CA LYS J 262 28.80 -66.07 -60.63
C LYS J 262 27.77 -66.35 -59.52
N PRO J 263 28.19 -66.85 -58.34
CA PRO J 263 27.62 -66.43 -57.06
C PRO J 263 28.20 -65.09 -56.55
N ASP J 264 27.74 -66.10 -54.61
CA ASP J 264 26.99 -65.08 -53.90
C ASP J 264 27.89 -63.90 -53.48
N LEU J 265 27.77 -62.81 -54.26
CA LEU J 265 27.95 -61.35 -53.99
C LEU J 265 28.64 -60.70 -55.19
N THR J 266 28.01 -59.66 -55.72
CA THR J 266 28.69 -58.57 -56.45
C THR J 266 28.15 -57.19 -56.07
N ALA J 267 26.91 -57.14 -55.55
CA ALA J 267 26.17 -55.94 -55.19
C ALA J 267 26.98 -54.97 -54.32
N ALA J 268 27.24 -55.29 -53.04
CA ALA J 268 27.79 -54.30 -52.11
C ALA J 268 29.11 -53.62 -52.55
N LEU J 269 29.96 -54.27 -53.35
CA LEU J 269 31.15 -53.64 -53.94
C LEU J 269 30.82 -52.71 -55.14
N ARG J 270 29.84 -53.06 -55.96
CA ARG J 270 29.27 -52.24 -57.04
C ARG J 270 28.42 -51.10 -56.49
N ASP J 271 27.58 -51.37 -55.50
CA ASP J 271 26.68 -50.42 -54.87
C ASP J 271 27.40 -49.35 -54.07
N VAL J 272 28.33 -49.72 -53.18
CA VAL J 272 29.10 -48.74 -52.41
C VAL J 272 29.94 -47.83 -53.33
N ARG J 273 30.37 -48.31 -54.50
CA ARG J 273 31.02 -47.46 -55.52
C ARG J 273 30.03 -46.52 -56.23
N GLN J 274 28.94 -47.02 -56.81
CA GLN J 274 27.97 -46.19 -57.53
C GLN J 274 27.20 -45.22 -56.62
N GLN J 275 27.02 -45.62 -55.36
CA GLN J 275 26.63 -44.74 -54.27
C GLN J 275 27.69 -43.67 -54.02
N TYR J 276 28.98 -43.98 -53.87
CA TYR J 276 30.03 -42.95 -53.73
C TYR J 276 30.16 -42.00 -54.94
N GLU J 277 29.95 -42.46 -56.18
CA GLU J 277 29.85 -41.57 -57.35
C GLU J 277 28.63 -40.62 -57.24
N SER J 278 27.44 -41.18 -57.01
CA SER J 278 26.20 -40.41 -56.80
C SER J 278 26.28 -39.46 -55.58
N VAL J 279 27.05 -39.84 -54.56
CA VAL J 279 27.32 -39.09 -53.32
C VAL J 279 28.37 -38.00 -53.52
N ALA J 280 29.25 -38.09 -54.52
CA ALA J 280 30.12 -36.96 -54.86
C ALA J 280 29.32 -35.77 -55.42
N ALA J 281 28.28 -36.03 -56.22
CA ALA J 281 27.32 -35.00 -56.65
C ALA J 281 26.38 -34.56 -55.51
N LYS J 282 25.93 -35.50 -54.65
CA LYS J 282 25.08 -35.19 -53.50
C LYS J 282 25.79 -34.27 -52.49
N ASN J 283 27.05 -34.57 -52.16
CA ASN J 283 27.86 -33.79 -51.22
C ASN J 283 28.22 -32.38 -51.75
N LEU J 284 28.22 -32.18 -53.07
CA LEU J 284 28.31 -30.87 -53.70
C LEU J 284 26.97 -30.09 -53.65
N GLN J 285 25.83 -30.77 -53.66
CA GLN J 285 24.53 -30.18 -53.32
C GLN J 285 24.36 -29.93 -51.81
N GLU J 286 24.92 -30.76 -50.92
CA GLU J 286 25.04 -30.40 -49.49
C GLU J 286 25.94 -29.18 -49.28
N ALA J 287 27.02 -29.03 -50.06
CA ALA J 287 27.80 -27.80 -50.07
C ALA J 287 26.99 -26.57 -50.54
N GLU J 288 26.14 -26.69 -51.57
CA GLU J 288 25.19 -25.65 -51.99
C GLU J 288 24.18 -25.28 -50.88
N GLU J 289 23.67 -26.24 -50.10
CA GLU J 289 22.84 -25.98 -48.91
C GLU J 289 23.61 -25.33 -47.76
N TRP J 290 24.84 -25.79 -47.47
CA TRP J 290 25.73 -25.22 -46.46
C TRP J 290 26.15 -23.78 -46.81
N TYR J 291 26.39 -23.51 -48.09
CA TYR J 291 26.66 -22.17 -48.60
C TYR J 291 25.44 -21.29 -48.47
N LYS J 292 24.24 -21.74 -48.87
CA LYS J 292 22.98 -20.97 -48.65
C LYS J 292 22.73 -20.63 -47.19
N SER J 293 23.02 -21.54 -46.24
CA SER J 293 22.89 -21.24 -44.80
C SER J 293 23.90 -20.20 -44.31
N LYS J 294 25.20 -20.39 -44.62
CA LYS J 294 26.27 -19.43 -44.25
C LYS J 294 26.08 -18.07 -44.92
N PHE J 295 25.53 -18.06 -46.13
CA PHE J 295 25.23 -16.85 -46.88
C PHE J 295 23.95 -16.16 -46.40
N ALA J 296 23.01 -16.89 -45.80
CA ALA J 296 21.93 -16.29 -45.01
C ALA J 296 22.43 -15.67 -43.70
N ASP J 297 23.44 -16.27 -43.05
CA ASP J 297 24.11 -15.68 -41.86
C ASP J 297 24.86 -14.37 -42.19
N LEU J 298 25.58 -14.34 -43.33
CA LEU J 298 26.18 -13.10 -43.85
C LEU J 298 25.12 -12.09 -44.31
N SER J 299 24.03 -12.56 -44.93
CA SER J 299 22.89 -11.72 -45.30
C SER J 299 22.13 -11.16 -44.10
N GLU J 300 22.20 -11.78 -42.92
CA GLU J 300 21.67 -11.24 -41.67
C GLU J 300 22.62 -10.23 -41.00
N ALA J 301 23.93 -10.41 -41.12
CA ALA J 301 24.89 -9.35 -40.82
C ALA J 301 24.71 -8.11 -41.73
N ALA J 302 24.27 -8.32 -42.96
CA ALA J 302 23.80 -7.29 -43.90
C ALA J 302 22.38 -6.74 -43.59
N ASN J 303 21.44 -7.56 -43.11
CA ASN J 303 20.10 -7.09 -42.70
C ASN J 303 20.17 -6.13 -41.53
N ARG J 304 21.12 -6.31 -40.60
CA ARG J 304 21.40 -5.33 -39.51
C ARG J 304 21.83 -3.95 -40.04
N ASN J 305 22.37 -3.88 -41.25
CA ASN J 305 22.68 -2.63 -41.95
C ASN J 305 21.49 -2.06 -42.73
N ASN J 306 20.68 -2.92 -43.34
CA ASN J 306 19.43 -2.51 -43.98
C ASN J 306 18.41 -1.98 -42.94
N ASP J 307 18.33 -2.59 -41.77
CA ASP J 307 17.58 -2.10 -40.62
C ASP J 307 18.10 -0.77 -40.09
N ALA J 308 19.43 -0.58 -40.00
CA ALA J 308 19.99 0.73 -39.66
C ALA J 308 19.59 1.81 -40.69
N LEU J 309 19.66 1.51 -41.99
CA LEU J 309 19.21 2.39 -43.08
C LEU J 309 17.69 2.64 -43.11
N ARG J 310 16.87 1.70 -42.64
CA ARG J 310 15.40 1.85 -42.53
C ARG J 310 15.00 2.64 -41.27
N GLN J 311 15.70 2.40 -40.15
CA GLN J 311 15.50 3.09 -38.88
C GLN J 311 16.03 4.54 -38.93
N ALA J 312 17.16 4.80 -39.60
CA ALA J 312 17.67 6.16 -39.84
C ALA J 312 16.74 7.03 -40.69
N LYS J 313 15.98 6.43 -41.62
CA LYS J 313 14.91 7.14 -42.35
C LYS J 313 13.72 7.50 -41.44
N GLN J 314 13.32 6.61 -40.55
CA GLN J 314 12.26 6.86 -39.56
C GLN J 314 12.69 7.93 -38.54
N GLU J 315 13.87 7.73 -37.94
CA GLU J 315 14.61 8.63 -37.07
C GLU J 315 14.70 10.04 -37.64
N SER J 316 15.07 10.18 -38.92
CA SER J 316 15.20 11.48 -39.59
C SER J 316 13.96 12.38 -39.50
N THR J 317 12.77 11.78 -39.35
CA THR J 317 11.48 12.49 -39.29
C THR J 317 11.25 13.19 -37.96
N GLU J 318 11.79 12.64 -36.87
CA GLU J 318 11.94 13.35 -35.59
C GLU J 318 13.26 14.13 -35.52
N TYR J 319 14.35 13.57 -36.06
CA TYR J 319 15.68 14.16 -35.98
C TYR J 319 15.74 15.54 -36.63
N ARG J 320 15.11 15.75 -37.80
CA ARG J 320 14.99 17.09 -38.39
C ARG J 320 14.26 18.10 -37.49
N ARG J 321 13.21 17.68 -36.77
CA ARG J 321 12.53 18.53 -35.77
C ARG J 321 13.37 18.73 -34.51
N GLN J 322 14.04 17.70 -34.00
CA GLN J 322 14.90 17.78 -32.82
C GLN J 322 16.10 18.72 -33.07
N VAL J 323 16.75 18.59 -34.22
CA VAL J 323 17.78 19.51 -34.73
C VAL J 323 17.27 20.95 -34.82
N GLN J 324 16.11 21.16 -35.47
CA GLN J 324 15.59 22.51 -35.66
C GLN J 324 15.07 23.13 -34.36
N SER J 325 14.51 22.35 -33.44
CA SER J 325 14.06 22.81 -32.12
C SER J 325 15.23 23.15 -31.22
N LEU J 326 16.22 22.25 -31.11
CA LEU J 326 17.46 22.49 -30.37
C LEU J 326 18.33 23.58 -31.00
N THR J 327 18.28 23.79 -32.33
CA THR J 327 18.84 24.99 -32.95
C THR J 327 18.13 26.24 -32.46
N CYS J 328 16.80 26.33 -32.60
CA CYS J 328 16.02 27.51 -32.23
C CYS J 328 15.97 27.77 -30.72
N GLU J 329 16.10 26.74 -29.87
CA GLU J 329 16.18 26.85 -28.42
C GLU J 329 17.57 27.32 -27.96
N VAL J 330 18.65 26.89 -28.65
CA VAL J 330 19.96 27.54 -28.52
C VAL J 330 19.90 28.99 -29.01
N ASP J 331 19.38 29.25 -30.21
CA ASP J 331 19.28 30.58 -30.82
C ASP J 331 18.39 31.55 -29.99
N ALA J 332 17.33 31.04 -29.36
CA ALA J 332 16.52 31.79 -28.39
C ALA J 332 17.25 32.02 -27.06
N LEU J 333 18.04 31.08 -26.55
CA LEU J 333 18.97 31.33 -25.44
C LEU J 333 20.06 32.35 -25.83
N LYS J 334 20.41 32.48 -27.11
CA LYS J 334 21.46 33.39 -27.60
C LYS J 334 20.96 34.82 -27.76
N GLY J 335 19.74 34.97 -28.28
CA GLY J 335 18.96 36.21 -28.20
C GLY J 335 18.53 36.58 -26.77
N THR J 336 18.41 35.58 -25.87
CA THR J 336 18.19 35.83 -24.43
C THR J 336 19.48 36.31 -23.75
N ASN J 337 20.65 35.74 -24.06
CA ASN J 337 21.91 36.13 -23.45
C ASN J 337 22.40 37.52 -23.89
N GLU J 338 22.25 37.90 -25.17
CA GLU J 338 22.49 39.30 -25.60
C GLU J 338 21.51 40.27 -24.90
N SER J 339 20.26 39.85 -24.69
CA SER J 339 19.24 40.67 -24.03
C SER J 339 19.33 40.65 -22.50
N LEU J 340 20.04 39.68 -21.93
CA LEU J 340 20.41 39.63 -20.51
C LEU J 340 21.62 40.52 -20.24
N GLU J 341 22.57 40.60 -21.17
CA GLU J 341 23.61 41.63 -21.11
C GLU J 341 23.05 43.05 -21.31
N ARG J 342 21.92 43.21 -22.04
CA ARG J 342 21.15 44.48 -22.04
C ARG J 342 20.46 44.77 -20.71
N GLN J 343 19.98 43.75 -19.99
CA GLN J 343 19.54 43.93 -18.61
C GLN J 343 20.72 44.27 -17.66
N MET J 344 21.93 43.75 -17.91
CA MET J 344 23.12 44.11 -17.15
C MET J 344 23.67 45.51 -17.47
N ARG J 345 23.53 45.99 -18.71
CA ARG J 345 23.81 47.41 -19.07
C ARG J 345 22.81 48.34 -18.38
N GLU J 346 21.54 47.97 -18.39
CA GLU J 346 20.50 48.76 -17.74
C GLU J 346 20.60 48.66 -16.22
N MET J 347 21.19 47.59 -15.66
CA MET J 347 21.68 47.54 -14.27
C MET J 347 22.94 48.38 -14.02
N GLU J 348 23.87 48.51 -14.97
CA GLU J 348 25.03 49.40 -14.84
C GLU J 348 24.60 50.87 -14.72
N GLU J 349 23.64 51.28 -15.53
CA GLU J 349 22.97 52.58 -15.42
C GLU J 349 22.18 52.72 -14.11
N ASN J 350 21.49 51.68 -13.64
CA ASN J 350 20.76 51.71 -12.35
C ASN J 350 21.70 51.86 -11.13
N PHE J 351 22.80 51.11 -11.02
CA PHE J 351 23.77 51.29 -9.94
C PHE J 351 24.50 52.64 -10.04
N ALA J 352 24.67 53.15 -11.26
CA ALA J 352 25.30 54.43 -11.49
C ALA J 352 24.43 55.63 -11.12
N VAL J 353 23.16 55.65 -11.54
CA VAL J 353 22.17 56.67 -11.15
C VAL J 353 21.84 56.56 -9.65
N GLU J 354 21.81 55.35 -9.09
CA GLU J 354 21.73 55.14 -7.63
C GLU J 354 22.89 55.82 -6.89
N ALA J 355 24.14 55.61 -7.35
CA ALA J 355 25.29 56.20 -6.68
C ALA J 355 25.39 57.72 -6.90
N ALA J 356 25.30 58.18 -8.15
CA ALA J 356 25.63 59.54 -8.56
C ALA J 356 24.45 60.52 -8.48
N ASN J 357 23.27 60.14 -8.99
CA ASN J 357 22.08 61.01 -8.99
C ASN J 357 21.48 61.19 -7.57
N TYR J 358 21.63 60.18 -6.71
CA TYR J 358 21.36 60.37 -5.27
C TYR J 358 22.28 61.43 -4.63
N GLN J 359 23.58 61.44 -4.99
CA GLN J 359 24.49 62.50 -4.54
C GLN J 359 24.34 63.83 -5.30
N ASP J 360 23.68 63.87 -6.47
CA ASP J 360 23.18 65.13 -7.06
C ASP J 360 22.03 65.71 -6.22
N THR J 361 21.19 64.85 -5.66
CA THR J 361 20.12 65.25 -4.74
C THR J 361 20.68 65.68 -3.38
N ILE J 362 21.77 65.05 -2.91
CA ILE J 362 22.57 65.58 -1.80
C ILE J 362 23.25 66.91 -2.18
N GLY J 363 23.68 67.10 -3.42
CA GLY J 363 24.27 68.34 -3.94
C GLY J 363 23.28 69.50 -3.93
N ARG J 364 22.08 69.31 -4.47
CA ARG J 364 21.00 70.31 -4.41
C ARG J 364 20.51 70.58 -2.98
N LEU J 365 20.64 69.61 -2.07
CA LEU J 365 20.46 69.85 -0.63
C LEU J 365 21.66 70.54 0.04
N GLN J 366 22.89 70.36 -0.43
CA GLN J 366 24.05 71.14 0.00
C GLN J 366 23.96 72.59 -0.48
N ASP J 367 23.35 72.88 -1.63
CA ASP J 367 22.98 74.24 -2.03
C ASP J 367 22.04 74.88 -1.00
N GLU J 368 20.88 74.26 -0.75
CA GLU J 368 19.90 74.78 0.21
C GLU J 368 20.45 74.86 1.65
N ILE J 369 21.22 73.87 2.10
CA ILE J 369 21.79 73.82 3.46
C ILE J 369 22.95 74.80 3.63
N GLN J 370 23.87 74.89 2.67
CA GLN J 370 25.04 75.77 2.77
C GLN J 370 24.66 77.24 2.46
N ASN J 371 23.60 77.50 1.70
CA ASN J 371 22.93 78.80 1.62
C ASN J 371 22.26 79.17 2.96
N MET J 372 21.61 78.24 3.67
CA MET J 372 21.12 78.50 5.03
C MET J 372 22.24 78.71 6.06
N LYS J 373 23.43 78.13 5.83
CA LYS J 373 24.62 78.33 6.68
C LYS J 373 25.42 79.59 6.31
N GLU J 374 25.36 80.05 5.07
CA GLU J 374 25.73 81.39 4.66
C GLU J 374 24.89 82.41 5.42
N GLU J 375 23.57 82.28 5.40
CA GLU J 375 22.73 83.32 6.00
C GLU J 375 22.81 83.30 7.55
N MET J 376 23.05 82.13 8.14
CA MET J 376 23.45 82.00 9.55
C MET J 376 24.82 82.65 9.82
N ALA J 377 25.83 82.37 8.99
CA ALA J 377 27.15 82.99 9.07
C ALA J 377 27.12 84.51 8.82
N ARG J 378 26.19 85.02 8.03
CA ARG J 378 25.91 86.44 7.81
C ARG J 378 25.23 87.08 9.00
N HIS J 379 24.21 86.42 9.55
CA HIS J 379 23.57 86.81 10.81
C HIS J 379 24.52 86.80 12.02
N LEU J 380 25.56 85.95 12.05
CA LEU J 380 26.63 86.05 13.06
C LEU J 380 27.41 87.36 12.95
N ARG J 381 27.80 87.77 11.72
CA ARG J 381 28.55 89.00 11.51
C ARG J 381 27.65 90.23 11.64
N GLU J 382 26.39 90.17 11.22
CA GLU J 382 25.41 91.25 11.36
C GLU J 382 24.93 91.45 12.81
N TYR J 383 24.83 90.39 13.62
CA TYR J 383 24.61 90.56 15.06
C TYR J 383 25.85 91.16 15.76
N GLN J 384 27.05 90.82 15.30
CA GLN J 384 28.27 91.48 15.74
C GLN J 384 28.44 92.91 15.18
N ASP J 385 27.84 93.27 14.04
CA ASP J 385 27.68 94.67 13.59
C ASP J 385 26.74 95.45 14.53
N LEU J 386 25.63 94.84 14.99
CA LEU J 386 24.75 95.44 16.00
C LEU J 386 25.44 95.58 17.37
N LEU J 387 26.31 94.62 17.75
CA LEU J 387 27.19 94.79 18.90
C LEU J 387 28.26 95.86 18.64
N ASN J 388 28.75 96.06 17.43
CA ASN J 388 29.64 97.17 17.09
C ASN J 388 28.94 98.52 17.11
N VAL J 389 27.65 98.61 16.76
CA VAL J 389 26.81 99.80 17.00
C VAL J 389 26.59 100.06 18.50
N LYS J 390 26.38 99.02 19.32
CA LYS J 390 26.34 99.19 20.78
C LYS J 390 27.69 99.67 21.31
N MET J 391 28.77 98.98 20.98
CA MET J 391 30.11 99.24 21.48
C MET J 391 30.66 100.60 21.00
N ALA J 392 30.23 101.04 19.81
CA ALA J 392 30.39 102.40 19.30
C ALA J 392 29.70 103.44 20.16
N LEU J 393 28.43 103.20 20.52
CA LEU J 393 27.70 104.08 21.45
C LEU J 393 28.30 104.03 22.87
N ASP J 394 28.81 102.89 23.34
CA ASP J 394 29.53 102.81 24.61
C ASP J 394 30.78 103.71 24.63
N ILE J 395 31.65 103.63 23.59
CA ILE J 395 32.85 104.48 23.48
C ILE J 395 32.52 105.93 23.10
N GLU J 396 31.50 106.21 22.30
CA GLU J 396 31.06 107.58 21.96
C GLU J 396 30.41 108.29 23.16
N ILE J 397 29.67 107.56 23.99
CA ILE J 397 29.26 108.03 25.32
C ILE J 397 30.50 108.29 26.19
N ALA J 398 31.48 107.38 26.19
CA ALA J 398 32.71 107.54 26.97
C ALA J 398 33.54 108.75 26.52
N THR J 399 33.57 109.04 25.21
CA THR J 399 34.44 110.06 24.64
C THR J 399 33.73 111.40 24.48
N TYR J 400 32.40 111.40 24.46
CA TYR J 400 31.61 112.55 24.91
C TYR J 400 31.83 112.83 26.40
N ARG J 401 32.09 111.82 27.25
CA ARG J 401 32.60 112.10 28.63
C ARG J 401 34.02 112.68 28.64
N LYS J 402 34.88 112.30 27.70
CA LYS J 402 36.20 112.95 27.50
C LYS J 402 36.11 114.34 26.84
N LEU J 403 34.98 114.71 26.22
CA LEU J 403 34.63 116.10 25.93
C LEU J 403 34.17 116.79 27.21
N LEU J 404 33.34 116.12 28.01
CA LEU J 404 32.63 116.74 29.11
C LEU J 404 33.50 117.11 30.33
N GLU J 405 34.69 116.55 30.59
CA GLU J 405 35.64 117.19 31.55
C GLU J 405 36.08 118.57 31.07
N GLY J 406 36.31 118.67 29.76
CA GLY J 406 36.62 119.94 29.14
C GLY J 406 35.43 120.84 28.95
N GLU J 407 34.19 120.34 28.88
CA GLU J 407 32.97 121.15 28.90
C GLU J 407 32.48 121.52 30.32
N GLU J 408 32.88 120.77 31.36
CA GLU J 408 32.81 121.14 32.77
C GLU J 408 33.80 122.27 33.06
N SER J 409 35.00 122.14 32.49
CA SER J 409 35.91 123.26 32.40
C SER J 409 35.34 124.39 31.53
N ARG J 410 34.59 124.10 30.44
CA ARG J 410 34.10 125.12 29.51
C ARG J 410 32.95 125.99 29.96
N ILE J 411 32.29 125.80 31.09
CA ILE J 411 31.53 126.88 31.75
C ILE J 411 31.49 126.75 33.31
N SER J 412 32.34 125.92 33.93
CA SER J 412 32.28 125.51 35.36
C SER J 412 31.13 124.51 35.75
N LEU J 413 30.94 123.42 34.95
CA LEU J 413 29.64 123.06 34.36
C LEU J 413 29.49 121.50 34.16
N PRO J 414 29.15 120.86 33.00
CA PRO J 414 28.93 119.39 32.91
C PRO J 414 30.09 118.44 33.33
N LEU J 415 30.08 118.09 34.61
CA LEU J 415 30.96 117.09 35.25
C LEU J 415 31.18 115.72 34.54
N PRO J 416 30.19 115.03 33.91
CA PRO J 416 30.31 113.59 33.63
C PRO J 416 31.50 113.22 32.72
N ASN J 417 32.63 112.81 33.31
CA ASN J 417 33.93 112.77 32.65
C ASN J 417 34.55 111.37 32.47
N PHE J 418 35.36 111.23 31.41
CA PHE J 418 36.17 110.09 30.94
C PHE J 418 35.56 108.67 30.83
N SER J 419 34.36 108.41 31.35
CA SER J 419 33.96 107.08 31.82
C SER J 419 32.70 106.53 31.14
N SER J 420 32.94 105.64 30.18
CA SER J 420 32.04 104.55 29.71
C SER J 420 32.84 103.55 28.84
N LEU J 421 34.17 103.46 29.08
CA LEU J 421 35.16 103.05 28.07
C LEU J 421 34.88 101.64 27.53
N ASN J 422 34.81 101.54 26.20
CA ASN J 422 34.66 100.27 25.50
C ASN J 422 35.94 99.88 24.75
N LEU J 423 36.27 98.60 24.86
CA LEU J 423 37.26 97.85 24.09
C LEU J 423 36.89 96.35 24.18
N ARG J 424 37.74 95.53 23.57
CA ARG J 424 37.74 94.06 23.47
C ARG J 424 36.83 93.45 22.38
N GLU J 425 37.29 92.46 21.60
CA GLU J 425 38.32 91.38 21.73
C GLU J 425 37.90 90.15 22.56
N THR J 426 37.85 88.99 21.91
CA THR J 426 37.60 87.68 22.56
C THR J 426 38.78 87.14 23.37
N ASN J 427 39.99 87.67 23.19
CA ASN J 427 41.15 87.50 24.08
C ASN J 427 41.59 86.03 24.25
N LEU J 428 41.57 85.48 25.47
CA LEU J 428 42.31 84.28 25.86
C LEU J 428 41.81 83.02 25.13
N ASP J 429 42.74 82.29 24.50
CA ASP J 429 42.49 81.00 23.81
C ASP J 429 41.35 81.05 22.76
N SER J 430 41.08 82.26 22.25
CA SER J 430 39.79 82.57 21.61
C SER J 430 39.74 82.39 20.09
N LEU J 431 40.87 82.06 19.47
CA LEU J 431 40.92 81.16 18.33
C LEU J 431 41.45 79.81 18.86
N PRO J 432 40.58 78.93 19.40
CA PRO J 432 41.01 77.79 20.21
C PRO J 432 41.71 76.73 19.35
N LEU J 433 42.14 75.65 20.02
CA LEU J 433 42.51 74.36 19.40
C LEU J 433 41.28 73.59 18.87
N VAL J 434 40.55 74.20 17.94
CA VAL J 434 39.43 73.62 17.19
C VAL J 434 40.01 72.65 16.17
N ASP J 435 40.38 71.45 16.63
CA ASP J 435 41.11 70.47 15.85
C ASP J 435 40.38 69.11 15.76
N THR J 436 39.37 68.89 14.91
CA THR J 436 38.54 69.78 14.06
C THR J 436 39.26 70.66 13.00
N HIS J 437 40.25 70.20 12.21
CA HIS J 437 40.61 68.82 11.85
C HIS J 437 39.40 67.89 11.69
N SER J 438 38.43 68.39 10.91
CA SER J 438 37.15 67.72 10.67
C SER J 438 37.32 66.56 9.69
N LYS J 439 36.22 65.84 9.42
CA LYS J 439 36.19 64.57 8.68
C LYS J 439 36.52 64.75 7.20
N ARG J 440 37.82 64.84 6.92
CA ARG J 440 38.43 64.77 5.60
C ARG J 440 38.57 63.31 5.13
N THR J 441 37.43 62.61 5.03
CA THR J 441 37.38 61.19 4.69
C THR J 441 37.68 60.95 3.20
N LEU J 442 38.94 60.66 2.84
CA LEU J 442 39.24 60.09 1.52
C LEU J 442 38.71 58.66 1.45
N LEU J 443 37.52 58.49 0.87
CA LEU J 443 36.91 57.20 0.58
C LEU J 443 37.36 56.73 -0.81
N ILE J 444 38.44 55.94 -0.85
CA ILE J 444 38.81 55.19 -2.05
C ILE J 444 37.93 53.94 -2.14
N LYS J 445 37.03 53.83 -3.13
CA LYS J 445 36.32 52.57 -3.45
C LYS J 445 37.22 51.68 -4.31
N THR J 446 38.23 51.06 -3.69
CA THR J 446 39.13 50.12 -4.40
C THR J 446 38.39 48.83 -4.70
N VAL J 447 37.69 48.76 -5.83
CA VAL J 447 37.09 47.52 -6.34
C VAL J 447 38.10 46.76 -7.19
N GLU J 448 38.70 45.75 -6.57
CA GLU J 448 39.75 44.91 -7.18
C GLU J 448 39.12 43.87 -8.12
N THR J 449 38.78 44.32 -9.33
CA THR J 449 38.05 43.56 -10.38
C THR J 449 38.87 42.41 -10.94
N ARG J 450 38.98 41.33 -10.16
CA ARG J 450 38.82 39.95 -10.65
C ARG J 450 37.38 39.53 -10.34
N ASP J 451 36.45 40.15 -11.04
CA ASP J 451 35.01 40.03 -10.84
C ASP J 451 34.53 40.57 -9.47
N GLY J 452 33.24 40.36 -9.16
CA GLY J 452 32.42 41.30 -8.41
C GLY J 452 31.83 40.71 -7.13
N GLN J 453 31.09 39.61 -7.25
CA GLN J 453 30.74 38.76 -6.10
C GLN J 453 31.95 37.98 -5.54
N VAL J 454 33.17 38.13 -6.11
CA VAL J 454 34.43 37.55 -5.61
C VAL J 454 35.56 38.59 -5.41
N ILE J 455 35.48 39.56 -4.51
CA ILE J 455 34.39 40.08 -3.63
C ILE J 455 34.72 41.52 -3.13
N ASN J 456 35.75 42.13 -3.72
CA ASN J 456 36.61 43.12 -3.04
C ASN J 456 36.10 44.56 -3.15
N GLU J 457 34.96 44.86 -2.53
CA GLU J 457 34.48 46.23 -2.29
C GLU J 457 35.28 46.98 -1.21
N THR J 458 36.58 47.22 -1.41
CA THR J 458 37.41 47.92 -0.42
C THR J 458 37.14 49.43 -0.41
N SER J 459 36.05 49.84 0.25
CA SER J 459 35.76 51.23 0.64
C SER J 459 36.70 51.69 1.77
N GLN J 460 37.96 51.95 1.43
CA GLN J 460 38.97 52.49 2.35
C GLN J 460 38.56 53.90 2.80
N HIS J 461 37.92 54.01 3.97
CA HIS J 461 37.63 55.29 4.62
C HIS J 461 38.91 55.84 5.28
N HIS J 462 39.77 56.55 4.56
CA HIS J 462 40.83 57.35 5.20
C HIS J 462 40.21 58.62 5.79
N ASP J 463 39.52 58.48 6.92
CA ASP J 463 39.13 59.57 7.83
C ASP J 463 40.39 60.33 8.28
N ASP J 464 40.77 61.35 7.52
CA ASP J 464 41.90 62.22 7.85
C ASP J 464 41.45 63.39 8.72
N LEU J 465 42.35 63.85 9.58
CA LEU J 465 42.14 64.94 10.53
C LEU J 465 43.14 66.07 10.19
N GLU J 466 42.86 66.78 9.09
CA GLU J 466 43.71 67.82 8.44
C GLU J 466 43.91 69.11 9.24
N MET K 1 -1.94 12.60 -15.83
CA MET K 1 -2.91 13.61 -15.34
C MET K 1 -2.25 14.98 -15.17
N SER K 2 -2.61 15.96 -15.98
CA SER K 2 -2.52 17.39 -15.67
C SER K 2 -3.92 17.92 -15.30
N THR K 3 -4.07 19.24 -15.23
CA THR K 3 -5.32 20.04 -15.14
C THR K 3 -5.03 21.37 -15.86
N ARG K 4 -5.99 22.28 -16.00
CA ARG K 4 -5.72 23.69 -16.42
C ARG K 4 -5.93 24.68 -15.29
N SER K 5 -5.36 24.33 -14.13
CA SER K 5 -5.38 25.19 -12.95
C SER K 5 -4.30 26.27 -13.08
N VAL K 6 -4.68 27.54 -12.86
CA VAL K 6 -3.78 28.70 -12.94
C VAL K 6 -2.62 28.56 -11.93
N SER K 7 -1.38 28.80 -12.38
CA SER K 7 -0.17 28.53 -11.60
C SER K 7 0.54 29.78 -11.06
N SER K 8 -0.21 30.81 -10.66
CA SER K 8 0.32 31.98 -9.95
C SER K 8 1.05 31.57 -8.66
N SER K 9 2.37 31.71 -8.66
CA SER K 9 3.17 31.91 -7.44
C SER K 9 3.05 33.38 -6.99
N SER K 10 4.11 33.97 -6.41
CA SER K 10 4.28 35.43 -6.37
C SER K 10 4.33 36.03 -7.79
N TYR K 11 5.03 35.35 -8.71
CA TYR K 11 4.89 35.36 -10.18
C TYR K 11 5.09 36.70 -10.94
N ARG K 12 4.78 37.84 -10.35
CA ARG K 12 5.13 39.19 -10.82
C ARG K 12 6.03 39.85 -9.77
N ARG K 13 7.32 39.46 -9.80
CA ARG K 13 8.34 39.73 -8.76
C ARG K 13 7.86 39.19 -7.38
N MET K 14 8.31 39.78 -6.27
CA MET K 14 7.95 39.33 -4.90
C MET K 14 7.87 40.43 -3.83
N PHE K 15 8.14 41.69 -4.19
CA PHE K 15 8.54 42.74 -3.25
C PHE K 15 7.36 43.54 -2.66
N GLY K 16 6.58 42.89 -1.80
CA GLY K 16 5.62 43.60 -0.94
C GLY K 16 4.36 44.08 -1.67
N GLY K 17 4.13 45.38 -1.61
CA GLY K 17 3.20 46.14 -2.45
C GLY K 17 3.95 47.35 -3.03
N PRO K 18 3.30 48.26 -3.78
CA PRO K 18 3.99 49.27 -4.58
C PRO K 18 5.06 50.14 -3.88
N GLY K 19 4.91 50.63 -2.63
CA GLY K 19 3.72 50.57 -1.76
C GLY K 19 3.90 51.28 -0.42
N THR K 20 5.13 51.52 0.04
CA THR K 20 5.42 52.44 1.17
C THR K 20 6.87 52.94 1.07
N ALA K 21 7.09 54.05 0.37
CA ALA K 21 8.40 54.73 0.29
C ALA K 21 8.79 55.52 1.56
N SER K 22 8.19 55.18 2.72
CA SER K 22 8.56 55.71 4.05
C SER K 22 8.58 57.25 4.19
N ARG K 23 7.57 57.94 3.62
CA ARG K 23 7.35 59.40 3.75
C ARG K 23 7.61 59.89 5.20
N PRO K 24 8.64 60.72 5.45
CA PRO K 24 9.16 60.91 6.80
C PRO K 24 8.21 61.68 7.71
N SER K 25 7.67 60.99 8.71
CA SER K 25 6.81 61.56 9.75
C SER K 25 7.62 62.40 10.74
N SER K 26 7.88 63.67 10.41
CA SER K 26 8.57 64.63 11.30
C SER K 26 7.94 64.71 12.69
N SER K 27 8.74 65.01 13.71
CA SER K 27 8.32 65.08 15.12
C SER K 27 7.47 66.32 15.48
N ARG K 28 6.59 66.79 14.58
CA ARG K 28 5.49 67.73 14.89
C ARG K 28 4.37 67.09 15.73
N SER K 29 4.56 65.84 16.16
CA SER K 29 3.95 65.18 17.32
C SER K 29 4.56 65.59 18.68
N TYR K 30 5.56 66.47 18.72
CA TYR K 30 5.92 67.26 19.90
C TYR K 30 4.92 68.40 20.17
N VAL K 31 5.02 69.00 21.34
CA VAL K 31 4.28 70.23 21.71
C VAL K 31 4.95 71.43 21.02
N THR K 32 4.17 72.34 20.41
CA THR K 32 4.72 73.58 19.83
C THR K 32 5.30 74.47 20.93
N THR K 33 6.48 75.06 20.69
CA THR K 33 7.30 75.66 21.74
C THR K 33 6.59 76.74 22.57
N SER K 34 6.98 76.87 23.83
CA SER K 34 6.51 77.94 24.71
C SER K 34 7.19 79.26 24.32
N THR K 35 6.44 80.21 23.75
CA THR K 35 7.00 81.51 23.28
C THR K 35 7.28 82.50 24.44
N ARG K 36 7.64 81.99 25.63
CA ARG K 36 7.80 82.74 26.89
C ARG K 36 9.00 83.69 26.86
N THR K 37 8.82 84.79 26.14
CA THR K 37 9.64 86.01 26.24
C THR K 37 9.04 86.96 27.29
N TYR K 38 9.79 87.99 27.70
CA TYR K 38 9.39 88.93 28.76
C TYR K 38 9.86 90.35 28.44
N SER K 39 9.02 91.36 28.68
CA SER K 39 9.36 92.76 28.53
C SER K 39 9.55 93.44 29.89
N LEU K 40 10.79 93.78 30.22
CA LEU K 40 11.18 94.62 31.36
C LEU K 40 10.81 96.09 31.11
N GLY K 41 9.51 96.39 30.97
CA GLY K 41 9.05 97.71 30.53
C GLY K 41 9.08 98.81 31.60
N SER K 42 9.45 98.50 32.85
CA SER K 42 9.39 99.41 34.00
C SER K 42 10.76 99.97 34.41
N ALA K 43 11.74 99.12 34.68
CA ALA K 43 13.07 99.53 35.15
C ALA K 43 13.86 100.37 34.11
N LEU K 44 13.53 100.24 32.83
CA LEU K 44 14.10 101.03 31.72
C LEU K 44 13.66 102.52 31.70
N ARG K 45 12.97 103.00 32.73
CA ARG K 45 12.72 104.42 33.03
C ARG K 45 12.88 104.64 34.55
N PRO K 46 14.11 104.79 35.09
CA PRO K 46 14.43 104.72 36.53
C PRO K 46 13.80 105.88 37.33
N SER K 47 12.54 105.70 37.67
CA SER K 47 11.62 106.71 38.19
C SER K 47 11.82 106.94 39.70
N THR K 48 12.78 107.78 40.06
CA THR K 48 13.14 108.07 41.46
C THR K 48 13.30 109.56 41.74
N SER K 49 12.71 110.04 42.83
CA SER K 49 12.87 111.42 43.30
C SER K 49 14.29 111.66 43.85
N ARG K 50 15.15 112.24 43.02
CA ARG K 50 16.43 112.87 43.46
C ARG K 50 16.21 114.18 44.23
N SER K 51 14.98 114.69 44.28
CA SER K 51 14.58 115.79 45.17
C SER K 51 14.46 115.30 46.62
N LEU K 52 15.60 115.22 47.31
CA LEU K 52 15.71 114.84 48.73
C LEU K 52 16.63 115.77 49.55
N TYR K 53 17.18 116.81 48.92
CA TYR K 53 17.95 117.88 49.56
C TYR K 53 17.05 118.81 50.40
N ALA K 54 17.62 119.46 51.42
CA ALA K 54 16.90 120.39 52.31
C ALA K 54 17.80 121.54 52.81
N SER K 55 17.86 122.64 52.05
CA SER K 55 18.62 123.84 52.42
C SER K 55 17.94 124.62 53.55
N SER K 56 18.68 124.94 54.62
CA SER K 56 18.20 125.80 55.70
C SER K 56 18.33 127.30 55.34
N PRO K 57 17.29 128.13 55.54
CA PRO K 57 17.37 129.59 55.48
C PRO K 57 17.80 130.23 56.82
N GLY K 58 18.21 129.43 57.81
CA GLY K 58 18.69 129.93 59.10
C GLY K 58 19.98 130.75 59.00
N GLY K 59 20.22 131.64 59.96
CA GLY K 59 21.38 132.56 59.98
C GLY K 59 21.05 134.01 59.61
N VAL K 60 19.85 134.29 59.08
CA VAL K 60 19.37 135.65 58.79
C VAL K 60 18.97 136.40 60.07
N TYR K 61 19.97 136.94 60.78
CA TYR K 61 19.77 137.72 62.02
C TYR K 61 19.85 139.23 61.75
N ALA K 62 18.70 139.85 61.46
CA ALA K 62 18.60 141.30 61.26
C ALA K 62 18.90 142.07 62.57
N THR K 94 19.36 149.21 50.09
CA THR K 94 19.01 148.92 48.69
C THR K 94 20.21 148.65 47.77
N GLU K 95 21.43 149.13 48.10
CA GLU K 95 22.67 148.63 47.48
C GLU K 95 22.86 147.16 47.79
N PHE K 96 22.64 146.70 49.03
CA PHE K 96 22.70 145.27 49.35
C PHE K 96 21.48 144.44 48.90
N LYS K 97 20.35 145.07 48.52
CA LYS K 97 19.29 144.40 47.74
C LYS K 97 19.77 144.14 46.31
N ASN K 98 20.28 145.17 45.64
CA ASN K 98 20.71 145.10 44.25
C ASN K 98 22.02 144.33 44.06
N THR K 99 22.87 144.32 45.10
CA THR K 99 24.05 143.44 45.23
C THR K 99 23.68 141.97 45.29
N ARG K 100 22.59 141.58 45.98
CA ARG K 100 22.10 140.19 46.03
C ARG K 100 21.30 139.77 44.79
N THR K 101 20.79 140.76 44.06
CA THR K 101 20.14 140.55 42.76
C THR K 101 21.21 140.33 41.69
N ASN K 102 22.35 141.03 41.83
CA ASN K 102 23.61 140.80 41.14
C ASN K 102 24.26 139.45 41.51
N GLU K 103 24.72 139.28 42.74
CA GLU K 103 25.59 138.20 43.23
C GLU K 103 25.02 136.81 42.97
N LYS K 104 23.71 136.64 43.17
CA LYS K 104 23.03 135.35 42.92
C LYS K 104 22.86 135.04 41.44
N VAL K 105 23.03 136.02 40.57
CA VAL K 105 22.78 135.95 39.13
C VAL K 105 24.08 136.06 38.31
N GLU K 106 25.15 136.61 38.93
CA GLU K 106 26.56 136.20 38.76
C GLU K 106 26.78 134.73 39.18
N LEU K 107 25.85 134.17 39.97
CA LEU K 107 25.73 132.75 40.29
C LEU K 107 24.50 132.07 39.63
N GLN K 108 23.81 132.67 38.63
CA GLN K 108 22.69 132.05 37.88
C GLN K 108 22.88 131.99 36.36
N GLU K 109 23.60 132.95 35.74
CA GLU K 109 24.42 132.67 34.54
C GLU K 109 25.31 131.46 34.81
N LEU K 110 25.77 131.36 36.06
CA LEU K 110 26.68 130.33 36.47
C LEU K 110 26.13 128.92 36.45
N ASN K 111 25.05 128.70 37.20
CA ASN K 111 24.40 127.39 37.31
C ASN K 111 23.81 126.96 35.97
N ASP K 112 23.54 127.91 35.07
CA ASP K 112 22.89 127.67 33.78
C ASP K 112 23.87 127.60 32.60
N ARG K 113 25.10 128.10 32.78
CA ARG K 113 26.30 127.67 32.05
C ARG K 113 26.71 126.25 32.41
N PHE K 114 26.73 125.91 33.71
CA PHE K 114 26.81 124.52 34.15
C PHE K 114 25.63 123.65 33.64
N ALA K 115 24.40 124.19 33.59
CA ALA K 115 23.24 123.47 33.07
C ALA K 115 23.37 123.22 31.57
N ASN K 116 23.76 124.19 30.75
CA ASN K 116 23.96 123.98 29.32
C ASN K 116 25.12 123.00 29.04
N TYR K 117 26.18 122.96 29.89
CA TYR K 117 27.15 121.85 29.86
C TYR K 117 26.61 120.48 30.33
N ILE K 118 25.63 120.42 31.23
CA ILE K 118 24.88 119.17 31.52
C ILE K 118 23.89 118.84 30.41
N ASP K 119 23.47 119.82 29.64
CA ASP K 119 22.37 119.68 28.70
C ASP K 119 22.90 119.35 27.30
N LYS K 120 24.14 119.76 27.01
CA LYS K 120 25.14 119.04 26.21
C LYS K 120 25.24 117.53 26.51
N VAL K 121 25.24 117.10 27.78
CA VAL K 121 25.26 115.66 28.09
C VAL K 121 23.91 115.02 27.77
N ARG K 122 22.80 115.74 27.98
CA ARG K 122 21.44 115.34 27.57
C ARG K 122 21.25 115.33 26.04
N PHE K 123 21.92 116.20 25.28
CA PHE K 123 21.85 116.30 23.82
C PHE K 123 22.58 115.14 23.18
N LEU K 124 23.76 114.82 23.71
CA LEU K 124 24.44 113.58 23.33
C LEU K 124 23.72 112.34 23.85
N GLU K 125 23.13 112.34 25.04
CA GLU K 125 22.32 111.20 25.52
C GLU K 125 21.08 110.97 24.63
N GLN K 126 20.45 112.02 24.11
CA GLN K 126 19.33 111.93 23.16
C GLN K 126 19.75 111.53 21.75
N GLN K 127 20.79 112.15 21.18
CA GLN K 127 21.33 111.78 19.87
C GLN K 127 21.92 110.36 19.88
N ASN K 128 22.60 109.98 20.96
CA ASN K 128 23.04 108.63 21.26
C ASN K 128 21.87 107.66 21.55
N LYS K 129 20.71 108.12 22.02
CA LYS K 129 19.51 107.28 22.18
C LYS K 129 18.78 107.02 20.85
N ILE K 130 18.78 107.98 19.93
CA ILE K 130 18.26 107.80 18.57
C ILE K 130 19.19 106.85 17.79
N LEU K 131 20.50 107.09 17.88
CA LEU K 131 21.58 106.20 17.46
C LEU K 131 21.45 104.76 17.99
N LEU K 132 21.22 104.56 19.29
CA LEU K 132 21.04 103.23 19.89
C LEU K 132 19.63 102.63 19.73
N ALA K 133 18.66 103.36 19.15
CA ALA K 133 17.41 102.77 18.65
C ALA K 133 17.56 102.37 17.17
N GLU K 134 18.16 103.25 16.38
CA GLU K 134 18.51 103.08 14.97
C GLU K 134 19.51 101.93 14.73
N LEU K 135 20.48 101.74 15.64
CA LEU K 135 21.40 100.59 15.67
C LEU K 135 20.67 99.26 15.95
N GLU K 136 19.60 99.25 16.74
CA GLU K 136 18.77 98.05 16.97
C GLU K 136 17.78 97.80 15.81
N GLN K 137 17.31 98.85 15.13
CA GLN K 137 16.52 98.74 13.90
C GLN K 137 17.36 98.24 12.72
N LEU K 138 18.61 98.71 12.62
CA LEU K 138 19.69 98.26 11.74
C LEU K 138 19.93 96.74 11.88
N LYS K 139 20.26 96.27 13.09
CA LYS K 139 20.52 94.84 13.37
C LYS K 139 19.26 93.98 13.21
N GLY K 140 18.11 94.53 13.60
CA GLY K 140 16.84 93.84 13.59
C GLY K 140 16.31 93.62 12.17
N GLN K 141 16.46 94.61 11.29
CA GLN K 141 16.00 94.52 9.91
C GLN K 141 17.05 93.95 8.95
N GLY K 142 18.25 94.53 8.91
CA GLY K 142 19.23 94.36 7.82
C GLY K 142 19.67 92.91 7.64
N LYS K 143 20.32 92.36 8.66
CA LYS K 143 20.85 91.00 8.67
C LYS K 143 19.87 89.97 9.19
N SER K 144 19.19 90.25 10.31
CA SER K 144 18.23 89.29 10.89
C SER K 144 16.97 89.24 10.03
N ARG K 145 16.01 90.16 10.20
CA ARG K 145 14.66 89.96 9.65
C ARG K 145 14.63 89.73 8.14
N LEU K 146 15.40 90.48 7.35
CA LEU K 146 15.47 90.29 5.90
C LEU K 146 16.21 88.99 5.51
N GLY K 147 17.23 88.58 6.27
CA GLY K 147 17.84 87.25 6.13
C GLY K 147 16.91 86.10 6.54
N ASP K 148 16.23 86.22 7.69
CA ASP K 148 15.30 85.23 8.24
C ASP K 148 14.14 84.90 7.29
N LEU K 149 13.64 85.89 6.53
CA LEU K 149 12.58 85.73 5.52
C LEU K 149 13.09 85.08 4.23
N TYR K 150 14.08 85.71 3.59
CA TYR K 150 14.54 85.26 2.27
C TYR K 150 15.34 83.95 2.32
N GLU K 151 15.88 83.58 3.50
CA GLU K 151 16.37 82.22 3.76
C GLU K 151 15.25 81.16 3.88
N GLU K 152 13.99 81.49 4.16
CA GLU K 152 12.85 80.55 4.04
C GLU K 152 12.22 80.55 2.63
N GLU K 153 12.17 81.70 1.93
CA GLU K 153 11.74 81.74 0.50
C GLU K 153 12.70 80.96 -0.41
N MET K 154 14.02 81.11 -0.19
CA MET K 154 15.01 80.30 -0.90
C MET K 154 14.86 78.81 -0.58
N ARG K 155 14.37 78.42 0.61
CA ARG K 155 14.06 77.01 0.93
C ARG K 155 12.78 76.52 0.24
N GLU K 156 11.80 77.38 -0.02
CA GLU K 156 10.59 77.04 -0.78
C GLU K 156 10.80 76.97 -2.30
N LEU K 157 11.81 77.66 -2.82
CA LEU K 157 12.36 77.47 -4.17
C LEU K 157 13.24 76.20 -4.21
N ARG K 158 14.17 76.09 -3.27
CA ARG K 158 15.09 74.95 -3.13
C ARG K 158 14.40 73.62 -2.86
N ARG K 159 13.20 73.62 -2.26
CA ARG K 159 12.35 72.43 -2.12
C ARG K 159 11.95 71.80 -3.46
N GLN K 160 11.69 72.64 -4.47
CA GLN K 160 11.37 72.20 -5.83
C GLN K 160 12.63 71.93 -6.68
N VAL K 161 13.75 72.57 -6.34
CA VAL K 161 15.09 72.23 -6.86
C VAL K 161 15.56 70.84 -6.39
N ASP K 162 15.34 70.51 -5.12
CA ASP K 162 15.51 69.16 -4.59
C ASP K 162 14.45 68.18 -5.16
N GLN K 163 13.28 68.65 -5.59
CA GLN K 163 12.27 67.81 -6.25
C GLN K 163 12.77 67.28 -7.61
N LEU K 164 13.29 68.11 -8.54
CA LEU K 164 13.97 67.58 -9.76
C LEU K 164 15.16 66.70 -9.40
N THR K 165 15.90 67.05 -8.34
CA THR K 165 17.11 66.31 -7.99
C THR K 165 16.78 64.90 -7.45
N ASN K 166 15.53 64.66 -7.04
CA ASN K 166 14.92 63.32 -7.01
C ASN K 166 14.40 62.88 -8.39
N ASP K 167 13.50 63.66 -9.02
CA ASP K 167 12.78 63.29 -10.25
C ASP K 167 13.73 62.81 -11.38
N LYS K 168 14.72 63.63 -11.76
CA LYS K 168 15.68 63.34 -12.84
C LYS K 168 16.53 62.10 -12.57
N ALA K 169 17.15 62.04 -11.38
CA ALA K 169 17.98 60.90 -10.98
C ALA K 169 17.16 59.61 -10.87
N ARG K 170 15.88 59.72 -10.51
CA ARG K 170 14.94 58.60 -10.45
C ARG K 170 14.53 58.11 -11.84
N VAL K 171 14.15 58.99 -12.78
CA VAL K 171 13.77 58.55 -14.14
C VAL K 171 14.93 57.94 -14.92
N GLU K 172 16.16 58.44 -14.70
CA GLU K 172 17.38 57.86 -15.27
C GLU K 172 17.70 56.48 -14.68
N VAL K 173 17.62 56.33 -13.35
CA VAL K 173 17.85 55.02 -12.68
C VAL K 173 16.76 54.00 -12.96
N GLU K 174 15.48 54.41 -12.99
CA GLU K 174 14.38 53.50 -13.30
C GLU K 174 14.37 53.06 -14.78
N ARG K 175 14.82 53.92 -15.73
CA ARG K 175 14.93 53.57 -17.17
C ARG K 175 15.89 52.41 -17.39
N ASP K 176 17.12 52.53 -16.88
CA ASP K 176 18.18 51.55 -17.16
C ASP K 176 18.03 50.25 -16.33
N ASN K 177 17.25 50.27 -15.23
CA ASN K 177 16.90 49.05 -14.49
C ASN K 177 15.75 48.27 -15.13
N LEU K 178 14.62 48.95 -15.43
CA LEU K 178 13.42 48.28 -15.92
C LEU K 178 13.54 47.83 -17.38
N ALA K 179 14.51 48.35 -18.12
CA ALA K 179 14.94 47.83 -19.40
C ALA K 179 15.24 46.32 -19.35
N GLU K 180 16.17 45.90 -18.49
CA GLU K 180 16.43 44.47 -18.25
C GLU K 180 15.27 43.75 -17.51
N ASP K 181 14.67 44.32 -16.45
CA ASP K 181 13.62 43.63 -15.67
C ASP K 181 12.35 43.30 -16.48
N ILE K 182 12.02 44.08 -17.53
CA ILE K 182 10.87 43.85 -18.41
C ILE K 182 11.24 43.21 -19.75
N MET K 183 12.44 43.45 -20.28
CA MET K 183 12.98 42.72 -21.44
C MET K 183 13.10 41.21 -21.15
N ARG K 184 13.53 40.85 -19.93
CA ARG K 184 13.55 39.49 -19.38
C ARG K 184 12.17 38.94 -18.95
N LEU K 185 11.09 39.70 -19.19
CA LEU K 185 9.69 39.25 -19.17
C LEU K 185 9.05 39.19 -20.56
N ARG K 186 9.67 39.71 -21.62
CA ARG K 186 9.28 39.50 -23.02
C ARG K 186 10.00 38.30 -23.65
N GLU K 187 11.26 38.11 -23.29
CA GLU K 187 12.10 36.94 -23.64
C GLU K 187 11.47 35.59 -23.25
N LYS K 188 10.75 35.56 -22.12
CA LYS K 188 10.06 34.35 -21.64
C LYS K 188 8.69 34.11 -22.28
N LEU K 189 8.08 35.14 -22.87
CA LEU K 189 6.89 34.97 -23.71
C LEU K 189 7.28 34.55 -25.14
N GLN K 190 8.48 34.93 -25.60
CA GLN K 190 9.13 34.37 -26.78
C GLN K 190 9.47 32.88 -26.60
N GLU K 191 9.98 32.47 -25.43
CA GLU K 191 10.12 31.05 -25.08
C GLU K 191 8.77 30.30 -25.15
N GLU K 192 7.69 30.87 -24.61
CA GLU K 192 6.36 30.23 -24.64
C GLU K 192 5.72 30.14 -26.04
N MET K 193 5.99 31.07 -26.95
CA MET K 193 5.43 31.07 -28.32
C MET K 193 6.29 30.37 -29.36
N LEU K 194 7.62 30.36 -29.22
CA LEU K 194 8.47 29.52 -30.07
C LEU K 194 8.22 28.01 -29.83
N GLN K 195 7.84 27.62 -28.61
CA GLN K 195 7.31 26.27 -28.30
C GLN K 195 5.89 25.98 -28.83
N ARG K 196 5.23 26.95 -29.47
CA ARG K 196 3.98 26.78 -30.24
C ARG K 196 4.24 26.75 -31.74
N GLU K 197 5.07 27.66 -32.23
CA GLU K 197 5.28 27.82 -33.67
C GLU K 197 6.34 26.83 -34.23
N GLU K 198 7.26 26.33 -33.38
CA GLU K 198 8.01 25.08 -33.59
C GLU K 198 7.05 23.89 -33.77
N ALA K 199 6.04 23.81 -32.91
CA ALA K 199 5.06 22.74 -32.87
C ALA K 199 3.99 22.82 -33.98
N GLU K 200 3.99 23.89 -34.78
CA GLU K 200 3.18 24.08 -36.00
C GLU K 200 4.01 23.90 -37.26
N ASN K 201 4.99 24.78 -37.50
CA ASN K 201 5.75 24.87 -38.75
C ASN K 201 6.55 23.59 -39.04
N THR K 202 7.26 23.08 -38.03
CA THR K 202 8.03 21.82 -38.15
C THR K 202 7.12 20.62 -38.46
N LEU K 203 5.84 20.69 -38.06
CA LEU K 203 4.85 19.64 -38.33
C LEU K 203 4.19 19.78 -39.72
N GLN K 204 4.34 20.90 -40.46
CA GLN K 204 4.17 20.95 -41.93
C GLN K 204 5.40 20.42 -42.67
N SER K 205 6.59 20.76 -42.19
CA SER K 205 7.84 20.34 -42.86
C SER K 205 8.07 18.83 -42.76
N PHE K 206 7.68 18.22 -41.63
CA PHE K 206 7.61 16.76 -41.45
C PHE K 206 6.52 16.07 -42.29
N ARG K 207 5.59 16.79 -42.92
CA ARG K 207 4.58 16.24 -43.84
C ARG K 207 5.03 16.29 -45.30
N GLN K 208 5.77 17.33 -45.67
CA GLN K 208 6.45 17.40 -46.97
C GLN K 208 7.60 16.39 -47.05
N ASP K 209 8.40 16.23 -45.99
CA ASP K 209 9.41 15.14 -45.94
C ASP K 209 8.83 13.75 -45.60
N VAL K 210 7.58 13.66 -45.17
CA VAL K 210 6.83 12.38 -45.24
C VAL K 210 6.51 12.00 -46.69
N ASP K 211 6.19 12.96 -47.56
CA ASP K 211 5.99 12.71 -48.99
C ASP K 211 7.29 12.39 -49.74
N ASN K 212 8.34 13.20 -49.55
CA ASN K 212 9.67 12.94 -50.13
C ASN K 212 10.21 11.55 -49.71
N ALA K 213 10.00 11.17 -48.45
CA ALA K 213 10.32 9.83 -47.98
C ALA K 213 9.40 8.74 -48.57
N SER K 214 8.10 9.00 -48.76
CA SER K 214 7.13 8.04 -49.31
C SER K 214 7.35 7.75 -50.79
N LEU K 215 7.70 8.74 -51.61
CA LEU K 215 8.15 8.53 -53.00
C LEU K 215 9.42 7.66 -53.05
N ALA K 216 10.34 7.85 -52.11
CA ALA K 216 11.47 6.94 -51.93
C ALA K 216 11.07 5.54 -51.43
N ARG K 217 10.04 5.42 -50.57
CA ARG K 217 9.48 4.11 -50.17
C ARG K 217 8.85 3.36 -51.34
N LEU K 218 8.23 4.02 -52.31
CA LEU K 218 7.61 3.37 -53.47
C LEU K 218 8.63 2.81 -54.47
N ASP K 219 9.79 3.44 -54.59
CA ASP K 219 10.92 2.88 -55.36
C ASP K 219 11.54 1.66 -54.63
N LEU K 220 11.50 1.63 -53.30
CA LEU K 220 11.86 0.44 -52.49
C LEU K 220 10.77 -0.65 -52.57
N GLU K 221 9.49 -0.29 -52.54
CA GLU K 221 8.35 -1.20 -52.70
C GLU K 221 8.33 -1.87 -54.07
N ARG K 222 8.67 -1.12 -55.13
CA ARG K 222 8.85 -1.67 -56.48
C ARG K 222 9.92 -2.77 -56.53
N LYS K 223 10.96 -2.64 -55.70
CA LYS K 223 11.96 -3.70 -55.52
C LYS K 223 11.36 -4.84 -54.72
N VAL K 224 10.73 -4.57 -53.56
CA VAL K 224 10.11 -5.57 -52.69
C VAL K 224 9.05 -6.42 -53.42
N GLU K 225 8.09 -5.85 -54.14
CA GLU K 225 7.04 -6.56 -54.93
C GLU K 225 7.66 -7.56 -55.91
N SER K 226 8.57 -7.05 -56.75
CA SER K 226 9.31 -7.84 -57.74
C SER K 226 10.13 -8.95 -57.06
N LEU K 227 10.74 -8.64 -55.93
CA LEU K 227 11.53 -9.54 -55.11
C LEU K 227 10.69 -10.48 -54.20
N GLN K 228 9.37 -10.38 -54.26
CA GLN K 228 8.41 -11.17 -53.49
C GLN K 228 7.54 -12.08 -54.39
N GLU K 229 7.50 -11.86 -55.70
CA GLU K 229 7.53 -13.02 -56.61
C GLU K 229 8.74 -13.93 -56.29
N GLU K 230 9.90 -13.29 -56.10
CA GLU K 230 11.18 -13.99 -55.92
C GLU K 230 11.37 -14.62 -54.52
N ILE K 231 10.65 -14.17 -53.49
CA ILE K 231 10.48 -14.94 -52.24
C ILE K 231 9.68 -16.22 -52.53
N ALA K 232 8.56 -16.12 -53.23
CA ALA K 232 7.71 -17.28 -53.48
C ALA K 232 8.41 -18.36 -54.34
N PHE K 233 9.19 -17.91 -55.33
CA PHE K 233 10.21 -18.67 -56.05
C PHE K 233 11.19 -19.34 -55.07
N LEU K 234 11.95 -18.53 -54.31
CA LEU K 234 12.99 -18.99 -53.40
C LEU K 234 12.52 -20.01 -52.35
N LYS K 235 11.42 -19.73 -51.64
CA LYS K 235 10.93 -20.61 -50.57
C LYS K 235 10.42 -21.97 -51.09
N LYS K 236 10.11 -22.12 -52.38
CA LYS K 236 9.71 -23.41 -52.98
C LYS K 236 10.73 -24.03 -53.93
N LEU K 237 11.63 -23.24 -54.52
CA LEU K 237 12.89 -23.76 -55.07
C LEU K 237 13.74 -24.46 -54.00
N HIS K 238 13.61 -24.09 -52.72
CA HIS K 238 14.21 -24.89 -51.64
C HIS K 238 13.45 -26.18 -51.29
N GLU K 239 12.13 -26.21 -51.40
CA GLU K 239 11.39 -27.46 -51.19
C GLU K 239 11.68 -28.45 -52.34
N GLU K 240 11.90 -27.91 -53.52
CA GLU K 240 12.30 -28.54 -54.78
C GLU K 240 13.77 -29.02 -54.80
N GLU K 241 14.72 -28.29 -54.22
CA GLU K 241 16.07 -28.81 -53.87
C GLU K 241 16.01 -30.00 -52.89
N ILE K 242 15.04 -30.02 -51.97
CA ILE K 242 14.86 -31.16 -51.06
C ILE K 242 14.14 -32.32 -51.76
N GLN K 243 13.38 -32.09 -52.84
CA GLN K 243 12.84 -33.13 -53.72
C GLN K 243 13.90 -33.70 -54.65
N GLU K 244 14.77 -32.87 -55.23
CA GLU K 244 15.80 -33.27 -56.18
C GLU K 244 17.10 -33.78 -55.52
N LEU K 245 17.37 -33.40 -54.26
CA LEU K 245 18.33 -34.14 -53.42
C LEU K 245 17.74 -35.49 -52.95
N GLN K 246 16.42 -35.55 -52.73
CA GLN K 246 15.73 -36.85 -52.60
C GLN K 246 15.62 -37.58 -53.94
N ALA K 247 15.78 -36.92 -55.09
CA ALA K 247 15.92 -37.55 -56.40
C ALA K 247 17.32 -38.15 -56.59
N GLN K 248 18.40 -37.39 -56.41
CA GLN K 248 19.75 -37.94 -56.48
C GLN K 248 20.04 -39.02 -55.41
N ILE K 249 19.47 -38.94 -54.19
CA ILE K 249 19.49 -40.08 -53.24
C ILE K 249 18.62 -41.23 -53.72
N GLN K 250 17.42 -40.95 -54.23
CA GLN K 250 16.54 -41.99 -54.77
C GLN K 250 17.23 -42.74 -55.92
N GLU K 251 17.78 -42.06 -56.95
CA GLU K 251 18.07 -42.47 -58.34
C GLU K 251 19.35 -43.24 -58.71
N GLN K 252 20.20 -43.32 -57.61
CA GLN K 252 21.15 -44.50 -57.59
C GLN K 252 20.40 -45.84 -57.12
N HIS K 253 19.14 -45.74 -56.64
CA HIS K 253 18.31 -46.70 -55.89
C HIS K 253 16.83 -46.51 -56.40
N VAL K 254 16.56 -45.93 -57.55
CA VAL K 254 16.53 -46.46 -58.84
C VAL K 254 16.47 -45.22 -59.77
N GLN K 255 16.98 -45.51 -60.96
CA GLN K 255 17.96 -46.51 -61.35
C GLN K 255 18.97 -45.76 -62.20
N ILE K 256 20.03 -46.51 -62.27
CA ILE K 256 21.33 -46.22 -61.60
C ILE K 256 21.98 -44.95 -62.09
N ASP K 257 21.51 -44.26 -63.13
CA ASP K 257 21.36 -44.53 -64.58
C ASP K 257 20.58 -45.78 -65.18
N VAL K 258 19.33 -45.61 -65.66
CA VAL K 258 18.28 -46.69 -65.77
C VAL K 258 18.61 -47.99 -66.57
N ASP K 259 18.89 -49.12 -65.90
CA ASP K 259 19.33 -50.38 -66.52
C ASP K 259 18.36 -51.07 -67.53
N VAL K 260 18.91 -51.99 -68.33
CA VAL K 260 18.20 -53.07 -69.05
C VAL K 260 18.09 -54.40 -68.23
N SER K 261 18.87 -54.54 -67.15
CA SER K 261 18.98 -55.71 -66.23
C SER K 261 19.42 -57.03 -66.88
N LYS K 262 18.67 -57.45 -67.91
CA LYS K 262 19.14 -58.34 -68.98
C LYS K 262 20.34 -57.65 -69.68
N PRO K 263 21.41 -58.38 -70.02
CA PRO K 263 22.46 -57.87 -70.91
C PRO K 263 21.95 -57.68 -72.35
N ASP K 264 22.13 -58.66 -73.25
CA ASP K 264 21.46 -58.64 -74.57
C ASP K 264 21.40 -60.04 -75.22
N LEU K 265 21.51 -60.11 -76.55
CA LEU K 265 22.40 -60.97 -77.37
C LEU K 265 23.10 -62.16 -76.70
N THR K 266 23.58 -62.01 -75.47
CA THR K 266 24.01 -63.08 -74.56
C THR K 266 23.04 -64.26 -74.47
N ALA K 267 21.73 -63.99 -74.50
CA ALA K 267 20.68 -65.02 -74.57
C ALA K 267 20.75 -65.78 -75.90
N ALA K 268 20.60 -65.02 -77.00
CA ALA K 268 20.67 -65.53 -78.37
C ALA K 268 21.99 -66.25 -78.71
N LEU K 269 23.12 -65.90 -78.09
CA LEU K 269 24.40 -66.61 -78.25
C LEU K 269 24.44 -67.98 -77.54
N ARG K 270 23.81 -68.11 -76.38
CA ARG K 270 23.59 -69.40 -75.67
C ARG K 270 22.50 -70.25 -76.32
N ASP K 271 21.54 -69.60 -76.96
CA ASP K 271 20.45 -70.27 -77.67
C ASP K 271 20.93 -70.75 -79.05
N VAL K 272 21.75 -69.96 -79.75
CA VAL K 272 22.58 -70.37 -80.91
C VAL K 272 23.53 -71.51 -80.55
N ARG K 273 24.17 -71.47 -79.37
CA ARG K 273 25.04 -72.56 -78.87
C ARG K 273 24.26 -73.87 -78.74
N GLN K 274 23.13 -73.86 -78.02
CA GLN K 274 22.31 -75.05 -77.80
C GLN K 274 21.54 -75.49 -79.06
N GLN K 275 21.28 -74.56 -80.00
CA GLN K 275 20.77 -74.86 -81.34
C GLN K 275 21.84 -75.44 -82.27
N TYR K 276 23.13 -75.07 -82.15
CA TYR K 276 24.22 -75.76 -82.86
C TYR K 276 24.47 -77.17 -82.29
N GLU K 277 24.36 -77.35 -80.97
CA GLU K 277 24.38 -78.67 -80.33
C GLU K 277 23.16 -79.54 -80.73
N SER K 278 21.99 -78.92 -80.92
CA SER K 278 20.79 -79.56 -81.50
C SER K 278 20.90 -79.83 -83.01
N VAL K 279 21.59 -78.99 -83.78
CA VAL K 279 21.86 -79.19 -85.21
C VAL K 279 22.92 -80.26 -85.42
N ALA K 280 23.88 -80.43 -84.51
CA ALA K 280 24.75 -81.60 -84.47
C ALA K 280 23.97 -82.89 -84.20
N ALA K 281 22.96 -82.85 -83.32
CA ALA K 281 22.03 -83.97 -83.10
C ALA K 281 21.12 -84.25 -84.32
N LYS K 282 20.66 -83.22 -85.04
CA LYS K 282 19.93 -83.40 -86.32
C LYS K 282 20.81 -84.00 -87.41
N ASN K 283 22.06 -83.54 -87.54
CA ASN K 283 23.02 -84.10 -88.49
C ASN K 283 23.36 -85.56 -88.13
N LEU K 284 23.39 -85.93 -86.85
CA LEU K 284 23.52 -87.32 -86.41
C LEU K 284 22.27 -88.16 -86.72
N GLN K 285 21.06 -87.61 -86.54
CA GLN K 285 19.79 -88.24 -86.92
C GLN K 285 19.73 -88.52 -88.44
N GLU K 286 20.10 -87.54 -89.27
CA GLU K 286 20.17 -87.73 -90.72
C GLU K 286 21.33 -88.65 -91.13
N ALA K 287 22.41 -88.70 -90.36
CA ALA K 287 23.46 -89.71 -90.53
C ALA K 287 23.07 -91.13 -90.10
N GLU K 288 22.01 -91.32 -89.32
CA GLU K 288 21.37 -92.64 -89.17
C GLU K 288 20.45 -93.01 -90.35
N GLU K 289 19.90 -92.05 -91.09
CA GLU K 289 19.28 -92.30 -92.40
C GLU K 289 20.35 -92.60 -93.49
N TRP K 290 21.54 -92.00 -93.41
CA TRP K 290 22.69 -92.40 -94.24
C TRP K 290 23.18 -93.82 -93.88
N TYR K 291 23.25 -94.13 -92.58
CA TYR K 291 23.64 -95.46 -92.09
C TYR K 291 22.66 -96.56 -92.53
N LYS K 292 21.34 -96.31 -92.43
CA LYS K 292 20.31 -97.18 -93.02
C LYS K 292 20.48 -97.35 -94.52
N SER K 293 20.83 -96.28 -95.24
CA SER K 293 21.01 -96.33 -96.71
C SER K 293 22.18 -97.24 -97.11
N LYS K 294 23.29 -97.19 -96.36
CA LYS K 294 24.42 -98.12 -96.57
C LYS K 294 24.18 -99.54 -96.04
N PHE K 295 23.39 -99.67 -94.99
CA PHE K 295 22.90 -100.97 -94.51
C PHE K 295 21.89 -101.60 -95.51
N ALA K 296 21.17 -100.79 -96.29
CA ALA K 296 20.32 -101.24 -97.39
C ALA K 296 21.13 -101.61 -98.65
N ASP K 297 22.23 -100.89 -98.97
CA ASP K 297 23.22 -101.31 -99.98
C ASP K 297 23.78 -102.71 -99.65
N LEU K 298 24.20 -102.92 -98.39
CA LEU K 298 24.61 -104.23 -97.85
C LEU K 298 23.50 -105.29 -97.95
N SER K 299 22.31 -104.98 -97.47
CA SER K 299 21.21 -105.95 -97.40
C SER K 299 20.77 -106.42 -98.79
N GLU K 300 20.75 -105.50 -99.76
CA GLU K 300 20.41 -105.81 -101.15
C GLU K 300 21.54 -106.52 -101.91
N ALA K 301 22.81 -106.18 -101.64
CA ALA K 301 23.95 -106.97 -102.13
C ALA K 301 23.95 -108.41 -101.57
N ALA K 302 23.64 -108.57 -100.29
CA ALA K 302 23.49 -109.88 -99.66
C ALA K 302 22.31 -110.68 -100.23
N ASN K 303 21.17 -110.03 -100.53
CA ASN K 303 20.02 -110.67 -101.19
C ASN K 303 20.34 -111.09 -102.64
N ARG K 304 20.92 -110.19 -103.46
CA ARG K 304 21.21 -110.44 -104.88
C ARG K 304 22.25 -111.55 -105.09
N ASN K 305 23.30 -111.58 -104.28
CA ASN K 305 24.28 -112.67 -104.33
C ASN K 305 23.74 -113.99 -103.76
N ASN K 306 22.84 -113.93 -102.77
CA ASN K 306 22.06 -115.09 -102.34
C ASN K 306 21.17 -115.62 -103.47
N ASP K 307 20.41 -114.79 -104.16
CA ASP K 307 19.54 -115.26 -105.24
C ASP K 307 20.32 -115.72 -106.48
N ALA K 308 21.53 -115.20 -106.71
CA ALA K 308 22.47 -115.74 -107.70
C ALA K 308 23.05 -117.13 -107.34
N LEU K 309 23.26 -117.45 -106.05
CA LEU K 309 23.69 -118.79 -105.61
C LEU K 309 22.52 -119.76 -105.41
N ARG K 310 21.32 -119.26 -105.12
CA ARG K 310 20.06 -120.04 -105.13
C ARG K 310 19.66 -120.40 -106.56
N GLN K 311 19.92 -119.53 -107.54
CA GLN K 311 19.76 -119.78 -108.97
C GLN K 311 20.71 -120.89 -109.46
N ALA K 312 21.98 -120.87 -109.05
CA ALA K 312 22.93 -121.96 -109.33
C ALA K 312 22.46 -123.33 -108.75
N LEU L 40 9.56 -144.11 -63.96
CA LEU L 40 9.00 -143.14 -63.02
C LEU L 40 9.85 -141.85 -62.98
N GLY L 41 9.94 -141.14 -64.09
CA GLY L 41 10.86 -140.01 -64.24
C GLY L 41 10.43 -138.70 -63.56
N SER L 42 9.24 -138.65 -62.94
CA SER L 42 8.65 -137.43 -62.37
C SER L 42 8.73 -137.37 -60.84
N ALA L 43 8.24 -138.38 -60.13
CA ALA L 43 8.20 -138.41 -58.66
C ALA L 43 9.59 -138.41 -58.01
N LEU L 44 10.63 -138.87 -58.73
CA LEU L 44 12.04 -138.85 -58.31
C LEU L 44 12.68 -137.44 -58.25
N ARG L 45 11.90 -136.37 -58.42
CA ARG L 45 12.26 -134.98 -58.11
C ARG L 45 11.04 -134.28 -57.46
N PRO L 46 10.81 -134.46 -56.13
CA PRO L 46 9.56 -134.11 -55.42
C PRO L 46 9.30 -132.59 -55.40
N SER L 47 8.74 -132.10 -56.50
CA SER L 47 8.63 -130.69 -56.85
C SER L 47 7.45 -130.02 -56.15
N THR L 48 7.65 -129.57 -54.92
CA THR L 48 6.59 -128.96 -54.08
C THR L 48 7.06 -127.67 -53.40
N SER L 49 6.25 -126.62 -53.46
CA SER L 49 6.49 -125.37 -52.74
C SER L 49 6.31 -125.54 -51.23
N ARG L 50 7.43 -125.72 -50.51
CA ARG L 50 7.50 -125.55 -49.04
C ARG L 50 7.40 -124.08 -48.60
N SER L 51 7.43 -123.13 -49.54
CA SER L 51 7.09 -121.72 -49.30
C SER L 51 5.58 -121.54 -49.12
N LEU L 52 5.09 -121.81 -47.91
CA LEU L 52 3.68 -121.64 -47.49
C LEU L 52 3.52 -120.94 -46.12
N TYR L 53 4.63 -120.52 -45.51
CA TYR L 53 4.66 -119.71 -44.29
C TYR L 53 4.23 -118.26 -44.56
N ALA L 54 3.71 -117.57 -43.54
CA ALA L 54 3.27 -116.17 -43.64
C ALA L 54 3.48 -115.39 -42.34
N SER L 55 4.66 -114.78 -42.17
CA SER L 55 4.99 -113.95 -41.00
C SER L 55 4.26 -112.60 -41.03
N SER L 56 3.58 -112.24 -39.94
CA SER L 56 2.96 -110.92 -39.79
C SER L 56 3.98 -109.86 -39.32
N PRO L 57 4.04 -108.67 -39.95
CA PRO L 57 4.78 -107.51 -39.45
C PRO L 57 3.96 -106.65 -38.45
N GLY L 58 2.78 -107.12 -38.03
CA GLY L 58 1.94 -106.41 -37.06
C GLY L 58 2.59 -106.29 -35.68
N GLY L 59 2.18 -105.28 -34.90
CA GLY L 59 2.74 -104.98 -33.57
C GLY L 59 3.70 -103.78 -33.52
N VAL L 60 4.12 -103.26 -34.68
CA VAL L 60 4.95 -102.04 -34.78
C VAL L 60 4.11 -100.77 -34.52
N TYR L 61 3.86 -100.46 -33.25
CA TYR L 61 3.12 -99.27 -32.81
C TYR L 61 4.05 -98.14 -32.37
N ALA L 62 4.44 -97.27 -33.30
CA ALA L 62 5.26 -96.09 -33.02
C ALA L 62 4.52 -95.08 -32.11
N THR L 63 5.01 -94.88 -30.89
CA THR L 63 4.40 -93.94 -29.92
C THR L 63 4.78 -92.49 -30.26
N ARG L 64 3.80 -91.69 -30.70
CA ARG L 64 3.98 -90.25 -30.92
C ARG L 64 4.17 -89.51 -29.59
N SER L 65 5.40 -89.11 -29.29
CA SER L 65 5.69 -88.16 -28.22
C SER L 65 4.97 -86.83 -28.44
N SER L 66 4.31 -86.32 -27.40
CA SER L 66 3.49 -85.11 -27.42
C SER L 66 3.80 -84.20 -26.24
N ALA L 67 5.08 -83.89 -26.05
CA ALA L 67 5.55 -82.85 -25.13
C ALA L 67 4.78 -81.53 -25.33
N VAL L 68 4.66 -80.73 -24.27
CA VAL L 68 3.87 -79.48 -24.25
C VAL L 68 4.35 -78.45 -25.28
N ARG L 69 5.66 -78.43 -25.58
CA ARG L 69 6.31 -77.55 -26.57
C ARG L 69 6.01 -76.05 -26.36
N LEU L 70 5.80 -75.68 -25.10
CA LEU L 70 5.64 -74.32 -24.59
C LEU L 70 6.49 -74.18 -23.32
N ARG L 71 7.33 -73.14 -23.25
CA ARG L 71 8.16 -72.85 -22.06
C ARG L 71 7.31 -72.26 -20.94
N SER L 72 7.84 -72.24 -19.71
CA SER L 72 7.11 -71.98 -18.47
C SER L 72 6.10 -70.82 -18.53
N SER L 73 4.82 -71.17 -18.34
CA SER L 73 3.63 -70.31 -18.34
C SER L 73 3.29 -69.74 -19.74
N VAL L 74 3.06 -68.43 -19.85
CA VAL L 74 3.04 -67.69 -21.13
C VAL L 74 4.47 -67.63 -21.72
N PRO L 75 4.77 -66.92 -22.82
CA PRO L 75 6.15 -66.59 -23.21
C PRO L 75 7.04 -66.18 -22.01
N GLY L 76 8.13 -66.93 -21.83
CA GLY L 76 8.49 -67.51 -20.54
C GLY L 76 9.01 -66.59 -19.43
N VAL L 77 8.95 -67.09 -18.20
CA VAL L 77 9.60 -66.50 -17.00
C VAL L 77 10.87 -67.25 -16.56
N ARG L 78 11.24 -68.31 -17.29
CA ARG L 78 12.50 -69.08 -17.23
C ARG L 78 12.85 -69.52 -18.66
N LEU L 79 14.13 -69.84 -18.91
CA LEU L 79 14.62 -70.22 -20.23
C LEU L 79 15.71 -71.31 -20.19
N LEU L 80 16.77 -71.11 -19.39
CA LEU L 80 17.86 -72.08 -19.15
C LEU L 80 17.42 -73.53 -18.87
N GLN L 81 16.42 -73.71 -17.99
CA GLN L 81 15.96 -75.04 -17.57
C GLN L 81 14.77 -75.49 -18.43
N ASP L 82 15.07 -76.01 -19.62
CA ASP L 82 14.12 -76.68 -20.51
C ASP L 82 14.63 -78.04 -21.06
N SER L 83 15.72 -78.55 -20.46
CA SER L 83 16.35 -79.85 -20.77
C SER L 83 16.77 -79.96 -22.23
N VAL L 84 17.83 -79.22 -22.57
CA VAL L 84 18.66 -79.53 -23.75
C VAL L 84 19.28 -80.91 -23.56
N ASP L 85 18.82 -81.83 -24.40
CA ASP L 85 19.03 -83.28 -24.27
C ASP L 85 18.64 -83.97 -25.60
N PHE L 86 17.38 -83.80 -26.00
CA PHE L 86 16.59 -84.76 -26.82
C PHE L 86 17.21 -85.30 -28.13
N SER L 87 18.25 -84.66 -28.67
CA SER L 87 19.11 -85.30 -29.66
C SER L 87 19.85 -86.52 -29.10
N LEU L 88 19.95 -86.69 -27.77
CA LEU L 88 20.21 -87.96 -27.10
C LEU L 88 19.12 -89.00 -27.38
N ALA L 89 17.84 -88.64 -27.27
CA ALA L 89 16.76 -89.59 -27.53
C ALA L 89 16.66 -89.99 -29.01
N ASP L 90 17.03 -89.09 -29.94
CA ASP L 90 17.14 -89.41 -31.37
C ASP L 90 18.46 -90.12 -31.77
N ALA L 91 19.54 -89.92 -31.02
CA ALA L 91 20.75 -90.74 -31.09
C ALA L 91 20.56 -92.13 -30.45
N ILE L 92 19.64 -92.26 -29.48
CA ILE L 92 19.16 -93.57 -28.99
C ILE L 92 18.18 -94.21 -29.98
N ASN L 93 17.46 -93.43 -30.82
CA ASN L 93 16.71 -93.99 -31.94
C ASN L 93 17.63 -94.57 -33.03
N THR L 94 18.81 -93.99 -33.26
CA THR L 94 19.87 -94.60 -34.10
C THR L 94 20.70 -95.67 -33.36
N GLU L 95 20.81 -95.63 -32.02
CA GLU L 95 21.28 -96.79 -31.24
C GLU L 95 20.36 -97.98 -31.42
N PHE L 96 19.04 -97.81 -31.39
CA PHE L 96 18.10 -98.91 -31.68
C PHE L 96 17.95 -99.26 -33.17
N LYS L 97 18.41 -98.42 -34.11
CA LYS L 97 18.65 -98.84 -35.51
C LYS L 97 19.86 -99.79 -35.58
N ASN L 98 20.98 -99.38 -35.01
CA ASN L 98 22.23 -100.14 -35.07
C ASN L 98 22.22 -101.39 -34.17
N THR L 99 21.42 -101.36 -33.09
CA THR L 99 21.05 -102.52 -32.25
C THR L 99 20.28 -103.56 -33.02
N ARG L 100 19.35 -103.19 -33.92
CA ARG L 100 18.60 -104.14 -34.78
C ARG L 100 19.37 -104.62 -36.00
N THR L 101 20.41 -103.86 -36.38
CA THR L 101 21.37 -104.26 -37.42
C THR L 101 22.36 -105.28 -36.84
N ASN L 102 22.71 -105.10 -35.56
CA ASN L 102 23.38 -106.07 -34.70
C ASN L 102 22.52 -107.33 -34.41
N GLU L 103 21.43 -107.18 -33.68
CA GLU L 103 20.61 -108.26 -33.07
C GLU L 103 20.12 -109.28 -34.10
N LYS L 104 19.69 -108.81 -35.28
CA LYS L 104 19.24 -109.71 -36.35
C LYS L 104 20.36 -110.46 -37.06
N VAL L 105 21.59 -110.03 -36.86
CA VAL L 105 22.79 -110.52 -37.55
C VAL L 105 23.73 -111.27 -36.57
N GLU L 106 23.58 -111.01 -35.26
CA GLU L 106 23.74 -112.00 -34.16
C GLU L 106 22.73 -113.15 -34.28
N LEU L 107 21.66 -112.95 -35.05
CA LEU L 107 20.71 -113.96 -35.50
C LEU L 107 20.80 -114.26 -37.03
N GLN L 108 21.87 -113.86 -37.76
CA GLN L 108 22.07 -114.21 -39.19
C GLN L 108 23.42 -114.90 -39.50
N GLU L 109 24.50 -114.61 -38.75
CA GLU L 109 25.54 -115.63 -38.45
C GLU L 109 24.86 -116.90 -37.94
N LEU L 110 23.79 -116.71 -37.18
CA LEU L 110 23.08 -117.78 -36.54
C LEU L 110 22.36 -118.75 -37.48
N ASN L 111 21.46 -118.20 -38.29
CA ASN L 111 20.68 -118.99 -39.24
C ASN L 111 21.57 -119.61 -40.32
N ASP L 112 22.75 -119.05 -40.55
CA ASP L 112 23.69 -119.47 -41.58
C ASP L 112 24.83 -120.37 -41.09
N ARG L 113 25.05 -120.38 -39.76
CA ARG L 113 25.67 -121.49 -39.03
C ARG L 113 24.76 -122.72 -38.98
N PHE L 114 23.46 -122.52 -38.68
CA PHE L 114 22.45 -123.55 -38.91
C PHE L 114 22.34 -123.98 -40.39
N ALA L 115 22.46 -123.06 -41.34
CA ALA L 115 22.43 -123.38 -42.76
C ALA L 115 23.64 -124.20 -43.18
N ASN L 116 24.86 -123.85 -42.77
CA ASN L 116 26.05 -124.64 -43.10
C ASN L 116 26.00 -126.03 -42.43
N TYR L 117 25.38 -126.18 -41.24
CA TYR L 117 25.04 -127.52 -40.71
C TYR L 117 23.91 -128.26 -41.48
N ILE L 118 22.96 -127.58 -42.11
CA ILE L 118 22.03 -128.21 -43.07
C ILE L 118 22.72 -128.50 -44.41
N ASP L 119 23.79 -127.79 -44.72
CA ASP L 119 24.40 -127.81 -46.03
C ASP L 119 25.55 -128.82 -46.08
N LYS L 120 26.16 -129.10 -44.93
CA LYS L 120 26.67 -130.40 -44.48
C LYS L 120 25.72 -131.59 -44.76
N VAL L 121 24.41 -131.47 -44.52
CA VAL L 121 23.47 -132.56 -44.85
C VAL L 121 23.28 -132.67 -46.35
N ARG L 122 23.26 -131.53 -47.08
CA ARG L 122 23.26 -131.47 -48.55
C ARG L 122 24.58 -131.97 -49.18
N PHE L 123 25.73 -131.81 -48.53
CA PHE L 123 27.05 -132.24 -49.01
C PHE L 123 27.17 -133.74 -48.90
N LEU L 124 26.73 -134.30 -47.77
CA LEU L 124 26.58 -135.74 -47.65
C LEU L 124 25.46 -136.29 -48.53
N GLU L 125 24.34 -135.60 -48.71
CA GLU L 125 23.28 -136.04 -49.64
C GLU L 125 23.78 -136.06 -51.10
N GLN L 126 24.64 -135.13 -51.50
CA GLN L 126 25.26 -135.10 -52.82
C GLN L 126 26.39 -136.12 -53.00
N GLN L 127 27.31 -136.25 -52.04
CA GLN L 127 28.37 -137.26 -52.07
C GLN L 127 27.79 -138.69 -51.96
N ASN L 128 26.76 -138.87 -51.13
CA ASN L 128 25.93 -140.07 -51.06
C ASN L 128 25.07 -140.30 -52.32
N LYS L 129 24.71 -139.26 -53.09
CA LYS L 129 24.02 -139.41 -54.38
C LYS L 129 24.96 -139.83 -55.51
N ILE L 130 26.21 -139.37 -55.51
CA ILE L 130 27.26 -139.82 -56.44
C ILE L 130 27.64 -141.28 -56.13
N LEU L 131 27.84 -141.57 -54.84
CA LEU L 131 27.95 -142.93 -54.26
C LEU L 131 26.80 -143.87 -54.66
N LEU L 132 25.54 -143.45 -54.54
CA LEU L 132 24.37 -144.27 -54.93
C LEU L 132 24.04 -144.25 -56.44
N ALA L 133 24.76 -143.47 -57.26
CA ALA L 133 24.76 -143.64 -58.71
C ALA L 133 25.89 -144.59 -59.15
N GLU L 134 27.08 -144.40 -58.58
CA GLU L 134 28.27 -145.21 -58.74
C GLU L 134 28.08 -146.66 -58.26
N THR M 37 7.34 -141.04 -67.58
CA THR M 37 6.68 -139.80 -67.13
C THR M 37 7.75 -138.75 -66.86
N TYR M 38 7.67 -137.59 -67.51
CA TYR M 38 8.68 -136.52 -67.39
C TYR M 38 8.47 -135.67 -66.13
N SER M 39 9.57 -135.22 -65.50
CA SER M 39 9.57 -134.26 -64.40
C SER M 39 9.32 -132.83 -64.89
N LEU M 40 8.74 -131.99 -64.02
CA LEU M 40 8.54 -130.55 -64.26
C LEU M 40 8.73 -129.77 -62.95
N GLY M 41 9.60 -128.75 -62.98
CA GLY M 41 9.81 -127.85 -61.84
C GLY M 41 8.67 -126.84 -61.59
N SER M 42 7.59 -126.89 -62.36
CA SER M 42 6.50 -125.90 -62.32
C SER M 42 5.72 -125.89 -61.00
N ALA M 43 5.70 -126.99 -60.24
CA ALA M 43 5.12 -127.05 -58.89
C ALA M 43 6.16 -126.84 -57.75
N LEU M 44 7.46 -126.84 -58.07
CA LEU M 44 8.53 -126.38 -57.17
C LEU M 44 8.66 -124.85 -57.15
N ARG M 45 8.31 -124.18 -58.25
CA ARG M 45 8.40 -122.71 -58.43
C ARG M 45 7.10 -121.98 -58.02
N PRO M 46 7.01 -121.37 -56.82
CA PRO M 46 5.91 -120.47 -56.46
C PRO M 46 6.05 -119.08 -57.09
N SER M 47 5.04 -118.23 -56.90
CA SER M 47 5.10 -116.78 -57.18
C SER M 47 5.65 -116.00 -55.98
N THR M 48 6.91 -115.54 -56.06
CA THR M 48 7.49 -114.57 -55.11
C THR M 48 6.89 -113.17 -55.33
N SER M 49 5.75 -112.87 -54.71
CA SER M 49 5.06 -111.59 -54.86
C SER M 49 5.77 -110.43 -54.14
N ARG M 50 6.06 -109.34 -54.86
CA ARG M 50 6.59 -108.09 -54.28
C ARG M 50 5.46 -107.18 -53.77
N SER M 51 5.23 -107.20 -52.46
CA SER M 51 4.50 -106.14 -51.75
C SER M 51 5.28 -104.83 -51.76
N LEU M 52 4.65 -103.73 -52.19
CA LEU M 52 5.20 -102.36 -52.10
C LEU M 52 4.51 -101.59 -50.98
N TYR M 53 5.30 -100.91 -50.13
CA TYR M 53 4.82 -100.19 -48.96
C TYR M 53 4.97 -98.66 -49.15
N ALA M 54 3.93 -98.03 -49.69
CA ALA M 54 3.91 -96.61 -50.03
C ALA M 54 3.79 -95.68 -48.81
N SER M 55 4.89 -95.51 -48.05
CA SER M 55 4.96 -94.57 -46.93
C SER M 55 4.98 -93.11 -47.42
N SER M 56 4.01 -92.31 -46.96
CA SER M 56 4.04 -90.83 -47.04
C SER M 56 4.11 -90.23 -45.63
N PRO M 57 5.25 -89.65 -45.21
CA PRO M 57 5.40 -89.05 -43.88
C PRO M 57 4.40 -87.91 -43.60
N GLY M 58 4.07 -87.71 -42.32
CA GLY M 58 3.11 -86.69 -41.88
C GLY M 58 3.66 -85.26 -41.99
N GLY M 59 2.84 -84.35 -42.55
CA GLY M 59 3.21 -82.93 -42.69
C GLY M 59 3.42 -82.19 -41.37
N VAL M 60 4.31 -81.18 -41.37
CA VAL M 60 4.70 -80.44 -40.16
C VAL M 60 3.68 -79.36 -39.79
N TYR M 61 2.68 -79.76 -39.02
CA TYR M 61 1.68 -78.88 -38.41
C TYR M 61 2.00 -78.64 -36.92
N ALA M 62 2.10 -77.36 -36.54
CA ALA M 62 2.33 -76.86 -35.19
C ALA M 62 1.77 -75.42 -35.09
N THR M 63 1.80 -74.84 -33.89
CA THR M 63 1.04 -73.61 -33.53
C THR M 63 1.60 -72.32 -34.17
N ARG M 64 1.47 -72.17 -35.49
CA ARG M 64 1.86 -70.97 -36.27
C ARG M 64 1.04 -69.72 -35.93
N SER M 65 -0.08 -69.87 -35.21
CA SER M 65 -0.87 -68.79 -34.60
C SER M 65 -0.38 -68.35 -33.21
N SER M 66 0.66 -68.99 -32.66
CA SER M 66 1.40 -68.46 -31.51
C SER M 66 2.19 -67.20 -31.92
N ALA M 67 2.72 -66.48 -30.92
CA ALA M 67 3.68 -65.38 -31.12
C ALA M 67 3.23 -64.21 -32.03
N VAL M 68 1.91 -64.00 -32.21
CA VAL M 68 1.29 -62.79 -32.81
C VAL M 68 1.89 -61.50 -32.24
N ARG M 69 2.12 -61.51 -30.93
CA ARG M 69 3.37 -61.06 -30.30
C ARG M 69 3.77 -62.15 -29.29
N LEU M 70 5.03 -62.16 -28.86
CA LEU M 70 5.32 -62.71 -27.52
C LEU M 70 4.62 -61.83 -26.47
N ARG M 71 4.06 -62.45 -25.43
CA ARG M 71 3.39 -61.71 -24.35
C ARG M 71 4.41 -60.88 -23.56
N SER M 72 3.96 -59.73 -23.07
CA SER M 72 4.66 -58.93 -22.06
C SER M 72 3.91 -58.90 -20.72
N SER M 73 2.70 -59.49 -20.65
CA SER M 73 1.89 -59.64 -19.43
C SER M 73 2.60 -60.48 -18.35
N VAL M 74 3.39 -61.45 -18.81
CA VAL M 74 4.66 -61.83 -18.20
C VAL M 74 5.66 -61.83 -19.35
N PRO M 75 6.72 -61.00 -19.32
CA PRO M 75 7.71 -60.94 -20.39
C PRO M 75 8.74 -62.05 -20.25
N GLY M 76 9.55 -62.22 -21.31
CA GLY M 76 10.72 -63.12 -21.38
C GLY M 76 11.83 -62.85 -20.36
N VAL M 77 11.65 -63.21 -19.08
CA VAL M 77 12.72 -63.18 -18.06
C VAL M 77 13.66 -64.36 -18.31
N ARG M 78 14.76 -64.05 -19.01
CA ARG M 78 15.49 -64.99 -19.84
C ARG M 78 16.89 -65.28 -19.31
N LEU M 79 16.92 -65.98 -18.18
CA LEU M 79 17.87 -67.04 -17.84
C LEU M 79 18.67 -67.55 -19.06
N LEU M 80 19.86 -66.99 -19.29
CA LEU M 80 20.87 -67.52 -20.22
C LEU M 80 21.86 -68.41 -19.44
N GLN M 81 23.11 -68.47 -19.93
CA GLN M 81 24.11 -69.51 -19.63
C GLN M 81 23.73 -70.85 -20.28
N ASP M 82 24.79 -71.63 -20.47
CA ASP M 82 25.05 -72.49 -21.62
C ASP M 82 26.21 -73.43 -21.23
N SER M 83 26.72 -74.24 -22.16
CA SER M 83 27.48 -75.48 -21.88
C SER M 83 26.55 -76.52 -21.24
N VAL M 84 25.75 -77.13 -22.12
CA VAL M 84 24.64 -78.04 -21.79
C VAL M 84 24.66 -79.23 -22.74
N ASP M 85 24.15 -80.36 -22.26
CA ASP M 85 24.20 -81.68 -22.89
C ASP M 85 23.85 -81.69 -24.39
N PHE M 86 24.73 -82.08 -25.32
CA PHE M 86 26.05 -82.76 -25.25
C PHE M 86 26.07 -84.22 -24.75
N SER M 87 25.08 -84.64 -23.97
CA SER M 87 24.64 -86.04 -23.84
C SER M 87 24.25 -86.67 -25.20
N LEU M 88 23.87 -85.84 -26.18
CA LEU M 88 23.63 -86.26 -27.56
C LEU M 88 24.89 -86.83 -28.25
N ALA M 89 26.10 -86.36 -27.91
CA ALA M 89 27.35 -86.89 -28.44
C ALA M 89 27.78 -88.19 -27.74
N ASP M 90 27.50 -88.33 -26.44
CA ASP M 90 27.62 -89.60 -25.72
C ASP M 90 26.63 -90.66 -26.24
N ALA M 91 25.41 -90.25 -26.57
CA ALA M 91 24.40 -91.10 -27.20
C ALA M 91 24.70 -91.42 -28.67
N ILE M 92 25.40 -90.55 -29.41
CA ILE M 92 26.02 -90.91 -30.70
C ILE M 92 27.16 -91.94 -30.49
N ASN M 93 27.80 -91.96 -29.32
CA ASN M 93 28.74 -93.02 -28.97
C ASN M 93 28.11 -94.27 -28.32
N THR M 94 26.84 -94.25 -27.89
CA THR M 94 26.05 -95.47 -27.63
C THR M 94 25.41 -96.02 -28.92
N GLU M 95 25.11 -95.14 -29.89
CA GLU M 95 24.90 -95.52 -31.29
C GLU M 95 26.16 -96.21 -31.84
N PHE M 96 27.34 -95.61 -31.68
CA PHE M 96 28.59 -96.20 -32.17
C PHE M 96 29.04 -97.45 -31.39
N LYS M 97 28.63 -97.63 -30.12
CA LYS M 97 28.76 -98.91 -29.40
C LYS M 97 27.98 -100.02 -30.10
N ASN M 98 26.69 -99.80 -30.37
CA ASN M 98 25.87 -100.84 -31.01
C ASN M 98 26.09 -100.90 -32.53
N THR M 99 26.84 -99.94 -33.07
CA THR M 99 27.51 -100.02 -34.37
C THR M 99 28.77 -100.87 -34.33
N ARG M 100 29.58 -100.85 -33.25
CA ARG M 100 30.66 -101.85 -33.07
C ARG M 100 30.10 -103.28 -33.01
N THR M 101 28.97 -103.51 -32.33
CA THR M 101 28.35 -104.84 -32.36
C THR M 101 27.84 -105.20 -33.77
N ASN M 102 27.31 -104.24 -34.55
CA ASN M 102 26.90 -104.51 -35.94
C ASN M 102 28.05 -104.64 -36.96
N GLU M 103 29.18 -103.96 -36.79
CA GLU M 103 30.41 -104.15 -37.59
C GLU M 103 31.03 -105.53 -37.36
N LYS M 104 31.12 -105.97 -36.10
CA LYS M 104 31.71 -107.25 -35.73
C LYS M 104 30.84 -108.44 -36.14
N VAL M 105 29.53 -108.22 -36.25
CA VAL M 105 28.60 -109.26 -36.69
C VAL M 105 28.25 -109.19 -38.17
N GLU M 106 28.46 -108.06 -38.86
CA GLU M 106 28.58 -108.03 -40.34
C GLU M 106 29.91 -108.66 -40.80
N LEU M 107 30.99 -108.59 -40.00
CA LEU M 107 32.20 -109.39 -40.25
C LEU M 107 31.97 -110.90 -40.05
N GLN M 108 31.12 -111.31 -39.11
CA GLN M 108 30.81 -112.73 -38.88
C GLN M 108 29.77 -113.27 -39.86
N GLU M 109 28.71 -112.51 -40.16
CA GLU M 109 27.76 -112.74 -41.27
C GLU M 109 28.43 -112.76 -42.64
N LEU M 110 29.59 -112.10 -42.81
CA LEU M 110 30.38 -112.26 -44.02
C LEU M 110 31.10 -113.62 -44.12
N ASN M 111 31.56 -114.22 -43.01
CA ASN M 111 32.01 -115.62 -42.99
C ASN M 111 30.84 -116.60 -43.21
N ASP M 112 29.67 -116.30 -42.65
CA ASP M 112 28.48 -117.13 -42.80
C ASP M 112 27.80 -117.03 -44.18
N ARG M 113 27.98 -115.90 -44.84
CA ARG M 113 27.77 -115.75 -46.28
C ARG M 113 28.91 -116.32 -47.11
N PHE M 114 30.15 -116.42 -46.62
CA PHE M 114 31.14 -117.27 -47.27
C PHE M 114 30.70 -118.73 -47.23
N ALA M 115 30.26 -119.28 -46.09
CA ALA M 115 29.70 -120.64 -46.04
C ALA M 115 28.48 -120.85 -46.95
N ASN M 116 27.49 -119.96 -46.94
CA ASN M 116 26.33 -120.05 -47.84
C ASN M 116 26.65 -119.77 -49.32
N TYR M 117 27.74 -119.07 -49.64
CA TYR M 117 28.25 -118.97 -51.00
C TYR M 117 29.20 -120.13 -51.37
N ILE M 118 29.81 -120.79 -50.39
CA ILE M 118 30.57 -122.02 -50.60
C ILE M 118 29.59 -123.20 -50.78
N ASP M 119 28.44 -123.26 -50.09
CA ASP M 119 27.29 -124.14 -50.41
C ASP M 119 26.85 -124.00 -51.87
N LYS M 120 26.67 -122.76 -52.30
CA LYS M 120 26.33 -122.44 -53.69
C LYS M 120 27.41 -122.84 -54.71
N VAL M 121 28.68 -122.87 -54.34
CA VAL M 121 29.80 -123.37 -55.17
C VAL M 121 29.94 -124.90 -55.10
N ARG M 122 29.72 -125.49 -53.92
CA ARG M 122 29.65 -126.94 -53.68
C ARG M 122 28.51 -127.55 -54.49
N PHE M 123 27.32 -126.95 -54.51
CA PHE M 123 26.23 -127.33 -55.40
C PHE M 123 26.50 -127.07 -56.88
N LEU M 124 27.18 -125.97 -57.23
CA LEU M 124 27.53 -125.71 -58.64
C LEU M 124 28.43 -126.81 -59.18
N GLU M 125 29.50 -127.15 -58.45
CA GLU M 125 30.37 -128.26 -58.82
C GLU M 125 29.65 -129.61 -58.69
N GLN M 126 28.97 -129.91 -57.58
CA GLN M 126 28.35 -131.23 -57.36
C GLN M 126 27.12 -131.52 -58.22
N GLN M 127 26.34 -130.52 -58.68
CA GLN M 127 25.33 -130.77 -59.70
C GLN M 127 25.94 -130.97 -61.10
N ASN M 128 27.13 -130.40 -61.37
CA ASN M 128 27.96 -130.86 -62.49
C ASN M 128 28.55 -132.26 -62.24
N LYS M 129 29.03 -132.59 -61.03
CA LYS M 129 29.68 -133.88 -60.71
C LYS M 129 28.71 -135.06 -60.76
N ILE M 130 27.48 -134.90 -60.22
CA ILE M 130 26.41 -135.89 -60.39
C ILE M 130 26.08 -136.07 -61.87
N LEU M 131 26.04 -134.99 -62.65
CA LEU M 131 25.77 -135.05 -64.10
C LEU M 131 26.92 -135.66 -64.91
N LEU M 132 28.17 -135.49 -64.49
CA LEU M 132 29.35 -136.12 -65.11
C LEU M 132 29.40 -137.63 -64.77
N ALA M 133 29.16 -137.99 -63.50
CA ALA M 133 29.06 -139.39 -63.06
C ALA M 133 27.85 -140.13 -63.68
N GLU M 134 26.65 -139.53 -63.71
CA GLU M 134 25.47 -140.06 -64.43
C GLU M 134 25.59 -139.99 -65.98
N LEU M 135 26.74 -139.54 -66.54
CA LEU M 135 27.04 -139.54 -67.99
C LEU M 135 28.32 -140.29 -68.42
N GLU M 136 29.39 -140.39 -67.63
CA GLU M 136 30.72 -140.74 -68.18
C GLU M 136 30.84 -142.22 -68.60
N GLU N 244 37.33 -143.10 -65.88
CA GLU N 244 36.07 -142.94 -65.15
C GLU N 244 36.22 -143.12 -63.64
N LEU N 245 37.07 -144.03 -63.16
CA LEU N 245 37.42 -144.12 -61.72
C LEU N 245 38.10 -142.83 -61.22
N GLN N 246 39.01 -142.25 -62.00
CA GLN N 246 39.64 -140.97 -61.63
C GLN N 246 38.69 -139.77 -61.71
N ALA N 247 37.69 -139.80 -62.61
CA ALA N 247 36.61 -138.83 -62.67
C ALA N 247 35.67 -138.95 -61.46
N GLN N 248 35.25 -140.17 -61.11
CA GLN N 248 34.42 -140.51 -59.95
C GLN N 248 35.08 -140.12 -58.62
N ILE N 249 36.40 -140.33 -58.46
CA ILE N 249 37.17 -139.88 -57.28
C ILE N 249 37.19 -138.34 -57.14
N GLN N 250 37.30 -137.59 -58.23
CA GLN N 250 37.22 -136.12 -58.23
C GLN N 250 35.78 -135.62 -58.07
N GLU N 251 34.81 -136.36 -58.61
CA GLU N 251 33.39 -136.02 -58.64
C GLU N 251 32.71 -136.21 -57.28
N GLN N 252 33.04 -137.28 -56.56
CA GLN N 252 32.56 -137.50 -55.19
C GLN N 252 33.16 -136.54 -54.15
N HIS N 253 34.32 -135.92 -54.42
CA HIS N 253 35.03 -135.07 -53.45
C HIS N 253 35.63 -133.79 -54.05
N VAL N 254 34.79 -132.75 -54.03
CA VAL N 254 35.20 -131.32 -54.01
C VAL N 254 34.24 -130.43 -53.22
N GLN N 255 33.06 -130.94 -52.86
CA GLN N 255 32.03 -130.33 -52.00
C GLN N 255 32.44 -130.03 -50.55
N ILE N 256 33.62 -130.50 -50.12
CA ILE N 256 34.13 -130.34 -48.74
C ILE N 256 33.28 -131.10 -47.68
N ASP N 257 33.18 -132.41 -47.87
CA ASP N 257 33.00 -133.40 -46.79
C ASP N 257 31.71 -133.25 -45.95
N VAL N 258 31.69 -133.73 -44.69
CA VAL N 258 30.70 -133.28 -43.68
C VAL N 258 31.20 -131.99 -43.04
N ASP N 259 30.27 -131.12 -42.65
CA ASP N 259 30.64 -129.82 -42.08
C ASP N 259 29.81 -129.45 -40.82
N VAL N 260 29.86 -130.34 -39.80
CA VAL N 260 28.98 -130.32 -38.59
C VAL N 260 29.34 -129.32 -37.48
N SER N 261 30.29 -128.42 -37.68
CA SER N 261 30.83 -127.56 -36.60
C SER N 261 30.27 -126.13 -36.64
N LYS N 262 30.20 -125.39 -36.29
CA LYS N 262 29.18 -125.74 -35.29
C LYS N 262 27.82 -125.23 -35.80
N PRO N 263 26.71 -125.44 -35.06
CA PRO N 263 25.65 -124.45 -34.92
C PRO N 263 25.98 -123.38 -33.85
N ASP N 264 23.74 -123.44 -33.71
CA ASP N 264 23.38 -122.05 -33.80
C ASP N 264 23.79 -121.25 -32.54
N LEU N 265 24.91 -120.51 -32.70
CA LEU N 265 25.37 -119.24 -32.07
C LEU N 265 26.88 -119.33 -31.81
N THR N 266 27.61 -118.35 -32.32
CA THR N 266 28.90 -117.92 -31.76
C THR N 266 29.04 -116.40 -31.72
N ALA N 267 28.28 -115.70 -32.57
CA ALA N 267 28.28 -114.25 -32.77
C ALA N 267 28.20 -113.46 -31.47
N ALA N 268 27.05 -113.44 -30.78
CA ALA N 268 26.84 -112.51 -29.65
C ALA N 268 27.90 -112.59 -28.52
N LEU N 269 28.52 -113.75 -28.27
CA LEU N 269 29.65 -113.86 -27.33
C LEU N 269 30.98 -113.31 -27.88
N ARG N 270 31.25 -113.48 -29.17
CA ARG N 270 32.38 -112.88 -29.91
C ARG N 270 32.17 -111.39 -30.13
N ASP N 271 30.98 -110.98 -30.52
CA ASP N 271 30.61 -109.60 -30.81
C ASP N 271 30.60 -108.72 -29.58
N VAL N 272 29.93 -109.12 -28.49
CA VAL N 272 29.94 -108.35 -27.24
C VAL N 272 31.36 -108.18 -26.67
N ARG N 273 32.26 -109.14 -26.90
CA ARG N 273 33.69 -108.98 -26.55
C ARG N 273 34.42 -108.01 -27.47
N GLN N 274 34.39 -108.19 -28.79
CA GLN N 274 35.10 -107.31 -29.74
C GLN N 274 34.54 -105.88 -29.78
N GLN N 275 33.24 -105.75 -29.52
CA GLN N 275 32.58 -104.50 -29.18
C GLN N 275 33.15 -103.92 -27.89
N TYR N 276 33.25 -104.65 -26.77
CA TYR N 276 33.88 -104.15 -25.53
C TYR N 276 35.37 -103.76 -25.68
N GLU N 277 36.16 -104.46 -26.51
CA GLU N 277 37.53 -104.02 -26.87
C GLU N 277 37.51 -102.68 -27.65
N SER N 278 36.72 -102.62 -28.73
CA SER N 278 36.54 -101.40 -29.53
C SER N 278 35.94 -100.24 -28.71
N VAL N 279 35.12 -100.54 -27.70
CA VAL N 279 34.47 -99.61 -26.78
C VAL N 279 35.41 -99.15 -25.67
N ALA N 280 36.48 -99.89 -25.33
CA ALA N 280 37.52 -99.38 -24.43
C ALA N 280 38.29 -98.21 -25.07
N ALA N 281 38.58 -98.27 -26.37
CA ALA N 281 39.11 -97.14 -27.13
C ALA N 281 38.08 -96.03 -27.37
N LYS N 282 36.81 -96.38 -27.64
CA LYS N 282 35.71 -95.41 -27.82
C LYS N 282 35.47 -94.59 -26.54
N ASN N 283 35.41 -95.24 -25.38
CA ASN N 283 35.18 -94.59 -24.09
C ASN N 283 36.36 -93.69 -23.65
N LEU N 284 37.56 -93.94 -24.15
CA LEU N 284 38.71 -93.04 -24.00
C LEU N 284 38.64 -91.82 -24.95
N GLN N 285 38.02 -91.97 -26.13
CA GLN N 285 37.63 -90.83 -26.97
C GLN N 285 36.40 -90.06 -26.42
N GLU N 286 35.44 -90.72 -25.77
CA GLU N 286 34.41 -90.01 -24.98
C GLU N 286 35.04 -89.25 -23.80
N ALA N 287 36.07 -89.80 -23.15
CA ALA N 287 36.84 -89.05 -22.15
C ALA N 287 37.55 -87.82 -22.76
N GLU N 288 38.13 -87.91 -23.96
CA GLU N 288 38.68 -86.77 -24.70
C GLU N 288 37.62 -85.69 -25.03
N GLU N 289 36.39 -86.08 -25.39
CA GLU N 289 35.25 -85.14 -25.56
C GLU N 289 34.79 -84.53 -24.22
N TRP N 290 34.68 -85.32 -23.16
CA TRP N 290 34.32 -84.87 -21.80
C TRP N 290 35.36 -83.91 -21.22
N TYR N 291 36.64 -84.17 -21.49
CA TYR N 291 37.74 -83.29 -21.13
C TYR N 291 37.69 -81.99 -21.93
N LYS N 292 37.49 -82.03 -23.26
CA LYS N 292 37.29 -80.80 -24.07
C LYS N 292 36.12 -79.95 -23.58
N SER N 293 34.99 -80.54 -23.17
CA SER N 293 33.86 -79.78 -22.60
C SER N 293 34.19 -79.14 -21.25
N LYS N 294 34.74 -79.91 -20.30
CA LYS N 294 35.15 -79.40 -18.98
C LYS N 294 36.28 -78.36 -19.06
N PHE N 295 37.15 -78.51 -20.05
CA PHE N 295 38.24 -77.59 -20.33
C PHE N 295 37.77 -76.34 -21.07
N ALA N 296 36.68 -76.39 -21.83
CA ALA N 296 35.96 -75.20 -22.30
C ALA N 296 35.27 -74.46 -21.14
N ASP N 297 34.73 -75.17 -20.14
CA ASP N 297 34.17 -74.55 -18.92
C ASP N 297 35.24 -73.83 -18.08
N LEU N 298 36.42 -74.44 -17.90
CA LEU N 298 37.58 -73.79 -17.29
C LEU N 298 38.13 -72.64 -18.16
N SER N 299 38.12 -72.80 -19.49
CA SER N 299 38.51 -71.75 -20.43
C SER N 299 37.52 -70.58 -20.44
N GLU N 300 36.25 -70.77 -20.04
CA GLU N 300 35.28 -69.70 -19.85
C GLU N 300 35.43 -68.99 -18.49
N ALA N 301 35.81 -69.71 -17.44
CA ALA N 301 36.29 -69.08 -16.20
C ALA N 301 37.56 -68.22 -16.44
N ALA N 302 38.40 -68.62 -17.39
CA ALA N 302 39.52 -67.85 -17.94
C ALA N 302 39.10 -66.71 -18.90
N ASN N 303 38.07 -66.88 -19.74
CA ASN N 303 37.55 -65.83 -20.62
C ASN N 303 36.99 -64.65 -19.82
N ARG N 304 36.39 -64.89 -18.65
CA ARG N 304 35.98 -63.82 -17.71
C ARG N 304 37.16 -62.97 -17.21
N ASN N 305 38.38 -63.51 -17.22
CA ASN N 305 39.60 -62.78 -16.93
C ASN N 305 40.19 -62.06 -18.15
N ASN N 306 40.10 -62.67 -19.34
CA ASN N 306 40.47 -62.01 -20.60
C ASN N 306 39.54 -60.82 -20.91
N ASP N 307 38.24 -60.95 -20.64
CA ASP N 307 37.27 -59.86 -20.69
C ASP N 307 37.55 -58.76 -19.68
N ALA N 308 37.94 -59.09 -18.44
CA ALA N 308 38.39 -58.09 -17.48
C ALA N 308 39.63 -57.32 -17.99
N LEU N 309 40.62 -58.01 -18.56
CA LEU N 309 41.81 -57.42 -19.18
C LEU N 309 41.52 -56.61 -20.46
N ARG N 310 40.46 -56.95 -21.21
CA ARG N 310 40.04 -56.19 -22.40
C ARG N 310 39.19 -54.96 -22.03
N GLN N 311 38.33 -55.09 -21.02
CA GLN N 311 37.51 -54.02 -20.49
C GLN N 311 38.33 -52.99 -19.68
N ALA N 312 39.34 -53.43 -18.91
CA ALA N 312 40.28 -52.55 -18.21
C ALA N 312 41.14 -51.69 -19.17
N LYS N 313 41.45 -52.19 -20.38
CA LYS N 313 42.08 -51.39 -21.43
C LYS N 313 41.14 -50.32 -22.01
N GLN N 314 39.87 -50.64 -22.20
CA GLN N 314 38.84 -49.69 -22.65
C GLN N 314 38.56 -48.62 -21.58
N GLU N 315 38.29 -49.08 -20.36
CA GLU N 315 38.15 -48.32 -19.12
C GLU N 315 39.29 -47.32 -18.92
N SER N 316 40.55 -47.75 -19.10
CA SER N 316 41.74 -46.89 -18.94
C SER N 316 41.71 -45.60 -19.76
N THR N 317 40.98 -45.59 -20.89
CA THR N 317 40.87 -44.45 -21.80
C THR N 317 39.98 -43.34 -21.28
N GLU N 318 38.97 -43.67 -20.49
CA GLU N 318 38.24 -42.72 -19.65
C GLU N 318 38.89 -42.56 -18.27
N TYR N 319 39.42 -43.65 -17.68
CA TYR N 319 39.97 -43.64 -16.34
C TYR N 319 41.16 -42.68 -16.21
N ARG N 320 42.07 -42.62 -17.21
CA ARG N 320 43.14 -41.60 -17.22
C ARG N 320 42.61 -40.16 -17.23
N ARG N 321 41.51 -39.87 -17.95
CA ARG N 321 40.85 -38.56 -17.91
C ARG N 321 40.11 -38.32 -16.60
N GLN N 322 39.41 -39.32 -16.05
CA GLN N 322 38.67 -39.22 -14.79
C GLN N 322 39.62 -38.96 -13.62
N VAL N 323 40.74 -39.69 -13.56
CA VAL N 323 41.87 -39.47 -12.65
C VAL N 323 42.45 -38.06 -12.77
N GLN N 324 42.75 -37.62 -13.99
CA GLN N 324 43.37 -36.31 -14.20
C GLN N 324 42.40 -35.15 -13.96
N SER N 325 41.11 -35.32 -14.25
CA SER N 325 40.06 -34.32 -13.98
C SER N 325 39.78 -34.21 -12.48
N LEU N 326 39.56 -35.35 -11.81
CA LEU N 326 39.38 -35.41 -10.35
C LEU N 326 40.65 -35.01 -9.57
N THR N 327 41.85 -35.23 -10.13
CA THR N 327 43.08 -34.61 -9.59
C THR N 327 43.01 -33.10 -9.71
N CYS N 328 42.80 -32.54 -10.91
CA CYS N 328 42.78 -31.09 -11.13
C CYS N 328 41.60 -30.38 -10.48
N GLU N 329 40.46 -31.05 -10.26
CA GLU N 329 39.30 -30.53 -9.55
C GLU N 329 39.51 -30.53 -8.04
N VAL N 330 40.20 -31.54 -7.50
CA VAL N 330 40.75 -31.47 -6.13
C VAL N 330 41.79 -30.35 -6.02
N ASP N 331 42.78 -30.29 -6.92
CA ASP N 331 43.86 -29.29 -6.94
C ASP N 331 43.33 -27.85 -7.11
N ALA N 332 42.27 -27.67 -7.91
CA ALA N 332 41.54 -26.39 -8.02
C ALA N 332 40.73 -26.06 -6.77
N LEU N 333 40.10 -27.03 -6.09
CA LEU N 333 39.52 -26.83 -4.76
C LEU N 333 40.61 -26.51 -3.71
N LYS N 334 41.86 -26.95 -3.91
CA LYS N 334 42.97 -26.74 -2.97
C LYS N 334 43.61 -25.36 -3.12
N GLY N 335 43.77 -24.90 -4.36
CA GLY N 335 44.02 -23.50 -4.70
C GLY N 335 42.85 -22.56 -4.39
N THR N 336 41.61 -23.08 -4.37
CA THR N 336 40.44 -22.34 -3.88
C THR N 336 40.43 -22.22 -2.37
N ASN N 337 40.77 -23.26 -1.62
CA ASN N 337 40.78 -23.24 -0.15
C ASN N 337 41.91 -22.38 0.43
N GLU N 338 43.13 -22.39 -0.14
CA GLU N 338 44.17 -21.42 0.24
C GLU N 338 43.73 -19.98 -0.07
N SER N 339 43.01 -19.77 -1.19
CA SER N 339 42.53 -18.45 -1.60
C SER N 339 41.25 -18.02 -0.88
N LEU N 340 40.52 -18.96 -0.26
CA LEU N 340 39.40 -18.70 0.64
C LEU N 340 39.91 -18.33 2.03
N GLU N 341 41.00 -18.93 2.49
CA GLU N 341 41.70 -18.45 3.69
C GLU N 341 42.34 -17.06 3.46
N ARG N 342 42.71 -16.70 2.21
CA ARG N 342 43.06 -15.31 1.86
C ARG N 342 41.86 -14.36 1.88
N GLN N 343 40.66 -14.82 1.51
CA GLN N 343 39.44 -14.05 1.75
C GLN N 343 39.11 -13.93 3.25
N MET N 344 39.44 -14.94 4.08
CA MET N 344 39.28 -14.86 5.54
C MET N 344 40.33 -13.98 6.22
N ARG N 345 41.56 -13.90 5.71
CA ARG N 345 42.57 -12.90 6.15
C ARG N 345 42.12 -11.49 5.81
N GLU N 346 41.61 -11.30 4.60
CA GLU N 346 41.11 -10.00 4.16
C GLU N 346 39.79 -9.65 4.87
N MET N 347 39.02 -10.63 5.35
CA MET N 347 37.96 -10.43 6.34
C MET N 347 38.46 -10.13 7.76
N GLU N 348 39.59 -10.68 8.20
CA GLU N 348 40.19 -10.34 9.49
C GLU N 348 40.61 -8.86 9.54
N GLU N 349 41.23 -8.38 8.46
CA GLU N 349 41.52 -6.96 8.25
C GLU N 349 40.25 -6.12 8.14
N ASN N 350 39.17 -6.58 7.47
CA ASN N 350 37.90 -5.86 7.39
C ASN N 350 37.19 -5.72 8.75
N PHE N 351 37.08 -6.77 9.57
CA PHE N 351 36.50 -6.66 10.92
C PHE N 351 37.38 -5.82 11.85
N ALA N 352 38.70 -5.84 11.62
CA ALA N 352 39.65 -5.06 12.38
C ALA N 352 39.62 -3.56 12.07
N VAL N 353 39.63 -3.17 10.80
CA VAL N 353 39.46 -1.78 10.36
C VAL N 353 38.05 -1.27 10.67
N GLU N 354 37.02 -2.12 10.58
CA GLU N 354 35.66 -1.80 11.07
C GLU N 354 35.66 -1.45 12.56
N ALA N 355 36.31 -2.26 13.40
CA ALA N 355 36.33 -2.00 14.83
C ALA N 355 37.21 -0.81 15.22
N ALA N 356 38.46 -0.78 14.73
CA ALA N 356 39.49 0.14 15.19
C ALA N 356 39.54 1.48 14.43
N ASN N 357 39.47 1.46 13.09
CA ASN N 357 39.51 2.68 12.27
C ASN N 357 38.23 3.52 12.38
N TYR N 358 37.07 2.87 12.62
CA TYR N 358 35.87 3.59 13.04
C TYR N 358 36.05 4.34 14.38
N GLN N 359 36.72 3.72 15.35
CA GLN N 359 37.06 4.41 16.61
C GLN N 359 38.26 5.37 16.49
N ASP N 360 39.09 5.31 15.44
CA ASP N 360 40.00 6.40 15.06
C ASP N 360 39.22 7.62 14.56
N THR N 361 38.13 7.39 13.84
CA THR N 361 37.23 8.46 13.40
C THR N 361 36.42 9.03 14.57
N ILE N 362 36.04 8.21 15.55
CA ILE N 362 35.55 8.69 16.85
C ILE N 362 36.65 9.45 17.61
N GLY N 363 37.92 9.05 17.52
CA GLY N 363 39.08 9.72 18.12
C GLY N 363 39.30 11.11 17.56
N ARG N 364 39.33 11.26 16.23
CA ARG N 364 39.43 12.57 15.57
C ARG N 364 38.19 13.45 15.80
N LEU N 365 37.03 12.85 16.07
CA LEU N 365 35.84 13.57 16.56
C LEU N 365 35.92 13.91 18.06
N GLN N 366 36.59 13.11 18.90
CA GLN N 366 36.90 13.46 20.29
C GLN N 366 37.92 14.60 20.38
N ASP N 367 38.86 14.72 19.44
CA ASP N 367 39.70 15.91 19.28
C ASP N 367 38.84 17.17 19.06
N GLU N 368 38.03 17.17 17.99
CA GLU N 368 37.15 18.31 17.66
C GLU N 368 36.12 18.62 18.77
N ILE N 369 35.52 17.60 19.38
CA ILE N 369 34.50 17.76 20.43
C ILE N 369 35.12 18.19 21.76
N GLN N 370 36.23 17.60 22.19
CA GLN N 370 36.86 17.93 23.46
C GLN N 370 37.67 19.24 23.38
N ASN N 371 38.14 19.65 22.20
CA ASN N 371 38.59 21.01 21.92
C ASN N 371 37.42 22.02 21.98
N MET N 372 36.23 21.70 21.46
CA MET N 372 35.04 22.56 21.68
C MET N 372 34.57 22.61 23.14
N LYS N 373 34.85 21.57 23.95
CA LYS N 373 34.55 21.53 25.39
C LYS N 373 35.64 22.18 26.25
N GLU N 374 36.89 22.21 25.78
CA GLU N 374 37.94 23.09 26.28
C GLU N 374 37.50 24.54 26.11
N GLU N 375 37.09 24.95 24.92
CA GLU N 375 36.80 26.37 24.70
C GLU N 375 35.50 26.81 25.40
N MET N 376 34.54 25.89 25.57
CA MET N 376 33.40 26.06 26.48
C MET N 376 33.84 26.17 27.95
N ALA N 377 34.71 25.26 28.42
CA ALA N 377 35.28 25.29 29.75
C ALA N 377 36.15 26.53 30.01
N ARG N 378 36.81 27.10 28.99
CA ARG N 378 37.54 28.36 29.01
C ARG N 378 36.62 29.56 29.07
N HIS N 379 35.56 29.57 28.25
CA HIS N 379 34.48 30.56 28.31
C HIS N 379 33.72 30.55 29.65
N LEU N 380 33.61 29.41 30.35
CA LEU N 380 33.10 29.39 31.74
C LEU N 380 33.99 30.18 32.70
N ARG N 381 35.32 29.99 32.63
CA ARG N 381 36.26 30.68 33.50
C ARG N 381 36.43 32.15 33.09
N GLU N 382 36.42 32.45 31.80
CA GLU N 382 36.50 33.82 31.26
C GLU N 382 35.22 34.65 31.50
N TYR N 383 34.03 34.03 31.48
CA TYR N 383 32.82 34.71 31.95
C TYR N 383 32.84 34.96 33.47
N GLN N 384 33.42 34.04 34.24
CA GLN N 384 33.66 34.26 35.65
C GLN N 384 34.82 35.26 35.92
N ASP N 385 35.80 35.44 35.01
CA ASP N 385 36.75 36.57 35.04
C ASP N 385 36.03 37.91 34.80
N LEU N 386 35.07 37.97 33.88
CA LEU N 386 34.21 39.15 33.69
C LEU N 386 33.30 39.43 34.89
N LEU N 387 32.80 38.39 35.56
CA LEU N 387 32.14 38.54 36.87
C LEU N 387 33.13 38.96 37.96
N ASN N 388 34.40 38.55 37.93
CA ASN N 388 35.43 39.04 38.84
C ASN N 388 35.81 40.50 38.57
N VAL N 389 35.78 40.97 37.32
CA VAL N 389 35.87 42.41 36.99
C VAL N 389 34.65 43.19 37.49
N LYS N 390 33.44 42.64 37.39
CA LYS N 390 32.25 43.27 38.01
C LYS N 390 32.39 43.31 39.53
N MET N 391 32.67 42.18 40.16
CA MET N 391 32.74 42.03 41.61
C MET N 391 33.89 42.83 42.22
N ALA N 392 34.99 43.01 41.47
CA ALA N 392 36.07 43.95 41.73
C ALA N 392 35.59 45.39 41.74
N LEU N 393 34.84 45.81 40.72
CA LEU N 393 34.22 47.14 40.70
C LEU N 393 33.17 47.32 41.80
N ASP N 394 32.40 46.28 42.16
CA ASP N 394 31.49 46.32 43.30
C ASP N 394 32.22 46.61 44.63
N ILE N 395 33.31 45.86 44.93
CA ILE N 395 34.11 46.08 46.15
C ILE N 395 34.99 47.34 46.06
N GLU N 396 35.51 47.74 44.90
CA GLU N 396 36.29 48.98 44.72
C GLU N 396 35.40 50.22 44.84
N ILE N 397 34.15 50.16 44.36
CA ILE N 397 33.12 51.15 44.67
C ILE N 397 32.84 51.15 46.18
N ALA N 398 32.71 49.98 46.81
CA ALA N 398 32.47 49.87 48.26
C ALA N 398 33.62 50.43 49.09
N THR N 399 34.87 50.27 48.64
CA THR N 399 36.05 50.62 49.41
C THR N 399 36.58 52.00 49.06
N TYR N 400 36.22 52.53 47.89
CA TYR N 400 36.13 53.97 47.68
C TYR N 400 35.04 54.60 48.56
N ARG N 401 33.94 53.90 48.90
CA ARG N 401 33.03 54.37 49.98
C ARG N 401 33.68 54.30 51.39
N LYS N 402 34.56 53.34 51.65
CA LYS N 402 35.39 53.31 52.87
C LYS N 402 36.53 54.34 52.87
N LEU N 403 36.92 54.90 51.72
CA LEU N 403 37.68 56.15 51.64
C LEU N 403 36.76 57.33 51.94
N LEU N 404 35.55 57.34 51.38
CA LEU N 404 34.69 58.50 51.38
C LEU N 404 34.06 58.86 52.73
N GLU N 405 33.92 57.98 53.74
CA GLU N 405 33.65 58.46 55.14
C GLU N 405 34.80 59.32 55.68
N GLY N 406 36.02 58.90 55.35
CA GLY N 406 37.19 59.68 55.68
C GLY N 406 37.43 60.88 54.78
N GLU N 407 36.91 60.91 53.54
CA GLU N 407 36.91 62.10 52.68
C GLU N 407 35.73 63.06 52.96
N GLU N 408 34.63 62.58 53.55
CA GLU N 408 33.57 63.37 54.18
C GLU N 408 34.10 64.04 55.43
N SER N 409 34.86 63.28 56.21
CA SER N 409 35.69 63.85 57.26
C SER N 409 36.77 64.78 56.66
N ARG N 410 37.36 64.48 55.49
CA ARG N 410 38.47 65.26 54.93
C ARG N 410 38.15 66.61 54.33
N ILE N 411 36.91 67.07 54.18
CA ILE N 411 36.61 68.51 54.06
C ILE N 411 35.22 68.91 54.64
N SER N 412 34.56 68.05 55.44
CA SER N 412 33.14 68.16 55.89
C SER N 412 32.05 67.89 54.79
N LEU N 413 32.20 66.78 54.02
CA LEU N 413 32.17 66.80 52.54
C LEU N 413 31.61 65.45 51.94
N PRO N 414 32.21 64.66 51.00
CA PRO N 414 31.58 63.46 50.41
C PRO N 414 31.12 62.32 51.35
N LEU N 415 29.87 62.41 51.80
CA LEU N 415 29.14 61.40 52.58
C LEU N 415 29.21 59.92 52.13
N PRO N 416 29.14 59.52 50.83
CA PRO N 416 28.79 58.14 50.47
C PRO N 416 29.75 57.07 51.02
N ASN N 417 29.37 56.45 52.15
CA ASN N 417 30.28 55.69 53.00
C ASN N 417 29.99 54.17 53.12
N PHE N 418 31.06 53.40 53.35
CA PHE N 418 31.19 51.94 53.57
C PHE N 418 30.47 50.93 52.63
N SER N 419 29.59 51.35 51.73
CA SER N 419 28.49 50.51 51.25
C SER N 419 28.46 50.33 49.73
N SER N 420 28.95 49.15 49.32
CA SER N 420 28.62 48.43 48.07
C SER N 420 29.15 46.98 48.15
N LEU N 421 29.27 46.44 49.37
CA LEU N 421 30.23 45.38 49.72
C LEU N 421 29.99 44.10 48.91
N ASN N 422 31.05 43.63 48.25
CA ASN N 422 31.06 42.37 47.52
C ASN N 422 31.88 41.29 48.22
N LEU N 423 31.30 40.09 48.24
CA LEU N 423 31.91 38.81 48.59
C LEU N 423 31.07 37.69 47.93
N ARG N 424 31.46 36.45 48.21
CA ARG N 424 30.90 35.16 47.79
C ARG N 424 31.30 34.64 46.41
N GLU N 425 31.66 33.36 46.22
CA GLU N 425 31.36 32.07 46.91
C GLU N 425 29.99 31.43 46.58
N THR N 426 30.02 30.25 45.97
CA THR N 426 28.82 29.43 45.70
C THR N 426 28.21 28.75 46.94
N ASN N 427 28.94 28.67 48.05
CA ASN N 427 28.44 28.34 49.39
C ASN N 427 27.76 26.95 49.48
N LEU N 428 26.48 26.87 49.84
CA LEU N 428 25.82 25.66 50.34
C LEU N 428 25.75 24.54 49.29
N ASP N 429 26.22 23.35 49.64
CA ASP N 429 26.17 22.12 48.83
C ASP N 429 26.77 22.29 47.40
N SER N 430 27.66 23.27 47.25
CA SER N 430 27.97 23.86 45.93
C SER N 430 29.18 23.25 45.20
N LEU N 431 29.87 22.31 45.86
CA LEU N 431 30.47 21.15 45.20
C LEU N 431 29.56 19.95 45.55
N PRO N 432 28.47 19.71 44.80
CA PRO N 432 27.40 18.82 45.22
C PRO N 432 27.85 17.35 45.20
N LEU N 433 26.94 16.45 45.59
CA LEU N 433 27.00 15.01 45.33
C LEU N 433 26.76 14.66 43.85
N VAL N 434 27.63 15.19 42.96
CA VAL N 434 27.69 14.89 41.53
C VAL N 434 28.28 13.51 41.37
N ASP N 435 27.46 12.48 41.58
CA ASP N 435 27.91 11.09 41.65
C ASP N 435 27.18 10.18 40.64
N THR N 436 27.52 10.13 39.34
CA THR N 436 28.40 10.95 38.48
C THR N 436 29.89 11.09 38.89
N HIS N 437 30.64 10.06 39.31
CA HIS N 437 30.45 8.61 39.12
C HIS N 437 29.82 8.23 37.77
N SER N 438 30.43 8.81 36.72
CA SER N 438 29.98 8.67 35.34
C SER N 438 30.36 7.29 34.78
N LYS N 439 29.96 7.02 33.53
CA LYS N 439 30.01 5.71 32.87
C LYS N 439 31.44 5.26 32.59
N ARG N 440 32.09 4.73 33.63
CA ARG N 440 33.37 4.01 33.59
C ARG N 440 33.15 2.55 33.15
N THR N 441 32.61 2.37 31.95
CA THR N 441 32.26 1.06 31.41
C THR N 441 33.50 0.26 30.98
N LEU N 442 34.03 -0.60 31.85
CA LEU N 442 34.99 -1.63 31.43
C LEU N 442 34.27 -2.68 30.57
N LEU N 443 34.36 -2.52 29.24
CA LEU N 443 33.87 -3.48 28.27
C LEU N 443 34.96 -4.51 27.97
N ILE N 444 34.94 -5.63 28.69
CA ILE N 444 35.75 -6.80 28.33
C ILE N 444 35.02 -7.56 27.20
N LYS N 445 35.56 -7.61 25.98
CA LYS N 445 35.07 -8.51 24.92
C LYS N 445 35.67 -9.91 25.11
N THR N 446 35.15 -10.65 26.10
CA THR N 446 35.60 -12.03 26.35
C THR N 446 35.06 -12.95 25.25
N VAL N 447 35.81 -13.08 24.15
CA VAL N 447 35.51 -14.08 23.10
C VAL N 447 36.19 -15.40 23.44
N GLU N 448 35.39 -16.32 23.98
CA GLU N 448 35.83 -17.64 24.42
C GLU N 448 35.99 -18.59 23.21
N THR N 449 37.13 -18.45 22.52
CA THR N 449 37.48 -19.14 21.26
C THR N 449 37.68 -20.65 21.46
N ARG N 450 36.56 -21.36 21.60
CA ARG N 450 36.33 -22.65 20.92
C ARG N 450 35.47 -22.34 19.69
N ASP N 451 36.09 -21.66 18.74
CA ASP N 451 35.45 -21.12 17.53
C ASP N 451 34.39 -20.03 17.82
N GLY N 452 33.67 -19.60 16.77
CA GLY N 452 33.22 -18.22 16.61
C GLY N 452 31.70 -18.10 16.49
N GLN N 453 31.11 -18.79 15.50
CA GLN N 453 29.65 -19.02 15.47
C GLN N 453 29.17 -20.00 16.57
N VAL N 454 30.06 -20.53 17.43
CA VAL N 454 29.74 -21.38 18.59
C VAL N 454 30.35 -20.87 19.92
N ILE N 455 30.00 -19.71 20.47
CA ILE N 455 29.16 -18.56 20.02
C ILE N 455 29.47 -17.29 20.88
N ASN N 456 30.53 -17.36 21.69
CA ASN N 456 30.63 -16.64 22.97
C ASN N 456 31.21 -15.23 22.84
N GLU N 457 30.49 -14.32 22.17
CA GLU N 457 30.77 -12.87 22.19
C GLU N 457 30.40 -12.21 23.55
N THR N 458 31.04 -12.58 24.65
CA THR N 458 30.74 -12.00 25.97
C THR N 458 31.33 -10.58 26.10
N SER N 459 30.65 -9.59 25.54
CA SER N 459 30.84 -8.16 25.80
C SER N 459 30.35 -7.78 27.21
N GLN N 460 31.11 -8.16 28.24
CA GLN N 460 30.84 -7.80 29.62
C GLN N 460 30.97 -6.28 29.81
N HIS N 461 29.84 -5.57 29.78
CA HIS N 461 29.78 -4.14 30.11
C HIS N 461 29.82 -3.97 31.63
N HIS N 462 30.99 -3.92 32.27
CA HIS N 462 31.09 -3.46 33.66
C HIS N 462 30.98 -1.93 33.69
N ASP N 463 29.75 -1.43 33.53
CA ASP N 463 29.37 -0.04 33.83
C ASP N 463 29.66 0.25 35.32
N ASP N 464 30.87 0.74 35.59
CA ASP N 464 31.30 1.14 36.93
C ASP N 464 30.94 2.61 37.19
N LEU N 465 30.66 2.91 38.45
CA LEU N 465 30.29 4.24 38.95
C LEU N 465 31.36 4.71 39.95
N GLU N 466 32.53 5.08 39.43
CA GLU N 466 33.77 5.43 40.16
C GLU N 466 33.72 6.72 41.00
N LEU O 245 36.02 -148.60 -53.28
CA LEU O 245 35.92 -147.17 -53.63
C LEU O 245 34.62 -146.54 -53.10
N GLN O 246 33.47 -147.19 -53.29
CA GLN O 246 32.19 -146.70 -52.77
C GLN O 246 32.19 -146.66 -51.23
N ALA O 247 32.91 -147.56 -50.57
CA ALA O 247 33.14 -147.52 -49.11
C ALA O 247 33.99 -146.33 -48.67
N GLN O 248 35.03 -145.92 -49.42
CA GLN O 248 35.73 -144.65 -49.16
C GLN O 248 34.78 -143.45 -49.26
N ILE O 249 33.95 -143.39 -50.30
CA ILE O 249 32.96 -142.30 -50.47
C ILE O 249 31.92 -142.31 -49.34
N GLN O 250 31.60 -143.49 -48.80
CA GLN O 250 30.70 -143.68 -47.66
C GLN O 250 31.33 -143.28 -46.30
N GLU O 251 32.65 -143.39 -46.16
CA GLU O 251 33.42 -143.00 -44.96
C GLU O 251 33.83 -141.52 -44.90
N GLN O 252 33.80 -140.76 -46.00
CA GLN O 252 34.17 -139.32 -46.09
C GLN O 252 33.23 -138.33 -45.35
N HIS O 253 32.57 -138.76 -44.27
CA HIS O 253 31.34 -138.19 -43.71
C HIS O 253 31.37 -137.75 -42.21
N VAL O 254 32.42 -137.53 -41.40
CA VAL O 254 33.84 -137.05 -41.48
C VAL O 254 34.04 -135.61 -41.97
N GLN O 255 34.86 -134.84 -41.22
CA GLN O 255 35.16 -133.38 -41.24
C GLN O 255 34.23 -132.44 -40.43
N ILE O 256 34.52 -131.12 -40.54
CA ILE O 256 34.02 -130.00 -39.72
C ILE O 256 33.57 -128.84 -40.62
N ASP O 257 32.74 -127.95 -40.07
CA ASP O 257 32.25 -126.73 -40.72
C ASP O 257 33.36 -125.81 -41.23
N VAL O 258 33.24 -125.45 -42.51
CA VAL O 258 34.24 -124.72 -43.31
C VAL O 258 34.00 -123.21 -43.24
N ASP O 259 35.02 -122.48 -42.79
CA ASP O 259 35.07 -121.01 -42.61
C ASP O 259 33.99 -120.39 -41.68
N VAL O 260 32.88 -121.07 -41.37
CA VAL O 260 31.95 -120.64 -40.29
C VAL O 260 32.32 -121.21 -38.92
N SER O 261 32.89 -122.40 -38.80
CA SER O 261 33.49 -122.90 -37.54
C SER O 261 34.80 -122.22 -37.14
N LYS O 262 35.04 -121.01 -37.66
CA LYS O 262 36.19 -120.15 -37.42
C LYS O 262 35.74 -118.82 -36.78
N PRO O 263 35.03 -118.85 -35.63
CA PRO O 263 34.46 -117.66 -34.99
C PRO O 263 35.61 -116.72 -34.53
N ASP O 264 35.93 -115.73 -35.35
CA ASP O 264 37.34 -115.54 -35.73
C ASP O 264 38.29 -115.12 -34.58
N LEU O 265 39.36 -115.91 -34.41
CA LEU O 265 40.48 -115.59 -33.54
C LEU O 265 41.35 -114.45 -34.13
N THR O 266 41.49 -114.37 -35.45
CA THR O 266 42.26 -113.30 -36.09
C THR O 266 41.55 -111.95 -36.01
N ALA O 267 40.21 -111.93 -35.97
CA ALA O 267 39.41 -110.77 -35.58
C ALA O 267 39.64 -110.37 -34.12
N ALA O 268 39.67 -111.32 -33.17
CA ALA O 268 40.00 -111.00 -31.78
C ALA O 268 41.43 -110.45 -31.58
N LEU O 269 42.41 -110.96 -32.34
CA LEU O 269 43.78 -110.42 -32.37
C LEU O 269 43.92 -109.10 -33.16
N ARG O 270 43.00 -108.81 -34.08
CA ARG O 270 42.91 -107.59 -34.89
C ARG O 270 42.29 -106.44 -34.08
N ASP O 271 41.23 -106.74 -33.32
CA ASP O 271 40.63 -105.86 -32.31
C ASP O 271 41.65 -105.38 -31.29
N VAL O 272 42.35 -106.28 -30.60
CA VAL O 272 43.35 -105.92 -29.58
C VAL O 272 44.48 -105.04 -30.13
N ARG O 273 44.88 -105.20 -31.40
CA ARG O 273 45.90 -104.35 -32.04
C ARG O 273 45.37 -102.97 -32.41
N GLN O 274 44.21 -102.91 -33.07
CA GLN O 274 43.58 -101.65 -33.48
C GLN O 274 43.05 -100.84 -32.29
N GLN O 275 42.69 -101.53 -31.20
CA GLN O 275 42.35 -100.97 -29.91
C GLN O 275 43.59 -100.40 -29.19
N TYR O 276 44.73 -101.09 -29.18
CA TYR O 276 45.98 -100.51 -28.65
C TYR O 276 46.53 -99.35 -29.50
N GLU O 277 46.40 -99.40 -30.83
CA GLU O 277 46.77 -98.29 -31.73
C GLU O 277 45.91 -97.05 -31.46
N SER O 278 44.60 -97.25 -31.27
CA SER O 278 43.65 -96.19 -30.91
C SER O 278 43.87 -95.63 -29.49
N VAL O 279 44.12 -96.50 -28.51
CA VAL O 279 44.39 -96.13 -27.11
C VAL O 279 45.70 -95.36 -26.99
N ALA O 280 46.76 -95.79 -27.69
CA ALA O 280 48.05 -95.09 -27.68
C ALA O 280 47.94 -93.69 -28.29
N ALA O 281 47.20 -93.53 -29.39
CA ALA O 281 46.93 -92.22 -29.97
C ALA O 281 46.08 -91.32 -29.04
N LYS O 282 44.99 -91.84 -28.47
CA LYS O 282 44.06 -91.05 -27.64
C LYS O 282 44.61 -90.68 -26.26
N ASN O 283 45.37 -91.57 -25.62
CA ASN O 283 46.08 -91.28 -24.38
C ASN O 283 47.15 -90.18 -24.56
N LEU O 284 47.78 -90.07 -25.74
CA LEU O 284 48.70 -88.97 -26.06
C LEU O 284 47.96 -87.67 -26.38
N GLN O 285 46.85 -87.74 -27.13
CA GLN O 285 46.06 -86.57 -27.53
C GLN O 285 45.30 -85.93 -26.36
N GLU O 286 44.80 -86.73 -25.41
CA GLU O 286 44.23 -86.27 -24.13
C GLU O 286 45.26 -85.47 -23.30
N ALA O 287 46.51 -85.97 -23.22
CA ALA O 287 47.58 -85.32 -22.49
C ALA O 287 48.04 -83.99 -23.14
N GLU O 288 48.04 -83.90 -24.47
CA GLU O 288 48.30 -82.66 -25.20
C GLU O 288 47.15 -81.64 -25.03
N GLU O 289 45.90 -82.09 -25.08
CA GLU O 289 44.73 -81.22 -24.98
C GLU O 289 44.51 -80.69 -23.55
N TRP O 290 44.81 -81.49 -22.53
CA TRP O 290 44.92 -81.00 -21.15
C TRP O 290 46.10 -80.06 -20.96
N TYR O 291 47.24 -80.26 -21.65
CA TYR O 291 48.35 -79.28 -21.60
C TYR O 291 47.95 -77.91 -22.15
N LYS O 292 47.25 -77.85 -23.30
CA LYS O 292 46.70 -76.58 -23.86
C LYS O 292 45.71 -75.91 -22.90
N SER O 293 44.81 -76.71 -22.35
CA SER O 293 43.70 -76.24 -21.52
C SER O 293 44.16 -75.72 -20.15
N LYS O 294 45.10 -76.44 -19.53
CA LYS O 294 45.82 -76.01 -18.32
C LYS O 294 46.67 -74.76 -18.57
N PHE O 295 47.28 -74.64 -19.75
CA PHE O 295 48.01 -73.44 -20.13
C PHE O 295 47.10 -72.21 -20.27
N ALA O 296 45.87 -72.38 -20.78
CA ALA O 296 44.87 -71.31 -20.85
C ALA O 296 44.40 -70.83 -19.47
N ASP O 297 44.04 -71.77 -18.57
CA ASP O 297 43.68 -71.51 -17.17
C ASP O 297 44.78 -70.75 -16.41
N LEU O 298 46.00 -71.29 -16.40
CA LEU O 298 47.14 -70.67 -15.72
C LEU O 298 47.52 -69.30 -16.31
N SER O 299 47.45 -69.14 -17.63
CA SER O 299 47.76 -67.86 -18.29
C SER O 299 46.73 -66.79 -17.99
N GLU O 300 45.44 -67.11 -18.00
CA GLU O 300 44.38 -66.14 -17.74
C GLU O 300 44.12 -65.90 -16.24
N ALA O 301 44.47 -66.83 -15.36
CA ALA O 301 44.62 -66.58 -13.93
C ALA O 301 45.80 -65.62 -13.64
N ALA O 302 46.93 -65.80 -14.33
CA ALA O 302 48.04 -64.85 -14.28
C ALA O 302 47.71 -63.48 -14.89
N ASN O 303 46.90 -63.43 -15.96
CA ASN O 303 46.37 -62.18 -16.51
C ASN O 303 45.40 -61.50 -15.55
N ARG O 304 44.52 -62.24 -14.85
CA ARG O 304 43.58 -61.65 -13.88
C ARG O 304 44.31 -60.99 -12.71
N ASN O 305 45.33 -61.66 -12.19
CA ASN O 305 46.17 -61.11 -11.13
C ASN O 305 46.96 -59.90 -11.62
N ASN O 306 47.53 -59.95 -12.84
CA ASN O 306 48.15 -58.77 -13.47
C ASN O 306 47.17 -57.61 -13.64
N ASP O 307 45.90 -57.87 -13.99
CA ASP O 307 44.94 -56.85 -14.38
C ASP O 307 44.19 -56.20 -13.20
N ALA O 308 43.87 -56.96 -12.17
CA ALA O 308 43.46 -56.41 -10.87
C ALA O 308 44.60 -55.57 -10.24
N LEU O 309 45.86 -56.02 -10.40
CA LEU O 309 47.05 -55.23 -10.06
C LEU O 309 47.34 -54.05 -11.02
N ARG O 310 46.59 -53.85 -12.11
CA ARG O 310 46.64 -52.66 -12.98
C ARG O 310 45.48 -51.69 -12.70
N GLN O 311 44.28 -52.21 -12.47
CA GLN O 311 43.11 -51.45 -11.99
C GLN O 311 43.42 -50.74 -10.67
N ALA O 312 43.96 -51.50 -9.70
CA ALA O 312 44.42 -50.99 -8.41
C ALA O 312 45.66 -50.07 -8.50
N LYS O 313 46.41 -50.08 -9.62
CA LYS O 313 47.53 -49.13 -9.86
C LYS O 313 47.09 -47.84 -10.52
N GLN O 314 46.02 -47.85 -11.32
CA GLN O 314 45.39 -46.63 -11.84
C GLN O 314 44.67 -45.89 -10.70
N GLU O 315 43.94 -46.65 -9.87
CA GLU O 315 43.36 -46.23 -8.58
C GLU O 315 44.41 -45.74 -7.56
N SER O 316 45.52 -46.47 -7.39
CA SER O 316 46.65 -46.00 -6.56
C SER O 316 47.30 -44.73 -7.10
N THR O 317 47.30 -44.51 -8.42
CA THR O 317 47.87 -43.27 -9.00
C THR O 317 46.94 -42.08 -8.80
N GLU O 318 45.63 -42.33 -8.75
CA GLU O 318 44.58 -41.36 -8.50
C GLU O 318 44.58 -40.83 -7.07
N TYR O 319 44.37 -41.72 -6.09
CA TYR O 319 44.28 -41.31 -4.69
C TYR O 319 45.61 -40.75 -4.16
N ARG O 320 46.75 -41.18 -4.70
CA ARG O 320 48.05 -40.53 -4.39
C ARG O 320 48.13 -39.10 -4.90
N ARG O 321 47.65 -38.81 -6.12
CA ARG O 321 47.62 -37.43 -6.65
C ARG O 321 46.64 -36.55 -5.87
N GLN O 322 45.45 -37.06 -5.55
CA GLN O 322 44.46 -36.33 -4.77
C GLN O 322 44.94 -36.04 -3.33
N VAL O 323 45.63 -36.99 -2.69
CA VAL O 323 46.29 -36.81 -1.38
C VAL O 323 47.49 -35.86 -1.45
N GLN O 324 48.29 -35.89 -2.52
CA GLN O 324 49.40 -34.94 -2.71
C GLN O 324 48.90 -33.51 -2.99
N SER O 325 47.77 -33.37 -3.70
CA SER O 325 47.09 -32.08 -3.92
C SER O 325 46.52 -31.53 -2.60
N LEU O 326 45.91 -32.39 -1.78
CA LEU O 326 45.49 -32.09 -0.40
C LEU O 326 46.66 -31.78 0.54
N THR O 327 47.85 -32.34 0.32
CA THR O 327 49.05 -31.99 1.09
C THR O 327 49.52 -30.57 0.76
N CYS O 328 49.43 -30.17 -0.52
CA CYS O 328 49.69 -28.80 -0.95
C CYS O 328 48.66 -27.81 -0.40
N GLU O 329 47.38 -28.20 -0.27
CA GLU O 329 46.38 -27.42 0.47
C GLU O 329 46.80 -27.19 1.93
N VAL O 330 47.09 -28.25 2.66
CA VAL O 330 47.32 -28.18 4.11
C VAL O 330 48.54 -27.34 4.47
N ASP O 331 49.52 -27.23 3.57
CA ASP O 331 50.69 -26.37 3.78
C ASP O 331 50.56 -24.96 3.15
N ALA O 332 49.72 -24.76 2.12
CA ALA O 332 49.32 -23.43 1.63
C ALA O 332 48.28 -22.71 2.52
N LEU O 333 47.41 -23.47 3.20
CA LEU O 333 46.53 -23.00 4.27
C LEU O 333 47.35 -22.48 5.45
N LYS O 334 48.34 -23.26 5.94
CA LYS O 334 49.24 -22.80 7.03
C LYS O 334 50.02 -21.53 6.70
N GLY O 335 50.54 -21.38 5.47
CA GLY O 335 51.19 -20.13 5.04
C GLY O 335 50.23 -18.94 4.89
N THR O 336 48.92 -19.21 4.88
CA THR O 336 47.83 -18.23 4.92
C THR O 336 47.25 -18.04 6.34
N ASN O 337 47.38 -19.03 7.24
CA ASN O 337 47.21 -18.91 8.70
C ASN O 337 48.33 -18.00 9.29
N GLU O 338 49.57 -18.15 8.81
CA GLU O 338 50.70 -17.20 9.00
C GLU O 338 50.49 -15.82 8.32
N SER O 339 49.50 -15.71 7.43
CA SER O 339 49.05 -14.42 6.89
C SER O 339 47.93 -13.80 7.73
N LEU O 340 47.02 -14.58 8.34
CA LEU O 340 46.04 -14.09 9.32
C LEU O 340 46.71 -13.53 10.59
N GLU O 341 47.83 -14.14 11.01
CA GLU O 341 48.73 -13.57 12.03
C GLU O 341 49.38 -12.22 11.65
N ARG O 342 49.29 -11.78 10.39
CA ARG O 342 49.64 -10.41 9.93
C ARG O 342 48.43 -9.49 9.85
N GLN O 343 47.26 -9.99 9.49
CA GLN O 343 46.02 -9.20 9.48
C GLN O 343 45.57 -8.84 10.91
N MET O 344 45.93 -9.65 11.91
CA MET O 344 45.86 -9.25 13.33
C MET O 344 46.91 -8.19 13.75
N ARG O 345 47.90 -7.87 12.90
CA ARG O 345 48.83 -6.73 13.04
C ARG O 345 48.40 -5.52 12.24
N GLU O 346 47.77 -5.70 11.09
CA GLU O 346 47.04 -4.63 10.40
C GLU O 346 45.85 -4.12 11.27
N MET O 347 45.30 -4.97 12.14
CA MET O 347 44.43 -4.58 13.26
C MET O 347 45.14 -3.69 14.30
N GLU O 348 46.32 -4.10 14.75
CA GLU O 348 47.10 -3.37 15.75
C GLU O 348 47.67 -2.05 15.18
N GLU O 349 47.85 -1.94 13.86
CA GLU O 349 48.15 -0.70 13.12
C GLU O 349 46.91 0.20 12.94
N ASN O 350 45.72 -0.36 12.67
CA ASN O 350 44.47 0.40 12.72
C ASN O 350 44.13 0.89 14.14
N PHE O 351 44.51 0.14 15.18
CA PHE O 351 44.51 0.64 16.56
C PHE O 351 45.65 1.64 16.84
N ALA O 352 46.78 1.59 16.15
CA ALA O 352 47.79 2.64 16.20
C ALA O 352 47.31 3.95 15.55
N VAL O 353 46.41 3.89 14.54
CA VAL O 353 45.69 5.07 14.01
C VAL O 353 44.62 5.57 14.99
N GLU O 354 43.93 4.68 15.73
CA GLU O 354 43.05 5.07 16.84
C GLU O 354 43.81 5.79 17.96
N ALA O 355 44.97 5.25 18.34
CA ALA O 355 45.89 5.84 19.31
C ALA O 355 46.56 7.14 18.80
N ALA O 356 46.74 7.32 17.49
CA ALA O 356 47.26 8.56 16.90
C ALA O 356 46.21 9.67 16.87
N ASN O 357 44.96 9.36 16.47
CA ASN O 357 43.84 10.29 16.59
C ASN O 357 43.45 10.55 18.07
N TYR O 358 43.72 9.61 18.97
CA TYR O 358 43.62 9.81 20.42
C TYR O 358 44.83 10.58 21.01
N GLN O 359 46.01 10.54 20.38
CA GLN O 359 47.14 11.40 20.75
C GLN O 359 46.85 12.86 20.38
N ASP O 360 46.37 13.14 19.18
CA ASP O 360 45.96 14.50 18.79
C ASP O 360 44.72 14.97 19.56
N THR O 361 43.81 14.06 19.95
CA THR O 361 42.74 14.32 20.93
C THR O 361 43.31 14.83 22.26
N ILE O 362 44.15 14.00 22.90
CA ILE O 362 44.67 14.29 24.23
C ILE O 362 45.57 15.52 24.20
N GLY O 363 46.43 15.68 23.19
CA GLY O 363 47.32 16.84 23.05
C GLY O 363 46.54 18.14 22.85
N ARG O 364 45.65 18.19 21.86
CA ARG O 364 44.94 19.43 21.51
C ARG O 364 43.93 19.86 22.57
N LEU O 365 43.22 18.91 23.19
CA LEU O 365 42.36 19.24 24.34
C LEU O 365 43.19 19.60 25.58
N GLN O 366 44.27 18.87 25.90
CA GLN O 366 44.99 19.06 27.16
C GLN O 366 45.80 20.35 27.19
N ASP O 367 46.49 20.70 26.10
CA ASP O 367 47.32 21.90 26.06
C ASP O 367 46.48 23.16 26.23
N GLU O 368 45.35 23.30 25.54
CA GLU O 368 44.49 24.47 25.71
C GLU O 368 43.59 24.42 26.97
N ILE O 369 43.16 23.24 27.44
CA ILE O 369 42.41 23.16 28.73
C ILE O 369 43.34 23.36 29.93
N GLN O 370 44.65 23.14 29.78
CA GLN O 370 45.67 23.49 30.77
C GLN O 370 46.16 24.94 30.65
N ASN O 371 46.29 25.49 29.44
CA ASN O 371 46.51 26.92 29.23
C ASN O 371 45.38 27.74 29.86
N MET O 372 44.14 27.31 29.65
CA MET O 372 42.95 27.77 30.37
C MET O 372 43.09 27.61 31.88
N LYS O 373 43.31 26.39 32.39
CA LYS O 373 43.29 26.15 33.84
C LYS O 373 44.37 26.94 34.59
N GLU O 374 45.55 27.10 33.98
CA GLU O 374 46.64 27.90 34.50
C GLU O 374 46.43 29.40 34.33
N GLU O 375 46.05 29.88 33.15
CA GLU O 375 45.73 31.29 32.90
C GLU O 375 44.60 31.78 33.79
N MET O 376 43.53 31.02 33.97
CA MET O 376 42.33 31.48 34.69
C MET O 376 42.56 31.55 36.20
N ALA O 377 43.30 30.58 36.75
CA ALA O 377 43.81 30.65 38.12
C ALA O 377 44.88 31.75 38.32
N ARG O 378 45.45 32.29 37.23
CA ARG O 378 46.28 33.51 37.20
C ARG O 378 45.46 34.79 37.01
N HIS O 379 44.47 34.87 36.11
CA HIS O 379 43.65 36.06 35.83
C HIS O 379 42.85 36.53 37.05
N LEU O 380 42.26 35.60 37.81
CA LEU O 380 41.62 35.95 39.09
C LEU O 380 42.59 36.56 40.10
N ARG O 381 43.82 36.05 40.13
CA ARG O 381 44.91 36.52 40.99
C ARG O 381 45.55 37.81 40.47
N GLU O 382 45.52 38.04 39.16
CA GLU O 382 46.06 39.18 38.44
C GLU O 382 45.13 40.40 38.54
N TYR O 383 43.82 40.19 38.40
CA TYR O 383 42.80 41.14 38.86
C TYR O 383 42.91 41.35 40.38
N GLN O 384 43.03 40.30 41.20
CA GLN O 384 43.25 40.47 42.63
C GLN O 384 44.52 41.28 42.96
N ASP O 385 45.59 41.20 42.17
CA ASP O 385 46.85 41.91 42.43
C ASP O 385 46.87 43.35 41.89
N LEU O 386 46.15 43.65 40.80
CA LEU O 386 45.80 45.03 40.43
C LEU O 386 44.94 45.70 41.53
N LEU O 387 44.05 44.91 42.14
CA LEU O 387 43.21 45.31 43.28
C LEU O 387 43.95 45.28 44.64
N ASN O 388 45.12 44.63 44.69
CA ASN O 388 46.06 44.63 45.80
C ASN O 388 46.99 45.85 45.74
N VAL O 389 47.40 46.28 44.53
CA VAL O 389 48.02 47.57 44.27
C VAL O 389 47.08 48.72 44.62
N LYS O 390 45.79 48.63 44.23
CA LYS O 390 44.74 49.55 44.66
C LYS O 390 44.54 49.57 46.18
N MET O 391 44.58 48.41 46.84
CA MET O 391 44.51 48.31 48.31
C MET O 391 45.72 48.91 49.03
N ALA O 392 46.93 48.70 48.52
CA ALA O 392 48.17 49.24 49.07
C ALA O 392 48.21 50.76 48.93
N LEU O 393 47.78 51.26 47.75
CA LEU O 393 47.52 52.68 47.52
C LEU O 393 46.46 53.23 48.48
N ASP O 394 45.38 52.51 48.79
CA ASP O 394 44.40 52.96 49.78
C ASP O 394 45.00 53.14 51.19
N ILE O 395 45.89 52.26 51.65
CA ILE O 395 46.58 52.40 52.96
C ILE O 395 47.61 53.56 52.95
N GLU O 396 48.40 53.66 51.89
CA GLU O 396 49.41 54.73 51.73
C GLU O 396 48.76 56.11 51.59
N ILE O 397 47.68 56.18 50.82
CA ILE O 397 46.82 57.35 50.70
C ILE O 397 46.16 57.65 52.06
N ALA O 398 45.83 56.69 52.94
CA ALA O 398 45.42 57.00 54.32
C ALA O 398 46.51 57.65 55.16
N THR O 399 47.72 57.11 55.11
CA THR O 399 48.86 57.59 55.88
C THR O 399 49.26 59.01 55.47
N TYR O 400 49.11 59.32 54.18
CA TYR O 400 49.22 60.67 53.62
C TYR O 400 48.03 61.58 54.00
N ARG O 401 46.80 61.10 53.81
CA ARG O 401 45.54 61.84 54.02
C ARG O 401 45.35 62.28 55.46
N LYS O 402 45.61 61.40 56.44
CA LYS O 402 45.53 61.73 57.87
C LYS O 402 46.59 62.76 58.33
N LEU O 403 47.55 63.14 57.48
CA LEU O 403 48.54 64.18 57.76
C LEU O 403 48.39 65.44 56.89
N LEU O 404 48.24 65.32 55.57
CA LEU O 404 48.10 66.50 54.69
C LEU O 404 46.68 67.04 54.67
N GLU O 405 45.73 66.24 54.20
CA GLU O 405 44.30 66.54 54.35
C GLU O 405 43.88 66.50 55.85
N GLY O 406 44.74 65.93 56.70
CA GLY O 406 44.67 65.94 58.15
C GLY O 406 45.42 67.08 58.84
N GLU O 407 45.95 68.06 58.10
CA GLU O 407 46.26 69.44 58.54
C GLU O 407 45.36 70.47 57.84
N GLU O 408 44.95 70.18 56.59
CA GLU O 408 43.69 70.69 56.06
C GLU O 408 42.56 70.36 57.07
N SER O 409 42.65 69.32 57.91
CA SER O 409 41.85 69.07 59.13
C SER O 409 41.42 70.27 59.94
N ARG O 410 42.31 71.24 60.16
CA ARG O 410 41.97 72.44 60.96
C ARG O 410 41.25 73.51 60.10
N ILE O 411 40.69 72.97 59.01
CA ILE O 411 39.83 73.41 57.90
C ILE O 411 38.97 72.21 57.33
N SER O 412 39.18 70.91 57.73
CA SER O 412 38.92 69.67 56.93
C SER O 412 38.88 68.28 57.73
N LEU O 413 39.63 67.13 57.48
CA LEU O 413 40.02 65.86 58.30
C LEU O 413 40.49 64.50 57.51
N PRO O 414 40.20 63.15 57.75
CA PRO O 414 41.10 61.98 57.36
C PRO O 414 40.72 60.81 56.34
N LEU O 415 40.12 59.67 56.79
CA LEU O 415 40.41 58.21 56.45
C LEU O 415 40.13 57.64 55.01
N PRO O 416 41.18 57.13 54.34
CA PRO O 416 41.15 55.86 53.57
C PRO O 416 41.23 54.54 54.35
N ASN O 417 40.66 53.45 53.79
CA ASN O 417 40.58 52.13 54.44
C ASN O 417 41.54 51.06 53.86
N PHE O 418 41.01 50.15 53.03
CA PHE O 418 41.55 48.81 52.70
C PHE O 418 40.60 48.11 51.70
N SER O 419 41.11 47.05 51.06
CA SER O 419 40.49 46.18 50.04
C SER O 419 40.29 46.85 48.67
N SER O 420 40.42 46.01 47.64
CA SER O 420 39.42 45.83 46.56
C SER O 420 39.44 44.38 46.00
N LEU O 421 39.93 43.43 46.82
CA LEU O 421 40.38 42.10 46.38
C LEU O 421 39.26 41.25 45.73
N ASN O 422 39.52 40.80 44.51
CA ASN O 422 38.58 39.97 43.75
C ASN O 422 39.25 38.79 43.01
N LEU O 423 39.78 37.86 43.81
CA LEU O 423 39.80 36.44 43.46
C LEU O 423 38.50 35.81 44.02
N ARG O 424 37.69 35.18 43.16
CA ARG O 424 36.48 34.40 43.45
C ARG O 424 36.47 33.16 42.55
N GLU O 425 35.49 32.30 42.69
CA GLU O 425 35.34 31.09 41.90
C GLU O 425 35.22 31.34 40.39
N THR O 426 35.71 30.39 39.60
CA THR O 426 35.55 30.32 38.13
C THR O 426 35.03 28.97 37.66
N ASN O 427 34.24 28.30 38.51
CA ASN O 427 33.99 26.86 38.42
C ASN O 427 35.28 26.04 38.62
N LEU O 428 36.10 26.44 39.60
CA LEU O 428 37.19 25.62 40.15
C LEU O 428 36.85 25.10 41.56
N ASP O 429 35.93 25.79 42.23
CA ASP O 429 35.46 25.53 43.59
C ASP O 429 34.14 24.72 43.57
N SER O 430 33.23 25.10 42.66
CA SER O 430 32.24 24.18 42.08
C SER O 430 32.84 23.52 40.84
N LEU O 431 32.84 22.18 40.77
CA LEU O 431 33.40 21.39 39.68
C LEU O 431 32.42 20.28 39.26
N PRO O 432 32.40 19.89 37.97
CA PRO O 432 31.95 18.57 37.58
C PRO O 432 32.93 17.52 38.11
N LEU O 433 32.42 16.49 38.78
CA LEU O 433 33.00 15.16 38.67
C LEU O 433 32.45 14.48 37.41
N VAL O 434 33.33 13.83 36.65
CA VAL O 434 32.98 12.96 35.53
C VAL O 434 34.19 12.04 35.28
N ASP O 435 33.94 10.75 35.12
CA ASP O 435 34.94 9.75 34.79
C ASP O 435 34.36 8.69 33.82
N THR O 436 35.22 8.18 32.93
CA THR O 436 34.91 7.20 31.89
C THR O 436 36.23 6.63 31.32
N HIS O 437 36.19 5.95 30.17
CA HIS O 437 37.37 5.40 29.44
C HIS O 437 38.11 4.34 30.26
N SER O 438 37.43 3.22 30.47
CA SER O 438 37.93 2.03 31.18
C SER O 438 38.72 1.05 30.30
N LYS O 439 38.74 1.25 28.97
CA LYS O 439 39.23 0.35 27.91
C LYS O 439 38.22 -0.70 27.47
N ARG O 440 37.47 -0.36 26.42
CA ARG O 440 36.62 -1.25 25.64
C ARG O 440 37.48 -2.08 24.67
N THR O 441 38.20 -3.03 25.26
CA THR O 441 38.99 -4.07 24.57
C THR O 441 38.12 -4.99 23.70
N LEU O 442 37.78 -4.55 22.48
CA LEU O 442 37.15 -5.36 21.42
C LEU O 442 38.17 -6.32 20.77
N LEU O 443 38.51 -7.37 21.53
CA LEU O 443 39.28 -8.52 21.06
C LEU O 443 38.41 -9.46 20.22
N ILE O 444 38.03 -9.04 19.02
CA ILE O 444 37.20 -9.82 18.07
C ILE O 444 38.00 -11.04 17.60
N LYS O 445 37.43 -12.24 17.73
CA LYS O 445 38.11 -13.49 17.36
C LYS O 445 37.11 -14.52 16.82
N THR O 446 37.09 -14.67 15.49
CA THR O 446 36.58 -15.86 14.79
C THR O 446 37.66 -16.97 14.79
N VAL O 447 37.80 -17.81 13.75
CA VAL O 447 37.73 -19.30 13.85
C VAL O 447 36.30 -19.68 14.22
N GLU O 448 35.55 -20.60 13.61
CA GLU O 448 35.63 -21.26 12.30
C GLU O 448 36.70 -22.37 12.08
N THR O 449 36.63 -23.43 12.89
CA THR O 449 36.91 -24.80 12.39
C THR O 449 35.76 -25.22 11.47
N ARG O 450 36.08 -25.76 10.29
CA ARG O 450 35.10 -26.31 9.34
C ARG O 450 35.37 -27.78 9.09
N ASP O 451 34.32 -28.61 9.13
CA ASP O 451 34.39 -30.04 8.76
C ASP O 451 35.45 -30.86 9.57
N GLY O 452 35.96 -30.30 10.68
CA GLY O 452 37.07 -30.83 11.50
C GLY O 452 38.48 -30.35 11.12
N GLN O 453 38.60 -29.40 10.20
CA GLN O 453 39.84 -28.78 9.72
C GLN O 453 39.81 -27.25 9.97
N VAL O 454 40.94 -26.67 10.37
CA VAL O 454 41.10 -25.19 10.40
C VAL O 454 41.18 -24.69 8.96
N ILE O 455 40.30 -23.75 8.61
CA ILE O 455 40.25 -23.09 7.28
C ILE O 455 40.54 -21.57 7.41
N ASN O 456 40.66 -21.06 8.64
CA ASN O 456 41.19 -19.74 9.01
C ASN O 456 41.43 -19.69 10.53
N GLU O 457 42.46 -18.96 10.98
CA GLU O 457 42.69 -18.66 12.40
C GLU O 457 42.87 -17.16 12.68
N THR O 458 41.75 -16.46 12.94
CA THR O 458 41.77 -15.03 13.32
C THR O 458 42.06 -14.86 14.82
N SER O 459 42.74 -13.78 15.19
CA SER O 459 42.75 -13.27 16.57
C SER O 459 43.04 -11.75 16.61
N GLN O 460 42.01 -10.95 16.37
CA GLN O 460 42.12 -9.49 16.30
C GLN O 460 42.18 -8.84 17.70
N HIS O 461 42.88 -7.70 17.83
CA HIS O 461 43.06 -6.94 19.09
C HIS O 461 42.84 -5.42 18.92
N HIS O 462 41.58 -4.96 18.94
CA HIS O 462 41.27 -3.53 19.12
C HIS O 462 41.11 -3.23 20.62
N ASP O 463 41.68 -2.11 21.10
CA ASP O 463 41.20 -1.44 22.31
C ASP O 463 40.52 -0.12 21.93
N ASP O 464 39.23 -0.02 22.22
CA ASP O 464 38.43 1.20 22.08
C ASP O 464 38.55 1.99 23.39
N LEU O 465 39.02 3.23 23.38
CA LEU O 465 39.13 4.02 24.61
C LEU O 465 37.78 4.59 25.06
N GLU O 466 36.85 3.67 25.35
CA GLU O 466 35.55 3.76 26.05
C GLU O 466 35.49 2.73 27.20
N GLY P 58 -15.54 -143.60 -58.82
CA GLY P 58 -16.29 -142.35 -58.97
C GLY P 58 -17.23 -142.07 -57.79
N GLY P 59 -17.57 -140.79 -57.58
CA GLY P 59 -18.41 -140.34 -56.45
C GLY P 59 -17.64 -139.67 -55.29
N VAL P 60 -16.31 -139.75 -55.27
CA VAL P 60 -15.45 -139.06 -54.29
C VAL P 60 -15.35 -137.56 -54.60
N TYR P 61 -16.36 -136.79 -54.20
CA TYR P 61 -16.42 -135.32 -54.37
C TYR P 61 -16.04 -134.59 -53.08
N ALA P 62 -14.74 -134.28 -52.92
CA ALA P 62 -14.24 -133.51 -51.79
C ALA P 62 -14.77 -132.05 -51.81
N THR P 63 -15.59 -131.69 -50.82
CA THR P 63 -16.16 -130.34 -50.71
C THR P 63 -15.14 -129.35 -50.16
N ARG P 64 -14.68 -128.41 -51.00
CA ARG P 64 -13.79 -127.30 -50.58
C ARG P 64 -14.55 -126.32 -49.67
N SER P 65 -14.29 -126.38 -48.36
CA SER P 65 -14.70 -125.33 -47.43
C SER P 65 -14.11 -123.97 -47.82
N SER P 66 -14.96 -122.95 -47.82
CA SER P 66 -14.63 -121.58 -48.25
C SER P 66 -15.16 -120.54 -47.26
N ALA P 67 -14.83 -120.73 -45.97
CA ALA P 67 -15.01 -119.73 -44.93
C ALA P 67 -14.48 -118.34 -45.35
N VAL P 68 -15.06 -117.27 -44.81
CA VAL P 68 -14.74 -115.88 -45.18
C VAL P 68 -13.28 -115.51 -44.94
N ARG P 69 -12.64 -116.11 -43.91
CA ARG P 69 -11.22 -115.93 -43.53
C ARG P 69 -10.83 -114.44 -43.34
N LEU P 70 -11.80 -113.64 -42.90
CA LEU P 70 -11.67 -112.25 -42.48
C LEU P 70 -12.46 -112.07 -41.17
N ARG P 71 -11.81 -111.49 -40.15
CA ARG P 71 -12.46 -111.19 -38.86
C ARG P 71 -13.41 -109.99 -38.98
N SER P 72 -14.28 -109.79 -38.00
CA SER P 72 -15.44 -108.89 -38.06
C SER P 72 -15.15 -107.50 -38.68
N SER P 73 -15.84 -107.24 -39.81
CA SER P 73 -15.79 -106.02 -40.62
C SER P 73 -14.44 -105.84 -41.35
N VAL P 74 -13.83 -104.65 -41.28
CA VAL P 74 -12.43 -104.41 -41.65
C VAL P 74 -11.49 -105.12 -40.62
N PRO P 75 -10.15 -104.97 -40.66
CA PRO P 75 -9.29 -105.36 -39.53
C PRO P 75 -9.88 -104.98 -38.15
N GLY P 76 -10.05 -106.01 -37.30
CA GLY P 76 -11.31 -106.24 -36.60
C GLY P 76 -11.70 -105.30 -35.45
N VAL P 77 -12.99 -105.33 -35.11
CA VAL P 77 -13.56 -104.70 -33.89
C VAL P 77 -13.92 -105.71 -32.79
N ARG P 78 -13.66 -107.01 -33.03
CA ARG P 78 -13.69 -108.15 -32.10
C ARG P 78 -12.58 -109.12 -32.50
N LEU P 79 -12.14 -109.98 -31.58
CA LEU P 79 -11.04 -110.92 -31.80
C LEU P 79 -11.26 -112.28 -31.10
N LEU P 80 -11.55 -112.27 -29.79
CA LEU P 80 -11.88 -113.47 -28.98
C LEU P 80 -12.89 -114.46 -29.61
N GLN P 81 -13.98 -113.94 -30.16
CA GLN P 81 -15.06 -114.76 -30.72
C GLN P 81 -14.87 -114.95 -32.24
N ASP P 82 -14.00 -115.89 -32.59
CA ASP P 82 -13.81 -116.37 -33.97
C ASP P 82 -13.80 -117.92 -34.09
N SER P 83 -14.22 -118.60 -33.01
CA SER P 83 -14.36 -120.07 -32.92
C SER P 83 -13.05 -120.80 -33.20
N VAL P 84 -12.14 -120.69 -32.22
CA VAL P 84 -11.03 -121.65 -32.07
C VAL P 84 -11.64 -123.03 -31.80
N ASP P 85 -11.46 -123.91 -32.77
CA ASP P 85 -12.14 -125.20 -32.90
C ASP P 85 -11.42 -126.06 -33.96
N PHE P 86 -11.37 -125.53 -35.21
CA PHE P 86 -11.31 -126.31 -36.48
C PHE P 86 -10.26 -127.43 -36.61
N SER P 87 -9.23 -127.46 -35.77
CA SER P 87 -8.42 -128.68 -35.59
C SER P 87 -9.24 -129.84 -35.03
N LEU P 88 -10.41 -129.60 -34.42
CA LEU P 88 -11.48 -130.59 -34.23
C LEU P 88 -12.00 -131.14 -35.55
N ALA P 89 -12.30 -130.29 -36.54
CA ALA P 89 -12.79 -130.75 -37.84
C ALA P 89 -11.73 -131.53 -38.64
N ASP P 90 -10.44 -131.20 -38.48
CA ASP P 90 -9.33 -131.97 -39.06
C ASP P 90 -8.95 -133.22 -38.25
N ALA P 91 -9.18 -133.25 -36.94
CA ALA P 91 -9.14 -134.47 -36.12
C ALA P 91 -10.36 -135.38 -36.37
N ILE P 92 -11.50 -134.83 -36.80
CA ILE P 92 -12.64 -135.60 -37.34
C ILE P 92 -12.35 -136.08 -38.78
N ASN P 93 -11.50 -135.39 -39.55
CA ASN P 93 -11.00 -135.92 -40.82
C ASN P 93 -10.07 -137.13 -40.62
N THR P 94 -9.28 -137.17 -39.53
CA THR P 94 -8.55 -138.38 -39.12
C THR P 94 -9.41 -139.40 -38.36
N GLU P 95 -10.50 -138.99 -37.69
CA GLU P 95 -11.55 -139.93 -37.23
C GLU P 95 -12.18 -140.64 -38.42
N PHE P 96 -12.50 -139.96 -39.52
CA PHE P 96 -13.00 -140.62 -40.73
C PHE P 96 -11.93 -141.35 -41.57
N LYS P 97 -10.64 -141.10 -41.36
CA LYS P 97 -9.57 -142.00 -41.83
C LYS P 97 -9.58 -143.31 -41.05
N ASN P 98 -9.56 -143.23 -39.73
CA ASN P 98 -9.50 -144.40 -38.85
C ASN P 98 -10.82 -145.19 -38.79
N THR P 99 -11.95 -144.51 -39.03
CA THR P 99 -13.28 -145.10 -39.30
C THR P 99 -13.31 -145.92 -40.56
N ARG P 100 -12.64 -145.52 -41.65
CA ARG P 100 -12.54 -146.30 -42.91
C ARG P 100 -11.50 -147.42 -42.85
N THR P 101 -10.55 -147.29 -41.92
CA THR P 101 -9.56 -148.34 -41.62
C THR P 101 -10.22 -149.43 -40.77
N ASN P 102 -11.15 -149.02 -39.88
CA ASN P 102 -12.12 -149.85 -39.18
C ASN P 102 -13.15 -150.50 -40.12
N GLU P 103 -14.04 -149.71 -40.74
CA GLU P 103 -15.25 -150.12 -41.46
C GLU P 103 -14.96 -151.13 -42.57
N LYS P 104 -13.88 -150.92 -43.33
CA LYS P 104 -13.49 -151.85 -44.40
C LYS P 104 -12.91 -153.17 -43.91
N VAL P 105 -12.53 -153.23 -42.63
CA VAL P 105 -11.82 -154.35 -41.99
C VAL P 105 -12.72 -155.06 -40.96
N GLU P 106 -13.77 -154.37 -40.46
CA GLU P 106 -15.10 -154.93 -40.12
C GLU P 106 -15.79 -155.56 -41.34
N TYR Q 53 -1.78 -143.08 -60.13
CA TYR Q 53 -2.60 -141.89 -59.88
C TYR Q 53 -1.72 -140.70 -59.44
N ALA Q 54 -1.26 -139.91 -60.42
CA ALA Q 54 -0.35 -138.79 -60.22
C ALA Q 54 -1.03 -137.56 -59.58
N SER Q 55 -1.28 -137.61 -58.26
CA SER Q 55 -1.79 -136.47 -57.50
C SER Q 55 -0.73 -135.37 -57.32
N SER Q 56 -1.04 -134.15 -57.77
CA SER Q 56 -0.31 -132.92 -57.41
C SER Q 56 -1.23 -131.98 -56.61
N PRO Q 57 -1.01 -131.81 -55.29
CA PRO Q 57 -1.83 -130.92 -54.46
C PRO Q 57 -1.85 -129.46 -54.92
N GLY Q 58 -2.95 -128.75 -54.63
CA GLY Q 58 -3.13 -127.35 -55.03
C GLY Q 58 -2.26 -126.37 -54.24
N GLY Q 59 -1.61 -125.44 -54.95
CA GLY Q 59 -0.75 -124.41 -54.35
C GLY Q 59 -1.50 -123.43 -53.42
N VAL Q 60 -0.80 -122.93 -52.38
CA VAL Q 60 -1.39 -122.06 -51.35
C VAL Q 60 -1.50 -120.61 -51.82
N TYR Q 61 -2.63 -120.31 -52.47
CA TYR Q 61 -3.04 -118.96 -52.86
C TYR Q 61 -4.12 -118.41 -51.91
N ALA Q 62 -3.84 -117.23 -51.34
CA ALA Q 62 -4.70 -116.47 -50.45
C ALA Q 62 -4.31 -114.97 -50.52
N THR Q 63 -5.07 -114.10 -49.87
CA THR Q 63 -5.04 -112.63 -50.07
C THR Q 63 -3.77 -111.94 -49.53
N ARG Q 64 -2.61 -112.18 -50.16
CA ARG Q 64 -1.32 -111.54 -49.83
C ARG Q 64 -1.28 -110.03 -50.10
N SER Q 65 -2.28 -109.49 -50.81
CA SER Q 65 -2.54 -108.05 -50.98
C SER Q 65 -3.39 -107.43 -49.86
N SER Q 66 -3.85 -108.22 -48.88
CA SER Q 66 -4.38 -107.70 -47.61
C SER Q 66 -3.26 -107.05 -46.79
N ALA Q 67 -3.63 -106.33 -45.72
CA ALA Q 67 -2.71 -105.83 -44.70
C ALA Q 67 -1.54 -104.93 -45.17
N VAL Q 68 -1.67 -104.28 -46.35
CA VAL Q 68 -0.80 -103.18 -46.84
C VAL Q 68 -0.54 -102.13 -45.75
N ARG Q 69 -1.60 -101.81 -45.01
CA ARG Q 69 -1.59 -101.73 -43.54
C ARG Q 69 -2.81 -102.51 -43.04
N LEU Q 70 -2.84 -102.88 -41.76
CA LEU Q 70 -4.14 -103.05 -41.08
C LEU Q 70 -4.84 -101.68 -41.03
N ARG Q 71 -6.17 -101.66 -41.24
CA ARG Q 71 -6.93 -100.41 -41.19
C ARG Q 71 -6.94 -99.86 -39.76
N SER Q 72 -6.99 -98.54 -39.66
CA SER Q 72 -7.30 -97.79 -38.43
C SER Q 72 -8.64 -97.05 -38.52
N SER Q 73 -9.30 -97.06 -39.69
CA SER Q 73 -10.64 -96.48 -39.92
C SER Q 73 -11.72 -97.15 -39.07
N VAL Q 74 -11.54 -98.45 -38.81
CA VAL Q 74 -11.88 -99.08 -37.54
C VAL Q 74 -10.61 -99.85 -37.15
N PRO Q 75 -9.97 -99.54 -36.01
CA PRO Q 75 -8.75 -100.22 -35.58
C PRO Q 75 -9.07 -101.55 -34.88
N GLY Q 76 -8.02 -102.35 -34.66
CA GLY Q 76 -8.02 -103.61 -33.91
C GLY Q 76 -8.47 -103.50 -32.44
N VAL Q 77 -9.76 -103.33 -32.16
CA VAL Q 77 -10.32 -103.42 -30.79
C VAL Q 77 -10.36 -104.88 -30.37
N ARG Q 78 -9.32 -105.27 -29.62
CA ARG Q 78 -8.83 -106.64 -29.56
C ARG Q 78 -9.00 -107.28 -28.19
N LEU Q 79 -10.28 -107.53 -27.87
CA LEU Q 79 -10.77 -108.72 -27.16
C LEU Q 79 -9.73 -109.86 -27.10
N LEU Q 80 -8.94 -109.92 -26.02
CA LEU Q 80 -8.10 -111.08 -25.66
C LEU Q 80 -8.88 -112.00 -24.69
N GLN Q 81 -8.14 -112.69 -23.82
CA GLN Q 81 -8.57 -113.89 -23.08
C GLN Q 81 -8.72 -115.10 -24.02
N ASP Q 82 -8.60 -116.26 -23.37
CA ASP Q 82 -7.94 -117.47 -23.84
C ASP Q 82 -8.35 -118.61 -22.89
N SER Q 83 -7.77 -119.81 -23.04
CA SER Q 83 -8.35 -121.09 -22.57
C SER Q 83 -9.62 -121.42 -23.37
N VAL Q 84 -9.37 -121.90 -24.60
CA VAL Q 84 -10.36 -122.14 -25.65
C VAL Q 84 -10.07 -123.47 -26.34
N ASP Q 85 -11.12 -124.08 -26.87
CA ASP Q 85 -11.16 -125.45 -27.41
C ASP Q 85 -9.97 -125.79 -28.35
N PHE Q 86 -9.11 -126.77 -28.06
CA PHE Q 86 -9.09 -127.86 -27.06
C PHE Q 86 -10.16 -128.96 -27.20
N SER Q 87 -11.30 -128.68 -27.84
CA SER Q 87 -12.15 -129.68 -28.52
C SER Q 87 -11.39 -130.49 -29.58
N LEU Q 88 -10.29 -129.93 -30.12
CA LEU Q 88 -9.36 -130.64 -31.01
C LEU Q 88 -8.66 -131.84 -30.35
N ALA Q 89 -8.42 -131.82 -29.03
CA ALA Q 89 -7.85 -132.94 -28.28
C ALA Q 89 -8.90 -134.01 -27.95
N ASP Q 90 -10.15 -133.60 -27.69
CA ASP Q 90 -11.28 -134.52 -27.59
C ASP Q 90 -11.59 -135.20 -28.94
N ALA Q 91 -11.47 -134.46 -30.05
CA ALA Q 91 -11.60 -134.99 -31.40
C ALA Q 91 -10.39 -135.85 -31.84
N ILE Q 92 -9.19 -135.62 -31.31
CA ILE Q 92 -8.07 -136.59 -31.40
C ILE Q 92 -8.37 -137.85 -30.58
N ASN Q 93 -9.21 -137.76 -29.53
CA ASN Q 93 -9.72 -138.93 -28.83
C ASN Q 93 -11.01 -139.55 -29.42
N THR Q 94 -11.72 -138.90 -30.35
CA THR Q 94 -12.69 -139.55 -31.24
C THR Q 94 -12.02 -140.18 -32.47
N GLU Q 95 -10.90 -139.61 -32.92
CA GLU Q 95 -9.92 -140.30 -33.78
C GLU Q 95 -9.41 -141.57 -33.09
N PHE Q 96 -8.95 -141.47 -31.84
CA PHE Q 96 -8.43 -142.63 -31.10
C PHE Q 96 -9.52 -143.63 -30.70
N LYS Q 97 -10.80 -143.22 -30.56
CA LYS Q 97 -11.94 -144.15 -30.46
C LYS Q 97 -12.06 -145.02 -31.72
N ASN Q 98 -12.10 -144.41 -32.90
CA ASN Q 98 -12.25 -145.17 -34.15
C ASN Q 98 -10.92 -145.79 -34.61
N THR Q 99 -9.81 -145.43 -33.94
CA THR Q 99 -8.55 -146.18 -33.92
C THR Q 99 -8.62 -147.40 -33.01
N ARG Q 100 -9.29 -147.37 -31.85
CA ARG Q 100 -9.59 -148.60 -31.09
C ARG Q 100 -10.42 -149.59 -31.90
N THR Q 101 -11.42 -149.12 -32.67
CA THR Q 101 -12.16 -150.03 -33.56
C THR Q 101 -11.26 -150.58 -34.68
N ASN Q 102 -10.33 -149.79 -35.22
CA ASN Q 102 -9.38 -150.30 -36.23
C ASN Q 102 -8.24 -151.20 -35.69
N GLU Q 103 -7.77 -151.00 -34.46
CA GLU Q 103 -6.83 -151.90 -33.78
C GLU Q 103 -7.46 -153.27 -33.48
N LYS Q 104 -8.70 -153.28 -32.99
CA LYS Q 104 -9.41 -154.52 -32.62
C LYS Q 104 -9.84 -155.31 -33.85
N VAL Q 105 -10.01 -154.64 -34.99
CA VAL Q 105 -10.36 -155.31 -36.25
C VAL Q 105 -9.16 -155.58 -37.16
N GLU Q 106 -8.02 -154.90 -37.00
CA GLU Q 106 -6.71 -155.39 -37.48
C GLU Q 106 -6.23 -156.61 -36.68
N ALA R 268 -17.68 -156.42 -36.18
CA ALA R 268 -18.28 -155.19 -35.65
C ALA R 268 -18.99 -155.32 -34.28
N LEU R 269 -19.53 -156.48 -33.92
CA LEU R 269 -20.07 -156.73 -32.58
C LEU R 269 -18.99 -156.96 -31.50
N ARG R 270 -17.88 -157.62 -31.85
CA ARG R 270 -16.68 -157.79 -31.03
C ARG R 270 -15.88 -156.49 -30.92
N ASP R 271 -15.70 -155.78 -32.02
CA ASP R 271 -14.95 -154.54 -32.12
C ASP R 271 -15.61 -153.38 -31.40
N VAL R 272 -16.91 -153.13 -31.62
CA VAL R 272 -17.63 -152.07 -30.90
C VAL R 272 -17.65 -152.31 -29.39
N ARG R 273 -17.61 -153.57 -28.93
CA ARG R 273 -17.44 -153.89 -27.50
C ARG R 273 -16.01 -153.64 -26.99
N GLN R 274 -14.99 -154.19 -27.62
CA GLN R 274 -13.59 -154.02 -27.18
C GLN R 274 -13.08 -152.58 -27.33
N GLN R 275 -13.61 -151.87 -28.33
CA GLN R 275 -13.53 -150.42 -28.45
C GLN R 275 -14.21 -149.74 -27.25
N TYR R 276 -15.46 -150.06 -26.89
CA TYR R 276 -16.11 -149.48 -25.69
C TYR R 276 -15.39 -149.79 -24.36
N GLU R 277 -14.78 -150.97 -24.19
CA GLU R 277 -13.89 -151.25 -23.04
C GLU R 277 -12.65 -150.33 -23.05
N SER R 278 -11.91 -150.31 -24.17
CA SER R 278 -10.75 -149.43 -24.36
C SER R 278 -11.09 -147.94 -24.24
N VAL R 279 -12.32 -147.56 -24.61
CA VAL R 279 -12.88 -146.20 -24.56
C VAL R 279 -13.36 -145.83 -23.16
N ALA R 280 -13.67 -146.79 -22.27
CA ALA R 280 -13.91 -146.48 -20.86
C ALA R 280 -12.64 -145.97 -20.16
N ALA R 281 -11.48 -146.56 -20.47
CA ALA R 281 -10.18 -146.04 -20.03
C ALA R 281 -9.78 -144.74 -20.77
N LYS R 282 -10.06 -144.63 -22.07
CA LYS R 282 -9.80 -143.41 -22.86
C LYS R 282 -10.58 -142.20 -22.33
N ASN R 283 -11.87 -142.37 -22.07
CA ASN R 283 -12.75 -141.32 -21.56
C ASN R 283 -12.40 -140.87 -20.12
N LEU R 284 -11.74 -141.72 -19.34
CA LEU R 284 -11.15 -141.36 -18.06
C LEU R 284 -9.83 -140.58 -18.21
N GLN R 285 -9.05 -140.83 -19.28
CA GLN R 285 -7.94 -139.96 -19.69
C GLN R 285 -8.42 -138.64 -20.33
N GLU R 286 -9.54 -138.61 -21.08
CA GLU R 286 -10.19 -137.34 -21.46
C GLU R 286 -10.68 -136.56 -20.23
N ALA R 287 -11.18 -137.24 -19.19
CA ALA R 287 -11.48 -136.59 -17.92
C ALA R 287 -10.22 -136.00 -17.24
N GLU R 288 -9.08 -136.69 -17.26
CA GLU R 288 -7.78 -136.16 -16.80
C GLU R 288 -7.33 -134.92 -17.60
N GLU R 289 -7.53 -134.87 -18.92
CA GLU R 289 -7.30 -133.67 -19.74
C GLU R 289 -8.30 -132.53 -19.45
N TRP R 290 -9.59 -132.83 -19.29
CA TRP R 290 -10.64 -131.88 -18.92
C TRP R 290 -10.42 -131.28 -17.53
N TYR R 291 -9.94 -132.10 -16.59
CA TYR R 291 -9.54 -131.66 -15.26
C TYR R 291 -8.31 -130.78 -15.31
N LYS R 292 -7.25 -131.15 -16.05
CA LYS R 292 -6.08 -130.27 -16.26
C LYS R 292 -6.44 -128.92 -16.86
N SER R 293 -7.37 -128.85 -17.81
CA SER R 293 -7.83 -127.57 -18.38
C SER R 293 -8.61 -126.72 -17.37
N LYS R 294 -9.61 -127.29 -16.68
CA LYS R 294 -10.40 -126.60 -15.64
C LYS R 294 -9.54 -126.18 -14.45
N PHE R 295 -8.53 -126.98 -14.12
CA PHE R 295 -7.58 -126.71 -13.06
C PHE R 295 -6.52 -125.67 -13.46
N ALA R 296 -6.21 -125.52 -14.75
CA ALA R 296 -5.49 -124.36 -15.27
C ALA R 296 -6.33 -123.08 -15.21
N ASP R 297 -7.65 -123.16 -15.44
CA ASP R 297 -8.58 -122.02 -15.27
C ASP R 297 -8.68 -121.56 -13.79
N LEU R 298 -8.76 -122.50 -12.85
CA LEU R 298 -8.66 -122.21 -11.41
C LEU R 298 -7.26 -121.71 -11.02
N SER R 299 -6.21 -122.27 -11.60
CA SER R 299 -4.82 -121.81 -11.41
C SER R 299 -4.59 -120.41 -11.99
N GLU R 300 -5.36 -119.95 -12.96
CA GLU R 300 -5.33 -118.58 -13.47
C GLU R 300 -6.12 -117.59 -12.60
N ALA R 301 -7.23 -118.04 -11.99
CA ALA R 301 -7.87 -117.30 -10.90
C ALA R 301 -6.94 -117.14 -9.68
N ALA R 302 -6.06 -118.12 -9.45
CA ALA R 302 -4.95 -118.06 -8.51
C ALA R 302 -3.74 -117.23 -8.99
N ASN R 303 -3.40 -117.22 -10.28
CA ASN R 303 -2.32 -116.39 -10.84
C ASN R 303 -2.63 -114.90 -10.69
N ARG R 304 -3.91 -114.50 -10.79
CA ARG R 304 -4.36 -113.11 -10.48
C ARG R 304 -4.07 -112.69 -9.04
N ASN R 305 -3.95 -113.65 -8.11
CA ASN R 305 -3.53 -113.42 -6.73
C ASN R 305 -2.01 -113.42 -6.56
N ASN R 306 -1.29 -114.28 -7.28
CA ASN R 306 0.17 -114.26 -7.33
C ASN R 306 0.70 -112.96 -7.97
N ASP R 307 0.05 -112.47 -9.02
CA ASP R 307 0.30 -111.16 -9.62
C ASP R 307 0.00 -110.00 -8.67
N ALA R 308 -1.08 -110.06 -7.90
CA ALA R 308 -1.33 -109.07 -6.85
C ALA R 308 -0.21 -109.06 -5.79
N LEU R 309 0.24 -110.23 -5.34
CA LEU R 309 1.37 -110.39 -4.41
C LEU R 309 2.74 -109.98 -5.01
N ARG R 310 2.93 -110.09 -6.32
CA ARG R 310 4.17 -109.65 -7.00
C ARG R 310 4.15 -108.14 -7.28
N GLN R 311 2.99 -107.58 -7.63
CA GLN R 311 2.77 -106.16 -7.87
C GLN R 311 2.77 -105.35 -6.55
N ALA R 312 2.21 -105.88 -5.46
CA ALA R 312 2.28 -105.28 -4.12
C ALA R 312 3.72 -105.19 -3.56
N LYS R 313 4.60 -106.12 -3.92
CA LYS R 313 6.04 -106.02 -3.61
C LYS R 313 6.73 -104.90 -4.40
N GLN R 314 6.40 -104.73 -5.68
CA GLN R 314 6.91 -103.65 -6.53
C GLN R 314 6.39 -102.28 -6.05
N GLU R 315 5.07 -102.19 -5.89
CA GLU R 315 4.31 -101.08 -5.30
C GLU R 315 4.91 -100.61 -3.98
N SER R 316 5.23 -101.54 -3.06
CA SER R 316 5.80 -101.22 -1.74
C SER R 316 7.07 -100.35 -1.80
N THR R 317 7.83 -100.41 -2.89
CA THR R 317 9.08 -99.68 -3.08
C THR R 317 8.88 -98.19 -3.37
N GLU R 318 7.76 -97.83 -4.00
CA GLU R 318 7.27 -96.46 -4.04
C GLU R 318 6.35 -96.14 -2.86
N TYR R 319 5.52 -97.10 -2.43
CA TYR R 319 4.52 -96.90 -1.37
C TYR R 319 5.18 -96.50 -0.05
N ARG R 320 6.31 -97.12 0.34
CA ARG R 320 7.07 -96.67 1.52
C ARG R 320 7.56 -95.22 1.42
N ARG R 321 8.00 -94.77 0.23
CA ARG R 321 8.36 -93.36 0.00
C ARG R 321 7.13 -92.45 -0.04
N GLN R 322 6.04 -92.85 -0.68
CA GLN R 322 4.80 -92.08 -0.76
C GLN R 322 4.18 -91.86 0.63
N VAL R 323 4.14 -92.92 1.44
CA VAL R 323 3.76 -92.89 2.86
C VAL R 323 4.65 -91.95 3.67
N GLN R 324 5.98 -92.08 3.54
CA GLN R 324 6.91 -91.26 4.32
C GLN R 324 6.94 -89.80 3.85
N SER R 325 6.74 -89.52 2.57
CA SER R 325 6.67 -88.16 2.02
C SER R 325 5.36 -87.48 2.42
N LEU R 326 4.22 -88.16 2.24
CA LEU R 326 2.91 -87.68 2.68
C LEU R 326 2.79 -87.60 4.21
N THR R 327 3.50 -88.44 4.96
CA THR R 327 3.66 -88.23 6.42
C THR R 327 4.40 -86.93 6.69
N CYS R 328 5.60 -86.74 6.14
CA CYS R 328 6.44 -85.56 6.39
C CYS R 328 5.86 -84.27 5.81
N GLU R 329 5.06 -84.33 4.74
CA GLU R 329 4.37 -83.19 4.15
C GLU R 329 3.13 -82.80 4.97
N VAL R 330 2.41 -83.76 5.55
CA VAL R 330 1.44 -83.50 6.62
C VAL R 330 2.14 -82.92 7.85
N ASP R 331 3.20 -83.54 8.35
CA ASP R 331 3.96 -83.12 9.54
C ASP R 331 4.60 -81.72 9.37
N ALA R 332 5.05 -81.39 8.15
CA ALA R 332 5.52 -80.04 7.79
C ALA R 332 4.37 -79.04 7.69
N LEU R 333 3.19 -79.41 7.18
CA LEU R 333 1.97 -78.58 7.28
C LEU R 333 1.53 -78.41 8.75
N LYS R 334 1.86 -79.35 9.65
CA LYS R 334 1.47 -79.31 11.06
C LYS R 334 2.38 -78.42 11.90
N GLY R 335 3.68 -78.49 11.64
CA GLY R 335 4.67 -77.49 12.07
C GLY R 335 4.49 -76.11 11.41
N THR R 336 3.88 -76.06 10.21
CA THR R 336 3.48 -74.80 9.57
C THR R 336 2.23 -74.22 10.23
N ASN R 337 1.23 -75.02 10.59
CA ASN R 337 -0.01 -74.54 11.21
C ASN R 337 0.20 -74.07 12.66
N GLU R 338 1.02 -74.74 13.48
CA GLU R 338 1.42 -74.19 14.79
C GLU R 338 2.20 -72.88 14.63
N SER R 339 3.03 -72.77 13.59
CA SER R 339 3.84 -71.57 13.33
C SER R 339 3.05 -70.46 12.62
N LEU R 340 1.91 -70.79 12.01
CA LEU R 340 0.94 -69.83 11.47
C LEU R 340 0.06 -69.27 12.59
N GLU R 341 -0.29 -70.08 13.59
CA GLU R 341 -0.90 -69.57 14.81
C GLU R 341 0.09 -68.70 15.63
N ARG R 342 1.41 -68.93 15.52
CA ARG R 342 2.43 -67.98 16.03
C ARG R 342 2.49 -66.68 15.22
N GLN R 343 2.28 -66.72 13.91
CA GLN R 343 2.06 -65.49 13.14
C GLN R 343 0.74 -64.78 13.51
N MET R 344 -0.31 -65.51 13.88
CA MET R 344 -1.56 -64.93 14.38
C MET R 344 -1.46 -64.37 15.81
N ARG R 345 -0.64 -64.96 16.69
CA ARG R 345 -0.30 -64.36 18.00
C ARG R 345 0.49 -63.06 17.81
N GLU R 346 1.46 -63.08 16.90
CA GLU R 346 2.26 -61.90 16.62
C GLU R 346 1.46 -60.85 15.85
N MET R 347 0.39 -61.24 15.13
CA MET R 347 -0.66 -60.33 14.66
C MET R 347 -1.60 -59.82 15.78
N GLU R 348 -1.90 -60.61 16.80
CA GLU R 348 -2.68 -60.14 17.96
C GLU R 348 -1.94 -59.03 18.72
N GLU R 349 -0.64 -59.20 18.92
CA GLU R 349 0.25 -58.16 19.44
C GLU R 349 0.35 -56.96 18.49
N ASN R 350 0.42 -57.15 17.17
CA ASN R 350 0.45 -56.04 16.19
C ASN R 350 -0.85 -55.21 16.18
N PHE R 351 -2.04 -55.81 16.16
CA PHE R 351 -3.31 -55.06 16.26
C PHE R 351 -3.48 -54.40 17.63
N ALA R 352 -2.92 -55.01 18.67
CA ALA R 352 -2.96 -54.47 20.02
C ALA R 352 -2.05 -53.26 20.23
N VAL R 353 -0.78 -53.34 19.81
CA VAL R 353 0.16 -52.21 19.83
C VAL R 353 -0.27 -51.11 18.86
N GLU R 354 -0.86 -51.46 17.70
CA GLU R 354 -1.52 -50.49 16.80
C GLU R 354 -2.64 -49.72 17.51
N ALA R 355 -3.53 -50.41 18.22
CA ALA R 355 -4.63 -49.74 18.90
C ALA R 355 -4.17 -48.95 20.13
N ALA R 356 -3.40 -49.57 21.03
CA ALA R 356 -3.09 -49.05 22.36
C ALA R 356 -1.84 -48.15 22.40
N ASN R 357 -0.73 -48.56 21.79
CA ASN R 357 0.53 -47.78 21.79
C ASN R 357 0.43 -46.51 20.92
N TYR R 358 -0.38 -46.54 19.85
CA TYR R 358 -0.75 -45.31 19.16
C TYR R 358 -1.52 -44.31 20.06
N GLN R 359 -2.43 -44.80 20.90
CA GLN R 359 -3.09 -43.95 21.89
C GLN R 359 -2.23 -43.64 23.13
N ASP R 360 -1.14 -44.36 23.40
CA ASP R 360 -0.08 -43.90 24.32
C ASP R 360 0.67 -42.69 23.73
N THR R 361 0.88 -42.68 22.42
CA THR R 361 1.47 -41.55 21.71
C THR R 361 0.51 -40.36 21.63
N ILE R 362 -0.81 -40.61 21.52
CA ILE R 362 -1.84 -39.58 21.75
C ILE R 362 -1.84 -39.13 23.22
N GLY R 363 -1.59 -40.01 24.19
CA GLY R 363 -1.48 -39.70 25.62
C GLY R 363 -0.31 -38.77 25.93
N ARG R 364 0.89 -39.08 25.44
CA ARG R 364 2.06 -38.20 25.57
C ARG R 364 1.90 -36.87 24.81
N LEU R 365 1.08 -36.84 23.75
CA LEU R 365 0.65 -35.60 23.11
C LEU R 365 -0.45 -34.86 23.89
N GLN R 366 -1.33 -35.55 24.62
CA GLN R 366 -2.28 -34.93 25.56
C GLN R 366 -1.56 -34.33 26.77
N ASP R 367 -0.44 -34.89 27.23
CA ASP R 367 0.46 -34.25 28.19
C ASP R 367 0.96 -32.90 27.67
N GLU R 368 1.65 -32.91 26.52
CA GLU R 368 2.19 -31.69 25.90
C GLU R 368 1.08 -30.66 25.54
N ILE R 369 -0.06 -31.10 25.00
CA ILE R 369 -1.17 -30.23 24.61
C ILE R 369 -1.95 -29.68 25.81
N GLN R 370 -2.25 -30.51 26.81
CA GLN R 370 -3.01 -30.06 27.97
C GLN R 370 -2.13 -29.28 28.97
N ASN R 371 -0.81 -29.49 28.98
CA ASN R 371 0.16 -28.58 29.60
C ASN R 371 0.22 -27.23 28.86
N MET R 372 0.17 -27.20 27.54
CA MET R 372 0.04 -25.92 26.80
C MET R 372 -1.32 -25.23 27.02
N LYS R 373 -2.39 -25.98 27.33
CA LYS R 373 -3.71 -25.43 27.66
C LYS R 373 -3.84 -25.04 29.13
N GLU R 374 -3.08 -25.65 30.03
CA GLU R 374 -2.82 -25.16 31.38
C GLU R 374 -2.17 -23.79 31.30
N GLU R 375 -1.08 -23.65 30.54
CA GLU R 375 -0.35 -22.38 30.55
C GLU R 375 -1.12 -21.26 29.82
N MET R 376 -1.94 -21.62 28.83
CA MET R 376 -2.96 -20.73 28.26
C MET R 376 -4.05 -20.35 29.28
N ALA R 377 -4.60 -21.33 30.01
CA ALA R 377 -5.56 -21.11 31.07
C ALA R 377 -4.98 -20.31 32.25
N ARG R 378 -3.67 -20.40 32.53
CA ARG R 378 -2.93 -19.60 33.51
C ARG R 378 -2.72 -18.18 33.02
N HIS R 379 -2.30 -18.01 31.77
CA HIS R 379 -2.23 -16.71 31.10
C HIS R 379 -3.58 -15.99 30.98
N LEU R 380 -4.72 -16.70 30.89
CA LEU R 380 -6.05 -16.08 31.02
C LEU R 380 -6.27 -15.46 32.41
N ARG R 381 -5.92 -16.17 33.48
CA ARG R 381 -6.09 -15.68 34.86
C ARG R 381 -5.04 -14.61 35.19
N GLU R 382 -3.81 -14.75 34.71
CA GLU R 382 -2.72 -13.78 34.89
C GLU R 382 -2.92 -12.48 34.09
N TYR R 383 -3.52 -12.54 32.90
CA TYR R 383 -3.95 -11.32 32.19
C TYR R 383 -5.13 -10.64 32.91
N GLN R 384 -6.03 -11.42 33.51
CA GLN R 384 -7.07 -10.88 34.38
C GLN R 384 -6.53 -10.40 35.75
N ASP R 385 -5.40 -10.92 36.26
CA ASP R 385 -4.65 -10.31 37.39
C ASP R 385 -4.06 -8.95 36.99
N LEU R 386 -3.52 -8.80 35.78
CA LEU R 386 -3.08 -7.50 35.25
C LEU R 386 -4.23 -6.52 35.03
N LEU R 387 -5.41 -7.00 34.61
CA LEU R 387 -6.63 -6.21 34.63
C LEU R 387 -7.10 -5.90 36.05
N ASN R 388 -6.90 -6.76 37.04
CA ASN R 388 -7.18 -6.46 38.44
C ASN R 388 -6.19 -5.45 39.03
N VAL R 389 -4.93 -5.41 38.59
CA VAL R 389 -3.97 -4.32 38.90
C VAL R 389 -4.41 -3.01 38.25
N LYS R 390 -4.90 -3.02 36.99
CA LYS R 390 -5.49 -1.82 36.38
C LYS R 390 -6.73 -1.36 37.15
N MET R 391 -7.68 -2.24 37.38
CA MET R 391 -8.97 -1.94 38.00
C MET R 391 -8.81 -1.52 39.47
N ALA R 392 -7.78 -2.03 40.15
CA ALA R 392 -7.28 -1.58 41.45
C ALA R 392 -6.79 -0.14 41.39
N LEU R 393 -5.95 0.20 40.40
CA LEU R 393 -5.51 1.58 40.20
C LEU R 393 -6.67 2.50 39.79
N ASP R 394 -7.66 2.03 39.01
CA ASP R 394 -8.86 2.79 38.69
C ASP R 394 -9.66 3.16 39.97
N ILE R 395 -9.94 2.18 40.86
CA ILE R 395 -10.65 2.43 42.13
C ILE R 395 -9.77 3.14 43.16
N GLU R 396 -8.46 2.91 43.24
CA GLU R 396 -7.54 3.61 44.15
C GLU R 396 -7.34 5.08 43.72
N ILE R 397 -7.31 5.37 42.42
CA ILE R 397 -7.43 6.73 41.90
C ILE R 397 -8.80 7.31 42.29
N ALA R 398 -9.89 6.56 42.14
CA ALA R 398 -11.23 7.02 42.51
C ALA R 398 -11.37 7.31 44.01
N THR R 399 -10.72 6.53 44.87
CA THR R 399 -10.87 6.60 46.32
C THR R 399 -9.82 7.48 46.97
N TYR R 400 -8.69 7.70 46.31
CA TYR R 400 -7.90 8.92 46.49
C TYR R 400 -8.68 10.16 46.07
N ARG R 401 -9.58 10.10 45.08
CA ARG R 401 -10.56 11.22 44.86
C ARG R 401 -11.60 11.34 45.99
N LYS R 402 -12.00 10.24 46.63
CA LYS R 402 -12.82 10.27 47.86
C LYS R 402 -12.04 10.70 49.12
N LEU R 403 -10.70 10.68 49.10
CA LEU R 403 -9.86 11.42 50.05
C LEU R 403 -9.86 12.90 49.67
N LEU R 404 -9.73 13.21 48.38
CA LEU R 404 -9.45 14.56 47.92
C LEU R 404 -10.63 15.54 48.03
N GLU R 405 -11.91 15.16 48.11
CA GLU R 405 -12.96 16.12 48.57
C GLU R 405 -12.71 16.57 50.02
N GLY R 406 -12.28 15.63 50.85
CA GLY R 406 -11.89 15.92 52.21
C GLY R 406 -10.52 16.58 52.33
N GLU R 407 -9.60 16.42 51.37
CA GLU R 407 -8.34 17.18 51.31
C GLU R 407 -8.49 18.56 50.63
N GLU R 408 -9.51 18.77 49.80
CA GLU R 408 -9.99 20.08 49.33
C GLU R 408 -10.62 20.84 50.50
N SER R 409 -11.41 20.12 51.29
CA SER R 409 -11.81 20.62 52.59
C SER R 409 -10.59 20.80 53.52
N ARG R 410 -9.57 19.94 53.47
CA ARG R 410 -8.42 19.99 54.40
C ARG R 410 -7.41 21.09 54.20
N ILE R 411 -7.42 21.93 53.17
CA ILE R 411 -6.76 23.26 53.22
C ILE R 411 -7.48 24.33 52.36
N SER R 412 -8.73 24.11 51.90
CA SER R 412 -9.45 24.92 50.87
C SER R 412 -8.95 24.76 49.39
N LEU R 413 -8.75 23.50 48.92
CA LEU R 413 -7.48 23.07 48.28
C LEU R 413 -7.73 21.94 47.21
N PRO R 414 -7.11 20.72 47.14
CA PRO R 414 -7.31 19.76 46.04
C PRO R 414 -8.74 19.25 45.75
N LEU R 415 -9.43 19.97 44.87
CA LEU R 415 -10.75 19.64 44.30
C LEU R 415 -11.00 18.19 43.80
N PRO R 416 -10.09 17.46 43.11
CA PRO R 416 -10.49 16.30 42.30
C PRO R 416 -11.18 15.17 43.09
N ASN R 417 -12.51 15.15 43.09
CA ASN R 417 -13.32 14.40 44.05
C ASN R 417 -14.17 13.25 43.45
N PHE R 418 -14.41 12.22 44.30
CA PHE R 418 -15.21 10.99 44.14
C PHE R 418 -15.06 10.11 42.87
N SER R 419 -14.36 10.54 41.82
CA SER R 419 -14.63 10.10 40.45
C SER R 419 -13.41 9.47 39.75
N SER R 420 -13.44 8.14 39.71
CA SER R 420 -12.80 7.25 38.71
C SER R 420 -13.36 5.82 38.84
N LEU R 421 -14.61 5.69 39.33
CA LEU R 421 -15.10 4.51 40.04
C LEU R 421 -15.04 3.25 39.18
N ASN R 422 -14.40 2.20 39.71
CA ASN R 422 -14.31 0.89 39.09
C ASN R 422 -15.18 -0.15 39.83
N LEU R 423 -15.87 -0.95 39.04
CA LEU R 423 -16.57 -2.18 39.40
C LEU R 423 -16.74 -3.01 38.10
N ARG R 424 -17.42 -4.15 38.26
CA ARG R 424 -17.79 -5.17 37.27
C ARG R 424 -16.72 -6.22 36.91
N GLU R 425 -17.03 -7.52 36.82
CA GLU R 425 -18.28 -8.30 36.53
C GLU R 425 -18.66 -8.40 35.03
N THR R 426 -18.66 -9.62 34.50
CA THR R 426 -19.13 -9.94 33.14
C THR R 426 -20.65 -9.89 32.96
N ASN R 427 -21.43 -9.91 34.04
CA ASN R 427 -22.86 -9.56 34.08
C ASN R 427 -23.73 -10.47 33.18
N LEU R 428 -24.45 -9.91 32.19
CA LEU R 428 -25.59 -10.53 31.52
C LEU R 428 -25.20 -11.79 30.73
N ASP R 429 -25.91 -12.89 31.00
CA ASP R 429 -25.77 -14.20 30.30
C ASP R 429 -24.31 -14.73 30.27
N SER R 430 -23.49 -14.29 31.24
CA SER R 430 -22.02 -14.33 31.11
C SER R 430 -21.34 -15.57 31.70
N LEU R 431 -22.11 -16.44 32.35
CA LEU R 431 -21.89 -17.89 32.30
C LEU R 431 -22.98 -18.45 31.36
N PRO R 432 -22.74 -18.46 30.02
CA PRO R 432 -23.81 -18.67 29.05
C PRO R 432 -24.32 -20.12 29.07
N LEU R 433 -25.30 -20.40 28.21
CA LEU R 433 -25.70 -21.76 27.79
C LEU R 433 -24.66 -22.43 26.87
N VAL R 434 -23.44 -22.59 27.39
CA VAL R 434 -22.32 -23.32 26.77
C VAL R 434 -22.62 -24.81 26.88
N ASP R 435 -23.49 -25.30 25.99
CA ASP R 435 -24.04 -26.65 26.06
C ASP R 435 -23.79 -27.46 24.77
N THR R 436 -22.61 -28.06 24.51
CA THR R 436 -21.26 -27.96 25.13
C THR R 436 -21.14 -28.31 26.64
N HIS R 437 -21.73 -29.37 27.21
CA HIS R 437 -22.28 -30.59 26.59
C HIS R 437 -21.46 -31.10 25.40
N SER R 438 -20.15 -31.18 25.63
CA SER R 438 -19.16 -31.56 24.62
C SER R 438 -19.19 -33.07 24.37
N LYS R 439 -18.36 -33.53 23.43
CA LYS R 439 -18.35 -34.89 22.88
C LYS R 439 -17.91 -35.94 23.90
N ARG R 440 -18.85 -36.32 24.76
CA ARG R 440 -18.77 -37.46 25.68
C ARG R 440 -19.11 -38.77 24.94
N THR R 441 -18.32 -39.09 23.92
CA THR R 441 -18.53 -40.26 23.05
C THR R 441 -18.18 -41.57 23.76
N LEU R 442 -19.15 -42.25 24.38
CA LEU R 442 -18.97 -43.65 24.78
C LEU R 442 -18.90 -44.53 23.53
N LEU R 443 -17.68 -44.86 23.09
CA LEU R 443 -17.42 -45.80 22.01
C LEU R 443 -17.31 -47.22 22.58
N ILE R 444 -18.42 -47.95 22.59
CA ILE R 444 -18.41 -49.39 22.85
C ILE R 444 -17.99 -50.11 21.55
N LYS R 445 -16.82 -50.75 21.50
CA LYS R 445 -16.44 -51.66 20.40
C LYS R 445 -17.07 -53.05 20.66
N THR R 446 -18.37 -53.16 20.43
CA THR R 446 -19.08 -54.45 20.57
C THR R 446 -18.70 -55.37 19.42
N VAL R 447 -17.62 -56.14 19.58
CA VAL R 447 -17.23 -57.21 18.64
C VAL R 447 -17.92 -58.51 19.03
N GLU R 448 -19.01 -58.82 18.33
CA GLU R 448 -19.85 -59.99 18.57
C GLU R 448 -19.19 -61.25 17.98
N THR R 449 -18.22 -61.80 18.70
CA THR R 449 -17.36 -62.93 18.31
C THR R 449 -18.14 -64.25 18.19
N ARG R 450 -18.89 -64.38 17.10
CA ARG R 450 -18.94 -65.60 16.29
C ARG R 450 -18.00 -65.38 15.10
N ASP R 451 -16.71 -65.34 15.41
CA ASP R 451 -15.63 -65.01 14.49
C ASP R 451 -15.69 -63.55 13.95
N GLY R 452 -14.81 -63.23 13.00
CA GLY R 452 -14.18 -61.91 12.87
C GLY R 452 -14.45 -61.24 11.54
N GLN R 453 -14.09 -61.91 10.43
CA GLN R 453 -14.58 -61.54 9.09
C GLN R 453 -16.08 -61.85 8.88
N VAL R 454 -16.79 -62.39 9.89
CA VAL R 454 -18.25 -62.62 9.88
C VAL R 454 -18.99 -62.01 11.10
N ILE R 455 -19.05 -60.69 11.31
CA ILE R 455 -18.39 -59.51 10.68
C ILE R 455 -18.47 -58.27 11.62
N ASN R 456 -18.89 -58.50 12.87
CA ASN R 456 -19.64 -57.51 13.67
C ASN R 456 -18.74 -56.57 14.48
N GLU R 457 -17.97 -55.72 13.81
CA GLU R 457 -17.27 -54.57 14.41
C GLU R 457 -18.23 -53.42 14.82
N THR R 458 -19.15 -53.65 15.76
CA THR R 458 -20.10 -52.61 16.19
C THR R 458 -19.43 -51.59 17.12
N SER R 459 -18.70 -50.64 16.53
CA SER R 459 -18.24 -49.40 17.17
C SER R 459 -19.39 -48.43 17.42
N GLN R 460 -20.23 -48.74 18.42
CA GLN R 460 -21.33 -47.89 18.86
C GLN R 460 -20.78 -46.57 19.43
N HIS R 461 -20.75 -45.52 18.61
CA HIS R 461 -20.43 -44.16 19.05
C HIS R 461 -21.65 -43.54 19.77
N HIS R 462 -21.82 -43.77 21.06
CA HIS R 462 -22.78 -42.97 21.85
C HIS R 462 -22.16 -41.60 22.15
N ASP R 463 -22.14 -40.73 21.14
CA ASP R 463 -21.89 -39.28 21.27
C ASP R 463 -22.95 -38.68 22.22
N ASP R 464 -22.62 -38.66 23.52
CA ASP R 464 -23.47 -38.06 24.54
C ASP R 464 -23.14 -36.58 24.72
N LEU R 465 -24.16 -35.80 25.08
CA LEU R 465 -24.10 -34.35 25.29
C LEU R 465 -24.45 -34.05 26.75
N GLU R 466 -23.51 -34.36 27.66
CA GLU R 466 -23.63 -34.34 29.14
C GLU R 466 -23.78 -32.93 29.76
N ALA S 268 -11.15 -160.38 -25.62
CA ALA S 268 -12.11 -159.79 -24.68
C ALA S 268 -11.62 -159.82 -23.21
N LEU S 269 -10.93 -160.89 -22.80
CA LEU S 269 -10.29 -160.98 -21.48
C LEU S 269 -8.99 -160.16 -21.36
N ARG S 270 -8.34 -159.82 -22.48
CA ARG S 270 -7.13 -158.99 -22.59
C ARG S 270 -7.48 -157.51 -22.50
N ASP S 271 -8.56 -157.10 -23.18
CA ASP S 271 -9.21 -155.79 -23.06
C ASP S 271 -9.57 -155.45 -21.63
N VAL S 272 -10.36 -156.30 -20.95
CA VAL S 272 -10.79 -156.05 -19.56
C VAL S 272 -9.60 -155.92 -18.58
N ARG S 273 -8.49 -156.62 -18.81
CA ARG S 273 -7.28 -156.50 -17.98
C ARG S 273 -6.51 -155.21 -18.26
N GLN S 274 -6.23 -154.91 -19.52
CA GLN S 274 -5.51 -153.70 -19.93
C GLN S 274 -6.32 -152.42 -19.68
N GLN S 275 -7.65 -152.52 -19.73
CA GLN S 275 -8.61 -151.50 -19.33
C GLN S 275 -8.61 -151.28 -17.81
N TYR S 276 -8.60 -152.32 -16.98
CA TYR S 276 -8.44 -152.16 -15.52
C TYR S 276 -7.05 -151.64 -15.11
N GLU S 277 -5.98 -152.06 -15.78
CA GLU S 277 -4.61 -151.53 -15.57
C GLU S 277 -4.55 -150.03 -15.90
N SER S 278 -5.17 -149.62 -17.01
CA SER S 278 -5.26 -148.21 -17.42
C SER S 278 -6.16 -147.38 -16.49
N VAL S 279 -7.32 -147.92 -16.09
CA VAL S 279 -8.26 -147.26 -15.17
C VAL S 279 -7.66 -147.08 -13.78
N ALA S 280 -6.96 -148.10 -13.25
CA ALA S 280 -6.29 -148.00 -11.96
C ALA S 280 -5.19 -146.94 -11.95
N ALA S 281 -4.38 -146.86 -13.02
CA ALA S 281 -3.39 -145.80 -13.17
C ALA S 281 -4.03 -144.41 -13.29
N LYS S 282 -5.04 -144.23 -14.14
CA LYS S 282 -5.66 -142.92 -14.41
C LYS S 282 -6.52 -142.39 -13.26
N ASN S 283 -7.24 -143.25 -12.55
CA ASN S 283 -7.97 -142.90 -11.33
C ASN S 283 -7.03 -142.43 -10.20
N LEU S 284 -5.80 -142.96 -10.12
CA LEU S 284 -4.79 -142.48 -9.17
C LEU S 284 -4.13 -141.17 -9.63
N GLN S 285 -3.84 -141.02 -10.93
CA GLN S 285 -3.22 -139.82 -11.50
C GLN S 285 -4.15 -138.60 -11.51
N GLU S 286 -5.45 -138.79 -11.75
CA GLU S 286 -6.49 -137.76 -11.59
C GLU S 286 -6.54 -137.23 -10.14
N ALA S 287 -6.49 -138.12 -9.16
CA ALA S 287 -6.52 -137.76 -7.75
C ALA S 287 -5.26 -137.00 -7.29
N GLU S 288 -4.08 -137.35 -7.82
CA GLU S 288 -2.83 -136.61 -7.59
C GLU S 288 -2.86 -135.22 -8.27
N GLU S 289 -3.37 -135.13 -9.49
CA GLU S 289 -3.39 -133.88 -10.26
C GLU S 289 -4.44 -132.89 -9.72
N TRP S 290 -5.58 -133.37 -9.22
CA TRP S 290 -6.50 -132.56 -8.43
C TRP S 290 -5.91 -132.16 -7.07
N TYR S 291 -5.10 -133.00 -6.42
CA TYR S 291 -4.40 -132.59 -5.20
C TYR S 291 -3.43 -131.42 -5.43
N LYS S 292 -2.62 -131.45 -6.50
CA LYS S 292 -1.74 -130.32 -6.90
C LYS S 292 -2.53 -129.05 -7.20
N SER S 293 -3.62 -129.20 -7.96
CA SER S 293 -4.42 -128.09 -8.45
C SER S 293 -5.23 -127.40 -7.35
N LYS S 294 -5.81 -128.19 -6.45
CA LYS S 294 -6.45 -127.73 -5.21
C LYS S 294 -5.46 -127.07 -4.26
N PHE S 295 -4.22 -127.58 -4.20
CA PHE S 295 -3.16 -126.96 -3.40
C PHE S 295 -2.75 -125.58 -3.96
N ALA S 296 -2.74 -125.39 -5.29
CA ALA S 296 -2.48 -124.10 -5.92
C ALA S 296 -3.58 -123.07 -5.63
N ASP S 297 -4.87 -123.45 -5.81
CA ASP S 297 -6.05 -122.64 -5.47
C ASP S 297 -6.04 -122.18 -4.00
N LEU S 298 -5.95 -123.13 -3.06
CA LEU S 298 -5.94 -122.83 -1.63
C LEU S 298 -4.72 -121.99 -1.19
N SER S 299 -3.54 -122.24 -1.78
CA SER S 299 -2.33 -121.47 -1.46
C SER S 299 -2.40 -120.04 -1.97
N GLU S 300 -2.89 -119.81 -3.19
CA GLU S 300 -2.99 -118.46 -3.75
C GLU S 300 -4.22 -117.68 -3.28
N ALA S 301 -5.29 -118.35 -2.84
CA ALA S 301 -6.36 -117.74 -2.06
C ALA S 301 -5.85 -117.30 -0.67
N ALA S 302 -5.02 -118.12 -0.01
CA ALA S 302 -4.33 -117.73 1.22
C ALA S 302 -3.29 -116.61 1.00
N ASN S 303 -2.59 -116.58 -0.12
CA ASN S 303 -1.72 -115.46 -0.51
C ASN S 303 -2.52 -114.18 -0.78
N ARG S 304 -3.69 -114.25 -1.45
CA ARG S 304 -4.52 -113.07 -1.71
C ARG S 304 -5.00 -112.42 -0.42
N ASN S 305 -5.46 -113.24 0.52
CA ASN S 305 -5.89 -112.76 1.83
C ASN S 305 -4.71 -112.19 2.63
N ASN S 306 -3.54 -112.85 2.61
CA ASN S 306 -2.30 -112.28 3.17
C ASN S 306 -1.92 -110.94 2.53
N ASP S 307 -2.10 -110.77 1.23
CA ASP S 307 -1.59 -109.63 0.47
C ASP S 307 -2.51 -108.41 0.47
N ALA S 308 -3.83 -108.61 0.43
CA ALA S 308 -4.79 -107.56 0.76
C ALA S 308 -4.65 -107.09 2.23
N LEU S 309 -4.34 -108.02 3.15
CA LEU S 309 -3.94 -107.71 4.53
C LEU S 309 -2.53 -107.12 4.68
N ARG S 310 -1.73 -106.99 3.62
CA ARG S 310 -0.45 -106.25 3.58
C ARG S 310 -0.58 -104.87 2.94
N GLN S 311 -1.35 -104.77 1.85
CA GLN S 311 -1.74 -103.50 1.21
C GLN S 311 -2.47 -102.60 2.23
N ALA S 312 -3.49 -103.15 2.90
CA ALA S 312 -4.22 -102.50 3.98
C ALA S 312 -3.39 -102.22 5.26
N LYS S 313 -2.23 -102.89 5.45
CA LYS S 313 -1.29 -102.59 6.56
C LYS S 313 -0.28 -101.51 6.22
N GLN S 314 0.10 -101.34 4.95
CA GLN S 314 0.89 -100.21 4.48
C GLN S 314 0.04 -98.92 4.52
N GLU S 315 -1.19 -99.02 4.04
CA GLU S 315 -2.26 -98.02 4.17
C GLU S 315 -2.62 -97.70 5.64
N SER S 316 -2.78 -98.72 6.50
CA SER S 316 -2.96 -98.50 7.95
C SER S 316 -1.76 -97.83 8.62
N THR S 317 -0.54 -98.06 8.11
CA THR S 317 0.67 -97.41 8.68
C THR S 317 0.76 -95.95 8.25
N GLU S 318 0.24 -95.63 7.06
CA GLU S 318 0.16 -94.29 6.49
C GLU S 318 -0.82 -93.38 7.22
N TYR S 319 -2.11 -93.76 7.22
CA TYR S 319 -3.14 -92.93 7.84
C TYR S 319 -2.98 -92.81 9.36
N ARG S 320 -2.39 -93.81 10.04
CA ARG S 320 -1.99 -93.67 11.45
C ARG S 320 -0.90 -92.62 11.66
N ARG S 321 0.12 -92.57 10.81
CA ARG S 321 1.17 -91.53 10.90
C ARG S 321 0.63 -90.14 10.60
N GLN S 322 -0.20 -90.01 9.57
CA GLN S 322 -0.82 -88.73 9.21
C GLN S 322 -1.79 -88.22 10.30
N VAL S 323 -2.56 -89.11 10.93
CA VAL S 323 -3.41 -88.80 12.10
C VAL S 323 -2.59 -88.48 13.36
N GLN S 324 -1.47 -89.17 13.61
CA GLN S 324 -0.58 -88.85 14.73
C GLN S 324 0.15 -87.51 14.53
N SER S 325 0.51 -87.16 13.29
CA SER S 325 1.06 -85.85 12.93
C SER S 325 0.03 -84.73 13.11
N LEU S 326 -1.22 -84.99 12.71
CA LEU S 326 -2.38 -84.12 13.00
C LEU S 326 -2.72 -84.02 14.50
N THR S 327 -2.44 -85.05 15.30
CA THR S 327 -2.61 -84.98 16.76
C THR S 327 -1.56 -84.04 17.39
N CYS S 328 -0.33 -84.07 16.88
CA CYS S 328 0.73 -83.13 17.27
C CYS S 328 0.41 -81.69 16.84
N GLU S 329 -0.25 -81.48 15.68
CA GLU S 329 -0.82 -80.17 15.31
C GLU S 329 -1.82 -79.68 16.34
N VAL S 330 -2.84 -80.48 16.64
CA VAL S 330 -3.98 -80.06 17.47
C VAL S 330 -3.56 -79.70 18.89
N ASP S 331 -2.48 -80.28 19.40
CA ASP S 331 -1.94 -79.94 20.73
C ASP S 331 -0.82 -78.87 20.70
N ALA S 332 -0.10 -78.69 19.58
CA ALA S 332 0.80 -77.54 19.36
C ALA S 332 0.07 -76.23 19.00
N LEU S 333 -1.09 -76.32 18.34
CA LEU S 333 -2.05 -75.22 18.13
C LEU S 333 -2.59 -74.74 19.48
N LYS S 334 -3.07 -75.64 20.35
CA LYS S 334 -3.55 -75.26 21.70
C LYS S 334 -2.48 -74.59 22.57
N GLY S 335 -1.23 -75.05 22.56
CA GLY S 335 -0.12 -74.36 23.24
C GLY S 335 0.26 -73.00 22.64
N THR S 336 -0.21 -72.73 21.43
CA THR S 336 -0.12 -71.44 20.74
C THR S 336 -1.41 -70.59 20.88
N ASN S 337 -2.58 -71.20 21.11
CA ASN S 337 -3.80 -70.57 21.61
C ASN S 337 -3.61 -70.05 23.06
N GLU S 338 -2.91 -70.83 23.91
CA GLU S 338 -2.34 -70.39 25.21
C GLU S 338 -1.21 -69.34 25.08
N SER S 339 -0.67 -69.14 23.88
CA SER S 339 0.23 -68.01 23.58
C SER S 339 -0.53 -66.76 23.11
N LEU S 340 -1.64 -66.89 22.37
CA LEU S 340 -2.55 -65.76 22.06
C LEU S 340 -3.18 -65.15 23.31
N GLU S 341 -3.50 -65.98 24.32
CA GLU S 341 -3.86 -65.53 25.66
C GLU S 341 -2.76 -64.75 26.41
N ARG S 342 -1.52 -64.73 25.91
CA ARG S 342 -0.43 -63.84 26.37
C ARG S 342 -0.29 -62.58 25.51
N GLN S 343 -0.53 -62.66 24.21
CA GLN S 343 -0.52 -61.49 23.32
C GLN S 343 -1.71 -60.55 23.62
N MET S 344 -2.82 -61.08 24.15
CA MET S 344 -3.87 -60.25 24.79
C MET S 344 -3.47 -59.63 26.14
N ARG S 345 -2.32 -60.01 26.72
CA ARG S 345 -1.68 -59.36 27.89
C ARG S 345 -0.57 -58.40 27.49
N GLU S 346 0.15 -58.67 26.40
CA GLU S 346 1.00 -57.67 25.75
C GLU S 346 0.16 -56.49 25.19
N MET S 347 -1.12 -56.72 24.87
CA MET S 347 -2.15 -55.70 24.68
C MET S 347 -2.43 -54.88 25.95
N GLU S 348 -2.67 -55.56 27.07
CA GLU S 348 -2.98 -54.93 28.35
C GLU S 348 -1.75 -54.19 28.94
N GLU S 349 -0.53 -54.58 28.57
CA GLU S 349 0.73 -53.87 28.84
C GLU S 349 0.93 -52.66 27.91
N ASN S 350 0.58 -52.76 26.62
CA ASN S 350 0.52 -51.58 25.72
C ASN S 350 -0.56 -50.58 26.14
N PHE S 351 -1.66 -51.05 26.74
CA PHE S 351 -2.62 -50.18 27.43
C PHE S 351 -2.11 -49.69 28.80
N ALA S 352 -1.22 -50.40 29.48
CA ALA S 352 -0.50 -49.88 30.65
C ALA S 352 0.49 -48.76 30.27
N VAL S 353 1.06 -48.78 29.06
CA VAL S 353 1.84 -47.64 28.52
C VAL S 353 0.92 -46.47 28.11
N GLU S 354 -0.29 -46.74 27.60
CA GLU S 354 -1.32 -45.69 27.39
C GLU S 354 -1.74 -45.03 28.71
N ALA S 355 -1.98 -45.83 29.74
CA ALA S 355 -2.27 -45.39 31.09
C ALA S 355 -1.08 -44.70 31.79
N ALA S 356 0.16 -45.02 31.45
CA ALA S 356 1.36 -44.35 31.97
C ALA S 356 1.58 -42.98 31.30
N ASN S 357 1.43 -42.88 29.98
CA ASN S 357 1.42 -41.60 29.28
C ASN S 357 0.18 -40.75 29.62
N TYR S 358 -0.94 -41.38 30.00
CA TYR S 358 -2.10 -40.71 30.57
C TYR S 358 -1.93 -40.34 32.06
N GLN S 359 -1.09 -41.05 32.82
CA GLN S 359 -0.69 -40.64 34.18
C GLN S 359 0.17 -39.39 34.14
N ASP S 360 1.20 -39.33 33.28
CA ASP S 360 2.00 -38.12 33.11
C ASP S 360 1.21 -36.97 32.47
N THR S 361 0.23 -37.27 31.60
CA THR S 361 -0.79 -36.31 31.15
C THR S 361 -1.54 -35.69 32.32
N ILE S 362 -2.22 -36.53 33.11
CA ILE S 362 -3.08 -36.07 34.20
C ILE S 362 -2.24 -35.38 35.28
N GLY S 363 -1.08 -35.90 35.65
CA GLY S 363 -0.21 -35.30 36.65
C GLY S 363 0.33 -33.93 36.22
N ARG S 364 0.94 -33.85 35.04
CA ARG S 364 1.59 -32.61 34.58
C ARG S 364 0.59 -31.50 34.26
N LEU S 365 -0.56 -31.83 33.65
CA LEU S 365 -1.63 -30.85 33.47
C LEU S 365 -2.29 -30.48 34.81
N GLN S 366 -2.58 -31.44 35.70
CA GLN S 366 -3.37 -31.16 36.91
C GLN S 366 -2.60 -30.36 37.94
N ASP S 367 -1.33 -30.68 38.18
CA ASP S 367 -0.52 -29.99 39.19
C ASP S 367 -0.35 -28.52 38.85
N GLU S 368 -0.01 -28.16 37.60
CA GLU S 368 0.11 -26.76 37.22
C GLU S 368 -1.24 -26.05 36.94
N ILE S 369 -2.29 -26.74 36.47
CA ILE S 369 -3.62 -26.11 36.34
C ILE S 369 -4.30 -25.93 37.70
N GLN S 370 -3.89 -26.69 38.73
CA GLN S 370 -4.30 -26.48 40.11
C GLN S 370 -3.41 -25.46 40.86
N ASN S 371 -2.10 -25.42 40.60
CA ASN S 371 -1.22 -24.34 41.06
C ASN S 371 -1.72 -22.99 40.55
N MET S 372 -2.08 -22.93 39.26
CA MET S 372 -2.82 -21.83 38.64
C MET S 372 -4.14 -21.55 39.36
N LYS S 373 -5.05 -22.53 39.46
CA LYS S 373 -6.41 -22.27 40.00
C LYS S 373 -6.39 -21.79 41.45
N GLU S 374 -5.47 -22.30 42.26
CA GLU S 374 -5.25 -21.89 43.64
C GLU S 374 -4.51 -20.56 43.75
N GLU S 375 -3.38 -20.37 43.04
CA GLU S 375 -2.64 -19.11 43.02
C GLU S 375 -3.49 -17.95 42.52
N MET S 376 -4.30 -18.14 41.47
CA MET S 376 -5.04 -17.03 40.84
C MET S 376 -6.23 -16.59 41.69
N ALA S 377 -6.92 -17.54 42.33
CA ALA S 377 -7.91 -17.25 43.36
C ALA S 377 -7.29 -16.67 44.66
N ARG S 378 -5.96 -16.77 44.83
CA ARG S 378 -5.17 -16.06 45.85
C ARG S 378 -4.67 -14.69 45.37
N HIS S 379 -4.15 -14.52 44.16
CA HIS S 379 -3.61 -13.25 43.61
C HIS S 379 -4.67 -12.14 43.55
N LEU S 380 -5.89 -12.47 43.12
CA LEU S 380 -7.01 -11.51 43.18
C LEU S 380 -7.33 -11.05 44.61
N ARG S 381 -7.23 -11.97 45.56
CA ARG S 381 -7.45 -11.72 46.99
C ARG S 381 -6.25 -11.04 47.66
N GLU S 382 -5.05 -11.24 47.14
CA GLU S 382 -3.78 -10.70 47.59
C GLU S 382 -3.59 -9.24 47.13
N TYR S 383 -3.93 -8.95 45.87
CA TYR S 383 -4.18 -7.59 45.42
C TYR S 383 -5.36 -6.96 46.19
N GLN S 384 -6.48 -7.66 46.38
CA GLN S 384 -7.56 -7.15 47.23
C GLN S 384 -7.14 -6.85 48.66
N ASP S 385 -6.20 -7.60 49.26
CA ASP S 385 -5.75 -7.40 50.64
C ASP S 385 -4.64 -6.35 50.79
N LEU S 386 -3.79 -6.14 49.77
CA LEU S 386 -2.96 -4.92 49.66
C LEU S 386 -3.84 -3.66 49.54
N LEU S 387 -4.96 -3.79 48.82
CA LEU S 387 -5.99 -2.75 48.66
C LEU S 387 -6.95 -2.65 49.87
N ASN S 388 -6.96 -3.66 50.75
CA ASN S 388 -7.64 -3.69 52.05
C ASN S 388 -6.78 -3.02 53.14
N VAL S 389 -5.46 -3.20 53.09
CA VAL S 389 -4.47 -2.41 53.85
C VAL S 389 -4.54 -0.94 53.45
N LYS S 390 -4.60 -0.63 52.14
CA LYS S 390 -4.85 0.73 51.63
C LYS S 390 -6.21 1.29 52.11
N MET S 391 -7.27 0.49 52.13
CA MET S 391 -8.58 0.90 52.65
C MET S 391 -8.59 1.16 54.17
N ALA S 392 -7.91 0.33 54.96
CA ALA S 392 -7.79 0.47 56.40
C ALA S 392 -6.97 1.73 56.76
N LEU S 393 -5.88 1.96 56.02
CA LEU S 393 -5.13 3.21 56.05
C LEU S 393 -6.01 4.41 55.67
N ASP S 394 -6.88 4.31 54.67
CA ASP S 394 -7.81 5.41 54.34
C ASP S 394 -8.76 5.77 55.50
N ILE S 395 -9.30 4.80 56.25
CA ILE S 395 -10.15 5.06 57.44
C ILE S 395 -9.34 5.64 58.62
N GLU S 396 -8.15 5.09 58.89
CA GLU S 396 -7.27 5.55 59.97
C GLU S 396 -6.74 6.96 59.69
N ILE S 397 -6.34 7.21 58.44
CA ILE S 397 -5.98 8.52 57.93
C ILE S 397 -7.18 9.46 58.01
N ALA S 398 -8.44 9.04 57.85
CA ALA S 398 -9.60 9.91 58.15
C ALA S 398 -9.73 10.31 59.61
N THR S 399 -9.57 9.34 60.50
CA THR S 399 -9.70 9.54 61.95
C THR S 399 -8.62 10.48 62.48
N TYR S 400 -7.42 10.40 61.89
CA TYR S 400 -6.31 11.34 62.08
C TYR S 400 -6.57 12.72 61.43
N ARG S 401 -6.97 12.74 60.16
CA ARG S 401 -7.17 13.94 59.33
C ARG S 401 -8.26 14.84 59.89
N LYS S 402 -9.41 14.30 60.29
CA LYS S 402 -10.50 15.08 60.91
C LYS S 402 -10.14 15.68 62.28
N LEU S 403 -8.99 15.34 62.86
CA LEU S 403 -8.47 15.94 64.10
C LEU S 403 -7.23 16.81 63.92
N LEU S 404 -6.19 16.35 63.21
CA LEU S 404 -4.96 17.15 63.02
C LEU S 404 -5.10 18.17 61.90
N GLU S 405 -5.33 17.71 60.68
CA GLU S 405 -5.72 18.59 59.57
C GLU S 405 -7.13 19.19 59.82
N GLY S 406 -7.87 18.63 60.78
CA GLY S 406 -9.13 19.12 61.32
C GLY S 406 -9.00 20.02 62.56
N GLU S 407 -7.78 20.42 62.96
CA GLU S 407 -7.45 21.62 63.75
C GLU S 407 -6.66 22.65 62.93
N GLU S 408 -5.84 22.17 61.99
CA GLU S 408 -5.52 22.95 60.79
C GLU S 408 -6.83 23.43 60.14
N SER S 409 -7.98 22.75 60.31
CA SER S 409 -9.36 23.25 60.06
C SER S 409 -9.64 24.71 60.33
N ARG S 410 -9.15 25.27 61.43
CA ARG S 410 -9.40 26.67 61.78
C ARG S 410 -8.39 27.61 61.06
N ILE S 411 -7.86 27.03 59.97
CA ILE S 411 -6.97 27.40 58.87
C ILE S 411 -7.26 26.53 57.58
N SER S 412 -8.11 25.46 57.60
CA SER S 412 -8.05 24.23 56.73
C SER S 412 -9.36 23.32 56.68
N LEU S 413 -9.44 21.94 56.95
CA LEU S 413 -10.59 20.95 57.31
C LEU S 413 -10.39 19.35 57.05
N PRO S 414 -11.28 18.37 56.56
CA PRO S 414 -11.21 16.89 56.89
C PRO S 414 -10.95 15.71 55.84
N LEU S 415 -12.02 15.10 55.22
CA LEU S 415 -12.29 13.62 54.97
C LEU S 415 -11.40 12.80 53.97
N PRO S 416 -10.76 11.72 54.48
CA PRO S 416 -10.67 10.39 53.83
C PRO S 416 -11.90 9.47 53.88
N ASN S 417 -12.06 8.59 52.88
CA ASN S 417 -13.22 7.68 52.75
C ASN S 417 -12.93 6.20 53.08
N PHE S 418 -12.78 5.36 52.04
CA PHE S 418 -12.93 3.89 52.04
C PHE S 418 -12.65 3.35 50.61
N SER S 419 -12.44 2.04 50.52
CA SER S 419 -12.12 1.21 49.34
C SER S 419 -10.72 1.43 48.75
N SER S 420 -10.17 0.33 48.23
CA SER S 420 -9.62 0.23 46.86
C SER S 420 -9.78 -1.20 46.28
N LEU S 421 -10.75 -1.95 46.81
CA LEU S 421 -10.84 -3.41 46.69
C LEU S 421 -10.99 -3.91 45.24
N ASN S 422 -10.06 -4.79 44.83
CA ASN S 422 -10.05 -5.37 43.49
C ASN S 422 -9.77 -6.88 43.46
N LEU S 423 -10.71 -7.64 44.02
CA LEU S 423 -11.04 -8.98 43.54
C LEU S 423 -12.15 -8.82 42.48
N ARG S 424 -11.92 -9.33 41.27
CA ARG S 424 -12.85 -9.42 40.13
C ARG S 424 -12.64 -10.78 39.44
N GLU S 425 -13.42 -11.07 38.42
CA GLU S 425 -13.33 -12.31 37.66
C GLU S 425 -11.97 -12.52 36.98
N THR S 426 -11.57 -13.78 36.85
CA THR S 426 -10.39 -14.24 36.08
C THR S 426 -10.74 -15.35 35.08
N ASN S 427 -11.98 -15.34 34.58
CA ASN S 427 -12.61 -16.51 33.96
C ASN S 427 -12.78 -17.67 34.97
N LEU S 428 -13.19 -17.34 36.19
CA LEU S 428 -13.72 -18.31 37.17
C LEU S 428 -15.25 -18.18 37.34
N ASP S 429 -15.78 -17.01 36.99
CA ASP S 429 -17.18 -16.61 37.07
C ASP S 429 -17.89 -16.79 35.72
N SER S 430 -17.20 -16.39 34.64
CA SER S 430 -17.40 -16.96 33.30
C SER S 430 -16.47 -18.17 33.14
N LEU S 431 -17.00 -19.34 32.78
CA LEU S 431 -16.26 -20.59 32.60
C LEU S 431 -16.67 -21.28 31.29
N PRO S 432 -15.76 -22.02 30.64
CA PRO S 432 -16.14 -23.10 29.75
C PRO S 432 -16.77 -24.23 30.57
N LEU S 433 -17.94 -24.70 30.15
CA LEU S 433 -18.27 -26.11 30.29
C LEU S 433 -17.65 -26.87 29.10
N VAL S 434 -17.05 -28.02 29.38
CA VAL S 434 -16.58 -29.00 28.39
C VAL S 434 -16.43 -30.34 29.11
N ASP S 435 -16.93 -31.40 28.50
CA ASP S 435 -16.82 -32.77 28.99
C ASP S 435 -16.62 -33.76 27.82
N THR S 436 -15.85 -34.82 28.07
CA THR S 436 -15.48 -35.87 27.12
C THR S 436 -14.87 -37.06 27.89
N HIS S 437 -14.21 -38.00 27.20
CA HIS S 437 -13.51 -39.17 27.78
C HIS S 437 -14.45 -40.12 28.51
N SER S 438 -15.32 -40.75 27.72
CA SER S 438 -16.31 -41.74 28.15
C SER S 438 -15.78 -43.18 28.22
N LYS S 439 -14.56 -43.43 27.74
CA LYS S 439 -13.91 -44.75 27.51
C LYS S 439 -14.29 -45.39 26.18
N ARG S 440 -13.45 -45.13 25.18
CA ARG S 440 -13.41 -45.80 23.87
C ARG S 440 -12.72 -47.16 24.01
N THR S 441 -13.43 -48.08 24.65
CA THR S 441 -13.08 -49.51 24.79
C THR S 441 -13.00 -50.24 23.44
N LEU S 442 -11.86 -50.11 22.74
CA LEU S 442 -11.48 -50.88 21.55
C LEU S 442 -11.08 -52.32 21.92
N LEU S 443 -12.08 -53.12 22.27
CA LEU S 443 -11.99 -54.56 22.46
C LEU S 443 -11.94 -55.29 21.11
N ILE S 444 -10.82 -55.16 20.38
CA ILE S 444 -10.60 -55.80 19.07
C ILE S 444 -10.51 -57.32 19.26
N LYS S 445 -11.31 -58.09 18.52
CA LYS S 445 -11.37 -59.55 18.64
C LYS S 445 -11.63 -60.21 17.29
N THR S 446 -10.58 -60.75 16.68
CA THR S 446 -10.66 -61.79 15.64
C THR S 446 -10.85 -63.18 16.30
N VAL S 447 -10.27 -64.28 15.78
CA VAL S 447 -11.04 -65.51 15.39
C VAL S 447 -11.93 -65.15 14.20
N GLU S 448 -12.02 -65.84 13.06
CA GLU S 448 -11.17 -66.85 12.43
C GLU S 448 -11.17 -68.30 12.98
N THR S 449 -12.36 -68.93 12.99
CA THR S 449 -12.46 -70.38 12.68
C THR S 449 -12.19 -70.58 11.19
N ARG S 450 -11.34 -71.54 10.85
CA ARG S 450 -11.04 -71.92 9.46
C ARG S 450 -11.41 -73.37 9.21
N ASP S 451 -12.11 -73.67 8.11
CA ASP S 451 -12.40 -75.04 7.66
C ASP S 451 -13.15 -75.91 8.71
N GLY S 452 -13.70 -75.28 9.76
CA GLY S 452 -14.34 -75.92 10.94
C GLY S 452 -13.40 -76.19 12.13
N GLN S 453 -12.16 -75.71 12.10
CA GLN S 453 -11.13 -75.81 13.13
C GLN S 453 -10.67 -74.41 13.60
N VAL S 454 -10.45 -74.23 14.89
CA VAL S 454 -9.77 -73.01 15.41
C VAL S 454 -8.30 -73.07 14.99
N ILE S 455 -7.82 -72.01 14.33
CA ILE S 455 -6.42 -71.85 13.90
C ILE S 455 -5.77 -70.61 14.58
N ASN S 456 -6.57 -69.83 15.33
CA ASN S 456 -6.14 -68.80 16.27
C ASN S 456 -7.35 -68.37 17.14
N GLU S 457 -7.12 -68.00 18.40
CA GLU S 457 -8.13 -67.39 19.27
C GLU S 457 -7.66 -66.07 19.91
N THR S 458 -7.87 -64.95 19.23
CA THR S 458 -7.57 -63.61 19.77
C THR S 458 -8.69 -63.11 20.69
N SER S 459 -8.34 -62.32 21.71
CA SER S 459 -9.28 -61.46 22.42
C SER S 459 -8.57 -60.25 23.07
N GLN S 460 -8.29 -59.23 22.28
CA GLN S 460 -7.56 -58.04 22.71
C GLN S 460 -8.44 -57.05 23.50
N HIS S 461 -7.86 -56.31 24.46
CA HIS S 461 -8.54 -55.33 25.33
C HIS S 461 -7.79 -53.99 25.44
N HIS S 462 -7.95 -53.09 24.47
CA HIS S 462 -7.56 -51.68 24.65
C HIS S 462 -8.75 -50.88 25.20
N ASP S 463 -8.51 -49.99 26.18
CA ASP S 463 -9.37 -48.84 26.43
C ASP S 463 -8.66 -47.55 26.02
N ASP S 464 -9.23 -46.86 25.03
CA ASP S 464 -8.79 -45.53 24.59
C ASP S 464 -9.53 -44.50 25.44
N LEU S 465 -8.83 -43.61 26.15
CA LEU S 465 -9.50 -42.59 26.96
C LEU S 465 -10.02 -41.42 26.10
N GLU S 466 -10.93 -41.75 25.18
CA GLU S 466 -11.86 -40.93 24.37
C GLU S 466 -13.31 -41.44 24.54
N GLU T 300 -44.85 -143.50 -58.64
CA GLU T 300 -43.80 -142.49 -58.48
C GLU T 300 -44.34 -141.05 -58.56
N ALA T 301 -45.36 -140.80 -59.39
CA ALA T 301 -46.13 -139.56 -59.31
C ALA T 301 -46.85 -139.41 -57.94
N ALA T 302 -47.24 -140.53 -57.33
CA ALA T 302 -47.70 -140.63 -55.94
C ALA T 302 -46.58 -140.55 -54.88
N ASN T 303 -45.38 -141.09 -55.12
CA ASN T 303 -44.23 -140.97 -54.21
C ASN T 303 -43.78 -139.51 -54.05
N ARG T 304 -43.88 -138.69 -55.10
CA ARG T 304 -43.65 -137.23 -55.02
C ARG T 304 -44.62 -136.52 -54.06
N ASN T 305 -45.80 -137.10 -53.81
CA ASN T 305 -46.75 -136.63 -52.81
C ASN T 305 -46.47 -137.18 -51.40
N ASN T 306 -46.03 -138.44 -51.30
CA ASN T 306 -45.58 -139.02 -50.03
C ASN T 306 -44.31 -138.32 -49.52
N ASP T 307 -43.37 -137.96 -50.40
CA ASP T 307 -42.22 -137.13 -50.11
C ASP T 307 -42.60 -135.71 -49.67
N ALA T 308 -43.58 -135.08 -50.32
CA ALA T 308 -44.11 -133.80 -49.85
C ALA T 308 -44.70 -133.90 -48.42
N LEU T 309 -45.47 -134.95 -48.13
CA LEU T 309 -46.01 -135.25 -46.79
C LEU T 309 -44.95 -135.62 -45.75
N ARG T 310 -43.82 -136.21 -46.15
CA ARG T 310 -42.69 -136.53 -45.26
C ARG T 310 -41.80 -135.32 -45.01
N GLN T 311 -41.57 -134.49 -46.02
CA GLN T 311 -40.80 -133.25 -45.95
C GLN T 311 -41.57 -132.14 -45.21
N ALA T 312 -42.89 -132.03 -45.37
CA ALA T 312 -43.75 -131.11 -44.61
C ALA T 312 -43.77 -131.43 -43.10
N LYS T 313 -43.63 -132.70 -42.70
CA LYS T 313 -43.44 -133.09 -41.29
C LYS T 313 -42.09 -132.65 -40.74
N GLN T 314 -41.02 -132.77 -41.52
CA GLN T 314 -39.67 -132.32 -41.15
C GLN T 314 -39.61 -130.78 -41.07
N GLU T 315 -40.08 -130.12 -42.13
CA GLU T 315 -40.30 -128.68 -42.27
C GLU T 315 -41.07 -128.09 -41.08
N SER T 316 -42.16 -128.73 -40.64
CA SER T 316 -42.98 -128.27 -39.51
C SER T 316 -42.20 -128.05 -38.21
N THR T 317 -41.08 -128.74 -38.03
CA THR T 317 -40.24 -128.67 -36.83
C THR T 317 -39.39 -127.40 -36.75
N GLU T 318 -39.01 -126.85 -37.90
CA GLU T 318 -38.50 -125.48 -38.01
C GLU T 318 -39.63 -124.47 -38.24
N TYR T 319 -40.65 -124.82 -39.02
CA TYR T 319 -41.75 -123.92 -39.39
C TYR T 319 -42.51 -123.43 -38.16
N ARG T 320 -42.80 -124.29 -37.17
CA ARG T 320 -43.40 -123.83 -35.90
C ARG T 320 -42.53 -122.81 -35.16
N ARG T 321 -41.20 -122.97 -35.16
CA ARG T 321 -40.27 -121.97 -34.59
C ARG T 321 -40.17 -120.71 -35.44
N GLN T 322 -40.12 -120.82 -36.76
CA GLN T 322 -40.06 -119.69 -37.69
C GLN T 322 -41.32 -118.82 -37.59
N VAL T 323 -42.50 -119.45 -37.57
CA VAL T 323 -43.79 -118.83 -37.28
C VAL T 323 -43.81 -118.12 -35.93
N GLN T 324 -43.39 -118.80 -34.86
CA GLN T 324 -43.44 -118.22 -33.52
C GLN T 324 -42.38 -117.12 -33.32
N SER T 325 -41.22 -117.21 -33.96
CA SER T 325 -40.17 -116.18 -33.92
C SER T 325 -40.58 -114.95 -34.72
N LEU T 326 -41.04 -115.14 -35.96
CA LEU T 326 -41.58 -114.06 -36.80
C LEU T 326 -42.87 -113.46 -36.25
N THR T 327 -43.69 -114.23 -35.52
CA THR T 327 -44.79 -113.65 -34.72
C THR T 327 -44.24 -112.75 -33.63
N CYS T 328 -43.35 -113.24 -32.76
CA CYS T 328 -42.80 -112.47 -31.64
C CYS T 328 -41.90 -111.31 -32.06
N GLU T 329 -41.25 -111.38 -33.22
CA GLU T 329 -40.43 -110.31 -33.79
C GLU T 329 -41.30 -109.22 -34.42
N VAL T 330 -42.43 -109.59 -35.05
CA VAL T 330 -43.49 -108.63 -35.39
C VAL T 330 -44.09 -108.02 -34.12
N ASP T 331 -44.50 -108.82 -33.14
CA ASP T 331 -45.10 -108.38 -31.87
C ASP T 331 -44.16 -107.49 -31.03
N ALA T 332 -42.85 -107.77 -31.06
CA ALA T 332 -41.82 -106.90 -30.48
C ALA T 332 -41.60 -105.62 -31.27
N LEU T 333 -41.67 -105.63 -32.61
CA LEU T 333 -41.74 -104.40 -33.41
C LEU T 333 -43.04 -103.61 -33.15
N LYS T 334 -44.12 -104.27 -32.72
CA LYS T 334 -45.42 -103.63 -32.46
C LYS T 334 -45.49 -102.97 -31.08
N GLY T 335 -44.92 -103.62 -30.07
CA GLY T 335 -44.58 -103.02 -28.78
C GLY T 335 -43.44 -101.97 -28.87
N THR T 336 -42.58 -102.07 -29.88
CA THR T 336 -41.59 -101.02 -30.19
C THR T 336 -42.24 -99.81 -30.86
N ASN T 337 -43.18 -99.99 -31.79
CA ASN T 337 -43.85 -98.89 -32.49
C ASN T 337 -44.81 -98.10 -31.59
N GLU T 338 -45.58 -98.75 -30.69
CA GLU T 338 -46.34 -98.03 -29.66
C GLU T 338 -45.41 -97.26 -28.71
N SER T 339 -44.24 -97.82 -28.39
CA SER T 339 -43.26 -97.19 -27.50
C SER T 339 -42.39 -96.15 -28.21
N LEU T 340 -42.33 -96.17 -29.53
CA LEU T 340 -41.72 -95.13 -30.36
C LEU T 340 -42.67 -93.95 -30.53
N GLU T 341 -43.98 -94.19 -30.62
CA GLU T 341 -44.97 -93.12 -30.50
C GLU T 341 -44.99 -92.50 -29.09
N ARG T 342 -44.63 -93.26 -28.04
CA ARG T 342 -44.36 -92.69 -26.70
C ARG T 342 -43.09 -91.84 -26.66
N GLN T 343 -42.04 -92.21 -27.41
CA GLN T 343 -40.90 -91.31 -27.60
C GLN T 343 -41.28 -90.06 -28.43
N MET T 344 -42.22 -90.15 -29.38
CA MET T 344 -42.74 -88.99 -30.12
C MET T 344 -43.68 -88.10 -29.29
N ARG T 345 -44.45 -88.65 -28.35
CA ARG T 345 -45.21 -87.86 -27.36
C ARG T 345 -44.26 -87.12 -26.41
N GLU T 346 -43.22 -87.81 -25.96
CA GLU T 346 -42.23 -87.21 -25.07
C GLU T 346 -41.33 -86.22 -25.84
N MET T 347 -41.19 -86.36 -27.17
CA MET T 347 -40.69 -85.30 -28.05
C MET T 347 -41.67 -84.14 -28.28
N GLU T 348 -42.99 -84.38 -28.31
CA GLU T 348 -43.99 -83.30 -28.39
C GLU T 348 -43.93 -82.39 -27.16
N GLU T 349 -43.81 -82.99 -25.98
CA GLU T 349 -43.54 -82.29 -24.71
C GLU T 349 -42.18 -81.59 -24.71
N ASN T 350 -41.11 -82.20 -25.27
CA ASN T 350 -39.79 -81.57 -25.37
C ASN T 350 -39.77 -80.33 -26.30
N PHE T 351 -40.36 -80.39 -27.50
CA PHE T 351 -40.47 -79.21 -28.38
C PHE T 351 -41.39 -78.13 -27.79
N ALA T 352 -42.39 -78.55 -27.02
CA ALA T 352 -43.31 -77.65 -26.35
C ALA T 352 -42.70 -76.90 -25.16
N VAL T 353 -42.02 -77.61 -24.25
CA VAL T 353 -41.27 -77.01 -23.14
C VAL T 353 -40.06 -76.19 -23.65
N GLU T 354 -39.41 -76.62 -24.74
CA GLU T 354 -38.40 -75.81 -25.44
C GLU T 354 -38.98 -74.48 -25.93
N ALA T 355 -40.15 -74.49 -26.59
CA ALA T 355 -40.74 -73.27 -27.09
C ALA T 355 -41.31 -72.37 -25.98
N ALA T 356 -42.12 -72.93 -25.09
CA ALA T 356 -42.94 -72.18 -24.12
C ALA T 356 -42.22 -71.90 -22.79
N ASN T 357 -41.57 -72.89 -22.19
CA ASN T 357 -40.88 -72.72 -20.90
C ASN T 357 -39.60 -71.86 -21.02
N TYR T 358 -38.93 -71.90 -22.18
CA TYR T 358 -37.90 -70.91 -22.50
C TYR T 358 -38.44 -69.47 -22.53
N GLN T 359 -39.64 -69.25 -23.10
CA GLN T 359 -40.29 -67.94 -23.05
C GLN T 359 -40.96 -67.63 -21.70
N ASP T 360 -41.21 -68.60 -20.81
CA ASP T 360 -41.47 -68.33 -19.39
C ASP T 360 -40.24 -67.77 -18.68
N THR T 361 -39.05 -68.27 -19.05
CA THR T 361 -37.78 -67.75 -18.54
C THR T 361 -37.46 -66.37 -19.12
N ILE T 362 -37.85 -66.10 -20.38
CA ILE T 362 -37.89 -64.73 -20.91
C ILE T 362 -38.94 -63.87 -20.20
N GLY T 363 -40.07 -64.43 -19.79
CA GLY T 363 -41.13 -63.75 -19.02
C GLY T 363 -40.65 -63.32 -17.64
N ARG T 364 -40.03 -64.22 -16.87
CA ARG T 364 -39.42 -63.88 -15.57
C ARG T 364 -38.23 -62.92 -15.70
N LEU T 365 -37.55 -62.89 -16.85
CA LEU T 365 -36.57 -61.86 -17.18
C LEU T 365 -37.22 -60.53 -17.64
N GLN T 366 -38.40 -60.55 -18.27
CA GLN T 366 -39.19 -59.35 -18.54
C GLN T 366 -39.76 -58.73 -17.26
N ASP T 367 -40.08 -59.51 -16.24
CA ASP T 367 -40.36 -59.02 -14.89
C ASP T 367 -39.17 -58.22 -14.33
N GLU T 368 -38.00 -58.86 -14.22
CA GLU T 368 -36.79 -58.22 -13.70
C GLU T 368 -36.34 -57.00 -14.55
N ILE T 369 -36.40 -57.10 -15.88
CA ILE T 369 -35.99 -56.03 -16.80
C ILE T 369 -36.99 -54.87 -16.84
N GLN T 370 -38.29 -55.14 -16.89
CA GLN T 370 -39.30 -54.10 -16.96
C GLN T 370 -39.56 -53.45 -15.58
N ASN T 371 -39.29 -54.16 -14.47
CA ASN T 371 -39.14 -53.57 -13.14
C ASN T 371 -37.90 -52.67 -13.05
N MET T 372 -36.75 -53.04 -13.64
CA MET T 372 -35.61 -52.11 -13.75
C MET T 372 -35.87 -50.91 -14.67
N LYS T 373 -36.77 -51.03 -15.65
CA LYS T 373 -37.19 -49.93 -16.53
C LYS T 373 -38.30 -49.07 -15.94
N GLU T 374 -39.13 -49.62 -15.05
CA GLU T 374 -39.98 -48.88 -14.13
C GLU T 374 -39.12 -47.98 -13.26
N GLU T 375 -38.11 -48.53 -12.59
CA GLU T 375 -37.34 -47.73 -11.63
C GLU T 375 -36.45 -46.69 -12.33
N MET T 376 -35.99 -46.99 -13.55
CA MET T 376 -35.40 -45.99 -14.46
C MET T 376 -36.41 -44.91 -14.88
N ALA T 377 -37.61 -45.30 -15.30
CA ALA T 377 -38.70 -44.40 -15.64
C ALA T 377 -39.18 -43.56 -14.45
N ARG T 378 -39.10 -44.07 -13.22
CA ARG T 378 -39.36 -43.37 -11.96
C ARG T 378 -38.26 -42.39 -11.61
N HIS T 379 -37.00 -42.80 -11.74
CA HIS T 379 -35.83 -41.92 -11.62
C HIS T 379 -35.80 -40.80 -12.67
N LEU T 380 -36.36 -40.99 -13.88
CA LEU T 380 -36.57 -39.88 -14.84
C LEU T 380 -37.52 -38.82 -14.29
N ARG T 381 -38.66 -39.24 -13.72
CA ARG T 381 -39.66 -38.31 -13.17
C ARG T 381 -39.19 -37.70 -11.84
N GLU T 382 -38.49 -38.46 -11.00
CA GLU T 382 -37.91 -38.00 -9.73
C GLU T 382 -36.70 -37.06 -9.92
N TYR T 383 -35.88 -37.25 -10.95
CA TYR T 383 -34.87 -36.25 -11.32
C TYR T 383 -35.51 -34.97 -11.88
N GLN T 384 -36.62 -35.09 -12.61
CA GLN T 384 -37.41 -33.93 -13.02
C GLN T 384 -38.22 -33.31 -11.85
N ASP T 385 -38.56 -34.04 -10.78
CA ASP T 385 -39.04 -33.46 -9.50
C ASP T 385 -37.94 -32.65 -8.82
N LEU T 386 -36.69 -33.12 -8.81
CA LEU T 386 -35.54 -32.34 -8.33
C LEU T 386 -35.24 -31.10 -9.18
N LEU T 387 -35.43 -31.19 -10.50
CA LEU T 387 -35.44 -30.00 -11.37
C LEU T 387 -36.64 -29.10 -11.10
N ASN T 388 -37.81 -29.62 -10.72
CA ASN T 388 -38.95 -28.80 -10.31
C ASN T 388 -38.73 -28.14 -8.94
N VAL T 389 -37.98 -28.75 -8.01
CA VAL T 389 -37.49 -28.09 -6.78
C VAL T 389 -36.48 -26.99 -7.10
N LYS T 390 -35.56 -27.21 -8.06
CA LYS T 390 -34.67 -26.13 -8.53
C LYS T 390 -35.46 -25.00 -9.18
N MET T 391 -36.32 -25.31 -10.14
CA MET T 391 -37.09 -24.34 -10.93
C MET T 391 -38.10 -23.57 -10.06
N ALA T 392 -38.62 -24.21 -9.01
CA ALA T 392 -39.38 -23.61 -7.92
C ALA T 392 -38.56 -22.58 -7.15
N LEU T 393 -37.34 -22.94 -6.75
CA LEU T 393 -36.42 -21.98 -6.10
C LEU T 393 -35.99 -20.86 -7.06
N ASP T 394 -35.81 -21.13 -8.36
CA ASP T 394 -35.55 -20.09 -9.36
C ASP T 394 -36.70 -19.05 -9.43
N ILE T 395 -37.96 -19.50 -9.54
CA ILE T 395 -39.13 -18.60 -9.57
C ILE T 395 -39.45 -18.01 -8.19
N GLU T 396 -39.25 -18.71 -7.07
CA GLU T 396 -39.45 -18.18 -5.72
C GLU T 396 -38.40 -17.13 -5.35
N ILE T 397 -37.15 -17.31 -5.80
CA ILE T 397 -36.13 -16.25 -5.78
C ILE T 397 -36.59 -15.09 -6.66
N ALA T 398 -37.11 -15.35 -7.86
CA ALA T 398 -37.59 -14.29 -8.77
C ALA T 398 -38.78 -13.52 -8.19
N THR T 399 -39.67 -14.18 -7.45
CA THR T 399 -40.92 -13.60 -6.96
C THR T 399 -40.79 -13.06 -5.56
N TYR T 400 -39.81 -13.53 -4.78
CA TYR T 400 -39.21 -12.73 -3.71
C TYR T 400 -38.51 -11.48 -4.26
N ARG T 401 -37.95 -11.49 -5.48
CA ARG T 401 -37.55 -10.21 -6.15
C ARG T 401 -38.74 -9.33 -6.55
N LYS T 402 -39.89 -9.92 -6.91
CA LYS T 402 -41.16 -9.17 -7.10
C LYS T 402 -41.81 -8.72 -5.79
N LEU T 403 -41.44 -9.28 -4.63
CA LEU T 403 -41.69 -8.67 -3.32
C LEU T 403 -40.71 -7.52 -3.10
N LEU T 404 -39.43 -7.71 -3.45
CA LEU T 404 -38.36 -6.80 -3.07
C LEU T 404 -38.35 -5.46 -3.80
N GLU T 405 -38.96 -5.25 -4.98
CA GLU T 405 -39.22 -3.86 -5.46
C GLU T 405 -40.18 -3.11 -4.53
N GLY T 406 -41.18 -3.83 -4.04
CA GLY T 406 -42.10 -3.31 -3.06
C GLY T 406 -41.53 -3.25 -1.65
N GLU T 407 -40.52 -4.05 -1.29
CA GLU T 407 -39.78 -3.91 -0.03
C GLU T 407 -38.63 -2.88 -0.08
N GLU T 408 -38.11 -2.56 -1.27
CA GLU T 408 -37.27 -1.39 -1.56
C GLU T 408 -38.11 -0.12 -1.43
N SER T 409 -39.33 -0.17 -1.97
CA SER T 409 -40.34 0.83 -1.65
C SER T 409 -40.70 0.79 -0.15
N ARG T 410 -40.74 -0.38 0.51
CA ARG T 410 -41.19 -0.50 1.91
C ARG T 410 -40.25 -0.01 2.98
N ILE T 411 -39.01 0.39 2.75
CA ILE T 411 -38.28 1.29 3.68
C ILE T 411 -37.26 2.23 2.96
N SER T 412 -37.33 2.39 1.62
CA SER T 412 -36.30 3.05 0.77
C SER T 412 -34.96 2.25 0.54
N LEU T 413 -35.06 0.93 0.21
CA LEU T 413 -34.36 -0.15 0.94
C LEU T 413 -34.01 -1.36 -0.01
N PRO T 414 -34.31 -2.68 0.21
CA PRO T 414 -33.86 -3.78 -0.68
C PRO T 414 -34.25 -3.73 -2.17
N LEU T 415 -33.38 -3.11 -2.96
CA LEU T 415 -33.40 -3.05 -4.44
C LEU T 415 -33.69 -4.36 -5.24
N PRO T 416 -33.17 -5.57 -4.91
CA PRO T 416 -33.10 -6.66 -5.89
C PRO T 416 -34.48 -7.11 -6.43
N ASN T 417 -34.85 -6.60 -7.61
CA ASN T 417 -36.23 -6.62 -8.10
C ASN T 417 -36.48 -7.46 -9.38
N PHE T 418 -37.71 -7.98 -9.49
CA PHE T 418 -38.35 -8.79 -10.56
C PHE T 418 -37.61 -10.00 -11.18
N SER T 419 -36.33 -10.24 -10.90
CA SER T 419 -35.43 -10.94 -11.82
C SER T 419 -34.77 -12.19 -11.22
N SER T 420 -35.33 -13.34 -11.60
CA SER T 420 -34.70 -14.67 -11.67
C SER T 420 -35.60 -15.64 -12.47
N LEU T 421 -36.43 -15.10 -13.38
CA LEU T 421 -37.69 -15.70 -13.81
C LEU T 421 -37.49 -17.08 -14.43
N ASN T 422 -38.23 -18.07 -13.90
CA ASN T 422 -38.27 -19.43 -14.43
C ASN T 422 -39.60 -19.75 -15.12
N LEU T 423 -39.47 -20.41 -16.27
CA LEU T 423 -40.51 -21.08 -17.03
C LEU T 423 -39.83 -22.14 -17.92
N ARG T 424 -40.66 -22.80 -18.74
CA ARG T 424 -40.36 -23.84 -19.74
C ARG T 424 -40.22 -25.28 -19.21
N GLU T 425 -40.81 -26.30 -19.86
CA GLU T 425 -41.26 -26.57 -21.25
C GLU T 425 -40.14 -26.98 -22.25
N THR T 426 -40.22 -28.20 -22.77
CA THR T 426 -39.34 -28.72 -23.83
C THR T 426 -39.59 -28.13 -25.23
N ASN T 427 -40.74 -27.48 -25.45
CA ASN T 427 -41.02 -26.60 -26.60
C ASN T 427 -40.90 -27.32 -27.96
N LEU T 428 -40.01 -26.88 -28.86
CA LEU T 428 -40.03 -27.16 -30.30
C LEU T 428 -39.82 -28.65 -30.61
N ASP T 429 -40.73 -29.24 -31.38
CA ASP T 429 -40.67 -30.63 -31.87
C ASP T 429 -40.47 -31.69 -30.76
N SER T 430 -40.87 -31.33 -29.52
CA SER T 430 -40.36 -31.98 -28.31
C SER T 430 -41.22 -33.13 -27.77
N LEU T 431 -42.38 -33.38 -28.39
CA LEU T 431 -42.91 -34.72 -28.58
C LEU T 431 -42.67 -35.08 -30.07
N PRO T 432 -41.47 -35.60 -30.42
CA PRO T 432 -41.03 -35.66 -31.82
C PRO T 432 -41.83 -36.70 -32.61
N LEU T 433 -41.50 -36.83 -33.90
CA LEU T 433 -41.85 -37.96 -34.76
C LEU T 433 -41.07 -39.25 -34.40
N VAL T 434 -41.24 -39.71 -33.16
CA VAL T 434 -40.73 -40.98 -32.64
C VAL T 434 -41.57 -42.11 -33.23
N ASP T 435 -41.27 -42.47 -34.48
CA ASP T 435 -42.08 -43.38 -35.27
C ASP T 435 -41.27 -44.59 -35.78
N THR T 436 -40.98 -45.65 -35.02
CA THR T 436 -41.09 -45.91 -33.56
C THR T 436 -42.50 -45.79 -32.90
N HIS T 437 -43.60 -46.28 -33.45
CA HIS T 437 -43.79 -47.32 -34.48
C HIS T 437 -42.76 -48.46 -34.40
N SER T 438 -42.62 -48.97 -33.18
CA SER T 438 -41.65 -50.01 -32.83
C SER T 438 -42.12 -51.38 -33.34
N LYS T 439 -41.28 -52.41 -33.12
CA LYS T 439 -41.42 -53.75 -33.70
C LYS T 439 -42.62 -54.51 -33.14
N ARG T 440 -43.79 -54.20 -33.69
CA ARG T 440 -45.06 -54.92 -33.53
C ARG T 440 -45.10 -56.14 -34.46
N THR T 441 -44.15 -57.06 -34.28
CA THR T 441 -43.99 -58.25 -35.12
C THR T 441 -45.07 -59.30 -34.84
N LEU T 442 -46.17 -59.30 -35.60
CA LEU T 442 -47.08 -60.44 -35.62
C LEU T 442 -46.39 -61.63 -36.32
N LEU T 443 -45.82 -62.53 -35.52
CA LEU T 443 -45.23 -63.80 -35.97
C LEU T 443 -46.32 -64.88 -35.99
N ILE T 444 -46.96 -65.06 -37.14
CA ILE T 444 -47.82 -66.22 -37.38
C ILE T 444 -46.91 -67.41 -37.73
N LYS T 445 -46.82 -68.46 -36.90
CA LYS T 445 -46.19 -69.74 -37.25
C LYS T 445 -47.19 -70.60 -38.04
N THR T 446 -47.42 -70.25 -39.31
CA THR T 446 -48.31 -71.03 -40.18
C THR T 446 -47.63 -72.35 -40.57
N VAL T 447 -47.80 -73.39 -39.75
CA VAL T 447 -47.36 -74.75 -40.08
C VAL T 447 -48.47 -75.48 -40.84
N GLU T 448 -48.31 -75.53 -42.16
CA GLU T 448 -49.26 -76.14 -43.08
C GLU T 448 -49.13 -77.67 -43.07
N THR T 449 -49.73 -78.30 -42.06
CA THR T 449 -49.65 -79.74 -41.76
C THR T 449 -50.35 -80.60 -42.81
N ARG T 450 -49.68 -80.76 -43.96
CA ARG T 450 -49.55 -82.05 -44.65
C ARG T 450 -48.18 -82.61 -44.27
N ASP T 451 -48.06 -82.99 -43.00
CA ASP T 451 -46.83 -83.42 -42.37
C ASP T 451 -45.74 -82.32 -42.28
N GLY T 452 -44.54 -82.69 -41.83
CA GLY T 452 -43.68 -81.84 -41.01
C GLY T 452 -42.31 -81.58 -41.64
N GLN T 453 -41.56 -82.65 -41.95
CA GLN T 453 -40.39 -82.56 -42.84
C GLN T 453 -40.78 -82.29 -44.32
N VAL T 454 -42.07 -82.16 -44.65
CA VAL T 454 -42.59 -81.77 -45.99
C VAL T 454 -43.55 -80.57 -45.97
N ILE T 455 -43.16 -79.35 -45.60
CA ILE T 455 -41.92 -78.79 -44.99
C ILE T 455 -42.21 -77.39 -44.36
N ASN T 456 -43.49 -77.03 -44.26
CA ASN T 456 -43.94 -75.63 -44.33
C ASN T 456 -43.96 -74.92 -42.97
N GLU T 457 -42.79 -74.70 -42.37
CA GLU T 457 -42.61 -73.80 -41.22
C GLU T 457 -42.71 -72.31 -41.59
N THR T 458 -43.87 -71.84 -42.07
CA THR T 458 -44.05 -70.43 -42.45
C THR T 458 -44.20 -69.52 -41.23
N SER T 459 -43.07 -69.18 -40.59
CA SER T 459 -42.93 -68.09 -39.61
C SER T 459 -43.06 -66.72 -40.28
N GLN T 460 -44.27 -66.34 -40.67
CA GLN T 460 -44.59 -65.03 -41.23
C GLN T 460 -44.33 -63.94 -40.18
N HIS T 461 -43.15 -63.30 -40.24
CA HIS T 461 -42.84 -62.11 -39.42
C HIS T 461 -43.51 -60.88 -40.04
N HIS T 462 -44.77 -60.59 -39.70
CA HIS T 462 -45.36 -59.27 -40.01
C HIS T 462 -44.84 -58.25 -39.00
N ASP T 463 -43.58 -57.82 -39.19
CA ASP T 463 -42.99 -56.63 -38.56
C ASP T 463 -43.83 -55.40 -38.92
N ASP T 464 -44.83 -55.09 -38.09
CA ASP T 464 -45.68 -53.91 -38.26
C ASP T 464 -45.07 -52.72 -37.52
N LEU T 465 -45.33 -51.52 -38.07
CA LEU T 465 -44.85 -50.24 -37.56
C LEU T 465 -46.07 -49.38 -37.19
N GLU T 466 -46.70 -49.74 -36.06
CA GLU T 466 -47.99 -49.20 -35.54
C GLU T 466 -47.94 -47.73 -35.06
N ASP U 297 -52.35 -144.45 -56.08
CA ASP U 297 -52.62 -143.18 -56.78
C ASP U 297 -53.66 -142.31 -56.05
N LEU U 298 -54.85 -142.87 -55.81
CA LEU U 298 -55.94 -142.18 -55.13
C LEU U 298 -55.60 -141.80 -53.67
N SER U 299 -54.88 -142.66 -52.95
CA SER U 299 -54.47 -142.39 -51.56
C SER U 299 -53.43 -141.29 -51.48
N GLU U 300 -52.43 -141.27 -52.37
CA GLU U 300 -51.38 -140.25 -52.35
C GLU U 300 -51.77 -138.93 -53.04
N ALA U 301 -52.75 -138.95 -53.95
CA ALA U 301 -53.45 -137.75 -54.40
C ALA U 301 -54.29 -137.14 -53.26
N ALA U 302 -54.97 -137.97 -52.46
CA ALA U 302 -55.66 -137.52 -51.26
C ALA U 302 -54.69 -137.03 -50.16
N ASN U 303 -53.51 -137.65 -50.01
CA ASN U 303 -52.46 -137.15 -49.13
C ASN U 303 -51.87 -135.82 -49.62
N ARG U 304 -51.67 -135.62 -50.93
CA ARG U 304 -51.16 -134.35 -51.48
C ARG U 304 -52.11 -133.19 -51.20
N ASN U 305 -53.40 -133.42 -51.41
CA ASN U 305 -54.42 -132.42 -51.11
C ASN U 305 -54.52 -132.15 -49.60
N ASN U 306 -54.45 -133.19 -48.76
CA ASN U 306 -54.34 -133.02 -47.30
C ASN U 306 -53.10 -132.21 -46.89
N ASP U 307 -51.96 -132.41 -47.56
CA ASP U 307 -50.66 -131.88 -47.14
C ASP U 307 -50.39 -130.45 -47.64
N ALA U 308 -50.81 -130.12 -48.86
CA ALA U 308 -50.90 -128.72 -49.30
C ALA U 308 -51.90 -127.91 -48.44
N LEU U 309 -53.01 -128.54 -48.02
CA LEU U 309 -53.95 -128.00 -47.02
C LEU U 309 -53.40 -128.00 -45.58
N ARG U 310 -52.21 -128.55 -45.29
CA ARG U 310 -51.50 -128.43 -44.00
C ARG U 310 -50.38 -127.39 -44.05
N GLN U 311 -49.62 -127.35 -45.14
CA GLN U 311 -48.64 -126.29 -45.44
C GLN U 311 -49.30 -124.91 -45.42
N ALA U 312 -50.41 -124.77 -46.15
CA ALA U 312 -51.25 -123.57 -46.18
C ALA U 312 -51.98 -123.27 -44.86
N LYS U 313 -52.11 -124.23 -43.93
CA LYS U 313 -52.66 -124.00 -42.58
C LYS U 313 -51.60 -123.58 -41.56
N GLN U 314 -50.35 -123.99 -41.73
CA GLN U 314 -49.22 -123.48 -40.94
C GLN U 314 -48.92 -122.02 -41.34
N GLU U 315 -48.91 -121.77 -42.65
CA GLU U 315 -48.88 -120.43 -43.28
C GLU U 315 -50.09 -119.55 -42.90
N SER U 316 -51.31 -120.10 -42.93
CA SER U 316 -52.50 -119.37 -42.43
C SER U 316 -52.43 -119.07 -40.93
N THR U 317 -51.77 -119.91 -40.13
CA THR U 317 -51.62 -119.65 -38.68
C THR U 317 -50.57 -118.57 -38.41
N GLU U 318 -49.58 -118.46 -39.28
CA GLU U 318 -48.52 -117.46 -39.26
C GLU U 318 -49.01 -116.05 -39.58
N TYR U 319 -49.54 -115.86 -40.80
CA TYR U 319 -49.99 -114.54 -41.24
C TYR U 319 -51.18 -114.03 -40.42
N ARG U 320 -52.03 -114.90 -39.88
CA ARG U 320 -53.07 -114.49 -38.91
C ARG U 320 -52.49 -113.96 -37.61
N ARG U 321 -51.44 -114.59 -37.05
CA ARG U 321 -50.77 -114.09 -35.84
C ARG U 321 -50.04 -112.78 -36.09
N GLN U 322 -49.34 -112.65 -37.22
CA GLN U 322 -48.65 -111.42 -37.59
C GLN U 322 -49.62 -110.25 -37.84
N VAL U 323 -50.78 -110.52 -38.47
CA VAL U 323 -51.87 -109.54 -38.65
C VAL U 323 -52.57 -109.19 -37.33
N GLN U 324 -52.77 -110.15 -36.42
CA GLN U 324 -53.34 -109.88 -35.09
C GLN U 324 -52.37 -109.08 -34.20
N SER U 325 -51.06 -109.31 -34.33
CA SER U 325 -50.01 -108.52 -33.66
C SER U 325 -49.97 -107.08 -34.21
N LEU U 326 -50.08 -106.93 -35.54
CA LEU U 326 -50.28 -105.63 -36.21
C LEU U 326 -51.61 -104.94 -35.85
N THR U 327 -52.66 -105.68 -35.52
CA THR U 327 -53.92 -105.09 -35.04
C THR U 327 -53.75 -104.50 -33.63
N CYS U 328 -52.98 -105.18 -32.78
CA CYS U 328 -52.59 -104.67 -31.46
C CYS U 328 -51.69 -103.44 -31.55
N GLU U 329 -50.79 -103.36 -32.56
CA GLU U 329 -50.06 -102.13 -32.88
C GLU U 329 -51.00 -100.97 -33.21
N VAL U 330 -51.90 -101.16 -34.17
CA VAL U 330 -52.73 -100.08 -34.72
C VAL U 330 -53.68 -99.49 -33.66
N ASP U 331 -54.06 -100.26 -32.65
CA ASP U 331 -54.88 -99.77 -31.54
C ASP U 331 -54.07 -99.30 -30.31
N ALA U 332 -52.84 -99.78 -30.10
CA ALA U 332 -51.89 -99.23 -29.12
C ALA U 332 -51.21 -97.91 -29.58
N LEU U 333 -51.01 -97.74 -30.89
CA LEU U 333 -50.62 -96.48 -31.54
C LEU U 333 -51.70 -95.43 -31.33
N LYS U 334 -52.98 -95.73 -31.62
CA LYS U 334 -54.10 -94.79 -31.36
C LYS U 334 -54.24 -94.36 -29.90
N GLY U 335 -54.08 -95.26 -28.93
CA GLY U 335 -54.06 -94.89 -27.50
C GLY U 335 -52.83 -94.06 -27.08
N THR U 336 -51.81 -94.02 -27.94
CA THR U 336 -50.63 -93.16 -27.82
C THR U 336 -50.73 -91.87 -28.68
N ASN U 337 -51.53 -91.87 -29.75
CA ASN U 337 -52.02 -90.67 -30.46
C ASN U 337 -52.98 -89.85 -29.55
N GLU U 338 -53.84 -90.53 -28.78
CA GLU U 338 -54.59 -89.97 -27.63
C GLU U 338 -53.70 -89.55 -26.42
N SER U 339 -52.44 -89.98 -26.40
CA SER U 339 -51.44 -89.46 -25.47
C SER U 339 -50.69 -88.23 -26.01
N LEU U 340 -50.43 -88.12 -27.33
CA LEU U 340 -49.92 -86.90 -27.97
C LEU U 340 -50.90 -85.71 -27.85
N GLU U 341 -52.21 -85.99 -27.91
CA GLU U 341 -53.26 -85.03 -27.55
C GLU U 341 -53.25 -84.56 -26.08
N ARG U 342 -52.46 -85.20 -25.19
CA ARG U 342 -52.14 -84.72 -23.83
C ARG U 342 -50.83 -83.96 -23.75
N GLN U 343 -49.82 -84.35 -24.52
CA GLN U 343 -48.54 -83.62 -24.60
C GLN U 343 -48.71 -82.24 -25.27
N MET U 344 -49.71 -82.09 -26.15
CA MET U 344 -50.17 -80.76 -26.60
C MET U 344 -50.94 -79.96 -25.52
N ARG U 345 -51.29 -80.56 -24.37
CA ARG U 345 -51.81 -79.88 -23.16
C ARG U 345 -50.73 -79.63 -22.13
N GLU U 346 -49.72 -80.48 -22.03
CA GLU U 346 -48.48 -80.17 -21.30
C GLU U 346 -47.73 -78.99 -21.97
N MET U 347 -47.92 -78.79 -23.28
CA MET U 347 -47.59 -77.55 -24.00
C MET U 347 -48.39 -76.33 -23.52
N GLU U 348 -49.71 -76.47 -23.43
CA GLU U 348 -50.60 -75.40 -22.99
C GLU U 348 -50.45 -75.07 -21.49
N GLU U 349 -49.95 -76.01 -20.67
CA GLU U 349 -49.51 -75.81 -19.29
C GLU U 349 -48.12 -75.15 -19.20
N ASN U 350 -47.17 -75.50 -20.07
CA ASN U 350 -45.91 -74.75 -20.19
C ASN U 350 -46.13 -73.32 -20.72
N PHE U 351 -47.15 -73.09 -21.56
CA PHE U 351 -47.63 -71.75 -21.88
C PHE U 351 -48.43 -71.09 -20.74
N ALA U 352 -49.08 -71.85 -19.85
CA ALA U 352 -49.64 -71.32 -18.61
C ALA U 352 -48.54 -70.87 -17.62
N VAL U 353 -47.35 -71.50 -17.63
CA VAL U 353 -46.17 -70.99 -16.90
C VAL U 353 -45.57 -69.75 -17.57
N GLU U 354 -45.59 -69.66 -18.91
CA GLU U 354 -45.24 -68.42 -19.63
C GLU U 354 -46.19 -67.26 -19.29
N ALA U 355 -47.49 -67.53 -19.26
CA ALA U 355 -48.53 -66.60 -18.85
C ALA U 355 -48.48 -66.26 -17.34
N ALA U 356 -47.98 -67.15 -16.48
CA ALA U 356 -47.78 -66.88 -15.05
C ALA U 356 -46.56 -66.00 -14.79
N ASN U 357 -45.43 -66.28 -15.45
CA ASN U 357 -44.26 -65.38 -15.42
C ASN U 357 -44.53 -64.05 -16.16
N TYR U 358 -45.46 -64.03 -17.13
CA TYR U 358 -45.97 -62.81 -17.75
C TYR U 358 -47.02 -62.09 -16.88
N GLN U 359 -47.74 -62.79 -16.00
CA GLN U 359 -48.60 -62.17 -14.99
C GLN U 359 -47.78 -61.45 -13.93
N ASP U 360 -46.73 -62.08 -13.38
CA ASP U 360 -45.83 -61.42 -12.44
C ASP U 360 -44.99 -60.31 -13.13
N THR U 361 -44.67 -60.45 -14.42
CA THR U 361 -44.15 -59.36 -15.26
C THR U 361 -45.08 -58.15 -15.26
N ILE U 362 -46.31 -58.35 -15.74
CA ILE U 362 -47.27 -57.27 -15.91
C ILE U 362 -47.66 -56.67 -14.56
N GLY U 363 -47.88 -57.47 -13.52
CA GLY U 363 -48.22 -56.99 -12.18
C GLY U 363 -47.11 -56.15 -11.56
N ARG U 364 -45.88 -56.70 -11.49
CA ARG U 364 -44.76 -56.04 -10.81
C ARG U 364 -44.27 -54.79 -11.54
N LEU U 365 -44.23 -54.81 -12.88
CA LEU U 365 -43.94 -53.59 -13.65
C LEU U 365 -45.11 -52.59 -13.57
N GLN U 366 -46.37 -53.02 -13.69
CA GLN U 366 -47.49 -52.08 -13.81
C GLN U 366 -47.80 -51.37 -12.50
N ASP U 367 -47.79 -52.08 -11.37
CA ASP U 367 -48.12 -51.49 -10.07
C ASP U 367 -47.12 -50.39 -9.70
N GLU U 368 -45.81 -50.62 -9.83
CA GLU U 368 -44.83 -49.58 -9.54
C GLU U 368 -44.66 -48.52 -10.65
N ILE U 369 -44.86 -48.84 -11.93
CA ILE U 369 -44.84 -47.81 -13.00
C ILE U 369 -46.12 -46.95 -12.97
N GLN U 370 -47.21 -47.44 -12.38
CA GLN U 370 -48.41 -46.67 -12.10
C GLN U 370 -48.34 -45.91 -10.77
N ASN U 371 -47.74 -46.48 -9.71
CA ASN U 371 -47.42 -45.75 -8.48
C ASN U 371 -46.52 -44.55 -8.80
N MET U 372 -45.50 -44.76 -9.64
CA MET U 372 -44.69 -43.71 -10.27
C MET U 372 -45.55 -42.72 -11.05
N LYS U 373 -46.33 -43.17 -12.05
CA LYS U 373 -47.05 -42.23 -12.94
C LYS U 373 -48.06 -41.37 -12.19
N GLU U 374 -48.72 -41.93 -11.18
CA GLU U 374 -49.65 -41.22 -10.32
C GLU U 374 -48.96 -40.34 -9.28
N GLU U 375 -47.95 -40.84 -8.55
CA GLU U 375 -47.17 -40.06 -7.59
C GLU U 375 -46.46 -38.88 -8.26
N MET U 376 -45.88 -39.05 -9.45
CA MET U 376 -45.07 -38.01 -10.08
C MET U 376 -45.93 -36.88 -10.66
N ALA U 377 -47.09 -37.23 -11.23
CA ALA U 377 -48.12 -36.25 -11.59
C ALA U 377 -48.79 -35.59 -10.36
N ARG U 378 -48.61 -36.16 -9.15
CA ARG U 378 -48.94 -35.54 -7.86
C ARG U 378 -47.79 -34.70 -7.28
N HIS U 379 -46.53 -35.15 -7.28
CA HIS U 379 -45.36 -34.44 -6.73
C HIS U 379 -45.10 -33.09 -7.40
N LEU U 380 -45.23 -33.02 -8.72
CA LEU U 380 -45.17 -31.72 -9.44
C LEU U 380 -46.27 -30.75 -9.01
N ARG U 381 -47.47 -31.28 -8.75
CA ARG U 381 -48.63 -30.53 -8.28
C ARG U 381 -48.57 -30.21 -6.79
N GLU U 382 -47.88 -31.02 -6.01
CA GLU U 382 -47.66 -30.92 -4.57
C GLU U 382 -46.57 -29.89 -4.23
N TYR U 383 -45.46 -29.90 -4.99
CA TYR U 383 -44.54 -28.76 -5.06
C TYR U 383 -45.26 -27.52 -5.59
N GLN U 384 -46.05 -27.61 -6.68
CA GLN U 384 -46.84 -26.47 -7.14
C GLN U 384 -47.81 -25.93 -6.09
N ASP U 385 -48.39 -26.77 -5.20
CA ASP U 385 -49.35 -26.33 -4.19
C ASP U 385 -48.70 -25.82 -2.89
N LEU U 386 -47.50 -26.30 -2.52
CA LEU U 386 -46.63 -25.62 -1.54
C LEU U 386 -46.22 -24.22 -2.05
N LEU U 387 -45.99 -24.12 -3.36
CA LEU U 387 -45.68 -22.86 -4.06
C LEU U 387 -46.94 -22.01 -4.37
N ASN U 388 -48.13 -22.59 -4.27
CA ASN U 388 -49.44 -21.93 -4.32
C ASN U 388 -49.83 -21.37 -2.95
N VAL U 389 -49.50 -22.06 -1.86
CA VAL U 389 -49.52 -21.53 -0.49
C VAL U 389 -48.55 -20.36 -0.34
N LYS U 390 -47.31 -20.49 -0.86
CA LYS U 390 -46.36 -19.37 -0.95
C LYS U 390 -46.89 -18.20 -1.80
N MET U 391 -47.56 -18.46 -2.92
CA MET U 391 -48.19 -17.42 -3.74
C MET U 391 -49.36 -16.72 -3.05
N ALA U 392 -50.22 -17.45 -2.33
CA ALA U 392 -51.34 -16.92 -1.58
C ALA U 392 -50.87 -16.05 -0.41
N LEU U 393 -49.84 -16.52 0.30
CA LEU U 393 -49.09 -15.74 1.28
C LEU U 393 -48.48 -14.48 0.65
N ASP U 394 -47.92 -14.52 -0.56
CA ASP U 394 -47.42 -13.31 -1.22
C ASP U 394 -48.51 -12.26 -1.48
N ILE U 395 -49.74 -12.64 -1.87
CA ILE U 395 -50.86 -11.71 -2.06
C ILE U 395 -51.38 -11.15 -0.72
N GLU U 396 -51.53 -12.02 0.29
CA GLU U 396 -52.00 -11.63 1.63
C GLU U 396 -50.99 -10.72 2.34
N ILE U 397 -49.70 -11.05 2.21
CA ILE U 397 -48.58 -10.23 2.66
C ILE U 397 -48.57 -8.91 1.87
N ALA U 398 -48.98 -8.82 0.59
CA ALA U 398 -49.17 -7.52 -0.07
C ALA U 398 -50.28 -6.67 0.53
N THR U 399 -51.43 -7.28 0.80
CA THR U 399 -52.60 -6.60 1.34
C THR U 399 -52.33 -6.06 2.74
N TYR U 400 -51.53 -6.79 3.52
CA TYR U 400 -50.97 -6.35 4.80
C TYR U 400 -49.88 -5.28 4.65
N ARG U 401 -48.90 -5.50 3.77
CA ARG U 401 -47.72 -4.64 3.54
C ARG U 401 -48.09 -3.25 3.06
N LYS U 402 -49.01 -3.14 2.09
CA LYS U 402 -49.50 -1.84 1.59
C LYS U 402 -50.29 -1.04 2.63
N LEU U 403 -50.61 -1.60 3.79
CA LEU U 403 -51.27 -0.90 4.91
C LEU U 403 -50.37 -0.70 6.14
N LEU U 404 -49.67 -1.73 6.63
CA LEU U 404 -48.82 -1.60 7.83
C LEU U 404 -47.45 -1.01 7.49
N GLU U 405 -46.67 -1.71 6.67
CA GLU U 405 -45.45 -1.14 6.07
C GLU U 405 -45.80 0.01 5.10
N GLY U 406 -47.08 0.13 4.72
CA GLY U 406 -47.67 1.22 3.98
C GLY U 406 -48.28 2.34 4.83
N GLU U 407 -48.12 2.32 6.16
CA GLU U 407 -48.15 3.48 7.08
C GLU U 407 -46.79 3.79 7.68
N GLU U 408 -45.96 2.75 7.89
CA GLU U 408 -44.51 2.92 7.85
C GLU U 408 -44.11 3.65 6.56
N SER U 409 -44.88 3.58 5.45
CA SER U 409 -44.84 4.48 4.27
C SER U 409 -44.49 5.93 4.51
N ARG U 410 -45.06 6.56 5.54
CA ARG U 410 -44.79 7.98 5.81
C ARG U 410 -43.48 8.17 6.63
N ILE U 411 -42.66 7.11 6.49
CA ILE U 411 -41.31 6.72 6.91
C ILE U 411 -40.67 5.68 5.89
N SER U 412 -41.42 5.10 4.90
CA SER U 412 -41.19 3.75 4.27
C SER U 412 -41.93 3.47 2.88
N LEU U 413 -42.79 2.40 2.58
CA LEU U 413 -43.86 2.12 1.48
C LEU U 413 -44.28 0.58 1.14
N PRO U 414 -44.55 -0.06 -0.09
CA PRO U 414 -45.48 -1.27 -0.26
C PRO U 414 -45.03 -2.71 -0.78
N LEU U 415 -45.06 -3.01 -2.11
CA LEU U 415 -45.58 -4.26 -2.83
C LEU U 415 -44.85 -5.64 -2.67
N PRO U 416 -45.58 -6.66 -2.17
CA PRO U 416 -45.58 -8.05 -2.70
C PRO U 416 -46.38 -8.33 -3.98
N ASN U 417 -45.96 -9.35 -4.75
CA ASN U 417 -46.57 -9.70 -6.05
C ASN U 417 -47.43 -10.99 -6.03
N PHE U 418 -46.88 -12.10 -6.55
CA PHE U 418 -47.57 -13.31 -7.04
C PHE U 418 -46.51 -14.33 -7.54
N SER U 419 -46.97 -15.58 -7.71
CA SER U 419 -46.23 -16.79 -8.14
C SER U 419 -45.23 -17.34 -7.11
N SER U 420 -45.13 -18.67 -7.13
CA SER U 420 -43.85 -19.41 -7.24
C SER U 420 -44.04 -20.76 -7.98
N LEU U 421 -45.08 -20.86 -8.79
CA LEU U 421 -45.66 -22.12 -9.29
C LEU U 421 -44.68 -22.95 -10.15
N ASN U 422 -44.46 -24.20 -9.73
CA ASN U 422 -43.56 -25.13 -10.43
C ASN U 422 -44.14 -26.55 -10.57
N LEU U 423 -45.22 -26.65 -11.35
CA LEU U 423 -45.49 -27.83 -12.18
C LEU U 423 -44.83 -27.59 -13.54
N ARG U 424 -43.95 -28.49 -13.98
CA ARG U 424 -43.29 -28.56 -15.30
C ARG U 424 -43.25 -30.03 -15.73
N GLU U 425 -42.73 -30.30 -16.92
CA GLU U 425 -42.60 -31.64 -17.47
C GLU U 425 -41.72 -32.58 -16.61
N THR U 426 -42.07 -33.86 -16.64
CA THR U 426 -41.28 -34.97 -16.05
C THR U 426 -41.02 -36.10 -17.04
N ASN U 427 -40.94 -35.77 -18.33
CA ASN U 427 -41.10 -36.71 -19.43
C ASN U 427 -42.53 -37.33 -19.46
N LEU U 428 -43.55 -36.49 -19.23
CA LEU U 428 -44.95 -36.80 -19.53
C LEU U 428 -45.47 -36.03 -20.75
N ASP U 429 -44.80 -34.92 -21.07
CA ASP U 429 -45.09 -33.99 -22.15
C ASP U 429 -44.21 -34.29 -23.39
N SER U 430 -42.92 -34.56 -23.14
CA SER U 430 -42.09 -35.40 -24.01
C SER U 430 -42.23 -36.86 -23.56
N LEU U 431 -42.59 -37.77 -24.48
CA LEU U 431 -42.79 -39.19 -24.22
C LEU U 431 -42.09 -40.04 -25.29
N PRO U 432 -41.61 -41.25 -24.95
CA PRO U 432 -41.43 -42.31 -25.92
C PRO U 432 -42.81 -42.77 -26.42
N LEU U 433 -42.97 -42.85 -27.74
CA LEU U 433 -43.81 -43.89 -28.32
C LEU U 433 -42.97 -45.16 -28.47
N VAL U 434 -43.55 -46.31 -28.11
CA VAL U 434 -43.01 -47.64 -28.36
C VAL U 434 -44.17 -48.64 -28.26
N ASP U 435 -44.26 -49.55 -29.22
CA ASP U 435 -45.25 -50.61 -29.26
C ASP U 435 -44.64 -51.91 -29.82
N THR U 436 -45.10 -53.05 -29.32
CA THR U 436 -44.64 -54.40 -29.66
C THR U 436 -45.67 -55.42 -29.11
N HIS U 437 -45.30 -56.72 -29.04
CA HIS U 437 -46.12 -57.82 -28.48
C HIS U 437 -47.43 -58.03 -29.24
N SER U 438 -47.28 -58.48 -30.48
CA SER U 438 -48.36 -58.81 -31.41
C SER U 438 -48.91 -60.23 -31.28
N LYS U 439 -48.26 -61.09 -30.48
CA LYS U 439 -48.47 -62.55 -30.34
C LYS U 439 -47.72 -63.37 -31.39
N ARG U 440 -46.52 -63.80 -31.02
CA ARG U 440 -45.71 -64.80 -31.70
C ARG U 440 -46.23 -66.21 -31.37
N THR U 441 -47.38 -66.51 -31.96
CA THR U 441 -48.02 -67.84 -31.96
C THR U 441 -47.17 -68.93 -32.62
N LEU U 442 -46.20 -69.49 -31.88
CA LEU U 442 -45.42 -70.68 -32.26
C LEU U 442 -46.26 -71.96 -32.10
N LEU U 443 -47.20 -72.14 -33.04
CA LEU U 443 -47.97 -73.36 -33.23
C LEU U 443 -47.12 -74.44 -33.93
N ILE U 444 -46.13 -75.00 -33.24
CA ILE U 444 -45.24 -76.05 -33.75
C ILE U 444 -46.05 -77.34 -33.98
N LYS U 445 -45.98 -77.91 -35.18
CA LYS U 445 -46.76 -79.11 -35.54
C LYS U 445 -45.96 -80.00 -36.50
N THR U 446 -45.38 -81.07 -35.97
CA THR U 446 -44.98 -82.27 -36.74
C THR U 446 -46.21 -83.18 -36.97
N VAL U 447 -46.10 -84.53 -36.96
CA VAL U 447 -46.52 -85.40 -38.11
C VAL U 447 -45.60 -85.11 -39.30
N GLU U 448 -44.96 -86.03 -40.02
CA GLU U 448 -44.63 -87.44 -39.80
C GLU U 448 -45.74 -88.51 -39.94
N THR U 449 -46.37 -88.58 -41.12
CA THR U 449 -46.77 -89.88 -41.70
C THR U 449 -45.51 -90.63 -42.14
N ARG U 450 -45.40 -91.91 -41.79
CA ARG U 450 -44.30 -92.80 -42.19
C ARG U 450 -44.85 -93.97 -42.98
N ASP U 451 -44.23 -94.30 -44.12
CA ASP U 451 -44.53 -95.50 -44.92
C ASP U 451 -46.03 -95.62 -45.35
N GLY U 452 -46.80 -94.53 -45.23
CA GLY U 452 -48.26 -94.46 -45.45
C GLY U 452 -49.13 -94.68 -44.21
N GLN U 453 -48.53 -94.78 -43.01
CA GLN U 453 -49.18 -94.95 -41.71
C GLN U 453 -48.83 -93.78 -40.77
N VAL U 454 -49.79 -93.30 -39.98
CA VAL U 454 -49.50 -92.36 -38.87
C VAL U 454 -48.76 -93.13 -37.77
N ILE U 455 -47.59 -92.62 -37.37
CA ILE U 455 -46.75 -93.17 -36.28
C ILE U 455 -46.61 -92.15 -35.12
N ASN U 456 -47.12 -90.92 -35.31
CA ASN U 456 -47.35 -89.90 -34.28
C ASN U 456 -48.24 -88.78 -34.87
N GLU U 457 -49.08 -88.16 -34.05
CA GLU U 457 -49.83 -86.95 -34.41
C GLU U 457 -49.67 -85.81 -33.40
N THR U 458 -48.65 -84.97 -33.59
CA THR U 458 -48.43 -83.76 -32.77
C THR U 458 -49.31 -82.59 -33.23
N SER U 459 -49.74 -81.73 -32.31
CA SER U 459 -50.23 -80.39 -32.61
C SER U 459 -50.04 -79.43 -31.42
N GLN U 460 -48.83 -78.91 -31.25
CA GLN U 460 -48.47 -78.04 -30.14
C GLN U 460 -48.96 -76.59 -30.33
N HIS U 461 -49.28 -75.89 -29.23
CA HIS U 461 -49.78 -74.49 -29.22
C HIS U 461 -49.07 -73.60 -28.17
N HIS U 462 -47.89 -73.07 -28.50
CA HIS U 462 -47.30 -71.95 -27.73
C HIS U 462 -47.75 -70.61 -28.34
N ASP U 463 -48.13 -69.64 -27.50
CA ASP U 463 -48.08 -68.22 -27.85
C ASP U 463 -46.95 -67.52 -27.09
N ASP U 464 -45.97 -67.01 -27.82
CA ASP U 464 -44.88 -66.19 -27.29
C ASP U 464 -45.35 -64.73 -27.32
N LEU U 465 -45.37 -64.02 -26.19
CA LEU U 465 -45.81 -62.62 -26.18
C LEU U 465 -44.70 -61.68 -26.70
N GLU U 466 -44.32 -61.89 -27.96
CA GLU U 466 -43.53 -61.07 -28.90
C GLU U 466 -44.30 -60.87 -30.23
N ASP V 331 -33.77 -124.70 -98.47
CA ASP V 331 -34.82 -123.68 -98.35
C ASP V 331 -34.88 -123.02 -96.96
N ALA V 332 -34.61 -123.79 -95.90
CA ALA V 332 -34.44 -123.27 -94.54
C ALA V 332 -33.12 -122.49 -94.36
N LEU V 333 -32.02 -122.90 -94.97
CA LEU V 333 -30.81 -122.07 -95.07
C LEU V 333 -31.04 -120.79 -95.89
N LYS V 334 -32.01 -120.79 -96.82
CA LYS V 334 -32.32 -119.64 -97.70
C LYS V 334 -33.21 -118.61 -97.01
N GLY V 335 -34.20 -119.08 -96.25
CA GLY V 335 -34.93 -118.29 -95.27
C GLY V 335 -34.08 -117.86 -94.06
N THR V 336 -33.01 -118.62 -93.74
CA THR V 336 -32.00 -118.20 -92.75
C THR V 336 -31.09 -117.12 -93.29
N ASN V 337 -30.64 -117.19 -94.54
CA ASN V 337 -29.75 -116.20 -95.14
C ASN V 337 -30.44 -114.85 -95.41
N GLU V 338 -31.70 -114.82 -95.87
CA GLU V 338 -32.47 -113.56 -95.92
C GLU V 338 -32.68 -112.97 -94.52
N SER V 339 -32.88 -113.82 -93.51
CA SER V 339 -33.09 -113.39 -92.12
C SER V 339 -31.77 -113.06 -91.39
N LEU V 340 -30.63 -113.53 -91.90
CA LEU V 340 -29.29 -113.13 -91.46
C LEU V 340 -28.90 -111.79 -92.06
N GLU V 341 -29.30 -111.50 -93.30
CA GLU V 341 -29.20 -110.15 -93.85
C GLU V 341 -30.13 -109.16 -93.12
N ARG V 342 -31.27 -109.62 -92.57
CA ARG V 342 -32.08 -108.82 -91.62
C ARG V 342 -31.38 -108.59 -90.27
N GLN V 343 -30.62 -109.55 -89.77
CA GLN V 343 -29.72 -109.29 -88.64
C GLN V 343 -28.57 -108.33 -89.00
N MET V 344 -28.07 -108.33 -90.24
CA MET V 344 -27.08 -107.36 -90.71
C MET V 344 -27.65 -105.96 -90.96
N ARG V 345 -28.92 -105.83 -91.37
CA ARG V 345 -29.63 -104.53 -91.42
C ARG V 345 -29.83 -103.98 -90.01
N GLU V 346 -30.23 -104.84 -89.08
CA GLU V 346 -30.44 -104.44 -87.70
C GLU V 346 -29.10 -104.18 -87.00
N MET V 347 -27.99 -104.78 -87.46
CA MET V 347 -26.63 -104.35 -87.13
C MET V 347 -26.20 -103.03 -87.79
N GLU V 348 -26.64 -102.72 -89.01
CA GLU V 348 -26.38 -101.42 -89.64
C GLU V 348 -27.01 -100.26 -88.85
N GLU V 349 -28.25 -100.46 -88.40
CA GLU V 349 -28.94 -99.56 -87.48
C GLU V 349 -28.24 -99.51 -86.10
N ASN V 350 -27.74 -100.63 -85.56
CA ASN V 350 -27.01 -100.64 -84.29
C ASN V 350 -25.66 -99.88 -84.35
N PHE V 351 -24.83 -100.08 -85.38
CA PHE V 351 -23.59 -99.29 -85.54
C PHE V 351 -23.87 -97.81 -85.83
N ALA V 352 -25.00 -97.53 -86.49
CA ALA V 352 -25.43 -96.18 -86.79
C ALA V 352 -25.94 -95.40 -85.56
N VAL V 353 -26.83 -96.00 -84.77
CA VAL V 353 -27.30 -95.42 -83.50
C VAL V 353 -26.17 -95.36 -82.47
N GLU V 354 -25.25 -96.34 -82.45
CA GLU V 354 -24.01 -96.26 -81.66
C GLU V 354 -23.17 -95.04 -82.04
N ALA V 355 -22.95 -94.79 -83.33
CA ALA V 355 -22.14 -93.66 -83.76
C ALA V 355 -22.84 -92.31 -83.57
N ALA V 356 -24.09 -92.19 -84.04
CA ALA V 356 -24.80 -90.91 -84.17
C ALA V 356 -25.61 -90.53 -82.91
N ASN V 357 -26.39 -91.45 -82.34
CA ASN V 357 -27.21 -91.18 -81.15
C ASN V 357 -26.36 -90.99 -79.87
N TYR V 358 -25.20 -91.65 -79.79
CA TYR V 358 -24.20 -91.31 -78.76
C TYR V 358 -23.69 -89.86 -78.89
N GLN V 359 -23.45 -89.38 -80.12
CA GLN V 359 -23.09 -87.98 -80.34
C GLN V 359 -24.30 -87.01 -80.28
N ASP V 360 -25.55 -87.47 -80.37
CA ASP V 360 -26.72 -86.69 -79.94
C ASP V 360 -26.73 -86.47 -78.42
N THR V 361 -26.30 -87.49 -77.67
CA THR V 361 -26.14 -87.39 -76.22
C THR V 361 -24.95 -86.50 -75.84
N ILE V 362 -23.87 -86.52 -76.63
CA ILE V 362 -22.82 -85.50 -76.54
C ILE V 362 -23.34 -84.11 -76.95
N GLY V 363 -24.25 -84.01 -77.91
CA GLY V 363 -24.91 -82.76 -78.33
C GLY V 363 -25.76 -82.14 -77.23
N ARG V 364 -26.64 -82.92 -76.60
CA ARG V 364 -27.43 -82.46 -75.44
C ARG V 364 -26.55 -82.15 -74.21
N LEU V 365 -25.37 -82.77 -74.09
CA LEU V 365 -24.36 -82.37 -73.12
C LEU V 365 -23.56 -81.11 -73.54
N GLN V 366 -23.37 -80.85 -74.84
CA GLN V 366 -22.82 -79.59 -75.35
C GLN V 366 -23.80 -78.43 -75.15
N ASP V 367 -25.11 -78.65 -75.19
CA ASP V 367 -26.12 -77.68 -74.76
C ASP V 367 -25.91 -77.30 -73.28
N GLU V 368 -25.96 -78.28 -72.38
CA GLU V 368 -25.78 -78.04 -70.94
C GLU V 368 -24.39 -77.45 -70.60
N ILE V 369 -23.32 -77.92 -71.24
CA ILE V 369 -21.93 -77.46 -70.99
C ILE V 369 -21.68 -76.08 -71.59
N GLN V 370 -22.12 -75.81 -72.81
CA GLN V 370 -21.88 -74.52 -73.46
C GLN V 370 -22.85 -73.43 -72.95
N ASN V 371 -24.02 -73.80 -72.43
CA ASN V 371 -24.86 -72.93 -71.60
C ASN V 371 -24.18 -72.61 -70.24
N MET V 372 -23.52 -73.58 -69.58
CA MET V 372 -22.70 -73.28 -68.39
C MET V 372 -21.46 -72.42 -68.71
N LYS V 373 -20.93 -72.49 -69.94
CA LYS V 373 -19.80 -71.65 -70.39
C LYS V 373 -20.25 -70.27 -70.91
N GLU V 374 -21.47 -70.14 -71.40
CA GLU V 374 -22.16 -68.87 -71.57
C GLU V 374 -22.27 -68.16 -70.23
N GLU V 375 -22.80 -68.83 -69.20
CA GLU V 375 -23.05 -68.13 -67.94
C GLU V 375 -21.74 -67.82 -67.17
N MET V 376 -20.71 -68.65 -67.36
CA MET V 376 -19.33 -68.30 -66.98
C MET V 376 -18.77 -67.11 -67.77
N ALA V 377 -18.93 -67.10 -69.10
CA ALA V 377 -18.54 -65.99 -69.96
C ALA V 377 -19.33 -64.70 -69.67
N ARG V 378 -20.58 -64.79 -69.21
CA ARG V 378 -21.41 -63.69 -68.74
C ARG V 378 -20.96 -63.17 -67.38
N HIS V 379 -20.68 -64.07 -66.44
CA HIS V 379 -20.07 -63.73 -65.16
C HIS V 379 -18.66 -63.12 -65.28
N LEU V 380 -17.88 -63.44 -66.33
CA LEU V 380 -16.63 -62.71 -66.64
C LEU V 380 -16.90 -61.23 -66.98
N ARG V 381 -17.90 -60.96 -67.83
CA ARG V 381 -18.23 -59.59 -68.24
C ARG V 381 -18.95 -58.85 -67.12
N GLU V 382 -19.81 -59.50 -66.35
CA GLU V 382 -20.53 -58.92 -65.19
C GLU V 382 -19.61 -58.66 -64.00
N TYR V 383 -18.58 -59.48 -63.75
CA TYR V 383 -17.55 -59.14 -62.78
C TYR V 383 -16.68 -57.95 -63.24
N GLN V 384 -16.42 -57.85 -64.55
CA GLN V 384 -15.79 -56.67 -65.12
C GLN V 384 -16.73 -55.43 -65.18
N ASP V 385 -18.06 -55.59 -65.22
CA ASP V 385 -19.04 -54.50 -64.95
C ASP V 385 -18.95 -54.02 -63.50
N LEU V 386 -18.80 -54.93 -62.52
CA LEU V 386 -18.56 -54.56 -61.12
C LEU V 386 -17.19 -53.88 -60.91
N LEU V 387 -16.15 -54.29 -61.65
CA LEU V 387 -14.91 -53.55 -61.72
C LEU V 387 -15.07 -52.21 -62.44
N ASN V 388 -15.95 -52.07 -63.43
CA ASN V 388 -16.27 -50.77 -64.05
C ASN V 388 -17.06 -49.86 -63.11
N VAL V 389 -17.92 -50.39 -62.23
CA VAL V 389 -18.54 -49.63 -61.11
C VAL V 389 -17.49 -49.20 -60.09
N LYS V 390 -16.52 -50.05 -59.74
CA LYS V 390 -15.39 -49.63 -58.89
C LYS V 390 -14.56 -48.53 -59.57
N MET V 391 -14.12 -48.76 -60.80
CA MET V 391 -13.24 -47.87 -61.55
C MET V 391 -13.92 -46.54 -61.89
N ALA V 392 -15.24 -46.56 -62.07
CA ALA V 392 -16.11 -45.39 -62.12
C ALA V 392 -16.08 -44.58 -60.82
N LEU V 393 -16.25 -45.25 -59.68
CA LEU V 393 -16.12 -44.59 -58.37
C LEU V 393 -14.68 -44.10 -58.11
N ASP V 394 -13.65 -44.81 -58.56
CA ASP V 394 -12.25 -44.33 -58.49
C ASP V 394 -12.06 -43.00 -59.26
N ILE V 395 -12.52 -42.92 -60.53
CA ILE V 395 -12.43 -41.69 -61.33
C ILE V 395 -13.43 -40.62 -60.90
N GLU V 396 -14.63 -40.95 -60.42
CA GLU V 396 -15.62 -39.98 -59.90
C GLU V 396 -15.17 -39.39 -58.56
N ILE V 397 -14.50 -40.17 -57.71
CA ILE V 397 -13.77 -39.66 -56.55
C ILE V 397 -12.63 -38.75 -57.02
N ALA V 398 -11.87 -39.15 -58.04
CA ALA V 398 -10.78 -38.34 -58.58
C ALA V 398 -11.25 -37.02 -59.18
N THR V 399 -12.42 -37.00 -59.81
CA THR V 399 -12.94 -35.85 -60.56
C THR V 399 -13.86 -34.98 -59.73
N TYR V 400 -14.44 -35.54 -58.66
CA TYR V 400 -14.84 -34.76 -57.49
C TYR V 400 -13.62 -34.12 -56.80
N ARG V 401 -12.43 -34.74 -56.81
CA ARG V 401 -11.19 -34.01 -56.43
C ARG V 401 -10.79 -32.91 -57.42
N LYS V 402 -11.07 -33.06 -58.72
CA LYS V 402 -10.93 -31.98 -59.71
C LYS V 402 -12.03 -30.91 -59.63
N LEU V 403 -13.16 -31.18 -58.95
CA LEU V 403 -14.08 -30.15 -58.46
C LEU V 403 -13.48 -29.48 -57.23
N LEU V 404 -12.91 -30.26 -56.31
CA LEU V 404 -12.54 -29.78 -54.99
C LEU V 404 -11.31 -28.86 -54.95
N GLU V 405 -10.38 -28.81 -55.92
CA GLU V 405 -9.43 -27.66 -56.00
C GLU V 405 -10.17 -26.34 -56.26
N GLY V 406 -11.19 -26.41 -57.11
CA GLY V 406 -12.04 -25.28 -57.37
C GLY V 406 -13.06 -25.01 -56.27
N GLU V 407 -13.44 -25.99 -55.44
CA GLU V 407 -14.25 -25.77 -54.23
C GLU V 407 -13.42 -25.36 -52.99
N GLU V 408 -12.12 -25.66 -52.96
CA GLU V 408 -11.12 -25.08 -52.06
C GLU V 408 -10.89 -23.61 -52.42
N SER V 409 -10.81 -23.34 -53.71
CA SER V 409 -10.92 -21.98 -54.21
C SER V 409 -12.31 -21.39 -53.91
N ARG V 410 -13.40 -22.17 -53.96
CA ARG V 410 -14.77 -21.65 -53.80
C ARG V 410 -15.21 -21.27 -52.41
N ILE V 411 -14.48 -21.49 -51.32
CA ILE V 411 -14.68 -20.71 -50.07
C ILE V 411 -13.36 -20.54 -49.25
N SER V 412 -12.17 -20.80 -49.82
CA SER V 412 -10.86 -20.91 -49.12
C SER V 412 -10.65 -22.20 -48.24
N LEU V 413 -10.98 -23.40 -48.80
CA LEU V 413 -11.87 -24.38 -48.15
C LEU V 413 -11.50 -25.86 -48.55
N PRO V 414 -12.36 -26.80 -49.06
CA PRO V 414 -11.96 -28.21 -49.31
C PRO V 414 -10.77 -28.50 -50.25
N LEU V 415 -9.57 -28.56 -49.67
CA LEU V 415 -8.31 -28.96 -50.29
C LEU V 415 -8.28 -30.22 -51.20
N PRO V 416 -8.96 -31.37 -50.91
CA PRO V 416 -8.59 -32.65 -51.55
C PRO V 416 -8.71 -32.66 -53.08
N ASN V 417 -7.59 -32.45 -53.77
CA ASN V 417 -7.57 -32.07 -55.19
C ASN V 417 -6.91 -33.09 -56.15
N PHE V 418 -7.40 -33.09 -57.40
CA PHE V 418 -7.02 -33.86 -58.61
C PHE V 418 -6.83 -35.40 -58.53
N SER V 419 -6.80 -36.02 -57.36
CA SER V 419 -6.08 -37.27 -57.14
C SER V 419 -6.96 -38.42 -56.62
N SER V 420 -7.31 -39.31 -57.55
CA SER V 420 -7.65 -40.73 -57.36
C SER V 420 -7.66 -41.46 -58.72
N LEU V 421 -6.88 -40.95 -59.69
CA LEU V 421 -7.13 -41.10 -61.13
C LEU V 421 -7.16 -42.56 -61.57
N ASN V 422 -8.25 -42.95 -62.24
CA ASN V 422 -8.41 -44.28 -62.82
C ASN V 422 -8.33 -44.25 -64.35
N LEU V 423 -7.62 -45.22 -64.89
CA LEU V 423 -7.55 -45.63 -66.28
C LEU V 423 -7.07 -47.09 -66.34
N ARG V 424 -6.90 -47.58 -67.56
CA ARG V 424 -6.43 -48.92 -67.98
C ARG V 424 -7.47 -50.05 -68.00
N GLU V 425 -7.55 -50.90 -69.04
CA GLU V 425 -6.60 -51.39 -70.08
C GLU V 425 -5.62 -52.50 -69.62
N THR V 426 -5.74 -53.68 -70.22
CA THR V 426 -4.82 -54.82 -70.01
C THR V 426 -3.44 -54.65 -70.67
N ASN V 427 -3.29 -53.71 -71.61
CA ASN V 427 -2.00 -53.20 -72.12
C ASN V 427 -1.12 -54.30 -72.77
N LEU V 428 0.09 -54.55 -72.25
CA LEU V 428 1.18 -55.24 -72.95
C LEU V 428 0.85 -56.71 -73.26
N ASP V 429 0.99 -57.09 -74.53
CA ASP V 429 0.81 -58.48 -75.03
C ASP V 429 -0.55 -59.11 -74.66
N SER V 430 -1.55 -58.25 -74.40
CA SER V 430 -2.74 -58.63 -73.61
C SER V 430 -3.94 -59.12 -74.42
N LEU V 431 -3.85 -59.07 -75.75
CA LEU V 431 -4.43 -60.07 -76.63
C LEU V 431 -3.26 -60.94 -77.13
N PRO V 432 -2.84 -61.98 -76.36
CA PRO V 432 -1.56 -62.64 -76.58
C PRO V 432 -1.57 -63.47 -77.87
N LEU V 433 -0.43 -64.12 -78.15
CA LEU V 433 -0.30 -65.23 -79.11
C LEU V 433 -0.96 -66.53 -78.60
N VAL V 434 -2.28 -66.47 -78.35
CA VAL V 434 -3.13 -67.61 -77.99
C VAL V 434 -3.36 -68.43 -79.25
N ASP V 435 -2.37 -69.25 -79.60
CA ASP V 435 -2.34 -69.97 -80.88
C ASP V 435 -2.20 -71.49 -80.68
N THR V 436 -3.24 -72.28 -80.38
CA THR V 436 -4.63 -72.00 -79.93
C THR V 436 -5.53 -71.13 -80.84
N HIS V 437 -5.59 -71.28 -82.17
CA HIS V 437 -5.22 -72.43 -83.01
C HIS V 437 -5.51 -73.79 -82.38
N SER V 438 -6.73 -73.90 -81.87
CA SER V 438 -7.22 -75.08 -81.13
C SER V 438 -7.53 -76.24 -82.09
N LYS V 439 -7.93 -77.38 -81.54
CA LYS V 439 -8.07 -78.67 -82.23
C LYS V 439 -9.22 -78.66 -83.24
N ARG V 440 -8.94 -78.10 -84.41
CA ARG V 440 -9.75 -78.17 -85.63
C ARG V 440 -9.52 -79.50 -86.36
N THR V 441 -9.81 -80.61 -85.69
CA THR V 441 -9.57 -81.96 -86.20
C THR V 441 -10.58 -82.35 -87.29
N LEU V 442 -10.24 -82.15 -88.56
CA LEU V 442 -10.98 -82.78 -89.66
C LEU V 442 -10.73 -84.30 -89.64
N LEU V 443 -11.65 -85.05 -89.03
CA LEU V 443 -11.65 -86.51 -89.03
C LEU V 443 -12.42 -87.02 -90.25
N ILE V 444 -11.70 -87.29 -91.34
CA ILE V 444 -12.25 -88.02 -92.49
C ILE V 444 -12.22 -89.52 -92.14
N LYS V 445 -13.37 -90.19 -91.97
CA LYS V 445 -13.45 -91.66 -91.89
C LYS V 445 -13.45 -92.25 -93.30
N THR V 446 -12.28 -92.26 -93.95
CA THR V 446 -12.13 -92.85 -95.28
C THR V 446 -12.19 -94.38 -95.19
N VAL V 447 -13.40 -94.95 -95.25
CA VAL V 447 -13.60 -96.41 -95.34
C VAL V 447 -13.58 -96.82 -96.82
N GLU V 448 -12.43 -97.35 -97.24
CA GLU V 448 -12.19 -97.78 -98.62
C GLU V 448 -12.84 -99.15 -98.88
N THR V 449 -14.14 -99.14 -99.13
CA THR V 449 -15.02 -100.31 -99.30
C THR V 449 -14.69 -101.11 -100.56
N ARG V 450 -13.61 -101.87 -100.51
CA ARG V 450 -13.55 -103.26 -101.00
C ARG V 450 -13.73 -104.17 -99.78
N ASP V 451 -14.95 -104.14 -99.25
CA ASP V 451 -15.34 -104.80 -98.01
C ASP V 451 -14.61 -104.26 -96.75
N GLY V 452 -14.82 -104.92 -95.60
CA GLY V 452 -14.91 -104.27 -94.29
C GLY V 452 -13.87 -104.78 -93.31
N GLN V 453 -13.87 -106.10 -93.04
CA GLN V 453 -12.74 -106.77 -92.38
C GLN V 453 -11.47 -106.85 -93.26
N VAL V 454 -11.49 -106.33 -94.50
CA VAL V 454 -10.33 -106.22 -95.40
C VAL V 454 -10.08 -104.78 -95.95
N ILE V 455 -9.75 -103.77 -95.15
CA ILE V 455 -9.67 -103.59 -93.67
C ILE V 455 -9.67 -102.08 -93.30
N ASN V 456 -9.95 -101.22 -94.29
CA ASN V 456 -9.40 -99.86 -94.36
C ASN V 456 -10.25 -98.81 -93.63
N GLU V 457 -10.33 -98.90 -92.30
CA GLU V 457 -10.86 -97.84 -91.44
C GLU V 457 -9.92 -96.62 -91.31
N THR V 458 -9.63 -95.91 -92.40
CA THR V 458 -8.73 -94.75 -92.36
C THR V 458 -9.42 -93.52 -91.76
N SER V 459 -9.49 -93.47 -90.42
CA SER V 459 -9.81 -92.28 -89.62
C SER V 459 -8.66 -91.26 -89.66
N GLN V 460 -8.50 -90.57 -90.79
CA GLN V 460 -7.53 -89.50 -90.97
C GLN V 460 -7.88 -88.33 -90.03
N HIS V 461 -7.21 -88.26 -88.88
CA HIS V 461 -7.29 -87.11 -87.96
C HIS V 461 -6.41 -85.97 -88.50
N HIS V 462 -6.92 -85.12 -89.38
CA HIS V 462 -6.25 -83.84 -89.70
C HIS V 462 -6.51 -82.85 -88.56
N ASP V 463 -5.81 -83.04 -87.44
CA ASP V 463 -5.64 -82.05 -86.36
C ASP V 463 -5.02 -80.77 -86.93
N ASP V 464 -5.88 -79.85 -87.39
CA ASP V 464 -5.46 -78.55 -87.90
C ASP V 464 -5.38 -77.52 -86.77
N LEU V 465 -4.46 -76.57 -86.92
CA LEU V 465 -4.19 -75.50 -85.96
C LEU V 465 -4.48 -74.15 -86.66
N GLU V 466 -5.77 -73.85 -86.83
CA GLU V 466 -6.35 -72.71 -87.60
C GLU V 466 -6.08 -71.31 -86.99
N LEU W 326 -32.47 -121.60 -103.88
CA LEU W 326 -31.37 -120.61 -104.00
C LEU W 326 -31.75 -119.38 -104.84
N THR W 327 -32.65 -119.49 -105.81
CA THR W 327 -33.15 -118.33 -106.56
C THR W 327 -34.05 -117.45 -105.67
N CYS W 328 -34.85 -118.07 -104.81
CA CYS W 328 -35.64 -117.36 -103.80
C CYS W 328 -34.76 -116.69 -102.74
N GLU W 329 -33.62 -117.30 -102.36
CA GLU W 329 -32.59 -116.63 -101.54
C GLU W 329 -32.07 -115.36 -102.22
N VAL W 330 -31.58 -115.48 -103.44
CA VAL W 330 -30.88 -114.39 -104.13
C VAL W 330 -31.78 -113.17 -104.37
N ASP W 331 -33.09 -113.36 -104.47
CA ASP W 331 -34.04 -112.26 -104.60
C ASP W 331 -34.66 -111.78 -103.27
N ALA W 332 -34.71 -112.63 -102.22
CA ALA W 332 -35.03 -112.22 -100.84
C ALA W 332 -33.87 -111.51 -100.11
N LEU W 333 -32.62 -111.85 -100.44
CA LEU W 333 -31.40 -111.12 -100.05
C LEU W 333 -31.41 -109.72 -100.66
N LYS W 334 -31.66 -109.56 -101.96
CA LYS W 334 -31.78 -108.22 -102.60
C LYS W 334 -32.87 -107.33 -102.01
N GLY W 335 -34.05 -107.87 -101.68
CA GLY W 335 -35.10 -107.11 -100.96
C GLY W 335 -34.75 -106.75 -99.51
N THR W 336 -33.71 -107.39 -98.98
CA THR W 336 -33.10 -107.09 -97.68
C THR W 336 -31.83 -106.21 -97.80
N ASN W 337 -31.14 -106.22 -98.95
CA ASN W 337 -30.15 -105.22 -99.37
C ASN W 337 -30.82 -103.84 -99.62
N GLU W 338 -32.02 -103.84 -100.22
CA GLU W 338 -32.97 -102.70 -100.25
C GLU W 338 -33.56 -102.31 -98.87
N SER W 339 -33.40 -103.17 -97.87
CA SER W 339 -33.69 -102.83 -96.47
C SER W 339 -32.47 -102.24 -95.74
N LEU W 340 -31.23 -102.67 -96.04
CA LEU W 340 -30.01 -102.02 -95.55
C LEU W 340 -29.86 -100.58 -96.06
N GLU W 341 -30.30 -100.31 -97.30
CA GLU W 341 -30.47 -98.95 -97.83
C GLU W 341 -31.52 -98.09 -97.08
N ARG W 342 -32.33 -98.67 -96.18
CA ARG W 342 -33.19 -97.95 -95.22
C ARG W 342 -32.55 -97.80 -93.84
N GLN W 343 -31.78 -98.78 -93.38
CA GLN W 343 -31.03 -98.69 -92.12
C GLN W 343 -29.90 -97.64 -92.20
N MET W 344 -29.37 -97.39 -93.41
CA MET W 344 -28.53 -96.20 -93.66
C MET W 344 -29.30 -94.86 -93.68
N ARG W 345 -30.64 -94.88 -93.65
CA ARG W 345 -31.52 -93.71 -93.43
C ARG W 345 -31.99 -93.59 -92.00
N GLU W 346 -32.18 -94.70 -91.28
CA GLU W 346 -32.30 -94.69 -89.83
C GLU W 346 -31.00 -94.19 -89.16
N MET W 347 -29.84 -94.36 -89.81
CA MET W 347 -28.59 -93.65 -89.52
C MET W 347 -28.69 -92.13 -89.71
N GLU W 348 -29.20 -91.69 -90.86
CA GLU W 348 -29.35 -90.27 -91.19
C GLU W 348 -30.44 -89.58 -90.34
N GLU W 349 -31.40 -90.33 -89.80
CA GLU W 349 -32.38 -89.90 -88.78
C GLU W 349 -31.77 -89.85 -87.37
N ASN W 350 -30.91 -90.81 -86.99
CA ASN W 350 -30.12 -90.70 -85.75
C ASN W 350 -29.10 -89.55 -85.81
N PHE W 351 -28.58 -89.21 -86.99
CA PHE W 351 -27.84 -87.97 -87.21
C PHE W 351 -28.75 -86.72 -87.27
N ALA W 352 -30.03 -86.83 -87.65
CA ALA W 352 -31.00 -85.76 -87.49
C ALA W 352 -31.34 -85.50 -86.00
N VAL W 353 -31.27 -86.51 -85.13
CA VAL W 353 -31.34 -86.32 -83.67
C VAL W 353 -30.04 -85.71 -83.11
N GLU W 354 -28.87 -86.04 -83.66
CA GLU W 354 -27.61 -85.34 -83.35
C GLU W 354 -27.66 -83.85 -83.75
N ALA W 355 -28.17 -83.56 -84.94
CA ALA W 355 -28.41 -82.22 -85.44
C ALA W 355 -29.52 -81.46 -84.68
N ALA W 356 -30.51 -82.15 -84.11
CA ALA W 356 -31.55 -81.55 -83.27
C ALA W 356 -31.04 -81.20 -81.87
N ASN W 357 -30.28 -82.10 -81.23
CA ASN W 357 -29.58 -81.78 -79.98
C ASN W 357 -28.44 -80.76 -80.18
N TYR W 358 -27.86 -80.69 -81.38
CA TYR W 358 -26.94 -79.61 -81.79
C TYR W 358 -27.67 -78.31 -82.17
N GLN W 359 -28.92 -78.35 -82.60
CA GLN W 359 -29.75 -77.15 -82.79
C GLN W 359 -30.10 -76.52 -81.44
N ASP W 360 -30.55 -77.31 -80.45
CA ASP W 360 -30.80 -76.80 -79.10
C ASP W 360 -29.50 -76.40 -78.38
N THR W 361 -28.37 -77.06 -78.68
CA THR W 361 -27.02 -76.59 -78.29
C THR W 361 -26.75 -75.18 -78.81
N ILE W 362 -26.79 -75.01 -80.14
CA ILE W 362 -26.43 -73.76 -80.78
C ILE W 362 -27.42 -72.66 -80.40
N GLY W 363 -28.71 -72.93 -80.36
CA GLY W 363 -29.74 -71.96 -79.97
C GLY W 363 -29.59 -71.48 -78.53
N ARG W 364 -29.54 -72.42 -77.57
CA ARG W 364 -29.51 -72.08 -76.14
C ARG W 364 -28.20 -71.43 -75.71
N LEU W 365 -27.06 -71.88 -76.24
CA LEU W 365 -25.79 -71.20 -76.01
C LEU W 365 -25.73 -69.85 -76.73
N GLN W 366 -26.18 -69.75 -77.99
CA GLN W 366 -25.98 -68.53 -78.80
C GLN W 366 -26.87 -67.38 -78.34
N ASP W 367 -28.15 -67.64 -78.03
CA ASP W 367 -29.08 -66.59 -77.63
C ASP W 367 -28.63 -65.92 -76.33
N GLU W 368 -28.25 -66.69 -75.30
CA GLU W 368 -27.76 -66.09 -74.05
C GLU W 368 -26.30 -65.59 -74.10
N ILE W 369 -25.40 -66.20 -74.90
CA ILE W 369 -24.04 -65.65 -75.08
C ILE W 369 -24.04 -64.40 -75.96
N GLN W 370 -25.07 -64.20 -76.79
CA GLN W 370 -25.29 -62.96 -77.52
C GLN W 370 -26.08 -61.91 -76.72
N ASN W 371 -27.05 -62.31 -75.90
CA ASN W 371 -27.69 -61.43 -74.91
C ASN W 371 -26.64 -60.85 -73.97
N MET W 372 -25.73 -61.71 -73.47
CA MET W 372 -24.50 -61.32 -72.77
C MET W 372 -23.64 -60.38 -73.60
N LYS W 373 -23.21 -60.76 -74.80
CA LYS W 373 -22.24 -59.96 -75.57
C LYS W 373 -22.78 -58.57 -75.93
N GLU W 374 -24.07 -58.47 -76.22
CA GLU W 374 -24.76 -57.22 -76.50
C GLU W 374 -25.06 -56.41 -75.23
N GLU W 375 -25.61 -57.01 -74.18
CA GLU W 375 -25.86 -56.35 -72.89
C GLU W 375 -24.57 -55.82 -72.28
N MET W 376 -23.48 -56.58 -72.29
CA MET W 376 -22.25 -56.20 -71.59
C MET W 376 -21.51 -55.07 -72.30
N ALA W 377 -21.49 -55.09 -73.63
CA ALA W 377 -21.05 -53.95 -74.44
C ALA W 377 -21.99 -52.72 -74.35
N ARG W 378 -23.21 -52.90 -73.83
CA ARG W 378 -24.14 -51.83 -73.42
C ARG W 378 -23.94 -51.39 -71.97
N HIS W 379 -23.78 -52.28 -70.98
CA HIS W 379 -23.60 -51.95 -69.55
C HIS W 379 -22.37 -51.10 -69.26
N LEU W 380 -21.24 -51.41 -69.92
CA LEU W 380 -20.04 -50.54 -69.84
C LEU W 380 -20.29 -49.14 -70.38
N ARG W 381 -21.08 -49.03 -71.45
CA ARG W 381 -21.48 -47.77 -72.08
C ARG W 381 -22.59 -47.05 -71.31
N GLU W 382 -23.42 -47.78 -70.58
CA GLU W 382 -24.54 -47.33 -69.77
C GLU W 382 -24.07 -46.76 -68.43
N TYR W 383 -23.11 -47.45 -67.77
CA TYR W 383 -22.28 -46.86 -66.72
C TYR W 383 -21.48 -45.67 -67.25
N GLN W 384 -20.83 -45.78 -68.41
CA GLN W 384 -20.14 -44.63 -69.03
C GLN W 384 -21.09 -43.44 -69.30
N ASP W 385 -22.36 -43.66 -69.63
CA ASP W 385 -23.30 -42.58 -69.94
C ASP W 385 -24.00 -41.99 -68.70
N LEU W 386 -24.19 -42.76 -67.63
CA LEU W 386 -24.48 -42.21 -66.29
C LEU W 386 -23.32 -41.33 -65.79
N LEU W 387 -22.09 -41.75 -66.11
CA LEU W 387 -20.85 -41.01 -65.82
C LEU W 387 -20.56 -39.87 -66.82
N ASN W 388 -21.25 -39.87 -67.97
CA ASN W 388 -21.28 -38.80 -68.98
C ASN W 388 -22.30 -37.72 -68.60
N VAL W 389 -23.44 -38.10 -68.02
CA VAL W 389 -24.38 -37.21 -67.34
C VAL W 389 -23.72 -36.54 -66.13
N LYS W 390 -22.98 -37.30 -65.31
CA LYS W 390 -22.14 -36.76 -64.24
C LYS W 390 -21.06 -35.80 -64.76
N MET W 391 -20.41 -36.11 -65.88
CA MET W 391 -19.42 -35.23 -66.52
C MET W 391 -20.04 -33.93 -67.07
N ALA W 392 -21.21 -34.00 -67.70
CA ALA W 392 -21.92 -32.85 -68.24
C ALA W 392 -22.40 -31.93 -67.11
N LEU W 393 -22.92 -32.52 -66.03
CA LEU W 393 -23.21 -31.83 -64.77
C LEU W 393 -21.94 -31.19 -64.19
N ASP W 394 -20.77 -31.83 -64.22
CA ASP W 394 -19.52 -31.20 -63.76
C ASP W 394 -19.14 -29.93 -64.56
N ILE W 395 -19.32 -29.90 -65.89
CA ILE W 395 -19.08 -28.71 -66.72
C ILE W 395 -20.13 -27.60 -66.46
N GLU W 396 -21.41 -27.96 -66.39
CA GLU W 396 -22.50 -27.02 -66.14
C GLU W 396 -22.42 -26.42 -64.73
N ILE W 397 -22.10 -27.26 -63.75
CA ILE W 397 -21.80 -26.86 -62.38
C ILE W 397 -20.54 -25.98 -62.36
N ALA W 398 -19.53 -26.14 -63.22
CA ALA W 398 -18.44 -25.15 -63.35
C ALA W 398 -18.89 -23.79 -63.85
N THR W 399 -19.71 -23.77 -64.89
CA THR W 399 -20.20 -22.54 -65.53
C THR W 399 -21.09 -21.74 -64.57
N TYR W 400 -21.84 -22.45 -63.72
CA TYR W 400 -22.58 -21.89 -62.59
C TYR W 400 -21.67 -21.44 -61.44
N ARG W 401 -20.74 -22.30 -61.00
CA ARG W 401 -19.85 -22.11 -59.85
C ARG W 401 -18.92 -20.92 -60.03
N LYS W 402 -18.30 -20.76 -61.20
CA LYS W 402 -17.44 -19.60 -61.52
C LYS W 402 -18.19 -18.26 -61.58
N LEU W 403 -19.52 -18.26 -61.51
CA LEU W 403 -20.35 -17.04 -61.43
C LEU W 403 -21.06 -16.83 -60.09
N LEU W 404 -21.73 -17.85 -59.53
CA LEU W 404 -22.46 -17.70 -58.26
C LEU W 404 -21.52 -17.84 -57.06
N GLU W 405 -20.90 -19.01 -56.90
CA GLU W 405 -19.81 -19.19 -55.94
C GLU W 405 -18.56 -18.37 -56.36
N GLY W 406 -18.55 -17.88 -57.60
CA GLY W 406 -17.60 -16.94 -58.16
C GLY W 406 -18.01 -15.46 -58.06
N GLU W 407 -19.10 -15.13 -57.35
CA GLU W 407 -19.38 -13.82 -56.72
C GLU W 407 -19.38 -13.91 -55.20
N GLU W 408 -19.78 -15.07 -54.65
CA GLU W 408 -19.27 -15.51 -53.35
C GLU W 408 -17.73 -15.45 -53.36
N SER W 409 -17.03 -15.55 -54.51
CA SER W 409 -15.62 -15.17 -54.75
C SER W 409 -15.08 -13.98 -53.98
N ARG W 410 -15.83 -12.89 -53.88
CA ARG W 410 -15.37 -11.69 -53.19
C ARG W 410 -15.61 -11.79 -51.66
N ILE W 411 -15.73 -13.07 -51.26
CA ILE W 411 -15.87 -13.81 -50.00
C ILE W 411 -15.29 -15.28 -50.13
N SER W 412 -14.90 -15.80 -51.35
CA SER W 412 -14.91 -17.25 -51.75
C SER W 412 -14.06 -17.64 -53.05
N LEU W 413 -14.52 -18.31 -54.19
CA LEU W 413 -14.00 -18.47 -55.66
C LEU W 413 -14.52 -19.74 -56.56
N PRO W 414 -13.83 -20.57 -57.46
CA PRO W 414 -14.48 -21.30 -58.63
C PRO W 414 -14.55 -22.88 -58.83
N LEU W 415 -13.56 -23.54 -59.49
CA LEU W 415 -13.65 -24.64 -60.55
C LEU W 415 -14.18 -26.07 -60.19
N PRO W 416 -15.27 -26.50 -60.88
CA PRO W 416 -15.43 -27.86 -61.44
C PRO W 416 -14.69 -28.19 -62.76
N ASN W 417 -14.35 -29.48 -62.97
CA ASN W 417 -13.59 -29.95 -64.13
C ASN W 417 -14.42 -30.71 -65.20
N PHE W 418 -14.31 -32.05 -65.21
CA PHE W 418 -14.62 -32.98 -66.32
C PHE W 418 -14.35 -34.43 -65.87
N SER W 419 -14.88 -35.38 -66.64
CA SER W 419 -14.85 -36.85 -66.48
C SER W 419 -15.69 -37.40 -65.32
N SER W 420 -16.23 -38.59 -65.57
CA SER W 420 -16.10 -39.77 -64.69
C SER W 420 -16.12 -41.09 -65.49
N LEU W 421 -15.76 -41.01 -66.78
CA LEU W 421 -16.06 -42.03 -67.79
C LEU W 421 -15.42 -43.40 -67.52
N ASN W 422 -16.27 -44.44 -67.46
CA ASN W 422 -15.83 -45.81 -67.21
C ASN W 422 -16.50 -46.85 -68.12
N LEU W 423 -16.19 -46.76 -69.41
CA LEU W 423 -16.08 -47.93 -70.30
C LEU W 423 -14.62 -48.41 -70.22
N ARG W 424 -14.41 -49.68 -69.87
CA ARG W 424 -13.13 -50.42 -69.86
C ARG W 424 -13.39 -51.84 -70.38
N GLU W 425 -12.35 -52.65 -70.48
CA GLU W 425 -12.45 -54.03 -70.94
C GLU W 425 -13.34 -54.91 -70.05
N THR W 426 -13.98 -55.90 -70.68
CA THR W 426 -14.75 -56.98 -70.03
C THR W 426 -14.34 -58.37 -70.50
N ASN W 427 -13.07 -58.52 -70.88
CA ASN W 427 -12.59 -59.61 -71.72
C ASN W 427 -13.24 -59.58 -73.13
N LEU W 428 -13.35 -58.39 -73.71
CA LEU W 428 -13.64 -58.19 -75.14
C LEU W 428 -12.40 -57.71 -75.91
N ASP W 429 -11.45 -57.12 -75.18
CA ASP W 429 -10.19 -56.54 -75.66
C ASP W 429 -9.04 -57.54 -75.48
N SER W 430 -8.99 -58.21 -74.32
CA SER W 430 -8.40 -59.53 -74.18
C SER W 430 -9.46 -60.60 -74.47
N LEU W 431 -9.19 -61.53 -75.39
CA LEU W 431 -10.10 -62.59 -75.81
C LEU W 431 -9.36 -63.94 -75.87
N PRO W 432 -10.04 -65.07 -75.61
CA PRO W 432 -9.63 -66.35 -76.13
C PRO W 432 -9.80 -66.36 -77.65
N LEU W 433 -8.76 -66.77 -78.37
CA LEU W 433 -8.96 -67.52 -79.61
C LEU W 433 -9.16 -69.00 -79.25
N VAL W 434 -10.13 -69.64 -79.89
CA VAL W 434 -10.37 -71.09 -79.85
C VAL W 434 -11.21 -71.45 -81.07
N ASP W 435 -10.82 -72.50 -81.78
CA ASP W 435 -11.54 -73.04 -82.94
C ASP W 435 -11.45 -74.58 -82.96
N THR W 436 -12.53 -75.21 -83.44
CA THR W 436 -12.71 -76.67 -83.52
C THR W 436 -13.91 -76.97 -84.43
N HIS W 437 -14.45 -78.21 -84.41
CA HIS W 437 -15.63 -78.65 -85.17
C HIS W 437 -15.44 -78.55 -86.69
N SER W 438 -14.55 -79.39 -87.18
CA SER W 438 -14.20 -79.53 -88.60
C SER W 438 -15.11 -80.50 -89.39
N LYS W 439 -15.99 -81.24 -88.70
CA LYS W 439 -16.80 -82.38 -89.19
C LYS W 439 -16.06 -83.71 -89.18
N ARG W 440 -16.24 -84.44 -88.08
CA ARG W 440 -15.87 -85.85 -87.90
C ARG W 440 -16.92 -86.75 -88.57
N THR W 441 -16.87 -86.74 -89.90
CA THR W 441 -17.65 -87.62 -90.80
C THR W 441 -17.32 -89.11 -90.60
N LEU W 442 -17.92 -89.74 -89.59
CA LEU W 442 -17.91 -91.20 -89.36
C LEU W 442 -18.84 -91.92 -90.35
N LEU W 443 -18.39 -91.99 -91.60
CA LEU W 443 -18.99 -92.80 -92.66
C LEU W 443 -18.62 -94.29 -92.50
N ILE W 444 -19.18 -94.94 -91.48
CA ILE W 444 -18.96 -96.36 -91.18
C ILE W 444 -19.57 -97.22 -92.30
N LYS W 445 -18.78 -98.12 -92.88
CA LYS W 445 -19.22 -98.96 -94.00
C LYS W 445 -18.57 -100.35 -93.94
N THR W 446 -19.33 -101.34 -93.48
CA THR W 446 -19.10 -102.77 -93.75
C THR W 446 -19.65 -103.14 -95.16
N VAL W 447 -20.21 -104.34 -95.39
CA VAL W 447 -19.75 -105.28 -96.46
C VAL W 447 -18.35 -105.78 -96.08
N GLU W 448 -17.95 -107.05 -96.05
CA GLU W 448 -18.67 -108.33 -96.02
C GLU W 448 -19.35 -108.85 -97.32
N THR W 449 -18.54 -109.03 -98.38
CA THR W 449 -18.74 -110.18 -99.30
C THR W 449 -18.34 -111.46 -98.57
N ARG W 450 -19.18 -112.49 -98.65
CA ARG W 450 -18.91 -113.83 -98.08
C ARG W 450 -18.92 -114.87 -99.18
N ASP W 451 -17.91 -115.76 -99.20
CA ASP W 451 -17.86 -116.92 -100.10
C ASP W 451 -17.96 -116.57 -101.61
N GLY W 452 -17.79 -115.28 -101.97
CA GLY W 452 -17.99 -114.71 -103.31
C GLY W 452 -19.40 -114.17 -103.60
N GLN W 453 -20.28 -114.10 -102.61
CA GLN W 453 -21.65 -113.59 -102.67
C GLN W 453 -21.83 -112.42 -101.68
N VAL W 454 -22.57 -111.38 -102.07
CA VAL W 454 -23.01 -110.34 -101.11
C VAL W 454 -24.09 -110.94 -100.20
N ILE W 455 -23.87 -110.84 -98.89
CA ILE W 455 -24.81 -111.31 -97.84
C ILE W 455 -25.30 -110.12 -96.97
N ASN W 456 -24.75 -108.92 -97.19
CA ASN W 456 -25.23 -107.62 -96.70
C ASN W 456 -24.49 -106.49 -97.44
N GLU W 457 -25.14 -105.36 -97.69
CA GLU W 457 -24.52 -104.13 -98.19
C GLU W 457 -24.82 -102.89 -97.34
N THR W 458 -24.00 -102.64 -96.31
CA THR W 458 -24.11 -101.43 -95.49
C THR W 458 -23.44 -100.22 -96.14
N SER W 459 -23.97 -99.02 -95.92
CA SER W 459 -23.25 -97.76 -96.14
C SER W 459 -23.80 -96.63 -95.23
N GLN W 460 -23.36 -96.61 -93.98
CA GLN W 460 -23.83 -95.65 -92.98
C GLN W 460 -23.16 -94.27 -93.12
N HIS W 461 -23.88 -93.19 -92.77
CA HIS W 461 -23.41 -91.79 -92.85
C HIS W 461 -23.70 -90.97 -91.57
N HIS W 462 -22.86 -91.09 -90.54
CA HIS W 462 -22.85 -90.11 -89.43
C HIS W 462 -21.87 -88.97 -89.74
N ASP W 463 -22.26 -87.72 -89.48
CA ASP W 463 -21.32 -86.63 -89.22
C ASP W 463 -21.35 -86.24 -87.74
N ASP W 464 -20.23 -86.42 -87.06
CA ASP W 464 -20.00 -85.98 -85.69
C ASP W 464 -19.47 -84.54 -85.75
N LEU W 465 -20.12 -83.57 -85.11
CA LEU W 465 -19.63 -82.19 -85.13
C LEU W 465 -18.46 -81.98 -84.15
N GLU W 466 -17.36 -82.71 -84.40
CA GLU W 466 -15.99 -82.62 -83.89
C GLU W 466 -14.98 -82.55 -85.08
N THR X 361 18.71 -127.62 -95.88
CA THR X 361 17.56 -127.14 -95.11
C THR X 361 17.97 -126.74 -93.69
N ILE X 362 18.93 -127.43 -93.07
CA ILE X 362 19.61 -126.94 -91.87
C ILE X 362 20.42 -125.66 -92.16
N GLY X 363 21.03 -125.51 -93.33
CA GLY X 363 21.76 -124.32 -93.77
C GLY X 363 20.86 -123.10 -93.89
N ARG X 364 19.72 -123.21 -94.59
CA ARG X 364 18.71 -122.14 -94.68
C ARG X 364 18.05 -121.83 -93.32
N LEU X 365 18.01 -122.79 -92.40
CA LEU X 365 17.65 -122.55 -91.00
C LEU X 365 18.78 -121.91 -90.17
N GLN X 366 20.06 -122.19 -90.47
CA GLN X 366 21.20 -121.47 -89.89
C GLN X 366 21.28 -120.02 -90.38
N ASP X 367 20.85 -119.71 -91.60
CA ASP X 367 20.62 -118.33 -92.05
C ASP X 367 19.59 -117.61 -91.16
N GLU X 368 18.37 -118.16 -91.07
CA GLU X 368 17.31 -117.57 -90.24
C GLU X 368 17.67 -117.50 -88.74
N ILE X 369 18.30 -118.55 -88.19
CA ILE X 369 18.68 -118.62 -86.77
C ILE X 369 19.88 -117.71 -86.45
N GLN X 370 20.92 -117.70 -87.27
CA GLN X 370 22.11 -116.89 -87.02
C GLN X 370 21.87 -115.40 -87.37
N ASN X 371 20.95 -115.08 -88.28
CA ASN X 371 20.38 -113.74 -88.44
C ASN X 371 19.56 -113.31 -87.20
N MET X 372 18.77 -114.20 -86.59
CA MET X 372 18.11 -113.89 -85.30
C MET X 372 19.11 -113.75 -84.13
N LYS X 373 20.28 -114.41 -84.21
CA LYS X 373 21.35 -114.27 -83.20
C LYS X 373 22.27 -113.08 -83.45
N GLU X 374 22.40 -112.62 -84.70
CA GLU X 374 22.92 -111.30 -85.06
C GLU X 374 22.05 -110.23 -84.41
N GLU X 375 20.74 -110.27 -84.62
CA GLU X 375 19.89 -109.18 -84.12
C GLU X 375 19.76 -109.18 -82.59
N MET X 376 19.84 -110.37 -81.96
CA MET X 376 20.06 -110.51 -80.52
C MET X 376 21.41 -109.94 -80.07
N ALA X 377 22.51 -110.29 -80.75
CA ALA X 377 23.84 -109.77 -80.50
C ALA X 377 23.94 -108.25 -80.75
N ARG X 378 23.15 -107.68 -81.67
CA ARG X 378 23.01 -106.25 -81.92
C ARG X 378 22.21 -105.56 -80.83
N HIS X 379 21.08 -106.14 -80.42
CA HIS X 379 20.32 -105.70 -79.26
C HIS X 379 21.09 -105.76 -77.93
N LEU X 380 22.06 -106.68 -77.77
CA LEU X 380 22.99 -106.65 -76.63
C LEU X 380 23.86 -105.38 -76.63
N ARG X 381 24.43 -105.02 -77.78
CA ARG X 381 25.29 -103.83 -77.91
C ARG X 381 24.47 -102.55 -77.89
N GLU X 382 23.27 -102.53 -78.48
CA GLU X 382 22.34 -101.38 -78.47
C GLU X 382 21.69 -101.15 -77.10
N TYR X 383 21.41 -102.18 -76.31
CA TYR X 383 21.02 -101.99 -74.91
C TYR X 383 22.19 -101.46 -74.05
N GLN X 384 23.42 -101.89 -74.35
CA GLN X 384 24.61 -101.31 -73.74
C GLN X 384 24.94 -99.88 -74.28
N ASP X 385 24.53 -99.50 -75.50
CA ASP X 385 24.51 -98.09 -75.96
C ASP X 385 23.52 -97.26 -75.15
N LEU X 386 22.32 -97.78 -74.85
CA LEU X 386 21.35 -97.13 -73.95
C LEU X 386 21.87 -97.02 -72.50
N LEU X 387 22.60 -98.02 -72.02
CA LEU X 387 23.35 -97.90 -70.77
C LEU X 387 24.50 -96.90 -70.87
N ASN X 388 25.16 -96.74 -72.02
CA ASN X 388 26.16 -95.70 -72.23
C ASN X 388 25.55 -94.30 -72.31
N VAL X 389 24.32 -94.14 -72.82
CA VAL X 389 23.54 -92.89 -72.70
C VAL X 389 23.15 -92.60 -71.25
N LYS X 390 22.76 -93.61 -70.46
CA LYS X 390 22.54 -93.43 -69.02
C LYS X 390 23.83 -93.04 -68.30
N MET X 391 24.90 -93.80 -68.50
CA MET X 391 26.18 -93.62 -67.81
C MET X 391 26.87 -92.30 -68.22
N ALA X 392 26.63 -91.85 -69.46
CA ALA X 392 26.95 -90.51 -69.95
C ALA X 392 26.21 -89.42 -69.17
N LEU X 393 24.90 -89.57 -69.00
CA LEU X 393 24.11 -88.64 -68.17
C LEU X 393 24.51 -88.71 -66.69
N ASP X 394 24.88 -89.87 -66.16
CA ASP X 394 25.42 -89.99 -64.79
C ASP X 394 26.72 -89.17 -64.62
N ILE X 395 27.70 -89.32 -65.52
CA ILE X 395 28.96 -88.55 -65.47
C ILE X 395 28.77 -87.09 -65.89
N GLU X 396 27.90 -86.74 -66.83
CA GLU X 396 27.59 -85.36 -67.23
C GLU X 396 26.84 -84.60 -66.12
N ILE X 397 25.96 -85.27 -65.39
CA ILE X 397 25.40 -84.76 -64.13
C ILE X 397 26.52 -84.57 -63.12
N ALA X 398 27.44 -85.54 -62.97
CA ALA X 398 28.56 -85.45 -62.04
C ALA X 398 29.51 -84.31 -62.38
N THR X 399 29.75 -84.03 -63.66
CA THR X 399 30.73 -83.07 -64.13
C THR X 399 30.15 -81.69 -64.37
N TYR X 400 28.83 -81.60 -64.57
CA TYR X 400 28.08 -80.40 -64.23
C TYR X 400 28.11 -80.12 -62.72
N ARG X 401 28.18 -81.13 -61.83
CA ARG X 401 28.52 -80.88 -60.41
C ARG X 401 29.97 -80.40 -60.21
N LYS X 402 30.92 -80.83 -61.03
CA LYS X 402 32.29 -80.27 -61.06
C LYS X 402 32.38 -78.89 -61.71
N LEU X 403 31.37 -78.45 -62.48
CA LEU X 403 31.16 -77.04 -62.82
C LEU X 403 30.57 -76.32 -61.61
N LEU X 404 29.60 -76.93 -60.93
CA LEU X 404 28.79 -76.25 -59.93
C LEU X 404 29.51 -75.93 -58.61
N GLU X 405 30.62 -76.56 -58.19
CA GLU X 405 31.47 -75.97 -57.11
C GLU X 405 32.07 -74.62 -57.54
N GLY X 406 32.47 -74.55 -58.79
CA GLY X 406 32.95 -73.32 -59.37
C GLY X 406 31.85 -72.33 -59.73
N GLU X 407 30.60 -72.76 -59.96
CA GLU X 407 29.44 -71.87 -60.10
C GLU X 407 28.81 -71.45 -58.76
N GLU X 408 29.02 -72.22 -57.68
CA GLU X 408 28.78 -71.84 -56.28
C GLU X 408 29.79 -70.77 -55.87
N SER X 409 31.04 -70.98 -56.27
CA SER X 409 32.03 -69.92 -56.24
C SER X 409 31.64 -68.77 -57.17
N ARG X 410 31.04 -69.02 -58.35
CA ARG X 410 30.74 -67.98 -59.35
C ARG X 410 29.61 -67.03 -59.06
N ILE X 411 28.78 -67.17 -58.02
CA ILE X 411 28.01 -66.03 -57.47
C ILE X 411 27.76 -66.14 -55.94
N SER X 412 28.47 -67.02 -55.20
CA SER X 412 28.19 -67.42 -53.79
C SER X 412 26.93 -68.34 -53.56
N LEU X 413 26.79 -69.42 -54.37
CA LEU X 413 25.54 -69.70 -55.13
C LEU X 413 25.33 -71.25 -55.35
N PRO X 414 25.10 -71.88 -56.54
CA PRO X 414 24.81 -73.33 -56.66
C PRO X 414 25.82 -74.34 -56.09
N LEU X 415 25.63 -74.69 -54.81
CA LEU X 415 26.35 -75.75 -54.07
C LEU X 415 26.57 -77.12 -54.74
N PRO X 416 25.63 -77.76 -55.49
CA PRO X 416 25.70 -79.20 -55.76
C PRO X 416 26.97 -79.65 -56.51
N ASN X 417 27.97 -80.13 -55.77
CA ASN X 417 29.35 -80.26 -56.25
C ASN X 417 29.90 -81.70 -56.34
N PHE X 418 30.83 -81.90 -57.28
CA PHE X 418 31.62 -83.10 -57.65
C PHE X 418 30.93 -84.47 -57.83
N SER X 419 29.67 -84.66 -57.48
CA SER X 419 29.12 -85.95 -57.07
C SER X 419 27.93 -86.42 -57.91
N SER X 420 28.23 -87.34 -58.82
CA SER X 420 27.34 -88.37 -59.40
C SER X 420 28.18 -89.43 -60.16
N LEU X 421 29.45 -89.60 -59.76
CA LEU X 421 30.53 -90.08 -60.61
C LEU X 421 30.25 -91.48 -61.20
N ASN X 422 30.34 -91.58 -62.52
CA ASN X 422 30.21 -92.85 -63.23
C ASN X 422 31.55 -93.33 -63.81
N LEU X 423 31.78 -94.63 -63.65
CA LEU X 423 32.81 -95.44 -64.28
C LEU X 423 32.33 -96.91 -64.24
N ARG X 424 33.20 -97.78 -64.73
CA ARG X 424 33.11 -99.26 -64.83
C ARG X 424 32.33 -99.82 -66.03
N GLU X 425 32.82 -100.85 -66.74
CA GLU X 425 33.76 -101.98 -66.48
C GLU X 425 33.15 -103.19 -65.70
N THR X 426 33.10 -104.34 -66.36
CA THR X 426 32.69 -105.63 -65.75
C THR X 426 33.71 -106.24 -64.78
N ASN X 427 34.97 -105.78 -64.80
CA ASN X 427 35.98 -106.02 -63.77
C ASN X 427 36.30 -107.52 -63.54
N LEU X 428 36.09 -108.05 -62.34
CA LEU X 428 36.69 -109.31 -61.85
C LEU X 428 36.21 -110.53 -62.63
N ASP X 429 37.16 -111.32 -63.13
CA ASP X 429 36.93 -112.60 -63.85
C ASP X 429 35.94 -112.48 -65.04
N SER X 430 35.82 -111.27 -65.59
CA SER X 430 34.64 -110.88 -66.39
C SER X 430 34.78 -111.07 -67.91
N LEU X 431 35.97 -111.48 -68.36
CA LEU X 431 36.11 -112.39 -69.49
C LEU X 431 36.48 -113.77 -68.89
N PRO X 432 35.48 -114.58 -68.48
CA PRO X 432 35.73 -115.73 -67.61
C PRO X 432 36.46 -116.85 -68.37
N LEU X 433 36.73 -117.95 -67.66
CA LEU X 433 37.09 -119.26 -68.22
C LEU X 433 35.90 -119.96 -68.90
N VAL X 434 35.33 -119.31 -69.93
CA VAL X 434 34.30 -119.83 -70.81
C VAL X 434 34.94 -120.84 -71.75
N ASP X 435 35.16 -122.05 -71.24
CA ASP X 435 35.93 -123.09 -71.92
C ASP X 435 35.14 -124.39 -72.11
N THR X 436 34.23 -124.56 -73.08
CA THR X 436 33.58 -123.63 -74.03
C THR X 436 34.49 -122.81 -74.98
N HIS X 437 35.54 -123.33 -75.64
CA HIS X 437 35.86 -124.74 -75.95
C HIS X 437 34.62 -125.59 -76.27
N SER X 438 33.81 -125.04 -77.16
CA SER X 438 32.51 -125.63 -77.57
C SER X 438 32.75 -126.80 -78.53
N LYS X 439 31.65 -127.46 -78.93
CA LYS X 439 31.62 -128.73 -79.67
C LYS X 439 32.17 -128.58 -81.09
N ARG X 440 33.49 -128.58 -81.20
CA ARG X 440 34.27 -128.70 -82.44
C ARG X 440 34.37 -130.17 -82.87
N THR X 441 33.22 -130.80 -83.12
CA THR X 441 33.12 -132.21 -83.47
C THR X 441 33.59 -132.49 -84.90
N ALA Y 355 26.12 -125.79 -99.57
CA ALA Y 355 27.06 -124.70 -99.65
C ALA Y 355 26.44 -123.37 -100.12
N ALA Y 356 25.37 -123.38 -100.92
CA ALA Y 356 24.63 -122.19 -101.33
C ALA Y 356 23.73 -121.64 -100.21
N ASN Y 357 23.01 -122.52 -99.50
CA ASN Y 357 22.28 -122.13 -98.28
C ASN Y 357 23.23 -121.77 -97.12
N TYR Y 358 24.45 -122.32 -97.10
CA TYR Y 358 25.52 -121.88 -96.20
C TYR Y 358 26.22 -120.59 -96.66
N GLN Y 359 26.22 -120.27 -97.95
CA GLN Y 359 26.67 -118.96 -98.45
C GLN Y 359 25.70 -117.86 -98.03
N ASP Y 360 24.39 -118.04 -98.21
CA ASP Y 360 23.39 -117.08 -97.73
C ASP Y 360 23.32 -117.02 -96.20
N THR Y 361 23.60 -118.14 -95.51
CA THR Y 361 23.86 -118.15 -94.05
C THR Y 361 25.00 -117.20 -93.68
N ILE Y 362 26.20 -117.46 -94.22
CA ILE Y 362 27.40 -116.72 -93.86
C ILE Y 362 27.28 -115.27 -94.29
N GLY Y 363 26.76 -114.97 -95.48
CA GLY Y 363 26.57 -113.60 -95.96
C GLY Y 363 25.59 -112.80 -95.10
N ARG Y 364 24.38 -113.32 -94.90
CA ARG Y 364 23.32 -112.59 -94.19
C ARG Y 364 23.61 -112.42 -92.70
N LEU Y 365 24.18 -113.43 -92.04
CA LEU Y 365 24.64 -113.27 -90.66
C LEU Y 365 25.88 -112.36 -90.58
N GLN Y 366 26.87 -112.49 -91.47
CA GLN Y 366 28.14 -111.78 -91.33
C GLN Y 366 28.01 -110.29 -91.62
N ASP Y 367 27.28 -109.91 -92.68
CA ASP Y 367 27.13 -108.50 -93.05
C ASP Y 367 26.44 -107.70 -91.96
N GLU Y 368 25.34 -108.18 -91.38
CA GLU Y 368 24.68 -107.47 -90.29
C GLU Y 368 25.36 -107.64 -88.92
N ILE Y 369 26.02 -108.77 -88.62
CA ILE Y 369 26.79 -108.90 -87.35
C ILE Y 369 28.10 -108.09 -87.42
N GLN Y 370 28.61 -107.78 -88.60
CA GLN Y 370 29.72 -106.85 -88.81
C GLN Y 370 29.27 -105.38 -88.89
N ASN Y 371 28.13 -105.08 -89.50
CA ASN Y 371 27.49 -103.76 -89.42
C ASN Y 371 27.24 -103.38 -87.96
N MET Y 372 26.70 -104.32 -87.17
CA MET Y 372 26.61 -104.26 -85.72
C MET Y 372 27.99 -104.04 -85.08
N LYS Y 373 28.96 -104.93 -85.29
CA LYS Y 373 30.24 -104.87 -84.57
C LYS Y 373 31.01 -103.57 -84.85
N GLU Y 374 30.94 -103.06 -86.07
CA GLU Y 374 31.53 -101.79 -86.47
C GLU Y 374 30.73 -100.58 -86.01
N GLU Y 375 29.41 -100.55 -86.20
CA GLU Y 375 28.54 -99.47 -85.70
C GLU Y 375 28.60 -99.33 -84.20
N MET Y 376 28.60 -100.42 -83.44
CA MET Y 376 28.51 -100.37 -81.97
C MET Y 376 29.83 -99.91 -81.34
N ALA Y 377 30.96 -100.36 -81.89
CA ALA Y 377 32.28 -99.81 -81.55
C ALA Y 377 32.47 -98.35 -82.03
N ARG Y 378 31.61 -97.85 -82.92
CA ARG Y 378 31.48 -96.43 -83.29
C ARG Y 378 30.48 -95.67 -82.39
N HIS Y 379 29.30 -96.19 -82.06
CA HIS Y 379 28.27 -95.53 -81.24
C HIS Y 379 28.75 -95.20 -79.82
N LEU Y 380 29.50 -96.12 -79.19
CA LEU Y 380 30.15 -95.83 -77.90
C LEU Y 380 31.15 -94.68 -77.99
N ARG Y 381 31.89 -94.62 -79.10
CA ARG Y 381 32.87 -93.58 -79.39
C ARG Y 381 32.23 -92.26 -79.86
N GLU Y 382 31.05 -92.34 -80.47
CA GLU Y 382 30.24 -91.24 -80.99
C GLU Y 382 29.48 -90.52 -79.87
N TYR Y 383 28.89 -91.29 -78.94
CA TYR Y 383 28.48 -90.78 -77.62
C TYR Y 383 29.69 -90.24 -76.85
N GLN Y 384 30.82 -90.96 -76.79
CA GLN Y 384 32.04 -90.43 -76.16
C GLN Y 384 32.53 -89.13 -76.80
N ASP Y 385 32.36 -88.91 -78.10
CA ASP Y 385 32.83 -87.70 -78.80
C ASP Y 385 31.84 -86.52 -78.74
N LEU Y 386 30.53 -86.77 -78.65
CA LEU Y 386 29.55 -85.76 -78.20
C LEU Y 386 29.85 -85.31 -76.75
N LEU Y 387 30.28 -86.25 -75.92
CA LEU Y 387 30.71 -86.03 -74.53
C LEU Y 387 32.15 -85.48 -74.41
N ASN Y 388 32.94 -85.56 -75.49
CA ASN Y 388 34.26 -84.95 -75.67
C ASN Y 388 34.13 -83.49 -76.14
N VAL Y 389 33.14 -83.18 -76.99
CA VAL Y 389 32.68 -81.82 -77.30
C VAL Y 389 32.14 -81.13 -76.05
N LYS Y 390 31.31 -81.82 -75.25
CA LYS Y 390 30.88 -81.35 -73.93
C LYS Y 390 32.04 -81.12 -72.96
N MET Y 391 33.05 -82.00 -72.94
CA MET Y 391 34.26 -81.83 -72.13
C MET Y 391 35.13 -80.65 -72.57
N ALA Y 392 35.30 -80.44 -73.88
CA ALA Y 392 36.08 -79.34 -74.44
C ALA Y 392 35.39 -77.99 -74.15
N LEU Y 393 34.06 -77.96 -74.31
CA LEU Y 393 33.21 -76.86 -73.85
C LEU Y 393 33.35 -76.61 -72.35
N ASP Y 394 33.43 -77.64 -71.50
CA ASP Y 394 33.66 -77.45 -70.05
C ASP Y 394 35.01 -76.76 -69.74
N ILE Y 395 36.10 -77.08 -70.45
CA ILE Y 395 37.41 -76.41 -70.28
C ILE Y 395 37.39 -74.97 -70.81
N GLU Y 396 36.80 -74.75 -71.99
CA GLU Y 396 36.69 -73.42 -72.61
C GLU Y 396 35.79 -72.49 -71.80
N ILE Y 397 34.66 -73.03 -71.31
CA ILE Y 397 33.77 -72.37 -70.38
C ILE Y 397 34.50 -72.11 -69.05
N ALA Y 398 35.45 -72.92 -68.57
CA ALA Y 398 36.30 -72.54 -67.43
C ALA Y 398 37.21 -71.35 -67.69
N THR Y 399 37.86 -71.34 -68.83
CA THR Y 399 38.81 -70.29 -69.21
C THR Y 399 38.10 -68.94 -69.39
N TYR Y 400 36.85 -68.98 -69.87
CA TYR Y 400 35.92 -67.85 -69.91
C TYR Y 400 35.39 -67.46 -68.51
N ARG Y 401 34.91 -68.43 -67.74
CA ARG Y 401 34.27 -68.26 -66.43
C ARG Y 401 35.21 -67.66 -65.39
N LYS Y 402 36.45 -68.14 -65.31
CA LYS Y 402 37.47 -67.60 -64.40
C LYS Y 402 37.91 -66.15 -64.74
N LEU Y 403 37.47 -65.59 -65.87
CA LEU Y 403 37.72 -64.20 -66.26
C LEU Y 403 36.47 -63.31 -66.27
N LEU Y 404 35.35 -63.74 -66.88
CA LEU Y 404 34.12 -62.92 -66.93
C LEU Y 404 33.30 -63.04 -65.65
N GLU Y 405 32.83 -64.24 -65.34
CA GLU Y 405 32.23 -64.53 -64.02
C GLU Y 405 33.30 -64.45 -62.91
N GLY Y 406 34.58 -64.43 -63.30
CA GLY Y 406 35.74 -64.17 -62.46
C GLY Y 406 36.20 -62.69 -62.41
N GLU Y 407 35.44 -61.76 -62.98
CA GLU Y 407 35.41 -60.32 -62.63
C GLU Y 407 34.06 -59.91 -62.01
N GLU Y 408 32.96 -60.58 -62.43
CA GLU Y 408 31.81 -60.77 -61.55
C GLU Y 408 32.28 -61.32 -60.19
N SER Y 409 33.42 -62.05 -60.09
CA SER Y 409 34.18 -62.36 -58.86
C SER Y 409 34.21 -61.31 -57.77
N ARG Y 410 34.39 -60.04 -58.11
CA ARG Y 410 34.46 -58.95 -57.12
C ARG Y 410 33.04 -58.47 -56.72
N ILE Y 411 32.11 -59.40 -56.98
CA ILE Y 411 30.67 -59.59 -56.76
C ILE Y 411 30.29 -61.13 -56.67
N SER Y 412 31.21 -62.11 -56.97
CA SER Y 412 30.91 -63.48 -57.51
C SER Y 412 32.08 -64.57 -57.40
N LEU Y 413 32.63 -65.33 -58.45
CA LEU Y 413 33.94 -66.13 -58.66
C LEU Y 413 34.01 -67.30 -59.80
N PRO Y 414 34.60 -68.57 -59.79
CA PRO Y 414 35.10 -69.32 -61.03
C PRO Y 414 34.53 -70.71 -61.57
N LEU Y 415 35.09 -71.89 -61.15
CA LEU Y 415 35.49 -73.13 -61.94
C LEU Y 415 34.40 -74.04 -62.61
N PRO Y 416 34.49 -74.19 -63.96
CA PRO Y 416 34.32 -75.48 -64.67
C PRO Y 416 35.50 -76.47 -64.66
N ASN Y 417 35.21 -77.78 -64.78
CA ASN Y 417 36.21 -78.86 -64.71
C ASN Y 417 36.55 -79.52 -66.08
N PHE Y 418 35.99 -80.72 -66.32
CA PHE Y 418 36.45 -81.74 -67.29
C PHE Y 418 35.49 -82.96 -67.23
N SER Y 419 35.57 -83.81 -68.25
CA SER Y 419 34.80 -85.04 -68.52
C SER Y 419 33.33 -84.81 -68.91
N SER Y 420 32.87 -85.70 -69.79
CA SER Y 420 31.63 -86.49 -69.59
C SER Y 420 31.72 -87.87 -70.28
N LEU Y 421 32.96 -88.36 -70.49
CA LEU Y 421 33.29 -89.44 -71.43
C LEU Y 421 32.62 -90.78 -71.10
N ASN Y 422 31.88 -91.32 -72.08
CA ASN Y 422 31.18 -92.59 -71.93
C ASN Y 422 31.30 -93.51 -73.16
N LEU Y 423 32.54 -93.97 -73.40
CA LEU Y 423 32.80 -95.30 -73.98
C LEU Y 423 32.94 -96.27 -72.79
N ARG Y 424 32.14 -97.33 -72.78
CA ARG Y 424 32.16 -98.48 -71.84
C ARG Y 424 31.89 -99.76 -72.64
N GLU Y 425 31.92 -100.90 -71.98
CA GLU Y 425 31.67 -102.20 -72.59
C GLU Y 425 30.27 -102.32 -73.23
N THR Y 426 30.20 -103.11 -74.30
CA THR Y 426 28.95 -103.53 -74.97
C THR Y 426 28.85 -105.04 -75.14
N ASN Y 427 29.47 -105.80 -74.24
CA ASN Y 427 29.83 -107.20 -74.45
C ASN Y 427 30.86 -107.36 -75.60
N LEU Y 428 31.85 -106.46 -75.64
CA LEU Y 428 33.08 -106.63 -76.44
C LEU Y 428 34.29 -106.95 -75.56
N ASP Y 429 34.20 -106.59 -74.28
CA ASP Y 429 35.22 -106.75 -73.24
C ASP Y 429 34.95 -108.01 -72.40
N SER Y 430 33.69 -108.24 -72.04
CA SER Y 430 33.14 -109.58 -71.79
C SER Y 430 32.62 -110.16 -73.11
N LEU Y 431 33.07 -111.36 -73.49
CA LEU Y 431 32.70 -112.05 -74.73
C LEU Y 431 32.36 -113.52 -74.44
N PRO Y 432 31.44 -114.13 -75.21
CA PRO Y 432 31.43 -115.57 -75.39
C PRO Y 432 32.68 -115.99 -76.18
N LEU Y 433 33.41 -116.99 -75.68
CA LEU Y 433 34.07 -117.94 -76.56
C LEU Y 433 33.06 -119.02 -76.95
N VAL Y 434 33.04 -119.39 -78.23
CA VAL Y 434 32.31 -120.53 -78.78
C VAL Y 434 32.95 -120.90 -80.12
N ASP Y 435 33.20 -122.18 -80.34
CA ASP Y 435 33.75 -122.72 -81.59
C ASP Y 435 33.10 -124.08 -81.91
N THR Y 436 32.93 -124.36 -83.20
CA THR Y 436 32.31 -125.56 -83.76
C THR Y 436 32.61 -125.63 -85.27
N HIS Y 437 31.90 -126.47 -86.04
CA HIS Y 437 32.00 -126.62 -87.50
C HIS Y 437 33.40 -127.09 -87.95
N SER Y 438 33.71 -128.33 -87.58
CA SER Y 438 34.94 -129.04 -87.91
C SER Y 438 34.93 -129.76 -89.27
N LYS Y 439 33.76 -129.83 -89.93
CA LYS Y 439 33.45 -130.64 -91.13
C LYS Y 439 33.06 -132.08 -90.82
N LYS Z 390 23.67 -150.16 -51.58
CA LYS Z 390 22.46 -149.46 -51.12
C LYS Z 390 22.40 -149.41 -49.58
N MET Z 391 22.51 -150.55 -48.92
CA MET Z 391 22.39 -150.69 -47.48
C MET Z 391 23.50 -149.96 -46.72
N ALA Z 392 24.69 -149.87 -47.33
CA ALA Z 392 25.79 -148.99 -46.92
C ALA Z 392 25.41 -147.52 -46.97
N LEU Z 393 24.81 -147.07 -48.08
CA LEU Z 393 24.30 -145.69 -48.18
C LEU Z 393 23.12 -145.44 -47.23
N ASP Z 394 22.25 -146.43 -46.98
CA ASP Z 394 21.19 -146.31 -45.97
C ASP Z 394 21.78 -146.06 -44.55
N ILE Z 395 22.75 -146.87 -44.11
CA ILE Z 395 23.41 -146.69 -42.80
C ILE Z 395 24.37 -145.49 -42.77
N GLU Z 396 25.06 -145.14 -43.85
CA GLU Z 396 25.93 -143.96 -43.93
C GLU Z 396 25.11 -142.65 -43.93
N ILE Z 397 23.95 -142.65 -44.57
CA ILE Z 397 22.95 -141.58 -44.41
C ILE Z 397 22.47 -141.55 -42.94
N ALA Z 398 22.18 -142.71 -42.34
CA ALA Z 398 21.75 -142.78 -40.94
C ALA Z 398 22.81 -142.29 -39.96
N THR Z 399 24.09 -142.54 -40.23
CA THR Z 399 25.19 -142.26 -39.31
C THR Z 399 25.84 -140.91 -39.59
N TYR Z 400 25.68 -140.37 -40.80
CA TYR Z 400 25.71 -138.93 -41.02
C TYR Z 400 24.55 -138.23 -40.28
N ARG Z 401 23.37 -138.84 -40.10
CA ARG Z 401 22.37 -138.32 -39.15
C ARG Z 401 22.82 -138.42 -37.67
N LYS Z 402 23.60 -139.43 -37.30
CA LYS Z 402 24.25 -139.50 -35.97
C LYS Z 402 25.46 -138.55 -35.82
N LEU Z 403 26.01 -138.01 -36.92
CA LEU Z 403 26.86 -136.82 -36.89
C LEU Z 403 25.99 -135.58 -36.72
N LEU Z 404 24.87 -135.51 -37.43
CA LEU Z 404 24.09 -134.29 -37.54
C LEU Z 404 23.31 -133.88 -36.28
N GLU Z 405 22.98 -134.73 -35.31
CA GLU Z 405 22.56 -134.23 -33.96
C GLU Z 405 23.68 -133.44 -33.27
N GLY Z 406 24.90 -133.93 -33.43
CA GLY Z 406 26.07 -133.24 -32.96
C GLY Z 406 26.50 -132.07 -33.81
N GLU Z 407 26.15 -132.01 -35.11
CA GLU Z 407 26.35 -130.82 -35.96
C GLU Z 407 25.20 -129.79 -35.85
N GLU Z 408 24.00 -130.19 -35.41
CA GLU Z 408 22.93 -129.32 -34.93
C GLU Z 408 23.32 -128.68 -33.61
N SER Z 409 23.93 -129.49 -32.73
CA SER Z 409 24.65 -128.96 -31.60
C SER Z 409 25.85 -128.11 -32.03
N ARG Z 410 26.57 -128.45 -33.12
CA ARG Z 410 27.80 -127.76 -33.53
C ARG Z 410 27.64 -126.40 -34.16
N ILE Z 411 26.47 -125.86 -34.49
CA ILE Z 411 26.28 -124.39 -34.65
C ILE Z 411 24.86 -123.91 -34.25
N SER Z 412 24.05 -124.72 -33.54
CA SER Z 412 22.59 -124.50 -33.30
C SER Z 412 21.63 -124.72 -34.53
N LEU Z 413 21.81 -125.85 -35.27
CA LEU Z 413 21.97 -125.84 -36.74
C LEU Z 413 21.42 -127.15 -37.40
N PRO Z 414 22.09 -127.98 -38.26
CA PRO Z 414 21.46 -129.15 -38.92
C PRO Z 414 20.82 -130.25 -38.05
N LEU Z 415 19.53 -130.07 -37.77
CA LEU Z 415 18.63 -131.03 -37.11
C LEU Z 415 18.66 -132.51 -37.54
N PRO Z 416 18.75 -132.92 -38.83
CA PRO Z 416 18.35 -134.28 -39.24
C PRO Z 416 19.15 -135.41 -38.56
N ASN Z 417 18.60 -135.99 -37.49
CA ASN Z 417 19.33 -136.80 -36.52
C ASN Z 417 18.92 -138.29 -36.44
N PHE Z 418 19.90 -139.13 -36.08
CA PHE Z 418 19.90 -140.59 -35.84
C PHE Z 418 19.27 -141.56 -36.86
N SER Z 419 18.53 -141.10 -37.86
CA SER Z 419 17.45 -141.86 -38.49
C SER Z 419 17.62 -142.06 -40.00
N SER Z 420 18.07 -143.26 -40.35
CA SER Z 420 17.87 -143.98 -41.63
C SER Z 420 18.28 -145.46 -41.48
N LEU Z 421 18.21 -145.99 -40.25
CA LEU Z 421 19.05 -147.11 -39.77
C LEU Z 421 18.83 -148.38 -40.62
N ASN Z 422 19.94 -148.93 -41.11
CA ASN Z 422 19.96 -150.19 -41.85
C ASN Z 422 20.61 -151.32 -41.04
N LEU Z 423 19.96 -152.48 -41.10
CA LEU Z 423 20.43 -153.78 -40.67
C LEU Z 423 19.61 -154.85 -41.44
N GLN AA 384 32.50 -153.08 -46.52
CA GLN AA 384 32.55 -152.91 -45.06
C GLN AA 384 33.81 -152.19 -44.57
N ASP AA 385 34.97 -152.34 -45.22
CA ASP AA 385 36.22 -151.71 -44.79
C ASP AA 385 36.42 -150.28 -45.33
N LEU AA 386 35.86 -149.95 -46.50
CA LEU AA 386 35.65 -148.54 -46.92
C LEU AA 386 34.69 -147.81 -45.94
N LEU AA 387 33.69 -148.54 -45.44
CA LEU AA 387 32.73 -148.07 -44.44
C LEU AA 387 33.29 -148.14 -42.99
N ASN AA 388 34.38 -148.87 -42.78
CA ASN AA 388 35.17 -148.92 -41.55
C ASN AA 388 36.18 -147.76 -41.49
N VAL AA 389 36.77 -147.37 -42.63
CA VAL AA 389 37.51 -146.12 -42.82
C VAL AA 389 36.60 -144.91 -42.59
N LYS AA 390 35.37 -144.92 -43.15
CA LYS AA 390 34.34 -143.92 -42.86
C LYS AA 390 33.94 -143.89 -41.38
N MET AA 391 33.82 -145.04 -40.72
CA MET AA 391 33.54 -145.12 -39.28
C MET AA 391 34.69 -144.59 -38.40
N ALA AA 392 35.94 -144.89 -38.75
CA ALA AA 392 37.12 -144.42 -38.04
C ALA AA 392 37.29 -142.90 -38.18
N LEU AA 393 37.05 -142.39 -39.39
CA LEU AA 393 36.92 -140.96 -39.67
C LEU AA 393 35.78 -140.34 -38.85
N ASP AA 394 34.62 -140.98 -38.70
CA ASP AA 394 33.54 -140.46 -37.84
C ASP AA 394 33.95 -140.30 -36.36
N ILE AA 395 34.73 -141.23 -35.78
CA ILE AA 395 35.25 -141.13 -34.40
C ILE AA 395 36.34 -140.04 -34.28
N GLU AA 396 37.27 -139.99 -35.22
CA GLU AA 396 38.36 -139.00 -35.25
C GLU AA 396 37.81 -137.58 -35.46
N ILE AA 397 36.85 -137.44 -36.38
CA ILE AA 397 36.09 -136.22 -36.61
C ILE AA 397 35.29 -135.87 -35.34
N ALA AA 398 34.79 -136.80 -34.52
CA ALA AA 398 34.22 -136.45 -33.20
C ALA AA 398 35.23 -135.87 -32.22
N THR AA 399 36.39 -136.48 -32.12
CA THR AA 399 37.45 -136.07 -31.19
C THR AA 399 37.98 -134.68 -31.56
N TYR AA 400 38.03 -134.37 -32.85
CA TYR AA 400 38.30 -133.04 -33.40
C TYR AA 400 37.14 -132.06 -33.17
N ARG AA 401 35.91 -132.45 -33.52
CA ARG AA 401 34.69 -131.63 -33.48
C ARG AA 401 34.34 -131.17 -32.09
N LYS AA 402 34.41 -132.05 -31.08
CA LYS AA 402 34.16 -131.70 -29.67
C LYS AA 402 35.21 -130.74 -29.08
N LEU AA 403 36.30 -130.43 -29.79
CA LEU AA 403 37.31 -129.46 -29.39
C LEU AA 403 37.35 -128.20 -30.26
N LEU AA 404 37.37 -128.31 -31.60
CA LEU AA 404 37.44 -127.14 -32.49
C LEU AA 404 36.06 -126.51 -32.69
N GLU AA 405 35.14 -127.25 -33.28
CA GLU AA 405 33.73 -126.85 -33.33
C GLU AA 405 33.11 -126.86 -31.90
N GLY AA 406 33.80 -127.48 -30.94
CA GLY AA 406 33.54 -127.45 -29.52
C GLY AA 406 34.27 -126.35 -28.72
N GLU AA 407 34.96 -125.41 -29.40
CA GLU AA 407 35.29 -124.05 -28.93
C GLU AA 407 34.56 -122.97 -29.73
N GLU AA 408 34.31 -123.24 -31.03
CA GLU AA 408 33.15 -122.66 -31.72
C GLU AA 408 31.89 -122.90 -30.88
N SER AA 409 31.80 -123.95 -30.03
CA SER AA 409 30.84 -124.13 -28.92
C SER AA 409 30.38 -122.89 -28.18
N ARG AA 410 31.28 -121.98 -27.84
CA ARG AA 410 30.93 -120.76 -27.09
C ARG AA 410 30.40 -119.65 -28.05
N ILE AA 411 29.95 -120.16 -29.20
CA ILE AA 411 29.29 -119.68 -30.41
C ILE AA 411 28.42 -120.83 -31.09
N SER AA 412 28.49 -122.13 -30.67
CA SER AA 412 28.26 -123.37 -31.50
C SER AA 412 28.02 -124.74 -30.70
N LEU AA 413 28.73 -125.93 -30.85
CA LEU AA 413 28.92 -127.22 -29.99
C LEU AA 413 29.39 -128.62 -30.70
N PRO AA 414 29.00 -129.95 -30.50
CA PRO AA 414 29.87 -131.17 -30.76
C PRO AA 414 29.54 -132.32 -31.83
N LEU AA 415 28.82 -133.42 -31.46
CA LEU AA 415 29.06 -134.90 -31.77
C LEU AA 415 28.92 -135.46 -33.22
N PRO AA 416 30.03 -136.05 -33.75
CA PRO AA 416 30.03 -137.32 -34.52
C PRO AA 416 29.90 -138.64 -33.72
N ASN AA 417 29.34 -139.69 -34.36
CA ASN AA 417 29.09 -141.00 -33.73
C ASN AA 417 30.06 -142.13 -34.17
N PHE AA 418 29.58 -143.02 -35.05
CA PHE AA 418 30.07 -144.39 -35.32
C PHE AA 418 29.21 -145.04 -36.44
N SER AA 419 29.73 -146.13 -37.00
CA SER AA 419 29.21 -146.97 -38.10
C SER AA 419 29.22 -146.30 -39.48
N SER AA 420 29.45 -147.16 -40.49
CA SER AA 420 28.58 -147.29 -41.68
C SER AA 420 28.59 -148.73 -42.23
N LEU AA 421 28.90 -149.70 -41.36
CA LEU AA 421 29.31 -151.06 -41.74
C LEU AA 421 28.24 -151.85 -42.52
N ASN AA 422 28.62 -152.33 -43.71
CA ASN AA 422 27.75 -153.10 -44.58
C ASN AA 422 28.42 -154.33 -45.21
N MET BA 1 -1.31 17.02 -12.15
CA MET BA 1 -2.12 18.23 -11.88
C MET BA 1 -1.31 19.42 -12.35
N SER BA 2 -1.88 20.37 -13.11
CA SER BA 2 -1.24 21.70 -13.16
C SER BA 2 -1.42 22.35 -11.79
N THR BA 3 -0.32 22.72 -11.14
CA THR BA 3 -0.40 23.11 -9.73
C THR BA 3 -1.11 24.46 -9.63
N ARG BA 4 -2.23 24.49 -8.89
CA ARG BA 4 -2.80 25.72 -8.35
C ARG BA 4 -1.83 26.31 -7.32
N SER BA 5 -0.84 27.04 -7.82
CA SER BA 5 0.22 27.63 -7.01
C SER BA 5 -0.34 28.66 -6.03
N VAL BA 6 0.38 28.86 -4.92
CA VAL BA 6 -0.06 29.80 -3.88
C VAL BA 6 0.26 31.22 -4.32
N SER BA 7 -0.74 31.90 -4.88
CA SER BA 7 -0.65 33.32 -5.22
C SER BA 7 -0.46 34.16 -3.96
N SER BA 8 0.77 34.63 -3.75
CA SER BA 8 1.29 35.04 -2.43
C SER BA 8 1.58 36.54 -2.37
N SER BA 9 0.58 37.35 -2.70
CA SER BA 9 0.60 38.80 -2.44
C SER BA 9 0.69 39.14 -0.94
N SER BA 10 0.84 40.42 -0.60
CA SER BA 10 1.07 40.94 0.76
C SER BA 10 -0.13 40.90 1.71
N TYR BA 11 -0.96 39.85 1.64
CA TYR BA 11 -1.96 39.50 2.68
C TYR BA 11 -1.34 39.24 4.07
N ARG BA 12 -0.01 39.16 4.18
CA ARG BA 12 0.78 38.87 5.39
C ARG BA 12 1.01 40.09 6.30
N ARG BA 13 1.13 41.30 5.73
CA ARG BA 13 1.46 42.58 6.41
C ARG BA 13 1.13 43.76 5.48
N MET BA 14 1.76 44.92 5.64
CA MET BA 14 1.38 46.21 5.00
C MET BA 14 0.04 46.78 5.47
N PHE BA 15 -0.77 46.00 6.20
CA PHE BA 15 -1.91 46.45 6.97
C PHE BA 15 -1.53 46.65 8.44
N GLY BA 16 -2.17 47.57 9.18
CA GLY BA 16 -3.20 48.52 8.75
C GLY BA 16 -4.33 48.64 9.78
N GLY BA 17 -4.90 49.83 9.90
CA GLY BA 17 -5.69 50.25 11.07
C GLY BA 17 -4.97 51.28 11.93
N PRO BA 18 -3.82 50.97 12.57
CA PRO BA 18 -2.98 51.96 13.27
C PRO BA 18 -2.11 52.81 12.31
N GLY BA 19 -2.64 53.19 11.14
CA GLY BA 19 -2.04 54.20 10.26
C GLY BA 19 -2.05 55.62 10.85
N THR BA 20 -2.80 55.82 11.94
CA THR BA 20 -2.87 57.02 12.79
C THR BA 20 -1.56 57.27 13.56
N ALA BA 21 -0.50 57.59 12.83
CA ALA BA 21 0.86 57.82 13.34
C ALA BA 21 0.99 59.20 14.05
N SER BA 22 1.61 60.19 13.40
CA SER BA 22 1.76 61.55 13.94
C SER BA 22 0.43 62.33 13.93
N ARG BA 23 -0.41 62.09 14.94
CA ARG BA 23 -1.45 63.03 15.34
C ARG BA 23 -0.80 64.37 15.78
N PRO BA 24 -1.38 65.54 15.43
CA PRO BA 24 -0.78 66.84 15.71
C PRO BA 24 -0.87 67.21 17.19
N SER BA 25 0.13 66.81 17.99
CA SER BA 25 0.33 67.36 19.35
C SER BA 25 0.63 68.86 19.35
N SER BA 26 1.05 69.42 18.20
CA SER BA 26 1.13 70.85 17.90
C SER BA 26 -0.20 71.60 18.06
N SER BA 27 -1.35 70.91 18.09
CA SER BA 27 -2.65 71.46 18.50
C SER BA 27 -2.61 72.02 19.93
N ARG BA 28 -1.77 71.45 20.80
CA ARG BA 28 -1.22 72.16 21.96
C ARG BA 28 -0.02 72.99 21.49
N SER BA 29 -0.28 74.27 21.29
CA SER BA 29 0.74 75.32 21.35
C SER BA 29 0.66 76.09 22.67
N TYR BA 30 1.72 76.83 23.02
CA TYR BA 30 1.66 77.85 24.07
C TYR BA 30 2.30 79.14 23.54
N VAL BA 31 1.45 79.98 22.94
CA VAL BA 31 1.83 81.33 22.51
C VAL BA 31 1.50 82.32 23.64
N THR BA 32 2.43 83.22 23.91
CA THR BA 32 2.30 84.37 24.80
C THR BA 32 3.14 85.53 24.27
N THR BA 33 2.67 86.76 24.45
CA THR BA 33 3.46 87.96 24.14
C THR BA 33 4.60 88.14 25.14
N SER BA 34 5.57 88.96 24.77
CA SER BA 34 6.70 89.42 25.61
C SER BA 34 6.19 90.26 26.78
N THR BA 35 5.71 89.58 27.82
CA THR BA 35 4.74 90.15 28.76
C THR BA 35 5.34 91.35 29.51
N ARG BA 36 4.70 92.51 29.41
CA ARG BA 36 5.17 93.78 29.97
C ARG BA 36 4.94 93.82 31.49
N THR BA 37 5.97 94.21 32.23
CA THR BA 37 5.78 95.08 33.40
C THR BA 37 5.75 96.53 32.94
N TYR BA 38 4.67 97.26 33.24
CA TYR BA 38 4.48 98.65 32.80
C TYR BA 38 5.25 99.65 33.68
N SER BA 39 5.79 100.71 33.07
CA SER BA 39 6.39 101.86 33.76
C SER BA 39 5.32 102.78 34.36
N LEU BA 40 5.68 103.49 35.45
CA LEU BA 40 4.86 104.52 36.09
C LEU BA 40 5.76 105.66 36.61
N GLY BA 41 5.43 106.89 36.22
CA GLY BA 41 6.13 108.09 36.72
C GLY BA 41 5.78 108.49 38.17
N SER BA 42 4.95 107.72 38.86
CA SER BA 42 4.45 108.05 40.20
C SER BA 42 5.53 108.10 41.29
N ALA BA 43 6.66 107.41 41.13
CA ALA BA 43 7.82 107.50 42.01
C ALA BA 43 8.90 108.50 41.53
N LEU BA 44 8.79 109.01 40.29
CA LEU BA 44 9.57 110.16 39.80
C LEU BA 44 8.99 111.50 40.26
N ARG BA 45 7.66 111.56 40.49
CA ARG BA 45 6.91 112.77 40.90
C ARG BA 45 6.82 112.91 42.44
N PRO BA 46 7.63 113.74 43.10
CA PRO BA 46 7.44 114.10 44.51
C PRO BA 46 6.32 115.13 44.71
N SER BA 47 6.01 115.43 45.99
CA SER BA 47 5.18 116.57 46.39
C SER BA 47 6.01 117.86 46.56
N THR BA 48 5.92 118.79 45.61
CA THR BA 48 6.47 120.15 45.75
C THR BA 48 5.62 120.99 46.72
N SER BA 49 5.91 120.90 48.02
CA SER BA 49 5.15 121.59 49.07
C SER BA 49 5.43 123.11 49.09
N ARG BA 50 4.38 123.93 49.03
CA ARG BA 50 4.47 125.39 49.20
C ARG BA 50 4.40 125.79 50.69
N SER BA 51 5.56 126.07 51.27
CA SER BA 51 5.66 126.82 52.53
C SER BA 51 5.22 128.28 52.32
N LEU BA 52 4.30 128.78 53.17
CA LEU BA 52 3.90 130.19 53.21
C LEU BA 52 4.51 130.87 54.45
N TYR BA 53 5.10 132.05 54.27
CA TYR BA 53 5.80 132.79 55.32
C TYR BA 53 5.03 134.07 55.69
N ALA BA 54 4.14 133.96 56.68
CA ALA BA 54 3.24 135.03 57.12
C ALA BA 54 3.97 136.12 57.94
N SER BA 55 4.72 137.00 57.27
CA SER BA 55 5.35 138.16 57.90
C SER BA 55 4.33 139.24 58.28
N SER BA 56 4.29 139.61 59.56
CA SER BA 56 3.61 140.81 60.07
C SER BA 56 4.65 141.79 60.65
N PRO BA 57 4.95 142.93 60.00
CA PRO BA 57 5.93 143.90 60.50
C PRO BA 57 5.58 144.47 61.88
N PHE BA 96 22.62 152.26 42.47
CA PHE BA 96 22.58 152.19 41.01
C PHE BA 96 23.86 151.60 40.39
N LYS BA 97 25.02 151.66 41.06
CA LYS BA 97 26.21 150.86 40.68
C LYS BA 97 25.93 149.37 40.75
N ASN BA 98 25.43 148.87 41.87
CA ASN BA 98 25.16 147.43 42.02
C ASN BA 98 23.83 147.02 41.34
N THR BA 99 23.05 148.00 40.88
CA THR BA 99 22.00 147.84 39.87
C THR BA 99 22.57 147.73 38.45
N ARG BA 100 23.64 148.44 38.08
CA ARG BA 100 24.36 148.16 36.81
C ARG BA 100 24.92 146.74 36.80
N THR BA 101 25.47 146.25 37.90
CA THR BA 101 25.90 144.83 37.94
C THR BA 101 24.70 143.86 37.82
N ASN BA 102 23.54 144.19 38.41
CA ASN BA 102 22.34 143.34 38.26
C ASN BA 102 21.63 143.44 36.89
N GLU BA 103 21.66 144.59 36.20
CA GLU BA 103 21.19 144.75 34.82
C GLU BA 103 22.03 143.96 33.82
N LYS BA 104 23.37 144.01 33.96
CA LYS BA 104 24.30 143.34 33.07
C LYS BA 104 24.30 141.82 33.27
N VAL BA 105 23.93 141.36 34.47
CA VAL BA 105 23.83 139.93 34.76
C VAL BA 105 22.42 139.38 34.65
N GLU BA 106 21.36 140.20 34.69
CA GLU BA 106 20.04 139.84 34.13
C GLU BA 106 20.05 139.77 32.60
N LEU BA 107 20.89 140.57 31.92
CA LEU BA 107 21.16 140.40 30.48
C LEU BA 107 21.91 139.09 30.18
N GLN BA 108 22.83 138.65 31.05
CA GLN BA 108 23.57 137.39 30.86
C GLN BA 108 22.76 136.16 31.28
N GLU BA 109 22.04 136.22 32.41
CA GLU BA 109 21.00 135.25 32.82
C GLU BA 109 19.85 135.12 31.81
N LEU BA 110 19.59 136.15 30.99
CA LEU BA 110 18.67 136.02 29.87
C LEU BA 110 19.24 135.18 28.70
N ASN BA 111 20.54 135.23 28.41
CA ASN BA 111 21.19 134.27 27.50
C ASN BA 111 21.25 132.85 28.09
N ASP BA 112 21.45 132.73 29.40
CA ASP BA 112 21.50 131.45 30.09
C ASP BA 112 20.12 130.79 30.31
N ARG BA 113 19.08 131.62 30.36
CA ARG BA 113 17.69 131.21 30.17
C ARG BA 113 17.34 131.00 28.71
N PHE BA 114 17.99 131.64 27.74
CA PHE BA 114 17.89 131.19 26.35
C PHE BA 114 18.46 129.78 26.21
N ALA BA 115 19.64 129.46 26.73
CA ALA BA 115 20.17 128.09 26.73
C ALA BA 115 19.27 127.08 27.45
N ASN BA 116 18.78 127.37 28.65
CA ASN BA 116 17.85 126.48 29.37
C ASN BA 116 16.44 126.41 28.74
N TYR BA 117 16.02 127.40 27.95
CA TYR BA 117 14.81 127.30 27.12
C TYR BA 117 15.08 126.65 25.76
N ILE BA 118 16.32 126.69 25.26
CA ILE BA 118 16.73 125.95 24.06
C ILE BA 118 16.91 124.46 24.44
N ASP BA 119 17.41 124.09 25.63
CA ASP BA 119 17.33 122.72 26.22
C ASP BA 119 15.89 122.20 26.21
N LYS BA 120 14.97 123.02 26.70
CA LYS BA 120 13.54 122.70 26.71
C LYS BA 120 12.93 122.55 25.31
N VAL BA 121 13.44 123.23 24.28
CA VAL BA 121 13.05 123.07 22.86
C VAL BA 121 13.76 121.89 22.20
N ARG BA 122 15.03 121.64 22.53
CA ARG BA 122 15.83 120.48 22.11
C ARG BA 122 15.19 119.20 22.63
N PHE BA 123 14.78 119.15 23.90
CA PHE BA 123 13.97 118.05 24.45
C PHE BA 123 12.56 117.95 23.86
N LEU BA 124 11.90 119.06 23.57
CA LEU BA 124 10.57 119.01 22.95
C LEU BA 124 10.65 118.34 21.57
N GLU BA 125 11.59 118.77 20.74
CA GLU BA 125 11.84 118.13 19.45
C GLU BA 125 12.40 116.72 19.61
N GLN BA 126 13.43 116.50 20.42
CA GLN BA 126 14.08 115.18 20.54
C GLN BA 126 13.25 114.11 21.25
N GLN BA 127 12.33 114.45 22.17
CA GLN BA 127 11.36 113.46 22.66
C GLN BA 127 10.27 113.15 21.62
N ASN BA 128 9.95 114.08 20.71
CA ASN BA 128 9.25 113.74 19.48
C ASN BA 128 10.12 112.92 18.51
N LYS BA 129 11.42 113.24 18.33
CA LYS BA 129 12.31 112.56 17.38
C LYS BA 129 12.63 111.11 17.78
N ILE BA 130 12.87 110.85 19.06
CA ILE BA 130 12.98 109.47 19.58
C ILE BA 130 11.66 108.72 19.37
N LEU BA 131 10.51 109.37 19.56
CA LEU BA 131 9.20 108.74 19.35
C LEU BA 131 8.87 108.52 17.87
N LEU BA 132 9.36 109.37 16.95
CA LEU BA 132 9.21 109.19 15.51
C LEU BA 132 10.14 108.07 15.00
N ALA BA 133 11.40 108.04 15.45
CA ALA BA 133 12.35 106.96 15.15
C ALA BA 133 11.93 105.60 15.74
N GLU BA 134 11.49 105.54 17.02
CA GLU BA 134 10.90 104.33 17.64
C GLU BA 134 9.49 103.97 17.08
N LEU BA 135 8.95 104.70 16.08
CA LEU BA 135 7.69 104.40 15.37
C LEU BA 135 7.78 104.23 13.85
N GLU BA 136 8.68 104.88 13.11
CA GLU BA 136 8.51 105.03 11.65
C GLU BA 136 8.74 103.72 10.86
N GLN BA 137 9.61 102.87 11.42
CA GLN BA 137 9.76 101.46 11.04
C GLN BA 137 8.55 100.58 11.43
N LEU BA 138 7.66 101.08 12.31
CA LEU BA 138 6.37 100.46 12.66
C LEU BA 138 5.18 101.04 11.86
N LYS BA 139 5.41 102.03 10.99
CA LYS BA 139 4.38 102.70 10.16
C LYS BA 139 4.55 102.42 8.68
N GLY BA 140 5.61 102.94 8.06
CA GLY BA 140 5.78 102.93 6.60
C GLY BA 140 6.31 101.60 6.06
N GLN BA 141 7.48 101.23 6.58
CA GLN BA 141 7.93 99.83 6.61
C GLN BA 141 6.95 98.91 7.37
N GLY BA 142 6.17 99.46 8.30
CA GLY BA 142 5.07 98.78 9.02
C GLY BA 142 3.84 98.41 8.17
N LYS BA 143 3.79 98.78 6.89
CA LYS BA 143 2.89 98.18 5.88
C LYS BA 143 3.64 97.45 4.77
N SER BA 144 4.79 97.94 4.32
CA SER BA 144 5.53 97.27 3.25
C SER BA 144 6.10 95.91 3.69
N ARG BA 145 6.65 95.80 4.91
CA ARG BA 145 7.08 94.52 5.55
C ARG BA 145 5.93 93.57 5.91
N LEU BA 146 4.69 94.07 5.90
CA LEU BA 146 3.51 93.25 6.16
C LEU BA 146 2.97 92.61 4.86
N GLY BA 147 3.11 93.28 3.72
CA GLY BA 147 2.95 92.65 2.39
C GLY BA 147 4.08 91.67 2.06
N ASP BA 148 5.33 92.07 2.37
CA ASP BA 148 6.55 91.24 2.30
C ASP BA 148 6.37 89.89 3.03
N LEU BA 149 5.75 89.91 4.22
CA LEU BA 149 5.41 88.71 5.00
C LEU BA 149 4.18 87.94 4.47
N TYR BA 150 3.12 88.63 4.05
CA TYR BA 150 1.92 87.97 3.51
C TYR BA 150 2.19 87.25 2.19
N GLU BA 151 3.19 87.66 1.41
CA GLU BA 151 3.61 86.90 0.22
C GLU BA 151 4.50 85.67 0.54
N GLU BA 152 5.21 85.65 1.68
CA GLU BA 152 5.80 84.40 2.25
C GLU BA 152 4.71 83.43 2.77
N GLU BA 153 3.72 83.93 3.51
CA GLU BA 153 2.55 83.13 3.94
C GLU BA 153 1.75 82.62 2.72
N MET BA 154 1.64 83.44 1.66
CA MET BA 154 1.07 83.06 0.38
C MET BA 154 1.94 82.05 -0.38
N ARG BA 155 3.27 82.06 -0.25
CA ARG BA 155 4.15 81.09 -0.90
C ARG BA 155 3.97 79.68 -0.37
N GLU BA 156 3.94 79.44 0.94
CA GLU BA 156 3.70 78.06 1.40
C GLU BA 156 2.29 77.59 0.96
N LEU BA 157 1.28 78.47 1.02
CA LEU BA 157 -0.07 78.15 0.53
C LEU BA 157 -0.11 77.86 -0.98
N ARG BA 158 0.60 78.66 -1.78
CA ARG BA 158 0.81 78.49 -3.22
C ARG BA 158 1.48 77.16 -3.50
N ARG BA 159 2.61 76.85 -2.84
CA ARG BA 159 3.31 75.57 -2.97
C ARG BA 159 2.47 74.37 -2.53
N GLN BA 160 1.64 74.49 -1.50
CA GLN BA 160 0.71 73.42 -1.09
C GLN BA 160 -0.42 73.18 -2.12
N VAL BA 161 -1.05 74.24 -2.64
CA VAL BA 161 -2.11 74.16 -3.66
C VAL BA 161 -1.56 73.66 -5.01
N ASP BA 162 -0.37 74.11 -5.36
CA ASP BA 162 0.41 73.69 -6.53
C ASP BA 162 0.79 72.21 -6.46
N GLN BA 163 1.34 71.73 -5.34
CA GLN BA 163 1.62 70.29 -5.13
C GLN BA 163 0.35 69.40 -5.19
N LEU BA 164 -0.81 69.89 -4.74
CA LEU BA 164 -2.10 69.19 -4.89
C LEU BA 164 -2.64 69.22 -6.33
N THR BA 165 -2.35 70.28 -7.09
CA THR BA 165 -2.70 70.39 -8.51
C THR BA 165 -1.88 69.41 -9.35
N ASN BA 166 -0.60 69.32 -9.04
CA ASN BA 166 0.36 68.44 -9.70
C ASN BA 166 0.03 66.97 -9.42
N ASP BA 167 -0.18 66.57 -8.16
CA ASP BA 167 -0.56 65.19 -7.80
C ASP BA 167 -1.94 64.77 -8.35
N LYS BA 168 -2.88 65.71 -8.52
CA LYS BA 168 -4.19 65.44 -9.11
C LYS BA 168 -4.08 65.08 -10.60
N ALA BA 169 -3.63 66.03 -11.42
CA ALA BA 169 -3.66 65.87 -12.88
C ALA BA 169 -2.49 65.00 -13.42
N ARG BA 170 -1.48 64.72 -12.58
CA ARG BA 170 -0.57 63.58 -12.70
C ARG BA 170 -1.31 62.26 -12.90
N VAL BA 171 -2.22 61.92 -11.99
CA VAL BA 171 -3.00 60.66 -12.06
C VAL BA 171 -3.97 60.65 -13.25
N GLU BA 172 -4.33 61.81 -13.79
CA GLU BA 172 -5.26 61.90 -14.91
C GLU BA 172 -4.64 61.41 -16.23
N VAL BA 173 -3.37 61.76 -16.49
CA VAL BA 173 -2.65 61.38 -17.72
C VAL BA 173 -1.74 60.15 -17.54
N GLU BA 174 -1.24 59.89 -16.32
CA GLU BA 174 -0.67 58.60 -15.87
C GLU BA 174 -1.59 57.43 -16.23
N ARG BA 175 -2.85 57.53 -15.78
CA ARG BA 175 -3.84 56.47 -15.83
C ARG BA 175 -4.18 56.06 -17.26
N ASP BA 176 -4.32 57.04 -18.14
CA ASP BA 176 -4.82 56.81 -19.50
C ASP BA 176 -3.74 56.17 -20.39
N ASN BA 177 -2.47 56.59 -20.26
CA ASN BA 177 -1.35 55.84 -20.84
C ASN BA 177 -1.14 54.46 -20.16
N LEU BA 178 -1.25 54.35 -18.83
CA LEU BA 178 -1.17 53.05 -18.13
C LEU BA 178 -2.33 52.09 -18.49
N ALA BA 179 -3.49 52.61 -18.92
CA ALA BA 179 -4.55 51.79 -19.47
C ALA BA 179 -4.25 51.32 -20.91
N GLU BA 180 -3.46 52.08 -21.67
CA GLU BA 180 -2.96 51.73 -23.00
C GLU BA 180 -1.86 50.65 -22.96
N ASP BA 181 -0.81 50.76 -22.12
CA ASP BA 181 0.18 49.67 -21.87
C ASP BA 181 -0.48 48.35 -21.49
N ILE BA 182 -1.37 48.42 -20.50
CA ILE BA 182 -2.07 47.25 -19.98
C ILE BA 182 -3.06 46.69 -21.02
N MET BA 183 -3.41 47.44 -22.08
CA MET BA 183 -4.08 46.92 -23.27
C MET BA 183 -3.08 46.39 -24.33
N ARG BA 184 -1.97 47.08 -24.60
CA ARG BA 184 -0.94 46.70 -25.59
C ARG BA 184 -0.29 45.37 -25.28
N LEU BA 185 0.10 45.10 -24.04
CA LEU BA 185 0.56 43.78 -23.60
C LEU BA 185 -0.59 42.75 -23.58
N ARG BA 186 -1.85 43.16 -23.40
CA ARG BA 186 -3.00 42.25 -23.46
C ARG BA 186 -3.40 41.83 -24.87
N GLU BA 187 -3.30 42.70 -25.87
CA GLU BA 187 -3.71 42.41 -27.27
C GLU BA 187 -2.93 41.19 -27.81
N LYS BA 188 -1.60 41.29 -27.74
CA LYS BA 188 -0.62 40.20 -27.79
C LYS BA 188 -1.00 38.95 -27.00
N LEU BA 189 -1.18 39.07 -25.68
CA LEU BA 189 -1.44 37.91 -24.80
C LEU BA 189 -2.83 37.27 -25.02
N GLN BA 190 -3.81 38.00 -25.54
CA GLN BA 190 -5.17 37.52 -25.80
C GLN BA 190 -5.25 36.80 -27.15
N GLU BA 191 -4.59 37.32 -28.17
CA GLU BA 191 -4.44 36.66 -29.47
C GLU BA 191 -3.58 35.39 -29.37
N GLU BA 192 -2.50 35.42 -28.56
CA GLU BA 192 -1.76 34.20 -28.20
C GLU BA 192 -2.61 33.22 -27.39
N MET BA 193 -3.48 33.70 -26.49
CA MET BA 193 -4.38 32.83 -25.72
C MET BA 193 -5.43 32.14 -26.61
N LEU BA 194 -5.92 32.81 -27.66
CA LEU BA 194 -6.87 32.22 -28.63
C LEU BA 194 -6.26 31.04 -29.38
N GLN BA 195 -5.06 31.24 -29.96
CA GLN BA 195 -4.31 30.14 -30.57
C GLN BA 195 -3.98 29.03 -29.56
N ARG BA 196 -3.55 29.39 -28.34
CA ARG BA 196 -3.11 28.42 -27.33
C ARG BA 196 -4.23 27.47 -26.89
N GLU BA 197 -5.49 27.86 -27.00
CA GLU BA 197 -6.65 27.05 -26.60
C GLU BA 197 -7.12 26.04 -27.67
N GLU BA 198 -6.98 26.33 -28.97
CA GLU BA 198 -7.07 25.32 -30.05
C GLU BA 198 -5.83 24.38 -30.03
N ALA BA 199 -4.64 24.99 -29.90
CA ALA BA 199 -3.34 24.32 -29.97
C ALA BA 199 -3.06 23.28 -28.86
N GLU BA 200 -3.95 23.11 -27.88
CA GLU BA 200 -3.86 22.05 -26.86
C GLU BA 200 -3.93 20.65 -27.47
N ASN BA 201 -4.91 20.42 -28.35
CA ASN BA 201 -5.30 19.08 -28.80
C ASN BA 201 -4.74 18.74 -30.18
N THR BA 202 -4.65 19.74 -31.07
CA THR BA 202 -4.12 19.60 -32.44
C THR BA 202 -2.66 19.14 -32.44
N LEU BA 203 -1.84 19.56 -31.46
CA LEU BA 203 -0.47 19.06 -31.27
C LEU BA 203 -0.36 17.55 -30.94
N GLN BA 204 -1.40 16.93 -30.38
CA GLN BA 204 -1.45 15.46 -30.23
C GLN BA 204 -1.98 14.74 -31.47
N SER BA 205 -2.84 15.40 -32.26
CA SER BA 205 -3.26 14.97 -33.59
C SER BA 205 -2.07 14.96 -34.56
N PHE BA 206 -1.32 16.08 -34.62
CA PHE BA 206 -0.16 16.27 -35.51
C PHE BA 206 0.89 15.17 -35.39
N ARG BA 207 1.15 14.75 -34.14
CA ARG BA 207 2.15 13.73 -33.82
C ARG BA 207 1.64 12.31 -34.06
N GLN BA 208 0.34 12.04 -33.89
CA GLN BA 208 -0.31 10.81 -34.35
C GLN BA 208 -0.38 10.72 -35.88
N ASP BA 209 -0.58 11.84 -36.58
CA ASP BA 209 -0.53 11.89 -38.05
C ASP BA 209 0.87 11.59 -38.61
N VAL BA 210 1.93 12.09 -37.96
CA VAL BA 210 3.33 11.78 -38.27
C VAL BA 210 3.72 10.35 -37.87
N ASP BA 211 3.16 9.82 -36.77
CA ASP BA 211 3.30 8.41 -36.38
C ASP BA 211 2.64 7.45 -37.40
N ASN BA 212 1.42 7.76 -37.89
CA ASN BA 212 0.72 6.95 -38.90
C ASN BA 212 1.46 6.90 -40.24
N ALA BA 213 1.99 8.03 -40.71
CA ALA BA 213 2.89 8.06 -41.86
C ALA BA 213 4.22 7.31 -41.62
N SER BA 214 4.66 7.22 -40.38
CA SER BA 214 5.87 6.46 -40.03
C SER BA 214 5.58 4.97 -39.95
N LEU BA 215 4.37 4.54 -39.55
CA LEU BA 215 3.90 3.15 -39.66
C LEU BA 215 3.79 2.68 -41.12
N ALA BA 216 3.30 3.53 -42.02
CA ALA BA 216 3.29 3.24 -43.46
C ALA BA 216 4.72 3.03 -44.02
N ARG BA 217 5.62 4.00 -43.76
CA ARG BA 217 7.01 3.94 -44.25
C ARG BA 217 7.83 2.78 -43.64
N LEU BA 218 7.49 2.36 -42.42
CA LEU BA 218 8.16 1.31 -41.65
C LEU BA 218 8.00 -0.12 -42.23
N ASP BA 219 6.91 -0.43 -42.92
CA ASP BA 219 6.74 -1.75 -43.56
C ASP BA 219 7.71 -1.94 -44.72
N LEU BA 220 7.85 -0.92 -45.55
CA LEU BA 220 8.74 -0.92 -46.72
C LEU BA 220 10.22 -0.81 -46.36
N GLU BA 221 10.56 -0.17 -45.24
CA GLU BA 221 11.90 -0.20 -44.64
C GLU BA 221 12.31 -1.62 -44.22
N ARG BA 222 11.51 -2.25 -43.35
CA ARG BA 222 11.78 -3.61 -42.83
C ARG BA 222 11.75 -4.66 -43.92
N LYS BA 223 10.89 -4.47 -44.93
CA LYS BA 223 10.86 -5.31 -46.13
C LYS BA 223 12.12 -5.17 -46.98
N VAL BA 224 12.52 -3.96 -47.37
CA VAL BA 224 13.69 -3.81 -48.26
C VAL BA 224 15.02 -4.17 -47.57
N GLU BA 225 15.10 -4.06 -46.24
CA GLU BA 225 16.16 -4.67 -45.44
C GLU BA 225 16.17 -6.21 -45.56
N SER BA 226 15.05 -6.85 -45.24
CA SER BA 226 14.91 -8.32 -45.26
C SER BA 226 15.12 -8.92 -46.65
N LEU BA 227 14.71 -8.21 -47.70
CA LEU BA 227 14.75 -8.70 -49.08
C LEU BA 227 16.17 -8.67 -49.69
N GLN BA 228 17.14 -8.01 -49.05
CA GLN BA 228 18.57 -8.20 -49.36
C GLN BA 228 19.06 -9.61 -49.00
N GLU BA 229 18.60 -10.17 -47.87
CA GLU BA 229 18.85 -11.58 -47.53
C GLU BA 229 18.09 -12.54 -48.45
N GLU BA 230 16.86 -12.21 -48.83
CA GLU BA 230 16.07 -13.07 -49.74
C GLU BA 230 16.64 -13.13 -51.18
N ILE BA 231 17.32 -12.10 -51.69
CA ILE BA 231 18.14 -12.20 -52.93
C ILE BA 231 19.35 -13.13 -52.70
N ALA BA 232 20.06 -12.94 -51.58
CA ALA BA 232 21.25 -13.72 -51.26
C ALA BA 232 20.95 -15.22 -51.01
N PHE BA 233 19.71 -15.53 -50.62
CA PHE BA 233 19.15 -16.89 -50.63
C PHE BA 233 18.71 -17.32 -52.04
N LEU BA 234 18.01 -16.46 -52.80
CA LEU BA 234 17.47 -16.78 -54.13
C LEU BA 234 18.51 -17.37 -55.05
N LYS BA 235 19.65 -16.70 -55.19
CA LYS BA 235 20.70 -17.12 -56.13
C LYS BA 235 21.13 -18.56 -55.88
N LYS BA 236 21.33 -18.91 -54.61
CA LYS BA 236 21.84 -20.21 -54.17
C LYS BA 236 20.82 -21.31 -54.38
N LEU BA 237 19.65 -21.14 -53.76
CA LEU BA 237 18.62 -22.17 -53.75
C LEU BA 237 17.96 -22.39 -55.13
N HIS BA 238 18.07 -21.41 -56.05
CA HIS BA 238 17.81 -21.58 -57.48
C HIS BA 238 18.90 -22.37 -58.21
N GLU BA 239 20.17 -21.99 -58.04
CA GLU BA 239 21.29 -22.63 -58.73
C GLU BA 239 21.61 -24.02 -58.16
N GLU BA 240 21.22 -24.30 -56.92
CA GLU BA 240 21.21 -25.60 -56.26
C GLU BA 240 20.05 -26.48 -56.80
N GLU BA 241 18.83 -25.96 -56.87
CA GLU BA 241 17.66 -26.62 -57.50
C GLU BA 241 17.89 -27.01 -58.97
N ILE BA 242 18.32 -26.07 -59.83
CA ILE BA 242 18.56 -26.35 -61.26
C ILE BA 242 19.69 -27.38 -61.45
N GLN BA 243 20.67 -27.44 -60.55
CA GLN BA 243 21.80 -28.40 -60.68
C GLN BA 243 21.46 -29.81 -60.19
N GLU BA 244 20.68 -29.96 -59.11
CA GLU BA 244 20.18 -31.26 -58.67
C GLU BA 244 19.13 -31.83 -59.65
N LEU BA 245 18.25 -30.97 -60.21
CA LEU BA 245 17.33 -31.32 -61.31
C LEU BA 245 18.07 -31.75 -62.59
N GLN BA 246 19.14 -31.05 -62.98
CA GLN BA 246 19.94 -31.43 -64.16
C GLN BA 246 20.95 -32.57 -63.87
N ALA BA 247 21.05 -33.05 -62.63
CA ALA BA 247 21.64 -34.34 -62.28
C ALA BA 247 20.61 -35.49 -62.35
N GLN BA 248 19.37 -35.26 -61.89
CA GLN BA 248 18.21 -36.17 -62.07
C GLN BA 248 18.01 -36.53 -63.56
N ILE BA 249 18.04 -35.50 -64.42
CA ILE BA 249 17.82 -35.69 -65.87
C ILE BA 249 18.94 -36.51 -66.54
N GLN BA 250 20.12 -36.62 -65.90
CA GLN BA 250 21.21 -37.51 -66.31
C GLN BA 250 21.08 -38.92 -65.71
N GLU BA 251 20.68 -39.06 -64.44
CA GLU BA 251 20.36 -40.35 -63.80
C GLU BA 251 19.11 -41.04 -64.38
N GLN BA 252 18.34 -40.34 -65.21
CA GLN BA 252 17.15 -40.86 -65.91
C GLN BA 252 17.40 -42.08 -66.84
N HIS BA 253 18.65 -42.52 -67.10
CA HIS BA 253 19.05 -42.97 -68.45
C HIS BA 253 19.41 -44.48 -68.72
N VAL BA 254 20.67 -44.98 -68.72
CA VAL BA 254 20.99 -46.41 -69.05
C VAL BA 254 22.27 -47.11 -68.49
N GLN BA 255 22.05 -48.35 -68.02
CA GLN BA 255 23.01 -49.49 -68.06
C GLN BA 255 22.57 -50.69 -68.93
N ILE BA 256 23.52 -51.57 -69.29
CA ILE BA 256 23.26 -52.80 -70.08
C ILE BA 256 23.99 -54.06 -69.56
N ASP BA 257 25.32 -54.03 -69.34
CA ASP BA 257 26.22 -55.22 -69.34
C ASP BA 257 26.30 -55.90 -70.73
N VAL BA 258 27.22 -56.85 -70.91
CA VAL BA 258 27.68 -57.33 -72.23
C VAL BA 258 27.94 -58.84 -72.23
N ASP BA 259 27.71 -59.49 -73.38
CA ASP BA 259 28.09 -60.90 -73.61
C ASP BA 259 29.61 -61.12 -73.68
N VAL BA 260 30.42 -60.05 -73.80
CA VAL BA 260 31.88 -60.18 -73.80
C VAL BA 260 32.52 -60.25 -72.41
N SER BA 261 31.73 -60.06 -71.33
CA SER BA 261 32.17 -60.25 -69.94
C SER BA 261 32.58 -61.70 -69.63
N LYS BA 262 32.13 -62.67 -70.44
CA LYS BA 262 32.66 -64.05 -70.57
C LYS BA 262 32.41 -64.51 -72.01
N PRO BA 263 33.36 -65.18 -72.69
CA PRO BA 263 33.35 -65.28 -74.15
C PRO BA 263 32.14 -65.95 -74.80
N ASP BA 264 31.44 -66.88 -74.10
CA ASP BA 264 30.29 -67.74 -74.47
C ASP BA 264 30.30 -68.44 -75.87
N LEU BA 265 30.55 -67.72 -76.96
CA LEU BA 265 30.84 -68.18 -78.33
C LEU BA 265 31.87 -69.32 -78.45
N THR BA 266 32.84 -69.42 -77.54
CA THR BA 266 33.81 -70.54 -77.52
C THR BA 266 33.12 -71.90 -77.30
N ALA BA 267 31.94 -71.93 -76.69
CA ALA BA 267 31.10 -73.13 -76.63
C ALA BA 267 30.52 -73.51 -78.00
N ALA BA 268 29.91 -72.55 -78.72
CA ALA BA 268 29.39 -72.77 -80.08
C ALA BA 268 30.46 -73.26 -81.09
N LEU BA 269 31.70 -72.76 -80.97
CA LEU BA 269 32.84 -73.24 -81.77
C LEU BA 269 33.30 -74.67 -81.41
N ARG BA 270 33.12 -75.12 -80.16
CA ARG BA 270 33.30 -76.53 -79.75
C ARG BA 270 32.15 -77.42 -80.23
N ASP BA 271 30.93 -76.91 -80.35
CA ASP BA 271 29.79 -77.68 -80.84
C ASP BA 271 29.83 -77.89 -82.35
N VAL BA 272 30.35 -76.91 -83.11
CA VAL BA 272 30.78 -77.09 -84.51
C VAL BA 272 31.89 -78.14 -84.64
N ARG BA 273 32.82 -78.20 -83.69
CA ARG BA 273 33.88 -79.23 -83.66
C ARG BA 273 33.32 -80.63 -83.33
N GLN BA 274 32.38 -80.74 -82.38
CA GLN BA 274 31.70 -81.98 -82.04
C GLN BA 274 30.75 -82.46 -83.16
N GLN BA 275 30.16 -81.56 -83.94
CA GLN BA 275 29.47 -81.88 -85.19
C GLN BA 275 30.43 -82.48 -86.23
N TYR BA 276 31.60 -81.87 -86.44
CA TYR BA 276 32.62 -82.39 -87.35
C TYR BA 276 33.12 -83.78 -86.93
N GLU BA 277 33.38 -84.00 -85.63
CA GLU BA 277 33.84 -85.29 -85.11
C GLU BA 277 32.75 -86.38 -85.15
N SER BA 278 31.47 -86.00 -84.96
CA SER BA 278 30.32 -86.89 -85.11
C SER BA 278 30.09 -87.30 -86.57
N VAL BA 279 30.08 -86.33 -87.49
CA VAL BA 279 29.91 -86.57 -88.94
C VAL BA 279 31.10 -87.36 -89.50
N ALA BA 280 32.34 -87.07 -89.06
CA ALA BA 280 33.50 -87.88 -89.44
C ALA BA 280 33.41 -89.34 -88.97
N ALA BA 281 32.88 -89.60 -87.76
CA ALA BA 281 32.62 -90.95 -87.29
C ALA BA 281 31.51 -91.68 -88.07
N LYS BA 282 30.43 -90.98 -88.46
CA LYS BA 282 29.36 -91.57 -89.29
C LYS BA 282 29.77 -91.81 -90.74
N ASN BA 283 30.66 -90.97 -91.30
CA ASN BA 283 31.27 -91.21 -92.61
C ASN BA 283 32.17 -92.47 -92.62
N LEU BA 284 32.83 -92.79 -91.49
CA LEU BA 284 33.55 -94.05 -91.32
C LEU BA 284 32.61 -95.25 -91.23
N GLN BA 285 31.43 -95.11 -90.61
CA GLN BA 285 30.40 -96.17 -90.58
C GLN BA 285 29.69 -96.38 -91.94
N GLU BA 286 29.52 -95.34 -92.75
CA GLU BA 286 29.09 -95.50 -94.15
C GLU BA 286 30.07 -96.34 -94.97
N ALA BA 287 31.38 -96.10 -94.78
CA ALA BA 287 32.42 -96.93 -95.38
C ALA BA 287 32.45 -98.35 -94.79
N GLU BA 288 32.19 -98.52 -93.49
CA GLU BA 288 32.13 -99.83 -92.83
C GLU BA 288 30.99 -100.71 -93.37
N GLU BA 289 29.80 -100.16 -93.58
CA GLU BA 289 28.67 -100.85 -94.23
C GLU BA 289 28.93 -101.15 -95.72
N TRP BA 290 29.66 -100.27 -96.43
CA TRP BA 290 30.12 -100.57 -97.80
C TRP BA 290 31.17 -101.70 -97.85
N TYR BA 291 32.09 -101.76 -96.88
CA TYR BA 291 33.00 -102.91 -96.72
C TYR BA 291 32.25 -104.19 -96.34
N LYS BA 292 31.21 -104.12 -95.51
CA LYS BA 292 30.33 -105.28 -95.22
C LYS BA 292 29.54 -105.74 -96.45
N SER BA 293 29.07 -104.83 -97.30
CA SER BA 293 28.43 -105.15 -98.59
C SER BA 293 29.37 -105.96 -99.48
N LYS BA 294 30.63 -105.51 -99.58
CA LYS BA 294 31.69 -106.22 -100.29
C LYS BA 294 32.08 -107.55 -99.64
N PHE BA 295 31.98 -107.68 -98.31
CA PHE BA 295 32.19 -108.96 -97.63
C PHE BA 295 31.04 -109.95 -97.87
N ALA BA 296 29.80 -109.47 -98.03
CA ALA BA 296 28.66 -110.29 -98.48
C ALA BA 296 28.82 -110.74 -99.95
N ASP BA 297 29.23 -109.83 -100.84
CA ASP BA 297 29.59 -110.16 -102.23
C ASP BA 297 30.65 -111.27 -102.32
N LEU BA 298 31.76 -111.12 -101.59
CA LEU BA 298 32.86 -112.09 -101.61
C LEU BA 298 32.50 -113.43 -100.95
N SER BA 299 31.75 -113.41 -99.84
CA SER BA 299 31.37 -114.63 -99.10
C SER BA 299 30.33 -115.45 -99.86
N GLU BA 300 29.33 -114.78 -100.42
CA GLU BA 300 28.30 -115.44 -101.23
C GLU BA 300 28.78 -115.78 -102.65
N ALA BA 301 29.80 -115.10 -103.19
CA ALA BA 301 30.56 -115.59 -104.34
C ALA BA 301 31.35 -116.88 -104.02
N ALA BA 302 31.96 -116.99 -102.83
CA ALA BA 302 32.63 -118.22 -102.41
C ALA BA 302 31.64 -119.39 -102.19
N ASN BA 303 30.45 -119.12 -101.66
CA ASN BA 303 29.36 -120.11 -101.59
C ASN BA 303 28.84 -120.49 -102.98
N ARG BA 304 28.67 -119.51 -103.89
CA ARG BA 304 28.29 -119.73 -105.29
C ARG BA 304 29.32 -120.54 -106.06
N ASN BA 305 30.62 -120.38 -105.79
CA ASN BA 305 31.66 -121.22 -106.37
C ASN BA 305 31.64 -122.68 -105.85
N ASN BA 306 31.34 -122.88 -104.56
CA ASN BA 306 31.10 -124.22 -104.01
C ASN BA 306 29.82 -124.89 -104.55
N ASP BA 307 28.81 -124.12 -104.96
CA ASP BA 307 27.61 -124.61 -105.62
C ASP BA 307 27.75 -124.81 -107.13
N MET CA 1 17.16 9.34 7.41
CA MET CA 1 15.99 8.80 6.67
C MET CA 1 16.47 7.67 5.78
N SER CA 2 15.65 6.63 5.57
CA SER CA 2 15.96 5.50 4.69
C SER CA 2 14.69 5.05 3.96
N THR CA 3 14.72 5.06 2.63
CA THR CA 3 13.51 4.78 1.81
C THR CA 3 13.11 3.31 1.92
N ARG CA 4 11.97 3.04 2.58
CA ARG CA 4 11.33 1.71 2.68
C ARG CA 4 10.79 1.22 1.33
N SER CA 5 11.69 0.84 0.43
CA SER CA 5 11.37 0.40 -0.92
C SER CA 5 10.94 -1.08 -0.93
N VAL CA 6 9.63 -1.33 -0.91
CA VAL CA 6 9.00 -2.63 -1.19
C VAL CA 6 9.06 -2.94 -2.70
N SER CA 7 10.28 -3.01 -3.21
CA SER CA 7 10.60 -2.95 -4.66
C SER CA 7 10.01 -4.12 -5.43
N SER CA 8 9.88 -3.94 -6.75
CA SER CA 8 10.14 -5.07 -7.65
C SER CA 8 11.62 -5.41 -7.64
N SER CA 9 11.93 -6.52 -6.95
CA SER CA 9 13.29 -6.86 -6.53
C SER CA 9 14.19 -7.10 -7.74
N SER CA 10 15.46 -6.71 -7.60
CA SER CA 10 16.47 -6.73 -8.66
C SER CA 10 16.89 -8.12 -9.15
N TYR CA 11 16.13 -9.18 -8.81
CA TYR CA 11 16.24 -10.52 -9.37
C TYR CA 11 15.09 -10.90 -10.31
N ARG CA 12 14.00 -10.11 -10.39
CA ARG CA 12 12.90 -10.32 -11.35
C ARG CA 12 12.29 -9.08 -12.01
N ARG CA 13 12.62 -7.85 -11.57
CA ARG CA 13 12.16 -6.60 -12.21
C ARG CA 13 12.49 -6.54 -13.71
N MET CA 14 13.76 -6.77 -14.06
CA MET CA 14 14.25 -6.80 -15.45
C MET CA 14 14.24 -8.22 -16.07
N PHE CA 15 13.57 -9.19 -15.43
CA PHE CA 15 13.71 -10.63 -15.75
C PHE CA 15 12.36 -11.39 -15.81
N GLY CA 16 11.24 -10.69 -16.01
CA GLY CA 16 9.94 -11.25 -16.43
C GLY CA 16 9.47 -12.55 -15.73
N GLY CA 17 9.63 -12.64 -14.41
CA GLY CA 17 9.47 -13.88 -13.63
C GLY CA 17 8.02 -14.31 -13.39
N PRO CA 18 7.78 -15.62 -13.23
CA PRO CA 18 6.52 -16.34 -13.39
C PRO CA 18 5.30 -15.61 -13.99
N GLY CA 19 5.32 -15.17 -15.26
CA GLY CA 19 6.49 -14.93 -16.13
C GLY CA 19 6.61 -15.71 -17.43
N THR CA 20 6.99 -14.98 -18.48
CA THR CA 20 7.43 -15.50 -19.79
C THR CA 20 8.96 -15.70 -19.90
N ALA CA 21 9.76 -15.17 -18.96
CA ALA CA 21 11.19 -15.49 -18.85
C ALA CA 21 11.46 -16.83 -18.15
N SER CA 22 10.56 -17.25 -17.25
CA SER CA 22 10.37 -18.65 -16.84
C SER CA 22 9.71 -19.54 -17.93
N ARG CA 23 9.45 -18.96 -19.11
CA ARG CA 23 9.29 -19.62 -20.42
C ARG CA 23 8.43 -20.90 -20.40
N PRO CA 24 7.09 -20.75 -20.33
CA PRO CA 24 6.14 -21.82 -20.64
C PRO CA 24 6.16 -22.15 -22.16
N SER CA 25 7.24 -22.80 -22.60
CA SER CA 25 7.56 -23.25 -23.96
C SER CA 25 6.68 -24.41 -24.46
N SER CA 26 5.48 -24.55 -23.91
CA SER CA 26 4.58 -25.69 -24.11
C SER CA 26 3.80 -25.60 -25.43
N SER CA 27 4.50 -25.68 -26.57
CA SER CA 27 3.88 -26.07 -27.84
C SER CA 27 3.28 -27.48 -27.71
N ARG CA 28 1.95 -27.58 -27.79
CA ARG CA 28 1.18 -28.77 -27.36
C ARG CA 28 1.05 -29.84 -28.46
N SER CA 29 2.18 -30.25 -29.05
CA SER CA 29 2.20 -31.40 -29.97
C SER CA 29 1.73 -32.68 -29.26
N TYR CA 30 0.56 -33.20 -29.63
CA TYR CA 30 0.05 -34.46 -29.08
C TYR CA 30 0.85 -35.66 -29.64
N VAL CA 31 1.39 -36.48 -28.73
CA VAL CA 31 2.27 -37.62 -29.07
C VAL CA 31 1.45 -38.80 -29.60
N THR CA 32 1.00 -38.65 -30.86
CA THR CA 32 0.06 -39.56 -31.54
C THR CA 32 0.70 -40.93 -31.77
N THR CA 33 0.52 -41.86 -30.82
CA THR CA 33 1.08 -43.22 -30.90
C THR CA 33 0.25 -44.07 -31.88
N SER CA 34 0.54 -43.92 -33.18
CA SER CA 34 -0.28 -44.45 -34.28
C SER CA 34 -0.47 -45.97 -34.20
N THR CA 35 -1.70 -46.39 -33.88
CA THR CA 35 -2.06 -47.82 -33.74
C THR CA 35 -2.37 -48.43 -35.10
N ARG CA 36 -1.51 -49.34 -35.58
CA ARG CA 36 -1.76 -50.15 -36.78
C ARG CA 36 -2.30 -51.55 -36.44
N THR CA 37 -3.19 -52.06 -37.27
CA THR CA 37 -3.75 -53.42 -37.20
C THR CA 37 -2.82 -54.48 -37.81
N TYR CA 38 -1.54 -54.54 -37.39
CA TYR CA 38 -0.55 -55.43 -38.01
C TYR CA 38 0.46 -56.07 -37.03
N SER CA 39 0.37 -57.40 -36.89
CA SER CA 39 1.43 -58.27 -36.39
C SER CA 39 2.45 -58.57 -37.49
N LEU CA 40 3.74 -58.57 -37.17
CA LEU CA 40 4.80 -58.61 -38.18
C LEU CA 40 4.83 -59.98 -38.89
N GLY CA 41 4.75 -59.97 -40.23
CA GLY CA 41 4.68 -61.17 -41.07
C GLY CA 41 3.28 -61.76 -41.29
N SER CA 42 2.24 -61.20 -40.67
CA SER CA 42 0.88 -61.77 -40.74
C SER CA 42 0.21 -61.66 -42.11
N ALA CA 43 0.70 -60.78 -42.99
CA ALA CA 43 0.17 -60.57 -44.34
C ALA CA 43 0.39 -61.76 -45.29
N LEU CA 44 1.47 -62.54 -45.11
CA LEU CA 44 1.77 -63.68 -45.96
C LEU CA 44 2.42 -64.81 -45.15
N ARG CA 45 1.69 -65.93 -45.07
CA ARG CA 45 2.22 -67.25 -44.74
C ARG CA 45 2.00 -68.17 -45.95
N PRO CA 46 3.00 -68.40 -46.82
CA PRO CA 46 2.81 -69.14 -48.07
C PRO CA 46 2.48 -70.61 -47.75
N SER CA 47 1.21 -70.97 -47.93
CA SER CA 47 0.65 -72.22 -47.41
C SER CA 47 0.90 -73.38 -48.38
N THR CA 48 2.02 -74.07 -48.22
CA THR CA 48 2.37 -75.32 -48.94
C THR CA 48 1.60 -76.54 -48.41
N SER CA 49 0.65 -76.33 -47.50
CA SER CA 49 -0.38 -77.31 -47.13
C SER CA 49 -1.32 -77.56 -48.31
N ARG CA 50 -1.01 -78.62 -49.06
CA ARG CA 50 -1.79 -79.20 -50.18
C ARG CA 50 -1.74 -80.71 -50.08
N SER CA 51 -2.13 -81.23 -48.91
CA SER CA 51 -1.94 -82.60 -48.43
C SER CA 51 -2.73 -83.66 -49.23
N LEU CA 52 -2.40 -83.81 -50.50
CA LEU CA 52 -3.05 -84.72 -51.44
C LEU CA 52 -2.40 -86.12 -51.39
N TYR CA 53 -3.23 -87.17 -51.35
CA TYR CA 53 -2.79 -88.56 -51.54
C TYR CA 53 -3.52 -89.21 -52.71
N ALA CA 54 -2.81 -89.47 -53.80
CA ALA CA 54 -3.29 -90.22 -54.95
C ALA CA 54 -2.63 -91.60 -55.01
N SER CA 55 -3.12 -92.54 -54.19
CA SER CA 55 -2.71 -93.96 -54.18
C SER CA 55 -3.22 -94.77 -55.39
N SER CA 56 -3.91 -94.11 -56.34
CA SER CA 56 -4.69 -94.77 -57.40
C SER CA 56 -3.84 -95.69 -58.29
N PRO CA 57 -4.24 -96.95 -58.50
CA PRO CA 57 -3.53 -97.89 -59.37
C PRO CA 57 -3.76 -97.57 -60.85
N GLY CA 58 -2.87 -96.79 -61.46
CA GLY CA 58 -2.91 -96.51 -62.91
C GLY CA 58 -2.57 -97.73 -63.80
N GLY CA 59 -1.97 -98.77 -63.23
CA GLY CA 59 -1.64 -100.02 -63.95
C GLY CA 59 -2.78 -101.03 -63.91
N VAL CA 60 -3.45 -101.24 -65.04
CA VAL CA 60 -4.46 -102.30 -65.25
C VAL CA 60 -3.82 -103.54 -65.89
N TYR CA 61 -4.20 -104.75 -65.48
CA TYR CA 61 -3.68 -105.98 -66.08
C TYR CA 61 -4.29 -106.25 -67.47
N ALA CA 62 -3.51 -105.92 -68.52
CA ALA CA 62 -3.80 -106.24 -69.92
C ALA CA 62 -3.83 -107.76 -70.15
N THR CA 63 -5.00 -108.37 -69.89
CA THR CA 63 -5.13 -109.80 -69.62
C THR CA 63 -4.79 -110.65 -70.85
N ARG CA 64 -3.69 -111.41 -70.75
CA ARG CA 64 -3.28 -112.38 -71.77
C ARG CA 64 -3.85 -113.76 -71.44
N SER CA 65 -4.27 -114.50 -72.47
CA SER CA 65 -4.59 -115.93 -72.39
C SER CA 65 -3.86 -116.72 -73.47
N SER CA 66 -3.44 -117.93 -73.14
CA SER CA 66 -2.89 -118.89 -74.11
C SER CA 66 -3.07 -120.33 -73.60
N ALA CA 67 -4.33 -120.76 -73.50
CA ALA CA 67 -4.69 -122.18 -73.41
C ALA CA 67 -3.98 -123.01 -74.51
N VAL CA 68 -3.76 -124.31 -74.27
CA VAL CA 68 -2.81 -125.13 -75.04
C VAL CA 68 -3.32 -125.50 -76.43
N ARG CA 69 -3.30 -124.51 -77.33
CA ARG CA 69 -3.01 -124.56 -78.78
C ARG CA 69 -2.83 -126.00 -79.32
N LEU CA 70 -3.96 -126.62 -79.63
CA LEU CA 70 -4.04 -128.01 -80.11
C LEU CA 70 -3.51 -128.15 -81.54
N ARG CA 71 -3.58 -129.36 -82.10
CA ARG CA 71 -3.23 -129.66 -83.50
C ARG CA 71 -4.08 -128.83 -84.47
N SER CA 72 -3.57 -127.66 -84.84
CA SER CA 72 -4.13 -126.78 -85.86
C SER CA 72 -3.76 -127.26 -87.27
N SER CA 73 -3.99 -128.56 -87.53
CA SER CA 73 -3.89 -129.18 -88.86
C SER CA 73 -5.13 -128.92 -89.73
N VAL CA 74 -6.13 -128.22 -89.19
CA VAL CA 74 -7.20 -127.56 -89.97
C VAL CA 74 -6.57 -126.40 -90.76
N PRO CA 75 -6.55 -126.41 -92.11
CA PRO CA 75 -5.82 -125.42 -92.89
C PRO CA 75 -6.60 -124.12 -93.13
N GLY CA 76 -7.87 -124.02 -92.69
CA GLY CA 76 -8.81 -122.95 -93.05
C GLY CA 76 -8.52 -121.56 -92.46
N VAL CA 77 -7.30 -121.28 -92.04
CA VAL CA 77 -6.87 -119.96 -91.53
C VAL CA 77 -6.53 -119.06 -92.72
N ARG CA 78 -7.53 -118.30 -93.23
CA ARG CA 78 -7.27 -117.28 -94.27
C ARG CA 78 -6.29 -116.23 -93.74
N LEU CA 79 -5.46 -115.69 -94.64
CA LEU CA 79 -4.66 -114.51 -94.36
C LEU CA 79 -5.50 -113.23 -94.50
N LEU CA 80 -5.32 -112.31 -93.56
CA LEU CA 80 -5.65 -110.87 -93.62
C LEU CA 80 -4.53 -110.13 -92.87
N GLN CA 81 -4.19 -108.92 -93.29
CA GLN CA 81 -2.99 -108.18 -92.83
C GLN CA 81 -3.29 -106.68 -92.68
N ASP CA 82 -4.43 -106.41 -92.06
CA ASP CA 82 -5.14 -105.14 -92.09
C ASP CA 82 -4.56 -104.20 -90.99
N SER CA 83 -3.89 -103.11 -91.38
CA SER CA 83 -3.23 -102.17 -90.47
C SER CA 83 -2.96 -100.82 -91.17
N VAL CA 84 -2.80 -99.68 -90.47
CA VAL CA 84 -2.68 -99.51 -89.00
C VAL CA 84 -3.55 -98.38 -88.42
N ASP CA 85 -3.96 -97.40 -89.24
CA ASP CA 85 -4.63 -96.12 -88.89
C ASP CA 85 -5.40 -96.13 -87.54
N PHE CA 86 -4.90 -95.53 -86.45
CA PHE CA 86 -3.67 -94.73 -86.22
C PHE CA 86 -3.57 -93.31 -86.83
N SER CA 87 -4.57 -92.78 -87.53
CA SER CA 87 -4.64 -91.35 -87.87
C SER CA 87 -4.73 -90.44 -86.63
N LEU CA 88 -5.13 -90.97 -85.48
CA LEU CA 88 -5.00 -90.30 -84.19
C LEU CA 88 -3.54 -90.05 -83.76
N ALA CA 89 -2.58 -90.90 -84.16
CA ALA CA 89 -1.15 -90.64 -83.95
C ALA CA 89 -0.62 -89.50 -84.82
N ASP CA 90 -1.13 -89.33 -86.04
CA ASP CA 90 -0.81 -88.19 -86.90
C ASP CA 90 -1.57 -86.90 -86.55
N ALA CA 91 -2.74 -87.04 -85.93
CA ALA CA 91 -3.38 -85.96 -85.20
C ALA CA 91 -2.57 -85.54 -83.96
N ILE CA 92 -2.01 -86.49 -83.18
CA ILE CA 92 -1.10 -86.21 -82.05
C ILE CA 92 0.24 -85.61 -82.51
N ASN CA 93 0.80 -86.05 -83.64
CA ASN CA 93 1.96 -85.41 -84.26
C ASN CA 93 1.66 -83.97 -84.72
N THR CA 94 0.44 -83.72 -85.17
CA THR CA 94 -0.06 -82.38 -85.52
C THR CA 94 -0.34 -81.55 -84.27
N GLU CA 95 -0.83 -82.14 -83.18
CA GLU CA 95 -0.94 -81.51 -81.86
C GLU CA 95 0.41 -81.23 -81.21
N PHE CA 96 1.47 -82.00 -81.49
CA PHE CA 96 2.84 -81.67 -81.09
C PHE CA 96 3.43 -80.50 -81.91
N LYS CA 97 3.13 -80.42 -83.21
CA LYS CA 97 3.43 -79.22 -84.03
C LYS CA 97 2.65 -78.00 -83.55
N ASN CA 98 1.38 -78.15 -83.22
CA ASN CA 98 0.52 -77.07 -82.72
C ASN CA 98 0.96 -76.64 -81.32
N THR CA 99 1.31 -77.57 -80.43
CA THR CA 99 1.79 -77.25 -79.08
C THR CA 99 3.15 -76.56 -79.12
N ARG CA 100 4.06 -76.97 -80.03
CA ARG CA 100 5.29 -76.21 -80.32
C ARG CA 100 5.01 -74.83 -80.90
N THR CA 101 4.01 -74.73 -81.79
CA THR CA 101 3.64 -73.47 -82.43
C THR CA 101 2.96 -72.52 -81.44
N ASN CA 102 2.28 -73.04 -80.42
CA ASN CA 102 1.84 -72.27 -79.25
C ASN CA 102 3.04 -71.89 -78.38
N GLU CA 103 3.96 -72.82 -78.10
CA GLU CA 103 5.18 -72.54 -77.33
C GLU CA 103 6.09 -71.49 -78.05
N LYS CA 104 6.04 -71.40 -79.39
CA LYS CA 104 6.62 -70.31 -80.22
C LYS CA 104 5.76 -69.03 -80.28
N VAL CA 105 4.45 -69.12 -80.41
CA VAL CA 105 3.58 -67.92 -80.46
C VAL CA 105 3.48 -67.26 -79.09
N GLU CA 106 3.64 -68.02 -78.01
CA GLU CA 106 3.85 -67.51 -76.64
C GLU CA 106 5.23 -66.83 -76.51
N LEU CA 107 6.35 -67.40 -77.01
CA LEU CA 107 7.62 -66.67 -76.98
C LEU CA 107 7.59 -65.39 -77.86
N GLN CA 108 6.83 -65.38 -78.96
CA GLN CA 108 6.65 -64.21 -79.82
C GLN CA 108 5.71 -63.14 -79.22
N GLU CA 109 4.59 -63.53 -78.63
CA GLU CA 109 3.72 -62.64 -77.84
C GLU CA 109 4.46 -62.06 -76.64
N LEU CA 110 5.39 -62.79 -76.03
CA LEU CA 110 6.20 -62.30 -74.92
C LEU CA 110 7.44 -61.49 -75.37
N ASN CA 111 7.88 -61.63 -76.63
CA ASN CA 111 8.80 -60.71 -77.30
C ASN CA 111 8.12 -59.37 -77.61
N ASP CA 112 6.94 -59.42 -78.23
CA ASP CA 112 6.08 -58.26 -78.48
C ASP CA 112 5.55 -57.63 -77.18
N ARG CA 113 5.37 -58.41 -76.10
CA ARG CA 113 5.06 -57.88 -74.76
C ARG CA 113 6.26 -57.20 -74.13
N PHE CA 114 7.49 -57.67 -74.36
CA PHE CA 114 8.66 -56.90 -73.96
C PHE CA 114 8.86 -55.66 -74.82
N ALA CA 115 8.46 -55.66 -76.09
CA ALA CA 115 8.39 -54.44 -76.91
C ALA CA 115 7.32 -53.45 -76.42
N ASN CA 116 6.14 -53.94 -75.98
CA ASN CA 116 5.12 -53.13 -75.30
C ASN CA 116 5.65 -52.52 -73.99
N TYR CA 117 6.44 -53.27 -73.19
CA TYR CA 117 7.05 -52.71 -71.97
C TYR CA 117 8.30 -51.86 -72.22
N ILE CA 118 8.99 -51.99 -73.35
CA ILE CA 118 9.96 -51.00 -73.86
C ILE CA 118 9.23 -49.71 -74.30
N ASP CA 119 8.04 -49.81 -74.87
CA ASP CA 119 7.20 -48.65 -75.18
C ASP CA 119 6.48 -48.09 -73.95
N LYS CA 120 6.35 -48.84 -72.85
CA LYS CA 120 6.04 -48.27 -71.53
C LYS CA 120 7.24 -47.63 -70.83
N VAL CA 121 8.46 -48.14 -71.06
CA VAL CA 121 9.72 -47.48 -70.67
C VAL CA 121 9.83 -46.12 -71.35
N ARG CA 122 9.64 -46.09 -72.67
CA ARG CA 122 9.54 -44.86 -73.47
C ARG CA 122 8.35 -43.99 -73.07
N PHE CA 123 7.22 -44.57 -72.64
CA PHE CA 123 6.06 -43.79 -72.18
C PHE CA 123 6.32 -43.11 -70.84
N LEU CA 124 6.93 -43.77 -69.85
CA LEU CA 124 7.26 -43.13 -68.56
C LEU CA 124 8.46 -42.17 -68.68
N GLU CA 125 9.39 -42.44 -69.59
CA GLU CA 125 10.40 -41.49 -70.08
C GLU CA 125 9.75 -40.26 -70.77
N GLN CA 126 8.73 -40.47 -71.61
CA GLN CA 126 8.03 -39.37 -72.27
C GLN CA 126 7.12 -38.59 -71.32
N GLN CA 127 6.50 -39.25 -70.34
CA GLN CA 127 5.71 -38.60 -69.29
C GLN CA 127 6.61 -37.77 -68.37
N ASN CA 128 7.77 -38.28 -67.96
CA ASN CA 128 8.71 -37.51 -67.15
C ASN CA 128 9.35 -36.32 -67.91
N LYS CA 129 9.54 -36.46 -69.23
CA LYS CA 129 9.92 -35.34 -70.13
C LYS CA 129 8.81 -34.32 -70.41
N ILE CA 130 7.53 -34.71 -70.35
CA ILE CA 130 6.41 -33.76 -70.39
C ILE CA 130 6.34 -32.98 -69.08
N LEU CA 131 6.47 -33.67 -67.95
CA LEU CA 131 6.49 -33.04 -66.62
C LEU CA 131 7.71 -32.12 -66.45
N LEU CA 132 8.85 -32.43 -67.07
CA LEU CA 132 10.00 -31.54 -67.21
C LEU CA 132 9.70 -30.27 -68.03
N ALA CA 133 9.07 -30.42 -69.21
CA ALA CA 133 8.70 -29.27 -70.04
C ALA CA 133 7.60 -28.39 -69.41
N GLU CA 134 6.76 -28.97 -68.53
CA GLU CA 134 5.74 -28.26 -67.76
C GLU CA 134 6.32 -27.62 -66.48
N LEU CA 135 7.22 -28.28 -65.74
CA LEU CA 135 7.84 -27.72 -64.53
C LEU CA 135 8.82 -26.57 -64.84
N GLU CA 136 9.54 -26.57 -65.97
CA GLU CA 136 10.37 -25.42 -66.34
C GLU CA 136 9.51 -24.17 -66.63
N GLN CA 137 8.36 -24.34 -67.28
CA GLN CA 137 7.37 -23.28 -67.48
C GLN CA 137 6.73 -22.83 -66.16
N LEU CA 138 6.43 -23.77 -65.26
CA LEU CA 138 5.77 -23.53 -63.97
C LEU CA 138 6.71 -23.02 -62.87
N LYS CA 139 8.03 -23.20 -62.99
CA LYS CA 139 9.05 -22.49 -62.20
C LYS CA 139 9.26 -21.07 -62.71
N GLY CA 140 9.47 -20.93 -64.02
CA GLY CA 140 9.72 -19.63 -64.67
C GLY CA 140 8.54 -18.66 -64.60
N GLN CA 141 7.31 -19.15 -64.80
CA GLN CA 141 6.09 -18.32 -64.83
C GLN CA 141 5.13 -18.58 -63.66
N GLY CA 142 5.23 -19.68 -62.90
CA GLY CA 142 4.22 -20.02 -61.89
C GLY CA 142 4.26 -19.17 -60.62
N LYS CA 143 5.44 -18.65 -60.24
CA LYS CA 143 5.54 -17.50 -59.33
C LYS CA 143 4.89 -16.25 -59.90
N SER CA 144 5.29 -15.84 -61.10
CA SER CA 144 4.89 -14.53 -61.63
C SER CA 144 3.40 -14.44 -61.98
N ARG CA 145 2.82 -15.49 -62.56
CA ARG CA 145 1.38 -15.56 -62.87
C ARG CA 145 0.44 -15.56 -61.66
N LEU CA 146 0.93 -15.99 -60.50
CA LEU CA 146 0.20 -15.88 -59.23
C LEU CA 146 0.57 -14.61 -58.46
N GLY CA 147 1.71 -14.00 -58.74
CA GLY CA 147 2.11 -12.72 -58.18
C GLY CA 147 1.38 -11.58 -58.85
N ASP CA 148 1.38 -11.53 -60.17
CA ASP CA 148 0.91 -10.42 -60.99
C ASP CA 148 -0.53 -9.97 -60.68
N LEU CA 149 -1.42 -10.87 -60.24
CA LEU CA 149 -2.75 -10.51 -59.72
C LEU CA 149 -2.68 -9.66 -58.43
N TYR CA 150 -1.91 -10.12 -57.44
CA TYR CA 150 -1.74 -9.46 -56.14
C TYR CA 150 -0.79 -8.27 -56.26
N GLU CA 151 0.36 -8.47 -56.90
CA GLU CA 151 1.40 -7.45 -57.07
C GLU CA 151 0.96 -6.32 -58.01
N GLU CA 152 -0.02 -6.51 -58.93
CA GLU CA 152 -0.64 -5.39 -59.67
C GLU CA 152 -1.72 -4.66 -58.88
N GLU CA 153 -2.37 -5.28 -57.85
CA GLU CA 153 -3.05 -4.47 -56.83
C GLU CA 153 -2.01 -3.56 -56.16
N MET CA 154 -0.94 -4.14 -55.61
CA MET CA 154 0.10 -3.42 -54.85
C MET CA 154 0.83 -2.33 -55.66
N ARG CA 155 1.05 -2.57 -56.97
CA ARG CA 155 1.61 -1.54 -57.88
C ARG CA 155 0.66 -0.39 -58.16
N GLU CA 156 -0.65 -0.65 -58.25
CA GLU CA 156 -1.66 0.41 -58.30
C GLU CA 156 -1.82 1.12 -56.94
N LEU CA 157 -1.72 0.39 -55.81
CA LEU CA 157 -1.73 0.99 -54.46
C LEU CA 157 -0.60 2.01 -54.32
N ARG CA 158 0.64 1.61 -54.61
CA ARG CA 158 1.81 2.48 -54.48
C ARG CA 158 1.87 3.60 -55.53
N ARG CA 159 1.22 3.43 -56.69
CA ARG CA 159 1.01 4.53 -57.65
C ARG CA 159 -0.04 5.52 -57.14
N GLN CA 160 -1.08 5.06 -56.44
CA GLN CA 160 -1.97 5.96 -55.70
C GLN CA 160 -1.21 6.69 -54.59
N VAL CA 161 -0.28 6.05 -53.89
CA VAL CA 161 0.61 6.73 -52.92
C VAL CA 161 1.38 7.88 -53.58
N ASP CA 162 2.09 7.65 -54.69
CA ASP CA 162 3.01 8.66 -55.25
C ASP CA 162 2.28 9.92 -55.73
N GLN CA 163 1.09 9.73 -56.31
CA GLN CA 163 0.27 10.81 -56.84
C GLN CA 163 -0.57 11.51 -55.76
N LEU CA 164 -0.93 10.81 -54.68
CA LEU CA 164 -1.66 11.39 -53.54
C LEU CA 164 -0.74 12.16 -52.60
N THR CA 165 0.39 11.59 -52.16
CA THR CA 165 1.24 12.24 -51.16
C THR CA 165 1.91 13.50 -51.72
N ASN CA 166 2.16 13.57 -53.04
CA ASN CA 166 2.87 14.69 -53.66
C ASN CA 166 1.99 15.90 -54.00
N ASP CA 167 0.73 15.72 -54.42
CA ASP CA 167 -0.22 16.86 -54.51
C ASP CA 167 -0.59 17.40 -53.12
N LYS CA 168 -0.63 16.53 -52.10
CA LYS CA 168 -0.71 17.00 -50.70
C LYS CA 168 0.54 17.76 -50.28
N ALA CA 169 1.74 17.29 -50.58
CA ALA CA 169 2.98 18.01 -50.27
C ALA CA 169 3.11 19.37 -50.97
N ARG CA 170 2.52 19.52 -52.17
CA ARG CA 170 2.35 20.81 -52.85
C ARG CA 170 1.43 21.76 -52.06
N VAL CA 171 0.26 21.29 -51.61
CA VAL CA 171 -0.65 22.09 -50.76
C VAL CA 171 -0.05 22.38 -49.38
N GLU CA 172 0.73 21.45 -48.82
CA GLU CA 172 1.39 21.62 -47.53
C GLU CA 172 2.52 22.64 -47.60
N VAL CA 173 3.35 22.65 -48.66
CA VAL CA 173 4.37 23.69 -48.80
C VAL CA 173 3.77 25.07 -49.14
N GLU CA 174 2.59 25.11 -49.76
CA GLU CA 174 1.76 26.32 -49.87
C GLU CA 174 1.22 26.84 -48.51
N ARG CA 175 1.45 26.11 -47.40
CA ARG CA 175 1.19 26.53 -46.01
C ARG CA 175 2.44 26.61 -45.12
N ASP CA 176 3.44 25.74 -45.35
CA ASP CA 176 4.75 25.73 -44.65
C ASP CA 176 5.51 27.06 -44.83
N ASN CA 177 5.40 27.70 -46.01
CA ASN CA 177 5.89 29.07 -46.21
C ASN CA 177 5.24 30.11 -45.26
N LEU CA 178 3.93 30.00 -45.00
CA LEU CA 178 3.23 30.91 -44.07
C LEU CA 178 3.68 30.67 -42.62
N ALA CA 179 3.89 29.41 -42.24
CA ALA CA 179 4.31 29.01 -40.90
C ALA CA 179 5.82 29.24 -40.63
N GLU CA 180 6.66 29.26 -41.67
CA GLU CA 180 8.03 29.73 -41.53
C GLU CA 180 8.08 31.26 -41.42
N ASP CA 181 7.30 32.00 -42.23
CA ASP CA 181 7.22 33.46 -42.12
C ASP CA 181 6.65 33.94 -40.78
N ILE CA 182 5.61 33.31 -40.23
CA ILE CA 182 5.12 33.63 -38.88
C ILE CA 182 6.13 33.28 -37.78
N MET CA 183 6.87 32.17 -37.87
CA MET CA 183 7.87 31.79 -36.88
C MET CA 183 9.11 32.70 -36.93
N ARG CA 184 9.53 33.11 -38.13
CA ARG CA 184 10.56 34.15 -38.36
C ARG CA 184 10.10 35.51 -37.81
N LEU CA 185 8.85 35.88 -38.09
CA LEU CA 185 8.26 37.11 -37.57
C LEU CA 185 8.02 37.06 -36.06
N ARG CA 186 7.79 35.90 -35.43
CA ARG CA 186 7.77 35.80 -33.95
C ARG CA 186 9.10 36.22 -33.36
N GLU CA 187 10.21 35.66 -33.83
CA GLU CA 187 11.54 35.92 -33.28
C GLU CA 187 11.89 37.41 -33.35
N LYS CA 188 11.65 38.02 -34.52
CA LYS CA 188 11.82 39.46 -34.75
C LYS CA 188 10.86 40.32 -33.92
N LEU CA 189 9.55 40.05 -33.99
CA LEU CA 189 8.53 40.85 -33.30
C LEU CA 189 8.67 40.71 -31.78
N GLN CA 190 9.16 39.59 -31.27
CA GLN CA 190 9.56 39.49 -29.86
C GLN CA 190 10.82 40.30 -29.55
N GLU CA 191 11.85 40.34 -30.40
CA GLU CA 191 12.99 41.28 -30.23
C GLU CA 191 12.53 42.75 -30.23
N GLU CA 192 11.51 43.09 -31.03
CA GLU CA 192 10.84 44.39 -30.97
C GLU CA 192 10.13 44.61 -29.60
N MET CA 193 9.37 43.63 -29.09
CA MET CA 193 8.79 43.70 -27.72
C MET CA 193 9.85 43.87 -26.63
N LEU CA 194 10.98 43.17 -26.72
CA LEU CA 194 12.05 43.18 -25.72
C LEU CA 194 12.57 44.61 -25.45
N GLN CA 195 12.57 45.49 -26.44
CA GLN CA 195 12.84 46.92 -26.27
C GLN CA 195 11.56 47.75 -26.03
N ARG CA 196 10.49 47.54 -26.82
CA ARG CA 196 9.37 48.48 -26.85
C ARG CA 196 8.46 48.36 -25.63
N GLU CA 197 8.16 47.13 -25.20
CA GLU CA 197 7.34 46.89 -24.00
C GLU CA 197 8.12 47.04 -22.68
N GLU CA 198 9.46 47.05 -22.68
CA GLU CA 198 10.19 47.56 -21.50
C GLU CA 198 10.06 49.07 -21.41
N ALA CA 199 10.23 49.76 -22.54
CA ALA CA 199 10.29 51.20 -22.57
C ALA CA 199 8.92 51.80 -22.21
N GLU CA 200 7.87 51.33 -22.86
CA GLU CA 200 6.46 51.64 -22.66
C GLU CA 200 6.06 51.88 -21.19
N ASN CA 201 5.96 50.83 -20.38
CA ASN CA 201 5.55 50.98 -18.97
C ASN CA 201 6.63 51.59 -18.06
N THR CA 202 7.91 51.44 -18.39
CA THR CA 202 9.00 52.12 -17.65
C THR CA 202 8.85 53.64 -17.72
N LEU CA 203 8.56 54.13 -18.92
CA LEU CA 203 8.33 55.53 -19.22
C LEU CA 203 6.97 56.05 -18.71
N GLN CA 204 6.04 55.17 -18.28
CA GLN CA 204 4.82 55.55 -17.53
C GLN CA 204 5.05 55.83 -16.04
N SER CA 205 6.13 55.31 -15.45
CA SER CA 205 6.60 55.83 -14.15
C SER CA 205 7.02 57.30 -14.27
N PHE CA 206 7.51 57.68 -15.46
CA PHE CA 206 8.02 59.02 -15.75
C PHE CA 206 6.93 59.93 -16.33
N ARG CA 207 5.88 59.37 -16.93
CA ARG CA 207 4.67 60.09 -17.35
C ARG CA 207 4.03 60.85 -16.18
N GLN CA 208 4.00 60.20 -15.02
CA GLN CA 208 3.63 60.84 -13.75
C GLN CA 208 4.49 62.05 -13.41
N ASP CA 209 5.82 61.91 -13.52
CA ASP CA 209 6.77 62.94 -13.13
C ASP CA 209 6.88 64.09 -14.17
N VAL CA 210 6.49 63.90 -15.44
CA VAL CA 210 6.35 65.01 -16.44
C VAL CA 210 5.00 65.69 -16.35
N ASP CA 211 3.93 64.96 -16.03
CA ASP CA 211 2.61 65.55 -15.83
C ASP CA 211 2.61 66.43 -14.57
N ASN CA 212 3.25 65.93 -13.50
CA ASN CA 212 3.69 66.69 -12.33
C ASN CA 212 4.57 67.90 -12.71
N ALA CA 213 5.62 67.72 -13.52
CA ALA CA 213 6.54 68.80 -13.90
C ALA CA 213 5.95 69.86 -14.87
N SER CA 214 4.97 69.50 -15.69
CA SER CA 214 4.32 70.38 -16.67
C SER CA 214 3.20 71.20 -16.03
N LEU CA 215 2.49 70.61 -15.06
CA LEU CA 215 1.70 71.34 -14.08
C LEU CA 215 2.62 72.23 -13.20
N ALA CA 216 3.82 71.74 -12.88
CA ALA CA 216 4.83 72.53 -12.20
C ALA CA 216 5.35 73.71 -13.01
N ARG CA 217 5.41 73.64 -14.35
CA ARG CA 217 5.68 74.80 -15.23
C ARG CA 217 4.61 75.90 -15.11
N LEU CA 218 3.34 75.51 -15.04
CA LEU CA 218 2.24 76.44 -14.74
C LEU CA 218 2.31 76.97 -13.29
N ASP CA 219 2.90 76.24 -12.36
CA ASP CA 219 3.19 76.77 -11.02
C ASP CA 219 4.16 77.94 -11.06
N LEU CA 220 5.18 77.94 -11.92
CA LEU CA 220 6.11 79.08 -12.00
C LEU CA 220 5.47 80.29 -12.63
N GLU CA 221 4.51 80.14 -13.53
CA GLU CA 221 3.75 81.29 -14.05
C GLU CA 221 2.98 81.99 -12.91
N ARG CA 222 2.42 81.21 -11.97
CA ARG CA 222 1.82 81.70 -10.72
C ARG CA 222 2.82 82.20 -9.67
N LYS CA 223 3.96 81.51 -9.50
CA LYS CA 223 4.99 81.90 -8.51
C LYS CA 223 5.77 83.13 -8.95
N VAL CA 224 6.07 83.28 -10.25
CA VAL CA 224 6.69 84.47 -10.85
C VAL CA 224 5.73 85.67 -10.79
N GLU CA 225 4.43 85.47 -10.98
CA GLU CA 225 3.39 86.48 -10.71
C GLU CA 225 3.39 86.90 -9.23
N SER CA 226 3.39 85.94 -8.30
CA SER CA 226 3.40 86.20 -6.85
C SER CA 226 4.69 86.92 -6.39
N LEU CA 227 5.86 86.45 -6.84
CA LEU CA 227 7.19 87.03 -6.56
C LEU CA 227 7.40 88.39 -7.23
N GLN CA 228 6.71 88.71 -8.33
CA GLN CA 228 6.78 90.05 -8.92
C GLN CA 228 6.02 91.10 -8.09
N GLU CA 229 4.94 90.73 -7.41
CA GLU CA 229 4.31 91.60 -6.40
C GLU CA 229 5.02 91.56 -5.03
N GLU CA 230 5.68 90.47 -4.64
CA GLU CA 230 6.62 90.47 -3.49
C GLU CA 230 7.78 91.45 -3.74
N ILE CA 231 8.40 91.40 -4.91
CA ILE CA 231 9.43 92.36 -5.33
C ILE CA 231 8.86 93.78 -5.52
N ALA CA 232 7.55 93.95 -5.73
CA ALA CA 232 6.89 95.26 -5.66
C ALA CA 232 6.67 95.76 -4.23
N PHE CA 233 6.30 94.90 -3.27
CA PHE CA 233 6.30 95.21 -1.83
C PHE CA 233 7.71 95.49 -1.29
N LEU CA 234 8.74 94.80 -1.80
CA LEU CA 234 10.13 95.04 -1.47
C LEU CA 234 10.67 96.35 -2.09
N LYS CA 235 10.19 96.76 -3.27
CA LYS CA 235 10.49 98.09 -3.86
C LYS CA 235 9.83 99.24 -3.09
N LYS CA 236 8.54 99.08 -2.74
CA LYS CA 236 7.81 99.98 -1.83
C LYS CA 236 8.50 100.06 -0.47
N LEU CA 237 9.00 98.93 0.05
CA LEU CA 237 9.81 98.88 1.26
C LEU CA 237 11.11 99.68 1.14
N HIS CA 238 11.80 99.67 -0.01
CA HIS CA 238 12.99 100.52 -0.22
C HIS CA 238 12.65 102.01 -0.29
N GLU CA 239 11.48 102.37 -0.83
CA GLU CA 239 11.02 103.76 -0.90
C GLU CA 239 10.59 104.29 0.49
N GLU CA 240 9.97 103.45 1.32
CA GLU CA 240 9.71 103.72 2.75
C GLU CA 240 11.00 103.74 3.60
N GLU CA 241 11.95 102.85 3.31
CA GLU CA 241 13.28 102.76 3.94
C GLU CA 241 14.17 103.98 3.61
N ILE CA 242 14.04 104.57 2.41
CA ILE CA 242 14.69 105.84 2.05
C ILE CA 242 14.02 107.05 2.73
N GLN CA 243 12.69 107.07 2.84
CA GLN CA 243 11.98 108.10 3.62
C GLN CA 243 12.32 108.02 5.12
N GLU CA 244 12.45 106.82 5.66
CA GLU CA 244 12.87 106.58 7.05
C GLU CA 244 14.33 106.97 7.31
N LEU CA 245 15.25 106.75 6.36
CA LEU CA 245 16.63 107.28 6.46
C LEU CA 245 16.66 108.82 6.49
N GLN CA 246 15.84 109.49 5.67
CA GLN CA 246 15.73 110.96 5.71
C GLN CA 246 15.04 111.49 6.98
N ALA CA 247 14.11 110.73 7.55
CA ALA CA 247 13.51 111.02 8.85
C ALA CA 247 14.53 110.86 10.00
N GLN CA 248 15.28 109.76 10.01
CA GLN CA 248 16.36 109.45 10.97
C GLN CA 248 17.49 110.49 10.93
N ILE CA 249 17.89 110.97 9.75
CA ILE CA 249 18.87 112.06 9.60
C ILE CA 249 18.38 113.39 10.20
N GLN CA 250 17.11 113.73 10.05
CA GLN CA 250 16.50 114.92 10.67
C GLN CA 250 16.24 114.72 12.17
N GLU CA 251 15.92 113.50 12.59
CA GLU CA 251 15.56 113.12 13.94
C GLU CA 251 16.77 113.06 14.88
N GLN CA 252 17.91 112.54 14.41
CA GLN CA 252 19.17 112.55 15.16
C GLN CA 252 19.79 113.95 15.31
N HIS CA 253 19.46 114.92 14.43
CA HIS CA 253 20.10 116.25 14.42
C HIS CA 253 19.11 117.41 14.20
N VAL CA 254 18.59 117.90 15.33
CA VAL CA 254 18.07 119.28 15.50
C VAL CA 254 18.29 119.83 16.93
N GLN CA 255 18.67 118.97 17.87
CA GLN CA 255 19.05 119.27 19.25
C GLN CA 255 20.30 120.15 19.44
N ILE CA 256 21.04 120.43 18.37
CA ILE CA 256 22.29 121.22 18.40
C ILE CA 256 23.44 120.53 19.18
N ASP CA 257 23.79 119.32 18.73
CA ASP CA 257 25.14 118.75 18.83
C ASP CA 257 25.67 118.54 20.28
N VAL CA 258 27.00 118.52 20.50
CA VAL CA 258 27.60 118.74 21.83
C VAL CA 258 27.71 120.25 22.07
N ASP CA 259 27.58 120.66 23.33
CA ASP CA 259 27.61 122.09 23.66
C ASP CA 259 28.50 122.40 24.91
N VAL CA 260 29.79 121.99 24.84
CA VAL CA 260 30.74 121.98 25.99
C VAL CA 260 31.39 123.32 26.38
N SER CA 261 30.97 124.44 25.82
CA SER CA 261 31.67 125.73 26.00
C SER CA 261 30.97 126.66 27.00
N LYS CA 262 30.97 127.35 27.45
CA LYS CA 262 31.89 126.90 28.52
C LYS CA 262 31.03 126.54 29.75
N PRO CA 263 31.64 126.08 30.86
CA PRO CA 263 31.22 126.46 32.21
C PRO CA 263 31.78 127.83 32.64
N ASP CA 264 31.63 126.79 34.63
CA ASP CA 264 30.93 127.76 35.44
C ASP CA 264 31.80 129.00 35.75
N LEU CA 265 31.51 130.08 34.99
CA LEU CA 265 31.62 131.55 35.26
C LEU CA 265 32.11 132.24 33.99
N THR CA 266 31.34 133.24 33.54
CA THR CA 266 31.85 134.37 32.75
C THR CA 266 31.29 135.71 33.21
N ALA CA 267 30.12 135.68 33.88
CA ALA CA 267 29.35 136.84 34.36
C ALA CA 267 30.21 137.85 35.12
N ALA CA 268 30.65 137.55 36.34
CA ALA CA 268 31.26 138.57 37.21
C ALA CA 268 32.46 139.33 36.60
N LEU CA 269 33.24 138.74 35.69
CA LEU CA 269 34.30 139.45 34.94
C LEU CA 269 33.76 140.35 33.82
N ARG CA 270 32.69 139.94 33.13
CA ARG CA 270 31.94 140.73 32.14
C ARG CA 270 31.10 141.81 32.80
N ASP CA 271 30.42 141.48 33.90
CA ASP CA 271 29.55 142.38 34.65
C ASP CA 271 30.29 143.48 35.36
N VAL CA 272 31.35 143.17 36.12
CA VAL CA 272 32.17 144.20 36.78
C VAL CA 272 32.81 145.17 35.77
N ARG CA 273 33.11 144.72 34.54
CA ARG CA 273 33.56 145.61 33.46
C ARG CA 273 32.44 146.48 32.90
N GLN CA 274 31.32 145.91 32.46
CA GLN CA 274 30.20 146.68 31.88
C GLN CA 274 29.51 147.59 32.90
N GLN CA 275 29.50 147.19 34.17
CA GLN CA 275 29.22 148.03 35.32
C GLN CA 275 30.22 149.18 35.42
N TYR CA 276 31.54 148.95 35.39
CA TYR CA 276 32.54 150.04 35.40
C TYR CA 276 32.45 151.00 34.20
N GLU CA 277 32.09 150.53 32.99
CA GLU CA 277 31.78 151.41 31.85
C GLU CA 277 30.53 152.28 32.14
N SER CA 278 29.42 151.64 32.52
CA SER CA 278 28.17 152.33 32.90
C SER CA 278 28.35 153.28 34.10
N VAL CA 279 29.28 152.96 35.00
CA VAL CA 279 29.65 153.71 36.21
C VAL CA 279 30.59 154.87 35.89
N ALA CA 280 31.34 154.85 34.78
CA ALA CA 280 32.08 156.03 34.33
C ALA CA 280 31.14 157.17 33.90
N ALA CA 281 30.03 156.84 33.23
CA ALA CA 281 28.96 157.80 32.95
C ALA CA 281 28.15 158.18 34.20
N MET DA 1 4.76 12.50 -0.28
CA MET DA 1 5.86 11.77 -0.95
C MET DA 1 5.30 10.62 -1.78
N SER DA 2 6.08 10.11 -2.75
CA SER DA 2 5.89 8.75 -3.28
C SER DA 2 6.05 7.70 -2.18
N THR DA 3 5.44 6.53 -2.36
CA THR DA 3 5.79 5.31 -1.60
C THR DA 3 5.94 4.13 -2.54
N ARG DA 4 7.12 3.51 -2.57
CA ARG DA 4 7.39 2.26 -3.30
C ARG DA 4 6.85 1.06 -2.52
N SER DA 5 5.52 0.99 -2.38
CA SER DA 5 4.80 -0.16 -1.81
C SER DA 5 4.68 -1.29 -2.84
N VAL DA 6 4.04 -2.42 -2.46
CA VAL DA 6 3.65 -3.45 -3.43
C VAL DA 6 2.73 -2.84 -4.50
N SER DA 7 3.28 -2.72 -5.69
CA SER DA 7 2.70 -2.07 -6.86
C SER DA 7 3.39 -2.67 -8.09
N SER DA 8 4.70 -2.43 -8.15
CA SER DA 8 5.68 -3.38 -8.67
C SER DA 8 5.98 -4.47 -7.61
N SER DA 9 5.58 -5.73 -7.85
CA SER DA 9 5.70 -6.81 -6.85
C SER DA 9 7.14 -7.26 -6.56
N SER DA 10 7.45 -7.57 -5.29
CA SER DA 10 8.73 -8.16 -4.88
C SER DA 10 8.74 -9.69 -5.03
N TYR DA 11 9.75 -10.20 -5.75
CA TYR DA 11 10.16 -11.60 -5.63
C TYR DA 11 11.00 -11.80 -4.36
N ARG DA 12 10.30 -12.01 -3.23
CA ARG DA 12 10.84 -12.56 -1.96
C ARG DA 12 10.98 -14.08 -2.01
N ARG DA 13 10.11 -14.73 -2.79
CA ARG DA 13 10.05 -16.18 -3.07
C ARG DA 13 9.31 -16.38 -4.40
N MET DA 14 8.54 -17.46 -4.56
CA MET DA 14 7.79 -17.83 -5.80
C MET DA 14 8.66 -18.25 -6.99
N PHE DA 15 9.92 -17.78 -7.03
CA PHE DA 15 11.03 -18.44 -7.69
C PHE DA 15 12.19 -18.55 -6.68
N GLY DA 16 12.63 -19.74 -6.25
CA GLY DA 16 12.15 -21.07 -6.63
C GLY DA 16 12.77 -21.59 -7.93
N GLY DA 17 11.93 -22.09 -8.85
CA GLY DA 17 12.37 -22.79 -10.06
C GLY DA 17 12.52 -24.32 -9.88
N PRO DA 18 11.54 -25.04 -9.30
CA PRO DA 18 11.66 -26.47 -9.01
C PRO DA 18 11.81 -27.36 -10.27
N GLY DA 19 11.40 -26.86 -11.44
CA GLY DA 19 11.62 -27.52 -12.73
C GLY DA 19 13.09 -27.65 -13.17
N THR DA 20 14.04 -27.03 -12.46
CA THR DA 20 15.49 -27.13 -12.73
C THR DA 20 15.99 -28.58 -12.69
N ALA DA 21 15.38 -29.45 -11.88
CA ALA DA 21 15.75 -30.85 -11.76
C ALA DA 21 14.55 -31.76 -11.40
N SER DA 22 13.44 -31.64 -12.14
CA SER DA 22 12.24 -32.45 -11.92
C SER DA 22 11.55 -32.86 -13.22
N ARG DA 23 12.25 -33.74 -13.97
CA ARG DA 23 11.78 -34.38 -15.22
C ARG DA 23 12.60 -35.66 -15.48
N PRO DA 24 12.26 -36.80 -14.84
CA PRO DA 24 13.15 -37.96 -14.75
C PRO DA 24 13.53 -38.55 -16.12
N SER DA 25 14.80 -38.86 -16.32
CA SER DA 25 15.29 -39.72 -17.42
C SER DA 25 14.93 -41.20 -17.20
N SER DA 26 14.64 -41.61 -15.96
CA SER DA 26 14.03 -42.89 -15.61
C SER DA 26 12.52 -42.99 -15.94
N SER DA 27 11.95 -42.01 -16.66
CA SER DA 27 10.65 -42.15 -17.31
C SER DA 27 10.68 -43.30 -18.33
N ARG DA 28 10.02 -44.41 -18.01
CA ARG DA 28 10.13 -45.68 -18.75
C ARG DA 28 9.81 -45.49 -20.24
N SER DA 29 10.77 -45.85 -21.09
CA SER DA 29 10.50 -46.23 -22.48
C SER DA 29 9.71 -47.56 -22.52
N TYR DA 30 8.42 -47.48 -22.82
CA TYR DA 30 7.56 -48.65 -22.97
C TYR DA 30 7.71 -49.23 -24.39
N VAL DA 31 8.77 -50.02 -24.59
CA VAL DA 31 9.17 -50.54 -25.91
C VAL DA 31 8.02 -51.31 -26.57
N THR DA 32 7.38 -50.66 -27.54
CA THR DA 32 6.32 -51.26 -28.37
C THR DA 32 6.96 -52.01 -29.53
N THR DA 33 6.54 -53.25 -29.77
CA THR DA 33 6.98 -54.05 -30.92
C THR DA 33 5.82 -54.86 -31.48
N SER DA 34 5.69 -54.92 -32.80
CA SER DA 34 4.83 -55.94 -33.44
C SER DA 34 5.42 -57.33 -33.17
N THR DA 35 4.65 -58.20 -32.50
CA THR DA 35 5.04 -59.61 -32.28
C THR DA 35 5.33 -60.30 -33.61
N ARG DA 36 6.46 -61.02 -33.68
CA ARG DA 36 6.88 -61.75 -34.89
C ARG DA 36 6.00 -62.98 -35.10
N THR DA 37 5.27 -63.00 -36.20
CA THR DA 37 4.79 -64.25 -36.83
C THR DA 37 5.83 -64.74 -37.86
N TYR DA 38 5.56 -65.87 -38.53
CA TYR DA 38 6.50 -66.48 -39.48
C TYR DA 38 5.78 -67.26 -40.60
N SER DA 39 6.51 -67.53 -41.69
CA SER DA 39 6.10 -68.28 -42.89
C SER DA 39 6.02 -69.80 -42.70
N LEU DA 40 5.45 -70.26 -41.58
CA LEU DA 40 5.31 -71.68 -41.19
C LEU DA 40 4.48 -72.55 -42.16
N GLY DA 41 3.78 -71.95 -43.13
CA GLY DA 41 3.14 -72.68 -44.22
C GLY DA 41 4.12 -73.39 -45.17
N SER DA 42 5.41 -73.02 -45.13
CA SER DA 42 6.52 -73.75 -45.78
C SER DA 42 7.03 -74.95 -44.98
N ALA DA 43 6.91 -74.92 -43.64
CA ALA DA 43 7.23 -76.06 -42.77
C ALA DA 43 6.15 -77.15 -42.86
N LEU DA 44 4.88 -76.75 -43.02
CA LEU DA 44 3.79 -77.65 -43.39
C LEU DA 44 3.86 -78.01 -44.89
N ARG DA 45 4.80 -78.89 -45.26
CA ARG DA 45 4.99 -79.44 -46.62
C ARG DA 45 4.56 -80.92 -46.77
N PRO DA 46 3.32 -81.33 -46.44
CA PRO DA 46 2.85 -82.68 -46.72
C PRO DA 46 2.60 -82.86 -48.22
N SER DA 47 3.39 -83.73 -48.86
CA SER DA 47 3.01 -84.40 -50.11
C SER DA 47 3.12 -85.90 -49.91
N THR DA 48 2.02 -86.51 -49.48
CA THR DA 48 1.94 -87.90 -49.02
C THR DA 48 1.91 -88.91 -50.18
N SER DA 49 2.34 -88.53 -51.38
CA SER DA 49 2.28 -89.40 -52.55
C SER DA 49 3.19 -90.62 -52.43
N ARG DA 50 2.62 -91.80 -52.66
CA ARG DA 50 3.27 -93.05 -53.06
C ARG DA 50 2.30 -93.75 -54.02
N SER DA 51 2.81 -94.37 -55.07
CA SER DA 51 2.01 -95.05 -56.10
C SER DA 51 2.57 -96.45 -56.41
N LEU DA 52 2.11 -97.09 -57.47
CA LEU DA 52 2.49 -98.45 -57.87
C LEU DA 52 3.94 -98.51 -58.39
N TYR DA 53 4.89 -98.69 -57.49
CA TYR DA 53 6.32 -98.92 -57.83
C TYR DA 53 6.65 -100.40 -58.17
N ALA DA 54 5.64 -101.26 -58.36
CA ALA DA 54 5.84 -102.68 -58.66
C ALA DA 54 6.02 -102.93 -60.17
N SER DA 55 7.08 -103.66 -60.54
CA SER DA 55 7.28 -104.20 -61.89
C SER DA 55 6.35 -105.39 -62.17
N SER DA 56 6.18 -105.74 -63.46
CA SER DA 56 5.38 -106.89 -63.93
C SER DA 56 3.98 -107.01 -63.27
N PRO DA 57 3.02 -106.13 -63.61
CA PRO DA 57 1.66 -106.19 -63.08
C PRO DA 57 1.01 -107.56 -63.29
N GLY DA 58 0.43 -108.14 -62.23
CA GLY DA 58 -0.08 -109.51 -62.22
C GLY DA 58 0.99 -110.62 -62.18
N GLY DA 59 2.25 -110.28 -61.92
CA GLY DA 59 3.39 -111.23 -61.91
C GLY DA 59 3.91 -111.61 -63.30
N VAL DA 60 3.51 -110.87 -64.34
CA VAL DA 60 3.69 -111.30 -65.74
C VAL DA 60 5.15 -111.33 -66.21
N TYR DA 61 5.50 -112.42 -66.89
CA TYR DA 61 6.59 -112.50 -67.86
C TYR DA 61 6.25 -113.54 -68.95
N ALA DA 62 7.04 -113.61 -70.01
CA ALA DA 62 6.81 -114.54 -71.13
C ALA DA 62 7.20 -115.99 -70.76
N THR DA 63 6.37 -116.65 -69.95
CA THR DA 63 6.53 -118.08 -69.60
C THR DA 63 6.54 -118.96 -70.85
N ARG DA 64 7.41 -119.98 -70.88
CA ARG DA 64 7.51 -120.96 -71.97
C ARG DA 64 6.16 -121.65 -72.21
N SER DA 65 5.58 -121.40 -73.39
CA SER DA 65 4.66 -122.34 -74.03
C SER DA 65 5.43 -123.29 -74.95
N SER DA 66 5.09 -124.58 -74.94
CA SER DA 66 5.55 -125.56 -75.94
C SER DA 66 4.50 -126.66 -76.06
N ALA DA 67 3.96 -126.84 -77.27
CA ALA DA 67 2.76 -127.64 -77.51
C ALA DA 67 3.09 -129.02 -78.12
N VAL DA 68 2.05 -129.72 -78.59
CA VAL DA 68 2.18 -130.86 -79.50
C VAL DA 68 3.02 -130.48 -80.74
N ARG DA 69 3.94 -131.36 -81.15
CA ARG DA 69 4.89 -131.13 -82.27
C ARG DA 69 4.19 -131.20 -83.65
N LEU DA 70 3.31 -130.24 -83.94
CA LEU DA 70 2.65 -130.10 -85.23
C LEU DA 70 3.68 -129.78 -86.33
N ARG DA 71 3.89 -130.71 -87.26
CA ARG DA 71 4.67 -130.47 -88.49
C ARG DA 71 3.76 -129.93 -89.60
N SER DA 72 3.30 -128.68 -89.47
CA SER DA 72 2.75 -127.98 -90.63
C SER DA 72 3.89 -127.37 -91.42
N SER DA 73 3.91 -127.52 -92.75
CA SER DA 73 4.62 -126.55 -93.58
C SER DA 73 3.86 -125.22 -93.55
N VAL DA 74 4.59 -124.10 -93.53
CA VAL DA 74 4.03 -122.76 -93.62
C VAL DA 74 4.85 -122.00 -94.68
N PRO DA 75 4.28 -121.60 -95.83
CA PRO DA 75 5.04 -120.98 -96.92
C PRO DA 75 5.53 -119.55 -96.59
N GLY DA 76 5.15 -119.00 -95.44
CA GLY DA 76 5.87 -117.88 -94.81
C GLY DA 76 5.76 -116.56 -95.58
N VAL DA 77 4.57 -116.24 -96.10
CA VAL DA 77 4.28 -114.91 -96.66
C VAL DA 77 4.49 -113.84 -95.59
N ARG DA 78 5.64 -113.16 -95.67
CA ARG DA 78 6.10 -112.22 -94.65
C ARG DA 78 5.24 -110.97 -94.70
N LEU DA 79 4.74 -110.54 -93.53
CA LEU DA 79 4.75 -109.12 -93.23
C LEU DA 79 6.21 -108.74 -92.92
N LEU DA 80 6.84 -107.95 -93.79
CA LEU DA 80 8.07 -107.26 -93.42
C LEU DA 80 7.72 -106.15 -92.43
N GLN DA 81 8.65 -105.83 -91.54
CA GLN DA 81 8.43 -104.89 -90.45
C GLN DA 81 9.47 -103.77 -90.55
N ASP DA 82 9.13 -102.72 -91.30
CA ASP DA 82 9.95 -101.52 -91.44
C ASP DA 82 10.05 -100.74 -90.12
N SER DA 83 9.13 -101.03 -89.19
CA SER DA 83 9.22 -100.71 -87.76
C SER DA 83 9.91 -101.78 -86.88
N VAL DA 84 10.94 -102.49 -87.38
CA VAL DA 84 11.93 -103.15 -86.51
C VAL DA 84 12.72 -102.05 -85.78
N ASP DA 85 12.11 -101.59 -84.69
CA ASP DA 85 12.46 -100.37 -84.01
C ASP DA 85 12.58 -99.22 -85.01
N PHE DA 86 11.44 -98.69 -85.46
CA PHE DA 86 11.46 -97.42 -86.20
C PHE DA 86 11.97 -96.25 -85.33
N SER DA 87 12.15 -96.49 -84.01
CA SER DA 87 13.06 -95.97 -82.97
C SER DA 87 13.81 -94.66 -83.22
N LEU DA 88 14.40 -94.48 -84.39
CA LEU DA 88 14.81 -93.16 -84.87
C LEU DA 88 13.63 -92.17 -84.82
N ALA DA 89 12.42 -92.62 -85.17
CA ALA DA 89 11.12 -91.99 -84.96
C ALA DA 89 10.70 -91.78 -83.49
N ASP DA 90 11.20 -92.53 -82.50
CA ASP DA 90 10.80 -92.42 -81.08
C ASP DA 90 11.83 -91.66 -80.20
N ALA DA 91 13.11 -91.72 -80.59
CA ALA DA 91 14.09 -90.68 -80.31
C ALA DA 91 13.63 -89.35 -80.93
N ILE DA 92 13.10 -89.37 -82.16
CA ILE DA 92 12.44 -88.23 -82.80
C ILE DA 92 11.10 -87.87 -82.14
N ASN DA 93 10.35 -88.77 -81.49
CA ASN DA 93 9.22 -88.37 -80.63
C ASN DA 93 9.69 -87.62 -79.36
N THR DA 94 10.89 -87.95 -78.88
CA THR DA 94 11.58 -87.20 -77.83
C THR DA 94 12.17 -85.88 -78.34
N GLU DA 95 12.50 -85.77 -79.64
CA GLU DA 95 12.97 -84.53 -80.28
C GLU DA 95 11.86 -83.63 -80.89
N PHE DA 96 10.67 -84.16 -81.17
CA PHE DA 96 9.40 -83.46 -81.39
C PHE DA 96 8.84 -82.82 -80.10
N LYS DA 97 9.69 -82.77 -79.08
CA LYS DA 97 9.42 -82.47 -77.67
C LYS DA 97 10.66 -81.88 -76.97
N ASN DA 98 11.87 -82.14 -77.47
CA ASN DA 98 13.07 -81.30 -77.26
C ASN DA 98 13.00 -80.00 -78.07
N THR DA 99 12.48 -80.07 -79.31
CA THR DA 99 12.05 -78.88 -80.08
C THR DA 99 11.01 -78.06 -79.33
N ARG DA 100 10.09 -78.69 -78.59
CA ARG DA 100 9.15 -77.97 -77.69
C ARG DA 100 9.82 -77.43 -76.42
N THR DA 101 10.84 -78.12 -75.92
CA THR DA 101 11.60 -77.72 -74.73
C THR DA 101 12.46 -76.49 -75.00
N ASN DA 102 13.15 -76.42 -76.15
CA ASN DA 102 13.96 -75.25 -76.53
C ASN DA 102 13.11 -74.01 -76.82
N GLU DA 103 12.01 -74.16 -77.57
CA GLU DA 103 11.04 -73.08 -77.82
C GLU DA 103 10.40 -72.58 -76.50
N LYS DA 104 10.18 -73.48 -75.53
CA LYS DA 104 9.64 -73.13 -74.21
C LYS DA 104 10.68 -72.59 -73.22
N VAL DA 105 11.95 -72.93 -73.38
CA VAL DA 105 13.08 -72.28 -72.67
C VAL DA 105 13.23 -70.84 -73.17
N GLU DA 106 13.10 -70.63 -74.47
CA GLU DA 106 13.03 -69.28 -75.07
C GLU DA 106 11.74 -68.53 -74.67
N LEU DA 107 10.59 -69.20 -74.52
CA LEU DA 107 9.38 -68.64 -73.90
C LEU DA 107 9.65 -68.13 -72.48
N GLN DA 108 10.29 -68.92 -71.61
CA GLN DA 108 10.61 -68.49 -70.24
C GLN DA 108 11.68 -67.39 -70.19
N GLU DA 109 12.70 -67.44 -71.05
CA GLU DA 109 13.74 -66.42 -71.15
C GLU DA 109 13.19 -65.08 -71.68
N LEU DA 110 12.22 -65.12 -72.60
CA LEU DA 110 11.52 -63.94 -73.11
C LEU DA 110 10.38 -63.46 -72.19
N ASN DA 111 9.76 -64.35 -71.39
CA ASN DA 111 8.91 -64.01 -70.25
C ASN DA 111 9.70 -63.19 -69.22
N ASP DA 112 10.85 -63.71 -68.82
CA ASP DA 112 11.71 -63.08 -67.81
C ASP DA 112 12.43 -61.85 -68.39
N ARG DA 113 12.62 -61.77 -69.73
CA ARG DA 113 13.01 -60.53 -70.42
C ARG DA 113 11.91 -59.46 -70.39
N PHE DA 114 10.62 -59.79 -70.57
CA PHE DA 114 9.54 -58.81 -70.35
C PHE DA 114 9.40 -58.42 -68.88
N ALA DA 115 9.68 -59.32 -67.93
CA ALA DA 115 9.74 -58.98 -66.51
C ALA DA 115 10.88 -58.00 -66.17
N ASN DA 116 12.06 -58.16 -66.78
CA ASN DA 116 13.17 -57.19 -66.68
C ASN DA 116 12.78 -55.81 -67.26
N TYR DA 117 12.09 -55.76 -68.42
CA TYR DA 117 11.60 -54.48 -68.94
C TYR DA 117 10.39 -53.91 -68.16
N ILE DA 118 9.62 -54.70 -67.39
CA ILE DA 118 8.67 -54.16 -66.38
C ILE DA 118 9.42 -53.51 -65.22
N ASP DA 119 10.52 -54.08 -64.75
CA ASP DA 119 11.35 -53.43 -63.73
C ASP DA 119 11.97 -52.12 -64.25
N LYS DA 120 12.35 -52.09 -65.54
CA LYS DA 120 12.68 -50.83 -66.24
C LYS DA 120 11.50 -49.84 -66.34
N VAL DA 121 10.25 -50.31 -66.46
CA VAL DA 121 9.06 -49.46 -66.32
C VAL DA 121 8.92 -48.91 -64.90
N ARG DA 122 9.10 -49.72 -63.86
CA ARG DA 122 9.00 -49.27 -62.44
C ARG DA 122 10.03 -48.20 -62.11
N PHE DA 123 11.22 -48.30 -62.69
CA PHE DA 123 12.30 -47.33 -62.53
C PHE DA 123 11.96 -45.99 -63.20
N LEU DA 124 11.42 -46.01 -64.43
CA LEU DA 124 10.95 -44.77 -65.06
C LEU DA 124 9.62 -44.23 -64.52
N GLU DA 125 8.76 -45.07 -63.92
CA GLU DA 125 7.60 -44.62 -63.15
C GLU DA 125 8.02 -43.93 -61.83
N GLN DA 126 9.19 -44.29 -61.27
CA GLN DA 126 9.76 -43.57 -60.12
C GLN DA 126 10.36 -42.22 -60.53
N GLN DA 127 11.01 -42.14 -61.70
CA GLN DA 127 11.49 -40.86 -62.26
C GLN DA 127 10.29 -39.94 -62.58
N ASN DA 128 9.23 -40.50 -63.15
CA ASN DA 128 7.97 -39.80 -63.40
C ASN DA 128 7.25 -39.28 -62.12
N LYS DA 129 7.57 -39.79 -60.93
CA LYS DA 129 7.06 -39.25 -59.64
C LYS DA 129 7.95 -38.16 -59.06
N ILE DA 130 9.24 -38.14 -59.40
CA ILE DA 130 10.19 -37.07 -59.06
C ILE DA 130 9.84 -35.78 -59.83
N LEU DA 131 9.79 -35.88 -61.17
CA LEU DA 131 9.44 -34.73 -62.03
C LEU DA 131 7.99 -34.25 -61.81
N LEU DA 132 7.09 -35.08 -61.28
CA LEU DA 132 5.75 -34.67 -60.87
C LEU DA 132 5.73 -33.85 -59.57
N ALA DA 133 6.50 -34.26 -58.56
CA ALA DA 133 6.64 -33.51 -57.31
C ALA DA 133 7.27 -32.13 -57.57
N GLU DA 134 8.23 -32.10 -58.50
CA GLU DA 134 8.97 -30.92 -58.90
C GLU DA 134 8.18 -29.92 -59.78
N LEU DA 135 7.09 -30.38 -60.38
CA LEU DA 135 6.09 -29.56 -61.08
C LEU DA 135 5.19 -28.75 -60.13
N GLU DA 136 4.74 -29.36 -59.02
CA GLU DA 136 3.64 -28.80 -58.21
C GLU DA 136 4.05 -27.69 -57.24
N GLN DA 137 5.25 -27.75 -56.66
CA GLN DA 137 5.54 -27.07 -55.38
C GLN DA 137 5.49 -25.53 -55.47
N LEU DA 138 6.27 -24.92 -56.36
CA LEU DA 138 6.33 -23.46 -56.56
C LEU DA 138 5.03 -22.90 -57.13
N LYS DA 139 4.56 -23.51 -58.23
CA LYS DA 139 3.29 -23.16 -58.89
C LYS DA 139 2.09 -23.30 -57.96
N GLY DA 140 1.96 -24.42 -57.24
CA GLY DA 140 0.77 -24.73 -56.46
C GLY DA 140 0.78 -24.07 -55.08
N GLN DA 141 1.86 -24.26 -54.32
CA GLN DA 141 1.91 -23.94 -52.89
C GLN DA 141 2.82 -22.75 -52.54
N GLY DA 142 3.66 -22.31 -53.47
CA GLY DA 142 4.54 -21.15 -53.29
C GLY DA 142 3.76 -19.85 -53.28
N LYS DA 143 3.55 -19.26 -54.46
CA LYS DA 143 3.01 -17.90 -54.55
C LYS DA 143 1.54 -17.78 -54.16
N SER DA 144 0.76 -18.86 -54.17
CA SER DA 144 -0.63 -18.83 -53.67
C SER DA 144 -0.71 -18.36 -52.21
N ARG DA 145 0.09 -18.94 -51.31
CA ARG DA 145 0.12 -18.59 -49.89
C ARG DA 145 1.08 -17.44 -49.56
N LEU DA 146 2.25 -17.39 -50.21
CA LEU DA 146 3.24 -16.34 -49.92
C LEU DA 146 2.86 -14.99 -50.54
N GLY DA 147 2.06 -15.01 -51.61
CA GLY DA 147 1.36 -13.85 -52.16
C GLY DA 147 0.27 -13.34 -51.22
N ASP DA 148 -0.68 -14.21 -50.85
CA ASP DA 148 -1.77 -13.95 -49.88
C ASP DA 148 -1.31 -13.30 -48.55
N LEU DA 149 -0.20 -13.77 -47.99
CA LEU DA 149 0.38 -13.20 -46.77
C LEU DA 149 0.95 -11.79 -46.95
N TYR DA 150 1.66 -11.54 -48.04
CA TYR DA 150 2.26 -10.23 -48.36
C TYR DA 150 1.23 -9.24 -48.92
N GLU DA 151 0.24 -9.75 -49.65
CA GLU DA 151 -0.89 -9.00 -50.16
C GLU DA 151 -1.69 -8.35 -49.03
N GLU DA 152 -1.86 -9.04 -47.89
CA GLU DA 152 -2.42 -8.43 -46.68
C GLU DA 152 -1.45 -7.48 -45.94
N GLU DA 153 -0.13 -7.70 -45.98
CA GLU DA 153 0.87 -6.74 -45.46
C GLU DA 153 0.87 -5.43 -46.26
N MET DA 154 0.91 -5.49 -47.60
CA MET DA 154 0.92 -4.29 -48.44
C MET DA 154 -0.47 -3.65 -48.59
N ARG DA 155 -1.56 -4.41 -48.39
CA ARG DA 155 -2.89 -3.84 -48.14
C ARG DA 155 -2.93 -3.04 -46.83
N GLU DA 156 -2.28 -3.52 -45.76
CA GLU DA 156 -2.19 -2.75 -44.52
C GLU DA 156 -1.33 -1.49 -44.68
N LEU DA 157 -0.19 -1.57 -45.36
CA LEU DA 157 0.59 -0.42 -45.83
C LEU DA 157 -0.26 0.59 -46.62
N ARG DA 158 -1.08 0.14 -47.57
CA ARG DA 158 -1.99 1.02 -48.33
C ARG DA 158 -3.08 1.61 -47.45
N ARG DA 159 -3.66 0.88 -46.51
CA ARG DA 159 -4.57 1.47 -45.50
C ARG DA 159 -3.84 2.52 -44.67
N GLN DA 160 -2.58 2.29 -44.31
CA GLN DA 160 -1.73 3.26 -43.62
C GLN DA 160 -1.35 4.46 -44.50
N VAL DA 161 -1.34 4.37 -45.84
CA VAL DA 161 -1.12 5.53 -46.73
C VAL DA 161 -2.40 6.26 -47.17
N ASP DA 162 -3.50 5.55 -47.43
CA ASP DA 162 -4.83 6.16 -47.55
C ASP DA 162 -5.13 6.94 -46.25
N GLN DA 163 -4.77 6.36 -45.11
CA GLN DA 163 -4.79 7.03 -43.81
C GLN DA 163 -3.77 8.19 -43.75
N LEU DA 164 -2.49 8.02 -44.12
CA LEU DA 164 -1.52 9.11 -44.06
C LEU DA 164 -1.85 10.27 -45.01
N THR DA 165 -2.56 10.03 -46.11
CA THR DA 165 -3.04 11.04 -47.06
C THR DA 165 -4.24 11.81 -46.53
N ASN DA 166 -5.22 11.10 -45.94
CA ASN DA 166 -6.37 11.72 -45.26
C ASN DA 166 -5.93 12.47 -43.98
N ASP DA 167 -4.94 11.91 -43.27
CA ASP DA 167 -4.22 12.55 -42.18
C ASP DA 167 -3.50 13.80 -42.67
N LYS DA 168 -2.60 13.72 -43.68
CA LYS DA 168 -1.93 14.86 -44.35
C LYS DA 168 -2.90 16.00 -44.67
N ALA DA 169 -4.05 15.69 -45.28
CA ALA DA 169 -5.08 16.69 -45.58
C ALA DA 169 -5.84 17.23 -44.36
N ARG DA 170 -6.22 16.39 -43.37
CA ARG DA 170 -6.85 16.81 -42.12
C ARG DA 170 -5.89 17.71 -41.33
N VAL DA 171 -4.68 17.21 -41.10
CA VAL DA 171 -3.69 17.82 -40.23
C VAL DA 171 -3.08 19.07 -40.84
N GLU DA 172 -3.08 19.20 -42.17
CA GLU DA 172 -2.81 20.48 -42.81
C GLU DA 172 -3.90 21.51 -42.50
N VAL DA 173 -5.19 21.12 -42.49
CA VAL DA 173 -6.26 22.00 -41.99
C VAL DA 173 -6.19 22.25 -40.47
N GLU DA 174 -5.83 21.27 -39.65
CA GLU DA 174 -5.65 21.48 -38.19
C GLU DA 174 -4.41 22.33 -37.85
N ARG DA 175 -3.41 22.40 -38.73
CA ARG DA 175 -2.33 23.40 -38.65
C ARG DA 175 -2.72 24.72 -39.26
N ASP DA 176 -3.51 24.74 -40.33
CA ASP DA 176 -4.06 25.95 -40.93
C ASP DA 176 -4.97 26.70 -39.95
N ASN DA 177 -5.67 26.00 -39.03
CA ASN DA 177 -6.35 26.64 -37.89
C ASN DA 177 -5.36 27.44 -37.00
N LEU DA 178 -4.28 26.80 -36.54
CA LEU DA 178 -3.29 27.41 -35.65
C LEU DA 178 -2.52 28.51 -36.38
N ALA DA 179 -1.97 28.20 -37.55
CA ALA DA 179 -1.15 29.09 -38.35
C ALA DA 179 -1.94 30.22 -39.01
N GLU DA 180 -3.26 30.12 -39.19
CA GLU DA 180 -4.12 31.24 -39.58
C GLU DA 180 -4.41 32.19 -38.41
N ASP DA 181 -4.60 31.68 -37.19
CA ASP DA 181 -4.61 32.51 -35.98
C ASP DA 181 -3.24 33.11 -35.67
N ILE DA 182 -2.13 32.38 -35.85
CA ILE DA 182 -0.79 32.99 -35.80
C ILE DA 182 -0.56 33.95 -36.98
N MET DA 183 -1.11 33.75 -38.19
CA MET DA 183 -0.95 34.66 -39.33
C MET DA 183 -1.68 35.98 -39.12
N ARG DA 184 -2.94 35.90 -38.64
CA ARG DA 184 -3.71 37.07 -38.17
C ARG DA 184 -3.01 37.77 -37.03
N LEU DA 185 -2.53 37.03 -36.04
CA LEU DA 185 -1.72 37.55 -34.94
C LEU DA 185 -0.46 38.22 -35.48
N ARG DA 186 0.34 37.60 -36.34
CA ARG DA 186 1.57 38.13 -36.94
C ARG DA 186 1.36 39.45 -37.68
N GLU DA 187 0.30 39.57 -38.46
CA GLU DA 187 -0.05 40.83 -39.15
C GLU DA 187 -0.49 41.93 -38.16
N LYS DA 188 -1.37 41.58 -37.22
CA LYS DA 188 -1.74 42.44 -36.08
C LYS DA 188 -0.57 42.73 -35.14
N LEU DA 189 0.47 41.89 -35.11
CA LEU DA 189 1.62 41.95 -34.22
C LEU DA 189 2.72 42.82 -34.83
N GLN DA 190 2.80 42.90 -36.17
CA GLN DA 190 3.50 43.97 -36.87
C GLN DA 190 2.82 45.34 -36.63
N GLU DA 191 1.49 45.39 -36.65
CA GLU DA 191 0.74 46.59 -36.24
C GLU DA 191 0.92 46.91 -34.74
N GLU DA 192 0.95 45.92 -33.86
CA GLU DA 192 1.24 46.12 -32.43
C GLU DA 192 2.67 46.59 -32.20
N MET DA 193 3.70 46.07 -32.87
CA MET DA 193 5.07 46.57 -32.66
C MET DA 193 5.22 48.03 -33.09
N LEU DA 194 4.43 48.49 -34.07
CA LEU DA 194 4.27 49.92 -34.34
C LEU DA 194 3.51 50.66 -33.22
N GLN DA 195 2.45 50.09 -32.64
CA GLN DA 195 1.77 50.67 -31.46
C GLN DA 195 2.67 50.76 -30.21
N ARG DA 196 3.54 49.77 -29.96
CA ARG DA 196 4.47 49.78 -28.82
C ARG DA 196 5.77 50.57 -29.10
N GLU DA 197 6.18 50.71 -30.36
CA GLU DA 197 7.24 51.67 -30.74
C GLU DA 197 6.73 53.13 -30.73
N GLU DA 198 5.45 53.34 -31.00
CA GLU DA 198 4.73 54.58 -30.72
C GLU DA 198 4.70 54.86 -29.21
N ALA DA 199 4.43 53.86 -28.36
CA ALA DA 199 4.52 54.00 -26.92
C ALA DA 199 5.95 54.28 -26.42
N GLU DA 200 6.98 53.58 -26.93
CA GLU DA 200 8.39 53.89 -26.61
C GLU DA 200 8.74 55.34 -26.97
N ASN DA 201 8.54 55.76 -28.22
CA ASN DA 201 8.97 57.08 -28.68
C ASN DA 201 8.15 58.22 -28.08
N THR DA 202 6.84 58.02 -27.89
CA THR DA 202 5.94 58.99 -27.27
C THR DA 202 6.27 59.18 -25.79
N LEU DA 203 6.34 58.08 -25.05
CA LEU DA 203 6.64 58.13 -23.61
C LEU DA 203 8.11 58.44 -23.34
N GLN DA 204 9.03 58.23 -24.29
CA GLN DA 204 10.44 58.65 -24.17
C GLN DA 204 10.64 60.13 -24.49
N SER DA 205 9.81 60.70 -25.38
CA SER DA 205 9.70 62.15 -25.54
C SER DA 205 9.12 62.80 -24.27
N PHE DA 206 8.13 62.18 -23.65
CA PHE DA 206 7.59 62.59 -22.36
C PHE DA 206 8.54 62.33 -21.17
N ARG DA 207 9.48 61.37 -21.26
CA ARG DA 207 10.62 61.25 -20.32
C ARG DA 207 11.63 62.37 -20.49
N GLN DA 208 11.95 62.77 -21.73
CA GLN DA 208 12.76 63.98 -21.95
C GLN DA 208 12.04 65.22 -21.41
N ASP DA 209 10.72 65.27 -21.46
CA ASP DA 209 9.94 66.36 -20.86
C ASP DA 209 9.69 66.25 -19.35
N VAL DA 210 10.04 65.15 -18.66
CA VAL DA 210 10.29 65.19 -17.20
C VAL DA 210 11.49 66.09 -16.93
N ASP DA 211 12.60 65.79 -17.60
CA ASP DA 211 13.87 66.50 -17.47
C ASP DA 211 13.71 67.95 -17.94
N ASN DA 212 13.18 68.20 -19.15
CA ASN DA 212 12.96 69.54 -19.68
C ASN DA 212 11.97 70.37 -18.84
N ALA DA 213 10.81 69.83 -18.47
CA ALA DA 213 9.80 70.62 -17.77
C ALA DA 213 10.18 70.90 -16.31
N SER DA 214 10.76 69.92 -15.61
CA SER DA 214 11.27 70.15 -14.26
C SER DA 214 12.59 70.92 -14.26
N LEU DA 215 13.37 70.91 -15.35
CA LEU DA 215 14.54 71.77 -15.51
C LEU DA 215 14.18 73.20 -15.91
N ALA DA 216 13.09 73.41 -16.65
CA ALA DA 216 12.51 74.74 -16.86
C ALA DA 216 11.90 75.33 -15.57
N ARG DA 217 11.38 74.48 -14.68
CA ARG DA 217 11.09 74.83 -13.28
C ARG DA 217 12.36 75.26 -12.55
N LEU DA 218 13.39 74.42 -12.55
CA LEU DA 218 14.61 74.68 -11.78
C LEU DA 218 15.47 75.84 -12.26
N ASP DA 219 15.57 76.08 -13.57
CA ASP DA 219 16.42 77.13 -14.12
C ASP DA 219 15.90 78.53 -13.79
N LEU DA 220 14.58 78.66 -13.60
CA LEU DA 220 13.92 79.82 -13.01
C LEU DA 220 13.99 79.81 -11.47
N GLU DA 221 13.71 78.69 -10.81
CA GLU DA 221 13.75 78.61 -9.33
C GLU DA 221 15.13 78.87 -8.76
N ARG DA 222 16.20 78.36 -9.38
CA ARG DA 222 17.59 78.65 -9.00
C ARG DA 222 17.95 80.12 -9.20
N LYS DA 223 17.38 80.79 -10.21
CA LYS DA 223 17.57 82.24 -10.40
C LYS DA 223 16.91 83.03 -9.28
N VAL DA 224 15.68 82.71 -8.90
CA VAL DA 224 15.01 83.37 -7.77
C VAL DA 224 15.63 82.98 -6.42
N GLU DA 225 16.10 81.73 -6.25
CA GLU DA 225 16.82 81.23 -5.06
C GLU DA 225 18.14 81.98 -4.84
N SER DA 226 18.91 82.15 -5.93
CA SER DA 226 20.15 82.94 -5.92
C SER DA 226 19.87 84.43 -5.69
N LEU DA 227 18.83 85.00 -6.33
CA LEU DA 227 18.47 86.40 -6.14
C LEU DA 227 17.92 86.69 -4.74
N GLN DA 228 17.27 85.73 -4.06
CA GLN DA 228 16.81 85.89 -2.69
C GLN DA 228 17.94 85.71 -1.66
N GLU DA 229 18.94 84.85 -1.91
CA GLU DA 229 20.20 84.88 -1.14
C GLU DA 229 21.01 86.16 -1.40
N GLU DA 230 21.02 86.68 -2.63
CA GLU DA 230 21.61 87.98 -2.97
C GLU DA 230 20.85 89.16 -2.34
N ILE DA 231 19.52 89.12 -2.20
CA ILE DA 231 18.76 90.13 -1.45
C ILE DA 231 19.09 90.05 0.05
N ALA DA 232 19.16 88.85 0.62
CA ALA DA 232 19.62 88.67 2.00
C ALA DA 232 21.06 89.17 2.19
N PHE DA 233 21.94 88.96 1.21
CA PHE DA 233 23.33 89.41 1.22
C PHE DA 233 23.46 90.94 1.08
N LEU DA 234 22.72 91.54 0.15
CA LEU DA 234 22.58 92.99 0.01
C LEU DA 234 21.93 93.65 1.23
N LYS DA 235 21.09 92.95 1.98
CA LYS DA 235 20.46 93.48 3.20
C LYS DA 235 21.30 93.30 4.47
N LYS DA 236 22.11 92.23 4.58
CA LYS DA 236 23.17 92.14 5.59
C LYS DA 236 24.41 93.01 5.28
N LEU DA 237 24.55 93.50 4.04
CA LEU DA 237 25.48 94.60 3.67
C LEU DA 237 24.86 96.00 3.85
N HIS DA 238 23.56 96.18 3.58
CA HIS DA 238 22.86 97.45 3.89
C HIS DA 238 22.81 97.72 5.41
N GLU DA 239 22.96 96.69 6.25
CA GLU DA 239 23.22 96.85 7.69
C GLU DA 239 24.51 97.64 7.98
N GLU DA 240 25.56 97.45 7.18
CA GLU DA 240 26.84 98.18 7.25
C GLU DA 240 26.73 99.58 6.65
N GLU DA 241 25.89 99.80 5.62
CA GLU DA 241 25.57 101.14 5.12
C GLU DA 241 24.78 101.99 6.13
N ILE DA 242 23.82 101.40 6.85
CA ILE DA 242 23.16 102.09 7.98
C ILE DA 242 24.16 102.23 9.16
N GLN DA 243 25.19 101.38 9.28
CA GLN DA 243 26.23 101.55 10.29
C GLN DA 243 27.21 102.71 9.98
N GLU DA 244 27.41 103.08 8.71
CA GLU DA 244 28.10 104.34 8.38
C GLU DA 244 27.22 105.59 8.69
N LEU DA 245 25.89 105.49 8.55
CA LEU DA 245 24.98 106.52 9.07
C LEU DA 245 25.01 106.62 10.60
N GLN DA 246 24.95 105.49 11.31
CA GLN DA 246 25.05 105.47 12.78
C GLN DA 246 26.43 105.97 13.26
N ALA DA 247 27.49 105.75 12.48
CA ALA DA 247 28.82 106.34 12.73
C ALA DA 247 28.85 107.86 12.57
N GLN DA 248 28.15 108.44 11.59
CA GLN DA 248 27.96 109.91 11.53
C GLN DA 248 27.25 110.44 12.77
N ILE DA 249 26.17 109.79 13.21
CA ILE DA 249 25.44 110.19 14.44
C ILE DA 249 26.33 110.05 15.68
N GLN DA 250 27.25 109.08 15.69
CA GLN DA 250 28.23 108.86 16.75
C GLN DA 250 29.38 109.90 16.76
N GLU DA 251 29.74 110.46 15.59
CA GLU DA 251 30.76 111.50 15.43
C GLU DA 251 30.27 112.95 15.64
N GLN DA 252 28.96 113.23 15.62
CA GLN DA 252 28.35 114.57 15.81
C GLN DA 252 28.48 115.19 17.22
N HIS DA 253 29.55 114.86 17.96
CA HIS DA 253 29.65 114.94 19.43
C HIS DA 253 30.84 115.78 20.02
N VAL DA 254 31.62 116.69 19.43
CA VAL DA 254 31.54 117.72 18.34
C VAL DA 254 30.54 118.86 18.55
N GLN DA 255 31.02 120.11 18.34
CA GLN DA 255 30.43 121.46 18.63
C GLN DA 255 30.65 122.06 20.04
N ILE DA 256 30.07 123.26 20.24
CA ILE DA 256 30.28 124.21 21.35
C ILE DA 256 28.93 124.70 21.90
N ASP DA 257 28.96 125.23 23.12
CA ASP DA 257 27.81 125.81 23.82
C ASP DA 257 27.12 126.95 23.03
N VAL DA 258 25.81 126.80 22.89
CA VAL DA 258 24.92 127.62 22.04
C VAL DA 258 24.33 128.78 22.84
N ASP DA 259 24.58 130.00 22.35
CA ASP DA 259 24.16 131.30 22.92
C ASP DA 259 24.59 131.61 24.38
N VAL DA 260 25.00 130.63 25.19
CA VAL DA 260 25.67 130.89 26.48
C VAL DA 260 27.19 131.01 26.37
N SER DA 261 27.86 130.32 25.45
CA SER DA 261 29.29 130.56 25.13
C SER DA 261 29.55 131.85 24.34
N LYS DA 262 28.62 132.81 24.43
CA LYS DA 262 28.64 134.12 23.81
C LYS DA 262 28.62 135.22 24.90
N PRO DA 263 29.57 135.23 25.86
CA PRO DA 263 29.58 136.17 26.99
C PRO DA 263 29.77 137.60 26.48
N ASP DA 264 28.68 138.34 26.31
CA ASP DA 264 28.44 139.02 25.04
C ASP DA 264 29.44 140.16 24.70
N LEU DA 265 30.06 140.04 23.53
CA LEU DA 265 30.86 141.10 22.93
C LEU DA 265 30.00 142.25 22.42
N THR DA 266 28.78 141.99 21.92
CA THR DA 266 27.89 143.04 21.45
C THR DA 266 27.31 143.86 22.60
N ALA DA 267 27.16 143.27 23.80
CA ALA DA 267 26.92 143.98 25.05
C ALA DA 267 28.11 144.88 25.43
N ALA DA 268 29.36 144.40 25.33
CA ALA DA 268 30.53 145.24 25.60
C ALA DA 268 30.68 146.42 24.60
N LEU DA 269 30.34 146.21 23.32
CA LEU DA 269 30.28 147.28 22.31
C LEU DA 269 29.05 148.20 22.44
N ARG DA 270 27.97 147.74 23.09
CA ARG DA 270 26.73 148.47 23.38
C ARG DA 270 26.91 149.38 24.59
N ASP DA 271 27.57 148.88 25.64
CA ASP DA 271 28.05 149.64 26.80
C ASP DA 271 28.91 150.83 26.40
N VAL DA 272 30.00 150.61 25.64
CA VAL DA 272 30.90 151.69 25.21
C VAL DA 272 30.19 152.78 24.39
N ARG DA 273 29.18 152.43 23.60
CA ARG DA 273 28.39 153.41 22.82
C ARG DA 273 27.42 154.20 23.70
N GLN DA 274 26.64 153.52 24.53
CA GLN DA 274 25.67 154.15 25.44
C GLN DA 274 26.34 154.95 26.56
N GLN DA 275 27.55 154.54 26.95
CA GLN DA 275 28.46 155.25 27.84
C GLN DA 275 29.04 156.51 27.18
N TYR DA 276 29.48 156.47 25.92
CA TYR DA 276 29.90 157.69 25.20
C TYR DA 276 28.73 158.64 24.90
N GLU DA 277 27.54 158.14 24.59
CA GLU DA 277 26.32 158.95 24.41
C GLU DA 277 25.94 159.68 25.72
N SER DA 278 26.01 158.97 26.85
CA SER DA 278 25.77 159.53 28.19
C SER DA 278 26.86 160.53 28.62
N VAL EA 434 -16.10 123.05 107.39
CA VAL EA 434 -14.90 122.20 107.43
C VAL EA 434 -15.10 120.91 106.64
N ASP EA 435 -14.05 120.43 105.97
CA ASP EA 435 -13.94 119.05 105.47
C ASP EA 435 -12.55 118.42 105.75
N THR EA 436 -11.85 118.90 106.79
CA THR EA 436 -10.55 118.42 107.28
C THR EA 436 -10.45 118.11 108.80
N HIS EA 437 -11.49 117.80 109.60
CA HIS EA 437 -12.84 117.27 109.34
C HIS EA 437 -12.95 116.19 108.25
N SER EA 438 -11.86 115.42 108.08
CA SER EA 438 -11.47 114.83 106.79
C SER EA 438 -12.60 114.03 106.12
N LYS EA 439 -12.72 114.23 104.80
CA LYS EA 439 -13.44 113.36 103.84
C LYS EA 439 -12.82 111.97 103.68
N ARG EA 440 -12.92 111.12 104.69
CA ARG EA 440 -12.42 109.73 104.73
C ARG EA 440 -13.19 108.86 103.72
N THR EA 441 -12.64 108.75 102.51
CA THR EA 441 -13.12 107.83 101.46
C THR EA 441 -12.77 106.37 101.77
N LEU EA 442 -13.49 105.73 102.70
CA LEU EA 442 -13.42 104.28 102.91
C LEU EA 442 -14.14 103.55 101.74
N LEU EA 443 -13.37 103.26 100.68
CA LEU EA 443 -13.77 102.53 99.48
C LEU EA 443 -13.61 101.01 99.68
N ILE EA 444 -14.59 100.33 100.30
CA ILE EA 444 -14.57 98.86 100.39
C ILE EA 444 -14.97 98.27 99.03
N LYS EA 445 -14.00 98.12 98.12
CA LYS EA 445 -14.14 97.44 96.83
C LYS EA 445 -14.28 95.92 97.04
N THR EA 446 -15.50 95.47 97.36
CA THR EA 446 -15.78 94.04 97.55
C THR EA 446 -15.89 93.35 96.19
N VAL EA 447 -14.78 92.85 95.65
CA VAL EA 447 -14.76 92.05 94.41
C VAL EA 447 -15.16 90.62 94.74
N GLU EA 448 -16.45 90.32 94.68
CA GLU EA 448 -16.93 88.94 94.72
C GLU EA 448 -16.60 88.25 93.39
N THR EA 449 -15.58 87.40 93.39
CA THR EA 449 -15.32 86.49 92.27
C THR EA 449 -15.89 85.10 92.55
N ARG EA 450 -16.42 84.46 91.51
CA ARG EA 450 -16.61 83.02 91.45
C ARG EA 450 -15.55 82.45 90.51
N ASP EA 451 -14.83 81.43 90.94
CA ASP EA 451 -13.83 80.67 90.15
C ASP EA 451 -12.64 81.55 89.61
N GLY EA 452 -12.71 82.86 89.81
CA GLY EA 452 -11.80 83.91 89.35
C GLY EA 452 -12.50 84.99 88.50
N GLN EA 453 -13.70 84.72 87.97
CA GLN EA 453 -14.53 85.69 87.28
C GLN EA 453 -15.24 86.61 88.28
N VAL EA 454 -15.17 87.94 88.07
CA VAL EA 454 -15.97 88.90 88.84
C VAL EA 454 -17.45 88.67 88.60
N ILE EA 455 -18.21 88.42 89.67
CA ILE EA 455 -19.68 88.29 89.66
C ILE EA 455 -20.34 89.58 90.18
N ASN EA 456 -19.79 90.15 91.27
CA ASN EA 456 -20.16 91.47 91.77
C ASN EA 456 -18.90 92.28 92.13
N GLU EA 457 -18.95 93.59 91.93
CA GLU EA 457 -18.08 94.54 92.63
C GLU EA 457 -18.92 95.48 93.50
N THR EA 458 -19.20 95.08 94.75
CA THR EA 458 -19.88 95.96 95.71
C THR EA 458 -18.89 96.97 96.29
N SER EA 459 -18.55 98.01 95.51
CA SER EA 459 -17.71 99.13 95.92
C SER EA 459 -18.44 100.06 96.91
N GLN EA 460 -18.50 99.67 98.19
CA GLN EA 460 -19.07 100.52 99.24
C GLN EA 460 -18.17 101.74 99.51
N HIS EA 461 -18.47 102.87 98.88
CA HIS EA 461 -17.93 104.18 99.26
C HIS EA 461 -18.65 104.68 100.53
N HIS EA 462 -18.10 104.37 101.70
CA HIS EA 462 -18.40 105.14 102.92
C HIS EA 462 -17.67 106.49 102.80
N ASP EA 463 -18.44 107.56 102.66
CA ASP EA 463 -17.94 108.90 102.31
C ASP EA 463 -17.98 109.83 103.53
N ASP EA 464 -17.22 109.42 104.55
CA ASP EA 464 -17.32 109.87 105.93
C ASP EA 464 -16.61 111.23 106.08
N LEU EA 465 -17.26 112.24 106.67
CA LEU EA 465 -16.70 113.60 106.87
C LEU EA 465 -16.47 113.83 108.37
N GLU EA 466 -15.25 113.57 108.85
CA GLU EA 466 -14.90 113.28 110.28
C GLU EA 466 -15.12 114.39 111.32
N PRO FA 432 -14.22 123.66 103.17
CA PRO FA 432 -14.41 122.26 102.76
C PRO FA 432 -13.23 121.75 101.90
N LEU FA 433 -12.04 122.28 102.18
CA LEU FA 433 -10.72 121.82 101.76
C LEU FA 433 -10.33 120.64 102.65
N VAL FA 434 -10.06 119.47 102.08
CA VAL FA 434 -9.75 118.27 102.89
C VAL FA 434 -8.28 118.16 103.32
N ASP FA 435 -7.39 118.80 102.58
CA ASP FA 435 -5.92 118.78 102.73
C ASP FA 435 -5.25 119.94 101.94
N THR FA 436 -5.66 120.38 100.73
CA THR FA 436 -6.66 119.88 99.74
C THR FA 436 -6.28 118.52 99.16
N HIS FA 437 -7.06 117.49 99.52
CA HIS FA 437 -6.94 116.08 99.12
C HIS FA 437 -7.92 115.26 99.95
N SER FA 438 -8.93 114.68 99.29
CA SER FA 438 -10.00 113.84 99.89
C SER FA 438 -9.55 112.50 100.54
N LYS FA 439 -8.28 112.37 100.93
CA LYS FA 439 -7.61 111.09 101.22
C LYS FA 439 -7.88 110.06 100.11
N ARG FA 440 -7.88 110.53 98.85
CA ARG FA 440 -8.51 109.91 97.66
C ARG FA 440 -7.73 108.67 97.24
N THR FA 441 -7.88 107.60 98.02
CA THR FA 441 -7.14 106.36 97.84
C THR FA 441 -7.69 105.54 96.67
N LEU FA 442 -7.37 105.96 95.44
CA LEU FA 442 -7.72 105.27 94.20
C LEU FA 442 -6.96 103.94 94.06
N LEU FA 443 -7.56 102.87 94.60
CA LEU FA 443 -7.09 101.49 94.49
C LEU FA 443 -7.59 100.85 93.20
N ILE FA 444 -6.83 101.00 92.11
CA ILE FA 444 -7.12 100.36 90.82
C ILE FA 444 -6.71 98.88 90.89
N LYS FA 445 -7.60 98.06 91.48
CA LYS FA 445 -7.48 96.59 91.55
C LYS FA 445 -7.84 95.97 90.20
N THR FA 446 -6.87 95.91 89.29
CA THR FA 446 -7.05 95.30 87.96
C THR FA 446 -7.02 93.78 88.10
N VAL FA 447 -8.19 93.15 88.12
CA VAL FA 447 -8.36 91.70 88.15
C VAL FA 447 -8.44 91.17 86.72
N GLU FA 448 -7.28 90.78 86.18
CA GLU FA 448 -7.18 90.18 84.85
C GLU FA 448 -7.48 88.67 84.91
N THR FA 449 -8.69 88.32 84.51
CA THR FA 449 -9.19 86.96 84.44
C THR FA 449 -9.21 86.45 82.99
N ARG FA 450 -8.82 85.18 82.79
CA ARG FA 450 -8.88 84.48 81.50
C ARG FA 450 -9.53 83.11 81.73
N ASP FA 451 -10.42 82.71 80.82
CA ASP FA 451 -11.13 81.42 80.87
C ASP FA 451 -11.94 81.18 82.18
N GLY FA 452 -12.24 82.25 82.93
CA GLY FA 452 -12.91 82.24 84.23
C GLY FA 452 -11.98 82.21 85.45
N GLN FA 453 -10.67 82.02 85.27
CA GLN FA 453 -9.65 82.04 86.34
C GLN FA 453 -8.88 83.37 86.40
N VAL FA 454 -8.57 83.87 87.60
CA VAL FA 454 -7.62 85.00 87.78
C VAL FA 454 -6.22 84.58 87.32
N ILE FA 455 -5.65 85.34 86.38
CA ILE FA 455 -4.28 85.16 85.88
C ILE FA 455 -3.34 86.27 86.40
N ASN FA 456 -3.88 87.45 86.70
CA ASN FA 456 -3.14 88.57 87.27
C ASN FA 456 -4.07 89.45 88.14
N GLU FA 457 -3.57 89.91 89.29
CA GLU FA 457 -4.29 90.83 90.19
C GLU FA 457 -3.41 92.04 90.54
N THR FA 458 -3.29 92.99 89.61
CA THR FA 458 -2.47 94.20 89.81
C THR FA 458 -3.26 95.27 90.55
N SER FA 459 -3.02 95.41 91.87
CA SER FA 459 -3.66 96.41 92.74
C SER FA 459 -2.89 97.73 92.83
N GLN FA 460 -2.94 98.55 91.78
CA GLN FA 460 -2.21 99.83 91.74
C GLN FA 460 -2.89 100.92 92.58
N HIS FA 461 -2.29 101.30 93.73
CA HIS FA 461 -2.70 102.48 94.51
C HIS FA 461 -2.20 103.76 93.85
N HIS FA 462 -3.10 104.71 93.62
CA HIS FA 462 -2.82 106.15 93.59
C HIS FA 462 -3.46 106.84 94.80
N ASP FA 463 -2.80 107.86 95.33
CA ASP FA 463 -3.32 108.69 96.44
C ASP FA 463 -3.40 110.16 95.99
N ASP FA 464 -3.93 110.31 94.77
CA ASP FA 464 -3.91 111.57 94.03
C ASP FA 464 -4.64 112.66 94.81
N LEU FA 465 -4.12 113.88 94.77
CA LEU FA 465 -4.69 115.03 95.48
C LEU FA 465 -6.03 115.43 94.83
N GLU FA 466 -6.94 115.95 95.67
CA GLU FA 466 -8.36 116.24 95.37
C GLU FA 466 -8.91 117.35 96.27
N LEU GA 415 -40.24 148.43 53.36
CA LEU GA 415 -41.33 147.63 52.80
C LEU GA 415 -41.11 146.12 53.04
N PRO GA 416 -41.14 145.66 54.30
CA PRO GA 416 -40.75 144.30 54.70
C PRO GA 416 -41.89 143.29 54.45
N ASN GA 417 -42.51 143.31 53.27
CA ASN GA 417 -43.54 142.35 52.85
C ASN GA 417 -42.94 140.99 52.43
N PHE GA 418 -41.93 140.53 53.18
CA PHE GA 418 -41.22 139.27 52.96
C PHE GA 418 -42.13 138.06 53.24
N SER GA 419 -41.61 136.85 53.00
CA SER GA 419 -42.39 135.65 52.67
C SER GA 419 -42.93 135.61 51.23
N SER GA 420 -42.64 136.63 50.42
CA SER GA 420 -42.56 136.52 48.95
C SER GA 420 -41.25 135.83 48.51
N LEU GA 421 -40.16 136.15 49.23
CA LEU GA 421 -39.04 135.25 49.53
C LEU GA 421 -38.96 135.20 51.07
N ASN GA 422 -39.08 134.06 51.75
CA ASN GA 422 -39.44 132.71 51.28
C ASN GA 422 -38.45 132.08 50.30
N LEU GA 423 -37.29 131.68 50.83
CA LEU GA 423 -36.28 130.95 50.08
C LEU GA 423 -36.83 129.53 49.87
N ARG GA 424 -37.41 129.39 48.68
CA ARG GA 424 -38.62 128.60 48.43
C ARG GA 424 -38.50 127.17 48.97
N GLU GA 425 -39.58 126.43 49.25
CA GLU GA 425 -40.78 126.25 48.42
C GLU GA 425 -40.47 125.81 46.95
N THR GA 426 -39.21 125.42 46.73
CA THR GA 426 -38.75 124.30 45.90
C THR GA 426 -38.88 123.04 46.76
N ASN GA 427 -40.09 122.48 46.67
CA ASN GA 427 -41.13 122.57 47.71
C ASN GA 427 -40.95 121.56 48.87
N LEU GA 428 -41.97 121.48 49.75
CA LEU GA 428 -42.12 120.38 50.70
C LEU GA 428 -42.10 119.01 50.01
N ASP GA 429 -42.49 118.96 48.72
CA ASP GA 429 -42.26 117.84 47.80
C ASP GA 429 -42.66 116.47 48.38
N SER GA 430 -43.93 116.42 48.77
CA SER GA 430 -44.76 115.21 48.72
C SER GA 430 -45.16 114.86 47.26
N LEU GA 431 -44.21 114.91 46.33
CA LEU GA 431 -44.43 114.70 44.89
C LEU GA 431 -44.78 113.22 44.59
N PRO GA 432 -45.37 112.91 43.42
CA PRO GA 432 -45.73 111.55 43.02
C PRO GA 432 -44.55 110.71 42.48
N LEU GA 433 -43.30 111.00 42.88
CA LEU GA 433 -42.12 110.25 42.44
C LEU GA 433 -41.93 108.97 43.26
N VAL GA 434 -42.90 108.05 43.18
CA VAL GA 434 -42.97 106.85 44.04
C VAL GA 434 -42.93 105.57 43.21
N ASP GA 435 -42.27 104.53 43.73
CA ASP GA 435 -42.42 103.13 43.27
C ASP GA 435 -42.56 102.14 44.44
N THR GA 436 -43.03 102.60 45.59
CA THR GA 436 -43.29 101.81 46.82
C THR GA 436 -44.69 102.00 47.47
N HIS GA 437 -45.80 102.39 46.82
CA HIS GA 437 -46.21 102.40 45.40
C HIS GA 437 -45.79 101.16 44.57
N SER GA 438 -45.67 100.02 45.26
CA SER GA 438 -44.73 98.94 44.91
C SER GA 438 -44.82 98.48 43.45
N LYS GA 439 -43.64 98.29 42.84
CA LYS GA 439 -43.42 97.53 41.59
C LYS GA 439 -43.70 96.03 41.72
N ARG GA 440 -44.98 95.66 41.85
CA ARG GA 440 -45.50 94.28 41.94
C ARG GA 440 -45.23 93.52 40.63
N THR GA 441 -44.09 92.82 40.58
CA THR GA 441 -43.74 91.89 39.49
C THR GA 441 -44.55 90.58 39.57
N LEU GA 442 -45.82 90.61 39.17
CA LEU GA 442 -46.62 89.41 38.94
C LEU GA 442 -46.16 88.69 37.66
N LEU GA 443 -45.17 87.80 37.80
CA LEU GA 443 -44.59 86.96 36.77
C LEU GA 443 -45.38 85.64 36.61
N ILE GA 444 -46.48 85.65 35.86
CA ILE GA 444 -47.20 84.40 35.54
C ILE GA 444 -46.42 83.62 34.48
N LYS GA 445 -45.44 82.82 34.90
CA LYS GA 445 -44.69 81.88 34.07
C LYS GA 445 -45.57 80.70 33.64
N THR GA 446 -46.38 80.89 32.61
CA THR GA 446 -47.27 79.83 32.08
C THR GA 446 -46.44 78.85 31.24
N VAL GA 447 -45.89 77.81 31.87
CA VAL GA 447 -45.18 76.73 31.16
C VAL GA 447 -46.21 75.75 30.59
N GLU GA 448 -46.65 75.99 29.36
CA GLU GA 448 -47.43 75.00 28.62
C GLU GA 448 -46.51 73.86 28.17
N THR GA 449 -46.61 72.72 28.85
CA THR GA 449 -45.97 71.48 28.39
C THR GA 449 -46.99 70.60 27.65
N ARG GA 450 -46.53 69.93 26.60
CA ARG GA 450 -47.17 68.75 26.04
C ARG GA 450 -46.33 67.54 26.44
N ASP GA 451 -46.94 66.50 26.99
CA ASP GA 451 -46.32 65.20 27.35
C ASP GA 451 -45.14 65.32 28.37
N GLY GA 452 -44.76 66.55 28.72
CA GLY GA 452 -43.63 66.94 29.59
C GLY GA 452 -42.63 67.88 28.89
N GLN GA 453 -42.64 67.96 27.56
CA GLN GA 453 -41.85 68.91 26.78
C GLN GA 453 -42.50 70.30 26.81
N VAL GA 454 -41.71 71.34 27.12
CA VAL GA 454 -42.17 72.74 26.99
C VAL GA 454 -42.48 73.05 25.52
N ILE GA 455 -43.72 73.48 25.25
CA ILE GA 455 -44.18 73.94 23.93
C ILE GA 455 -44.24 75.48 23.90
N ASN GA 456 -44.76 76.10 24.97
CA ASN GA 456 -44.71 77.54 25.19
C ASN GA 456 -44.30 77.85 26.65
N GLU GA 457 -43.56 78.93 26.85
CA GLU GA 457 -43.50 79.62 28.15
C GLU GA 457 -44.06 81.05 28.00
N THR GA 458 -45.38 81.21 28.19
CA THR GA 458 -45.99 82.54 28.21
C THR GA 458 -45.77 83.20 29.58
N SER GA 459 -44.55 83.70 29.80
CA SER GA 459 -44.17 84.47 30.99
C SER GA 459 -44.81 85.88 30.99
N GLN GA 460 -46.09 85.97 31.39
CA GLN GA 460 -46.76 87.26 31.54
C GLN GA 460 -46.20 88.04 32.74
N HIS GA 461 -45.24 88.93 32.50
CA HIS GA 461 -44.84 89.97 33.46
C HIS GA 461 -45.90 91.08 33.49
N HIS GA 462 -46.89 90.97 34.37
CA HIS GA 462 -47.66 92.13 34.82
C HIS GA 462 -46.75 92.96 35.75
N ASP GA 463 -46.38 94.15 35.29
CA ASP GA 463 -45.35 94.99 35.90
C ASP GA 463 -45.98 96.19 36.62
N ASP GA 464 -46.82 95.86 37.60
CA ASP GA 464 -47.83 96.72 38.21
C ASP GA 464 -47.16 97.67 39.23
N LEU GA 465 -47.40 98.98 39.16
CA LEU GA 465 -46.81 99.98 40.07
C LEU GA 465 -47.92 100.57 40.96
N GLU GA 466 -48.10 100.01 42.18
CA GLU GA 466 -49.34 100.07 43.00
C GLU GA 466 -49.80 101.45 43.51
N LEU HA 413 -36.04 150.61 53.34
CA LEU HA 413 -35.78 149.86 52.09
C LEU HA 413 -36.62 148.56 52.00
N PRO HA 414 -36.77 147.93 50.81
CA PRO HA 414 -37.79 146.91 50.55
C PRO HA 414 -37.43 145.48 51.01
N LEU HA 415 -38.39 144.57 50.84
CA LEU HA 415 -38.22 143.10 50.85
C LEU HA 415 -37.11 142.63 49.87
N PRO HA 416 -36.65 141.36 49.97
CA PRO HA 416 -37.03 140.34 50.95
C PRO HA 416 -35.98 140.10 52.03
N ASN HA 417 -36.45 139.94 53.27
CA ASN HA 417 -35.75 139.13 54.26
C ASN HA 417 -35.87 137.65 53.86
N PHE HA 418 -34.79 137.09 53.36
CA PHE HA 418 -34.81 136.13 52.24
C PHE HA 418 -35.62 134.85 52.44
N SER HA 419 -35.81 134.39 53.67
CA SER HA 419 -35.99 132.97 54.00
C SER HA 419 -37.22 132.68 54.87
N SER HA 420 -37.09 131.76 55.84
CA SER HA 420 -37.86 130.49 55.85
C SER HA 420 -37.50 129.58 54.65
N LEU HA 421 -37.57 128.26 54.86
CA LEU HA 421 -37.20 127.24 53.87
C LEU HA 421 -38.00 125.95 54.11
N ASN HA 422 -38.73 125.51 53.09
CA ASN HA 422 -39.00 124.10 52.85
C ASN HA 422 -38.40 123.71 51.50
N LEU HA 423 -37.20 123.15 51.56
CA LEU HA 423 -36.69 122.23 50.55
C LEU HA 423 -36.43 120.91 51.28
N ARG HA 424 -37.28 119.92 51.02
CA ARG HA 424 -37.17 118.56 51.55
C ARG HA 424 -37.92 117.61 50.64
N GLU HA 425 -37.65 116.32 50.78
CA GLU HA 425 -38.19 115.31 49.88
C GLU HA 425 -39.21 114.45 50.64
N THR HA 426 -40.41 115.00 50.90
CA THR HA 426 -41.41 114.39 51.82
C THR HA 426 -42.02 113.09 51.27
N ASN HA 427 -42.19 113.03 49.95
CA ASN HA 427 -42.55 111.81 49.20
C ASN HA 427 -41.88 111.78 47.81
N LEU HA 428 -41.02 112.77 47.52
CA LEU HA 428 -40.06 112.77 46.41
C LEU HA 428 -38.88 111.82 46.70
N ASP HA 429 -38.43 111.77 47.95
CA ASP HA 429 -37.79 110.61 48.59
C ASP HA 429 -38.86 109.85 49.40
N SER HA 430 -38.71 108.52 49.53
CA SER HA 430 -39.70 107.57 49.03
C SER HA 430 -39.75 107.56 47.48
N LEU HA 431 -38.55 107.56 46.85
CA LEU HA 431 -38.26 107.79 45.42
C LEU HA 431 -38.94 106.73 44.48
N PRO HA 432 -38.52 106.50 43.21
CA PRO HA 432 -38.84 105.24 42.51
C PRO HA 432 -37.99 104.06 43.06
N LEU HA 433 -37.66 104.13 44.35
CA LEU HA 433 -37.13 103.08 45.20
C LEU HA 433 -38.31 102.18 45.63
N VAL HA 434 -38.26 100.88 45.35
CA VAL HA 434 -39.40 99.98 45.64
C VAL HA 434 -39.40 99.44 47.08
N ASP HA 435 -38.23 99.40 47.71
CA ASP HA 435 -37.96 98.84 49.06
C ASP HA 435 -36.58 99.33 49.60
N THR HA 436 -35.47 99.50 48.84
CA THR HA 436 -35.13 99.15 47.44
C THR HA 436 -35.13 97.64 47.17
N HIS HA 437 -36.12 97.18 46.38
CA HIS HA 437 -36.37 95.79 45.97
C HIS HA 437 -37.71 95.73 45.25
N SER HA 438 -37.69 95.43 43.95
CA SER HA 438 -38.88 95.32 43.06
C SER HA 438 -39.90 94.20 43.39
N LYS HA 439 -39.91 93.69 44.63
CA LYS HA 439 -40.54 92.42 45.02
C LYS HA 439 -40.14 91.29 44.05
N ARG HA 440 -38.86 91.31 43.65
CA ARG HA 440 -38.29 90.64 42.45
C ARG HA 440 -38.26 89.13 42.64
N THR HA 441 -39.44 88.51 42.57
CA THR HA 441 -39.64 87.09 42.83
C THR HA 441 -39.14 86.22 41.65
N LEU HA 442 -37.83 86.09 41.52
CA LEU HA 442 -37.17 85.24 40.53
C LEU HA 442 -37.43 83.75 40.80
N LEU HA 443 -38.53 83.23 40.23
CA LEU HA 443 -38.92 81.83 40.26
C LEU HA 443 -38.23 81.06 39.11
N ILE HA 444 -37.03 80.55 39.36
CA ILE HA 444 -36.29 79.71 38.40
C ILE HA 444 -36.89 78.29 38.42
N LYS HA 445 -38.01 78.12 37.70
CA LYS HA 445 -38.69 76.83 37.45
C LYS HA 445 -37.91 76.02 36.41
N THR HA 446 -36.89 75.29 36.87
CA THR HA 446 -36.08 74.41 36.01
C THR HA 446 -36.86 73.13 35.72
N VAL HA 447 -37.48 73.07 34.54
CA VAL HA 447 -38.20 71.90 34.04
C VAL HA 447 -37.24 71.02 33.24
N GLU HA 448 -36.63 70.05 33.92
CA GLU HA 448 -35.73 69.08 33.31
C GLU HA 448 -36.53 67.92 32.69
N THR HA 449 -36.69 67.97 31.38
CA THR HA 449 -37.38 66.97 30.57
C THR HA 449 -36.37 66.08 29.83
N ARG HA 450 -36.65 64.77 29.76
CA ARG HA 450 -35.88 63.78 29.00
C ARG HA 450 -36.86 62.94 28.19
N ASP HA 451 -36.53 62.66 26.92
CA ASP HA 451 -37.34 61.85 26.00
C ASP HA 451 -38.78 62.37 25.79
N GLY HA 452 -39.02 63.66 26.10
CA GLY HA 452 -40.32 64.33 26.06
C GLY HA 452 -41.12 64.31 27.38
N GLN HA 453 -40.69 63.57 28.39
CA GLN HA 453 -41.29 63.52 29.74
C GLN HA 453 -40.54 64.37 30.77
N VAL HA 454 -41.25 65.07 31.67
CA VAL HA 454 -40.64 65.71 32.85
C VAL HA 454 -40.04 64.65 33.78
N ILE HA 455 -38.74 64.78 34.07
CA ILE HA 455 -38.01 63.92 35.02
C ILE HA 455 -37.70 64.67 36.32
N ASN HA 456 -37.58 66.00 36.28
CA ASN HA 456 -37.36 66.85 37.45
C ASN HA 456 -37.97 68.25 37.22
N GLU HA 457 -38.62 68.81 38.24
CA GLU HA 457 -39.18 70.17 38.23
C GLU HA 457 -38.69 70.97 39.45
N THR HA 458 -37.45 71.45 39.40
CA THR HA 458 -36.85 72.23 40.50
C THR HA 458 -37.24 73.70 40.38
N SER HA 459 -38.22 74.14 41.18
CA SER HA 459 -38.70 75.53 41.23
C SER HA 459 -37.98 76.39 42.28
N GLN HA 460 -36.74 76.79 42.01
CA GLN HA 460 -35.93 77.58 42.94
C GLN HA 460 -36.36 79.06 42.97
N HIS HA 461 -37.00 79.51 44.07
CA HIS HA 461 -37.26 80.93 44.34
C HIS HA 461 -35.99 81.63 44.83
N HIS HA 462 -35.63 82.74 44.17
CA HIS HA 462 -34.88 83.85 44.77
C HIS HA 462 -35.79 85.08 44.90
N ASP HA 463 -35.60 85.87 45.94
CA ASP HA 463 -36.32 87.14 46.16
C ASP HA 463 -35.32 88.29 46.28
N ASP HA 464 -34.36 88.25 45.34
CA ASP HA 464 -33.17 89.09 45.36
C ASP HA 464 -33.56 90.57 45.32
N LEU HA 465 -32.83 91.40 46.07
CA LEU HA 465 -33.09 92.83 46.14
C LEU HA 465 -32.75 93.52 44.81
N GLU HA 466 -33.48 94.59 44.49
CA GLU HA 466 -33.50 95.32 43.20
C GLU HA 466 -33.92 96.77 43.38
N ASN IA 388 16.10 163.61 19.11
CA ASN IA 388 17.09 162.68 18.56
C ASN IA 388 16.93 161.25 19.11
N VAL IA 389 16.57 161.10 20.40
CA VAL IA 389 16.18 159.80 20.99
C VAL IA 389 14.90 159.27 20.33
N LYS IA 390 13.91 160.13 20.07
CA LYS IA 390 12.69 159.75 19.32
C LYS IA 390 12.98 159.36 17.86
N MET IA 391 13.97 159.97 17.22
CA MET IA 391 14.41 159.58 15.87
C MET IA 391 15.08 158.19 15.84
N ALA IA 392 15.80 157.80 16.90
CA ALA IA 392 16.28 156.43 17.05
C ALA IA 392 15.13 155.41 17.25
N LEU IA 393 14.07 155.79 17.96
CA LEU IA 393 12.84 154.99 18.02
C LEU IA 393 12.11 154.88 16.65
N ASP IA 394 12.29 155.83 15.73
CA ASP IA 394 11.78 155.68 14.35
C ASP IA 394 12.63 154.72 13.49
N ILE IA 395 13.92 154.54 13.81
CA ILE IA 395 14.76 153.47 13.25
C ILE IA 395 14.30 152.09 13.76
N GLU IA 396 13.84 152.00 15.01
CA GLU IA 396 13.19 150.80 15.57
C GLU IA 396 11.83 150.50 14.90
N ILE IA 397 11.00 151.53 14.68
CA ILE IA 397 9.73 151.42 13.92
C ILE IA 397 9.97 150.99 12.47
N ALA IA 398 11.00 151.52 11.82
CA ALA IA 398 11.41 151.12 10.47
C ALA IA 398 11.97 149.69 10.43
N THR IA 399 12.61 149.25 11.50
CA THR IA 399 13.12 147.89 11.67
C THR IA 399 12.01 146.87 11.97
N TYR IA 400 10.92 147.28 12.64
CA TYR IA 400 9.79 146.38 12.91
C TYR IA 400 9.03 145.94 11.65
N ARG IA 401 9.08 146.71 10.54
CA ARG IA 401 8.57 146.24 9.23
C ARG IA 401 9.39 145.08 8.66
N LYS IA 402 10.72 145.11 8.83
CA LYS IA 402 11.61 143.97 8.54
C LYS IA 402 11.45 142.80 9.52
N LEU IA 403 10.89 143.04 10.70
CA LEU IA 403 10.48 141.98 11.62
C LEU IA 403 9.21 141.28 11.12
N LEU IA 404 8.24 142.00 10.55
CA LEU IA 404 7.06 141.37 9.92
C LEU IA 404 7.41 140.57 8.65
N GLU IA 405 8.26 141.13 7.78
CA GLU IA 405 8.85 140.41 6.62
C GLU IA 405 9.68 139.18 7.08
N GLY IA 406 10.31 139.31 8.25
CA GLY IA 406 11.08 138.25 8.90
C GLY IA 406 10.23 137.17 9.56
N GLU IA 407 9.07 137.49 10.13
CA GLU IA 407 8.11 136.56 10.73
C GLU IA 407 7.39 135.71 9.67
N GLU IA 408 7.00 136.34 8.55
CA GLU IA 408 6.46 135.65 7.37
C GLU IA 408 7.49 134.68 6.76
N SER IA 409 8.78 135.02 6.84
CA SER IA 409 9.89 134.12 6.47
C SER IA 409 10.20 133.07 7.55
N ARG IA 410 10.11 133.42 8.84
CA ARG IA 410 10.51 132.61 10.01
C ARG IA 410 9.68 131.35 10.13
N ILE IA 411 8.37 131.47 9.92
CA ILE IA 411 7.48 130.32 10.03
C ILE IA 411 7.81 129.23 9.00
N SER IA 412 8.49 129.54 7.88
CA SER IA 412 8.77 128.58 6.79
C SER IA 412 7.51 128.08 6.05
N LEU IA 413 6.34 128.43 6.56
CA LEU IA 413 5.23 127.52 6.89
C LEU IA 413 5.55 126.00 6.76
N PRO IA 414 6.34 125.46 7.73
CA PRO IA 414 7.06 124.19 7.60
C PRO IA 414 7.43 123.78 6.15
N LEU IA 415 7.54 122.48 5.85
CA LEU IA 415 7.35 122.04 4.45
C LEU IA 415 6.55 120.73 4.37
N PRO IA 416 5.26 120.74 4.76
CA PRO IA 416 4.43 119.55 4.92
C PRO IA 416 3.87 119.04 3.58
N ASN IA 417 4.71 118.94 2.54
CA ASN IA 417 4.36 118.39 1.24
C ASN IA 417 4.29 116.84 1.24
N PHE IA 418 3.72 116.28 2.32
CA PHE IA 418 3.55 114.85 2.53
C PHE IA 418 2.52 114.25 1.55
N SER IA 419 2.34 112.93 1.60
CA SER IA 419 1.87 112.10 0.47
C SER IA 419 2.92 111.82 -0.61
N SER IA 420 4.15 112.34 -0.44
CA SER IA 420 5.37 111.75 -1.00
C SER IA 420 5.81 110.49 -0.22
N LEU IA 421 5.66 110.56 1.11
CA LEU IA 421 5.32 109.44 1.99
C LEU IA 421 3.99 109.84 2.70
N ASN IA 422 2.87 109.13 2.58
CA ASN IA 422 2.59 107.96 1.73
C ASN IA 422 3.43 106.71 2.04
N LEU IA 423 3.12 106.07 3.16
CA LEU IA 423 3.72 104.80 3.55
C LEU IA 423 3.11 103.74 2.63
N ARG IA 424 3.90 103.47 1.59
CA ARG IA 424 3.43 103.19 0.23
C ARG IA 424 2.37 102.08 0.21
N GLU IA 425 1.51 101.96 -0.80
CA GLU IA 425 1.79 102.03 -2.24
C GLU IA 425 2.93 101.06 -2.70
N THR IA 426 3.30 100.15 -1.79
CA THR IA 426 3.63 98.74 -2.02
C THR IA 426 2.30 97.98 -2.09
N ASN IA 427 1.80 97.95 -3.32
CA ASN IA 427 0.66 98.77 -3.77
C ASN IA 427 -0.72 98.19 -3.39
N LEU IA 428 -1.79 98.81 -3.93
CA LEU IA 428 -3.13 98.23 -3.93
C LEU IA 428 -3.15 96.81 -4.55
N ASP IA 429 -2.18 96.52 -5.43
CA ASP IA 429 -1.82 95.18 -5.91
C ASP IA 429 -3.02 94.34 -6.35
N SER IA 430 -3.75 94.92 -7.31
CA SER IA 430 -4.47 94.19 -8.35
C SER IA 430 -3.50 93.60 -9.41
N LEU IA 431 -2.41 92.96 -8.95
CA LEU IA 431 -1.35 92.42 -9.80
C LEU IA 431 -1.84 91.19 -10.60
N PRO IA 432 -1.14 90.79 -11.68
CA PRO IA 432 -1.51 89.63 -12.51
C PRO IA 432 -1.09 88.27 -11.91
N LEU IA 433 -0.96 88.15 -10.58
CA LEU IA 433 -0.57 86.89 -9.92
C LEU IA 433 -1.79 85.97 -9.74
N VAL IA 434 -2.40 85.54 -10.85
CA VAL IA 434 -3.68 84.81 -10.84
C VAL IA 434 -3.53 83.43 -11.48
N ASP IA 435 -4.24 82.43 -10.94
CA ASP IA 435 -4.52 81.15 -11.63
C ASP IA 435 -5.99 80.70 -11.49
N THR IA 436 -6.91 81.66 -11.31
CA THR IA 436 -8.37 81.48 -11.22
C THR IA 436 -9.23 82.40 -12.13
N HIS IA 437 -8.82 82.97 -13.27
CA HIS IA 437 -7.72 82.68 -14.21
C HIS IA 437 -7.45 81.19 -14.51
N SER IA 438 -8.51 80.38 -14.40
CA SER IA 438 -8.42 78.97 -14.00
C SER IA 438 -7.39 78.15 -14.80
N LYS IA 439 -6.64 77.32 -14.08
CA LYS IA 439 -5.85 76.19 -14.60
C LYS IA 439 -6.70 75.06 -15.17
N ARG IA 440 -7.32 75.27 -16.33
CA ARG IA 440 -8.16 74.32 -17.07
C ARG IA 440 -7.31 73.15 -17.58
N THR IA 441 -7.26 72.08 -16.79
CA THR IA 441 -6.65 70.80 -17.17
C THR IA 441 -7.50 70.01 -18.17
N LEU IA 442 -7.51 70.42 -19.44
CA LEU IA 442 -8.08 69.63 -20.54
C LEU IA 442 -7.17 68.42 -20.85
N LEU IA 443 -7.42 67.31 -20.15
CA LEU IA 443 -6.74 66.03 -20.28
C LEU IA 443 -7.41 65.16 -21.37
N ILE IA 444 -7.08 65.36 -22.65
CA ILE IA 444 -7.56 64.48 -23.73
C ILE IA 444 -6.78 63.15 -23.68
N LYS IA 445 -7.22 62.21 -22.84
CA LYS IA 445 -6.70 60.84 -22.77
C LYS IA 445 -7.13 60.03 -24.01
N THR IA 446 -6.39 60.20 -25.11
CA THR IA 446 -6.65 59.47 -26.36
C THR IA 446 -6.14 58.03 -26.24
N VAL IA 447 -6.98 57.12 -25.75
CA VAL IA 447 -6.66 55.69 -25.70
C VAL IA 447 -6.90 55.07 -27.09
N GLU IA 448 -5.87 55.05 -27.94
CA GLU IA 448 -5.89 54.29 -29.18
C GLU IA 448 -5.76 52.79 -28.84
N THR IA 449 -6.86 52.06 -28.92
CA THR IA 449 -6.84 50.60 -28.88
C THR IA 449 -6.89 50.01 -30.28
N ARG IA 450 -6.16 48.92 -30.50
CA ARG IA 450 -6.39 47.98 -31.59
C ARG IA 450 -7.01 46.73 -30.99
N ASP IA 451 -8.12 46.26 -31.55
CA ASP IA 451 -8.82 45.01 -31.17
C ASP IA 451 -9.32 44.95 -29.70
N GLY IA 452 -8.97 45.97 -28.90
CA GLY IA 452 -9.21 46.14 -27.47
C GLY IA 452 -7.92 46.32 -26.65
N GLN IA 453 -6.76 45.98 -27.19
CA GLN IA 453 -5.45 46.23 -26.59
C GLN IA 453 -5.04 47.70 -26.79
N VAL IA 454 -4.63 48.39 -25.72
CA VAL IA 454 -4.02 49.73 -25.83
C VAL IA 454 -2.73 49.66 -26.63
N ILE IA 455 -2.65 50.43 -27.72
CA ILE IA 455 -1.45 50.60 -28.55
C ILE IA 455 -0.77 51.93 -28.24
N ASN IA 456 -1.55 53.01 -28.09
CA ASN IA 456 -1.08 54.30 -27.59
C ASN IA 456 -2.07 54.87 -26.55
N GLU IA 457 -1.55 55.57 -25.54
CA GLU IA 457 -2.33 56.55 -24.78
C GLU IA 457 -1.75 57.96 -24.97
N THR IA 458 -2.19 58.68 -26.00
CA THR IA 458 -1.81 60.07 -26.20
C THR IA 458 -2.62 60.98 -25.26
N SER IA 459 -2.24 61.01 -23.98
CA SER IA 459 -2.81 61.90 -22.96
C SER IA 459 -2.37 63.36 -23.16
N GLN IA 460 -3.02 64.07 -24.09
CA GLN IA 460 -2.77 65.50 -24.31
C GLN IA 460 -3.29 66.33 -23.11
N HIS IA 461 -2.42 66.64 -22.15
CA HIS IA 461 -2.66 67.68 -21.14
C HIS IA 461 -2.49 69.06 -21.77
N HIS IA 462 -3.57 69.63 -22.29
CA HIS IA 462 -3.65 71.09 -22.48
C HIS IA 462 -3.83 71.74 -21.10
N ASP IA 463 -2.81 72.47 -20.67
CA ASP IA 463 -2.67 72.97 -19.30
C ASP IA 463 -2.92 74.49 -19.26
N ASP IA 464 -4.14 74.84 -19.65
CA ASP IA 464 -4.57 76.18 -20.06
C ASP IA 464 -4.83 77.04 -18.82
N LEU IA 465 -4.25 78.25 -18.72
CA LEU IA 465 -4.42 79.17 -17.57
C LEU IA 465 -5.23 80.40 -18.03
N GLU IA 466 -6.56 80.37 -17.82
CA GLU IA 466 -7.59 81.17 -18.54
C GLU IA 466 -7.55 82.71 -18.39
N GLN JA 384 25.54 162.96 18.58
CA GLN JA 384 25.85 162.33 17.30
C GLN JA 384 26.78 161.12 17.47
N ASP JA 385 27.77 161.22 18.35
CA ASP JA 385 28.71 160.13 18.63
C ASP JA 385 28.11 159.02 19.53
N LEU JA 386 27.20 159.37 20.44
CA LEU JA 386 26.30 158.40 21.07
C LEU JA 386 25.33 157.76 20.07
N LEU JA 387 24.82 158.52 19.09
CA LEU JA 387 23.91 158.00 18.06
C LEU JA 387 24.60 157.03 17.10
N ASN JA 388 25.91 157.14 16.89
CA ASN JA 388 26.67 156.11 16.16
C ASN JA 388 26.62 154.75 16.89
N VAL JA 389 26.72 154.74 18.23
CA VAL JA 389 26.61 153.53 19.06
C VAL JA 389 25.15 153.04 19.15
N LYS JA 390 24.17 153.95 19.24
CA LYS JA 390 22.74 153.59 19.22
C LYS JA 390 22.32 152.96 17.88
N MET JA 391 22.76 153.50 16.76
CA MET JA 391 22.52 152.91 15.44
C MET JA 391 23.23 151.56 15.25
N ALA JA 392 24.35 151.30 15.94
CA ALA JA 392 24.96 149.98 15.98
C ALA JA 392 24.10 148.96 16.76
N LEU JA 393 23.52 149.35 17.90
CA LEU JA 393 22.52 148.55 18.63
C LEU JA 393 21.24 148.32 17.80
N ASP JA 394 20.82 149.30 17.00
CA ASP JA 394 19.64 149.18 16.12
C ASP JA 394 19.89 148.24 14.93
N ILE JA 395 21.13 148.17 14.44
CA ILE JA 395 21.61 147.16 13.48
C ILE JA 395 21.74 145.78 14.14
N GLU JA 396 22.15 145.70 15.41
CA GLU JA 396 22.15 144.46 16.19
C GLU JA 396 20.72 143.96 16.47
N ILE JA 397 19.73 144.83 16.65
CA ILE JA 397 18.30 144.49 16.74
C ILE JA 397 17.76 144.00 15.38
N ALA JA 398 18.10 144.68 14.28
CA ALA JA 398 17.76 144.25 12.92
C ALA JA 398 18.42 142.90 12.52
N THR JA 399 19.53 142.57 13.16
CA THR JA 399 20.26 141.29 13.05
C THR JA 399 19.69 140.20 13.98
N TYR JA 400 19.29 140.56 15.20
CA TYR JA 400 18.62 139.68 16.16
C TYR JA 400 17.27 139.17 15.64
N ARG JA 401 16.55 140.03 14.90
CA ARG JA 401 15.42 139.63 14.06
C ARG JA 401 15.78 138.50 13.10
N LYS JA 402 16.89 138.59 12.36
CA LYS JA 402 17.30 137.57 11.40
C LYS JA 402 17.82 136.28 12.07
N LEU JA 403 18.35 136.39 13.29
CA LEU JA 403 18.75 135.24 14.12
C LEU JA 403 17.55 134.49 14.69
N LEU JA 404 16.53 135.21 15.17
CA LEU JA 404 15.24 134.67 15.61
C LEU JA 404 14.48 134.01 14.43
N GLU JA 405 14.48 134.68 13.28
CA GLU JA 405 13.98 134.17 12.00
C GLU JA 405 14.68 132.89 11.54
N GLY JA 406 16.00 132.80 11.73
CA GLY JA 406 16.79 131.63 11.38
C GLY JA 406 16.66 130.46 12.36
N GLU JA 407 16.52 130.71 13.66
CA GLU JA 407 16.52 129.66 14.69
C GLU JA 407 15.16 128.96 14.82
N GLU JA 408 14.07 129.72 14.81
CA GLU JA 408 12.71 129.15 14.78
C GLU JA 408 12.40 128.44 13.43
N SER JA 409 13.08 128.84 12.35
CA SER JA 409 13.06 128.12 11.07
C SER JA 409 13.81 126.77 11.11
N ARG JA 410 14.90 126.65 11.90
CA ARG JA 410 15.53 125.34 12.21
C ARG JA 410 14.61 124.42 13.03
N ILE JA 411 13.70 125.01 13.81
CA ILE JA 411 12.69 124.30 14.61
C ILE JA 411 11.43 123.93 13.79
N SER JA 412 11.26 124.51 12.58
CA SER JA 412 10.03 124.38 11.78
C SER JA 412 10.28 123.84 10.36
N LEU JA 413 9.71 122.67 10.05
CA LEU JA 413 10.51 121.53 9.57
C LEU JA 413 9.77 120.71 8.47
N PRO JA 414 10.47 119.86 7.68
CA PRO JA 414 9.95 119.30 6.43
C PRO JA 414 9.03 118.07 6.58
N LEU JA 415 8.50 117.61 5.45
CA LEU JA 415 7.89 116.30 5.23
C LEU JA 415 8.83 115.13 5.66
N PRO JA 416 8.32 113.88 5.79
CA PRO JA 416 6.92 113.47 5.60
C PRO JA 416 6.19 113.18 6.92
N ASN JA 417 4.93 113.62 6.99
CA ASN JA 417 3.92 112.96 7.81
C ASN JA 417 3.58 111.61 7.17
N PHE JA 418 4.06 110.53 7.77
CA PHE JA 418 4.58 109.36 7.04
C PHE JA 418 3.62 108.65 6.09
N SER JA 419 2.31 108.71 6.33
CA SER JA 419 1.36 107.67 5.95
C SER JA 419 0.14 108.18 5.16
N SER JA 420 -1.06 107.64 5.45
CA SER JA 420 -1.85 106.85 4.48
C SER JA 420 -1.13 105.55 4.06
N LEU JA 421 -1.91 104.51 3.75
CA LEU JA 421 -1.42 103.18 3.41
C LEU JA 421 -2.41 102.46 2.49
N ASN JA 422 -1.94 102.05 1.31
CA ASN JA 422 -2.45 100.87 0.62
C ASN JA 422 -1.30 99.87 0.49
N LEU JA 423 -1.24 98.92 1.42
CA LEU JA 423 -0.66 97.61 1.21
C LEU JA 423 -1.78 96.60 1.41
N ARG JA 424 -2.24 96.00 0.31
CA ARG JA 424 -3.26 94.95 0.29
C ARG JA 424 -3.12 94.14 -0.98
N GLU JA 425 -3.73 92.97 -1.01
CA GLU JA 425 -3.57 92.03 -2.11
C GLU JA 425 -4.88 91.94 -2.90
N THR JA 426 -5.20 92.97 -3.69
CA THR JA 426 -6.54 93.13 -4.34
C THR JA 426 -6.81 92.08 -5.43
N ASN JA 427 -5.76 91.68 -6.14
CA ASN JA 427 -5.76 90.54 -7.08
C ASN JA 427 -4.40 89.81 -7.09
N LEU JA 428 -3.48 90.22 -6.20
CA LEU JA 428 -2.26 89.49 -5.83
C LEU JA 428 -2.60 88.29 -4.92
N ASP JA 429 -3.56 88.46 -4.01
CA ASP JA 429 -4.44 87.42 -3.48
C ASP JA 429 -5.77 87.44 -4.25
N SER JA 430 -6.42 86.28 -4.40
CA SER JA 430 -6.68 85.70 -5.73
C SER JA 430 -5.38 85.22 -6.41
N LEU JA 431 -4.52 84.55 -5.63
CA LEU JA 431 -3.11 84.18 -5.92
C LEU JA 431 -2.97 83.24 -7.18
N PRO JA 432 -1.88 82.47 -7.40
CA PRO JA 432 -1.93 81.29 -8.28
C PRO JA 432 -2.68 80.11 -7.61
N LEU JA 433 -3.66 80.45 -6.77
CA LEU JA 433 -4.70 79.60 -6.21
C LEU JA 433 -5.79 79.44 -7.28
N VAL JA 434 -6.10 78.20 -7.68
CA VAL JA 434 -7.07 77.98 -8.78
C VAL JA 434 -8.54 77.96 -8.32
N ASP JA 435 -8.77 77.66 -7.03
CA ASP JA 435 -10.08 77.50 -6.38
C ASP JA 435 -9.94 77.54 -4.82
N THR JA 436 -8.91 77.00 -4.13
CA THR JA 436 -7.78 76.12 -4.51
C THR JA 436 -8.22 74.74 -5.00
N HIS JA 437 -8.03 74.49 -6.30
CA HIS JA 437 -8.36 73.26 -7.04
C HIS JA 437 -8.15 73.52 -8.53
N SER JA 438 -7.17 72.84 -9.13
CA SER JA 438 -6.79 72.93 -10.56
C SER JA 438 -7.85 72.48 -11.60
N LYS JA 439 -9.14 72.45 -11.23
CA LYS JA 439 -10.22 71.73 -11.93
C LYS JA 439 -9.78 70.28 -12.26
N ARG JA 440 -9.06 69.66 -11.31
CA ARG JA 440 -8.18 68.49 -11.49
C ARG JA 440 -8.99 67.22 -11.76
N THR JA 441 -9.54 67.14 -12.96
CA THR JA 441 -10.45 66.08 -13.38
C THR JA 441 -9.69 64.77 -13.68
N LEU JA 442 -9.27 64.09 -12.61
CA LEU JA 442 -8.62 62.78 -12.67
C LEU JA 442 -9.59 61.68 -13.15
N LEU JA 443 -9.63 61.49 -14.47
CA LEU JA 443 -10.39 60.44 -15.16
C LEU JA 443 -9.56 59.15 -15.23
N ILE JA 444 -9.66 58.31 -14.20
CA ILE JA 444 -9.01 56.99 -14.17
C ILE JA 444 -9.81 56.01 -15.05
N LYS JA 445 -9.58 56.09 -16.36
CA LYS JA 445 -10.13 55.17 -17.38
C LYS JA 445 -9.40 53.83 -17.34
N THR JA 446 -9.82 52.94 -16.44
CA THR JA 446 -9.24 51.59 -16.32
C THR JA 446 -9.78 50.71 -17.43
N VAL JA 447 -8.98 50.52 -18.49
CA VAL JA 447 -9.29 49.64 -19.62
C VAL JA 447 -8.72 48.26 -19.34
N GLU JA 448 -9.55 47.39 -18.76
CA GLU JA 448 -9.20 46.01 -18.48
C GLU JA 448 -9.43 45.13 -19.72
N THR JA 449 -8.33 44.82 -20.39
CA THR JA 449 -8.27 43.98 -21.58
C THR JA 449 -7.75 42.58 -21.25
N ARG JA 450 -8.35 41.54 -21.84
CA ARG JA 450 -7.93 40.15 -21.74
C ARG JA 450 -7.87 39.55 -23.14
N ASP JA 451 -6.83 38.77 -23.44
CA ASP JA 451 -6.64 38.11 -24.74
C ASP JA 451 -6.63 39.07 -25.96
N GLY JA 452 -6.39 40.37 -25.72
CA GLY JA 452 -6.43 41.45 -26.70
C GLY JA 452 -7.78 42.17 -26.85
N GLN JA 453 -8.86 41.68 -26.23
CA GLN JA 453 -10.19 42.30 -26.22
C GLN JA 453 -10.48 43.07 -24.92
N VAL JA 454 -11.15 44.23 -24.99
CA VAL JA 454 -11.69 44.92 -23.79
C VAL JA 454 -12.77 44.05 -23.15
N ILE JA 455 -12.60 43.74 -21.86
CA ILE JA 455 -13.58 43.01 -21.04
C ILE JA 455 -14.28 43.94 -20.03
N ASN JA 456 -13.62 45.03 -19.62
CA ASN JA 456 -14.18 46.04 -18.73
C ASN JA 456 -13.54 47.42 -19.00
N GLU JA 457 -14.35 48.48 -19.00
CA GLU JA 457 -13.89 49.87 -19.14
C GLU JA 457 -14.44 50.75 -18.01
N THR JA 458 -13.83 50.66 -16.83
CA THR JA 458 -14.26 51.44 -15.66
C THR JA 458 -13.62 52.82 -15.67
N SER JA 459 -14.38 53.84 -16.09
CA SER JA 459 -13.94 55.25 -16.13
C SER JA 459 -14.25 56.03 -14.86
N GLN JA 460 -13.49 55.79 -13.78
CA GLN JA 460 -13.72 56.45 -12.49
C GLN JA 460 -13.19 57.91 -12.48
N HIS JA 461 -14.12 58.89 -12.46
CA HIS JA 461 -13.79 60.31 -12.23
C HIS JA 461 -13.54 60.55 -10.74
N HIS JA 462 -12.39 61.15 -10.42
CA HIS JA 462 -12.19 62.01 -9.24
C HIS JA 462 -12.01 63.47 -9.67
N ASP JA 463 -12.51 64.40 -8.87
CA ASP JA 463 -12.34 65.85 -9.09
C ASP JA 463 -11.63 66.48 -7.88
N ASP JA 464 -10.59 65.77 -7.44
CA ASP JA 464 -9.90 66.02 -6.18
C ASP JA 464 -9.32 67.44 -6.17
N LEU JA 465 -9.39 68.10 -5.01
CA LEU JA 465 -8.89 69.47 -4.85
C LEU JA 465 -7.35 69.49 -4.94
N GLU JA 466 -6.82 70.61 -5.45
CA GLU JA 466 -5.40 70.84 -5.82
C GLU JA 466 -5.03 72.31 -5.75
N ASP KA 360 58.69 139.21 66.12
CA ASP KA 360 57.68 138.15 65.98
C ASP KA 360 57.40 137.80 64.52
N THR KA 361 57.28 138.81 63.65
CA THR KA 361 57.06 138.61 62.21
C THR KA 361 58.21 137.82 61.57
N ILE KA 362 59.47 138.12 61.94
CA ILE KA 362 60.64 137.40 61.43
C ILE KA 362 60.67 135.94 61.92
N GLY KA 363 60.48 135.71 63.23
CA GLY KA 363 60.55 134.36 63.81
C GLY KA 363 59.41 133.44 63.36
N ARG KA 364 58.19 133.98 63.33
CA ARG KA 364 56.98 133.30 62.84
C ARG KA 364 57.07 132.92 61.36
N LEU KA 365 57.60 133.83 60.53
CA LEU KA 365 57.86 133.58 59.11
C LEU KA 365 58.95 132.50 58.91
N GLN KA 366 59.99 132.47 59.76
CA GLN KA 366 61.01 131.44 59.71
C GLN KA 366 60.46 130.05 60.05
N ASP KA 367 59.59 129.94 61.06
CA ASP KA 367 58.92 128.68 61.42
C ASP KA 367 57.95 128.19 60.33
N GLU KA 368 57.13 129.07 59.75
CA GLU KA 368 56.25 128.76 58.62
C GLU KA 368 57.03 128.23 57.41
N ILE KA 369 58.23 128.77 57.16
CA ILE KA 369 59.16 128.30 56.12
C ILE KA 369 59.74 126.91 56.46
N GLN KA 370 60.01 126.57 57.73
CA GLN KA 370 60.51 125.24 58.10
C GLN KA 370 59.40 124.17 58.10
N ASN KA 371 58.18 124.51 58.55
CA ASN KA 371 57.02 123.61 58.56
C ASN KA 371 56.69 123.08 57.16
N MET KA 372 56.69 123.95 56.15
CA MET KA 372 56.50 123.55 54.75
C MET KA 372 57.61 122.60 54.23
N LYS KA 373 58.85 122.76 54.70
CA LYS KA 373 59.98 121.91 54.27
C LYS KA 373 59.93 120.52 54.89
N GLU KA 374 59.46 120.36 56.13
CA GLU KA 374 59.34 119.05 56.78
C GLU KA 374 58.25 118.19 56.13
N GLU KA 375 57.11 118.82 55.86
CA GLU KA 375 56.01 118.26 55.07
C GLU KA 375 56.46 117.86 53.66
N MET KA 376 57.20 118.70 52.96
CA MET KA 376 57.80 118.34 51.67
C MET KA 376 58.83 117.22 51.79
N ALA KA 377 59.73 117.26 52.79
CA ALA KA 377 60.80 116.27 52.97
C ALA KA 377 60.27 114.85 53.21
N ARG KA 378 59.12 114.71 53.86
CA ARG KA 378 58.39 113.44 53.97
C ARG KA 378 57.80 112.99 52.63
N HIS KA 379 57.06 113.88 51.96
CA HIS KA 379 56.44 113.60 50.65
C HIS KA 379 57.44 113.20 49.55
N LEU KA 380 58.70 113.65 49.62
CA LEU KA 380 59.78 113.22 48.71
C LEU KA 380 60.06 111.71 48.78
N ARG KA 381 59.92 111.06 49.94
CA ARG KA 381 60.04 109.59 50.06
C ARG KA 381 58.73 108.83 50.06
N GLU KA 382 57.60 109.47 50.39
CA GLU KA 382 56.27 108.88 50.11
C GLU KA 382 56.11 108.53 48.62
N TYR KA 383 56.65 109.36 47.71
CA TYR KA 383 56.74 109.02 46.28
C TYR KA 383 57.89 108.06 45.91
N GLN KA 384 59.02 108.05 46.63
CA GLN KA 384 60.10 107.08 46.40
C GLN KA 384 59.67 105.64 46.73
N ASP KA 385 58.87 105.44 47.77
CA ASP KA 385 58.28 104.14 48.11
C ASP KA 385 57.17 103.70 47.15
N LEU KA 386 56.44 104.65 46.55
CA LEU KA 386 55.58 104.36 45.39
C LEU KA 386 56.36 104.02 44.10
N LEU KA 387 57.59 104.52 43.93
CA LEU KA 387 58.51 104.05 42.89
C LEU KA 387 59.10 102.65 43.22
N ASN KA 388 59.28 102.29 44.49
CA ASN KA 388 59.62 100.92 44.90
C ASN KA 388 58.46 99.93 44.64
N VAL KA 389 57.21 100.35 44.82
CA VAL KA 389 56.02 99.59 44.40
C VAL KA 389 55.97 99.42 42.87
N LYS KA 390 56.30 100.47 42.11
CA LYS KA 390 56.42 100.39 40.64
C LYS KA 390 57.58 99.49 40.18
N MET KA 391 58.67 99.41 40.93
CA MET KA 391 59.78 98.48 40.66
C MET KA 391 59.38 97.01 40.88
N ALA KA 392 58.51 96.72 41.84
CA ALA KA 392 57.91 95.39 42.00
C ALA KA 392 56.97 95.03 40.82
N LEU KA 393 56.23 96.01 40.28
CA LEU KA 393 55.47 95.83 39.03
C LEU KA 393 56.39 95.59 37.80
N ASP KA 394 57.65 96.04 37.80
CA ASP KA 394 58.61 95.69 36.75
C ASP KA 394 59.16 94.25 36.89
N ILE KA 395 59.17 93.68 38.10
CA ILE KA 395 59.41 92.25 38.33
C ILE KA 395 58.23 91.40 37.81
N GLU KA 396 56.99 91.90 37.91
CA GLU KA 396 55.82 91.30 37.27
C GLU KA 396 55.86 91.38 35.73
N ILE KA 397 56.28 92.53 35.17
CA ILE KA 397 56.51 92.69 33.71
C ILE KA 397 57.63 91.77 33.20
N ALA KA 398 58.71 91.62 33.97
CA ALA KA 398 59.79 90.68 33.66
C ALA KA 398 59.35 89.21 33.77
N THR KA 399 58.42 88.92 34.67
CA THR KA 399 57.81 87.59 34.85
C THR KA 399 56.81 87.25 33.75
N TYR KA 400 56.11 88.25 33.17
CA TYR KA 400 55.17 88.02 32.08
C TYR KA 400 55.84 87.54 30.78
N ARG KA 401 57.13 87.83 30.55
CA ARG KA 401 57.89 87.22 29.45
C ARG KA 401 58.10 85.71 29.62
N LYS KA 402 58.33 85.26 30.85
CA LYS KA 402 58.33 83.83 31.24
C LYS KA 402 56.94 83.20 31.21
N LEU KA 403 55.87 84.00 31.28
CA LEU KA 403 54.51 83.54 31.04
C LEU KA 403 54.26 83.29 29.55
N LEU KA 404 54.79 84.11 28.64
CA LEU KA 404 54.72 83.84 27.19
C LEU KA 404 55.55 82.61 26.77
N GLU KA 405 56.78 82.48 27.27
CA GLU KA 405 57.61 81.25 27.13
C GLU KA 405 56.92 80.02 27.74
N GLY KA 406 56.15 80.24 28.81
CA GLY KA 406 55.35 79.23 29.49
C GLY KA 406 54.06 78.85 28.75
N GLU KA 407 53.40 79.77 28.06
CA GLU KA 407 52.20 79.54 27.24
C GLU KA 407 52.53 78.76 25.96
N GLU KA 408 53.64 79.10 25.30
CA GLU KA 408 54.20 78.35 24.17
C GLU KA 408 54.58 76.91 24.56
N SER KA 409 55.03 76.72 25.81
CA SER KA 409 55.25 75.39 26.40
C SER KA 409 53.96 74.69 26.86
N ARG KA 410 52.99 75.44 27.41
CA ARG KA 410 51.75 74.96 28.04
C ARG KA 410 50.86 74.24 27.05
N ILE KA 411 50.72 74.79 25.85
CA ILE KA 411 49.86 74.20 24.83
C ILE KA 411 50.34 72.80 24.43
N SER KA 412 51.63 72.44 24.62
CA SER KA 412 52.21 71.16 24.17
C SER KA 412 52.28 70.99 22.63
N LEU KA 413 51.66 71.92 21.91
CA LEU KA 413 50.66 71.69 20.85
C LEU KA 413 50.19 70.21 20.70
N PRO KA 414 49.35 69.74 21.66
CA PRO KA 414 49.10 68.31 21.91
C PRO KA 414 50.25 67.35 21.54
N LEU KA 415 49.98 66.09 21.18
CA LEU KA 415 50.91 65.35 20.32
C LEU KA 415 50.17 64.51 19.26
N PRO KA 416 49.49 65.16 18.29
CA PRO KA 416 48.59 64.52 17.34
C PRO KA 416 49.36 63.88 16.16
N ASN KA 417 50.43 63.13 16.44
CA ASN KA 417 51.20 62.38 15.44
C ASN KA 417 50.49 61.08 14.99
N PHE KA 418 49.16 61.16 14.81
CA PHE KA 418 48.30 60.06 14.40
C PHE KA 418 48.58 59.65 12.94
N SER KA 419 47.90 58.60 12.47
CA SER KA 419 48.36 57.73 11.38
C SER KA 419 49.46 56.73 11.77
N SER KA 420 49.89 56.73 13.04
CA SER KA 420 50.45 55.55 13.73
C SER KA 420 49.36 54.55 14.12
N LEU KA 421 48.20 55.09 14.57
CA LEU KA 421 46.87 54.53 14.35
C LEU KA 421 46.07 55.63 13.59
N ASN KA 422 45.53 55.43 12.39
CA ASN KA 422 45.67 54.27 11.49
C ASN KA 422 45.08 52.95 12.04
N LEU KA 423 43.76 52.88 12.09
CA LEU KA 423 43.03 51.67 12.46
C LEU KA 423 43.18 50.70 11.27
N ARG KA 424 44.17 49.83 11.46
CA ARG KA 424 45.07 49.36 10.40
C ARG KA 424 44.30 48.81 9.19
N GLU KA 425 44.86 48.73 7.98
CA GLU KA 425 46.21 48.22 7.65
C GLU KA 425 46.48 46.79 8.20
N THR KA 426 45.41 46.15 8.69
CA THR KA 426 45.07 44.73 8.53
C THR KA 426 44.42 44.58 7.15
N ASN KA 427 45.31 44.37 6.19
CA ASN KA 427 45.75 45.38 5.21
C ASN KA 427 44.77 45.56 4.01
N LEU KA 428 45.20 46.34 3.02
CA LEU KA 428 44.57 46.38 1.70
C LEU KA 428 44.47 44.97 1.06
N ASP KA 429 45.36 44.05 1.46
CA ASP KA 429 45.28 42.60 1.25
C ASP KA 429 44.94 42.21 -0.20
N SER KA 430 45.81 42.71 -1.09
CA SER KA 430 46.18 42.03 -2.34
C SER KA 430 47.08 40.80 -2.08
N LEU KA 431 46.71 39.97 -1.10
CA LEU KA 431 47.50 38.81 -0.67
C LEU KA 431 47.51 37.69 -1.74
N PRO KA 432 48.44 36.73 -1.68
CA PRO KA 432 48.53 35.62 -2.63
C PRO KA 432 47.54 34.46 -2.36
N LEU KA 433 46.39 34.73 -1.72
CA LEU KA 433 45.38 33.70 -1.42
C LEU KA 433 44.47 33.45 -2.64
N VAL KA 434 45.06 32.97 -3.74
CA VAL KA 434 44.38 32.85 -5.03
C VAL KA 434 44.34 31.41 -5.52
N ASP KA 435 43.24 31.00 -6.17
CA ASP KA 435 43.18 29.78 -7.01
C ASP KA 435 42.46 30.03 -8.35
N THR KA 436 42.47 31.28 -8.84
CA THR KA 436 41.90 31.73 -10.13
C THR KA 436 42.83 32.58 -11.03
N HIS KA 437 44.18 32.55 -11.00
CA HIS KA 437 45.17 31.57 -10.51
C HIS KA 437 44.83 30.08 -10.77
N SER KA 438 44.08 29.84 -11.85
CA SER KA 438 43.15 28.71 -11.95
C SER KA 438 43.75 27.35 -11.61
N LYS KA 439 42.98 26.56 -10.85
CA LYS KA 439 43.15 25.11 -10.65
C LYS KA 439 42.89 24.29 -11.93
N ARG KA 440 43.80 24.36 -12.90
CA ARG KA 440 43.77 23.64 -14.18
C ARG KA 440 43.93 22.13 -13.95
N THR KA 441 42.80 21.44 -13.83
CA THR KA 441 42.73 19.97 -13.78
C THR KA 441 42.98 19.32 -15.15
N LEU KA 442 44.25 19.27 -15.58
CA LEU KA 442 44.68 18.47 -16.73
C LEU KA 442 44.66 16.97 -16.37
N LEU KA 443 43.50 16.33 -16.57
CA LEU KA 443 43.24 14.92 -16.37
C LEU KA 443 43.59 14.09 -17.62
N ILE KA 444 44.86 13.73 -17.81
CA ILE KA 444 45.25 12.82 -18.91
C ILE KA 444 44.86 11.39 -18.54
N LYS KA 445 43.60 11.01 -18.81
CA LYS KA 445 43.07 9.65 -18.67
C LYS KA 445 43.66 8.73 -19.76
N THR KA 446 44.87 8.23 -19.54
CA THR KA 446 45.54 7.32 -20.48
C THR KA 446 44.95 5.91 -20.33
N VAL KA 447 43.89 5.61 -21.09
CA VAL KA 447 43.31 4.27 -21.15
C VAL KA 447 44.14 3.39 -22.09
N GLU KA 448 45.14 2.70 -21.55
CA GLU KA 448 45.86 1.66 -22.28
C GLU KA 448 44.95 0.43 -22.39
N THR KA 449 44.39 0.21 -23.58
CA THR KA 449 43.70 -1.05 -23.91
C THR KA 449 44.63 -1.97 -24.69
N ARG KA 450 44.54 -3.27 -24.41
CA ARG KA 450 44.99 -4.33 -25.30
C ARG KA 450 43.74 -4.97 -25.91
N ASP KA 451 43.70 -5.11 -27.23
CA ASP KA 451 42.64 -5.79 -27.99
C ASP KA 451 41.21 -5.18 -27.83
N GLY KA 452 41.08 -4.19 -26.93
CA GLY KA 452 39.87 -3.50 -26.50
C GLY KA 452 39.61 -3.59 -24.99
N GLN KA 453 40.26 -4.53 -24.29
CA GLN KA 453 40.22 -4.63 -22.83
C GLN KA 453 41.16 -3.60 -22.20
N VAL KA 454 40.67 -2.84 -21.21
CA VAL KA 454 41.51 -1.95 -20.39
C VAL KA 454 42.53 -2.78 -19.62
N ILE KA 455 43.82 -2.49 -19.81
CA ILE KA 455 44.95 -3.08 -19.07
C ILE KA 455 45.47 -2.11 -18.00
N ASN KA 456 45.59 -0.82 -18.36
CA ASN KA 456 45.86 0.26 -17.42
C ASN KA 456 44.96 1.47 -17.71
N GLU KA 457 44.56 2.18 -16.65
CA GLU KA 457 44.12 3.58 -16.77
C GLU KA 457 45.07 4.50 -15.98
N THR KA 458 46.13 4.98 -16.63
CA THR KA 458 47.03 5.96 -16.02
C THR KA 458 46.42 7.36 -16.11
N SER KA 459 45.44 7.64 -15.23
CA SER KA 459 44.80 8.95 -15.08
C SER KA 459 45.74 9.97 -14.41
N GLN KA 460 46.66 10.55 -15.20
CA GLN KA 460 47.54 11.61 -14.71
C GLN KA 460 46.75 12.91 -14.45
N HIS KA 461 46.31 13.13 -13.21
CA HIS KA 461 45.84 14.44 -12.74
C HIS KA 461 47.05 15.37 -12.51
N HIS KA 462 47.43 16.13 -13.53
CA HIS KA 462 48.22 17.35 -13.32
C HIS KA 462 47.28 18.41 -12.73
N ASP KA 463 47.52 18.77 -11.47
CA ASP KA 463 46.62 19.59 -10.65
C ASP KA 463 47.18 21.01 -10.48
N ASP KA 464 47.34 21.67 -11.62
CA ASP KA 464 48.16 22.86 -11.83
C ASP KA 464 47.40 24.10 -11.33
N LEU KA 465 48.01 24.95 -10.48
CA LEU KA 465 47.40 26.16 -9.91
C LEU KA 465 48.10 27.40 -10.50
N GLU KA 466 47.54 27.97 -11.58
CA GLU KA 466 48.21 28.85 -12.58
C GLU KA 466 48.77 30.20 -12.09
N GLU LA 354 62.40 137.44 72.21
CA GLU LA 354 61.67 136.74 71.15
C GLU LA 354 62.60 136.11 70.11
N ALA LA 355 63.81 136.64 69.89
CA ALA LA 355 64.85 135.90 69.16
C ALA LA 355 65.27 134.60 69.88
N ALA LA 356 65.31 134.57 71.21
CA ALA LA 356 65.59 133.35 71.97
C ALA LA 356 64.42 132.35 71.98
N ASN LA 357 63.18 132.83 72.07
CA ASN LA 357 61.97 131.99 71.97
C ASN LA 357 61.84 131.32 70.58
N TYR LA 358 62.11 132.08 69.52
CA TYR LA 358 62.13 131.55 68.16
C TYR LA 358 63.41 130.78 67.82
N GLN LA 359 64.55 130.97 68.52
CA GLN LA 359 65.78 130.19 68.26
C GLN LA 359 65.55 128.68 68.46
N ASP LA 360 65.00 128.27 69.60
CA ASP LA 360 64.71 126.86 69.86
C ASP LA 360 63.57 126.34 68.97
N THR LA 361 62.60 127.18 68.60
CA THR LA 361 61.47 126.76 67.75
C THR LA 361 61.90 126.50 66.31
N ILE LA 362 62.66 127.45 65.73
CA ILE LA 362 63.31 127.32 64.42
C ILE LA 362 64.33 126.18 64.41
N GLY LA 363 65.08 126.01 65.50
CA GLY LA 363 66.11 124.97 65.65
C GLY LA 363 65.51 123.57 65.70
N ARG LA 364 64.48 123.36 66.53
CA ARG LA 364 63.75 122.09 66.64
C ARG LA 364 63.02 121.75 65.33
N LEU LA 365 62.44 122.72 64.63
CA LEU LA 365 61.83 122.49 63.31
C LEU LA 365 62.86 122.20 62.21
N GLN LA 366 64.09 122.72 62.29
CA GLN LA 366 65.19 122.29 61.42
C GLN LA 366 65.71 120.88 61.74
N ASP LA 367 65.72 120.47 63.01
CA ASP LA 367 66.01 119.09 63.40
C ASP LA 367 64.89 118.11 63.05
N GLU LA 368 63.62 118.52 63.04
CA GLU LA 368 62.52 117.70 62.52
C GLU LA 368 62.54 117.54 60.98
N ILE LA 369 63.06 118.52 60.22
CA ILE LA 369 63.38 118.31 58.79
C ILE LA 369 64.47 117.24 58.59
N GLN LA 370 65.41 117.11 59.54
CA GLN LA 370 66.51 116.13 59.49
C GLN LA 370 66.07 114.74 60.00
N ASN LA 371 65.35 114.69 61.13
CA ASN LA 371 64.73 113.49 61.67
C ASN LA 371 63.69 112.91 60.72
N MET LA 372 62.98 113.73 59.95
CA MET LA 372 62.08 113.28 58.89
C MET LA 372 62.82 112.66 57.71
N LYS LA 373 63.97 113.20 57.28
CA LYS LA 373 64.80 112.59 56.22
C LYS LA 373 65.35 111.23 56.64
N GLU LA 374 65.71 111.07 57.91
CA GLU LA 374 66.20 109.80 58.47
C GLU LA 374 65.08 108.82 58.83
N GLU LA 375 63.88 109.31 59.18
CA GLU LA 375 62.68 108.49 59.32
C GLU LA 375 62.20 107.96 57.96
N MET LA 376 62.33 108.77 56.92
CA MET LA 376 62.17 108.33 55.54
C MET LA 376 63.29 107.39 55.06
N ALA LA 377 64.53 107.53 55.54
CA ALA LA 377 65.59 106.54 55.32
C ALA LA 377 65.33 105.21 56.05
N ARG LA 378 64.64 105.24 57.20
CA ARG LA 378 64.13 104.06 57.90
C ARG LA 378 62.91 103.44 57.21
N HIS LA 379 62.02 104.23 56.60
CA HIS LA 379 60.88 103.72 55.83
C HIS LA 379 61.32 103.05 54.51
N LEU LA 380 62.43 103.49 53.92
CA LEU LA 380 63.12 102.75 52.85
C LEU LA 380 63.74 101.40 53.28
N ARG LA 381 63.88 101.13 54.59
CA ARG LA 381 64.27 99.80 55.13
C ARG LA 381 63.07 98.96 55.54
N GLU LA 382 62.03 99.58 56.09
CA GLU LA 382 60.72 98.94 56.31
C GLU LA 382 60.10 98.44 54.98
N TYR LA 383 60.16 99.26 53.93
CA TYR LA 383 59.82 98.85 52.57
C TYR LA 383 60.82 97.88 51.93
N GLN LA 384 62.09 97.81 52.35
CA GLN LA 384 63.00 96.74 51.92
C GLN LA 384 62.58 95.38 52.51
N ASP LA 385 62.15 95.35 53.77
CA ASP LA 385 61.70 94.13 54.43
C ASP LA 385 60.29 93.69 54.01
N LEU LA 386 59.40 94.64 53.68
CA LEU LA 386 58.17 94.37 52.92
C LEU LA 386 58.46 93.89 51.48
N LEU LA 387 59.50 94.44 50.82
CA LEU LA 387 59.88 94.03 49.46
C LEU LA 387 60.47 92.61 49.42
N ASN LA 388 61.08 92.12 50.50
CA ASN LA 388 61.45 90.69 50.61
C ASN LA 388 60.21 89.78 50.53
N VAL LA 389 59.10 90.15 51.18
CA VAL LA 389 57.82 89.42 51.11
C VAL LA 389 57.11 89.60 49.76
N LYS LA 390 57.16 90.81 49.18
CA LYS LA 390 56.62 91.06 47.83
C LYS LA 390 57.36 90.26 46.75
N MET LA 391 58.69 90.20 46.79
CA MET LA 391 59.48 89.36 45.88
C MET LA 391 59.24 87.86 46.09
N ALA LA 392 58.86 87.41 47.29
CA ALA LA 392 58.41 86.04 47.51
C ALA LA 392 57.05 85.76 46.83
N LEU LA 393 56.09 86.68 46.90
CA LEU LA 393 54.83 86.61 46.13
C LEU LA 393 55.07 86.67 44.61
N ASP LA 394 56.07 87.42 44.15
CA ASP LA 394 56.43 87.51 42.73
C ASP LA 394 57.11 86.22 42.21
N ILE LA 395 57.84 85.52 43.07
CA ILE LA 395 58.35 84.16 42.82
C ILE LA 395 57.21 83.13 42.87
N GLU LA 396 56.21 83.29 43.74
CA GLU LA 396 55.00 82.47 43.75
C GLU LA 396 54.13 82.70 42.50
N ILE LA 397 54.09 83.90 41.93
CA ILE LA 397 53.46 84.20 40.64
C ILE LA 397 54.25 83.57 39.47
N ALA LA 398 55.58 83.67 39.49
CA ALA LA 398 56.45 83.01 38.51
C ALA LA 398 56.39 81.46 38.57
N THR LA 399 55.99 80.93 39.73
CA THR LA 399 55.73 79.50 40.00
C THR LA 399 54.31 79.10 39.62
N TYR LA 400 53.31 79.94 39.87
CA TYR LA 400 51.91 79.76 39.47
C TYR LA 400 51.76 79.69 37.95
N ARG LA 401 52.56 80.49 37.23
CA ARG LA 401 52.78 80.33 35.78
C ARG LA 401 53.20 78.90 35.41
N LYS LA 402 54.19 78.30 36.10
CA LYS LA 402 54.67 76.95 35.79
C LYS LA 402 53.67 75.85 36.21
N LEU LA 403 52.84 76.12 37.22
CA LEU LA 403 51.73 75.23 37.62
C LEU LA 403 50.58 75.25 36.61
N LEU LA 404 50.19 76.42 36.11
CA LEU LA 404 49.22 76.61 35.03
C LEU LA 404 49.71 75.98 33.71
N GLU LA 405 50.99 76.18 33.40
CA GLU LA 405 51.72 75.54 32.29
C GLU LA 405 51.74 74.01 32.40
N GLY LA 406 51.91 73.47 33.60
CA GLY LA 406 51.91 72.04 33.85
C GLY LA 406 50.53 71.38 33.86
N GLU LA 407 49.49 72.07 34.35
CA GLU LA 407 48.15 71.49 34.51
C GLU LA 407 47.34 71.48 33.21
N GLU LA 408 47.39 72.57 32.44
CA GLU LA 408 46.78 72.60 31.09
C GLU LA 408 47.52 71.69 30.08
N SER LA 409 48.81 71.41 30.33
CA SER LA 409 49.58 70.40 29.60
C SER LA 409 49.15 68.96 29.93
N ARG LA 410 48.73 68.67 31.17
CA ARG LA 410 48.07 67.39 31.53
C ARG LA 410 46.71 67.22 30.84
N ILE LA 411 46.04 68.33 30.52
CA ILE LA 411 44.76 68.38 29.80
C ILE LA 411 44.95 68.30 28.26
N SER LA 412 46.18 68.49 27.75
CA SER LA 412 46.46 68.61 26.30
C SER LA 412 47.52 67.60 25.79
N LEU LA 413 47.09 66.73 24.87
CA LEU LA 413 47.21 65.27 25.09
C LEU LA 413 47.58 64.51 23.78
N PRO LA 414 48.07 63.25 23.84
CA PRO LA 414 48.75 62.58 22.72
C PRO LA 414 47.82 61.93 21.68
N LEU LA 415 48.44 61.40 20.63
CA LEU LA 415 47.86 60.44 19.67
C LEU LA 415 47.25 59.19 20.38
N PRO LA 416 46.44 58.36 19.67
CA PRO LA 416 46.02 58.50 18.28
C PRO LA 416 44.57 58.96 18.11
N ASN LA 417 44.35 59.87 17.15
CA ASN LA 417 43.07 59.96 16.45
C ASN LA 417 42.93 58.73 15.54
N PHE LA 418 42.07 57.79 15.95
CA PHE LA 418 42.32 56.35 15.81
C PHE LA 418 42.54 55.82 14.39
N SER LA 419 42.00 56.48 13.36
CA SER LA 419 41.59 55.83 12.11
C SER LA 419 42.15 56.52 10.84
N SER LA 420 41.33 56.62 9.79
CA SER LA 420 41.58 55.95 8.50
C SER LA 420 41.57 54.40 8.63
N LEU LA 421 41.15 53.72 7.56
CA LEU LA 421 40.99 52.27 7.51
C LEU LA 421 41.18 51.76 6.07
N ASN LA 422 42.13 50.84 5.89
CA ASN LA 422 42.06 49.81 4.86
C ASN LA 422 42.05 48.45 5.56
N LEU LA 423 40.85 47.91 5.75
CA LEU LA 423 40.61 46.48 5.85
C LEU LA 423 39.68 46.12 4.70
N ARG LA 424 40.23 45.44 3.69
CA ARG LA 424 39.49 44.93 2.53
C ARG LA 424 40.26 43.78 1.91
N GLU LA 425 39.58 43.01 1.08
CA GLU LA 425 40.15 41.79 0.53
C GLU LA 425 40.41 41.97 -0.97
N THR LA 426 41.46 42.74 -1.33
CA THR LA 426 41.70 43.21 -2.72
C THR LA 426 42.10 42.07 -3.68
N ASN LA 427 42.82 41.08 -3.17
CA ASN LA 427 43.11 39.81 -3.85
C ASN LA 427 43.18 38.63 -2.84
N LEU LA 428 42.87 38.90 -1.57
CA LEU LA 428 42.57 37.90 -0.53
C LEU LA 428 41.17 37.29 -0.74
N ASP LA 429 40.21 38.11 -1.16
CA ASP LA 429 39.04 37.73 -1.97
C ASP LA 429 39.34 38.03 -3.44
N SER LA 430 38.76 37.24 -4.36
CA SER LA 430 39.57 36.43 -5.30
C SER LA 430 40.30 35.28 -4.57
N LEU LA 431 39.58 34.61 -3.66
CA LEU LA 431 40.06 33.64 -2.64
C LEU LA 431 40.76 32.39 -3.28
N PRO LA 432 40.91 31.21 -2.60
CA PRO LA 432 41.12 29.93 -3.32
C PRO LA 432 39.82 29.43 -3.99
N LEU LA 433 38.97 30.38 -4.41
CA LEU LA 433 37.83 30.24 -5.30
C LEU LA 433 38.36 30.19 -6.73
N VAL LA 434 38.07 29.13 -7.48
CA VAL LA 434 38.64 28.97 -8.84
C VAL LA 434 37.82 29.69 -9.94
N ASP LA 435 36.53 29.92 -9.67
CA ASP LA 435 35.53 30.51 -10.58
C ASP LA 435 34.26 30.98 -9.80
N THR LA 436 33.72 30.34 -8.75
CA THR LA 436 33.98 29.00 -8.14
C THR LA 436 33.66 27.83 -9.07
N HIS LA 437 34.71 27.13 -9.51
CA HIS LA 437 34.70 25.97 -10.42
C HIS LA 437 36.15 25.64 -10.80
N SER LA 438 36.64 24.48 -10.37
CA SER LA 438 38.00 23.95 -10.61
C SER LA 438 38.39 23.66 -12.08
N LYS LA 439 37.69 24.26 -13.06
CA LYS LA 439 37.67 23.84 -14.47
C LYS LA 439 37.43 22.32 -14.59
N ARG LA 440 36.54 21.80 -13.72
CA ARG LA 440 36.43 20.38 -13.32
C ARG LA 440 35.87 19.54 -14.46
N THR LA 441 36.71 19.30 -15.46
CA THR LA 441 36.34 18.62 -16.70
C THR LA 441 36.22 17.09 -16.49
N LEU LA 442 35.13 16.67 -15.84
CA LEU LA 442 34.79 15.27 -15.62
C LEU LA 442 34.45 14.55 -16.95
N LEU LA 443 35.48 14.00 -17.59
CA LEU LA 443 35.38 13.18 -18.80
C LEU LA 443 35.10 11.71 -18.43
N ILE LA 444 33.83 11.35 -18.30
CA ILE LA 444 33.40 9.97 -18.05
C ILE LA 444 33.49 9.17 -19.37
N LYS LA 445 34.70 8.73 -19.69
CA LYS LA 445 35.01 7.83 -20.83
C LYS LA 445 34.59 6.40 -20.51
N THR LA 446 33.32 6.09 -20.72
CA THR LA 446 32.77 4.73 -20.50
C THR LA 446 33.18 3.83 -21.66
N VAL LA 447 34.22 3.02 -21.45
CA VAL LA 447 34.72 2.03 -22.41
C VAL LA 447 34.02 0.70 -22.15
N GLU LA 448 32.91 0.47 -22.84
CA GLU LA 448 32.15 -0.78 -22.76
C GLU LA 448 32.77 -1.83 -23.71
N THR LA 449 33.52 -2.75 -23.09
CA THR LA 449 34.16 -3.87 -23.76
C THR LA 449 33.40 -5.18 -23.52
N ARG LA 450 33.28 -6.02 -24.55
CA ARG LA 450 32.70 -7.36 -24.49
C ARG LA 450 33.65 -8.34 -25.18
N ASP LA 451 33.85 -9.51 -24.59
CA ASP LA 451 34.72 -10.57 -25.13
C ASP LA 451 36.19 -10.14 -25.38
N GLY LA 452 36.62 -9.04 -24.75
CA GLY LA 452 37.93 -8.40 -24.93
C GLY LA 452 38.00 -7.29 -25.99
N GLN LA 453 36.94 -7.09 -26.79
CA GLN LA 453 36.82 -6.01 -27.80
C GLN LA 453 35.98 -4.83 -27.31
N VAL LA 454 36.37 -3.58 -27.63
CA VAL LA 454 35.50 -2.40 -27.43
C VAL LA 454 34.26 -2.51 -28.33
N ILE LA 455 33.08 -2.44 -27.71
CA ILE LA 455 31.78 -2.42 -28.42
C ILE LA 455 31.14 -1.02 -28.37
N ASN LA 456 31.45 -0.22 -27.35
CA ASN LA 456 30.98 1.16 -27.21
C ASN LA 456 32.01 2.00 -26.42
N GLU LA 457 32.25 3.24 -26.85
CA GLU LA 457 33.11 4.20 -26.16
C GLU LA 457 32.38 5.55 -25.96
N THR LA 458 31.51 5.59 -24.95
CA THR LA 458 30.73 6.80 -24.64
C THR LA 458 31.54 7.73 -23.74
N SER LA 459 32.13 8.79 -24.33
CA SER LA 459 32.91 9.81 -23.60
C SER LA 459 32.08 11.01 -23.15
N GLN LA 460 31.27 10.84 -22.09
CA GLN LA 460 30.40 11.90 -21.58
C GLN LA 460 31.19 12.96 -20.77
N HIS LA 461 31.35 14.17 -21.31
CA HIS LA 461 31.86 15.34 -20.58
C HIS LA 461 30.78 15.92 -19.67
N HIS LA 462 31.09 16.08 -18.38
CA HIS LA 462 30.52 17.11 -17.51
C HIS LA 462 31.57 18.16 -17.16
N ASP LA 463 31.18 19.42 -17.03
CA ASP LA 463 32.06 20.52 -16.60
C ASP LA 463 31.50 21.17 -15.33
N ASP LA 464 31.10 20.28 -14.41
CA ASP LA 464 30.34 20.61 -13.21
C ASP LA 464 31.11 21.61 -12.35
N LEU LA 465 30.41 22.58 -11.77
CA LEU LA 465 31.01 23.62 -10.92
C LEU LA 465 31.53 22.99 -9.60
N GLU LA 466 32.61 23.58 -9.07
CA GLU LA 466 33.42 23.09 -7.93
C GLU LA 466 34.12 24.24 -7.22
N ASP MA 331 22.81 119.01 111.86
CA ASP MA 331 21.98 118.60 110.73
C ASP MA 331 22.79 117.89 109.62
N ALA MA 332 24.04 118.29 109.39
CA ALA MA 332 24.95 117.64 108.43
C ALA MA 332 25.52 116.30 108.95
N LEU MA 333 25.80 116.18 110.25
CA LEU MA 333 26.22 114.91 110.87
C LEU MA 333 25.06 113.89 110.95
N LYS MA 334 23.84 114.35 111.26
CA LYS MA 334 22.61 113.56 111.09
C LYS MA 334 22.35 113.15 109.64
N GLY MA 335 22.53 114.06 108.68
CA GLY MA 335 22.43 113.75 107.26
C GLY MA 335 23.53 112.82 106.75
N THR MA 336 24.68 112.77 107.43
CA THR MA 336 25.75 111.79 107.18
C THR MA 336 25.41 110.41 107.75
N ASN MA 337 24.79 110.34 108.93
CA ASN MA 337 24.31 109.09 109.53
C ASN MA 337 23.14 108.47 108.73
N GLU MA 338 22.20 109.28 108.24
CA GLU MA 338 21.17 108.85 107.27
C GLU MA 338 21.78 108.42 105.92
N SER MA 339 22.92 109.00 105.52
CA SER MA 339 23.62 108.60 104.29
C SER MA 339 24.33 107.25 104.45
N LEU MA 340 24.87 106.96 105.64
CA LEU MA 340 25.40 105.63 105.99
C LEU MA 340 24.28 104.59 106.08
N GLU MA 341 23.15 104.93 106.69
CA GLU MA 341 21.93 104.11 106.73
C GLU MA 341 21.43 103.72 105.33
N ARG MA 342 21.44 104.67 104.38
CA ARG MA 342 21.04 104.43 102.98
C ARG MA 342 22.07 103.64 102.18
N GLN MA 343 23.37 103.83 102.42
CA GLN MA 343 24.43 103.04 101.79
C GLN MA 343 24.47 101.60 102.33
N MET MA 344 24.19 101.42 103.62
CA MET MA 344 24.02 100.11 104.25
C MET MA 344 22.84 99.35 103.62
N ARG MA 345 21.69 100.02 103.42
CA ARG MA 345 20.56 99.45 102.67
C ARG MA 345 20.97 98.98 101.26
N GLU MA 346 21.67 99.80 100.47
CA GLU MA 346 22.03 99.42 99.10
C GLU MA 346 23.13 98.34 99.03
N MET MA 347 23.93 98.15 100.09
CA MET MA 347 24.79 96.97 100.23
C MET MA 347 24.02 95.75 100.75
N GLU MA 348 23.06 95.94 101.64
CA GLU MA 348 22.19 94.91 102.23
C GLU MA 348 21.21 94.30 101.22
N GLU MA 349 20.68 95.11 100.30
CA GLU MA 349 19.91 94.68 99.14
C GLU MA 349 20.74 93.82 98.17
N ASN MA 350 22.04 94.14 97.99
CA ASN MA 350 22.96 93.25 97.27
C ASN MA 350 23.25 91.95 98.04
N PHE MA 351 23.48 92.00 99.36
CA PHE MA 351 23.80 90.81 100.16
C PHE MA 351 22.65 89.80 100.20
N ALA MA 352 21.40 90.25 100.30
CA ALA MA 352 20.21 89.39 100.24
C ALA MA 352 20.07 88.70 98.86
N VAL MA 353 20.35 89.44 97.78
CA VAL MA 353 20.35 88.94 96.39
C VAL MA 353 21.51 88.00 96.11
N GLU MA 354 22.72 88.26 96.61
CA GLU MA 354 23.88 87.38 96.48
C GLU MA 354 23.69 86.06 97.25
N ALA MA 355 23.09 86.09 98.44
CA ALA MA 355 22.74 84.90 99.20
C ALA MA 355 21.72 84.00 98.47
N ALA MA 356 20.65 84.59 97.93
CA ALA MA 356 19.63 83.88 97.17
C ALA MA 356 20.18 83.28 95.85
N ASN MA 357 20.96 84.06 95.09
CA ASN MA 357 21.61 83.58 93.86
C ASN MA 357 22.60 82.44 94.15
N TYR MA 358 23.38 82.52 95.22
CA TYR MA 358 24.32 81.47 95.62
C TYR MA 358 23.59 80.18 95.99
N GLN MA 359 22.55 80.27 96.83
CA GLN MA 359 21.80 79.09 97.29
C GLN MA 359 21.06 78.39 96.15
N ASP MA 360 20.45 79.15 95.24
CA ASP MA 360 19.81 78.61 94.04
C ASP MA 360 20.82 77.96 93.10
N THR MA 361 21.97 78.60 92.88
CA THR MA 361 23.05 78.05 92.04
C THR MA 361 23.57 76.72 92.57
N ILE MA 362 23.74 76.59 93.89
CA ILE MA 362 24.19 75.34 94.52
C ILE MA 362 23.13 74.23 94.39
N GLY MA 363 21.87 74.52 94.73
CA GLY MA 363 20.80 73.51 94.69
C GLY MA 363 20.44 73.03 93.27
N ARG MA 364 20.37 73.97 92.33
CA ARG MA 364 20.14 73.71 90.90
C ARG MA 364 21.26 72.89 90.26
N LEU MA 365 22.52 73.20 90.60
CA LEU MA 365 23.68 72.43 90.17
C LEU MA 365 23.68 71.00 90.77
N GLN MA 366 23.26 70.83 92.02
CA GLN MA 366 23.13 69.52 92.64
C GLN MA 366 22.07 68.65 91.95
N ASP MA 367 20.91 69.21 91.59
CA ASP MA 367 19.85 68.51 90.83
C ASP MA 367 20.29 68.13 89.41
N GLU MA 368 20.95 69.04 88.68
CA GLU MA 368 21.52 68.76 87.36
C GLU MA 368 22.55 67.61 87.40
N ILE MA 369 23.33 67.53 88.47
CA ILE MA 369 24.26 66.42 88.73
C ILE MA 369 23.53 65.09 89.04
N GLN MA 370 22.38 65.11 89.72
CA GLN MA 370 21.60 63.87 89.98
C GLN MA 370 20.82 63.40 88.74
N ASN MA 371 20.24 64.31 87.96
CA ASN MA 371 19.51 64.00 86.72
C ASN MA 371 20.37 63.23 85.70
N MET MA 372 21.63 63.66 85.50
CA MET MA 372 22.59 62.95 84.66
C MET MA 372 22.93 61.53 85.17
N LYS MA 373 22.95 61.32 86.49
CA LYS MA 373 23.25 60.01 87.08
C LYS MA 373 22.09 59.01 86.95
N GLU MA 374 20.84 59.46 87.02
CA GLU MA 374 19.66 58.59 86.86
C GLU MA 374 19.54 58.07 85.42
N GLU MA 375 19.71 58.99 84.46
CA GLU MA 375 19.83 58.70 83.04
C GLU MA 375 20.98 57.71 82.73
N MET MA 376 22.17 57.93 83.31
CA MET MA 376 23.27 56.98 83.19
C MET MA 376 22.96 55.63 83.87
N ALA MA 377 22.39 55.63 85.07
CA ALA MA 377 22.10 54.41 85.84
C ALA MA 377 21.11 53.47 85.14
N ARG MA 378 20.17 54.02 84.35
CA ARG MA 378 19.31 53.24 83.45
C ARG MA 378 20.08 52.67 82.25
N HIS MA 379 20.84 53.52 81.55
CA HIS MA 379 21.67 53.11 80.40
C HIS MA 379 22.70 52.02 80.71
N LEU MA 380 23.20 51.93 81.95
CA LEU MA 380 24.08 50.85 82.40
C LEU MA 380 23.43 49.45 82.30
N ARG MA 381 22.12 49.31 82.50
CA ARG MA 381 21.39 48.04 82.29
C ARG MA 381 20.69 47.91 80.95
N GLU MA 382 20.38 49.01 80.27
CA GLU MA 382 19.98 48.94 78.83
C GLU MA 382 21.06 48.23 77.99
N TYR MA 383 22.35 48.45 78.29
CA TYR MA 383 23.43 47.67 77.68
C TYR MA 383 23.65 46.26 78.29
N GLN MA 384 23.35 46.04 79.57
CA GLN MA 384 23.42 44.70 80.17
C GLN MA 384 22.39 43.73 79.58
N ASP MA 385 21.18 44.21 79.26
CA ASP MA 385 20.15 43.43 78.57
C ASP MA 385 20.47 43.20 77.09
N LEU MA 386 21.19 44.11 76.44
CA LEU MA 386 21.81 43.84 75.13
C LEU MA 386 22.98 42.83 75.19
N LEU MA 387 23.69 42.72 76.31
CA LEU MA 387 24.62 41.61 76.57
C LEU MA 387 23.90 40.28 76.87
N ASN MA 388 22.70 40.30 77.46
CA ASN MA 388 21.84 39.12 77.59
C ASN MA 388 21.30 38.64 76.22
N VAL MA 389 20.98 39.56 75.31
CA VAL MA 389 20.66 39.24 73.90
C VAL MA 389 21.88 38.63 73.19
N LYS MA 390 23.09 39.17 73.41
CA LYS MA 390 24.34 38.59 72.89
C LYS MA 390 24.66 37.20 73.47
N MET MA 391 24.29 36.93 74.73
CA MET MA 391 24.42 35.60 75.34
C MET MA 391 23.47 34.57 74.72
N ALA MA 392 22.27 34.98 74.29
CA ALA MA 392 21.39 34.12 73.50
C ALA MA 392 21.96 33.81 72.10
N LEU MA 393 22.65 34.78 71.47
CA LEU MA 393 23.42 34.52 70.24
C LEU MA 393 24.62 33.57 70.46
N ASP MA 394 25.17 33.46 71.67
CA ASP MA 394 26.18 32.43 71.99
C ASP MA 394 25.59 31.02 72.17
N ILE MA 395 24.31 30.91 72.54
CA ILE MA 395 23.54 29.65 72.48
C ILE MA 395 23.27 29.23 71.02
N GLU MA 396 23.07 30.18 70.11
CA GLU MA 396 23.01 29.93 68.67
C GLU MA 396 24.38 29.49 68.09
N ILE MA 397 25.49 30.14 68.50
CA ILE MA 397 26.87 29.73 68.13
C ILE MA 397 27.20 28.33 68.67
N ALA MA 398 26.78 28.01 69.89
CA ALA MA 398 26.93 26.68 70.47
C ALA MA 398 26.07 25.62 69.77
N THR MA 399 24.90 26.02 69.25
CA THR MA 399 24.00 25.17 68.46
C THR MA 399 24.51 24.95 67.04
N TYR MA 400 25.24 25.90 66.45
CA TYR MA 400 25.80 25.73 65.10
C TYR MA 400 26.89 24.63 65.03
N ARG MA 401 27.57 24.30 66.13
CA ARG MA 401 28.46 23.12 66.18
C ARG MA 401 27.70 21.80 66.06
N LYS MA 402 26.51 21.70 66.67
CA LYS MA 402 25.56 20.59 66.46
C LYS MA 402 24.91 20.61 65.09
N LEU MA 403 24.90 21.74 64.38
CA LEU MA 403 24.52 21.81 62.97
C LEU MA 403 25.61 21.21 62.08
N LEU MA 404 26.90 21.42 62.36
CA LEU MA 404 27.99 20.76 61.63
C LEU MA 404 28.05 19.24 61.86
N GLU MA 405 27.90 18.79 63.12
CA GLU MA 405 27.71 17.37 63.47
C GLU MA 405 26.45 16.77 62.81
N GLY MA 406 25.42 17.61 62.65
CA GLY MA 406 24.17 17.27 61.99
C GLY MA 406 24.27 17.22 60.46
N GLU MA 407 25.08 18.06 59.82
CA GLU MA 407 25.34 18.08 58.37
C GLU MA 407 26.17 16.87 57.92
N GLU MA 408 27.20 16.52 58.71
CA GLU MA 408 27.99 15.29 58.53
C GLU MA 408 27.12 14.02 58.67
N SER MA 409 26.10 14.08 59.53
CA SER MA 409 25.07 13.02 59.64
C SER MA 409 24.01 13.09 58.53
N ARG MA 410 23.60 14.29 58.10
CA ARG MA 410 22.50 14.56 57.16
C ARG MA 410 22.78 13.99 55.79
N ILE MA 411 24.00 14.15 55.30
CA ILE MA 411 24.37 13.65 53.98
C ILE MA 411 24.23 12.12 53.88
N SER MA 412 24.27 11.37 54.99
CA SER MA 412 24.24 9.89 55.00
C SER MA 412 25.50 9.23 54.37
N LEU MA 413 26.36 10.06 53.75
CA LEU MA 413 26.87 9.91 52.39
C LEU MA 413 26.21 8.78 51.54
N PRO MA 414 24.96 9.01 51.09
CA PRO MA 414 24.04 7.96 50.63
C PRO MA 414 24.26 6.56 51.23
N LEU MA 415 23.93 5.47 50.52
CA LEU MA 415 24.59 4.19 50.79
C LEU MA 415 24.92 3.43 49.50
N PRO MA 416 25.84 3.96 48.66
CA PRO MA 416 26.11 3.45 47.31
C PRO MA 416 27.04 2.23 47.33
N ASN MA 417 26.78 1.25 48.20
CA ASN MA 417 27.52 -0.02 48.26
C ASN MA 417 27.12 -1.00 47.12
N PHE MA 418 26.94 -0.46 45.92
CA PHE MA 418 26.57 -1.20 44.72
C PHE MA 418 27.70 -2.12 44.24
N SER MA 419 27.45 -2.91 43.20
CA SER MA 419 28.12 -4.19 42.92
C SER MA 419 27.65 -5.36 43.79
N SER MA 420 26.69 -5.12 44.70
CA SER MA 420 25.74 -6.14 45.18
C SER MA 420 24.65 -6.45 44.13
N LEU MA 421 24.19 -5.39 43.46
CA LEU MA 421 23.75 -5.40 42.05
C LEU MA 421 24.65 -4.38 41.32
N ASN MA 422 25.45 -4.72 40.30
CA ASN MA 422 25.74 -6.05 39.74
C ASN MA 422 24.52 -6.78 39.14
N LEU MA 423 24.07 -6.30 37.98
CA LEU MA 423 23.02 -6.94 37.20
C LEU MA 423 23.64 -8.20 36.60
N ARG MA 424 23.38 -9.29 37.32
CA ARG MA 424 24.32 -10.39 37.54
C ARG MA 424 24.90 -10.94 36.23
N GLU MA 425 26.05 -11.61 36.19
CA GLU MA 425 26.48 -12.69 37.09
C GLU MA 425 25.46 -13.86 37.21
N THR MA 426 24.46 -13.83 36.32
CA THR MA 426 23.86 -14.97 35.60
C THR MA 426 24.80 -15.28 34.42
N ASN MA 427 25.77 -16.12 34.75
CA ASN MA 427 27.17 -15.72 34.96
C ASN MA 427 27.99 -15.56 33.66
N LEU MA 428 29.31 -15.37 33.81
CA LEU MA 428 30.28 -15.50 32.72
C LEU MA 428 30.16 -16.88 32.01
N ASP MA 429 29.67 -17.90 32.73
CA ASP MA 429 29.18 -19.18 32.19
C ASP MA 429 30.15 -19.83 31.20
N SER MA 430 31.37 -20.04 31.71
CA SER MA 430 32.24 -21.16 31.34
C SER MA 430 31.74 -22.50 31.93
N LEU MA 431 30.42 -22.76 31.82
CA LEU MA 431 29.77 -23.94 32.39
C LEU MA 431 30.18 -25.24 31.66
N PRO MA 432 29.97 -26.43 32.27
CA PRO MA 432 30.32 -27.72 31.67
C PRO MA 432 29.29 -28.23 30.63
N LEU MA 433 28.55 -27.34 29.96
CA LEU MA 433 27.55 -27.73 28.95
C LEU MA 433 28.22 -27.97 27.58
N VAL MA 434 29.11 -28.96 27.51
CA VAL MA 434 29.97 -29.20 26.34
C VAL MA 434 29.74 -30.59 25.75
N ASP MA 435 29.80 -30.71 24.42
CA ASP MA 435 29.96 -31.99 23.71
C ASP MA 435 31.01 -31.91 22.57
N THR MA 436 31.98 -30.99 22.69
CA THR MA 436 33.11 -30.79 21.77
C THR MA 436 34.52 -30.71 22.42
N HIS MA 437 34.87 -31.27 23.60
CA HIS MA 437 34.28 -32.35 24.42
C HIS MA 437 33.75 -33.57 23.65
N SER MA 438 34.35 -33.83 22.48
CA SER MA 438 33.69 -34.46 21.33
C SER MA 438 32.96 -35.76 21.67
N LYS MA 439 31.75 -35.89 21.12
CA LYS MA 439 30.98 -37.16 20.98
C LYS MA 439 31.64 -38.16 20.02
N ARG MA 440 32.75 -38.76 20.42
CA ARG MA 440 33.52 -39.78 19.68
C ARG MA 440 32.69 -41.07 19.54
N THR MA 441 31.97 -41.18 18.42
CA THR MA 441 31.25 -42.40 18.01
C THR MA 441 32.21 -43.49 17.50
N LEU MA 442 32.91 -44.18 18.42
CA LEU MA 442 33.66 -45.40 18.10
C LEU MA 442 32.68 -46.57 17.87
N LEU MA 443 32.25 -46.72 16.61
CA LEU MA 443 31.37 -47.77 16.11
C LEU MA 443 32.17 -49.02 15.69
N ILE MA 444 32.53 -49.90 16.63
CA ILE MA 444 33.17 -51.18 16.28
C ILE MA 444 32.11 -52.14 15.74
N LYS MA 445 31.82 -52.05 14.43
CA LYS MA 445 30.96 -52.97 13.68
C LYS MA 445 31.64 -54.33 13.51
N THR MA 446 31.58 -55.18 14.54
CA THR MA 446 32.15 -56.53 14.51
C THR MA 446 31.24 -57.46 13.69
N VAL MA 447 31.46 -57.54 12.38
CA VAL MA 447 30.76 -58.48 11.51
C VAL MA 447 31.40 -59.86 11.62
N GLU MA 448 30.92 -60.68 12.55
CA GLU MA 448 31.28 -62.10 12.61
C GLU MA 448 30.58 -62.83 11.46
N THR MA 449 31.33 -63.17 10.42
CA THR MA 449 30.86 -64.09 9.38
C THR MA 449 31.38 -65.50 9.63
N ARG MA 450 30.54 -66.49 9.33
CA ARG MA 450 30.96 -67.87 9.08
C ARG MA 450 30.84 -68.11 7.59
N ASP MA 451 31.90 -68.63 6.95
CA ASP MA 451 31.94 -69.04 5.53
C ASP MA 451 31.67 -67.90 4.52
N GLY MA 452 31.31 -66.70 5.02
CA GLY MA 452 30.91 -65.49 4.32
C GLY MA 452 29.50 -64.99 4.71
N GLN MA 453 28.67 -65.83 5.32
CA GLN MA 453 27.39 -65.45 5.88
C GLN MA 453 27.56 -64.73 7.22
N VAL MA 454 26.91 -63.57 7.40
CA VAL MA 454 26.85 -62.88 8.70
C VAL MA 454 26.11 -63.76 9.72
N ILE MA 455 26.77 -64.09 10.83
CA ILE MA 455 26.19 -64.81 11.97
C ILE MA 455 25.86 -63.84 13.11
N ASN MA 456 26.76 -62.89 13.40
CA ASN MA 456 26.52 -61.77 14.31
C ASN MA 456 27.04 -60.46 13.69
N GLU MA 457 26.35 -59.35 13.96
CA GLU MA 457 26.95 -58.01 13.88
C GLU MA 457 26.95 -57.35 15.26
N THR MA 458 28.01 -57.57 16.05
CA THR MA 458 28.19 -56.89 17.33
C THR MA 458 28.70 -55.46 17.10
N SER MA 459 27.80 -54.56 16.69
CA SER MA 459 28.07 -53.13 16.53
C SER MA 459 28.22 -52.42 17.88
N GLN MA 460 29.40 -52.53 18.50
CA GLN MA 460 29.71 -51.81 19.73
C GLN MA 460 29.84 -50.29 19.47
N HIS MA 461 28.76 -49.54 19.68
CA HIS MA 461 28.81 -48.07 19.79
C HIS MA 461 29.36 -47.68 21.17
N HIS MA 462 30.67 -47.50 21.27
CA HIS MA 462 31.26 -46.70 22.35
C HIS MA 462 30.96 -45.22 22.04
N ASP MA 463 30.11 -44.61 22.87
CA ASP MA 463 29.52 -43.29 22.63
C ASP MA 463 30.16 -42.24 23.55
N ASP MA 464 31.47 -42.09 23.37
CA ASP MA 464 32.40 -41.46 24.30
C ASP MA 464 32.31 -39.92 24.16
N LEU MA 465 32.14 -39.18 25.26
CA LEU MA 465 32.02 -37.70 25.27
C LEU MA 465 33.27 -37.10 25.94
N GLU MA 466 34.27 -36.73 25.14
CA GLU MA 466 35.71 -36.56 25.54
C GLU MA 466 36.05 -35.46 26.56
N SER NA 325 18.65 116.91 117.97
CA SER NA 325 19.35 116.45 116.76
C SER NA 325 20.33 115.31 117.07
N LEU NA 326 21.06 115.39 118.20
CA LEU NA 326 21.86 114.29 118.76
C LEU NA 326 21.00 113.06 119.11
N THR NA 327 19.76 113.25 119.58
CA THR NA 327 18.83 112.14 119.82
C THR NA 327 18.43 111.46 118.49
N CYS NA 328 18.15 112.26 117.45
CA CYS NA 328 17.86 111.75 116.12
C CYS NA 328 19.06 111.10 115.42
N GLU NA 329 20.30 111.48 115.75
CA GLU NA 329 21.51 110.80 115.27
C GLU NA 329 21.64 109.40 115.88
N VAL NA 330 21.37 109.25 117.18
CA VAL NA 330 21.29 107.94 117.85
C VAL NA 330 20.14 107.10 117.28
N ASP NA 331 19.01 107.72 116.93
CA ASP NA 331 17.90 107.04 116.26
C ASP NA 331 18.22 106.58 114.82
N ALA NA 332 18.95 107.38 114.02
CA ALA NA 332 19.41 106.99 112.69
C ALA NA 332 20.52 105.91 112.71
N LEU NA 333 21.42 105.95 113.70
CA LEU NA 333 22.44 104.90 113.87
C LEU NA 333 21.84 103.59 114.42
N LYS NA 334 20.73 103.64 115.17
CA LYS NA 334 19.92 102.43 115.43
C LYS NA 334 19.16 101.95 114.20
N GLY NA 335 18.64 102.85 113.36
CA GLY NA 335 18.01 102.47 112.08
C GLY NA 335 18.98 101.80 111.11
N THR NA 336 20.25 102.21 111.16
CA THR NA 336 21.38 101.54 110.49
C THR NA 336 21.61 100.13 111.05
N ASN NA 337 21.71 99.99 112.38
CA ASN NA 337 21.89 98.67 113.02
C ASN NA 337 20.70 97.72 112.80
N GLU NA 338 19.46 98.21 112.89
CA GLU NA 338 18.26 97.42 112.61
C GLU NA 338 18.20 96.98 111.15
N SER NA 339 18.74 97.75 110.20
CA SER NA 339 18.79 97.36 108.78
C SER NA 339 19.75 96.19 108.56
N LEU NA 340 20.91 96.21 109.22
CA LEU NA 340 21.87 95.10 109.24
C LEU NA 340 21.36 93.86 110.00
N GLU NA 341 20.75 94.05 111.17
CA GLU NA 341 20.17 92.96 111.98
C GLU NA 341 18.97 92.29 111.29
N ARG NA 342 18.24 93.01 110.42
CA ARG NA 342 17.22 92.45 109.53
C ARG NA 342 17.83 91.75 108.31
N GLN NA 343 18.82 92.35 107.64
CA GLN NA 343 19.51 91.75 106.49
C GLN NA 343 20.17 90.41 106.85
N MET NA 344 20.76 90.32 108.04
CA MET NA 344 21.35 89.08 108.55
C MET NA 344 20.31 87.95 108.64
N ARG NA 345 19.05 88.27 108.97
CA ARG NA 345 17.93 87.32 108.98
C ARG NA 345 17.34 87.07 107.60
N GLU NA 346 17.29 88.08 106.73
CA GLU NA 346 16.81 87.91 105.35
C GLU NA 346 17.74 87.01 104.51
N MET NA 347 19.06 87.13 104.67
CA MET NA 347 20.00 86.20 104.04
C MET NA 347 19.95 84.80 104.69
N GLU NA 348 19.77 84.70 106.01
CA GLU NA 348 19.63 83.42 106.73
C GLU NA 348 18.35 82.67 106.31
N GLU NA 349 17.26 83.40 106.07
CA GLU NA 349 16.01 82.88 105.52
C GLU NA 349 16.13 82.50 104.03
N ASN NA 350 16.81 83.30 103.20
CA ASN NA 350 17.10 82.96 101.80
C ASN NA 350 18.00 81.71 101.66
N PHE NA 351 19.02 81.56 102.52
CA PHE NA 351 19.81 80.32 102.58
C PHE NA 351 18.95 79.13 103.05
N ALA NA 352 18.20 79.27 104.14
CA ALA NA 352 17.49 78.16 104.77
C ALA NA 352 16.26 77.67 103.98
N VAL NA 353 15.47 78.58 103.42
CA VAL NA 353 14.23 78.27 102.67
C VAL NA 353 14.55 77.57 101.35
N GLU NA 354 15.52 78.08 100.58
CA GLU NA 354 15.91 77.43 99.33
C GLU NA 354 16.77 76.19 99.55
N ALA NA 355 17.53 76.09 100.65
CA ALA NA 355 18.12 74.81 101.06
C ALA NA 355 17.06 73.75 101.40
N ALA NA 356 15.92 74.13 102.00
CA ALA NA 356 14.81 73.21 102.26
C ALA NA 356 14.03 72.81 100.98
N ASN NA 357 13.82 73.75 100.06
CA ASN NA 357 13.19 73.48 98.75
C ASN NA 357 14.04 72.52 97.88
N TYR NA 358 15.36 72.73 97.87
CA TYR NA 358 16.29 71.84 97.19
C TYR NA 358 16.60 70.55 97.98
N GLN NA 359 16.40 70.48 99.31
CA GLN NA 359 16.62 69.24 100.07
C GLN NA 359 15.73 68.10 99.58
N ASP NA 360 14.41 68.32 99.48
CA ASP NA 360 13.50 67.30 98.98
C ASP NA 360 13.69 67.03 97.48
N THR NA 361 14.11 68.02 96.69
CA THR NA 361 14.32 67.85 95.24
C THR NA 361 15.57 66.99 94.94
N ILE NA 362 16.69 67.32 95.61
CA ILE NA 362 17.94 66.54 95.59
C ILE NA 362 17.72 65.14 96.20
N GLY NA 363 16.93 65.04 97.26
CA GLY NA 363 16.63 63.79 97.96
C GLY NA 363 15.80 62.84 97.10
N ARG NA 364 14.71 63.33 96.51
CA ARG NA 364 13.86 62.56 95.59
C ARG NA 364 14.61 62.14 94.32
N LEU NA 365 15.48 62.99 93.78
CA LEU NA 365 16.32 62.62 92.63
C LEU NA 365 17.43 61.61 92.99
N GLN NA 366 17.93 61.60 94.23
CA GLN NA 366 18.80 60.51 94.72
C GLN NA 366 18.05 59.19 94.95
N ASP NA 367 16.79 59.24 95.40
CA ASP NA 367 15.93 58.05 95.47
C ASP NA 367 15.47 57.55 94.09
N GLU NA 368 15.30 58.42 93.08
CA GLU NA 368 15.07 57.96 91.70
C GLU NA 368 16.32 57.34 91.03
N ILE NA 369 17.54 57.74 91.40
CA ILE NA 369 18.77 56.98 91.04
C ILE NA 369 18.77 55.55 91.65
N GLN NA 370 18.16 55.37 92.83
CA GLN NA 370 18.09 54.07 93.51
C GLN NA 370 16.91 53.21 92.99
N ASN NA 371 15.73 53.81 92.84
CA ASN NA 371 14.55 53.20 92.22
C ASN NA 371 14.81 52.81 90.77
N MET NA 372 15.63 53.56 90.03
CA MET NA 372 16.09 53.20 88.70
C MET NA 372 17.03 51.99 88.68
N LYS NA 373 17.96 51.86 89.65
CA LYS NA 373 18.82 50.67 89.77
C LYS NA 373 18.01 49.41 90.08
N GLU NA 374 16.98 49.53 90.89
CA GLU NA 374 16.07 48.42 91.24
C GLU NA 374 15.01 48.14 90.16
N GLU NA 375 14.59 49.14 89.39
CA GLU NA 375 13.77 48.96 88.19
C GLU NA 375 14.56 48.27 87.07
N MET NA 376 15.84 48.58 86.95
CA MET NA 376 16.79 47.84 86.12
C MET NA 376 17.08 46.43 86.67
N ALA NA 377 17.09 46.21 87.98
CA ALA NA 377 17.14 44.87 88.56
C ALA NA 377 15.85 44.05 88.32
N ARG NA 378 14.69 44.72 88.21
CA ARG NA 378 13.42 44.12 87.76
C ARG NA 378 13.40 43.86 86.25
N HIS NA 379 14.02 44.70 85.42
CA HIS NA 379 14.14 44.47 83.97
C HIS NA 379 15.08 43.31 83.63
N LEU NA 380 16.08 43.05 84.47
CA LEU NA 380 16.88 41.80 84.44
C LEU NA 380 16.08 40.53 84.82
N ARG NA 381 14.89 40.65 85.42
CA ARG NA 381 13.95 39.53 85.65
C ARG NA 381 12.88 39.41 84.56
N GLU NA 382 12.40 40.53 84.04
CA GLU NA 382 11.57 40.57 82.83
C GLU NA 382 12.29 39.97 81.61
N TYR NA 383 13.57 40.32 81.43
CA TYR NA 383 14.46 39.66 80.47
C TYR NA 383 14.85 38.23 80.82
N GLN NA 384 14.82 37.80 82.09
CA GLN NA 384 14.97 36.38 82.43
C GLN NA 384 13.75 35.56 81.97
N ASP NA 385 12.54 36.11 82.11
CA ASP NA 385 11.31 35.45 81.69
C ASP NA 385 11.08 35.49 80.17
N LEU NA 386 11.53 36.56 79.50
CA LEU NA 386 11.71 36.57 78.04
C LEU NA 386 12.80 35.59 77.58
N LEU NA 387 13.90 35.45 78.34
CA LEU NA 387 14.99 34.51 78.01
C LEU NA 387 14.56 33.05 78.14
N ASN NA 388 13.59 32.72 79.00
CA ASN NA 388 12.96 31.38 79.02
C ASN NA 388 12.28 31.06 77.67
N VAL NA 389 11.58 32.02 77.07
CA VAL NA 389 10.96 31.88 75.75
C VAL NA 389 11.99 31.89 74.61
N LYS NA 390 13.04 32.73 74.70
CA LYS NA 390 14.14 32.74 73.73
C LYS NA 390 14.92 31.42 73.72
N MET NA 391 15.23 30.84 74.89
CA MET NA 391 15.86 29.52 74.99
C MET NA 391 14.95 28.39 74.49
N ALA NA 392 13.62 28.53 74.55
CA ALA NA 392 12.70 27.60 73.90
C ALA NA 392 12.78 27.68 72.36
N LEU NA 393 12.85 28.89 71.78
CA LEU NA 393 13.13 29.08 70.35
C LEU NA 393 14.51 28.56 69.93
N ASP NA 394 15.52 28.66 70.80
CA ASP NA 394 16.86 28.15 70.54
C ASP NA 394 16.94 26.61 70.59
N ILE NA 395 16.09 25.98 71.42
CA ILE NA 395 15.84 24.53 71.42
C ILE NA 395 15.03 24.11 70.19
N GLU NA 396 14.07 24.92 69.72
CA GLU NA 396 13.36 24.70 68.45
C GLU NA 396 14.28 24.85 67.24
N ILE NA 397 15.29 25.72 67.26
CA ILE NA 397 16.35 25.82 66.24
C ILE NA 397 17.28 24.60 66.28
N ALA NA 398 17.68 24.16 67.48
CA ALA NA 398 18.47 22.93 67.67
C ALA NA 398 17.72 21.64 67.24
N THR NA 399 16.38 21.71 67.26
CA THR NA 399 15.45 20.67 66.78
C THR NA 399 15.19 20.76 65.27
N TYR NA 400 15.07 21.97 64.72
CA TYR NA 400 14.94 22.25 63.29
C TYR NA 400 16.16 21.76 62.50
N ARG NA 401 17.35 21.90 63.10
CA ARG NA 401 18.58 21.22 62.65
C ARG NA 401 18.38 19.71 62.50
N LYS NA 402 17.81 19.02 63.50
CA LYS NA 402 17.60 17.56 63.45
C LYS NA 402 16.49 17.15 62.48
N LEU NA 403 15.51 18.03 62.24
CA LEU NA 403 14.46 17.83 61.23
C LEU NA 403 15.00 17.99 59.80
N LEU NA 404 15.83 19.00 59.55
CA LEU NA 404 16.57 19.20 58.29
C LEU NA 404 17.55 18.04 58.01
N GLU NA 405 18.27 17.61 59.05
CA GLU NA 405 19.13 16.43 59.06
C GLU NA 405 18.37 15.13 58.74
N GLY NA 406 17.15 14.98 59.26
CA GLY NA 406 16.31 13.82 59.01
C GLY NA 406 15.62 13.81 57.64
N GLU NA 407 15.22 14.97 57.11
CA GLU NA 407 14.44 15.05 55.86
C GLU NA 407 15.32 14.95 54.61
N GLU NA 408 16.47 15.62 54.59
CA GLU NA 408 17.46 15.47 53.51
C GLU NA 408 18.12 14.08 53.51
N SER NA 409 18.16 13.41 54.66
CA SER NA 409 18.55 11.99 54.77
C SER NA 409 17.51 11.03 54.18
N ARG NA 410 16.20 11.34 54.26
CA ARG NA 410 15.14 10.61 53.51
C ARG NA 410 15.28 10.79 52.00
N ILE NA 411 15.86 11.91 51.56
CA ILE NA 411 16.13 12.23 50.15
C ILE NA 411 17.46 11.61 49.65
N SER NA 412 18.32 11.12 50.56
CA SER NA 412 19.69 10.66 50.23
C SER NA 412 19.97 9.20 50.68
N LEU NA 413 20.25 8.33 49.71
CA LEU NA 413 19.46 7.10 49.54
C LEU NA 413 20.34 5.88 49.13
N PRO NA 414 19.87 4.62 49.27
CA PRO NA 414 20.71 3.42 49.22
C PRO NA 414 21.06 2.91 47.80
N LEU NA 415 21.89 1.87 47.77
CA LEU NA 415 22.11 0.96 46.63
C LEU NA 415 20.79 0.36 46.08
N PRO NA 416 20.80 -0.25 44.87
CA PRO NA 416 21.93 -0.41 43.96
C PRO NA 416 21.86 0.52 42.73
N ASN NA 417 23.02 1.08 42.37
CA ASN NA 417 23.29 1.45 40.99
C ASN NA 417 23.48 0.16 40.17
N PHE NA 418 22.49 -0.18 39.36
CA PHE NA 418 22.04 -1.56 39.15
C PHE NA 418 23.07 -2.56 38.63
N SER NA 419 24.09 -2.10 37.88
CA SER NA 419 24.75 -2.89 36.84
C SER NA 419 26.29 -2.92 36.97
N SER NA 420 27.01 -2.84 35.83
CA SER NA 420 27.88 -3.93 35.35
C SER NA 420 27.08 -5.21 35.00
N LEU NA 421 27.57 -5.97 34.02
CA LEU NA 421 26.93 -7.17 33.49
C LEU NA 421 27.97 -8.14 32.93
N ASN NA 422 28.00 -9.37 33.46
CA ASN NA 422 28.39 -10.55 32.71
C ASN NA 422 27.19 -11.50 32.65
N LEU NA 423 26.46 -11.43 31.55
CA LEU NA 423 25.66 -12.53 31.02
C LEU NA 423 26.23 -12.83 29.64
N ARG NA 424 26.94 -13.95 29.53
CA ARG NA 424 27.50 -14.46 28.26
C ARG NA 424 27.73 -15.96 28.39
N GLU NA 425 27.92 -16.62 27.26
CA GLU NA 425 27.99 -18.07 27.22
C GLU NA 425 29.44 -18.49 26.87
N THR NA 426 30.37 -18.35 27.83
CA THR NA 426 31.83 -18.49 27.58
C THR NA 426 32.25 -19.93 27.23
N ASN NA 427 31.58 -20.90 27.83
CA ASN NA 427 31.68 -22.33 27.48
C ASN NA 427 30.33 -23.06 27.66
N LEU NA 428 29.27 -22.30 27.99
CA LEU NA 428 27.86 -22.71 27.92
C LEU NA 428 27.38 -22.75 26.45
N ASP NA 429 27.82 -21.79 25.64
CA ASP NA 429 28.01 -21.91 24.18
C ASP NA 429 29.49 -22.23 23.90
N SER NA 430 29.76 -22.97 22.83
CA SER NA 430 30.42 -24.28 22.93
C SER NA 430 29.50 -25.33 23.58
N LEU NA 431 28.22 -25.34 23.18
CA LEU NA 431 27.06 -26.05 23.77
C LEU NA 431 27.25 -27.61 23.81
N PRO NA 432 26.19 -28.47 23.92
CA PRO NA 432 26.30 -29.88 23.49
C PRO NA 432 26.29 -30.00 21.95
N LEU NA 433 26.82 -28.98 21.27
CA LEU NA 433 27.19 -28.92 19.87
C LEU NA 433 28.55 -29.63 19.71
N VAL NA 434 28.63 -30.67 18.88
CA VAL NA 434 29.88 -31.46 18.76
C VAL NA 434 30.90 -30.86 17.77
N ASP NA 435 30.42 -30.06 16.81
CA ASP NA 435 31.17 -29.44 15.71
C ASP NA 435 30.36 -28.29 15.05
N THR NA 436 29.02 -28.30 14.86
CA THR NA 436 27.98 -29.36 15.01
C THR NA 436 28.18 -30.53 14.04
N HIS NA 437 28.53 -31.70 14.60
CA HIS NA 437 28.79 -32.98 13.92
C HIS NA 437 29.38 -33.95 14.94
N SER NA 438 28.63 -35.01 15.26
CA SER NA 438 28.99 -36.09 16.22
C SER NA 438 30.22 -36.96 15.86
N LYS NA 439 31.12 -36.47 14.99
CA LYS NA 439 32.14 -37.26 14.28
C LYS NA 439 31.49 -38.52 13.65
N ARG NA 440 30.27 -38.34 13.10
CA ARG NA 440 29.27 -39.39 12.81
C ARG NA 440 29.72 -40.26 11.64
N THR NA 441 30.70 -41.11 11.90
CA THR NA 441 31.35 -41.95 10.88
C THR NA 441 30.47 -43.14 10.49
N LEU NA 442 29.42 -42.87 9.70
CA LEU NA 442 28.51 -43.87 9.14
C LEU NA 442 29.23 -44.76 8.11
N LEU NA 443 29.82 -45.86 8.60
CA LEU NA 443 30.46 -46.91 7.81
C LEU NA 443 29.42 -47.94 7.35
N ILE NA 444 28.78 -47.70 6.20
CA ILE NA 444 27.85 -48.65 5.58
C ILE NA 444 28.63 -49.78 4.91
N LYS NA 445 29.06 -50.75 5.72
CA LYS NA 445 29.72 -52.00 5.29
C LYS NA 445 28.69 -52.97 4.71
N THR NA 446 28.38 -52.80 3.42
CA THR NA 446 27.44 -53.68 2.70
C THR NA 446 28.14 -54.98 2.34
N VAL NA 447 27.90 -56.03 3.15
CA VAL NA 447 28.42 -57.39 2.92
C VAL NA 447 27.41 -58.17 2.08
N GLU NA 448 27.59 -58.14 0.77
CA GLU NA 448 26.76 -58.89 -0.17
C GLU NA 448 27.26 -60.34 -0.29
N THR NA 449 26.54 -61.24 0.39
CA THR NA 449 26.80 -62.67 0.40
C THR NA 449 25.80 -63.42 -0.49
N ARG NA 450 26.28 -64.42 -1.24
CA ARG NA 450 25.46 -65.33 -2.05
C ARG NA 450 25.88 -66.76 -1.77
N ASP NA 451 24.93 -67.67 -1.64
CA ASP NA 451 25.16 -69.10 -1.37
C ASP NA 451 25.99 -69.39 -0.08
N GLY NA 452 26.06 -68.41 0.83
CA GLY NA 452 26.85 -68.44 2.06
C GLY NA 452 28.26 -67.84 1.95
N GLN NA 453 28.74 -67.50 0.74
CA GLN NA 453 30.04 -66.86 0.50
C GLN NA 453 29.91 -65.34 0.25
N VAL NA 454 30.84 -64.52 0.77
CA VAL NA 454 30.96 -63.10 0.39
C VAL NA 454 31.32 -62.98 -1.09
N ILE NA 455 30.50 -62.26 -1.85
CA ILE NA 455 30.73 -61.94 -3.27
C ILE NA 455 31.14 -60.47 -3.46
N ASN NA 456 30.71 -59.58 -2.56
CA ASN NA 456 31.07 -58.17 -2.56
C ASN NA 456 31.05 -57.59 -1.13
N GLU NA 457 32.04 -56.76 -0.79
CA GLU NA 457 32.13 -56.06 0.49
C GLU NA 457 32.34 -54.55 0.28
N THR NA 458 31.25 -53.84 -0.06
CA THR NA 458 31.30 -52.39 -0.30
C THR NA 458 31.18 -51.62 1.02
N SER NA 459 32.30 -51.14 1.55
CA SER NA 459 32.38 -50.34 2.79
C SER NA 459 32.28 -48.83 2.56
N GLN NA 460 31.08 -48.33 2.26
CA GLN NA 460 30.87 -46.90 1.97
C GLN NA 460 30.86 -46.05 3.26
N HIS NA 461 31.90 -45.24 3.48
CA HIS NA 461 31.94 -44.20 4.53
C HIS NA 461 31.11 -42.99 4.11
N HIS NA 462 30.18 -42.56 4.96
CA HIS NA 462 29.74 -41.18 5.09
C HIS NA 462 30.20 -40.58 6.42
N ASP NA 463 30.53 -39.30 6.44
CA ASP NA 463 30.90 -38.56 7.66
C ASP NA 463 29.95 -37.38 7.87
N ASP NA 464 28.66 -37.70 7.69
CA ASP NA 464 27.58 -36.73 7.61
C ASP NA 464 27.50 -35.91 8.89
N LEU NA 465 27.22 -34.61 8.76
CA LEU NA 465 27.13 -33.69 9.90
C LEU NA 465 25.88 -34.03 10.75
N GLU NA 466 25.99 -33.78 12.06
CA GLU NA 466 25.04 -34.16 13.12
C GLU NA 466 25.13 -33.22 14.33
N ALA OA 302 -38.08 130.20 94.05
CA ALA OA 302 -37.53 129.80 92.75
C ALA OA 302 -36.58 128.59 92.85
N ASN OA 303 -35.74 128.51 93.89
CA ASN OA 303 -34.88 127.35 94.16
C ASN OA 303 -35.70 126.09 94.52
N ARG OA 304 -36.65 126.19 95.45
CA ARG OA 304 -37.44 125.05 95.94
C ARG OA 304 -38.34 124.44 94.86
N ASN OA 305 -38.99 125.27 94.03
CA ASN OA 305 -39.77 124.77 92.90
C ASN OA 305 -38.88 124.24 91.76
N ASN OA 306 -37.68 124.80 91.56
CA ASN OA 306 -36.66 124.20 90.71
C ASN OA 306 -36.22 122.81 91.21
N ASP OA 307 -35.92 122.65 92.48
CA ASP OA 307 -35.50 121.35 93.02
C ASP OA 307 -36.64 120.33 93.07
N ALA OA 308 -37.89 120.77 93.19
CA ALA OA 308 -39.08 119.93 92.99
C ALA OA 308 -39.30 119.45 91.53
N LEU OA 309 -38.95 120.25 90.51
CA LEU OA 309 -39.00 119.83 89.10
C LEU OA 309 -37.73 119.09 88.64
N ARG OA 310 -36.58 119.34 89.28
CA ARG OA 310 -35.35 118.53 89.12
C ARG OA 310 -35.51 117.15 89.75
N GLN OA 311 -36.23 117.05 90.86
CA GLN OA 311 -36.62 115.79 91.51
C GLN OA 311 -37.55 114.95 90.60
N ALA OA 312 -38.55 115.57 89.96
CA ALA OA 312 -39.38 114.90 88.96
C ALA OA 312 -38.57 114.36 87.75
N LYS OA 313 -37.54 115.09 87.31
CA LYS OA 313 -36.58 114.58 86.30
C LYS OA 313 -35.69 113.44 86.83
N GLN OA 314 -35.32 113.44 88.11
CA GLN OA 314 -34.53 112.37 88.75
C GLN OA 314 -35.36 111.09 88.97
N GLU OA 315 -36.63 111.22 89.38
CA GLU OA 315 -37.61 110.13 89.45
C GLU OA 315 -37.89 109.54 88.06
N SER OA 316 -38.12 110.40 87.05
CA SER OA 316 -38.21 110.01 85.63
C SER OA 316 -36.93 109.38 85.06
N THR OA 317 -35.78 109.53 85.73
CA THR OA 317 -34.51 108.88 85.35
C THR OA 317 -34.28 107.56 86.11
N GLU OA 318 -34.81 107.41 87.32
CA GLU OA 318 -34.83 106.16 88.07
C GLU OA 318 -35.85 105.16 87.52
N TYR OA 319 -37.08 105.60 87.25
CA TYR OA 319 -38.07 104.78 86.53
C TYR OA 319 -37.59 104.42 85.11
N ARG OA 320 -36.81 105.27 84.44
CA ARG OA 320 -36.15 104.89 83.18
C ARG OA 320 -35.16 103.71 83.33
N ARG OA 321 -34.41 103.63 84.43
CA ARG OA 321 -33.54 102.48 84.72
C ARG OA 321 -34.34 101.22 85.04
N GLN OA 322 -35.45 101.35 85.76
CA GLN OA 322 -36.36 100.25 86.09
C GLN OA 322 -37.04 99.69 84.82
N VAL OA 323 -37.50 100.58 83.93
CA VAL OA 323 -37.98 100.27 82.58
C VAL OA 323 -36.94 99.50 81.80
N GLN OA 324 -35.71 100.02 81.70
CA GLN OA 324 -34.67 99.41 80.88
C GLN OA 324 -34.22 98.05 81.41
N SER OA 325 -34.16 97.88 82.74
CA SER OA 325 -33.79 96.61 83.38
C SER OA 325 -34.87 95.54 83.21
N LEU OA 326 -36.12 95.90 83.52
CA LEU OA 326 -37.29 95.03 83.39
C LEU OA 326 -37.62 94.69 81.92
N THR OA 327 -37.31 95.59 80.98
CA THR OA 327 -37.40 95.26 79.54
C THR OA 327 -36.42 94.16 79.17
N CYS OA 328 -35.13 94.27 79.58
CA CYS OA 328 -34.13 93.26 79.26
C CYS OA 328 -34.38 91.91 79.97
N GLU OA 329 -34.96 91.94 81.16
CA GLU OA 329 -35.33 90.76 81.95
C GLU OA 329 -36.47 89.96 81.29
N VAL OA 330 -37.54 90.65 80.87
CA VAL OA 330 -38.68 90.01 80.19
C VAL OA 330 -38.39 89.70 78.70
N ASP OA 331 -37.54 90.49 78.02
CA ASP OA 331 -36.99 90.11 76.71
C ASP OA 331 -36.14 88.82 76.78
N ALA OA 332 -35.41 88.60 77.87
CA ALA OA 332 -34.63 87.38 78.10
C ALA OA 332 -35.49 86.16 78.48
N LEU OA 333 -36.58 86.35 79.24
CA LEU OA 333 -37.55 85.29 79.54
C LEU OA 333 -38.39 84.90 78.32
N LYS OA 334 -38.79 85.87 77.49
CA LYS OA 334 -39.35 85.63 76.15
C LYS OA 334 -38.37 84.93 75.22
N GLY OA 335 -37.11 85.34 75.19
CA GLY OA 335 -36.05 84.65 74.44
C GLY OA 335 -35.71 83.25 74.95
N THR OA 336 -36.00 82.97 76.23
CA THR OA 336 -35.92 81.62 76.81
C THR OA 336 -37.11 80.75 76.40
N ASN OA 337 -38.32 81.31 76.35
CA ASN OA 337 -39.51 80.61 75.85
C ASN OA 337 -39.44 80.29 74.35
N GLU OA 338 -38.94 81.21 73.52
CA GLU OA 338 -38.59 80.93 72.12
C GLU OA 338 -37.45 79.89 71.98
N SER OA 339 -36.54 79.82 72.94
CA SER OA 339 -35.48 78.81 72.94
C SER OA 339 -36.01 77.42 73.30
N LEU OA 340 -37.00 77.32 74.19
CA LEU OA 340 -37.72 76.08 74.46
C LEU OA 340 -38.58 75.66 73.27
N GLU OA 341 -39.27 76.59 72.62
CA GLU OA 341 -40.02 76.39 71.36
C GLU OA 341 -39.13 75.80 70.25
N ARG OA 342 -37.90 76.32 70.10
CA ARG OA 342 -36.93 75.83 69.11
C ARG OA 342 -36.29 74.49 69.46
N GLN OA 343 -36.05 74.21 70.74
CA GLN OA 343 -35.58 72.91 71.21
C GLN OA 343 -36.66 71.83 71.10
N MET OA 344 -37.92 72.19 71.36
CA MET OA 344 -39.08 71.32 71.14
C MET OA 344 -39.21 70.95 69.67
N ARG OA 345 -39.07 71.91 68.75
CA ARG OA 345 -39.00 71.63 67.31
C ARG OA 345 -37.89 70.63 66.96
N GLU OA 346 -36.66 70.80 67.44
CA GLU OA 346 -35.56 69.90 67.09
C GLU OA 346 -35.66 68.51 67.75
N MET OA 347 -36.42 68.36 68.84
CA MET OA 347 -36.84 67.05 69.36
C MET OA 347 -38.02 66.46 68.59
N GLU OA 348 -38.97 67.29 68.17
CA GLU OA 348 -40.17 66.94 67.41
C GLU OA 348 -39.86 66.48 65.98
N GLU OA 349 -38.87 67.10 65.33
CA GLU OA 349 -38.28 66.68 64.06
C GLU OA 349 -37.60 65.29 64.18
N ASN OA 350 -36.95 64.99 65.31
CA ASN OA 350 -36.46 63.64 65.59
C ASN OA 350 -37.62 62.65 65.83
N PHE OA 351 -38.65 63.01 66.60
CA PHE OA 351 -39.77 62.11 66.92
C PHE OA 351 -40.59 61.71 65.68
N ALA OA 352 -40.81 62.64 64.73
CA ALA OA 352 -41.48 62.34 63.47
C ALA OA 352 -40.65 61.37 62.59
N VAL OA 353 -39.32 61.56 62.56
CA VAL OA 353 -38.37 60.68 61.86
C VAL OA 353 -38.20 59.32 62.53
N GLU OA 354 -38.18 59.23 63.85
CA GLU OA 354 -38.13 57.96 64.60
C GLU OA 354 -39.42 57.14 64.42
N ALA OA 355 -40.59 57.78 64.40
CA ALA OA 355 -41.87 57.14 64.11
C ALA OA 355 -41.92 56.54 62.70
N ALA OA 356 -41.51 57.31 61.68
CA ALA OA 356 -41.46 56.86 60.29
C ALA OA 356 -40.45 55.71 60.07
N ASN OA 357 -39.23 55.83 60.62
CA ASN OA 357 -38.23 54.76 60.56
C ASN OA 357 -38.69 53.48 61.27
N TYR OA 358 -39.35 53.58 62.42
CA TYR OA 358 -39.89 52.43 63.14
C TYR OA 358 -40.98 51.72 62.34
N GLN OA 359 -41.95 52.48 61.80
CA GLN OA 359 -43.07 51.91 61.05
C GLN OA 359 -42.63 51.24 59.74
N ASP OA 360 -41.69 51.86 59.01
CA ASP OA 360 -41.08 51.26 57.82
C ASP OA 360 -40.28 50.00 58.14
N THR OA 361 -39.48 50.02 59.22
CA THR OA 361 -38.71 48.86 59.67
C THR OA 361 -39.61 47.67 60.01
N ILE OA 362 -40.74 47.91 60.68
CA ILE OA 362 -41.70 46.85 61.03
C ILE OA 362 -42.38 46.28 59.77
N GLY OA 363 -42.90 47.14 58.88
CA GLY OA 363 -43.61 46.68 57.68
C GLY OA 363 -42.71 45.96 56.66
N ARG OA 364 -41.52 46.51 56.42
CA ARG OA 364 -40.48 45.92 55.56
C ARG OA 364 -39.99 44.57 56.07
N LEU OA 365 -39.78 44.44 57.38
CA LEU OA 365 -39.44 43.18 58.04
C LEU OA 365 -40.57 42.13 57.93
N GLN OA 366 -41.83 42.55 58.03
CA GLN OA 366 -42.97 41.67 57.86
C GLN OA 366 -43.07 41.13 56.42
N ASP OA 367 -42.84 41.96 55.40
CA ASP OA 367 -42.80 41.53 53.99
C ASP OA 367 -41.63 40.58 53.68
N GLU OA 368 -40.42 40.88 54.17
CA GLU OA 368 -39.26 39.99 54.05
C GLU OA 368 -39.51 38.61 54.67
N ILE OA 369 -40.25 38.55 55.80
CA ILE OA 369 -40.70 37.32 56.43
C ILE OA 369 -41.75 36.57 55.59
N GLN OA 370 -42.65 37.24 54.87
CA GLN OA 370 -43.63 36.58 54.00
C GLN OA 370 -43.01 36.08 52.68
N ASN OA 371 -42.09 36.86 52.07
CA ASN OA 371 -41.39 36.49 50.84
C ASN OA 371 -40.62 35.16 50.97
N MET OA 372 -39.91 34.97 52.09
CA MET OA 372 -39.23 33.71 52.40
C MET OA 372 -40.20 32.51 52.54
N LYS OA 373 -41.41 32.73 53.08
CA LYS OA 373 -42.41 31.67 53.25
C LYS OA 373 -43.06 31.24 51.94
N GLU OA 374 -43.28 32.14 50.99
CA GLU OA 374 -43.86 31.81 49.67
C GLU OA 374 -42.90 30.96 48.83
N GLU OA 375 -41.63 31.38 48.82
CA GLU OA 375 -40.51 30.63 48.25
C GLU OA 375 -40.36 29.24 48.87
N MET OA 376 -40.42 29.13 50.21
CA MET OA 376 -40.43 27.83 50.89
C MET OA 376 -41.69 27.02 50.56
N ALA OA 377 -42.88 27.61 50.56
CA ALA OA 377 -44.15 26.92 50.33
C ALA OA 377 -44.24 26.28 48.93
N ARG OA 378 -43.60 26.88 47.92
CA ARG OA 378 -43.41 26.27 46.60
C ARG OA 378 -42.44 25.09 46.63
N HIS OA 379 -41.25 25.30 47.21
CA HIS OA 379 -40.21 24.26 47.35
C HIS OA 379 -40.67 23.00 48.11
N LEU OA 380 -41.62 23.12 49.04
CA LEU OA 380 -42.24 21.98 49.72
C LEU OA 380 -42.96 21.00 48.77
N ARG OA 381 -43.56 21.47 47.67
CA ARG OA 381 -44.15 20.59 46.63
C ARG OA 381 -43.25 20.34 45.43
N GLU OA 382 -42.27 21.20 45.14
CA GLU OA 382 -41.20 20.84 44.18
C GLU OA 382 -40.49 19.53 44.59
N TYR OA 383 -40.29 19.31 45.89
CA TYR OA 383 -39.81 18.01 46.40
C TYR OA 383 -40.89 16.90 46.48
N GLN OA 384 -42.16 17.24 46.70
CA GLN OA 384 -43.25 16.24 46.68
C GLN OA 384 -43.47 15.64 45.28
N ASP OA 385 -43.32 16.43 44.22
CA ASP OA 385 -43.37 15.95 42.84
C ASP OA 385 -42.12 15.15 42.43
N LEU OA 386 -40.96 15.44 43.03
CA LEU OA 386 -39.79 14.55 42.94
C LEU OA 386 -39.96 13.23 43.74
N LEU OA 387 -40.76 13.21 44.80
CA LEU OA 387 -41.20 11.97 45.45
C LEU OA 387 -42.26 11.20 44.61
N ASN OA 388 -43.09 11.89 43.82
CA ASN OA 388 -43.96 11.25 42.82
C ASN OA 388 -43.16 10.61 41.66
N VAL OA 389 -42.07 11.25 41.23
CA VAL OA 389 -41.10 10.65 40.28
C VAL OA 389 -40.41 9.43 40.89
N LYS OA 390 -40.03 9.48 42.17
CA LYS OA 390 -39.48 8.31 42.90
C LYS OA 390 -40.52 7.18 43.07
N MET OA 391 -41.80 7.48 43.21
CA MET OA 391 -42.87 6.49 43.25
C MET OA 391 -43.07 5.78 41.91
N ALA OA 392 -42.86 6.47 40.79
CA ALA OA 392 -42.82 5.83 39.47
C ALA OA 392 -41.59 4.89 39.30
N LEU OA 393 -40.44 5.26 39.88
CA LEU OA 393 -39.29 4.34 39.98
C LEU OA 393 -39.56 3.11 40.88
N ASP OA 394 -40.49 3.18 41.84
CA ASP OA 394 -40.92 1.99 42.60
C ASP OA 394 -41.87 1.07 41.79
N ILE OA 395 -42.59 1.61 40.80
CA ILE OA 395 -43.32 0.81 39.80
C ILE OA 395 -42.34 0.09 38.85
N GLU OA 396 -41.20 0.70 38.53
CA GLU OA 396 -40.10 0.05 37.81
C GLU OA 396 -39.41 -1.05 38.65
N ILE OA 397 -39.16 -0.80 39.95
CA ILE OA 397 -38.64 -1.82 40.90
C ILE OA 397 -39.62 -2.99 41.07
N ALA OA 398 -40.93 -2.72 41.13
CA ALA OA 398 -41.97 -3.74 41.17
C ALA OA 398 -42.09 -4.52 39.86
N THR OA 399 -41.80 -3.88 38.73
CA THR OA 399 -41.75 -4.50 37.40
C THR OA 399 -40.50 -5.35 37.19
N TYR OA 400 -39.36 -5.01 37.81
CA TYR OA 400 -38.13 -5.80 37.70
C TYR OA 400 -38.24 -7.20 38.35
N ARG OA 401 -39.14 -7.41 39.32
CA ARG OA 401 -39.46 -8.77 39.82
C ARG OA 401 -40.16 -9.64 38.77
N LYS OA 402 -41.04 -9.06 37.97
CA LYS OA 402 -41.63 -9.70 36.78
C LYS OA 402 -40.64 -9.86 35.63
N LEU OA 403 -39.54 -9.10 35.61
CA LEU OA 403 -38.42 -9.34 34.72
C LEU OA 403 -37.61 -10.57 35.14
N LEU OA 404 -37.39 -10.81 36.44
CA LEU OA 404 -36.75 -12.05 36.92
C LEU OA 404 -37.62 -13.30 36.68
N GLU OA 405 -38.92 -13.23 36.96
CA GLU OA 405 -39.91 -14.28 36.60
C GLU OA 405 -39.96 -14.50 35.06
N GLY OA 406 -39.75 -13.41 34.31
CA GLY OA 406 -39.68 -13.42 32.85
C GLY OA 406 -38.37 -13.98 32.29
N GLU OA 407 -37.23 -13.79 32.94
CA GLU OA 407 -35.91 -14.33 32.55
C GLU OA 407 -35.83 -15.84 32.80
N GLU OA 408 -36.37 -16.31 33.94
CA GLU OA 408 -36.54 -17.74 34.25
C GLU OA 408 -37.46 -18.44 33.23
N SER OA 409 -38.45 -17.72 32.71
CA SER OA 409 -39.31 -18.18 31.60
C SER OA 409 -38.63 -18.05 30.22
N ARG OA 410 -37.85 -16.99 29.99
CA ARG OA 410 -37.24 -16.61 28.70
C ARG OA 410 -36.25 -17.65 28.22
N ILE OA 411 -35.42 -18.16 29.13
CA ILE OA 411 -34.40 -19.15 28.78
C ILE OA 411 -35.03 -20.44 28.23
N SER OA 412 -36.30 -20.75 28.54
CA SER OA 412 -36.97 -22.01 28.15
C SER OA 412 -36.38 -23.28 28.82
N LEU OA 413 -35.25 -23.10 29.51
CA LEU OA 413 -34.00 -23.86 29.36
C LEU OA 413 -33.97 -24.84 28.14
N PRO OA 414 -33.83 -24.28 26.91
CA PRO OA 414 -34.16 -24.97 25.66
C PRO OA 414 -35.24 -26.07 25.75
N LEU OA 415 -35.20 -27.11 24.90
CA LEU OA 415 -35.81 -28.39 25.27
C LEU OA 415 -34.96 -29.59 24.82
N PRO OA 416 -33.75 -29.76 25.40
CA PRO OA 416 -32.75 -30.72 24.95
C PRO OA 416 -33.04 -32.14 25.46
N ASN OA 417 -34.29 -32.61 25.35
CA ASN OA 417 -34.70 -33.98 25.70
C ASN OA 417 -34.27 -35.02 24.64
N PHE OA 418 -33.06 -34.86 24.11
CA PHE OA 418 -32.47 -35.73 23.10
C PHE OA 418 -32.16 -37.13 23.66
N SER OA 419 -31.68 -38.03 22.80
CA SER OA 419 -31.81 -39.49 22.94
C SER OA 419 -33.21 -40.04 22.61
N SER OA 420 -34.15 -39.16 22.21
CA SER OA 420 -35.29 -39.52 21.34
C SER OA 420 -34.84 -39.68 19.87
N LEU OA 421 -33.91 -38.79 19.45
CA LEU OA 421 -32.85 -39.07 18.47
C LEU OA 421 -31.52 -38.78 19.21
N ASN OA 422 -30.58 -39.72 19.39
CA ASN OA 422 -30.61 -41.15 19.07
C ASN OA 422 -30.76 -41.49 17.58
N LEU OA 423 -29.69 -41.26 16.82
CA LEU OA 423 -29.61 -41.64 15.42
C LEU OA 423 -29.47 -43.16 15.39
N ARG OA 424 -30.64 -43.76 15.19
CA ARG OA 424 -31.06 -45.02 15.83
C ARG OA 424 -30.01 -46.14 15.64
N GLU OA 425 -29.96 -47.19 16.47
CA GLU OA 425 -31.08 -48.00 16.95
C GLU OA 425 -31.99 -48.56 15.81
N THR OA 426 -31.49 -48.42 14.57
CA THR OA 426 -31.56 -49.40 13.48
C THR OA 426 -30.42 -50.40 13.71
N ASN OA 427 -30.79 -51.41 14.49
CA ASN OA 427 -30.41 -51.56 15.91
C ASN OA 427 -28.99 -52.16 16.12
N LEU OA 428 -28.67 -52.48 17.38
CA LEU OA 428 -27.53 -53.32 17.73
C LEU OA 428 -27.57 -54.68 16.99
N ASP OA 429 -28.77 -55.13 16.60
CA ASP OA 429 -29.02 -56.21 15.64
C ASP OA 429 -28.20 -57.48 15.91
N SER OA 430 -28.38 -57.98 17.14
CA SER OA 430 -28.31 -59.41 17.46
C SER OA 430 -29.55 -60.17 16.92
N LEU OA 431 -29.94 -59.91 15.67
CA LEU OA 431 -31.13 -60.48 15.04
C LEU OA 431 -30.96 -62.00 14.78
N PRO OA 432 -32.07 -62.74 14.54
CA PRO OA 432 -32.03 -64.19 14.28
C PRO OA 432 -31.65 -64.55 12.82
N LEU OA 433 -30.90 -63.69 12.10
CA LEU OA 433 -30.49 -63.95 10.70
C LEU OA 433 -29.25 -64.86 10.67
N VAL OA 434 -29.38 -66.09 11.17
CA VAL OA 434 -28.24 -67.00 11.36
C VAL OA 434 -28.42 -68.29 10.56
N ASP OA 435 -27.32 -68.84 10.03
CA ASP OA 435 -27.24 -70.23 9.56
C ASP OA 435 -25.94 -70.94 10.02
N THR OA 436 -25.36 -70.50 11.14
CA THR OA 436 -24.17 -71.07 11.80
C THR OA 436 -24.29 -71.36 13.32
N HIS OA 437 -25.45 -71.60 13.97
CA HIS OA 437 -26.79 -72.04 13.55
C HIS OA 437 -26.82 -73.13 12.45
N SER OA 438 -25.77 -73.95 12.41
CA SER OA 438 -25.26 -74.59 11.20
C SER OA 438 -26.32 -75.32 10.38
N LYS OA 439 -26.25 -75.13 9.06
CA LYS OA 439 -26.91 -75.95 8.01
C LYS OA 439 -26.36 -77.39 7.93
N ARG OA 440 -26.64 -78.22 8.92
CA ARG OA 440 -26.25 -79.63 9.03
C ARG OA 440 -26.93 -80.46 7.93
N THR OA 441 -26.23 -80.62 6.80
CA THR OA 441 -26.63 -81.52 5.71
C THR OA 441 -26.42 -82.99 6.05
N LEU OA 442 -27.29 -83.57 6.87
CA LEU OA 442 -27.36 -85.02 7.09
C LEU OA 442 -27.95 -85.72 5.84
N LEU OA 443 -27.06 -86.07 4.90
CA LEU OA 443 -27.36 -86.78 3.66
C LEU OA 443 -27.32 -88.31 3.87
N ILE OA 444 -28.41 -88.91 4.36
CA ILE OA 444 -28.50 -90.38 4.45
C ILE OA 444 -28.75 -90.96 3.05
N LYS OA 445 -27.68 -91.18 2.28
CA LYS OA 445 -27.70 -91.86 0.98
C LYS OA 445 -27.97 -93.36 1.16
N THR OA 446 -29.23 -93.74 1.33
CA THR OA 446 -29.64 -95.15 1.48
C THR OA 446 -29.61 -95.84 0.11
N VAL OA 447 -28.47 -96.41 -0.27
CA VAL OA 447 -28.35 -97.22 -1.49
C VAL OA 447 -28.87 -98.63 -1.21
N GLU OA 448 -30.16 -98.85 -1.45
CA GLU OA 448 -30.73 -100.19 -1.47
C GLU OA 448 -30.28 -100.91 -2.75
N THR OA 449 -29.33 -101.83 -2.61
CA THR OA 449 -28.97 -102.76 -3.69
C THR OA 449 -29.66 -104.10 -3.49
N ARG OA 450 -30.09 -104.72 -4.59
CA ARG OA 450 -30.37 -106.15 -4.67
C ARG OA 450 -29.23 -106.79 -5.47
N ASP OA 451 -28.63 -107.85 -4.94
CA ASP OA 451 -27.59 -108.67 -5.59
C ASP OA 451 -26.29 -107.89 -5.96
N GLY OA 452 -26.31 -106.56 -5.78
CA GLY OA 452 -25.28 -105.58 -6.11
C GLY OA 452 -25.78 -104.47 -7.06
N GLN OA 453 -26.92 -104.67 -7.73
CA GLN OA 453 -27.59 -103.65 -8.53
C GLN OA 453 -28.35 -102.68 -7.64
N VAL OA 454 -28.18 -101.36 -7.83
CA VAL OA 454 -29.01 -100.34 -7.17
C VAL OA 454 -30.46 -100.48 -7.62
N ILE OA 455 -31.37 -100.67 -6.65
CA ILE OA 455 -32.82 -100.70 -6.87
C ILE OA 455 -33.46 -99.38 -6.43
N ASN OA 456 -33.03 -98.82 -5.28
CA ASN OA 456 -33.37 -97.48 -4.83
C ASN OA 456 -32.13 -96.75 -4.31
N GLU OA 457 -32.05 -95.44 -4.52
CA GLU OA 457 -31.23 -94.55 -3.70
C GLU OA 457 -32.12 -93.54 -2.95
N THR OA 458 -32.58 -93.91 -1.75
CA THR OA 458 -33.32 -92.98 -0.89
C THR OA 458 -32.36 -92.03 -0.18
N SER OA 459 -31.85 -91.04 -0.92
CA SER OA 459 -31.00 -89.96 -0.39
C SER OA 459 -31.80 -88.97 0.49
N GLN OA 460 -32.04 -89.34 1.75
CA GLN OA 460 -32.69 -88.46 2.72
C GLN OA 460 -31.77 -87.29 3.10
N HIS OA 461 -31.91 -86.14 2.43
CA HIS OA 461 -31.33 -84.86 2.89
C HIS OA 461 -32.18 -84.31 4.04
N HIS OA 462 -31.82 -84.65 5.28
CA HIS OA 462 -32.22 -83.85 6.44
C HIS OA 462 -31.39 -82.55 6.42
N ASP OA 463 -32.06 -81.43 6.18
CA ASP OA 463 -31.44 -80.13 5.89
C ASP OA 463 -31.58 -79.19 7.10
N ASP OA 464 -30.99 -79.64 8.21
CA ASP OA 464 -31.25 -79.17 9.57
C ASP OA 464 -30.47 -77.85 9.81
N LEU OA 465 -31.13 -76.80 10.31
CA LEU OA 465 -30.51 -75.48 10.58
C LEU OA 465 -30.47 -75.25 12.10
N GLU OA 466 -29.33 -75.58 12.74
CA GLU OA 466 -29.20 -75.88 14.19
C GLU OA 466 -29.49 -74.75 15.21
N ASP PA 297 -43.24 130.32 91.48
CA ASP PA 297 -44.07 129.17 91.88
C ASP PA 297 -44.93 128.66 90.71
N LEU PA 298 -45.68 129.55 90.05
CA LEU PA 298 -46.56 129.19 88.95
C LEU PA 298 -45.82 128.75 87.68
N SER PA 299 -44.70 129.41 87.34
CA SER PA 299 -43.92 129.09 86.14
C SER PA 299 -43.17 127.76 86.27
N GLU PA 300 -42.56 127.53 87.44
CA GLU PA 300 -41.87 126.27 87.72
C GLU PA 300 -42.81 125.12 88.07
N ALA PA 301 -44.04 125.40 88.54
CA ALA PA 301 -45.14 124.42 88.53
C ALA PA 301 -45.58 124.03 87.11
N ALA PA 302 -45.64 124.98 86.17
CA ALA PA 302 -45.94 124.67 84.77
C ALA PA 302 -44.82 123.86 84.08
N ASN PA 303 -43.54 124.15 84.40
CA ASN PA 303 -42.41 123.31 83.98
C ASN PA 303 -42.44 121.92 84.63
N ARG PA 304 -42.75 121.83 85.92
CA ARG PA 304 -42.94 120.57 86.65
C ARG PA 304 -44.09 119.73 86.11
N ASN PA 305 -45.18 120.34 85.63
CA ASN PA 305 -46.27 119.63 84.96
C ASN PA 305 -45.85 119.09 83.56
N ASN PA 306 -45.06 119.84 82.80
CA ASN PA 306 -44.45 119.35 81.55
C ASN PA 306 -43.43 118.22 81.77
N ASP PA 307 -42.76 118.17 82.92
CA ASP PA 307 -41.86 117.08 83.32
C ASP PA 307 -42.57 115.87 83.94
N ALA PA 308 -43.65 116.09 84.70
CA ALA PA 308 -44.56 115.05 85.15
C ALA PA 308 -45.27 114.35 83.97
N LEU PA 309 -45.54 115.07 82.87
CA LEU PA 309 -46.01 114.48 81.62
C LEU PA 309 -44.94 113.62 80.90
N ARG PA 310 -43.64 113.90 81.09
CA ARG PA 310 -42.53 113.07 80.59
C ARG PA 310 -42.31 111.83 81.47
N GLN PA 311 -42.49 111.99 82.79
CA GLN PA 311 -42.39 110.99 83.84
C GLN PA 311 -43.52 109.93 83.76
N ALA PA 312 -44.77 110.41 83.68
CA ALA PA 312 -45.95 109.58 83.44
C ALA PA 312 -45.94 108.91 82.05
N LYS PA 313 -45.25 109.47 81.05
CA LYS PA 313 -45.01 108.81 79.76
C LYS PA 313 -43.91 107.75 79.82
N GLN PA 314 -42.91 107.90 80.69
CA GLN PA 314 -41.89 106.89 80.97
C GLN PA 314 -42.50 105.68 81.71
N GLU PA 315 -43.37 105.94 82.69
CA GLU PA 315 -44.13 104.93 83.45
C GLU PA 315 -45.23 104.28 82.60
N SER PA 316 -45.86 105.04 81.69
CA SER PA 316 -46.73 104.49 80.63
C SER PA 316 -45.96 103.62 79.62
N THR PA 317 -44.65 103.78 79.48
CA THR PA 317 -43.81 102.93 78.62
C THR PA 317 -43.39 101.65 79.34
N GLU PA 318 -43.25 101.69 80.66
CA GLU PA 318 -42.98 100.56 81.56
C GLU PA 318 -44.08 99.50 81.49
N TYR PA 319 -45.30 99.92 81.82
CA TYR PA 319 -46.47 99.04 81.86
C TYR PA 319 -46.82 98.47 80.48
N ARG PA 320 -46.68 99.28 79.41
CA ARG PA 320 -46.90 98.82 78.04
C ARG PA 320 -45.90 97.76 77.62
N ARG PA 321 -44.59 97.99 77.81
CA ARG PA 321 -43.56 97.01 77.47
C ARG PA 321 -43.75 95.71 78.24
N GLN PA 322 -43.96 95.78 79.55
CA GLN PA 322 -44.12 94.59 80.38
C GLN PA 322 -45.35 93.78 79.97
N VAL PA 323 -46.53 94.42 79.84
CA VAL PA 323 -47.76 93.73 79.42
C VAL PA 323 -47.67 93.18 78.00
N GLN PA 324 -47.08 93.91 77.06
CA GLN PA 324 -46.88 93.45 75.68
C GLN PA 324 -45.91 92.26 75.60
N SER PA 325 -44.84 92.26 76.40
CA SER PA 325 -43.83 91.20 76.40
C SER PA 325 -44.31 89.93 77.11
N LEU PA 326 -45.03 90.07 78.23
CA LEU PA 326 -45.77 88.97 78.89
C LEU PA 326 -46.86 88.37 77.98
N THR PA 327 -47.52 89.18 77.14
CA THR PA 327 -48.47 88.66 76.15
C THR PA 327 -47.76 87.82 75.08
N CYS PA 328 -46.60 88.29 74.59
CA CYS PA 328 -45.77 87.55 73.65
C CYS PA 328 -45.12 86.29 74.25
N GLU PA 329 -44.89 86.23 75.56
CA GLU PA 329 -44.45 85.01 76.26
C GLU PA 329 -45.54 83.94 76.27
N VAL PA 330 -46.79 84.34 76.53
CA VAL PA 330 -47.96 83.45 76.42
C VAL PA 330 -48.18 83.01 74.96
N ASP PA 331 -47.92 83.88 73.98
CA ASP PA 331 -47.96 83.52 72.57
C ASP PA 331 -46.84 82.54 72.14
N ALA PA 332 -45.61 82.69 72.63
CA ALA PA 332 -44.52 81.74 72.38
C ALA PA 332 -44.70 80.38 73.09
N LEU PA 333 -45.27 80.37 74.30
CA LEU PA 333 -45.60 79.12 74.99
C LEU PA 333 -46.81 78.40 74.38
N LYS PA 334 -47.74 79.12 73.74
CA LYS PA 334 -48.73 78.49 72.83
C LYS PA 334 -48.11 77.98 71.54
N GLY PA 335 -47.14 78.70 70.95
CA GLY PA 335 -46.39 78.22 69.77
C GLY PA 335 -45.59 76.95 70.04
N THR PA 336 -45.09 76.82 71.28
CA THR PA 336 -44.50 75.58 71.81
C THR PA 336 -45.54 74.44 71.91
N ASN PA 337 -46.71 74.71 72.51
CA ASN PA 337 -47.77 73.70 72.60
C ASN PA 337 -48.35 73.30 71.24
N GLU PA 338 -48.56 74.23 70.32
CA GLU PA 338 -49.01 73.94 68.95
C GLU PA 338 -47.97 73.12 68.17
N SER PA 339 -46.68 73.28 68.44
CA SER PA 339 -45.63 72.47 67.79
C SER PA 339 -45.69 71.01 68.24
N LEU PA 340 -45.92 70.77 69.54
CA LEU PA 340 -46.15 69.44 70.11
C LEU PA 340 -47.49 68.82 69.67
N GLU PA 341 -48.57 69.59 69.68
CA GLU PA 341 -49.90 69.13 69.24
C GLU PA 341 -49.96 68.82 67.74
N ARG PA 342 -49.11 69.46 66.92
CA ARG PA 342 -48.88 69.10 65.51
C ARG PA 342 -47.97 67.87 65.36
N GLN PA 343 -46.87 67.78 66.10
CA GLN PA 343 -45.95 66.63 66.05
C GLN PA 343 -46.66 65.33 66.45
N MET PA 344 -47.55 65.39 67.44
CA MET PA 344 -48.36 64.25 67.86
C MET PA 344 -49.24 63.72 66.71
N ARG PA 345 -49.74 64.60 65.83
CA ARG PA 345 -50.48 64.23 64.61
C ARG PA 345 -49.57 63.81 63.46
N GLU PA 346 -48.41 64.42 63.30
CA GLU PA 346 -47.44 64.03 62.27
C GLU PA 346 -46.86 62.63 62.50
N MET PA 347 -46.57 62.25 63.75
CA MET PA 347 -46.19 60.88 64.07
C MET PA 347 -47.36 59.89 63.95
N GLU PA 348 -48.58 60.30 64.33
CA GLU PA 348 -49.81 59.49 64.18
C GLU PA 348 -50.14 59.22 62.70
N GLU PA 349 -49.92 60.20 61.83
CA GLU PA 349 -50.04 60.08 60.38
C GLU PA 349 -48.90 59.23 59.76
N ASN PA 350 -47.65 59.39 60.21
CA ASN PA 350 -46.52 58.54 59.79
C ASN PA 350 -46.71 57.06 60.21
N PHE PA 351 -47.21 56.80 61.41
CA PHE PA 351 -47.59 55.43 61.82
C PHE PA 351 -48.75 54.89 60.98
N ALA PA 352 -49.84 55.67 60.81
CA ALA PA 352 -51.07 55.19 60.17
C ALA PA 352 -50.95 55.00 58.65
N VAL PA 353 -50.30 55.93 57.94
CA VAL PA 353 -50.15 55.91 56.48
C VAL PA 353 -49.25 54.76 56.04
N GLU PA 354 -48.10 54.58 56.68
CA GLU PA 354 -47.21 53.47 56.33
C GLU PA 354 -47.70 52.12 56.88
N ALA PA 355 -48.46 52.08 57.98
CA ALA PA 355 -49.21 50.88 58.33
C ALA PA 355 -50.27 50.50 57.28
N ALA PA 356 -50.93 51.46 56.63
CA ALA PA 356 -51.87 51.20 55.54
C ALA PA 356 -51.18 50.76 54.23
N ASN PA 357 -50.03 51.36 53.89
CA ASN PA 357 -49.22 50.96 52.73
C ASN PA 357 -48.67 49.53 52.86
N TYR PA 358 -48.18 49.18 54.07
CA TYR PA 358 -47.74 47.82 54.37
C TYR PA 358 -48.90 46.85 54.64
N GLN PA 359 -50.11 47.28 55.02
CA GLN PA 359 -51.25 46.37 55.21
C GLN PA 359 -51.58 45.58 53.95
N ASP PA 360 -51.77 46.27 52.81
CA ASP PA 360 -52.06 45.59 51.55
C ASP PA 360 -50.85 44.81 51.02
N THR PA 361 -49.62 45.25 51.31
CA THR PA 361 -48.40 44.56 50.85
C THR PA 361 -48.18 43.23 51.59
N ILE PA 362 -48.28 43.27 52.93
CA ILE PA 362 -48.26 42.11 53.81
C ILE PA 362 -49.45 41.18 53.53
N GLY PA 363 -50.63 41.74 53.26
CA GLY PA 363 -51.86 41.00 52.98
C GLY PA 363 -51.79 40.24 51.66
N ARG PA 364 -51.37 40.91 50.57
CA ARG PA 364 -51.17 40.30 49.25
C ARG PA 364 -50.07 39.23 49.27
N LEU PA 365 -48.97 39.45 50.02
CA LEU PA 365 -47.93 38.43 50.18
C LEU PA 365 -48.37 37.24 51.04
N GLN PA 366 -49.29 37.42 52.00
CA GLN PA 366 -49.94 36.30 52.69
C GLN PA 366 -50.94 35.53 51.80
N ASP PA 367 -51.64 36.21 50.90
CA ASP PA 367 -52.48 35.56 49.88
C ASP PA 367 -51.65 34.87 48.79
N GLU PA 368 -50.45 35.35 48.43
CA GLU PA 368 -49.54 34.63 47.54
C GLU PA 368 -48.90 33.38 48.19
N ILE PA 369 -48.70 33.36 49.51
CA ILE PA 369 -48.38 32.10 50.24
C ILE PA 369 -49.53 31.07 50.14
N GLN PA 370 -50.78 31.52 50.06
CA GLN PA 370 -51.96 30.65 49.95
C GLN PA 370 -52.24 30.22 48.49
N ASN PA 371 -52.17 31.15 47.54
CA ASN PA 371 -52.24 30.89 46.11
C ASN PA 371 -51.10 30.00 45.63
N MET PA 372 -49.92 30.09 46.24
CA MET PA 372 -48.80 29.17 45.97
C MET PA 372 -49.07 27.75 46.49
N LYS PA 373 -49.69 27.58 47.67
CA LYS PA 373 -50.07 26.24 48.18
C LYS PA 373 -51.13 25.57 47.28
N GLU PA 374 -52.06 26.35 46.74
CA GLU PA 374 -53.10 25.87 45.83
C GLU PA 374 -52.61 25.71 44.38
N GLU PA 375 -51.62 26.49 43.95
CA GLU PA 375 -50.91 26.29 42.68
C GLU PA 375 -50.04 25.03 42.72
N MET PA 376 -49.44 24.74 43.87
CA MET PA 376 -48.79 23.47 44.16
C MET PA 376 -49.79 22.30 44.30
N ALA PA 377 -51.01 22.53 44.80
CA ALA PA 377 -52.09 21.54 44.75
C ALA PA 377 -52.60 21.27 43.32
N ARG PA 378 -52.54 22.27 42.42
CA ARG PA 378 -52.78 22.12 40.98
C ARG PA 378 -51.62 21.42 40.26
N HIS PA 379 -50.35 21.64 40.67
CA HIS PA 379 -49.19 20.93 40.10
C HIS PA 379 -49.15 19.46 40.50
N LEU PA 380 -49.70 19.10 41.66
CA LEU PA 380 -49.99 17.70 42.02
C LEU PA 380 -51.12 17.04 41.17
N ARG PA 381 -51.91 17.81 40.41
CA ARG PA 381 -52.87 17.29 39.42
C ARG PA 381 -52.29 17.27 37.99
N GLU PA 382 -51.49 18.26 37.64
CA GLU PA 382 -50.67 18.25 36.40
C GLU PA 382 -49.70 17.05 36.38
N TYR PA 383 -49.03 16.79 37.51
CA TYR PA 383 -48.25 15.57 37.72
C TYR PA 383 -49.08 14.29 37.85
N GLN PA 384 -50.36 14.33 38.25
CA GLN PA 384 -51.23 13.16 38.16
C GLN PA 384 -51.55 12.79 36.70
N ASP PA 385 -51.77 13.79 35.84
CA ASP PA 385 -52.05 13.58 34.42
C ASP PA 385 -50.79 13.23 33.60
N LEU PA 386 -49.62 13.76 33.98
CA LEU PA 386 -48.32 13.24 33.53
C LEU PA 386 -48.06 11.81 34.05
N LEU PA 387 -48.46 11.49 35.28
CA LEU PA 387 -48.28 10.14 35.86
C LEU PA 387 -49.16 9.10 35.17
N ASN PA 388 -50.32 9.46 34.59
CA ASN PA 388 -51.09 8.57 33.73
C ASN PA 388 -50.29 8.14 32.50
N VAL PA 389 -49.54 9.06 31.87
CA VAL PA 389 -48.65 8.77 30.74
C VAL PA 389 -47.39 8.01 31.17
N LYS PA 390 -46.81 8.34 32.33
CA LYS PA 390 -45.66 7.60 32.89
C LYS PA 390 -46.02 6.15 33.23
N MET PA 391 -47.18 5.90 33.85
CA MET PA 391 -47.67 4.55 34.11
C MET PA 391 -48.00 3.77 32.83
N ALA PA 392 -48.36 4.45 31.72
CA ALA PA 392 -48.49 3.81 30.41
C ALA PA 392 -47.12 3.36 29.86
N LEU PA 393 -46.07 4.19 29.98
CA LEU PA 393 -44.69 3.79 29.67
C LEU PA 393 -44.18 2.66 30.57
N ASP PA 394 -44.58 2.62 31.84
CA ASP PA 394 -44.21 1.56 32.78
C ASP PA 394 -44.91 0.22 32.47
N ILE PA 395 -46.13 0.28 31.93
CA ILE PA 395 -46.84 -0.87 31.35
C ILE PA 395 -46.21 -1.30 30.01
N GLU PA 396 -45.72 -0.36 29.19
CA GLU PA 396 -44.95 -0.67 27.98
C GLU PA 396 -43.59 -1.30 28.31
N ILE PA 397 -42.93 -0.94 29.43
CA ILE PA 397 -41.72 -1.59 29.94
C ILE PA 397 -42.04 -3.01 30.48
N ALA PA 398 -43.14 -3.17 31.22
CA ALA PA 398 -43.62 -4.48 31.68
C ALA PA 398 -44.04 -5.43 30.52
N THR PA 399 -44.40 -4.83 29.37
CA THR PA 399 -44.72 -5.51 28.11
C THR PA 399 -43.47 -5.80 27.26
N TYR PA 400 -42.50 -4.89 27.23
CA TYR PA 400 -41.19 -5.04 26.59
C TYR PA 400 -40.39 -6.20 27.20
N ARG PA 401 -40.50 -6.37 28.54
CA ARG PA 401 -40.07 -7.58 29.25
C ARG PA 401 -40.67 -8.85 28.63
N LYS PA 402 -41.99 -8.90 28.38
CA LYS PA 402 -42.65 -10.09 27.81
C LYS PA 402 -42.31 -10.30 26.32
N LEU PA 403 -42.00 -9.24 25.59
CA LEU PA 403 -41.52 -9.31 24.20
C LEU PA 403 -40.08 -9.84 24.11
N LEU PA 404 -39.19 -9.38 24.99
CA LEU PA 404 -37.82 -9.90 25.16
C LEU PA 404 -37.82 -11.37 25.60
N GLU PA 405 -38.69 -11.70 26.56
CA GLU PA 405 -38.98 -13.06 27.02
C GLU PA 405 -39.50 -13.98 25.91
N GLY PA 406 -40.35 -13.46 25.02
CA GLY PA 406 -40.89 -14.20 23.88
C GLY PA 406 -39.91 -14.37 22.71
N GLU PA 407 -39.06 -13.38 22.42
CA GLU PA 407 -38.18 -13.40 21.25
C GLU PA 407 -36.91 -14.22 21.47
N GLU PA 408 -36.27 -14.11 22.63
CA GLU PA 408 -35.14 -14.97 23.00
C GLU PA 408 -35.57 -16.43 23.23
N SER PA 409 -36.85 -16.66 23.58
CA SER PA 409 -37.45 -18.01 23.61
C SER PA 409 -37.67 -18.61 22.21
N ARG PA 410 -37.97 -17.79 21.18
CA ARG PA 410 -37.95 -18.24 19.77
C ARG PA 410 -36.54 -18.62 19.29
N ILE PA 411 -35.51 -18.01 19.90
CA ILE PA 411 -34.09 -18.29 19.62
C ILE PA 411 -33.57 -19.51 20.41
N SER PA 412 -34.32 -20.00 21.43
CA SER PA 412 -33.86 -21.04 22.37
C SER PA 412 -34.80 -22.26 22.44
N LEU PA 413 -34.28 -23.43 22.06
CA LEU PA 413 -34.91 -24.23 20.98
C LEU PA 413 -34.84 -25.76 21.28
N PRO PA 414 -35.66 -26.61 20.61
CA PRO PA 414 -35.91 -28.00 21.02
C PRO PA 414 -34.83 -29.03 20.60
N LEU PA 415 -35.03 -30.27 21.06
CA LEU PA 415 -34.40 -31.50 20.55
C LEU PA 415 -34.56 -31.66 19.01
N PRO PA 416 -33.80 -32.57 18.36
CA PRO PA 416 -32.77 -33.44 18.93
C PRO PA 416 -31.35 -33.01 18.59
N ASN PA 417 -30.46 -33.09 19.59
CA ASN PA 417 -29.04 -33.33 19.34
C ASN PA 417 -28.86 -34.77 18.84
N PHE PA 418 -28.60 -34.92 17.54
CA PHE PA 418 -29.18 -36.00 16.73
C PHE PA 418 -28.87 -37.43 17.16
N SER PA 419 -27.75 -37.68 17.85
CA SER PA 419 -27.01 -38.95 17.79
C SER PA 419 -26.71 -39.55 19.17
N SER PA 420 -25.50 -40.12 19.35
CA SER PA 420 -25.33 -41.56 19.63
C SER PA 420 -25.83 -42.46 18.48
N LEU PA 421 -25.19 -43.62 18.30
CA LEU PA 421 -25.46 -44.56 17.22
C LEU PA 421 -25.10 -45.99 17.65
N ASN PA 422 -26.09 -46.89 17.59
CA ASN PA 422 -25.86 -48.30 17.31
C ASN PA 422 -26.56 -48.67 16.02
N LEU PA 423 -25.81 -48.65 14.93
CA LEU PA 423 -26.07 -49.46 13.74
C LEU PA 423 -24.87 -50.38 13.58
N ARG PA 424 -25.06 -51.66 13.87
CA ARG PA 424 -24.05 -52.72 13.71
C ARG PA 424 -24.77 -54.06 13.58
N GLU PA 425 -24.05 -55.06 13.11
CA GLU PA 425 -24.63 -56.35 12.80
C GLU PA 425 -24.10 -57.39 13.80
N THR PA 426 -24.60 -57.35 15.05
CA THR PA 426 -24.03 -58.13 16.19
C THR PA 426 -24.25 -59.65 16.05
N ASN PA 427 -25.38 -60.03 15.47
CA ASN PA 427 -25.69 -61.41 15.06
C ASN PA 427 -26.55 -61.44 13.76
N LEU PA 428 -26.80 -60.26 13.17
CA LEU PA 428 -27.32 -60.08 11.81
C LEU PA 428 -26.22 -60.38 10.77
N ASP PA 429 -24.97 -59.99 11.05
CA ASP PA 429 -23.74 -60.62 10.58
C ASP PA 429 -23.23 -61.58 11.67
N SER PA 430 -22.55 -62.67 11.27
CA SER PA 430 -23.03 -64.03 11.56
C SER PA 430 -24.32 -64.36 10.78
N LEU PA 431 -24.34 -63.99 9.48
CA LEU PA 431 -25.48 -63.94 8.54
C LEU PA 431 -26.14 -65.35 8.33
N PRO PA 432 -26.92 -65.63 7.24
CA PRO PA 432 -27.14 -67.03 6.80
C PRO PA 432 -25.89 -67.61 6.11
N LEU PA 433 -24.71 -67.16 6.55
CA LEU PA 433 -23.39 -67.70 6.30
C LEU PA 433 -23.20 -68.90 7.24
N VAL PA 434 -22.92 -70.09 6.71
CA VAL PA 434 -22.81 -71.31 7.55
C VAL PA 434 -21.43 -71.51 8.18
N ASP PA 435 -20.39 -70.93 7.55
CA ASP PA 435 -18.96 -71.05 7.90
C ASP PA 435 -18.12 -69.94 7.21
N THR PA 436 -18.33 -69.47 5.96
CA THR PA 436 -19.22 -69.92 4.84
C THR PA 436 -18.87 -71.31 4.32
N HIS PA 437 -19.76 -72.29 4.58
CA HIS PA 437 -19.68 -73.71 4.19
C HIS PA 437 -20.81 -74.46 4.88
N SER PA 438 -21.76 -74.98 4.10
CA SER PA 438 -22.94 -75.74 4.55
C SER PA 438 -22.69 -77.09 5.26
N LYS PA 439 -21.47 -77.31 5.80
CA LYS PA 439 -20.93 -78.62 6.20
C LYS PA 439 -21.13 -79.65 5.06
N ARG PA 440 -20.93 -79.18 3.81
CA ARG PA 440 -21.43 -79.77 2.55
C ARG PA 440 -20.69 -81.07 2.23
N THR PA 441 -21.01 -82.11 2.98
CA THR PA 441 -20.33 -83.41 2.91
C THR PA 441 -20.77 -84.20 1.68
N LEU PA 442 -20.27 -83.80 0.50
CA LEU PA 442 -20.49 -84.49 -0.78
C LEU PA 442 -19.80 -85.87 -0.81
N LEU PA 443 -20.54 -86.89 -0.36
CA LEU PA 443 -20.15 -88.29 -0.40
C LEU PA 443 -20.53 -88.92 -1.76
N ILE PA 444 -19.61 -88.82 -2.73
CA ILE PA 444 -19.76 -89.46 -4.04
C ILE PA 444 -19.48 -90.96 -3.92
N LYS PA 445 -20.48 -91.71 -3.45
CA LYS PA 445 -20.48 -93.19 -3.37
C LYS PA 445 -20.69 -93.80 -4.75
N THR PA 446 -19.61 -93.93 -5.53
CA THR PA 446 -19.65 -94.54 -6.86
C THR PA 446 -19.73 -96.05 -6.73
N VAL PA 447 -20.94 -96.61 -6.87
CA VAL PA 447 -21.21 -98.04 -6.85
C VAL PA 447 -21.13 -98.58 -8.28
N GLU PA 448 -19.94 -99.06 -8.66
CA GLU PA 448 -19.70 -99.66 -9.96
C GLU PA 448 -20.10 -101.15 -9.94
N THR PA 449 -21.27 -101.42 -10.51
CA THR PA 449 -21.85 -102.76 -10.64
C THR PA 449 -21.70 -103.28 -12.07
N ARG PA 450 -21.37 -104.57 -12.22
CA ARG PA 450 -21.31 -105.28 -13.50
C ARG PA 450 -22.07 -106.60 -13.37
N ASP PA 451 -22.86 -106.95 -14.38
CA ASP PA 451 -23.65 -108.20 -14.42
C ASP PA 451 -24.64 -108.37 -13.23
N GLY PA 452 -24.96 -107.27 -12.55
CA GLY PA 452 -25.80 -107.22 -11.34
C GLY PA 452 -25.04 -107.30 -10.00
N GLN PA 453 -23.73 -107.58 -10.00
CA GLN PA 453 -22.87 -107.62 -8.81
C GLN PA 453 -22.03 -106.34 -8.65
N VAL PA 454 -21.84 -105.85 -7.41
CA VAL PA 454 -20.85 -104.78 -7.12
C VAL PA 454 -19.44 -105.29 -7.39
N ILE PA 455 -18.71 -104.58 -8.25
CA ILE PA 455 -17.29 -104.85 -8.55
C ILE PA 455 -16.37 -103.80 -7.92
N ASN PA 456 -16.86 -102.58 -7.69
CA ASN PA 456 -16.13 -101.50 -7.01
C ASN PA 456 -17.10 -100.56 -6.29
N GLU PA 457 -16.74 -100.13 -5.08
CA GLU PA 457 -17.50 -99.15 -4.29
C GLU PA 457 -16.60 -98.00 -3.83
N THR PA 458 -16.31 -97.07 -4.73
CA THR PA 458 -15.44 -95.91 -4.42
C THR PA 458 -16.25 -94.79 -3.79
N SER PA 459 -16.18 -94.65 -2.45
CA SER PA 459 -16.87 -93.60 -1.68
C SER PA 459 -16.02 -92.34 -1.49
N GLN PA 460 -15.88 -91.52 -2.53
CA GLN PA 460 -15.07 -90.29 -2.49
C GLN PA 460 -15.79 -89.15 -1.74
N HIS PA 461 -15.32 -88.80 -0.53
CA HIS PA 461 -15.75 -87.59 0.20
C HIS PA 461 -15.09 -86.35 -0.39
N HIS PA 462 -15.89 -85.35 -0.75
CA HIS PA 462 -15.51 -83.93 -0.73
C HIS PA 462 -16.25 -83.18 0.38
N ASP PA 463 -15.60 -82.21 0.99
CA ASP PA 463 -16.21 -81.33 2.01
C ASP PA 463 -16.14 -79.87 1.56
N ASP PA 464 -16.49 -79.69 0.29
CA ASP PA 464 -16.29 -78.45 -0.45
C ASP PA 464 -17.04 -77.31 0.23
N LEU PA 465 -16.44 -76.12 0.26
CA LEU PA 465 -17.03 -74.94 0.88
C LEU PA 465 -18.25 -74.45 0.06
N GLU PA 466 -19.22 -73.87 0.77
CA GLU PA 466 -20.57 -73.48 0.29
C GLU PA 466 -21.15 -72.33 1.10
N ALA QA 67 -0.55 135.65 79.55
CA ALA QA 67 -0.01 134.74 78.52
C ALA QA 67 -0.99 133.57 78.25
N VAL QA 68 -0.94 132.99 77.04
CA VAL QA 68 -2.01 132.12 76.51
C VAL QA 68 -2.05 130.73 77.17
N ARG QA 69 -2.55 130.70 78.41
CA ARG QA 69 -3.38 129.67 79.06
C ARG QA 69 -3.59 128.42 78.20
N LEU QA 70 -2.60 127.52 78.26
CA LEU QA 70 -2.55 126.26 77.49
C LEU QA 70 -3.59 125.25 77.99
N ARG QA 71 -3.58 124.05 77.39
CA ARG QA 71 -4.43 122.91 77.81
C ARG QA 71 -4.13 122.51 79.26
N SER QA 72 -4.89 123.11 80.18
CA SER QA 72 -4.89 122.77 81.61
C SER QA 72 -5.73 121.52 81.88
N SER QA 73 -5.46 120.46 81.12
CA SER QA 73 -6.01 119.11 81.32
C SER QA 73 -5.26 118.33 82.41
N VAL QA 74 -4.22 118.93 83.01
CA VAL QA 74 -3.64 118.52 84.29
C VAL QA 74 -4.65 118.81 85.40
N PRO QA 75 -5.20 117.82 86.10
CA PRO QA 75 -6.29 118.04 87.06
C PRO QA 75 -5.84 118.50 88.45
N GLY QA 76 -4.52 118.59 88.71
CA GLY QA 76 -3.94 118.77 90.04
C GLY QA 76 -4.13 120.15 90.70
N VAL QA 77 -5.12 120.93 90.27
CA VAL QA 77 -5.46 122.24 90.86
C VAL QA 77 -6.35 122.01 92.09
N ARG QA 78 -5.73 121.88 93.27
CA ARG QA 78 -6.49 121.81 94.54
C ARG QA 78 -7.31 123.10 94.73
N LEU QA 79 -8.48 122.97 95.35
CA LEU QA 79 -9.25 124.12 95.83
C LEU QA 79 -8.68 124.62 97.17
N LEU QA 80 -8.60 125.94 97.31
CA LEU QA 80 -8.48 126.72 98.55
C LEU QA 80 -9.30 128.01 98.33
N SER RA 65 -9.45 137.68 75.63
CA SER RA 65 -8.75 136.40 75.57
C SER RA 65 -9.71 135.30 75.08
N SER RA 66 -9.24 134.42 74.21
CA SER RA 66 -9.93 133.17 73.85
C SER RA 66 -8.89 132.14 73.42
N ALA RA 67 -8.85 131.00 74.13
CA ALA RA 67 -7.77 130.03 74.06
C ALA RA 67 -8.14 128.79 73.21
N VAL RA 68 -7.29 127.76 73.29
CA VAL RA 68 -7.64 126.39 72.87
C VAL RA 68 -8.93 125.92 73.55
N ARG RA 69 -9.84 125.28 72.79
CA ARG RA 69 -11.15 124.82 73.26
C ARG RA 69 -11.07 123.60 74.19
N LEU RA 70 -10.48 123.78 75.38
CA LEU RA 70 -10.42 122.75 76.43
C LEU RA 70 -11.83 122.40 76.92
N ARG RA 71 -12.28 121.17 76.65
CA ARG RA 71 -13.50 120.59 77.24
C ARG RA 71 -13.17 119.90 78.57
N SER RA 72 -12.86 120.67 79.61
CA SER RA 72 -12.90 120.12 80.96
C SER RA 72 -14.33 120.20 81.48
N SER RA 73 -14.85 119.13 82.08
CA SER RA 73 -15.94 119.29 83.03
C SER RA 73 -15.40 119.97 84.29
N VAL RA 74 -16.19 120.87 84.89
CA VAL RA 74 -15.88 121.51 86.17
C VAL RA 74 -17.13 121.41 87.04
N PRO RA 75 -17.10 120.67 88.17
CA PRO RA 75 -18.31 120.44 88.99
C PRO RA 75 -18.80 121.70 89.74
N GLY RA 76 -18.05 122.81 89.66
CA GLY RA 76 -18.60 124.15 89.93
C GLY RA 76 -18.96 124.40 91.39
N VAL RA 77 -18.13 123.93 92.33
CA VAL RA 77 -18.25 124.28 93.76
C VAL RA 77 -18.14 125.80 93.91
N ARG RA 78 -19.31 126.44 94.10
CA ARG RA 78 -19.43 127.90 94.10
C ARG RA 78 -18.82 128.45 95.38
N ARG SA 273 -30.71 156.31 39.90
CA ARG SA 273 -29.70 155.95 38.89
C ARG SA 273 -29.15 154.54 39.12
N GLN SA 274 -28.66 154.26 40.33
CA GLN SA 274 -28.09 152.95 40.67
C GLN SA 274 -29.17 151.85 40.81
N GLN SA 275 -30.41 152.22 41.09
CA GLN SA 275 -31.58 151.33 41.04
C GLN SA 275 -32.04 151.05 39.59
N TYR SA 276 -31.90 151.98 38.63
CA TYR SA 276 -32.11 151.69 37.20
C TYR SA 276 -30.99 150.81 36.63
N GLU SA 277 -29.74 151.00 37.06
CA GLU SA 277 -28.61 150.12 36.74
C GLU SA 277 -28.79 148.70 37.37
N SER SA 278 -29.37 148.63 38.57
CA SER SA 278 -29.80 147.37 39.21
C SER SA 278 -31.04 146.73 38.56
N VAL SA 279 -31.98 147.51 38.03
CA VAL SA 279 -33.16 147.03 37.28
C VAL SA 279 -32.77 146.56 35.89
N ALA SA 280 -31.74 147.14 35.26
CA ALA SA 280 -31.12 146.58 34.07
C ALA SA 280 -30.45 145.22 34.37
N ALA SA 281 -29.80 145.07 35.52
CA ALA SA 281 -29.28 143.77 35.99
C ALA SA 281 -30.39 142.75 36.31
N LYS SA 282 -31.53 143.16 36.89
CA LYS SA 282 -32.70 142.29 37.08
C LYS SA 282 -33.33 141.87 35.74
N ASN SA 283 -33.46 142.78 34.79
CA ASN SA 283 -33.95 142.46 33.45
C ASN SA 283 -33.00 141.52 32.71
N LEU SA 284 -31.68 141.61 32.93
CA LEU SA 284 -30.70 140.65 32.43
C LEU SA 284 -30.81 139.28 33.12
N GLN SA 285 -31.03 139.24 34.44
CA GLN SA 285 -31.29 138.01 35.20
C GLN SA 285 -32.55 137.28 34.70
N GLU SA 286 -33.65 138.01 34.49
CA GLU SA 286 -34.88 137.45 33.92
C GLU SA 286 -34.72 137.09 32.43
N ALA SA 287 -33.86 137.77 31.69
CA ALA SA 287 -33.45 137.38 30.35
C ALA SA 287 -32.54 136.14 30.29
N GLU SA 288 -31.91 135.73 31.39
CA GLU SA 288 -31.31 134.38 31.50
C GLU SA 288 -32.36 133.30 31.80
N GLU SA 289 -33.50 133.61 32.44
CA GLU SA 289 -34.66 132.72 32.48
C GLU SA 289 -35.38 132.62 31.11
N TRP SA 290 -35.39 133.69 30.31
CA TRP SA 290 -35.82 133.64 28.90
C TRP SA 290 -34.85 132.80 28.06
N TYR SA 291 -33.54 132.97 28.26
CA TYR SA 291 -32.50 132.18 27.57
C TYR SA 291 -32.58 130.68 27.90
N LYS SA 292 -32.77 130.31 29.17
CA LYS SA 292 -33.09 128.93 29.58
C LYS SA 292 -34.35 128.41 28.90
N SER SA 293 -35.40 129.23 28.79
CA SER SA 293 -36.68 128.83 28.17
C SER SA 293 -36.51 128.49 26.68
N LYS SA 294 -35.70 129.27 25.94
CA LYS SA 294 -35.35 128.96 24.54
C LYS SA 294 -34.33 127.83 24.39
N PHE SA 295 -33.43 127.67 25.34
CA PHE SA 295 -32.55 126.51 25.43
C PHE SA 295 -33.32 125.21 25.78
N ALA SA 296 -34.45 125.32 26.49
CA ALA SA 296 -35.39 124.22 26.73
C ALA SA 296 -36.26 123.90 25.50
N ASP SA 297 -36.69 124.90 24.72
CA ASP SA 297 -37.29 124.70 23.38
C ASP SA 297 -36.36 123.89 22.46
N LEU SA 298 -35.07 124.29 22.40
CA LEU SA 298 -33.99 123.57 21.70
C LEU SA 298 -33.81 122.14 22.25
N SER SA 299 -33.66 121.99 23.57
CA SER SA 299 -33.35 120.69 24.19
C SER SA 299 -34.48 119.68 23.98
N GLU SA 300 -35.73 120.14 24.03
CA GLU SA 300 -36.90 119.30 23.81
C GLU SA 300 -37.14 119.00 22.33
N ALA SA 301 -36.86 119.94 21.41
CA ALA SA 301 -36.83 119.66 19.97
C ALA SA 301 -35.75 118.64 19.60
N ALA SA 302 -34.56 118.75 20.20
CA ALA SA 302 -33.47 117.78 20.04
C ALA SA 302 -33.83 116.40 20.60
N ASN SA 303 -34.51 116.32 21.75
CA ASN SA 303 -35.01 115.06 22.32
C ASN SA 303 -36.11 114.41 21.44
N ARG SA 304 -37.13 115.18 21.02
CA ARG SA 304 -38.28 114.66 20.25
C ARG SA 304 -37.88 114.16 18.86
N ASN SA 305 -36.98 114.86 18.17
CA ASN SA 305 -36.45 114.39 16.88
C ASN SA 305 -35.47 113.21 17.05
N ASN SA 306 -34.72 113.16 18.15
CA ASN SA 306 -33.97 111.96 18.54
C ASN SA 306 -34.89 110.76 18.77
N ASP SA 307 -35.97 110.89 19.55
CA ASP SA 307 -36.87 109.77 19.81
C ASP SA 307 -37.70 109.37 18.58
N ALA SA 308 -37.95 110.29 17.64
CA ALA SA 308 -38.49 109.97 16.31
C ALA SA 308 -37.52 109.19 15.39
N LEU SA 309 -36.20 109.41 15.47
CA LEU SA 309 -35.20 108.62 14.73
C LEU SA 309 -34.78 107.34 15.46
N ARG SA 310 -34.88 107.29 16.80
CA ARG SA 310 -34.75 106.06 17.60
C ARG SA 310 -35.95 105.13 17.38
N GLN SA 311 -37.15 105.69 17.19
CA GLN SA 311 -38.36 104.96 16.80
C GLN SA 311 -38.23 104.32 15.41
N ALA SA 312 -37.68 105.05 14.42
CA ALA SA 312 -37.37 104.49 13.10
C ALA SA 312 -36.34 103.32 13.17
N LYS SA 313 -35.35 103.40 14.07
CA LYS SA 313 -34.45 102.25 14.36
C LYS SA 313 -35.15 101.09 15.07
N GLN SA 314 -36.14 101.34 15.92
CA GLN SA 314 -36.94 100.31 16.61
C GLN SA 314 -37.91 99.61 15.66
N GLU SA 315 -38.57 100.35 14.77
CA GLU SA 315 -39.39 99.83 13.65
C GLU SA 315 -38.54 99.00 12.68
N SER SA 316 -37.37 99.51 12.29
CA SER SA 316 -36.37 98.76 11.51
C SER SA 316 -35.79 97.53 12.24
N THR SA 317 -35.97 97.41 13.55
CA THR SA 317 -35.59 96.23 14.34
C THR SA 317 -36.74 95.24 14.52
N GLU SA 318 -38.00 95.70 14.53
CA GLU SA 318 -39.18 94.86 14.52
C GLU SA 318 -39.45 94.24 13.15
N TYR SA 319 -39.38 95.02 12.06
CA TYR SA 319 -39.40 94.49 10.70
C TYR SA 319 -38.22 93.54 10.43
N ARG SA 320 -37.05 93.75 11.05
CA ARG SA 320 -35.96 92.75 11.00
C ARG SA 320 -36.33 91.40 11.63
N ARG SA 321 -37.09 91.37 12.73
CA ARG SA 321 -37.60 90.12 13.32
C ARG SA 321 -38.66 89.46 12.44
N GLN SA 322 -39.53 90.24 11.81
CA GLN SA 322 -40.55 89.76 10.87
C GLN SA 322 -39.91 89.15 9.60
N VAL SA 323 -38.89 89.82 9.05
CA VAL SA 323 -38.01 89.32 7.99
C VAL SA 323 -37.39 87.99 8.38
N GLN SA 324 -36.73 87.92 9.54
CA GLN SA 324 -36.00 86.73 9.96
C GLN SA 324 -36.94 85.54 10.23
N SER SA 325 -38.12 85.78 10.80
CA SER SA 325 -39.12 84.75 11.08
C SER SA 325 -39.75 84.20 9.79
N LEU SA 326 -40.22 85.11 8.93
CA LEU SA 326 -40.82 84.78 7.63
C LEU SA 326 -39.81 84.16 6.63
N THR SA 327 -38.52 84.52 6.74
CA THR SA 327 -37.46 83.81 5.98
C THR SA 327 -37.37 82.35 6.41
N CYS SA 328 -37.30 82.07 7.71
CA CYS SA 328 -37.20 80.69 8.22
C CYS SA 328 -38.46 79.86 7.94
N GLU SA 329 -39.64 80.49 7.95
CA GLU SA 329 -40.93 79.87 7.66
C GLU SA 329 -41.04 79.43 6.19
N VAL SA 330 -40.68 80.31 5.25
CA VAL SA 330 -40.70 80.00 3.81
C VAL SA 330 -39.49 79.15 3.36
N ASP SA 331 -38.32 79.28 4.02
CA ASP SA 331 -37.22 78.31 3.85
C ASP SA 331 -37.61 76.90 4.31
N ALA SA 332 -38.44 76.75 5.35
CA ALA SA 332 -38.95 75.46 5.82
C ALA SA 332 -40.05 74.88 4.92
N LEU SA 333 -40.92 75.72 4.33
CA LEU SA 333 -41.92 75.28 3.35
C LEU SA 333 -41.29 74.89 2.01
N LYS SA 334 -40.27 75.64 1.55
CA LYS SA 334 -39.39 75.23 0.44
C LYS SA 334 -38.64 73.93 0.73
N GLY SA 335 -38.08 73.78 1.92
CA GLY SA 335 -37.43 72.53 2.36
C GLY SA 335 -38.40 71.35 2.52
N THR SA 336 -39.69 71.62 2.73
CA THR SA 336 -40.77 70.61 2.71
C THR SA 336 -41.13 70.21 1.28
N ASN SA 337 -41.17 71.16 0.34
CA ASN SA 337 -41.41 70.87 -1.08
C ASN SA 337 -40.25 70.10 -1.73
N GLU SA 338 -39.00 70.43 -1.40
CA GLU SA 338 -37.82 69.61 -1.75
C GLU SA 338 -37.83 68.21 -1.09
N SER SA 339 -38.44 68.09 0.10
CA SER SA 339 -38.58 66.79 0.78
C SER SA 339 -39.65 65.92 0.11
N LEU SA 340 -40.72 66.51 -0.40
CA LEU SA 340 -41.72 65.81 -1.23
C LEU SA 340 -41.13 65.42 -2.59
N GLU SA 341 -40.35 66.29 -3.23
CA GLU SA 341 -39.59 66.01 -4.46
C GLU SA 341 -38.64 64.81 -4.30
N ARG SA 342 -37.94 64.72 -3.16
CA ARG SA 342 -37.04 63.59 -2.84
C ARG SA 342 -37.77 62.30 -2.48
N GLN SA 343 -38.91 62.37 -1.80
CA GLN SA 343 -39.75 61.20 -1.51
C GLN SA 343 -40.44 60.67 -2.77
N MET SA 344 -40.86 61.57 -3.68
CA MET SA 344 -41.38 61.22 -5.00
C MET SA 344 -40.33 60.48 -5.83
N ARG SA 345 -39.08 60.96 -5.85
CA ARG SA 345 -37.95 60.23 -6.45
C ARG SA 345 -37.78 58.82 -5.88
N GLU SA 346 -37.77 58.63 -4.57
CA GLU SA 346 -37.56 57.30 -3.98
C GLU SA 346 -38.77 56.36 -4.15
N MET SA 347 -39.98 56.88 -4.38
CA MET SA 347 -41.12 56.07 -4.85
C MET SA 347 -41.05 55.79 -6.37
N GLU SA 348 -40.60 56.76 -7.16
CA GLU SA 348 -40.45 56.70 -8.62
C GLU SA 348 -39.34 55.73 -9.06
N GLU SA 349 -38.24 55.66 -8.31
CA GLU SA 349 -37.17 54.66 -8.43
C GLU SA 349 -37.69 53.23 -8.13
N ASN SA 350 -38.61 53.07 -7.16
CA ASN SA 350 -39.31 51.80 -6.96
C ASN SA 350 -40.28 51.48 -8.11
N PHE SA 351 -41.07 52.45 -8.60
CA PHE SA 351 -42.05 52.22 -9.68
C PHE SA 351 -41.40 51.80 -11.01
N ALA SA 352 -40.25 52.40 -11.37
CA ALA SA 352 -39.49 52.01 -12.55
C ALA SA 352 -38.94 50.57 -12.45
N VAL SA 353 -38.46 50.19 -11.25
CA VAL SA 353 -37.97 48.84 -10.92
C VAL SA 353 -39.11 47.81 -10.85
N GLU SA 354 -40.27 48.14 -10.30
CA GLU SA 354 -41.44 47.26 -10.26
C GLU SA 354 -42.02 47.01 -11.66
N ALA SA 355 -42.05 48.02 -12.53
CA ALA SA 355 -42.45 47.89 -13.93
C ALA SA 355 -41.52 46.95 -14.72
N ALA SA 356 -40.21 47.12 -14.59
CA ALA SA 356 -39.21 46.28 -15.25
C ALA SA 356 -39.24 44.82 -14.73
N ASN SA 357 -39.32 44.61 -13.41
CA ASN SA 357 -39.45 43.27 -12.83
C ASN SA 357 -40.74 42.57 -13.26
N TYR SA 358 -41.87 43.30 -13.32
CA TYR SA 358 -43.14 42.74 -13.79
C TYR SA 358 -43.08 42.31 -15.26
N GLN SA 359 -42.56 43.18 -16.14
CA GLN SA 359 -42.49 42.90 -17.57
C GLN SA 359 -41.54 41.73 -17.89
N ASP SA 360 -40.39 41.66 -17.23
CA ASP SA 360 -39.47 40.53 -17.35
C ASP SA 360 -40.07 39.22 -16.82
N THR SA 361 -40.76 39.27 -15.67
CA THR SA 361 -41.44 38.10 -15.10
C THR SA 361 -42.51 37.54 -16.03
N ILE SA 362 -43.29 38.41 -16.69
CA ILE SA 362 -44.32 37.99 -17.65
C ILE SA 362 -43.70 37.37 -18.91
N GLY SA 363 -42.71 38.03 -19.51
CA GLY SA 363 -42.08 37.54 -20.76
C GLY SA 363 -41.28 36.25 -20.59
N ARG SA 364 -40.51 36.17 -19.49
CA ARG SA 364 -39.74 34.98 -19.10
C ARG SA 364 -40.63 33.77 -18.79
N LEU SA 365 -41.75 34.00 -18.10
CA LEU SA 365 -42.76 32.98 -17.84
C LEU SA 365 -43.45 32.50 -19.13
N GLN SA 366 -43.71 33.39 -20.09
CA GLN SA 366 -44.28 33.03 -21.38
C GLN SA 366 -43.32 32.15 -22.21
N ASP SA 367 -42.02 32.46 -22.22
CA ASP SA 367 -41.00 31.63 -22.88
C ASP SA 367 -40.82 30.24 -22.23
N GLU SA 368 -40.77 30.17 -20.90
CA GLU SA 368 -40.73 28.90 -20.15
C GLU SA 368 -41.95 28.01 -20.46
N ILE SA 369 -43.12 28.61 -20.64
CA ILE SA 369 -44.34 27.92 -21.08
C ILE SA 369 -44.26 27.43 -22.54
N GLN SA 370 -43.60 28.14 -23.46
CA GLN SA 370 -43.42 27.69 -24.85
C GLN SA 370 -42.34 26.60 -24.98
N ASN SA 371 -41.23 26.71 -24.24
CA ASN SA 371 -40.13 25.73 -24.23
C ASN SA 371 -40.62 24.32 -23.84
N MET SA 372 -41.46 24.22 -22.80
CA MET SA 372 -42.08 22.96 -22.40
C MET SA 372 -43.02 22.36 -23.47
N LYS SA 373 -43.72 23.20 -24.26
CA LYS SA 373 -44.62 22.75 -25.32
C LYS SA 373 -43.88 22.21 -26.55
N GLU SA 374 -42.72 22.78 -26.91
CA GLU SA 374 -41.92 22.31 -28.05
C GLU SA 374 -41.30 20.93 -27.78
N GLU SA 375 -40.75 20.78 -26.57
CA GLU SA 375 -40.28 19.51 -26.02
C GLU SA 375 -41.39 18.45 -25.97
N MET SA 376 -42.58 18.80 -25.48
CA MET SA 376 -43.74 17.90 -25.55
C MET SA 376 -44.18 17.60 -26.99
N ALA SA 377 -44.26 18.59 -27.87
CA ALA SA 377 -44.72 18.42 -29.25
C ALA SA 377 -43.84 17.46 -30.08
N ARG SA 378 -42.53 17.41 -29.79
CA ARG SA 378 -41.62 16.39 -30.34
C ARG SA 378 -41.90 15.00 -29.76
N HIS SA 379 -41.96 14.89 -28.43
CA HIS SA 379 -42.24 13.62 -27.73
C HIS SA 379 -43.58 12.96 -28.12
N LEU SA 380 -44.59 13.74 -28.54
CA LEU SA 380 -45.85 13.21 -29.08
C LEU SA 380 -45.68 12.35 -30.34
N ARG SA 381 -44.69 12.65 -31.21
CA ARG SA 381 -44.37 11.80 -32.37
C ARG SA 381 -43.21 10.85 -32.17
N GLU SA 382 -42.31 11.10 -31.21
CA GLU SA 382 -41.34 10.07 -30.77
C GLU SA 382 -42.06 8.79 -30.32
N TYR SA 383 -43.23 8.93 -29.65
CA TYR SA 383 -44.08 7.77 -29.34
C TYR SA 383 -44.95 7.28 -30.52
N GLN SA 384 -45.35 8.14 -31.46
CA GLN SA 384 -46.08 7.71 -32.66
C GLN SA 384 -45.22 6.84 -33.59
N ASP SA 385 -43.93 7.13 -33.71
CA ASP SA 385 -42.98 6.29 -34.45
C ASP SA 385 -42.63 4.98 -33.73
N LEU SA 386 -42.67 4.96 -32.39
CA LEU SA 386 -42.67 3.70 -31.63
C LEU SA 386 -43.97 2.88 -31.78
N LEU SA 387 -45.13 3.52 -32.04
CA LEU SA 387 -46.35 2.83 -32.47
C LEU SA 387 -46.27 2.32 -33.92
N ASN SA 388 -45.52 3.00 -34.82
CA ASN SA 388 -45.21 2.48 -36.15
C ASN SA 388 -44.27 1.25 -36.10
N VAL SA 389 -43.31 1.22 -35.16
CA VAL SA 389 -42.50 0.02 -34.87
C VAL SA 389 -43.37 -1.11 -34.32
N LYS SA 390 -44.33 -0.82 -33.44
CA LYS SA 390 -45.30 -1.81 -32.95
C LYS SA 390 -46.25 -2.32 -34.05
N MET SA 391 -46.59 -1.50 -35.05
CA MET SA 391 -47.37 -1.92 -36.21
C MET SA 391 -46.59 -2.87 -37.12
N ALA SA 392 -45.27 -2.72 -37.24
CA ALA SA 392 -44.42 -3.71 -37.91
C ALA SA 392 -44.35 -5.05 -37.15
N LEU SA 393 -44.36 -5.01 -35.81
CA LEU SA 393 -44.52 -6.23 -34.99
C LEU SA 393 -45.91 -6.89 -35.16
N ASP SA 394 -46.96 -6.17 -35.55
CA ASP SA 394 -48.25 -6.77 -35.91
C ASP SA 394 -48.24 -7.44 -37.30
N ILE SA 395 -47.37 -7.01 -38.22
CA ILE SA 395 -47.07 -7.72 -39.47
C ILE SA 395 -46.30 -9.03 -39.19
N GLU SA 396 -45.44 -9.06 -38.18
CA GLU SA 396 -44.80 -10.28 -37.68
C GLU SA 396 -45.82 -11.24 -37.01
N ILE SA 397 -46.74 -10.72 -36.19
CA ILE SA 397 -47.85 -11.50 -35.59
C ILE SA 397 -48.79 -12.06 -36.66
N ALA SA 398 -49.09 -11.29 -37.71
CA ALA SA 398 -49.87 -11.74 -38.86
C ALA SA 398 -49.13 -12.79 -39.70
N THR SA 399 -47.81 -12.71 -39.76
CA THR SA 399 -46.93 -13.68 -40.44
C THR SA 399 -46.76 -14.98 -39.64
N TYR SA 400 -46.83 -14.93 -38.31
CA TYR SA 400 -46.74 -16.14 -37.47
C TYR SA 400 -47.94 -17.10 -37.65
N ARG SA 401 -49.11 -16.61 -38.08
CA ARG SA 401 -50.23 -17.50 -38.49
C ARG SA 401 -49.92 -18.31 -39.75
N LYS SA 402 -49.23 -17.70 -40.73
CA LYS SA 402 -48.67 -18.40 -41.89
C LYS SA 402 -47.49 -19.30 -41.54
N LEU SA 403 -46.83 -19.09 -40.40
CA LEU SA 403 -45.85 -20.02 -39.87
C LEU SA 403 -46.53 -21.27 -39.29
N LEU SA 404 -47.67 -21.15 -38.61
CA LEU SA 404 -48.46 -22.32 -38.16
C LEU SA 404 -49.05 -23.13 -39.33
N GLU SA 405 -49.62 -22.46 -40.34
CA GLU SA 405 -50.05 -23.08 -41.61
C GLU SA 405 -48.86 -23.74 -42.35
N GLY SA 406 -47.68 -23.13 -42.21
CA GLY SA 406 -46.41 -23.62 -42.76
C GLY SA 406 -45.82 -24.80 -42.00
N GLU SA 407 -45.96 -24.89 -40.68
CA GLU SA 407 -45.51 -26.00 -39.82
C GLU SA 407 -46.37 -27.26 -40.03
N GLU SA 408 -47.69 -27.09 -40.14
CA GLU SA 408 -48.63 -28.14 -40.52
C GLU SA 408 -48.34 -28.71 -41.92
N SER SA 409 -47.85 -27.85 -42.83
CA SER SA 409 -47.35 -28.26 -44.15
C SER SA 409 -45.93 -28.86 -44.11
N ARG SA 410 -45.04 -28.32 -43.26
CA ARG SA 410 -43.61 -28.65 -43.16
C ARG SA 410 -43.38 -30.09 -42.77
N ILE SA 411 -44.14 -30.57 -41.78
CA ILE SA 411 -43.99 -31.94 -41.30
C ILE SA 411 -44.28 -32.97 -42.40
N SER SA 412 -45.04 -32.64 -43.46
CA SER SA 412 -45.45 -33.58 -44.52
C SER SA 412 -46.41 -34.70 -44.04
N LEU SA 413 -46.61 -34.78 -42.71
CA LEU SA 413 -46.46 -35.98 -41.88
C LEU SA 413 -45.85 -37.22 -42.60
N PRO SA 414 -44.52 -37.18 -42.86
CA PRO SA 414 -43.84 -38.04 -43.84
C PRO SA 414 -44.72 -38.53 -45.02
N LEU SA 415 -44.43 -39.70 -45.61
CA LEU SA 415 -45.49 -40.45 -46.31
C LEU SA 415 -45.40 -41.96 -46.04
N PRO SA 416 -45.62 -42.40 -44.79
CA PRO SA 416 -45.39 -43.78 -44.35
C PRO SA 416 -46.54 -44.72 -44.75
N ASN SA 417 -47.00 -44.66 -46.00
CA ASN SA 417 -48.02 -45.56 -46.55
C ASN SA 417 -47.45 -46.97 -46.88
N PHE SA 418 -46.59 -47.49 -46.00
CA PHE SA 418 -45.94 -48.78 -46.13
C PHE SA 418 -46.96 -49.94 -45.97
N SER SA 419 -46.49 -51.18 -46.14
CA SER SA 419 -47.29 -52.34 -46.57
C SER SA 419 -47.65 -52.36 -48.08
N SER SA 420 -47.19 -51.35 -48.83
CA SER SA 420 -46.91 -51.48 -50.28
C SER SA 420 -45.60 -52.26 -50.54
N LEU SA 421 -44.60 -52.00 -49.69
CA LEU SA 421 -43.59 -52.97 -49.24
C LEU SA 421 -43.72 -53.01 -47.70
N ASN SA 422 -44.02 -54.14 -47.03
CA ASN SA 422 -44.39 -55.46 -47.56
C ASN SA 422 -43.31 -56.16 -48.40
N LEU SA 423 -42.27 -56.63 -47.72
CA LEU SA 423 -41.21 -57.43 -48.33
C LEU SA 423 -41.83 -58.81 -48.60
N ARG SA 424 -42.25 -58.93 -49.86
CA ARG SA 424 -43.46 -59.64 -50.27
C ARG SA 424 -43.51 -61.08 -49.72
N GLU SA 425 -44.66 -61.74 -49.59
CA GLU SA 425 -45.75 -61.84 -50.57
C GLU SA 425 -45.28 -62.33 -51.97
N THR SA 426 -44.02 -62.79 -52.03
CA THR SA 426 -43.54 -63.96 -52.78
C THR SA 426 -43.87 -65.20 -51.94
N ASN SA 427 -45.09 -65.67 -52.20
CA ASN SA 427 -46.25 -65.51 -51.31
C ASN SA 427 -46.30 -66.52 -50.14
N LEU SA 428 -47.42 -66.52 -49.41
CA LEU SA 428 -47.76 -67.60 -48.47
C LEU SA 428 -47.74 -68.98 -49.16
N ASP SA 429 -47.96 -69.02 -50.48
CA ASP SA 429 -47.69 -70.15 -51.37
C ASP SA 429 -48.23 -71.49 -50.85
N SER SA 430 -49.55 -71.46 -50.62
CA SER SA 430 -50.44 -72.62 -50.80
C SER SA 430 -50.68 -72.95 -52.28
N LEU SA 431 -49.60 -72.96 -53.08
CA LEU SA 431 -49.65 -73.18 -54.54
C LEU SA 431 -50.05 -74.63 -54.88
N PRO SA 432 -50.49 -74.91 -56.13
CA PRO SA 432 -50.89 -76.25 -56.56
C PRO SA 432 -49.71 -77.17 -56.93
N LEU SA 433 -48.51 -76.96 -56.37
CA LEU SA 433 -47.32 -77.79 -56.65
C LEU SA 433 -47.34 -79.07 -55.82
N VAL SA 434 -48.34 -79.92 -56.03
CA VAL SA 434 -48.59 -81.10 -55.19
C VAL SA 434 -48.54 -82.39 -55.99
N ASP SA 435 -48.01 -83.47 -55.40
CA ASP SA 435 -48.21 -84.86 -55.87
C ASP SA 435 -48.54 -85.84 -54.73
N THR SA 436 -49.15 -85.33 -53.64
CA THR SA 436 -49.61 -86.09 -52.46
C THR SA 436 -51.07 -85.81 -52.00
N HIS SA 437 -52.06 -85.36 -52.79
CA HIS SA 437 -52.27 -85.33 -54.26
C HIS SA 437 -51.83 -86.61 -55.01
N SER SA 438 -51.87 -87.75 -54.32
CA SER SA 438 -50.97 -88.88 -54.55
C SER SA 438 -50.89 -89.34 -56.01
N LYS SA 439 -49.67 -89.62 -56.45
CA LYS SA 439 -49.32 -90.40 -57.66
C LYS SA 439 -49.73 -91.89 -57.57
N ARG SA 440 -51.03 -92.17 -57.62
CA ARG SA 440 -51.64 -93.51 -57.58
C ARG SA 440 -51.25 -94.30 -58.85
N THR SA 441 -50.16 -95.07 -58.75
CA THR SA 441 -49.73 -96.03 -59.78
C THR SA 441 -50.62 -97.28 -59.82
N LEU SA 442 -51.83 -97.17 -60.38
CA LEU SA 442 -52.68 -98.33 -60.71
C LEU SA 442 -52.09 -99.08 -61.93
N LEU SA 443 -51.19 -100.03 -61.64
CA LEU SA 443 -50.53 -100.92 -62.59
C LEU SA 443 -51.37 -102.18 -62.85
N ILE SA 444 -52.37 -102.11 -63.74
CA ILE SA 444 -53.12 -103.32 -64.16
C ILE SA 444 -52.26 -104.16 -65.11
N LYS SA 445 -51.39 -105.02 -64.56
CA LYS SA 445 -50.59 -106.01 -65.28
C LYS SA 445 -51.49 -107.14 -65.81
N THR SA 446 -52.15 -106.91 -66.94
CA THR SA 446 -53.01 -107.91 -67.59
C THR SA 446 -52.16 -108.95 -68.31
N VAL SA 447 -51.76 -110.01 -67.61
CA VAL SA 447 -51.04 -111.15 -68.22
C VAL SA 447 -52.05 -112.06 -68.92
N GLU SA 448 -52.30 -111.82 -70.20
CA GLU SA 448 -53.05 -112.75 -71.03
C GLU SA 448 -52.14 -113.95 -71.36
N THR SA 449 -52.40 -115.07 -70.70
CA THR SA 449 -51.80 -116.36 -71.08
C THR SA 449 -52.76 -117.18 -71.93
N ARG SA 450 -52.21 -117.89 -72.91
CA ARG SA 450 -52.85 -119.03 -73.56
C ARG SA 450 -52.14 -120.29 -73.06
N ASP SA 451 -52.90 -121.27 -72.58
CA ASP SA 451 -52.41 -122.61 -72.14
C ASP SA 451 -51.37 -122.56 -70.97
N GLY SA 452 -50.95 -121.36 -70.57
CA GLY SA 452 -49.94 -121.03 -69.57
C GLY SA 452 -48.79 -120.17 -70.12
N GLN SA 453 -48.62 -120.10 -71.44
CA GLN SA 453 -47.68 -119.21 -72.11
C GLN SA 453 -48.23 -117.78 -72.16
N VAL SA 454 -47.43 -116.78 -71.76
CA VAL SA 454 -47.77 -115.36 -71.95
C VAL SA 454 -47.87 -115.04 -73.44
N ILE SA 455 -49.02 -114.54 -73.88
CA ILE SA 455 -49.26 -114.06 -75.24
C ILE SA 455 -49.23 -112.53 -75.28
N ASN SA 456 -49.84 -111.86 -74.29
CA ASN SA 456 -49.73 -110.42 -74.07
C ASN SA 456 -49.50 -110.13 -72.58
N GLU SA 457 -48.72 -109.09 -72.28
CA GLU SA 457 -48.79 -108.39 -70.99
C GLU SA 457 -49.23 -106.93 -71.21
N THR SA 458 -50.54 -106.69 -71.20
CA THR SA 458 -51.08 -105.33 -71.25
C THR SA 458 -50.99 -104.67 -69.87
N SER SA 459 -49.79 -104.24 -69.49
CA SER SA 459 -49.52 -103.48 -68.26
C SER SA 459 -50.05 -102.05 -68.34
N GLN SA 460 -51.36 -101.87 -68.12
CA GLN SA 460 -51.97 -100.54 -68.06
C GLN SA 460 -51.52 -99.78 -66.79
N HIS SA 461 -50.48 -98.95 -66.91
CA HIS SA 461 -50.14 -97.93 -65.90
C HIS SA 461 -51.12 -96.75 -66.03
N HIS SA 462 -52.22 -96.80 -65.27
CA HIS SA 462 -52.97 -95.58 -64.93
C HIS SA 462 -52.15 -94.80 -63.90
N ASP SA 463 -51.64 -93.65 -64.30
CA ASP SA 463 -50.65 -92.87 -63.55
C ASP SA 463 -51.29 -91.62 -62.93
N ASP SA 464 -52.27 -91.89 -62.07
CA ASP SA 464 -53.29 -90.96 -61.60
C ASP SA 464 -52.70 -90.05 -60.50
N LEU SA 465 -52.84 -88.72 -60.61
CA LEU SA 465 -52.32 -87.75 -59.62
C LEU SA 465 -53.50 -87.09 -58.88
N GLU SA 466 -53.87 -87.62 -57.71
CA GLU SA 466 -55.21 -87.48 -57.06
C GLU SA 466 -55.64 -86.07 -56.61
N ALA TA 268 -28.90 158.25 34.66
CA ALA TA 268 -30.10 157.42 34.62
C ALA TA 268 -30.68 157.20 33.21
N LEU TA 269 -30.60 158.22 32.34
CA LEU TA 269 -30.97 158.10 30.92
C LEU TA 269 -30.01 157.22 30.09
N ARG TA 270 -28.72 157.15 30.45
CA ARG TA 270 -27.75 156.18 29.90
C ARG TA 270 -27.98 154.77 30.43
N ASP TA 271 -28.46 154.60 31.65
CA ASP TA 271 -28.74 153.27 32.22
C ASP TA 271 -30.03 152.66 31.64
N VAL TA 272 -31.03 153.48 31.33
CA VAL TA 272 -32.16 153.10 30.46
C VAL TA 272 -31.71 152.69 29.05
N ARG TA 273 -30.68 153.37 28.50
CA ARG TA 273 -30.10 153.00 27.20
C ARG TA 273 -29.30 151.68 27.27
N GLN TA 274 -28.54 151.45 28.33
CA GLN TA 274 -27.80 150.20 28.57
C GLN TA 274 -28.75 149.02 28.88
N GLN TA 275 -29.91 149.26 29.50
CA GLN TA 275 -31.00 148.28 29.61
C GLN TA 275 -31.56 147.92 28.24
N TYR TA 276 -31.85 148.90 27.38
CA TYR TA 276 -32.31 148.67 26.01
C TYR TA 276 -31.30 147.87 25.18
N GLU TA 277 -30.01 148.20 25.25
CA GLU TA 277 -28.94 147.49 24.53
C GLU TA 277 -28.68 146.07 25.07
N SER TA 278 -28.84 145.86 26.38
CA SER TA 278 -28.77 144.53 27.02
C SER TA 278 -29.96 143.64 26.63
N VAL TA 279 -31.18 144.17 26.72
CA VAL TA 279 -32.40 143.44 26.34
C VAL TA 279 -32.44 143.16 24.83
N ALA TA 280 -31.99 144.10 23.99
CA ALA TA 280 -31.84 143.85 22.55
C ALA TA 280 -30.84 142.73 22.24
N ALA TA 281 -29.72 142.65 22.97
CA ALA TA 281 -28.76 141.55 22.82
C ALA TA 281 -29.33 140.19 23.30
N LYS TA 282 -30.11 140.16 24.38
CA LYS TA 282 -30.77 138.92 24.86
C LYS TA 282 -31.93 138.46 23.96
N ASN TA 283 -32.64 139.40 23.33
CA ASN TA 283 -33.65 139.08 22.31
C ASN TA 283 -33.03 138.44 21.05
N LEU TA 284 -31.79 138.82 20.69
CA LEU TA 284 -31.02 138.16 19.63
C LEU TA 284 -30.57 136.75 20.04
N GLN TA 285 -30.24 136.51 21.32
CA GLN TA 285 -29.93 135.17 21.84
C GLN TA 285 -31.16 134.25 21.97
N GLU TA 286 -32.34 134.79 22.26
CA GLU TA 286 -33.60 134.02 22.17
C GLU TA 286 -33.86 133.52 20.73
N ALA TA 287 -33.61 134.38 19.74
CA ALA TA 287 -33.67 133.99 18.33
C ALA TA 287 -32.56 133.00 17.95
N GLU TA 288 -31.34 133.13 18.50
CA GLU TA 288 -30.22 132.22 18.27
C GLU TA 288 -30.52 130.80 18.77
N GLU TA 289 -31.09 130.65 19.97
CA GLU TA 289 -31.55 129.35 20.50
C GLU TA 289 -32.74 128.76 19.71
N TRP TA 290 -33.63 129.61 19.19
CA TRP TA 290 -34.68 129.16 18.26
C TRP TA 290 -34.13 128.69 16.90
N TYR TA 291 -33.10 129.35 16.36
CA TYR TA 291 -32.37 128.86 15.18
C TYR TA 291 -31.61 127.57 15.48
N LYS TA 292 -31.02 127.40 16.67
CA LYS TA 292 -30.41 126.12 17.10
C LYS TA 292 -31.44 125.00 17.24
N SER TA 293 -32.64 125.28 17.74
CA SER TA 293 -33.76 124.32 17.79
C SER TA 293 -34.11 123.81 16.40
N LYS TA 294 -34.22 124.73 15.44
CA LYS TA 294 -34.42 124.41 14.01
C LYS TA 294 -33.23 123.68 13.37
N PHE TA 295 -32.00 123.93 13.81
CA PHE TA 295 -30.83 123.17 13.35
C PHE TA 295 -30.81 121.75 13.93
N ALA TA 296 -31.31 121.52 15.14
CA ALA TA 296 -31.53 120.18 15.70
C ALA TA 296 -32.65 119.43 14.95
N ASP TA 297 -33.77 120.10 14.66
CA ASP TA 297 -34.86 119.57 13.80
C ASP TA 297 -34.33 119.10 12.44
N LEU TA 298 -33.59 119.96 11.74
CA LEU TA 298 -33.05 119.66 10.40
C LEU TA 298 -31.96 118.57 10.42
N SER TA 299 -31.07 118.59 11.42
CA SER TA 299 -29.96 117.63 11.51
C SER TA 299 -30.46 116.23 11.89
N GLU TA 300 -31.38 116.15 12.85
CA GLU TA 300 -31.97 114.88 13.26
C GLU TA 300 -33.05 114.38 12.29
N ALA TA 301 -33.67 115.26 11.48
CA ALA TA 301 -34.41 114.84 10.29
C ALA TA 301 -33.49 114.23 9.21
N ALA TA 302 -32.29 114.78 8.99
CA ALA TA 302 -31.32 114.19 8.07
C ALA TA 302 -30.77 112.83 8.56
N ASN TA 303 -30.56 112.67 9.88
CA ASN TA 303 -30.26 111.37 10.47
C ASN TA 303 -31.43 110.38 10.37
N ARG TA 304 -32.66 110.84 10.62
CA ARG TA 304 -33.89 110.06 10.45
C ARG TA 304 -34.12 109.62 9.01
N ASN TA 305 -33.76 110.43 8.01
CA ASN TA 305 -33.80 110.04 6.60
C ASN TA 305 -32.75 108.97 6.24
N ASN TA 306 -31.54 109.06 6.81
CA ASN TA 306 -30.52 108.00 6.68
C ASN TA 306 -30.92 106.69 7.39
N ASP TA 307 -31.73 106.74 8.45
CA ASP TA 307 -32.29 105.57 9.12
C ASP TA 307 -33.55 105.02 8.46
N ALA TA 308 -34.40 105.87 7.89
CA ALA TA 308 -35.51 105.48 7.02
C ALA TA 308 -35.02 104.78 5.74
N LEU TA 309 -33.84 105.16 5.23
CA LEU TA 309 -33.16 104.45 4.14
C LEU TA 309 -32.64 103.05 4.56
N ARG TA 310 -32.30 102.84 5.84
CA ARG TA 310 -31.93 101.52 6.39
C ARG TA 310 -33.17 100.65 6.64
N GLN TA 311 -34.26 101.27 7.08
CA GLN TA 311 -35.58 100.70 7.36
C GLN TA 311 -36.31 100.22 6.07
N ALA TA 312 -36.37 101.10 5.07
CA ALA TA 312 -36.86 100.78 3.73
C ALA TA 312 -35.98 99.76 2.99
N LYS TA 313 -34.68 99.65 3.32
CA LYS TA 313 -33.81 98.58 2.81
C LYS TA 313 -34.02 97.25 3.54
N GLN TA 314 -34.40 97.25 4.81
CA GLN TA 314 -34.81 96.07 5.56
C GLN TA 314 -36.14 95.51 5.04
N GLU TA 315 -37.10 96.38 4.76
CA GLU TA 315 -38.41 96.06 4.17
C GLU TA 315 -38.29 95.66 2.68
N SER TA 316 -37.36 96.29 1.93
CA SER TA 316 -36.94 95.82 0.60
C SER TA 316 -36.25 94.45 0.62
N THR TA 317 -35.70 94.02 1.75
CA THR TA 317 -35.10 92.68 1.91
C THR TA 317 -36.16 91.64 2.27
N GLU TA 318 -37.23 92.03 2.95
CA GLU TA 318 -38.42 91.23 3.28
C GLU TA 318 -39.14 90.73 2.02
N TYR TA 319 -39.58 91.69 1.20
CA TYR TA 319 -40.33 91.41 -0.03
C TYR TA 319 -39.50 90.62 -1.05
N ARG TA 320 -38.20 90.93 -1.17
CA ARG TA 320 -37.29 90.19 -2.06
C ARG TA 320 -37.12 88.74 -1.62
N ARG TA 321 -36.81 88.48 -0.34
CA ARG TA 321 -36.67 87.11 0.17
C ARG TA 321 -37.96 86.32 0.01
N GLN TA 322 -39.09 86.88 0.39
CA GLN TA 322 -40.37 86.18 0.29
C GLN TA 322 -40.72 85.84 -1.16
N VAL TA 323 -40.67 86.81 -2.08
CA VAL TA 323 -40.96 86.59 -3.51
C VAL TA 323 -39.97 85.62 -4.17
N GLN TA 324 -38.67 85.72 -3.85
CA GLN TA 324 -37.66 84.81 -4.37
C GLN TA 324 -37.84 83.37 -3.85
N SER TA 325 -38.22 83.20 -2.58
CA SER TA 325 -38.40 81.89 -1.97
C SER TA 325 -39.70 81.20 -2.40
N LEU TA 326 -40.80 81.97 -2.54
CA LEU TA 326 -42.05 81.52 -3.18
C LEU TA 326 -41.85 81.15 -4.66
N THR TA 327 -40.96 81.85 -5.39
CA THR TA 327 -40.60 81.47 -6.77
C THR TA 327 -39.87 80.12 -6.80
N CYS TA 328 -38.93 79.92 -5.88
CA CYS TA 328 -38.21 78.65 -5.73
C CYS TA 328 -39.10 77.49 -5.23
N GLU TA 329 -40.18 77.76 -4.48
CA GLU TA 329 -41.19 76.75 -4.13
C GLU TA 329 -41.97 76.27 -5.34
N VAL TA 330 -42.38 77.20 -6.22
CA VAL TA 330 -43.00 76.86 -7.50
C VAL TA 330 -42.03 76.11 -8.41
N ASP TA 331 -40.74 76.44 -8.38
CA ASP TA 331 -39.69 75.70 -9.10
C ASP TA 331 -39.45 74.29 -8.56
N ALA TA 332 -39.46 74.07 -7.23
CA ALA TA 332 -39.35 72.75 -6.62
C ALA TA 332 -40.61 71.87 -6.82
N LEU TA 333 -41.81 72.47 -6.82
CA LEU TA 333 -43.04 71.74 -7.13
C LEU TA 333 -43.18 71.41 -8.62
N LYS TA 334 -42.58 72.20 -9.53
CA LYS TA 334 -42.37 71.77 -10.92
C LYS TA 334 -41.31 70.67 -11.05
N GLY TA 335 -40.22 70.71 -10.28
CA GLY TA 335 -39.22 69.64 -10.23
C GLY TA 335 -39.78 68.30 -9.73
N THR TA 336 -40.75 68.38 -8.82
CA THR TA 336 -41.59 67.25 -8.38
C THR TA 336 -42.46 66.72 -9.53
N ASN TA 337 -43.19 67.60 -10.24
CA ASN TA 337 -44.02 67.19 -11.39
C ASN TA 337 -43.20 66.63 -12.55
N GLU TA 338 -42.06 67.23 -12.89
CA GLU TA 338 -41.15 66.73 -13.93
C GLU TA 338 -40.55 65.37 -13.56
N SER TA 339 -40.35 65.07 -12.28
CA SER TA 339 -39.86 63.75 -11.83
C SER TA 339 -40.91 62.66 -12.06
N LEU TA 340 -42.18 62.95 -11.77
CA LEU TA 340 -43.32 62.08 -12.07
C LEU TA 340 -43.60 61.94 -13.58
N GLU TA 341 -43.57 63.05 -14.34
CA GLU TA 341 -43.77 63.04 -15.80
C GLU TA 341 -42.64 62.32 -16.55
N ARG TA 342 -41.43 62.26 -15.99
CA ARG TA 342 -40.32 61.42 -16.47
C ARG TA 342 -40.49 59.96 -16.05
N GLN TA 343 -40.83 59.67 -14.80
CA GLN TA 343 -41.05 58.30 -14.31
C GLN TA 343 -42.16 57.59 -15.08
N MET TA 344 -43.23 58.31 -15.43
CA MET TA 344 -44.33 57.78 -16.25
C MET TA 344 -43.83 57.31 -17.62
N ARG TA 345 -42.83 57.99 -18.21
CA ARG TA 345 -42.16 57.59 -19.46
C ARG TA 345 -41.12 56.50 -19.25
N GLU TA 346 -40.37 56.51 -18.15
CA GLU TA 346 -39.40 55.46 -17.84
C GLU TA 346 -40.05 54.10 -17.58
N MET TA 347 -41.20 54.06 -16.89
CA MET TA 347 -41.98 52.82 -16.77
C MET TA 347 -42.63 52.40 -18.10
N GLU TA 348 -43.13 53.35 -18.91
CA GLU TA 348 -43.70 53.09 -20.24
C GLU TA 348 -42.66 52.53 -21.22
N GLU TA 349 -41.42 53.01 -21.14
CA GLU TA 349 -40.27 52.50 -21.89
C GLU TA 349 -39.80 51.12 -21.36
N ASN TA 350 -39.76 50.91 -20.04
CA ASN TA 350 -39.46 49.59 -19.45
C ASN TA 350 -40.51 48.52 -19.81
N PHE TA 351 -41.81 48.87 -19.81
CA PHE TA 351 -42.87 47.97 -20.31
C PHE TA 351 -42.71 47.71 -21.82
N ALA TA 352 -42.53 48.75 -22.63
CA ALA TA 352 -42.54 48.63 -24.10
C ALA TA 352 -41.30 47.94 -24.68
N VAL TA 353 -40.11 48.26 -24.17
CA VAL TA 353 -38.82 47.72 -24.65
C VAL TA 353 -38.70 46.23 -24.34
N GLU TA 354 -39.01 45.82 -23.11
CA GLU TA 354 -38.95 44.40 -22.76
C GLU TA 354 -40.14 43.61 -23.30
N ALA TA 355 -41.31 44.22 -23.52
CA ALA TA 355 -42.36 43.60 -24.32
C ALA TA 355 -41.94 43.36 -25.78
N ALA TA 356 -41.14 44.25 -26.39
CA ALA TA 356 -40.59 44.05 -27.74
C ALA TA 356 -39.47 42.98 -27.78
N ASN TA 357 -38.60 42.94 -26.78
CA ASN TA 357 -37.56 41.91 -26.65
C ASN TA 357 -38.15 40.49 -26.47
N TYR TA 358 -39.18 40.38 -25.64
CA TYR TA 358 -39.93 39.13 -25.47
C TYR TA 358 -40.92 38.83 -26.60
N GLN TA 359 -41.38 39.81 -27.40
CA GLN TA 359 -42.28 39.54 -28.53
C GLN TA 359 -41.63 38.59 -29.56
N ASP TA 360 -40.42 38.90 -30.02
CA ASP TA 360 -39.73 38.04 -30.97
C ASP TA 360 -39.28 36.71 -30.33
N THR TA 361 -38.98 36.69 -29.03
CA THR TA 361 -38.55 35.47 -28.33
C THR TA 361 -39.71 34.47 -28.15
N ILE TA 362 -40.86 34.97 -27.68
CA ILE TA 362 -42.13 34.24 -27.58
C ILE TA 362 -42.64 33.82 -28.97
N GLY TA 363 -42.48 34.69 -29.98
CA GLY TA 363 -42.92 34.46 -31.35
C GLY TA 363 -42.11 33.36 -32.03
N ARG TA 364 -40.77 33.42 -31.95
CA ARG TA 364 -39.86 32.40 -32.49
C ARG TA 364 -40.04 31.05 -31.78
N LEU TA 365 -40.27 31.04 -30.46
CA LEU TA 365 -40.56 29.79 -29.73
C LEU TA 365 -41.96 29.22 -30.06
N GLN TA 366 -42.94 30.04 -30.42
CA GLN TA 366 -44.21 29.55 -30.97
C GLN TA 366 -44.07 29.00 -32.40
N ASP TA 367 -43.20 29.59 -33.23
CA ASP TA 367 -42.86 29.03 -34.55
C ASP TA 367 -41.99 27.76 -34.45
N GLU TA 368 -41.15 27.60 -33.44
CA GLU TA 368 -40.44 26.33 -33.20
C GLU TA 368 -41.38 25.20 -32.67
N ILE TA 369 -42.46 25.52 -31.96
CA ILE TA 369 -43.54 24.53 -31.68
C ILE TA 369 -44.23 24.07 -32.99
N GLN TA 370 -44.32 24.94 -34.01
CA GLN TA 370 -44.94 24.63 -35.30
C GLN TA 370 -43.98 23.91 -36.25
N ASN TA 371 -42.73 24.38 -36.36
CA ASN TA 371 -41.65 23.74 -37.09
C ASN TA 371 -41.31 22.35 -36.52
N MET TA 372 -41.45 22.15 -35.21
CA MET TA 372 -41.32 20.84 -34.57
C MET TA 372 -42.47 19.89 -34.95
N LYS TA 373 -43.72 20.36 -35.04
CA LYS TA 373 -44.85 19.52 -35.49
C LYS TA 373 -44.69 19.08 -36.96
N GLU TA 374 -44.14 19.95 -37.80
CA GLU TA 374 -43.87 19.65 -39.20
C GLU TA 374 -42.56 18.87 -39.43
N GLU TA 375 -41.57 19.01 -38.55
CA GLU TA 375 -40.38 18.15 -38.51
C GLU TA 375 -40.74 16.73 -38.05
N MET TA 376 -41.67 16.62 -37.12
CA MET TA 376 -42.30 15.35 -36.75
C MET TA 376 -43.21 14.79 -37.86
N ALA TA 377 -43.88 15.62 -38.65
CA ALA TA 377 -44.59 15.18 -39.86
C ALA TA 377 -43.63 14.71 -40.98
N ARG TA 378 -42.41 15.27 -41.05
CA ARG TA 378 -41.31 14.77 -41.90
C ARG TA 378 -40.68 13.48 -41.36
N HIS TA 379 -40.57 13.30 -40.04
CA HIS TA 379 -40.08 12.04 -39.44
C HIS TA 379 -41.06 10.88 -39.61
N LEU TA 380 -42.37 11.16 -39.69
CA LEU TA 380 -43.38 10.19 -40.14
C LEU TA 380 -43.26 9.80 -41.64
N ARG TA 381 -42.48 10.53 -42.46
CA ARG TA 381 -42.13 10.15 -43.84
C ARG TA 381 -40.78 9.46 -43.95
N GLU TA 382 -39.81 9.88 -43.14
CA GLU TA 382 -38.54 9.16 -42.95
C GLU TA 382 -38.77 7.73 -42.41
N TYR TA 383 -39.66 7.60 -41.42
CA TYR TA 383 -40.15 6.29 -40.95
C TYR TA 383 -41.07 5.57 -41.94
N GLN TA 384 -41.74 6.24 -42.88
CA GLN TA 384 -42.44 5.55 -43.97
C GLN TA 384 -41.45 4.89 -44.94
N ASP TA 385 -40.33 5.57 -45.25
CA ASP TA 385 -39.30 5.05 -46.14
C ASP TA 385 -38.40 3.99 -45.48
N LEU TA 386 -38.16 4.10 -44.17
CA LEU TA 386 -37.64 2.99 -43.35
C LEU TA 386 -38.63 1.82 -43.27
N LEU TA 387 -39.95 2.10 -43.18
CA LEU TA 387 -40.98 1.05 -43.12
C LEU TA 387 -41.11 0.28 -44.44
N ASN TA 388 -40.78 0.88 -45.59
CA ASN TA 388 -40.66 0.14 -46.86
C ASN TA 388 -39.56 -0.94 -46.78
N VAL TA 389 -38.42 -0.64 -46.15
CA VAL TA 389 -37.33 -1.61 -45.93
C VAL TA 389 -37.67 -2.62 -44.84
N LYS TA 390 -38.36 -2.20 -43.76
CA LYS TA 390 -38.84 -3.12 -42.70
C LYS TA 390 -39.87 -4.12 -43.24
N MET TA 391 -40.83 -3.67 -44.06
CA MET TA 391 -41.79 -4.56 -44.72
C MET TA 391 -41.13 -5.50 -45.74
N ALA TA 392 -40.00 -5.13 -46.35
CA ALA TA 392 -39.20 -6.04 -47.16
C ALA TA 392 -38.54 -7.15 -46.31
N LEU TA 393 -37.98 -6.82 -45.14
CA LEU TA 393 -37.51 -7.80 -44.16
C LEU TA 393 -38.63 -8.70 -43.62
N ASP TA 394 -39.83 -8.17 -43.45
CA ASP TA 394 -41.01 -8.94 -42.99
C ASP TA 394 -41.54 -9.90 -44.08
N ILE TA 395 -41.40 -9.54 -45.36
CA ILE TA 395 -41.60 -10.43 -46.50
C ILE TA 395 -40.48 -11.47 -46.63
N GLU TA 396 -39.23 -11.12 -46.30
CA GLU TA 396 -38.12 -12.08 -46.21
C GLU TA 396 -38.29 -13.06 -45.04
N ILE TA 397 -38.89 -12.66 -43.92
CA ILE TA 397 -39.29 -13.54 -42.81
C ILE TA 397 -40.45 -14.47 -43.21
N ALA TA 398 -41.47 -13.94 -43.90
CA ALA TA 398 -42.57 -14.72 -44.46
C ALA TA 398 -42.13 -15.73 -45.55
N THR TA 399 -40.99 -15.44 -46.19
CA THR TA 399 -40.29 -16.29 -47.17
C THR TA 399 -39.36 -17.31 -46.51
N TYR TA 400 -38.65 -16.92 -45.43
CA TYR TA 400 -37.81 -17.78 -44.60
C TYR TA 400 -38.62 -18.90 -43.94
N ARG TA 401 -39.85 -18.58 -43.52
CA ARG TA 401 -40.87 -19.58 -43.15
C ARG TA 401 -41.07 -20.63 -44.25
N LYS TA 402 -41.26 -20.22 -45.52
CA LYS TA 402 -41.48 -21.16 -46.64
C LYS TA 402 -40.22 -21.95 -47.02
N LEU TA 403 -39.03 -21.39 -46.77
CA LEU TA 403 -37.75 -22.08 -46.96
C LEU TA 403 -37.51 -23.13 -45.88
N LEU TA 404 -37.80 -22.82 -44.62
CA LEU TA 404 -37.79 -23.75 -43.48
C LEU TA 404 -38.82 -24.88 -43.65
N GLU TA 405 -40.03 -24.52 -44.10
CA GLU TA 405 -41.10 -25.43 -44.50
C GLU TA 405 -40.70 -26.37 -45.65
N GLY TA 406 -39.94 -25.86 -46.64
CA GLY TA 406 -39.46 -26.64 -47.76
C GLY TA 406 -38.27 -27.54 -47.45
N GLU TA 407 -37.34 -27.12 -46.58
CA GLU TA 407 -36.10 -27.86 -46.31
C GLU TA 407 -36.29 -29.00 -45.32
N GLU TA 408 -37.05 -28.79 -44.24
CA GLU TA 408 -37.44 -29.87 -43.31
C GLU TA 408 -38.40 -30.89 -43.95
N SER TA 409 -39.16 -30.47 -44.98
CA SER TA 409 -39.95 -31.37 -45.83
C SER TA 409 -39.08 -32.24 -46.76
N ARG TA 410 -37.93 -31.74 -47.26
CA ARG TA 410 -36.92 -32.59 -47.93
C ARG TA 410 -36.29 -33.62 -47.00
N ILE TA 411 -36.24 -33.33 -45.70
CA ILE TA 411 -35.73 -34.22 -44.64
C ILE TA 411 -36.81 -35.22 -44.16
N SER TA 412 -38.08 -35.03 -44.51
CA SER TA 412 -39.22 -35.81 -43.98
C SER TA 412 -40.09 -36.46 -45.08
N LEU TA 413 -40.14 -37.80 -45.08
CA LEU TA 413 -39.75 -38.58 -46.27
C LEU TA 413 -40.66 -39.83 -46.47
N PRO TA 414 -40.70 -40.45 -47.68
CA PRO TA 414 -41.73 -41.41 -48.07
C PRO TA 414 -41.52 -42.86 -47.57
N LEU TA 415 -42.52 -43.70 -47.86
CA LEU TA 415 -42.44 -45.17 -47.83
C LEU TA 415 -41.26 -45.73 -48.65
N PRO TA 416 -40.89 -47.02 -48.49
CA PRO TA 416 -41.47 -48.01 -47.58
C PRO TA 416 -40.59 -48.31 -46.35
N ASN TA 417 -41.23 -48.42 -45.19
CA ASN TA 417 -40.72 -49.27 -44.11
C ASN TA 417 -40.89 -50.74 -44.52
N PHE TA 418 -39.77 -51.38 -44.88
CA PHE TA 418 -39.71 -52.33 -45.99
C PHE TA 418 -40.63 -53.56 -45.90
N SER TA 419 -41.01 -54.00 -44.69
CA SER TA 419 -41.32 -55.40 -44.40
C SER TA 419 -42.68 -55.60 -43.70
N SER TA 420 -42.74 -56.52 -42.72
CA SER TA 420 -43.56 -57.74 -42.81
C SER TA 420 -43.12 -58.69 -43.94
N LEU TA 421 -43.30 -59.99 -43.76
CA LEU TA 421 -42.87 -61.04 -44.68
C LEU TA 421 -43.78 -62.27 -44.55
N ASN TA 422 -44.40 -62.68 -45.66
CA ASN TA 422 -44.73 -64.07 -45.93
C ASN TA 422 -43.98 -64.51 -47.19
N LEU TA 423 -42.82 -65.15 -46.97
CA LEU TA 423 -42.25 -66.11 -47.90
C LEU TA 423 -42.18 -67.43 -47.15
N ARG TA 424 -43.05 -68.37 -47.52
CA ARG TA 424 -43.09 -69.73 -46.98
C ARG TA 424 -43.78 -70.64 -47.98
N GLU TA 425 -43.61 -71.94 -47.80
CA GLU TA 425 -44.09 -72.92 -48.76
C GLU TA 425 -45.25 -73.71 -48.14
N THR TA 426 -46.44 -73.08 -48.05
CA THR TA 426 -47.59 -73.61 -47.27
C THR TA 426 -48.22 -74.88 -47.89
N ASN TA 427 -48.21 -74.95 -49.22
CA ASN TA 427 -48.55 -76.14 -50.01
C ASN TA 427 -47.70 -76.24 -51.31
N LEU TA 428 -46.75 -75.30 -51.47
CA LEU TA 428 -45.65 -75.37 -52.45
C LEU TA 428 -44.58 -76.39 -52.01
N ASP TA 429 -44.31 -76.46 -50.70
CA ASP TA 429 -43.83 -77.65 -49.98
C ASP TA 429 -45.04 -78.33 -49.32
N SER TA 430 -45.00 -79.67 -49.17
CA SER TA 430 -45.98 -80.55 -49.81
C SER TA 430 -45.82 -80.58 -51.35
N LEU TA 431 -44.55 -80.65 -51.81
CA LEU TA 431 -44.06 -80.47 -53.20
C LEU TA 431 -44.68 -81.48 -54.21
N PRO TA 432 -44.11 -81.75 -55.41
CA PRO TA 432 -44.42 -83.00 -56.14
C PRO TA 432 -43.73 -84.23 -55.48
N LEU TA 433 -43.57 -84.17 -54.16
CA LEU TA 433 -43.23 -85.24 -53.25
C LEU TA 433 -44.50 -86.05 -52.98
N VAL TA 434 -44.50 -87.35 -53.26
CA VAL TA 434 -45.73 -88.17 -53.12
C VAL TA 434 -45.96 -88.71 -51.69
N ASP TA 435 -44.88 -88.82 -50.90
CA ASP TA 435 -44.83 -89.38 -49.54
C ASP TA 435 -43.50 -88.98 -48.81
N THR TA 436 -42.30 -88.88 -49.42
CA THR TA 436 -41.80 -89.27 -50.77
C THR TA 436 -41.86 -90.77 -51.03
N HIS TA 437 -42.76 -91.18 -51.94
CA HIS TA 437 -43.04 -92.55 -52.39
C HIS TA 437 -44.28 -92.53 -53.27
N SER TA 438 -44.11 -92.85 -54.56
CA SER TA 438 -45.17 -92.89 -55.59
C SER TA 438 -46.30 -93.94 -55.41
N LYS TA 439 -46.52 -94.43 -54.18
CA LYS TA 439 -47.27 -95.65 -53.87
C LYS TA 439 -46.81 -96.82 -54.78
N ARG TA 440 -45.48 -96.89 -55.02
CA ARG TA 440 -44.82 -97.60 -56.11
C ARG TA 440 -44.91 -99.11 -55.93
N THR TA 441 -46.10 -99.65 -56.16
CA THR TA 441 -46.42 -101.05 -55.92
C THR TA 441 -45.84 -101.95 -57.02
N LEU TA 442 -44.53 -102.18 -56.98
CA LEU TA 442 -43.80 -103.08 -57.87
C LEU TA 442 -44.20 -104.56 -57.63
N LEU TA 443 -45.24 -105.00 -58.35
CA LEU TA 443 -45.72 -106.38 -58.37
C LEU TA 443 -44.94 -107.20 -59.42
N ILE TA 444 -43.81 -107.78 -59.01
CA ILE TA 444 -43.01 -108.68 -59.86
C ILE TA 444 -43.70 -110.06 -59.93
N LYS TA 445 -44.72 -110.15 -60.79
CA LYS TA 445 -45.44 -111.40 -61.12
C LYS TA 445 -44.59 -112.28 -62.04
N THR TA 446 -43.69 -113.06 -61.46
CA THR TA 446 -42.83 -114.00 -62.20
C THR TA 446 -43.64 -115.23 -62.59
N VAL TA 447 -44.11 -115.26 -63.85
CA VAL TA 447 -44.84 -116.39 -64.43
C VAL TA 447 -43.84 -117.34 -65.09
N GLU TA 448 -43.38 -118.34 -64.34
CA GLU TA 448 -42.47 -119.37 -64.83
C GLU TA 448 -43.27 -120.48 -65.54
N THR TA 449 -43.24 -120.43 -66.87
CA THR TA 449 -43.88 -121.39 -67.77
C THR TA 449 -42.84 -122.35 -68.37
N ARG TA 450 -43.19 -123.64 -68.46
CA ARG TA 450 -42.40 -124.68 -69.12
C ARG TA 450 -43.31 -125.47 -70.05
N ASP TA 451 -42.83 -125.78 -71.25
CA ASP TA 451 -43.56 -126.55 -72.28
C ASP TA 451 -44.93 -125.93 -72.68
N GLY TA 452 -45.12 -124.63 -72.41
CA GLY TA 452 -46.36 -123.88 -72.62
C GLY TA 452 -47.32 -123.83 -71.42
N GLN TA 453 -47.07 -124.59 -70.35
CA GLN TA 453 -47.87 -124.59 -69.11
C GLN TA 453 -47.20 -123.77 -67.98
N VAL TA 454 -47.99 -123.04 -67.18
CA VAL TA 454 -47.49 -122.41 -65.93
C VAL TA 454 -47.08 -123.50 -64.94
N ILE TA 455 -45.83 -123.46 -64.47
CA ILE TA 455 -45.29 -124.35 -63.44
C ILE TA 455 -45.11 -123.62 -62.09
N ASN TA 456 -44.91 -122.30 -62.13
CA ASN TA 456 -44.78 -121.44 -60.94
C ASN TA 456 -45.27 -120.02 -61.25
N GLU TA 457 -46.00 -119.41 -60.32
CA GLU TA 457 -46.46 -118.01 -60.41
C GLU TA 457 -46.09 -117.23 -59.13
N THR TA 458 -44.82 -116.83 -59.03
CA THR TA 458 -44.33 -116.09 -57.85
C THR TA 458 -44.61 -114.59 -58.01
N SER TA 459 -45.65 -114.09 -57.36
CA SER TA 459 -46.05 -112.66 -57.38
C SER TA 459 -45.42 -111.84 -56.24
N GLN TA 460 -44.12 -111.53 -56.34
CA GLN TA 460 -43.39 -110.78 -55.31
C GLN TA 460 -43.73 -109.27 -55.34
N HIS TA 461 -44.47 -108.78 -54.34
CA HIS TA 461 -44.68 -107.33 -54.11
C HIS TA 461 -43.44 -106.72 -53.46
N HIS TA 462 -42.92 -105.64 -54.06
CA HIS TA 462 -42.20 -104.57 -53.37
C HIS TA 462 -43.02 -103.28 -53.37
N ASP TA 463 -42.93 -102.51 -52.30
CA ASP TA 463 -43.59 -101.19 -52.18
C ASP TA 463 -42.53 -100.10 -51.94
N ASP TA 464 -41.47 -100.21 -52.74
CA ASP TA 464 -40.23 -99.45 -52.56
C ASP TA 464 -40.52 -97.95 -52.65
N LEU TA 465 -39.85 -97.16 -51.81
CA LEU TA 465 -40.02 -95.71 -51.77
C LEU TA 465 -39.46 -95.06 -53.06
N GLU TA 466 -40.08 -93.95 -53.47
CA GLU TA 466 -39.88 -93.24 -54.74
C GLU TA 466 -40.22 -91.76 -54.62
N LEU UA 52 -3.25 142.64 67.31
CA LEU UA 52 -3.81 141.30 67.25
C LEU UA 52 -3.12 140.45 66.18
N TYR UA 53 -2.76 139.20 66.51
CA TYR UA 53 -2.31 138.19 65.55
C TYR UA 53 -3.20 136.95 65.60
N ALA UA 54 -3.99 136.73 64.55
CA ALA UA 54 -4.78 135.52 64.35
C ALA UA 54 -4.17 134.67 63.23
N SER UA 55 -3.12 133.91 63.56
CA SER UA 55 -2.48 132.91 62.67
C SER UA 55 -3.33 131.64 62.45
N SER UA 56 -4.53 131.58 63.02
CA SER UA 56 -5.33 130.35 63.14
C SER UA 56 -5.63 129.70 61.77
N PRO UA 57 -5.37 128.38 61.60
CA PRO UA 57 -5.67 127.68 60.35
C PRO UA 57 -7.18 127.38 60.23
N GLY UA 58 -7.92 128.26 59.57
CA GLY UA 58 -9.34 128.03 59.26
C GLY UA 58 -9.60 126.89 58.25
N GLY UA 59 -8.59 126.48 57.49
CA GLY UA 59 -8.68 125.37 56.53
C GLY UA 59 -8.39 124.01 57.16
N VAL UA 60 -9.42 123.18 57.33
CA VAL UA 60 -9.31 121.77 57.75
C VAL UA 60 -9.31 120.83 56.54
N TYR UA 61 -8.48 119.78 56.55
CA TYR UA 61 -8.46 118.81 55.44
C TYR UA 61 -9.69 117.88 55.46
N ALA UA 62 -10.66 118.19 54.58
CA ALA UA 62 -11.84 117.36 54.30
C ALA UA 62 -11.44 116.01 53.69
N THR UA 63 -11.11 115.05 54.55
CA THR UA 63 -10.30 113.88 54.22
C THR UA 63 -11.01 112.95 53.24
N ARG UA 64 -10.47 112.85 52.02
CA ARG UA 64 -10.93 111.91 50.99
C ARG UA 64 -10.15 110.61 51.08
N SER UA 65 -10.84 109.48 50.86
CA SER UA 65 -10.23 108.17 50.63
C SER UA 65 -10.79 107.52 49.36
N SER UA 66 -9.93 106.80 48.64
CA SER UA 66 -10.33 105.95 47.51
C SER UA 66 -9.32 104.83 47.28
N ALA UA 67 -9.24 103.92 48.26
CA ALA UA 67 -8.62 102.60 48.07
C ALA UA 67 -9.18 101.90 46.81
N VAL UA 68 -8.40 100.99 46.20
CA VAL UA 68 -8.63 100.51 44.82
C VAL UA 68 -9.81 99.53 44.73
N ARG UA 69 -11.02 100.10 44.80
CA ARG UA 69 -12.27 99.75 44.09
C ARG UA 69 -12.14 98.47 43.23
N LEU UA 70 -12.32 97.33 43.89
CA LEU UA 70 -12.19 96.00 43.30
C LEU UA 70 -13.37 95.68 42.35
N ARG UA 71 -13.39 94.46 41.80
CA ARG UA 71 -14.48 93.94 40.96
C ARG UA 71 -15.81 93.95 41.71
N SER UA 72 -16.55 95.05 41.59
CA SER UA 72 -17.91 95.21 42.11
C SER UA 72 -18.93 94.55 41.18
N SER UA 73 -18.67 93.28 40.82
CA SER UA 73 -19.60 92.41 40.09
C SER UA 73 -20.67 91.79 41.02
N VAL UA 74 -20.61 92.07 42.32
CA VAL UA 74 -21.72 91.89 43.26
C VAL UA 74 -22.82 92.90 42.91
N PRO UA 75 -24.02 92.49 42.48
CA PRO UA 75 -25.04 93.41 41.97
C PRO UA 75 -25.89 94.07 43.08
N GLY UA 76 -25.71 93.70 44.35
CA GLY UA 76 -26.59 94.05 45.47
C GLY UA 76 -26.60 95.52 45.92
N VAL UA 77 -26.16 96.45 45.07
CA VAL UA 77 -26.19 97.89 45.36
C VAL UA 77 -27.58 98.44 45.04
N ARG UA 78 -28.48 98.46 46.03
CA ARG UA 78 -29.79 99.10 45.88
C ARG UA 78 -29.62 100.59 45.57
N LEU UA 79 -30.53 101.15 44.78
CA LEU UA 79 -30.65 102.59 44.59
C LEU UA 79 -31.41 103.22 45.77
N LEU UA 80 -30.92 104.37 46.23
CA LEU UA 80 -31.61 105.39 47.04
C LEU UA 80 -31.08 106.75 46.56
N GLN UA 81 -31.90 107.80 46.59
CA GLN UA 81 -31.63 109.10 45.95
C GLN UA 81 -32.14 110.26 46.82
N ASP UA 82 -31.84 110.15 48.11
CA ASP UA 82 -32.48 110.88 49.19
C ASP UA 82 -31.80 112.26 49.38
N SER UA 83 -32.51 113.35 49.08
CA SER UA 83 -31.98 114.72 49.12
C SER UA 83 -33.12 115.76 49.18
N VAL UA 84 -32.93 116.99 49.68
CA VAL UA 84 -31.66 117.64 50.08
C VAL UA 84 -31.71 118.36 51.43
N ASP UA 85 -32.91 118.74 51.92
CA ASP UA 85 -33.20 119.60 53.09
C ASP UA 85 -32.09 119.65 54.17
N PHE UA 86 -31.29 120.72 54.29
CA PHE UA 86 -31.23 122.02 53.58
C PHE UA 86 -32.34 123.07 53.82
N SER UA 87 -33.33 122.83 54.70
CA SER UA 87 -34.23 123.90 55.19
C SER UA 87 -33.50 124.99 55.98
N LEU UA 88 -32.29 124.71 56.48
CA LEU UA 88 -31.37 125.73 57.01
C LEU UA 88 -30.90 126.73 55.94
N ALA UA 89 -30.79 126.35 54.67
CA ALA UA 89 -30.49 127.28 53.57
C ALA UA 89 -31.67 128.22 53.28
N ASP UA 90 -32.91 127.74 53.42
CA ASP UA 90 -34.12 128.57 53.30
C ASP UA 90 -34.43 129.41 54.55
N ALA UA 91 -33.97 128.95 55.72
CA ALA UA 91 -33.83 129.78 56.91
C ALA UA 91 -32.77 130.88 56.71
N ILE UA 92 -31.61 130.58 56.12
CA ILE UA 92 -30.58 131.58 55.77
C ILE UA 92 -31.05 132.55 54.67
N ASN UA 93 -31.83 132.10 53.67
CA ASN UA 93 -32.49 132.98 52.70
C ASN UA 93 -33.53 133.89 53.37
N THR UA 94 -34.21 133.40 54.40
CA THR UA 94 -35.12 134.18 55.23
C THR UA 94 -34.38 135.13 56.17
N GLU UA 95 -33.22 134.75 56.70
CA GLU UA 95 -32.31 135.63 57.44
C GLU UA 95 -31.65 136.69 56.54
N PHE UA 96 -31.45 136.44 55.25
CA PHE UA 96 -31.03 137.47 54.28
C PHE UA 96 -32.16 138.46 53.96
N LYS UA 97 -33.42 137.99 53.86
CA LYS UA 97 -34.59 138.88 53.80
C LYS UA 97 -34.76 139.69 55.08
N ASN UA 98 -34.59 139.08 56.25
CA ASN UA 98 -34.68 139.74 57.55
C ASN UA 98 -33.54 140.73 57.75
N THR UA 99 -32.31 140.39 57.36
CA THR UA 99 -31.15 141.29 57.47
C THR UA 99 -31.28 142.47 56.52
N ARG UA 100 -31.82 142.27 55.30
CA ARG UA 100 -32.21 143.38 54.42
C ARG UA 100 -33.35 144.23 55.00
N THR UA 101 -34.32 143.58 55.64
CA THR UA 101 -35.47 144.27 56.24
C THR UA 101 -35.06 145.04 57.50
N ASN UA 102 -34.01 144.61 58.22
CA ASN UA 102 -33.33 145.40 59.23
C ASN UA 102 -32.54 146.54 58.59
N GLU UA 103 -31.78 146.28 57.52
CA GLU UA 103 -31.03 147.31 56.78
C GLU UA 103 -31.98 148.38 56.15
N LYS UA 104 -33.24 148.02 55.83
CA LYS UA 104 -34.35 148.94 55.48
C LYS UA 104 -35.04 149.60 56.69
N THR VA 48 -0.63 142.75 62.73
CA THR VA 48 0.35 141.68 62.41
C THR VA 48 -0.29 140.48 61.72
N SER VA 49 -1.48 140.63 61.12
CA SER VA 49 -2.18 139.51 60.50
C SER VA 49 -1.45 138.96 59.27
N ARG VA 50 -1.26 137.63 59.27
CA ARG VA 50 -1.03 136.77 58.11
C ARG VA 50 -1.74 135.45 58.40
N SER VA 51 -2.36 134.84 57.40
CA SER VA 51 -3.12 133.59 57.55
C SER VA 51 -2.75 132.59 56.43
N LEU VA 52 -3.52 131.52 56.29
CA LEU VA 52 -3.27 130.44 55.33
C LEU VA 52 -3.52 130.90 53.88
N TYR VA 53 -2.50 131.46 53.24
CA TYR VA 53 -2.52 131.81 51.80
C TYR VA 53 -2.18 130.64 50.85
N ALA VA 54 -2.13 129.40 51.36
CA ALA VA 54 -1.80 128.22 50.56
C ALA VA 54 -3.04 127.62 49.86
N SER VA 55 -2.93 127.39 48.55
CA SER VA 55 -3.90 126.62 47.76
C SER VA 55 -3.80 125.11 48.04
N SER VA 56 -4.85 124.35 47.68
CA SER VA 56 -4.90 122.88 47.81
C SER VA 56 -4.46 122.35 49.18
N PRO VA 57 -5.25 122.53 50.26
CA PRO VA 57 -4.95 122.02 51.59
C PRO VA 57 -4.65 120.51 51.58
N GLY VA 58 -3.54 120.09 52.18
CA GLY VA 58 -3.05 118.71 52.13
C GLY VA 58 -2.40 118.29 50.79
N GLY VA 59 -2.14 119.23 49.88
CA GLY VA 59 -1.59 118.96 48.54
C GLY VA 59 -2.62 118.47 47.52
N VAL VA 60 -3.92 118.58 47.83
CA VAL VA 60 -4.99 117.87 47.10
C VAL VA 60 -5.19 118.38 45.66
N TYR VA 61 -5.31 117.42 44.74
CA TYR VA 61 -6.01 117.56 43.46
C TYR VA 61 -6.61 116.20 43.05
N ALA VA 62 -7.45 116.18 42.01
CA ALA VA 62 -8.10 114.96 41.52
C ALA VA 62 -7.12 114.04 40.75
N THR VA 63 -6.22 113.36 41.48
CA THR VA 63 -5.32 112.35 40.90
C THR VA 63 -6.09 111.24 40.19
N ARG VA 64 -5.58 110.78 39.04
CA ARG VA 64 -6.15 109.68 38.27
C ARG VA 64 -6.27 108.40 39.11
N SER VA 65 -7.51 107.98 39.36
CA SER VA 65 -7.83 106.58 39.62
C SER VA 65 -8.18 105.86 38.31
N SER VA 66 -7.69 104.63 38.13
CA SER VA 66 -8.13 103.73 37.06
C SER VA 66 -7.93 102.29 37.53
N ALA VA 67 -9.01 101.52 37.57
CA ALA VA 67 -9.08 100.22 38.25
C ALA VA 67 -9.02 99.04 37.27
N VAL VA 68 -9.30 97.83 37.78
CA VAL VA 68 -9.64 96.67 36.96
C VAL VA 68 -10.80 96.99 36.00
N ARG VA 69 -10.69 96.55 34.73
CA ARG VA 69 -11.67 96.84 33.66
C ARG VA 69 -12.97 96.04 33.82
N LEU VA 70 -13.74 96.34 34.86
CA LEU VA 70 -15.07 95.76 35.11
C LEU VA 70 -16.04 96.16 33.99
N ARG VA 71 -16.48 95.21 33.17
CA ARG VA 71 -17.58 95.38 32.22
C ARG VA 71 -18.93 95.08 32.88
N SER VA 72 -19.38 95.94 33.78
CA SER VA 72 -20.79 95.91 34.19
C SER VA 72 -21.60 96.72 33.17
N SER VA 73 -22.73 96.19 32.70
CA SER VA 73 -23.77 97.07 32.19
C SER VA 73 -24.40 97.83 33.35
N VAL VA 74 -24.73 99.11 33.15
CA VAL VA 74 -25.45 99.94 34.11
C VAL VA 74 -26.58 100.63 33.36
N PRO VA 75 -27.87 100.34 33.66
CA PRO VA 75 -29.01 100.88 32.91
C PRO VA 75 -29.22 102.39 33.10
N GLY VA 76 -28.46 103.03 33.99
CA GLY VA 76 -28.25 104.48 33.96
C GLY VA 76 -29.49 105.30 34.32
N VAL VA 77 -30.26 104.87 35.32
CA VAL VA 77 -31.36 105.67 35.91
C VAL VA 77 -30.79 106.98 36.44
N ARG VA 78 -30.98 108.06 35.66
CA ARG VA 78 -30.38 109.37 35.92
C ARG VA 78 -31.06 109.99 37.13
N LEU VA 79 -30.24 110.48 38.08
CA LEU VA 79 -30.55 111.76 38.69
C LEU VA 79 -30.22 112.84 37.64
N LEU VA 80 -31.24 113.52 37.13
CA LEU VA 80 -31.01 114.78 36.42
C LEU VA 80 -30.63 115.85 37.44
N GLN VA 81 -29.83 116.82 37.01
CA GLN VA 81 -29.25 117.82 37.89
C GLN VA 81 -29.66 119.21 37.36
N ASP VA 82 -30.80 119.69 37.83
CA ASP VA 82 -31.32 121.04 37.51
C ASP VA 82 -30.42 122.13 38.11
N SER VA 83 -29.58 121.75 39.08
CA SER VA 83 -28.42 122.51 39.57
C SER VA 83 -27.10 122.20 38.83
N VAL VA 84 -27.12 121.92 37.51
CA VAL VA 84 -25.92 122.10 36.65
C VAL VA 84 -25.61 123.59 36.60
N ASP VA 85 -24.90 124.03 37.62
CA ASP VA 85 -24.72 125.42 37.98
C ASP VA 85 -26.08 126.13 38.00
N PHE VA 86 -26.87 125.91 39.07
CA PHE VA 86 -28.05 126.76 39.29
C PHE VA 86 -27.66 128.22 39.55
N SER VA 87 -26.36 128.51 39.70
CA SER VA 87 -25.50 129.69 39.41
C SER VA 87 -26.15 131.04 39.17
N LEU VA 88 -27.21 131.10 38.37
CA LEU VA 88 -28.12 132.24 38.35
C LEU VA 88 -28.64 132.54 39.78
N ALA VA 89 -28.94 131.50 40.57
CA ALA VA 89 -29.19 131.50 42.00
C ALA VA 89 -28.00 131.93 42.90
N ASP VA 90 -26.73 131.84 42.47
CA ASP VA 90 -25.55 132.19 43.28
C ASP VA 90 -24.93 133.56 42.94
N ALA VA 91 -25.08 133.98 41.68
CA ALA VA 91 -25.11 135.38 41.29
C ALA VA 91 -26.28 136.09 41.99
N ILE VA 92 -27.45 135.45 42.08
CA ILE VA 92 -28.58 135.89 42.90
C ILE VA 92 -28.32 135.78 44.41
N ASN VA 93 -27.46 134.89 44.93
CA ASN VA 93 -27.00 134.96 46.33
C ASN VA 93 -26.11 136.20 46.57
N THR VA 94 -25.38 136.62 45.55
CA THR VA 94 -24.63 137.88 45.54
C THR VA 94 -25.55 139.10 45.35
N GLU VA 95 -26.72 138.94 44.72
CA GLU VA 95 -27.75 140.00 44.58
C GLU VA 95 -28.81 140.05 45.70
N PHE VA 96 -29.01 138.97 46.46
CA PHE VA 96 -29.68 138.90 47.78
C PHE VA 96 -28.84 139.58 48.90
N LYS VA 97 -27.82 140.33 48.47
CA LYS VA 97 -26.70 140.88 49.25
C LYS VA 97 -26.15 142.15 48.59
N ASN VA 98 -26.33 142.35 47.28
CA ASN VA 98 -26.32 143.66 46.61
C ASN VA 98 -27.60 144.47 46.91
N THR VA 99 -28.75 143.79 46.96
CA THR VA 99 -29.98 144.34 47.55
C THR VA 99 -29.79 144.78 49.00
N ARG VA 100 -29.00 144.06 49.80
CA ARG VA 100 -28.60 144.50 51.15
C ARG VA 100 -27.58 145.64 51.16
N THR VA 101 -26.71 145.70 50.15
CA THR VA 101 -25.69 146.74 49.99
C THR VA 101 -26.32 148.08 49.62
N ASN VA 102 -27.29 148.11 48.69
CA ASN VA 102 -28.00 149.34 48.30
C ASN VA 102 -28.88 149.89 49.43
N GLU VA 103 -29.64 149.03 50.11
CA GLU VA 103 -30.44 149.41 51.29
C GLU VA 103 -29.55 149.92 52.44
N LYS VA 104 -28.34 149.37 52.59
CA LYS VA 104 -27.37 149.83 53.59
C LYS VA 104 -26.54 151.07 53.18
N ALA WA 247 17.87 155.14 36.01
CA ALA WA 247 17.88 154.51 34.69
C ALA WA 247 19.27 154.01 34.30
N GLN WA 248 20.31 154.84 34.35
CA GLN WA 248 21.69 154.38 34.09
C GLN WA 248 22.18 153.32 35.11
N ILE WA 249 21.76 153.36 36.39
CA ILE WA 249 22.00 152.22 37.32
C ILE WA 249 21.14 151.01 36.95
N GLN WA 250 19.86 151.22 36.60
CA GLN WA 250 18.99 150.12 36.18
C GLN WA 250 19.56 149.42 34.93
N GLU WA 251 19.93 150.13 33.85
CA GLU WA 251 20.06 149.75 32.42
C GLU WA 251 21.33 149.06 31.89
N GLN WA 252 22.31 149.04 32.85
CA GLN WA 252 23.34 147.93 32.74
C GLN WA 252 22.75 146.53 33.30
N HIS WA 253 21.56 146.55 33.94
CA HIS WA 253 20.89 145.54 34.79
C HIS WA 253 19.36 145.64 34.48
N VAL WA 254 18.90 146.19 33.38
CA VAL WA 254 18.73 145.66 32.10
C VAL WA 254 18.47 146.90 31.20
N GLN WA 255 18.83 146.64 29.95
CA GLN WA 255 19.81 145.70 29.42
C GLN WA 255 20.65 146.52 28.46
N ILE WA 256 21.74 145.84 28.23
CA ILE WA 256 23.09 146.22 28.74
C ILE WA 256 23.60 147.53 28.18
N ASP WA 257 22.95 148.19 27.21
CA ASP WA 257 22.61 147.91 25.79
C ASP WA 257 21.85 146.61 25.29
N VAL WA 258 20.54 146.70 24.97
CA VAL WA 258 19.56 145.56 25.00
C VAL WA 258 19.87 144.28 24.15
N ASP WA 259 20.29 143.17 24.77
CA ASP WA 259 20.73 141.94 24.08
C ASP WA 259 19.69 141.20 23.20
N VAL WA 260 20.18 140.31 22.32
CA VAL WA 260 19.44 139.19 21.70
C VAL WA 260 19.53 137.85 22.51
N SER WA 261 20.45 137.76 23.48
CA SER WA 261 20.77 136.60 24.37
C SER WA 261 21.20 135.31 23.65
N LYS WA 262 20.34 134.85 22.72
CA LYS WA 262 20.73 133.99 21.60
C LYS WA 262 21.77 134.75 20.75
N PRO WA 263 22.84 134.09 20.26
CA PRO WA 263 23.72 134.68 19.25
C PRO WA 263 23.01 134.84 17.88
N ASP WA 264 23.13 133.87 16.96
CA ASP WA 264 22.30 133.84 15.75
C ASP WA 264 22.24 132.44 15.09
N LEU WA 265 22.18 132.38 13.76
CA LEU WA 265 23.00 131.60 12.81
C LEU WA 265 23.86 130.44 13.38
N THR WA 266 24.49 130.62 14.53
CA THR WA 266 25.11 129.58 15.37
C THR WA 266 24.23 128.34 15.59
N ALA WA 267 22.91 128.52 15.72
CA ALA WA 267 21.94 127.43 15.78
C ALA WA 267 21.87 126.68 14.45
N ALA WA 268 21.54 127.42 13.39
CA ALA WA 268 21.46 126.92 12.02
C ALA WA 268 22.76 126.28 11.50
N LEU WA 269 23.94 126.70 11.96
CA LEU WA 269 25.22 126.09 11.63
C LEU WA 269 25.45 124.73 12.30
N ARG WA 270 24.99 124.55 13.55
CA ARG WA 270 24.95 123.25 14.26
C ARG WA 270 23.85 122.33 13.75
N ASP WA 271 22.76 122.91 13.26
CA ASP WA 271 21.64 122.18 12.69
C ASP WA 271 21.96 121.73 11.26
N VAL WA 272 22.62 122.57 10.46
CA VAL WA 272 23.31 122.21 9.20
C VAL WA 272 24.38 121.14 9.42
N ARG WA 273 25.17 121.22 10.51
CA ARG WA 273 26.15 120.19 10.88
C ARG WA 273 25.49 118.83 11.09
N GLN WA 274 24.48 118.77 11.96
CA GLN WA 274 23.76 117.53 12.27
C GLN WA 274 22.86 117.04 11.12
N GLN WA 275 22.43 117.95 10.23
CA GLN WA 275 21.76 117.62 8.97
C GLN WA 275 22.73 117.11 7.90
N TYR WA 276 23.99 117.56 7.85
CA TYR WA 276 25.03 116.94 7.01
C TYR WA 276 25.44 115.55 7.52
N GLU WA 277 25.52 115.36 8.83
CA GLU WA 277 25.72 114.05 9.46
C GLU WA 277 24.50 113.10 9.21
N SER WA 278 23.28 113.65 9.18
CA SER WA 278 22.06 112.93 8.76
C SER WA 278 21.98 112.67 7.25
N VAL WA 279 22.51 113.55 6.41
CA VAL WA 279 22.60 113.37 4.95
C VAL WA 279 23.69 112.37 4.59
N ALA WA 280 24.77 112.26 5.36
CA ALA WA 280 25.72 111.16 5.28
C ALA WA 280 25.06 109.81 5.64
N ALA WA 281 24.18 109.79 6.65
CA ALA WA 281 23.36 108.62 6.97
C ALA WA 281 22.31 108.27 5.89
N LYS WA 282 21.68 109.27 5.24
CA LYS WA 282 20.82 109.05 4.07
C LYS WA 282 21.59 108.50 2.87
N ASN WA 283 22.77 109.05 2.57
CA ASN WA 283 23.63 108.54 1.50
C ASN WA 283 24.11 107.12 1.79
N LEU WA 284 24.33 106.75 3.06
CA LEU WA 284 24.61 105.37 3.47
C LEU WA 284 23.38 104.44 3.31
N GLN WA 285 22.18 104.92 3.67
CA GLN WA 285 20.92 104.21 3.44
C GLN WA 285 20.67 103.92 1.95
N GLU WA 286 20.85 104.92 1.09
CA GLU WA 286 20.75 104.75 -0.37
C GLU WA 286 21.89 103.90 -0.94
N ALA WA 287 23.07 103.92 -0.31
CA ALA WA 287 24.16 102.99 -0.63
C ALA WA 287 23.92 101.53 -0.16
N GLU WA 288 22.97 101.28 0.74
CA GLU WA 288 22.45 99.92 0.97
C GLU WA 288 21.41 99.50 -0.09
N GLU WA 289 20.70 100.42 -0.74
CA GLU WA 289 19.94 100.13 -1.96
C GLU WA 289 20.87 99.90 -3.18
N TRP WA 290 22.02 100.57 -3.26
CA TRP WA 290 23.07 100.25 -4.24
C TRP WA 290 23.70 98.87 -3.96
N TYR WA 291 23.96 98.56 -2.68
CA TYR WA 291 24.49 97.25 -2.26
C TYR WA 291 23.53 96.09 -2.57
N LYS WA 292 22.23 96.26 -2.29
CA LYS WA 292 21.19 95.33 -2.75
C LYS WA 292 21.17 95.16 -4.26
N SER WA 293 21.34 96.26 -5.02
CA SER WA 293 21.33 96.22 -6.49
C SER WA 293 22.49 95.39 -7.05
N LYS WA 294 23.69 95.50 -6.46
CA LYS WA 294 24.84 94.66 -6.83
C LYS WA 294 24.76 93.23 -6.28
N PHE WA 295 24.13 93.04 -5.14
CA PHE WA 295 23.79 91.72 -4.62
C PHE WA 295 22.71 91.02 -5.47
N ALA WA 296 21.83 91.78 -6.14
CA ALA WA 296 20.88 91.28 -7.13
C ALA WA 296 21.54 90.96 -8.48
N ASP WA 297 22.53 91.76 -8.93
CA ASP WA 297 23.40 91.40 -10.08
C ASP WA 297 24.09 90.03 -9.84
N LEU WA 298 24.69 89.85 -8.65
CA LEU WA 298 25.25 88.58 -8.17
C LEU WA 298 24.21 87.45 -8.14
N SER WA 299 23.07 87.67 -7.50
CA SER WA 299 22.06 86.63 -7.29
C SER WA 299 21.46 86.14 -8.62
N GLU WA 300 21.27 87.05 -9.57
CA GLU WA 300 20.76 86.73 -10.90
C GLU WA 300 21.82 86.10 -11.81
N ALA WA 301 23.10 86.50 -11.71
CA ALA WA 301 24.20 85.80 -12.36
C ALA WA 301 24.37 84.37 -11.82
N ALA WA 302 24.25 84.18 -10.50
CA ALA WA 302 24.27 82.87 -9.87
C ALA WA 302 23.08 81.99 -10.29
N ASN WA 303 21.87 82.56 -10.43
CA ASN WA 303 20.69 81.85 -10.95
C ASN WA 303 20.84 81.46 -12.43
N ARG WA 304 21.24 82.39 -13.30
CA ARG WA 304 21.34 82.16 -14.75
C ARG WA 304 22.42 81.12 -15.10
N ASN WA 305 23.58 81.16 -14.45
CA ASN WA 305 24.61 80.13 -14.63
C ASN WA 305 24.23 78.78 -14.01
N ASN WA 306 23.47 78.79 -12.91
CA ASN WA 306 22.82 77.58 -12.39
C ASN WA 306 21.83 76.98 -13.39
N ASP WA 307 20.93 77.77 -13.97
CA ASP WA 307 19.97 77.25 -14.94
C ASP WA 307 20.60 76.84 -16.27
N ALA WA 308 21.73 77.44 -16.65
CA ALA WA 308 22.57 76.96 -17.76
C ALA WA 308 23.28 75.61 -17.50
N LEU WA 309 23.68 75.30 -16.25
CA LEU WA 309 24.26 73.98 -15.88
C LEU WA 309 23.18 72.94 -15.54
N ARG WA 310 21.99 73.37 -15.08
CA ARG WA 310 20.80 72.51 -14.93
C ARG WA 310 20.23 72.12 -16.31
N GLN WA 311 20.31 73.01 -17.30
CA GLN WA 311 19.98 72.75 -18.70
C GLN WA 311 20.92 71.71 -19.33
N ALA WA 312 22.24 71.80 -19.08
CA ALA WA 312 23.20 70.78 -19.50
C ALA WA 312 22.91 69.38 -18.87
N LYS WA 313 22.46 69.34 -17.60
CA LYS WA 313 21.96 68.09 -16.99
C LYS WA 313 20.63 67.59 -17.59
N GLN WA 314 19.74 68.47 -18.03
CA GLN WA 314 18.48 68.12 -18.70
C GLN WA 314 18.71 67.60 -20.13
N GLU WA 315 19.61 68.22 -20.89
CA GLU WA 315 20.10 67.74 -22.19
C GLU WA 315 20.79 66.38 -22.08
N SER WA 316 21.69 66.22 -21.09
CA SER WA 316 22.30 64.94 -20.73
C SER WA 316 21.30 63.88 -20.23
N THR WA 317 20.08 64.27 -19.87
CA THR WA 317 18.99 63.34 -19.49
C THR WA 317 18.08 63.01 -20.67
N GLU WA 318 17.92 63.91 -21.64
CA GLU WA 318 17.22 63.66 -22.91
C GLU WA 318 18.03 62.79 -23.86
N TYR WA 319 19.33 63.09 -24.05
CA TYR WA 319 20.25 62.21 -24.78
C TYR WA 319 20.39 60.84 -24.11
N ARG WA 320 20.29 60.75 -22.77
CA ARG WA 320 20.20 59.43 -22.09
C ARG WA 320 18.96 58.62 -22.48
N ARG WA 321 17.80 59.25 -22.70
CA ARG WA 321 16.59 58.57 -23.21
C ARG WA 321 16.75 58.13 -24.66
N GLN WA 322 17.39 58.96 -25.50
CA GLN WA 322 17.69 58.65 -26.89
C GLN WA 322 18.68 57.47 -27.02
N VAL WA 323 19.73 57.47 -26.19
CA VAL WA 323 20.66 56.35 -26.00
C VAL WA 323 19.91 55.08 -25.63
N GLN WA 324 19.08 55.13 -24.58
CA GLN WA 324 18.41 53.94 -24.07
C GLN WA 324 17.38 53.38 -25.07
N SER WA 325 16.68 54.24 -25.80
CA SER WA 325 15.70 53.84 -26.82
C SER WA 325 16.37 53.21 -28.05
N LEU WA 326 17.38 53.90 -28.58
CA LEU WA 326 18.18 53.45 -29.73
C LEU WA 326 19.02 52.20 -29.43
N THR WA 327 19.46 52.03 -28.17
CA THR WA 327 20.09 50.76 -27.74
C THR WA 327 19.11 49.60 -27.85
N CYS WA 328 17.88 49.74 -27.31
CA CYS WA 328 16.88 48.67 -27.35
C CYS WA 328 16.39 48.37 -28.77
N GLU WA 329 16.33 49.39 -29.64
CA GLU WA 329 15.94 49.27 -31.04
C GLU WA 329 16.97 48.48 -31.87
N VAL WA 330 18.25 48.80 -31.73
CA VAL WA 330 19.34 48.08 -32.42
C VAL WA 330 19.68 46.73 -31.77
N ASP WA 331 19.52 46.58 -30.45
CA ASP WA 331 19.54 45.25 -29.79
C ASP WA 331 18.41 44.33 -30.29
N ALA WA 332 17.23 44.87 -30.62
CA ALA WA 332 16.12 44.11 -31.19
C ALA WA 332 16.32 43.76 -32.68
N LEU WA 333 16.94 44.64 -33.47
CA LEU WA 333 17.31 44.36 -34.87
C LEU WA 333 18.46 43.34 -34.98
N LYS WA 334 19.46 43.44 -34.09
CA LYS WA 334 20.47 42.38 -33.88
C LYS WA 334 19.86 41.06 -33.43
N GLY WA 335 18.93 41.08 -32.48
CA GLY WA 335 18.19 39.89 -32.05
C GLY WA 335 17.27 39.31 -33.12
N THR WA 336 16.84 40.12 -34.10
CA THR WA 336 16.11 39.67 -35.29
C THR WA 336 17.05 39.02 -36.31
N ASN WA 337 18.25 39.56 -36.51
CA ASN WA 337 19.27 38.96 -37.38
C ASN WA 337 19.81 37.62 -36.83
N GLU WA 338 20.03 37.51 -35.52
CA GLU WA 338 20.29 36.22 -34.84
C GLU WA 338 19.11 35.24 -34.93
N SER WA 339 17.87 35.75 -34.99
CA SER WA 339 16.69 34.91 -35.15
C SER WA 339 16.56 34.36 -36.58
N LEU WA 340 16.95 35.14 -37.59
CA LEU WA 340 17.08 34.68 -38.99
C LEU WA 340 18.23 33.68 -39.14
N GLU WA 341 19.37 33.92 -38.51
CA GLU WA 341 20.51 32.98 -38.42
C GLU WA 341 20.11 31.62 -37.83
N ARG WA 342 19.30 31.62 -36.77
CA ARG WA 342 18.78 30.40 -36.13
C ARG WA 342 17.69 29.68 -36.93
N GLN WA 343 16.82 30.41 -37.62
CA GLN WA 343 15.83 29.83 -38.53
C GLN WA 343 16.47 29.25 -39.79
N MET WA 344 17.52 29.90 -40.31
CA MET WA 344 18.34 29.39 -41.41
C MET WA 344 19.02 28.08 -41.03
N ARG WA 345 19.60 27.99 -39.82
CA ARG WA 345 20.11 26.72 -39.26
C ARG WA 345 19.06 25.61 -39.23
N GLU WA 346 17.86 25.86 -38.72
CA GLU WA 346 16.82 24.82 -38.62
C GLU WA 346 16.21 24.44 -39.99
N MET WA 347 16.30 25.29 -41.01
CA MET WA 347 16.02 24.90 -42.40
C MET WA 347 17.20 24.16 -43.06
N GLU WA 348 18.43 24.56 -42.75
CA GLU WA 348 19.69 23.99 -43.23
C GLU WA 348 19.94 22.57 -42.70
N GLU WA 349 19.59 22.31 -41.43
CA GLU WA 349 19.55 20.99 -40.82
C GLU WA 349 18.52 20.06 -41.50
N ASN WA 350 17.37 20.59 -41.93
CA ASN WA 350 16.44 19.83 -42.78
C ASN WA 350 17.01 19.59 -44.19
N PHE WA 351 17.63 20.58 -44.84
CA PHE WA 351 18.16 20.44 -46.20
C PHE WA 351 19.30 19.39 -46.29
N ALA WA 352 20.19 19.34 -45.30
CA ALA WA 352 21.24 18.33 -45.22
C ALA WA 352 20.66 16.90 -45.05
N VAL WA 353 19.61 16.76 -44.23
CA VAL WA 353 18.88 15.50 -44.02
C VAL WA 353 18.04 15.09 -45.23
N GLU WA 354 17.38 16.01 -45.93
CA GLU WA 354 16.63 15.74 -47.16
C GLU WA 354 17.55 15.31 -48.31
N ALA WA 355 18.73 15.92 -48.44
CA ALA WA 355 19.75 15.52 -49.42
C ALA WA 355 20.27 14.09 -49.17
N ALA WA 356 20.61 13.76 -47.92
CA ALA WA 356 21.07 12.43 -47.53
C ALA WA 356 19.99 11.35 -47.72
N ASN WA 357 18.74 11.62 -47.29
CA ASN WA 357 17.61 10.70 -47.49
C ASN WA 357 17.31 10.48 -48.98
N TYR WA 358 17.38 11.53 -49.81
CA TYR WA 358 17.16 11.40 -51.25
C TYR WA 358 18.24 10.55 -51.91
N GLN WA 359 19.51 10.81 -51.61
CA GLN WA 359 20.63 10.09 -52.23
C GLN WA 359 20.66 8.60 -51.82
N ASP WA 360 20.38 8.29 -50.55
CA ASP WA 360 20.25 6.91 -50.09
C ASP WA 360 19.06 6.20 -50.72
N THR WA 361 17.90 6.87 -50.83
CA THR WA 361 16.70 6.32 -51.48
C THR WA 361 16.96 5.97 -52.93
N ILE WA 362 17.67 6.82 -53.67
CA ILE WA 362 18.02 6.57 -55.08
C ILE WA 362 19.00 5.39 -55.23
N GLY WA 363 20.08 5.37 -54.44
CA GLY WA 363 21.09 4.31 -54.54
C GLY WA 363 20.60 2.93 -54.09
N ARG WA 364 19.86 2.90 -52.98
CA ARG WA 364 19.21 1.69 -52.45
C ARG WA 364 18.17 1.11 -53.40
N LEU WA 365 17.36 1.96 -54.03
CA LEU WA 365 16.40 1.57 -55.06
C LEU WA 365 17.10 1.02 -56.32
N GLN WA 366 18.24 1.60 -56.73
CA GLN WA 366 19.02 1.10 -57.85
C GLN WA 366 19.59 -0.30 -57.58
N ASP WA 367 20.11 -0.56 -56.37
CA ASP WA 367 20.60 -1.89 -55.97
C ASP WA 367 19.48 -2.95 -55.88
N GLU WA 368 18.33 -2.61 -55.30
CA GLU WA 368 17.15 -3.48 -55.27
C GLU WA 368 16.67 -3.86 -56.68
N ILE WA 369 16.76 -2.93 -57.64
CA ILE WA 369 16.48 -3.17 -59.06
C ILE WA 369 17.53 -4.09 -59.72
N GLN WA 370 18.82 -4.04 -59.35
CA GLN WA 370 19.84 -4.93 -59.89
C GLN WA 370 19.78 -6.34 -59.28
N ASN WA 371 19.52 -6.46 -57.97
CA ASN WA 371 19.38 -7.74 -57.26
C ASN WA 371 18.28 -8.63 -57.87
N MET WA 372 17.12 -8.05 -58.19
CA MET WA 372 16.05 -8.76 -58.89
C MET WA 372 16.44 -9.25 -60.30
N LYS WA 373 17.28 -8.49 -61.02
CA LYS WA 373 17.73 -8.87 -62.37
C LYS WA 373 18.75 -10.01 -62.37
N GLU WA 374 19.63 -10.09 -61.37
CA GLU WA 374 20.62 -11.17 -61.26
C GLU WA 374 19.95 -12.52 -60.96
N GLU WA 375 19.00 -12.49 -60.01
CA GLU WA 375 18.11 -13.60 -59.68
C GLU WA 375 17.28 -14.05 -60.90
N MET WA 376 16.70 -13.13 -61.66
CA MET WA 376 16.02 -13.46 -62.91
C MET WA 376 16.99 -14.00 -63.97
N ALA WA 377 18.16 -13.40 -64.16
CA ALA WA 377 19.14 -13.79 -65.18
C ALA WA 377 19.66 -15.23 -65.00
N ARG WA 378 19.76 -15.70 -63.75
CA ARG WA 378 20.03 -17.11 -63.44
C ARG WA 378 18.85 -18.02 -63.79
N HIS WA 379 17.64 -17.67 -63.32
CA HIS WA 379 16.41 -18.43 -63.59
C HIS WA 379 16.08 -18.59 -65.09
N LEU WA 380 16.49 -17.65 -65.95
CA LEU WA 380 16.37 -17.77 -67.40
C LEU WA 380 17.11 -18.98 -67.99
N ARG WA 381 18.26 -19.39 -67.43
CA ARG WA 381 18.97 -20.61 -67.85
C ARG WA 381 18.70 -21.84 -66.98
N GLU WA 382 18.25 -21.67 -65.74
CA GLU WA 382 17.69 -22.81 -64.96
C GLU WA 382 16.52 -23.48 -65.72
N TYR WA 383 15.69 -22.69 -66.42
CA TYR WA 383 14.67 -23.24 -67.34
C TYR WA 383 15.21 -23.69 -68.71
N GLN WA 384 16.28 -23.08 -69.24
CA GLN WA 384 16.92 -23.55 -70.49
C GLN WA 384 17.57 -24.93 -70.34
N ASP WA 385 18.16 -25.24 -69.19
CA ASP WA 385 18.68 -26.57 -68.88
C ASP WA 385 17.59 -27.61 -68.60
N LEU WA 386 16.42 -27.19 -68.08
CA LEU WA 386 15.22 -28.04 -68.08
C LEU WA 386 14.62 -28.27 -69.48
N LEU WA 387 14.81 -27.34 -70.43
CA LEU WA 387 14.51 -27.59 -71.85
C LEU WA 387 15.55 -28.52 -72.52
N ASN WA 388 16.82 -28.51 -72.07
CA ASN WA 388 17.81 -29.50 -72.49
C ASN WA 388 17.49 -30.92 -71.96
N VAL WA 389 16.96 -31.03 -70.74
CA VAL WA 389 16.40 -32.29 -70.21
C VAL WA 389 15.19 -32.75 -71.01
N LYS WA 390 14.30 -31.83 -71.42
CA LYS WA 390 13.17 -32.14 -72.32
C LYS WA 390 13.61 -32.56 -73.73
N MET WA 391 14.73 -32.03 -74.23
CA MET WA 391 15.32 -32.45 -75.51
C MET WA 391 15.89 -33.87 -75.45
N ALA WA 392 16.43 -34.30 -74.30
CA ALA WA 392 16.81 -35.70 -74.09
C ALA WA 392 15.58 -36.64 -74.05
N LEU WA 393 14.46 -36.19 -73.48
CA LEU WA 393 13.18 -36.91 -73.59
C LEU WA 393 12.64 -36.98 -75.04
N ASP WA 394 12.99 -36.06 -75.94
CA ASP WA 394 12.67 -36.18 -77.36
C ASP WA 394 13.56 -37.21 -78.10
N ILE WA 395 14.77 -37.47 -77.62
CA ILE WA 395 15.61 -38.60 -78.06
C ILE WA 395 15.00 -39.94 -77.60
N GLU WA 396 14.38 -39.99 -76.42
CA GLU WA 396 13.59 -41.14 -75.97
C GLU WA 396 12.31 -41.35 -76.81
N ILE WA 397 11.58 -40.27 -77.15
CA ILE WA 397 10.41 -40.31 -78.06
C ILE WA 397 10.81 -40.76 -79.47
N ALA WA 398 11.96 -40.31 -79.97
CA ALA WA 398 12.51 -40.74 -81.25
C ALA WA 398 12.98 -42.21 -81.22
N THR WA 399 13.45 -42.69 -80.07
CA THR WA 399 13.84 -44.09 -79.83
C THR WA 399 12.64 -45.02 -79.68
N TYR WA 400 11.49 -44.53 -79.17
CA TYR WA 400 10.28 -45.35 -79.05
C TYR WA 400 9.67 -45.75 -80.40
N ARG WA 401 9.92 -45.00 -81.49
CA ARG WA 401 9.57 -45.45 -82.85
C ARG WA 401 10.36 -46.66 -83.32
N LYS WA 402 11.65 -46.73 -82.97
CA LYS WA 402 12.51 -47.92 -83.14
C LYS WA 402 12.14 -49.06 -82.19
N LEU WA 403 11.45 -48.77 -81.08
CA LEU WA 403 10.85 -49.80 -80.23
C LEU WA 403 9.61 -50.42 -80.90
N LEU WA 404 8.77 -49.65 -81.59
CA LEU WA 404 7.65 -50.21 -82.37
C LEU WA 404 8.12 -51.04 -83.58
N GLU WA 405 9.11 -50.55 -84.34
CA GLU WA 405 9.79 -51.31 -85.40
C GLU WA 405 10.48 -52.58 -84.84
N GLY WA 406 10.96 -52.49 -83.60
CA GLY WA 406 11.56 -53.58 -82.85
C GLY WA 406 10.56 -54.60 -82.30
N GLU WA 407 9.36 -54.20 -81.89
CA GLU WA 407 8.27 -55.07 -81.42
C GLU WA 407 7.65 -55.88 -82.57
N GLU WA 408 7.44 -55.23 -83.73
CA GLU WA 408 7.03 -55.89 -84.97
C GLU WA 408 8.06 -56.94 -85.44
N SER WA 409 9.35 -56.68 -85.19
CA SER WA 409 10.44 -57.65 -85.41
C SER WA 409 10.53 -58.72 -84.30
N ARG WA 410 10.29 -58.34 -83.03
CA ARG WA 410 10.48 -59.16 -81.82
C ARG WA 410 9.56 -60.37 -81.81
N ILE WA 411 8.30 -60.17 -82.19
CA ILE WA 411 7.32 -61.25 -82.20
C ILE WA 411 7.73 -62.38 -83.17
N SER WA 412 8.56 -62.12 -84.19
CA SER WA 412 8.93 -63.11 -85.23
C SER WA 412 7.75 -63.53 -86.15
N LEU WA 413 6.54 -63.10 -85.79
CA LEU WA 413 5.34 -63.94 -85.60
C LEU WA 413 5.58 -65.48 -85.69
N PRO WA 414 6.19 -66.05 -84.62
CA PRO WA 414 6.84 -67.37 -84.66
C PRO WA 414 7.38 -67.82 -86.05
N LEU WA 415 7.44 -69.13 -86.33
CA LEU WA 415 7.41 -69.57 -87.73
C LEU WA 415 6.54 -70.82 -87.92
N PRO WA 416 5.21 -70.72 -87.70
CA PRO WA 416 4.30 -71.85 -87.66
C PRO WA 416 3.89 -72.33 -89.07
N ASN WA 417 4.85 -72.50 -89.97
CA ASN WA 417 4.64 -73.04 -91.33
C ASN WA 417 4.46 -74.58 -91.33
N PHE WA 418 3.72 -75.09 -90.34
CA PHE WA 418 3.44 -76.51 -90.14
C PHE WA 418 2.51 -77.05 -91.25
N SER WA 419 2.24 -78.36 -91.22
CA SER WA 419 1.87 -79.17 -92.40
C SER WA 419 3.03 -79.53 -93.34
N SER WA 420 4.26 -79.08 -93.00
CA SER WA 420 5.51 -79.76 -93.40
C SER WA 420 5.75 -81.03 -92.56
N LEU WA 421 5.43 -80.94 -91.27
CA LEU WA 421 4.90 -82.03 -90.44
C LEU WA 421 3.53 -81.54 -89.92
N ASN WA 422 2.39 -82.18 -90.18
CA ASN WA 422 2.14 -83.33 -91.06
C ASN WA 422 2.84 -84.63 -90.64
N LEU WA 423 2.35 -85.23 -89.56
CA LEU WA 423 2.81 -86.53 -89.10
C LEU WA 423 2.27 -87.57 -90.09
N ARG WA 424 3.17 -87.89 -91.02
CA ARG WA 424 2.86 -88.15 -92.43
C ARG WA 424 1.74 -89.20 -92.60
N GLU WA 425 1.01 -89.27 -93.71
CA GLU WA 425 1.49 -89.24 -95.11
C GLU WA 425 2.61 -90.28 -95.40
N THR WA 426 2.81 -91.20 -94.44
CA THR WA 426 3.07 -92.64 -94.62
C THR WA 426 1.72 -93.31 -94.87
N ASN WA 427 1.38 -93.31 -96.17
CA ASN WA 427 0.37 -92.43 -96.76
C ASN WA 427 -1.09 -92.91 -96.56
N LEU WA 428 -2.03 -92.24 -97.24
CA LEU WA 428 -3.39 -92.73 -97.42
C LEU WA 428 -3.42 -94.15 -98.03
N ASP WA 429 -2.37 -94.51 -98.79
CA ASP WA 429 -2.04 -95.87 -99.21
C ASP WA 429 -3.23 -96.64 -99.80
N SER WA 430 -3.77 -96.02 -100.85
CA SER WA 430 -4.39 -96.72 -101.99
C SER WA 430 -3.33 -97.38 -102.90
N LEU WA 431 -2.37 -98.07 -102.30
CA LEU WA 431 -1.24 -98.70 -103.00
C LEU WA 431 -1.70 -99.89 -103.87
N PRO WA 432 -0.89 -100.35 -104.84
CA PRO WA 432 -1.22 -101.49 -105.70
C PRO WA 432 -0.97 -102.87 -105.05
N LEU WA 433 -1.02 -102.99 -103.72
CA LEU WA 433 -0.81 -104.26 -103.01
C LEU WA 433 -2.11 -105.10 -102.99
N VAL WA 434 -2.58 -105.50 -104.17
CA VAL WA 434 -3.89 -106.15 -104.34
C VAL WA 434 -3.75 -107.54 -104.95
N ASP WA 435 -4.59 -108.49 -104.51
CA ASP WA 435 -4.86 -109.75 -105.22
C ASP WA 435 -6.36 -110.10 -105.29
N THR WA 436 -7.23 -109.08 -105.23
CA THR WA 436 -8.70 -109.17 -105.34
C THR WA 436 -9.37 -108.21 -106.35
N HIS WA 437 -8.78 -107.67 -107.43
CA HIS WA 437 -7.59 -108.04 -108.22
C HIS WA 437 -7.38 -109.55 -108.47
N SER WA 438 -8.48 -110.29 -108.50
CA SER WA 438 -8.54 -111.70 -108.10
C SER WA 438 -7.49 -112.59 -108.75
N LYS WA 439 -6.88 -113.45 -107.93
CA LYS WA 439 -6.10 -114.65 -108.34
C LYS WA 439 -6.94 -115.74 -109.03
N ARG WA 440 -7.40 -115.48 -110.25
CA ARG WA 440 -8.19 -116.38 -111.10
C ARG WA 440 -7.35 -117.61 -111.49
N ALA XA 247 21.83 159.34 27.86
CA ALA XA 247 22.55 158.09 28.14
C ALA XA 247 21.59 156.88 28.18
N GLN XA 248 20.41 157.03 28.80
CA GLN XA 248 19.30 156.05 28.77
C GLN XA 248 18.92 155.68 27.33
N ILE XA 249 18.77 156.70 26.47
CA ILE XA 249 18.38 156.50 25.06
C ILE XA 249 19.45 155.76 24.24
N GLN XA 250 20.71 155.72 24.72
CA GLN XA 250 21.78 154.91 24.15
C GLN XA 250 21.83 153.49 24.75
N GLU XA 251 21.60 153.33 26.06
CA GLU XA 251 21.47 152.02 26.73
C GLU XA 251 20.20 151.25 26.32
N GLN XA 252 19.27 151.89 25.61
CA GLN XA 252 18.05 151.30 25.06
C GLN XA 252 18.24 150.10 24.09
N HIS XA 253 19.48 149.75 23.67
CA HIS XA 253 19.72 149.32 22.27
C HIS XA 253 20.13 147.83 21.95
N VAL XA 254 21.41 147.42 21.78
CA VAL XA 254 21.78 146.01 21.40
C VAL XA 254 23.16 145.40 21.76
N GLN XA 255 23.09 144.15 22.25
CA GLN XA 255 24.11 143.07 22.07
C GLN XA 255 23.63 141.85 21.26
N ILE XA 256 24.59 141.03 20.76
CA ILE XA 256 24.30 139.78 20.00
C ILE XA 256 25.18 138.57 20.42
N ASP XA 257 26.51 138.68 20.47
CA ASP XA 257 27.48 137.56 20.33
C ASP XA 257 27.42 136.90 18.93
N VAL XA 258 28.36 136.00 18.62
CA VAL XA 258 28.68 135.55 17.26
C VAL XA 258 29.03 134.06 17.20
N ASP XA 259 28.70 133.40 16.09
CA ASP XA 259 29.13 132.02 15.80
C ASP XA 259 30.63 131.90 15.52
N VAL XA 260 31.35 133.01 15.31
CA VAL XA 260 32.81 132.99 15.10
C VAL XA 260 33.62 132.96 16.40
N SER XA 261 32.98 133.10 17.57
CA SER XA 261 33.61 132.93 18.90
C SER XA 261 34.15 131.51 19.13
N LYS XA 262 33.66 130.51 18.39
CA LYS XA 262 34.25 129.17 18.16
C LYS XA 262 33.85 128.70 16.77
N PRO XA 263 34.74 128.09 15.97
CA PRO XA 263 34.55 127.99 14.51
C PRO XA 263 33.30 127.24 14.02
N ASP XA 264 32.77 126.27 14.81
CA ASP XA 264 31.63 125.34 14.58
C ASP XA 264 31.50 124.64 13.20
N LEU XA 265 31.57 125.37 12.08
CA LEU XA 265 31.69 124.94 10.68
C LEU XA 265 32.77 123.87 10.41
N THR XA 266 33.85 123.83 11.18
CA THR XA 266 34.88 122.78 11.07
C THR XA 266 34.33 121.37 11.37
N ALA XA 267 33.23 121.27 12.13
CA ALA XA 267 32.49 120.01 12.30
C ALA XA 267 31.75 119.60 11.00
N ALA XA 268 31.00 120.52 10.37
CA ALA XA 268 30.32 120.26 9.10
C ALA XA 268 31.27 119.86 7.95
N LEU XA 269 32.49 120.43 7.91
CA LEU XA 269 33.54 120.01 6.96
C LEU XA 269 34.12 118.62 7.24
N ARG XA 270 34.14 118.16 8.50
CA ARG XA 270 34.46 116.76 8.87
C ARG XA 270 33.32 115.81 8.54
N ASP XA 271 32.07 116.25 8.59
CA ASP XA 271 30.92 115.39 8.24
C ASP XA 271 30.78 115.18 6.74
N VAL XA 272 31.13 116.20 5.93
CA VAL XA 272 31.38 116.05 4.48
C VAL XA 272 32.53 115.07 4.19
N ARG XA 273 33.59 115.07 5.02
CA ARG XA 273 34.69 114.11 4.89
C ARG XA 273 34.28 112.68 5.28
N GLN XA 274 33.49 112.52 6.34
CA GLN XA 274 32.93 111.23 6.76
C GLN XA 274 31.88 110.68 5.77
N GLN XA 275 31.13 111.55 5.08
CA GLN XA 275 30.30 111.17 3.93
C GLN XA 275 31.16 110.64 2.78
N TYR XA 276 32.23 111.34 2.41
CA TYR XA 276 33.17 110.88 1.37
C TYR XA 276 33.80 109.53 1.72
N GLU XA 277 34.25 109.33 2.96
CA GLU XA 277 34.85 108.06 3.41
C GLU XA 277 33.84 106.91 3.50
N SER XA 278 32.59 107.20 3.87
CA SER XA 278 31.48 106.23 3.85
C SER XA 278 31.08 105.82 2.43
N VAL XA 279 30.89 106.79 1.53
CA VAL XA 279 30.55 106.53 0.13
C VAL XA 279 31.69 105.83 -0.60
N ALA XA 280 32.96 106.18 -0.33
CA ALA XA 280 34.12 105.46 -0.86
C ALA XA 280 34.17 104.00 -0.40
N ALA XA 281 33.82 103.71 0.86
CA ALA XA 281 33.73 102.33 1.36
C ALA XA 281 32.57 101.54 0.73
N LYS XA 282 31.41 102.17 0.49
CA LYS XA 282 30.28 101.51 -0.20
C LYS XA 282 30.51 101.30 -1.70
N ASN XA 283 31.25 102.19 -2.36
CA ASN XA 283 31.71 101.99 -3.74
C ASN XA 283 32.68 100.80 -3.88
N LEU XA 284 33.49 100.52 -2.85
CA LEU XA 284 34.31 99.31 -2.80
C LEU XA 284 33.47 98.04 -2.58
N GLN XA 285 32.37 98.11 -1.82
CA GLN XA 285 31.42 96.99 -1.67
C GLN XA 285 30.57 96.73 -2.92
N GLU XA 286 30.21 97.76 -3.69
CA GLU XA 286 29.61 97.58 -5.03
C GLU XA 286 30.53 96.79 -5.97
N ALA XA 287 31.83 97.12 -5.96
CA ALA XA 287 32.84 96.37 -6.70
C ALA XA 287 33.04 94.94 -6.13
N GLU XA 288 32.96 94.76 -4.81
CA GLU XA 288 33.07 93.45 -4.16
C GLU XA 288 31.92 92.50 -4.56
N GLU XA 289 30.68 92.97 -4.59
CA GLU XA 289 29.54 92.20 -5.10
C GLU XA 289 29.61 91.93 -6.61
N TRP XA 290 30.17 92.85 -7.41
CA TRP XA 290 30.47 92.58 -8.82
C TRP XA 290 31.58 91.52 -9.03
N TYR XA 291 32.62 91.52 -8.19
CA TYR XA 291 33.61 90.44 -8.16
C TYR XA 291 33.00 89.11 -7.70
N LYS XA 292 32.08 89.11 -6.73
CA LYS XA 292 31.32 87.89 -6.33
C LYS XA 292 30.42 87.39 -7.45
N SER XA 293 29.78 88.26 -8.22
CA SER XA 293 28.99 87.90 -9.42
C SER XA 293 29.85 87.16 -10.44
N LYS XA 294 31.05 87.69 -10.70
CA LYS XA 294 32.06 87.05 -11.55
C LYS XA 294 32.62 85.74 -10.97
N PHE XA 295 32.70 85.61 -9.65
CA PHE XA 295 33.08 84.34 -9.00
C PHE XA 295 31.97 83.29 -9.11
N ALA XA 296 30.70 83.68 -9.09
CA ALA XA 296 29.58 82.78 -9.39
C ALA XA 296 29.56 82.35 -10.88
N ASP XA 297 29.79 83.28 -11.80
CA ASP XA 297 29.98 82.99 -13.24
C ASP XA 297 31.08 81.94 -13.47
N LEU XA 298 32.27 82.16 -12.89
CA LEU XA 298 33.42 81.27 -13.06
C LEU XA 298 33.24 79.90 -12.38
N SER XA 299 32.64 79.88 -11.18
CA SER XA 299 32.44 78.64 -10.41
C SER XA 299 31.37 77.75 -11.03
N GLU XA 300 30.25 78.36 -11.46
CA GLU XA 300 29.18 77.63 -12.12
C GLU XA 300 29.47 77.33 -13.60
N ALA XA 301 30.37 78.07 -14.25
CA ALA XA 301 31.00 77.63 -15.50
C ALA XA 301 31.92 76.40 -15.31
N ALA XA 302 32.68 76.32 -14.21
CA ALA XA 302 33.48 75.14 -13.89
C ALA XA 302 32.61 73.90 -13.56
N ASN XA 303 31.48 74.10 -12.86
CA ASN XA 303 30.48 73.04 -12.66
C ASN XA 303 29.80 72.62 -13.98
N ARG XA 304 29.44 73.59 -14.84
CA ARG XA 304 28.90 73.35 -16.18
C ARG XA 304 29.87 72.61 -17.09
N ASN XA 305 31.18 72.85 -16.99
CA ASN XA 305 32.19 72.08 -17.71
C ASN XA 305 32.32 70.63 -17.21
N ASN XA 306 32.22 70.41 -15.90
CA ASN XA 306 32.15 69.05 -15.32
C ASN XA 306 30.85 68.30 -15.70
N ASP XA 307 29.75 69.01 -15.97
CA ASP XA 307 28.49 68.43 -16.46
C ASP XA 307 28.45 68.25 -17.98
N ALA XA 308 29.09 69.14 -18.74
CA ALA XA 308 29.33 68.97 -20.17
C ALA XA 308 30.26 67.77 -20.46
N LEU XA 309 31.19 67.47 -19.54
CA LEU XA 309 32.00 66.23 -19.59
C LEU XA 309 31.17 64.96 -19.31
N ARG XA 310 30.08 65.05 -18.53
CA ARG XA 310 29.13 63.94 -18.31
C ARG XA 310 28.18 63.76 -19.50
N GLN XA 311 27.77 64.87 -20.11
CA GLN XA 311 26.92 64.99 -21.29
C GLN XA 311 27.60 64.46 -22.58
N ALA XA 312 28.83 64.92 -22.84
CA ALA XA 312 29.69 64.42 -23.90
C ALA XA 312 30.11 62.96 -23.70
N LYS XA 313 30.15 62.45 -22.46
CA LYS XA 313 30.35 61.02 -22.17
C LYS XA 313 29.08 60.19 -22.38
N GLN XA 314 27.89 60.75 -22.20
CA GLN XA 314 26.61 60.13 -22.53
C GLN XA 314 26.44 60.01 -24.05
N GLU XA 315 26.79 61.06 -24.79
CA GLU XA 315 26.78 61.10 -26.26
C GLU XA 315 27.91 60.25 -26.87
N SER XA 316 29.08 60.18 -26.22
CA SER XA 316 30.13 59.19 -26.52
C SER XA 316 29.69 57.74 -26.26
N THR XA 317 28.70 57.51 -25.41
CA THR XA 317 28.15 56.17 -25.16
C THR XA 317 27.08 55.80 -26.19
N GLU XA 318 26.38 56.79 -26.75
CA GLU XA 318 25.41 56.68 -27.85
C GLU XA 318 26.05 56.14 -29.12
N TYR XA 319 27.06 56.87 -29.61
CA TYR XA 319 27.75 56.55 -30.85
C TYR XA 319 28.52 55.21 -30.76
N ARG XA 320 29.12 54.93 -29.60
CA ARG XA 320 29.81 53.65 -29.35
C ARG XA 320 28.84 52.46 -29.38
N ARG XA 321 27.73 52.52 -28.64
CA ARG XA 321 26.73 51.45 -28.65
C ARG XA 321 26.14 51.23 -30.04
N GLN XA 322 25.75 52.28 -30.74
CA GLN XA 322 25.16 52.17 -32.07
C GLN XA 322 26.15 51.55 -33.07
N VAL XA 323 27.37 52.08 -33.16
CA VAL XA 323 28.41 51.55 -34.07
C VAL XA 323 28.82 50.11 -33.72
N GLN XA 324 28.96 49.78 -32.43
CA GLN XA 324 29.29 48.43 -31.99
C GLN XA 324 28.17 47.43 -32.30
N SER XA 325 26.91 47.83 -32.14
CA SER XA 325 25.74 46.97 -32.36
C SER XA 325 25.46 46.76 -33.85
N LEU XA 326 25.59 47.81 -34.67
CA LEU XA 326 25.59 47.72 -36.15
C LEU XA 326 26.74 46.85 -36.69
N THR XA 327 27.91 46.87 -36.04
CA THR XA 327 29.02 45.97 -36.41
C THR XA 327 28.67 44.51 -36.11
N CYS XA 328 28.05 44.24 -34.96
CA CYS XA 328 27.57 42.92 -34.59
C CYS XA 328 26.37 42.43 -35.44
N GLU XA 329 25.56 43.33 -36.00
CA GLU XA 329 24.53 42.97 -36.98
C GLU XA 329 25.13 42.50 -38.31
N VAL XA 330 26.17 43.17 -38.79
CA VAL XA 330 26.94 42.72 -39.97
C VAL XA 330 27.66 41.39 -39.67
N ASP XA 331 28.14 41.18 -38.45
CA ASP XA 331 28.72 39.91 -38.03
C ASP XA 331 27.70 38.76 -37.94
N ALA XA 332 26.47 39.00 -37.45
CA ALA XA 332 25.39 38.01 -37.43
C ALA XA 332 24.83 37.69 -38.83
N LEU XA 333 24.75 38.68 -39.73
CA LEU XA 333 24.35 38.45 -41.12
C LEU XA 333 25.43 37.75 -41.95
N LYS XA 334 26.72 37.90 -41.60
CA LYS XA 334 27.78 37.00 -42.11
C LYS XA 334 27.70 35.60 -41.51
N GLY XA 335 27.36 35.44 -40.23
CA GLY XA 335 27.13 34.13 -39.60
C GLY XA 335 25.96 33.37 -40.22
N THR XA 336 24.94 34.11 -40.67
CA THR XA 336 23.84 33.60 -41.50
C THR XA 336 24.33 33.14 -42.87
N ASN XA 337 25.12 33.96 -43.58
CA ASN XA 337 25.68 33.57 -44.89
C ASN XA 337 26.67 32.40 -44.80
N GLU XA 338 27.54 32.35 -43.79
CA GLU XA 338 28.45 31.23 -43.57
C GLU XA 338 27.71 29.94 -43.23
N SER XA 339 26.53 30.00 -42.59
CA SER XA 339 25.71 28.81 -42.30
C SER XA 339 25.12 28.22 -43.59
N LEU XA 340 24.65 29.07 -44.51
CA LEU XA 340 24.21 28.67 -45.85
C LEU XA 340 25.35 28.19 -46.76
N GLU XA 341 26.49 28.89 -46.77
CA GLU XA 341 27.67 28.51 -47.56
C GLU XA 341 28.31 27.20 -47.07
N ARG XA 342 28.15 26.84 -45.78
CA ARG XA 342 28.50 25.53 -45.23
C ARG XA 342 27.45 24.46 -45.57
N GLN XA 343 26.16 24.75 -45.42
CA GLN XA 343 25.07 23.82 -45.75
C GLN XA 343 25.11 23.40 -47.22
N MET XA 344 25.41 24.34 -48.12
CA MET XA 344 25.58 24.06 -49.55
C MET XA 344 26.68 23.02 -49.81
N ARG XA 345 27.76 23.02 -49.01
CA ARG XA 345 28.83 22.01 -49.05
C ARG XA 345 28.47 20.72 -48.32
N GLU XA 346 27.75 20.79 -47.21
CA GLU XA 346 27.29 19.60 -46.49
C GLU XA 346 26.29 18.76 -47.29
N MET XA 347 25.36 19.41 -48.03
CA MET XA 347 24.49 18.68 -48.96
C MET XA 347 25.25 18.17 -50.20
N GLU XA 348 26.22 18.93 -50.73
CA GLU XA 348 27.08 18.51 -51.85
C GLU XA 348 27.95 17.30 -51.49
N GLU XA 349 28.45 17.25 -50.25
CA GLU XA 349 29.18 16.11 -49.68
C GLU XA 349 28.26 14.90 -49.41
N ASN XA 350 27.06 15.12 -48.86
CA ASN XA 350 26.05 14.05 -48.69
C ASN XA 350 25.58 13.44 -50.03
N PHE XA 351 25.37 14.25 -51.07
CA PHE XA 351 25.11 13.75 -52.43
C PHE XA 351 26.32 12.98 -52.99
N ALA XA 352 27.53 13.55 -52.91
CA ALA XA 352 28.71 12.99 -53.57
C ALA XA 352 29.26 11.72 -52.90
N VAL XA 353 29.30 11.67 -51.56
CA VAL XA 353 29.84 10.55 -50.78
C VAL XA 353 28.95 9.31 -50.91
N GLU XA 354 27.63 9.47 -50.77
CA GLU XA 354 26.71 8.34 -50.93
C GLU XA 354 26.49 7.96 -52.40
N ALA XA 355 26.62 8.89 -53.36
CA ALA XA 355 26.73 8.52 -54.77
C ALA XA 355 27.99 7.67 -55.06
N ALA XA 356 29.13 7.93 -54.40
CA ALA XA 356 30.34 7.12 -54.54
C ALA XA 356 30.22 5.74 -53.85
N ASN XA 357 29.59 5.67 -52.67
CA ASN XA 357 29.33 4.40 -51.97
C ASN XA 357 28.37 3.48 -52.77
N TYR XA 358 27.32 4.06 -53.35
CA TYR XA 358 26.41 3.33 -54.23
C TYR XA 358 26.97 3.11 -55.65
N GLN XA 359 27.95 3.88 -56.14
CA GLN XA 359 28.55 3.65 -57.47
C GLN XA 359 29.18 2.26 -57.58
N ASP XA 360 30.05 1.90 -56.63
CA ASP XA 360 30.68 0.57 -56.64
C ASP XA 360 29.68 -0.54 -56.31
N THR XA 361 28.64 -0.27 -55.51
CA THR XA 361 27.62 -1.27 -55.15
C THR XA 361 26.71 -1.62 -56.34
N ILE XA 362 26.19 -0.58 -57.02
CA ILE XA 362 25.44 -0.67 -58.27
C ILE XA 362 26.30 -1.27 -59.39
N GLY XA 363 27.57 -0.89 -59.46
CA GLY XA 363 28.51 -1.36 -60.47
C GLY XA 363 28.85 -2.84 -60.33
N ARG XA 364 29.18 -3.29 -59.12
CA ARG XA 364 29.43 -4.70 -58.80
C ARG XA 364 28.19 -5.58 -59.00
N LEU XA 365 26.99 -5.08 -58.65
CA LEU XA 365 25.74 -5.80 -58.91
C LEU XA 365 25.37 -5.85 -60.40
N GLN XA 366 25.76 -4.86 -61.22
CA GLN XA 366 25.66 -4.95 -62.68
C GLN XA 366 26.68 -5.93 -63.30
N ASP XA 367 27.88 -6.03 -62.74
CA ASP XA 367 28.85 -7.06 -63.12
C ASP XA 367 28.46 -8.47 -62.65
N GLU XA 368 27.77 -8.64 -61.52
CA GLU XA 368 27.20 -9.93 -61.14
C GLU XA 368 25.99 -10.36 -62.00
N ILE XA 369 25.20 -9.43 -62.57
CA ILE XA 369 24.24 -9.76 -63.64
C ILE XA 369 24.95 -10.29 -64.92
N GLN XA 370 26.18 -9.83 -65.20
CA GLN XA 370 26.97 -10.27 -66.36
C GLN XA 370 27.73 -11.57 -66.10
N ASN XA 371 28.38 -11.69 -64.94
CA ASN XA 371 29.02 -12.91 -64.45
C ASN XA 371 28.02 -14.05 -64.27
N MET XA 372 26.77 -13.76 -63.89
CA MET XA 372 25.69 -14.74 -63.84
C MET XA 372 25.27 -15.22 -65.24
N LYS XA 373 25.19 -14.35 -66.25
CA LYS XA 373 24.90 -14.76 -67.64
C LYS XA 373 25.99 -15.67 -68.22
N GLU XA 374 27.25 -15.40 -67.88
CA GLU XA 374 28.39 -16.21 -68.30
C GLU XA 374 28.60 -17.47 -67.46
N GLU XA 375 28.20 -17.47 -66.18
CA GLU XA 375 28.11 -18.68 -65.34
C GLU XA 375 27.00 -19.60 -65.82
N MET XA 376 25.89 -19.04 -66.27
CA MET XA 376 24.85 -19.77 -66.98
C MET XA 376 25.28 -20.24 -68.38
N ALA XA 377 26.14 -19.50 -69.09
CA ALA XA 377 26.78 -19.98 -70.32
C ALA XA 377 27.78 -21.12 -70.07
N ARG XA 378 28.44 -21.15 -68.90
CA ARG XA 378 29.24 -22.28 -68.42
C ARG XA 378 28.39 -23.47 -67.97
N HIS XA 379 27.23 -23.26 -67.36
CA HIS XA 379 26.29 -24.34 -67.00
C HIS XA 379 25.65 -25.01 -68.21
N LEU XA 380 25.47 -24.27 -69.31
CA LEU XA 380 25.14 -24.86 -70.63
C LEU XA 380 26.28 -25.71 -71.25
N ARG XA 381 27.52 -25.64 -70.74
CA ARG XA 381 28.63 -26.55 -71.10
C ARG XA 381 28.79 -27.72 -70.14
N GLU XA 382 28.57 -27.49 -68.85
CA GLU XA 382 28.44 -28.55 -67.84
C GLU XA 382 27.28 -29.52 -68.17
N TYR XA 383 26.13 -28.97 -68.57
CA TYR XA 383 25.01 -29.75 -69.13
C TYR XA 383 25.28 -30.32 -70.53
N GLN XA 384 26.18 -29.77 -71.34
CA GLN XA 384 26.62 -30.43 -72.58
C GLN XA 384 27.44 -31.70 -72.28
N ASP XA 385 28.31 -31.65 -71.28
CA ASP XA 385 29.13 -32.80 -70.87
C ASP XA 385 28.36 -33.86 -70.07
N LEU XA 386 27.36 -33.44 -69.29
CA LEU XA 386 26.31 -34.35 -68.77
C LEU XA 386 25.43 -34.93 -69.89
N LEU XA 387 25.11 -34.15 -70.93
CA LEU XA 387 24.31 -34.62 -72.07
C LEU XA 387 25.06 -35.64 -72.93
N ASN XA 388 26.40 -35.63 -72.98
CA ASN XA 388 27.18 -36.70 -73.59
C ASN XA 388 26.95 -38.05 -72.87
N VAL XA 389 26.87 -38.05 -71.54
CA VAL XA 389 26.56 -39.25 -70.72
C VAL XA 389 25.08 -39.64 -70.83
N LYS XA 390 24.15 -38.66 -70.86
CA LYS XA 390 22.72 -38.93 -71.08
C LYS XA 390 22.44 -39.55 -72.45
N MET XA 391 23.06 -39.04 -73.52
CA MET XA 391 22.96 -39.64 -74.85
C MET XA 391 23.60 -41.03 -74.94
N ALA XA 392 24.61 -41.35 -74.11
CA ALA XA 392 25.11 -42.71 -73.99
C ALA XA 392 24.09 -43.66 -73.33
N LEU XA 393 23.40 -43.22 -72.28
CA LEU XA 393 22.25 -43.95 -71.69
C LEU XA 393 21.08 -44.11 -72.68
N ASP XA 394 20.84 -43.12 -73.53
CA ASP XA 394 19.78 -43.17 -74.55
C ASP XA 394 20.13 -44.13 -75.71
N ILE XA 395 21.42 -44.28 -76.02
CA ILE XA 395 21.95 -45.33 -76.91
C ILE XA 395 21.90 -46.71 -76.24
N GLU XA 396 22.13 -46.80 -74.93
CA GLU XA 396 21.93 -48.03 -74.15
C GLU XA 396 20.46 -48.44 -74.06
N ILE XA 397 19.52 -47.50 -74.02
CA ILE XA 397 18.07 -47.75 -74.12
C ILE XA 397 17.67 -48.22 -75.54
N ALA XA 398 18.21 -47.57 -76.58
CA ALA XA 398 18.02 -47.99 -77.97
C ALA XA 398 18.64 -49.38 -78.29
N THR XA 399 19.64 -49.78 -77.50
CA THR XA 399 20.29 -51.11 -77.51
C THR XA 399 19.53 -52.14 -76.66
N TYR XA 400 18.99 -51.75 -75.51
CA TYR XA 400 18.14 -52.57 -74.64
C TYR XA 400 16.85 -53.00 -75.35
N ARG XA 401 16.29 -52.10 -76.16
CA ARG XA 401 15.25 -52.43 -77.16
C ARG XA 401 15.67 -53.60 -78.06
N LYS XA 402 16.87 -53.58 -78.65
CA LYS XA 402 17.34 -54.65 -79.55
C LYS XA 402 17.68 -55.95 -78.80
N LEU XA 403 18.05 -55.87 -77.52
CA LEU XA 403 18.27 -57.03 -76.65
C LEU XA 403 16.95 -57.69 -76.25
N LEU XA 404 15.92 -56.91 -75.90
CA LEU XA 404 14.55 -57.36 -75.64
C LEU XA 404 13.91 -57.98 -76.91
N GLU XA 405 14.11 -57.33 -78.05
CA GLU XA 405 13.74 -57.81 -79.39
C GLU XA 405 14.42 -59.15 -79.74
N GLY XA 406 15.69 -59.31 -79.38
CA GLY XA 406 16.45 -60.54 -79.63
C GLY XA 406 16.12 -61.69 -78.67
N GLU XA 407 15.83 -61.42 -77.40
CA GLU XA 407 15.61 -62.46 -76.38
C GLU XA 407 14.21 -63.06 -76.42
N GLU XA 408 13.18 -62.23 -76.58
CA GLU XA 408 11.80 -62.72 -76.80
C GLU XA 408 11.63 -63.42 -78.16
N SER XA 409 12.48 -63.08 -79.15
CA SER XA 409 12.57 -63.81 -80.42
C SER XA 409 13.22 -65.20 -80.28
N ARG XA 410 14.18 -65.38 -79.35
CA ARG XA 410 14.68 -66.73 -78.96
C ARG XA 410 13.60 -67.58 -78.28
N ILE XA 411 12.64 -66.92 -77.62
CA ILE XA 411 11.50 -67.56 -76.96
C ILE XA 411 10.33 -67.85 -77.94
N SER XA 412 10.35 -67.28 -79.16
CA SER XA 412 9.24 -67.34 -80.12
C SER XA 412 9.64 -67.90 -81.50
N LEU XA 413 9.04 -69.03 -81.88
CA LEU XA 413 9.82 -70.23 -82.24
C LEU XA 413 9.18 -71.01 -83.43
N PRO XA 414 9.92 -71.91 -84.12
CA PRO XA 414 9.53 -72.45 -85.43
C PRO XA 414 8.53 -73.62 -85.40
N LEU XA 415 8.12 -74.04 -86.60
CA LEU XA 415 7.47 -75.33 -86.90
C LEU XA 415 8.26 -76.54 -86.35
N PRO XA 416 7.65 -77.75 -86.28
CA PRO XA 416 6.27 -78.08 -86.64
C PRO XA 416 5.34 -78.31 -85.44
N ASN XA 417 4.13 -77.78 -85.54
CA ASN XA 417 2.98 -78.37 -84.85
C ASN XA 417 2.63 -79.70 -85.55
N PHE XA 418 2.96 -80.81 -84.88
CA PHE XA 418 3.50 -82.00 -85.53
C PHE XA 418 2.63 -82.67 -86.60
N SER XA 419 1.30 -82.51 -86.55
CA SER XA 419 0.34 -83.51 -87.04
C SER XA 419 -0.72 -82.92 -87.99
N SER XA 420 -1.98 -83.38 -87.85
CA SER XA 420 -2.69 -84.12 -88.92
C SER XA 420 -2.00 -85.48 -89.24
N LEU XA 421 -2.80 -86.47 -89.65
CA LEU XA 421 -2.35 -87.83 -89.92
C LEU XA 421 -3.26 -88.49 -90.97
N ASN XA 422 -2.66 -88.94 -92.07
CA ASN XA 422 -3.15 -90.10 -92.82
C ASN XA 422 -2.06 -91.17 -92.80
N LEU XA 423 -2.20 -92.11 -91.88
CA LEU XA 423 -1.67 -93.46 -91.99
C LEU XA 423 -2.88 -94.39 -91.95
N ARG XA 424 -3.22 -94.97 -93.10
CA ARG XA 424 -4.30 -95.95 -93.25
C ARG XA 424 -4.04 -96.78 -94.50
N GLU XA 425 -4.73 -97.91 -94.60
CA GLU XA 425 -4.47 -98.87 -95.66
C GLU XA 425 -5.67 -98.88 -96.63
N THR XA 426 -5.82 -97.84 -97.47
CA THR XA 426 -7.03 -97.60 -98.27
C THR XA 426 -7.23 -98.64 -99.39
N ASN XA 427 -6.13 -99.11 -99.96
CA ASN XA 427 -6.09 -100.26 -100.88
C ASN XA 427 -4.79 -101.09 -100.72
N LEU XA 428 -3.96 -100.72 -99.72
CA LEU XA 428 -2.85 -101.52 -99.19
C LEU XA 428 -3.38 -102.68 -98.33
N ASP XA 429 -4.45 -102.44 -97.56
CA ASP XA 429 -5.45 -103.43 -97.14
C ASP XA 429 -6.66 -103.32 -98.09
N SER XA 430 -7.36 -104.44 -98.32
CA SER XA 430 -7.49 -105.02 -99.67
C SER XA 430 -6.14 -105.59 -100.18
N LEU XA 431 -5.43 -106.30 -99.29
CA LEU XA 431 -4.03 -106.78 -99.38
C LEU XA 431 -3.79 -107.72 -100.62
N PRO XA 432 -2.72 -108.57 -100.68
CA PRO XA 432 -2.74 -109.75 -101.56
C PRO XA 432 -3.65 -110.87 -101.00
N LEU XA 433 -4.70 -110.46 -100.29
CA LEU XA 433 -5.86 -111.23 -99.87
C LEU XA 433 -6.81 -111.34 -101.08
N VAL XA 434 -7.14 -112.55 -101.52
CA VAL XA 434 -7.96 -112.73 -102.74
C VAL XA 434 -9.48 -112.64 -102.47
N ASP XA 435 -9.90 -112.92 -101.23
CA ASP XA 435 -11.30 -112.99 -100.75
C ASP XA 435 -11.36 -112.95 -99.19
N THR XA 436 -10.47 -113.54 -98.37
CA THR XA 436 -9.35 -114.50 -98.60
C THR XA 436 -9.81 -115.85 -99.14
N HIS XA 437 -9.47 -116.12 -100.41
CA HIS XA 437 -9.78 -117.34 -101.18
C HIS XA 437 -9.36 -117.10 -102.63
N SER XA 438 -8.35 -117.85 -103.10
CA SER XA 438 -7.79 -117.79 -104.47
C SER XA 438 -8.72 -118.19 -105.64
N LYS XA 439 -10.05 -118.14 -105.43
CA LYS XA 439 -11.07 -118.79 -106.27
C LYS XA 439 -10.69 -120.27 -106.55
N ARG XA 440 -10.14 -120.93 -105.50
CA ARG XA 440 -9.32 -122.16 -105.56
C ARG XA 440 -10.18 -123.36 -105.95
N THR YA 35 4.01 144.52 59.26
CA THR YA 35 3.76 143.08 59.43
C THR YA 35 3.32 142.45 58.11
N ARG YA 36 4.17 141.60 57.52
CA ARG YA 36 3.81 140.78 56.35
C ARG YA 36 3.41 139.35 56.75
N THR YA 37 2.44 138.78 56.04
CA THR YA 37 1.99 137.38 56.17
C THR YA 37 2.90 136.39 55.42
N TYR YA 38 4.23 136.41 55.68
CA TYR YA 38 5.18 135.59 54.93
C TYR YA 38 6.35 135.01 55.76
N SER YA 39 6.36 133.69 55.89
CA SER YA 39 7.54 132.88 56.25
C SER YA 39 8.42 132.65 55.01
N LEU YA 40 9.74 132.74 55.16
CA LEU YA 40 10.65 132.76 54.02
C LEU YA 40 10.68 131.40 53.30
N GLY YA 41 10.42 131.40 51.99
CA GLY YA 41 10.32 130.20 51.14
C GLY YA 41 8.95 129.53 51.12
N SER YA 42 7.95 130.01 51.87
CA SER YA 42 6.64 129.36 51.98
C SER YA 42 5.79 129.42 50.70
N ALA YA 43 6.10 130.34 49.77
CA ALA YA 43 5.38 130.51 48.51
C ALA YA 43 5.55 129.34 47.52
N LEU YA 44 6.69 128.64 47.56
CA LEU YA 44 6.96 127.51 46.67
C LEU YA 44 7.78 126.43 47.37
N ARG YA 45 7.14 125.26 47.54
CA ARG YA 45 7.80 123.97 47.78
C ARG YA 45 7.46 123.04 46.60
N PRO YA 46 8.35 122.88 45.60
CA PRO YA 46 8.05 122.13 44.38
C PRO YA 46 7.86 120.64 44.73
N SER YA 47 6.60 120.20 44.72
CA SER YA 47 6.20 118.92 45.30
C SER YA 47 6.39 117.78 44.29
N THR YA 48 7.58 117.17 44.30
CA THR YA 48 7.90 115.94 43.53
C THR YA 48 7.28 114.67 44.13
N SER YA 49 6.46 114.81 45.18
CA SER YA 49 5.55 113.78 45.66
C SER YA 49 4.48 113.46 44.60
N ARG YA 50 4.75 112.42 43.82
CA ARG YA 50 3.87 111.80 42.80
C ARG YA 50 4.03 110.28 42.88
N SER YA 51 3.82 109.75 44.09
CA SER YA 51 4.17 108.39 44.54
C SER YA 51 3.35 107.28 43.84
N LEU YA 52 3.51 107.16 42.53
CA LEU YA 52 2.81 106.20 41.68
C LEU YA 52 3.55 104.86 41.62
N TYR YA 53 2.80 103.75 41.75
CA TYR YA 53 3.31 102.40 41.50
C TYR YA 53 2.46 101.69 40.43
N ALA YA 54 3.04 101.49 39.25
CA ALA YA 54 2.45 100.70 38.17
C ALA YA 54 3.19 99.37 38.02
N SER YA 55 2.88 98.40 38.88
CA SER YA 55 3.38 97.01 38.82
C SER YA 55 2.77 96.18 37.68
N SER YA 56 1.91 96.78 36.85
CA SER YA 56 1.05 96.08 35.89
C SER YA 56 1.82 95.21 34.89
N PRO YA 57 1.48 93.92 34.71
CA PRO YA 57 2.13 93.04 33.76
C PRO YA 57 1.68 93.34 32.33
N GLY YA 58 2.43 94.18 31.61
CA GLY YA 58 2.19 94.46 30.17
C GLY YA 58 2.47 93.26 29.25
N GLY YA 59 3.22 92.26 29.71
CA GLY YA 59 3.53 91.04 28.95
C GLY YA 59 2.47 89.96 29.13
N VAL YA 60 1.67 89.71 28.09
CA VAL YA 60 0.72 88.58 28.02
C VAL YA 60 1.34 87.39 27.28
N TYR YA 61 1.09 86.15 27.73
CA TYR YA 61 1.60 84.96 27.05
C TYR YA 61 0.84 84.66 25.75
N ALA YA 62 1.44 85.03 24.61
CA ALA YA 62 0.99 84.70 23.26
C ALA YA 62 1.03 83.18 23.02
N THR YA 63 -0.04 82.49 23.43
CA THR YA 63 -0.05 81.06 23.70
C THR YA 63 0.18 80.23 22.43
N ARG YA 64 1.33 79.55 22.36
CA ARG YA 64 1.66 78.60 21.30
C ARG YA 64 1.23 77.19 21.70
N SER YA 65 0.73 76.43 20.71
CA SER YA 65 0.51 74.98 20.82
C SER YA 65 1.14 74.24 19.64
N SER YA 66 1.68 73.06 19.91
CA SER YA 66 2.16 72.13 18.87
C SER YA 66 2.14 70.69 19.38
N ALA YA 67 0.93 70.18 19.63
CA ALA YA 67 0.68 68.74 19.76
C ALA YA 67 1.28 67.96 18.58
N VAL YA 68 1.63 66.68 18.77
CA VAL YA 68 2.51 65.92 17.87
C VAL YA 68 1.83 65.51 16.56
N ARG YA 69 1.68 66.50 15.68
CA ARG YA 69 1.78 66.48 14.20
C ARG YA 69 1.98 65.05 13.63
N LEU YA 70 0.86 64.35 13.46
CA LEU YA 70 0.81 62.97 12.99
C LEU YA 70 1.15 62.87 11.49
N ARG YA 71 1.08 61.65 10.93
CA ARG YA 71 1.26 61.37 9.50
C ARG YA 71 0.24 62.15 8.65
N SER YA 72 0.62 63.34 8.24
CA SER YA 72 -0.13 64.19 7.31
C SER YA 72 0.08 63.74 5.86
N SER YA 73 -0.10 62.43 5.63
CA SER YA 73 -0.13 61.82 4.28
C SER YA 73 -1.49 62.00 3.59
N VAL YA 74 -2.45 62.63 4.26
CA VAL YA 74 -3.66 63.21 3.63
C VAL YA 74 -3.21 64.41 2.78
N PRO YA 75 -3.37 64.40 1.45
CA PRO YA 75 -2.82 65.44 0.57
C PRO YA 75 -3.71 66.69 0.46
N GLY YA 76 -4.91 66.71 1.06
CA GLY YA 76 -5.96 67.71 0.85
C GLY YA 76 -5.69 69.13 1.39
N VAL YA 77 -4.43 69.48 1.66
CA VAL YA 77 -4.04 70.83 2.11
C VAL YA 77 -3.92 71.75 0.90
N ARG YA 78 -5.01 72.43 0.54
CA ARG YA 78 -4.97 73.47 -0.52
C ARG YA 78 -3.99 74.59 -0.12
N LEU YA 79 -3.33 75.18 -1.11
CA LEU YA 79 -2.57 76.41 -0.93
C LEU YA 79 -3.51 77.63 -0.94
N LEU YA 80 -3.26 78.56 -0.03
CA LEU YA 80 -3.69 79.97 -0.03
C LEU YA 80 -2.52 80.78 0.57
N GLN YA 81 -2.32 82.02 0.11
CA GLN YA 81 -1.12 82.83 0.42
C GLN YA 81 -1.49 84.31 0.63
N ASP YA 82 -2.56 84.50 1.40
CA ASP YA 82 -3.34 85.73 1.47
C ASP YA 82 -2.70 86.70 2.49
N SER YA 83 -2.15 87.83 2.02
CA SER YA 83 -1.43 88.81 2.85
C SER YA 83 -1.35 90.18 2.14
N VAL YA 84 -1.17 91.32 2.81
CA VAL YA 84 -0.87 91.50 4.25
C VAL YA 84 -1.72 92.57 4.96
N ASP YA 85 -2.30 93.53 4.21
CA ASP YA 85 -3.00 94.76 4.66
C ASP YA 85 -3.57 94.69 6.10
N PHE YA 86 -2.98 95.33 7.11
CA PHE YA 86 -1.79 96.21 7.19
C PHE YA 86 -1.85 97.63 6.58
N SER YA 87 -2.97 98.09 6.03
CA SER YA 87 -3.17 99.53 5.71
C SER YA 87 -3.16 100.42 6.96
N LEU YA 88 -3.37 99.86 8.15
CA LEU YA 88 -3.11 100.53 9.42
C LEU YA 88 -1.62 100.88 9.65
N ALA YA 89 -0.67 100.10 9.12
CA ALA YA 89 0.75 100.44 9.15
C ALA YA 89 1.08 101.62 8.23
N ASP YA 90 0.40 101.75 7.08
CA ASP YA 90 0.53 102.91 6.19
C ASP YA 90 -0.25 104.16 6.65
N ALA YA 91 -1.32 103.94 7.42
CA ALA YA 91 -1.92 104.98 8.25
C ALA YA 91 -0.98 105.44 9.37
N ILE YA 92 -0.27 104.53 10.06
CA ILE YA 92 0.76 104.87 11.07
C ILE YA 92 1.98 105.56 10.43
N ASN YA 93 2.42 105.16 9.24
CA ASN YA 93 3.45 105.87 8.47
C ASN YA 93 3.00 107.28 8.07
N THR YA 94 1.70 107.46 7.79
CA THR YA 94 1.09 108.76 7.52
C THR YA 94 0.91 109.57 8.81
N GLU YA 95 0.63 108.95 9.95
CA GLU YA 95 0.64 109.57 11.28
C GLU YA 95 2.05 109.94 11.74
N PHE YA 96 3.11 109.24 11.31
CA PHE YA 96 4.50 109.65 11.54
C PHE YA 96 4.89 110.86 10.66
N LYS YA 97 4.42 110.92 9.40
CA LYS YA 97 4.54 112.13 8.57
C LYS YA 97 3.75 113.30 9.15
N ASN YA 98 2.54 113.08 9.65
CA ASN YA 98 1.69 114.09 10.28
C ASN YA 98 2.28 114.56 11.61
N THR YA 99 2.81 113.65 12.43
CA THR YA 99 3.45 114.00 13.71
C THR YA 99 4.74 114.77 13.49
N ARG YA 100 5.53 114.43 12.47
CA ARG YA 100 6.67 115.26 12.03
C ARG YA 100 6.23 116.62 11.49
N THR YA 101 5.12 116.66 10.76
CA THR YA 101 4.58 117.89 10.18
C THR YA 101 3.98 118.79 11.26
N ASN YA 102 3.47 118.23 12.35
CA ASN YA 102 3.15 118.97 13.57
C ASN YA 102 4.42 119.43 14.28
N GLU YA 103 5.43 118.56 14.44
CA GLU YA 103 6.72 118.92 15.04
C GLU YA 103 7.46 120.03 14.21
N LYS YA 104 7.22 120.11 12.89
CA LYS YA 104 7.62 121.23 12.00
C LYS YA 104 6.69 122.46 12.07
N VAL YA 105 5.37 122.29 12.11
CA VAL YA 105 4.42 123.42 12.19
C VAL YA 105 4.47 124.07 13.57
N GLU YA 106 4.81 123.32 14.62
CA GLU YA 106 5.18 123.85 15.93
C GLU YA 106 6.51 124.62 15.89
N LEU YA 107 7.58 124.12 15.25
CA LEU YA 107 8.80 124.94 15.11
C LEU YA 107 8.58 126.21 14.26
N GLN YA 108 7.68 126.17 13.27
CA GLN YA 108 7.31 127.33 12.45
C GLN YA 108 6.40 128.33 13.18
N GLU YA 109 5.39 127.86 13.91
CA GLU YA 109 4.57 128.70 14.81
C GLU YA 109 5.43 129.33 15.91
N LEU YA 110 6.47 128.65 16.39
CA LEU YA 110 7.40 129.20 17.39
C LEU YA 110 8.51 130.09 16.78
N ASN YA 111 8.78 129.98 15.48
CA ASN YA 111 9.55 130.95 14.70
C ASN YA 111 8.75 132.26 14.48
N ASP YA 112 7.50 132.12 14.03
CA ASP YA 112 6.54 133.23 13.92
C ASP YA 112 6.15 133.81 15.28
N ARG YA 113 6.17 133.03 16.36
CA ARG YA 113 6.00 133.54 17.72
C ARG YA 113 7.23 134.29 18.21
N PHE YA 114 8.44 133.91 17.81
CA PHE YA 114 9.61 134.74 18.06
C PHE YA 114 9.62 136.00 17.19
N ALA YA 115 9.04 135.98 15.99
CA ALA YA 115 8.78 137.19 15.19
C ALA YA 115 7.73 138.10 15.84
N ASN YA 116 6.66 137.54 16.41
CA ASN YA 116 5.69 138.27 17.24
C ASN YA 116 6.35 138.92 18.47
N TYR YA 117 7.28 138.23 19.15
CA TYR YA 117 8.01 138.82 20.28
C TYR YA 117 9.16 139.75 19.88
N ILE YA 118 9.70 139.67 18.66
CA ILE YA 118 10.52 140.72 18.03
C ILE YA 118 9.67 141.96 17.72
N ASP YA 119 8.42 141.78 17.31
CA ASP YA 119 7.48 142.89 17.12
C ASP YA 119 6.89 143.40 18.43
N LYS YA 120 6.95 142.64 19.54
CA LYS YA 120 6.79 143.18 20.91
C LYS YA 120 8.02 143.89 21.44
N VAL YA 121 9.22 143.48 21.05
CA VAL YA 121 10.49 144.21 21.27
C VAL YA 121 10.42 145.58 20.60
N ARG YA 122 10.05 145.60 19.31
CA ARG YA 122 9.77 146.82 18.55
C ARG YA 122 8.59 147.61 19.10
N PHE YA 123 7.57 146.96 19.67
CA PHE YA 123 6.44 147.66 20.29
C PHE YA 123 6.82 148.35 21.60
N LEU YA 124 7.59 147.73 22.49
CA LEU YA 124 8.05 148.39 23.73
C LEU YA 124 9.16 149.43 23.46
N GLU YA 125 9.97 149.22 22.43
CA GLU YA 125 10.85 150.24 21.83
C GLU YA 125 10.03 151.41 21.23
N GLN YA 126 8.93 151.15 20.54
CA GLN YA 126 8.08 152.20 19.98
C GLN YA 126 7.25 152.92 21.06
N GLN YA 127 6.81 152.22 22.11
CA GLN YA 127 6.13 152.81 23.25
C GLN YA 127 7.09 153.70 24.05
N ASN YA 128 8.34 153.27 24.29
CA ASN YA 128 9.32 154.10 24.99
C ASN YA 128 9.77 155.32 24.15
N LYS YA 129 9.79 155.20 22.82
CA LYS YA 129 9.98 156.34 21.89
C LYS YA 129 8.78 157.28 21.78
N ILE YA 130 7.54 156.81 22.00
CA ILE YA 130 6.37 157.69 22.11
C ILE YA 130 6.42 158.46 23.43
N LEU YA 131 6.74 157.78 24.53
CA LEU YA 131 6.91 158.41 25.84
C LEU YA 131 8.07 159.41 25.86
N LEU YA 132 9.14 159.17 25.09
CA LEU YA 132 10.20 160.14 24.81
C LEU YA 132 9.71 161.39 24.04
N ALA YA 133 8.94 161.20 22.96
CA ALA YA 133 8.39 162.31 22.20
C ALA YA 133 7.33 163.12 22.98
N VAL ZA 31 15.83 141.58 67.04
CA VAL ZA 31 16.09 141.09 65.67
C VAL ZA 31 14.91 140.25 65.16
N THR ZA 32 14.11 140.85 64.29
CA THR ZA 32 13.00 140.19 63.61
C THR ZA 32 13.51 139.49 62.36
N THR ZA 33 13.15 138.22 62.18
CA THR ZA 33 13.48 137.45 60.97
C THR ZA 33 12.31 136.57 60.56
N SER ZA 34 12.01 136.50 59.27
CA SER ZA 34 11.14 135.43 58.73
C SER ZA 34 11.85 134.08 58.92
N THR ZA 35 11.23 133.16 59.67
CA THR ZA 35 11.74 131.78 59.83
C THR ZA 35 11.90 131.11 58.45
N ARG ZA 36 13.05 130.46 58.23
CA ARG ZA 36 13.36 129.76 56.97
C ARG ZA 36 12.53 128.48 56.88
N THR ZA 37 11.66 128.42 55.87
CA THR ZA 37 11.19 127.14 55.30
C THR ZA 37 12.10 126.71 54.14
N TYR ZA 38 11.83 125.57 53.51
CA TYR ZA 38 12.66 125.02 52.43
C TYR ZA 38 11.87 124.19 51.41
N SER ZA 39 12.46 123.98 50.24
CA SER ZA 39 11.93 123.20 49.09
C SER ZA 39 11.98 121.68 49.27
N LEU ZA 40 11.61 121.18 50.46
CA LEU ZA 40 11.60 119.76 50.84
C LEU ZA 40 10.71 118.84 49.99
N GLY ZA 41 9.85 119.39 49.13
CA GLY ZA 41 9.12 118.62 48.12
C GLY ZA 41 10.01 117.98 47.04
N SER ZA 42 11.26 118.43 46.91
CA SER ZA 42 12.32 117.77 46.11
C SER ZA 42 13.00 116.61 46.84
N ALA ZA 43 13.07 116.63 48.18
CA ALA ZA 43 13.58 115.51 48.98
C ALA ZA 43 12.57 114.35 49.04
N LEU ZA 44 11.27 114.67 49.04
CA LEU ZA 44 10.19 113.70 48.80
C LEU ZA 44 10.08 113.35 47.31
N ARG ZA 45 11.02 112.53 46.82
CA ARG ZA 45 11.07 112.00 45.43
C ARG ZA 45 10.72 110.49 45.33
N PRO ZA 46 9.55 110.00 45.81
CA PRO ZA 46 9.14 108.62 45.59
C PRO ZA 46 8.71 108.43 44.13
N SER ZA 47 9.46 107.61 43.39
CA SER ZA 47 8.96 106.93 42.18
C SER ZA 47 9.20 105.43 42.36
N THR ZA 48 8.20 104.76 42.92
CA THR ZA 48 8.27 103.36 43.37
C THR ZA 48 8.15 102.35 42.22
N SER ZA 49 8.39 102.76 40.98
CA SER ZA 49 8.23 101.88 39.82
C SER ZA 49 9.24 100.73 39.81
N ARG ZA 50 8.71 99.51 39.64
CA ARG ZA 50 9.38 98.30 39.15
C ARG ZA 50 8.34 97.55 38.31
N SER ZA 51 8.75 96.96 37.20
CA SER ZA 51 7.86 96.23 36.28
C SER ZA 51 8.46 94.87 35.89
N LEU ZA 52 7.90 94.20 34.89
CA LEU ZA 52 8.32 92.87 34.44
C LEU ZA 52 9.68 92.91 33.73
N TYR ZA 53 10.77 92.78 34.50
CA TYR ZA 53 12.13 92.65 33.97
C TYR ZA 53 12.51 91.20 33.57
N ALA ZA 54 11.55 90.27 33.52
CA ALA ZA 54 11.80 88.87 33.17
C ALA ZA 54 11.79 88.62 31.65
N SER ZA 55 12.83 87.98 31.14
CA SER ZA 55 12.90 87.45 29.77
C SER ZA 55 12.01 86.20 29.59
N SER ZA 56 11.69 85.84 28.34
CA SER ZA 56 10.91 84.64 27.98
C SER ZA 56 9.63 84.44 28.81
N PRO ZA 57 8.58 85.25 28.61
CA PRO ZA 57 7.31 85.10 29.31
C PRO ZA 57 6.72 83.69 29.18
N GLY ZA 58 6.33 83.08 30.30
CA GLY ZA 58 5.91 81.67 30.36
C GLY ZA 58 7.05 80.63 30.26
N GLY ZA 59 8.31 81.05 30.34
CA GLY ZA 59 9.49 80.18 30.20
C GLY ZA 59 9.85 79.84 28.74
N VAL ZA 60 9.27 80.55 27.76
CA VAL ZA 60 9.28 80.14 26.35
C VAL ZA 60 10.67 80.20 25.70
N TYR ZA 61 10.99 79.13 24.97
CA TYR ZA 61 11.96 79.12 23.86
C TYR ZA 61 11.53 78.07 22.82
N ALA ZA 62 12.17 78.05 21.65
CA ALA ZA 62 11.87 77.11 20.58
C ALA ZA 62 12.40 75.68 20.88
N THR ZA 63 11.72 74.96 21.79
CA THR ZA 63 12.03 73.56 22.09
C THR ZA 63 11.92 72.68 20.84
N ARG ZA 64 12.85 71.72 20.69
CA ARG ZA 64 12.85 70.75 19.59
C ARG ZA 64 11.53 69.97 19.52
N SER ZA 65 10.79 70.18 18.43
CA SER ZA 65 9.85 69.18 17.91
C SER ZA 65 10.56 68.29 16.88
N SER ZA 66 10.30 66.98 16.92
CA SER ZA 66 10.68 66.04 15.87
C SER ZA 66 9.71 64.87 15.88
N ALA ZA 67 9.03 64.65 14.75
CA ALA ZA 67 7.86 63.77 14.66
C ALA ZA 67 8.19 62.42 14.00
N VAL ZA 68 7.14 61.66 13.67
CA VAL ZA 68 7.23 60.52 12.74
C VAL ZA 68 7.86 60.96 11.41
N ARG ZA 69 8.78 60.14 10.86
CA ARG ZA 69 9.55 60.44 9.63
C ARG ZA 69 8.68 60.32 8.36
N LEU ZA 70 7.71 61.22 8.19
CA LEU ZA 70 6.87 61.32 7.00
C LEU ZA 70 7.73 61.71 5.78
N ARG ZA 71 7.88 60.80 4.82
CA ARG ZA 71 8.47 61.08 3.50
C ARG ZA 71 7.38 61.57 2.52
N SER ZA 72 6.87 62.78 2.73
CA SER ZA 72 6.12 63.44 1.65
C SER ZA 72 7.10 64.14 0.72
N SER ZA 73 6.96 63.98 -0.59
CA SER ZA 73 7.49 65.00 -1.50
C SER ZA 73 6.65 66.27 -1.36
N VAL ZA 74 7.30 67.44 -1.43
CA VAL ZA 74 6.65 68.74 -1.43
C VAL ZA 74 7.28 69.56 -2.58
N PRO ZA 75 6.52 69.91 -3.64
CA PRO ZA 75 7.09 70.58 -4.81
C PRO ZA 75 7.53 72.04 -4.55
N GLY ZA 76 7.27 72.56 -3.34
CA GLY ZA 76 8.00 73.73 -2.81
C GLY ZA 76 7.71 75.03 -3.53
N VAL ZA 77 6.44 75.29 -3.90
CA VAL ZA 77 5.99 76.60 -4.41
C VAL ZA 77 6.28 77.67 -3.36
N ARG ZA 78 7.36 78.43 -3.58
CA ARG ZA 78 7.89 79.39 -2.62
C ARG ZA 78 6.95 80.58 -2.55
N LEU ZA 79 6.58 80.98 -1.32
CA LEU ZA 79 6.54 82.40 -1.02
C LEU ZA 79 7.99 82.87 -0.89
N LEU ZA 80 8.45 83.70 -1.83
CA LEU ZA 80 9.68 84.47 -1.61
C LEU ZA 80 9.39 85.56 -0.58
N GLN ZA 81 10.42 85.93 0.18
CA GLN ZA 81 10.27 86.86 1.30
C GLN ZA 81 11.21 88.04 1.07
N ASP ZA 82 10.71 89.06 0.39
CA ASP ZA 82 11.43 90.32 0.14
C ASP ZA 82 11.66 91.10 1.45
N SER ZA 83 10.90 90.75 2.49
CA SER ZA 83 11.15 91.08 3.90
C SER ZA 83 12.01 90.06 4.66
N VAL ZA 84 13.01 89.41 4.04
CA VAL ZA 84 14.15 88.82 4.76
C VAL ZA 84 14.95 89.97 5.38
N ASP ZA 85 14.47 90.38 6.55
CA ASP ZA 85 14.83 91.62 7.19
C ASP ZA 85 14.74 92.78 6.20
N PHE ZA 86 13.52 93.24 5.90
CA PHE ZA 86 13.36 94.51 5.18
C PHE ZA 86 13.90 95.70 5.98
N SER ZA 87 14.27 95.48 7.26
CA SER ZA 87 15.29 96.06 8.18
C SER ZA 87 15.90 97.40 7.86
N LEU ZA 88 16.31 97.63 6.61
CA LEU ZA 88 16.57 98.97 6.10
C LEU ZA 88 15.35 99.88 6.31
N ALA ZA 89 14.14 99.35 6.12
CA ALA ZA 89 12.84 99.90 6.50
C ALA ZA 89 12.60 100.09 8.02
N ASP ZA 90 13.28 99.36 8.93
CA ASP ZA 90 13.07 99.45 10.39
C ASP ZA 90 14.15 100.27 11.12
N ALA ZA 91 15.36 100.30 10.57
CA ALA ZA 91 16.30 101.40 10.73
C ALA ZA 91 15.69 102.70 10.18
N ILE ZA 92 15.01 102.64 9.04
CA ILE ZA 92 14.18 103.73 8.50
C ILE ZA 92 12.92 104.01 9.34
N ASN ZA 93 12.33 103.06 10.08
CA ASN ZA 93 11.30 103.38 11.09
C ASN ZA 93 11.89 104.16 12.27
N THR ZA 94 13.16 103.91 12.60
CA THR ZA 94 13.93 104.71 13.56
C THR ZA 94 14.37 106.06 12.98
N GLU ZA 95 14.51 106.19 11.66
CA GLU ZA 95 14.80 107.46 10.96
C GLU ZA 95 13.57 108.28 10.52
N PHE ZA 96 12.40 107.68 10.39
CA PHE ZA 96 11.05 108.29 10.35
C PHE ZA 96 10.64 108.91 11.71
N LYS ZA 97 11.61 109.00 12.62
CA LYS ZA 97 11.52 109.28 14.05
C LYS ZA 97 12.79 109.95 14.58
N ASN ZA 98 13.94 109.77 13.91
CA ASN ZA 98 15.10 110.69 13.98
C ASN ZA 98 14.84 111.99 13.19
N THR ZA 99 14.17 111.88 12.04
CA THR ZA 99 13.56 113.03 11.35
C THR ZA 99 12.58 113.79 12.22
N ARG ZA 100 11.80 113.10 13.08
CA ARG ZA 100 10.96 113.75 14.10
C ARG ZA 100 11.74 114.33 15.28
N THR ZA 101 12.87 113.72 15.63
CA THR ZA 101 13.75 114.16 16.71
C THR ZA 101 14.49 115.45 16.34
N ASN ZA 102 15.01 115.56 15.12
CA ASN ZA 102 15.69 116.78 14.64
C ASN ZA 102 14.72 117.96 14.48
N GLU ZA 103 13.55 117.74 13.88
CA GLU ZA 103 12.49 118.76 13.77
C GLU ZA 103 11.98 119.22 15.16
N LYS ZA 104 11.97 118.30 16.14
CA LYS ZA 104 11.59 118.62 17.53
C LYS ZA 104 12.71 119.22 18.38
N VAL ZA 105 13.97 118.97 18.04
CA VAL ZA 105 15.13 119.69 18.61
C VAL ZA 105 15.13 121.13 18.11
N GLU ZA 106 14.81 121.34 16.83
CA GLU ZA 106 14.58 122.66 16.26
C GLU ZA 106 13.31 123.34 16.84
N LEU ZA 107 12.23 122.60 17.13
CA LEU ZA 107 11.08 123.08 17.92
C LEU ZA 107 11.51 123.61 19.30
N GLN ZA 108 12.31 122.86 20.05
CA GLN ZA 108 12.77 123.30 21.37
C GLN ZA 108 13.77 124.47 21.30
N GLU ZA 109 14.66 124.48 20.31
CA GLU ZA 109 15.62 125.58 20.07
C GLU ZA 109 14.92 126.88 19.64
N LEU ZA 110 13.84 126.78 18.86
CA LEU ZA 110 13.00 127.91 18.46
C LEU ZA 110 11.96 128.31 19.52
N ASN ZA 111 11.53 127.38 20.39
CA ASN ZA 111 10.81 127.67 21.63
C ASN ZA 111 11.67 128.53 22.56
N ASP ZA 112 12.90 128.09 22.80
CA ASP ZA 112 13.82 128.78 23.69
C ASP ZA 112 14.39 130.05 23.02
N ARG ZA 113 14.40 130.15 21.68
CA ARG ZA 113 14.61 131.41 20.96
C ARG ZA 113 13.46 132.40 21.15
N PHE ZA 114 12.18 131.99 21.13
CA PHE ZA 114 11.08 132.90 21.50
C PHE ZA 114 11.10 133.28 22.98
N ALA ZA 115 11.58 132.39 23.87
CA ALA ZA 115 11.79 132.73 25.28
C ALA ZA 115 12.91 133.80 25.48
N ASN ZA 116 14.00 133.70 24.72
CA ASN ZA 116 15.05 134.76 24.67
C ASN ZA 116 14.50 136.10 24.17
N TYR ZA 117 13.67 136.10 23.11
CA TYR ZA 117 13.02 137.35 22.66
C TYR ZA 117 11.89 137.84 23.61
N ILE ZA 118 11.29 137.00 24.46
CA ILE ZA 118 10.45 137.47 25.58
C ILE ZA 118 11.30 138.17 26.65
N ASP ZA 119 12.49 137.67 26.97
CA ASP ZA 119 13.41 138.37 27.88
C ASP ZA 119 13.86 139.72 27.29
N LYS ZA 120 14.06 139.78 25.97
CA LYS ZA 120 14.21 141.06 25.24
C LYS ZA 120 12.97 141.98 25.30
N VAL ZA 121 11.76 141.42 25.35
CA VAL ZA 121 10.53 142.19 25.66
C VAL ZA 121 10.55 142.73 27.08
N ARG ZA 122 10.92 141.93 28.08
CA ARG ZA 122 10.98 142.38 29.50
C ARG ZA 122 11.97 143.52 29.70
N PHE ZA 123 13.08 143.48 28.98
CA PHE ZA 123 14.11 144.53 29.00
C PHE ZA 123 13.60 145.84 28.39
N LEU ZA 124 12.90 145.79 27.25
CA LEU ZA 124 12.28 147.00 26.69
C LEU ZA 124 11.00 147.45 27.41
N GLU ZA 125 10.28 146.55 28.10
CA GLU ZA 125 9.21 146.92 29.04
C GLU ZA 125 9.75 147.64 30.28
N GLN ZA 126 11.00 147.36 30.69
CA GLN ZA 126 11.68 148.11 31.74
C GLN ZA 126 12.13 149.50 31.28
N GLN ZA 127 12.61 149.62 30.03
CA GLN ZA 127 12.93 150.92 29.43
C GLN ZA 127 11.65 151.77 29.29
N ASN ZA 128 10.55 151.14 28.86
CA ASN ZA 128 9.23 151.76 28.79
C ASN ZA 128 8.65 152.23 30.15
N LYS ZA 129 9.15 151.74 31.28
CA LYS ZA 129 8.79 152.24 32.63
C LYS ZA 129 9.67 153.39 33.10
N ILE ZA 130 10.91 153.49 32.59
CA ILE ZA 130 11.82 154.62 32.81
C ILE ZA 130 11.28 155.88 32.11
N LEU ZA 131 11.08 155.79 30.78
CA LEU ZA 131 10.54 156.91 29.99
C LEU ZA 131 9.10 157.30 30.39
N LEU ZA 132 8.33 156.41 31.04
CA LEU ZA 132 7.03 156.74 31.63
C LEU ZA 132 7.13 157.54 32.93
N SER AB 214 52.38 144.96 57.09
CA SER AB 214 52.01 144.34 55.81
C SER AB 214 53.18 143.60 55.14
N LEU AB 215 54.40 144.15 55.19
CA LEU AB 215 55.62 143.43 54.79
C LEU AB 215 55.83 142.16 55.62
N ALA AB 216 55.54 142.22 56.93
CA ALA AB 216 55.51 141.03 57.77
C ALA AB 216 54.34 140.07 57.44
N ARG AB 217 53.16 140.58 57.02
CA ARG AB 217 52.07 139.73 56.52
C ARG AB 217 52.43 139.00 55.23
N LEU AB 218 53.22 139.57 54.33
CA LEU AB 218 53.63 138.92 53.07
C LEU AB 218 54.63 137.78 53.27
N ASP AB 219 55.48 137.87 54.29
CA ASP AB 219 56.33 136.74 54.71
C ASP AB 219 55.51 135.61 55.36
N LEU AB 220 54.40 135.94 56.03
CA LEU AB 220 53.41 134.97 56.51
C LEU AB 220 52.57 134.39 55.36
N GLU AB 221 52.15 135.21 54.39
CA GLU AB 221 51.43 134.79 53.18
C GLU AB 221 52.24 133.85 52.30
N ARG AB 222 53.55 134.11 52.17
CA ARG AB 222 54.49 133.20 51.50
C ARG AB 222 54.51 131.80 52.14
N LYS AB 223 54.35 131.73 53.46
CA LYS AB 223 54.18 130.46 54.17
C LYS AB 223 52.80 129.89 53.88
N VAL AB 224 51.73 130.67 54.02
CA VAL AB 224 50.34 130.24 53.78
C VAL AB 224 50.13 129.69 52.35
N GLU AB 225 50.54 130.39 51.28
CA GLU AB 225 50.44 129.95 49.87
C GLU AB 225 51.08 128.57 49.65
N SER AB 226 52.35 128.46 50.07
CA SER AB 226 53.13 127.22 49.99
C SER AB 226 52.47 126.10 50.80
N LEU AB 227 51.94 126.44 51.98
CA LEU AB 227 51.24 125.54 52.88
C LEU AB 227 49.77 125.27 52.48
N GLN AB 228 49.30 125.85 51.39
CA GLN AB 228 47.95 125.71 50.84
C GLN AB 228 47.92 125.00 49.48
N GLU AB 229 49.06 124.86 48.79
CA GLU AB 229 49.33 123.58 48.10
C GLU AB 229 49.20 122.40 49.09
N GLU AB 230 49.80 122.56 50.27
CA GLU AB 230 49.89 121.52 51.28
C GLU AB 230 48.59 121.25 52.06
N ILE AB 231 47.64 122.19 52.10
CA ILE AB 231 46.24 121.89 52.47
C ILE AB 231 45.61 120.99 51.41
N ALA AB 232 45.75 121.32 50.13
CA ALA AB 232 45.11 120.54 49.07
C ALA AB 232 45.64 119.10 48.98
N PHE AB 233 46.96 118.95 49.19
CA PHE AB 233 47.65 117.69 49.50
C PHE AB 233 46.99 117.00 50.70
N LEU AB 234 47.04 117.61 51.88
CA LEU AB 234 46.55 117.04 53.14
C LEU AB 234 45.08 116.59 53.10
N LYS AB 235 44.16 117.44 52.62
CA LYS AB 235 42.72 117.12 52.61
C LYS AB 235 42.36 115.98 51.64
N LYS AB 236 43.22 115.63 50.68
CA LYS AB 236 43.00 114.47 49.77
C LYS AB 236 43.93 113.29 49.98
N LEU AB 237 45.11 113.50 50.58
CA LEU AB 237 45.88 112.42 51.21
C LEU AB 237 45.08 111.75 52.34
N HIS AB 238 44.16 112.46 53.00
CA HIS AB 238 43.20 111.80 53.90
C HIS AB 238 42.05 111.03 53.21
N GLU AB 239 41.58 111.48 52.05
CA GLU AB 239 40.58 110.69 51.31
C GLU AB 239 41.21 109.41 50.75
N GLU AB 240 42.50 109.51 50.41
CA GLU AB 240 43.41 108.47 49.93
C GLU AB 240 43.84 107.48 51.04
N GLU AB 241 44.08 107.92 52.28
CA GLU AB 241 44.14 107.04 53.47
C GLU AB 241 42.84 106.26 53.72
N ILE AB 242 41.68 106.84 53.40
CA ILE AB 242 40.40 106.14 53.51
C ILE AB 242 40.18 105.19 52.32
N GLN AB 243 40.82 105.41 51.16
CA GLN AB 243 40.87 104.45 50.05
C GLN AB 243 41.84 103.31 50.31
N GLU AB 244 43.01 103.57 50.88
CA GLU AB 244 44.04 102.58 51.15
C GLU AB 244 43.85 101.81 52.47
N LEU AB 245 43.11 102.36 53.44
CA LEU AB 245 42.52 101.56 54.52
C LEU AB 245 41.34 100.71 54.02
N GLN AB 246 40.57 101.21 53.04
CA GLN AB 246 39.65 100.35 52.29
C GLN AB 246 40.37 99.40 51.33
N ALA AB 247 41.64 99.62 51.00
CA ALA AB 247 42.49 98.67 50.29
C ALA AB 247 43.00 97.56 51.22
N GLN AB 248 43.61 97.87 52.36
CA GLN AB 248 44.01 96.85 53.32
C GLN AB 248 42.82 96.06 53.93
N ILE AB 249 41.63 96.66 54.11
CA ILE AB 249 40.39 95.89 54.42
C ILE AB 249 39.94 95.07 53.21
N GLN AB 250 39.96 95.65 52.00
CA GLN AB 250 39.60 94.92 50.79
C GLN AB 250 40.51 93.69 50.59
N GLU AB 251 41.84 93.82 50.63
CA GLU AB 251 42.93 92.99 50.06
C GLU AB 251 43.44 91.72 50.77
N GLN AB 252 42.88 91.61 52.02
CA GLN AB 252 42.77 90.21 52.60
C GLN AB 252 41.52 89.42 51.97
N HIS AB 253 40.64 90.11 51.20
CA HIS AB 253 39.29 89.78 50.72
C HIS AB 253 39.15 90.37 49.27
N VAL AB 254 40.21 90.69 48.55
CA VAL AB 254 41.02 89.89 47.74
C VAL AB 254 42.26 90.77 47.44
N GLN AB 255 43.32 90.02 47.16
CA GLN AB 255 43.63 88.65 47.57
C GLN AB 255 45.04 88.72 48.10
N ILE AB 256 45.24 87.62 48.78
CA ILE AB 256 45.35 87.57 50.27
C ILE AB 256 46.56 88.32 50.81
N ASP AB 257 47.49 88.84 50.00
CA ASP AB 257 48.48 88.28 49.04
C ASP AB 257 48.11 87.32 47.83
N VAL AB 258 48.06 87.81 46.59
CA VAL AB 258 47.25 87.23 45.45
C VAL AB 258 47.50 85.74 45.05
N ASP AB 259 46.60 84.81 45.41
CA ASP AB 259 46.77 83.35 45.19
C ASP AB 259 46.89 82.85 43.73
N VAL AB 260 47.39 81.62 43.57
CA VAL AB 260 47.21 80.75 42.38
C VAL AB 260 45.96 79.82 42.46
N SER AB 261 45.35 79.67 43.66
CA SER AB 261 44.17 78.83 44.01
C SER AB 261 44.33 77.33 43.76
N LYS AB 262 44.68 76.98 42.51
CA LYS AB 262 45.36 75.73 42.16
C LYS AB 262 46.71 75.71 42.90
N PRO AB 263 47.14 74.55 43.48
CA PRO AB 263 48.51 74.39 43.96
C PRO AB 263 49.54 74.37 42.81
N ASP AB 264 49.94 73.20 42.29
CA ASP AB 264 50.73 73.13 41.05
C ASP AB 264 50.64 71.74 40.37
N LEU AB 265 51.74 71.29 39.75
CA LEU AB 265 52.42 69.99 39.87
C LEU AB 265 51.67 68.83 40.57
N THR AB 266 50.94 69.10 41.64
CA THR AB 266 49.95 68.22 42.28
C THR AB 266 48.98 67.57 41.29
N ALA AB 267 48.56 68.30 40.24
CA ALA AB 267 47.75 67.76 39.15
C ALA AB 267 48.55 66.72 38.33
N ALA AB 268 49.68 67.16 37.78
CA ALA AB 268 50.60 66.33 37.02
C ALA AB 268 51.13 65.09 37.78
N LEU AB 269 51.25 65.13 39.11
CA LEU AB 269 51.63 63.98 39.94
C LEU AB 269 50.51 62.94 40.07
N ARG AB 270 49.23 63.36 40.15
CA ARG AB 270 48.05 62.48 40.09
C ARG AB 270 47.77 61.97 38.68
N ASP AB 271 48.14 62.75 37.68
CA ASP AB 271 47.98 62.38 36.27
C ASP AB 271 49.09 61.42 35.84
N VAL AB 272 50.34 61.62 36.30
CA VAL AB 272 51.44 60.65 36.28
C VAL AB 272 51.07 59.37 37.03
N ARG AB 273 50.41 59.46 38.19
CA ARG AB 273 49.92 58.30 38.95
C ARG AB 273 48.94 57.46 38.13
N GLN AB 274 47.90 58.08 37.59
CA GLN AB 274 46.87 57.40 36.79
C GLN AB 274 47.39 56.98 35.39
N GLN AB 275 48.42 57.65 34.87
CA GLN AB 275 49.16 57.23 33.68
C GLN AB 275 50.13 56.07 33.96
N TYR AB 276 50.72 55.94 35.15
CA TYR AB 276 51.47 54.72 35.54
C TYR AB 276 50.52 53.53 35.76
N GLU AB 277 49.34 53.75 36.33
CA GLU AB 277 48.28 52.74 36.43
C GLU AB 277 47.74 52.33 35.04
N SER AB 278 47.65 53.27 34.11
CA SER AB 278 47.35 53.01 32.68
C SER AB 278 48.50 52.34 31.91
N VAL AB 279 49.76 52.62 32.24
CA VAL AB 279 50.95 51.97 31.67
C VAL AB 279 51.12 50.56 32.21
N ALA AB 280 50.72 50.29 33.45
CA ALA AB 280 50.57 48.93 33.97
C ALA AB 280 49.48 48.15 33.20
N ALA AB 281 48.36 48.79 32.86
CA ALA AB 281 47.34 48.21 31.98
C ALA AB 281 47.81 47.99 30.53
N LYS AB 282 48.63 48.89 29.96
CA LYS AB 282 49.28 48.68 28.65
C LYS AB 282 50.29 47.53 28.68
N ASN AB 283 51.11 47.43 29.73
CA ASN AB 283 52.04 46.32 29.91
C ASN AB 283 51.30 44.99 30.10
N LEU AB 284 50.11 44.98 30.73
CA LEU AB 284 49.24 43.81 30.79
C LEU AB 284 48.61 43.45 29.43
N GLN AB 285 48.19 44.45 28.65
CA GLN AB 285 47.70 44.27 27.27
C GLN AB 285 48.78 43.65 26.36
N GLU AB 286 50.01 44.17 26.40
CA GLU AB 286 51.14 43.60 25.66
C GLU AB 286 51.58 42.24 26.21
N ALA AB 287 51.39 41.97 27.50
CA ALA AB 287 51.54 40.65 28.09
C ALA AB 287 50.44 39.63 27.72
N GLU AB 288 49.29 40.08 27.20
CA GLU AB 288 48.35 39.19 26.50
C GLU AB 288 48.77 38.90 25.06
N GLU AB 289 49.53 39.78 24.40
CA GLU AB 289 50.23 39.45 23.14
C GLU AB 289 51.42 38.50 23.37
N TRP AB 290 52.12 38.59 24.52
CA TRP AB 290 53.10 37.59 24.95
C TRP AB 290 52.43 36.23 25.26
N TYR AB 291 51.28 36.27 25.95
CA TYR AB 291 50.49 35.06 26.26
C TYR AB 291 49.98 34.35 25.01
N LYS AB 292 49.45 35.09 24.03
CA LYS AB 292 49.13 34.56 22.69
C LYS AB 292 50.35 33.95 22.01
N SER AB 293 51.51 34.58 22.10
CA SER AB 293 52.75 34.10 21.47
C SER AB 293 53.18 32.74 22.04
N LYS AB 294 53.07 32.55 23.37
CA LYS AB 294 53.33 31.24 24.01
C LYS AB 294 52.22 30.21 23.82
N PHE AB 295 50.97 30.67 23.69
CA PHE AB 295 49.85 29.83 23.29
C PHE AB 295 49.97 29.39 21.80
N ALA AB 296 50.62 30.18 20.95
CA ALA AB 296 50.99 29.82 19.58
C ALA AB 296 52.18 28.85 19.51
N ASP AB 297 53.19 28.99 20.37
CA ASP AB 297 54.25 27.98 20.58
C ASP AB 297 53.64 26.61 20.94
N LEU AB 298 52.72 26.59 21.92
CA LEU AB 298 51.90 25.42 22.28
C LEU AB 298 51.08 24.86 21.11
N SER AB 299 50.32 25.72 20.44
CA SER AB 299 49.40 25.29 19.37
C SER AB 299 50.14 24.69 18.19
N GLU AB 300 51.30 25.25 17.84
CA GLU AB 300 52.14 24.75 16.75
C GLU AB 300 52.94 23.50 17.14
N ALA AB 301 53.39 23.37 18.40
CA ALA AB 301 53.95 22.13 18.92
C ALA AB 301 52.90 20.99 18.93
N ALA AB 302 51.67 21.30 19.34
CA ALA AB 302 50.55 20.36 19.28
C ALA AB 302 50.18 19.94 17.85
N ASN AB 303 50.21 20.87 16.87
CA ASN AB 303 50.00 20.57 15.46
C ASN AB 303 51.13 19.70 14.87
N ARG AB 304 52.41 20.07 15.09
CA ARG AB 304 53.57 19.37 14.51
C ARG AB 304 53.71 17.94 15.04
N ASN AB 305 53.49 17.72 16.34
CA ASN AB 305 53.50 16.36 16.90
C ASN AB 305 52.25 15.55 16.50
N ASN AB 306 51.10 16.20 16.30
CA ASN AB 306 49.95 15.58 15.65
C ASN AB 306 50.26 15.14 14.21
N ASP AB 307 50.85 15.99 13.38
CA ASP AB 307 51.16 15.63 12.00
C ASP AB 307 52.30 14.60 11.90
N ALA AB 308 53.20 14.55 12.88
CA ALA AB 308 54.17 13.45 13.02
C ALA AB 308 53.55 12.09 13.41
N LEU AB 309 52.47 12.06 14.20
CA LEU AB 309 51.73 10.82 14.52
C LEU AB 309 50.67 10.45 13.48
N ARG AB 310 50.15 11.44 12.74
CA ARG AB 310 49.30 11.22 11.54
C ARG AB 310 50.14 10.67 10.38
N GLN AB 311 51.40 11.10 10.25
CA GLN AB 311 52.38 10.56 9.31
C GLN AB 311 52.72 9.09 9.61
N ALA AB 312 52.93 8.73 10.88
CA ALA AB 312 53.10 7.33 11.29
C ALA AB 312 51.87 6.44 10.96
N LYS AB 313 50.64 6.98 11.08
CA LYS AB 313 49.42 6.30 10.59
C LYS AB 313 49.34 6.20 9.06
N GLN AB 314 49.86 7.18 8.31
CA GLN AB 314 49.91 7.17 6.84
C GLN AB 314 50.96 6.19 6.32
N GLU AB 315 52.14 6.12 6.94
CA GLU AB 315 53.19 5.10 6.70
C GLU AB 315 52.68 3.69 7.02
N SER AB 316 52.02 3.51 8.17
CA SER AB 316 51.31 2.27 8.54
C SER AB 316 50.13 1.91 7.61
N THR AB 317 49.66 2.85 6.78
CA THR AB 317 48.62 2.60 5.77
C THR AB 317 49.22 2.31 4.38
N GLU AB 318 50.41 2.84 4.07
CA GLU AB 318 51.17 2.51 2.86
C GLU AB 318 51.83 1.13 2.96
N TYR AB 319 52.49 0.82 4.08
CA TYR AB 319 52.97 -0.54 4.36
C TYR AB 319 51.84 -1.56 4.42
N ARG AB 320 50.63 -1.18 4.87
CA ARG AB 320 49.45 -2.06 4.75
C ARG AB 320 49.06 -2.39 3.30
N ARG AB 321 49.21 -1.45 2.35
CA ARG AB 321 49.00 -1.73 0.92
C ARG AB 321 50.09 -2.62 0.33
N GLN AB 322 51.34 -2.43 0.76
CA GLN AB 322 52.49 -3.25 0.35
C GLN AB 322 52.35 -4.70 0.86
N VAL AB 323 51.94 -4.86 2.14
CA VAL AB 323 51.54 -6.13 2.74
C VAL AB 323 50.45 -6.81 1.93
N GLN AB 324 49.34 -6.11 1.66
CA GLN AB 324 48.19 -6.70 0.98
C GLN AB 324 48.51 -7.10 -0.47
N SER AB 325 49.32 -6.30 -1.18
CA SER AB 325 49.73 -6.58 -2.57
C SER AB 325 50.69 -7.78 -2.64
N LEU AB 326 51.74 -7.76 -1.82
CA LEU AB 326 52.73 -8.82 -1.71
C LEU AB 326 52.15 -10.14 -1.16
N THR AB 327 51.13 -10.07 -0.29
CA THR AB 327 50.38 -11.27 0.12
C THR AB 327 49.69 -11.91 -1.07
N CYS AB 328 48.95 -11.14 -1.87
CA CYS AB 328 48.23 -11.67 -3.04
C CYS AB 328 49.18 -12.18 -4.14
N GLU AB 329 50.34 -11.56 -4.30
CA GLU AB 329 51.38 -11.94 -5.26
C GLU AB 329 52.02 -13.29 -4.91
N VAL AB 330 52.40 -13.49 -3.64
CA VAL AB 330 52.99 -14.76 -3.16
C VAL AB 330 51.92 -15.85 -2.93
N ASP AB 331 50.68 -15.50 -2.57
CA ASP AB 331 49.55 -16.44 -2.60
C ASP AB 331 49.26 -16.95 -4.02
N ALA AB 332 49.43 -16.11 -5.06
CA ALA AB 332 49.27 -16.51 -6.45
C ALA AB 332 50.44 -17.36 -6.99
N LEU AB 333 51.67 -17.09 -6.56
CA LEU AB 333 52.84 -17.93 -6.90
C LEU AB 333 52.82 -19.30 -6.19
N LYS AB 334 52.38 -19.33 -4.92
CA LYS AB 334 52.02 -20.57 -4.22
C LYS AB 334 50.89 -21.33 -4.89
N GLY AB 335 49.82 -20.64 -5.30
CA GLY AB 335 48.71 -21.24 -6.07
C GLY AB 335 49.12 -21.71 -7.47
N THR AB 336 50.18 -21.15 -8.04
CA THR AB 336 50.80 -21.62 -9.29
C THR AB 336 51.64 -22.87 -9.06
N ASN AB 337 52.39 -22.95 -7.96
CA ASN AB 337 53.14 -24.16 -7.58
C ASN AB 337 52.24 -25.34 -7.22
N GLU AB 338 51.13 -25.11 -6.51
CA GLU AB 338 50.06 -26.11 -6.32
C GLU AB 338 49.37 -26.51 -7.63
N SER AB 339 49.30 -25.60 -8.61
CA SER AB 339 48.74 -25.91 -9.93
C SER AB 339 49.67 -26.78 -10.76
N LEU AB 340 50.99 -26.58 -10.65
CA LEU AB 340 52.01 -27.47 -11.24
C LEU AB 340 52.01 -28.84 -10.56
N GLU AB 341 51.90 -28.89 -9.23
CA GLU AB 341 51.73 -30.12 -8.43
C GLU AB 341 50.52 -30.95 -8.88
N ARG AB 342 49.39 -30.29 -9.14
CA ARG AB 342 48.15 -30.94 -9.63
C ARG AB 342 48.21 -31.37 -11.09
N GLN AB 343 48.89 -30.62 -11.96
CA GLN AB 343 49.12 -31.00 -13.36
C GLN AB 343 50.13 -32.16 -13.47
N MET AB 344 51.15 -32.18 -12.61
CA MET AB 344 52.10 -33.29 -12.47
C MET AB 344 51.37 -34.57 -12.06
N ARG AB 345 50.46 -34.50 -11.06
CA ARG AB 345 49.58 -35.62 -10.70
C ARG AB 345 48.77 -36.15 -11.89
N GLU AB 346 48.11 -35.29 -12.66
CA GLU AB 346 47.26 -35.74 -13.79
C GLU AB 346 48.09 -36.26 -14.98
N MET AB 347 49.36 -35.88 -15.12
CA MET AB 347 50.29 -36.55 -16.04
C MET AB 347 50.85 -37.86 -15.47
N GLU AB 348 51.11 -37.91 -14.16
CA GLU AB 348 51.64 -39.06 -13.42
C GLU AB 348 50.62 -40.21 -13.33
N GLU AB 349 49.34 -39.90 -13.17
CA GLU AB 349 48.21 -40.82 -13.28
C GLU AB 349 48.09 -41.44 -14.69
N ASN AB 350 48.37 -40.65 -15.75
CA ASN AB 350 48.50 -41.20 -17.11
C ASN AB 350 49.75 -42.08 -17.26
N PHE AB 351 50.91 -41.68 -16.74
CA PHE AB 351 52.16 -42.45 -16.88
C PHE AB 351 52.09 -43.83 -16.19
N ALA AB 352 51.47 -43.91 -15.01
CA ALA AB 352 51.25 -45.18 -14.32
C ALA AB 352 50.32 -46.12 -15.11
N VAL AB 353 49.26 -45.57 -15.71
CA VAL AB 353 48.31 -46.29 -16.58
C VAL AB 353 48.93 -46.69 -17.92
N GLU AB 354 49.75 -45.86 -18.56
CA GLU AB 354 50.47 -46.19 -19.79
C GLU AB 354 51.52 -47.28 -19.58
N ALA AB 355 52.23 -47.27 -18.45
CA ALA AB 355 53.17 -48.33 -18.07
C ALA AB 355 52.48 -49.69 -17.87
N ALA AB 356 51.35 -49.72 -17.14
CA ALA AB 356 50.58 -50.93 -16.90
C ALA AB 356 49.94 -51.48 -18.20
N ASN AB 357 49.35 -50.62 -19.03
CA ASN AB 357 48.80 -51.02 -20.34
C ASN AB 357 49.88 -51.56 -21.28
N TYR AB 358 51.07 -50.95 -21.30
CA TYR AB 358 52.18 -51.42 -22.14
C TYR AB 358 52.67 -52.79 -21.68
N GLN AB 359 52.90 -52.98 -20.37
CA GLN AB 359 53.41 -54.25 -19.83
C GLN AB 359 52.42 -55.41 -20.01
N ASP AB 360 51.12 -55.16 -19.81
CA ASP AB 360 50.07 -56.15 -20.07
C ASP AB 360 49.96 -56.49 -21.56
N THR AB 361 50.02 -55.49 -22.44
CA THR AB 361 49.99 -55.69 -23.89
C THR AB 361 51.16 -56.55 -24.38
N ILE AB 362 52.37 -56.33 -23.85
CA ILE AB 362 53.55 -57.13 -24.20
C ILE AB 362 53.42 -58.58 -23.70
N GLY AB 363 53.06 -58.79 -22.43
CA GLY AB 363 52.95 -60.14 -21.84
C GLY AB 363 51.83 -60.99 -22.44
N ARG AB 364 50.65 -60.37 -22.63
CA ARG AB 364 49.48 -60.98 -23.27
C ARG AB 364 49.74 -61.37 -24.73
N LEU AB 365 50.42 -60.51 -25.49
CA LEU AB 365 50.86 -60.79 -26.85
C LEU AB 365 51.89 -61.94 -26.91
N GLN AB 366 52.80 -62.02 -25.94
CA GLN AB 366 53.77 -63.12 -25.84
C GLN AB 366 53.07 -64.47 -25.58
N ASP AB 367 52.08 -64.52 -24.69
CA ASP AB 367 51.28 -65.72 -24.44
C ASP AB 367 50.44 -66.16 -25.64
N GLU AB 368 49.76 -65.23 -26.31
CA GLU AB 368 49.02 -65.50 -27.55
C GLU AB 368 49.92 -66.08 -28.66
N ILE AB 369 51.17 -65.62 -28.74
CA ILE AB 369 52.19 -66.17 -29.64
C ILE AB 369 52.64 -67.59 -29.23
N GLN AB 370 52.71 -67.93 -27.94
CA GLN AB 370 53.07 -69.29 -27.49
C GLN AB 370 51.91 -70.28 -27.64
N ASN AB 371 50.67 -69.87 -27.36
CA ASN AB 371 49.46 -70.68 -27.50
C ASN AB 371 49.27 -71.21 -28.94
N MET AB 372 49.47 -70.35 -29.95
CA MET AB 372 49.45 -70.76 -31.35
C MET AB 372 50.55 -71.78 -31.72
N LYS AB 373 51.73 -71.69 -31.10
CA LYS AB 373 52.85 -72.62 -31.36
C LYS AB 373 52.63 -74.01 -30.75
N GLU AB 374 51.99 -74.11 -29.60
CA GLU AB 374 51.69 -75.40 -28.96
C GLU AB 374 50.64 -76.20 -29.75
N GLU AB 375 49.59 -75.50 -30.16
CA GLU AB 375 48.58 -75.99 -31.09
C GLU AB 375 49.18 -76.45 -32.43
N MET AB 376 50.06 -75.65 -33.03
CA MET AB 376 50.80 -76.06 -34.23
C MET AB 376 51.73 -77.25 -33.97
N ALA AB 377 52.49 -77.25 -32.87
CA ALA AB 377 53.46 -78.30 -32.55
C ALA AB 377 52.82 -79.69 -32.37
N ARG AB 378 51.57 -79.75 -31.88
CA ARG AB 378 50.76 -80.97 -31.87
C ARG AB 378 50.32 -81.39 -33.28
N HIS AB 379 49.74 -80.46 -34.04
CA HIS AB 379 49.28 -80.71 -35.42
C HIS AB 379 50.39 -81.19 -36.38
N LEU AB 380 51.65 -80.82 -36.14
CA LEU AB 380 52.81 -81.33 -36.89
C LEU AB 380 52.99 -82.85 -36.79
N ARG AB 381 52.65 -83.49 -35.65
CA ARG AB 381 52.66 -84.95 -35.52
C ARG AB 381 51.31 -85.63 -35.69
N GLU AB 382 50.19 -84.91 -35.52
CA GLU AB 382 48.87 -85.42 -35.97
C GLU AB 382 48.90 -85.77 -37.47
N TYR AB 383 49.61 -84.99 -38.30
CA TYR AB 383 49.86 -85.35 -39.70
C TYR AB 383 50.98 -86.38 -39.93
N GLN AB 384 52.00 -86.45 -39.06
CA GLN AB 384 53.04 -87.50 -39.14
C GLN AB 384 52.48 -88.90 -38.86
N ASP AB 385 51.53 -89.04 -37.94
CA ASP AB 385 50.83 -90.30 -37.68
C ASP AB 385 49.82 -90.66 -38.79
N LEU AB 386 49.24 -89.68 -39.48
CA LEU AB 386 48.52 -89.93 -40.75
C LEU AB 386 49.44 -90.33 -41.91
N LEU AB 387 50.72 -89.91 -41.92
CA LEU AB 387 51.74 -90.45 -42.82
C LEU AB 387 52.19 -91.87 -42.43
N ASN AB 388 52.17 -92.23 -41.14
CA ASN AB 388 52.36 -93.62 -40.68
C ASN AB 388 51.19 -94.54 -41.10
N VAL AB 389 49.95 -94.04 -41.08
CA VAL AB 389 48.78 -94.72 -41.66
C VAL AB 389 48.93 -94.90 -43.18
N LYS AB 390 49.42 -93.88 -43.89
CA LYS AB 390 49.74 -93.98 -45.33
C LYS AB 390 50.88 -94.97 -45.64
N MET AB 391 51.86 -95.12 -44.75
CA MET AB 391 52.92 -96.11 -44.87
C MET AB 391 52.40 -97.54 -44.70
N ALA AB 392 51.39 -97.77 -43.86
CA ALA AB 392 50.70 -99.06 -43.79
C ALA AB 392 49.90 -99.37 -45.08
N LEU AB 393 49.30 -98.35 -45.71
CA LEU AB 393 48.71 -98.49 -47.05
C LEU AB 393 49.76 -98.80 -48.14
N ASP AB 394 51.04 -98.43 -47.98
CA ASP AB 394 52.11 -98.86 -48.90
C ASP AB 394 52.54 -100.32 -48.69
N ILE AB 395 52.35 -100.88 -47.48
CA ILE AB 395 52.46 -102.33 -47.22
C ILE AB 395 51.31 -103.10 -47.89
N GLU AB 396 50.11 -102.52 -47.96
CA GLU AB 396 48.99 -103.05 -48.75
C GLU AB 396 49.25 -102.99 -50.27
N ILE AB 397 49.80 -101.87 -50.77
CA ILE AB 397 50.24 -101.74 -52.19
C ILE AB 397 51.36 -102.73 -52.54
N ALA AB 398 52.32 -102.95 -51.63
CA ALA AB 398 53.36 -103.95 -51.79
C ALA AB 398 52.82 -105.39 -51.74
N THR AB 399 51.75 -105.62 -50.98
CA THR AB 399 51.05 -106.91 -50.88
C THR AB 399 50.16 -107.18 -52.10
N TYR AB 400 49.63 -106.15 -52.76
CA TYR AB 400 48.82 -106.33 -53.98
C TYR AB 400 49.62 -106.87 -55.18
N ARG AB 401 50.95 -106.66 -55.23
CA ARG AB 401 51.81 -107.33 -56.22
C ARG AB 401 51.89 -108.85 -56.02
N LYS AB 402 51.93 -109.30 -54.77
CA LYS AB 402 51.79 -110.73 -54.39
C LYS AB 402 50.37 -111.26 -54.60
N LEU AB 403 49.36 -110.39 -54.67
CA LEU AB 403 48.02 -110.77 -55.09
C LEU AB 403 47.96 -111.02 -56.60
N LEU AB 404 48.65 -110.24 -57.43
CA LEU AB 404 48.76 -110.52 -58.87
C LEU AB 404 49.56 -111.80 -59.18
N GLU AB 405 50.70 -112.01 -58.52
CA GLU AB 405 51.45 -113.29 -58.55
C GLU AB 405 50.60 -114.47 -58.04
N GLY AB 406 49.72 -114.20 -57.07
CA GLY AB 406 48.78 -115.14 -56.51
C GLY AB 406 47.58 -115.44 -57.42
N GLU AB 407 47.06 -114.49 -58.19
CA GLU AB 407 45.98 -114.65 -59.16
C GLU AB 407 46.42 -115.46 -60.39
N GLU AB 408 47.64 -115.20 -60.89
CA GLU AB 408 48.28 -115.99 -61.93
C GLU AB 408 48.52 -117.45 -61.50
N SER AB 409 48.78 -117.66 -60.20
CA SER AB 409 48.83 -118.99 -59.58
C SER AB 409 47.45 -119.60 -59.30
N ARG AB 410 46.46 -118.79 -58.89
CA ARG AB 410 45.13 -119.18 -58.43
C ARG AB 410 44.32 -119.86 -59.52
N ILE AB 411 44.38 -119.30 -60.73
CA ILE AB 411 43.63 -119.85 -61.86
C ILE AB 411 44.08 -121.28 -62.19
N SER AB 412 45.30 -121.72 -61.83
CA SER AB 412 45.85 -123.04 -62.19
C SER AB 412 46.11 -123.23 -63.70
N LEU AB 413 45.64 -122.26 -64.51
CA LEU AB 413 44.79 -122.44 -65.69
C LEU AB 413 44.25 -123.89 -65.90
N PRO AB 414 43.26 -124.30 -65.06
CA PRO AB 414 42.89 -125.70 -64.84
C PRO AB 414 44.02 -126.74 -65.06
N LEU AB 415 43.70 -127.98 -65.46
CA LEU AB 415 44.70 -128.79 -66.18
C LEU AB 415 44.05 -129.58 -67.34
N PRO AB 416 43.54 -128.90 -68.38
CA PRO AB 416 42.74 -129.50 -69.45
C PRO AB 416 43.61 -130.19 -70.50
N ASN AB 417 44.59 -131.00 -70.08
CA ASN AB 417 45.43 -131.81 -70.98
C ASN AB 417 44.71 -133.07 -71.51
N PHE AB 418 43.43 -132.90 -71.87
CA PHE AB 418 42.57 -133.95 -72.39
C PHE AB 418 43.00 -134.40 -73.80
N SER AB 419 42.32 -135.40 -74.36
CA SER AB 419 42.86 -136.33 -75.38
C SER AB 419 43.83 -137.40 -74.84
N SER AB 420 44.08 -137.39 -73.52
CA SER AB 420 44.48 -138.60 -72.76
C SER AB 420 43.27 -139.53 -72.51
N LEU AB 421 42.11 -138.91 -72.24
CA LEU AB 421 40.78 -139.38 -72.63
C LEU AB 421 40.17 -138.24 -73.48
N ASN AB 422 39.78 -138.42 -74.75
CA ASN AB 422 39.96 -139.59 -75.63
C ASN AB 422 39.23 -140.86 -75.16
N LEU BB 215 41.53 144.80 58.02
CA LEU BB 215 40.84 143.72 57.30
C LEU BB 215 41.78 142.96 56.35
N ALA BB 216 42.64 143.67 55.62
CA ALA BB 216 43.69 143.04 54.80
C ALA BB 216 44.64 142.17 55.65
N ARG BB 217 45.22 142.75 56.71
CA ARG BB 217 46.18 142.05 57.58
C ARG BB 217 45.55 140.87 58.35
N LEU BB 218 44.24 140.94 58.64
CA LEU BB 218 43.47 139.95 59.39
C LEU BB 218 43.28 138.60 58.68
N ASP BB 219 43.25 138.56 57.34
CA ASP BB 219 43.15 137.28 56.61
C ASP BB 219 44.41 136.44 56.75
N LEU BB 220 45.57 137.08 56.63
CA LEU BB 220 46.87 136.43 56.74
C LEU BB 220 47.26 136.06 58.17
N GLU BB 221 46.76 136.80 59.17
CA GLU BB 221 46.83 136.41 60.59
C GLU BB 221 46.07 135.10 60.87
N ARG BB 222 44.77 135.08 60.55
CA ARG BB 222 43.90 133.91 60.79
C ARG BB 222 44.34 132.70 59.96
N LYS BB 223 44.87 132.92 58.76
CA LYS BB 223 45.48 131.88 57.92
C LYS BB 223 46.74 131.31 58.55
N VAL BB 224 47.74 132.13 58.91
CA VAL BB 224 49.00 131.59 59.44
C VAL BB 224 48.85 130.95 60.82
N GLU BB 225 47.86 131.36 61.61
CA GLU BB 225 47.40 130.62 62.81
C GLU BB 225 46.87 129.23 62.44
N SER BB 226 45.86 129.16 61.55
CA SER BB 226 45.21 127.92 61.14
C SER BB 226 46.18 126.93 60.45
N LEU BB 227 47.15 127.44 59.71
CA LEU BB 227 48.08 126.64 58.91
C LEU BB 227 49.17 125.96 59.76
N GLN BB 228 49.34 126.34 61.03
CA GLN BB 228 50.12 125.55 62.00
C GLN BB 228 49.44 124.21 62.32
N GLU BB 229 48.10 124.19 62.43
CA GLU BB 229 47.35 122.92 62.54
C GLU BB 229 47.38 122.12 61.23
N GLU BB 230 47.30 122.78 60.08
CA GLU BB 230 47.36 122.08 58.78
C GLU BB 230 48.72 121.44 58.47
N ILE BB 231 49.86 121.97 58.96
CA ILE BB 231 51.14 121.24 58.97
C ILE BB 231 51.09 120.02 59.90
N ALA BB 232 50.56 120.20 61.12
CA ALA BB 232 50.48 119.14 62.12
C ALA BB 232 49.53 117.99 61.70
N PHE BB 233 48.57 118.28 60.83
CA PHE BB 233 47.78 117.29 60.10
C PHE BB 233 48.55 116.70 58.90
N LEU BB 234 49.23 117.54 58.08
CA LEU BB 234 49.94 117.12 56.86
C LEU BB 234 50.88 115.96 57.12
N LYS BB 235 51.75 116.08 58.13
CA LYS BB 235 52.77 115.07 58.40
C LYS BB 235 52.15 113.70 58.60
N LYS BB 236 51.07 113.64 59.38
CA LYS BB 236 50.39 112.40 59.77
C LYS BB 236 49.66 111.77 58.60
N LEU BB 237 48.75 112.52 58.00
CA LEU BB 237 47.89 111.99 56.95
C LEU BB 237 48.63 111.69 55.64
N HIS BB 238 49.81 112.28 55.43
CA HIS BB 238 50.79 111.86 54.42
C HIS BB 238 51.52 110.55 54.78
N GLU BB 239 52.06 110.45 55.99
CA GLU BB 239 52.82 109.28 56.42
C GLU BB 239 51.92 108.07 56.71
N GLU BB 240 50.65 108.30 56.99
CA GLU BB 240 49.56 107.31 57.08
C GLU BB 240 49.15 106.83 55.67
N GLU BB 241 48.91 107.74 54.72
CA GLU BB 241 48.65 107.43 53.29
C GLU BB 241 49.78 106.62 52.63
N ILE BB 242 51.04 107.07 52.71
CA ILE BB 242 52.17 106.36 52.10
C ILE BB 242 52.37 104.97 52.72
N GLN BB 243 52.04 104.77 54.00
CA GLN BB 243 52.22 103.46 54.67
C GLN BB 243 51.09 102.47 54.36
N GLU BB 244 49.84 102.91 54.27
CA GLU BB 244 48.72 102.05 53.83
C GLU BB 244 48.84 101.70 52.33
N LEU BB 245 49.27 102.65 51.49
CA LEU BB 245 49.63 102.39 50.08
C LEU BB 245 50.81 101.40 49.92
N GLN BB 246 51.86 101.51 50.73
CA GLN BB 246 52.98 100.57 50.69
C GLN BB 246 52.71 99.25 51.45
N ALA BB 247 51.55 99.11 52.09
CA ALA BB 247 50.97 97.83 52.52
C ALA BB 247 50.12 97.18 51.41
N GLN BB 248 49.32 97.97 50.66
CA GLN BB 248 48.61 97.56 49.44
C GLN BB 248 49.57 96.93 48.41
N ILE BB 249 50.71 97.60 48.18
CA ILE BB 249 51.71 97.15 47.19
C ILE BB 249 52.38 95.82 47.60
N GLN BB 250 52.31 95.44 48.89
CA GLN BB 250 52.74 94.13 49.38
C GLN BB 250 51.61 93.08 49.33
N GLU BB 251 50.36 93.44 49.65
CA GLU BB 251 49.17 92.58 49.48
C GLU BB 251 48.83 92.29 48.00
N GLN BB 252 49.46 92.99 47.05
CA GLN BB 252 49.32 92.80 45.60
C GLN BB 252 49.66 91.38 45.07
N HIS BB 253 50.22 90.45 45.88
CA HIS BB 253 51.28 89.55 45.39
C HIS BB 253 51.02 88.00 45.26
N VAL BB 254 51.34 87.08 46.20
CA VAL BB 254 51.14 85.60 46.00
C VAL BB 254 50.96 84.64 47.22
N GLN BB 255 49.96 83.74 47.04
CA GLN BB 255 49.93 82.35 47.58
C GLN BB 255 49.95 81.23 46.52
N ILE BB 256 50.27 79.99 46.94
CA ILE BB 256 50.29 78.79 46.06
C ILE BB 256 49.65 77.53 46.70
N ASP BB 257 50.04 77.11 47.91
CA ASP BB 257 49.93 75.71 48.42
C ASP BB 257 50.81 74.72 47.61
N VAL BB 258 50.94 73.48 48.08
CA VAL BB 258 51.99 72.53 47.68
C VAL BB 258 51.47 71.09 47.59
N ASP BB 259 52.03 70.31 46.66
CA ASP BB 259 51.79 68.86 46.57
C ASP BB 259 52.41 68.07 47.74
N VAL BB 260 53.28 68.67 48.56
CA VAL BB 260 53.86 68.01 49.74
C VAL BB 260 52.96 68.07 50.99
N SER BB 261 51.84 68.81 50.94
CA SER BB 261 50.82 68.83 52.01
C SER BB 261 50.14 67.47 52.23
N LYS BB 262 50.20 66.57 51.23
CA LYS BB 262 49.97 65.11 51.33
C LYS BB 262 50.83 64.42 50.27
N PRO BB 263 51.49 63.29 50.56
CA PRO BB 263 52.63 62.82 49.76
C PRO BB 263 52.36 62.52 48.27
N ASP BB 264 51.13 62.14 47.90
CA ASP BB 264 50.58 61.73 46.57
C ASP BB 264 51.42 60.74 45.71
N LEU BB 265 52.71 60.99 45.48
CA LEU BB 265 53.75 60.12 44.89
C LEU BB 265 53.80 58.69 45.45
N THR BB 266 53.43 58.47 46.72
CA THR BB 266 53.34 57.12 47.30
C THR BB 266 52.32 56.22 46.59
N ALA BB 267 51.32 56.80 45.93
CA ALA BB 267 50.42 56.07 45.03
C ALA BB 267 51.13 55.60 43.75
N ALA BB 268 51.85 56.49 43.06
CA ALA BB 268 52.63 56.14 41.86
C ALA BB 268 53.70 55.05 42.12
N LEU BB 269 54.33 55.04 43.30
CA LEU BB 269 55.25 53.97 43.71
C LEU BB 269 54.56 52.62 44.00
N ARG BB 270 53.29 52.62 44.43
CA ARG BB 270 52.46 51.40 44.52
C ARG BB 270 51.98 50.94 43.14
N ASP BB 271 51.79 51.82 42.18
CA ASP BB 271 51.39 51.43 40.82
C ASP BB 271 52.54 50.84 40.01
N VAL BB 272 53.77 51.31 40.24
CA VAL BB 272 55.00 50.63 39.80
C VAL BB 272 55.14 49.24 40.44
N ARG BB 273 54.74 49.08 41.71
CA ARG BB 273 54.72 47.77 42.38
C ARG BB 273 53.64 46.83 41.82
N GLN BB 274 52.44 47.33 41.54
CA GLN BB 274 51.36 46.58 40.91
C GLN BB 274 51.67 46.22 39.44
N GLN BB 275 52.43 47.04 38.71
CA GLN BB 275 53.01 46.70 37.42
C GLN BB 275 54.01 45.53 37.54
N TYR BB 276 54.92 45.58 38.51
CA TYR BB 276 55.86 44.49 38.77
C TYR BB 276 55.16 43.18 39.14
N GLU BB 277 54.13 43.22 39.99
CA GLU BB 277 53.37 42.03 40.39
C GLU BB 277 52.49 41.47 39.25
N SER BB 278 51.96 42.33 38.39
CA SER BB 278 51.22 41.93 37.17
C SER BB 278 52.14 41.29 36.13
N VAL BB 279 53.27 41.92 35.82
CA VAL BB 279 54.27 41.39 34.87
C VAL BB 279 54.91 40.10 35.39
N ALA BB 280 55.18 39.99 36.70
CA ALA BB 280 55.64 38.74 37.30
C ALA BB 280 54.61 37.60 37.18
N ALA BB 281 53.32 37.89 37.33
CA ALA BB 281 52.26 36.90 37.11
C ALA BB 281 52.12 36.48 35.64
N LYS BB 282 52.27 37.40 34.68
CA LYS BB 282 52.25 37.07 33.24
C LYS BB 282 53.50 36.32 32.77
N ASN BB 283 54.66 36.59 33.36
CA ASN BB 283 55.88 35.80 33.13
C ASN BB 283 55.75 34.34 33.61
N LEU BB 284 54.98 34.10 34.69
CA LEU BB 284 54.63 32.75 35.13
C LEU BB 284 53.64 32.06 34.17
N GLN BB 285 52.72 32.80 33.54
CA GLN BB 285 51.82 32.26 32.50
C GLN BB 285 52.53 31.98 31.17
N GLU BB 286 53.55 32.77 30.78
CA GLU BB 286 54.43 32.43 29.65
C GLU BB 286 55.16 31.09 29.87
N ALA BB 287 55.64 30.86 31.09
CA ALA BB 287 56.23 29.57 31.47
C ALA BB 287 55.17 28.45 31.52
N GLU BB 288 53.94 28.73 31.97
CA GLU BB 288 52.84 27.76 32.01
C GLU BB 288 52.43 27.27 30.61
N GLU BB 289 52.33 28.17 29.62
CA GLU BB 289 52.10 27.81 28.21
C GLU BB 289 53.29 27.06 27.57
N TRP BB 290 54.52 27.38 27.97
CA TRP BB 290 55.70 26.58 27.57
C TRP BB 290 55.72 25.17 28.19
N TYR BB 291 55.29 25.02 29.45
CA TYR BB 291 55.08 23.69 30.05
C TYR BB 291 53.92 22.94 29.38
N LYS BB 292 52.83 23.61 28.98
CA LYS BB 292 51.75 23.00 28.18
C LYS BB 292 52.22 22.56 26.80
N SER BB 293 53.08 23.33 26.13
CA SER BB 293 53.72 22.95 24.86
C SER BB 293 54.50 21.65 24.99
N LYS BB 294 55.31 21.55 26.06
CA LYS BB 294 56.03 20.33 26.43
C LYS BB 294 55.11 19.16 26.84
N PHE BB 295 53.94 19.42 27.43
CA PHE BB 295 52.94 18.39 27.71
C PHE BB 295 52.25 17.89 26.44
N ALA BB 296 52.06 18.74 25.43
CA ALA BB 296 51.59 18.32 24.09
C ALA BB 296 52.66 17.49 23.35
N ASP BB 297 53.94 17.91 23.40
CA ASP BB 297 55.08 17.12 22.89
C ASP BB 297 55.12 15.71 23.49
N LEU BB 298 55.07 15.61 24.83
CA LEU BB 298 55.14 14.33 25.53
C LEU BB 298 53.90 13.44 25.32
N SER BB 299 52.69 14.03 25.30
CA SER BB 299 51.44 13.28 25.13
C SER BB 299 51.28 12.76 23.71
N GLU BB 300 51.58 13.59 22.72
CA GLU BB 300 51.53 13.18 21.32
C GLU BB 300 52.74 12.33 20.88
N ALA BB 301 53.88 12.41 21.58
CA ALA BB 301 54.93 11.38 21.50
C ALA BB 301 54.46 10.02 22.07
N ALA BB 302 53.72 10.00 23.18
CA ALA BB 302 53.14 8.76 23.70
C ALA BB 302 52.07 8.15 22.78
N ASN BB 303 51.24 8.99 22.14
CA ASN BB 303 50.33 8.53 21.08
C ASN BB 303 51.07 8.04 19.83
N ARG BB 304 52.13 8.73 19.41
CA ARG BB 304 53.02 8.32 18.31
C ARG BB 304 53.74 7.01 18.59
N ASN BB 305 54.12 6.73 19.83
CA ASN BB 305 54.69 5.44 20.22
C ASN BB 305 53.65 4.29 20.18
N ASN BB 306 52.40 4.56 20.58
CA ASN BB 306 51.30 3.60 20.42
C ASN BB 306 50.92 3.35 18.94
N ASP BB 307 51.15 4.31 18.05
CA ASP BB 307 50.96 4.16 16.60
C ASP BB 307 52.17 3.54 15.89
N ALA BB 308 53.39 3.82 16.33
CA ALA BB 308 54.60 3.12 15.92
C ALA BB 308 54.57 1.63 16.31
N LEU BB 309 53.93 1.28 17.43
CA LEU BB 309 53.64 -0.11 17.80
C LEU BB 309 52.61 -0.79 16.88
N ARG BB 310 51.68 -0.04 16.28
CA ARG BB 310 50.73 -0.54 15.26
C ARG BB 310 51.41 -0.70 13.88
N GLN BB 311 52.30 0.23 13.56
CA GLN BB 311 53.12 0.29 12.35
C GLN BB 311 54.16 -0.84 12.27
N ALA BB 312 54.94 -1.00 13.34
CA ALA BB 312 55.86 -2.12 13.53
C ALA BB 312 55.17 -3.48 13.61
N LYS BB 313 53.89 -3.54 14.04
CA LYS BB 313 53.07 -4.76 13.97
C LYS BB 313 52.53 -5.04 12.57
N GLN BB 314 52.29 -4.03 11.75
CA GLN BB 314 51.93 -4.16 10.34
C GLN BB 314 53.12 -4.67 9.52
N GLU BB 315 54.32 -4.14 9.77
CA GLU BB 315 55.59 -4.56 9.17
C GLU BB 315 56.05 -5.94 9.69
N SER BB 316 55.80 -6.26 10.96
CA SER BB 316 55.91 -7.63 11.50
C SER BB 316 54.93 -8.62 10.88
N THR BB 317 53.81 -8.15 10.30
CA THR BB 317 52.85 -9.01 9.59
C THR BB 317 53.27 -9.22 8.13
N GLU BB 318 53.98 -8.27 7.53
CA GLU BB 318 54.59 -8.33 6.20
C GLU BB 318 55.62 -9.45 6.09
N TYR BB 319 56.66 -9.37 6.94
CA TYR BB 319 57.76 -10.32 6.96
C TYR BB 319 57.30 -11.74 7.33
N ARG BB 320 56.35 -11.87 8.27
CA ARG BB 320 55.78 -13.16 8.65
C ARG BB 320 55.01 -13.81 7.50
N ARG BB 321 54.10 -13.08 6.85
CA ARG BB 321 53.34 -13.61 5.70
C ARG BB 321 54.26 -14.01 4.57
N GLN BB 322 55.21 -13.16 4.19
CA GLN BB 322 56.12 -13.45 3.09
C GLN BB 322 56.98 -14.69 3.37
N VAL BB 323 57.64 -14.75 4.54
CA VAL BB 323 58.48 -15.91 4.93
C VAL BB 323 57.65 -17.19 5.08
N GLN BB 324 56.45 -17.13 5.66
CA GLN BB 324 55.56 -18.29 5.79
C GLN BB 324 55.07 -18.80 4.43
N SER BB 325 54.76 -17.90 3.50
CA SER BB 325 54.24 -18.25 2.17
C SER BB 325 55.34 -18.79 1.24
N LEU BB 326 56.54 -18.20 1.28
CA LEU BB 326 57.75 -18.73 0.64
C LEU BB 326 58.15 -20.11 1.20
N THR BB 327 57.95 -20.35 2.50
CA THR BB 327 58.16 -21.69 3.10
C THR BB 327 57.17 -22.71 2.53
N CYS BB 328 55.89 -22.33 2.42
CA CYS BB 328 54.86 -23.17 1.81
C CYS BB 328 55.04 -23.38 0.30
N GLU BB 329 55.68 -22.46 -0.43
CA GLU BB 329 56.07 -22.66 -1.83
C GLU BB 329 57.15 -23.73 -1.97
N VAL BB 330 58.16 -23.72 -1.10
CA VAL BB 330 59.17 -24.78 -1.03
C VAL BB 330 58.54 -26.12 -0.61
N ASP BB 331 57.54 -26.11 0.26
CA ASP BB 331 56.78 -27.31 0.64
C ASP BB 331 55.91 -27.86 -0.52
N ALA BB 332 55.25 -27.01 -1.31
CA ALA BB 332 54.50 -27.43 -2.50
C ALA BB 332 55.39 -27.92 -3.66
N LEU BB 333 56.56 -27.31 -3.85
CA LEU BB 333 57.54 -27.79 -4.85
C LEU BB 333 58.24 -29.09 -4.42
N LYS BB 334 58.37 -29.37 -3.12
CA LYS BB 334 58.71 -30.72 -2.63
C LYS BB 334 57.56 -31.71 -2.80
N GLY BB 335 56.30 -31.30 -2.60
CA GLY BB 335 55.12 -32.14 -2.86
C GLY BB 335 54.98 -32.53 -4.34
N THR BB 336 55.40 -31.62 -5.22
CA THR BB 336 55.57 -31.88 -6.66
C THR BB 336 56.68 -32.91 -6.92
N ASN BB 337 57.86 -32.75 -6.33
CA ASN BB 337 58.97 -33.72 -6.48
C ASN BB 337 58.65 -35.09 -5.88
N GLU BB 338 58.02 -35.16 -4.70
CA GLU BB 338 57.58 -36.42 -4.10
C GLU BB 338 56.51 -37.13 -4.93
N SER BB 339 55.66 -36.40 -5.67
CA SER BB 339 54.67 -37.01 -6.57
C SER BB 339 55.34 -37.69 -7.77
N LEU BB 340 56.36 -37.06 -8.34
CA LEU BB 340 57.20 -37.65 -9.40
C LEU BB 340 58.09 -38.81 -8.89
N GLU BB 341 58.72 -38.66 -7.73
CA GLU BB 341 59.56 -39.71 -7.12
C GLU BB 341 58.74 -40.94 -6.69
N ARG BB 342 57.45 -40.77 -6.38
CA ARG BB 342 56.49 -41.87 -6.18
C ARG BB 342 56.02 -42.48 -7.50
N GLN BB 343 55.65 -41.67 -8.49
CA GLN BB 343 55.22 -42.15 -9.81
C GLN BB 343 56.29 -42.99 -10.50
N MET BB 344 57.56 -42.58 -10.38
CA MET BB 344 58.70 -43.34 -10.90
C MET BB 344 58.76 -44.76 -10.30
N ARG BB 345 58.39 -44.93 -9.03
CA ARG BB 345 58.29 -46.24 -8.37
C ARG BB 345 57.00 -46.98 -8.69
N GLU BB 346 55.87 -46.28 -8.85
CA GLU BB 346 54.60 -46.90 -9.24
C GLU BB 346 54.64 -47.47 -10.67
N MET BB 347 55.28 -46.78 -11.62
CA MET BB 347 55.51 -47.35 -12.95
C MET BB 347 56.56 -48.49 -12.93
N GLU BB 348 57.62 -48.38 -12.11
CA GLU BB 348 58.63 -49.44 -11.95
C GLU BB 348 58.02 -50.71 -11.34
N GLU BB 349 57.09 -50.57 -10.39
CA GLU BB 349 56.32 -51.67 -9.80
C GLU BB 349 55.29 -52.25 -10.79
N ASN BB 350 54.58 -51.41 -11.56
CA ASN BB 350 53.68 -51.88 -12.64
C ASN BB 350 54.41 -52.64 -13.76
N PHE BB 351 55.61 -52.18 -14.17
CA PHE BB 351 56.45 -52.94 -15.10
C PHE BB 351 56.94 -54.26 -14.47
N ALA BB 352 57.47 -54.23 -13.24
CA ALA BB 352 58.11 -55.39 -12.62
C ALA BB 352 57.12 -56.49 -12.18
N VAL BB 353 55.98 -56.12 -11.60
CA VAL BB 353 54.97 -57.06 -11.08
C VAL BB 353 54.28 -57.81 -12.22
N GLU BB 354 53.86 -57.10 -13.28
CA GLU BB 354 53.24 -57.77 -14.43
C GLU BB 354 54.26 -58.47 -15.33
N ALA BB 355 55.52 -58.02 -15.39
CA ALA BB 355 56.60 -58.83 -15.97
C ALA BB 355 56.83 -60.15 -15.21
N ALA BB 356 56.69 -60.17 -13.87
CA ALA BB 356 56.79 -61.40 -13.08
C ALA BB 356 55.57 -62.32 -13.23
N ASN BB 357 54.35 -61.76 -13.31
CA ASN BB 357 53.12 -62.52 -13.57
C ASN BB 357 53.12 -63.19 -14.95
N TYR BB 358 53.58 -62.45 -15.98
CA TYR BB 358 53.76 -63.00 -17.32
C TYR BB 358 55.02 -63.86 -17.48
N GLN BB 359 56.06 -63.74 -16.65
CA GLN BB 359 57.26 -64.60 -16.73
C GLN BB 359 56.90 -66.09 -16.57
N ASP BB 360 56.19 -66.44 -15.51
CA ASP BB 360 55.78 -67.83 -15.29
C ASP BB 360 54.72 -68.29 -16.31
N THR BB 361 53.88 -67.39 -16.82
CA THR BB 361 52.85 -67.74 -17.80
C THR BB 361 53.45 -68.04 -19.19
N ILE BB 362 54.33 -67.16 -19.66
CA ILE BB 362 55.14 -67.33 -20.86
C ILE BB 362 56.08 -68.54 -20.74
N GLY BB 363 56.67 -68.75 -19.56
CA GLY BB 363 57.58 -69.85 -19.27
C GLY BB 363 56.90 -71.21 -19.30
N ARG BB 364 55.76 -71.35 -18.61
CA ARG BB 364 54.94 -72.57 -18.61
C ARG BB 364 54.38 -72.87 -19.99
N LEU BB 365 53.96 -71.87 -20.76
CA LEU BB 365 53.51 -72.08 -22.15
C LEU BB 365 54.66 -72.44 -23.12
N GLN BB 366 55.90 -72.00 -22.86
CA GLN BB 366 57.07 -72.50 -23.59
C GLN BB 366 57.45 -73.94 -23.19
N ASP BB 367 57.26 -74.33 -21.94
CA ASP BB 367 57.42 -75.73 -21.51
C ASP BB 367 56.28 -76.64 -22.01
N GLU BB 368 55.05 -76.14 -22.18
CA GLU BB 368 53.98 -76.91 -22.85
C GLU BB 368 54.20 -77.07 -24.37
N ILE BB 369 54.87 -76.14 -25.06
CA ILE BB 369 55.37 -76.38 -26.43
C ILE BB 369 56.41 -77.52 -26.48
N GLN BB 370 57.21 -77.71 -25.41
CA GLN BB 370 58.23 -78.76 -25.32
C GLN BB 370 57.64 -80.11 -24.87
N ASN BB 371 56.78 -80.10 -23.85
CA ASN BB 371 56.00 -81.25 -23.38
C ASN BB 371 55.07 -81.78 -24.47
N MET BB 372 54.52 -80.91 -25.32
CA MET BB 372 53.74 -81.32 -26.50
C MET BB 372 54.60 -82.00 -27.57
N LYS BB 373 55.83 -81.53 -27.84
CA LYS BB 373 56.74 -82.21 -28.79
C LYS BB 373 57.14 -83.60 -28.30
N GLU BB 374 57.33 -83.77 -26.99
CA GLU BB 374 57.65 -85.06 -26.38
C GLU BB 374 56.44 -85.97 -26.15
N GLU BB 375 55.23 -85.40 -25.97
CA GLU BB 375 53.96 -86.14 -25.99
C GLU BB 375 53.64 -86.64 -27.40
N MET BB 376 53.97 -85.86 -28.42
CA MET BB 376 53.96 -86.29 -29.81
C MET BB 376 55.06 -87.31 -30.13
N ALA BB 377 56.23 -87.24 -29.50
CA ALA BB 377 57.25 -88.30 -29.57
C ALA BB 377 56.82 -89.61 -28.87
N ARG BB 378 55.98 -89.52 -27.83
CA ARG BB 378 55.31 -90.66 -27.20
C ARG BB 378 54.15 -91.21 -28.05
N HIS BB 379 53.41 -90.36 -28.77
CA HIS BB 379 52.35 -90.81 -29.69
C HIS BB 379 52.91 -91.51 -30.94
N LEU BB 380 54.12 -91.16 -31.37
CA LEU BB 380 54.90 -91.95 -32.35
C LEU BB 380 55.37 -93.33 -31.83
N ARG BB 381 55.31 -93.61 -30.53
CA ARG BB 381 55.54 -94.94 -29.93
C ARG BB 381 54.23 -95.71 -29.67
N GLU BB 382 53.18 -95.01 -29.28
CA GLU BB 382 51.81 -95.56 -29.23
C GLU BB 382 51.35 -96.04 -30.62
N TYR BB 383 51.60 -95.23 -31.66
CA TYR BB 383 51.42 -95.63 -33.06
C TYR BB 383 52.43 -96.67 -33.55
N GLN BB 384 53.62 -96.82 -32.97
CA GLN BB 384 54.50 -97.95 -33.28
C GLN BB 384 53.93 -99.27 -32.75
N ASP BB 385 53.32 -99.26 -31.56
CA ASP BB 385 52.71 -100.44 -30.96
C ASP BB 385 51.34 -100.80 -31.57
N LEU BB 386 50.57 -99.80 -32.01
CA LEU BB 386 49.44 -100.00 -32.93
C LEU BB 386 49.90 -100.51 -34.31
N LEU BB 387 51.04 -100.03 -34.83
CA LEU BB 387 51.57 -100.48 -36.12
C LEU BB 387 52.06 -101.93 -36.08
N ASN BB 388 52.49 -102.45 -34.93
CA ASN BB 388 52.75 -103.89 -34.78
C ASN BB 388 51.47 -104.73 -35.02
N VAL BB 389 50.32 -104.28 -34.52
CA VAL BB 389 49.01 -104.93 -34.75
C VAL BB 389 48.51 -104.72 -36.19
N LYS BB 390 48.71 -103.52 -36.76
CA LYS BB 390 48.37 -103.24 -38.17
C LYS BB 390 49.19 -104.10 -39.15
N MET BB 391 50.50 -104.25 -38.93
CA MET BB 391 51.34 -105.14 -39.72
C MET BB 391 50.99 -106.62 -39.55
N ALA BB 392 50.42 -107.03 -38.41
CA ALA BB 392 49.85 -108.37 -38.25
C ALA BB 392 48.59 -108.57 -39.10
N LEU BB 393 47.68 -107.59 -39.16
CA LEU BB 393 46.54 -107.58 -40.09
C LEU BB 393 46.98 -107.56 -41.57
N ASP BB 394 48.08 -106.87 -41.90
CA ASP BB 394 48.63 -106.82 -43.25
C ASP BB 394 49.28 -108.15 -43.67
N ILE BB 395 49.85 -108.89 -42.72
CA ILE BB 395 50.29 -110.28 -42.90
C ILE BB 395 49.09 -111.25 -43.00
N GLU BB 396 48.00 -111.01 -42.27
CA GLU BB 396 46.74 -111.74 -42.42
C GLU BB 396 46.07 -111.48 -43.78
N ILE BB 397 46.18 -110.28 -44.35
CA ILE BB 397 45.74 -109.95 -45.71
C ILE BB 397 46.64 -110.64 -46.77
N ALA BB 398 47.97 -110.63 -46.58
CA ALA BB 398 48.91 -111.35 -47.42
C ALA BB 398 48.74 -112.90 -47.38
N THR BB 399 48.16 -113.39 -46.27
CA THR BB 399 47.78 -114.79 -46.04
C THR BB 399 46.39 -115.11 -46.61
N TYR BB 400 45.42 -114.20 -46.50
CA TYR BB 400 44.08 -114.29 -47.08
C TYR BB 400 44.14 -114.37 -48.61
N ARG BB 401 45.07 -113.63 -49.22
CA ARG BB 401 45.47 -113.82 -50.62
C ARG BB 401 45.84 -115.28 -50.92
N LYS BB 402 46.68 -115.92 -50.12
CA LYS BB 402 47.12 -117.32 -50.36
C LYS BB 402 46.00 -118.33 -50.08
N LEU BB 403 45.05 -118.01 -49.19
CA LEU BB 403 43.86 -118.82 -48.93
C LEU BB 403 42.85 -118.74 -50.07
N LEU BB 404 42.61 -117.55 -50.63
CA LEU BB 404 41.81 -117.31 -51.84
C LEU BB 404 42.42 -117.98 -53.07
N GLU BB 405 43.75 -117.87 -53.21
CA GLU BB 405 44.57 -118.55 -54.22
C GLU BB 405 44.48 -120.08 -54.11
N GLY BB 406 44.45 -120.62 -52.88
CA GLY BB 406 44.33 -122.06 -52.63
C GLY BB 406 42.92 -122.61 -52.81
N GLU BB 407 41.87 -121.86 -52.48
CA GLU BB 407 40.48 -122.36 -52.49
C GLU BB 407 39.85 -122.32 -53.89
N GLU BB 408 40.07 -121.25 -54.64
CA GLU BB 408 39.65 -121.19 -56.06
C GLU BB 408 40.46 -122.15 -56.96
N SER BB 409 41.68 -122.51 -56.54
CA SER BB 409 42.47 -123.58 -57.17
C SER BB 409 41.91 -124.99 -56.89
N ARG BB 410 41.32 -125.24 -55.71
CA ARG BB 410 40.53 -126.47 -55.46
C ARG BB 410 39.27 -126.56 -56.32
N ILE BB 411 38.72 -125.40 -56.72
CA ILE BB 411 37.55 -125.29 -57.60
C ILE BB 411 37.94 -125.38 -59.10
N SER BB 412 39.23 -125.28 -59.45
CA SER BB 412 39.71 -125.19 -60.84
C SER BB 412 40.75 -126.28 -61.21
N LEU BB 413 40.41 -127.13 -62.18
CA LEU BB 413 40.41 -128.59 -61.95
C LEU BB 413 40.90 -129.38 -63.20
N PRO BB 414 41.29 -130.67 -63.06
CA PRO BB 414 42.06 -131.39 -64.08
C PRO BB 414 41.23 -131.99 -65.24
N LEU BB 415 41.95 -132.57 -66.21
CA LEU BB 415 41.46 -133.51 -67.23
C LEU BB 415 40.67 -134.70 -66.60
N PRO BB 416 39.90 -135.48 -67.41
CA PRO BB 416 39.69 -135.32 -68.86
C PRO BB 416 38.30 -134.77 -69.21
N ASN BB 417 38.27 -133.86 -70.19
CA ASN BB 417 37.11 -133.70 -71.05
C ASN BB 417 37.00 -134.93 -71.97
N PHE BB 418 36.04 -135.80 -71.68
CA PHE BB 418 36.22 -137.25 -71.79
C PHE BB 418 36.60 -137.81 -73.16
N SER BB 419 36.23 -137.14 -74.25
CA SER BB 419 35.94 -137.76 -75.55
C SER BB 419 36.71 -137.13 -76.73
N GLY CB 17 16.31 134.07 72.31
CA GLY CB 17 15.10 133.23 72.34
C GLY CB 17 14.12 133.47 71.19
N PRO CB 18 13.34 132.43 70.83
CA PRO CB 18 12.65 132.23 69.55
C PRO CB 18 12.94 133.18 68.38
N GLY CB 19 14.14 133.24 67.80
CA GLY CB 19 15.43 132.78 68.36
C GLY CB 19 16.21 131.70 67.61
N THR CB 20 17.52 131.94 67.51
CA THR CB 20 18.54 130.96 67.08
C THR CB 20 19.19 130.18 68.24
N ALA CB 21 18.99 130.59 69.50
CA ALA CB 21 19.37 129.79 70.68
C ALA CB 21 18.36 128.68 71.00
N SER CB 22 17.08 128.88 70.66
CA SER CB 22 16.10 127.82 70.43
C SER CB 22 16.33 127.00 69.14
N ARG CB 23 17.42 127.30 68.42
CA ARG CB 23 18.13 126.44 67.46
C ARG CB 23 17.22 125.64 66.51
N PRO CB 24 16.66 126.30 65.47
CA PRO CB 24 16.07 125.63 64.31
C PRO CB 24 17.15 124.92 63.45
N SER CB 25 17.70 123.83 63.98
CA SER CB 25 18.75 122.96 63.44
C SER CB 25 18.30 122.13 62.22
N SER CB 26 17.29 122.60 61.49
CA SER CB 26 16.60 121.88 60.42
C SER CB 26 17.38 121.92 59.10
N SER CB 27 18.56 121.28 59.05
CA SER CB 27 19.16 120.84 57.78
C SER CB 27 18.22 119.85 57.08
N ARG CB 28 17.68 120.25 55.93
CA ARG CB 28 16.51 119.59 55.29
C ARG CB 28 16.91 118.41 54.38
N SER CB 29 17.68 117.47 54.92
CA SER CB 29 17.96 116.19 54.22
C SER CB 29 16.66 115.42 53.97
N TYR CB 30 16.25 115.31 52.70
CA TYR CB 30 15.07 114.53 52.31
C TYR CB 30 15.35 113.01 52.45
N VAL CB 31 14.52 112.31 53.21
CA VAL CB 31 14.68 110.88 53.53
C VAL CB 31 14.28 110.01 52.32
N THR CB 32 15.16 109.98 51.33
CA THR CB 32 14.94 109.35 50.02
C THR CB 32 14.83 107.83 50.15
N THR CB 33 13.60 107.33 50.32
CA THR CB 33 13.33 105.89 50.46
C THR CB 33 13.42 105.19 49.10
N SER CB 34 14.65 104.88 48.68
CA SER CB 34 14.97 104.43 47.31
C SER CB 34 14.19 103.17 46.91
N THR CB 35 13.25 103.35 45.98
CA THR CB 35 12.40 102.26 45.46
C THR CB 35 13.11 101.47 44.37
N ARG CB 36 13.47 100.22 44.64
CA ARG CB 36 14.00 99.28 43.64
C ARG CB 36 12.92 98.34 43.10
N THR CB 37 13.00 98.00 41.81
CA THR CB 37 12.14 97.02 41.13
C THR CB 37 12.60 95.57 41.36
N TYR CB 38 12.77 95.15 42.62
CA TYR CB 38 13.32 93.82 42.94
C TYR CB 38 12.68 93.12 44.17
N SER CB 39 11.98 92.01 43.90
CA SER CB 39 11.66 90.96 44.88
C SER CB 39 12.85 90.02 45.07
N LEU CB 40 13.14 89.62 46.30
CA LEU CB 40 14.38 88.91 46.63
C LEU CB 40 14.39 87.50 46.01
N GLY CB 41 15.44 87.20 45.23
CA GLY CB 41 15.59 85.94 44.50
C GLY CB 41 14.94 85.90 43.12
N SER CB 42 14.23 86.95 42.68
CA SER CB 42 13.48 86.94 41.42
C SER CB 42 14.36 86.93 40.16
N ALA CB 43 15.63 87.30 40.27
CA ALA CB 43 16.59 87.33 39.15
C ALA CB 43 16.96 85.95 38.60
N LEU CB 44 16.94 84.90 39.43
CA LEU CB 44 17.28 83.55 39.01
C LEU CB 44 16.43 82.51 39.75
N ARG CB 45 15.59 81.81 38.97
CA ARG CB 45 15.00 80.52 39.32
C ARG CB 45 15.50 79.47 38.31
N PRO CB 46 16.53 78.67 38.63
CA PRO CB 46 17.15 77.75 37.66
C PRO CB 46 16.14 76.66 37.27
N SER CB 47 15.60 76.78 36.06
CA SER CB 47 14.43 76.01 35.63
C SER CB 47 14.83 74.64 35.08
N THR CB 48 14.90 73.64 35.97
CA THR CB 48 15.10 72.22 35.62
C THR CB 48 13.85 71.56 35.02
N SER CB 49 12.79 72.34 34.77
CA SER CB 49 11.66 71.96 33.92
C SER CB 49 12.12 71.78 32.47
N ARG CB 50 12.40 70.53 32.12
CA ARG CB 50 12.75 70.02 30.78
C ARG CB 50 12.05 68.67 30.56
N SER CB 51 10.73 68.69 30.76
CA SER CB 51 9.85 67.51 30.90
C SER CB 51 9.72 66.66 29.62
N LEU CB 52 10.82 66.08 29.17
CA LEU CB 52 10.93 65.27 27.96
C LEU CB 52 10.59 63.80 28.25
N TYR CB 53 9.78 63.19 27.38
CA TYR CB 53 9.54 61.74 27.38
C TYR CB 53 9.91 61.13 26.01
N ALA CB 54 10.98 60.35 25.97
CA ALA CB 54 11.38 59.57 24.80
C ALA CB 54 11.13 58.07 25.07
N SER CB 55 9.88 57.64 24.91
CA SER CB 55 9.45 56.23 24.96
C SER CB 55 9.89 55.39 23.74
N SER CB 56 10.62 55.99 22.80
CA SER CB 56 10.88 55.43 21.47
C SER CB 56 11.57 54.05 21.52
N PRO CB 57 11.06 53.03 20.82
CA PRO CB 57 11.66 51.70 20.77
C PRO CB 57 12.89 51.69 19.85
N GLY CB 58 14.09 51.89 20.41
CA GLY CB 58 15.36 51.77 19.67
C GLY CB 58 15.71 50.34 19.23
N GLY CB 59 15.07 49.33 19.83
CA GLY CB 59 15.27 47.91 19.46
C GLY CB 59 14.34 47.46 18.35
N VAL CB 60 14.88 47.22 17.15
CA VAL CB 60 14.18 46.61 16.01
C VAL CB 60 14.46 45.11 15.94
N TYR CB 61 13.46 44.29 15.60
CA TYR CB 61 13.65 42.84 15.48
C TYR CB 61 14.41 42.47 14.19
N ALA CB 62 15.71 42.19 14.34
CA ALA CB 62 16.59 41.66 13.29
C ALA CB 62 16.14 40.26 12.84
N THR CB 63 15.19 40.22 11.91
CA THR CB 63 14.32 39.07 11.65
C THR CB 63 15.10 37.88 11.11
N ARG CB 64 15.17 36.81 11.92
CA ARG CB 64 15.75 35.52 11.53
C ARG CB 64 14.68 34.61 10.96
N SER CB 65 15.03 33.84 9.92
CA SER CB 65 14.24 32.72 9.41
C SER CB 65 15.09 31.46 9.28
N SER CB 66 14.50 30.30 9.57
CA SER CB 66 15.11 28.99 9.32
C SER CB 66 14.03 27.92 9.16
N ALA CB 67 13.24 28.04 8.09
CA ALA CB 67 12.43 26.93 7.56
C ALA CB 67 13.26 25.65 7.38
N VAL CB 68 12.62 24.47 7.45
CA VAL CB 68 13.30 23.18 7.66
C VAL CB 68 14.05 22.68 6.42
N ARG CB 69 15.20 23.32 6.16
CA ARG CB 69 16.47 22.80 5.61
C ARG CB 69 16.38 21.32 5.21
N LEU CB 70 15.90 21.10 3.98
CA LEU CB 70 15.67 19.77 3.39
C LEU CB 70 17.00 19.08 3.04
N ARG CB 71 16.92 17.88 2.43
CA ARG CB 71 18.07 17.12 1.93
C ARG CB 71 18.84 17.93 0.87
N SER CB 72 19.83 18.68 1.33
CA SER CB 72 20.79 19.41 0.50
C SER CB 72 21.88 18.48 -0.04
N SER CB 73 21.45 17.35 -0.62
CA SER CB 73 22.32 16.41 -1.36
C SER CB 73 22.60 16.89 -2.80
N VAL CB 74 22.04 18.03 -3.20
CA VAL CB 74 22.49 18.81 -4.36
C VAL CB 74 23.87 19.40 -4.04
N PRO CB 75 24.97 19.03 -4.73
CA PRO CB 75 26.32 19.43 -4.35
C PRO CB 75 26.73 20.82 -4.86
N GLY CB 76 25.88 21.50 -5.65
CA GLY CB 76 26.21 22.72 -6.41
C GLY CB 76 26.45 24.00 -5.59
N VAL CB 77 26.73 23.90 -4.29
CA VAL CB 77 27.05 25.04 -3.43
C VAL CB 77 28.52 25.40 -3.60
N ARG CB 78 28.83 26.32 -4.54
CA ARG CB 78 30.19 26.86 -4.67
C ARG CB 78 30.63 27.55 -3.38
N LEU CB 79 31.92 27.49 -3.07
CA LEU CB 79 32.52 28.30 -2.02
C LEU CB 79 32.81 29.72 -2.54
N LEU CB 80 32.52 30.72 -1.70
CA LEU CB 80 33.02 32.10 -1.73
C LEU CB 80 33.20 32.53 -0.26
N GLN CB 81 34.19 33.37 0.05
CA GLN CB 81 34.62 33.68 1.41
C GLN CB 81 34.99 35.18 1.54
N ASP CB 82 34.12 36.00 0.99
CA ASP CB 82 34.39 37.39 0.65
C ASP CB 82 34.12 38.30 1.88
N SER CB 83 35.18 38.91 2.44
CA SER CB 83 35.11 39.73 3.66
C SER CB 83 36.35 40.65 3.78
N VAL CB 84 36.32 41.78 4.50
CA VAL CB 84 35.26 42.26 5.42
C VAL CB 84 34.90 43.74 5.24
N ASP CB 85 35.79 44.56 4.65
CA ASP CB 85 35.76 46.04 4.54
C ASP CB 85 34.34 46.67 4.62
N PHE CB 86 33.92 47.31 5.72
CA PHE CB 86 34.58 47.61 7.01
C PHE CB 86 35.72 48.66 7.07
N SER CB 87 36.07 49.34 5.97
CA SER CB 87 36.92 50.55 6.02
C SER CB 87 36.26 51.71 6.78
N LEU CB 88 34.93 51.69 6.95
CA LEU CB 88 34.22 52.56 7.88
C LEU CB 88 34.61 52.34 9.36
N ALA CB 89 34.98 51.12 9.77
CA ALA CB 89 35.51 50.86 11.11
C ALA CB 89 36.91 51.46 11.32
N ASP CB 90 37.75 51.48 10.27
CA ASP CB 90 39.05 52.15 10.30
C ASP CB 90 38.99 53.67 10.12
N ALA CB 91 37.93 54.16 9.46
CA ALA CB 91 37.51 55.55 9.54
C ALA CB 91 37.03 55.93 10.95
N ILE CB 92 36.24 55.08 11.63
CA ILE CB 92 35.83 55.28 13.03
C ILE CB 92 37.02 55.18 14.01
N ASN CB 93 37.99 54.29 13.79
CA ASN CB 93 39.24 54.25 14.55
C ASN CB 93 40.08 55.52 14.33
N THR CB 94 40.03 56.09 13.13
CA THR CB 94 40.65 57.38 12.81
C THR CB 94 39.88 58.55 13.40
N GLU CB 95 38.55 58.49 13.47
CA GLU CB 95 37.70 59.44 14.19
C GLU CB 95 37.86 59.34 15.72
N PHE CB 96 38.22 58.18 16.28
CA PHE CB 96 38.61 58.06 17.69
C PHE CB 96 39.99 58.66 17.97
N LYS CB 97 40.96 58.51 17.05
CA LYS CB 97 42.23 59.24 17.10
C LYS CB 97 42.03 60.75 16.95
N ASN CB 98 41.17 61.19 16.04
CA ASN CB 98 40.85 62.60 15.82
C ASN CB 98 40.09 63.18 17.02
N THR CB 99 39.13 62.45 17.59
CA THR CB 99 38.37 62.91 18.76
C THR CB 99 39.27 62.99 20.00
N ARG CB 100 40.21 62.05 20.18
CA ARG CB 100 41.28 62.18 21.20
C ARG CB 100 42.21 63.36 20.92
N THR CB 101 42.54 63.60 19.65
CA THR CB 101 43.42 64.69 19.25
C THR CB 101 42.74 66.05 19.40
N ASN CB 102 41.40 66.12 19.28
CA ASN CB 102 40.61 67.26 19.69
C ASN CB 102 40.56 67.37 21.22
N GLU CB 103 40.34 66.27 21.94
CA GLU CB 103 40.34 66.25 23.42
C GLU CB 103 41.74 66.65 23.99
N LYS CB 104 42.85 66.40 23.26
CA LYS CB 104 44.21 66.93 23.50
C LYS CB 104 44.43 68.39 23.02
N VAL CB 105 43.95 68.78 21.85
CA VAL CB 105 44.11 70.15 21.34
C VAL CB 105 43.24 71.13 22.13
N GLU CB 106 42.11 70.68 22.67
CA GLU CB 106 41.33 71.40 23.68
C GLU CB 106 42.07 71.52 25.01
N LEU CB 107 42.71 70.46 25.56
CA LEU CB 107 43.53 70.63 26.77
C LEU CB 107 44.75 71.54 26.54
N GLN CB 108 45.32 71.56 25.33
CA GLN CB 108 46.43 72.45 24.95
C GLN CB 108 45.99 73.90 24.72
N GLU CB 109 44.88 74.14 24.02
CA GLU CB 109 44.25 75.46 23.89
C GLU CB 109 43.84 76.01 25.25
N LEU CB 110 43.43 75.17 26.20
CA LEU CB 110 43.08 75.59 27.56
C LEU CB 110 44.30 75.71 28.50
N ASN CB 111 45.43 75.10 28.17
CA ASN CB 111 46.74 75.39 28.75
C ASN CB 111 47.27 76.76 28.29
N ASP CB 112 47.26 77.00 26.98
CA ASP CB 112 47.57 78.30 26.37
C ASP CB 112 46.56 79.39 26.74
N ARG CB 113 45.30 79.05 27.02
CA ARG CB 113 44.32 79.99 27.57
C ARG CB 113 44.58 80.30 29.03
N PHE CB 114 45.09 79.36 29.83
CA PHE CB 114 45.58 79.69 31.16
C PHE CB 114 46.88 80.49 31.12
N ALA CB 115 47.74 80.32 30.11
CA ALA CB 115 48.87 81.21 29.86
C ALA CB 115 48.43 82.63 29.43
N ASN CB 116 47.38 82.75 28.59
CA ASN CB 116 46.74 84.03 28.28
C ASN CB 116 46.15 84.71 29.54
N TYR CB 117 45.54 83.96 30.46
CA TYR CB 117 45.04 84.54 31.71
C TYR CB 117 46.12 84.75 32.79
N ILE CB 118 47.27 84.08 32.73
CA ILE CB 118 48.50 84.46 33.45
C ILE CB 118 49.09 85.77 32.88
N ASP CB 119 49.00 85.98 31.57
CA ASP CB 119 49.38 87.25 30.95
C ASP CB 119 48.32 88.35 31.10
N LYS CB 120 47.07 88.02 31.44
CA LYS CB 120 46.09 88.98 31.99
C LYS CB 120 46.31 89.27 33.47
N VAL CB 121 46.78 88.31 34.26
CA VAL CB 121 47.27 88.51 35.64
C VAL CB 121 48.44 89.50 35.64
N ARG CB 122 49.44 89.25 34.78
CA ARG CB 122 50.55 90.18 34.53
C ARG CB 122 50.09 91.51 33.92
N PHE CB 123 49.03 91.53 33.11
CA PHE CB 123 48.49 92.78 32.56
C PHE CB 123 47.80 93.63 33.62
N LEU CB 124 46.97 93.08 34.51
CA LEU CB 124 46.36 93.85 35.59
C LEU CB 124 47.35 94.22 36.70
N GLU CB 125 48.36 93.39 36.94
CA GLU CB 125 49.58 93.73 37.69
C GLU CB 125 50.37 94.88 37.03
N GLN CB 126 50.53 94.87 35.71
CA GLN CB 126 51.23 95.94 35.00
C GLN CB 126 50.40 97.23 34.90
N GLN CB 127 49.08 97.13 34.79
CA GLN CB 127 48.17 98.28 34.82
C GLN CB 127 48.16 98.91 36.22
N ASN CB 128 48.10 98.12 37.29
CA ASN CB 128 48.16 98.66 38.65
C ASN CB 128 49.53 99.27 39.01
N LYS CB 129 50.62 98.74 38.43
CA LYS CB 129 51.96 99.35 38.49
C LYS CB 129 52.15 100.61 37.63
N ILE CB 130 51.40 100.76 36.53
CA ILE CB 130 51.36 102.03 35.77
C ILE CB 130 50.59 103.08 36.56
N LEU CB 131 49.45 102.71 37.13
CA LEU CB 131 48.65 103.61 37.98
C LEU CB 131 49.41 104.02 39.26
N LEU CB 132 50.26 103.13 39.80
CA LEU CB 132 51.23 103.45 40.86
C LEU CB 132 52.29 104.48 40.43
N ALA CB 133 52.92 104.29 39.25
CA ALA CB 133 53.90 105.23 38.72
C ALA CB 133 53.30 106.59 38.33
N GLU CB 134 52.00 106.62 38.00
CA GLU CB 134 51.24 107.84 37.70
C GLU CB 134 50.72 108.53 38.98
N LEU CB 135 50.23 107.79 39.99
CA LEU CB 135 49.74 108.36 41.26
C LEU CB 135 50.87 108.93 42.12
N GLU CB 136 52.08 108.37 42.12
CA GLU CB 136 53.22 108.98 42.82
C GLU CB 136 53.62 110.34 42.22
N GLN CB 137 53.58 110.45 40.89
CA GLN CB 137 53.77 111.72 40.17
C GLN CB 137 52.62 112.71 40.43
N LEU CB 138 51.38 112.22 40.48
CA LEU CB 138 50.17 113.01 40.67
C LEU CB 138 49.88 113.39 42.14
N LYS CB 139 50.46 112.70 43.13
CA LYS CB 139 50.53 113.15 44.52
C LYS CB 139 51.63 114.20 44.70
N GLY CB 140 52.84 113.91 44.20
CA GLY CB 140 54.00 114.80 44.33
C GLY CB 140 53.86 116.12 43.58
N GLN CB 141 53.30 116.10 42.36
CA GLN CB 141 53.15 117.29 41.51
C GLN CB 141 51.70 117.74 41.28
N GLY CB 142 50.67 116.92 41.55
CA GLY CB 142 49.28 117.26 41.19
C GLY CB 142 48.64 118.33 42.06
N LYS CB 143 49.04 118.44 43.34
CA LYS CB 143 48.82 119.66 44.14
C LYS CB 143 49.53 120.87 43.54
N SER CB 144 50.84 120.77 43.31
CA SER CB 144 51.63 121.95 42.97
C SER CB 144 51.32 122.51 41.57
N ARG CB 145 51.12 121.64 40.57
CA ARG CB 145 50.74 122.05 39.20
C ARG CB 145 49.37 122.72 39.08
N LEU CB 146 48.46 122.45 40.01
CA LEU CB 146 47.17 123.16 40.10
C LEU CB 146 47.22 124.34 41.07
N GLY CB 147 48.20 124.37 41.99
CA GLY CB 147 48.44 125.50 42.86
C GLY CB 147 49.15 126.62 42.13
N ASP CB 148 50.23 126.32 41.44
CA ASP CB 148 51.16 127.28 40.83
C ASP CB 148 50.49 128.31 39.90
N LEU CB 149 49.39 127.95 39.23
CA LEU CB 149 48.56 128.91 38.48
C LEU CB 149 47.90 129.98 39.39
N TYR CB 150 47.24 129.54 40.46
CA TYR CB 150 46.53 130.38 41.41
C TYR CB 150 47.53 131.06 42.37
N GLU CB 151 48.44 130.27 42.94
CA GLU CB 151 49.43 130.75 43.90
C GLU CB 151 50.48 131.68 43.26
N GLU CB 152 50.73 131.63 41.94
CA GLU CB 152 51.53 132.67 41.26
C GLU CB 152 50.73 133.94 40.92
N GLU CB 153 49.39 133.90 40.81
CA GLU CB 153 48.61 135.14 40.95
C GLU CB 153 48.88 135.73 42.34
N MET CB 154 48.65 134.95 43.41
CA MET CB 154 48.77 135.39 44.81
C MET CB 154 50.18 135.87 45.19
N ARG CB 155 51.23 135.24 44.64
CA ARG CB 155 52.62 135.69 44.82
C ARG CB 155 52.93 137.01 44.11
N GLU CB 156 52.35 137.25 42.94
CA GLU CB 156 52.40 138.57 42.28
C GLU CB 156 51.53 139.61 43.01
N LEU CB 157 50.37 139.22 43.56
CA LEU CB 157 49.52 140.10 44.38
C LEU CB 157 50.30 140.61 45.59
N ARG CB 158 50.89 139.72 46.38
CA ARG CB 158 51.64 140.09 47.59
C ARG CB 158 52.98 140.77 47.30
N ARG CB 159 53.57 140.56 46.12
CA ARG CB 159 54.71 141.37 45.65
C ARG CB 159 54.28 142.79 45.24
N GLN CB 160 53.07 142.96 44.67
CA GLN CB 160 52.48 144.29 44.50
C GLN CB 160 52.22 144.94 45.85
N VAL CB 161 51.78 144.19 46.88
CA VAL CB 161 51.64 144.72 48.25
C VAL CB 161 52.97 145.27 48.77
N ASP CB 162 54.07 144.51 48.72
CA ASP CB 162 55.33 144.91 49.38
C ASP CB 162 55.94 146.18 48.78
N GLN CB 163 55.82 146.32 47.45
CA GLN CB 163 56.35 147.46 46.72
C GLN CB 163 55.42 148.68 46.73
N LEU CB 164 54.11 148.46 46.86
CA LEU CB 164 53.13 149.54 46.98
C LEU CB 164 53.07 150.13 48.39
N ARG DB 13 6.27 135.04 78.46
CA ARG DB 13 5.86 133.70 77.97
C ARG DB 13 6.54 133.46 76.62
N MET DB 14 5.91 132.76 75.68
CA MET DB 14 6.43 132.39 74.34
C MET DB 14 7.59 131.38 74.34
N PHE DB 15 8.35 131.32 75.43
CA PHE DB 15 9.08 130.13 75.88
C PHE DB 15 8.70 129.85 77.36
N GLY DB 16 8.05 128.74 77.71
CA GLY DB 16 7.59 127.64 76.85
C GLY DB 16 8.69 126.61 76.57
N GLY DB 17 8.87 126.25 75.30
CA GLY DB 17 9.74 125.14 74.87
C GLY DB 17 9.02 123.77 74.78
N PRO DB 18 7.84 123.66 74.15
CA PRO DB 18 7.06 122.41 74.12
C PRO DB 18 7.77 121.24 73.40
N GLY DB 19 8.77 121.54 72.54
CA GLY DB 19 9.61 120.53 71.90
C GLY DB 19 10.53 119.75 72.85
N THR DB 20 10.62 120.12 74.14
CA THR DB 20 11.40 119.41 75.17
C THR DB 20 10.98 117.94 75.32
N ALA DB 21 9.70 117.62 75.08
CA ALA DB 21 9.19 116.25 75.17
C ALA DB 21 8.03 116.00 74.19
N SER DB 22 8.20 116.35 72.91
CA SER DB 22 7.18 116.14 71.87
C SER DB 22 7.76 115.68 70.52
N ARG DB 23 8.30 114.45 70.53
CA ARG DB 23 8.85 113.73 69.36
C ARG DB 23 8.86 112.22 69.65
N PRO DB 24 7.73 111.51 69.47
CA PRO DB 24 7.56 110.16 70.03
C PRO DB 24 8.58 109.14 69.49
N SER DB 25 9.14 108.33 70.38
CA SER DB 25 9.88 107.09 70.02
C SER DB 25 8.94 105.97 69.55
N SER DB 26 7.66 106.04 69.90
CA SER DB 26 6.56 105.22 69.32
C SER DB 26 6.17 105.63 67.89
N SER DB 27 6.92 106.52 67.23
CA SER DB 27 6.83 106.73 65.78
C SER DB 27 7.18 105.43 65.03
N ARG DB 28 6.18 104.78 64.44
CA ARG DB 28 6.32 103.41 63.90
C ARG DB 28 7.45 103.31 62.87
N SER DB 29 8.40 102.41 63.14
CA SER DB 29 9.24 101.82 62.10
C SER DB 29 8.40 100.92 61.17
N TYR DB 30 8.13 101.41 59.96
CA TYR DB 30 7.39 100.65 58.95
C TYR DB 30 8.37 99.72 58.20
N VAL DB 31 8.64 98.56 58.80
CA VAL DB 31 9.66 97.60 58.34
C VAL DB 31 9.39 97.19 56.89
N THR DB 32 10.18 97.76 55.97
CA THR DB 32 10.15 97.41 54.55
C THR DB 32 11.05 96.20 54.30
N THR DB 33 10.54 95.20 53.59
CA THR DB 33 11.33 94.02 53.18
C THR DB 33 10.95 93.60 51.77
N SER DB 34 11.94 93.25 50.94
CA SER DB 34 11.68 92.51 49.70
C SER DB 34 11.11 91.12 50.05
N THR DB 35 9.90 90.81 49.60
CA THR DB 35 9.31 89.47 49.77
C THR DB 35 10.21 88.39 49.17
N ARG DB 36 10.45 87.31 49.92
CA ARG DB 36 11.30 86.19 49.47
C ARG DB 36 10.59 85.38 48.39
N THR DB 37 11.17 85.35 47.20
CA THR DB 37 10.94 84.27 46.23
C THR DB 37 12.00 83.17 46.44
N TYR DB 38 11.95 82.09 45.64
CA TYR DB 38 12.88 80.95 45.78
C TYR DB 38 13.15 80.23 44.45
N SER DB 39 14.22 79.44 44.43
CA SER DB 39 14.71 78.62 43.29
C SER DB 39 13.89 77.34 43.04
N LEU DB 40 12.56 77.44 43.07
CA LEU DB 40 11.60 76.33 42.88
C LEU DB 40 11.66 75.63 41.50
N GLY DB 41 12.40 76.18 40.54
CA GLY DB 41 12.71 75.49 39.28
C GLY DB 41 13.60 74.24 39.45
N SER DB 42 14.26 74.09 40.60
CA SER DB 42 14.94 72.85 41.02
C SER DB 42 14.01 71.80 41.63
N ALA DB 43 12.90 72.21 42.26
CA ALA DB 43 11.86 71.30 42.75
C ALA DB 43 11.02 70.72 41.60
N LEU DB 44 10.79 71.52 40.56
CA LEU DB 44 10.26 71.04 39.27
C LEU DB 44 11.34 70.30 38.46
N ARG DB 45 11.67 69.07 38.87
CA ARG DB 45 12.62 68.16 38.20
C ARG DB 45 11.94 66.97 37.48
N PRO DB 46 10.99 67.16 36.54
CA PRO DB 46 10.45 66.07 35.74
C PRO DB 46 11.49 65.61 34.69
N SER DB 47 11.97 64.37 34.85
CA SER DB 47 12.55 63.60 33.74
C SER DB 47 11.81 62.28 33.64
N THR DB 48 10.74 62.27 32.84
CA THR DB 48 9.77 61.18 32.74
C THR DB 48 10.27 60.00 31.89
N SER DB 49 11.58 59.86 31.68
CA SER DB 49 12.13 58.81 30.84
C SER DB 49 11.91 57.40 31.43
N ARG DB 50 11.36 56.52 30.59
CA ARG DB 50 11.44 55.05 30.67
C ARG DB 50 11.52 54.55 29.22
N SER DB 51 12.33 53.52 28.97
CA SER DB 51 12.54 52.97 27.63
C SER DB 51 12.44 51.43 27.65
N LEU DB 52 12.83 50.76 26.57
CA LEU DB 52 12.75 49.31 26.41
C LEU DB 52 13.76 48.58 27.31
N TYR DB 53 13.36 48.28 28.55
CA TYR DB 53 14.13 47.45 29.49
C TYR DB 53 13.93 45.92 29.30
N ALA DB 54 13.30 45.49 28.20
CA ALA DB 54 13.04 44.08 27.92
C ALA DB 54 14.23 43.40 27.22
N SER DB 55 14.67 42.25 27.75
CA SER DB 55 15.62 41.35 27.09
C SER DB 55 14.97 40.56 25.93
N SER DB 56 15.78 39.99 25.04
CA SER DB 56 15.35 39.14 23.91
C SER DB 56 14.18 39.74 23.09
N PRO DB 57 14.42 40.80 22.29
CA PRO DB 57 13.40 41.41 21.43
C PRO DB 57 12.72 40.37 20.52
N GLY DB 58 11.38 40.36 20.49
CA GLY DB 58 10.59 39.34 19.79
C GLY DB 58 10.54 37.96 20.49
N GLY DB 59 11.01 37.84 21.73
CA GLY DB 59 11.08 36.57 22.48
C GLY DB 59 12.27 35.68 22.10
N VAL DB 60 13.25 36.22 21.36
CA VAL DB 60 14.28 35.41 20.68
C VAL DB 60 15.25 34.70 21.64
N TYR DB 61 15.49 33.42 21.35
CA TYR DB 61 16.70 32.68 21.71
C TYR DB 61 17.00 31.61 20.64
N ALA DB 62 18.17 30.98 20.72
CA ALA DB 62 18.58 29.95 19.76
C ALA DB 62 17.84 28.60 19.99
N THR DB 63 16.56 28.54 19.61
CA THR DB 63 15.76 27.31 19.64
C THR DB 63 16.41 26.19 18.81
N ARG DB 64 16.38 24.95 19.32
CA ARG DB 64 16.88 23.77 18.62
C ARG DB 64 16.23 23.60 17.23
N SER DB 65 17.04 23.73 16.18
CA SER DB 65 16.78 23.08 14.90
C SER DB 65 17.46 21.70 14.86
N SER DB 66 16.78 20.70 14.33
CA SER DB 66 17.36 19.39 13.99
C SER DB 66 16.56 18.78 12.84
N ALA DB 67 17.23 18.51 11.73
CA ALA DB 67 16.60 18.19 10.44
C ALA DB 67 16.65 16.69 10.12
N VAL DB 68 16.30 16.34 8.88
CA VAL DB 68 16.62 15.04 8.27
C VAL DB 68 18.12 14.74 8.38
N ARG DB 69 18.49 13.50 8.76
CA ARG DB 69 19.88 13.06 8.98
C ARG DB 69 20.66 12.90 7.67
N LEU DB 70 20.92 14.01 6.97
CA LEU DB 70 21.76 14.05 5.76
C LEU DB 70 23.21 13.66 6.11
N ARG DB 71 23.66 12.51 5.60
CA ARG DB 71 25.08 12.11 5.64
C ARG DB 71 25.82 12.65 4.40
N SER DB 72 26.04 13.96 4.34
CA SER DB 72 27.03 14.50 3.39
C SER DB 72 28.41 14.40 4.05
N SER DB 73 29.42 13.91 3.33
CA SER DB 73 30.79 14.29 3.66
C SER DB 73 31.00 15.76 3.32
N VAL DB 74 31.76 16.49 4.15
CA VAL DB 74 32.16 17.87 3.90
C VAL DB 74 33.67 17.96 4.17
N PRO DB 75 34.52 18.23 3.16
CA PRO DB 75 35.98 18.22 3.33
C PRO DB 75 36.51 19.38 4.19
N GLY DB 76 35.64 20.32 4.60
CA GLY DB 76 35.91 21.19 5.75
C GLY DB 76 37.02 22.21 5.52
N VAL DB 77 37.09 22.81 4.32
CA VAL DB 77 37.97 23.96 4.04
C VAL DB 77 37.64 25.10 5.01
N ARG DB 78 38.47 25.25 6.04
CA ARG DB 78 38.23 26.17 7.15
C ARG DB 78 38.43 27.60 6.65
N LEU DB 79 37.46 28.47 6.95
CA LEU DB 79 37.81 29.81 7.39
C LEU DB 79 38.33 29.67 8.83
N LEU DB 80 39.62 29.91 9.05
CA LEU DB 80 40.11 30.15 10.41
C LEU DB 80 39.64 31.53 10.86
N GLN DB 81 39.45 31.69 12.16
CA GLN DB 81 38.86 32.89 12.74
C GLN DB 81 39.85 33.46 13.75
N ASP DB 82 40.74 34.33 13.30
CA ASP DB 82 41.71 35.05 14.14
C ASP DB 82 41.00 36.05 15.07
N SER DB 83 39.74 36.37 14.75
CA SER DB 83 38.76 37.00 15.64
C SER DB 83 37.91 36.02 16.47
N VAL DB 84 38.44 34.87 16.91
CA VAL DB 84 37.88 34.13 18.06
C VAL DB 84 38.07 35.00 19.30
N ASP DB 85 37.13 35.91 19.48
CA ASP DB 85 37.23 37.04 20.38
C ASP DB 85 38.57 37.76 20.17
N PHE DB 86 38.68 38.55 19.10
CA PHE DB 86 39.81 39.48 18.98
C PHE DB 86 39.80 40.54 20.08
N SER DB 87 38.72 40.60 20.88
CA SER DB 87 38.49 40.99 22.30
C SER DB 87 39.53 41.80 23.04
N LEU DB 88 40.81 41.44 22.93
CA LEU DB 88 41.91 42.33 23.28
C LEU DB 88 41.78 43.67 22.53
N ALA DB 89 41.38 43.64 21.26
CA ALA DB 89 40.92 44.75 20.42
C ALA DB 89 39.64 45.48 20.90
N ASP DB 90 38.74 44.88 21.68
CA ASP DB 90 37.48 45.49 22.14
C ASP DB 90 37.52 46.00 23.60
N ALA DB 91 38.34 45.37 24.43
CA ALA DB 91 38.95 45.99 25.59
C ALA DB 91 39.82 47.19 25.15
N ILE DB 92 40.58 47.04 24.06
CA ILE DB 92 41.29 48.14 23.39
C ILE DB 92 40.34 49.15 22.70
N ASN DB 93 39.13 48.81 22.27
CA ASN DB 93 38.12 49.81 21.87
C ASN DB 93 37.63 50.62 23.07
N THR DB 94 37.60 50.00 24.25
CA THR DB 94 37.34 50.68 25.53
C THR DB 94 38.56 51.49 26.01
N GLU DB 95 39.78 51.13 25.61
CA GLU DB 95 41.02 51.88 25.90
C GLU DB 95 41.41 52.94 24.85
N PHE DB 96 40.92 52.85 23.61
CA PHE DB 96 40.85 53.90 22.57
C PHE DB 96 39.85 55.02 22.94
N LYS DB 97 39.39 55.01 24.19
CA LYS DB 97 38.27 55.73 24.77
C LYS DB 97 38.48 55.97 26.28
N ASN DB 98 39.29 55.15 26.96
CA ASN DB 98 39.96 55.50 28.22
C ASN DB 98 41.14 56.47 27.99
N THR DB 99 41.88 56.28 26.90
CA THR DB 99 42.81 57.30 26.37
C THR DB 99 42.12 58.62 26.06
N ARG DB 100 40.87 58.61 25.57
CA ARG DB 100 40.04 59.82 25.43
C ARG DB 100 39.52 60.38 26.75
N THR DB 101 39.27 59.52 27.73
CA THR DB 101 38.79 59.89 29.07
C THR DB 101 39.88 60.58 29.88
N ASN DB 102 41.12 60.09 29.84
CA ASN DB 102 42.26 60.71 30.55
C ASN DB 102 42.65 62.07 29.93
N GLU DB 103 42.74 62.16 28.60
CA GLU DB 103 42.97 63.42 27.88
C GLU DB 103 41.85 64.45 28.14
N LYS DB 104 40.60 63.99 28.30
CA LYS DB 104 39.46 64.85 28.63
C LYS DB 104 39.31 65.19 30.12
N VAL DB 105 39.85 64.36 31.02
CA VAL DB 105 40.01 64.70 32.44
C VAL DB 105 41.07 65.78 32.59
N GLU DB 106 42.16 65.69 31.84
CA GLU DB 106 43.17 66.74 31.72
C GLU DB 106 42.62 68.01 31.03
N LEU DB 107 41.74 67.89 30.03
CA LEU DB 107 40.96 69.01 29.47
C LEU DB 107 40.14 69.73 30.55
N GLN DB 108 39.38 69.01 31.39
CA GLN DB 108 38.59 69.62 32.44
C GLN DB 108 39.45 70.21 33.58
N GLU DB 109 40.55 69.55 33.95
CA GLU DB 109 41.49 70.04 34.95
C GLU DB 109 42.25 71.30 34.49
N LEU DB 110 42.56 71.40 33.20
CA LEU DB 110 43.18 72.58 32.58
C LEU DB 110 42.15 73.67 32.22
N ASN DB 111 40.88 73.32 31.97
CA ASN DB 111 39.75 74.24 31.94
C ASN DB 111 39.58 74.94 33.29
N ASP DB 112 39.53 74.15 34.35
CA ASP DB 112 39.33 74.65 35.71
C ASP DB 112 40.62 75.31 36.24
N ARG DB 113 41.81 74.96 35.71
CA ARG DB 113 43.05 75.74 35.91
C ARG DB 113 42.99 77.12 35.23
N PHE DB 114 42.47 77.26 34.00
CA PHE DB 114 42.25 78.60 33.43
C PHE DB 114 41.16 79.39 34.16
N ALA DB 115 40.14 78.72 34.72
CA ALA DB 115 39.15 79.37 35.59
C ALA DB 115 39.77 79.89 36.90
N ASN DB 116 40.70 79.14 37.53
CA ASN DB 116 41.48 79.61 38.68
C ASN DB 116 42.36 80.84 38.33
N TYR DB 117 43.02 80.84 37.16
CA TYR DB 117 43.76 82.03 36.72
C TYR DB 117 42.86 83.20 36.26
N ILE DB 118 41.60 82.99 35.87
CA ILE DB 118 40.61 84.09 35.73
C ILE DB 118 40.26 84.68 37.09
N ASP DB 119 40.10 83.87 38.14
CA ASP DB 119 39.90 84.41 39.49
C ASP DB 119 41.12 85.19 39.99
N LYS DB 120 42.33 84.75 39.62
CA LYS DB 120 43.56 85.56 39.77
C LYS DB 120 43.57 86.86 38.94
N VAL DB 121 42.93 86.88 37.75
CA VAL DB 121 42.67 88.14 37.01
C VAL DB 121 41.69 89.05 37.75
N ARG DB 122 40.59 88.52 38.30
CA ARG DB 122 39.60 89.33 39.05
C ARG DB 122 40.21 89.97 40.29
N PHE DB 123 41.13 89.28 40.95
CA PHE DB 123 41.86 89.78 42.11
C PHE DB 123 42.82 90.92 41.75
N LEU DB 124 43.56 90.79 40.65
CA LEU DB 124 44.40 91.91 40.17
C LEU DB 124 43.63 93.03 39.46
N GLU DB 125 42.44 92.76 38.91
CA GLU DB 125 41.50 93.80 38.45
C GLU DB 125 40.92 94.60 39.63
N GLN DB 126 40.79 93.98 40.82
CA GLN DB 126 40.42 94.70 42.04
C GLN DB 126 41.55 95.57 42.58
N GLN DB 127 42.81 95.09 42.52
CA GLN DB 127 43.99 95.90 42.87
C GLN DB 127 44.12 97.08 41.90
N ASN DB 128 43.90 96.84 40.61
CA ASN DB 128 43.87 97.88 39.58
C ASN DB 128 42.75 98.95 39.76
N LYS DB 129 41.71 98.68 40.55
CA LYS DB 129 40.69 99.69 40.92
C LYS DB 129 41.04 100.47 42.18
N ILE DB 130 41.86 99.91 43.07
CA ILE DB 130 42.43 100.58 44.24
C ILE DB 130 43.44 101.65 43.79
N LEU DB 131 44.47 101.25 43.04
CA LEU DB 131 45.49 102.18 42.51
C LEU DB 131 44.91 103.21 41.53
N LEU DB 132 43.75 102.95 40.91
CA LEU DB 132 43.03 103.94 40.09
C LEU DB 132 42.30 105.01 40.93
N ALA DB 133 41.65 104.60 42.03
CA ALA DB 133 41.02 105.55 42.95
C ALA DB 133 42.06 106.47 43.61
N GLU DB 134 43.22 105.89 43.90
CA GLU DB 134 44.36 106.55 44.54
C GLU DB 134 45.14 107.51 43.63
N LEU DB 135 44.96 107.36 42.31
CA LEU DB 135 45.46 108.29 41.28
C LEU DB 135 44.65 109.59 41.20
N GLU DB 136 43.32 109.51 41.30
CA GLU DB 136 42.43 110.63 40.94
C GLU DB 136 42.29 111.72 42.00
N GLN DB 137 42.29 111.36 43.29
CA GLN DB 137 41.67 112.18 44.34
C GLN DB 137 42.35 113.54 44.56
N LEU DB 138 43.65 113.57 44.84
CA LEU DB 138 44.44 114.78 45.08
C LEU DB 138 44.59 115.62 43.82
N LYS DB 139 45.03 114.98 42.72
CA LYS DB 139 45.18 115.60 41.40
C LYS DB 139 43.86 116.17 40.87
N GLY DB 140 42.77 115.42 40.93
CA GLY DB 140 41.50 115.80 40.30
C GLY DB 140 40.67 116.74 41.17
N GLN DB 141 40.43 116.35 42.42
CA GLN DB 141 39.43 116.99 43.29
C GLN DB 141 40.02 117.80 44.46
N GLY DB 142 41.31 117.62 44.76
CA GLY DB 142 42.02 118.36 45.80
C GLY DB 142 42.23 119.82 45.42
N LYS DB 143 43.33 120.11 44.73
CA LYS DB 143 43.75 121.50 44.51
C LYS DB 143 42.86 122.27 43.54
N SER DB 144 42.09 121.61 42.67
CA SER DB 144 41.11 122.28 41.79
C SER DB 144 40.10 123.12 42.58
N ARG DB 145 39.47 122.53 43.61
CA ARG DB 145 38.48 123.20 44.46
C ARG DB 145 39.10 123.94 45.65
N LEU DB 146 40.13 123.37 46.28
CA LEU DB 146 40.75 124.00 47.46
C LEU DB 146 41.65 125.18 47.08
N GLY DB 147 42.17 125.20 45.85
CA GLY DB 147 42.80 126.35 45.21
C GLY DB 147 41.79 127.46 44.92
N ASP DB 148 40.74 127.15 44.15
CA ASP DB 148 39.60 128.04 43.82
C ASP DB 148 38.99 128.78 45.04
N LEU DB 149 38.80 128.09 46.17
CA LEU DB 149 38.30 128.70 47.40
C LEU DB 149 39.27 129.69 48.05
N TYR DB 150 40.56 129.36 48.11
CA TYR DB 150 41.61 130.20 48.69
C TYR DB 150 42.05 131.32 47.75
N GLU DB 151 41.99 131.06 46.44
CA GLU DB 151 42.26 132.03 45.37
C GLU DB 151 41.27 133.21 45.45
N GLU DB 152 40.00 132.95 45.79
CA GLU DB 152 39.05 134.02 46.08
C GLU DB 152 39.24 134.69 47.46
N GLU DB 153 39.74 133.98 48.48
CA GLU DB 153 40.13 134.59 49.77
C GLU DB 153 41.34 135.54 49.60
N MET DB 154 42.40 135.12 48.92
CA MET DB 154 43.59 135.97 48.72
C MET DB 154 43.39 137.03 47.61
N ARG DB 155 42.45 136.82 46.67
CA ARG DB 155 41.93 137.90 45.83
C ARG DB 155 41.18 138.95 46.65
N GLU DB 156 40.40 138.56 47.65
CA GLU DB 156 39.75 139.53 48.53
C GLU DB 156 40.76 140.29 49.40
N LEU DB 157 41.76 139.60 49.97
CA LEU DB 157 42.95 140.21 50.59
C LEU DB 157 43.64 141.22 49.67
N ARG DB 158 43.88 140.88 48.41
CA ARG DB 158 44.47 141.81 47.43
C ARG DB 158 43.56 142.99 47.11
N ARG DB 159 42.25 142.80 46.98
CA ARG DB 159 41.29 143.93 46.88
C ARG DB 159 41.38 144.81 48.14
N GLN DB 160 41.51 144.21 49.32
CA GLN DB 160 41.71 144.93 50.58
C GLN DB 160 43.08 145.62 50.67
N VAL DB 161 44.13 145.19 49.95
CA VAL DB 161 45.43 145.90 49.89
C VAL DB 161 45.54 146.92 48.74
N ASP DB 162 44.99 146.64 47.56
CA ASP DB 162 44.78 147.66 46.52
C ASP DB 162 43.94 148.80 47.11
N ARG EB 184 19.42 124.11 99.97
CA ARG EB 184 18.63 123.60 98.84
C ARG EB 184 19.24 123.86 97.44
N LEU EB 185 20.44 124.45 97.38
CA LEU EB 185 21.32 124.50 96.21
C LEU EB 185 22.58 123.61 96.35
N ARG EB 186 22.89 123.06 97.53
CA ARG EB 186 23.90 122.01 97.73
C ARG EB 186 23.31 120.60 97.63
N GLU EB 187 22.08 120.43 98.13
CA GLU EB 187 21.26 119.22 98.02
C GLU EB 187 21.05 118.75 96.57
N LYS EB 188 20.94 119.70 95.63
CA LYS EB 188 20.78 119.41 94.19
C LYS EB 188 22.08 119.11 93.46
N LEU EB 189 23.23 119.51 94.02
CA LEU EB 189 24.53 119.08 93.52
C LEU EB 189 24.91 117.70 94.08
N GLN EB 190 24.39 117.34 95.26
CA GLN EB 190 24.39 115.97 95.78
C GLN EB 190 23.52 115.04 94.93
N GLU EB 191 22.33 115.48 94.49
CA GLU EB 191 21.54 114.76 93.47
C GLU EB 191 22.34 114.53 92.17
N GLU EB 192 23.06 115.54 91.65
CA GLU EB 192 23.84 115.41 90.42
C GLU EB 192 25.08 114.50 90.55
N MET EB 193 25.72 114.41 91.72
CA MET EB 193 26.90 113.56 91.95
C MET EB 193 26.60 112.15 92.45
N LEU EB 194 25.52 111.93 93.20
CA LEU EB 194 25.09 110.57 93.51
C LEU EB 194 24.62 109.81 92.26
N GLN EB 195 24.07 110.52 91.24
CA GLN EB 195 23.84 109.96 89.88
C GLN EB 195 25.12 109.72 89.04
N ARG EB 196 26.29 110.06 89.55
CA ARG EB 196 27.61 109.70 88.99
C ARG EB 196 28.25 108.55 89.75
N GLU EB 197 28.22 108.60 91.08
CA GLU EB 197 28.93 107.63 91.91
C GLU EB 197 28.11 106.33 92.13
N GLU EB 198 26.77 106.40 92.02
CA GLU EB 198 25.89 105.25 91.73
C GLU EB 198 26.31 104.55 90.43
N ALA EB 199 26.56 105.35 89.40
CA ALA EB 199 26.91 104.89 88.06
C ALA EB 199 28.37 104.41 87.91
N GLU EB 200 29.18 104.54 88.96
CA GLU EB 200 30.54 104.00 89.09
C GLU EB 200 30.57 102.78 90.02
N ASN EB 201 30.28 102.96 91.30
CA ASN EB 201 30.43 101.95 92.35
C ASN EB 201 29.56 100.71 92.11
N THR EB 202 28.28 100.93 91.79
CA THR EB 202 27.35 99.83 91.47
C THR EB 202 27.80 99.03 90.24
N LEU EB 203 28.55 99.66 89.33
CA LEU EB 203 29.09 99.01 88.14
C LEU EB 203 30.41 98.26 88.41
N GLN EB 204 31.10 98.44 89.55
CA GLN EB 204 32.08 97.47 90.09
C GLN EB 204 31.40 96.31 90.80
N SER EB 205 30.34 96.59 91.56
CA SER EB 205 29.65 95.55 92.34
C SER EB 205 28.90 94.56 91.42
N PHE EB 206 28.33 95.06 90.31
CA PHE EB 206 27.80 94.24 89.21
C PHE EB 206 28.85 93.43 88.43
N ARG EB 207 30.15 93.67 88.60
CA ARG EB 207 31.25 92.89 87.99
C ARG EB 207 31.74 91.78 88.91
N GLN EB 208 31.76 92.04 90.22
CA GLN EB 208 32.00 91.00 91.23
C GLN EB 208 30.83 90.00 91.30
N ASP EB 209 29.58 90.46 91.25
CA ASP EB 209 28.43 89.54 91.12
C ASP EB 209 28.19 89.00 89.69
N VAL EB 210 28.86 89.54 88.68
CA VAL EB 210 29.03 88.82 87.40
C VAL EB 210 29.96 87.61 87.55
N ASP EB 211 31.01 87.70 88.36
CA ASP EB 211 31.89 86.56 88.66
C ASP EB 211 31.22 85.51 89.57
N ASN EB 212 30.60 85.94 90.67
CA ASN EB 212 29.84 85.03 91.56
C ASN EB 212 28.72 84.29 90.80
N ALA EB 213 28.04 84.98 89.88
CA ALA EB 213 27.08 84.37 88.98
C ALA EB 213 27.73 83.44 87.94
N SER EB 214 28.90 83.77 87.39
CA SER EB 214 29.62 82.98 86.37
C SER EB 214 30.18 81.67 86.94
N LEU EB 215 30.73 81.67 88.17
CA LEU EB 215 31.10 80.44 88.88
C LEU EB 215 29.88 79.52 89.10
N ALA EB 216 28.72 80.10 89.40
CA ALA EB 216 27.46 79.36 89.43
C ALA EB 216 27.00 78.89 88.03
N ARG EB 217 27.24 79.67 86.94
CA ARG EB 217 26.99 79.21 85.57
C ARG EB 217 27.86 78.03 85.17
N LEU EB 218 29.10 77.92 85.63
CA LEU EB 218 30.01 76.80 85.29
C LEU EB 218 29.61 75.49 85.97
N ASP EB 219 29.02 75.54 87.16
CA ASP EB 219 28.41 74.37 87.79
C ASP EB 219 27.12 73.93 87.06
N LEU EB 220 26.39 74.87 86.46
CA LEU EB 220 25.26 74.58 85.55
C LEU EB 220 25.75 74.06 84.19
N GLU EB 221 26.82 74.61 83.62
CA GLU EB 221 27.46 74.16 82.38
C GLU EB 221 28.02 72.75 82.49
N ARG EB 222 28.62 72.41 83.64
CA ARG EB 222 29.04 71.04 83.95
C ARG EB 222 27.90 70.03 83.90
N LYS EB 223 26.69 70.45 84.29
CA LYS EB 223 25.48 69.65 84.11
C LYS EB 223 25.09 69.61 82.65
N VAL EB 224 25.01 70.76 81.96
CA VAL EB 224 24.64 70.85 80.54
C VAL EB 224 25.55 70.03 79.63
N GLU EB 225 26.88 70.12 79.72
CA GLU EB 225 27.87 69.34 78.93
C GLU EB 225 27.61 67.83 79.05
N SER EB 226 27.57 67.35 80.30
CA SER EB 226 27.31 65.95 80.64
C SER EB 226 25.93 65.51 80.12
N LEU EB 227 24.94 66.38 80.25
CA LEU EB 227 23.57 66.18 79.78
C LEU EB 227 23.38 66.40 78.26
N GLN EB 228 24.45 66.74 77.54
CA GLN EB 228 24.46 66.99 76.09
C GLN EB 228 25.30 65.95 75.32
N GLU EB 229 26.14 65.17 75.99
CA GLU EB 229 26.24 63.74 75.62
C GLU EB 229 24.85 63.09 75.63
N GLU EB 230 24.08 63.36 76.69
CA GLU EB 230 22.78 62.74 76.93
C GLU EB 230 21.64 63.27 76.05
N ILE EB 231 21.74 64.47 75.47
CA ILE EB 231 20.90 64.90 74.33
C ILE EB 231 21.23 64.03 73.11
N ALA EB 232 22.51 63.85 72.78
CA ALA EB 232 22.88 63.11 71.58
C ALA EB 232 22.48 61.62 71.65
N PHE EB 233 22.60 61.04 72.84
CA PHE EB 233 21.98 59.77 73.27
C PHE EB 233 20.47 59.81 73.02
N LEU EB 234 19.74 60.70 73.71
CA LEU EB 234 18.29 60.80 73.66
C LEU EB 234 17.70 60.99 72.25
N LYS EB 235 18.23 61.93 71.46
CA LYS EB 235 17.69 62.23 70.12
C LYS EB 235 17.90 61.08 69.12
N LYS EB 236 18.80 60.13 69.38
CA LYS EB 236 19.01 58.94 68.52
C LYS EB 236 18.57 57.62 69.12
N LEU EB 237 18.49 57.52 70.45
CA LEU EB 237 17.68 56.48 71.11
C LEU EB 237 16.20 56.58 70.73
N HIS EB 238 15.70 57.76 70.36
CA HIS EB 238 14.36 57.86 69.74
C HIS EB 238 14.30 57.44 68.26
N GLU EB 239 15.35 57.65 67.47
CA GLU EB 239 15.35 57.13 66.09
C GLU EB 239 15.44 55.60 66.10
N GLU EB 240 16.14 55.06 67.10
CA GLU EB 240 16.33 53.66 67.44
C GLU EB 240 15.07 52.99 68.02
N GLU EB 241 14.28 53.66 68.86
CA GLU EB 241 12.89 53.25 69.20
C GLU EB 241 11.98 53.17 67.97
N ILE EB 242 12.17 54.04 66.97
CA ILE EB 242 11.40 53.98 65.72
C ILE EB 242 11.94 52.88 64.79
N GLN EB 243 13.20 52.44 64.93
CA GLN EB 243 13.74 51.25 64.26
C GLN EB 243 13.28 49.97 64.92
N GLU EB 244 13.25 49.90 66.25
CA GLU EB 244 12.87 48.71 67.03
C GLU EB 244 11.34 48.54 67.21
N LEU EB 245 10.56 49.63 67.11
CA LEU EB 245 9.12 49.51 66.85
C LEU EB 245 8.83 49.09 65.40
N GLN EB 246 9.67 49.52 64.43
CA GLN EB 246 9.67 48.91 63.10
C GLN EB 246 10.27 47.50 63.09
N ALA EB 247 11.02 47.08 64.12
CA ALA EB 247 11.44 45.70 64.33
C ALA EB 247 10.30 44.84 64.88
N GLN EB 248 9.64 45.22 65.97
CA GLN EB 248 8.48 44.49 66.47
C GLN EB 248 7.28 44.46 65.49
N ILE EB 249 7.06 45.52 64.67
CA ILE EB 249 6.10 45.44 63.53
C ILE EB 249 6.64 44.54 62.42
N GLN EB 250 7.93 44.64 62.09
CA GLN EB 250 8.54 43.78 61.07
C GLN EB 250 8.42 42.30 61.47
N GLU EB 251 8.82 41.88 62.69
CA GLU EB 251 9.24 40.56 63.18
C GLU EB 251 8.21 39.49 63.61
N GLN EB 252 6.94 40.01 63.62
CA GLN EB 252 5.81 39.03 63.42
C GLN EB 252 5.65 38.65 61.86
N HIS EB 253 6.36 39.35 60.95
CA HIS EB 253 6.24 39.45 59.48
C HIS EB 253 7.70 39.56 58.92
N VAL EB 254 8.74 39.18 59.61
CA VAL EB 254 9.32 37.92 59.78
C VAL EB 254 10.31 38.09 60.95
N GLN EB 255 10.50 36.94 61.57
CA GLN EB 255 9.65 35.76 61.67
C GLN EB 255 9.62 35.42 63.14
N ILE EB 256 8.60 34.61 63.33
CA ILE EB 256 7.35 34.99 64.05
C ILE EB 256 7.56 35.33 65.50
N ASP EB 257 8.75 35.16 66.11
CA ASP EB 257 9.59 33.97 66.44
C ASP EB 257 10.09 32.90 65.37
N VAL EB 258 11.35 32.97 64.92
CA VAL EB 258 11.83 32.42 63.60
C VAL EB 258 11.59 30.91 63.27
N ASP EB 259 10.62 30.58 62.41
CA ASP EB 259 10.22 29.20 62.09
C ASP EB 259 11.28 28.25 61.46
N VAL EB 260 11.00 26.94 61.52
CA VAL EB 260 11.57 25.89 60.65
C VAL EB 260 10.75 25.61 59.36
N SER EB 261 9.49 26.11 59.29
CA SER EB 261 8.48 25.97 58.20
C SER EB 261 8.08 24.52 57.86
N LYS EB 262 9.08 23.69 57.55
CA LYS EB 262 9.02 22.23 57.69
C LYS EB 262 8.76 21.90 59.18
N PRO EB 263 7.89 20.92 59.50
CA PRO EB 263 7.78 20.39 60.86
C PRO EB 263 9.04 19.60 61.27
N ASP EB 264 9.08 18.27 61.11
CA ASP EB 264 10.33 17.50 61.26
C ASP EB 264 10.27 16.13 60.55
N LEU EB 265 10.91 15.10 61.14
CA LEU EB 265 10.42 13.75 61.46
C LEU EB 265 9.11 13.27 60.81
N THR EB 266 8.10 14.13 60.69
CA THR EB 266 6.89 13.97 59.86
C THR EB 266 7.18 13.49 58.44
N ALA EB 267 8.26 13.95 57.82
CA ALA EB 267 8.74 13.46 56.52
C ALA EB 267 9.19 11.99 56.62
N ALA EB 268 10.18 11.75 57.48
CA ALA EB 268 10.72 10.42 57.76
C ALA EB 268 9.67 9.40 58.23
N LEU EB 269 8.59 9.80 58.91
CA LEU EB 269 7.48 8.92 59.29
C LEU EB 269 6.59 8.51 58.10
N ARG EB 270 6.35 9.40 57.14
CA ARG EB 270 5.68 9.10 55.85
C ARG EB 270 6.58 8.33 54.89
N ASP EB 271 7.88 8.53 54.99
CA ASP EB 271 8.87 7.83 54.17
C ASP EB 271 9.12 6.42 54.72
N VAL EB 272 9.18 6.25 56.05
CA VAL EB 272 9.07 4.96 56.76
C VAL EB 272 7.75 4.25 56.44
N ARG EB 273 6.63 4.96 56.36
CA ARG EB 273 5.33 4.39 55.97
C ARG EB 273 5.39 3.79 54.55
N GLN EB 274 5.83 4.58 53.57
CA GLN EB 274 5.92 4.14 52.18
C GLN EB 274 7.06 3.14 51.93
N GLN EB 275 8.09 3.14 52.79
CA GLN EB 275 9.14 2.11 52.83
C GLN EB 275 8.66 0.81 53.50
N TYR EB 276 7.76 0.83 54.48
CA TYR EB 276 7.08 -0.38 54.99
C TYR EB 276 6.11 -0.97 53.96
N GLU EB 277 5.39 -0.12 53.22
CA GLU EB 277 4.55 -0.54 52.09
C GLU EB 277 5.39 -1.12 50.93
N SER EB 278 6.59 -0.56 50.70
CA SER EB 278 7.61 -1.12 49.77
C SER EB 278 8.28 -2.40 50.29
N VAL EB 279 8.49 -2.55 51.60
CA VAL EB 279 9.02 -3.77 52.23
C VAL EB 279 7.98 -4.88 52.26
N ALA EB 280 6.69 -4.57 52.35
CA ALA EB 280 5.61 -5.51 52.10
C ALA EB 280 5.60 -5.99 50.64
N ALA EB 281 5.87 -5.10 49.68
CA ALA EB 281 6.07 -5.47 48.27
C ALA EB 281 7.34 -6.30 48.01
N LYS EB 282 8.45 -6.03 48.72
CA LYS EB 282 9.66 -6.89 48.69
C LYS EB 282 9.41 -8.27 49.29
N ASN EB 283 8.70 -8.35 50.42
CA ASN EB 283 8.33 -9.62 51.03
C ASN EB 283 7.37 -10.42 50.12
N LEU EB 284 6.50 -9.75 49.35
CA LEU EB 284 5.67 -10.39 48.33
C LEU EB 284 6.51 -10.88 47.12
N GLN EB 285 7.50 -10.10 46.67
CA GLN EB 285 8.45 -10.49 45.63
C GLN EB 285 9.26 -11.74 46.03
N GLU EB 286 9.79 -11.78 47.25
CA GLU EB 286 10.49 -12.95 47.79
C GLU EB 286 9.53 -14.12 48.06
N ALA EB 287 8.26 -13.87 48.36
CA ALA EB 287 7.23 -14.89 48.42
C ALA EB 287 6.79 -15.44 47.05
N GLU EB 288 7.10 -14.76 45.94
CA GLU EB 288 7.04 -15.37 44.59
C GLU EB 288 8.26 -16.24 44.29
N GLU EB 289 9.43 -15.99 44.89
CA GLU EB 289 10.55 -16.96 44.89
C GLU EB 289 10.26 -18.18 45.80
N TRP EB 290 9.52 -18.01 46.91
CA TRP EB 290 8.98 -19.13 47.69
C TRP EB 290 7.94 -19.93 46.90
N TYR EB 291 7.03 -19.23 46.19
CA TYR EB 291 6.02 -19.86 45.34
C TYR EB 291 6.63 -20.66 44.18
N LYS EB 292 7.64 -20.12 43.49
CA LYS EB 292 8.46 -20.87 42.52
C LYS EB 292 9.11 -22.10 43.14
N SER EB 293 9.63 -21.99 44.37
CA SER EB 293 10.31 -23.10 45.06
C SER EB 293 9.34 -24.26 45.34
N LYS EB 294 8.10 -23.96 45.75
CA LYS EB 294 7.05 -24.98 45.91
C LYS EB 294 6.44 -25.49 44.60
N PHE EB 295 6.40 -24.64 43.58
CA PHE EB 295 6.07 -25.05 42.22
C PHE EB 295 7.16 -25.94 41.59
N ALA EB 296 8.42 -25.79 42.00
CA ALA EB 296 9.53 -26.67 41.65
C ALA EB 296 9.50 -28.01 42.43
N ASP EB 297 9.11 -28.02 43.71
CA ASP EB 297 8.79 -29.24 44.47
C ASP EB 297 7.71 -30.07 43.74
N LEU EB 298 6.60 -29.41 43.34
CA LEU EB 298 5.54 -29.98 42.49
C LEU EB 298 6.07 -30.50 41.14
N SER EB 299 6.80 -29.67 40.41
CA SER EB 299 7.26 -30.01 39.05
C SER EB 299 8.21 -31.20 39.05
N GLU EB 300 9.08 -31.29 40.06
CA GLU EB 300 10.03 -32.39 40.22
C GLU EB 300 9.35 -33.67 40.76
N ALA EB 301 8.36 -33.56 41.65
CA ALA EB 301 7.52 -34.69 42.05
C ALA EB 301 6.72 -35.25 40.85
N ALA EB 302 6.17 -34.36 40.01
CA ALA EB 302 5.48 -34.75 38.78
C ALA EB 302 6.41 -35.41 37.76
N ASN EB 303 7.65 -34.93 37.61
CA ASN EB 303 8.68 -35.55 36.76
C ASN EB 303 9.11 -36.94 37.28
N ARG EB 304 9.44 -37.06 38.57
CA ARG EB 304 9.95 -38.31 39.18
C ARG EB 304 8.91 -39.43 39.17
N ASN EB 305 7.64 -39.12 39.46
CA ASN EB 305 6.56 -40.11 39.35
C ASN EB 305 6.20 -40.45 37.90
N ASN EB 306 6.33 -39.49 36.97
CA ASN EB 306 6.28 -39.77 35.54
C ASN EB 306 7.40 -40.72 35.10
N ASP EB 307 8.66 -40.49 35.48
CA ASP EB 307 9.76 -41.36 35.09
C ASP EB 307 9.72 -42.73 35.77
N ALA EB 308 9.11 -42.83 36.96
CA ALA EB 308 8.78 -44.11 37.60
C ALA EB 308 7.66 -44.92 36.88
N LEU EB 309 6.66 -44.26 36.26
CA LEU EB 309 5.64 -44.94 35.44
C LEU EB 309 6.08 -45.16 33.99
N ARG EB 310 6.99 -44.33 33.46
CA ARG EB 310 7.67 -44.57 32.17
C ARG EB 310 8.66 -45.74 32.28
N GLN EB 311 9.31 -45.91 33.42
CA GLN EB 311 10.15 -47.06 33.76
C GLN EB 311 9.35 -48.37 33.81
N ALA EB 312 8.16 -48.36 34.43
CA ALA EB 312 7.24 -49.50 34.41
C ALA EB 312 6.78 -49.88 32.96
N LYS EB 313 6.57 -48.89 32.08
CA LYS EB 313 6.34 -49.15 30.65
C LYS EB 313 7.58 -49.68 29.91
N GLN EB 314 8.80 -49.28 30.29
CA GLN EB 314 10.06 -49.78 29.73
C GLN EB 314 10.37 -51.21 30.17
N GLU EB 315 10.14 -51.54 31.44
CA GLU EB 315 10.19 -52.90 31.99
C GLU EB 315 9.15 -53.82 31.33
N SER EB 316 7.90 -53.35 31.20
CA SER EB 316 6.83 -54.01 30.42
C SER EB 316 7.15 -54.15 28.92
N THR EB 317 8.13 -53.42 28.39
CA THR EB 317 8.60 -53.54 27.00
C THR EB 317 9.81 -54.46 26.87
N GLU EB 318 10.65 -54.57 27.90
CA GLU EB 318 11.73 -55.55 27.99
C GLU EB 318 11.23 -56.96 28.26
N TYR EB 319 10.32 -57.14 29.22
CA TYR EB 319 9.63 -58.42 29.43
C TYR EB 319 8.80 -58.83 28.21
N ARG EB 320 8.25 -57.87 27.43
CA ARG EB 320 7.63 -58.20 26.13
C ARG EB 320 8.61 -58.79 25.11
N ARG EB 321 9.87 -58.34 25.06
CA ARG EB 321 10.92 -58.94 24.21
C ARG EB 321 11.32 -60.33 24.70
N GLN EB 322 11.39 -60.53 26.02
CA GLN EB 322 11.70 -61.83 26.64
C GLN EB 322 10.58 -62.85 26.37
N VAL EB 323 9.32 -62.43 26.51
CA VAL EB 323 8.11 -63.17 26.09
C VAL EB 323 8.21 -63.59 24.63
N GLN EB 324 8.44 -62.62 23.73
CA GLN EB 324 8.44 -62.89 22.29
C GLN EB 324 9.58 -63.81 21.86
N SER EB 325 10.77 -63.68 22.47
CA SER EB 325 11.94 -64.51 22.18
C SER EB 325 11.74 -65.96 22.69
N LEU EB 326 11.34 -66.09 23.95
CA LEU EB 326 11.07 -67.38 24.60
C LEU EB 326 9.85 -68.10 24.00
N THR EB 327 8.85 -67.36 23.49
CA THR EB 327 7.75 -67.97 22.70
C THR EB 327 8.30 -68.62 21.43
N CYS EB 328 9.12 -67.91 20.64
CA CYS EB 328 9.67 -68.45 19.41
C CYS EB 328 10.65 -69.61 19.63
N GLU EB 329 11.39 -69.59 20.74
CA GLU EB 329 12.33 -70.64 21.15
C GLU EB 329 11.60 -71.95 21.52
N VAL EB 330 10.54 -71.87 22.33
CA VAL EB 330 9.75 -73.04 22.72
C VAL EB 330 8.77 -73.49 21.62
N ASP EB 331 8.26 -72.58 20.78
CA ASP EB 331 7.55 -72.95 19.54
C ASP EB 331 8.46 -73.72 18.56
N ALA EB 332 9.76 -73.40 18.49
CA ALA EB 332 10.73 -74.11 17.66
C ALA EB 332 11.14 -75.48 18.25
N LEU EB 333 11.24 -75.61 19.58
CA LEU EB 333 11.49 -76.90 20.24
C LEU EB 333 10.27 -77.84 20.17
N LYS EB 334 9.06 -77.30 20.32
CA LYS EB 334 7.80 -78.00 19.98
C LYS EB 334 7.72 -78.41 18.53
N GLY EB 335 8.07 -77.52 17.59
CA GLY EB 335 8.14 -77.84 16.16
C GLY EB 335 9.25 -78.85 15.81
N THR EB 336 10.29 -78.97 16.64
CA THR EB 336 11.32 -80.01 16.53
C THR EB 336 10.81 -81.36 17.05
N ASN EB 337 10.03 -81.37 18.14
CA ASN EB 337 9.40 -82.60 18.67
C ASN EB 337 8.31 -83.14 17.73
N GLU EB 338 7.49 -82.28 17.11
CA GLU EB 338 6.59 -82.66 16.02
C GLU EB 338 7.34 -83.14 14.75
N SER EB 339 8.55 -82.63 14.51
CA SER EB 339 9.38 -83.09 13.40
C SER EB 339 9.97 -84.48 13.64
N LEU EB 340 10.33 -84.80 14.89
CA LEU EB 340 10.72 -86.15 15.31
C LEU EB 340 9.54 -87.12 15.25
N GLU EB 341 8.35 -86.70 15.70
CA GLU EB 341 7.09 -87.44 15.59
C GLU EB 341 6.76 -87.81 14.13
N ARG EB 342 6.96 -86.87 13.19
CA ARG EB 342 6.74 -87.10 11.75
C ARG EB 342 7.81 -87.96 11.08
N GLN EB 343 9.07 -87.85 11.50
CA GLN EB 343 10.15 -88.71 11.02
C GLN EB 343 10.02 -90.14 11.56
N MET EB 344 9.57 -90.30 12.81
CA MET EB 344 9.23 -91.59 13.40
C MET EB 344 8.10 -92.27 12.63
N ARG EB 345 7.03 -91.54 12.28
CA ARG EB 345 5.98 -92.04 11.38
C ARG EB 345 6.53 -92.54 10.04
N GLU EB 346 7.39 -91.78 9.35
CA GLU EB 346 7.91 -92.20 8.04
C GLU EB 346 8.92 -93.34 8.12
N MET EB 347 9.56 -93.57 9.27
CA MET EB 347 10.32 -94.81 9.53
C MET EB 347 9.41 -95.97 9.94
N GLU EB 348 8.35 -95.71 10.70
CA GLU EB 348 7.36 -96.67 11.17
C GLU EB 348 6.48 -97.23 10.03
N GLU EB 349 6.12 -96.40 9.06
CA GLU EB 349 5.49 -96.78 7.80
C GLU EB 349 6.40 -97.71 6.94
N ASN EB 350 7.72 -97.48 6.94
CA ASN EB 350 8.67 -98.43 6.35
C ASN EB 350 8.76 -99.74 7.16
N PHE EB 351 8.82 -99.69 8.49
CA PHE EB 351 8.95 -100.89 9.33
C PHE EB 351 7.74 -101.83 9.22
N ALA EB 352 6.52 -101.29 9.15
CA ALA EB 352 5.30 -102.07 8.93
C ALA EB 352 5.29 -102.77 7.54
N VAL EB 353 5.76 -102.06 6.51
CA VAL EB 353 5.91 -102.57 5.13
C VAL EB 353 7.05 -103.59 5.01
N GLU EB 354 8.19 -103.40 5.67
CA GLU EB 354 9.30 -104.36 5.70
C GLU EB 354 8.92 -105.65 6.43
N ALA EB 355 8.18 -105.57 7.53
CA ALA EB 355 7.64 -106.73 8.24
C ALA EB 355 6.68 -107.57 7.38
N ALA EB 356 5.73 -106.91 6.70
CA ALA EB 356 4.77 -107.57 5.82
C ALA EB 356 5.45 -108.21 4.58
N ASN EB 357 6.37 -107.49 3.93
CA ASN EB 357 7.15 -108.03 2.80
C ASN EB 357 8.03 -109.23 3.21
N TYR EB 358 8.65 -109.17 4.40
CA TYR EB 358 9.46 -110.29 4.91
C TYR EB 358 8.61 -111.52 5.18
N GLN EB 359 7.47 -111.36 5.87
CA GLN EB 359 6.60 -112.48 6.23
C GLN EB 359 5.96 -113.15 5.00
N ASP EB 360 5.52 -112.36 4.02
CA ASP EB 360 5.02 -112.87 2.74
C ASP EB 360 6.11 -113.59 1.94
N THR EB 361 7.32 -113.03 1.88
CA THR EB 361 8.46 -113.64 1.18
C THR EB 361 8.81 -115.01 1.79
N ILE EB 362 8.80 -115.13 3.12
CA ILE EB 362 9.08 -116.40 3.80
C ILE EB 362 7.98 -117.44 3.54
N GLY EB 363 6.69 -117.07 3.70
CA GLY EB 363 5.57 -118.01 3.52
C GLY EB 363 5.39 -118.48 2.07
N ARG EB 364 5.50 -117.55 1.13
CA ARG EB 364 5.45 -117.80 -0.33
C ARG EB 364 6.58 -118.71 -0.80
N LEU EB 365 7.81 -118.47 -0.30
CA LEU EB 365 8.96 -119.32 -0.57
C LEU EB 365 8.79 -120.74 0.02
N GLN EB 366 8.19 -120.87 1.20
CA GLN EB 366 7.89 -122.16 1.81
C GLN EB 366 6.88 -122.97 0.98
N ASP EB 367 5.82 -122.33 0.47
CA ASP EB 367 4.84 -122.98 -0.42
C ASP EB 367 5.43 -123.40 -1.77
N GLU EB 368 6.23 -122.54 -2.41
CA GLU EB 368 6.96 -122.86 -3.65
C GLU EB 368 7.89 -124.08 -3.47
N ILE EB 369 8.53 -124.20 -2.30
CA ILE EB 369 9.34 -125.37 -1.92
C ILE EB 369 8.48 -126.64 -1.71
N GLN EB 370 7.25 -126.55 -1.19
CA GLN EB 370 6.37 -127.72 -1.04
C GLN EB 370 5.73 -128.16 -2.37
N ASN EB 371 5.33 -127.22 -3.22
CA ASN EB 371 4.74 -127.49 -4.54
C ASN EB 371 5.68 -128.32 -5.43
N MET EB 372 6.97 -127.98 -5.47
CA MET EB 372 7.99 -128.76 -6.18
C MET EB 372 8.17 -130.19 -5.62
N LYS EB 373 8.00 -130.39 -4.32
CA LYS EB 373 8.13 -131.72 -3.68
C LYS EB 373 6.94 -132.64 -3.96
N GLU EB 374 5.72 -132.11 -4.07
CA GLU EB 374 4.53 -132.90 -4.38
C GLU EB 374 4.55 -133.42 -5.83
N GLU EB 375 4.92 -132.53 -6.74
CA GLU EB 375 5.20 -132.84 -8.14
C GLU EB 375 6.32 -133.90 -8.29
N MET EB 376 7.43 -133.75 -7.57
CA MET EB 376 8.48 -134.77 -7.53
C MET EB 376 7.99 -136.09 -6.91
N ALA EB 377 7.26 -136.05 -5.78
CA ALA EB 377 6.80 -137.24 -5.07
C ALA EB 377 5.85 -138.12 -5.90
N ARG EB 378 5.06 -137.52 -6.79
CA ARG EB 378 4.28 -138.25 -7.81
C ARG EB 378 5.16 -138.88 -8.88
N HIS EB 379 6.06 -138.09 -9.48
CA HIS EB 379 7.00 -138.55 -10.52
C HIS EB 379 7.92 -139.71 -10.06
N LEU EB 380 8.24 -139.82 -8.77
CA LEU EB 380 8.98 -140.95 -8.21
C LEU EB 380 8.26 -142.31 -8.39
N ARG EB 381 6.93 -142.36 -8.37
CA ARG EB 381 6.16 -143.58 -8.67
C ARG EB 381 5.64 -143.68 -10.09
N GLU EB 382 5.49 -142.56 -10.82
CA GLU EB 382 5.28 -142.62 -12.28
C GLU EB 382 6.41 -143.41 -12.98
N TYR EB 383 7.65 -143.27 -12.50
CA TYR EB 383 8.77 -144.12 -12.97
C TYR EB 383 8.81 -145.53 -12.34
N GLN EB 384 8.32 -145.73 -11.10
CA GLN EB 384 8.23 -147.07 -10.50
C GLN EB 384 7.21 -147.97 -11.22
N ASP EB 385 6.10 -147.41 -11.70
CA ASP EB 385 5.13 -148.14 -12.52
C ASP EB 385 5.62 -148.40 -13.95
N LEU EB 386 6.48 -147.54 -14.50
CA LEU EB 386 7.25 -147.87 -15.71
C LEU EB 386 8.33 -148.95 -15.50
N LEU EB 387 8.88 -149.10 -14.29
CA LEU EB 387 9.69 -150.25 -13.92
C LEU EB 387 8.85 -151.54 -13.71
N ASN EB 388 7.59 -151.43 -13.27
CA ASN EB 388 6.65 -152.56 -13.26
C ASN EB 388 6.26 -153.02 -14.69
N VAL EB 389 6.12 -152.08 -15.64
CA VAL EB 389 5.98 -152.39 -17.07
C VAL EB 389 7.24 -153.09 -17.62
N LYS EB 390 8.44 -152.63 -17.24
CA LYS EB 390 9.70 -153.29 -17.60
C LYS EB 390 9.85 -154.69 -16.97
N MET EB 391 9.30 -154.93 -15.78
CA MET EB 391 9.26 -156.25 -15.14
C MET EB 391 8.34 -157.22 -15.89
N ALA EB 392 7.24 -156.75 -16.48
CA ALA EB 392 6.42 -157.56 -17.38
C ALA EB 392 7.15 -157.91 -18.70
N LEU EB 393 7.97 -157.00 -19.22
CA LEU EB 393 8.89 -157.31 -20.34
C LEU EB 393 9.98 -158.34 -19.95
N ASP EB 394 10.36 -158.48 -18.68
CA ASP EB 394 11.25 -159.56 -18.24
C ASP EB 394 10.54 -160.93 -18.14
N ILE EB 395 9.21 -160.95 -17.94
CA ILE EB 395 8.39 -162.16 -18.09
C ILE EB 395 8.29 -162.58 -19.57
N GLU EB 396 8.27 -161.62 -20.51
CA GLU EB 396 8.39 -161.88 -21.95
C GLU EB 396 9.79 -162.42 -22.34
N ILE EB 397 10.87 -161.83 -21.79
CA ILE EB 397 12.25 -162.33 -21.97
C ILE EB 397 12.43 -163.75 -21.39
N ARG FB 186 33.73 126.78 93.47
CA ARG FB 186 34.32 126.39 92.18
C ARG FB 186 35.27 125.21 92.24
N GLU FB 187 36.06 125.04 93.30
CA GLU FB 187 37.05 123.96 93.45
C GLU FB 187 36.36 122.58 93.34
N LYS FB 188 35.35 122.40 94.19
CA LYS FB 188 34.27 121.40 94.08
C LYS FB 188 33.68 121.22 92.68
N LEU FB 189 33.12 122.29 92.10
CA LEU FB 189 32.43 122.20 90.80
C LEU FB 189 33.36 121.93 89.61
N GLN FB 190 34.65 122.30 89.71
CA GLN FB 190 35.65 122.11 88.66
C GLN FB 190 36.22 120.70 88.69
N GLU FB 191 36.49 120.15 89.87
CA GLU FB 191 36.88 118.76 90.06
C GLU FB 191 35.74 117.78 89.71
N GLU FB 192 34.50 118.12 90.06
CA GLU FB 192 33.31 117.40 89.55
C GLU FB 192 33.16 117.54 88.03
N MET FB 193 33.46 118.69 87.44
CA MET FB 193 33.42 118.87 85.98
C MET FB 193 34.47 118.03 85.24
N LEU FB 194 35.66 117.84 85.82
CA LEU FB 194 36.71 116.99 85.25
C LEU FB 194 36.27 115.52 85.16
N GLN FB 195 35.77 114.97 86.27
CA GLN FB 195 35.18 113.63 86.26
C GLN FB 195 33.98 113.53 85.30
N ARG FB 196 33.08 114.53 85.29
CA ARG FB 196 31.85 114.52 84.49
C ARG FB 196 32.13 114.46 82.98
N GLU FB 197 33.28 114.94 82.51
CA GLU FB 197 33.64 114.96 81.08
C GLU FB 197 34.25 113.64 80.57
N GLU FB 198 34.98 112.87 81.40
CA GLU FB 198 35.30 111.45 81.12
C GLU FB 198 34.05 110.56 81.25
N ALA FB 199 33.29 110.77 82.33
CA ALA FB 199 32.13 109.97 82.72
C ALA FB 199 30.93 110.02 81.73
N GLU FB 200 30.99 110.80 80.66
CA GLU FB 200 29.98 110.81 79.58
C GLU FB 200 29.90 109.46 78.85
N ASN FB 201 31.06 108.92 78.47
CA ASN FB 201 31.14 107.80 77.52
C ASN FB 201 31.39 106.46 78.22
N THR FB 202 32.17 106.47 79.31
CA THR FB 202 32.49 105.28 80.11
C THR FB 202 31.24 104.62 80.71
N LEU FB 203 30.22 105.41 81.09
CA LEU FB 203 28.91 104.90 81.52
C LEU FB 203 28.12 104.11 80.44
N GLN FB 204 28.37 104.34 79.15
CA GLN FB 204 27.82 103.49 78.08
C GLN FB 204 28.67 102.25 77.79
N SER FB 205 29.99 102.33 78.04
CA SER FB 205 30.91 101.19 78.03
C SER FB 205 30.57 100.21 79.17
N PHE FB 206 30.42 100.73 80.40
CA PHE FB 206 30.11 99.96 81.62
C PHE FB 206 28.88 99.07 81.48
N ARG FB 207 27.84 99.61 80.84
CA ARG FB 207 26.55 98.94 80.64
C ARG FB 207 26.58 97.95 79.48
N GLN FB 208 27.36 98.20 78.42
CA GLN FB 208 27.70 97.21 77.39
C GLN FB 208 28.59 96.07 77.93
N ASP FB 209 29.52 96.36 78.85
CA ASP FB 209 30.33 95.34 79.53
C ASP FB 209 29.49 94.41 80.43
N VAL FB 210 28.50 94.96 81.14
CA VAL FB 210 27.51 94.20 81.93
C VAL FB 210 26.51 93.46 81.04
N ASP FB 211 26.12 94.01 79.89
CA ASP FB 211 25.32 93.31 78.87
C ASP FB 211 26.07 92.13 78.25
N ASN FB 212 27.35 92.26 77.90
CA ASN FB 212 28.19 91.17 77.35
C ASN FB 212 28.36 90.01 78.34
N ALA FB 213 28.61 90.30 79.61
CA ALA FB 213 28.60 89.29 80.67
C ALA FB 213 27.22 88.65 80.89
N SER FB 214 26.15 89.38 80.59
CA SER FB 214 24.79 88.84 80.68
C SER FB 214 24.45 87.97 79.47
N LEU FB 215 24.98 88.25 78.27
CA LEU FB 215 24.93 87.37 77.10
C LEU FB 215 25.66 86.04 77.33
N ALA FB 216 26.84 86.07 77.96
CA ALA FB 216 27.55 84.86 78.37
C ALA FB 216 26.73 83.99 79.34
N ARG FB 217 26.23 84.60 80.43
CA ARG FB 217 25.45 83.89 81.46
C ARG FB 217 24.10 83.37 80.94
N LEU FB 218 23.52 84.03 79.94
CA LEU FB 218 22.21 83.73 79.33
C LEU FB 218 22.18 82.42 78.52
N ASP FB 219 23.28 81.97 77.93
CA ASP FB 219 23.31 80.69 77.21
C ASP FB 219 23.18 79.50 78.16
N LEU FB 220 23.88 79.55 79.28
CA LEU FB 220 23.88 78.51 80.30
C LEU FB 220 22.60 78.49 81.15
N GLU FB 221 21.93 79.64 81.31
CA GLU FB 221 20.57 79.73 81.88
C GLU FB 221 19.55 78.99 81.00
N ARG FB 222 19.44 79.39 79.72
CA ARG FB 222 18.48 78.80 78.78
C ARG FB 222 18.77 77.32 78.51
N LYS FB 223 20.04 76.93 78.53
CA LYS FB 223 20.46 75.53 78.44
C LYS FB 223 20.05 74.72 79.67
N VAL FB 224 20.38 75.15 80.89
CA VAL FB 224 20.04 74.34 82.08
C VAL FB 224 18.54 74.29 82.37
N GLU FB 225 17.76 75.29 81.93
CA GLU FB 225 16.29 75.21 81.85
C GLU FB 225 15.83 74.10 80.88
N SER FB 226 16.28 74.17 79.62
CA SER FB 226 15.89 73.23 78.57
C SER FB 226 16.32 71.78 78.88
N LEU FB 227 17.46 71.59 79.54
CA LEU FB 227 18.04 70.28 79.81
C LEU FB 227 17.32 69.53 80.96
N GLN FB 228 16.46 70.19 81.74
CA GLN FB 228 15.50 69.51 82.61
C GLN FB 228 14.45 68.72 81.82
N GLU FB 229 13.97 69.27 80.70
CA GLU FB 229 13.09 68.51 79.78
C GLU FB 229 13.87 67.40 79.05
N GLU FB 230 15.12 67.63 78.66
CA GLU FB 230 15.94 66.60 77.99
C GLU FB 230 16.30 65.40 78.90
N ILE FB 231 16.42 65.57 80.22
CA ILE FB 231 16.47 64.43 81.16
C ILE FB 231 15.11 63.69 81.20
N ALA FB 232 14.01 64.44 81.30
CA ALA FB 232 12.66 63.88 81.38
C ALA FB 232 12.24 63.14 80.08
N PHE FB 233 12.84 63.49 78.95
CA PHE FB 233 12.80 62.72 77.71
C PHE FB 233 13.79 61.53 77.74
N LEU FB 234 15.03 61.73 78.20
CA LEU FB 234 16.09 60.69 78.21
C LEU FB 234 15.63 59.40 78.84
N LYS FB 235 15.07 59.48 80.05
CA LYS FB 235 14.68 58.29 80.80
C LYS FB 235 13.72 57.42 80.00
N LYS FB 236 12.73 58.04 79.37
CA LYS FB 236 11.66 57.37 78.63
C LYS FB 236 12.17 56.74 77.35
N LEU FB 237 12.76 57.56 76.49
CA LEU FB 237 13.17 57.13 75.15
C LEU FB 237 14.37 56.15 75.19
N HIS FB 238 15.14 56.13 76.28
CA HIS FB 238 16.08 55.05 76.59
C HIS FB 238 15.41 53.76 77.06
N GLU FB 239 14.49 53.84 78.02
CA GLU FB 239 13.81 52.66 78.57
C GLU FB 239 12.78 52.06 77.60
N GLU FB 240 12.28 52.86 76.66
CA GLU FB 240 11.46 52.47 75.51
C GLU FB 240 12.34 51.76 74.44
N GLU FB 241 13.48 52.35 74.06
CA GLU FB 241 14.49 51.74 73.16
C GLU FB 241 15.01 50.38 73.66
N ILE FB 242 15.49 50.29 74.90
CA ILE FB 242 16.02 49.03 75.46
C ILE FB 242 14.93 47.95 75.55
N GLN FB 243 13.66 48.32 75.74
CA GLN FB 243 12.57 47.33 75.85
C GLN FB 243 12.07 46.83 74.49
N GLU FB 244 11.99 47.68 73.46
CA GLU FB 244 11.67 47.24 72.10
C GLU FB 244 12.82 46.42 71.48
N LEU FB 245 14.09 46.80 71.75
CA LEU FB 245 15.28 46.00 71.40
C LEU FB 245 15.30 44.62 72.12
N GLN FB 246 14.96 44.56 73.41
CA GLN FB 246 14.89 43.28 74.14
C GLN FB 246 13.58 42.49 73.88
N ALA FB 247 12.64 43.03 73.10
CA ALA FB 247 11.55 42.30 72.45
C ALA FB 247 11.98 41.73 71.08
N GLN FB 248 12.73 42.49 70.28
CA GLN FB 248 13.40 42.04 69.04
C GLN FB 248 14.26 40.79 69.29
N ILE FB 249 15.08 40.84 70.36
CA ILE FB 249 16.00 39.74 70.69
C ILE FB 249 15.25 38.46 71.12
N GLN FB 250 13.97 38.56 71.51
CA GLN FB 250 13.08 37.42 71.76
C GLN FB 250 12.35 36.95 70.49
N GLU FB 251 11.90 37.86 69.62
CA GLU FB 251 11.31 37.53 68.29
C GLU FB 251 12.36 36.96 67.30
N GLN FB 252 13.65 37.01 67.64
CA GLN FB 252 14.76 36.44 66.86
C GLN FB 252 14.67 34.92 66.57
N HIS FB 253 13.74 34.15 67.17
CA HIS FB 253 14.04 32.79 67.67
C HIS FB 253 13.41 31.52 67.00
N VAL FB 254 12.28 30.90 67.45
CA VAL FB 254 11.74 29.64 66.82
C VAL FB 254 10.23 29.27 66.92
N GLN FB 255 9.71 28.83 65.76
CA GLN FB 255 8.62 27.83 65.60
C GLN FB 255 9.03 26.52 64.90
N ILE FB 256 8.21 25.46 65.04
CA ILE FB 256 8.44 24.14 64.39
C ILE FB 256 7.17 23.51 63.78
N ASP FB 257 6.05 23.37 64.52
CA ASP FB 257 4.97 22.37 64.29
C ASP FB 257 5.46 20.92 64.47
N VAL FB 258 4.55 19.94 64.48
CA VAL FB 258 4.78 18.58 64.98
C VAL FB 258 4.06 17.52 64.14
N ASP FB 259 4.67 16.33 64.04
CA ASP FB 259 4.04 15.14 63.43
C ASP FB 259 2.87 14.59 64.26
N VAL FB 260 2.69 15.01 65.52
CA VAL FB 260 1.54 14.59 66.35
C VAL FB 260 0.26 15.39 66.10
N SER FB 261 0.31 16.46 65.29
CA SER FB 261 -0.88 17.22 64.85
C SER FB 261 -1.86 16.39 64.01
N LYS FB 262 -1.40 15.28 63.42
CA LYS FB 262 -2.19 14.15 62.88
C LYS FB 262 -1.34 12.87 63.03
N PRO FB 263 -1.91 11.72 63.45
CA PRO FB 263 -1.11 10.62 63.98
C PRO FB 263 -0.06 10.00 63.05
N ASP FB 264 -0.25 10.04 61.72
CA ASP FB 264 0.54 9.48 60.59
C ASP FB 264 1.07 8.03 60.71
N LEU FB 265 1.74 7.66 61.80
CA LEU FB 265 2.16 6.31 62.25
C LEU FB 265 1.06 5.23 62.17
N THR FB 266 -0.22 5.59 62.32
CA THR FB 266 -1.34 4.64 62.16
C THR FB 266 -1.42 4.06 60.73
N ALA FB 267 -0.88 4.75 59.73
CA ALA FB 267 -0.69 4.19 58.39
C ALA FB 267 0.38 3.10 58.36
N ALA FB 268 1.57 3.36 58.92
CA ALA FB 268 2.66 2.37 59.01
C ALA FB 268 2.26 1.08 59.77
N LEU FB 269 1.43 1.20 60.81
CA LEU FB 269 0.85 0.05 61.54
C LEU FB 269 -0.18 -0.75 60.70
N ARG FB 270 -0.91 -0.12 59.78
CA ARG FB 270 -1.74 -0.80 58.78
C ARG FB 270 -0.92 -1.46 57.67
N ASP FB 271 0.24 -0.92 57.32
CA ASP FB 271 1.12 -1.51 56.30
C ASP FB 271 1.87 -2.75 56.82
N VAL FB 272 2.23 -2.75 58.11
CA VAL FB 272 2.65 -3.97 58.84
C VAL FB 272 1.52 -5.02 58.88
N ARG FB 273 0.26 -4.60 59.02
CA ARG FB 273 -0.89 -5.51 58.96
C ARG FB 273 -1.15 -6.07 57.55
N GLN FB 274 -1.01 -5.24 56.50
CA GLN FB 274 -1.11 -5.66 55.11
C GLN FB 274 0.06 -6.56 54.67
N GLN FB 275 1.26 -6.38 55.24
CA GLN FB 275 2.38 -7.32 55.12
C GLN FB 275 2.03 -8.68 55.74
N TYR FB 276 1.49 -8.70 56.96
CA TYR FB 276 1.05 -9.93 57.62
C TYR FB 276 -0.04 -10.66 56.83
N GLU FB 277 -1.04 -9.95 56.30
CA GLU FB 277 -2.12 -10.54 55.50
C GLU FB 277 -1.65 -11.03 54.11
N SER FB 278 -0.67 -10.35 53.51
CA SER FB 278 -0.02 -10.79 52.26
C SER FB 278 0.84 -12.04 52.47
N VAL FB 279 1.70 -12.04 53.48
CA VAL FB 279 2.55 -13.19 53.82
C VAL FB 279 1.71 -14.39 54.26
N ALA FB 280 0.64 -14.19 55.03
CA ALA FB 280 -0.31 -15.26 55.37
C ALA FB 280 -0.99 -15.86 54.14
N ALA FB 281 -1.37 -15.05 53.14
CA ALA FB 281 -1.91 -15.55 51.88
C ALA FB 281 -0.88 -16.32 51.03
N LYS FB 282 0.38 -15.89 51.00
CA LYS FB 282 1.47 -16.62 50.29
C LYS FB 282 1.88 -17.91 51.00
N ASN FB 283 1.82 -17.96 52.33
CA ASN FB 283 2.02 -19.20 53.10
C ASN FB 283 0.92 -20.25 52.82
N LEU FB 284 -0.32 -19.81 52.54
CA LEU FB 284 -1.39 -20.70 52.07
C LEU FB 284 -1.14 -21.20 50.64
N GLN FB 285 -0.55 -20.39 49.75
CA GLN FB 285 -0.16 -20.83 48.41
C GLN FB 285 1.06 -21.77 48.40
N GLU FB 286 2.01 -21.62 49.32
CA GLU FB 286 3.08 -22.62 49.53
C GLU FB 286 2.50 -23.99 49.92
N ALA FB 287 1.50 -24.01 50.80
CA ALA FB 287 0.77 -25.23 51.15
C ALA FB 287 -0.07 -25.76 49.97
N GLU FB 288 -0.68 -24.88 49.16
CA GLU FB 288 -1.44 -25.26 47.96
C GLU FB 288 -0.58 -25.97 46.91
N GLU FB 289 0.62 -25.46 46.62
CA GLU FB 289 1.60 -26.13 45.74
C GLU FB 289 2.15 -27.44 46.32
N TRP FB 290 2.30 -27.54 47.65
CA TRP FB 290 2.62 -28.82 48.30
C TRP FB 290 1.47 -29.85 48.22
N TYR FB 291 0.21 -29.41 48.34
CA TYR FB 291 -0.94 -30.28 48.08
C TYR FB 291 -1.03 -30.68 46.60
N LYS FB 292 -0.71 -29.79 45.65
CA LYS FB 292 -0.59 -30.14 44.22
C LYS FB 292 0.52 -31.14 43.94
N SER FB 293 1.68 -31.03 44.61
CA SER FB 293 2.77 -32.02 44.53
C SER FB 293 2.30 -33.41 44.95
N LYS FB 294 1.57 -33.48 46.07
CA LYS FB 294 0.92 -34.70 46.55
C LYS FB 294 -0.20 -35.21 45.62
N PHE FB 295 -0.92 -34.33 44.92
CA PHE FB 295 -1.90 -34.73 43.91
C PHE FB 295 -1.23 -35.29 42.65
N ALA FB 296 -0.05 -34.80 42.26
CA ALA FB 296 0.78 -35.39 41.20
C ALA FB 296 1.34 -36.77 41.61
N ASP FB 297 1.84 -36.90 42.85
CA ASP FB 297 2.25 -38.19 43.43
C ASP FB 297 1.13 -39.24 43.37
N LEU FB 298 -0.07 -38.88 43.86
CA LEU FB 298 -1.22 -39.79 43.89
C LEU FB 298 -1.78 -40.13 42.50
N SER FB 299 -1.84 -39.15 41.59
CA SER FB 299 -2.39 -39.35 40.24
C SER FB 299 -1.45 -40.18 39.37
N GLU FB 300 -0.15 -39.91 39.43
CA GLU FB 300 0.85 -40.67 38.69
C GLU FB 300 1.18 -42.02 39.35
N ALA FB 301 0.94 -42.19 40.66
CA ALA FB 301 0.85 -43.52 41.28
C ALA FB 301 -0.36 -44.33 40.78
N ALA FB 302 -1.53 -43.70 40.58
CA ALA FB 302 -2.69 -44.37 40.00
C ALA FB 302 -2.47 -44.76 38.51
N ASN FB 303 -1.78 -43.91 37.73
CA ASN FB 303 -1.34 -44.27 36.38
C ASN FB 303 -0.29 -45.40 36.39
N ARG FB 304 0.68 -45.35 37.31
CA ARG FB 304 1.69 -46.40 37.51
C ARG FB 304 1.07 -47.73 37.94
N ASN FB 305 -0.01 -47.74 38.72
CA ASN FB 305 -0.76 -48.95 39.06
C ASN FB 305 -1.52 -49.54 37.85
N ASN FB 306 -2.09 -48.68 36.99
CA ASN FB 306 -2.69 -49.12 35.72
C ASN FB 306 -1.65 -49.65 34.71
N ASP FB 307 -0.40 -49.19 34.77
CA ASP FB 307 0.72 -49.71 33.97
C ASP FB 307 1.39 -50.95 34.56
N ALA FB 308 1.47 -51.05 35.89
CA ALA FB 308 1.86 -52.27 36.60
C ALA FB 308 0.86 -53.42 36.37
N LEU FB 309 -0.44 -53.10 36.18
CA LEU FB 309 -1.44 -54.08 35.74
C LEU FB 309 -1.25 -54.54 34.28
N ARG FB 310 -0.66 -53.71 33.40
CA ARG FB 310 -0.29 -54.09 32.02
C ARG FB 310 1.00 -54.93 32.00
N GLN FB 311 1.95 -54.59 32.87
CA GLN FB 311 3.24 -55.24 33.10
C GLN FB 311 3.09 -56.66 33.69
N ALA FB 312 2.33 -56.77 34.78
CA ALA FB 312 1.94 -58.04 35.39
C ALA FB 312 1.06 -58.91 34.48
N LYS FB 313 0.32 -58.32 33.53
CA LYS FB 313 -0.41 -59.06 32.48
C LYS FB 313 0.51 -59.53 31.35
N GLN FB 314 1.59 -58.81 31.04
CA GLN FB 314 2.64 -59.24 30.12
C GLN FB 314 3.45 -60.41 30.68
N GLU FB 315 3.80 -60.35 31.97
CA GLU FB 315 4.48 -61.41 32.72
C GLU FB 315 3.57 -62.61 32.98
N SER FB 316 2.27 -62.38 33.21
CA SER FB 316 1.24 -63.44 33.20
C SER FB 316 1.06 -64.10 31.83
N THR FB 317 1.44 -63.43 30.73
CA THR FB 317 1.40 -64.01 29.39
C THR FB 317 2.65 -64.82 29.09
N GLU FB 318 3.79 -64.47 29.70
CA GLU FB 318 5.06 -65.19 29.66
C GLU FB 318 4.96 -66.60 30.23
N TYR FB 319 4.56 -66.68 31.51
CA TYR FB 319 4.43 -67.93 32.24
C TYR FB 319 3.36 -68.85 31.63
N ARG FB 320 2.24 -68.28 31.17
CA ARG FB 320 1.17 -69.05 30.50
C ARG FB 320 1.65 -69.67 29.19
N ARG FB 321 2.27 -68.88 28.31
CA ARG FB 321 2.81 -69.39 27.03
C ARG FB 321 3.85 -70.46 27.25
N GLN FB 322 4.82 -70.23 28.14
CA GLN FB 322 5.89 -71.19 28.41
C GLN FB 322 5.34 -72.51 28.97
N VAL FB 323 4.50 -72.46 30.01
CA VAL FB 323 3.89 -73.66 30.61
C VAL FB 323 2.96 -74.40 29.65
N GLN FB 324 2.16 -73.68 28.85
CA GLN FB 324 1.29 -74.28 27.85
C GLN FB 324 2.08 -74.95 26.71
N SER FB 325 3.19 -74.35 26.28
CA SER FB 325 4.01 -74.87 25.18
C SER FB 325 4.87 -76.06 25.61
N LEU FB 326 5.44 -76.02 26.83
CA LEU FB 326 6.09 -77.16 27.48
C LEU FB 326 5.12 -78.33 27.73
N THR FB 327 3.84 -78.05 28.02
CA THR FB 327 2.81 -79.10 28.13
C THR FB 327 2.55 -79.76 26.77
N CYS FB 328 2.47 -78.96 25.71
CA CYS FB 328 2.31 -79.46 24.34
C CYS FB 328 3.56 -80.19 23.80
N GLU FB 329 4.77 -79.88 24.29
CA GLU FB 329 5.98 -80.66 24.00
C GLU FB 329 5.94 -82.06 24.61
N VAL FB 330 5.49 -82.17 25.87
CA VAL FB 330 5.24 -83.47 26.51
C VAL FB 330 4.12 -84.24 25.80
N ASP FB 331 3.10 -83.55 25.30
CA ASP FB 331 2.03 -84.16 24.49
C ASP FB 331 2.52 -84.66 23.11
N ALA FB 332 3.39 -83.92 22.41
CA ALA FB 332 4.00 -84.35 21.15
C ALA FB 332 5.02 -85.49 21.32
N LEU FB 333 5.78 -85.50 22.42
CA LEU FB 333 6.71 -86.61 22.73
C LEU FB 333 5.96 -87.88 23.20
N LYS FB 334 4.76 -87.76 23.79
CA LYS FB 334 3.85 -88.90 23.95
C LYS FB 334 3.23 -89.34 22.62
N GLY FB 335 2.88 -88.43 21.71
CA GLY FB 335 2.41 -88.77 20.36
C GLY FB 335 3.45 -89.51 19.53
N THR FB 336 4.73 -89.18 19.75
CA THR FB 336 5.88 -89.93 19.24
C THR FB 336 5.96 -91.34 19.83
N ASN FB 337 5.85 -91.48 21.16
CA ASN FB 337 5.87 -92.80 21.81
C ASN FB 337 4.66 -93.67 21.44
N GLU FB 338 3.46 -93.10 21.36
CA GLU FB 338 2.26 -93.82 20.92
C GLU FB 338 2.35 -94.27 19.46
N SER FB 339 3.07 -93.54 18.60
CA SER FB 339 3.28 -93.95 17.20
C SER FB 339 4.18 -95.19 17.11
N LEU FB 340 5.25 -95.23 17.93
CA LEU FB 340 6.11 -96.40 18.06
C LEU FB 340 5.43 -97.60 18.76
N GLU FB 341 4.69 -97.36 19.84
CA GLU FB 341 3.94 -98.41 20.56
C GLU FB 341 2.80 -99.00 19.72
N ARG FB 342 2.23 -98.25 18.77
CA ARG FB 342 1.31 -98.74 17.74
C ARG FB 342 2.03 -99.49 16.62
N GLN FB 343 3.14 -98.96 16.09
CA GLN FB 343 3.92 -99.62 15.03
C GLN FB 343 4.44 -100.99 15.48
N MET FB 344 4.86 -101.11 16.73
CA MET FB 344 5.30 -102.38 17.32
C MET FB 344 4.19 -103.44 17.28
N ARG FB 345 2.92 -103.04 17.44
CA ARG FB 345 1.74 -103.91 17.30
C ARG FB 345 1.34 -104.13 15.84
N GLU FB 346 1.46 -103.14 14.98
CA GLU FB 346 1.17 -103.29 13.54
C GLU FB 346 2.13 -104.25 12.84
N MET FB 347 3.43 -104.21 13.18
CA MET FB 347 4.38 -105.22 12.67
C MET FB 347 4.15 -106.60 13.31
N GLU FB 348 3.80 -106.67 14.60
CA GLU FB 348 3.47 -107.93 15.29
C GLU FB 348 2.22 -108.60 14.71
N GLU FB 349 1.22 -107.81 14.32
CA GLU FB 349 0.01 -108.25 13.61
C GLU FB 349 0.31 -108.65 12.16
N ASN FB 350 1.15 -107.90 11.42
CA ASN FB 350 1.60 -108.28 10.07
C ASN FB 350 2.42 -109.58 10.05
N PHE FB 351 3.31 -109.79 11.03
CA PHE FB 351 4.00 -111.08 11.20
C PHE FB 351 3.02 -112.21 11.56
N ALA FB 352 2.13 -112.01 12.54
CA ALA FB 352 1.27 -113.07 13.07
C ALA FB 352 0.14 -113.48 12.12
N VAL FB 353 -0.53 -112.52 11.46
CA VAL FB 353 -1.66 -112.77 10.56
C VAL FB 353 -1.21 -113.50 9.30
N GLU FB 354 -0.13 -113.06 8.66
CA GLU FB 354 0.38 -113.74 7.47
C GLU FB 354 1.14 -115.03 7.80
N ALA FB 355 1.73 -115.17 8.99
CA ALA FB 355 2.18 -116.48 9.48
C ALA FB 355 1.00 -117.47 9.68
N ALA FB 356 -0.18 -117.01 10.11
CA ALA FB 356 -1.36 -117.86 10.22
C ALA FB 356 -1.98 -118.21 8.86
N ASN FB 357 -2.02 -117.27 7.91
CA ASN FB 357 -2.48 -117.51 6.53
C ASN FB 357 -1.59 -118.54 5.79
N TYR FB 358 -0.27 -118.40 5.94
CA TYR FB 358 0.68 -119.37 5.40
C TYR FB 358 0.80 -120.66 6.22
N GLN FB 359 0.42 -120.71 7.51
CA GLN FB 359 0.46 -121.95 8.30
C GLN FB 359 -0.43 -123.03 7.69
N ASP FB 360 -1.70 -122.73 7.42
CA ASP FB 360 -2.61 -123.70 6.80
C ASP FB 360 -2.24 -123.99 5.34
N THR FB 361 -1.65 -123.04 4.62
CA THR FB 361 -1.26 -123.24 3.21
C THR FB 361 -0.05 -124.17 3.08
N ILE FB 362 1.00 -123.91 3.88
CA ILE FB 362 2.18 -124.77 4.04
C ILE FB 362 1.80 -126.15 4.61
N GLY FB 363 0.87 -126.19 5.56
CA GLY FB 363 0.40 -127.41 6.21
C GLY FB 363 -0.37 -128.32 5.26
N ARG FB 364 -1.34 -127.76 4.52
CA ARG FB 364 -2.11 -128.48 3.50
C ARG FB 364 -1.23 -128.96 2.34
N LEU FB 365 -0.25 -128.17 1.92
CA LEU FB 365 0.72 -128.61 0.89
C LEU FB 365 1.70 -129.69 1.39
N GLN FB 366 2.03 -129.72 2.69
CA GLN FB 366 2.76 -130.85 3.29
C GLN FB 366 1.90 -132.12 3.42
N ASP FB 367 0.60 -131.99 3.69
CA ASP FB 367 -0.35 -133.11 3.65
C ASP FB 367 -0.64 -133.60 2.23
N GLU FB 368 -0.62 -132.73 1.20
CA GLU FB 368 -0.69 -133.18 -0.20
C GLU FB 368 0.59 -133.89 -0.69
N ILE FB 369 1.77 -133.58 -0.15
CA ILE FB 369 2.99 -134.41 -0.36
C ILE FB 369 2.81 -135.82 0.25
N GLN FB 370 2.04 -135.96 1.34
CA GLN FB 370 1.79 -137.24 2.01
C GLN FB 370 0.64 -138.03 1.34
N ASN FB 371 -0.46 -137.36 1.02
CA ASN FB 371 -1.58 -137.90 0.25
C ASN FB 371 -1.17 -138.32 -1.15
N MET FB 372 -0.20 -137.62 -1.77
CA MET FB 372 0.40 -138.04 -3.04
C MET FB 372 1.25 -139.30 -2.91
N LYS FB 373 2.04 -139.48 -1.84
CA LYS FB 373 2.79 -140.72 -1.60
C LYS FB 373 1.88 -141.92 -1.39
N GLU FB 374 0.74 -141.73 -0.73
CA GLU FB 374 -0.26 -142.77 -0.51
C GLU FB 374 -1.20 -143.00 -1.71
N GLU FB 375 -1.44 -141.98 -2.53
CA GLU FB 375 -2.10 -142.12 -3.84
C GLU FB 375 -1.22 -142.87 -4.84
N MET FB 376 0.08 -142.64 -4.79
CA MET FB 376 1.08 -143.45 -5.48
C MET FB 376 1.21 -144.87 -4.91
N ALA FB 377 1.03 -145.08 -3.61
CA ALA FB 377 0.91 -146.42 -3.01
C ALA FB 377 -0.38 -147.15 -3.43
N ARG FB 378 -1.47 -146.41 -3.69
CA ARG FB 378 -2.70 -146.93 -4.31
C ARG FB 378 -2.55 -147.21 -5.81
N HIS FB 379 -1.76 -146.41 -6.55
CA HIS FB 379 -1.47 -146.66 -7.97
C HIS FB 379 -0.57 -147.89 -8.18
N LEU FB 380 0.30 -148.20 -7.21
CA LEU FB 380 1.00 -149.50 -7.14
C LEU FB 380 0.08 -150.71 -6.87
N ARG FB 381 -1.18 -150.52 -6.44
CA ARG FB 381 -2.20 -151.57 -6.32
C ARG FB 381 -3.13 -151.63 -7.54
N GLU FB 382 -3.45 -150.48 -8.13
CA GLU FB 382 -4.12 -150.40 -9.44
C GLU FB 382 -3.28 -151.06 -10.55
N TYR FB 383 -1.97 -150.79 -10.56
CA TYR FB 383 -1.01 -151.51 -11.40
C TYR FB 383 -0.76 -152.96 -10.98
N GLN FB 384 -0.99 -153.38 -9.74
CA GLN FB 384 -0.98 -154.80 -9.38
C GLN FB 384 -2.18 -155.54 -10.00
N ASP FB 385 -3.35 -154.92 -10.01
CA ASP FB 385 -4.56 -155.51 -10.60
C ASP FB 385 -4.58 -155.47 -12.14
N LEU FB 386 -3.98 -154.43 -12.74
CA LEU FB 386 -3.61 -154.44 -14.16
C LEU FB 386 -2.52 -155.49 -14.48
N LEU FB 387 -1.55 -155.70 -13.58
CA LEU FB 387 -0.50 -156.71 -13.77
C LEU FB 387 -1.04 -158.14 -13.68
N ASN FB 388 -2.12 -158.40 -12.96
CA ASN FB 388 -2.82 -159.70 -13.02
C ASN FB 388 -3.35 -159.99 -14.44
N VAL FB 389 -3.89 -158.98 -15.14
CA VAL FB 389 -4.35 -159.09 -16.54
C VAL FB 389 -3.17 -159.16 -17.53
N LYS FB 390 -2.10 -158.39 -17.29
CA LYS FB 390 -0.87 -158.46 -18.11
C LYS FB 390 -0.19 -159.83 -18.02
N MET FB 391 -0.08 -160.41 -16.82
CA MET FB 391 0.45 -161.77 -16.63
C MET FB 391 -0.46 -162.85 -17.25
N ALA FB 392 -1.77 -162.62 -17.37
CA ALA FB 392 -2.66 -163.49 -18.13
C ALA FB 392 -2.37 -163.43 -19.64
N LEU FB 393 -2.15 -162.24 -20.21
CA LEU FB 393 -1.68 -162.08 -21.59
C LEU FB 393 -0.28 -162.70 -21.82
N ASP FB 394 0.61 -162.65 -20.83
CA ASP FB 394 1.94 -163.25 -20.90
C ASP FB 394 1.90 -164.79 -20.84
N MET GB 1 -9.50 121.88 69.76
CA MET GB 1 -8.39 121.28 68.99
C MET GB 1 -8.62 119.77 68.90
N SER GB 2 -8.25 119.13 67.79
CA SER GB 2 -8.37 117.68 67.60
C SER GB 2 -7.16 117.16 66.81
N THR GB 3 -6.42 116.22 67.39
CA THR GB 3 -5.16 115.73 66.81
C THR GB 3 -5.41 114.93 65.53
N ARG GB 4 -5.02 115.49 64.37
CA ARG GB 4 -5.05 114.83 63.04
C ARG GB 4 -4.05 113.67 62.95
N SER GB 5 -4.35 112.56 63.62
CA SER GB 5 -3.50 111.38 63.70
C SER GB 5 -3.67 110.50 62.46
N VAL GB 6 -2.79 110.66 61.47
CA VAL GB 6 -2.61 109.74 60.33
C VAL GB 6 -1.89 108.46 60.79
N SER GB 7 -2.55 107.75 61.71
CA SER GB 7 -1.95 106.69 62.54
C SER GB 7 -1.47 105.50 61.72
N SER GB 8 -0.57 104.71 62.32
CA SER GB 8 -0.64 103.26 62.10
C SER GB 8 -1.89 102.69 62.79
N SER GB 9 -2.87 102.38 61.96
CA SER GB 9 -4.24 102.14 62.37
C SER GB 9 -4.33 100.91 63.28
N SER GB 10 -5.23 100.97 64.26
CA SER GB 10 -5.40 99.96 65.32
C SER GB 10 -5.92 98.59 64.85
N TYR GB 11 -5.89 98.32 63.54
CA TYR GB 11 -6.11 97.00 62.94
C TYR GB 11 -4.85 96.36 62.36
N ARG GB 12 -3.71 97.08 62.26
CA ARG GB 12 -2.41 96.51 61.84
C ARG GB 12 -1.17 97.00 62.58
N ARG GB 13 -1.24 98.05 63.40
CA ARG GB 13 -0.11 98.52 64.23
C ARG GB 13 0.50 97.42 65.10
N MET GB 14 -0.32 96.72 65.87
CA MET GB 14 0.09 95.60 66.73
C MET GB 14 -0.05 94.23 66.04
N PHE GB 15 -0.23 94.19 64.71
CA PHE GB 15 -0.64 92.97 63.97
C PHE GB 15 0.14 92.75 62.66
N GLY GB 16 1.33 93.33 62.51
CA GLY GB 16 2.35 92.97 61.51
C GLY GB 16 1.87 92.71 60.07
N GLY GB 17 0.97 93.57 59.55
CA GLY GB 17 0.24 93.32 58.30
C GLY GB 17 1.04 93.57 57.02
N PRO GB 18 0.68 92.86 55.94
CA PRO GB 18 1.47 92.57 54.74
C PRO GB 18 2.97 92.90 54.73
N GLY GB 19 3.83 92.28 55.57
CA GLY GB 19 3.52 91.57 56.81
C GLY GB 19 3.89 90.08 56.90
N THR GB 20 4.46 89.73 58.06
CA THR GB 20 4.68 88.34 58.54
C THR GB 20 3.53 87.78 59.39
N ALA GB 21 2.58 88.61 59.84
CA ALA GB 21 1.34 88.14 60.47
C ALA GB 21 0.27 87.69 59.44
N SER GB 22 0.30 88.27 58.23
CA SER GB 22 -0.26 87.67 57.01
C SER GB 22 0.55 86.47 56.47
N ARG GB 23 1.60 86.07 57.19
CA ARG GB 23 2.24 84.74 57.20
C ARG GB 23 2.44 84.11 55.80
N PRO GB 24 3.46 84.57 55.05
CA PRO GB 24 3.99 83.86 53.88
C PRO GB 24 4.70 82.56 54.29
N SER GB 25 3.93 81.56 54.71
CA SER GB 25 4.30 80.22 55.18
C SER GB 25 4.84 79.30 54.08
N SER GB 26 5.39 79.88 53.00
CA SER GB 26 5.79 79.20 51.78
C SER GB 26 7.15 78.50 51.91
N SER GB 27 7.23 77.47 52.76
CA SER GB 27 8.30 76.45 52.64
C SER GB 27 8.19 75.75 51.29
N ARG GB 28 9.20 75.94 50.43
CA ARG GB 28 9.12 75.64 48.98
C ARG GB 28 9.47 74.18 48.65
N SER GB 29 8.82 73.23 49.31
CA SER GB 29 8.93 71.80 48.95
C SER GB 29 8.45 71.57 47.51
N TYR GB 30 9.36 71.24 46.59
CA TYR GB 30 9.00 70.91 45.21
C TYR GB 30 8.31 69.54 45.13
N VAL GB 31 7.10 69.50 44.54
CA VAL GB 31 6.25 68.31 44.46
C VAL GB 31 6.77 67.34 43.40
N THR GB 32 7.86 66.66 43.73
CA THR GB 32 8.64 65.79 42.83
C THR GB 32 7.82 64.56 42.41
N THR GB 33 7.11 64.67 41.29
CA THR GB 33 6.27 63.58 40.76
C THR GB 33 7.16 62.51 40.09
N SER GB 34 7.71 61.63 40.91
CA SER GB 34 8.77 60.68 40.50
C SER GB 34 8.35 59.77 39.34
N THR GB 35 8.95 60.01 38.17
CA THR GB 35 8.67 59.25 36.93
C THR GB 35 9.45 57.95 36.90
N ARG GB 36 8.75 56.80 37.02
CA ARG GB 36 9.35 55.47 36.83
C ARG GB 36 9.08 54.92 35.43
N THR GB 37 10.05 54.19 34.87
CA THR GB 37 9.97 53.48 33.59
C THR GB 37 9.26 52.11 33.72
N TYR GB 38 8.04 52.08 34.29
CA TYR GB 38 7.34 50.82 34.56
C TYR GB 38 5.81 50.86 34.35
N SER GB 39 5.34 50.10 33.35
CA SER GB 39 3.96 49.64 33.21
C SER GB 39 3.72 48.41 34.10
N LEU GB 40 2.56 48.34 34.77
CA LEU GB 40 2.32 47.34 35.81
C LEU GB 40 2.24 45.92 35.21
N GLY GB 41 3.05 45.00 35.72
CA GLY GB 41 3.17 43.61 35.24
C GLY GB 41 4.14 43.41 34.07
N SER GB 42 4.77 44.46 33.54
CA SER GB 42 5.64 44.35 32.35
C SER GB 42 6.95 43.59 32.59
N ALA GB 43 7.39 43.44 33.85
CA ALA GB 43 8.62 42.74 34.21
C ALA GB 43 8.58 41.21 33.96
N LEU GB 44 7.40 40.59 34.03
CA LEU GB 44 7.25 39.15 33.81
C LEU GB 44 5.92 38.83 33.12
N ARG GB 45 6.05 38.31 31.89
CA ARG GB 45 5.01 37.54 31.19
C ARG GB 45 5.56 36.13 30.94
N PRO GB 46 5.22 35.13 31.78
CA PRO GB 46 5.80 33.79 31.69
C PRO GB 46 5.38 33.12 30.37
N SER GB 47 6.31 33.06 29.42
CA SER GB 47 6.00 32.73 28.02
C SER GB 47 5.97 31.21 27.80
N THR GB 48 4.79 30.61 27.97
CA THR GB 48 4.53 29.19 27.65
C THR GB 48 4.39 28.93 26.14
N SER GB 49 4.64 29.95 25.31
CA SER GB 49 4.89 29.81 23.88
C SER GB 49 6.17 29.01 23.62
N ARG GB 50 6.00 27.71 23.42
CA ARG GB 50 7.02 26.71 23.02
C ARG GB 50 6.40 25.76 21.99
N SER GB 51 5.86 26.36 20.92
CA SER GB 51 4.98 25.74 19.91
C SER GB 51 5.66 24.66 19.05
N LEU GB 52 6.09 23.58 19.69
CA LEU GB 52 6.80 22.46 19.07
C LEU GB 52 5.81 21.41 18.53
N TYR GB 53 6.04 20.94 17.30
CA TYR GB 53 5.34 19.78 16.72
C TYR GB 53 6.33 18.69 16.32
N ALA GB 54 6.33 17.58 17.05
CA ALA GB 54 7.09 16.37 16.72
C ALA GB 54 6.13 15.26 16.23
N SER GB 55 5.72 15.34 14.96
CA SER GB 55 4.93 14.31 14.27
C SER GB 55 5.72 13.03 13.92
N SER GB 56 7.00 12.95 14.33
CA SER GB 56 7.96 11.95 13.85
C SER GB 56 7.50 10.50 14.14
N PRO GB 57 7.50 9.61 13.13
CA PRO GB 57 7.13 8.20 13.31
C PRO GB 57 8.25 7.42 13.98
N GLY GB 58 8.19 7.29 15.32
CA GLY GB 58 9.13 6.45 16.08
C GLY GB 58 8.97 4.94 15.85
N GLY GB 59 7.83 4.50 15.30
CA GLY GB 59 7.58 3.09 14.96
C GLY GB 59 8.06 2.72 13.56
N VAL GB 60 9.13 1.92 13.48
CA VAL GB 60 9.64 1.32 12.23
C VAL GB 60 9.11 -0.11 12.08
N TYR GB 61 8.75 -0.52 10.85
CA TYR GB 61 8.27 -1.89 10.61
C TYR GB 61 9.43 -2.92 10.64
N ALA GB 62 9.54 -3.62 11.76
CA ALA GB 62 10.44 -4.77 11.96
C ALA GB 62 10.08 -5.94 11.03
N THR GB 63 10.59 -5.88 9.80
CA THR GB 63 10.05 -6.61 8.65
C THR GB 63 10.20 -8.11 8.79
N ARG GB 64 9.07 -8.81 8.93
CA ARG GB 64 8.99 -10.27 8.95
C ARG GB 64 8.77 -10.81 7.55
N SER GB 65 9.41 -11.94 7.23
CA SER GB 65 9.12 -12.75 6.04
C SER GB 65 8.91 -14.22 6.43
N SER GB 66 7.99 -14.89 5.73
CA SER GB 66 7.80 -16.34 5.83
C SER GB 66 7.16 -16.88 4.55
N ALA GB 67 7.90 -16.81 3.44
CA ALA GB 67 7.64 -17.60 2.24
C ALA GB 67 7.44 -19.09 2.58
N VAL GB 68 6.69 -19.83 1.75
CA VAL GB 68 6.13 -21.15 2.10
C VAL GB 68 7.18 -22.27 2.12
N ARG GB 69 8.01 -22.26 3.18
CA ARG GB 69 8.59 -23.39 3.92
C ARG GB 69 8.27 -24.76 3.31
N LEU GB 70 9.08 -25.14 2.31
CA LEU GB 70 8.94 -26.38 1.54
C LEU GB 70 9.30 -27.61 2.38
N ARG GB 71 9.26 -28.80 1.75
CA ARG GB 71 9.69 -30.08 2.35
C ARG GB 71 11.15 -30.02 2.79
N SER GB 72 11.37 -29.62 4.03
CA SER GB 72 12.68 -29.63 4.70
C SER GB 72 13.02 -31.04 5.20
N SER GB 73 12.90 -32.03 4.30
CA SER GB 73 13.36 -33.41 4.51
C SER GB 73 14.87 -33.57 4.28
N VAL GB 74 15.57 -32.49 3.90
CA VAL GB 74 17.03 -32.37 4.01
C VAL GB 74 17.40 -32.30 5.50
N PRO GB 75 18.13 -33.28 6.07
CA PRO GB 75 18.38 -33.36 7.51
C PRO GB 75 19.54 -32.48 8.00
N GLY GB 76 20.27 -31.80 7.10
CA GLY GB 76 21.55 -31.13 7.38
C GLY GB 76 21.49 -29.86 8.24
N VAL GB 77 20.41 -29.66 9.01
CA VAL GB 77 20.26 -28.52 9.93
C VAL GB 77 21.00 -28.85 11.24
N ARG GB 78 22.28 -28.48 11.35
CA ARG GB 78 23.03 -28.60 12.62
C ARG GB 78 22.35 -27.77 13.71
N LEU GB 79 22.42 -28.24 14.95
CA LEU GB 79 22.05 -27.45 16.12
C LEU GB 79 23.21 -26.50 16.51
N LEU GB 80 22.85 -25.26 16.85
CA LEU GB 80 23.63 -24.28 17.62
C LEU GB 80 22.62 -23.52 18.50
N GLN GB 81 23.01 -23.10 19.70
CA GLN GB 81 22.10 -22.57 20.74
C GLN GB 81 22.76 -21.39 21.49
N ASP GB 82 23.35 -20.50 20.70
CA ASP GB 82 24.33 -19.51 21.13
C ASP GB 82 23.61 -18.25 21.65
N SER GB 83 23.69 -17.97 22.96
CA SER GB 83 23.01 -16.85 23.62
C SER GB 83 23.65 -16.51 24.97
N VAL GB 84 23.52 -15.30 25.54
CA VAL GB 84 22.67 -14.17 25.11
C VAL GB 84 23.38 -12.80 25.09
N ASP GB 85 24.48 -12.64 25.83
CA ASP GB 85 25.23 -11.39 26.13
C ASP GB 85 25.04 -10.26 25.08
N PHE GB 86 24.26 -9.19 25.34
CA PHE GB 86 23.48 -8.79 26.53
C PHE GB 86 24.22 -8.31 27.80
N SER GB 87 25.55 -8.22 27.82
CA SER GB 87 26.29 -7.50 28.89
C SER GB 87 25.97 -6.00 28.93
N LEU GB 88 25.44 -5.43 27.83
CA LEU GB 88 24.83 -4.10 27.81
C LEU GB 88 23.58 -3.98 28.72
N ALA GB 89 22.80 -5.05 28.91
CA ALA GB 89 21.69 -5.06 29.86
C ALA GB 89 22.18 -5.04 31.33
N ASP GB 90 23.31 -5.69 31.62
CA ASP GB 90 23.95 -5.63 32.95
C ASP GB 90 24.75 -4.34 33.20
N ALA GB 91 25.24 -3.71 32.12
CA ALA GB 91 25.67 -2.32 32.14
C ALA GB 91 24.50 -1.36 32.40
N ILE GB 92 23.33 -1.56 31.79
CA ILE GB 92 22.10 -0.78 32.06
C ILE GB 92 21.56 -1.03 33.48
N ASN GB 93 21.63 -2.25 34.01
CA ASN GB 93 21.31 -2.55 35.41
C ASN GB 93 22.30 -1.86 36.37
N THR GB 94 23.56 -1.73 35.97
CA THR GB 94 24.57 -0.97 36.70
C THR GB 94 24.38 0.54 36.56
N GLU GB 95 23.91 1.04 35.42
CA GLU GB 95 23.48 2.43 35.22
C GLU GB 95 22.19 2.75 35.97
N PHE GB 96 21.29 1.79 36.23
CA PHE GB 96 20.15 1.98 37.12
C PHE GB 96 20.57 2.03 38.60
N LYS GB 97 21.55 1.22 39.02
CA LYS GB 97 22.19 1.37 40.35
C LYS GB 97 22.92 2.70 40.47
N ASN GB 98 23.66 3.13 39.46
CA ASN GB 98 24.37 4.41 39.44
C ASN GB 98 23.40 5.59 39.42
N THR GB 99 22.32 5.52 38.64
CA THR GB 99 21.31 6.59 38.59
C THR GB 99 20.55 6.69 39.90
N ARG GB 100 20.24 5.56 40.57
CA ARG GB 100 19.73 5.57 41.95
C ARG GB 100 20.75 6.13 42.95
N THR GB 101 22.03 5.80 42.77
CA THR GB 101 23.10 6.27 43.65
C THR GB 101 23.38 7.75 43.45
N ASN GB 102 23.14 8.30 42.26
CA ASN GB 102 23.07 9.74 42.01
C ASN GB 102 21.81 10.33 42.64
N GLU GB 103 20.64 9.70 42.48
CA GLU GB 103 19.38 10.15 43.09
C GLU GB 103 19.46 10.12 44.66
N LYS GB 104 20.29 9.24 45.24
CA LYS GB 104 20.69 9.23 46.67
C LYS GB 104 21.81 10.24 47.02
N VAL GB 105 22.84 10.39 46.21
CA VAL GB 105 23.93 11.36 46.48
C VAL GB 105 23.44 12.79 46.30
N GLU GB 106 22.47 13.02 45.43
CA GLU GB 106 21.71 14.28 45.34
C GLU GB 106 20.84 14.50 46.59
N LEU GB 107 20.08 13.51 47.11
CA LEU GB 107 19.35 13.71 48.37
C LEU GB 107 20.31 13.94 49.57
N GLN GB 108 21.50 13.34 49.57
CA GLN GB 108 22.53 13.55 50.59
C GLN GB 108 23.25 14.90 50.48
N GLU GB 109 23.64 15.32 49.28
CA GLU GB 109 24.15 16.68 49.01
C GLU GB 109 23.11 17.75 49.35
N LEU GB 110 21.82 17.48 49.18
CA LEU GB 110 20.75 18.41 49.55
C LEU GB 110 20.35 18.33 51.04
N ASN GB 111 20.68 17.24 51.74
CA ASN GB 111 20.68 17.15 53.20
C ASN GB 111 21.83 17.98 53.81
N ASP GB 112 23.05 17.79 53.31
CA ASP GB 112 24.23 18.58 53.65
C ASP GB 112 24.10 20.04 53.20
N ARG GB 113 23.37 20.33 52.13
CA ARG GB 113 23.03 21.71 51.73
C ARG GB 113 22.01 22.33 52.66
N PHE GB 114 21.05 21.57 53.20
CA PHE GB 114 20.19 22.08 54.27
C PHE GB 114 20.95 22.25 55.58
N ALA GB 115 21.99 21.44 55.87
CA ALA GB 115 22.92 21.67 56.98
C ALA GB 115 23.79 22.93 56.77
N ASN GB 116 24.25 23.19 55.54
CA ASN GB 116 24.90 24.45 55.16
C ASN GB 116 23.97 25.67 55.35
N TYR GB 117 22.68 25.56 55.01
CA TYR GB 117 21.72 26.65 55.24
C TYR GB 117 21.20 26.74 56.69
N ILE GB 118 21.29 25.69 57.50
CA ILE GB 118 21.19 25.76 58.97
C ILE GB 118 22.42 26.46 59.57
N ASP GB 119 23.61 26.27 59.00
CA ASP GB 119 24.80 27.02 59.39
C ASP GB 119 24.84 28.43 58.81
N LYS GB 120 24.07 28.75 57.76
CA LYS GB 120 23.75 30.15 57.39
C LYS GB 120 22.67 30.77 58.27
N VAL GB 121 21.71 30.00 58.77
CA VAL GB 121 20.76 30.42 59.83
C VAL GB 121 21.53 30.80 61.10
N ARG GB 122 22.43 29.93 61.55
CA ARG GB 122 23.38 30.20 62.64
C ARG GB 122 24.35 31.34 62.32
N PHE GB 123 24.75 31.52 61.06
CA PHE GB 123 25.63 32.64 60.67
C PHE GB 123 24.91 33.98 60.73
N LEU GB 124 23.67 34.11 60.24
CA LEU GB 124 22.91 35.37 60.34
C LEU GB 124 22.40 35.64 61.77
N GLU GB 125 22.13 34.59 62.54
CA GLU GB 125 21.97 34.65 64.00
C GLU GB 125 23.26 35.11 64.71
N GLN GB 126 24.43 34.62 64.30
CA GLN GB 126 25.71 35.03 64.88
C GLN GB 126 26.12 36.45 64.43
N GLN GB 127 25.81 36.85 63.20
CA GLN GB 127 26.04 38.22 62.71
C GLN GB 127 25.12 39.21 63.45
N ASN GB 128 23.84 38.89 63.65
CA ASN GB 128 22.94 39.76 64.40
C ASN GB 128 23.29 39.85 65.90
N LYS GB 129 23.85 38.78 66.48
CA LYS GB 129 24.45 38.79 67.83
C LYS GB 129 25.79 39.53 67.94
N ILE GB 130 26.59 39.60 66.88
CA ILE GB 130 27.78 40.47 66.84
C ILE GB 130 27.36 41.94 66.76
N LEU GB 131 26.38 42.26 65.91
CA LEU GB 131 25.84 43.61 65.80
C LEU GB 131 25.14 44.06 67.09
N LEU GB 132 24.53 43.13 67.84
CA LEU GB 132 24.05 43.36 69.21
C LEU GB 132 25.18 43.69 70.21
N ALA GB 133 26.25 42.90 70.22
CA ALA GB 133 27.39 43.15 71.09
C ALA GB 133 28.17 44.44 70.74
N GLU GB 134 28.10 44.88 69.47
CA GLU GB 134 28.67 46.14 69.00
C GLU GB 134 27.74 47.34 69.25
N LEU GB 135 26.42 47.22 69.05
CA LEU GB 135 25.46 48.30 69.31
C LEU GB 135 25.29 48.62 70.80
N GLU GB 136 25.38 47.64 71.71
CA GLU GB 136 25.38 47.94 73.16
C GLU GB 136 26.60 48.77 73.58
N GLN GB 137 27.77 48.46 73.02
CA GLN GB 137 29.00 49.25 73.21
C GLN GB 137 28.89 50.64 72.56
N LEU GB 138 28.28 50.73 71.37
CA LEU GB 138 28.12 51.96 70.60
C LEU GB 138 26.97 52.86 71.06
N LYS GB 139 25.98 52.35 71.80
CA LYS GB 139 25.01 53.15 72.56
C LYS GB 139 25.63 53.67 73.86
N GLY GB 140 26.28 52.78 74.63
CA GLY GB 140 26.88 53.12 75.91
C GLY GB 140 28.08 54.08 75.81
N GLN GB 141 28.95 53.91 74.80
CA GLN GB 141 30.15 54.72 74.62
C GLN GB 141 30.13 55.61 73.37
N GLY GB 142 29.25 55.40 72.38
CA GLY GB 142 29.32 56.13 71.11
C GLY GB 142 28.87 57.59 71.17
N LYS GB 143 27.94 57.92 72.09
CA LYS GB 143 27.73 59.30 72.53
C LYS GB 143 28.97 59.88 73.20
N SER GB 144 29.50 59.21 74.23
CA SER GB 144 30.54 59.79 75.07
C SER GB 144 31.89 59.95 74.36
N ARG GB 145 32.30 58.98 73.55
CA ARG GB 145 33.53 59.05 72.74
C ARG GB 145 33.55 60.13 71.66
N LEU GB 146 32.39 60.56 71.19
CA LEU GB 146 32.26 61.71 70.29
C LEU GB 146 31.97 63.01 71.03
N GLY GB 147 31.48 62.94 72.27
CA GLY GB 147 31.31 64.10 73.13
C GLY GB 147 32.62 64.55 73.72
N ASP GB 148 33.38 63.63 74.30
CA ASP GB 148 34.58 63.90 75.10
C ASP GB 148 35.65 64.75 74.38
N LEU GB 149 35.75 64.68 73.05
CA LEU GB 149 36.57 65.60 72.25
C LEU GB 149 36.09 67.06 72.33
N TYR GB 150 34.80 67.29 72.08
CA TYR GB 150 34.16 68.60 72.08
C TYR GB 150 33.93 69.09 73.52
N GLU GB 151 33.35 68.23 74.36
CA GLU GB 151 33.01 68.54 75.75
C GLU GB 151 34.27 68.73 76.62
N GLU GB 152 35.44 68.17 76.27
CA GLU GB 152 36.71 68.53 76.95
C GLU GB 152 37.33 69.84 76.43
N GLU GB 153 37.03 70.30 75.21
CA GLU GB 153 37.24 71.73 74.89
C GLU GB 153 36.39 72.56 75.85
N MET GB 154 35.07 72.32 75.90
CA MET GB 154 34.11 73.09 76.70
C MET GB 154 34.39 73.06 78.22
N ARG GB 155 34.88 71.93 78.75
CA ARG GB 155 35.32 71.82 80.15
C ARG GB 155 36.59 72.61 80.45
N GLU GB 156 37.54 72.68 79.52
CA GLU GB 156 38.69 73.59 79.62
C GLU GB 156 38.28 75.06 79.42
N LEU GB 157 37.32 75.36 78.53
CA LEU GB 157 36.77 76.71 78.36
C LEU GB 157 36.19 77.23 79.68
N ARG GB 158 35.28 76.47 80.30
CA ARG GB 158 34.63 76.87 81.56
C ARG GB 158 35.56 76.83 82.77
N ARG GB 159 36.64 76.05 82.75
CA ARG GB 159 37.72 76.15 83.74
C ARG GB 159 38.57 77.41 83.54
N GLN GB 160 38.78 77.85 82.31
CA GLN GB 160 39.35 79.18 82.05
C GLN GB 160 38.41 80.28 82.54
N VAL GB 161 37.08 80.13 82.40
CA VAL GB 161 36.11 81.07 82.99
C VAL GB 161 36.29 81.18 84.51
N ASP GB 162 36.31 80.07 85.25
CA ASP GB 162 36.27 80.12 86.73
C ASP GB 162 37.52 80.78 87.32
N GLN GB 163 38.68 80.53 86.70
CA GLN GB 163 39.96 81.05 87.15
C GLN GB 163 40.22 82.49 86.64
N LEU GB 164 39.65 82.88 85.49
CA LEU GB 164 39.75 84.23 84.97
C LEU GB 164 38.79 85.20 85.65
N THR GB 165 37.50 84.88 85.78
CA THR GB 165 36.52 85.81 86.33
C THR GB 165 36.76 86.09 87.81
N ASN GB 166 37.35 85.14 88.56
CA ASN GB 166 37.53 85.28 90.01
C ASN GB 166 38.81 86.04 90.41
N ASP GB 167 39.93 85.91 89.70
CA ASP GB 167 41.08 86.82 89.90
C ASP GB 167 40.77 88.26 89.46
N LYS GB 168 39.92 88.43 88.43
CA LYS GB 168 39.36 89.74 88.10
C LYS GB 168 38.44 90.26 89.20
N ALA GB 169 37.53 89.46 89.76
CA ALA GB 169 36.67 89.86 90.88
C ALA GB 169 37.44 90.23 92.16
N ARG GB 170 38.62 89.62 92.39
CA ARG GB 170 39.56 90.03 93.43
C ARG GB 170 40.14 91.43 93.17
N VAL GB 171 40.60 91.71 91.95
CA VAL GB 171 41.07 93.06 91.57
C VAL GB 171 39.95 94.09 91.55
N GLU GB 172 38.73 93.70 91.18
CA GLU GB 172 37.55 94.57 91.16
C GLU GB 172 37.10 94.94 92.57
N VAL GB 173 37.07 94.00 93.53
CA VAL GB 173 36.74 94.34 94.92
C VAL GB 173 37.86 95.16 95.61
N GLU GB 174 39.10 95.02 95.16
CA GLU GB 174 40.21 95.93 95.50
C GLU GB 174 40.02 97.38 94.95
N ARG GB 175 38.98 97.62 94.13
CA ARG GB 175 38.53 98.95 93.68
C ARG GB 175 37.10 99.34 94.13
N ASP GB 176 36.19 98.37 94.27
CA ASP GB 176 34.82 98.56 94.77
C ASP GB 176 34.78 99.13 96.21
N ASN GB 177 35.76 98.75 97.05
CA ASN GB 177 35.98 99.39 98.36
C ASN GB 177 36.28 100.90 98.26
N LEU GB 178 37.08 101.33 97.27
CA LEU GB 178 37.39 102.75 97.06
C LEU GB 178 36.15 103.52 96.57
N ALA GB 179 35.36 102.91 95.69
CA ALA GB 179 34.14 103.50 95.13
C ALA GB 179 32.94 103.49 96.11
N GLU GB 180 32.90 102.57 97.07
CA GLU GB 180 31.95 102.66 98.17
C GLU GB 180 32.38 103.74 99.17
N ASP GB 181 33.66 103.84 99.52
CA ASP GB 181 34.17 104.90 100.41
C ASP GB 181 33.99 106.30 99.81
N ILE GB 182 34.26 106.52 98.51
CA ILE GB 182 33.97 107.81 97.87
C ILE GB 182 32.47 108.13 97.80
N MET GB 183 31.59 107.15 97.55
CA MET GB 183 30.14 107.37 97.50
C MET GB 183 29.55 107.65 98.89
N ARG GB 184 30.05 106.97 99.93
CA ARG GB 184 29.77 107.26 101.35
C ARG GB 184 30.27 108.65 101.74
N LEU GB 185 31.49 108.99 101.34
CA LEU GB 185 32.07 110.30 101.59
C LEU GB 185 31.37 111.41 100.77
N ARG GB 186 30.79 111.14 99.60
CA ARG GB 186 29.94 112.13 98.90
C ARG GB 186 28.75 112.53 99.75
N GLU GB 187 28.00 111.55 100.25
CA GLU GB 187 26.77 111.81 101.02
C GLU GB 187 27.05 112.66 102.26
N LYS GB 188 28.10 112.29 103.00
CA LYS GB 188 28.60 113.04 104.16
C LYS GB 188 29.15 114.42 103.80
N LEU GB 189 30.08 114.51 102.85
CA LEU GB 189 30.72 115.76 102.46
C LEU GB 189 29.71 116.72 101.82
N GLN GB 190 28.67 116.23 101.16
CA GLN GB 190 27.55 117.07 100.75
C GLN GB 190 26.69 117.54 101.94
N GLU GB 191 26.42 116.72 102.96
CA GLU GB 191 25.79 117.19 104.21
C GLU GB 191 26.63 118.27 104.92
N GLU GB 192 27.96 118.17 104.85
CA GLU GB 192 28.88 119.22 105.28
C GLU GB 192 28.72 120.51 104.42
N MET GB 193 28.67 120.40 103.08
CA MET GB 193 28.36 121.56 102.20
C MET GB 193 27.01 122.20 102.51
N LEU GB 194 25.96 121.41 102.78
CA LEU GB 194 24.60 121.87 103.03
C LEU GB 194 24.53 122.90 104.17
N MET HB 1 5.24 121.40 67.43
CA MET HB 1 4.55 120.18 67.91
C MET HB 1 5.04 118.96 67.14
N SER HB 2 4.83 117.75 67.68
CA SER HB 2 4.81 116.52 66.89
C SER HB 2 3.71 116.57 65.82
N THR HB 3 3.87 115.81 64.73
CA THR HB 3 2.76 115.46 63.82
C THR HB 3 2.78 113.97 63.51
N ARG HB 4 1.69 113.27 63.84
CA ARG HB 4 1.48 111.85 63.49
C ARG HB 4 1.02 111.73 62.02
N SER HB 5 1.93 112.11 61.10
CA SER HB 5 1.76 111.92 59.65
C SER HB 5 2.05 110.47 59.24
N VAL HB 6 1.92 110.14 57.95
CA VAL HB 6 2.42 108.86 57.41
C VAL HB 6 3.91 108.72 57.70
N SER HB 7 4.21 107.82 58.63
CA SER HB 7 5.53 107.55 59.19
C SER HB 7 5.49 106.12 59.72
N SER HB 8 4.64 105.93 60.72
CA SER HB 8 3.87 104.70 60.91
C SER HB 8 2.67 104.67 59.92
N SER HB 9 2.67 103.76 58.93
CA SER HB 9 1.65 103.73 57.86
C SER HB 9 0.25 103.29 58.34
N SER HB 10 -0.81 103.92 57.79
CA SER HB 10 -2.21 103.52 58.01
C SER HB 10 -2.65 102.40 57.07
N TYR HB 11 -3.18 101.31 57.64
CA TYR HB 11 -4.03 100.38 56.90
C TYR HB 11 -5.43 100.95 56.77
N ARG HB 12 -5.62 101.78 55.72
CA ARG HB 12 -6.93 102.19 55.16
C ARG HB 12 -7.54 101.12 54.25
N ARG HB 13 -6.67 100.34 53.61
CA ARG HB 13 -6.96 99.19 52.71
C ARG HB 13 -5.72 98.29 52.68
N MET HB 14 -5.40 97.64 51.55
CA MET HB 14 -4.28 96.69 51.35
C MET HB 14 -4.41 95.36 52.12
N PHE HB 15 -5.15 95.35 53.22
CA PHE HB 15 -5.85 94.18 53.74
C PHE HB 15 -7.33 94.55 53.97
N GLY HB 16 -8.31 93.97 53.26
CA GLY HB 16 -8.19 92.93 52.23
C GLY HB 16 -8.10 91.52 52.81
N GLY HB 17 -7.13 90.74 52.35
CA GLY HB 17 -7.02 89.30 52.65
C GLY HB 17 -7.74 88.37 51.65
N PRO HB 18 -7.59 88.55 50.32
CA PRO HB 18 -8.33 87.78 49.32
C PRO HB 18 -8.03 86.26 49.35
N GLY HB 19 -6.89 85.85 49.91
CA GLY HB 19 -6.55 84.44 50.15
C GLY HB 19 -7.45 83.70 51.15
N THR HB 20 -8.36 84.39 51.85
CA THR HB 20 -9.32 83.79 52.79
C THR HB 20 -10.23 82.74 52.12
N ALA HB 21 -10.52 82.90 50.82
CA ALA HB 21 -11.35 81.96 50.07
C ALA HB 21 -10.95 81.89 48.58
N SER HB 22 -9.66 81.72 48.29
CA SER HB 22 -9.16 81.62 46.90
C SER HB 22 -8.05 80.56 46.74
N ARG HB 23 -8.44 79.29 46.91
CA ARG HB 23 -7.61 78.09 46.71
C ARG HB 23 -8.52 76.87 46.46
N PRO HB 24 -9.01 76.65 45.23
CA PRO HB 24 -10.12 75.74 44.97
C PRO HB 24 -9.84 74.28 45.38
N SER HB 25 -10.80 73.64 46.05
CA SER HB 25 -10.83 72.17 46.22
C SER HB 25 -11.18 71.43 44.92
N SER HB 26 -11.81 72.11 43.96
CA SER HB 26 -11.99 71.66 42.57
C SER HB 26 -10.70 71.71 41.73
N SER HB 27 -9.53 71.97 42.33
CA SER HB 27 -8.23 71.73 41.70
C SER HB 27 -8.08 70.24 41.37
N ARG HB 28 -8.14 69.88 40.09
CA ARG HB 28 -8.23 68.48 39.63
C ARG HB 28 -7.09 67.62 40.17
N SER HB 29 -7.45 66.55 40.88
CA SER HB 29 -6.58 65.38 41.04
C SER HB 29 -6.43 64.65 39.68
N TYR HB 30 -5.26 64.80 39.06
CA TYR HB 30 -4.94 64.11 37.82
C TYR HB 30 -4.44 62.69 38.12
N VAL HB 31 -5.39 61.77 38.31
CA VAL HB 31 -5.13 60.39 38.77
C VAL HB 31 -4.15 59.68 37.83
N THR HB 32 -2.91 59.57 38.27
CA THR HB 32 -1.85 58.83 37.56
C THR HB 32 -1.92 57.36 37.94
N THR HB 33 -1.90 56.47 36.96
CA THR HB 33 -1.86 55.02 37.17
C THR HB 33 -0.95 54.36 36.14
N SER HB 34 -0.12 53.40 36.58
CA SER HB 34 0.54 52.48 35.64
C SER HB 34 -0.52 51.62 34.95
N THR HB 35 -0.63 51.69 33.63
CA THR HB 35 -1.53 50.83 32.84
C THR HB 35 -1.24 49.35 33.10
N ARG HB 36 -2.28 48.56 33.35
CA ARG HB 36 -2.17 47.12 33.63
C ARG HB 36 -1.81 46.37 32.35
N THR HB 37 -0.64 45.73 32.36
CA THR HB 37 -0.35 44.57 31.48
C THR HB 37 -0.72 43.27 32.22
N TYR HB 38 -0.53 42.11 31.58
CA TYR HB 38 -0.90 40.81 32.15
C TYR HB 38 -0.01 39.66 31.65
N SER HB 39 -0.03 38.54 32.39
CA SER HB 39 0.71 37.28 32.13
C SER HB 39 0.13 36.43 30.99
N LEU HB 40 -0.23 37.06 29.86
CA LEU HB 40 -0.83 36.43 28.67
C LEU HB 40 0.05 35.36 27.97
N GLY HB 41 1.32 35.23 28.35
CA GLY HB 41 2.18 34.12 27.92
C GLY HB 41 1.73 32.74 28.45
N SER HB 42 0.86 32.71 29.47
CA SER HB 42 0.15 31.51 29.94
C SER HB 42 -1.10 31.16 29.12
N ALA HB 43 -1.75 32.16 28.51
CA ALA HB 43 -2.87 31.94 27.59
C ALA HB 43 -2.38 31.42 26.22
N LEU HB 44 -1.20 31.87 25.78
CA LEU HB 44 -0.47 31.26 24.66
C LEU HB 44 0.20 29.94 25.08
N ARG HB 45 -0.61 28.87 25.23
CA ARG HB 45 -0.17 27.50 25.55
C ARG HB 45 -0.27 26.52 24.36
N PRO HB 46 0.34 26.77 23.18
CA PRO HB 46 0.39 25.79 22.11
C PRO HB 46 1.37 24.65 22.47
N SER HB 47 0.84 23.44 22.64
CA SER HB 47 1.60 22.19 22.48
C SER HB 47 0.89 21.32 21.46
N THR HB 48 1.27 21.48 20.20
CA THR HB 48 0.59 20.90 19.03
C THR HB 48 0.92 19.42 18.81
N SER HB 49 1.42 18.71 19.84
CA SER HB 49 1.83 17.32 19.71
C SER HB 49 0.64 16.39 19.40
N ARG HB 50 0.81 15.57 18.36
CA ARG HB 50 0.12 14.31 18.09
C ARG HB 50 1.15 13.39 17.43
N SER HB 51 1.14 12.10 17.77
CA SER HB 51 2.10 11.11 17.25
C SER HB 51 1.36 9.84 16.79
N LEU HB 52 2.10 8.76 16.52
CA LEU HB 52 1.58 7.50 16.01
C LEU HB 52 0.76 6.75 17.09
N TYR HB 53 -0.54 7.04 17.18
CA TYR HB 53 -1.48 6.31 18.04
C TYR HB 53 -2.05 5.02 17.41
N ALA HB 54 -1.49 4.55 16.28
CA ALA HB 54 -1.95 3.35 15.59
C ALA HB 54 -1.31 2.07 16.16
N SER HB 55 -2.16 1.08 16.48
CA SER HB 55 -1.72 -0.29 16.81
C SER HB 55 -1.27 -1.07 15.56
N SER HB 56 -0.53 -2.17 15.76
CA SER HB 56 -0.06 -3.09 14.69
C SER HB 56 0.57 -2.37 13.48
N PRO HB 57 1.78 -1.80 13.62
CA PRO HB 57 2.50 -1.14 12.51
C PRO HB 57 2.64 -2.05 11.29
N GLY HB 58 2.26 -1.54 10.11
CA GLY HB 58 2.19 -2.33 8.87
C GLY HB 58 0.98 -3.28 8.77
N GLY HB 59 -0.01 -3.16 9.66
CA GLY HB 59 -1.19 -4.05 9.72
C GLY HB 59 -0.92 -5.42 10.38
N VAL HB 60 0.22 -5.58 11.06
CA VAL HB 60 0.73 -6.89 11.46
C VAL HB 60 -0.12 -7.59 12.54
N TYR HB 61 -0.37 -8.88 12.31
CA TYR HB 61 -0.68 -9.88 13.33
C TYR HB 61 -0.15 -11.26 12.88
N ALA HB 62 -0.17 -12.25 13.78
CA ALA HB 62 0.31 -13.60 13.47
C ALA HB 62 -0.69 -14.39 12.59
N THR HB 63 -0.75 -14.06 11.30
CA THR HB 63 -1.55 -14.80 10.31
C THR HB 63 -1.15 -16.27 10.25
N ARG HB 64 -2.14 -17.17 10.11
CA ARG HB 64 -1.92 -18.61 9.97
C ARG HB 64 -1.01 -18.93 8.78
N SER HB 65 0.17 -19.47 9.08
CA SER HB 65 0.91 -20.34 8.16
C SER HB 65 0.52 -21.80 8.38
N SER HB 66 0.33 -22.57 7.31
CA SER HB 66 0.22 -24.03 7.35
C SER HB 66 0.70 -24.60 6.02
N ALA HB 67 1.72 -25.45 6.06
CA ALA HB 67 2.48 -25.88 4.91
C ALA HB 67 2.11 -27.30 4.44
N VAL HB 68 2.92 -27.85 3.52
CA VAL HB 68 2.95 -29.29 3.22
C VAL HB 68 3.14 -30.11 4.51
N ARG HB 69 2.38 -31.21 4.67
CA ARG HB 69 2.39 -32.07 5.87
C ARG HB 69 3.66 -32.94 5.97
N LEU HB 70 4.81 -32.30 6.18
CA LEU HB 70 6.09 -32.98 6.41
C LEU HB 70 6.04 -33.78 7.72
N ARG HB 71 6.09 -35.11 7.62
CA ARG HB 71 6.29 -36.02 8.77
C ARG HB 71 7.78 -36.24 9.04
N SER HB 72 8.48 -35.21 9.53
CA SER HB 72 9.79 -35.45 10.14
C SER HB 72 9.58 -35.87 11.59
N SER HB 73 10.27 -36.91 12.04
CA SER HB 73 10.53 -37.03 13.47
C SER HB 73 11.53 -35.96 13.89
N VAL HB 74 11.36 -35.37 15.07
CA VAL HB 74 12.30 -34.42 15.67
C VAL HB 74 12.53 -34.85 17.11
N PRO HB 75 13.75 -35.28 17.51
CA PRO HB 75 14.01 -35.82 18.84
C PRO HB 75 13.94 -34.76 19.96
N GLY HB 76 13.77 -33.48 19.61
CA GLY HB 76 13.25 -32.47 20.55
C GLY HB 76 14.21 -32.11 21.68
N VAL HB 77 15.51 -32.00 21.39
CA VAL HB 77 16.51 -31.44 22.32
C VAL HB 77 16.10 -30.03 22.73
N ARG HB 78 15.51 -29.90 23.92
CA ARG HB 78 14.92 -28.66 24.41
C ARG HB 78 16.02 -27.66 24.72
N LEU HB 79 15.88 -26.43 24.22
CA LEU HB 79 16.20 -25.28 25.05
C LEU HB 79 15.05 -25.16 26.07
N LEU HB 80 15.34 -25.40 27.35
CA LEU HB 80 14.43 -24.96 28.41
C LEU HB 80 14.52 -23.44 28.53
N GLN HB 81 13.43 -22.81 28.95
CA GLN HB 81 13.30 -21.36 28.98
C GLN HB 81 12.96 -20.94 30.41
N ASP HB 82 13.99 -20.69 31.20
CA ASP HB 82 13.86 -20.19 32.58
C ASP HB 82 13.31 -18.76 32.61
N SER HB 83 13.37 -18.08 31.46
CA SER HB 83 12.61 -16.87 31.13
C SER HB 83 11.24 -17.11 30.48
N VAL HB 84 10.50 -18.17 30.85
CA VAL HB 84 9.03 -18.22 30.66
C VAL HB 84 8.42 -17.16 31.57
N ASP HB 85 8.41 -15.94 31.05
CA ASP HB 85 8.17 -14.73 31.79
C ASP HB 85 9.04 -14.71 33.05
N PHE HB 86 10.34 -14.41 32.90
CA PHE HB 86 11.18 -14.10 34.07
C PHE HB 86 10.70 -12.83 34.79
N SER HB 87 9.74 -12.09 34.19
CA SER HB 87 8.64 -11.22 34.68
C SER HB 87 8.66 -10.70 36.10
N LEU HB 88 8.95 -11.56 37.08
CA LEU HB 88 9.35 -11.12 38.41
C LEU HB 88 10.55 -10.15 38.32
N ALA HB 89 11.51 -10.42 37.43
CA ALA HB 89 12.58 -9.54 36.96
C ALA HB 89 12.14 -8.26 36.23
N ASP HB 90 10.96 -8.17 35.62
CA ASP HB 90 10.48 -6.99 34.85
C ASP HB 90 9.47 -6.11 35.63
N ALA HB 91 8.72 -6.72 36.54
CA ALA HB 91 8.18 -6.06 37.72
C ALA HB 91 9.32 -5.52 38.60
N ILE HB 92 10.41 -6.29 38.76
CA ILE HB 92 11.65 -5.83 39.37
C ILE HB 92 12.41 -4.81 38.51
N ASN HB 93 12.30 -4.75 37.18
CA ASN HB 93 12.80 -3.62 36.39
C ASN HB 93 11.99 -2.34 36.66
N THR HB 94 10.70 -2.49 36.98
CA THR HB 94 9.85 -1.40 37.46
C THR HB 94 10.14 -1.04 38.93
N GLU HB 95 10.67 -1.96 39.73
CA GLU HB 95 11.10 -1.71 41.12
C GLU HB 95 12.58 -1.29 41.29
N PHE HB 96 13.46 -1.56 40.32
CA PHE HB 96 14.78 -0.96 40.09
C PHE HB 96 14.69 0.52 39.65
N LYS HB 97 13.48 1.09 39.77
CA LYS HB 97 12.99 2.35 39.21
C LYS HB 97 11.87 2.94 40.08
N ASN HB 98 11.15 2.13 40.87
CA ASN HB 98 10.43 2.56 42.08
C ASN HB 98 11.38 2.86 43.24
N THR HB 99 12.44 2.05 43.40
CA THR HB 99 13.60 2.39 44.24
C THR HB 99 14.25 3.71 43.84
N ARG HB 100 14.30 4.04 42.54
CA ARG HB 100 14.74 5.36 42.07
C ARG HB 100 13.71 6.48 42.30
N THR HB 101 12.42 6.14 42.27
CA THR HB 101 11.31 7.07 42.51
C THR HB 101 11.24 7.49 43.98
N ASN HB 102 11.40 6.56 44.92
CA ASN HB 102 11.40 6.87 46.36
C ASN HB 102 12.62 7.69 46.78
N GLU HB 103 13.83 7.31 46.32
CA GLU HB 103 15.06 8.08 46.55
C GLU HB 103 14.99 9.49 45.93
N LYS HB 104 14.29 9.64 44.80
CA LYS HB 104 14.07 10.94 44.15
C LYS HB 104 12.91 11.76 44.73
N VAL HB 105 11.93 11.12 45.37
CA VAL HB 105 10.91 11.79 46.19
C VAL HB 105 11.56 12.35 47.45
N GLU HB 106 12.47 11.60 48.06
CA GLU HB 106 13.32 12.08 49.16
C GLU HB 106 14.31 13.16 48.70
N LEU HB 107 14.87 13.09 47.48
CA LEU HB 107 15.62 14.20 46.85
C LEU HB 107 14.79 15.48 46.76
N GLN HB 108 13.55 15.42 46.27
CA GLN HB 108 12.69 16.61 46.19
C GLN HB 108 12.23 17.12 47.55
N GLU HB 109 11.92 16.23 48.50
CA GLU HB 109 11.55 16.59 49.88
C GLU HB 109 12.72 17.23 50.66
N LEU HB 110 13.95 16.78 50.41
CA LEU HB 110 15.17 17.37 50.98
C LEU HB 110 15.67 18.60 50.20
N ASN HB 111 15.38 18.72 48.91
CA ASN HB 111 15.49 19.96 48.14
C ASN HB 111 14.60 21.06 48.73
N ASP HB 112 13.33 20.72 48.94
CA ASP HB 112 12.34 21.66 49.46
C ASP HB 112 12.54 21.89 50.97
N ARG HB 113 13.17 20.95 51.70
CA ARG HB 113 13.69 21.19 53.05
C ARG HB 113 14.87 22.18 53.07
N PHE HB 114 15.83 22.13 52.14
CA PHE HB 114 16.86 23.18 52.04
C PHE HB 114 16.27 24.53 51.59
N ALA HB 115 15.21 24.53 50.77
CA ALA HB 115 14.48 25.76 50.43
C ALA HB 115 13.77 26.39 51.66
N ASN HB 116 13.16 25.57 52.53
CA ASN HB 116 12.61 26.02 53.82
C ASN HB 116 13.70 26.61 54.75
N TYR HB 117 14.88 25.98 54.83
CA TYR HB 117 16.00 26.57 55.60
C TYR HB 117 16.65 27.79 54.91
N ILE HB 118 16.53 27.99 53.59
CA ILE HB 118 16.86 29.28 52.94
C ILE HB 118 15.86 30.38 53.34
N ASP HB 119 14.56 30.07 53.45
CA ASP HB 119 13.59 31.04 53.98
C ASP HB 119 13.87 31.38 55.44
N LYS HB 120 14.32 30.41 56.24
CA LYS HB 120 14.89 30.66 57.58
C LYS HB 120 16.18 31.52 57.56
N VAL HB 121 17.03 31.42 56.52
CA VAL HB 121 18.14 32.36 56.30
C VAL HB 121 17.63 33.77 55.98
N ARG HB 122 16.62 33.93 55.11
CA ARG HB 122 16.05 35.25 54.76
C ARG HB 122 15.47 35.96 55.97
N PHE HB 123 14.85 35.21 56.88
CA PHE HB 123 14.29 35.71 58.13
C PHE HB 123 15.37 36.19 59.10
N LEU HB 124 16.46 35.44 59.26
CA LEU HB 124 17.60 35.92 60.06
C LEU HB 124 18.47 36.97 59.37
N GLU HB 125 18.50 37.04 58.05
CA GLU HB 125 19.09 38.16 57.30
C GLU HB 125 18.26 39.45 57.47
N GLN HB 126 16.95 39.35 57.71
CA GLN HB 126 16.12 40.50 58.07
C GLN HB 126 16.36 40.97 59.51
N GLN HB 127 16.56 40.03 60.46
CA GLN HB 127 16.95 40.37 61.83
C GLN HB 127 18.34 41.03 61.85
N ASN HB 128 19.27 40.50 61.06
CA ASN HB 128 20.60 41.09 60.85
C ASN HB 128 20.60 42.51 60.22
N LYS HB 129 19.51 42.94 59.57
CA LYS HB 129 19.36 44.33 59.08
C LYS HB 129 18.73 45.27 60.12
N ILE HB 130 17.95 44.73 61.07
CA ILE HB 130 17.42 45.46 62.22
C ILE HB 130 18.56 45.84 63.18
N LEU HB 131 19.31 44.84 63.66
CA LEU HB 131 20.45 45.07 64.57
C LEU HB 131 21.59 45.88 63.91
N LEU HB 132 21.68 45.92 62.57
CA LEU HB 132 22.60 46.80 61.85
C LEU HB 132 22.16 48.27 61.84
N ALA HB 133 20.86 48.54 61.62
CA ALA HB 133 20.32 49.89 61.69
C ALA HB 133 20.46 50.48 63.10
N GLU HB 134 20.28 49.61 64.10
CA GLU HB 134 20.34 49.93 65.53
C GLU HB 134 21.77 50.16 66.06
N LEU HB 135 22.78 49.68 65.32
CA LEU HB 135 24.20 49.95 65.57
C LEU HB 135 24.62 51.38 65.14
N GLU HB 136 24.12 51.86 64.00
CA GLU HB 136 24.68 53.07 63.36
C GLU HB 136 24.20 54.40 63.95
N GLN HB 137 22.95 54.49 64.41
CA GLN HB 137 22.25 55.79 64.50
C GLN HB 137 22.85 56.75 65.53
N LEU HB 138 22.99 56.34 66.80
CA LEU HB 138 23.55 57.15 67.89
C LEU HB 138 25.04 57.42 67.69
N LYS HB 139 25.81 56.35 67.46
CA LYS HB 139 27.25 56.40 67.19
C LYS HB 139 27.58 57.26 65.96
N GLY HB 140 26.89 57.06 64.85
CA GLY HB 140 27.24 57.69 63.57
C GLY HB 140 26.68 59.10 63.45
N GLN HB 141 25.38 59.26 63.66
CA GLN HB 141 24.63 60.48 63.31
C GLN HB 141 24.17 61.30 64.52
N GLY HB 142 24.20 60.74 65.73
CA GLY HB 142 23.84 61.43 66.97
C GLY HB 142 24.86 62.48 67.35
N LYS HB 143 25.89 62.07 68.11
CA LYS HB 143 26.81 63.04 68.73
C LYS HB 143 27.73 63.75 67.72
N SER HB 144 27.96 63.21 66.53
CA SER HB 144 28.72 63.90 65.48
C SER HB 144 28.13 65.27 65.14
N ARG HB 145 26.82 65.34 64.87
CA ARG HB 145 26.11 66.59 64.52
C ARG HB 145 25.60 67.35 65.75
N LEU HB 146 25.10 66.65 66.77
CA LEU HB 146 24.56 67.31 67.96
C LEU HB 146 25.66 67.85 68.89
N GLY HB 147 26.86 67.27 68.83
CA GLY HB 147 28.09 67.82 69.40
C GLY HB 147 28.54 69.08 68.68
N ASP HB 148 28.76 68.99 67.35
CA ASP HB 148 29.12 70.10 66.46
C ASP HB 148 28.25 71.37 66.62
N LEU HB 149 26.92 71.20 66.74
CA LEU HB 149 26.00 72.31 66.98
C LEU HB 149 26.16 72.99 68.35
N TYR HB 150 26.32 72.20 69.42
CA TYR HB 150 26.50 72.70 70.78
C TYR HB 150 27.92 73.20 71.05
N GLU HB 151 28.90 72.58 70.40
CA GLU HB 151 30.31 72.97 70.41
C GLU HB 151 30.48 74.40 69.89
N GLU HB 152 29.73 74.79 68.85
CA GLU HB 152 29.69 76.19 68.41
C GLU HB 152 28.86 77.12 69.32
N GLU HB 153 27.81 76.64 70.01
CA GLU HB 153 27.11 77.40 71.04
C GLU HB 153 28.00 77.70 72.26
N MET HB 154 28.70 76.70 72.80
CA MET HB 154 29.59 76.89 73.96
C MET HB 154 30.93 77.53 73.60
N ARG HB 155 31.37 77.43 72.33
CA ARG HB 155 32.42 78.30 71.79
C ARG HB 155 31.98 79.76 71.74
N GLU HB 156 30.73 80.05 71.38
CA GLU HB 156 30.23 81.43 71.43
C GLU HB 156 30.11 81.95 72.86
N LEU HB 157 29.60 81.14 73.80
CA LEU HB 157 29.67 81.39 75.25
C LEU HB 157 31.11 81.69 75.73
N ARG HB 158 32.11 80.91 75.32
CA ARG HB 158 33.50 81.17 75.66
C ARG HB 158 34.04 82.43 75.03
N ARG HB 159 33.70 82.76 73.77
CA ARG HB 159 34.01 84.08 73.19
C ARG HB 159 33.36 85.20 74.00
N GLN HB 160 32.13 85.01 74.46
CA GLN HB 160 31.42 85.94 75.35
C GLN HB 160 32.05 86.02 76.75
N VAL HB 161 32.76 85.00 77.26
CA VAL HB 161 33.50 85.08 78.55
C VAL HB 161 34.95 85.54 78.42
N ASP HB 162 35.68 85.16 77.38
CA ASP HB 162 36.95 85.79 77.01
C ASP HB 162 36.73 87.29 76.82
N GLN HB 163 35.61 87.64 76.16
CA GLN HB 163 35.12 89.01 76.07
C GLN HB 163 34.72 89.58 77.43
N LEU HB 164 33.90 88.90 78.26
CA LEU HB 164 33.51 89.45 79.57
C LEU HB 164 34.69 89.62 80.54
N THR HB 165 35.77 88.84 80.39
CA THR HB 165 37.01 88.94 81.18
C THR HB 165 37.87 90.12 80.72
N ASN HB 166 38.04 90.29 79.41
CA ASN HB 166 38.73 91.46 78.83
C ASN HB 166 37.93 92.75 79.06
N ASP HB 167 36.60 92.67 78.99
CA ASP HB 167 35.65 93.70 79.41
C ASP HB 167 35.82 94.01 80.90
N LYS HB 168 35.69 93.02 81.82
CA LYS HB 168 35.95 93.15 83.27
C LYS HB 168 37.25 93.90 83.56
N ALA HB 169 38.35 93.52 82.91
CA ALA HB 169 39.64 94.20 83.07
C ALA HB 169 39.70 95.62 82.45
N ARG HB 170 39.15 95.85 81.25
CA ARG HB 170 39.05 97.17 80.62
C ARG HB 170 38.19 98.10 81.47
N VAL HB 171 37.00 97.66 81.79
CA VAL HB 171 35.96 98.45 82.44
C VAL HB 171 36.27 98.70 83.91
N GLU HB 172 37.07 97.84 84.55
CA GLU HB 172 37.66 98.16 85.84
C GLU HB 172 38.66 99.32 85.73
N VAL HB 173 39.48 99.38 84.66
CA VAL HB 173 40.32 100.57 84.38
C VAL HB 173 39.48 101.80 83.96
N GLU HB 174 38.41 101.65 83.18
CA GLU HB 174 37.53 102.78 82.83
C GLU HB 174 36.70 103.30 84.02
N ARG HB 175 36.46 102.48 85.05
CA ARG HB 175 35.94 102.95 86.34
C ARG HB 175 37.04 103.48 87.25
N ASP HB 176 38.24 102.92 87.21
CA ASP HB 176 39.41 103.41 87.93
C ASP HB 176 39.79 104.83 87.47
N ASN HB 177 39.56 105.18 86.19
CA ASN HB 177 39.65 106.57 85.72
C ASN HB 177 38.69 107.51 86.48
N LEU HB 178 37.39 107.14 86.53
CA LEU HB 178 36.35 107.96 87.18
C LEU HB 178 36.55 107.99 88.69
N ALA HB 179 36.70 106.82 89.32
CA ALA HB 179 36.83 106.65 90.75
C ALA HB 179 38.19 107.11 91.29
N GLU HB 180 39.25 107.23 90.48
CA GLU HB 180 40.50 107.90 90.87
C GLU HB 180 40.38 109.42 90.82
N ASP HB 181 39.65 110.00 89.86
CA ASP HB 181 39.26 111.41 89.91
C ASP HB 181 38.26 111.71 91.03
N ILE HB 182 37.29 110.83 91.30
CA ILE HB 182 36.47 110.97 92.51
C ILE HB 182 37.28 110.70 93.78
N MET HB 183 38.29 109.84 93.81
CA MET HB 183 39.13 109.59 95.00
C MET HB 183 40.02 110.79 95.34
N ARG HB 184 40.66 111.37 94.31
CA ARG HB 184 41.38 112.65 94.42
C ARG HB 184 40.45 113.78 94.86
N LEU HB 185 39.28 113.87 94.23
CA LEU HB 185 38.23 114.81 94.62
C LEU HB 185 37.81 114.58 96.07
N ARG HB 186 37.48 113.37 96.50
CA ARG HB 186 37.08 112.99 97.88
C ARG HB 186 38.11 113.39 98.94
N GLU HB 187 39.39 113.17 98.68
CA GLU HB 187 40.47 113.59 99.60
C GLU HB 187 40.62 115.12 99.64
N LYS HB 188 40.62 115.77 98.47
CA LYS HB 188 40.55 117.24 98.35
C LYS HB 188 39.24 117.83 98.87
N LEU HB 189 38.17 117.05 98.94
CA LEU HB 189 36.82 117.45 99.32
C LEU HB 189 36.62 117.33 100.83
N GLN HB 190 37.34 116.42 101.49
CA GLN HB 190 37.59 116.46 102.93
C GLN HB 190 38.42 117.70 103.32
N GLU HB 191 39.46 118.03 102.54
CA GLU HB 191 40.20 119.30 102.71
C GLU HB 191 39.33 120.53 102.42
N GLU HB 192 38.46 120.50 101.39
CA GLU HB 192 37.52 121.58 101.13
C GLU HB 192 36.47 121.72 102.21
N MET HB 193 35.89 120.65 102.79
CA MET HB 193 34.92 120.81 103.87
C MET HB 193 35.55 121.44 105.13
N MET IB 1 -5.94 72.64 55.41
CA MET IB 1 -5.06 73.35 56.37
C MET IB 1 -5.77 74.55 57.00
N SER IB 2 -6.05 74.50 58.29
CA SER IB 2 -6.22 75.68 59.16
C SER IB 2 -4.96 75.87 60.01
N THR IB 3 -5.03 76.72 61.03
CA THR IB 3 -4.08 76.94 62.14
C THR IB 3 -4.93 77.36 63.36
N ARG IB 4 -4.37 77.58 64.55
CA ARG IB 4 -5.05 78.26 65.68
C ARG IB 4 -4.48 79.65 65.95
N SER IB 5 -4.29 80.40 64.86
CA SER IB 5 -3.83 81.79 64.93
C SER IB 5 -5.00 82.71 65.31
N VAL IB 6 -4.80 83.57 66.31
CA VAL IB 6 -5.81 84.53 66.80
C VAL IB 6 -6.24 85.49 65.68
N SER IB 7 -7.55 85.68 65.52
CA SER IB 7 -8.12 86.42 64.37
C SER IB 7 -8.67 87.81 64.71
N SER IB 8 -8.02 88.54 65.63
CA SER IB 8 -8.31 89.95 65.91
C SER IB 8 -8.19 90.81 64.64
N SER IB 9 -9.33 91.28 64.14
CA SER IB 9 -9.41 92.51 63.33
C SER IB 9 -9.34 93.75 64.25
N SER IB 10 -10.04 94.84 63.92
CA SER IB 10 -10.43 95.86 64.91
C SER IB 10 -11.30 95.26 66.03
N TYR IB 11 -12.24 94.38 65.66
CA TYR IB 11 -12.88 93.30 66.45
C TYR IB 11 -13.68 93.68 67.72
N ARG IB 12 -13.31 94.75 68.42
CA ARG IB 12 -14.09 95.39 69.49
C ARG IB 12 -14.43 96.82 69.06
N ARG IB 13 -15.46 96.92 68.20
CA ARG IB 13 -15.83 98.13 67.42
C ARG IB 13 -14.63 98.62 66.57
N MET IB 14 -14.54 99.92 66.25
CA MET IB 14 -13.46 100.48 65.41
C MET IB 14 -13.04 101.93 65.75
N PHE IB 15 -13.68 102.56 66.74
CA PHE IB 15 -13.73 104.02 66.87
C PHE IB 15 -12.57 104.60 67.72
N GLY IB 16 -11.35 104.56 67.18
CA GLY IB 16 -10.24 105.35 67.71
C GLY IB 16 -9.64 104.77 68.99
N GLY IB 17 -9.65 105.59 70.05
CA GLY IB 17 -9.43 105.21 71.45
C GLY IB 17 -10.58 105.81 72.29
N PRO IB 18 -10.58 105.67 73.63
CA PRO IB 18 -11.76 105.96 74.46
C PRO IB 18 -12.45 107.33 74.27
N GLY IB 19 -11.77 108.48 74.09
CA GLY IB 19 -10.32 108.71 74.16
C GLY IB 19 -9.91 110.17 73.95
N THR IB 20 -10.75 111.01 73.34
CA THR IB 20 -10.59 112.48 73.34
C THR IB 20 -11.94 113.17 73.10
N ALA IB 21 -12.69 113.44 74.16
CA ALA IB 21 -13.95 114.21 74.11
C ALA IB 21 -13.76 115.73 73.89
N SER IB 22 -12.61 116.16 73.36
CA SER IB 22 -12.34 117.55 72.94
C SER IB 22 -12.56 118.64 74.00
N ARG IB 23 -12.11 118.39 75.25
CA ARG IB 23 -12.13 119.36 76.38
C ARG IB 23 -11.70 120.77 75.91
N PRO IB 24 -12.58 121.78 75.93
CA PRO IB 24 -12.37 123.01 75.17
C PRO IB 24 -11.23 123.87 75.74
N SER IB 25 -10.15 123.98 74.98
CA SER IB 25 -9.00 124.83 75.28
C SER IB 25 -9.32 126.31 75.06
N SER IB 26 -9.94 126.97 76.05
CA SER IB 26 -10.25 128.41 76.01
C SER IB 26 -9.01 129.27 75.67
N SER IB 27 -9.22 130.42 75.04
CA SER IB 27 -8.15 131.34 74.59
C SER IB 27 -7.48 132.13 75.72
N ARG IB 28 -7.29 131.55 76.91
CA ARG IB 28 -6.37 132.06 77.96
C ARG IB 28 -4.87 131.91 77.58
N SER IB 29 -4.60 131.46 76.35
CA SER IB 29 -3.37 131.68 75.58
C SER IB 29 -3.26 133.08 74.93
N TYR IB 30 -4.24 133.96 75.11
CA TYR IB 30 -4.09 135.42 74.96
C TYR IB 30 -3.31 136.05 76.14
N VAL IB 31 -2.89 137.30 75.97
CA VAL IB 31 -2.31 138.13 77.03
C VAL IB 31 -3.44 138.61 77.96
N ARG IB 155 -23.06 131.45 88.84
CA ARG IB 155 -22.37 130.67 87.78
C ARG IB 155 -21.56 129.50 88.33
N GLU IB 156 -21.04 129.58 89.54
CA GLU IB 156 -20.33 128.47 90.22
C GLU IB 156 -21.28 127.43 90.81
N LEU IB 157 -22.53 127.79 91.12
CA LEU IB 157 -23.64 126.87 91.38
C LEU IB 157 -24.18 126.29 90.07
N ARG IB 158 -24.45 127.15 89.09
CA ARG IB 158 -24.95 126.79 87.77
C ARG IB 158 -23.98 125.91 86.96
N ARG IB 159 -22.68 125.99 87.21
CA ARG IB 159 -21.67 125.07 86.64
C ARG IB 159 -21.91 123.60 87.02
N GLN IB 160 -22.36 123.35 88.25
CA GLN IB 160 -22.71 122.01 88.74
C GLN IB 160 -24.15 121.61 88.38
N VAL IB 161 -25.04 122.59 88.18
CA VAL IB 161 -26.37 122.39 87.56
C VAL IB 161 -26.28 121.97 86.08
N ASP IB 162 -25.39 122.59 85.32
CA ASP IB 162 -25.01 122.14 83.98
C ASP IB 162 -24.24 120.80 84.01
N GLN IB 163 -23.55 120.45 85.10
CA GLN IB 163 -22.89 119.15 85.27
C GLN IB 163 -23.91 117.99 85.32
N LEU IB 164 -24.97 118.03 86.15
CA LEU IB 164 -26.07 117.02 86.04
C LEU IB 164 -26.72 117.06 84.66
N THR IB 165 -26.88 118.24 84.08
CA THR IB 165 -27.58 118.37 82.79
C THR IB 165 -26.77 117.75 81.63
N ASN IB 166 -25.47 117.51 81.83
CA ASN IB 166 -24.70 116.50 81.09
C ASN IB 166 -24.89 115.09 81.68
N ASP IB 167 -24.60 114.87 82.98
CA ASP IB 167 -24.57 113.56 83.64
C ASP IB 167 -25.85 112.73 83.41
N LYS IB 168 -27.02 113.28 83.74
CA LYS IB 168 -28.33 112.61 83.61
C LYS IB 168 -28.68 112.25 82.16
N ALA IB 169 -28.58 113.24 81.26
CA ALA IB 169 -28.87 113.02 79.85
C ALA IB 169 -27.89 112.03 79.20
N ARG IB 170 -26.65 111.98 79.68
CA ARG IB 170 -25.63 111.03 79.26
C ARG IB 170 -25.91 109.61 79.77
N VAL IB 171 -26.23 109.40 81.04
CA VAL IB 171 -26.52 108.05 81.56
C VAL IB 171 -27.79 107.44 80.96
N GLU IB 172 -28.79 108.28 80.67
CA GLU IB 172 -30.01 107.86 79.96
C GLU IB 172 -29.72 107.48 78.49
N VAL IB 173 -28.96 108.30 77.76
CA VAL IB 173 -28.58 108.00 76.36
C VAL IB 173 -27.61 106.82 76.24
N GLU IB 174 -26.63 106.69 77.13
CA GLU IB 174 -25.69 105.56 77.11
C GLU IB 174 -26.37 104.24 77.53
N ARG IB 175 -27.39 104.25 78.41
CA ARG IB 175 -28.16 103.04 78.81
C ARG IB 175 -28.86 102.41 77.62
N ASP IB 176 -29.67 103.20 76.90
CA ASP IB 176 -30.52 102.69 75.82
C ASP IB 176 -29.73 102.39 74.53
N ASN IB 177 -28.53 102.95 74.35
CA ASN IB 177 -27.63 102.58 73.24
C ASN IB 177 -26.84 101.30 73.51
N LEU IB 178 -26.18 101.20 74.66
CA LEU IB 178 -25.30 100.07 74.96
C LEU IB 178 -26.06 98.78 75.28
N ALA IB 179 -27.36 98.89 75.59
CA ALA IB 179 -28.28 97.75 75.64
C ALA IB 179 -28.23 96.91 74.35
N GLU IB 180 -28.50 97.52 73.19
CA GLU IB 180 -28.34 96.84 71.89
C GLU IB 180 -26.86 96.57 71.52
N ASP IB 181 -25.92 97.51 71.71
CA ASP IB 181 -24.50 97.31 71.29
C ASP IB 181 -23.79 96.15 72.03
N ILE IB 182 -24.20 95.81 73.26
CA ILE IB 182 -23.62 94.71 74.06
C ILE IB 182 -24.51 93.46 74.06
N MET IB 183 -25.84 93.58 73.96
CA MET IB 183 -26.75 92.45 73.73
C MET IB 183 -26.43 91.72 72.41
N ARG IB 184 -26.12 92.48 71.35
CA ARG IB 184 -25.60 91.99 70.06
C ARG IB 184 -24.13 91.54 70.07
N LEU IB 185 -23.47 91.55 71.24
CA LEU IB 185 -22.21 90.86 71.54
C LEU IB 185 -22.36 89.65 72.47
N ARG IB 186 -23.53 89.42 73.09
CA ARG IB 186 -23.88 88.18 73.80
C ARG IB 186 -24.58 87.17 72.90
N GLU IB 187 -25.42 87.67 71.99
CA GLU IB 187 -26.10 86.92 70.91
C GLU IB 187 -25.13 86.14 70.01
N LYS IB 188 -23.94 86.71 69.76
CA LYS IB 188 -22.89 86.06 68.94
C LYS IB 188 -22.03 85.05 69.70
N LEU IB 189 -22.01 85.13 71.03
CA LEU IB 189 -21.41 84.07 71.86
C LEU IB 189 -22.38 82.91 72.07
N GLN IB 190 -23.70 83.18 72.02
CA GLN IB 190 -24.75 82.17 71.90
C GLN IB 190 -24.68 81.44 70.55
N GLU IB 191 -24.44 82.16 69.43
CA GLU IB 191 -24.11 81.52 68.14
C GLU IB 191 -22.89 80.59 68.25
N GLU IB 192 -21.79 81.03 68.89
CA GLU IB 192 -20.57 80.21 69.03
C GLU IB 192 -20.74 78.97 69.94
N MET IB 193 -21.61 79.01 70.96
CA MET IB 193 -21.84 77.88 71.88
C MET IB 193 -22.97 76.94 71.48
N LEU IB 194 -24.01 77.42 70.79
CA LEU IB 194 -25.01 76.52 70.21
C LEU IB 194 -24.40 75.66 69.08
N GLN IB 195 -23.39 76.16 68.36
CA GLN IB 195 -22.54 75.35 67.44
C GLN IB 195 -21.57 74.37 68.15
N ARG IB 196 -21.51 74.35 69.48
CA ARG IB 196 -20.83 73.34 70.29
C ARG IB 196 -21.81 72.33 70.89
N GLU IB 197 -22.92 72.81 71.43
CA GLU IB 197 -23.87 71.96 72.16
C GLU IB 197 -24.85 71.23 71.21
N GLU IB 198 -25.11 71.78 70.01
CA GLU IB 198 -25.62 71.05 68.83
C GLU IB 198 -24.70 69.88 68.47
N ALA IB 199 -23.39 70.13 68.46
CA ALA IB 199 -22.36 69.19 68.09
C ALA IB 199 -22.04 68.14 69.19
N GLU IB 200 -22.64 68.26 70.37
CA GLU IB 200 -22.62 67.29 71.47
C GLU IB 200 -23.93 66.52 71.58
N ASN IB 201 -25.02 67.20 71.90
CA ASN IB 201 -26.32 66.61 72.23
C ASN IB 201 -26.91 65.81 71.06
N THR IB 202 -26.90 66.40 69.86
CA THR IB 202 -27.38 65.73 68.64
C THR IB 202 -26.56 64.47 68.31
N LEU IB 203 -25.30 64.42 68.74
CA LEU IB 203 -24.41 63.27 68.56
C LEU IB 203 -24.60 62.18 69.64
N GLN IB 204 -25.30 62.43 70.76
CA GLN IB 204 -25.92 61.37 71.60
C GLN IB 204 -27.23 60.87 71.00
N SER IB 205 -28.06 61.77 70.48
CA SER IB 205 -29.37 61.39 69.94
C SER IB 205 -29.23 60.56 68.65
N PHE IB 206 -28.22 60.86 67.82
CA PHE IB 206 -27.80 60.02 66.68
C PHE IB 206 -27.21 58.65 67.07
N ARG IB 207 -26.87 58.40 68.35
CA ARG IB 207 -26.40 57.10 68.85
C ARG IB 207 -27.52 56.24 69.38
N GLN IB 208 -28.52 56.86 70.01
CA GLN IB 208 -29.77 56.19 70.38
C GLN IB 208 -30.61 55.82 69.15
N ASP IB 209 -30.70 56.70 68.14
CA ASP IB 209 -31.32 56.33 66.85
C ASP IB 209 -30.43 55.50 65.92
N VAL IB 210 -29.13 55.38 66.21
CA VAL IB 210 -28.31 54.29 65.64
C VAL IB 210 -28.71 52.92 66.21
N ASP IB 211 -29.06 52.83 67.49
CA ASP IB 211 -29.58 51.60 68.10
C ASP IB 211 -31.00 51.25 67.63
N ASN IB 212 -31.93 52.21 67.66
CA ASN IB 212 -33.30 52.02 67.14
C ASN IB 212 -33.29 51.58 65.67
N ALA IB 213 -32.40 52.16 64.86
CA ALA IB 213 -32.18 51.73 63.49
C ALA IB 213 -31.53 50.34 63.39
N SER IB 214 -30.58 49.99 64.27
CA SER IB 214 -29.86 48.70 64.27
C SER IB 214 -30.76 47.52 64.68
N LEU IB 215 -31.65 47.69 65.66
CA LEU IB 215 -32.69 46.71 65.97
C LEU IB 215 -33.63 46.47 64.77
N ALA IB 216 -33.96 47.54 64.03
CA ALA IB 216 -34.66 47.41 62.76
C ALA IB 216 -33.81 46.75 61.65
N ARG IB 217 -32.48 46.97 61.60
CA ARG IB 217 -31.58 46.25 60.69
C ARG IB 217 -31.51 44.75 60.99
N LEU IB 218 -31.60 44.32 62.24
CA LEU IB 218 -31.56 42.88 62.61
C LEU IB 218 -32.82 42.12 62.22
N ASP IB 219 -33.98 42.78 62.21
CA ASP IB 219 -35.21 42.21 61.65
C ASP IB 219 -35.14 42.11 60.11
N LEU IB 220 -34.42 43.03 59.45
CA LEU IB 220 -34.10 42.94 58.02
C LEU IB 220 -33.03 41.86 57.74
N GLU IB 221 -32.00 41.74 58.58
CA GLU IB 221 -30.97 40.70 58.50
C GLU IB 221 -31.53 39.30 58.69
N ARG IB 222 -32.49 39.13 59.61
CA ARG IB 222 -33.23 37.88 59.76
C ARG IB 222 -33.96 37.45 58.49
N LYS IB 223 -34.44 38.42 57.71
CA LYS IB 223 -34.99 38.16 56.37
C LYS IB 223 -33.86 37.82 55.40
N VAL IB 224 -32.81 38.62 55.34
CA VAL IB 224 -31.65 38.41 54.45
C VAL IB 224 -30.99 37.04 54.65
N GLU IB 225 -30.64 36.61 55.88
CA GLU IB 225 -30.04 35.30 56.21
C GLU IB 225 -30.88 34.14 55.66
N SER IB 226 -32.17 34.14 56.03
CA SER IB 226 -33.16 33.15 55.58
C SER IB 226 -33.29 33.15 54.06
N LEU IB 227 -33.30 34.33 53.46
CA LEU IB 227 -33.37 34.56 52.02
C LEU IB 227 -32.04 34.34 51.28
N GLN IB 228 -30.97 33.98 51.99
CA GLN IB 228 -29.62 33.73 51.46
C GLN IB 228 -29.19 32.26 51.61
N GLU IB 229 -29.87 31.46 52.43
CA GLU IB 229 -30.15 30.09 51.99
C GLU IB 229 -30.85 30.08 50.63
N GLU IB 230 -31.84 30.96 50.47
CA GLU IB 230 -32.69 31.01 49.28
C GLU IB 230 -32.02 31.65 48.04
N ILE IB 231 -30.96 32.46 48.19
CA ILE IB 231 -30.05 32.79 47.09
C ILE IB 231 -29.29 31.54 46.65
N ALA IB 232 -28.74 30.77 47.58
CA ALA IB 232 -27.93 29.60 47.22
C ALA IB 232 -28.76 28.50 46.53
N PHE IB 233 -30.01 28.33 46.98
CA PHE IB 233 -31.10 27.62 46.30
C PHE IB 233 -31.31 28.17 44.88
N LEU IB 234 -31.70 29.45 44.77
CA LEU IB 234 -32.03 30.10 43.50
C LEU IB 234 -30.91 30.05 42.45
N LYS IB 235 -29.68 30.40 42.81
CA LYS IB 235 -28.56 30.45 41.86
C LYS IB 235 -28.15 29.06 41.33
N LYS IB 236 -28.52 27.96 41.99
CA LYS IB 236 -28.26 26.58 41.52
C LYS IB 236 -29.49 25.81 41.04
N LEU IB 237 -30.69 26.17 41.51
CA LEU IB 237 -31.94 25.81 40.83
C LEU IB 237 -31.98 26.37 39.39
N HIS IB 238 -31.29 27.47 39.10
CA HIS IB 238 -31.09 27.89 37.70
C HIS IB 238 -30.04 27.09 36.92
N GLU IB 239 -28.99 26.60 37.56
CA GLU IB 239 -28.04 25.73 36.86
C GLU IB 239 -28.69 24.37 36.55
N GLU IB 240 -29.58 23.95 37.43
CA GLU IB 240 -30.44 22.76 37.40
C GLU IB 240 -31.59 22.87 36.38
N GLU IB 241 -32.23 24.03 36.21
CA GLU IB 241 -33.09 24.34 35.03
C GLU IB 241 -32.33 24.25 33.69
N ILE IB 242 -31.05 24.60 33.67
CA ILE IB 242 -30.22 24.46 32.47
C ILE IB 242 -29.76 23.00 32.26
N GLN IB 243 -29.72 22.16 33.31
CA GLN IB 243 -29.52 20.72 33.21
C GLN IB 243 -30.79 20.00 32.77
N GLU IB 244 -31.95 20.38 33.27
CA GLU IB 244 -33.25 19.75 32.97
C GLU IB 244 -33.90 20.27 31.68
N LEU IB 245 -33.57 21.49 31.21
CA LEU IB 245 -33.80 21.87 29.82
C LEU IB 245 -32.83 21.17 28.86
N GLN IB 246 -31.59 20.90 29.30
CA GLN IB 246 -30.71 19.95 28.59
C GLN IB 246 -31.17 18.50 28.75
N ALA IB 247 -32.02 18.16 29.73
CA ALA IB 247 -32.69 16.87 29.84
C ALA IB 247 -33.86 16.76 28.86
N GLN IB 248 -34.80 17.70 28.83
CA GLN IB 248 -35.88 17.68 27.85
C GLN IB 248 -35.39 17.84 26.38
N ILE IB 249 -34.30 18.57 26.11
CA ILE IB 249 -33.62 18.52 24.78
C ILE IB 249 -32.92 17.18 24.56
N GLN IB 250 -32.24 16.65 25.57
CA GLN IB 250 -31.57 15.34 25.46
C GLN IB 250 -32.61 14.24 25.16
N GLU IB 251 -33.72 14.12 25.90
CA GLU IB 251 -34.61 12.96 26.15
C GLU IB 251 -35.73 12.58 25.17
N GLN IB 252 -35.87 13.54 24.19
CA GLN IB 252 -36.45 13.08 22.87
C GLN IB 252 -35.34 12.33 21.98
N HIS IB 253 -34.05 12.37 22.40
CA HIS IB 253 -32.79 12.03 21.70
C HIS IB 253 -31.85 11.37 22.76
N VAL IB 254 -32.31 10.85 23.87
CA VAL IB 254 -32.85 9.58 24.13
C VAL IB 254 -33.50 9.70 25.54
N GLN IB 255 -34.47 8.83 25.67
CA GLN IB 255 -35.32 8.19 24.68
C GLN IB 255 -36.74 8.37 25.18
N ILE IB 256 -37.55 8.14 24.17
CA ILE IB 256 -38.33 9.19 23.47
C ILE IB 256 -39.37 9.86 24.35
N ASP IB 257 -39.63 9.43 25.59
CA ASP IB 257 -40.19 8.17 26.18
C ASP IB 257 -39.62 6.72 25.90
N VAL IB 258 -38.84 6.13 26.82
CA VAL IB 258 -37.82 5.05 26.56
C VAL IB 258 -38.28 3.74 25.83
N ASP IB 259 -37.96 3.57 24.53
CA ASP IB 259 -38.43 2.45 23.70
C ASP IB 259 -38.01 1.01 24.12
N VAL IB 260 -38.71 0.01 23.59
CA VAL IB 260 -38.28 -1.40 23.45
C VAL IB 260 -37.53 -1.72 22.13
N SER IB 261 -37.61 -0.81 21.12
CA SER IB 261 -37.03 -0.88 19.75
C SER IB 261 -37.48 -2.07 18.89
N LYS IB 262 -37.32 -3.28 19.43
CA LYS IB 262 -38.10 -4.47 19.08
C LYS IB 262 -39.58 -4.18 19.39
N PRO IB 263 -40.54 -4.58 18.52
CA PRO IB 263 -41.96 -4.57 18.86
C PRO IB 263 -42.31 -5.61 19.94
N ASP IB 264 -42.74 -6.83 19.56
CA ASP IB 264 -42.85 -7.94 20.52
C ASP IB 264 -42.87 -9.32 19.83
N LEU IB 265 -43.64 -10.27 20.38
CA LEU IB 265 -44.66 -11.14 19.74
C LEU IB 265 -44.68 -11.24 18.21
N THR IB 266 -44.49 -10.13 17.50
CA THR IB 266 -44.19 -10.05 16.06
C THR IB 266 -43.12 -11.03 15.58
N ALA IB 267 -42.08 -11.27 16.40
CA ALA IB 267 -41.06 -12.28 16.14
C ALA IB 267 -41.66 -13.69 16.20
N ALA IB 268 -42.23 -14.03 17.37
CA ALA IB 268 -42.90 -15.29 17.63
C ALA IB 268 -44.04 -15.61 16.66
N LEU IB 269 -44.74 -14.62 16.10
CA LEU IB 269 -45.77 -14.82 15.07
C LEU IB 269 -45.20 -15.19 13.69
N ARG IB 270 -44.05 -14.64 13.30
CA ARG IB 270 -43.27 -15.04 12.10
C ARG IB 270 -42.54 -16.36 12.29
N ASP IB 271 -42.17 -16.67 13.52
CA ASP IB 271 -41.51 -17.92 13.86
C ASP IB 271 -42.52 -19.07 13.97
N VAL IB 272 -43.72 -18.81 14.52
CA VAL IB 272 -44.92 -19.66 14.40
C VAL IB 272 -45.34 -19.85 12.94
N ARG IB 273 -45.28 -18.81 12.11
CA ARG IB 273 -45.55 -18.91 10.66
C ARG IB 273 -44.60 -19.89 9.98
N GLN IB 274 -43.29 -19.70 10.14
CA GLN IB 274 -42.27 -20.55 9.53
C GLN IB 274 -42.19 -21.95 10.18
N GLN IB 275 -42.62 -22.09 11.43
CA GLN IB 275 -42.82 -23.38 12.10
C GLN IB 275 -44.09 -24.10 11.64
N TYR IB 276 -45.18 -23.41 11.27
CA TYR IB 276 -46.34 -24.02 10.59
C TYR IB 276 -46.00 -24.46 9.16
N GLU IB 277 -45.20 -23.69 8.44
CA GLU IB 277 -44.66 -24.07 7.13
C GLU IB 277 -43.68 -25.27 7.24
N SER IB 278 -42.91 -25.34 8.33
CA SER IB 278 -42.07 -26.52 8.68
C SER IB 278 -42.89 -27.72 9.17
N VAL IB 279 -44.02 -27.53 9.86
CA VAL IB 279 -44.94 -28.59 10.28
C VAL IB 279 -45.75 -29.12 9.11
N ALA IB 280 -46.05 -28.31 8.10
CA ALA IB 280 -46.57 -28.77 6.81
C ALA IB 280 -45.53 -29.65 6.08
N ALA IB 281 -44.24 -29.28 6.13
CA ALA IB 281 -43.15 -30.12 5.62
C ALA IB 281 -42.96 -31.43 6.42
N LYS IB 282 -43.11 -31.42 7.75
CA LYS IB 282 -43.13 -32.65 8.58
C LYS IB 282 -44.32 -33.55 8.26
N ASN IB 283 -45.52 -32.98 8.10
CA ASN IB 283 -46.71 -33.73 7.71
C ASN IB 283 -46.56 -34.32 6.30
N LEU IB 284 -45.85 -33.65 5.38
CA LEU IB 284 -45.49 -34.19 4.07
C LEU IB 284 -44.44 -35.32 4.16
N GLN IB 285 -43.43 -35.18 5.04
CA GLN IB 285 -42.45 -36.23 5.33
C GLN IB 285 -43.12 -37.51 5.89
N GLU IB 286 -44.03 -37.36 6.86
CA GLU IB 286 -44.81 -38.48 7.40
C GLU IB 286 -45.82 -39.03 6.40
N ALA IB 287 -46.33 -38.20 5.47
CA ALA IB 287 -47.12 -38.65 4.34
C ALA IB 287 -46.31 -39.39 3.25
N GLU IB 288 -44.98 -39.27 3.22
CA GLU IB 288 -44.13 -40.19 2.44
C GLU IB 288 -43.90 -41.54 3.17
N GLU IB 289 -43.98 -41.59 4.50
CA GLU IB 289 -44.10 -42.87 5.24
C GLU IB 289 -45.49 -43.52 5.06
N TRP IB 290 -46.57 -42.74 4.92
CA TRP IB 290 -47.89 -43.24 4.51
C TRP IB 290 -47.86 -43.75 3.05
N TYR IB 291 -47.19 -43.02 2.15
CA TYR IB 291 -47.03 -43.42 0.75
C TYR IB 291 -46.24 -44.72 0.59
N LYS IB 292 -45.12 -44.88 1.33
CA LYS IB 292 -44.39 -46.15 1.45
C LYS IB 292 -45.28 -47.28 1.97
N SER IB 293 -46.13 -47.01 2.97
CA SER IB 293 -47.03 -48.01 3.56
C SER IB 293 -48.05 -48.53 2.55
N LYS IB 294 -48.61 -47.66 1.71
CA LYS IB 294 -49.50 -48.06 0.60
C LYS IB 294 -48.78 -48.67 -0.60
N PHE IB 295 -47.54 -48.25 -0.85
CA PHE IB 295 -46.66 -48.89 -1.82
C PHE IB 295 -46.21 -50.30 -1.35
N ALA IB 296 -46.14 -50.54 -0.04
CA ALA IB 296 -45.92 -51.85 0.56
C ALA IB 296 -47.18 -52.74 0.53
N ASP IB 297 -48.39 -52.19 0.72
CA ASP IB 297 -49.67 -52.88 0.45
C ASP IB 297 -49.71 -53.39 -1.01
N LEU IB 298 -49.39 -52.51 -1.97
CA LEU IB 298 -49.22 -52.85 -3.40
C LEU IB 298 -48.16 -53.93 -3.63
N SER IB 299 -46.95 -53.74 -3.09
CA SER IB 299 -45.81 -54.64 -3.34
C SER IB 299 -46.07 -56.05 -2.80
N GLU IB 300 -46.73 -56.15 -1.65
CA GLU IB 300 -47.09 -57.43 -1.03
C GLU IB 300 -48.30 -58.09 -1.71
N ALA IB 301 -49.29 -57.32 -2.18
CA ALA IB 301 -50.36 -57.84 -3.03
C ALA IB 301 -49.81 -58.37 -4.37
N ALA IB 302 -48.87 -57.65 -4.99
CA ALA IB 302 -48.19 -58.10 -6.20
C ALA IB 302 -47.34 -59.36 -5.98
N ASN IB 303 -46.65 -59.49 -4.83
CA ASN IB 303 -45.92 -60.71 -4.45
C ASN IB 303 -46.86 -61.91 -4.20
N ARG IB 304 -47.91 -61.73 -3.40
CA ARG IB 304 -48.84 -62.82 -3.02
C ARG IB 304 -49.62 -63.38 -4.21
N ASN IB 305 -50.09 -62.52 -5.12
CA ASN IB 305 -50.74 -62.97 -6.35
C ASN IB 305 -49.75 -63.58 -7.36
N ASN IB 306 -48.50 -63.10 -7.39
CA ASN IB 306 -47.42 -63.77 -8.10
C ASN IB 306 -47.15 -65.18 -7.54
N ASP IB 307 -47.02 -65.35 -6.24
CA ASP IB 307 -46.76 -66.67 -5.66
C ASP IB 307 -47.96 -67.61 -5.75
N ALA IB 308 -49.19 -67.08 -5.81
CA ALA IB 308 -50.39 -67.86 -6.15
C ALA IB 308 -50.44 -68.33 -7.63
N LEU IB 309 -49.91 -67.56 -8.60
CA LEU IB 309 -49.81 -67.99 -10.01
C LEU IB 309 -48.53 -68.82 -10.29
N ARG IB 310 -47.46 -68.64 -9.50
CA ARG IB 310 -46.28 -69.52 -9.50
C ARG IB 310 -46.61 -70.88 -8.89
N GLN IB 311 -47.49 -70.93 -7.88
CA GLN IB 311 -48.04 -72.15 -7.30
C GLN IB 311 -48.89 -72.94 -8.31
N ALA IB 312 -49.75 -72.26 -9.09
CA ALA IB 312 -50.49 -72.89 -10.19
C ALA IB 312 -49.56 -73.49 -11.28
N LYS IB 313 -48.42 -72.83 -11.58
CA LYS IB 313 -47.39 -73.42 -12.45
C LYS IB 313 -46.64 -74.60 -11.81
N GLN IB 314 -46.45 -74.62 -10.49
CA GLN IB 314 -45.83 -75.73 -9.75
C GLN IB 314 -46.76 -76.94 -9.65
N GLU IB 315 -48.06 -76.73 -9.41
CA GLU IB 315 -49.11 -77.75 -9.47
C GLU IB 315 -49.24 -78.34 -10.89
N SER IB 316 -49.27 -77.47 -11.91
CA SER IB 316 -49.21 -77.88 -13.32
C SER IB 316 -47.90 -78.58 -13.73
N THR IB 317 -46.85 -78.51 -12.91
CA THR IB 317 -45.58 -79.24 -13.11
C THR IB 317 -45.55 -80.57 -12.34
N GLU IB 318 -46.24 -80.67 -11.20
CA GLU IB 318 -46.43 -81.92 -10.46
C GLU IB 318 -47.44 -82.85 -11.14
N TYR IB 319 -48.59 -82.34 -11.57
CA TYR IB 319 -49.53 -83.09 -12.41
C TYR IB 319 -48.89 -83.50 -13.75
N ARG IB 320 -47.97 -82.70 -14.32
CA ARG IB 320 -47.18 -83.15 -15.49
C ARG IB 320 -46.29 -84.37 -15.20
N ARG IB 321 -45.70 -84.50 -14.01
CA ARG IB 321 -44.95 -85.70 -13.61
C ARG IB 321 -45.87 -86.90 -13.39
N GLN IB 322 -47.05 -86.69 -12.83
CA GLN IB 322 -48.08 -87.73 -12.63
C GLN IB 322 -48.62 -88.26 -13.97
N VAL IB 323 -48.89 -87.34 -14.91
CA VAL IB 323 -49.21 -87.64 -16.32
C VAL IB 323 -48.12 -88.48 -16.95
N GLN IB 324 -46.87 -88.04 -16.89
CA GLN IB 324 -45.76 -88.72 -17.56
C GLN IB 324 -45.47 -90.11 -16.97
N SER IB 325 -45.60 -90.27 -15.65
CA SER IB 325 -45.39 -91.55 -14.96
C SER IB 325 -46.51 -92.55 -15.28
N LEU IB 326 -47.78 -92.11 -15.13
CA LEU IB 326 -48.97 -92.90 -15.42
C LEU IB 326 -49.12 -93.24 -16.92
N THR IB 327 -48.64 -92.36 -17.81
CA THR IB 327 -48.55 -92.70 -19.25
C THR IB 327 -47.59 -93.87 -19.48
N CYS IB 328 -46.39 -93.84 -18.91
CA CYS IB 328 -45.40 -94.91 -19.08
C CYS IB 328 -45.84 -96.23 -18.43
N GLU IB 329 -46.58 -96.16 -17.31
CA GLU IB 329 -47.12 -97.30 -16.58
C GLU IB 329 -48.21 -98.03 -17.38
N VAL IB 330 -49.17 -97.28 -17.95
CA VAL IB 330 -50.25 -97.85 -18.77
C VAL IB 330 -49.78 -98.19 -20.21
N ASP IB 331 -48.80 -97.47 -20.77
CA ASP IB 331 -48.11 -97.90 -22.00
C ASP IB 331 -47.36 -99.23 -21.81
N ALA IB 332 -46.79 -99.50 -20.63
CA ALA IB 332 -46.14 -100.76 -20.31
C ALA IB 332 -47.12 -101.92 -20.04
N LEU IB 333 -48.28 -101.65 -19.44
CA LEU IB 333 -49.35 -102.65 -19.27
C LEU IB 333 -50.04 -102.99 -20.59
N LYS IB 334 -50.28 -102.00 -21.45
CA LYS IB 334 -50.66 -102.21 -22.86
C LYS IB 334 -49.61 -103.00 -23.65
N GLY IB 335 -48.33 -102.66 -23.51
CA GLY IB 335 -47.23 -103.42 -24.12
C GLY IB 335 -47.06 -104.84 -23.56
N THR IB 336 -47.54 -105.09 -22.34
CA THR IB 336 -47.61 -106.43 -21.75
C THR IB 336 -48.80 -107.23 -22.31
N ASN IB 337 -49.95 -106.59 -22.54
CA ASN IB 337 -51.11 -107.22 -23.16
C ASN IB 337 -50.86 -107.55 -24.65
N GLU IB 338 -50.19 -106.68 -25.41
CA GLU IB 338 -49.67 -106.99 -26.75
C GLU IB 338 -48.60 -108.10 -26.75
N SER IB 339 -47.83 -108.23 -25.66
CA SER IB 339 -46.84 -109.30 -25.51
C SER IB 339 -47.51 -110.65 -25.25
N LEU IB 340 -48.61 -110.68 -24.48
CA LEU IB 340 -49.45 -111.87 -24.31
C LEU IB 340 -50.17 -112.25 -25.60
N GLU IB 341 -50.70 -111.28 -26.34
CA GLU IB 341 -51.28 -111.44 -27.70
C GLU IB 341 -50.30 -112.09 -28.68
N ARG IB 342 -49.03 -111.66 -28.66
CA ARG IB 342 -47.96 -112.22 -29.51
C ARG IB 342 -47.48 -113.60 -29.07
N GLN IB 343 -47.43 -113.88 -27.77
CA GLN IB 343 -47.10 -115.20 -27.25
C GLN IB 343 -48.22 -116.21 -27.49
N MET IB 344 -49.48 -115.77 -27.41
CA MET IB 344 -50.66 -116.56 -27.77
C MET IB 344 -50.62 -116.94 -29.25
N ARG IB 345 -50.30 -115.99 -30.15
CA ARG IB 345 -50.04 -116.29 -31.57
C ARG IB 345 -48.97 -117.37 -31.78
N GLU IB 346 -47.82 -117.27 -31.13
CA GLU IB 346 -46.73 -118.25 -31.33
C GLU IB 346 -47.02 -119.62 -30.69
N MET IB 347 -47.92 -119.71 -29.71
CA MET IB 347 -48.47 -120.99 -29.25
C MET IB 347 -49.59 -121.50 -30.16
N GLU IB 348 -50.42 -120.61 -30.71
CA GLU IB 348 -51.53 -120.90 -31.61
C GLU IB 348 -51.06 -121.39 -32.99
N GLU IB 349 -49.96 -120.84 -33.51
CA GLU IB 349 -49.22 -121.31 -34.69
C GLU IB 349 -48.67 -122.74 -34.49
N ASN IB 350 -48.18 -123.07 -33.27
CA ASN IB 350 -47.84 -124.45 -32.93
C ASN IB 350 -49.07 -125.36 -32.84
N PHE IB 351 -50.17 -124.92 -32.22
CA PHE IB 351 -51.38 -125.75 -32.05
C PHE IB 351 -52.05 -126.10 -33.39
N ALA IB 352 -52.09 -125.18 -34.35
CA ALA IB 352 -52.60 -125.44 -35.70
C ALA IB 352 -51.73 -126.47 -36.45
N VAL IB 353 -50.40 -126.37 -36.31
CA VAL IB 353 -49.41 -127.31 -36.87
C VAL IB 353 -49.44 -128.67 -36.19
N GLU IB 354 -49.59 -128.75 -34.88
CA GLU IB 354 -49.72 -130.02 -34.13
C GLU IB 354 -51.03 -130.76 -34.47
N ALA IB 355 -52.14 -130.04 -34.65
CA ALA IB 355 -53.41 -130.60 -35.11
C ALA IB 355 -53.31 -131.21 -36.52
N ALA IB 356 -52.72 -130.48 -37.47
CA ALA IB 356 -52.51 -130.94 -38.84
C ALA IB 356 -51.56 -132.15 -38.92
N ASN IB 357 -50.42 -132.11 -38.20
CA ASN IB 357 -49.48 -133.24 -38.14
C ASN IB 357 -50.12 -134.49 -37.51
N TYR IB 358 -50.92 -134.32 -36.45
CA TYR IB 358 -51.62 -135.44 -35.80
C TYR IB 358 -52.65 -136.08 -36.74
N GLN IB 359 -53.48 -135.27 -37.40
CA GLN IB 359 -54.53 -135.77 -38.29
C GLN IB 359 -53.96 -136.48 -39.54
N ASP IB 360 -52.89 -135.93 -40.13
CA ASP IB 360 -52.18 -136.58 -41.23
C ASP IB 360 -51.50 -137.88 -40.80
N THR IB 361 -50.86 -137.90 -39.63
CA THR IB 361 -50.23 -139.11 -39.08
C THR IB 361 -51.24 -140.23 -38.86
N ILE IB 362 -52.43 -139.91 -38.35
CA ILE IB 362 -53.50 -140.90 -38.13
C ILE IB 362 -54.05 -141.44 -39.46
N GLY IB 363 -54.37 -140.56 -40.42
CA GLY IB 363 -54.95 -140.98 -41.71
C GLY IB 363 -53.98 -141.76 -42.60
N ARG IB 364 -52.73 -141.30 -42.67
CA ARG IB 364 -51.63 -141.96 -43.38
C ARG IB 364 -51.30 -143.34 -42.81
N LEU IB 365 -51.28 -143.47 -41.49
CA LEU IB 365 -51.10 -144.75 -40.80
C LEU IB 365 -52.27 -145.71 -41.05
N GLN IB 366 -53.51 -145.21 -41.11
CA GLN IB 366 -54.68 -146.02 -41.44
C GLN IB 366 -54.61 -146.57 -42.88
N ASP IB 367 -54.20 -145.76 -43.86
CA ASP IB 367 -54.00 -146.21 -45.25
C ASP IB 367 -52.87 -147.23 -45.40
N GLU IB 368 -51.72 -147.01 -44.76
CA GLU IB 368 -50.61 -147.97 -44.72
C GLU IB 368 -51.03 -149.33 -44.13
N ILE IB 369 -51.91 -149.32 -43.13
CA ILE IB 369 -52.52 -150.53 -42.55
C ILE IB 369 -53.50 -151.22 -43.52
N MET JB 1 -5.37 78.28 56.61
CA MET JB 1 -4.77 79.00 57.75
C MET JB 1 -5.90 79.68 58.50
N SER JB 2 -5.99 79.59 59.82
CA SER JB 2 -6.79 80.59 60.55
C SER JB 2 -6.06 81.93 60.46
N THR JB 3 -6.71 82.95 59.90
CA THR JB 3 -6.00 84.17 59.53
C THR JB 3 -5.59 84.91 60.80
N ARG JB 4 -4.28 85.12 60.99
CA ARG JB 4 -3.74 86.13 61.90
C ARG JB 4 -4.13 87.52 61.38
N SER JB 5 -5.36 87.93 61.72
CA SER JB 5 -5.94 89.19 61.28
C SER JB 5 -5.15 90.39 61.82
N VAL JB 6 -5.21 91.51 61.11
CA VAL JB 6 -4.49 92.72 61.49
C VAL JB 6 -5.25 93.42 62.62
N SER JB 7 -4.81 93.17 63.86
CA SER JB 7 -5.32 93.87 65.04
C SER JB 7 -4.98 95.36 64.95
N SER JB 8 -6.00 96.17 64.64
CA SER JB 8 -5.83 97.51 64.07
C SER JB 8 -6.31 98.62 65.01
N SER JB 9 -5.78 98.61 66.24
CA SER JB 9 -5.93 99.74 67.18
C SER JB 9 -5.29 101.04 66.65
N SER JB 10 -5.48 102.14 67.37
CA SER JB 10 -5.07 103.51 66.98
C SER JB 10 -3.57 103.80 67.04
N TYR JB 11 -2.72 102.84 66.67
CA TYR JB 11 -1.29 103.05 66.35
C TYR JB 11 -1.04 104.05 65.20
N ARG JB 12 -2.10 104.46 64.48
CA ARG JB 12 -2.09 105.36 63.32
C ARG JB 12 -2.04 106.86 63.67
N ARG JB 13 -2.64 107.27 64.79
CA ARG JB 13 -2.79 108.67 65.25
C ARG JB 13 -3.21 108.68 66.74
N MET JB 14 -3.87 109.73 67.24
CA MET JB 14 -4.11 109.99 68.68
C MET JB 14 -2.84 110.30 69.49
N PHE JB 15 -1.66 110.07 68.92
CA PHE JB 15 -0.38 110.58 69.41
C PHE JB 15 0.02 111.86 68.66
N GLY JB 16 0.77 112.78 69.27
CA GLY JB 16 1.24 112.79 70.65
C GLY JB 16 2.70 113.25 70.75
N GLY JB 17 3.03 113.96 71.84
CA GLY JB 17 4.22 114.82 71.94
C GLY JB 17 3.86 116.30 71.97
N PRO JB 18 3.26 116.89 70.90
CA PRO JB 18 2.75 118.26 70.91
C PRO JB 18 1.38 118.39 71.61
N GLY JB 19 1.17 117.66 72.71
CA GLY JB 19 0.02 117.86 73.61
C GLY JB 19 0.08 119.18 74.39
N THR JB 20 1.23 119.87 74.33
CA THR JB 20 1.51 121.22 74.85
C THR JB 20 0.76 122.31 74.06
N ALA JB 21 -0.58 122.31 74.17
CA ALA JB 21 -1.49 123.22 73.47
C ALA JB 21 -1.48 124.64 74.09
N SER JB 22 -2.52 125.01 74.86
CA SER JB 22 -2.61 126.31 75.53
C SER JB 22 -1.64 126.41 76.73
N ARG JB 23 -0.38 126.73 76.43
CA ARG JB 23 0.54 127.32 77.42
C ARG JB 23 -0.02 128.67 77.90
N PRO JB 24 0.08 129.02 79.20
CA PRO JB 24 -0.53 130.22 79.76
C PRO JB 24 0.25 131.49 79.35
N SER JB 25 -0.11 132.09 78.21
CA SER JB 25 0.31 133.46 77.86
C SER JB 25 -0.20 134.51 78.84
N SER JB 26 -1.24 134.18 79.62
CA SER JB 26 -1.72 134.92 80.80
C SER JB 26 -0.66 135.13 81.89
N SER JB 27 0.44 134.37 81.87
CA SER JB 27 1.65 134.63 82.68
C SER JB 27 2.25 136.01 82.39
N GLU JB 156 -14.30 129.30 94.19
CA GLU JB 156 -13.61 128.66 93.05
C GLU JB 156 -12.58 127.64 93.57
N LEU JB 157 -11.85 127.95 94.65
CA LEU JB 157 -10.90 127.00 95.26
C LEU JB 157 -11.59 125.74 95.80
N ARG JB 158 -12.74 125.89 96.47
CA ARG JB 158 -13.63 124.83 96.96
C ARG JB 158 -14.10 123.97 95.80
N ARG JB 159 -14.64 124.56 94.74
CA ARG JB 159 -15.09 123.85 93.52
C ARG JB 159 -13.93 123.14 92.80
N GLN JB 160 -12.73 123.70 92.76
CA GLN JB 160 -11.54 123.03 92.19
C GLN JB 160 -11.08 121.83 93.03
N VAL JB 161 -11.01 121.96 94.36
CA VAL JB 161 -10.63 120.87 95.28
C VAL JB 161 -11.69 119.76 95.32
N ASP JB 162 -12.95 120.15 95.28
CA ASP JB 162 -14.12 119.28 95.19
C ASP JB 162 -14.14 118.47 93.88
N GLN JB 163 -13.94 119.13 92.72
CA GLN JB 163 -13.81 118.43 91.43
C GLN JB 163 -12.63 117.44 91.37
N LEU JB 164 -11.50 117.74 92.05
CA LEU JB 164 -10.37 116.80 92.19
C LEU JB 164 -10.65 115.65 93.17
N THR JB 165 -11.48 115.87 94.18
CA THR JB 165 -11.94 114.84 95.13
C THR JB 165 -12.87 113.85 94.44
N ASN JB 166 -13.78 114.40 93.62
CA ASN JB 166 -14.76 113.64 92.86
C ASN JB 166 -14.07 112.79 91.78
N ASP JB 167 -13.18 113.37 90.96
CA ASP JB 167 -12.42 112.61 89.93
C ASP JB 167 -11.48 111.55 90.53
N LYS JB 168 -10.94 111.77 91.73
CA LYS JB 168 -10.10 110.79 92.43
C LYS JB 168 -10.89 109.54 92.83
N ALA JB 169 -11.85 109.70 93.74
CA ALA JB 169 -12.56 108.56 94.34
C ALA JB 169 -13.66 107.97 93.43
N ARG JB 170 -14.02 108.68 92.34
CA ARG JB 170 -14.65 108.12 91.13
C ARG JB 170 -13.88 106.90 90.60
N VAL JB 171 -12.59 107.06 90.32
CA VAL JB 171 -11.74 105.98 89.77
C VAL JB 171 -11.53 104.84 90.79
N GLU JB 172 -11.73 105.11 92.07
CA GLU JB 172 -11.53 104.10 93.12
C GLU JB 172 -12.63 103.04 93.11
N VAL JB 173 -13.89 103.44 92.92
CA VAL JB 173 -15.06 102.54 92.91
C VAL JB 173 -15.52 102.15 91.49
N GLU JB 174 -15.26 102.98 90.48
CA GLU JB 174 -15.29 102.63 89.04
C GLU JB 174 -14.49 101.36 88.76
N ARG JB 175 -13.22 101.37 89.19
CA ARG JB 175 -12.22 100.36 88.88
C ARG JB 175 -12.59 99.00 89.43
N ASP JB 176 -13.10 98.96 90.67
CA ASP JB 176 -13.34 97.72 91.38
C ASP JB 176 -14.58 96.98 90.84
N ASN JB 177 -15.66 97.72 90.51
CA ASN JB 177 -16.76 97.15 89.73
C ASN JB 177 -16.35 96.80 88.27
N LEU JB 178 -15.55 97.64 87.59
CA LEU JB 178 -15.02 97.31 86.25
C LEU JB 178 -14.06 96.11 86.25
N ALA JB 179 -13.41 95.80 87.36
CA ALA JB 179 -12.64 94.57 87.52
C ALA JB 179 -13.54 93.34 87.73
N GLU JB 180 -14.73 93.51 88.31
CA GLU JB 180 -15.77 92.49 88.47
C GLU JB 180 -16.48 92.16 87.14
N ASP JB 181 -16.95 93.12 86.33
CA ASP JB 181 -17.46 92.90 84.94
C ASP JB 181 -16.47 92.11 84.08
N ILE JB 182 -15.23 92.60 84.06
CA ILE JB 182 -14.17 92.00 83.26
C ILE JB 182 -13.77 90.62 83.80
N MET JB 183 -14.15 90.26 85.04
CA MET JB 183 -14.12 88.89 85.54
C MET JB 183 -15.40 88.08 85.21
N ARG JB 184 -16.59 88.67 85.34
CA ARG JB 184 -17.89 88.02 85.07
C ARG JB 184 -18.05 87.57 83.63
N LEU JB 185 -17.68 88.40 82.66
CA LEU JB 185 -17.61 87.97 81.25
C LEU JB 185 -16.45 86.99 80.99
N ARG JB 186 -15.37 87.02 81.79
CA ARG JB 186 -14.27 86.05 81.66
C ARG JB 186 -14.58 84.67 82.23
N GLU JB 187 -15.33 84.55 83.32
CA GLU JB 187 -15.66 83.26 83.97
C GLU JB 187 -16.36 82.32 82.98
N LYS JB 188 -17.46 82.83 82.41
CA LYS JB 188 -18.12 82.37 81.17
C LYS JB 188 -17.17 82.00 80.03
N LEU JB 189 -16.36 82.97 79.56
CA LEU JB 189 -15.49 82.76 78.39
C LEU JB 189 -14.33 81.79 78.65
N GLN JB 190 -13.89 81.61 79.89
CA GLN JB 190 -12.80 80.72 80.29
C GLN JB 190 -13.29 79.28 80.44
N GLU JB 191 -14.46 79.08 81.04
CA GLU JB 191 -15.13 77.78 81.10
C GLU JB 191 -15.58 77.29 79.72
N GLU JB 192 -16.08 78.19 78.86
CA GLU JB 192 -16.29 77.88 77.43
C GLU JB 192 -14.98 77.57 76.70
N MET JB 193 -13.88 78.26 77.01
CA MET JB 193 -12.58 77.98 76.40
C MET JB 193 -12.02 76.60 76.81
N LEU JB 194 -12.26 76.14 78.04
CA LEU JB 194 -11.86 74.81 78.51
C LEU JB 194 -12.55 73.69 77.72
N GLN JB 195 -13.89 73.77 77.60
CA GLN JB 195 -14.64 72.84 76.75
C GLN JB 195 -14.20 72.93 75.27
N ARG JB 196 -14.00 74.15 74.75
CA ARG JB 196 -13.67 74.37 73.33
C ARG JB 196 -12.34 73.74 72.91
N GLU JB 197 -11.40 73.54 73.85
CA GLU JB 197 -10.08 72.97 73.57
C GLU JB 197 -10.06 71.43 73.56
N GLU JB 198 -10.89 70.74 74.35
CA GLU JB 198 -11.19 69.30 74.16
C GLU JB 198 -12.05 69.07 72.89
N ALA JB 199 -13.09 69.90 72.73
CA ALA JB 199 -14.10 69.79 71.69
C ALA JB 199 -13.58 70.00 70.24
N GLU JB 200 -12.29 70.31 70.04
CA GLU JB 200 -11.67 70.38 68.71
C GLU JB 200 -11.66 69.02 67.99
N ASN JB 201 -11.25 67.97 68.71
CA ASN JB 201 -10.92 66.67 68.11
C ASN JB 201 -12.04 65.64 68.28
N THR JB 202 -12.73 65.68 69.41
CA THR JB 202 -13.85 64.79 69.74
C THR JB 202 -15.00 64.91 68.73
N LEU JB 203 -15.26 66.11 68.20
CA LEU JB 203 -16.22 66.33 67.10
C LEU JB 203 -15.88 65.62 65.77
N GLN JB 204 -14.60 65.31 65.50
CA GLN JB 204 -14.22 64.46 64.36
C GLN JB 204 -14.29 62.96 64.67
N SER JB 205 -14.09 62.59 65.94
CA SER JB 205 -14.34 61.24 66.46
C SER JB 205 -15.83 60.89 66.40
N PHE JB 206 -16.69 61.79 66.91
CA PHE JB 206 -18.15 61.63 66.97
C PHE JB 206 -18.77 61.30 65.60
N ARG JB 207 -18.28 61.99 64.56
CA ARG JB 207 -18.78 61.86 63.18
C ARG JB 207 -18.22 60.62 62.48
N GLN JB 208 -16.99 60.19 62.79
CA GLN JB 208 -16.46 58.88 62.39
C GLN JB 208 -17.17 57.72 63.11
N ASP JB 209 -17.56 57.89 64.37
CA ASP JB 209 -18.36 56.90 65.11
C ASP JB 209 -19.78 56.72 64.53
N VAL JB 210 -20.41 57.81 64.10
CA VAL JB 210 -21.70 57.80 63.37
C VAL JB 210 -21.56 57.28 61.95
N ASP JB 211 -20.44 57.54 61.27
CA ASP JB 211 -20.10 56.94 59.96
C ASP JB 211 -19.89 55.43 60.06
N ASN JB 212 -19.17 54.92 61.07
CA ASN JB 212 -18.95 53.48 61.29
C ASN JB 212 -20.26 52.72 61.56
N ALA JB 213 -21.14 53.27 62.39
CA ALA JB 213 -22.49 52.74 62.57
C ALA JB 213 -23.35 52.81 61.29
N SER JB 214 -23.08 53.77 60.42
CA SER JB 214 -23.77 53.87 59.13
C SER JB 214 -23.22 52.88 58.11
N LEU JB 215 -21.93 52.53 58.15
CA LEU JB 215 -21.34 51.42 57.39
C LEU JB 215 -21.91 50.05 57.80
N ALA JB 216 -22.10 49.82 59.09
CA ALA JB 216 -22.79 48.61 59.59
C ALA JB 216 -24.23 48.51 59.05
N ARG JB 217 -25.03 49.57 59.24
CA ARG JB 217 -26.44 49.59 58.80
C ARG JB 217 -26.61 49.52 57.27
N LEU JB 218 -25.62 50.01 56.51
CA LEU JB 218 -25.61 50.08 55.04
C LEU JB 218 -25.51 48.70 54.34
N ASP JB 219 -24.89 47.69 54.95
CA ASP JB 219 -24.84 46.34 54.35
C ASP JB 219 -26.21 45.68 54.34
N LEU JB 220 -26.94 45.79 55.44
CA LEU JB 220 -28.29 45.22 55.60
C LEU JB 220 -29.37 45.98 54.83
N GLU JB 221 -29.18 47.29 54.60
CA GLU JB 221 -30.01 48.08 53.68
C GLU JB 221 -29.88 47.58 52.23
N ARG JB 222 -28.65 47.56 51.70
CA ARG JB 222 -28.37 47.14 50.32
C ARG JB 222 -28.71 45.67 50.08
N LYS JB 223 -28.55 44.83 51.11
CA LYS JB 223 -28.98 43.42 51.10
C LYS JB 223 -30.49 43.29 51.04
N VAL JB 224 -31.25 43.91 51.94
CA VAL JB 224 -32.71 43.72 51.95
C VAL JB 224 -33.41 44.37 50.74
N GLU JB 225 -32.82 45.40 50.13
CA GLU JB 225 -33.19 45.88 48.80
C GLU JB 225 -32.98 44.81 47.71
N SER JB 226 -31.76 44.29 47.59
CA SER JB 226 -31.39 43.29 46.57
C SER JB 226 -32.17 41.99 46.71
N LEU JB 227 -32.50 41.58 47.94
CA LEU JB 227 -33.15 40.30 48.23
C LEU JB 227 -34.65 40.30 47.90
N GLN JB 228 -35.26 41.46 47.63
CA GLN JB 228 -36.59 41.53 47.00
C GLN JB 228 -36.56 41.03 45.55
N GLU JB 229 -35.49 41.33 44.79
CA GLU JB 229 -35.29 40.74 43.46
C GLU JB 229 -34.95 39.24 43.55
N GLU JB 230 -34.16 38.82 44.54
CA GLU JB 230 -33.81 37.40 44.71
C GLU JB 230 -35.01 36.51 45.11
N ILE JB 231 -36.03 37.01 45.82
CA ILE JB 231 -37.32 36.31 45.97
C ILE JB 231 -38.06 36.23 44.61
N ALA JB 232 -38.12 37.35 43.88
CA ALA JB 232 -38.82 37.42 42.59
C ALA JB 232 -38.17 36.55 41.50
N PHE JB 233 -36.88 36.25 41.64
CA PHE JB 233 -36.17 35.21 40.89
C PHE JB 233 -36.44 33.81 41.46
N LEU JB 234 -36.39 33.63 42.79
CA LEU JB 234 -36.56 32.31 43.46
C LEU JB 234 -37.80 31.59 43.00
N LYS JB 235 -38.95 32.26 43.04
CA LYS JB 235 -40.24 31.63 42.71
C LYS JB 235 -40.21 31.00 41.33
N LYS JB 236 -39.67 31.73 40.35
CA LYS JB 236 -39.64 31.35 38.94
C LYS JB 236 -38.69 30.20 38.69
N LEU JB 237 -37.42 30.40 39.04
CA LEU JB 237 -36.37 29.44 38.74
C LEU JB 237 -36.49 28.14 39.55
N HIS JB 238 -37.21 28.15 40.68
CA HIS JB 238 -37.69 26.95 41.37
C HIS JB 238 -38.85 26.25 40.65
N GLU JB 239 -39.89 26.98 40.27
CA GLU JB 239 -41.07 26.42 39.61
C GLU JB 239 -40.80 26.01 38.16
N GLU JB 240 -39.78 26.60 37.52
CA GLU JB 240 -39.21 26.22 36.23
C GLU JB 240 -38.36 24.93 36.37
N GLU JB 241 -37.45 24.86 37.36
CA GLU JB 241 -36.68 23.65 37.70
C GLU JB 241 -37.56 22.43 38.03
N ILE JB 242 -38.52 22.55 38.96
CA ILE JB 242 -39.40 21.43 39.34
C ILE JB 242 -40.26 20.97 38.15
N GLN JB 243 -40.63 21.85 37.21
CA GLN JB 243 -41.46 21.46 36.06
C GLN JB 243 -40.66 20.80 34.92
N GLU JB 244 -39.43 21.24 34.64
CA GLU JB 244 -38.56 20.56 33.68
C GLU JB 244 -38.07 19.20 34.22
N LEU JB 245 -37.78 19.11 35.53
CA LEU JB 245 -37.50 17.83 36.23
C LEU JB 245 -38.71 16.87 36.20
N GLN JB 246 -39.93 17.35 36.42
CA GLN JB 246 -41.14 16.51 36.35
C GLN JB 246 -41.64 16.28 34.90
N ALA JB 247 -40.99 16.87 33.89
CA ALA JB 247 -41.07 16.46 32.49
C ALA JB 247 -40.04 15.37 32.14
N GLN JB 248 -38.80 15.47 32.65
CA GLN JB 248 -37.76 14.43 32.60
C GLN JB 248 -38.29 13.09 33.15
N ILE JB 249 -38.95 13.14 34.32
CA ILE JB 249 -39.46 11.93 34.99
C ILE JB 249 -40.60 11.26 34.19
N GLN JB 250 -41.24 11.98 33.27
CA GLN JB 250 -42.21 11.44 32.31
C GLN JB 250 -41.54 10.92 31.02
N GLU JB 251 -40.54 11.61 30.48
CA GLU JB 251 -39.71 11.14 29.34
C GLU JB 251 -38.83 9.91 29.69
N GLN JB 252 -38.72 9.56 30.97
CA GLN JB 252 -38.00 8.38 31.47
C GLN JB 252 -38.46 7.01 30.90
N HIS JB 253 -39.56 6.91 30.14
CA HIS JB 253 -40.50 5.77 30.28
C HIS JB 253 -40.68 4.72 29.12
N VAL JB 254 -41.65 4.77 28.18
CA VAL JB 254 -41.83 3.71 27.13
C VAL JB 254 -42.49 4.03 25.76
N GLN JB 255 -41.85 3.49 24.70
CA GLN JB 255 -42.46 3.01 23.43
C GLN JB 255 -42.33 1.49 23.17
N ILE JB 256 -43.15 0.95 22.26
CA ILE JB 256 -43.12 -0.48 21.85
C ILE JB 256 -43.24 -0.71 20.32
N ASP JB 257 -44.25 -0.15 19.63
CA ASP JB 257 -44.80 -0.65 18.33
C ASP JB 257 -45.46 -2.04 18.48
N VAL JB 258 -46.14 -2.52 17.44
CA VAL JB 258 -47.11 -3.62 17.51
C VAL JB 258 -47.07 -4.52 16.27
N ASP JB 259 -47.33 -5.82 16.45
CA ASP JB 259 -47.53 -6.78 15.35
C ASP JB 259 -48.80 -6.53 14.54
N VAL JB 260 -49.73 -5.69 15.01
CA VAL JB 260 -50.95 -5.34 14.26
C VAL JB 260 -50.75 -4.22 13.24
N SER JB 261 -49.57 -3.57 13.20
CA SER JB 261 -49.19 -2.58 12.17
C SER JB 261 -49.11 -3.17 10.76
N LYS JB 262 -48.97 -4.50 10.64
CA LYS JB 262 -49.25 -5.33 9.44
C LYS JB 262 -49.70 -6.72 9.92
N PRO JB 263 -50.72 -7.35 9.32
CA PRO JB 263 -51.44 -8.45 9.96
C PRO JB 263 -50.63 -9.70 10.33
N ASP JB 264 -49.53 -10.00 9.62
CA ASP JB 264 -48.59 -11.16 9.69
C ASP JB 264 -49.18 -12.59 9.85
N LEU JB 265 -50.09 -12.83 10.80
CA LEU JB 265 -50.95 -14.01 11.00
C LEU JB 265 -51.66 -14.52 9.74
N THR JB 266 -52.00 -13.67 8.78
CA THR JB 266 -52.60 -14.08 7.49
C THR JB 266 -51.67 -15.00 6.68
N ALA JB 267 -50.35 -14.94 6.91
CA ALA JB 267 -49.40 -15.92 6.37
C ALA JB 267 -49.55 -17.30 7.03
N ALA JB 268 -49.58 -17.37 8.36
CA ALA JB 268 -49.79 -18.62 9.10
C ALA JB 268 -51.12 -19.34 8.75
N LEU JB 269 -52.19 -18.57 8.50
CA LEU JB 269 -53.47 -19.11 8.01
C LEU JB 269 -53.42 -19.65 6.56
N ARG JB 270 -52.55 -19.11 5.69
CA ARG JB 270 -52.24 -19.68 4.37
C ARG JB 270 -51.35 -20.92 4.46
N ASP JB 271 -50.49 -21.03 5.46
CA ASP JB 271 -49.63 -22.21 5.65
C ASP JB 271 -50.41 -23.40 6.21
N VAL JB 272 -51.41 -23.15 7.07
CA VAL JB 272 -52.45 -24.13 7.43
C VAL JB 272 -53.27 -24.58 6.21
N ARG JB 273 -53.55 -23.67 5.26
CA ARG JB 273 -54.23 -24.01 4.01
C ARG JB 273 -53.35 -24.84 3.05
N GLN JB 274 -52.06 -24.51 2.95
CA GLN JB 274 -51.07 -25.27 2.16
C GLN JB 274 -50.77 -26.65 2.78
N GLN JB 275 -50.84 -26.79 4.11
CA GLN JB 275 -50.84 -28.09 4.80
C GLN JB 275 -52.07 -28.92 4.42
N TYR JB 276 -53.28 -28.34 4.45
CA TYR JB 276 -54.51 -29.01 4.04
C TYR JB 276 -54.45 -29.46 2.57
N GLU JB 277 -53.98 -28.62 1.65
CA GLU JB 277 -53.85 -28.95 0.23
C GLU JB 277 -52.77 -30.00 -0.06
N SER JB 278 -51.67 -29.99 0.70
CA SER JB 278 -50.62 -31.02 0.64
C SER JB 278 -51.10 -32.37 1.16
N VAL JB 279 -51.73 -32.40 2.34
CA VAL JB 279 -52.28 -33.62 2.93
C VAL JB 279 -53.43 -34.18 2.09
N ALA JB 280 -54.30 -33.34 1.52
CA ALA JB 280 -55.33 -33.77 0.58
C ALA JB 280 -54.74 -34.41 -0.69
N ALA JB 281 -53.63 -33.88 -1.22
CA ALA JB 281 -52.94 -34.49 -2.36
C ALA JB 281 -52.26 -35.84 -2.01
N LYS JB 282 -51.68 -35.97 -0.81
CA LYS JB 282 -51.11 -37.26 -0.35
C LYS JB 282 -52.16 -38.32 0.00
N ASN JB 283 -53.33 -37.91 0.49
CA ASN JB 283 -54.47 -38.82 0.67
C ASN JB 283 -55.01 -39.37 -0.67
N LEU JB 284 -54.93 -38.58 -1.76
CA LEU JB 284 -55.23 -39.07 -3.11
C LEU JB 284 -54.16 -40.05 -3.62
N GLN JB 285 -52.88 -39.87 -3.27
CA GLN JB 285 -51.81 -40.83 -3.60
C GLN JB 285 -51.88 -42.13 -2.78
N GLU JB 286 -52.34 -42.09 -1.52
CA GLU JB 286 -52.66 -43.31 -0.76
C GLU JB 286 -53.76 -44.14 -1.43
N ALA JB 287 -54.80 -43.47 -1.95
CA ALA JB 287 -55.83 -44.12 -2.75
C ALA JB 287 -55.29 -44.61 -4.11
N GLU JB 288 -54.39 -43.88 -4.75
CA GLU JB 288 -53.76 -44.28 -6.02
C GLU JB 288 -52.92 -45.56 -5.88
N GLU JB 289 -52.12 -45.70 -4.83
CA GLU JB 289 -51.39 -46.94 -4.51
C GLU JB 289 -52.32 -48.11 -4.12
N TRP JB 290 -53.44 -47.83 -3.46
CA TRP JB 290 -54.48 -48.85 -3.22
C TRP JB 290 -55.18 -49.31 -4.51
N TYR JB 291 -55.45 -48.39 -5.46
CA TYR JB 291 -55.93 -48.76 -6.79
C TYR JB 291 -54.88 -49.54 -7.58
N LYS JB 292 -53.58 -49.20 -7.48
CA LYS JB 292 -52.49 -50.00 -8.07
C LYS JB 292 -52.38 -51.39 -7.46
N SER JB 293 -52.57 -51.55 -6.15
CA SER JB 293 -52.63 -52.85 -5.48
C SER JB 293 -53.74 -53.73 -6.06
N LYS JB 294 -54.92 -53.15 -6.25
CA LYS JB 294 -56.06 -53.79 -6.92
C LYS JB 294 -55.82 -54.08 -8.40
N PHE JB 295 -55.04 -53.26 -9.10
CA PHE JB 295 -54.62 -53.53 -10.49
C PHE JB 295 -53.60 -54.67 -10.57
N ALA JB 296 -52.73 -54.85 -9.57
CA ALA JB 296 -51.86 -56.02 -9.46
C ALA JB 296 -52.65 -57.30 -9.14
N ASP JB 297 -53.63 -57.23 -8.21
CA ASP JB 297 -54.58 -58.32 -7.93
C ASP JB 297 -55.32 -58.78 -9.20
N LEU JB 298 -55.90 -57.85 -9.96
CA LEU JB 298 -56.67 -58.16 -11.17
C LEU JB 298 -55.78 -58.67 -12.33
N SER JB 299 -54.59 -58.09 -12.51
CA SER JB 299 -53.67 -58.47 -13.61
C SER JB 299 -53.04 -59.83 -13.37
N GLU JB 300 -52.61 -60.09 -12.13
CA GLU JB 300 -52.04 -61.39 -11.77
C GLU JB 300 -53.10 -62.47 -11.53
N ALA JB 301 -54.36 -62.11 -11.24
CA ALA JB 301 -55.50 -63.02 -11.38
C ALA JB 301 -55.77 -63.40 -12.85
N ALA JB 302 -55.65 -62.45 -13.80
CA ALA JB 302 -55.78 -62.75 -15.23
C ALA JB 302 -54.63 -63.64 -15.75
N ASN JB 303 -53.39 -63.43 -15.27
CA ASN JB 303 -52.28 -64.35 -15.54
C ASN JB 303 -52.48 -65.73 -14.90
N ARG JB 304 -52.97 -65.78 -13.66
CA ARG JB 304 -53.33 -67.02 -12.96
C ARG JB 304 -54.45 -67.79 -13.64
N ASN JB 305 -55.43 -67.12 -14.26
CA ASN JB 305 -56.46 -67.77 -15.07
C ASN JB 305 -55.90 -68.34 -16.40
N ASN JB 306 -54.96 -67.65 -17.05
CA ASN JB 306 -54.24 -68.19 -18.21
C ASN JB 306 -53.31 -69.38 -17.86
N ASP JB 307 -52.81 -69.46 -16.62
CA ASP JB 307 -52.05 -70.60 -16.11
C ASP JB 307 -52.91 -71.76 -15.59
N ALA JB 308 -54.06 -71.46 -14.98
CA ALA JB 308 -55.10 -72.44 -14.65
C ALA JB 308 -55.68 -73.10 -15.92
N LEU JB 309 -55.75 -72.38 -17.04
CA LEU JB 309 -56.09 -72.95 -18.35
C LEU JB 309 -54.99 -73.89 -18.90
N ARG JB 310 -53.72 -73.69 -18.55
CA ARG JB 310 -52.61 -74.60 -18.90
C ARG JB 310 -52.59 -75.84 -18.00
N GLN JB 311 -52.93 -75.64 -16.72
CA GLN JB 311 -53.04 -76.65 -15.65
C GLN JB 311 -54.21 -77.62 -15.89
N ALA JB 312 -55.40 -77.07 -16.14
CA ALA JB 312 -56.60 -77.82 -16.54
C ALA JB 312 -56.45 -78.51 -17.90
N LYS JB 313 -55.59 -78.00 -18.81
CA LYS JB 313 -55.23 -78.69 -20.05
C LYS JB 313 -54.21 -79.82 -19.84
N GLN JB 314 -53.33 -79.72 -18.86
CA GLN JB 314 -52.43 -80.80 -18.43
C GLN JB 314 -53.21 -81.95 -17.78
N GLU JB 315 -54.17 -81.63 -16.93
CA GLU JB 315 -55.09 -82.57 -16.27
C GLU JB 315 -56.11 -83.17 -17.27
N SER JB 316 -56.58 -82.38 -18.24
CA SER JB 316 -57.32 -82.88 -19.42
C SER JB 316 -56.49 -83.81 -20.32
N THR JB 317 -55.16 -83.74 -20.27
CA THR JB 317 -54.27 -84.64 -21.02
C THR JB 317 -54.03 -85.94 -20.25
N GLU JB 318 -54.07 -85.90 -18.91
CA GLU JB 318 -53.99 -87.04 -17.99
C GLU JB 318 -55.14 -88.03 -18.20
N TYR JB 319 -56.37 -87.53 -18.03
CA TYR JB 319 -57.58 -88.33 -18.15
C TYR JB 319 -57.79 -88.89 -19.57
N ARG JB 320 -57.45 -88.10 -20.60
CA ARG JB 320 -57.52 -88.55 -22.00
C ARG JB 320 -56.54 -89.68 -22.29
N ARG JB 321 -55.26 -89.53 -21.92
CA ARG JB 321 -54.26 -90.58 -22.12
C ARG JB 321 -54.62 -91.86 -21.37
N GLN JB 322 -55.01 -91.76 -20.11
CA GLN JB 322 -55.35 -92.92 -19.30
C GLN JB 322 -56.57 -93.67 -19.88
N VAL JB 323 -57.67 -92.96 -20.16
CA VAL JB 323 -58.89 -93.56 -20.74
C VAL JB 323 -58.65 -94.14 -22.14
N GLN JB 324 -57.88 -93.45 -22.99
CA GLN JB 324 -57.53 -93.93 -24.33
C GLN JB 324 -56.64 -95.18 -24.28
N SER JB 325 -55.69 -95.24 -23.35
CA SER JB 325 -54.76 -96.36 -23.21
C SER JB 325 -55.41 -97.60 -22.57
N LEU JB 326 -56.27 -97.40 -21.56
CA LEU JB 326 -57.16 -98.44 -21.00
C LEU JB 326 -58.14 -98.99 -22.05
N THR JB 327 -58.64 -98.14 -22.97
CA THR JB 327 -59.48 -98.60 -24.08
C THR JB 327 -58.69 -99.50 -25.05
N CYS JB 328 -57.45 -99.11 -25.36
CA CYS JB 328 -56.56 -99.91 -26.19
C CYS JB 328 -56.07 -101.20 -25.52
N GLU JB 329 -56.01 -101.27 -24.18
CA GLU JB 329 -55.76 -102.51 -23.43
C GLU JB 329 -56.91 -103.50 -23.56
N VAL JB 330 -58.16 -103.02 -23.47
CA VAL JB 330 -59.35 -103.84 -23.74
C VAL JB 330 -59.40 -104.28 -25.21
N ASP JB 331 -58.96 -103.44 -26.14
CA ASP JB 331 -58.83 -103.80 -27.56
C ASP JB 331 -57.74 -104.85 -27.84
N ALA JB 332 -56.58 -104.78 -27.18
CA ALA JB 332 -55.52 -105.80 -27.27
C ALA JB 332 -55.88 -107.14 -26.60
N LEU JB 333 -56.61 -107.10 -25.48
CA LEU JB 333 -57.11 -108.32 -24.83
C LEU JB 333 -58.28 -108.97 -25.60
N LYS JB 334 -59.06 -108.20 -26.36
CA LYS JB 334 -59.97 -108.77 -27.39
C LYS JB 334 -59.21 -109.33 -28.59
N GLY JB 335 -58.12 -108.69 -29.04
CA GLY JB 335 -57.26 -109.21 -30.12
C GLY JB 335 -56.58 -110.53 -29.74
N THR JB 336 -56.26 -110.68 -28.45
CA THR JB 336 -55.83 -111.96 -27.84
C THR JB 336 -56.94 -113.01 -27.87
N ASN JB 337 -58.16 -112.67 -27.44
CA ASN JB 337 -59.30 -113.61 -27.48
C ASN JB 337 -59.71 -113.99 -28.91
N GLU JB 338 -59.73 -113.05 -29.86
CA GLU JB 338 -60.01 -113.33 -31.27
C GLU JB 338 -58.94 -114.22 -31.91
N SER JB 339 -57.68 -114.15 -31.47
CA SER JB 339 -56.61 -115.02 -31.97
C SER JB 339 -56.82 -116.48 -31.52
N LEU JB 340 -57.24 -116.68 -30.27
CA LEU JB 340 -57.63 -118.00 -29.74
C LEU JB 340 -58.94 -118.53 -30.34
N GLU JB 341 -59.97 -117.69 -30.49
CA GLU JB 341 -61.25 -118.06 -31.10
C GLU JB 341 -61.12 -118.39 -32.60
N ARG JB 342 -60.13 -117.81 -33.30
CA ARG JB 342 -59.75 -118.20 -34.67
C ARG JB 342 -58.92 -119.49 -34.69
N GLN JB 343 -57.91 -119.63 -33.81
CA GLN JB 343 -57.09 -120.85 -33.74
C GLN JB 343 -57.92 -122.09 -33.44
N MET JB 344 -58.92 -121.97 -32.57
CA MET JB 344 -59.87 -123.05 -32.26
C MET JB 344 -60.60 -123.54 -33.52
N ARG JB 345 -60.94 -122.63 -34.46
CA ARG JB 345 -61.53 -122.97 -35.75
C ARG JB 345 -60.51 -123.45 -36.78
N GLU JB 346 -59.30 -122.91 -36.79
CA GLU JB 346 -58.22 -123.38 -37.68
C GLU JB 346 -57.77 -124.81 -37.37
N MET JB 347 -57.67 -125.19 -36.09
CA MET JB 347 -57.42 -126.60 -35.73
C MET JB 347 -58.64 -127.50 -36.00
N GLU JB 348 -59.87 -127.01 -35.78
CA GLU JB 348 -61.11 -127.75 -36.09
C GLU JB 348 -61.26 -128.01 -37.60
N GLU JB 349 -60.87 -127.05 -38.44
CA GLU JB 349 -60.80 -127.17 -39.90
C GLU JB 349 -59.65 -128.10 -40.35
N ASN JB 350 -58.46 -128.02 -39.74
CA ASN JB 350 -57.35 -128.94 -40.01
C ASN JB 350 -57.68 -130.40 -39.62
N PHE JB 351 -58.36 -130.62 -38.49
CA PHE JB 351 -58.87 -131.96 -38.14
C PHE JB 351 -59.95 -132.42 -39.13
N ALA JB 352 -60.95 -131.59 -39.44
CA ALA JB 352 -62.11 -131.99 -40.23
C ALA JB 352 -61.81 -132.20 -41.73
N VAL JB 353 -61.01 -131.32 -42.34
CA VAL JB 353 -60.66 -131.36 -43.77
C VAL JB 353 -59.79 -132.57 -44.09
N GLU JB 354 -58.75 -132.82 -43.30
CA GLU JB 354 -57.89 -133.99 -43.52
C GLU JB 354 -58.54 -135.30 -43.05
N ALA JB 355 -59.44 -135.27 -42.06
CA ALA JB 355 -60.31 -136.42 -41.81
C ALA JB 355 -61.24 -136.75 -42.99
N ALA JB 356 -61.74 -135.75 -43.72
CA ALA JB 356 -62.55 -135.97 -44.92
C ALA JB 356 -61.72 -136.46 -46.13
N ASN JB 357 -60.50 -135.93 -46.32
CA ASN JB 357 -59.57 -136.40 -47.36
C ASN JB 357 -59.14 -137.86 -47.15
N TYR JB 358 -58.83 -138.23 -45.90
CA TYR JB 358 -58.53 -139.61 -45.53
C TYR JB 358 -59.77 -140.50 -45.42
N GLN JB 359 -60.99 -139.99 -45.21
CA GLN JB 359 -62.20 -140.83 -45.16
C GLN JB 359 -62.42 -141.60 -46.47
N ASP JB 360 -62.41 -140.92 -47.61
CA ASP JB 360 -62.57 -141.58 -48.91
C ASP JB 360 -61.35 -142.44 -49.27
N THR JB 361 -60.15 -142.09 -48.82
CA THR JB 361 -58.93 -142.85 -49.12
C THR JB 361 -58.89 -144.19 -48.34
N ILE JB 362 -59.16 -144.12 -47.04
CA ILE JB 362 -59.34 -145.29 -46.15
C ILE JB 362 -60.54 -146.14 -46.59
N GLY JB 363 -61.64 -145.50 -47.02
CA GLY JB 363 -62.86 -146.16 -47.46
C GLY JB 363 -62.67 -146.94 -48.76
N ARG JB 364 -62.07 -146.31 -49.77
CA ARG JB 364 -61.73 -146.94 -51.06
C ARG JB 364 -60.71 -148.07 -50.89
N LEU JB 365 -59.72 -147.92 -50.01
CA LEU JB 365 -58.76 -149.01 -49.71
C LEU JB 365 -59.40 -150.16 -48.91
N MET KB 1 -9.51 92.54 32.90
CA MET KB 1 -8.82 91.33 33.39
C MET KB 1 -9.47 90.10 32.78
N SER KB 2 -8.69 89.05 32.47
CA SER KB 2 -9.21 87.79 31.93
C SER KB 2 -8.44 86.61 32.53
N THR KB 3 -9.13 85.69 33.18
CA THR KB 3 -8.50 84.58 33.92
C THR KB 3 -7.83 83.59 32.96
N ARG KB 4 -6.49 83.55 32.95
CA ARG KB 4 -5.66 82.58 32.20
C ARG KB 4 -5.81 81.15 32.75
N SER KB 5 -6.96 80.53 32.49
CA SER KB 5 -7.30 79.19 32.98
C SER KB 5 -6.69 78.12 32.08
N VAL KB 6 -5.52 77.58 32.49
CA VAL KB 6 -4.91 76.36 31.93
C VAL KB 6 -5.67 75.12 32.42
N SER KB 7 -6.95 75.06 32.06
CA SER KB 7 -7.96 74.18 32.66
C SER KB 7 -7.66 72.70 32.45
N SER KB 8 -8.26 71.84 33.29
CA SER KB 8 -8.73 70.56 32.76
C SER KB 8 -9.92 70.78 31.83
N SER KB 9 -9.63 70.64 30.53
CA SER KB 9 -10.48 71.11 29.45
C SER KB 9 -11.82 70.38 29.45
N SER KB 10 -12.88 71.10 29.08
CA SER KB 10 -14.27 70.62 29.14
C SER KB 10 -14.62 69.50 28.15
N TYR KB 11 -13.61 68.84 27.55
CA TYR KB 11 -13.76 67.61 26.78
C TYR KB 11 -13.20 66.37 27.48
N ARG KB 12 -12.47 66.51 28.60
CA ARG KB 12 -12.00 65.37 29.42
C ARG KB 12 -12.05 65.53 30.94
N ARG KB 13 -12.31 66.72 31.48
CA ARG KB 13 -12.50 66.93 32.93
C ARG KB 13 -13.55 66.02 33.56
N MET KB 14 -14.75 65.99 32.98
CA MET KB 14 -15.86 65.13 33.43
C MET KB 14 -15.91 63.78 32.67
N PHE KB 15 -14.85 63.41 31.95
CA PHE KB 15 -14.88 62.29 30.97
C PHE KB 15 -13.63 61.37 31.05
N GLY KB 16 -12.92 61.35 32.18
CA GLY KB 16 -11.94 60.32 32.56
C GLY KB 16 -10.95 59.83 31.47
N GLY KB 17 -10.40 60.76 30.68
CA GLY KB 17 -9.64 60.45 29.46
C GLY KB 17 -8.22 59.94 29.68
N PRO KB 18 -7.71 59.13 28.73
CA PRO KB 18 -6.59 58.18 28.85
C PRO KB 18 -6.02 57.87 30.25
N GLY KB 19 -6.76 57.26 31.18
CA GLY KB 19 -8.23 57.16 31.26
C GLY KB 19 -8.86 55.76 31.25
N THR KB 20 -9.85 55.60 32.14
CA THR KB 20 -10.80 54.47 32.19
C THR KB 20 -12.10 54.71 31.40
N ALA KB 21 -12.38 55.95 30.97
CA ALA KB 21 -13.48 56.23 30.02
C ALA KB 21 -13.10 55.95 28.55
N SER KB 22 -11.80 56.05 28.22
CA SER KB 22 -11.19 55.37 27.07
C SER KB 22 -11.04 53.85 27.24
N ARG KB 23 -11.53 53.31 28.37
CA ARG KB 23 -11.94 51.91 28.58
C ARG KB 23 -10.97 50.85 28.02
N PRO KB 24 -9.84 50.60 28.71
CA PRO KB 24 -9.00 49.41 28.51
C PRO KB 24 -9.73 48.14 28.98
N SER KB 25 -10.75 47.72 28.23
CA SER KB 25 -11.64 46.56 28.41
C SER KB 25 -10.95 45.21 28.20
N SER KB 26 -9.64 45.15 28.37
CA SER KB 26 -8.78 44.01 28.04
C SER KB 26 -8.81 42.91 29.10
N SER KB 27 -9.97 42.26 29.28
CA SER KB 27 -10.02 40.93 29.90
C SER KB 27 -9.20 39.94 29.06
N ARG KB 28 -8.11 39.43 29.63
CA ARG KB 28 -7.04 38.74 28.88
C ARG KB 28 -7.30 37.24 28.69
N SER KB 29 -8.46 36.89 28.15
CA SER KB 29 -8.75 35.50 27.74
C SER KB 29 -7.76 35.04 26.65
N TYR KB 30 -6.87 34.10 26.98
CA TYR KB 30 -5.94 33.52 26.02
C TYR KB 30 -6.68 32.60 25.03
N VAL KB 31 -6.53 32.86 23.73
CA VAL KB 31 -7.24 32.14 22.65
C VAL KB 31 -6.60 30.76 22.42
N THR KB 32 -6.89 29.85 23.34
CA THR KB 32 -6.29 28.50 23.42
C THR KB 32 -6.70 27.64 22.22
N THR KB 33 -5.90 27.66 21.16
CA THR KB 33 -6.15 26.89 19.93
C THR KB 33 -5.81 25.41 20.16
N SER KB 34 -6.74 24.68 20.76
CA SER KB 34 -6.52 23.32 21.28
C SER KB 34 -6.04 22.34 20.20
N THR KB 35 -4.78 21.93 20.30
CA THR KB 35 -4.15 21.00 19.34
C THR KB 35 -4.47 19.56 19.68
N ARG KB 36 -5.27 18.89 18.84
CA ARG KB 36 -5.54 17.44 18.96
C ARG KB 36 -4.66 16.63 18.00
N THR KB 37 -4.24 15.44 18.43
CA THR KB 37 -3.48 14.46 17.63
C THR KB 37 -4.40 13.61 16.72
N TYR KB 38 -5.24 14.25 15.89
CA TYR KB 38 -6.23 13.53 15.07
C TYR KB 38 -6.47 14.10 13.66
N SER KB 39 -6.08 13.32 12.66
CA SER KB 39 -6.56 13.42 11.27
C SER KB 39 -7.92 12.74 11.12
N LEU KB 40 -8.85 13.35 10.38
CA LEU KB 40 -10.24 12.91 10.36
C LEU KB 40 -10.38 11.54 9.67
N GLY KB 41 -10.99 10.58 10.37
CA GLY KB 41 -11.17 9.19 9.92
C GLY KB 41 -9.99 8.26 10.23
N SER KB 42 -8.90 8.74 10.82
CA SER KB 42 -7.69 7.93 11.05
C SER KB 42 -7.85 6.83 12.11
N ALA KB 43 -8.87 6.92 12.97
CA ALA KB 43 -9.15 5.94 14.03
C ALA KB 43 -9.61 4.57 13.50
N LEU KB 44 -10.28 4.52 12.35
CA LEU KB 44 -10.77 3.27 11.77
C LEU KB 44 -10.70 3.30 10.25
N ARG KB 45 -9.84 2.42 9.70
CA ARG KB 45 -9.88 1.96 8.31
C ARG KB 45 -10.14 0.44 8.33
N PRO KB 46 -11.39 -0.03 8.13
CA PRO KB 46 -11.74 -1.44 8.27
C PRO KB 46 -11.03 -2.26 7.18
N SER KB 47 -9.99 -2.99 7.58
CA SER KB 47 -9.03 -3.59 6.65
C SER KB 47 -9.52 -4.95 6.15
N THR KB 48 -10.27 -4.95 5.04
CA THR KB 48 -10.70 -6.16 4.32
C THR KB 48 -9.57 -6.81 3.50
N SER KB 49 -8.34 -6.30 3.63
CA SER KB 49 -7.11 -6.97 3.21
C SER KB 49 -6.88 -8.25 4.02
N ARG KB 50 -7.33 -9.37 3.46
CA ARG KB 50 -7.15 -10.75 3.93
C ARG KB 50 -6.87 -11.66 2.73
N SER KB 51 -5.84 -11.27 1.96
CA SER KB 51 -5.51 -11.76 0.62
C SER KB 51 -5.07 -13.24 0.58
N LEU KB 52 -5.96 -14.14 0.95
CA LEU KB 52 -5.73 -15.58 1.03
C LEU KB 52 -6.01 -16.25 -0.34
N TYR KB 53 -5.11 -17.15 -0.76
CA TYR KB 53 -5.33 -18.04 -1.89
C TYR KB 53 -5.18 -19.51 -1.48
N ALA KB 54 -6.31 -20.24 -1.45
CA ALA KB 54 -6.34 -21.68 -1.23
C ALA KB 54 -6.69 -22.41 -2.54
N SER KB 55 -5.69 -22.58 -3.41
CA SER KB 55 -5.77 -23.37 -4.65
C SER KB 55 -5.82 -24.89 -4.43
N SER KB 56 -5.84 -25.34 -3.17
CA SER KB 56 -5.60 -26.74 -2.78
C SER KB 56 -6.61 -27.71 -3.42
N PRO KB 57 -6.16 -28.80 -4.07
CA PRO KB 57 -7.03 -29.80 -4.68
C PRO KB 57 -7.64 -30.72 -3.60
N GLY KB 58 -8.84 -30.38 -3.12
CA GLY KB 58 -9.61 -31.24 -2.20
C GLY KB 58 -10.12 -32.55 -2.81
N GLY KB 59 -10.17 -32.65 -4.15
CA GLY KB 59 -10.57 -33.86 -4.87
C GLY KB 59 -9.41 -34.82 -5.12
N VAL KB 60 -9.39 -35.96 -4.42
CA VAL KB 60 -8.46 -37.08 -4.65
C VAL KB 60 -9.11 -38.14 -5.54
N TYR KB 61 -8.35 -38.74 -6.46
CA TYR KB 61 -8.88 -39.81 -7.33
C TYR KB 61 -9.03 -41.14 -6.56
N ALA KB 62 -10.28 -41.44 -6.17
CA ALA KB 62 -10.69 -42.73 -5.58
C ALA KB 62 -10.51 -43.88 -6.58
N THR KB 63 -9.30 -44.42 -6.64
CA THR KB 63 -8.78 -45.20 -7.77
C THR KB 63 -9.54 -46.51 -7.96
N ARG KB 64 -10.29 -46.61 -9.07
CA ARG KB 64 -10.98 -47.83 -9.49
C ARG KB 64 -10.08 -48.65 -10.41
N SER KB 65 -10.12 -49.98 -10.26
CA SER KB 65 -9.56 -50.94 -11.22
C SER KB 65 -10.59 -52.01 -11.60
N SER KB 66 -10.55 -52.43 -12.86
CA SER KB 66 -11.33 -53.57 -13.35
C SER KB 66 -10.67 -54.19 -14.59
N ALA KB 67 -9.48 -54.77 -14.37
CA ALA KB 67 -8.88 -55.72 -15.32
C ALA KB 67 -9.88 -56.83 -15.71
N VAL KB 68 -9.71 -57.42 -16.90
CA VAL KB 68 -10.76 -58.23 -17.58
C VAL KB 68 -10.97 -59.60 -16.92
N ARG KB 69 -11.63 -59.59 -15.76
CA ARG KB 69 -12.60 -60.56 -15.23
C ARG KB 69 -12.77 -61.80 -16.11
N LEU KB 70 -11.87 -62.77 -15.91
CA LEU KB 70 -11.80 -64.03 -16.67
C LEU KB 70 -12.95 -64.97 -16.31
N ARG KB 71 -12.95 -66.17 -16.90
CA ARG KB 71 -13.92 -67.25 -16.60
C ARG KB 71 -13.85 -67.65 -15.13
N SER KB 72 -14.67 -67.00 -14.31
CA SER KB 72 -14.88 -67.32 -12.89
C SER KB 72 -15.83 -68.52 -12.74
N SER KB 73 -15.53 -69.61 -13.46
CA SER KB 73 -16.19 -70.91 -13.32
C SER KB 73 -15.64 -71.72 -12.14
N VAL KB 74 -14.65 -71.18 -11.42
CA VAL KB 74 -14.27 -71.62 -10.07
C VAL KB 74 -15.40 -71.25 -9.11
N PRO KB 75 -16.11 -72.20 -8.47
CA PRO KB 75 -17.30 -71.91 -7.67
C PRO KB 75 -17.01 -71.46 -6.24
N GLY KB 76 -15.74 -71.45 -5.81
CA GLY KB 76 -15.31 -71.30 -4.40
C GLY KB 76 -15.51 -69.90 -3.78
N VAL KB 77 -16.38 -69.06 -4.34
CA VAL KB 77 -16.71 -67.73 -3.79
C VAL KB 77 -17.75 -67.89 -2.70
N ARG KB 78 -17.32 -68.06 -1.44
CA ARG KB 78 -18.25 -68.06 -0.29
C ARG KB 78 -19.00 -66.72 -0.21
N LEU KB 79 -20.24 -66.76 0.24
CA LEU KB 79 -20.99 -65.57 0.62
C LEU KB 79 -20.58 -65.09 2.02
N LEU KB 80 -20.43 -63.77 2.16
CA LEU KB 80 -20.44 -62.99 3.41
C LEU KB 80 -21.12 -61.66 3.08
N GLN KB 81 -21.85 -61.07 4.04
CA GLN KB 81 -22.75 -59.93 3.82
C GLN KB 81 -22.69 -58.93 4.99
N ASP KB 82 -21.46 -58.66 5.40
CA ASP KB 82 -21.12 -58.06 6.69
C ASP KB 82 -21.19 -56.52 6.59
N SER KB 83 -22.16 -55.90 7.28
CA SER KB 83 -22.42 -54.45 7.24
C SER KB 83 -23.25 -53.99 8.45
N VAL KB 84 -23.23 -52.72 8.89
CA VAL KB 84 -22.61 -51.54 8.24
C VAL KB 84 -21.79 -50.65 9.19
N ASP KB 85 -22.03 -50.72 10.51
CA ASP KB 85 -21.52 -49.84 11.60
C ASP KB 85 -20.18 -49.12 11.28
N PHE KB 86 -20.15 -47.82 10.97
CA PHE KB 86 -21.21 -46.78 10.89
C PHE KB 86 -21.87 -46.26 12.19
N SER KB 87 -21.48 -46.71 13.39
CA SER KB 87 -21.85 -46.04 14.65
C SER KB 87 -21.31 -44.61 14.76
N LEU KB 88 -20.28 -44.26 13.99
CA LEU KB 88 -19.85 -42.88 13.78
C LEU KB 88 -20.91 -41.99 13.09
N ALA KB 89 -21.77 -42.54 12.23
CA ALA KB 89 -22.89 -41.80 11.65
C ALA KB 89 -24.00 -41.52 12.69
N ASP KB 90 -24.22 -42.43 13.64
CA ASP KB 90 -25.14 -42.21 14.77
C ASP KB 90 -24.56 -41.35 15.90
N ALA KB 91 -23.23 -41.34 16.03
CA ALA KB 91 -22.50 -40.31 16.77
C ALA KB 91 -22.63 -38.93 16.10
N ILE KB 92 -22.52 -38.84 14.77
CA ILE KB 92 -22.76 -37.59 14.00
C ILE KB 92 -24.23 -37.14 14.06
N ASN KB 93 -25.20 -38.05 14.04
CA ASN KB 93 -26.62 -37.74 14.28
C ASN KB 93 -26.86 -37.23 15.71
N THR KB 94 -26.10 -37.75 16.68
CA THR KB 94 -26.10 -37.27 18.07
C THR KB 94 -25.37 -35.93 18.21
N GLU KB 95 -24.31 -35.68 17.45
CA GLU KB 95 -23.65 -34.38 17.34
C GLU KB 95 -24.51 -33.34 16.60
N PHE KB 96 -25.40 -33.73 15.68
CA PHE KB 96 -26.41 -32.83 15.11
C PHE KB 96 -27.52 -32.49 16.11
N LYS KB 97 -27.96 -33.45 16.94
CA LYS KB 97 -28.84 -33.16 18.09
C LYS KB 97 -28.16 -32.26 19.12
N ASN KB 98 -26.89 -32.50 19.44
CA ASN KB 98 -26.11 -31.70 20.38
C ASN KB 98 -25.85 -30.30 19.82
N THR KB 99 -25.51 -30.17 18.52
CA THR KB 99 -25.29 -28.87 17.89
C THR KB 99 -26.58 -28.06 17.80
N ARG KB 100 -27.72 -28.70 17.52
CA ARG KB 100 -29.05 -28.05 17.67
C ARG KB 100 -29.35 -27.66 19.11
N THR KB 101 -28.99 -28.51 20.07
CA THR KB 101 -29.24 -28.26 21.50
C THR KB 101 -28.33 -27.15 22.03
N ASN KB 102 -27.14 -26.96 21.45
CA ASN KB 102 -26.32 -25.77 21.65
C ASN KB 102 -26.93 -24.56 20.96
N GLU KB 103 -27.40 -24.69 19.71
CA GLU KB 103 -28.09 -23.61 18.99
C GLU KB 103 -29.41 -23.17 19.70
N LYS KB 104 -30.07 -24.08 20.45
CA LYS KB 104 -31.17 -23.80 21.40
C LYS KB 104 -30.72 -23.26 22.77
N VAL KB 105 -29.66 -23.79 23.37
CA VAL KB 105 -29.17 -23.31 24.68
C VAL KB 105 -28.51 -21.95 24.54
N GLU KB 106 -27.95 -21.62 23.37
CA GLU KB 106 -27.52 -20.27 22.99
C GLU KB 106 -28.73 -19.34 22.81
N LEU KB 107 -29.82 -19.72 22.11
CA LEU KB 107 -31.02 -18.86 22.06
C LEU KB 107 -31.67 -18.67 23.44
N GLN KB 108 -31.60 -19.66 24.34
CA GLN KB 108 -32.09 -19.57 25.72
C GLN KB 108 -31.20 -18.73 26.64
N GLU KB 109 -29.87 -18.89 26.58
CA GLU KB 109 -28.91 -18.01 27.26
C GLU KB 109 -29.02 -16.58 26.76
N LEU KB 110 -29.34 -16.35 25.50
CA LEU KB 110 -29.56 -15.00 24.95
C LEU KB 110 -30.97 -14.44 25.21
N ASN KB 111 -31.95 -15.29 25.52
CA ASN KB 111 -33.23 -14.91 26.11
C ASN KB 111 -33.07 -14.46 27.57
N ASP KB 112 -32.38 -15.26 28.37
CA ASP KB 112 -31.99 -14.95 29.75
C ASP KB 112 -31.00 -13.78 29.82
N ARG KB 113 -30.15 -13.57 28.80
CA ARG KB 113 -29.30 -12.38 28.68
C ARG KB 113 -30.11 -11.14 28.32
N PHE KB 114 -31.18 -11.25 27.53
CA PHE KB 114 -32.10 -10.13 27.36
C PHE KB 114 -32.93 -9.88 28.62
N ALA KB 115 -33.25 -10.89 29.43
CA ALA KB 115 -33.82 -10.71 30.76
C ALA KB 115 -32.84 -10.03 31.75
N ASN KB 116 -31.55 -10.39 31.71
CA ASN KB 116 -30.49 -9.68 32.43
C ASN KB 116 -30.37 -8.21 32.01
N TYR KB 117 -30.49 -7.89 30.71
CA TYR KB 117 -30.47 -6.50 30.24
C TYR KB 117 -31.81 -5.75 30.42
N ILE KB 118 -32.95 -6.44 30.57
CA ILE KB 118 -34.19 -5.88 31.11
C ILE KB 118 -34.05 -5.57 32.61
N ASP KB 119 -33.32 -6.38 33.36
CA ASP KB 119 -32.98 -6.10 34.76
C ASP KB 119 -31.84 -5.08 34.90
N LYS KB 120 -31.03 -4.83 33.87
CA LYS KB 120 -30.19 -3.61 33.78
C LYS KB 120 -30.96 -2.37 33.37
N VAL KB 121 -32.01 -2.49 32.55
CA VAL KB 121 -32.99 -1.42 32.27
C VAL KB 121 -33.68 -1.00 33.57
N ARG KB 122 -34.21 -1.96 34.32
CA ARG KB 122 -34.74 -1.76 35.67
C ARG KB 122 -33.70 -1.27 36.67
N PHE KB 123 -32.43 -1.67 36.54
CA PHE KB 123 -31.35 -1.18 37.42
C PHE KB 123 -31.01 0.29 37.15
N LEU KB 124 -30.89 0.73 35.91
CA LEU KB 124 -30.63 2.15 35.60
C LEU KB 124 -31.87 3.04 35.82
N GLU KB 125 -33.07 2.49 35.64
CA GLU KB 125 -34.34 3.06 36.13
C GLU KB 125 -34.36 3.17 37.67
N GLN KB 126 -33.91 2.15 38.40
CA GLN KB 126 -33.85 2.18 39.86
C GLN KB 126 -32.73 3.09 40.39
N GLN KB 127 -31.59 3.18 39.69
CA GLN KB 127 -30.52 4.11 40.03
C GLN KB 127 -30.96 5.55 39.79
N ASN KB 128 -31.63 5.86 38.67
CA ASN KB 128 -32.14 7.20 38.42
C ASN KB 128 -33.28 7.61 39.38
N LYS KB 129 -34.09 6.65 39.84
CA LYS KB 129 -35.07 6.85 40.93
C LYS KB 129 -34.46 6.98 42.33
N ILE KB 130 -33.28 6.40 42.60
CA ILE KB 130 -32.54 6.65 43.85
C ILE KB 130 -31.94 8.06 43.81
N LEU KB 131 -31.35 8.46 42.68
CA LEU KB 131 -30.81 9.80 42.50
C LEU KB 131 -31.90 10.87 42.55
N LEU KB 132 -33.13 10.57 42.09
CA LEU KB 132 -34.34 11.38 42.30
C LEU KB 132 -34.72 11.53 43.78
N ALA KB 133 -34.78 10.42 44.53
CA ALA KB 133 -35.08 10.46 45.96
C ALA KB 133 -34.00 11.15 46.81
N GLU KB 134 -32.74 11.16 46.33
CA GLU KB 134 -31.61 11.87 46.94
C GLU KB 134 -31.56 13.35 46.54
N LEU KB 135 -31.82 13.71 45.27
CA LEU KB 135 -31.82 15.11 44.81
C LEU KB 135 -33.01 15.91 45.37
N GLU KB 136 -34.18 15.33 45.59
CA GLU KB 136 -35.29 16.04 46.26
C GLU KB 136 -34.94 16.40 47.72
N GLN KB 137 -34.28 15.49 48.43
CA GLN KB 137 -33.73 15.74 49.78
C GLN KB 137 -32.60 16.78 49.75
N LEU KB 138 -31.72 16.72 48.75
CA LEU KB 138 -30.56 17.60 48.60
C LEU KB 138 -30.88 18.98 48.00
N LYS KB 139 -32.01 19.16 47.33
CA LYS KB 139 -32.58 20.48 47.01
C LYS KB 139 -33.28 21.09 48.22
N GLY KB 140 -34.15 20.32 48.87
CA GLY KB 140 -34.92 20.77 50.03
C GLY KB 140 -34.07 21.10 51.26
N GLN KB 141 -33.06 20.28 51.56
CA GLN KB 141 -32.20 20.44 52.74
C GLN KB 141 -30.74 20.82 52.42
N GLY KB 142 -30.24 20.68 51.19
CA GLY KB 142 -28.81 20.88 50.89
C GLY KB 142 -28.35 22.33 50.89
N LYS KB 143 -29.24 23.27 50.56
CA LYS KB 143 -29.07 24.70 50.91
C LYS KB 143 -29.03 24.91 52.41
N SER KB 144 -30.06 24.44 53.13
CA SER KB 144 -30.22 24.80 54.54
C SER KB 144 -29.17 24.18 55.46
N ARG KB 145 -28.79 22.91 55.23
CA ARG KB 145 -27.73 22.22 56.00
C ARG KB 145 -26.32 22.81 55.83
N LEU KB 146 -26.05 23.49 54.72
CA LEU KB 146 -24.82 24.25 54.51
C LEU KB 146 -24.96 25.72 54.90
N GLY KB 147 -26.18 26.25 54.97
CA GLY KB 147 -26.45 27.58 55.47
C GLY KB 147 -26.39 27.64 56.98
N ASP KB 148 -27.07 26.73 57.66
CA ASP KB 148 -27.29 26.73 59.11
C ASP KB 148 -26.01 26.82 59.95
N LEU KB 149 -24.88 26.29 59.46
CA LEU KB 149 -23.56 26.51 60.08
C LEU KB 149 -23.12 27.98 60.05
N TYR KB 150 -23.16 28.60 58.88
CA TYR KB 150 -22.76 30.00 58.65
C TYR KB 150 -23.84 30.96 59.17
N GLU KB 151 -25.10 30.72 58.80
CA GLU KB 151 -26.24 31.56 59.16
C GLU KB 151 -26.55 31.49 60.68
N GLU KB 152 -26.17 30.44 61.42
CA GLU KB 152 -26.22 30.46 62.90
C GLU KB 152 -25.03 31.17 63.55
N GLU KB 153 -23.87 31.31 62.89
CA GLU KB 153 -22.91 32.35 63.30
C GLU KB 153 -23.60 33.71 63.17
N MET KB 154 -24.11 34.04 61.98
CA MET KB 154 -24.73 35.34 61.66
C MET KB 154 -25.96 35.68 62.54
N ARG KB 155 -26.76 34.68 62.90
CA ARG KB 155 -27.89 34.86 63.85
C ARG KB 155 -27.43 35.13 65.28
N GLU KB 156 -26.34 34.51 65.73
CA GLU KB 156 -25.70 34.87 67.01
C GLU KB 156 -25.00 36.23 66.94
N LEU KB 157 -24.38 36.59 65.80
CA LEU KB 157 -23.79 37.92 65.59
C LEU KB 157 -24.84 39.01 65.76
N ARG KB 158 -25.97 38.92 65.04
CA ARG KB 158 -27.04 39.92 65.10
C ARG KB 158 -27.83 39.90 66.41
N ARG KB 159 -27.85 38.79 67.15
CA ARG KB 159 -28.35 38.76 68.53
C ARG KB 159 -27.39 39.45 69.50
N GLN KB 160 -26.08 39.35 69.29
CA GLN KB 160 -25.11 40.19 70.00
C GLN KB 160 -25.31 41.66 69.66
N VAL KB 161 -25.63 42.02 68.41
CA VAL KB 161 -25.99 43.40 68.04
C VAL KB 161 -27.18 43.90 68.86
N ASP KB 162 -28.31 43.18 68.91
CA ASP KB 162 -29.55 43.70 69.51
C ASP KB 162 -29.41 43.96 71.01
N GLN KB 163 -28.67 43.09 71.70
CA GLN KB 163 -28.45 43.17 73.14
C GLN KB 163 -27.32 44.14 73.52
N LEU KB 164 -26.33 44.34 72.63
CA LEU KB 164 -25.24 45.30 72.84
C LEU KB 164 -25.68 46.74 72.52
N THR KB 165 -26.29 47.01 71.38
CA THR KB 165 -26.62 48.38 70.99
C THR KB 165 -27.69 48.99 71.89
N ASN KB 166 -28.59 48.17 72.47
CA ASN KB 166 -29.70 48.67 73.27
C ASN KB 166 -29.36 48.95 74.75
N ASP KB 167 -28.48 48.17 75.40
CA ASP KB 167 -27.94 48.55 76.71
C ASP KB 167 -27.01 49.78 76.61
N LYS KB 168 -26.29 49.94 75.48
CA LYS KB 168 -25.60 51.19 75.19
C LYS KB 168 -26.56 52.35 74.98
N ALA KB 169 -27.65 52.20 74.22
CA ALA KB 169 -28.66 53.24 74.04
C ALA KB 169 -29.37 53.65 75.33
N ARG KB 170 -29.51 52.73 76.30
CA ARG KB 170 -29.95 53.04 77.67
C ARG KB 170 -28.95 53.93 78.41
N VAL KB 171 -27.65 53.60 78.39
CA VAL KB 171 -26.59 54.46 78.97
C VAL KB 171 -26.44 55.79 78.23
N GLU KB 172 -26.64 55.82 76.92
CA GLU KB 172 -26.57 57.03 76.10
C GLU KB 172 -27.75 57.98 76.38
N VAL KB 173 -28.97 57.48 76.54
CA VAL KB 173 -30.11 58.35 76.91
C VAL KB 173 -30.01 58.82 78.37
N GLU KB 174 -29.34 58.06 79.24
CA GLU KB 174 -28.91 58.52 80.58
C GLU KB 174 -27.87 59.66 80.54
N ARG KB 175 -27.36 60.03 79.35
CA ARG KB 175 -26.50 61.22 79.10
C ARG KB 175 -27.13 62.26 78.15
N ASP KB 176 -27.91 61.83 77.16
CA ASP KB 176 -28.66 62.70 76.22
C ASP KB 176 -29.63 63.66 76.94
N ASN KB 177 -30.24 63.21 78.05
CA ASN KB 177 -31.02 64.08 78.94
C ASN KB 177 -30.17 65.23 79.54
N LEU KB 178 -28.92 64.98 79.93
CA LEU KB 178 -28.02 66.01 80.47
C LEU KB 178 -27.61 67.01 79.38
N ALA KB 179 -27.35 66.52 78.17
CA ALA KB 179 -26.97 67.33 77.02
C ALA KB 179 -28.13 68.12 76.37
N GLU KB 180 -29.37 67.64 76.51
CA GLU KB 180 -30.54 68.44 76.16
C GLU KB 180 -30.79 69.52 77.23
N ASP KB 181 -30.69 69.20 78.53
CA ASP KB 181 -30.83 70.20 79.60
C ASP KB 181 -29.75 71.28 79.55
N ILE KB 182 -28.48 70.96 79.29
CA ILE KB 182 -27.44 71.98 79.09
C ILE KB 182 -27.66 72.83 77.83
N MET KB 183 -28.13 72.25 76.72
CA MET KB 183 -28.39 73.01 75.49
C MET KB 183 -29.63 73.92 75.63
N ARG KB 184 -30.67 73.47 76.32
CA ARG KB 184 -31.83 74.27 76.75
C ARG KB 184 -31.41 75.40 77.69
N LEU KB 185 -30.57 75.08 78.67
CA LEU KB 185 -30.03 76.06 79.61
C LEU KB 185 -29.05 77.03 78.94
N ARG KB 186 -28.32 76.67 77.87
CA ARG KB 186 -27.54 77.63 77.09
C ARG KB 186 -28.42 78.72 76.50
N GLU KB 187 -29.49 78.34 75.81
CA GLU KB 187 -30.38 79.28 75.13
C GLU KB 187 -30.98 80.29 76.11
N LYS KB 188 -31.48 79.80 77.24
CA LYS KB 188 -32.00 80.61 78.35
C LYS KB 188 -30.92 81.47 79.02
N LEU KB 189 -29.81 80.87 79.45
CA LEU KB 189 -28.74 81.57 80.17
C LEU KB 189 -28.06 82.60 79.27
N GLN KB 190 -28.01 82.38 77.95
CA GLN KB 190 -27.60 83.42 77.02
C GLN KB 190 -28.65 84.54 76.88
N GLU KB 191 -29.96 84.27 76.86
CA GLU KB 191 -31.00 85.31 76.96
C GLU KB 191 -30.88 86.13 78.26
N GLU KB 192 -30.49 85.49 79.36
CA GLU KB 192 -30.12 86.17 80.61
C GLU KB 192 -28.88 87.07 80.42
N MET KB 193 -27.80 86.58 79.80
CA MET KB 193 -26.63 87.42 79.45
C MET KB 193 -26.98 88.61 78.55
N LEU KB 194 -27.86 88.43 77.57
CA LEU KB 194 -28.24 89.45 76.59
C LEU KB 194 -28.80 90.72 77.28
N GLN KB 195 -29.47 90.59 78.42
CA GLN KB 195 -29.86 91.70 79.29
C GLN KB 195 -28.81 92.04 80.37
N ARG KB 196 -28.28 91.03 81.08
CA ARG KB 196 -27.53 91.29 82.31
C ARG KB 196 -26.11 91.80 82.04
N GLU KB 197 -25.42 91.23 81.05
CA GLU KB 197 -24.08 91.69 80.66
C GLU KB 197 -24.07 92.95 79.76
N GLU KB 198 -25.21 93.34 79.16
CA GLU KB 198 -25.31 94.72 78.63
C GLU KB 198 -25.41 95.71 79.77
N ALA KB 199 -26.27 95.42 80.75
CA ALA KB 199 -26.59 96.34 81.82
C ALA KB 199 -25.36 96.58 82.70
N GLU KB 200 -24.72 95.50 83.15
CA GLU KB 200 -23.49 95.43 83.94
C GLU KB 200 -22.46 96.51 83.58
N ASN KB 201 -21.77 96.39 82.44
CA ASN KB 201 -20.74 97.35 82.05
C ASN KB 201 -21.29 98.71 81.57
N THR KB 202 -22.51 98.74 81.04
CA THR KB 202 -23.15 100.02 80.68
C THR KB 202 -23.34 100.91 81.91
N LEU KB 203 -23.80 100.30 82.99
CA LEU KB 203 -24.01 100.92 84.29
C LEU KB 203 -22.69 101.22 85.04
N GLN KB 204 -21.54 100.69 84.60
CA GLN KB 204 -20.21 101.10 85.07
C GLN KB 204 -19.69 102.40 84.45
N SER KB 205 -20.18 102.80 83.28
CA SER KB 205 -20.01 104.19 82.82
C SER KB 205 -20.70 105.17 83.78
N PHE KB 206 -21.79 104.73 84.41
CA PHE KB 206 -22.61 105.52 85.33
C PHE KB 206 -22.15 105.39 86.78
N ARG KB 207 -21.47 104.30 87.14
CA ARG KB 207 -20.79 104.12 88.43
C ARG KB 207 -19.80 105.24 88.72
N GLN KB 208 -19.06 105.64 87.69
CA GLN KB 208 -18.21 106.83 87.70
C GLN KB 208 -18.99 108.11 88.04
N ASP KB 209 -20.12 108.33 87.39
CA ASP KB 209 -20.92 109.54 87.53
C ASP KB 209 -21.74 109.58 88.84
N VAL KB 210 -22.04 108.45 89.50
CA VAL KB 210 -22.62 108.41 90.88
C VAL KB 210 -21.57 108.53 91.95
N ASP KB 211 -20.38 107.97 91.74
CA ASP KB 211 -19.27 108.10 92.69
C ASP KB 211 -18.78 109.56 92.72
N ASN KB 212 -18.69 110.18 91.54
CA ASN KB 212 -18.60 111.63 91.32
C ASN KB 212 -19.74 112.39 92.01
N ALA KB 213 -21.01 112.01 91.79
CA ALA KB 213 -22.17 112.71 92.36
C ALA KB 213 -22.35 112.53 93.89
N SER KB 214 -21.88 111.44 94.47
CA SER KB 214 -22.00 111.13 95.90
C SER KB 214 -20.88 111.78 96.71
N LEU KB 215 -19.69 111.88 96.12
CA LEU KB 215 -18.66 112.81 96.55
C LEU KB 215 -19.12 114.27 96.35
N ALA KB 216 -19.89 114.53 95.28
CA ALA KB 216 -20.53 115.82 95.08
C ALA KB 216 -21.60 116.16 96.12
N ARG KB 217 -22.31 115.18 96.70
CA ARG KB 217 -23.19 115.39 97.87
C ARG KB 217 -22.44 115.87 99.11
N LEU KB 218 -21.27 115.30 99.36
CA LEU KB 218 -20.36 115.79 100.42
C LEU KB 218 -19.77 117.17 100.07
N ASP KB 219 -19.66 117.53 98.80
CA ASP KB 219 -19.31 118.90 98.40
C ASP KB 219 -20.35 119.91 98.85
N LEU KB 220 -21.66 119.60 98.80
CA LEU KB 220 -22.68 120.55 99.27
C LEU KB 220 -22.68 120.71 100.77
N GLU KB 221 -22.31 119.69 101.54
CA GLU KB 221 -22.15 119.85 102.98
C GLU KB 221 -21.05 120.87 103.30
N ARG KB 222 -19.95 120.87 102.52
CA ARG KB 222 -18.88 121.89 102.55
C ARG KB 222 -19.28 123.25 101.94
N LYS KB 223 -20.03 123.26 100.83
CA LYS KB 223 -20.46 124.51 100.16
C LYS KB 223 -21.57 125.22 100.93
N VAL KB 224 -22.50 124.49 101.55
CA VAL KB 224 -23.54 125.01 102.45
C VAL KB 224 -22.93 125.55 103.75
N MET LB 1 -3.59 85.51 44.67
CA MET LB 1 -4.73 84.90 43.96
C MET LB 1 -4.48 83.40 43.76
N SER LB 2 -5.53 82.62 43.51
CA SER LB 2 -5.42 81.32 42.84
C SER LB 2 -4.79 81.46 41.45
N THR LB 3 -4.15 80.40 40.94
CA THR LB 3 -3.84 80.25 39.51
C THR LB 3 -4.23 78.87 39.03
N ARG LB 4 -5.13 78.80 38.03
CA ARG LB 4 -5.52 77.55 37.35
C ARG LB 4 -4.44 77.16 36.31
N SER LB 5 -3.25 76.84 36.81
CA SER LB 5 -2.13 76.29 36.00
C SER LB 5 -2.35 74.80 35.72
N VAL LB 6 -1.44 74.15 34.99
CA VAL LB 6 -1.40 72.68 34.87
C VAL LB 6 -1.29 72.06 36.26
N SER LB 7 -2.39 71.46 36.68
CA SER LB 7 -2.61 70.88 38.01
C SER LB 7 -3.71 69.83 37.85
N SER LB 8 -4.89 70.32 37.46
CA SER LB 8 -5.82 69.62 36.56
C SER LB 8 -5.32 69.76 35.10
N SER LB 9 -4.88 68.66 34.46
CA SER LB 9 -4.27 68.71 33.11
C SER LB 9 -5.26 69.04 31.97
N SER LB 10 -4.81 69.83 30.98
CA SER LB 10 -5.57 70.12 29.75
C SER LB 10 -5.39 69.02 28.69
N TYR LB 11 -6.51 68.48 28.19
CA TYR LB 11 -6.53 67.78 26.91
C TYR LB 11 -6.56 68.80 25.77
N ARG LB 12 -5.36 69.26 25.38
CA ARG LB 12 -5.06 69.96 24.10
C ARG LB 12 -4.94 68.98 22.92
N ARG LB 13 -4.49 67.76 23.22
CA ARG LB 13 -4.31 66.61 22.31
C ARG LB 13 -4.34 65.33 23.15
N MET LB 14 -3.58 64.28 22.79
CA MET LB 14 -3.51 62.96 23.45
C MET LB 14 -4.79 62.10 23.32
N PHE LB 15 -5.95 62.74 23.13
CA PHE LB 15 -7.10 62.17 22.44
C PHE LB 15 -7.54 63.16 21.34
N GLY LB 16 -7.47 62.82 20.05
CA GLY LB 16 -7.03 61.55 19.46
C GLY LB 16 -8.12 60.48 19.42
N GLY LB 17 -7.80 59.27 19.89
CA GLY LB 17 -8.65 58.08 19.76
C GLY LB 17 -8.41 57.27 18.47
N PRO LB 18 -7.16 56.93 18.09
CA PRO LB 18 -6.86 56.24 16.84
C PRO LB 18 -7.48 54.83 16.72
N GLY LB 19 -7.83 54.21 17.85
CA GLY LB 19 -8.54 52.93 17.89
C GLY LB 19 -9.98 52.97 17.34
N THR LB 20 -10.52 54.14 17.02
CA THR LB 20 -11.86 54.31 16.42
C THR LB 20 -12.01 53.55 15.09
N ALA LB 21 -10.92 53.39 14.32
CA ALA LB 21 -10.92 52.68 13.05
C ALA LB 21 -9.57 51.99 12.76
N SER LB 22 -9.03 51.23 13.71
CA SER LB 22 -7.76 50.51 13.56
C SER LB 22 -7.78 49.12 14.19
N ARG LB 23 -8.59 48.23 13.59
CA ARG LB 23 -8.72 46.80 13.94
C ARG LB 23 -9.30 46.04 12.74
N PRO LB 24 -8.48 45.65 11.74
CA PRO LB 24 -8.99 45.22 10.43
C PRO LB 24 -9.89 43.98 10.48
N SER LB 25 -11.02 44.02 9.77
CA SER LB 25 -11.82 42.82 9.45
C SER LB 25 -11.16 41.91 8.41
N SER LB 26 -10.21 42.45 7.63
CA SER LB 26 -9.28 41.69 6.78
C SER LB 26 -8.17 40.96 7.56
N SER LB 27 -8.23 40.91 8.90
CA SER LB 27 -7.43 39.98 9.71
C SER LB 27 -7.78 38.53 9.33
N ARG LB 28 -6.86 37.85 8.65
CA ARG LB 28 -7.12 36.54 8.03
C ARG LB 28 -7.63 35.51 9.04
N SER LB 29 -8.81 34.96 8.75
CA SER LB 29 -9.22 33.65 9.28
C SER LB 29 -8.35 32.53 8.67
N TYR LB 30 -7.43 32.00 9.46
CA TYR LB 30 -6.57 30.89 9.04
C TYR LB 30 -7.32 29.56 9.26
N VAL LB 31 -8.17 29.21 8.28
CA VAL LB 31 -9.09 28.06 8.35
C VAL LB 31 -8.33 26.76 8.63
N THR LB 32 -8.40 26.31 9.88
CA THR LB 32 -7.83 25.03 10.31
C THR LB 32 -8.82 23.91 10.04
N THR LB 33 -8.36 22.83 9.43
CA THR LB 33 -9.18 21.62 9.19
C THR LB 33 -8.34 20.37 9.39
N SER LB 34 -8.90 19.36 10.05
CA SER LB 34 -8.33 18.00 10.01
C SER LB 34 -8.42 17.47 8.57
N THR LB 35 -7.28 17.15 7.95
CA THR LB 35 -7.25 16.52 6.62
C THR LB 35 -8.05 15.21 6.62
N ARG LB 36 -8.91 15.03 5.60
CA ARG LB 36 -9.75 13.82 5.46
C ARG LB 36 -8.89 12.63 5.06
N THR LB 37 -8.84 11.62 5.92
CA THR LB 37 -8.54 10.24 5.51
C THR LB 37 -9.84 9.49 5.18
N TYR LB 38 -9.75 8.21 4.78
CA TYR LB 38 -10.92 7.42 4.37
C TYR LB 38 -10.75 5.92 4.65
N SER LB 39 -11.87 5.20 4.67
CA SER LB 39 -12.01 3.74 4.89
C SER LB 39 -11.57 2.87 3.68
N LEU LB 40 -10.44 3.20 3.06
CA LEU LB 40 -9.87 2.51 1.89
C LEU LB 40 -9.50 1.03 2.09
N GLY LB 41 -9.53 0.53 3.33
CA GLY LB 41 -9.41 -0.90 3.61
C GLY LB 41 -10.60 -1.75 3.10
N SER LB 42 -11.72 -1.11 2.77
CA SER LB 42 -12.86 -1.71 2.04
C SER LB 42 -12.65 -1.76 0.51
N ALA LB 43 -11.88 -0.84 -0.06
CA ALA LB 43 -11.51 -0.87 -1.48
C ALA LB 43 -10.44 -1.94 -1.76
N LEU LB 44 -9.54 -2.17 -0.79
CA LEU LB 44 -8.64 -3.34 -0.78
C LEU LB 44 -9.40 -4.60 -0.35
N ARG LB 45 -10.22 -5.16 -1.26
CA ARG LB 45 -10.98 -6.42 -1.08
C ARG LB 45 -10.43 -7.60 -1.91
N PRO LB 46 -9.14 -8.00 -1.82
CA PRO LB 46 -8.65 -9.20 -2.46
C PRO LB 46 -9.18 -10.46 -1.74
N SER LB 47 -10.01 -11.23 -2.45
CA SER LB 47 -10.22 -12.66 -2.15
C SER LB 47 -9.93 -13.45 -3.42
N THR LB 48 -8.68 -13.86 -3.58
CA THR LB 48 -8.13 -14.46 -4.80
C THR LB 48 -8.51 -15.93 -4.97
N SER LB 49 -9.56 -16.42 -4.29
CA SER LB 49 -9.94 -17.82 -4.34
C SER LB 49 -10.43 -18.25 -5.73
N ARG LB 50 -9.86 -19.35 -6.23
CA ARG LB 50 -10.38 -20.25 -7.26
C ARG LB 50 -9.94 -21.66 -6.86
N SER LB 51 -10.79 -22.66 -7.05
CA SER LB 51 -10.52 -24.05 -6.68
C SER LB 51 -10.89 -25.00 -7.83
N LEU LB 52 -10.94 -26.31 -7.57
CA LEU LB 52 -11.21 -27.35 -8.56
C LEU LB 52 -12.69 -27.33 -9.01
N TYR LB 53 -13.00 -26.53 -10.03
CA TYR LB 53 -14.33 -26.51 -10.68
C TYR LB 53 -14.52 -27.60 -11.76
N ALA LB 54 -13.61 -28.58 -11.85
CA ALA LB 54 -13.68 -29.65 -12.86
C ALA LB 54 -14.55 -30.83 -12.38
N SER LB 55 -15.51 -31.25 -13.22
CA SER LB 55 -16.26 -32.49 -13.05
C SER LB 55 -15.42 -33.74 -13.38
N SER LB 56 -15.86 -34.92 -12.92
CA SER LB 56 -15.23 -36.23 -13.19
C SER LB 56 -13.70 -36.24 -12.97
N PRO LB 57 -13.23 -36.20 -11.70
CA PRO LB 57 -11.79 -36.26 -11.38
C PRO LB 57 -11.11 -37.48 -12.01
N GLY LB 58 -9.99 -37.27 -12.69
CA GLY LB 58 -9.30 -38.31 -13.47
C GLY LB 58 -9.97 -38.68 -14.81
N GLY LB 59 -10.97 -37.90 -15.27
CA GLY LB 59 -11.74 -38.18 -16.49
C GLY LB 59 -12.83 -39.25 -16.33
N VAL LB 60 -13.16 -39.63 -15.09
CA VAL LB 60 -13.94 -40.84 -14.81
C VAL LB 60 -15.41 -40.76 -15.27
N TYR LB 61 -15.86 -41.85 -15.91
CA TYR LB 61 -17.25 -42.27 -15.99
C TYR LB 61 -17.33 -43.81 -16.07
N ALA LB 62 -18.53 -44.37 -15.95
CA ALA LB 62 -18.74 -45.82 -16.01
C ALA LB 62 -18.61 -46.38 -17.44
N THR LB 63 -17.39 -46.48 -17.96
CA THR LB 63 -17.09 -47.11 -19.25
C THR LB 63 -17.59 -48.55 -19.30
N ARG LB 64 -18.14 -48.98 -20.44
CA ARG LB 64 -18.60 -50.35 -20.68
C ARG LB 64 -17.47 -51.37 -20.46
N SER LB 65 -17.63 -52.21 -19.44
CA SER LB 65 -17.02 -53.53 -19.41
C SER LB 65 -17.97 -54.57 -20.01
N SER LB 66 -17.45 -55.49 -20.81
CA SER LB 66 -18.16 -56.69 -21.26
C SER LB 66 -17.15 -57.79 -21.55
N ALA LB 67 -17.28 -58.92 -20.85
CA ALA LB 67 -16.25 -59.97 -20.77
C ALA LB 67 -16.59 -61.19 -21.65
N VAL LB 68 -15.84 -62.27 -21.46
CA VAL LB 68 -16.20 -63.61 -21.93
C VAL LB 68 -17.60 -63.99 -21.42
N ARG LB 69 -18.44 -64.58 -22.29
CA ARG LB 69 -19.84 -64.95 -22.01
C ARG LB 69 -19.95 -66.17 -21.06
N LEU LB 70 -19.53 -66.02 -19.81
CA LEU LB 70 -19.67 -67.03 -18.77
C LEU LB 70 -21.15 -67.30 -18.47
N ARG LB 71 -21.65 -68.49 -18.80
CA ARG LB 71 -22.97 -68.98 -18.37
C ARG LB 71 -22.86 -69.68 -17.01
N SER LB 72 -22.63 -68.93 -15.94
CA SER LB 72 -22.89 -69.46 -14.60
C SER LB 72 -24.37 -69.28 -14.27
N SER LB 73 -25.02 -70.31 -13.75
CA SER LB 73 -26.23 -70.07 -12.95
C SER LB 73 -25.82 -69.41 -11.63
N VAL LB 74 -26.62 -68.46 -11.14
CA VAL LB 74 -26.44 -67.83 -9.84
C VAL LB 74 -27.80 -67.84 -9.14
N PRO LB 75 -27.97 -68.57 -8.01
CA PRO LB 75 -29.28 -68.71 -7.36
C PRO LB 75 -29.79 -67.42 -6.69
N GLY LB 76 -28.97 -66.36 -6.66
CA GLY LB 76 -29.46 -64.99 -6.47
C GLY LB 76 -30.00 -64.70 -5.07
N VAL LB 77 -29.33 -65.21 -4.03
CA VAL LB 77 -29.61 -64.84 -2.62
C VAL LB 77 -29.43 -63.34 -2.46
N ARG LB 78 -30.56 -62.62 -2.44
CA ARG LB 78 -30.60 -61.15 -2.45
C ARG LB 78 -30.11 -60.64 -1.10
N LEU LB 79 -29.18 -59.68 -1.12
CA LEU LB 79 -29.30 -58.55 -0.22
C LEU LB 79 -30.42 -57.66 -0.76
N LEU LB 80 -31.54 -57.58 -0.03
CA LEU LB 80 -32.51 -56.51 -0.27
C LEU LB 80 -31.90 -55.20 0.24
N GLN LB 81 -32.30 -54.09 -0.39
CA GLN LB 81 -31.72 -52.78 -0.12
C GLN LB 81 -32.84 -51.83 0.28
N ASP LB 82 -33.13 -51.78 1.58
CA ASP LB 82 -34.11 -50.86 2.17
C ASP LB 82 -33.65 -49.40 2.06
N SER LB 83 -32.36 -49.20 1.80
CA SER LB 83 -31.76 -47.96 1.31
C SER LB 83 -31.69 -47.82 -0.23
N VAL LB 84 -32.68 -48.33 -0.98
CA VAL LB 84 -32.96 -47.85 -2.36
C VAL LB 84 -33.44 -46.40 -2.25
N ASP LB 85 -32.46 -45.51 -2.16
CA ASP LB 85 -32.62 -44.14 -1.75
C ASP LB 85 -33.44 -44.07 -0.47
N PHE LB 86 -32.82 -44.38 0.67
CA PHE LB 86 -33.44 -44.07 1.97
C PHE LB 86 -33.62 -42.57 2.18
N SER LB 87 -33.06 -41.73 1.27
CA SER LB 87 -33.39 -40.39 0.74
C SER LB 87 -34.37 -39.51 1.49
N LEU LB 88 -35.50 -40.05 1.93
CA LEU LB 88 -36.33 -39.41 2.95
C LEU LB 88 -35.49 -39.09 4.20
N ALA LB 89 -34.58 -39.98 4.59
CA ALA LB 89 -33.49 -39.80 5.56
C ALA LB 89 -32.42 -38.75 5.19
N ASP LB 90 -32.20 -38.39 3.91
CA ASP LB 90 -31.16 -37.43 3.48
C ASP LB 90 -31.72 -36.02 3.15
N ALA LB 91 -32.97 -35.96 2.70
CA ALA LB 91 -33.83 -34.80 2.90
C ALA LB 91 -34.02 -34.51 4.39
N ILE LB 92 -34.20 -35.56 5.22
CA ILE LB 92 -34.17 -35.47 6.69
C ILE LB 92 -32.76 -35.16 7.24
N ASN LB 93 -31.63 -35.49 6.59
CA ASN LB 93 -30.32 -34.96 6.98
C ASN LB 93 -30.22 -33.45 6.71
N THR LB 94 -30.91 -32.97 5.69
CA THR LB 94 -31.08 -31.54 5.41
C THR LB 94 -32.09 -30.88 6.38
N GLU LB 95 -33.03 -31.63 6.94
CA GLU LB 95 -33.98 -31.15 7.96
C GLU LB 95 -33.53 -31.32 9.43
N PHE LB 96 -32.58 -32.21 9.71
CA PHE LB 96 -31.74 -32.29 10.94
C PHE LB 96 -30.73 -31.12 11.04
N LYS LB 97 -30.93 -30.11 10.18
CA LYS LB 97 -30.04 -29.01 9.83
C LYS LB 97 -30.83 -27.77 9.36
N ASN LB 98 -32.06 -27.94 8.86
CA ASN LB 98 -33.09 -26.90 8.84
C ASN LB 98 -33.70 -26.66 10.24
N THR LB 99 -33.88 -27.72 11.02
CA THR LB 99 -34.13 -27.63 12.47
C THR LB 99 -33.01 -26.88 13.20
N ARG LB 100 -31.75 -27.03 12.79
CA ARG LB 100 -30.63 -26.21 13.30
C ARG LB 100 -30.64 -24.76 12.79
N THR LB 101 -31.13 -24.55 11.57
CA THR LB 101 -31.22 -23.23 10.93
C THR LB 101 -32.31 -22.38 11.58
N ASN LB 102 -33.48 -22.94 11.88
CA ASN LB 102 -34.56 -22.23 12.57
C ASN LB 102 -34.23 -21.88 14.02
N GLU LB 103 -33.66 -22.82 14.77
CA GLU LB 103 -33.16 -22.59 16.14
C GLU LB 103 -32.03 -21.53 16.17
N LYS LB 104 -31.20 -21.49 15.13
CA LYS LB 104 -30.14 -20.48 14.99
C LYS LB 104 -30.60 -19.13 14.42
N VAL LB 105 -31.69 -19.09 13.67
CA VAL LB 105 -32.38 -17.85 13.30
C VAL LB 105 -33.03 -17.22 14.53
N GLU LB 106 -33.62 -18.04 15.40
CA GLU LB 106 -34.11 -17.62 16.71
C GLU LB 106 -32.96 -17.22 17.66
N LEU LB 107 -31.80 -17.89 17.62
CA LEU LB 107 -30.56 -17.44 18.29
C LEU LB 107 -30.15 -16.03 17.85
N GLN LB 108 -30.11 -15.74 16.55
CA GLN LB 108 -29.74 -14.40 16.05
C GLN LB 108 -30.82 -13.35 16.35
N GLU LB 109 -32.10 -13.69 16.26
CA GLU LB 109 -33.22 -12.80 16.60
C GLU LB 109 -33.27 -12.46 18.10
N LEU LB 110 -32.92 -13.42 18.97
CA LEU LB 110 -32.80 -13.23 20.41
C LEU LB 110 -31.46 -12.61 20.84
N ASN LB 111 -30.38 -12.79 20.07
CA ASN LB 111 -29.13 -12.02 20.16
C ASN LB 111 -29.41 -10.53 19.90
N ASP LB 112 -30.09 -10.25 18.79
CA ASP LB 112 -30.40 -8.88 18.38
C ASP LB 112 -31.53 -8.29 19.25
N ARG LB 113 -32.38 -9.12 19.87
CA ARG LB 113 -33.29 -8.70 20.96
C ARG LB 113 -32.54 -8.30 22.24
N PHE LB 114 -31.49 -9.02 22.67
CA PHE LB 114 -30.66 -8.55 23.78
C PHE LB 114 -29.84 -7.30 23.42
N ALA LB 115 -29.44 -7.14 22.16
CA ALA LB 115 -28.82 -5.90 21.69
C ALA LB 115 -29.78 -4.68 21.73
N ASN LB 116 -31.06 -4.87 21.36
CA ASN LB 116 -32.11 -3.86 21.54
C ASN LB 116 -32.33 -3.49 23.02
N TYR LB 117 -32.35 -4.48 23.94
CA TYR LB 117 -32.43 -4.17 25.37
C TYR LB 117 -31.12 -3.59 25.96
N ILE LB 118 -29.94 -3.79 25.36
CA ILE LB 118 -28.73 -3.02 25.68
C ILE LB 118 -28.87 -1.55 25.27
N ASP LB 119 -29.45 -1.26 24.10
CA ASP LB 119 -29.74 0.12 23.72
C ASP LB 119 -30.77 0.77 24.65
N LYS LB 120 -31.75 0.00 25.14
CA LYS LB 120 -32.61 0.41 26.26
C LYS LB 120 -31.86 0.63 27.60
N VAL LB 121 -30.78 -0.12 27.87
CA VAL LB 121 -29.86 0.18 28.99
C VAL LB 121 -29.11 1.50 28.76
N ARG LB 122 -28.58 1.77 27.55
CA ARG LB 122 -27.86 3.02 27.24
C ARG LB 122 -28.75 4.24 27.42
N PHE LB 123 -30.02 4.13 27.07
CA PHE LB 123 -31.02 5.18 27.23
C PHE LB 123 -31.32 5.47 28.70
N LEU LB 124 -31.49 4.44 29.54
CA LEU LB 124 -31.65 4.65 30.99
C LEU LB 124 -30.35 4.99 31.73
N GLU LB 125 -29.17 4.62 31.20
CA GLU LB 125 -27.88 5.11 31.69
C GLU LB 125 -27.69 6.61 31.37
N GLN LB 126 -28.31 7.12 30.30
CA GLN LB 126 -28.34 8.56 30.00
C GLN LB 126 -29.29 9.32 30.93
N GLN LB 127 -30.45 8.73 31.27
CA GLN LB 127 -31.37 9.30 32.27
C GLN LB 127 -30.69 9.32 33.66
N ASN LB 128 -29.99 8.25 34.01
CA ASN LB 128 -29.18 8.16 35.22
C ASN LB 128 -28.02 9.18 35.32
N LYS LB 129 -27.58 9.79 34.20
CA LYS LB 129 -26.60 10.89 34.21
C LYS LB 129 -27.24 12.27 34.33
N ILE LB 130 -28.50 12.42 33.92
CA ILE LB 130 -29.31 13.62 34.12
C ILE LB 130 -29.65 13.81 35.61
N LEU LB 131 -30.29 12.79 36.22
CA LEU LB 131 -30.63 12.82 37.64
C LEU LB 131 -29.39 12.85 38.57
N LEU LB 132 -28.21 12.43 38.10
CA LEU LB 132 -26.94 12.59 38.83
C LEU LB 132 -26.41 14.04 38.79
N ALA LB 133 -26.47 14.71 37.64
CA ALA LB 133 -26.08 16.12 37.53
C ALA LB 133 -26.99 17.02 38.39
N GLU LB 134 -28.28 16.65 38.43
CA GLU LB 134 -29.33 17.35 39.17
C GLU LB 134 -29.28 17.14 40.70
N LEU LB 135 -28.59 16.10 41.14
CA LEU LB 135 -28.26 15.85 42.55
C LEU LB 135 -27.16 16.77 43.11
N GLU LB 136 -26.11 17.03 42.32
CA GLU LB 136 -24.87 17.64 42.84
C GLU LB 136 -24.93 19.17 43.00
N GLN LB 137 -25.62 19.89 42.12
CA GLN LB 137 -25.32 21.31 41.87
C GLN LB 137 -25.60 22.23 43.07
N LEU LB 138 -26.82 22.22 43.62
CA LEU LB 138 -27.25 23.03 44.77
C LEU LB 138 -26.55 22.61 46.06
N LYS LB 139 -26.61 21.31 46.36
CA LYS LB 139 -25.94 20.70 47.52
C LYS LB 139 -24.42 20.91 47.51
N GLY LB 140 -23.75 20.66 46.38
CA GLY LB 140 -22.29 20.67 46.31
C GLY LB 140 -21.72 22.07 46.13
N GLN LB 141 -22.19 22.80 45.11
CA GLN LB 141 -21.57 24.03 44.63
C GLN LB 141 -22.37 25.31 44.93
N GLY LB 142 -23.63 25.19 45.32
CA GLY LB 142 -24.48 26.31 45.71
C GLY LB 142 -24.06 26.93 47.02
N LYS LB 143 -24.59 26.41 48.13
CA LYS LB 143 -24.43 27.08 49.43
C LYS LB 143 -23.01 27.01 49.99
N SER LB 144 -22.17 26.07 49.57
CA SER LB 144 -20.75 26.03 49.97
C SER LB 144 -20.02 27.34 49.65
N ARG LB 145 -20.13 27.84 48.40
CA ARG LB 145 -19.48 29.08 47.96
C ARG LB 145 -20.33 30.33 48.22
N LEU LB 146 -21.66 30.25 48.03
CA LEU LB 146 -22.53 31.41 48.23
C LEU LB 146 -22.76 31.73 49.70
N GLY LB 147 -22.64 30.73 50.58
CA GLY LB 147 -22.54 30.89 52.03
C GLY LB 147 -21.24 31.57 52.44
N ASP LB 148 -20.09 30.99 52.06
CA ASP LB 148 -18.73 31.52 52.27
C ASP LB 148 -18.56 33.01 51.89
N LEU LB 149 -19.11 33.43 50.75
CA LEU LB 149 -19.07 34.84 50.32
C LEU LB 149 -19.90 35.78 51.20
N TYR LB 150 -21.11 35.38 51.59
CA TYR LB 150 -22.00 36.17 52.44
C TYR LB 150 -21.62 36.11 53.92
N GLU LB 151 -21.05 34.98 54.34
CA GLU LB 151 -20.50 34.77 55.68
C GLU LB 151 -19.36 35.75 55.97
N GLU LB 152 -18.52 36.07 54.98
CA GLU LB 152 -17.54 37.15 55.10
C GLU LB 152 -18.14 38.57 55.00
N GLU LB 153 -19.23 38.79 54.25
CA GLU LB 153 -19.97 40.06 54.26
C GLU LB 153 -20.63 40.34 55.63
N MET LB 154 -21.33 39.37 56.21
CA MET LB 154 -21.99 39.55 57.51
C MET LB 154 -21.01 39.45 58.70
N ARG LB 155 -19.85 38.79 58.53
CA ARG LB 155 -18.71 38.95 59.44
C ARG LB 155 -18.16 40.36 59.41
N GLU LB 156 -18.06 41.00 58.23
CA GLU LB 156 -17.64 42.40 58.16
C GLU LB 156 -18.67 43.35 58.78
N LEU LB 157 -19.97 43.16 58.53
CA LEU LB 157 -21.07 43.80 59.26
C LEU LB 157 -20.93 43.64 60.79
N ARG LB 158 -20.66 42.44 61.29
CA ARG LB 158 -20.44 42.21 62.73
C ARG LB 158 -19.18 42.89 63.24
N ARG LB 159 -18.08 42.91 62.50
CA ARG LB 159 -16.91 43.73 62.86
C ARG LB 159 -17.28 45.22 62.91
N GLN LB 160 -18.11 45.69 61.97
CA GLN LB 160 -18.65 47.05 61.96
C GLN LB 160 -19.64 47.31 63.12
N VAL LB 161 -20.31 46.31 63.71
CA VAL LB 161 -21.17 46.49 64.90
C VAL LB 161 -20.45 46.27 66.24
N ASP LB 162 -19.53 45.32 66.34
CA ASP LB 162 -18.57 45.24 67.45
C ASP LB 162 -17.80 46.57 67.55
N GLN LB 163 -17.41 47.11 66.39
CA GLN LB 163 -16.85 48.45 66.27
C GLN LB 163 -17.88 49.53 66.64
N LEU LB 164 -19.12 49.53 66.09
CA LEU LB 164 -20.10 50.57 66.43
C LEU LB 164 -20.52 50.56 67.91
N THR LB 165 -20.43 49.41 68.60
CA THR LB 165 -20.71 49.25 70.04
C THR LB 165 -19.56 49.78 70.90
N ASN LB 166 -18.31 49.44 70.54
CA ASN LB 166 -17.11 49.99 71.18
C ASN LB 166 -16.97 51.50 70.91
N ASP LB 167 -17.32 51.94 69.70
CA ASP LB 167 -17.49 53.34 69.31
C ASP LB 167 -18.58 54.00 70.15
N LYS LB 168 -19.83 53.49 70.17
CA LYS LB 168 -20.93 53.96 71.04
C LYS LB 168 -20.48 54.18 72.49
N ALA LB 169 -19.78 53.21 73.08
CA ALA LB 169 -19.25 53.33 74.43
C ALA LB 169 -18.08 54.33 74.59
N ARG LB 170 -17.11 54.37 73.66
CA ARG LB 170 -16.02 55.35 73.64
C ARG LB 170 -16.58 56.76 73.49
N VAL LB 171 -17.38 56.96 72.46
CA VAL LB 171 -17.88 58.26 72.03
C VAL LB 171 -18.93 58.81 72.98
N GLU LB 172 -19.63 57.95 73.73
CA GLU LB 172 -20.42 58.40 74.87
C GLU LB 172 -19.53 58.97 75.98
N VAL LB 173 -18.37 58.36 76.27
CA VAL LB 173 -17.37 58.96 77.17
C VAL LB 173 -16.70 60.22 76.59
N GLU LB 174 -16.41 60.27 75.28
CA GLU LB 174 -15.85 61.48 74.65
C GLU LB 174 -16.86 62.64 74.54
N ARG LB 175 -18.17 62.35 74.56
CA ARG LB 175 -19.22 63.37 74.78
C ARG LB 175 -19.44 63.68 76.24
N ASP LB 176 -19.33 62.70 77.14
CA ASP LB 176 -19.39 62.89 78.58
C ASP LB 176 -18.26 63.81 79.07
N ASN LB 177 -17.08 63.80 78.44
CA ASN LB 177 -16.04 64.82 78.66
C ASN LB 177 -16.55 66.25 78.37
N LEU LB 178 -17.11 66.47 77.17
CA LEU LB 178 -17.60 67.79 76.73
C LEU LB 178 -18.82 68.21 77.56
N ALA LB 179 -19.82 67.34 77.65
CA ALA LB 179 -21.08 67.59 78.32
C ALA LB 179 -20.96 67.62 79.85
N GLU LB 180 -19.92 67.05 80.47
CA GLU LB 180 -19.60 67.24 81.89
C GLU LB 180 -18.93 68.60 82.14
N ASP LB 181 -18.05 69.07 81.24
CA ASP LB 181 -17.57 70.47 81.28
C ASP LB 181 -18.67 71.47 80.95
N ILE LB 182 -19.58 71.19 79.99
CA ILE LB 182 -20.77 72.01 79.82
C ILE LB 182 -21.75 71.87 81.00
N MET LB 183 -21.86 70.72 81.68
CA MET LB 183 -22.76 70.56 82.85
C MET LB 183 -22.26 71.34 84.06
N ARG LB 184 -20.95 71.26 84.34
CA ARG LB 184 -20.27 72.11 85.33
C ARG LB 184 -20.41 73.58 84.98
N LEU LB 185 -20.16 73.94 83.72
CA LEU LB 185 -20.38 75.29 83.21
C LEU LB 185 -21.83 75.71 83.39
N ARG LB 186 -22.83 74.94 82.98
CA ARG LB 186 -24.28 75.21 83.11
C ARG LB 186 -24.71 75.48 84.55
N GLU LB 187 -24.23 74.69 85.51
CA GLU LB 187 -24.52 74.92 86.94
C GLU LB 187 -23.84 76.19 87.47
N LYS LB 188 -22.56 76.38 87.14
CA LYS LB 188 -21.82 77.63 87.40
C LYS LB 188 -22.38 78.82 86.62
N LEU LB 189 -23.08 78.61 85.52
CA LEU LB 189 -23.60 79.61 84.60
C LEU LB 189 -25.00 80.06 85.04
N GLN LB 190 -25.76 79.19 85.71
CA GLN LB 190 -26.91 79.59 86.54
C GLN LB 190 -26.45 80.44 87.74
N GLU LB 191 -25.35 80.07 88.40
CA GLU LB 191 -24.73 80.91 89.43
C GLU LB 191 -24.18 82.24 88.86
N GLU LB 192 -23.57 82.23 87.67
CA GLU LB 192 -23.12 83.45 87.00
C GLU LB 192 -24.29 84.34 86.57
N MET LB 193 -25.41 83.83 86.04
CA MET LB 193 -26.53 84.69 85.69
C MET LB 193 -27.14 85.38 86.92
N LEU LB 194 -27.05 84.76 88.10
CA LEU LB 194 -27.32 85.44 89.37
C LEU LB 194 -26.25 86.48 89.72
N GLN LB 195 -24.95 86.22 89.49
CA GLN LB 195 -23.88 87.23 89.65
C GLN LB 195 -24.02 88.43 88.70
N ARG LB 196 -24.45 88.22 87.45
CA ARG LB 196 -24.65 89.31 86.47
C ARG LB 196 -26.02 90.00 86.60
N GLU LB 197 -27.04 89.32 87.14
CA GLU LB 197 -28.29 89.97 87.56
C GLU LB 197 -28.12 90.78 88.87
N GLU LB 198 -27.21 90.34 89.74
CA GLU LB 198 -26.69 91.14 90.85
C GLU LB 198 -25.95 92.37 90.33
N ALA LB 199 -25.12 92.25 89.30
CA ALA LB 199 -24.47 93.38 88.65
C ALA LB 199 -25.48 94.33 87.96
N GLU LB 200 -26.47 93.83 87.23
CA GLU LB 200 -27.55 94.66 86.66
C GLU LB 200 -28.28 95.45 87.75
N ASN LB 201 -28.83 94.77 88.76
CA ASN LB 201 -29.67 95.43 89.77
C ASN LB 201 -28.86 96.34 90.70
N THR LB 202 -27.64 95.97 91.06
CA THR LB 202 -26.74 96.77 91.89
C THR LB 202 -26.29 98.03 91.16
N LEU LB 203 -25.77 97.87 89.93
CA LEU LB 203 -25.30 99.00 89.14
C LEU LB 203 -26.46 99.83 88.55
N GLN LB 204 -27.67 99.29 88.45
CA GLN LB 204 -28.88 100.05 88.07
C GLN LB 204 -29.48 100.83 89.24
N SER LB 205 -29.34 100.34 90.46
CA SER LB 205 -29.58 101.13 91.68
C SER LB 205 -28.56 102.28 91.80
N PHE LB 206 -27.30 102.01 91.49
CA PHE LB 206 -26.26 103.04 91.41
C PHE LB 206 -26.41 103.99 90.20
N ARG LB 207 -27.07 103.58 89.10
CA ARG LB 207 -27.53 104.50 88.03
C ARG LB 207 -28.66 105.40 88.48
N GLN LB 208 -29.64 104.88 89.24
CA GLN LB 208 -30.64 105.73 89.88
C GLN LB 208 -29.99 106.71 90.86
N ASP LB 209 -28.91 106.31 91.53
CA ASP LB 209 -28.15 107.21 92.39
C ASP LB 209 -27.15 108.14 91.69
N VAL LB 210 -26.89 108.02 90.38
CA VAL LB 210 -26.36 109.15 89.58
C VAL LB 210 -27.40 110.26 89.57
N ASP LB 211 -28.62 109.93 89.17
CA ASP LB 211 -29.74 110.85 89.06
C ASP LB 211 -30.11 111.40 90.44
N ASN LB 212 -30.32 110.56 91.45
CA ASN LB 212 -30.65 110.98 92.82
C ASN LB 212 -29.55 111.82 93.48
N ALA LB 213 -28.27 111.40 93.41
CA ALA LB 213 -27.21 112.10 94.13
C ALA LB 213 -26.84 113.43 93.45
N SER LB 214 -26.79 113.46 92.11
CA SER LB 214 -26.57 114.70 91.38
C SER LB 214 -27.82 115.59 91.35
N LEU LB 215 -29.02 115.04 91.52
CA LEU LB 215 -30.25 115.83 91.70
C LEU LB 215 -30.41 116.36 93.12
N ALA LB 216 -29.91 115.66 94.14
CA ALA LB 216 -29.77 116.19 95.50
C ALA LB 216 -28.70 117.30 95.58
N ARG LB 217 -27.65 117.23 94.76
CA ARG LB 217 -26.76 118.36 94.46
C ARG LB 217 -27.53 119.53 93.84
N LEU LB 218 -28.25 119.29 92.75
CA LEU LB 218 -28.91 120.35 92.01
C LEU LB 218 -30.10 121.01 92.72
N ASP LB 219 -30.90 120.28 93.48
CA ASP LB 219 -32.08 120.81 94.14
C ASP LB 219 -31.72 121.80 95.26
N LEU LB 220 -30.54 121.63 95.86
CA LEU LB 220 -29.90 122.60 96.74
C LEU LB 220 -29.17 123.71 95.95
N GLU LB 221 -28.39 123.37 94.92
CA GLU LB 221 -27.65 124.37 94.13
C GLU LB 221 -28.57 125.35 93.40
N ARG LB 222 -29.68 124.89 92.84
CA ARG LB 222 -30.72 125.75 92.24
C ARG LB 222 -31.39 126.66 93.26
N LYS LB 223 -31.55 126.22 94.52
CA LYS LB 223 -32.06 127.07 95.60
C LYS LB 223 -31.08 128.18 95.94
N VAL LB 224 -29.78 127.88 96.07
CA VAL LB 224 -28.76 128.90 96.32
C VAL LB 224 -28.53 129.79 95.08
N GLU LB 225 -28.62 129.24 93.86
CA GLU LB 225 -28.51 129.97 92.58
C GLU LB 225 -29.65 130.99 92.43
N MET MB 1 -18.08 44.18 17.68
CA MET MB 1 -18.33 44.75 19.03
C MET MB 1 -18.53 46.26 18.97
N SER MB 2 -19.73 46.74 19.25
CA SER MB 2 -20.00 48.10 19.75
C SER MB 2 -20.28 48.02 21.27
N THR MB 3 -20.80 49.11 21.84
CA THR MB 3 -21.38 49.28 23.19
C THR MB 3 -22.46 50.36 23.06
N ARG MB 4 -23.23 50.69 24.11
CA ARG MB 4 -24.07 51.91 24.16
C ARG MB 4 -23.53 52.96 25.12
N SER MB 5 -22.23 53.20 25.01
CA SER MB 5 -21.54 54.23 25.79
C SER MB 5 -21.78 55.60 25.16
N VAL MB 6 -22.20 56.58 25.96
CA VAL MB 6 -22.47 57.96 25.53
C VAL MB 6 -21.22 58.61 24.93
N SER MB 7 -21.37 59.25 23.76
CA SER MB 7 -20.23 59.75 22.97
C SER MB 7 -20.05 61.27 22.98
N SER MB 8 -20.33 61.93 24.13
CA SER MB 8 -20.02 63.35 24.34
C SER MB 8 -18.53 63.64 24.12
N SER MB 9 -18.21 64.35 23.04
CA SER MB 9 -17.01 65.18 22.94
C SER MB 9 -17.22 66.51 23.69
N SER MB 10 -16.65 67.62 23.21
CA SER MB 10 -17.16 68.97 23.54
C SER MB 10 -18.62 69.15 23.10
N TYR MB 11 -18.95 68.65 21.91
CA TYR MB 11 -20.28 68.23 21.41
C TYR MB 11 -21.42 69.27 21.34
N ARG MB 12 -21.45 70.27 22.22
CA ARG MB 12 -22.30 71.47 22.15
C ARG MB 12 -21.39 72.70 22.03
N ARG MB 13 -20.90 72.92 20.80
CA ARG MB 13 -19.81 73.86 20.45
C ARG MB 13 -18.53 73.54 21.27
N MET MB 14 -17.67 74.52 21.53
CA MET MB 14 -16.39 74.32 22.27
C MET MB 14 -15.92 75.50 23.13
N PHE MB 15 -16.66 76.62 23.14
CA PHE MB 15 -16.14 77.93 23.54
C PHE MB 15 -16.28 78.24 25.03
N GLY MB 16 -15.49 77.55 25.87
CA GLY MB 16 -15.28 77.96 27.25
C GLY MB 16 -16.48 77.62 28.18
N GLY MB 17 -17.00 78.66 28.81
CA GLY MB 17 -18.30 78.69 29.49
C GLY MB 17 -19.08 79.92 28.99
N PRO MB 18 -20.28 80.24 29.52
CA PRO MB 18 -21.19 81.21 28.91
C PRO MB 18 -20.61 82.60 28.57
N GLY MB 19 -19.77 83.27 29.37
CA GLY MB 19 -19.32 82.92 30.72
C GLY MB 19 -18.38 83.94 31.37
N THR MB 20 -17.72 84.81 30.59
CA THR MB 20 -17.03 86.01 31.10
C THR MB 20 -16.90 87.06 29.99
N ALA MB 21 -17.89 87.93 29.85
CA ALA MB 21 -17.87 89.07 28.92
C ALA MB 21 -16.96 90.24 29.38
N SER MB 22 -15.98 89.99 30.26
CA SER MB 22 -14.93 90.94 30.67
C SER MB 22 -15.42 92.31 31.19
N ARG MB 23 -16.46 92.31 32.04
CA ARG MB 23 -17.00 93.50 32.74
C ARG MB 23 -15.86 94.40 33.27
N PRO MB 24 -15.68 95.63 32.77
CA PRO MB 24 -14.43 96.37 32.94
C PRO MB 24 -14.21 96.83 34.39
N SER MB 25 -13.21 96.25 35.05
CA SER MB 25 -12.78 96.62 36.40
C SER MB 25 -12.01 97.96 36.37
N SER MB 26 -12.74 99.08 36.42
CA SER MB 26 -12.16 100.43 36.51
C SER MB 26 -11.15 100.57 37.66
N SER MB 27 -10.16 101.45 37.49
CA SER MB 27 -9.07 101.67 38.46
C SER MB 27 -9.49 102.44 39.73
N ARG MB 28 -10.71 102.24 40.24
CA ARG MB 28 -11.12 102.65 41.61
C ARG MB 28 -10.44 101.80 42.72
N SER MB 29 -9.51 100.92 42.33
CA SER MB 29 -8.42 100.37 43.14
C SER MB 29 -7.21 101.33 43.32
N TYR MB 30 -7.24 102.54 42.76
CA TYR MB 30 -6.43 103.68 43.18
C TYR MB 30 -6.93 104.29 44.51
N VAL MB 31 -6.13 105.14 45.12
CA VAL MB 31 -6.51 105.97 46.29
C VAL MB 31 -7.39 107.13 45.81
N THR MB 32 -8.50 107.41 46.50
CA THR MB 32 -9.36 108.58 46.18
C THR MB 32 -8.59 109.87 46.43
N THR MB 33 -8.70 110.84 45.50
CA THR MB 33 -7.79 111.99 45.44
C THR MB 33 -7.70 112.81 46.73
N SER MB 34 -6.53 113.41 46.97
CA SER MB 34 -6.32 114.34 48.07
C SER MB 34 -7.01 115.68 47.75
N THR MB 35 -8.08 116.03 48.45
CA THR MB 35 -8.85 117.27 48.19
C THR MB 35 -8.16 118.55 48.74
N ARG MB 36 -6.82 118.56 48.78
CA ARG MB 36 -5.97 119.59 49.41
C ARG MB 36 -6.04 120.93 48.67
N THR MB 37 -7.14 121.62 48.87
CA THR MB 37 -7.32 123.06 48.61
C THR MB 37 -6.95 123.87 49.85
N TYR MB 38 -6.80 125.19 49.71
CA TYR MB 38 -6.36 126.10 50.79
C TYR MB 38 -7.07 127.44 50.71
N SER MB 39 -7.50 128.00 51.84
CA SER MB 39 -8.10 129.33 51.92
C SER MB 39 -7.12 130.33 52.55
N LEU MB 40 -6.62 131.26 51.73
CA LEU MB 40 -5.85 132.44 52.16
C LEU MB 40 -6.76 133.48 52.83
N GLY MB 41 -7.37 133.13 53.96
CA GLY MB 41 -8.41 133.95 54.60
C GLY MB 41 -7.90 135.18 55.36
N SER MB 42 -6.58 135.39 55.47
CA SER MB 42 -5.96 136.44 56.29
C SER MB 42 -5.44 137.63 55.48
N ALA MB 43 -4.58 137.39 54.47
CA ALA MB 43 -3.97 138.45 53.67
C ALA MB 43 -4.97 139.26 52.83
N LEU MB 44 -6.15 138.69 52.53
CA LEU MB 44 -7.27 139.34 51.84
C LEU MB 44 -8.00 140.42 52.67
N ARG MB 45 -7.48 140.79 53.85
CA ARG MB 45 -7.86 141.98 54.62
C ARG MB 45 -6.58 142.62 55.21
N PRO MB 46 -5.82 143.43 54.43
CA PRO MB 46 -4.45 143.87 54.73
C PRO MB 46 -4.38 144.80 55.96
N SER MB 47 -4.37 144.16 57.13
CA SER MB 47 -4.57 144.76 58.45
C SER MB 47 -3.30 145.42 58.98
N LEU MB 124 -17.03 153.49 44.59
CA LEU MB 124 -16.67 152.63 43.48
C LEU MB 124 -15.93 151.37 43.91
N GLU MB 125 -15.07 151.40 44.93
CA GLU MB 125 -14.42 150.19 45.45
C GLU MB 125 -15.44 149.21 46.06
N GLN MB 126 -16.51 149.71 46.70
CA GLN MB 126 -17.60 148.90 47.24
C GLN MB 126 -18.57 148.39 46.17
N GLN MB 127 -19.01 149.24 45.24
CA GLN MB 127 -19.86 148.83 44.12
C GLN MB 127 -19.12 147.87 43.17
N ASN MB 128 -17.82 148.12 42.93
CA ASN MB 128 -16.91 147.22 42.25
C ASN MB 128 -16.60 145.94 43.05
N LYS MB 129 -16.70 145.95 44.39
CA LYS MB 129 -16.56 144.72 45.20
C LYS MB 129 -17.82 143.85 45.20
N ILE MB 130 -19.01 144.45 45.11
CA ILE MB 130 -20.27 143.72 44.92
C ILE MB 130 -20.31 143.12 43.51
N LEU MB 131 -19.96 143.93 42.51
CA LEU MB 131 -19.67 143.54 41.12
C LEU MB 131 -18.67 142.37 41.01
N LEU MB 132 -17.52 142.42 41.69
CA LEU MB 132 -16.52 141.35 41.67
C LEU MB 132 -16.81 140.16 42.62
N ALA MB 133 -17.88 140.22 43.42
CA ALA MB 133 -18.44 139.04 44.09
C ALA MB 133 -19.53 138.38 43.22
N GLU MB 134 -20.40 139.21 42.65
CA GLU MB 134 -21.46 138.86 41.72
C GLU MB 134 -20.93 138.26 40.40
N LEU MB 135 -19.79 138.75 39.89
CA LEU MB 135 -19.05 138.17 38.77
C LEU MB 135 -18.47 136.77 39.08
N GLU MB 136 -18.08 136.48 40.32
CA GLU MB 136 -17.64 135.15 40.74
C GLU MB 136 -18.83 134.20 41.03
N GLN MB 137 -19.97 134.73 41.48
CA GLN MB 137 -21.23 133.98 41.60
C GLN MB 137 -21.83 133.63 40.22
N LEU MB 138 -21.74 134.55 39.27
CA LEU MB 138 -22.02 134.43 37.84
C LEU MB 138 -21.24 133.27 37.21
N LYS MB 139 -19.90 133.30 37.28
CA LYS MB 139 -19.01 132.26 36.74
C LYS MB 139 -19.16 130.92 37.46
N GLY MB 140 -19.37 130.99 38.78
CA GLY MB 140 -19.46 129.82 39.65
C GLY MB 140 -20.75 129.04 39.43
N GLN MB 141 -21.88 129.74 39.25
CA GLN MB 141 -23.18 129.11 39.03
C GLN MB 141 -23.49 128.84 37.56
N GLY MB 142 -23.43 129.87 36.71
CA GLY MB 142 -24.03 129.88 35.36
C GLY MB 142 -23.48 128.79 34.45
N LYS MB 143 -22.19 128.85 34.15
CA LYS MB 143 -21.49 127.92 33.27
C LYS MB 143 -20.90 126.73 34.00
N SER MB 144 -20.22 126.95 35.14
CA SER MB 144 -19.61 125.84 35.90
C SER MB 144 -20.70 125.03 36.59
N ARG MB 145 -21.19 125.43 37.78
CA ARG MB 145 -21.96 124.52 38.63
C ARG MB 145 -23.21 123.94 37.95
N LEU MB 146 -23.97 124.73 37.20
CA LEU MB 146 -25.14 124.24 36.47
C LEU MB 146 -24.75 123.35 35.28
N GLY MB 147 -23.64 123.63 34.58
CA GLY MB 147 -23.06 122.72 33.59
C GLY MB 147 -22.51 121.42 34.19
N ASP MB 148 -21.75 121.51 35.29
CA ASP MB 148 -21.13 120.39 36.00
C ASP MB 148 -22.16 119.35 36.49
N LEU MB 149 -23.36 119.80 36.90
CA LEU MB 149 -24.47 118.94 37.33
C LEU MB 149 -25.19 118.28 36.15
N TYR MB 150 -25.73 119.10 35.24
CA TYR MB 150 -26.57 118.58 34.16
C TYR MB 150 -25.77 117.82 33.08
N GLU MB 151 -24.45 118.04 33.00
CA GLU MB 151 -23.55 117.15 32.26
C GLU MB 151 -23.33 115.77 32.92
N GLU MB 152 -23.57 115.56 34.23
CA GLU MB 152 -23.62 114.22 34.85
C GLU MB 152 -25.04 113.59 34.80
N GLU MB 153 -26.12 114.38 34.91
CA GLU MB 153 -27.49 113.88 34.68
C GLU MB 153 -27.72 113.40 33.24
N MET MB 154 -27.21 114.16 32.25
CA MET MB 154 -27.24 113.73 30.86
C MET MB 154 -26.40 112.46 30.66
N ARG MB 155 -25.35 112.20 31.45
CA ARG MB 155 -24.59 110.92 31.41
C ARG MB 155 -25.35 109.77 32.05
N GLU MB 156 -26.21 110.01 33.04
CA GLU MB 156 -27.07 108.99 33.65
C GLU MB 156 -28.31 108.64 32.81
N LEU MB 157 -28.76 109.56 31.95
CA LEU MB 157 -29.71 109.29 30.86
C LEU MB 157 -28.99 108.59 29.69
N ARG MB 158 -27.85 109.13 29.26
CA ARG MB 158 -27.02 108.59 28.18
C ARG MB 158 -26.46 107.21 28.46
N ARG MB 159 -26.27 106.83 29.73
CA ARG MB 159 -25.91 105.46 30.14
C ARG MB 159 -26.95 104.41 29.71
N GLN MB 160 -28.23 104.76 29.78
CA GLN MB 160 -29.34 103.90 29.35
C GLN MB 160 -29.61 104.02 27.83
N VAL MB 161 -29.26 105.15 27.22
CA VAL MB 161 -29.20 105.32 25.75
C VAL MB 161 -28.10 104.45 25.11
N ASP MB 162 -26.92 104.39 25.72
CA ASP MB 162 -25.87 103.42 25.38
C ASP MB 162 -26.27 101.98 25.73
N GLN MB 163 -27.17 101.75 26.71
CA GLN MB 163 -27.71 100.41 27.02
C GLN MB 163 -28.53 99.83 25.85
N LEU MB 164 -29.53 100.56 25.29
CA LEU MB 164 -30.19 100.10 24.02
C LEU MB 164 -29.18 99.95 22.90
N THR MB 165 -28.20 100.85 22.81
CA THR MB 165 -27.25 100.83 21.70
C THR MB 165 -26.31 99.61 21.76
N ASN MB 166 -26.22 98.95 22.91
CA ASN MB 166 -25.82 97.54 23.02
C ASN MB 166 -27.00 96.59 22.75
N ASP MB 167 -28.11 96.69 23.50
CA ASP MB 167 -29.25 95.75 23.48
C ASP MB 167 -29.78 95.48 22.05
N LYS MB 168 -30.16 96.51 21.30
CA LYS MB 168 -30.71 96.43 19.94
C LYS MB 168 -29.74 95.80 18.94
N ALA MB 169 -28.51 96.32 18.89
CA ALA MB 169 -27.47 95.81 17.99
C ALA MB 169 -27.09 94.36 18.33
N ARG MB 170 -27.17 93.98 19.61
CA ARG MB 170 -26.94 92.61 20.08
C ARG MB 170 -28.08 91.67 19.69
N VAL MB 171 -29.35 92.02 19.89
CA VAL MB 171 -30.48 91.13 19.52
C VAL MB 171 -30.59 90.93 18.01
N GLU MB 172 -30.25 91.95 17.21
CA GLU MB 172 -30.17 91.85 15.75
C GLU MB 172 -29.01 90.95 15.29
N VAL MB 173 -27.81 91.12 15.86
CA VAL MB 173 -26.65 90.27 15.53
C VAL MB 173 -26.80 88.83 16.03
N GLU MB 174 -27.33 88.61 17.23
CA GLU MB 174 -27.55 87.26 17.76
C GLU MB 174 -28.68 86.52 17.00
N ARG MB 175 -29.72 87.21 16.50
CA ARG MB 175 -30.80 86.60 15.68
C ARG MB 175 -30.26 85.96 14.42
N ASP MB 176 -29.54 86.74 13.61
CA ASP MB 176 -29.08 86.30 12.28
C ASP MB 176 -27.89 85.32 12.35
N ASN MB 177 -27.15 85.27 13.47
CA ASN MB 177 -26.12 84.24 13.69
C ASN MB 177 -26.69 82.90 14.17
N LEU MB 178 -27.53 82.92 15.21
CA LEU MB 178 -28.04 81.68 15.82
C LEU MB 178 -29.10 80.98 14.97
N ALA MB 179 -29.68 81.69 14.00
CA ALA MB 179 -30.47 81.10 12.92
C ALA MB 179 -29.74 79.95 12.21
N GLU MB 180 -28.56 80.21 11.66
CA GLU MB 180 -27.71 79.15 11.08
C GLU MB 180 -27.10 78.20 12.15
N ASP MB 181 -26.57 78.70 13.28
CA ASP MB 181 -25.91 77.83 14.29
C ASP MB 181 -26.85 76.78 14.94
N ILE MB 182 -28.16 77.04 15.01
CA ILE MB 182 -29.17 76.12 15.57
C ILE MB 182 -29.98 75.40 14.48
N MET MB 183 -30.20 76.00 13.31
CA MET MB 183 -30.76 75.32 12.13
C MET MB 183 -29.88 74.14 11.68
N ARG MB 184 -28.55 74.34 11.70
CA ARG MB 184 -27.52 73.30 11.49
C ARG MB 184 -27.32 72.33 12.67
N LEU MB 185 -28.13 72.45 13.73
CA LEU MB 185 -28.32 71.44 14.79
C LEU MB 185 -29.70 70.75 14.74
N ARG MB 186 -30.65 71.22 13.93
CA ARG MB 186 -31.90 70.51 13.61
C ARG MB 186 -31.77 69.64 12.36
N GLU MB 187 -31.03 70.12 11.37
CA GLU MB 187 -30.64 69.40 10.14
C GLU MB 187 -29.93 68.06 10.41
N LYS MB 188 -29.14 68.00 11.49
CA LYS MB 188 -28.43 66.77 11.90
C LYS MB 188 -29.28 65.79 12.71
N LEU MB 189 -30.37 66.27 13.31
CA LEU MB 189 -31.38 65.39 13.91
C LEU MB 189 -32.34 64.83 12.86
N GLN MB 190 -32.56 65.58 11.77
CA GLN MB 190 -33.19 65.08 10.54
C GLN MB 190 -32.35 64.01 9.86
N GLU MB 191 -31.02 64.17 9.78
CA GLU MB 191 -30.10 63.09 9.37
C GLU MB 191 -30.25 61.84 10.24
N GLU MB 192 -30.31 61.98 11.58
CA GLU MB 192 -30.44 60.84 12.49
C GLU MB 192 -31.81 60.12 12.42
N MET MB 193 -32.91 60.82 12.10
CA MET MB 193 -34.25 60.23 12.01
C MET MB 193 -34.65 59.74 10.61
N LEU MB 194 -34.15 60.36 9.54
CA LEU MB 194 -34.32 59.79 8.19
C LEU MB 194 -33.57 58.45 8.04
N GLN MB 195 -32.45 58.25 8.75
CA GLN MB 195 -31.79 56.93 8.90
C GLN MB 195 -32.55 55.92 9.79
N ARG MB 196 -33.67 56.30 10.39
CA ARG MB 196 -34.63 55.42 11.08
C ARG MB 196 -35.85 55.12 10.22
N GLU MB 197 -36.41 56.15 9.60
CA GLU MB 197 -37.67 56.02 8.86
C GLU MB 197 -37.47 55.49 7.42
N GLU MB 198 -36.27 55.68 6.84
CA GLU MB 198 -35.74 54.89 5.72
C GLU MB 198 -35.70 53.40 6.08
N ALA MB 199 -35.21 53.10 7.27
CA ALA MB 199 -35.02 51.75 7.78
C ALA MB 199 -36.32 51.07 8.26
N GLU MB 200 -37.44 51.79 8.26
CA GLU MB 200 -38.80 51.29 8.50
C GLU MB 200 -39.61 51.18 7.21
N ASN MB 201 -39.89 52.31 6.55
CA ASN MB 201 -40.80 52.41 5.41
C ASN MB 201 -40.32 51.59 4.21
N THR MB 202 -39.03 51.72 3.86
CA THR MB 202 -38.42 50.94 2.76
C THR MB 202 -38.48 49.43 3.03
N LEU MB 203 -38.51 49.02 4.31
CA LEU MB 203 -38.62 47.62 4.70
C LEU MB 203 -40.07 47.10 4.72
N GLN MB 204 -41.11 47.95 4.64
CA GLN MB 204 -42.46 47.55 4.19
C GLN MB 204 -42.55 47.45 2.67
N SER MB 205 -41.93 48.39 1.95
CA SER MB 205 -42.00 48.41 0.49
C SER MB 205 -41.25 47.23 -0.14
N PHE MB 206 -40.12 46.83 0.46
CA PHE MB 206 -39.40 45.58 0.15
C PHE MB 206 -40.17 44.29 0.49
N ARG MB 207 -41.27 44.34 1.25
CA ARG MB 207 -42.15 43.19 1.56
C ARG MB 207 -43.31 43.06 0.58
N GLN MB 208 -43.84 44.20 0.13
CA GLN MB 208 -44.80 44.24 -0.98
C GLN MB 208 -44.15 43.85 -2.32
N ASP MB 209 -42.93 44.33 -2.60
CA ASP MB 209 -42.17 43.85 -3.78
C ASP MB 209 -41.49 42.49 -3.59
N VAL MB 210 -41.43 41.96 -2.37
CA VAL MB 210 -41.20 40.51 -2.16
C VAL MB 210 -42.39 39.68 -2.61
N ASP MB 211 -43.63 40.15 -2.41
CA ASP MB 211 -44.84 39.48 -2.91
C ASP MB 211 -44.99 39.60 -4.45
N ASN MB 212 -44.85 40.81 -5.00
CA ASN MB 212 -44.88 41.02 -6.45
C ASN MB 212 -43.82 40.18 -7.18
N ALA MB 213 -42.61 40.07 -6.60
CA ALA MB 213 -41.58 39.17 -7.08
C ALA MB 213 -41.93 37.68 -6.90
N SER MB 214 -42.57 37.28 -5.79
CA SER MB 214 -42.93 35.89 -5.49
C SER MB 214 -44.06 35.36 -6.40
N LEU MB 215 -45.06 36.17 -6.72
CA LEU MB 215 -46.06 35.84 -7.75
C LEU MB 215 -45.41 35.63 -9.13
N ALA MB 216 -44.40 36.45 -9.46
CA ALA MB 216 -43.57 36.21 -10.64
C ALA MB 216 -42.68 34.95 -10.52
N ARG MB 217 -42.17 34.60 -9.32
CA ARG MB 217 -41.46 33.33 -9.10
C ARG MB 217 -42.35 32.11 -9.30
N LEU MB 218 -43.64 32.16 -8.96
CA LEU MB 218 -44.57 31.03 -9.13
C LEU MB 218 -44.94 30.76 -10.58
N ASP MB 219 -44.96 31.78 -11.43
CA ASP MB 219 -45.08 31.61 -12.88
C ASP MB 219 -43.79 31.01 -13.49
N LEU MB 220 -42.62 31.30 -12.91
CA LEU MB 220 -41.36 30.64 -13.24
C LEU MB 220 -41.29 29.20 -12.70
N GLU MB 221 -41.77 28.95 -11.49
CA GLU MB 221 -41.88 27.62 -10.87
C GLU MB 221 -42.81 26.69 -11.64
N ARG MB 222 -43.94 27.22 -12.13
CA ARG MB 222 -44.83 26.49 -13.03
C ARG MB 222 -44.14 26.01 -14.31
N LYS MB 223 -43.18 26.78 -14.81
CA LYS MB 223 -42.32 26.36 -15.92
C LYS MB 223 -41.32 25.31 -15.42
N VAL MB 224 -40.62 25.56 -14.32
CA VAL MB 224 -39.63 24.64 -13.75
C VAL MB 224 -40.21 23.26 -13.42
N GLU MB 225 -41.35 23.14 -12.71
CA GLU MB 225 -42.05 21.87 -12.38
C GLU MB 225 -42.33 21.03 -13.63
N SER MB 226 -43.00 21.67 -14.60
CA SER MB 226 -43.34 21.06 -15.89
C SER MB 226 -42.09 20.64 -16.66
N LEU MB 227 -41.04 21.47 -16.61
CA LEU MB 227 -39.75 21.24 -17.23
C LEU MB 227 -38.83 20.29 -16.42
N GLN MB 228 -39.29 19.77 -15.28
CA GLN MB 228 -38.57 18.86 -14.39
C GLN MB 228 -39.23 17.47 -14.32
N GLU MB 229 -40.48 17.31 -14.77
CA GLU MB 229 -40.80 16.10 -15.55
C GLU MB 229 -39.83 15.94 -16.72
N GLU MB 230 -39.58 17.04 -17.44
CA GLU MB 230 -38.79 17.05 -18.66
C GLU MB 230 -37.26 16.94 -18.44
N ILE MB 231 -36.74 17.27 -17.26
CA ILE MB 231 -35.39 16.84 -16.83
C ILE MB 231 -35.35 15.32 -16.67
N ALA MB 232 -36.34 14.73 -15.99
CA ALA MB 232 -36.32 13.29 -15.73
C ALA MB 232 -36.45 12.46 -17.02
N PHE MB 233 -37.27 12.94 -17.95
CA PHE MB 233 -37.31 12.56 -19.37
C PHE MB 233 -35.91 12.67 -20.01
N LEU MB 234 -35.36 13.88 -20.08
CA LEU MB 234 -34.08 14.18 -20.73
C LEU MB 234 -32.89 13.35 -20.21
N LYS MB 235 -32.70 13.28 -18.89
CA LYS MB 235 -31.55 12.57 -18.30
C LYS MB 235 -31.61 11.05 -18.51
N LYS MB 236 -32.76 10.46 -18.84
CA LYS MB 236 -32.89 9.02 -19.15
C LYS MB 236 -33.18 8.70 -20.61
N LEU MB 237 -33.75 9.64 -21.38
CA LEU MB 237 -33.68 9.60 -22.84
C LEU MB 237 -32.23 9.65 -23.34
N HIS MB 238 -31.29 10.23 -22.59
CA HIS MB 238 -29.86 10.07 -22.89
C HIS MB 238 -29.25 8.71 -22.51
N GLU MB 239 -29.71 8.08 -21.44
CA GLU MB 239 -29.24 6.72 -21.12
C GLU MB 239 -29.76 5.72 -22.16
N GLU MB 240 -30.95 5.99 -22.67
CA GLU MB 240 -31.68 5.30 -23.73
C GLU MB 240 -31.09 5.52 -25.14
N GLU MB 241 -30.62 6.73 -25.48
CA GLU MB 241 -29.72 6.96 -26.64
C GLU MB 241 -28.41 6.16 -26.57
N ILE MB 242 -27.87 5.95 -25.36
CA ILE MB 242 -26.68 5.11 -25.18
C ILE MB 242 -27.02 3.61 -25.23
N GLN MB 243 -28.27 3.21 -24.96
CA GLN MB 243 -28.77 1.85 -25.20
C GLN MB 243 -29.06 1.60 -26.67
N GLU MB 244 -29.66 2.55 -27.38
CA GLU MB 244 -30.03 2.43 -28.80
C GLU MB 244 -28.89 2.73 -29.78
N LEU MB 245 -27.87 3.49 -29.37
CA LEU MB 245 -26.57 3.48 -30.07
C LEU MB 245 -25.79 2.18 -29.79
N GLN MB 246 -25.94 1.59 -28.59
CA GLN MB 246 -25.50 0.21 -28.36
C GLN MB 246 -26.41 -0.81 -29.06
N ALA MB 247 -27.63 -0.45 -29.47
CA ALA MB 247 -28.49 -1.27 -30.34
C ALA MB 247 -28.03 -1.21 -31.79
N GLN MB 248 -27.86 -0.03 -32.40
CA GLN MB 248 -27.33 0.08 -33.76
C GLN MB 248 -25.88 -0.45 -33.90
N ILE MB 249 -25.01 -0.34 -32.88
CA ILE MB 249 -23.71 -1.06 -32.86
C ILE MB 249 -23.91 -2.57 -32.68
N GLN MB 250 -24.82 -2.99 -31.78
CA GLN MB 250 -25.12 -4.40 -31.59
C GLN MB 250 -25.63 -5.04 -32.88
N GLU MB 251 -26.65 -4.47 -33.58
CA GLU MB 251 -27.62 -5.03 -34.54
C GLU MB 251 -27.26 -5.22 -36.02
N GLN MB 252 -26.05 -4.65 -36.31
CA GLN MB 252 -25.29 -5.23 -37.48
C GLN MB 252 -24.55 -6.60 -37.08
N HIS MB 253 -24.52 -6.95 -35.77
CA HIS MB 253 -23.73 -7.96 -35.04
C HIS MB 253 -24.66 -8.57 -33.94
N VAL MB 254 -25.96 -8.49 -34.01
CA VAL MB 254 -26.90 -9.28 -34.70
C VAL MB 254 -28.22 -8.47 -34.64
N GLN MB 255 -29.00 -8.79 -35.66
CA GLN MB 255 -28.67 -9.32 -36.97
C GLN MB 255 -29.42 -8.44 -37.94
N ILE MB 256 -28.89 -8.65 -39.13
CA ILE MB 256 -28.05 -7.65 -39.85
C ILE MB 256 -28.80 -6.38 -40.22
N ASP MB 257 -30.11 -6.25 -40.04
CA ASP MB 257 -31.33 -6.92 -40.60
C ASP MB 257 -31.57 -8.49 -40.58
N VAL MB 258 -32.40 -9.02 -39.66
CA VAL MB 258 -32.37 -10.44 -39.15
C VAL MB 258 -32.45 -11.61 -40.19
N ASP MB 259 -31.34 -12.29 -40.50
CA ASP MB 259 -31.26 -13.34 -41.52
C ASP MB 259 -32.14 -14.61 -41.35
N VAL MB 260 -32.31 -15.36 -42.44
CA VAL MB 260 -32.71 -16.79 -42.47
C VAL MB 260 -31.51 -17.78 -42.45
N SER MB 261 -30.27 -17.29 -42.71
CA SER MB 261 -28.98 -18.01 -42.79
C SER MB 261 -28.90 -19.12 -43.85
N LYS MB 262 -29.85 -20.07 -43.78
CA LYS MB 262 -30.28 -20.89 -44.91
C LYS MB 262 -30.84 -19.95 -46.00
N PRO MB 263 -30.53 -20.18 -47.30
CA PRO MB 263 -31.23 -19.50 -48.39
C PRO MB 263 -32.70 -19.93 -48.50
N ASP MB 264 -33.04 -20.92 -49.34
CA ASP MB 264 -34.39 -21.53 -49.32
C ASP MB 264 -34.42 -22.93 -49.97
N LEU MB 265 -35.53 -23.27 -50.66
CA LEU MB 265 -35.65 -23.81 -52.03
C LEU MB 265 -34.40 -24.37 -52.71
N THR MB 266 -33.24 -23.72 -52.56
CA THR MB 266 -31.89 -24.22 -52.89
C THR MB 266 -31.62 -25.64 -52.39
N ALA MB 267 -32.12 -26.00 -51.20
CA ALA MB 267 -32.06 -27.36 -50.67
C ALA MB 267 -32.92 -28.32 -51.53
N ALA MB 268 -34.21 -28.01 -51.62
CA ALA MB 268 -35.19 -28.76 -52.41
C ALA MB 268 -34.82 -28.88 -53.90
N LEU MB 269 -34.10 -27.93 -54.50
CA LEU MB 269 -33.60 -28.01 -55.88
C LEU MB 269 -32.44 -28.99 -56.04
N ARG MB 270 -31.53 -29.10 -55.06
CA ARG MB 270 -30.47 -30.13 -54.99
C ARG MB 270 -31.01 -31.50 -54.61
N ASP MB 271 -32.09 -31.53 -53.84
CA ASP MB 271 -32.75 -32.76 -53.43
C ASP MB 271 -33.63 -33.31 -54.56
N VAL MB 272 -34.32 -32.44 -55.30
CA VAL MB 272 -34.94 -32.72 -56.63
C VAL MB 272 -33.90 -33.19 -57.64
N ARG MB 273 -32.71 -32.58 -57.69
CA ARG MB 273 -31.60 -33.01 -58.55
C ARG MB 273 -31.18 -34.45 -58.25
N GLN MB 274 -30.87 -34.76 -56.99
CA GLN MB 274 -30.44 -36.09 -56.57
C GLN MB 274 -31.59 -37.12 -56.59
N GLN MB 275 -32.84 -36.68 -56.47
CA GLN MB 275 -34.04 -37.49 -56.69
C GLN MB 275 -34.32 -37.75 -58.17
N TYR MB 276 -34.00 -36.84 -59.09
CA TYR MB 276 -34.03 -37.13 -60.54
C TYR MB 276 -32.91 -38.09 -60.97
N GLU MB 277 -31.72 -37.96 -60.37
CA GLU MB 277 -30.61 -38.93 -60.54
C GLU MB 277 -30.97 -40.32 -59.94
N SER MB 278 -31.71 -40.34 -58.83
CA SER MB 278 -32.30 -41.57 -58.25
C SER MB 278 -33.48 -42.14 -59.05
N VAL MB 279 -34.29 -41.30 -59.71
CA VAL MB 279 -35.38 -41.71 -60.60
C VAL MB 279 -34.85 -42.22 -61.93
N ALA MB 280 -33.71 -41.72 -62.41
CA ALA MB 280 -32.96 -42.32 -63.52
C ALA MB 280 -32.44 -43.71 -63.14
N ALA MB 281 -31.96 -43.90 -61.90
CA ALA MB 281 -31.59 -45.22 -61.37
C ALA MB 281 -32.79 -46.17 -61.19
N LYS MB 282 -33.97 -45.68 -60.77
CA LYS MB 282 -35.22 -46.47 -60.74
C LYS MB 282 -35.68 -46.87 -62.14
N ASN MB 283 -35.64 -45.95 -63.11
CA ASN MB 283 -35.96 -46.25 -64.51
C ASN MB 283 -34.98 -47.26 -65.11
N LEU MB 284 -33.70 -47.25 -64.72
CA LEU MB 284 -32.73 -48.28 -65.07
C LEU MB 284 -33.02 -49.64 -64.41
N GLN MB 285 -33.41 -49.64 -63.13
CA GLN MB 285 -33.86 -50.85 -62.41
C GLN MB 285 -35.08 -51.50 -63.08
N GLU MB 286 -36.10 -50.70 -63.42
CA GLU MB 286 -37.27 -51.19 -64.16
C GLU MB 286 -36.94 -51.58 -65.61
N ALA MB 287 -35.94 -50.95 -66.23
CA ALA MB 287 -35.38 -51.39 -67.51
C ALA MB 287 -34.56 -52.68 -67.45
N GLU MB 288 -34.10 -53.12 -66.27
CA GLU MB 288 -33.62 -54.50 -66.07
C GLU MB 288 -34.76 -55.52 -65.92
N GLU MB 289 -35.95 -55.13 -65.44
CA GLU MB 289 -37.17 -55.94 -65.55
C GLU MB 289 -37.70 -56.00 -67.00
N TRP MB 290 -37.53 -54.94 -67.80
CA TRP MB 290 -37.78 -54.98 -69.26
C TRP MB 290 -36.76 -55.89 -69.97
N TYR MB 291 -35.47 -55.81 -69.58
CA TYR MB 291 -34.41 -56.66 -70.13
C TYR MB 291 -34.63 -58.15 -69.82
N LYS MB 292 -35.01 -58.50 -68.58
CA LYS MB 292 -35.47 -59.84 -68.22
C LYS MB 292 -36.67 -60.29 -69.06
N SER MB 293 -37.63 -59.40 -69.31
CA SER MB 293 -38.84 -59.73 -70.09
C SER MB 293 -38.50 -60.09 -71.54
N LYS MB 294 -37.55 -59.38 -72.16
CA LYS MB 294 -37.04 -59.72 -73.51
C LYS MB 294 -36.08 -60.92 -73.53
N PHE MB 295 -35.33 -61.12 -72.46
CA PHE MB 295 -34.55 -62.33 -72.25
C PHE MB 295 -35.44 -63.57 -72.01
N ALA MB 296 -36.65 -63.39 -71.46
CA ALA MB 296 -37.67 -64.43 -71.35
C ALA MB 296 -38.39 -64.71 -72.68
N ASP MB 297 -38.66 -63.69 -73.52
CA ASP MB 297 -39.09 -63.85 -74.92
C ASP MB 297 -38.08 -64.74 -75.70
N LEU MB 298 -36.78 -64.41 -75.60
CA LEU MB 298 -35.68 -65.22 -76.13
C LEU MB 298 -35.65 -66.65 -75.57
N SER MB 299 -35.69 -66.79 -74.25
CA SER MB 299 -35.55 -68.10 -73.58
C SER MB 299 -36.70 -69.04 -73.94
N GLU MB 300 -37.92 -68.51 -74.05
CA GLU MB 300 -39.11 -69.27 -74.43
C GLU MB 300 -39.17 -69.57 -75.94
N ALA MB 301 -38.70 -68.65 -76.80
CA ALA MB 301 -38.50 -68.95 -78.22
C ALA MB 301 -37.45 -70.05 -78.45
N ALA MB 302 -36.35 -69.99 -77.70
CA ALA MB 302 -35.31 -71.04 -77.72
C ALA MB 302 -35.83 -72.39 -77.21
N ASN MB 303 -36.67 -72.42 -76.15
CA ASN MB 303 -37.32 -73.63 -75.66
C ASN MB 303 -38.33 -74.22 -76.67
N ARG MB 304 -39.23 -73.39 -77.21
CA ARG MB 304 -40.29 -73.84 -78.14
C ARG MB 304 -39.74 -74.38 -79.46
N ASN MB 305 -38.73 -73.74 -80.04
CA ASN MB 305 -38.06 -74.26 -81.23
C ASN MB 305 -37.19 -75.49 -80.94
N ASN MB 306 -36.60 -75.59 -79.74
CA ASN MB 306 -35.99 -76.82 -79.27
C ASN MB 306 -37.00 -77.97 -79.15
N ASP MB 307 -38.16 -77.76 -78.53
CA ASP MB 307 -39.17 -78.81 -78.39
C ASP MB 307 -39.84 -79.17 -79.72
N ALA MB 308 -39.91 -78.25 -80.68
CA ALA MB 308 -40.29 -78.55 -82.06
C ALA MB 308 -39.26 -79.40 -82.85
N LEU MB 309 -37.94 -79.26 -82.59
CA LEU MB 309 -36.90 -80.12 -83.20
C LEU MB 309 -36.68 -81.42 -82.42
N ARG MB 310 -36.96 -81.44 -81.11
CA ARG MB 310 -37.01 -82.67 -80.30
C ARG MB 310 -38.23 -83.52 -80.67
N GLN MB 311 -39.35 -82.90 -81.02
CA GLN MB 311 -40.55 -83.55 -81.56
C GLN MB 311 -40.28 -84.20 -82.93
N ALA MB 312 -39.56 -83.53 -83.83
CA ALA MB 312 -39.11 -84.12 -85.10
C ALA MB 312 -38.19 -85.35 -84.90
N LYS MB 313 -37.31 -85.33 -83.87
CA LYS MB 313 -36.54 -86.52 -83.47
C LYS MB 313 -37.40 -87.64 -82.85
N GLN MB 314 -38.47 -87.31 -82.14
CA GLN MB 314 -39.43 -88.28 -81.56
C GLN MB 314 -40.31 -88.92 -82.63
N GLU MB 315 -40.79 -88.15 -83.61
CA GLU MB 315 -41.48 -88.62 -84.82
C GLU MB 315 -40.57 -89.52 -85.67
N SER MB 316 -39.33 -89.09 -85.90
CA SER MB 316 -38.28 -89.91 -86.54
C SER MB 316 -37.88 -91.17 -85.75
N THR MB 317 -38.26 -91.27 -84.47
CA THR MB 317 -38.05 -92.46 -83.63
C THR MB 317 -39.28 -93.37 -83.61
N GLU MB 318 -40.49 -92.83 -83.76
CA GLU MB 318 -41.73 -93.59 -83.93
C GLU MB 318 -41.84 -94.21 -85.32
N TYR MB 319 -41.57 -93.45 -86.39
CA TYR MB 319 -41.45 -93.99 -87.74
C TYR MB 319 -40.31 -95.02 -87.85
N ARG MB 320 -39.22 -94.88 -87.08
CA ARG MB 320 -38.21 -95.95 -87.00
C ARG MB 320 -38.74 -97.26 -86.41
N ARG MB 321 -39.65 -97.23 -85.43
CA ARG MB 321 -40.31 -98.44 -84.90
C ARG MB 321 -41.28 -99.04 -85.92
N GLN MB 322 -42.01 -98.20 -86.66
CA GLN MB 322 -42.92 -98.63 -87.72
C GLN MB 322 -42.16 -99.29 -88.90
N VAL MB 323 -41.03 -98.69 -89.29
CA VAL MB 323 -40.05 -99.26 -90.24
C VAL MB 323 -39.58 -100.63 -89.76
N GLN MB 324 -39.08 -100.72 -88.53
CA GLN MB 324 -38.50 -101.96 -88.02
C GLN MB 324 -39.54 -103.09 -87.87
N SER MB 325 -40.77 -102.75 -87.47
CA SER MB 325 -41.86 -103.72 -87.33
C SER MB 325 -42.35 -104.24 -88.68
N LEU MB 326 -42.64 -103.31 -89.61
CA LEU MB 326 -43.07 -103.61 -90.97
C LEU MB 326 -41.99 -104.31 -91.82
N THR MB 327 -40.71 -104.03 -91.55
CA THR MB 327 -39.60 -104.81 -92.15
C THR MB 327 -39.66 -106.27 -91.71
N CYS MB 328 -39.79 -106.54 -90.42
CA CYS MB 328 -39.84 -107.92 -89.90
C CYS MB 328 -41.12 -108.67 -90.34
N GLU MB 329 -42.23 -107.97 -90.48
CA GLU MB 329 -43.51 -108.50 -90.94
C GLU MB 329 -43.46 -108.95 -92.41
N VAL MB 330 -42.91 -108.10 -93.30
CA VAL MB 330 -42.77 -108.42 -94.73
C VAL MB 330 -41.57 -109.35 -95.01
N ASP MB 331 -40.50 -109.30 -94.21
CA ASP MB 331 -39.44 -110.33 -94.23
C ASP MB 331 -39.98 -111.72 -93.83
N ALA MB 332 -40.95 -111.80 -92.91
CA ALA MB 332 -41.59 -113.05 -92.51
C ALA MB 332 -42.61 -113.57 -93.55
N LEU MB 333 -43.33 -112.68 -94.24
CA LEU MB 333 -44.22 -113.06 -95.36
C LEU MB 333 -43.44 -113.50 -96.60
N LYS MB 334 -42.33 -112.83 -96.92
CA LYS MB 334 -41.33 -113.30 -97.89
C LYS MB 334 -40.71 -114.65 -97.51
N GLY MB 335 -40.32 -114.82 -96.25
CA GLY MB 335 -39.83 -116.11 -95.73
C GLY MB 335 -40.88 -117.22 -95.70
N THR MB 336 -42.17 -116.86 -95.67
CA THR MB 336 -43.30 -117.80 -95.83
C THR MB 336 -43.50 -118.19 -97.29
N ASN MB 337 -43.35 -117.26 -98.24
CA ASN MB 337 -43.41 -117.53 -99.67
C ASN MB 337 -42.23 -118.39 -100.15
N GLU MB 338 -41.01 -118.14 -99.67
CA GLU MB 338 -39.85 -119.04 -99.85
C GLU MB 338 -40.05 -120.42 -99.20
N SER MB 339 -40.81 -120.49 -98.10
CA SER MB 339 -41.13 -121.76 -97.45
C SER MB 339 -42.15 -122.58 -98.25
N LEU MB 340 -43.12 -121.93 -98.90
CA LEU MB 340 -44.03 -122.56 -99.87
C LEU MB 340 -43.30 -123.01 -101.13
N GLU MB 341 -42.38 -122.19 -101.66
CA GLU MB 341 -41.48 -122.53 -102.77
C GLU MB 341 -40.65 -123.79 -102.49
N MET NB 1 -16.43 49.19 20.08
CA MET NB 1 -16.91 49.93 21.27
C MET NB 1 -17.57 51.21 20.76
N SER NB 2 -18.77 51.59 21.22
CA SER NB 2 -19.17 53.00 21.07
C SER NB 2 -18.29 53.82 22.01
N THR NB 3 -17.55 54.79 21.46
CA THR NB 3 -16.50 55.44 22.24
C THR NB 3 -17.14 56.32 23.31
N ARG NB 4 -16.84 56.03 24.58
CA ARG NB 4 -17.01 56.98 25.69
C ARG NB 4 -16.07 58.17 25.48
N SER NB 5 -16.52 59.11 24.65
CA SER NB 5 -15.74 60.29 24.28
C SER NB 5 -15.46 61.18 25.49
N VAL NB 6 -14.38 61.95 25.41
CA VAL NB 6 -13.97 62.82 26.51
C VAL NB 6 -14.82 64.08 26.50
N SER NB 7 -15.86 64.08 27.33
CA SER NB 7 -16.70 65.26 27.56
C SER NB 7 -15.88 66.38 28.19
N SER NB 8 -15.54 67.39 27.38
CA SER NB 8 -14.41 68.29 27.63
C SER NB 8 -14.87 69.74 27.87
N SER NB 9 -15.76 69.91 28.85
CA SER NB 9 -16.11 71.24 29.39
C SER NB 9 -14.91 71.94 30.05
N SER NB 10 -15.08 73.19 30.46
CA SER NB 10 -14.03 74.07 31.01
C SER NB 10 -13.52 73.75 32.42
N TYR NB 11 -13.40 72.46 32.76
CA TYR NB 11 -12.64 71.98 33.93
C TYR NB 11 -11.13 72.37 33.91
N ARG NB 12 -10.64 72.93 32.78
CA ARG NB 12 -9.25 73.32 32.54
C ARG NB 12 -8.87 74.71 33.10
N ARG NB 13 -9.82 75.66 33.15
CA ARG NB 13 -9.64 77.07 33.56
C ARG NB 13 -11.01 77.71 33.82
N MET NB 14 -11.16 79.04 33.72
CA MET NB 14 -12.34 79.81 34.18
C MET NB 14 -12.53 79.83 35.71
N PHE NB 15 -11.82 78.98 36.44
CA PHE NB 15 -11.65 79.06 37.89
C PHE NB 15 -10.33 79.77 38.24
N GLY NB 16 -10.23 80.46 39.38
CA GLY NB 16 -11.27 80.72 40.38
C GLY NB 16 -10.74 80.57 41.80
N GLY NB 17 -11.27 81.38 42.72
CA GLY NB 17 -10.64 81.68 44.02
C GLY NB 17 -10.10 83.11 44.08
N PRO NB 18 -9.09 83.52 43.27
CA PRO NB 18 -8.64 84.91 43.17
C PRO NB 18 -9.57 85.78 42.30
N GLY NB 19 -10.89 85.59 42.38
CA GLY NB 19 -11.90 86.50 41.82
C GLY NB 19 -11.94 87.86 42.53
N THR NB 20 -11.28 87.97 43.68
CA THR NB 20 -11.05 89.19 44.47
C THR NB 20 -10.10 90.18 43.76
N ALA NB 21 -10.57 90.75 42.64
CA ALA NB 21 -9.83 91.67 41.79
C ALA NB 21 -9.73 93.09 42.40
N SER NB 22 -10.51 94.06 41.91
CA SER NB 22 -10.53 95.43 42.44
C SER NB 22 -11.23 95.51 43.81
N ARG NB 23 -10.48 95.19 44.87
CA ARG NB 23 -10.81 95.64 46.23
C ARG NB 23 -10.78 97.19 46.28
N PRO NB 24 -11.70 97.85 47.00
CA PRO NB 24 -11.82 99.31 47.00
C PRO NB 24 -10.69 99.96 47.83
N SER NB 25 -9.56 100.26 47.18
CA SER NB 25 -8.53 101.16 47.75
C SER NB 25 -9.04 102.58 47.97
N SER NB 26 -10.15 102.96 47.32
CA SER NB 26 -10.96 104.15 47.57
C SER NB 26 -11.49 104.25 49.01
N SER NB 27 -11.51 103.15 49.78
CA SER NB 27 -11.75 103.16 51.23
C SER NB 27 -10.71 104.01 51.98
N ARG NB 28 -9.48 104.12 51.44
CA ARG NB 28 -8.61 105.26 51.68
C ARG NB 28 -9.01 106.38 50.73
N SER NB 29 -9.76 107.33 51.27
CA SER NB 29 -9.84 108.69 50.75
C SER NB 29 -9.01 109.65 51.62
N TYR NB 30 -8.71 110.84 51.10
CA TYR NB 30 -8.21 111.96 51.91
C TYR NB 30 -9.01 113.22 51.56
N VAL NB 31 -10.11 113.42 52.28
CA VAL NB 31 -10.90 114.64 52.22
C VAL NB 31 -10.42 115.63 53.28
N THR NB 32 -10.27 116.89 52.88
CA THR NB 32 -9.99 118.04 53.73
C THR NB 32 -10.68 119.28 53.15
N THR NB 33 -11.15 120.17 54.02
CA THR NB 33 -11.67 121.47 53.59
C THR NB 33 -10.55 122.39 53.10
N SER NB 34 -10.93 123.44 52.37
CA SER NB 34 -10.07 124.54 51.92
C SER NB 34 -9.51 125.34 53.10
N THR NB 35 -8.47 124.79 53.72
CA THR NB 35 -8.15 125.09 55.13
C THR NB 35 -7.81 126.58 55.31
N ARG NB 36 -8.54 127.27 56.19
CA ARG NB 36 -8.41 128.71 56.42
C ARG NB 36 -7.18 129.02 57.27
N THR NB 37 -6.39 130.00 56.81
CA THR NB 37 -5.76 130.95 57.75
C THR NB 37 -6.75 132.07 58.04
N TYR NB 38 -7.09 132.30 59.31
CA TYR NB 38 -8.08 133.31 59.72
C TYR NB 38 -7.49 134.73 59.75
N SER NB 39 -8.30 135.73 59.38
CA SER NB 39 -7.98 137.16 59.52
C SER NB 39 -8.13 137.63 60.97
N LEU NB 40 -7.36 138.67 61.34
CA LEU NB 40 -7.43 139.36 62.63
C LEU NB 40 -7.19 140.86 62.45
N GLY NB 41 -8.10 141.69 62.95
CA GLY NB 41 -7.96 143.15 62.95
C GLY NB 41 -6.95 143.71 63.97
N SER NB 42 -6.26 142.84 64.73
CA SER NB 42 -5.37 143.24 65.83
C SER NB 42 -4.14 144.04 65.37
N ALA NB 43 -3.69 143.90 64.12
CA ALA NB 43 -2.62 144.72 63.53
C ALA NB 43 -3.14 145.94 62.73
N GLN NB 126 -23.48 149.54 52.56
CA GLN NB 126 -22.67 148.72 51.64
C GLN NB 126 -21.85 147.61 52.31
N GLN NB 127 -21.45 147.73 53.58
CA GLN NB 127 -20.90 146.56 54.30
C GLN NB 127 -21.98 145.56 54.70
N ASN NB 128 -23.24 145.99 54.87
CA ASN NB 128 -24.38 145.07 54.86
C ASN NB 128 -24.65 144.52 53.44
N LYS NB 129 -24.57 145.32 52.37
CA LYS NB 129 -24.88 144.89 50.99
C LYS NB 129 -23.87 143.88 50.44
N ILE NB 130 -22.57 144.09 50.68
CA ILE NB 130 -21.53 143.08 50.38
C ILE NB 130 -21.80 141.79 51.17
N LEU NB 131 -22.21 141.89 52.44
CA LEU NB 131 -22.51 140.72 53.26
C LEU NB 131 -23.82 140.01 52.85
N LEU NB 132 -24.81 140.73 52.33
CA LEU NB 132 -26.05 140.15 51.79
C LEU NB 132 -25.79 139.46 50.43
N ALA NB 133 -25.02 140.12 49.54
CA ALA NB 133 -24.59 139.53 48.27
C ALA NB 133 -23.64 138.32 48.44
N GLU NB 134 -22.64 138.39 49.33
CA GLU NB 134 -21.77 137.25 49.71
C GLU NB 134 -22.52 136.17 50.56
N LEU NB 135 -23.83 136.31 50.83
CA LEU NB 135 -24.68 135.33 51.52
C LEU NB 135 -25.92 134.83 50.75
N GLU NB 136 -26.57 135.60 49.88
CA GLU NB 136 -27.95 135.29 49.46
C GLU NB 136 -28.05 134.07 48.52
N GLN NB 137 -26.98 133.86 47.75
CA GLN NB 137 -26.72 132.62 47.01
C GLN NB 137 -26.36 131.42 47.93
N LEU NB 138 -26.04 131.67 49.21
CA LEU NB 138 -25.85 130.66 50.27
C LEU NB 138 -27.12 130.43 51.12
N LYS NB 139 -28.21 131.17 50.88
CA LYS NB 139 -29.49 131.09 51.61
C LYS NB 139 -30.63 130.55 50.77
N GLY NB 140 -31.07 131.30 49.77
CA GLY NB 140 -32.29 131.01 49.00
C GLY NB 140 -32.08 129.96 47.91
N GLN NB 141 -31.14 130.29 47.02
CA GLN NB 141 -30.45 129.29 46.20
C GLN NB 141 -29.69 128.26 47.06
N GLY NB 142 -29.32 128.62 48.30
CA GLY NB 142 -28.74 127.73 49.31
C GLY NB 142 -29.67 126.65 49.89
N LYS NB 143 -30.95 126.63 49.50
CA LYS NB 143 -31.85 125.47 49.66
C LYS NB 143 -32.31 124.88 48.33
N SER NB 144 -32.58 125.71 47.33
CA SER NB 144 -33.03 125.19 46.03
C SER NB 144 -31.95 124.38 45.30
N ARG NB 145 -30.68 124.84 45.31
CA ARG NB 145 -29.49 124.08 44.80
C ARG NB 145 -29.12 122.85 45.64
N LEU NB 146 -29.68 122.72 46.85
CA LEU NB 146 -29.46 121.55 47.71
C LEU NB 146 -30.48 120.44 47.41
N GLY NB 147 -31.72 120.79 47.02
CA GLY NB 147 -32.66 119.85 46.42
C GLY NB 147 -32.25 119.44 45.00
N ASP NB 148 -31.79 120.40 44.19
CA ASP NB 148 -31.18 120.21 42.86
C ASP NB 148 -30.04 119.15 42.88
N LEU NB 149 -29.20 119.19 43.93
CA LEU NB 149 -28.14 118.20 44.17
C LEU NB 149 -28.63 116.86 44.75
N TYR NB 150 -29.58 116.88 45.70
CA TYR NB 150 -30.12 115.65 46.27
C TYR NB 150 -30.91 114.82 45.26
N GLU NB 151 -31.47 115.42 44.21
CA GLU NB 151 -32.09 114.65 43.12
C GLU NB 151 -31.07 114.06 42.12
N GLU NB 152 -29.86 114.64 41.98
CA GLU NB 152 -28.71 113.97 41.32
C GLU NB 152 -28.18 112.79 42.16
N GLU NB 153 -28.00 112.96 43.47
CA GLU NB 153 -27.65 111.87 44.39
C GLU NB 153 -28.73 110.77 44.39
N MET NB 154 -30.00 111.16 44.31
CA MET NB 154 -31.14 110.25 44.14
C MET NB 154 -31.15 109.59 42.77
N ARG NB 155 -30.66 110.21 41.69
CA ARG NB 155 -30.60 109.61 40.35
C ARG NB 155 -29.63 108.44 40.30
N GLU NB 156 -28.39 108.55 40.79
CA GLU NB 156 -27.51 107.37 40.75
C GLU NB 156 -28.10 106.23 41.62
N LEU NB 157 -28.69 106.56 42.79
CA LEU NB 157 -29.36 105.56 43.63
C LEU NB 157 -30.58 104.92 42.94
N ARG NB 158 -31.40 105.72 42.25
CA ARG NB 158 -32.54 105.31 41.41
C ARG NB 158 -32.06 104.39 40.31
N ARG NB 159 -31.05 104.78 39.53
CA ARG NB 159 -30.45 103.95 38.46
C ARG NB 159 -29.82 102.66 38.99
N GLN NB 160 -29.20 102.65 40.17
CA GLN NB 160 -28.68 101.43 40.80
C GLN NB 160 -29.80 100.47 41.25
N VAL NB 161 -30.86 100.97 41.90
CA VAL NB 161 -32.01 100.18 42.34
C VAL NB 161 -32.84 99.65 41.16
N ASP NB 162 -32.98 100.48 40.14
CA ASP NB 162 -33.63 100.16 38.86
C ASP NB 162 -32.87 99.07 38.09
N GLN NB 163 -31.53 99.19 37.94
CA GLN NB 163 -30.70 98.12 37.35
C GLN NB 163 -30.76 96.78 38.11
N LEU NB 164 -30.89 96.80 39.44
CA LEU NB 164 -31.10 95.59 40.25
C LEU NB 164 -32.53 95.02 40.13
N THR NB 165 -33.53 95.87 39.90
CA THR NB 165 -34.92 95.45 39.63
C THR NB 165 -35.03 94.76 38.28
N ASN NB 166 -34.36 95.33 37.28
CA ASN NB 166 -34.31 94.83 35.91
C ASN NB 166 -33.57 93.48 35.85
N ASP NB 167 -32.37 93.37 36.43
CA ASP NB 167 -31.62 92.09 36.47
C ASP NB 167 -32.33 90.99 37.28
N LYS NB 168 -33.11 91.34 38.31
CA LYS NB 168 -33.89 90.38 39.09
C LYS NB 168 -35.01 89.75 38.26
N ALA NB 169 -35.98 90.56 37.83
CA ALA NB 169 -37.19 90.04 37.19
C ALA NB 169 -36.99 89.69 35.69
N ARG NB 170 -35.86 90.09 35.11
CA ARG NB 170 -35.25 89.48 33.91
C ARG NB 170 -35.11 87.96 34.05
N VAL NB 171 -34.44 87.49 35.10
CA VAL NB 171 -34.22 86.06 35.33
C VAL NB 171 -35.53 85.31 35.66
N GLU NB 172 -36.57 86.02 36.10
CA GLU NB 172 -37.84 85.41 36.46
C GLU NB 172 -38.61 84.93 35.22
N VAL NB 173 -38.63 85.72 34.15
CA VAL NB 173 -39.35 85.40 32.89
C VAL NB 173 -38.45 84.79 31.80
N GLU NB 174 -37.14 85.10 31.81
CA GLU NB 174 -36.08 84.36 31.10
C GLU NB 174 -36.18 82.85 31.37
N ARG NB 175 -36.18 82.49 32.66
CA ARG NB 175 -36.08 81.13 33.14
C ARG NB 175 -37.25 80.27 32.71
N ASP NB 176 -38.46 80.83 32.77
CA ASP NB 176 -39.70 80.08 32.54
C ASP NB 176 -39.92 79.77 31.05
N ASN NB 177 -39.61 80.73 30.16
CA ASN NB 177 -39.50 80.44 28.73
C ASN NB 177 -38.31 79.51 28.39
N LEU NB 178 -37.13 79.70 29.01
CA LEU NB 178 -35.98 78.78 28.83
C LEU NB 178 -36.23 77.36 29.36
N ALA NB 179 -37.13 77.18 30.33
CA ALA NB 179 -37.60 75.87 30.76
C ALA NB 179 -38.58 75.24 29.75
N GLU NB 180 -39.32 76.05 29.00
CA GLU NB 180 -40.21 75.64 27.90
C GLU NB 180 -39.43 75.20 26.65
N ASP NB 181 -38.44 75.97 26.14
CA ASP NB 181 -37.50 75.54 25.05
C ASP NB 181 -36.84 74.20 25.36
N ILE NB 182 -36.26 74.12 26.55
CA ILE NB 182 -35.54 72.93 26.99
C ILE NB 182 -36.50 71.75 27.23
N MET NB 183 -37.82 71.98 27.32
CA MET NB 183 -38.85 70.94 27.22
C MET NB 183 -39.28 70.65 25.76
N ARG NB 184 -39.47 71.67 24.92
CA ARG NB 184 -39.89 71.55 23.51
C ARG NB 184 -38.91 70.77 22.66
N LEU NB 185 -37.61 71.03 22.77
CA LEU NB 185 -36.57 70.19 22.14
C LEU NB 185 -36.46 68.81 22.80
N ARG NB 186 -36.83 68.65 24.08
CA ARG NB 186 -36.84 67.34 24.75
C ARG NB 186 -38.02 66.45 24.37
N GLU NB 187 -39.22 66.99 24.14
CA GLU NB 187 -40.43 66.22 23.81
C GLU NB 187 -40.20 65.37 22.54
N LYS NB 188 -39.80 66.07 21.46
CA LYS NB 188 -39.13 65.55 20.26
C LYS NB 188 -38.04 64.49 20.51
N LEU NB 189 -37.00 64.85 21.27
CA LEU NB 189 -35.85 63.96 21.49
C LEU NB 189 -36.18 62.74 22.37
N GLN NB 190 -37.19 62.80 23.23
CA GLN NB 190 -37.61 61.73 24.12
C GLN NB 190 -38.52 60.73 23.40
N GLU NB 191 -39.44 61.22 22.57
CA GLU NB 191 -40.26 60.38 21.70
C GLU NB 191 -39.43 59.70 20.59
N GLU NB 192 -38.44 60.40 20.03
CA GLU NB 192 -37.42 59.77 19.17
C GLU NB 192 -36.56 58.76 19.93
N MET NB 193 -36.22 59.01 21.19
CA MET NB 193 -35.45 58.05 22.01
C MET NB 193 -36.25 56.77 22.31
N LEU NB 194 -37.58 56.86 22.50
CA LEU NB 194 -38.44 55.70 22.72
C LEU NB 194 -38.46 54.77 21.50
N GLN NB 195 -38.70 55.32 20.31
CA GLN NB 195 -38.59 54.56 19.06
C GLN NB 195 -37.18 53.99 18.85
N ARG NB 196 -36.14 54.80 19.11
CA ARG NB 196 -34.74 54.41 18.86
C ARG NB 196 -34.29 53.21 19.69
N GLU NB 197 -34.91 52.96 20.85
CA GLU NB 197 -34.56 51.85 21.75
C GLU NB 197 -35.22 50.51 21.38
N GLU NB 198 -36.43 50.50 20.81
CA GLU NB 198 -36.99 49.31 20.11
C GLU NB 198 -36.26 49.06 18.77
N ALA NB 199 -36.05 50.14 18.00
CA ALA NB 199 -35.48 50.12 16.65
C ALA NB 199 -34.02 49.63 16.55
N GLU NB 200 -33.35 49.33 17.67
CA GLU NB 200 -32.00 48.72 17.68
C GLU NB 200 -32.00 47.32 17.05
N ASN NB 201 -32.95 46.47 17.44
CA ASN NB 201 -32.92 45.04 17.15
C ASN NB 201 -33.84 44.64 15.99
N THR NB 202 -34.98 45.31 15.87
CA THR NB 202 -35.97 45.09 14.80
C THR NB 202 -35.38 45.34 13.41
N LEU NB 203 -34.47 46.31 13.26
CA LEU NB 203 -33.71 46.53 12.01
C LEU NB 203 -32.79 45.36 11.58
N GLN NB 204 -32.34 44.51 12.50
CA GLN NB 204 -31.64 43.27 12.14
C GLN NB 204 -32.59 42.09 11.85
N SER NB 205 -33.77 42.09 12.45
CA SER NB 205 -34.89 41.20 12.12
C SER NB 205 -35.40 41.47 10.70
N PHE NB 206 -35.69 42.75 10.39
CA PHE NB 206 -36.21 43.21 9.10
C PHE NB 206 -35.37 42.75 7.90
N ARG NB 207 -34.05 42.81 8.07
CA ARG NB 207 -33.08 42.46 7.03
C ARG NB 207 -32.86 40.95 6.91
N GLN NB 208 -32.96 40.19 8.00
CA GLN NB 208 -33.06 38.73 7.98
C GLN NB 208 -34.38 38.24 7.37
N ASP NB 209 -35.49 38.94 7.59
CA ASP NB 209 -36.79 38.64 6.95
C ASP NB 209 -36.77 38.86 5.43
N VAL NB 210 -36.10 39.92 4.96
CA VAL NB 210 -35.85 40.19 3.54
C VAL NB 210 -34.82 39.24 2.93
N ASP NB 211 -33.81 38.81 3.69
CA ASP NB 211 -32.87 37.75 3.29
C ASP NB 211 -33.57 36.38 3.13
N ASN NB 212 -34.45 35.98 4.06
CA ASN NB 212 -35.21 34.72 3.98
C ASN NB 212 -36.15 34.67 2.77
N ALA NB 213 -36.86 35.76 2.48
CA ALA NB 213 -37.63 35.89 1.24
C ALA NB 213 -36.76 35.89 -0.02
N SER NB 214 -35.51 36.33 0.09
CA SER NB 214 -34.56 36.29 -1.03
C SER NB 214 -33.97 34.90 -1.23
N LEU NB 215 -33.80 34.09 -0.16
CA LEU NB 215 -33.48 32.67 -0.25
C LEU NB 215 -34.59 31.84 -0.92
N ALA NB 216 -35.85 32.13 -0.60
CA ALA NB 216 -36.99 31.52 -1.30
C ALA NB 216 -37.00 31.83 -2.81
N ARG NB 217 -36.91 33.13 -3.17
CA ARG NB 217 -36.92 33.57 -4.58
C ARG NB 217 -35.70 33.09 -5.37
N LEU NB 218 -34.55 32.88 -4.71
CA LEU NB 218 -33.27 32.46 -5.29
C LEU NB 218 -33.26 31.03 -5.85
N ASP NB 219 -34.04 30.10 -5.30
CA ASP NB 219 -34.13 28.73 -5.85
C ASP NB 219 -34.79 28.70 -7.22
N LEU NB 220 -35.88 29.43 -7.36
CA LEU NB 220 -36.65 29.53 -8.61
C LEU NB 220 -35.95 30.37 -9.69
N GLU NB 221 -35.13 31.35 -9.30
CA GLU NB 221 -34.23 32.07 -10.20
C GLU NB 221 -33.19 31.13 -10.82
N ARG NB 222 -32.40 30.45 -9.98
CA ARG NB 222 -31.32 29.54 -10.42
C ARG NB 222 -31.87 28.34 -11.18
N LYS NB 223 -33.07 27.87 -10.82
CA LYS NB 223 -33.79 26.83 -11.55
C LYS NB 223 -34.23 27.30 -12.94
N VAL NB 224 -34.95 28.43 -13.07
CA VAL NB 224 -35.45 28.85 -14.39
C VAL NB 224 -34.33 29.30 -15.33
N GLU NB 225 -33.19 29.76 -14.82
CA GLU NB 225 -31.94 29.91 -15.58
C GLU NB 225 -31.44 28.56 -16.12
N SER NB 226 -31.21 27.58 -15.23
CA SER NB 226 -30.69 26.25 -15.58
C SER NB 226 -31.60 25.49 -16.54
N LEU NB 227 -32.92 25.65 -16.41
CA LEU NB 227 -33.92 24.90 -17.17
C LEU NB 227 -34.06 25.39 -18.63
N GLN NB 228 -33.49 26.56 -18.98
CA GLN NB 228 -33.29 26.94 -20.38
C GLN NB 228 -32.27 26.04 -21.09
N GLU NB 229 -31.19 25.64 -20.40
CA GLU NB 229 -30.26 24.63 -20.93
C GLU NB 229 -30.90 23.23 -20.97
N GLU NB 230 -31.71 22.86 -19.97
CA GLU NB 230 -32.39 21.56 -19.96
C GLU NB 230 -33.45 21.39 -21.05
N ILE NB 231 -34.13 22.46 -21.52
CA ILE NB 231 -34.92 22.42 -22.78
C ILE NB 231 -34.02 22.21 -24.00
N ALA NB 232 -32.92 22.96 -24.08
CA ALA NB 232 -31.98 22.90 -25.20
C ALA NB 232 -31.25 21.55 -25.32
N PHE NB 233 -31.14 20.82 -24.20
CA PHE NB 233 -30.77 19.41 -24.16
C PHE NB 233 -31.95 18.48 -24.51
N LEU NB 234 -33.16 18.73 -23.96
CA LEU NB 234 -34.36 17.88 -24.15
C LEU NB 234 -34.62 17.60 -25.61
N LYS NB 235 -34.68 18.65 -26.43
CA LYS NB 235 -35.05 18.51 -27.84
C LYS NB 235 -34.13 17.52 -28.56
N LYS NB 236 -32.83 17.64 -28.32
CA LYS NB 236 -31.79 16.85 -28.97
C LYS NB 236 -31.81 15.40 -28.53
N LEU NB 237 -31.68 15.18 -27.23
CA LEU NB 237 -31.55 13.84 -26.67
C LEU NB 237 -32.84 13.02 -26.77
N HIS NB 238 -34.00 13.67 -26.92
CA HIS NB 238 -35.26 13.05 -27.35
C HIS NB 238 -35.28 12.68 -28.85
N GLU NB 239 -34.92 13.61 -29.73
CA GLU NB 239 -34.95 13.38 -31.18
C GLU NB 239 -33.81 12.46 -31.65
N GLU NB 240 -32.73 12.36 -30.88
CA GLU NB 240 -31.64 11.40 -31.01
C GLU NB 240 -32.09 10.00 -30.53
N GLU NB 241 -32.70 9.89 -29.35
CA GLU NB 241 -33.32 8.65 -28.83
C GLU NB 241 -34.38 8.05 -29.77
N ILE NB 242 -35.38 8.83 -30.19
CA ILE NB 242 -36.44 8.34 -31.09
C ILE NB 242 -35.89 7.90 -32.45
N GLN NB 243 -34.79 8.51 -32.94
CA GLN NB 243 -34.21 8.14 -34.24
C GLN NB 243 -33.32 6.91 -34.19
N GLU NB 244 -32.54 6.70 -33.13
CA GLU NB 244 -31.78 5.46 -32.92
C GLU NB 244 -32.71 4.27 -32.62
N LEU NB 245 -33.78 4.49 -31.84
CA LEU NB 245 -34.86 3.50 -31.63
C LEU NB 245 -35.60 3.14 -32.93
N GLN NB 246 -35.91 4.11 -33.79
CA GLN NB 246 -36.57 3.84 -35.08
C GLN NB 246 -35.59 3.38 -36.17
N ALA NB 247 -34.28 3.32 -35.89
CA ALA NB 247 -33.28 2.56 -36.66
C ALA NB 247 -33.18 1.10 -36.17
N GLN NB 248 -33.22 0.85 -34.85
CA GLN NB 248 -33.35 -0.48 -34.22
C GLN NB 248 -34.55 -1.25 -34.79
N ILE NB 249 -35.71 -0.57 -34.86
CA ILE NB 249 -36.96 -1.19 -35.33
C ILE NB 249 -36.90 -1.57 -36.83
N GLN NB 250 -35.98 -0.98 -37.60
CA GLN NB 250 -35.67 -1.37 -38.97
C GLN NB 250 -34.61 -2.49 -39.06
N GLU NB 251 -33.57 -2.47 -38.23
CA GLU NB 251 -32.58 -3.56 -38.11
C GLU NB 251 -33.17 -4.86 -37.50
N GLN NB 252 -34.39 -4.80 -36.96
CA GLN NB 252 -35.13 -5.95 -36.41
C GLN NB 252 -35.38 -7.13 -37.40
N HIS NB 253 -35.09 -7.01 -38.71
CA HIS NB 253 -35.98 -7.57 -39.76
C HIS NB 253 -35.50 -8.77 -40.65
N VAL NB 254 -34.94 -8.64 -41.89
CA VAL NB 254 -34.57 -9.82 -42.74
C VAL NB 254 -33.45 -9.71 -43.82
N GLN NB 255 -32.60 -10.76 -43.83
CA GLN NB 255 -31.92 -11.33 -45.03
C GLN NB 255 -32.32 -12.77 -45.39
N ILE NB 256 -32.01 -13.21 -46.63
CA ILE NB 256 -32.30 -14.58 -47.13
C ILE NB 256 -31.13 -15.21 -47.94
N ASP NB 257 -30.57 -14.54 -48.95
CA ASP NB 257 -29.85 -15.17 -50.11
C ASP NB 257 -30.77 -16.06 -50.97
N VAL NB 258 -30.30 -16.52 -52.13
CA VAL NB 258 -31.11 -17.06 -53.22
C VAL NB 258 -30.44 -18.25 -53.92
N ASP NB 259 -31.24 -19.20 -54.40
CA ASP NB 259 -30.79 -20.30 -55.27
C ASP NB 259 -30.34 -19.84 -56.66
N VAL NB 260 -30.64 -18.59 -57.07
CA VAL NB 260 -30.19 -18.04 -58.36
C VAL NB 260 -28.75 -17.48 -58.33
N SER NB 261 -28.11 -17.39 -57.16
CA SER NB 261 -26.69 -17.02 -57.01
C SER NB 261 -25.72 -18.01 -57.68
N LYS NB 262 -26.18 -19.24 -57.94
CA LYS NB 262 -25.60 -20.23 -58.89
C LYS NB 262 -26.75 -21.09 -59.43
N PRO NB 263 -26.79 -21.43 -60.73
CA PRO NB 263 -28.04 -21.88 -61.36
C PRO NB 263 -28.68 -23.16 -60.82
N ASP NB 264 -27.89 -24.09 -60.23
CA ASP NB 264 -28.20 -25.43 -59.66
C ASP NB 264 -29.13 -26.38 -60.48
N LEU NB 265 -30.30 -25.92 -60.94
CA LEU NB 265 -31.24 -26.53 -61.89
C LEU NB 265 -30.60 -27.09 -63.18
N THR NB 266 -29.49 -26.52 -63.66
CA THR NB 266 -28.75 -27.05 -64.82
C THR NB 266 -28.21 -28.47 -64.58
N ALA NB 267 -28.00 -28.87 -63.32
CA ALA NB 267 -27.70 -30.26 -62.96
C ALA NB 267 -28.92 -31.18 -63.16
N ALA NB 268 -30.09 -30.80 -62.65
CA ALA NB 268 -31.34 -31.57 -62.84
C ALA NB 268 -31.73 -31.76 -64.33
N LEU NB 269 -31.47 -30.76 -65.18
CA LEU NB 269 -31.65 -30.87 -66.63
C LEU NB 269 -30.65 -31.82 -67.32
N ARG NB 270 -29.42 -31.96 -66.79
CA ARG NB 270 -28.46 -33.00 -67.21
C ARG NB 270 -28.84 -34.39 -66.72
N ASP NB 271 -29.50 -34.52 -65.56
CA ASP NB 271 -29.95 -35.81 -65.04
C ASP NB 271 -31.17 -36.35 -65.78
N VAL NB 272 -32.07 -35.46 -66.23
CA VAL NB 272 -33.10 -35.78 -67.24
C VAL NB 272 -32.48 -36.23 -68.57
N ARG NB 273 -31.36 -35.63 -68.98
CA ARG NB 273 -30.63 -36.05 -70.19
C ARG NB 273 -29.94 -37.41 -70.02
N GLN NB 274 -29.34 -37.68 -68.86
CA GLN NB 274 -28.73 -38.97 -68.52
C GLN NB 274 -29.79 -40.09 -68.34
N GLN NB 275 -31.01 -39.76 -67.89
CA GLN NB 275 -32.15 -40.66 -67.91
C GLN NB 275 -32.55 -41.01 -69.36
N TYR NB 276 -32.65 -40.02 -70.25
CA TYR NB 276 -32.95 -40.24 -71.67
C TYR NB 276 -31.89 -41.11 -72.35
N GLU NB 277 -30.60 -40.86 -72.10
CA GLU NB 277 -29.50 -41.64 -72.68
C GLU NB 277 -29.41 -43.07 -72.11
N SER NB 278 -29.74 -43.26 -70.83
CA SER NB 278 -29.84 -44.58 -70.20
C SER NB 278 -31.03 -45.40 -70.74
N VAL NB 279 -32.22 -44.79 -70.80
CA VAL NB 279 -33.43 -45.44 -71.34
C VAL NB 279 -33.28 -45.73 -72.84
N ALA NB 280 -32.66 -44.83 -73.62
CA ALA NB 280 -32.34 -45.11 -75.02
C ALA NB 280 -31.37 -46.29 -75.21
N ALA NB 281 -30.38 -46.44 -74.33
CA ALA NB 281 -29.48 -47.60 -74.35
C ALA NB 281 -30.19 -48.91 -73.96
N LYS NB 282 -31.11 -48.88 -72.98
CA LYS NB 282 -31.90 -50.07 -72.60
C LYS NB 282 -32.96 -50.46 -73.64
N ASN NB 283 -33.53 -49.49 -74.36
CA ASN NB 283 -34.41 -49.76 -75.50
C ASN NB 283 -33.66 -50.44 -76.68
N LEU NB 284 -32.36 -50.14 -76.87
CA LEU NB 284 -31.51 -50.87 -77.81
C LEU NB 284 -31.21 -52.30 -77.34
N GLN NB 285 -31.07 -52.54 -76.04
CA GLN NB 285 -30.92 -53.90 -75.48
C GLN NB 285 -32.21 -54.73 -75.51
N GLU NB 286 -33.39 -54.12 -75.37
CA GLU NB 286 -34.66 -54.80 -75.64
C GLU NB 286 -34.76 -55.29 -77.09
N ALA NB 287 -34.33 -54.46 -78.05
CA ALA NB 287 -34.23 -54.86 -79.45
C ALA NB 287 -33.14 -55.93 -79.67
N GLU NB 288 -32.01 -55.86 -78.96
CA GLU NB 288 -30.93 -56.86 -79.04
C GLU NB 288 -31.38 -58.25 -78.58
N GLU NB 289 -32.10 -58.35 -77.48
CA GLU NB 289 -32.71 -59.61 -77.02
C GLU NB 289 -33.83 -60.13 -77.95
N TRP NB 290 -34.60 -59.23 -78.58
CA TRP NB 290 -35.53 -59.62 -79.65
C TRP NB 290 -34.83 -60.15 -80.92
N TYR NB 291 -33.70 -59.55 -81.32
CA TYR NB 291 -32.86 -60.09 -82.39
C TYR NB 291 -32.23 -61.43 -82.00
N LYS NB 292 -31.81 -61.63 -80.73
CA LYS NB 292 -31.35 -62.94 -80.22
C LYS NB 292 -32.45 -63.99 -80.23
N SER NB 293 -33.70 -63.63 -79.89
CA SER NB 293 -34.87 -64.52 -79.99
C SER NB 293 -35.07 -65.02 -81.41
N LYS NB 294 -34.99 -64.10 -82.38
CA LYS NB 294 -35.02 -64.42 -83.81
C LYS NB 294 -33.80 -65.23 -84.29
N PHE NB 295 -32.63 -65.05 -83.70
CA PHE NB 295 -31.45 -65.89 -83.99
C PHE NB 295 -31.60 -67.31 -83.42
N ALA NB 296 -32.29 -67.49 -82.29
CA ALA NB 296 -32.66 -68.81 -81.77
C ALA NB 296 -33.72 -69.50 -82.65
N ASP NB 297 -34.75 -68.75 -83.09
CA ASP NB 297 -35.74 -69.23 -84.08
C ASP NB 297 -35.07 -69.74 -85.36
N LEU NB 298 -34.19 -68.93 -85.96
CA LEU NB 298 -33.50 -69.28 -87.21
C LEU NB 298 -32.49 -70.44 -87.05
N SER NB 299 -31.73 -70.47 -85.94
CA SER NB 299 -30.72 -71.50 -85.70
C SER NB 299 -31.35 -72.86 -85.39
N GLU NB 300 -32.39 -72.87 -84.56
CA GLU NB 300 -33.12 -74.09 -84.23
C GLU NB 300 -34.10 -74.53 -85.33
N ALA NB 301 -34.54 -73.63 -86.22
CA ALA NB 301 -35.14 -74.00 -87.50
C ALA NB 301 -34.13 -74.68 -88.45
N ALA NB 302 -32.87 -74.21 -88.50
CA ALA NB 302 -31.83 -74.87 -89.29
C ALA NB 302 -31.44 -76.26 -88.73
N ASN NB 303 -31.42 -76.42 -87.39
CA ASN NB 303 -31.28 -77.74 -86.76
C ASN NB 303 -32.49 -78.64 -87.02
N ARG NB 304 -33.71 -78.10 -86.94
CA ARG NB 304 -34.96 -78.81 -87.27
C ARG NB 304 -35.02 -79.24 -88.73
N ASN NB 305 -34.47 -78.47 -89.67
CA ASN NB 305 -34.36 -78.87 -91.07
C ASN NB 305 -33.34 -80.01 -91.29
N ASN NB 306 -32.21 -79.99 -90.56
CA ASN NB 306 -31.26 -81.11 -90.54
C ASN NB 306 -31.83 -82.39 -89.90
N ASP NB 307 -32.78 -82.27 -88.97
CA ASP NB 307 -33.50 -83.39 -88.37
C ASP NB 307 -34.69 -83.88 -89.19
N ALA NB 308 -35.40 -82.98 -89.87
CA ALA NB 308 -36.41 -83.31 -90.88
C ALA NB 308 -35.79 -84.04 -92.09
N LEU NB 309 -34.53 -83.74 -92.43
CA LEU NB 309 -33.77 -84.52 -93.42
C LEU NB 309 -33.40 -85.93 -92.94
N ARG NB 310 -33.25 -86.16 -91.62
CA ARG NB 310 -33.04 -87.49 -91.03
C ARG NB 310 -34.36 -88.28 -90.95
N GLN NB 311 -35.45 -87.58 -90.65
CA GLN NB 311 -36.82 -88.06 -90.56
C GLN NB 311 -37.40 -88.51 -91.93
N ALA NB 312 -37.28 -87.64 -92.93
CA ALA NB 312 -37.60 -87.94 -94.32
C ALA NB 312 -36.70 -89.02 -94.94
N LYS NB 313 -35.47 -89.20 -94.45
CA LYS NB 313 -34.61 -90.33 -94.82
C LYS NB 313 -34.99 -91.65 -94.12
N GLN NB 314 -35.55 -91.60 -92.92
CA GLN NB 314 -36.13 -92.75 -92.23
C GLN NB 314 -37.42 -93.24 -92.92
N GLU NB 315 -38.27 -92.30 -93.33
CA GLU NB 315 -39.51 -92.54 -94.09
C GLU NB 315 -39.21 -92.97 -95.55
N SER NB 316 -38.16 -92.41 -96.16
CA SER NB 316 -37.59 -92.91 -97.43
C SER NB 316 -37.00 -94.33 -97.31
N THR NB 317 -36.63 -94.78 -96.11
CA THR NB 317 -36.15 -96.15 -95.88
C THR NB 317 -37.31 -97.12 -95.67
N GLU NB 318 -38.43 -96.65 -95.14
CA GLU NB 318 -39.71 -97.37 -94.97
C GLU NB 318 -40.28 -97.83 -96.30
N TYR NB 319 -40.55 -96.86 -97.18
CA TYR NB 319 -41.15 -97.10 -98.49
C TYR NB 319 -40.24 -97.95 -99.40
N ARG NB 320 -38.92 -97.73 -99.35
CA ARG NB 320 -37.95 -98.53 -100.11
C ARG NB 320 -37.93 -99.99 -99.65
N ARG NB 321 -37.81 -100.25 -98.34
CA ARG NB 321 -37.84 -101.62 -97.82
C ARG NB 321 -39.13 -102.34 -98.14
N GLN NB 322 -40.27 -101.70 -97.92
CA GLN NB 322 -41.58 -102.30 -98.17
C GLN NB 322 -41.75 -102.65 -99.67
N VAL NB 323 -41.51 -101.69 -100.57
CA VAL NB 323 -41.62 -101.91 -102.03
C VAL NB 323 -40.62 -102.94 -102.55
N GLN NB 324 -39.38 -102.92 -102.06
CA GLN NB 324 -38.36 -103.90 -102.44
C GLN NB 324 -38.70 -105.31 -101.95
N SER NB 325 -39.26 -105.45 -100.74
CA SER NB 325 -39.60 -106.75 -100.15
C SER NB 325 -40.87 -107.35 -100.77
N LEU NB 326 -41.89 -106.52 -101.04
CA LEU NB 326 -43.07 -106.88 -101.84
C LEU NB 326 -42.71 -107.29 -103.28
N THR NB 327 -41.69 -106.65 -103.89
CA THR NB 327 -41.18 -107.07 -105.20
C THR NB 327 -40.53 -108.46 -105.14
N CYS NB 328 -39.73 -108.71 -104.10
CA CYS NB 328 -39.13 -110.02 -103.86
C CYS NB 328 -40.15 -111.12 -103.48
N GLU NB 329 -41.29 -110.77 -102.88
CA GLU NB 329 -42.40 -111.71 -102.66
C GLU NB 329 -43.06 -112.15 -103.97
N VAL NB 330 -43.29 -111.21 -104.89
CA VAL NB 330 -43.75 -111.52 -106.25
C VAL NB 330 -42.72 -112.34 -107.03
N ASP NB 331 -41.42 -112.09 -106.82
CA ASP NB 331 -40.34 -112.89 -107.40
C ASP NB 331 -40.26 -114.33 -106.82
N ALA NB 332 -40.45 -114.52 -105.51
CA ALA NB 332 -40.52 -115.85 -104.88
C ALA NB 332 -41.79 -116.64 -105.25
N LEU NB 333 -42.94 -115.97 -105.41
CA LEU NB 333 -44.18 -116.61 -105.88
C LEU NB 333 -44.14 -116.95 -107.38
N LYS NB 334 -43.36 -116.22 -108.19
CA LYS NB 334 -43.00 -116.67 -109.55
C LYS NB 334 -42.00 -117.84 -109.53
N GLY NB 335 -41.03 -117.86 -108.62
CA GLY NB 335 -40.12 -118.99 -108.44
C GLY NB 335 -40.83 -120.28 -108.03
N MET OB 1 8.90 55.64 10.12
CA MET OB 1 8.14 54.47 10.63
C MET OB 1 7.94 53.48 9.50
N SER OB 2 7.94 52.18 9.77
CA SER OB 2 7.71 51.13 8.78
C SER OB 2 6.90 49.99 9.41
N THR OB 3 5.73 49.67 8.85
CA THR OB 3 4.80 48.70 9.44
C THR OB 3 5.36 47.28 9.36
N ARG OB 4 5.72 46.71 10.52
CA ARG OB 4 6.16 45.31 10.70
C ARG OB 4 5.02 44.31 10.43
N SER OB 5 4.65 44.15 9.16
CA SER OB 5 3.55 43.29 8.74
C SER OB 5 4.01 41.83 8.63
N VAL OB 6 3.76 41.04 9.68
CA VAL OB 6 3.85 39.57 9.68
C VAL OB 6 2.67 38.95 8.91
N SER OB 7 2.60 39.30 7.63
CA SER OB 7 1.41 39.13 6.77
C SER OB 7 1.02 37.67 6.58
N SER OB 8 -0.23 37.44 6.19
CA SER OB 8 -0.49 36.35 5.24
C SER OB 8 0.07 36.72 3.87
N SER OB 9 1.19 36.08 3.54
CA SER OB 9 2.08 36.48 2.47
C SER OB 9 1.37 36.38 1.12
N SER OB 10 1.71 37.31 0.22
CA SER OB 10 1.07 37.47 -1.10
C SER OB 10 1.32 36.33 -2.10
N TYR OB 11 1.81 35.18 -1.64
CA TYR OB 11 1.89 33.93 -2.39
C TYR OB 11 0.90 32.86 -1.92
N ARG OB 12 0.21 33.04 -0.78
CA ARG OB 12 -0.86 32.13 -0.31
C ARG OB 12 -2.10 32.77 0.32
N ARG OB 13 -2.11 34.07 0.62
CA ARG OB 13 -3.30 34.79 1.13
C ARG OB 13 -4.53 34.62 0.23
N MET OB 14 -4.39 34.89 -1.06
CA MET OB 14 -5.46 34.73 -2.06
C MET OB 14 -5.44 33.35 -2.77
N PHE OB 15 -4.68 32.37 -2.23
CA PHE OB 15 -4.35 31.12 -2.94
C PHE OB 15 -4.47 29.86 -2.06
N GLY OB 16 -5.25 29.91 -0.97
CA GLY OB 16 -5.74 28.75 -0.21
C GLY OB 16 -4.76 27.59 0.07
N GLY OB 17 -3.51 27.92 0.46
CA GLY OB 17 -2.40 26.97 0.53
C GLY OB 17 -2.41 26.03 1.74
N PRO OB 18 -1.83 24.83 1.58
CA PRO OB 18 -2.03 23.61 2.36
C PRO OB 18 -3.19 23.55 3.38
N GLY OB 19 -4.47 23.62 2.97
CA GLY OB 19 -5.00 24.13 1.69
C GLY OB 19 -5.79 23.18 0.79
N THR OB 20 -6.89 23.72 0.26
CA THR OB 20 -7.70 23.13 -0.83
C THR OB 20 -7.28 23.61 -2.23
N ALA OB 21 -6.44 24.66 -2.36
CA ALA OB 21 -5.82 25.04 -3.63
C ALA OB 21 -4.60 24.18 -3.99
N SER OB 22 -3.91 23.65 -2.98
CA SER OB 22 -3.05 22.45 -3.08
C SER OB 22 -3.83 21.13 -3.26
N ARG OB 23 -5.16 21.22 -3.36
CA ARG OB 23 -6.08 20.26 -3.98
C ARG OB 23 -5.80 18.78 -3.64
N PRO OB 24 -6.18 18.33 -2.42
CA PRO OB 24 -6.30 16.91 -2.08
C PRO OB 24 -7.46 16.25 -2.83
N SER OB 25 -7.30 16.06 -4.14
CA SER OB 25 -8.22 15.48 -5.13
C SER OB 25 -8.45 13.96 -4.96
N SER OB 26 -8.24 13.45 -3.75
CA SER OB 26 -8.22 12.02 -3.42
C SER OB 26 -9.63 11.42 -3.28
N SER OB 27 -10.39 11.38 -4.39
CA SER OB 27 -11.52 10.44 -4.50
C SER OB 27 -11.01 9.00 -4.39
N ARG OB 28 -11.42 8.30 -3.32
CA ARG OB 28 -10.78 7.05 -2.87
C ARG OB 28 -11.35 5.80 -3.55
N SER OB 29 -11.38 5.79 -4.88
CA SER OB 29 -11.73 4.58 -5.65
C SER OB 29 -10.73 3.45 -5.36
N TYR OB 30 -11.18 2.39 -4.68
CA TYR OB 30 -10.34 1.22 -4.42
C TYR OB 30 -10.12 0.40 -5.70
N VAL OB 31 -8.86 0.16 -6.05
CA VAL OB 31 -8.45 -0.52 -7.30
C VAL OB 31 -8.68 -2.04 -7.19
N THR OB 32 -9.95 -2.42 -7.29
CA THR OB 32 -10.44 -3.79 -7.06
C THR OB 32 -9.92 -4.74 -8.14
N THR OB 33 -8.78 -5.38 -7.88
CA THR OB 33 -8.16 -6.33 -8.81
C THR OB 33 -8.89 -7.67 -8.79
N SER OB 34 -10.00 -7.73 -9.53
CA SER OB 34 -10.98 -8.83 -9.46
C SER OB 34 -10.36 -10.21 -9.74
N THR OB 35 -10.26 -11.03 -8.70
CA THR OB 35 -9.68 -12.38 -8.78
C THR OB 35 -10.70 -13.39 -9.28
N ARG OB 36 -10.52 -13.92 -10.50
CA ARG OB 36 -11.32 -15.02 -11.05
C ARG OB 36 -10.61 -16.38 -10.89
N THR OB 37 -11.39 -17.43 -10.63
CA THR OB 37 -10.94 -18.83 -10.56
C THR OB 37 -10.79 -19.48 -11.95
N TYR OB 38 -10.05 -18.86 -12.87
CA TYR OB 38 -9.95 -19.34 -14.26
C TYR OB 38 -8.55 -19.20 -14.91
N SER OB 39 -7.94 -20.35 -15.19
CA SER OB 39 -6.84 -20.51 -16.16
C SER OB 39 -7.40 -20.59 -17.58
N LEU OB 40 -6.77 -19.93 -18.55
CA LEU OB 40 -7.33 -19.76 -19.89
C LEU OB 40 -7.40 -21.10 -20.65
N GLY OB 41 -8.58 -21.47 -21.12
CA GLY OB 41 -8.86 -22.74 -21.81
C GLY OB 41 -9.21 -23.91 -20.89
N SER OB 42 -9.19 -23.74 -19.56
CA SER OB 42 -9.40 -24.85 -18.62
C SER OB 42 -10.83 -25.40 -18.59
N ALA OB 43 -11.82 -24.64 -19.09
CA ALA OB 43 -13.23 -25.05 -19.14
C ALA OB 43 -13.53 -26.21 -20.11
N LEU OB 44 -12.75 -26.35 -21.19
CA LEU OB 44 -12.95 -27.41 -22.17
C LEU OB 44 -11.60 -27.89 -22.74
N ARG OB 45 -11.30 -29.17 -22.44
CA ARG OB 45 -10.33 -29.99 -23.18
C ARG OB 45 -11.09 -31.18 -23.77
N PRO OB 46 -11.48 -31.15 -25.06
CA PRO OB 46 -12.32 -32.19 -25.66
C PRO OB 46 -11.56 -33.52 -25.70
N SER OB 47 -11.93 -34.43 -24.81
CA SER OB 47 -11.14 -35.63 -24.51
C SER OB 47 -11.45 -36.76 -25.50
N THR OB 48 -10.71 -36.81 -26.62
CA THR OB 48 -10.75 -37.92 -27.59
C THR OB 48 -10.02 -39.18 -27.11
N SER OB 49 -9.56 -39.19 -25.85
CA SER OB 49 -9.15 -40.39 -25.12
C SER OB 49 -10.35 -41.33 -24.90
N ARG OB 50 -10.50 -42.29 -25.81
CA ARG OB 50 -11.46 -43.41 -25.80
C ARG OB 50 -10.75 -44.68 -26.28
N SER OB 51 -9.64 -44.99 -25.61
CA SER OB 51 -8.61 -45.97 -26.01
C SER OB 51 -9.10 -47.44 -26.00
N LEU OB 52 -10.08 -47.74 -26.86
CA LEU OB 52 -10.71 -49.04 -26.98
C LEU OB 52 -9.93 -49.94 -27.97
N TYR OB 53 -9.71 -51.21 -27.58
CA TYR OB 53 -9.20 -52.25 -28.48
C TYR OB 53 -10.16 -53.44 -28.54
N ALA OB 54 -10.82 -53.61 -29.69
CA ALA OB 54 -11.66 -54.76 -30.00
C ALA OB 54 -10.96 -55.67 -31.02
N SER OB 55 -10.02 -56.49 -30.56
CA SER OB 55 -9.33 -57.53 -31.35
C SER OB 55 -10.22 -58.75 -31.68
N SER OB 56 -11.49 -58.73 -31.27
CA SER OB 56 -12.37 -59.91 -31.27
C SER OB 56 -12.54 -60.55 -32.66
N PRO OB 57 -12.35 -61.87 -32.79
CA PRO OB 57 -12.51 -62.58 -34.07
C PRO OB 57 -14.01 -62.78 -34.39
N GLY OB 58 -14.61 -61.86 -35.15
CA GLY OB 58 -15.98 -62.00 -35.64
C GLY OB 58 -16.19 -63.13 -36.68
N GLY OB 59 -15.11 -63.61 -37.29
CA GLY OB 59 -15.14 -64.72 -38.26
C GLY OB 59 -15.03 -66.09 -37.59
N VAL OB 60 -16.12 -66.85 -37.56
CA VAL OB 60 -16.16 -68.26 -37.12
C VAL OB 60 -16.06 -69.21 -38.32
N TYR OB 61 -15.31 -70.31 -38.21
CA TYR OB 61 -15.20 -71.29 -39.30
C TYR OB 61 -16.49 -72.14 -39.45
N ALA OB 62 -17.30 -71.78 -40.44
CA ALA OB 62 -18.49 -72.53 -40.88
C ALA OB 62 -18.09 -73.91 -41.44
N THR OB 63 -17.95 -74.88 -40.53
CA THR OB 63 -17.18 -76.11 -40.75
C THR OB 63 -17.81 -77.00 -41.82
N ARG OB 64 -17.12 -77.14 -42.96
CA ARG OB 64 -17.50 -78.05 -44.04
C ARG OB 64 -16.83 -79.41 -43.85
N SER OB 65 -17.56 -80.49 -44.15
CA SER OB 65 -17.01 -81.84 -44.30
C SER OB 65 -17.43 -82.47 -45.63
N SER OB 66 -16.54 -83.24 -46.24
CA SER OB 66 -16.84 -84.08 -47.40
C SER OB 66 -15.88 -85.26 -47.50
N ALA OB 67 -15.98 -86.17 -46.51
CA ALA OB 67 -15.44 -87.53 -46.62
C ALA OB 67 -15.87 -88.20 -47.94
N VAL OB 68 -15.07 -89.16 -48.44
CA VAL OB 68 -15.15 -89.64 -49.83
C VAL OB 68 -16.37 -90.54 -50.09
N ARG OB 69 -17.53 -89.90 -50.18
CA ARG OB 69 -18.70 -90.18 -51.04
C ARG OB 69 -18.55 -91.47 -51.88
N LEU OB 70 -18.89 -92.59 -51.24
CA LEU OB 70 -18.78 -93.94 -51.81
C LEU OB 70 -19.83 -94.18 -52.91
N ARG OB 71 -19.85 -95.40 -53.47
CA ARG OB 71 -20.85 -95.85 -54.45
C ARG OB 71 -22.27 -95.75 -53.87
N SER OB 72 -22.91 -94.61 -54.09
CA SER OB 72 -24.32 -94.36 -53.75
C SER OB 72 -25.25 -94.96 -54.81
N SER OB 73 -25.03 -96.25 -55.14
CA SER OB 73 -25.90 -97.06 -55.97
C SER OB 73 -27.13 -97.60 -55.20
N VAL OB 74 -27.22 -97.31 -53.90
CA VAL OB 74 -28.46 -97.41 -53.12
C VAL OB 74 -29.43 -96.33 -53.61
N PRO OB 75 -30.59 -96.67 -54.20
CA PRO OB 75 -31.47 -95.70 -54.83
C PRO OB 75 -32.43 -94.98 -53.86
N GLY OB 76 -32.42 -95.34 -52.57
CA GLY OB 76 -33.42 -94.93 -51.58
C GLY OB 76 -33.40 -93.45 -51.13
N VAL OB 77 -32.80 -92.56 -51.91
CA VAL OB 77 -32.76 -91.11 -51.64
C VAL OB 77 -34.06 -90.48 -52.14
N ARG OB 78 -35.08 -90.40 -51.27
CA ARG OB 78 -36.32 -89.67 -51.61
C ARG OB 78 -36.01 -88.20 -51.89
N LEU OB 79 -36.77 -87.59 -52.79
CA LEU OB 79 -36.76 -86.15 -52.99
C LEU OB 79 -37.64 -85.46 -51.93
N LEU OB 80 -37.13 -84.34 -51.40
CA LEU OB 80 -37.85 -83.27 -50.69
C LEU OB 80 -37.17 -81.95 -51.09
N GLN OB 81 -37.93 -80.85 -51.19
CA GLN OB 81 -37.49 -79.58 -51.78
C GLN OB 81 -38.04 -78.38 -50.98
N ASP OB 82 -37.92 -78.50 -49.66
CA ASP OB 82 -38.65 -77.72 -48.68
C ASP OB 82 -37.91 -76.39 -48.40
N SER OB 83 -38.50 -75.25 -48.80
CA SER OB 83 -37.89 -73.91 -48.69
C SER OB 83 -38.96 -72.80 -48.78
N VAL OB 84 -38.76 -71.58 -48.27
CA VAL OB 84 -37.51 -71.01 -47.70
C VAL OB 84 -37.70 -70.28 -46.36
N ASP OB 85 -38.92 -69.82 -46.04
CA ASP OB 85 -39.31 -68.93 -44.92
C ASP OB 85 -38.35 -68.94 -43.71
N PHE OB 86 -37.50 -67.93 -43.49
CA PHE OB 86 -37.27 -66.64 -44.18
C PHE OB 86 -38.33 -65.52 -44.08
N SER OB 87 -39.43 -65.68 -43.35
CA SER OB 87 -40.33 -64.56 -42.99
C SER OB 87 -39.64 -63.51 -42.10
N LEU OB 88 -38.52 -63.86 -41.44
CA LEU OB 88 -37.62 -62.91 -40.80
C LEU OB 88 -36.95 -61.93 -41.80
N ALA OB 89 -36.69 -62.34 -43.04
CA ALA OB 89 -36.20 -61.44 -44.09
C ALA OB 89 -37.27 -60.43 -44.54
N ASP OB 90 -38.54 -60.82 -44.57
CA ASP OB 90 -39.66 -59.91 -44.84
C ASP OB 90 -40.08 -59.04 -43.65
N ALA OB 91 -39.81 -59.53 -42.43
CA ALA OB 91 -39.78 -58.70 -41.23
C ALA OB 91 -38.64 -57.67 -41.28
N ILE OB 92 -37.43 -58.05 -41.72
CA ILE OB 92 -36.30 -57.12 -41.93
C ILE OB 92 -36.56 -56.13 -43.07
N ASN OB 93 -37.21 -56.54 -44.17
CA ASN OB 93 -37.68 -55.63 -45.23
C ASN OB 93 -38.74 -54.64 -44.70
N THR OB 94 -39.58 -55.08 -43.76
CA THR OB 94 -40.55 -54.23 -43.07
C THR OB 94 -39.87 -53.33 -42.03
N GLU OB 95 -38.81 -53.78 -41.36
CA GLU OB 95 -37.96 -52.96 -40.50
C GLU OB 95 -37.11 -51.95 -41.31
N PHE OB 96 -36.77 -52.22 -42.56
CA PHE OB 96 -36.16 -51.23 -43.46
C PHE OB 96 -37.17 -50.17 -43.93
N LYS OB 97 -38.42 -50.56 -44.20
CA LYS OB 97 -39.53 -49.60 -44.42
C LYS OB 97 -39.81 -48.77 -43.17
N ASN OB 98 -39.84 -49.37 -41.99
CA ASN OB 98 -40.06 -48.70 -40.71
C ASN OB 98 -38.89 -47.78 -40.37
N THR OB 99 -37.65 -48.21 -40.58
CA THR OB 99 -36.46 -47.38 -40.32
C THR OB 99 -36.38 -46.20 -41.29
N ARG OB 100 -36.76 -46.38 -42.56
CA ARG OB 100 -36.96 -45.25 -43.49
C ARG OB 100 -38.11 -44.33 -43.07
N THR OB 101 -39.19 -44.91 -42.56
CA THR OB 101 -40.37 -44.14 -42.11
C THR OB 101 -40.07 -43.38 -40.82
N ASN OB 102 -39.17 -43.88 -39.97
CA ASN OB 102 -38.58 -43.12 -38.87
C ASN OB 102 -37.63 -42.04 -39.40
N GLU OB 103 -36.76 -42.36 -40.37
CA GLU OB 103 -35.86 -41.39 -41.00
C GLU OB 103 -36.64 -40.26 -41.75
N LYS OB 104 -37.86 -40.54 -42.23
CA LYS OB 104 -38.85 -39.56 -42.73
C LYS OB 104 -39.66 -38.84 -41.62
N VAL OB 105 -40.11 -39.54 -40.58
CA VAL OB 105 -40.87 -38.91 -39.48
C VAL OB 105 -39.96 -38.03 -38.62
N GLU OB 106 -38.67 -38.35 -38.53
CA GLU OB 106 -37.63 -37.47 -38.00
C GLU OB 106 -37.41 -36.24 -38.89
N LEU OB 107 -37.29 -36.36 -40.23
CA LEU OB 107 -37.20 -35.16 -41.08
C LEU OB 107 -38.48 -34.30 -41.02
N GLN OB 108 -39.65 -34.90 -40.83
CA GLN OB 108 -40.93 -34.19 -40.66
C GLN OB 108 -41.09 -33.53 -39.29
N GLU OB 109 -40.74 -34.22 -38.19
CA GLU OB 109 -40.66 -33.63 -36.85
C GLU OB 109 -39.62 -32.51 -36.79
N LEU OB 110 -38.54 -32.58 -37.55
CA LEU OB 110 -37.54 -31.51 -37.63
C LEU OB 110 -37.90 -30.38 -38.61
N ASN OB 111 -38.82 -30.63 -39.55
CA ASN OB 111 -39.51 -29.59 -40.34
C ASN OB 111 -40.52 -28.81 -39.46
N ASP OB 112 -41.36 -29.53 -38.72
CA ASP OB 112 -42.28 -28.98 -37.73
C ASP OB 112 -41.54 -28.35 -36.54
N ARG OB 113 -40.35 -28.82 -36.18
CA ARG OB 113 -39.48 -28.17 -35.19
C ARG OB 113 -38.86 -26.90 -35.73
N PHE OB 114 -38.53 -26.81 -37.02
CA PHE OB 114 -38.15 -25.54 -37.62
C PHE OB 114 -39.34 -24.59 -37.76
N ALA OB 115 -40.57 -25.09 -37.95
CA ALA OB 115 -41.79 -24.28 -37.84
C ALA OB 115 -42.06 -23.78 -36.40
N ASN OB 116 -41.82 -24.61 -35.38
CA ASN OB 116 -41.82 -24.19 -33.98
C ASN OB 116 -40.76 -23.10 -33.69
N TYR OB 117 -39.56 -23.19 -34.25
CA TYR OB 117 -38.54 -22.15 -34.09
C TYR OB 117 -38.74 -20.92 -34.99
N ILE OB 118 -39.49 -21.01 -36.10
CA ILE OB 118 -40.06 -19.85 -36.82
C ILE OB 118 -41.15 -19.17 -35.98
N ASP OB 119 -41.94 -19.93 -35.23
CA ASP OB 119 -42.91 -19.38 -34.28
C ASP OB 119 -42.27 -18.91 -32.97
N LYS OB 120 -41.05 -19.34 -32.64
CA LYS OB 120 -40.21 -18.66 -31.64
C LYS OB 120 -39.51 -17.41 -32.17
N VAL OB 121 -39.17 -17.35 -33.46
CA VAL OB 121 -38.74 -16.13 -34.16
C VAL OB 121 -39.84 -15.08 -34.11
N ARG OB 122 -41.06 -15.47 -34.50
CA ARG OB 122 -42.27 -14.65 -34.36
C ARG OB 122 -42.61 -14.33 -32.90
N PHE OB 123 -42.32 -15.22 -31.95
CA PHE OB 123 -42.55 -14.95 -30.52
C PHE OB 123 -41.59 -13.91 -29.96
N LEU OB 124 -40.28 -13.97 -30.27
CA LEU OB 124 -39.32 -12.95 -29.81
C LEU OB 124 -39.47 -11.62 -30.58
N GLU OB 125 -39.90 -11.67 -31.84
CA GLU OB 125 -40.42 -10.52 -32.60
C GLU OB 125 -41.69 -9.93 -31.95
N GLN OB 126 -42.62 -10.76 -31.50
CA GLN OB 126 -43.84 -10.30 -30.83
C GLN OB 126 -43.58 -9.79 -29.41
N GLN OB 127 -42.63 -10.38 -28.69
CA GLN OB 127 -42.20 -9.91 -27.37
C GLN OB 127 -41.48 -8.56 -27.49
N ASN OB 128 -40.58 -8.39 -28.47
CA ASN OB 128 -39.91 -7.11 -28.69
C ASN OB 128 -40.87 -6.00 -29.17
N LYS OB 129 -41.92 -6.36 -29.93
CA LYS OB 129 -43.04 -5.45 -30.28
C LYS OB 129 -44.00 -5.13 -29.12
N ILE OB 130 -44.15 -6.02 -28.14
CA ILE OB 130 -44.89 -5.70 -26.90
C ILE OB 130 -44.07 -4.74 -26.04
N LEU OB 131 -42.77 -5.00 -25.89
CA LEU OB 131 -41.87 -4.11 -25.16
C LEU OB 131 -41.74 -2.74 -25.83
N LEU OB 132 -41.83 -2.65 -27.17
CA LEU OB 132 -41.98 -1.40 -27.93
C LEU OB 132 -43.30 -0.65 -27.61
N ALA OB 133 -44.44 -1.35 -27.62
CA ALA OB 133 -45.72 -0.74 -27.29
C ALA OB 133 -45.84 -0.32 -25.80
N GLU OB 134 -45.07 -0.96 -24.91
CA GLU OB 134 -44.97 -0.60 -23.50
C GLU OB 134 -43.95 0.52 -23.24
N LEU OB 135 -42.79 0.54 -23.91
CA LEU OB 135 -41.77 1.60 -23.76
C LEU OB 135 -42.23 2.94 -24.35
N GLU OB 136 -43.01 2.97 -25.44
CA GLU OB 136 -43.56 4.24 -25.94
C GLU OB 136 -44.56 4.87 -24.94
N GLN OB 137 -45.38 4.05 -24.29
CA GLN OB 137 -46.25 4.47 -23.19
C GLN OB 137 -45.46 4.90 -21.95
N LEU OB 138 -44.38 4.19 -21.62
CA LEU OB 138 -43.54 4.43 -20.44
C LEU OB 138 -42.51 5.56 -20.63
N LYS OB 139 -42.18 5.96 -21.85
CA LYS OB 139 -41.47 7.21 -22.16
C LYS OB 139 -42.43 8.41 -22.11
N GLY OB 140 -43.58 8.29 -22.78
CA GLY OB 140 -44.59 9.36 -22.86
C GLY OB 140 -45.26 9.68 -21.52
N GLN OB 141 -45.58 8.67 -20.72
CA GLN OB 141 -46.27 8.84 -19.43
C GLN OB 141 -45.42 8.49 -18.20
N GLY OB 142 -44.29 7.77 -18.31
CA GLY OB 142 -43.56 7.28 -17.14
C GLY OB 142 -42.79 8.35 -16.38
N LYS OB 143 -42.33 9.41 -17.06
CA LYS OB 143 -41.95 10.68 -16.40
C LYS OB 143 -43.13 11.33 -15.69
N SER OB 144 -44.24 11.56 -16.40
CA SER OB 144 -45.32 12.37 -15.86
C SER OB 144 -46.08 11.71 -14.72
N ARG OB 145 -46.35 10.40 -14.80
CA ARG OB 145 -47.00 9.62 -13.72
C ARG OB 145 -46.20 9.51 -12.42
N LEU OB 146 -44.88 9.65 -12.48
CA LEU OB 146 -44.02 9.74 -11.29
C LEU OB 146 -43.74 11.19 -10.89
N GLY OB 147 -43.91 12.15 -11.79
CA GLY OB 147 -43.82 13.57 -11.49
C GLY OB 147 -45.06 14.06 -10.78
N ASP OB 148 -46.24 13.77 -11.32
CA ASP OB 148 -47.53 14.32 -10.91
C ASP OB 148 -47.85 14.14 -9.41
N LEU OB 149 -47.35 13.08 -8.76
CA LEU OB 149 -47.40 12.94 -7.30
C LEU OB 149 -46.60 14.03 -6.55
N TYR OB 150 -45.34 14.21 -6.94
CA TYR OB 150 -44.43 15.18 -6.32
C TYR OB 150 -44.74 16.60 -6.81
N GLU OB 151 -44.89 16.78 -8.12
CA GLU OB 151 -45.15 18.07 -8.75
C GLU OB 151 -46.55 18.61 -8.40
N GLU OB 152 -47.55 17.79 -8.03
CA GLU OB 152 -48.81 18.29 -7.45
C GLU OB 152 -48.72 18.64 -5.96
N GLU OB 153 -47.76 18.08 -5.19
CA GLU OB 153 -47.38 18.73 -3.92
C GLU OB 153 -46.87 20.14 -4.24
N MET OB 154 -45.85 20.25 -5.10
CA MET OB 154 -45.18 21.52 -5.44
C MET OB 154 -46.12 22.58 -6.06
N ARG OB 155 -47.11 22.15 -6.87
CA ARG OB 155 -48.14 23.05 -7.41
C ARG OB 155 -49.12 23.55 -6.34
N GLU OB 156 -49.47 22.73 -5.36
CA GLU OB 156 -50.21 23.18 -4.17
C GLU OB 156 -49.36 24.05 -3.25
N LEU OB 157 -48.05 23.76 -3.09
CA LEU OB 157 -47.11 24.60 -2.33
C LEU OB 157 -47.07 26.02 -2.92
N ARG OB 158 -46.82 26.15 -4.21
CA ARG OB 158 -46.73 27.46 -4.88
C ARG OB 158 -48.07 28.18 -5.03
N ARG OB 159 -49.20 27.46 -5.01
CA ARG OB 159 -50.53 28.07 -4.88
C ARG OB 159 -50.79 28.58 -3.46
N GLN OB 160 -50.27 27.91 -2.43
CA GLN OB 160 -50.25 28.47 -1.08
C GLN OB 160 -49.36 29.72 -1.02
N VAL OB 161 -48.22 29.75 -1.74
CA VAL OB 161 -47.41 30.97 -1.86
C VAL OB 161 -48.22 32.14 -2.43
N ASP OB 162 -48.89 31.97 -3.57
CA ASP OB 162 -49.52 33.11 -4.28
C ASP OB 162 -50.65 33.76 -3.46
N GLN OB 163 -51.41 32.93 -2.75
CA GLN OB 163 -52.54 33.36 -1.93
C GLN OB 163 -52.11 33.86 -0.54
N LEU OB 164 -50.99 33.36 0.00
CA LEU OB 164 -50.43 33.83 1.27
C LEU OB 164 -49.66 35.13 1.13
N THR OB 165 -48.73 35.25 0.17
CA THR OB 165 -47.88 36.44 0.06
C THR OB 165 -48.69 37.68 -0.34
N ASN OB 166 -49.79 37.51 -1.07
CA ASN OB 166 -50.57 38.64 -1.59
C ASN OB 166 -51.60 39.21 -0.60
N ASP OB 167 -52.26 38.39 0.24
CA ASP OB 167 -53.05 38.93 1.37
C ASP OB 167 -52.16 39.58 2.44
N LYS OB 168 -50.94 39.07 2.62
CA LYS OB 168 -49.93 39.79 3.43
C LYS OB 168 -49.51 41.10 2.79
N ALA OB 169 -49.24 41.15 1.49
CA ALA OB 169 -48.91 42.40 0.78
C ALA OB 169 -50.03 43.45 0.81
N ARG OB 170 -51.30 43.02 0.86
CA ARG OB 170 -52.46 43.89 1.12
C ARG OB 170 -52.40 44.49 2.54
N VAL OB 171 -52.16 43.69 3.58
CA VAL OB 171 -51.98 44.18 4.96
C VAL OB 171 -50.72 45.04 5.11
N GLU OB 172 -49.65 44.73 4.40
CA GLU OB 172 -48.40 45.49 4.43
C GLU OB 172 -48.55 46.86 3.76
N VAL OB 173 -49.25 46.96 2.61
CA VAL OB 173 -49.50 48.28 2.00
C VAL OB 173 -50.51 49.12 2.80
N GLU OB 174 -51.41 48.47 3.57
CA GLU OB 174 -52.22 49.11 4.62
C GLU OB 174 -51.38 49.67 5.81
N ARG OB 175 -50.06 49.42 5.84
CA ARG OB 175 -49.08 50.01 6.78
C ARG OB 175 -47.99 50.86 6.10
N ASP OB 176 -47.56 50.50 4.89
CA ASP OB 176 -46.58 51.24 4.07
C ASP OB 176 -47.05 52.68 3.76
N ASN OB 177 -48.36 52.88 3.58
CA ASN OB 177 -48.95 54.22 3.49
C ASN OB 177 -48.72 55.07 4.78
N LEU OB 178 -48.81 54.47 5.96
CA LEU OB 178 -48.56 55.17 7.23
C LEU OB 178 -47.08 55.53 7.39
N ALA OB 179 -46.18 54.62 6.98
CA ALA OB 179 -44.74 54.81 7.04
C ALA OB 179 -44.18 55.74 5.94
N GLU OB 180 -44.85 55.87 4.81
CA GLU OB 180 -44.53 56.92 3.84
C GLU OB 180 -45.02 58.28 4.33
N ASP OB 181 -46.25 58.38 4.88
CA ASP OB 181 -46.75 59.63 5.46
C ASP OB 181 -45.93 60.11 6.66
N ILE OB 182 -45.49 59.25 7.58
CA ILE OB 182 -44.58 59.66 8.66
C ILE OB 182 -43.20 60.07 8.15
N MET OB 183 -42.64 59.41 7.13
CA MET OB 183 -41.33 59.78 6.57
C MET OB 183 -41.39 61.10 5.78
N ARG OB 184 -42.48 61.35 5.05
CA ARG OB 184 -42.81 62.63 4.42
C ARG OB 184 -42.99 63.74 5.46
N LEU OB 185 -43.73 63.43 6.53
CA LEU OB 185 -43.95 64.36 7.63
C LEU OB 185 -42.68 64.59 8.46
N ARG OB 186 -41.72 63.65 8.55
CA ARG OB 186 -40.40 63.93 9.14
C ARG OB 186 -39.67 65.03 8.40
N GLU OB 187 -39.55 64.91 7.08
CA GLU OB 187 -38.80 65.86 6.26
C GLU OB 187 -39.35 67.28 6.39
N LYS OB 188 -40.68 67.41 6.31
CA LYS OB 188 -41.41 68.67 6.52
C LYS OB 188 -41.30 69.18 7.97
N LEU OB 189 -41.62 68.36 8.97
CA LEU OB 189 -41.63 68.77 10.37
C LEU OB 189 -40.21 69.10 10.85
N GLN OB 190 -39.17 68.47 10.29
CA GLN OB 190 -37.80 68.92 10.50
C GLN OB 190 -37.48 70.25 9.82
N GLU OB 191 -37.96 70.53 8.59
CA GLU OB 191 -37.87 71.88 7.99
C GLU OB 191 -38.58 72.95 8.85
N GLU OB 192 -39.70 72.59 9.48
CA GLU OB 192 -40.35 73.42 10.50
C GLU OB 192 -39.45 73.65 11.73
N MET OB 193 -38.83 72.59 12.29
CA MET OB 193 -37.82 72.74 13.38
C MET OB 193 -36.64 73.63 12.99
N LEU OB 194 -36.12 73.50 11.77
CA LEU OB 194 -34.94 74.23 11.27
C LEU OB 194 -35.13 75.76 11.40
N GLN OB 195 -36.35 76.27 11.26
CA GLN OB 195 -36.70 77.67 11.55
C GLN OB 195 -37.18 77.88 13.02
N ARG OB 196 -38.08 77.02 13.51
CA ARG OB 196 -38.81 77.33 14.76
C ARG OB 196 -37.95 77.13 16.01
N GLU OB 197 -37.17 76.05 16.06
CA GLU OB 197 -36.25 75.78 17.18
C GLU OB 197 -34.93 76.58 17.13
N GLU OB 198 -34.56 77.18 15.98
CA GLU OB 198 -33.54 78.24 16.01
C GLU OB 198 -34.09 79.50 16.64
N ALA OB 199 -35.30 79.90 16.24
CA ALA OB 199 -35.89 81.15 16.63
C ALA OB 199 -36.19 81.16 18.13
N GLU OB 200 -36.87 80.11 18.61
CA GLU OB 200 -37.22 79.81 20.00
C GLU OB 200 -36.15 80.21 21.02
N ASN OB 201 -35.04 79.47 21.11
CA ASN OB 201 -33.99 79.76 22.10
C ASN OB 201 -33.14 81.00 21.76
N THR OB 202 -33.01 81.35 20.48
CA THR OB 202 -32.32 82.60 20.08
C THR OB 202 -33.04 83.83 20.65
N LEU OB 203 -34.35 83.83 20.55
CA LEU OB 203 -35.24 84.86 21.06
C LEU OB 203 -35.39 84.82 22.60
N GLN OB 204 -34.92 83.77 23.29
CA GLN OB 204 -34.76 83.75 24.77
C GLN OB 204 -33.50 84.46 25.29
N SER OB 205 -32.48 84.64 24.45
CA SER OB 205 -31.42 85.62 24.76
C SER OB 205 -32.00 87.03 24.81
N PHE OB 206 -33.04 87.29 24.01
CA PHE OB 206 -33.69 88.59 23.88
C PHE OB 206 -34.86 88.75 24.85
N ARG OB 207 -35.46 87.65 25.33
CA ARG OB 207 -36.45 87.63 26.41
C ARG OB 207 -35.92 88.29 27.67
N GLN OB 208 -34.65 88.01 27.99
CA GLN OB 208 -33.90 88.71 29.03
C GLN OB 208 -33.84 90.23 28.82
N ASP OB 209 -33.51 90.66 27.61
CA ASP OB 209 -33.32 92.07 27.29
C ASP OB 209 -34.65 92.85 27.12
N VAL OB 210 -35.80 92.20 26.85
CA VAL OB 210 -37.15 92.83 26.91
C VAL OB 210 -37.72 92.85 28.32
N ASP OB 211 -37.45 91.83 29.13
CA ASP OB 211 -37.88 91.80 30.52
C ASP OB 211 -37.13 92.88 31.31
N ASN OB 212 -35.82 92.99 31.06
CA ASN OB 212 -34.97 94.13 31.42
C ASN OB 212 -35.53 95.47 30.89
N ALA OB 213 -35.88 95.58 29.60
CA ALA OB 213 -36.39 96.82 29.01
C ALA OB 213 -37.81 97.23 29.44
N SER OB 214 -38.66 96.28 29.82
CA SER OB 214 -40.05 96.51 30.24
C SER OB 214 -40.14 96.88 31.72
N LEU OB 215 -39.25 96.30 32.54
CA LEU OB 215 -38.91 96.83 33.85
C LEU OB 215 -38.23 98.21 33.72
N ALA OB 216 -37.42 98.40 32.68
CA ALA OB 216 -36.86 99.71 32.36
C ALA OB 216 -37.90 100.75 31.94
N ARG OB 217 -39.03 100.38 31.31
CA ARG OB 217 -40.18 101.28 31.08
C ARG OB 217 -40.80 101.78 32.38
N LEU OB 218 -40.95 100.90 33.38
CA LEU OB 218 -41.37 101.29 34.73
C LEU OB 218 -40.31 102.14 35.44
N ASP OB 219 -39.02 102.00 35.10
CA ASP OB 219 -37.98 102.92 35.58
C ASP OB 219 -38.21 104.35 35.10
N LEU OB 220 -38.68 104.59 33.88
CA LEU OB 220 -38.94 105.96 33.41
C LEU OB 220 -40.15 106.56 34.07
N GLU OB 221 -41.15 105.78 34.47
CA GLU OB 221 -42.27 106.31 35.25
C GLU OB 221 -41.78 106.85 36.61
N ARG OB 222 -40.80 106.17 37.24
CA ARG OB 222 -40.08 106.64 38.44
C ARG OB 222 -39.07 107.77 38.18
N LYS OB 223 -38.32 107.73 37.06
CA LYS OB 223 -37.33 108.76 36.71
C LYS OB 223 -37.99 110.06 36.24
N VAL OB 224 -39.10 110.00 35.51
CA VAL OB 224 -39.92 111.15 35.11
C VAL OB 224 -40.61 111.77 36.32
N GLU OB 225 -41.07 110.98 37.28
CA GLU OB 225 -41.52 111.45 38.60
C GLU OB 225 -40.40 112.19 39.36
N SER OB 226 -39.21 111.59 39.44
CA SER OB 226 -38.04 112.18 40.12
C SER OB 226 -37.56 113.49 39.44
N LEU OB 227 -37.43 113.49 38.11
CA LEU OB 227 -37.05 114.64 37.29
C LEU OB 227 -38.12 115.74 37.26
N GLN OB 228 -39.40 115.44 37.48
CA GLN OB 228 -40.43 116.48 37.60
C GLN OB 228 -40.34 117.26 38.91
N GLU OB 229 -39.91 116.63 40.01
CA GLU OB 229 -39.54 117.35 41.25
C GLU OB 229 -38.13 117.97 41.20
N GLU OB 230 -37.17 117.42 40.45
CA GLU OB 230 -35.91 118.13 40.14
C GLU OB 230 -36.17 119.42 39.35
N ILE OB 231 -37.01 119.36 38.31
CA ILE OB 231 -37.47 120.53 37.57
C ILE OB 231 -38.37 121.46 38.43
N ALA OB 232 -38.98 120.98 39.51
CA ALA OB 232 -39.63 121.83 40.50
C ALA OB 232 -38.64 122.52 41.45
N PHE OB 233 -37.56 121.86 41.90
CA PHE OB 233 -36.43 122.48 42.59
C PHE OB 233 -35.67 123.48 41.71
N LEU OB 234 -35.56 123.21 40.41
CA LEU OB 234 -34.98 124.12 39.44
C LEU OB 234 -35.88 125.33 39.13
N LYS OB 235 -37.21 125.18 39.18
CA LYS OB 235 -38.16 126.31 39.10
C LYS OB 235 -38.15 127.19 40.34
N LYS OB 236 -38.14 126.58 41.54
CA LYS OB 236 -37.91 127.27 42.82
C LYS OB 236 -36.55 127.97 42.83
N LEU OB 237 -35.51 127.35 42.26
CA LEU OB 237 -34.20 127.97 42.06
C LEU OB 237 -34.27 129.19 41.15
N HIS OB 238 -35.07 129.21 40.09
CA HIS OB 238 -35.26 130.41 39.24
C HIS OB 238 -36.00 131.53 39.99
N GLU OB 239 -36.94 131.19 40.87
CA GLU OB 239 -37.69 132.16 41.67
C GLU OB 239 -36.82 132.78 42.78
N GLU OB 240 -35.93 131.99 43.39
CA GLU OB 240 -34.88 132.47 44.30
C GLU OB 240 -33.77 133.26 43.57
N GLU OB 241 -33.39 132.85 42.35
CA GLU OB 241 -32.44 133.52 41.46
C GLU OB 241 -32.96 134.87 40.95
N ILE OB 242 -34.27 135.02 40.74
CA ILE OB 242 -34.91 136.32 40.43
C ILE OB 242 -34.99 137.24 41.67
N GLN OB 243 -35.28 136.69 42.86
CA GLN OB 243 -35.21 137.46 44.12
C GLN OB 243 -33.77 137.92 44.42
N GLU OB 244 -32.78 137.07 44.17
CA GLU OB 244 -31.36 137.40 44.31
C GLU OB 244 -30.89 138.46 43.30
N LEU OB 245 -31.36 138.43 42.04
CA LEU OB 245 -31.10 139.52 41.08
C LEU OB 245 -31.67 140.86 41.56
N GLN OB 246 -32.88 140.87 42.13
CA GLN OB 246 -33.47 142.10 42.70
C GLN OB 246 -32.77 142.57 43.98
N ALA OB 247 -32.22 141.65 44.78
CA ALA OB 247 -31.38 141.96 45.92
C ALA OB 247 -30.02 142.56 45.48
N GLN OB 248 -29.36 141.94 44.49
CA GLN OB 248 -28.10 142.40 43.88
C GLN OB 248 -28.23 143.79 43.24
N ILE OB 249 -29.34 144.07 42.55
CA ILE OB 249 -29.63 145.41 41.99
C ILE OB 249 -29.77 146.49 43.08
N GLN OB 250 -30.40 146.19 44.21
CA GLN OB 250 -30.50 147.10 45.36
C GLN OB 250 -29.18 147.19 46.15
N GLU OB 251 -28.42 146.10 46.20
CA GLU OB 251 -27.19 145.95 46.96
C GLU OB 251 -26.01 146.67 46.30
N GLN OB 252 -25.89 146.61 44.98
CA GLN OB 252 -24.88 147.36 44.23
C GLN OB 252 -25.14 148.88 44.19
N HIS OB 253 -26.38 149.35 44.42
CA HIS OB 253 -26.74 150.77 44.29
C HIS OB 253 -27.68 151.28 45.41
N VAL OB 254 -27.03 151.75 46.48
CA VAL OB 254 -27.57 152.76 47.43
C VAL OB 254 -26.49 153.68 48.01
N MET PB 1 -2.57 50.95 18.46
CA MET PB 1 -2.56 50.64 17.01
C MET PB 1 -2.98 49.20 16.77
N SER PB 2 -3.40 48.86 15.55
CA SER PB 2 -3.38 47.48 15.04
C SER PB 2 -1.95 46.91 15.05
N THR PB 3 -1.81 45.59 15.12
CA THR PB 3 -0.57 44.88 14.76
C THR PB 3 -0.88 43.70 13.86
N ARG PB 4 -0.32 43.68 12.65
CA ARG PB 4 -0.40 42.54 11.72
C ARG PB 4 0.61 41.46 12.12
N SER PB 5 0.40 40.86 13.29
CA SER PB 5 1.15 39.69 13.78
C SER PB 5 0.67 38.40 13.11
N VAL PB 6 1.26 37.24 13.45
CA VAL PB 6 0.72 35.93 13.05
C VAL PB 6 -0.71 35.78 13.58
N SER PB 7 -1.65 35.84 12.65
CA SER PB 7 -3.09 35.84 12.86
C SER PB 7 -3.72 35.33 11.57
N SER PB 8 -3.52 36.10 10.50
CA SER PB 8 -3.32 35.58 9.15
C SER PB 8 -1.88 35.04 9.00
N SER PB 9 -1.68 33.72 8.83
CA SER PB 9 -0.35 33.09 8.81
C SER PB 9 0.48 33.42 7.56
N SER PB 10 1.80 33.61 7.73
CA SER PB 10 2.76 33.76 6.62
C SER PB 10 3.23 32.42 6.07
N TYR PB 11 3.10 32.24 4.75
CA TYR PB 11 3.88 31.24 4.02
C TYR PB 11 5.29 31.76 3.77
N ARG PB 12 6.17 31.56 4.76
CA ARG PB 12 7.64 31.64 4.66
C ARG PB 12 8.26 30.37 4.04
N ARG PB 13 7.59 29.24 4.25
CA ARG PB 13 7.92 27.89 3.73
C ARG PB 13 6.62 27.06 3.74
N MET PB 14 6.68 25.75 3.99
CA MET PB 14 5.55 24.79 4.00
C MET PB 14 4.92 24.52 2.61
N PHE PB 15 5.04 25.47 1.69
CA PHE PB 15 5.04 25.22 0.25
C PHE PB 15 6.30 25.90 -0.35
N GLY PB 16 7.26 25.17 -0.92
CA GLY PB 16 7.34 23.72 -1.09
C GLY PB 16 6.58 23.23 -2.33
N GLY PB 17 5.74 22.19 -2.16
CA GLY PB 17 5.10 21.48 -3.26
C GLY PB 17 5.90 20.27 -3.80
N PRO PB 18 6.42 19.37 -2.94
CA PRO PB 18 7.27 18.25 -3.37
C PRO PB 18 6.57 17.25 -4.32
N GLY PB 19 5.23 17.20 -4.30
CA GLY PB 19 4.43 16.41 -5.23
C GLY PB 19 4.52 16.83 -6.70
N THR PB 20 5.15 17.96 -7.02
CA THR PB 20 5.36 18.45 -8.40
C THR PB 20 6.11 17.43 -9.28
N ALA PB 21 7.01 16.62 -8.69
CA ALA PB 21 7.78 15.61 -9.40
C ALA PB 21 8.10 14.38 -8.51
N SER PB 22 7.09 13.81 -7.84
CA SER PB 22 7.28 12.64 -6.97
C SER PB 22 6.11 11.65 -7.06
N ARG PB 23 6.00 11.01 -8.25
CA ARG PB 23 5.03 9.95 -8.58
C ARG PB 23 5.56 9.14 -9.78
N PRO PB 24 6.47 8.17 -9.59
CA PRO PB 24 7.25 7.58 -10.67
C PRO PB 24 6.40 6.90 -11.76
N SER PB 25 6.70 7.15 -13.02
CA SER PB 25 6.23 6.34 -14.16
C SER PB 25 6.90 4.96 -14.24
N SER PB 26 8.07 4.80 -13.61
CA SER PB 26 8.72 3.51 -13.34
C SER PB 26 8.04 2.68 -12.23
N SER PB 27 6.86 3.09 -11.73
CA SER PB 27 5.99 2.23 -10.93
C SER PB 27 5.57 1.00 -11.75
N ARG PB 28 6.10 -0.17 -11.40
CA ARG PB 28 5.98 -1.40 -12.22
C ARG PB 28 4.53 -1.76 -12.50
N SER PB 29 4.19 -1.85 -13.79
CA SER PB 29 3.05 -2.65 -14.26
C SER PB 29 3.32 -4.15 -14.04
N TYR PB 30 2.67 -4.73 -13.03
CA TYR PB 30 2.77 -6.16 -12.73
C TYR PB 30 1.79 -6.94 -13.63
N VAL PB 31 2.24 -7.21 -14.87
CA VAL PB 31 1.40 -7.81 -15.92
C VAL PB 31 0.81 -9.14 -15.47
N THR PB 32 -0.48 -9.11 -15.12
CA THR PB 32 -1.25 -10.30 -14.76
C THR PB 32 -1.80 -10.96 -16.03
N THR PB 33 -1.62 -12.27 -16.16
CA THR PB 33 -2.18 -13.05 -17.27
C THR PB 33 -2.68 -14.40 -16.77
N SER PB 34 -3.84 -14.85 -17.23
CA SER PB 34 -4.25 -16.25 -17.09
C SER PB 34 -3.28 -17.13 -17.91
N THR PB 35 -2.58 -18.05 -17.25
CA THR PB 35 -1.71 -19.03 -17.94
C THR PB 35 -2.52 -19.83 -18.97
N ARG PB 36 -1.97 -19.97 -20.19
CA ARG PB 36 -2.61 -20.72 -21.28
C ARG PB 36 -2.56 -22.22 -20.99
N THR PB 37 -3.72 -22.84 -20.85
CA THR PB 37 -3.91 -24.28 -21.09
C THR PB 37 -4.31 -24.51 -22.56
N TYR PB 38 -4.52 -25.77 -22.97
CA TYR PB 38 -4.85 -26.11 -24.36
C TYR PB 38 -5.71 -27.38 -24.47
N SER PB 39 -6.35 -27.56 -25.62
CA SER PB 39 -7.22 -28.69 -26.01
C SER PB 39 -6.47 -29.99 -26.35
N LEU PB 40 -5.47 -30.36 -25.54
CA LEU PB 40 -4.61 -31.54 -25.71
C LEU PB 40 -5.34 -32.90 -25.67
N GLY PB 41 -6.62 -32.93 -25.30
CA GLY PB 41 -7.47 -34.13 -25.44
C GLY PB 41 -7.73 -34.54 -26.90
N SER PB 42 -7.48 -33.64 -27.87
CA SER PB 42 -7.45 -33.94 -29.31
C SER PB 42 -6.12 -34.55 -29.79
N ALA PB 43 -5.00 -34.24 -29.12
CA ALA PB 43 -3.70 -34.87 -29.40
C ALA PB 43 -3.64 -36.30 -28.85
N LEU PB 44 -4.30 -36.55 -27.72
CA LEU PB 44 -4.58 -37.91 -27.22
C LEU PB 44 -5.72 -38.57 -28.02
N ARG PB 45 -5.43 -39.00 -29.26
CA ARG PB 45 -6.34 -39.73 -30.16
C ARG PB 45 -6.00 -41.23 -30.32
N PRO PB 46 -5.90 -42.05 -29.25
CA PRO PB 46 -5.74 -43.49 -29.40
C PRO PB 46 -7.06 -44.13 -29.88
N SER PB 47 -7.04 -44.69 -31.09
CA SER PB 47 -7.97 -45.75 -31.50
C SER PB 47 -7.17 -46.94 -31.99
N THR PB 48 -6.86 -47.84 -31.05
CA THR PB 48 -5.93 -48.96 -31.24
C THR PB 48 -6.55 -50.14 -32.01
N SER PB 49 -7.63 -49.92 -32.76
CA SER PB 49 -8.33 -50.99 -33.47
C SER PB 49 -7.47 -51.61 -34.59
N ARG PB 50 -7.36 -52.93 -34.57
CA ARG PB 50 -7.03 -53.83 -35.68
C ARG PB 50 -7.87 -55.09 -35.48
N SER PB 51 -8.38 -55.67 -36.56
CA SER PB 51 -9.24 -56.87 -36.51
C SER PB 51 -8.79 -57.90 -37.57
N LEU PB 52 -9.61 -58.92 -37.81
CA LEU PB 52 -9.29 -60.02 -38.73
C LEU PB 52 -9.32 -59.56 -40.21
N TYR PB 53 -8.19 -59.07 -40.70
CA TYR PB 53 -8.00 -58.73 -42.12
C TYR PB 53 -7.62 -59.93 -43.02
N ALA PB 54 -7.71 -61.17 -42.51
CA ALA PB 54 -7.36 -62.38 -43.26
C ALA PB 54 -8.52 -62.90 -44.11
N SER PB 55 -8.25 -63.15 -45.41
CA SER PB 55 -9.17 -63.86 -46.31
C SER PB 55 -9.21 -65.37 -46.02
N SER PB 56 -10.24 -66.07 -46.51
CA SER PB 56 -10.41 -67.54 -46.39
C SER PB 56 -10.18 -68.08 -44.97
N PRO PB 57 -11.10 -67.83 -44.02
CA PRO PB 57 -11.01 -68.35 -42.66
C PRO PB 57 -10.82 -69.88 -42.62
N GLY PB 58 -9.82 -70.36 -41.87
CA GLY PB 58 -9.42 -71.77 -41.86
C GLY PB 58 -8.63 -72.25 -43.10
N GLY PB 59 -8.18 -71.33 -43.97
CA GLY PB 59 -7.48 -71.65 -45.22
C GLY PB 59 -8.40 -72.08 -46.37
N VAL PB 60 -9.72 -71.89 -46.24
CA VAL PB 60 -10.72 -72.53 -47.11
C VAL PB 60 -10.70 -72.02 -48.56
N TYR PB 61 -10.76 -72.98 -49.48
CA TYR PB 61 -11.27 -72.81 -50.85
C TYR PB 61 -11.90 -74.13 -51.34
N ALA PB 62 -12.59 -74.10 -52.48
CA ALA PB 62 -13.24 -75.28 -53.05
C ALA PB 62 -12.23 -76.27 -53.68
N THR PB 63 -11.49 -77.01 -52.84
CA THR PB 63 -10.58 -78.07 -53.28
C THR PB 63 -11.32 -79.14 -54.10
N ARG PB 64 -10.70 -79.64 -55.17
CA ARG PB 64 -11.23 -80.72 -56.01
C ARG PB 64 -11.55 -81.97 -55.18
N SER PB 65 -12.84 -82.31 -55.11
CA SER PB 65 -13.28 -83.69 -54.89
C SER PB 65 -13.48 -84.39 -56.23
N SER PB 66 -13.07 -85.65 -56.34
CA SER PB 66 -13.42 -86.54 -57.46
C SER PB 66 -13.38 -87.98 -56.97
N ALA PB 67 -14.51 -88.68 -57.07
CA ALA PB 67 -14.74 -89.96 -56.40
C ALA PB 67 -14.64 -91.15 -57.38
N VAL PB 68 -15.06 -92.33 -56.91
CA VAL PB 68 -15.36 -93.48 -57.76
C VAL PB 68 -16.35 -93.10 -58.87
N ARG PB 69 -16.11 -93.55 -60.11
CA ARG PB 69 -16.90 -93.21 -61.30
C ARG PB 69 -18.28 -93.92 -61.31
N LEU PB 70 -19.16 -93.57 -60.38
CA LEU PB 70 -20.54 -94.06 -60.31
C LEU PB 70 -21.33 -93.60 -61.56
N ARG PB 71 -21.72 -94.54 -62.42
CA ARG PB 71 -22.66 -94.30 -63.52
C ARG PB 71 -24.10 -94.51 -63.03
N SER PB 72 -24.62 -93.61 -62.20
CA SER PB 72 -26.07 -93.55 -61.99
C SER PB 72 -26.68 -92.70 -63.10
N SER PB 73 -27.76 -93.16 -63.72
CA SER PB 73 -28.68 -92.22 -64.38
C SER PB 73 -29.39 -91.40 -63.29
N VAL PB 74 -29.62 -90.12 -63.55
CA VAL PB 74 -30.40 -89.22 -62.69
C VAL PB 74 -31.39 -88.47 -63.58
N PRO PB 75 -32.71 -88.67 -63.46
CA PRO PB 75 -33.70 -88.08 -64.35
C PRO PB 75 -33.84 -86.55 -64.19
N GLY PB 76 -33.16 -85.95 -63.21
CA GLY PB 76 -32.87 -84.51 -63.21
C GLY PB 76 -34.08 -83.61 -63.02
N VAL PB 77 -35.00 -83.99 -62.12
CA VAL PB 77 -36.11 -83.12 -61.69
C VAL PB 77 -35.53 -81.84 -61.09
N ARG PB 78 -35.55 -80.76 -61.89
CA ARG PB 78 -34.91 -79.48 -61.56
C ARG PB 78 -35.69 -78.81 -60.44
N LEU PB 79 -34.99 -78.36 -59.40
CA LEU PB 79 -35.30 -77.06 -58.83
C LEU PB 79 -34.76 -76.02 -59.82
N LEU PB 80 -35.65 -75.28 -60.48
CA LEU PB 80 -35.25 -74.04 -61.15
C LEU PB 80 -34.93 -72.99 -60.09
N GLN PB 81 -34.02 -72.08 -60.41
CA GLN PB 81 -33.51 -71.10 -59.47
C GLN PB 81 -33.75 -69.70 -60.03
N ASP PB 82 -34.91 -69.13 -59.73
CA ASP PB 82 -35.28 -67.76 -60.12
C ASP PB 82 -34.41 -66.72 -59.39
N SER PB 83 -33.74 -67.14 -58.31
CA SER PB 83 -32.60 -66.47 -57.70
C SER PB 83 -31.22 -66.87 -58.25
N VAL PB 84 -31.07 -67.15 -59.55
CA VAL PB 84 -29.76 -67.06 -60.25
C VAL PB 84 -29.36 -65.59 -60.26
N ASP PB 85 -28.76 -65.19 -59.15
CA ASP PB 85 -28.55 -63.81 -58.77
C ASP PB 85 -29.83 -63.01 -58.93
N PHE PB 86 -30.77 -63.17 -57.98
CA PHE PB 86 -31.92 -62.25 -57.91
C PHE PB 86 -31.47 -60.81 -57.61
N SER PB 87 -30.18 -60.61 -57.29
CA SER PB 87 -29.23 -59.49 -57.47
C SER PB 87 -29.75 -58.10 -57.79
N LEU PB 88 -30.68 -57.98 -58.72
CA LEU PB 88 -31.51 -56.78 -58.86
C LEU PB 88 -32.19 -56.44 -57.52
N ALA PB 89 -32.66 -57.44 -56.78
CA ALA PB 89 -33.09 -57.42 -55.39
C ALA PB 89 -32.01 -57.06 -54.34
N ASP PB 90 -30.70 -57.24 -54.60
CA ASP PB 90 -29.62 -56.96 -53.63
C ASP PB 90 -28.87 -55.63 -53.90
N ALA PB 91 -28.83 -55.22 -55.16
CA ALA PB 91 -28.72 -53.82 -55.55
C ALA PB 91 -29.92 -53.03 -55.01
N ILE PB 92 -31.14 -53.59 -55.08
CA ILE PB 92 -32.33 -53.06 -54.42
C ILE PB 92 -32.27 -53.18 -52.89
N ASN PB 93 -31.55 -54.12 -52.26
CA ASN PB 93 -31.28 -54.06 -50.81
C ASN PB 93 -30.35 -52.89 -50.45
N THR PB 94 -29.47 -52.52 -51.37
CA THR PB 94 -28.64 -51.31 -51.28
C THR PB 94 -29.45 -50.04 -51.59
N GLU PB 95 -30.53 -50.13 -52.37
CA GLU PB 95 -31.45 -49.01 -52.65
C GLU PB 95 -32.66 -48.88 -51.68
N PHE PB 96 -33.03 -49.93 -50.95
CA PHE PB 96 -33.86 -49.95 -49.73
C PHE PB 96 -33.14 -49.31 -48.51
N LYS PB 97 -32.03 -48.64 -48.79
CA LYS PB 97 -30.99 -48.15 -47.88
C LYS PB 97 -30.27 -46.92 -48.46
N ASN PB 98 -30.26 -46.73 -49.79
CA ASN PB 98 -30.08 -45.43 -50.44
C ASN PB 98 -31.33 -44.54 -50.32
N THR PB 99 -32.52 -45.13 -50.42
CA THR PB 99 -33.79 -44.50 -50.00
C THR PB 99 -33.76 -44.07 -48.53
N ARG PB 100 -33.12 -44.83 -47.64
CA ARG PB 100 -32.88 -44.40 -46.25
C ARG PB 100 -31.80 -43.32 -46.11
N THR PB 101 -30.81 -43.33 -46.99
CA THR PB 101 -29.71 -42.36 -47.01
C THR PB 101 -30.19 -40.98 -47.47
N ASN PB 102 -31.03 -40.91 -48.52
CA ASN PB 102 -31.59 -39.64 -49.00
C ASN PB 102 -32.58 -39.02 -47.99
N GLU PB 103 -33.49 -39.82 -47.42
CA GLU PB 103 -34.41 -39.38 -46.36
C GLU PB 103 -33.65 -38.91 -45.11
N LYS PB 104 -32.50 -39.54 -44.80
CA LYS PB 104 -31.64 -39.14 -43.68
C LYS PB 104 -30.69 -37.97 -43.97
N VAL PB 105 -30.34 -37.73 -45.24
CA VAL PB 105 -29.67 -36.51 -45.69
C VAL PB 105 -30.62 -35.32 -45.58
N GLU PB 106 -31.89 -35.52 -45.93
CA GLU PB 106 -32.96 -34.55 -45.70
C GLU PB 106 -33.28 -34.36 -44.21
N LEU PB 107 -33.21 -35.42 -43.38
CA LEU PB 107 -33.22 -35.31 -41.91
C LEU PB 107 -32.11 -34.39 -41.38
N GLN PB 108 -30.86 -34.58 -41.81
CA GLN PB 108 -29.75 -33.72 -41.37
C GLN PB 108 -29.83 -32.29 -41.92
N GLU PB 109 -30.29 -32.11 -43.15
CA GLU PB 109 -30.49 -30.79 -43.77
C GLU PB 109 -31.63 -30.00 -43.10
N LEU PB 110 -32.69 -30.70 -42.67
CA LEU PB 110 -33.80 -30.12 -41.92
C LEU PB 110 -33.52 -29.98 -40.41
N ASN PB 111 -32.64 -30.82 -39.84
CA ASN PB 111 -32.02 -30.62 -38.52
C ASN PB 111 -31.22 -29.31 -38.50
N ASP PB 112 -30.34 -29.14 -39.48
CA ASP PB 112 -29.47 -27.97 -39.58
C ASP PB 112 -30.26 -26.74 -40.06
N ARG PB 113 -31.41 -26.91 -40.75
CA ARG PB 113 -32.40 -25.85 -40.98
C ARG PB 113 -33.10 -25.41 -39.69
N PHE PB 114 -33.50 -26.30 -38.78
CA PHE PB 114 -34.00 -25.88 -37.46
C PHE PB 114 -32.90 -25.25 -36.59
N ALA PB 115 -31.64 -25.66 -36.73
CA ALA PB 115 -30.52 -24.99 -36.07
C ALA PB 115 -30.30 -23.54 -36.59
N ASN PB 116 -30.42 -23.32 -37.90
CA ASN PB 116 -30.42 -21.97 -38.50
C ASN PB 116 -31.59 -21.09 -37.97
N TYR PB 117 -32.80 -21.65 -37.86
CA TYR PB 117 -33.91 -20.90 -37.25
C TYR PB 117 -33.80 -20.74 -35.71
N ILE PB 118 -33.03 -21.57 -34.99
CA ILE PB 118 -32.63 -21.28 -33.59
C ILE PB 118 -31.66 -20.09 -33.53
N ASP PB 119 -30.71 -19.98 -34.46
CA ASP PB 119 -29.85 -18.80 -34.53
C ASP PB 119 -30.65 -17.53 -34.87
N LYS PB 120 -31.68 -17.65 -35.71
CA LYS PB 120 -32.70 -16.60 -35.89
C LYS PB 120 -33.52 -16.29 -34.61
N VAL PB 121 -33.78 -17.28 -33.75
CA VAL PB 121 -34.34 -17.04 -32.40
C VAL PB 121 -33.36 -16.27 -31.52
N ARG PB 122 -32.07 -16.63 -31.50
CA ARG PB 122 -31.05 -15.94 -30.68
C ARG PB 122 -30.90 -14.48 -31.07
N PHE PB 123 -31.01 -14.18 -32.36
CA PHE PB 123 -30.96 -12.82 -32.91
C PHE PB 123 -32.18 -11.98 -32.48
N LEU PB 124 -33.39 -12.54 -32.53
CA LEU PB 124 -34.58 -11.84 -32.01
C LEU PB 124 -34.69 -11.84 -30.48
N GLU PB 125 -34.08 -12.79 -29.76
CA GLU PB 125 -33.91 -12.73 -28.31
C GLU PB 125 -32.92 -11.62 -27.90
N GLN PB 126 -31.95 -11.26 -28.76
CA GLN PB 126 -31.08 -10.11 -28.55
C GLN PB 126 -31.80 -8.78 -28.81
N GLN PB 127 -32.67 -8.72 -29.83
CA GLN PB 127 -33.54 -7.54 -30.06
C GLN PB 127 -34.51 -7.35 -28.89
N ASN PB 128 -35.09 -8.45 -28.40
CA ASN PB 128 -35.94 -8.47 -27.20
C ASN PB 128 -35.24 -8.02 -25.90
N LYS PB 129 -33.90 -8.02 -25.83
CA LYS PB 129 -33.13 -7.46 -24.69
C LYS PB 129 -32.80 -5.98 -24.86
N ILE PB 130 -32.75 -5.48 -26.09
CA ILE PB 130 -32.62 -4.05 -26.42
C ILE PB 130 -33.90 -3.29 -26.03
N LEU PB 131 -35.04 -3.73 -26.59
CA LEU PB 131 -36.34 -3.11 -26.29
C LEU PB 131 -36.77 -3.28 -24.81
N LEU PB 132 -36.23 -4.27 -24.08
CA LEU PB 132 -36.41 -4.40 -22.63
C LEU PB 132 -35.59 -3.38 -21.82
N ALA PB 133 -34.34 -3.14 -22.19
CA ALA PB 133 -33.51 -2.12 -21.54
C ALA PB 133 -34.11 -0.71 -21.75
N GLU PB 134 -34.65 -0.50 -22.94
CA GLU PB 134 -35.28 0.75 -23.38
C GLU PB 134 -36.66 1.04 -22.74
N LEU PB 135 -37.30 0.00 -22.21
CA LEU PB 135 -38.52 0.10 -21.41
C LEU PB 135 -38.27 0.64 -19.99
N GLU PB 136 -37.19 0.19 -19.33
CA GLU PB 136 -37.01 0.39 -17.88
C GLU PB 136 -36.50 1.77 -17.48
N GLN PB 137 -35.62 2.39 -18.27
CA GLN PB 137 -34.69 3.42 -17.76
C GLN PB 137 -35.39 4.71 -17.28
N LEU PB 138 -36.20 5.35 -18.11
CA LEU PB 138 -36.93 6.59 -17.80
C LEU PB 138 -38.03 6.35 -16.75
N LYS PB 139 -38.88 5.35 -17.00
CA LYS PB 139 -39.95 4.92 -16.09
C LYS PB 139 -39.42 4.50 -14.72
N GLY PB 140 -38.39 3.66 -14.66
CA GLY PB 140 -37.91 3.06 -13.42
C GLY PB 140 -36.97 3.99 -12.64
N GLN PB 141 -35.92 4.48 -13.30
CA GLN PB 141 -34.79 5.14 -12.65
C GLN PB 141 -34.71 6.65 -12.89
N GLY PB 142 -35.45 7.18 -13.87
CA GLY PB 142 -35.51 8.60 -14.17
C GLY PB 142 -36.23 9.39 -13.09
N LYS PB 143 -37.56 9.50 -13.23
CA LYS PB 143 -38.34 10.42 -12.37
C LYS PB 143 -38.45 9.97 -10.92
N SER PB 144 -38.25 8.69 -10.60
CA SER PB 144 -38.21 8.22 -9.20
C SER PB 144 -37.17 8.96 -8.37
N ARG PB 145 -35.91 9.04 -8.86
CA ARG PB 145 -34.79 9.71 -8.17
C ARG PB 145 -34.71 11.20 -8.49
N LEU PB 146 -34.95 11.60 -9.74
CA LEU PB 146 -34.84 13.01 -10.14
C LEU PB 146 -36.03 13.85 -9.64
N GLY PB 147 -37.19 13.22 -9.42
CA GLY PB 147 -38.33 13.77 -8.68
C GLY PB 147 -38.01 13.96 -7.20
N ASP PB 148 -37.62 12.89 -6.50
CA ASP PB 148 -37.18 12.87 -5.09
C ASP PB 148 -36.14 13.97 -4.72
N LEU PB 149 -35.15 14.19 -5.58
CA LEU PB 149 -34.15 15.25 -5.38
C LEU PB 149 -34.71 16.67 -5.50
N TYR PB 150 -35.57 16.93 -6.49
CA TYR PB 150 -36.19 18.23 -6.72
C TYR PB 150 -37.36 18.50 -5.77
N GLU PB 151 -38.07 17.43 -5.39
CA GLU PB 151 -39.15 17.45 -4.40
C GLU PB 151 -38.63 17.94 -3.04
N GLU PB 152 -37.42 17.56 -2.65
CA GLU PB 152 -36.76 18.14 -1.46
C GLU PB 152 -36.23 19.57 -1.67
N GLU PB 153 -35.80 19.96 -2.88
CA GLU PB 153 -35.45 21.35 -3.21
C GLU PB 153 -36.68 22.29 -3.14
N MET PB 154 -37.80 21.91 -3.75
CA MET PB 154 -39.02 22.74 -3.73
C MET PB 154 -39.79 22.64 -2.41
N ARG PB 155 -39.62 21.55 -1.64
CA ARG PB 155 -40.00 21.52 -0.22
C ARG PB 155 -39.19 22.51 0.61
N GLU PB 156 -37.88 22.65 0.35
CA GLU PB 156 -37.08 23.67 1.04
C GLU PB 156 -37.48 25.09 0.65
N LEU PB 157 -37.71 25.36 -0.64
CA LEU PB 157 -38.37 26.58 -1.13
C LEU PB 157 -39.70 26.88 -0.43
N ARG PB 158 -40.58 25.89 -0.27
CA ARG PB 158 -41.84 26.06 0.46
C ARG PB 158 -41.63 26.31 1.94
N ARG PB 159 -40.67 25.65 2.61
CA ARG PB 159 -40.29 26.01 3.99
C ARG PB 159 -39.78 27.45 4.05
N GLN PB 160 -39.01 27.89 3.06
CA GLN PB 160 -38.56 29.28 2.92
C GLN PB 160 -39.70 30.26 2.61
N VAL PB 161 -40.83 29.85 2.01
CA VAL PB 161 -42.00 30.73 1.81
C VAL PB 161 -43.03 30.68 2.95
N ASP PB 162 -43.28 29.51 3.55
CA ASP PB 162 -44.01 29.42 4.83
C ASP PB 162 -43.28 30.29 5.88
N GLN PB 163 -41.94 30.23 5.86
CA GLN PB 163 -41.09 31.12 6.63
C GLN PB 163 -41.21 32.58 6.17
N LEU PB 164 -41.10 32.91 4.86
CA LEU PB 164 -41.21 34.30 4.41
C LEU PB 164 -42.59 34.92 4.65
N THR PB 165 -43.66 34.12 4.73
CA THR PB 165 -45.03 34.54 5.05
C THR PB 165 -45.20 34.81 6.55
N ASN PB 166 -44.69 33.90 7.40
CA ASN PB 166 -44.66 34.11 8.85
C ASN PB 166 -43.72 35.26 9.25
N ASP PB 167 -42.61 35.40 8.54
CA ASP PB 167 -41.70 36.54 8.58
C ASP PB 167 -42.43 37.82 8.15
N LYS PB 168 -43.03 37.88 6.94
CA LYS PB 168 -43.86 39.00 6.44
C LYS PB 168 -44.87 39.47 7.51
N ALA PB 169 -45.61 38.54 8.13
CA ALA PB 169 -46.55 38.87 9.19
C ALA PB 169 -45.92 39.31 10.52
N ARG PB 170 -44.84 38.66 10.99
CA ARG PB 170 -44.08 39.06 12.19
C ARG PB 170 -43.48 40.45 11.98
N VAL PB 171 -42.74 40.62 10.90
CA VAL PB 171 -41.94 41.80 10.61
C VAL PB 171 -42.80 42.99 10.23
N GLU PB 172 -44.02 42.77 9.71
CA GLU PB 172 -45.01 43.83 9.62
C GLU PB 172 -45.46 44.31 11.00
N VAL PB 173 -45.64 43.42 11.98
CA VAL PB 173 -45.87 43.82 13.39
C VAL PB 173 -44.62 44.45 14.04
N GLU PB 174 -43.40 43.97 13.76
CA GLU PB 174 -42.18 44.59 14.28
C GLU PB 174 -41.87 45.96 13.64
N ARG PB 175 -42.37 46.24 12.43
CA ARG PB 175 -42.39 47.60 11.87
C ARG PB 175 -43.57 48.42 12.37
N ASP PB 176 -44.73 47.81 12.60
CA ASP PB 176 -45.90 48.46 13.19
C ASP PB 176 -45.60 48.95 14.62
N ASN PB 177 -44.72 48.27 15.38
CA ASN PB 177 -44.17 48.81 16.63
C ASN PB 177 -43.43 50.15 16.43
N LEU PB 178 -42.47 50.19 15.49
CA LEU PB 178 -41.66 51.38 15.20
C LEU PB 178 -42.51 52.49 14.59
N ALA PB 179 -43.26 52.17 13.55
CA ALA PB 179 -44.08 53.10 12.78
C ALA PB 179 -45.33 53.55 13.54
N GLU PB 180 -45.81 52.84 14.57
CA GLU PB 180 -46.85 53.33 15.48
C GLU PB 180 -46.28 54.31 16.52
N ASP PB 181 -45.06 54.09 17.03
CA ASP PB 181 -44.34 55.11 17.81
C ASP PB 181 -43.92 56.31 16.96
N ILE PB 182 -43.49 56.13 15.70
CA ILE PB 182 -43.30 57.25 14.79
C ILE PB 182 -44.65 57.89 14.40
N MET PB 183 -45.78 57.17 14.29
CA MET PB 183 -47.09 57.74 13.96
C MET PB 183 -47.64 58.61 15.09
N ARG PB 184 -47.54 58.11 16.34
CA ARG PB 184 -47.82 58.88 17.56
C ARG PB 184 -46.90 60.09 17.65
N LEU PB 185 -45.60 59.90 17.44
CA LEU PB 185 -44.63 60.99 17.37
C LEU PB 185 -45.02 61.99 16.29
N ARG PB 186 -45.28 61.59 15.05
CA ARG PB 186 -45.67 62.45 13.91
C ARG PB 186 -46.91 63.30 14.20
N GLU PB 187 -47.95 62.74 14.82
CA GLU PB 187 -49.15 63.50 15.22
C GLU PB 187 -48.84 64.49 16.36
N LYS PB 188 -48.12 64.04 17.38
CA LYS PB 188 -47.58 64.90 18.45
C LYS PB 188 -46.53 65.90 17.94
N LEU PB 189 -45.89 65.65 16.81
CA LEU PB 189 -44.82 66.43 16.22
C LEU PB 189 -45.38 67.52 15.29
N GLN PB 190 -46.55 67.28 14.70
CA GLN PB 190 -47.41 68.34 14.14
C GLN PB 190 -47.93 69.28 15.25
N GLU PB 191 -48.34 68.73 16.40
CA GLU PB 191 -48.67 69.53 17.59
C GLU PB 191 -47.44 70.27 18.16
N GLU PB 192 -46.26 69.64 18.20
CA GLU PB 192 -45.03 70.31 18.60
C GLU PB 192 -44.60 71.40 17.63
N MET PB 193 -44.69 71.24 16.31
CA MET PB 193 -44.32 72.33 15.39
C MET PB 193 -45.24 73.55 15.54
N LEU PB 194 -46.49 73.35 15.95
CA LEU PB 194 -47.35 74.44 16.43
C LEU PB 194 -46.88 75.02 17.78
N GLN PB 195 -46.44 74.21 18.75
CA GLN PB 195 -45.83 74.70 19.99
C GLN PB 195 -44.53 75.49 19.78
N ARG PB 196 -43.67 75.09 18.83
CA ARG PB 196 -42.41 75.79 18.52
C ARG PB 196 -42.61 76.97 17.55
N GLU PB 197 -43.65 76.97 16.71
CA GLU PB 197 -44.07 78.16 15.95
C GLU PB 197 -44.78 79.20 16.85
N GLU PB 198 -45.46 78.74 17.90
CA GLU PB 198 -45.92 79.57 19.02
C GLU PB 198 -44.72 80.17 19.77
N ALA PB 199 -43.66 79.40 20.03
CA ALA PB 199 -42.41 79.92 20.61
C ALA PB 199 -41.69 80.92 19.68
N GLU PB 200 -41.57 80.65 18.37
CA GLU PB 200 -41.02 81.61 17.41
C GLU PB 200 -41.81 82.93 17.41
N ASN PB 201 -43.13 82.89 17.19
CA ASN PB 201 -43.93 84.10 17.05
C ASN PB 201 -44.10 84.87 18.37
N THR PB 202 -44.22 84.17 19.49
CA THR PB 202 -44.31 84.75 20.83
C THR PB 202 -43.02 85.44 21.22
N LEU PB 203 -41.90 84.71 21.13
CA LEU PB 203 -40.58 85.24 21.49
C LEU PB 203 -40.05 86.23 20.44
N GLN PB 204 -40.54 86.21 19.19
CA GLN PB 204 -40.21 87.24 18.18
C GLN PB 204 -41.02 88.52 18.34
N SER PB 205 -42.25 88.42 18.86
CA SER PB 205 -43.01 89.58 19.36
C SER PB 205 -42.33 90.21 20.57
N PHE PB 206 -41.82 89.38 21.48
CA PHE PB 206 -41.00 89.82 22.61
C PHE PB 206 -39.59 90.31 22.22
N ARG PB 207 -39.02 89.88 21.07
CA ARG PB 207 -37.83 90.51 20.46
C ARG PB 207 -38.14 91.88 19.89
N GLN PB 208 -39.29 92.06 19.22
CA GLN PB 208 -39.74 93.40 18.82
C GLN PB 208 -39.96 94.29 20.05
N ASP PB 209 -40.40 93.73 21.17
CA ASP PB 209 -40.52 94.48 22.43
C ASP PB 209 -39.23 94.65 23.24
N VAL PB 210 -38.10 94.03 22.88
CA VAL PB 210 -36.77 94.55 23.29
C VAL PB 210 -36.56 95.91 22.67
N ASP PB 211 -36.70 95.98 21.34
CA ASP PB 211 -36.52 97.19 20.55
C ASP PB 211 -37.56 98.25 20.94
N ASN PB 212 -38.85 97.93 20.96
CA ASN PB 212 -39.92 98.85 21.35
C ASN PB 212 -39.80 99.34 22.81
N ALA PB 213 -39.57 98.45 23.79
CA ALA PB 213 -39.57 98.86 25.19
C ALA PB 213 -38.30 99.63 25.56
N SER PB 214 -37.14 99.22 25.06
CA SER PB 214 -35.90 99.98 25.26
C SER PB 214 -35.84 101.23 24.37
N LEU PB 215 -36.56 101.29 23.25
CA LEU PB 215 -36.71 102.51 22.45
C LEU PB 215 -37.74 103.49 23.04
N ALA PB 216 -38.77 103.00 23.73
CA ALA PB 216 -39.66 103.84 24.56
C ALA PB 216 -38.94 104.40 25.79
N ARG PB 217 -37.96 103.65 26.35
CA ARG PB 217 -36.96 104.18 27.29
C ARG PB 217 -36.14 105.30 26.65
N LEU PB 218 -35.52 105.03 25.51
CA LEU PB 218 -34.59 105.98 24.88
C LEU PB 218 -35.24 107.24 24.31
N ASP PB 219 -36.45 107.16 23.76
CA ASP PB 219 -37.11 108.31 23.13
C ASP PB 219 -37.52 109.37 24.16
N LEU PB 220 -37.78 108.95 25.39
CA LEU PB 220 -37.91 109.80 26.56
C LEU PB 220 -36.55 110.21 27.16
N GLU PB 221 -35.60 109.29 27.31
CA GLU PB 221 -34.28 109.60 27.88
C GLU PB 221 -33.49 110.58 27.02
N ARG PB 222 -33.52 110.45 25.69
CA ARG PB 222 -32.91 111.42 24.76
C ARG PB 222 -33.58 112.79 24.83
N LYS PB 223 -34.88 112.87 25.10
CA LYS PB 223 -35.58 114.15 25.32
C LYS PB 223 -35.10 114.82 26.60
N VAL PB 224 -34.99 114.09 27.71
CA VAL PB 224 -34.45 114.65 28.96
C VAL PB 224 -32.94 114.92 28.88
N GLU PB 225 -32.16 114.10 28.14
CA GLU PB 225 -30.72 114.28 27.87
C GLU PB 225 -30.46 115.57 27.08
N SER PB 226 -31.25 115.78 26.02
CA SER PB 226 -31.22 117.01 25.23
C SER PB 226 -31.69 118.23 26.03
N LEU PB 227 -32.77 118.10 26.81
CA LEU PB 227 -33.27 119.19 27.65
C LEU PB 227 -32.30 119.55 28.80
N GLN PB 228 -31.52 118.61 29.33
CA GLN PB 228 -30.51 118.88 30.35
C GLN PB 228 -29.22 119.49 29.76
N GLU PB 229 -28.81 119.13 28.53
CA GLU PB 229 -27.80 119.91 27.80
C GLU PB 229 -28.32 121.30 27.40
N GLU PB 230 -29.60 121.45 27.03
CA GLU PB 230 -30.24 122.74 26.80
C GLU PB 230 -30.37 123.58 28.08
N ILE PB 231 -30.61 123.00 29.26
CA ILE PB 231 -30.58 123.71 30.54
C ILE PB 231 -29.13 124.16 30.86
N ALA PB 232 -28.14 123.30 30.67
CA ALA PB 232 -26.73 123.70 30.80
C ALA PB 232 -26.36 124.81 29.81
N PHE PB 233 -26.88 124.78 28.58
CA PHE PB 233 -26.66 125.79 27.54
C PHE PB 233 -27.36 127.12 27.85
N LEU PB 234 -28.62 127.08 28.28
CA LEU PB 234 -29.37 128.23 28.80
C LEU PB 234 -28.74 128.82 30.07
N LYS PB 235 -28.04 128.02 30.89
CA LYS PB 235 -27.36 128.51 32.09
C LYS PB 235 -25.94 129.05 31.86
N LYS PB 236 -25.20 128.51 30.88
CA LYS PB 236 -23.98 129.16 30.37
C LYS PB 236 -24.25 130.37 29.45
N LEU PB 237 -25.48 130.56 28.97
CA LEU PB 237 -25.99 131.81 28.37
C LEU PB 237 -26.57 132.79 29.42
N HIS PB 238 -27.24 132.30 30.48
CA HIS PB 238 -27.66 133.16 31.60
C HIS PB 238 -26.46 133.76 32.36
N GLU PB 239 -25.28 133.15 32.26
CA GLU PB 239 -24.02 133.76 32.69
C GLU PB 239 -23.71 135.09 31.96
N GLU PB 240 -24.04 135.18 30.68
CA GLU PB 240 -23.91 136.38 29.85
C GLU PB 240 -25.02 137.41 30.13
N GLU PB 241 -26.24 136.96 30.48
CA GLU PB 241 -27.31 137.85 30.97
C GLU PB 241 -26.99 138.49 32.34
N ILE PB 242 -26.39 137.73 33.27
CA ILE PB 242 -25.85 138.32 34.52
C ILE PB 242 -24.61 139.18 34.21
N GLN PB 243 -23.88 138.93 33.11
CA GLN PB 243 -22.76 139.79 32.69
C GLN PB 243 -23.22 141.14 32.10
N GLU PB 244 -24.41 141.24 31.52
CA GLU PB 244 -25.02 142.54 31.20
C GLU PB 244 -25.48 143.30 32.46
N LEU PB 245 -25.95 142.60 33.50
CA LEU PB 245 -26.17 143.21 34.83
C LEU PB 245 -24.85 143.70 35.46
N GLN PB 246 -23.80 142.87 35.45
CA GLN PB 246 -22.48 143.27 35.98
C GLN PB 246 -21.88 144.43 35.17
N ALA PB 247 -22.17 144.52 33.87
CA ALA PB 247 -21.81 145.67 33.03
C ALA PB 247 -22.55 146.95 33.42
N GLN PB 248 -23.84 146.90 33.78
CA GLN PB 248 -24.52 148.06 34.38
C GLN PB 248 -23.85 148.52 35.68
N ILE PB 249 -23.52 147.59 36.58
CA ILE PB 249 -22.81 147.92 37.83
C ILE PB 249 -21.42 148.50 37.56
N GLN PB 250 -20.77 148.08 36.47
CA GLN PB 250 -19.47 148.59 36.01
C GLN PB 250 -19.56 149.99 35.36
N GLU PB 251 -20.70 150.34 34.75
CA GLU PB 251 -20.97 151.66 34.13
C GLU PB 251 -21.50 152.73 35.10
N GLN PB 252 -22.00 152.39 36.29
CA GLN PB 252 -22.54 153.32 37.31
C GLN PB 252 -21.51 154.27 37.99
N HIS PB 253 -20.42 154.64 37.29
CA HIS PB 253 -19.16 155.12 37.83
C HIS PB 253 -18.64 156.51 37.34
N MET QB 1 17.18 -31.61 -23.69
CA MET QB 1 16.93 -30.20 -24.07
C MET QB 1 17.56 -29.23 -23.07
N SER QB 2 18.60 -28.49 -23.49
CA SER QB 2 18.98 -27.20 -22.92
C SER QB 2 18.51 -26.06 -23.86
N THR QB 3 19.00 -24.85 -23.63
CA THR QB 3 18.92 -23.63 -24.47
C THR QB 3 20.21 -22.84 -24.19
N ARG QB 4 20.47 -21.71 -24.86
CA ARG QB 4 21.52 -20.73 -24.45
C ARG QB 4 20.93 -19.44 -23.91
N SER QB 5 19.95 -19.60 -23.02
CA SER QB 5 19.32 -18.48 -22.33
C SER QB 5 20.21 -18.02 -21.17
N VAL QB 6 20.49 -16.71 -21.09
CA VAL QB 6 21.31 -16.10 -20.04
C VAL QB 6 20.72 -16.36 -18.64
N SER QB 7 21.56 -16.78 -17.69
CA SER QB 7 21.11 -17.25 -16.38
C SER QB 7 21.41 -16.30 -15.21
N SER QB 8 21.31 -14.97 -15.45
CA SER QB 8 21.37 -13.95 -14.39
C SER QB 8 20.30 -14.19 -13.32
N SER QB 9 20.73 -14.60 -12.13
CA SER QB 9 20.01 -14.36 -10.88
C SER QB 9 20.24 -12.91 -10.42
N SER QB 10 20.30 -12.64 -9.11
CA SER QB 10 20.96 -11.43 -8.57
C SER QB 10 22.45 -11.38 -8.97
N TYR QB 11 23.14 -12.54 -8.91
CA TYR QB 11 24.35 -12.94 -9.65
C TYR QB 11 25.64 -12.11 -9.47
N ARG QB 12 25.56 -10.81 -9.20
CA ARG QB 12 26.66 -9.93 -8.76
C ARG QB 12 26.30 -9.40 -7.36
N ARG QB 13 26.53 -10.25 -6.35
CA ARG QB 13 26.04 -10.10 -4.96
C ARG QB 13 24.49 -9.94 -4.93
N MET QB 14 23.94 -9.26 -3.92
CA MET QB 14 22.47 -9.07 -3.78
C MET QB 14 22.02 -7.75 -3.12
N PHE QB 15 22.96 -6.89 -2.72
CA PHE QB 15 22.74 -5.85 -1.71
C PHE QB 15 22.26 -4.51 -2.30
N GLY QB 16 21.02 -4.48 -2.80
CA GLY QB 16 20.32 -3.22 -3.09
C GLY QB 16 20.80 -2.53 -4.37
N GLY QB 17 21.27 -1.30 -4.23
CA GLY QB 17 22.06 -0.54 -5.20
C GLY QB 17 23.29 0.02 -4.48
N PRO QB 18 24.15 0.83 -5.14
CA PRO QB 18 25.49 1.17 -4.61
C PRO QB 18 25.56 1.71 -3.17
N GLY QB 19 24.68 2.59 -2.66
CA GLY QB 19 23.58 3.28 -3.33
C GLY QB 19 22.80 4.25 -2.45
N THR QB 20 22.86 4.11 -1.12
CA THR QB 20 22.38 5.14 -0.17
C THR QB 20 23.09 4.97 1.19
N ALA QB 21 24.25 5.61 1.36
CA ALA QB 21 24.98 5.64 2.64
C ALA QB 21 24.35 6.57 3.71
N SER QB 22 23.06 6.89 3.59
CA SER QB 22 22.27 7.62 4.60
C SER QB 22 22.83 8.98 5.06
N ARG QB 23 23.33 9.80 4.12
CA ARG QB 23 23.81 11.18 4.34
C ARG QB 23 22.86 11.96 5.29
N PRO QB 24 23.31 12.34 6.50
CA PRO QB 24 22.39 12.72 7.58
C PRO QB 24 21.68 14.06 7.31
N SER QB 25 20.37 13.99 7.09
CA SER QB 25 19.50 15.15 6.92
C SER QB 25 19.26 15.87 8.27
N SER QB 26 20.18 16.75 8.66
CA SER QB 26 20.05 17.58 9.88
C SER QB 26 18.71 18.34 9.92
N SER QB 27 18.20 18.61 11.13
CA SER QB 27 16.91 19.28 11.36
C SER QB 27 16.92 20.79 11.09
N ARG QB 28 17.65 21.26 10.06
CA ARG QB 28 17.48 22.61 9.48
C ARG QB 28 16.16 22.77 8.68
N SER QB 29 15.31 21.75 8.72
CA SER QB 29 13.85 21.80 8.50
C SER QB 29 13.04 22.33 9.70
N TYR QB 30 13.68 22.70 10.82
CA TYR QB 30 13.13 23.61 11.83
C TYR QB 30 13.12 25.08 11.35
N VAL QB 31 12.41 25.95 12.07
CA VAL QB 31 12.44 27.41 11.89
C VAL QB 31 13.74 27.96 12.48
N THR QB 32 14.44 28.85 11.77
CA THR QB 32 15.64 29.51 12.32
C THR QB 32 15.27 30.40 13.51
N THR QB 33 16.06 30.36 14.59
CA THR QB 33 15.67 30.88 15.90
C THR QB 33 15.24 32.36 15.89
N SER QB 34 14.33 32.71 16.79
CA SER QB 34 13.92 34.09 17.03
C SER QB 34 15.04 34.84 17.78
N THR QB 35 15.73 35.78 17.13
CA THR QB 35 16.85 36.53 17.74
C THR QB 35 16.39 37.64 18.72
N ARG QB 36 15.25 37.43 19.40
CA ARG QB 36 14.55 38.41 20.26
C ARG QB 36 15.34 38.73 21.54
N THR QB 37 16.38 39.53 21.36
CA THR QB 37 17.07 40.29 22.41
C THR QB 37 16.42 41.67 22.57
N TYR QB 38 16.75 42.39 23.65
CA TYR QB 38 16.15 43.70 23.98
C TYR QB 38 17.17 44.63 24.61
N SER QB 39 17.18 45.91 24.23
CA SER QB 39 18.04 46.94 24.82
C SER QB 39 17.22 47.87 25.72
N LEU QB 40 17.44 47.77 27.04
CA LEU QB 40 16.95 48.71 28.05
C LEU QB 40 17.71 50.04 27.99
N GLY QB 41 17.60 50.77 26.88
CA GLY QB 41 18.43 51.95 26.62
C GLY QB 41 18.01 53.23 27.37
N SER QB 42 16.91 53.21 28.14
CA SER QB 42 16.32 54.38 28.80
C SER QB 42 16.60 54.45 30.30
N ALA QB 43 16.28 53.40 31.06
CA ALA QB 43 16.43 53.38 32.52
C ALA QB 43 17.90 53.45 32.99
N LEU QB 44 18.85 53.07 32.13
CA LEU QB 44 20.31 53.18 32.36
C LEU QB 44 20.86 54.63 32.34
N ARG QB 45 19.99 55.64 32.29
CA ARG QB 45 20.29 57.06 32.56
C ARG QB 45 19.14 57.67 33.38
N PRO QB 46 19.10 57.48 34.72
CA PRO QB 46 17.94 57.75 35.58
C PRO QB 46 17.59 59.24 35.66
N SER QB 47 16.85 59.70 34.65
CA SER QB 47 16.61 61.10 34.33
C SER QB 47 15.48 61.69 35.18
N THR QB 48 15.82 62.15 36.39
CA THR QB 48 14.84 62.70 37.36
C THR QB 48 15.32 64.01 37.99
N SER QB 49 14.44 65.00 38.05
CA SER QB 49 14.70 66.27 38.74
C SER QB 49 14.73 66.08 40.26
N ARG QB 50 15.94 65.97 40.82
CA ARG QB 50 16.20 66.15 42.27
C ARG QB 50 16.05 67.61 42.74
N SER QB 51 15.90 68.56 41.81
CA SER QB 51 15.50 69.94 42.10
C SER QB 51 14.02 70.02 42.48
N LEU QB 52 13.72 69.72 43.75
CA LEU QB 52 12.37 69.80 44.34
C LEU QB 52 12.35 70.48 45.73
N TYR QB 53 13.50 70.98 46.20
CA TYR QB 53 13.65 71.79 47.40
C TYR QB 53 13.09 73.21 47.20
N ALA QB 54 12.66 73.87 48.29
CA ALA QB 54 12.12 75.23 48.27
C ALA QB 54 12.45 76.02 49.55
N SER QB 55 13.61 76.71 49.56
CA SER QB 55 14.04 77.56 50.68
C SER QB 55 13.21 78.86 50.76
N SER QB 56 12.67 79.17 51.94
CA SER QB 56 11.99 80.45 52.19
C SER QB 56 13.00 81.57 52.52
N PRO QB 57 12.90 82.77 51.89
CA PRO QB 57 13.62 83.97 52.31
C PRO QB 57 12.88 84.78 53.41
N GLY QB 58 11.80 84.23 53.98
CA GLY QB 58 11.05 84.88 55.06
C GLY QB 58 11.88 85.04 56.35
N GLY QB 59 11.51 86.02 57.18
CA GLY QB 59 12.22 86.35 58.43
C GLY QB 59 13.09 87.61 58.35
N VAL QB 60 13.33 88.17 57.16
CA VAL QB 60 14.05 89.44 56.96
C VAL QB 60 13.17 90.64 57.34
N TYR QB 61 13.08 90.94 58.63
CA TYR QB 61 12.32 92.08 59.18
C TYR QB 61 13.24 93.27 59.51
N ALA QB 62 13.44 94.16 58.54
CA ALA QB 62 14.21 95.39 58.73
C ALA QB 62 13.53 96.35 59.73
N THR QB 63 14.17 96.58 60.88
CA THR QB 63 13.64 97.48 61.92
C THR QB 63 13.87 98.95 61.56
N ARG QB 64 12.79 99.68 61.25
CA ARG QB 64 12.85 101.14 61.02
C ARG QB 64 13.16 101.88 62.32
N SER QB 65 14.40 102.36 62.46
CA SER QB 65 14.77 103.33 63.50
C SER QB 65 13.93 104.61 63.38
N SER QB 66 13.39 105.07 64.51
CA SER QB 66 12.50 106.23 64.61
C SER QB 66 12.90 107.16 65.75
N ALA QB 67 14.19 107.55 65.77
CA ALA QB 67 14.70 108.61 66.62
C ALA QB 67 13.82 109.89 66.54
N VAL QB 68 13.80 110.68 67.62
CA VAL QB 68 12.92 111.87 67.75
C VAL QB 68 13.21 112.93 66.67
N ARG QB 69 14.46 113.03 66.21
CA ARG QB 69 14.92 113.96 65.15
C ARG QB 69 14.54 115.43 65.42
N LEU QB 70 14.48 115.78 66.70
CA LEU QB 70 14.31 117.13 67.23
C LEU QB 70 15.31 117.33 68.37
N ARG QB 71 16.08 118.42 68.34
CA ARG QB 71 17.04 118.77 69.41
C ARG QB 71 16.31 119.29 70.65
N SER QB 72 17.00 119.35 71.79
CA SER QB 72 16.42 119.56 73.13
C SER QB 72 15.33 120.65 73.20
N SER QB 73 14.11 120.20 73.56
CA SER QB 73 12.89 121.00 73.73
C SER QB 73 12.33 121.55 72.39
N VAL QB 74 12.01 122.84 72.32
CA VAL QB 74 11.77 123.58 71.06
C VAL QB 74 13.10 123.72 70.30
N PRO QB 75 13.19 124.46 69.16
CA PRO QB 75 14.49 124.88 68.61
C PRO QB 75 15.51 125.35 69.67
N GLY QB 76 16.65 124.67 69.70
CA GLY QB 76 17.22 124.10 70.93
C GLY QB 76 17.83 125.07 71.97
N VAL QB 77 17.96 124.55 73.20
CA VAL QB 77 18.73 125.18 74.29
C VAL QB 77 20.10 124.52 74.57
N ARG QB 78 20.43 123.49 73.77
CA ARG QB 78 21.73 122.80 73.67
C ARG QB 78 21.92 122.38 72.20
N LEU QB 79 23.16 122.15 71.78
CA LEU QB 79 23.50 121.80 70.39
C LEU QB 79 24.66 120.79 70.28
N LEU QB 80 25.80 121.06 70.94
CA LEU QB 80 26.98 120.16 71.02
C LEU QB 80 26.66 118.68 71.35
N GLN QB 81 25.80 118.44 72.34
CA GLN QB 81 25.49 117.09 72.81
C GLN QB 81 24.23 116.55 72.11
N ASP QB 82 24.40 116.06 70.89
CA ASP QB 82 23.38 115.33 70.13
C ASP QB 82 23.91 114.01 69.50
N SER QB 83 25.09 113.57 69.95
CA SER QB 83 25.77 112.32 69.56
C SER QB 83 25.99 112.22 68.04
N VAL QB 84 26.95 113.03 67.57
CA VAL QB 84 27.63 112.78 66.29
C VAL QB 84 28.35 111.44 66.38
N ASP QB 85 27.86 110.49 65.61
CA ASP QB 85 28.17 109.06 65.68
C ASP QB 85 27.66 108.35 64.42
N PHE QB 86 26.34 108.43 64.19
CA PHE QB 86 25.52 107.44 63.46
C PHE QB 86 25.99 106.93 62.08
N SER QB 87 26.90 107.64 61.42
CA SER QB 87 27.67 107.06 60.31
C SER QB 87 28.54 105.88 60.76
N LEU QB 88 28.83 105.72 62.06
CA LEU QB 88 29.26 104.47 62.69
C LEU QB 88 28.21 103.37 62.54
N ALA QB 89 26.94 103.64 62.82
CA ALA QB 89 25.88 102.62 62.70
C ALA QB 89 25.62 102.22 61.23
N ASP QB 90 25.81 103.14 60.28
CA ASP QB 90 25.75 102.83 58.84
C ASP QB 90 27.04 102.21 58.27
N ALA QB 91 28.21 102.48 58.86
CA ALA QB 91 29.45 101.73 58.63
C ALA QB 91 29.44 100.34 59.28
N ILE QB 92 28.67 100.14 60.36
CA ILE QB 92 28.34 98.81 60.90
C ILE QB 92 27.27 98.10 60.03
N ASN QB 93 26.41 98.83 59.31
CA ASN QB 93 25.54 98.23 58.29
C ASN QB 93 26.35 97.71 57.09
N THR QB 94 27.46 98.37 56.71
CA THR QB 94 28.42 97.83 55.74
C THR QB 94 29.40 96.82 56.34
N GLU QB 95 29.69 96.86 57.65
CA GLU QB 95 30.35 95.73 58.35
C GLU QB 95 29.48 94.49 58.28
N PHE QB 96 28.17 94.57 58.49
CA PHE QB 96 27.27 93.42 58.32
C PHE QB 96 26.95 93.05 56.86
N LYS QB 97 27.22 93.92 55.87
CA LYS QB 97 27.31 93.52 54.45
C LYS QB 97 28.54 92.65 54.21
N ASN QB 98 29.71 93.13 54.63
CA ASN QB 98 30.98 92.46 54.40
C ASN QB 98 31.17 91.21 55.29
N THR QB 99 30.53 91.19 56.45
CA THR QB 99 30.35 90.00 57.32
C THR QB 99 29.54 88.90 56.65
N ARG QB 100 28.49 89.23 55.88
CA ARG QB 100 27.69 88.23 55.14
C ARG QB 100 28.33 87.80 53.82
N THR QB 101 29.24 88.63 53.31
CA THR QB 101 30.09 88.29 52.14
C THR QB 101 31.20 87.34 52.58
N ASN QB 102 31.71 87.53 53.80
CA ASN QB 102 32.55 86.61 54.56
C ASN QB 102 31.82 85.30 54.95
N GLU QB 103 30.83 85.37 55.82
CA GLU QB 103 30.16 84.24 56.52
C GLU QB 103 29.62 83.20 55.55
N LYS QB 104 29.00 83.64 54.46
CA LYS QB 104 28.47 82.72 53.44
C LYS QB 104 29.53 82.03 52.59
N VAL QB 105 30.75 82.55 52.62
CA VAL QB 105 31.88 82.14 51.78
C VAL QB 105 32.98 81.45 52.61
N GLU QB 106 33.00 81.69 53.93
CA GLU QB 106 33.36 80.72 54.98
C GLU QB 106 32.42 79.50 55.00
N LEU QB 107 31.25 79.64 54.38
CA LEU QB 107 30.31 78.57 54.04
C LEU QB 107 30.22 78.27 52.52
N GLN QB 108 31.15 78.74 51.66
CA GLN QB 108 31.19 78.41 50.20
C GLN QB 108 32.51 77.81 49.71
N GLU QB 109 33.67 78.16 50.33
CA GLU QB 109 34.81 77.21 50.47
C GLU QB 109 34.28 75.90 51.05
N LEU QB 110 33.31 76.02 51.96
CA LEU QB 110 32.77 74.90 52.67
C LEU QB 110 31.99 73.90 51.82
N ASN QB 111 30.96 74.38 51.14
CA ASN QB 111 30.10 73.54 50.30
C ASN QB 111 30.88 72.98 49.11
N ASP QB 112 31.99 73.62 48.73
CA ASP QB 112 32.81 73.27 47.57
C ASP QB 112 34.06 72.44 47.91
N ARG QB 113 34.46 72.44 49.19
CA ARG QB 113 35.24 71.37 49.82
C ARG QB 113 34.41 70.09 49.98
N PHE QB 114 33.17 70.20 50.45
CA PHE QB 114 32.20 69.11 50.35
C PHE QB 114 31.92 68.67 48.89
N ALA QB 115 31.85 69.61 47.94
CA ALA QB 115 31.65 69.29 46.53
C ALA QB 115 32.85 68.55 45.94
N ASN QB 116 34.10 68.97 46.19
CA ASN QB 116 35.27 68.26 45.71
C ASN QB 116 35.39 66.87 46.37
N TYR QB 117 34.97 66.68 47.63
CA TYR QB 117 34.77 65.33 48.18
C TYR QB 117 33.61 64.51 47.57
N ILE QB 118 32.54 65.13 47.07
CA ILE QB 118 31.52 64.44 46.23
C ILE QB 118 32.05 64.20 44.81
N ASP QB 119 33.02 64.97 44.37
CA ASP QB 119 33.45 64.99 42.99
C ASP QB 119 34.65 64.06 42.78
N LYS QB 120 35.42 63.82 43.84
CA LYS QB 120 36.07 62.55 44.21
C LYS QB 120 35.18 61.31 44.03
N VAL QB 121 33.90 61.34 44.46
CA VAL QB 121 33.00 60.19 44.25
C VAL QB 121 32.63 60.07 42.77
N ARG QB 122 32.43 61.20 42.07
CA ARG QB 122 32.24 61.26 40.61
C ARG QB 122 33.47 60.85 39.80
N PHE QB 123 34.69 61.09 40.29
CA PHE QB 123 35.96 60.75 39.64
C PHE QB 123 36.20 59.25 39.72
N LEU QB 124 35.95 58.67 40.90
CA LEU QB 124 35.91 57.22 41.02
C LEU QB 124 34.72 56.60 40.30
N GLU QB 125 33.54 57.22 40.27
CA GLU QB 125 32.40 56.71 39.49
C GLU QB 125 32.69 56.72 37.97
N GLN QB 126 33.43 57.71 37.47
CA GLN QB 126 33.88 57.78 36.07
C GLN QB 126 35.04 56.83 35.75
N GLN QB 127 36.08 56.76 36.58
CA GLN QB 127 37.19 55.82 36.40
C GLN QB 127 36.72 54.36 36.57
N ASN QB 128 35.81 54.11 37.52
CA ASN QB 128 35.08 52.86 37.70
C ASN QB 128 34.08 52.58 36.55
N LYS QB 129 33.57 53.59 35.84
CA LYS QB 129 32.71 53.40 34.66
C LYS QB 129 33.52 53.04 33.40
N ILE QB 130 34.74 53.58 33.26
CA ILE QB 130 35.67 53.20 32.19
C ILE QB 130 36.18 51.77 32.43
N LEU QB 131 36.57 51.48 33.67
CA LEU QB 131 36.84 50.14 34.23
C LEU QB 131 35.71 49.13 33.97
N LEU QB 132 34.45 49.46 34.25
CA LEU QB 132 33.30 48.58 34.02
C LEU QB 132 32.78 48.57 32.56
N ALA QB 133 33.32 49.40 31.67
CA ALA QB 133 33.14 49.23 30.22
C ALA QB 133 34.26 48.35 29.62
N GLU QB 134 35.49 48.63 30.05
CA GLU QB 134 36.71 47.90 29.71
C GLU QB 134 36.68 46.43 30.20
N LEU QB 135 36.11 46.17 31.38
CA LEU QB 135 35.83 44.83 31.90
C LEU QB 135 34.79 44.05 31.06
N GLU QB 136 33.81 44.72 30.44
CA GLU QB 136 32.86 44.10 29.52
C GLU QB 136 33.45 43.91 28.10
N GLN QB 137 34.36 44.78 27.67
CA GLN QB 137 35.15 44.62 26.44
C GLN QB 137 36.17 43.48 26.56
N LEU QB 138 36.81 43.35 27.72
CA LEU QB 138 37.66 42.26 28.19
C LEU QB 138 36.95 40.90 28.08
N LYS QB 139 35.80 40.74 28.75
CA LYS QB 139 34.99 39.50 28.73
C LYS QB 139 34.40 39.20 27.35
N GLY QB 140 33.99 40.26 26.65
CA GLY QB 140 33.33 40.17 25.36
C GLY QB 140 34.29 39.74 24.25
N GLN QB 141 35.52 40.26 24.25
CA GLN QB 141 36.53 39.93 23.26
C GLN QB 141 37.39 38.72 23.63
N GLY QB 142 38.02 38.73 24.81
CA GLY QB 142 39.15 37.85 25.16
C GLY QB 142 38.78 36.37 25.12
N LYS QB 143 37.86 35.95 25.97
CA LYS QB 143 37.39 34.57 26.09
C LYS QB 143 36.22 34.24 25.20
N SER QB 144 35.19 35.11 25.15
CA SER QB 144 34.01 34.85 24.31
C SER QB 144 34.36 35.04 22.84
N ARG QB 145 34.35 36.26 22.30
CA ARG QB 145 34.36 36.45 20.83
C ARG QB 145 35.53 35.80 20.12
N LEU QB 146 36.75 35.88 20.66
CA LEU QB 146 37.93 35.24 20.06
C LEU QB 146 37.89 33.69 20.22
N GLY QB 147 37.36 33.17 21.33
CA GLY QB 147 37.05 31.74 21.47
C GLY QB 147 35.94 31.25 20.53
N ASP QB 148 34.82 31.99 20.45
CA ASP QB 148 33.64 31.68 19.63
C ASP QB 148 33.99 31.55 18.13
N LEU QB 149 34.94 32.37 17.64
CA LEU QB 149 35.41 32.34 16.24
C LEU QB 149 36.37 31.17 15.99
N TYR QB 150 37.47 31.11 16.73
CA TYR QB 150 38.53 30.13 16.47
C TYR QB 150 38.13 28.69 16.87
N GLU QB 151 37.11 28.53 17.73
CA GLU QB 151 36.43 27.25 17.93
C GLU QB 151 35.54 26.81 16.74
N GLU QB 152 35.10 27.69 15.84
CA GLU QB 152 34.46 27.30 14.57
C GLU QB 152 35.49 27.11 13.43
N GLU QB 153 36.58 27.89 13.37
CA GLU QB 153 37.69 27.65 12.42
C GLU QB 153 38.39 26.31 12.67
N MET QB 154 38.65 25.99 13.95
CA MET QB 154 39.17 24.66 14.32
C MET QB 154 38.19 23.55 13.94
N ARG QB 155 36.87 23.78 13.92
CA ARG QB 155 35.89 22.79 13.41
C ARG QB 155 35.90 22.66 11.89
N GLU QB 156 36.22 23.70 11.15
CA GLU QB 156 36.38 23.65 9.69
C GLU QB 156 37.70 23.04 9.22
N LEU QB 157 38.74 23.06 10.06
CA LEU QB 157 39.95 22.25 9.92
C LEU QB 157 39.69 20.80 10.35
N ARG QB 158 39.08 20.62 11.53
CA ARG QB 158 38.72 19.33 12.12
C ARG QB 158 37.72 18.54 11.28
N ARG QB 159 36.87 19.20 10.49
CA ARG QB 159 35.98 18.56 9.51
C ARG QB 159 36.74 17.76 8.44
N GLN QB 160 37.89 18.26 8.00
CA GLN QB 160 38.76 17.58 7.04
C GLN QB 160 39.72 16.58 7.72
N VAL QB 161 40.03 16.79 9.00
CA VAL QB 161 40.70 15.80 9.87
C VAL QB 161 39.81 14.57 10.14
N ASP QB 162 38.52 14.77 10.39
CA ASP QB 162 37.52 13.70 10.42
C ASP QB 162 37.26 13.11 9.01
N GLN QB 163 37.52 13.84 7.91
CA GLN QB 163 37.43 13.31 6.55
C GLN QB 163 38.50 12.23 6.29
N LEU QB 164 39.80 12.44 6.56
CA LEU QB 164 40.80 11.33 6.51
C LEU QB 164 40.43 10.22 7.48
N THR QB 165 39.90 10.55 8.66
CA THR QB 165 39.61 9.54 9.68
C THR QB 165 38.43 8.63 9.27
N ASN QB 166 37.63 9.05 8.28
CA ASN QB 166 36.83 8.15 7.44
C ASN QB 166 37.68 7.54 6.29
N ASP QB 167 38.29 8.37 5.43
CA ASP QB 167 38.98 7.95 4.19
C ASP QB 167 40.00 6.80 4.42
N LYS QB 168 40.96 7.00 5.34
CA LYS QB 168 42.03 6.02 5.66
C LYS QB 168 41.47 4.70 6.20
N ALA QB 169 40.62 4.78 7.23
CA ALA QB 169 40.01 3.59 7.83
C ALA QB 169 39.11 2.84 6.84
N ARG QB 170 38.49 3.56 5.89
CA ARG QB 170 37.68 2.99 4.82
C ARG QB 170 38.54 2.30 3.76
N VAL QB 171 39.62 2.90 3.26
CA VAL QB 171 40.47 2.25 2.24
C VAL QB 171 41.20 1.01 2.79
N GLU QB 172 41.57 1.03 4.06
CA GLU QB 172 42.15 -0.14 4.75
C GLU QB 172 41.12 -1.27 4.93
N VAL QB 173 39.90 -0.95 5.38
CA VAL QB 173 38.83 -1.96 5.54
C VAL QB 173 38.30 -2.49 4.20
N GLU QB 174 38.14 -1.64 3.19
CA GLU QB 174 37.70 -2.08 1.86
C GLU QB 174 38.77 -2.92 1.13
N ARG QB 175 40.07 -2.66 1.34
CA ARG QB 175 41.18 -3.46 0.75
C ARG QB 175 41.12 -4.92 1.20
N ASP QB 176 41.09 -5.14 2.50
CA ASP QB 176 41.19 -6.49 3.08
C ASP QB 176 39.87 -7.29 2.96
N ASN QB 177 38.73 -6.62 2.76
CA ASN QB 177 37.45 -7.29 2.45
C ASN QB 177 37.33 -7.71 0.98
N LEU QB 178 37.57 -6.77 0.05
CA LEU QB 178 37.35 -7.03 -1.37
C LEU QB 178 38.42 -7.92 -2.00
N ALA QB 179 39.56 -8.09 -1.32
CA ALA QB 179 40.55 -9.11 -1.63
C ALA QB 179 39.92 -10.52 -1.71
N GLU QB 180 39.26 -10.98 -0.64
CA GLU QB 180 38.50 -12.24 -0.68
C GLU QB 180 37.22 -12.16 -1.55
N ASP QB 181 36.40 -11.09 -1.49
CA ASP QB 181 35.13 -11.03 -2.26
C ASP QB 181 35.33 -11.05 -3.80
N ILE QB 182 36.47 -10.60 -4.32
CA ILE QB 182 36.78 -10.60 -5.76
C ILE QB 182 37.75 -11.72 -6.15
N MET QB 183 38.66 -12.17 -5.27
CA MET QB 183 39.47 -13.38 -5.47
C MET QB 183 38.58 -14.63 -5.61
N ARG QB 184 37.51 -14.72 -4.82
CA ARG QB 184 36.44 -15.74 -4.91
C ARG QB 184 35.45 -15.53 -6.07
N LEU QB 185 35.67 -14.52 -6.92
CA LEU QB 185 35.08 -14.34 -8.25
C LEU QB 185 36.05 -14.58 -9.42
N ARG QB 186 37.36 -14.71 -9.17
CA ARG QB 186 38.35 -15.18 -10.16
C ARG QB 186 38.56 -16.68 -10.10
N GLU QB 187 38.52 -17.25 -8.89
CA GLU QB 187 38.55 -18.70 -8.60
C GLU QB 187 37.43 -19.48 -9.33
N LYS QB 188 36.25 -18.86 -9.49
CA LYS QB 188 35.11 -19.48 -10.20
C LYS QB 188 35.17 -19.35 -11.72
N LEU QB 189 35.95 -18.41 -12.23
CA LEU QB 189 36.26 -18.34 -13.67
C LEU QB 189 37.40 -19.31 -14.03
N GLN QB 190 38.29 -19.61 -13.08
CA GLN QB 190 39.24 -20.72 -13.16
C GLN QB 190 38.53 -22.08 -13.14
N GLU QB 191 37.49 -22.27 -12.31
CA GLU QB 191 36.60 -23.44 -12.41
C GLU QB 191 35.96 -23.57 -13.80
N GLU QB 192 35.44 -22.47 -14.38
CA GLU QB 192 34.80 -22.50 -15.71
C GLU QB 192 35.77 -22.77 -16.88
N MET QB 193 37.04 -22.36 -16.78
CA MET QB 193 38.04 -22.58 -17.84
C MET QB 193 38.88 -23.86 -17.70
N LEU QB 194 39.12 -24.34 -16.49
CA LEU QB 194 39.72 -25.67 -16.33
C LEU QB 194 38.77 -26.79 -16.81
N GLN QB 195 37.45 -26.59 -16.73
CA GLN QB 195 36.43 -27.45 -17.40
C GLN QB 195 36.36 -27.30 -18.93
N ARG QB 196 37.15 -26.40 -19.54
CA ARG QB 196 37.38 -26.30 -20.99
C ARG QB 196 38.71 -26.90 -21.40
N GLU QB 197 39.77 -26.60 -20.66
CA GLU QB 197 41.12 -27.00 -21.03
C GLU QB 197 41.46 -28.45 -20.60
N GLU QB 198 40.78 -28.98 -19.56
CA GLU QB 198 40.60 -30.42 -19.30
C GLU QB 198 39.98 -31.12 -20.51
N ALA QB 199 38.92 -30.52 -21.06
CA ALA QB 199 38.14 -31.04 -22.16
C ALA QB 199 38.82 -30.89 -23.55
N GLU QB 200 39.97 -30.22 -23.61
CA GLU QB 200 40.86 -30.12 -24.78
C GLU QB 200 42.10 -31.01 -24.63
N ASN QB 201 42.96 -30.71 -23.66
CA ASN QB 201 44.28 -31.34 -23.48
C ASN QB 201 44.18 -32.85 -23.24
N THR QB 202 43.29 -33.25 -22.32
CA THR QB 202 43.06 -34.68 -22.02
C THR QB 202 42.54 -35.44 -23.24
N LEU QB 203 41.87 -34.76 -24.17
CA LEU QB 203 41.36 -35.34 -25.41
C LEU QB 203 42.42 -35.41 -26.53
N GLN QB 204 43.58 -34.74 -26.42
CA GLN QB 204 44.81 -35.08 -27.18
C GLN QB 204 45.55 -36.26 -26.55
N SER QB 205 45.62 -36.30 -25.22
CA SER QB 205 46.36 -37.36 -24.52
C SER QB 205 45.67 -38.72 -24.66
N PHE QB 206 44.32 -38.73 -24.67
CA PHE QB 206 43.51 -39.91 -25.02
C PHE QB 206 43.62 -40.34 -26.50
N ARG QB 207 44.21 -39.55 -27.40
CA ARG QB 207 44.47 -39.90 -28.81
C ARG QB 207 45.85 -40.50 -29.01
N GLN QB 208 46.84 -40.02 -28.26
CA GLN QB 208 48.17 -40.63 -28.19
C GLN QB 208 48.12 -42.00 -27.47
N ASP QB 209 47.37 -42.12 -26.36
CA ASP QB 209 47.13 -43.44 -25.74
C ASP QB 209 46.07 -44.30 -26.45
N VAL QB 210 45.30 -43.74 -27.39
CA VAL QB 210 44.59 -44.57 -28.39
C VAL QB 210 45.56 -45.23 -29.37
N ASP QB 211 46.64 -44.55 -29.77
CA ASP QB 211 47.69 -45.13 -30.62
C ASP QB 211 48.56 -46.17 -29.86
N ASN QB 212 49.05 -45.83 -28.66
CA ASN QB 212 49.80 -46.77 -27.82
C ASN QB 212 48.98 -48.04 -27.52
N ALA QB 213 47.68 -47.89 -27.27
CA ALA QB 213 46.77 -49.01 -27.13
C ALA QB 213 46.54 -49.77 -28.45
N SER QB 214 46.45 -49.10 -29.60
CA SER QB 214 46.22 -49.71 -30.91
C SER QB 214 47.41 -50.52 -31.42
N LEU QB 215 48.65 -50.06 -31.21
CA LEU QB 215 49.86 -50.85 -31.45
C LEU QB 215 49.88 -52.13 -30.59
N ALA QB 216 49.42 -52.04 -29.33
CA ALA QB 216 49.20 -53.21 -28.50
C ALA QB 216 48.03 -54.10 -28.99
N ARG QB 217 46.95 -53.52 -29.56
CA ARG QB 217 45.88 -54.30 -30.21
C ARG QB 217 46.37 -55.07 -31.43
N LEU QB 218 47.30 -54.56 -32.22
CA LEU QB 218 47.83 -55.25 -33.40
C LEU QB 218 48.72 -56.44 -33.08
N ASP QB 219 49.43 -56.40 -31.95
CA ASP QB 219 50.14 -57.58 -31.43
C ASP QB 219 49.17 -58.64 -30.90
N LEU QB 220 48.00 -58.23 -30.37
CA LEU QB 220 46.90 -59.14 -30.03
C LEU QB 220 46.18 -59.67 -31.28
N GLU QB 221 45.95 -58.84 -32.29
CA GLU QB 221 45.37 -59.23 -33.59
C GLU QB 221 46.23 -60.22 -34.35
N ARG QB 222 47.56 -60.05 -34.31
CA ARG QB 222 48.51 -61.03 -34.84
C ARG QB 222 48.37 -62.41 -34.21
N LYS QB 223 48.02 -62.46 -32.92
CA LYS QB 223 47.67 -63.71 -32.24
C LYS QB 223 46.32 -64.20 -32.71
N VAL QB 224 45.28 -63.34 -32.71
CA VAL QB 224 43.91 -63.68 -33.14
C VAL QB 224 43.86 -64.23 -34.57
N GLU QB 225 44.45 -63.57 -35.58
CA GLU QB 225 44.52 -64.02 -37.01
C GLU QB 225 45.09 -65.44 -37.13
N SER QB 226 46.28 -65.63 -36.55
CA SER QB 226 46.98 -66.92 -36.51
C SER QB 226 46.15 -67.98 -35.81
N LEU QB 227 45.50 -67.61 -34.70
CA LEU QB 227 44.61 -68.44 -33.90
C LEU QB 227 43.21 -68.62 -34.49
N GLN QB 228 42.92 -68.02 -35.65
CA GLN QB 228 41.64 -68.08 -36.37
C GLN QB 228 41.75 -68.81 -37.71
N GLU QB 229 42.96 -69.02 -38.25
CA GLU QB 229 43.23 -70.32 -38.90
C GLU QB 229 42.91 -71.47 -37.93
N GLU QB 230 43.35 -71.34 -36.67
CA GLU QB 230 43.24 -72.38 -35.67
C GLU QB 230 41.83 -72.56 -35.07
N ILE QB 231 40.94 -71.56 -35.15
CA ILE QB 231 39.49 -71.77 -34.97
C ILE QB 231 38.95 -72.64 -36.11
N ALA QB 232 39.28 -72.33 -37.36
CA ALA QB 232 38.74 -73.07 -38.49
C ALA QB 232 39.18 -74.55 -38.51
N PHE QB 233 40.44 -74.78 -38.13
CA PHE QB 233 41.01 -76.07 -37.74
C PHE QB 233 40.16 -76.72 -36.64
N LEU QB 234 40.08 -76.09 -35.45
CA LEU QB 234 39.40 -76.62 -34.28
C LEU QB 234 37.92 -76.97 -34.51
N LYS QB 235 37.13 -76.08 -35.10
CA LYS QB 235 35.69 -76.30 -35.30
C LYS QB 235 35.39 -77.43 -36.31
N LYS QB 236 36.34 -77.84 -37.15
CA LYS QB 236 36.17 -78.99 -38.07
C LYS QB 236 36.98 -80.23 -37.74
N LEU QB 237 38.08 -80.09 -36.99
CA LEU QB 237 38.69 -81.21 -36.27
C LEU QB 237 37.70 -81.81 -35.24
N HIS QB 238 36.74 -81.04 -34.73
CA HIS QB 238 35.63 -81.63 -33.96
C HIS QB 238 34.55 -82.33 -34.79
N GLU QB 239 34.26 -81.86 -36.01
CA GLU QB 239 33.32 -82.59 -36.88
C GLU QB 239 33.94 -83.91 -37.34
N GLU QB 240 35.26 -83.90 -37.51
CA GLU QB 240 36.16 -85.00 -37.86
C GLU QB 240 36.36 -86.01 -36.70
N GLU QB 241 36.47 -85.57 -35.44
CA GLU QB 241 36.32 -86.44 -34.25
C GLU QB 241 34.95 -87.14 -34.18
N ILE QB 242 33.88 -86.48 -34.65
CA ILE QB 242 32.55 -87.10 -34.72
C ILE QB 242 32.43 -88.04 -35.93
N GLN QB 243 33.24 -87.88 -36.98
CA GLN QB 243 33.36 -88.84 -38.07
C GLN QB 243 34.21 -90.04 -37.69
N GLU QB 244 35.32 -89.86 -36.97
CA GLU QB 244 36.24 -90.91 -36.56
C GLU QB 244 35.82 -91.65 -35.28
N LEU QB 245 35.00 -91.04 -34.41
CA LEU QB 245 34.22 -91.80 -33.43
C LEU QB 245 33.06 -92.57 -34.08
N GLN QB 246 32.47 -92.03 -35.15
CA GLN QB 246 31.59 -92.84 -36.02
C GLN QB 246 32.37 -93.85 -36.86
N ALA QB 247 33.69 -93.70 -37.03
CA ALA QB 247 34.56 -94.72 -37.63
C ALA QB 247 34.87 -95.85 -36.63
N GLN QB 248 35.34 -95.57 -35.42
CA GLN QB 248 35.55 -96.60 -34.41
C GLN QB 248 34.24 -97.31 -33.98
N ILE QB 249 33.08 -96.63 -33.95
CA ILE QB 249 31.76 -97.32 -33.81
C ILE QB 249 31.41 -98.11 -35.07
N GLN QB 250 31.64 -97.56 -36.25
CA GLN QB 250 31.39 -98.27 -37.51
C GLN QB 250 32.23 -99.55 -37.59
N GLU QB 251 33.56 -99.52 -37.35
CA GLU QB 251 34.65 -100.42 -37.79
C GLU QB 251 34.97 -101.71 -37.01
N GLN QB 252 34.25 -101.77 -35.84
CA GLN QB 252 33.99 -103.16 -35.29
C GLN QB 252 32.78 -103.87 -36.08
N HIS QB 253 32.06 -103.13 -36.95
CA HIS QB 253 30.76 -103.38 -37.62
C HIS QB 253 30.86 -102.79 -39.06
N VAL QB 254 32.02 -102.56 -39.63
CA VAL QB 254 32.88 -103.40 -40.34
C VAL QB 254 34.20 -102.61 -40.47
N GLN QB 255 35.23 -103.43 -40.60
CA GLN QB 255 35.39 -104.81 -40.17
C GLN QB 255 36.73 -104.83 -39.45
N ILE QB 256 36.76 -105.93 -38.73
CA ILE QB 256 36.67 -105.98 -37.25
C ILE QB 256 37.85 -105.30 -36.56
N ASP QB 257 38.90 -104.85 -37.23
CA ASP QB 257 39.98 -105.48 -38.05
C ASP QB 257 39.71 -106.43 -39.29
N VAL QB 258 39.85 -105.94 -40.54
CA VAL QB 258 39.17 -106.49 -41.77
C VAL QB 258 39.37 -107.99 -42.14
N ASP QB 259 38.38 -108.86 -41.90
CA ASP QB 259 38.47 -110.32 -42.10
C ASP QB 259 38.76 -110.84 -43.53
N VAL QB 260 39.19 -112.11 -43.62
CA VAL QB 260 39.12 -112.98 -44.82
C VAL QB 260 37.81 -113.82 -44.90
N SER QB 261 37.03 -113.92 -43.80
CA SER QB 261 35.76 -114.67 -43.61
C SER QB 261 35.86 -116.19 -43.84
N LYS QB 262 36.35 -116.58 -45.02
CA LYS QB 262 36.99 -117.87 -45.28
C LYS QB 262 38.23 -117.97 -44.37
N PRO QB 263 38.51 -119.15 -43.74
CA PRO QB 263 39.78 -119.39 -43.08
C PRO QB 263 40.95 -119.49 -44.07
N ASP QB 264 41.33 -120.69 -44.54
CA ASP QB 264 42.27 -120.82 -45.67
C ASP QB 264 42.19 -122.21 -46.35
N LEU QB 265 43.33 -122.74 -46.82
CA LEU QB 265 43.90 -124.08 -46.61
C LEU QB 265 42.99 -125.17 -46.02
N THR QB 266 42.15 -124.85 -45.04
CA THR QB 266 41.02 -125.66 -44.55
C THR QB 266 40.15 -126.25 -45.66
N ALA QB 267 39.93 -125.51 -46.75
CA ALA QB 267 39.23 -126.01 -47.94
C ALA QB 267 40.06 -127.10 -48.64
N ALA QB 268 41.28 -126.75 -49.03
CA ALA QB 268 42.24 -127.64 -49.67
C ALA QB 268 42.57 -128.89 -48.84
N LEU QB 269 42.53 -128.84 -47.51
CA LEU QB 269 42.72 -130.01 -46.64
C LEU QB 269 41.52 -130.99 -46.65
N ARG QB 270 40.28 -130.48 -46.75
CA ARG QB 270 39.05 -131.28 -46.97
C ARG QB 270 38.93 -131.78 -48.40
N ASP QB 271 39.48 -131.04 -49.34
CA ASP QB 271 39.49 -131.41 -50.76
C ASP QB 271 40.58 -132.45 -51.04
N VAL QB 272 41.77 -132.32 -50.42
CA VAL QB 272 42.80 -133.37 -50.29
C VAL QB 272 42.25 -134.61 -49.59
N ARG QB 273 41.45 -134.47 -48.52
CA ARG QB 273 40.78 -135.59 -47.84
C ARG QB 273 39.88 -136.37 -48.78
N GLN QB 274 38.96 -135.68 -49.46
CA GLN QB 274 38.00 -136.31 -50.39
C GLN QB 274 38.67 -136.77 -51.70
N GLN QB 275 39.80 -136.18 -52.08
CA GLN QB 275 40.68 -136.65 -53.16
C GLN QB 275 41.51 -137.87 -52.77
N TYR QB 276 41.93 -138.03 -51.50
CA TYR QB 276 42.53 -139.28 -51.01
C TYR QB 276 41.50 -140.42 -50.91
N GLU QB 277 40.27 -140.11 -50.51
CA GLU QB 277 39.14 -141.05 -50.55
C GLU QB 277 38.75 -141.44 -52.00
N SER QB 278 38.86 -140.50 -52.94
CA SER QB 278 38.74 -140.75 -54.40
C SER QB 278 39.93 -141.51 -55.00
N VAL QB 279 41.15 -141.31 -54.50
CA VAL QB 279 42.36 -142.04 -54.92
C VAL QB 279 42.37 -143.45 -54.35
N ALA QB 280 41.78 -143.69 -53.17
CA ALA QB 280 41.48 -145.03 -52.69
C ALA QB 280 40.46 -145.74 -53.58
N ALA QB 281 39.44 -145.03 -54.08
CA ALA QB 281 38.50 -145.55 -55.08
C ALA QB 281 39.14 -145.82 -56.46
N LYS QB 282 40.08 -144.98 -56.91
CA LYS QB 282 40.89 -145.24 -58.12
C LYS QB 282 41.81 -146.46 -57.96
N ASN QB 283 42.48 -146.60 -56.81
CA ASN QB 283 43.30 -147.77 -56.51
C ASN QB 283 42.46 -149.04 -56.42
N MET RB 1 16.17 -26.88 -20.48
CA MET RB 1 16.24 -25.44 -20.78
C MET RB 1 17.40 -24.88 -19.96
N SER RB 2 18.30 -24.08 -20.53
CA SER RB 2 19.12 -23.21 -19.67
C SER RB 2 18.19 -22.13 -19.10
N THR RB 3 18.10 -22.05 -17.78
CA THR RB 3 17.06 -21.24 -17.15
C THR RB 3 17.36 -19.77 -17.39
N ARG RB 4 16.44 -19.06 -18.06
CA ARG RB 4 16.36 -17.60 -18.02
C ARG RB 4 16.01 -17.15 -16.59
N SER RB 5 17.03 -17.08 -15.75
CA SER RB 5 16.91 -16.74 -14.34
C SER RB 5 16.38 -15.31 -14.16
N VAL RB 6 15.72 -15.07 -13.03
CA VAL RB 6 15.13 -13.77 -12.73
C VAL RB 6 16.23 -12.81 -12.28
N SER RB 7 16.71 -12.00 -13.22
CA SER RB 7 17.67 -10.92 -12.93
C SER RB 7 17.01 -9.88 -12.02
N SER RB 8 17.39 -9.89 -10.74
CA SER RB 8 16.59 -9.33 -9.64
C SER RB 8 17.29 -8.14 -8.97
N SER RB 9 17.64 -7.14 -9.79
CA SER RB 9 18.08 -5.83 -9.30
C SER RB 9 16.97 -5.09 -8.51
N SER RB 10 17.29 -3.94 -7.92
CA SER RB 10 16.42 -3.16 -7.02
C SER RB 10 15.26 -2.42 -7.67
N TYR RB 11 14.62 -3.01 -8.69
CA TYR RB 11 13.30 -2.59 -9.22
C TYR RB 11 12.17 -2.62 -8.15
N ARG RB 12 12.43 -3.19 -6.97
CA ARG RB 12 11.49 -3.36 -5.85
C ARG RB 12 11.32 -2.12 -4.96
N ARG RB 13 12.38 -1.31 -4.79
CA ARG RB 13 12.44 -0.12 -3.90
C ARG RB 13 13.67 0.73 -4.28
N MET RB 14 14.22 1.54 -3.37
CA MET RB 14 15.22 2.59 -3.65
C MET RB 14 14.71 3.78 -4.48
N PHE RB 15 13.52 3.64 -5.08
CA PHE RB 15 12.73 4.74 -5.64
C PHE RB 15 11.68 5.23 -4.64
N GLY RB 16 11.27 6.50 -4.66
CA GLY RB 16 11.77 7.59 -5.50
C GLY RB 16 10.63 8.47 -6.03
N GLY RB 17 10.89 9.76 -6.17
CA GLY RB 17 9.86 10.81 -6.27
C GLY RB 17 9.79 11.68 -5.02
N PRO RB 18 9.44 11.16 -3.82
CA PRO RB 18 9.51 11.89 -2.56
C PRO RB 18 10.94 11.97 -1.98
N GLY RB 19 11.95 12.15 -2.85
CA GLY RB 19 13.33 12.50 -2.43
C GLY RB 19 13.44 13.91 -1.85
N THR RB 20 12.39 14.73 -1.99
CA THR RB 20 12.18 16.06 -1.40
C THR RB 20 12.00 16.00 0.13
N ALA RB 21 13.08 15.61 0.84
CA ALA RB 21 13.12 15.44 2.29
C ALA RB 21 13.16 16.80 3.04
N SER RB 22 14.32 17.20 3.56
CA SER RB 22 14.50 18.48 4.26
C SER RB 22 14.49 19.67 3.29
N ARG RB 23 13.29 20.12 2.93
CA ARG RB 23 13.06 21.48 2.42
C ARG RB 23 13.47 22.50 3.50
N PRO RB 24 14.11 23.63 3.15
CA PRO RB 24 14.63 24.60 4.12
C PRO RB 24 13.50 25.42 4.75
N SER RB 25 12.94 24.94 5.85
CA SER RB 25 12.07 25.76 6.73
C SER RB 25 12.83 26.93 7.37
N SER RB 26 14.15 26.88 7.40
CA SER RB 26 15.06 27.99 7.70
C SER RB 26 14.90 29.23 6.80
N SER RB 27 14.24 29.08 5.63
CA SER RB 27 13.76 30.20 4.81
C SER RB 27 12.81 31.13 5.57
N ARG RB 28 12.05 30.57 6.54
CA ARG RB 28 11.53 31.33 7.67
C ARG RB 28 12.64 31.42 8.73
N SER RB 29 13.31 32.57 8.74
CA SER RB 29 14.00 33.08 9.93
C SER RB 29 13.19 34.19 10.60
N TYR RB 30 13.53 34.52 11.84
CA TYR RB 30 13.08 35.75 12.50
C TYR RB 30 14.26 36.44 13.16
N VAL RB 31 14.91 37.31 12.38
CA VAL RB 31 15.97 38.19 12.86
C VAL RB 31 15.36 39.53 13.30
N THR RB 32 15.79 40.02 14.45
CA THR RB 32 15.50 41.35 15.00
C THR RB 32 16.70 41.84 15.79
N THR RB 33 16.96 43.14 15.76
CA THR RB 33 17.98 43.77 16.62
C THR RB 33 17.52 43.78 18.09
N SER RB 34 18.49 43.98 18.99
CA SER RB 34 18.29 44.20 20.43
C SER RB 34 17.52 45.49 20.70
N THR RB 35 16.20 45.42 20.54
CA THR RB 35 15.38 46.60 20.23
C THR RB 35 15.44 47.62 21.37
N ARG RB 36 15.86 48.86 21.05
CA ARG RB 36 16.07 49.93 22.02
C ARG RB 36 14.73 50.54 22.45
N THR RB 37 14.56 50.70 23.77
CA THR RB 37 13.89 51.89 24.31
C THR RB 37 14.91 53.01 24.45
N TYR RB 38 14.69 54.16 23.82
CA TYR RB 38 15.62 55.29 23.82
C TYR RB 38 15.53 56.13 25.11
N SER RB 39 16.67 56.64 25.59
CA SER RB 39 16.75 57.60 26.70
C SER RB 39 16.35 59.02 26.25
N LEU RB 40 15.84 59.82 27.20
CA LEU RB 40 15.52 61.24 27.00
C LEU RB 40 15.83 62.03 28.28
N GLY RB 41 16.62 63.10 28.15
CA GLY RB 41 16.92 64.01 29.26
C GLY RB 41 15.77 64.95 29.67
N SER RB 42 14.60 64.83 29.04
CA SER RB 42 13.46 65.75 29.24
C SER RB 42 12.87 65.70 30.66
N ALA RB 43 13.02 64.60 31.40
CA ALA RB 43 12.63 64.49 32.81
C ALA RB 43 13.79 64.78 33.80
N LEU RB 44 15.03 64.87 33.32
CA LEU RB 44 16.18 65.39 34.07
C LEU RB 44 16.22 66.93 34.08
N ARG RB 45 15.67 67.58 33.05
CA ARG RB 45 15.65 69.05 32.87
C ARG RB 45 14.37 69.69 33.46
N PRO RB 46 14.40 70.29 34.66
CA PRO RB 46 13.31 71.12 35.18
C PRO RB 46 13.27 72.52 34.54
N SER RB 47 12.25 73.30 34.88
CA SER RB 47 12.17 74.74 34.61
C SER RB 47 12.82 75.58 35.73
N THR RB 48 14.02 76.11 35.49
CA THR RB 48 14.66 77.11 36.36
C THR RB 48 13.96 78.47 36.23
N SER RB 49 12.90 78.69 37.01
CA SER RB 49 12.10 79.93 36.95
C SER RB 49 12.83 81.12 37.59
N ARG RB 50 12.95 82.24 36.85
CA ARG RB 50 13.47 83.52 37.36
C ARG RB 50 12.37 84.35 38.03
N SER RB 51 12.32 84.32 39.35
CA SER RB 51 11.61 85.32 40.16
C SER RB 51 12.31 86.68 40.06
N LEU RB 52 11.56 87.74 39.73
CA LEU RB 52 12.02 89.14 39.75
C LEU RB 52 11.44 89.87 40.97
N TYR RB 53 12.29 90.59 41.70
CA TYR RB 53 11.92 91.28 42.95
C TYR RB 53 11.95 92.82 42.75
N ALA RB 54 10.80 93.38 42.35
CA ALA RB 54 10.65 94.80 42.03
C ALA RB 54 10.64 95.71 43.27
N SER RB 55 11.81 95.96 43.87
CA SER RB 55 11.96 96.90 44.98
C SER RB 55 11.82 98.36 44.52
N SER RB 56 10.88 99.10 45.11
CA SER RB 56 10.80 100.56 45.04
C SER RB 56 11.02 101.17 46.43
N PRO RB 57 12.17 101.82 46.70
CA PRO RB 57 12.45 102.43 48.01
C PRO RB 57 11.43 103.50 48.43
N GLY RB 58 11.26 103.68 49.75
CA GLY RB 58 10.31 104.64 50.31
C GLY RB 58 10.74 106.10 50.14
N GLY RB 59 9.81 106.96 49.71
CA GLY RB 59 10.05 108.39 49.53
C GLY RB 59 10.38 109.15 50.82
N VAL RB 60 11.20 110.21 50.71
CA VAL RB 60 11.71 110.98 51.86
C VAL RB 60 10.67 112.00 52.38
N TYR RB 61 9.81 111.52 53.27
CA TYR RB 61 8.85 112.34 54.02
C TYR RB 61 9.33 112.59 55.46
N ALA RB 62 9.41 113.88 55.82
CA ALA RB 62 9.79 114.39 57.14
C ALA RB 62 9.16 115.79 57.32
N THR RB 63 9.30 116.37 58.52
CA THR RB 63 8.53 117.55 58.98
C THR RB 63 8.91 118.87 58.29
N ARG RB 64 8.59 119.01 57.00
CA ARG RB 64 8.80 120.24 56.19
C ARG RB 64 7.94 121.43 56.65
N SER RB 65 6.95 121.21 57.50
CA SER RB 65 6.17 122.23 58.23
C SER RB 65 6.82 122.70 59.54
N SER RB 66 7.96 122.13 59.95
CA SER RB 66 8.82 122.71 60.97
C SER RB 66 9.45 124.02 60.49
N ALA RB 67 10.07 124.77 61.41
CA ALA RB 67 10.92 125.93 61.10
C ALA RB 67 10.28 127.07 60.27
N VAL RB 68 8.94 127.19 60.26
CA VAL RB 68 8.17 128.37 59.76
C VAL RB 68 8.76 129.69 60.26
N ARG RB 69 9.15 129.70 61.52
CA ARG RB 69 10.45 130.22 61.99
C ARG RB 69 11.05 129.17 62.93
N LEU RB 70 12.35 129.23 63.19
CA LEU RB 70 12.85 128.71 64.48
C LEU RB 70 12.24 129.53 65.62
N ARG RB 71 11.86 128.87 66.72
CA ARG RB 71 11.30 129.57 67.89
C ARG RB 71 12.37 130.47 68.53
N SER RB 72 11.91 131.58 69.09
CA SER RB 72 12.68 132.43 70.01
C SER RB 72 12.11 132.41 71.44
N SER RB 73 10.96 131.74 71.67
CA SER RB 73 10.34 131.54 72.98
C SER RB 73 11.23 130.75 73.93
N VAL RB 74 12.01 129.82 73.37
CA VAL RB 74 13.38 129.51 73.81
C VAL RB 74 14.23 129.59 72.53
N PRO RB 75 15.21 130.49 72.44
CA PRO RB 75 16.05 130.62 71.24
C PRO RB 75 17.16 129.58 71.24
N GLY RB 76 17.84 129.46 70.08
CA GLY RB 76 19.03 128.64 69.83
C GLY RB 76 20.26 128.97 70.71
N VAL RB 77 20.26 128.61 72.00
CA VAL RB 77 21.45 128.70 72.86
C VAL RB 77 22.43 127.59 72.49
N ARG RB 78 23.40 127.97 71.65
CA ARG RB 78 24.08 127.08 70.72
C ARG RB 78 25.55 126.88 71.05
N LEU RB 79 25.77 126.19 72.16
CA LEU RB 79 26.83 125.19 72.37
C LEU RB 79 27.49 124.74 71.04
N LEU RB 80 28.61 125.37 70.67
CA LEU RB 80 29.51 124.91 69.60
C LEU RB 80 30.65 124.08 70.22
N GLN RB 81 31.83 124.10 69.59
CA GLN RB 81 32.92 123.13 69.75
C GLN RB 81 32.55 121.77 69.14
N ASP RB 82 33.61 121.06 68.79
CA ASP RB 82 33.78 120.22 67.62
C ASP RB 82 35.04 119.36 67.83
N SER RB 83 35.47 118.58 66.83
CA SER RB 83 36.33 117.40 67.01
C SER RB 83 35.58 116.29 67.76
N VAL RB 84 34.70 115.65 66.99
CA VAL RB 84 33.71 114.65 67.46
C VAL RB 84 33.68 113.47 66.49
N ASP RB 85 33.31 112.31 67.03
CA ASP RB 85 33.36 110.99 66.38
C ASP RB 85 32.82 110.96 64.94
N PHE RB 86 33.59 110.63 63.90
CA PHE RB 86 34.95 110.05 63.79
C PHE RB 86 35.13 108.58 64.26
N SER RB 87 34.27 108.10 65.18
CA SER RB 87 33.95 106.67 65.34
C SER RB 87 33.43 106.02 64.05
N LEU RB 88 32.87 106.82 63.13
CA LEU RB 88 32.47 106.39 61.79
C LEU RB 88 33.66 105.91 60.93
N ALA RB 89 34.87 106.45 61.12
CA ALA RB 89 36.08 106.01 60.42
C ALA RB 89 36.68 104.73 61.05
N ASP RB 90 36.57 104.57 62.37
CA ASP RB 90 36.88 103.31 63.05
C ASP RB 90 35.90 102.20 62.66
N ALA RB 91 34.62 102.52 62.49
CA ALA RB 91 33.59 101.61 62.00
C ALA RB 91 33.72 101.32 60.49
N ILE RB 92 34.25 102.23 59.68
CA ILE RB 92 34.72 101.91 58.32
C ILE RB 92 35.94 100.96 58.36
N ASN RB 93 36.73 100.97 59.43
CA ASN RB 93 37.78 99.98 59.65
C ASN RB 93 37.31 98.69 60.37
N THR RB 94 36.11 98.64 60.97
CA THR RB 94 35.44 97.36 61.31
C THR RB 94 34.67 96.77 60.12
N GLU RB 95 34.19 97.62 59.20
CA GLU RB 95 33.84 97.23 57.83
C GLU RB 95 35.04 96.63 57.11
N PHE RB 96 36.20 97.30 57.12
CA PHE RB 96 37.40 96.80 56.46
C PHE RB 96 38.03 95.59 57.17
N LYS RB 97 37.81 95.38 58.48
CA LYS RB 97 38.13 94.10 59.16
C LYS RB 97 37.32 92.95 58.57
N ASN RB 98 36.00 93.08 58.47
CA ASN RB 98 35.17 91.99 57.94
C ASN RB 98 35.19 91.95 56.40
N THR RB 99 35.79 92.96 55.77
CA THR RB 99 36.29 92.92 54.39
C THR RB 99 37.59 92.15 54.26
N ARG RB 100 38.54 92.22 55.22
CA ARG RB 100 39.70 91.29 55.24
C ARG RB 100 39.23 89.84 55.37
N THR RB 101 38.23 89.53 56.19
CA THR RB 101 37.70 88.16 56.23
C THR RB 101 37.03 87.77 54.89
N ASN RB 102 36.34 88.70 54.21
CA ASN RB 102 35.77 88.40 52.89
C ASN RB 102 36.78 88.34 51.71
N GLU RB 103 37.88 89.10 51.74
CA GLU RB 103 38.99 88.99 50.79
C GLU RB 103 39.72 87.65 50.91
N LYS RB 104 40.00 87.22 52.15
CA LYS RB 104 40.73 85.98 52.42
C LYS RB 104 39.89 84.74 52.13
N VAL RB 105 38.56 84.87 52.18
CA VAL RB 105 37.66 83.77 51.86
C VAL RB 105 37.10 83.81 50.44
N GLU RB 106 37.14 84.96 49.74
CA GLU RB 106 37.08 85.00 48.26
C GLU RB 106 38.37 84.46 47.63
N LEU RB 107 39.53 84.59 48.28
CA LEU RB 107 40.75 83.88 47.87
C LEU RB 107 40.64 82.36 48.07
N GLN RB 108 39.96 81.89 49.11
CA GLN RB 108 39.77 80.45 49.37
C GLN RB 108 38.65 79.85 48.53
N GLU RB 109 37.51 80.54 48.38
CA GLU RB 109 36.44 80.24 47.41
C GLU RB 109 36.92 80.28 45.96
N LEU RB 110 38.00 81.00 45.64
CA LEU RB 110 38.64 80.90 44.33
C LEU RB 110 39.43 79.59 44.13
N ASN RB 111 40.05 79.01 45.16
CA ASN RB 111 40.59 77.64 45.11
C ASN RB 111 39.49 76.60 45.04
N ASP RB 112 38.38 76.82 45.74
CA ASP RB 112 37.23 75.91 45.75
C ASP RB 112 36.36 75.96 44.48
N ARG RB 113 36.38 77.11 43.80
CA ARG RB 113 35.98 77.25 42.40
C ARG RB 113 37.03 76.74 41.43
N PHE RB 114 38.33 76.73 41.75
CA PHE RB 114 39.28 75.95 40.96
C PHE RB 114 38.93 74.47 41.05
N ALA RB 115 38.69 73.88 42.23
CA ALA RB 115 38.23 72.49 42.35
C ALA RB 115 36.91 72.20 41.60
N ASN RB 116 35.88 73.03 41.75
CA ASN RB 116 34.62 72.86 41.03
C ASN RB 116 34.72 73.16 39.51
N TYR RB 117 35.72 73.93 39.06
CA TYR RB 117 36.04 74.07 37.63
C TYR RB 117 36.99 72.98 37.13
N ILE RB 118 37.78 72.35 38.01
CA ILE RB 118 38.58 71.17 37.70
C ILE RB 118 37.66 69.93 37.63
N ASP RB 119 36.61 69.80 38.48
CA ASP RB 119 35.49 68.83 38.30
C ASP RB 119 34.86 68.96 36.91
N LYS RB 120 34.54 70.18 36.52
CA LYS RB 120 33.99 70.48 35.20
C LYS RB 120 34.95 70.15 34.04
N VAL RB 121 36.27 70.21 34.23
CA VAL RB 121 37.29 69.78 33.26
C VAL RB 121 37.54 68.27 33.30
N ARG RB 122 37.51 67.66 34.48
CA ARG RB 122 37.58 66.20 34.72
C ARG RB 122 36.38 65.52 34.06
N PHE RB 123 35.17 66.04 34.21
CA PHE RB 123 33.98 65.59 33.46
C PHE RB 123 34.04 65.88 31.97
N LEU RB 124 34.60 67.01 31.53
CA LEU RB 124 34.74 67.30 30.11
C LEU RB 124 35.63 66.26 29.43
N GLU RB 125 36.81 65.99 30.01
CA GLU RB 125 37.68 64.93 29.53
C GLU RB 125 37.08 63.54 29.74
N GLN RB 126 36.57 63.20 30.92
CA GLN RB 126 36.08 61.84 31.20
C GLN RB 126 34.76 61.47 30.51
N GLN RB 127 33.88 62.43 30.17
CA GLN RB 127 32.75 62.11 29.29
C GLN RB 127 33.18 61.95 27.82
N ASN RB 128 34.28 62.59 27.41
CA ASN RB 128 34.98 62.20 26.18
C ASN RB 128 35.69 60.83 26.34
N LYS RB 129 36.34 60.53 27.47
CA LYS RB 129 37.11 59.29 27.68
C LYS RB 129 36.22 58.05 27.76
N ILE RB 130 35.08 58.12 28.45
CA ILE RB 130 34.05 57.06 28.42
C ILE RB 130 33.53 56.87 26.98
N LEU RB 131 33.33 57.95 26.22
CA LEU RB 131 32.87 57.86 24.84
C LEU RB 131 33.94 57.33 23.88
N LEU RB 132 35.23 57.59 24.13
CA LEU RB 132 36.33 57.03 23.35
C LEU RB 132 36.54 55.53 23.67
N ALA RB 133 36.49 55.16 24.95
CA ALA RB 133 36.54 53.76 25.38
C ALA RB 133 35.31 52.93 24.93
N GLU RB 134 34.08 53.46 25.06
CA GLU RB 134 32.86 52.85 24.50
C GLU RB 134 32.77 52.93 22.94
N LEU RB 135 33.80 53.45 22.24
CA LEU RB 135 33.90 53.48 20.77
C LEU RB 135 35.16 52.81 20.16
N GLU RB 136 36.33 52.78 20.80
CA GLU RB 136 37.59 52.52 20.08
C GLU RB 136 37.75 51.05 19.63
N GLN RB 137 37.13 50.15 20.40
CA GLN RB 137 36.88 48.75 20.02
C GLN RB 137 35.82 48.60 18.91
N LEU RB 138 35.04 49.66 18.63
CA LEU RB 138 34.11 49.76 17.49
C LEU RB 138 34.71 50.48 16.26
N LYS RB 139 35.96 50.95 16.35
CA LYS RB 139 36.66 51.68 15.28
C LYS RB 139 37.85 50.91 14.72
N GLY RB 140 38.91 50.74 15.51
CA GLY RB 140 40.20 50.20 15.06
C GLY RB 140 40.21 48.67 14.96
N GLN RB 141 39.93 48.05 16.11
CA GLN RB 141 39.42 46.67 16.16
C GLN RB 141 38.09 46.52 15.40
N GLY RB 142 37.32 47.59 15.24
CA GLY RB 142 36.10 47.67 14.41
C GLY RB 142 36.31 47.57 12.89
N LYS RB 143 37.56 47.51 12.40
CA LYS RB 143 37.90 47.03 11.05
C LYS RB 143 38.72 45.75 11.05
N SER RB 144 39.65 45.58 11.99
CA SER RB 144 40.47 44.36 12.03
C SER RB 144 39.66 43.10 12.37
N ARG RB 145 38.72 43.18 13.34
CA ARG RB 145 37.73 42.10 13.65
C ARG RB 145 36.68 41.87 12.56
N LEU RB 146 36.55 42.78 11.60
CA LEU RB 146 35.64 42.62 10.46
C LEU RB 146 36.31 41.88 9.30
N GLY RB 147 37.63 42.03 9.10
CA GLY RB 147 38.43 41.15 8.26
C GLY RB 147 38.60 39.75 8.86
N ASP RB 148 38.86 39.69 10.18
CA ASP RB 148 38.90 38.47 11.00
C ASP RB 148 37.62 37.60 10.82
N LEU RB 149 36.45 38.24 10.77
CA LEU RB 149 35.16 37.59 10.49
C LEU RB 149 34.92 37.26 9.02
N TYR RB 150 35.30 38.14 8.09
CA TYR RB 150 35.12 37.88 6.66
C TYR RB 150 36.00 36.73 6.16
N GLU RB 151 37.13 36.44 6.81
CA GLU RB 151 37.93 35.25 6.48
C GLU RB 151 37.36 33.93 7.09
N GLU RB 152 36.57 33.99 8.17
CA GLU RB 152 35.70 32.86 8.62
C GLU RB 152 34.53 32.62 7.64
N GLU RB 153 33.84 33.68 7.22
CA GLU RB 153 32.80 33.59 6.18
C GLU RB 153 33.38 33.09 4.84
N MET RB 154 34.61 33.50 4.50
CA MET RB 154 35.37 33.00 3.36
C MET RB 154 35.82 31.55 3.55
N ARG RB 155 36.09 31.07 4.77
CA ARG RB 155 36.47 29.67 5.03
C ARG RB 155 35.34 28.69 4.74
N GLU RB 156 34.10 28.91 5.20
CA GLU RB 156 33.03 27.97 4.84
C GLU RB 156 32.80 27.98 3.31
N LEU RB 157 32.85 29.16 2.67
CA LEU RB 157 32.74 29.27 1.21
C LEU RB 157 33.89 28.56 0.47
N ARG RB 158 35.13 28.71 0.95
CA ARG RB 158 36.35 28.03 0.49
C ARG RB 158 36.18 26.53 0.62
N ARG RB 159 35.80 26.02 1.80
CA ARG RB 159 35.55 24.59 2.05
C ARG RB 159 34.40 24.03 1.20
N GLN RB 160 33.34 24.80 0.93
CA GLN RB 160 32.26 24.38 0.03
C GLN RB 160 32.72 24.30 -1.45
N VAL RB 161 33.45 25.30 -1.96
CA VAL RB 161 34.00 25.32 -3.32
C VAL RB 161 35.08 24.25 -3.54
N ASP RB 162 35.91 24.04 -2.52
CA ASP RB 162 36.93 23.01 -2.45
C ASP RB 162 36.32 21.59 -2.46
N GLN RB 163 35.30 21.33 -1.63
CA GLN RB 163 34.57 20.05 -1.66
C GLN RB 163 33.88 19.76 -3.01
N LEU RB 164 33.38 20.79 -3.72
CA LEU RB 164 32.84 20.65 -5.08
C LEU RB 164 33.92 20.44 -6.14
N THR RB 165 35.12 20.99 -5.93
CA THR RB 165 36.28 20.78 -6.82
C THR RB 165 36.79 19.35 -6.70
N ASN RB 166 36.85 18.85 -5.46
CA ASN RB 166 37.29 17.50 -5.13
C ASN RB 166 36.31 16.46 -5.67
N ASP RB 167 34.99 16.60 -5.42
CA ASP RB 167 33.98 15.67 -5.96
C ASP RB 167 33.88 15.69 -7.50
N LYS RB 168 34.17 16.82 -8.15
CA LYS RB 168 34.19 16.92 -9.61
C LYS RB 168 35.32 16.10 -10.22
N ALA RB 169 36.58 16.48 -9.94
CA ALA RB 169 37.73 15.88 -10.61
C ALA RB 169 38.15 14.50 -10.03
N ARG RB 170 37.57 14.13 -8.87
CA ARG RB 170 37.44 12.74 -8.41
C ARG RB 170 36.81 11.84 -9.47
N VAL RB 171 35.63 12.19 -9.98
CA VAL RB 171 34.91 11.41 -11.00
C VAL RB 171 35.65 11.40 -12.35
N GLU RB 172 36.53 12.38 -12.59
CA GLU RB 172 37.26 12.47 -13.86
C GLU RB 172 38.33 11.39 -13.99
N VAL RB 173 39.07 11.10 -12.91
CA VAL RB 173 40.15 10.09 -12.89
C VAL RB 173 39.71 8.73 -12.32
N GLU RB 174 38.70 8.70 -11.45
CA GLU RB 174 37.91 7.50 -11.07
C GLU RB 174 37.44 6.74 -12.32
N ARG RB 175 36.75 7.46 -13.20
CA ARG RB 175 36.04 6.93 -14.36
C ARG RB 175 36.98 6.27 -15.35
N ASP RB 176 38.13 6.89 -15.60
CA ASP RB 176 39.04 6.46 -16.66
C ASP RB 176 39.82 5.20 -16.25
N ASN RB 177 40.25 5.10 -14.98
CA ASN RB 177 40.72 3.82 -14.44
C ASN RB 177 39.60 2.76 -14.31
N LEU RB 178 38.39 3.13 -13.88
CA LEU RB 178 37.23 2.20 -13.85
C LEU RB 178 36.79 1.73 -15.25
N ALA RB 179 37.06 2.49 -16.31
CA ALA RB 179 36.87 2.04 -17.68
C ALA RB 179 37.97 1.06 -18.13
N GLU RB 180 39.17 1.16 -17.58
CA GLU RB 180 40.30 0.24 -17.79
C GLU RB 180 40.09 -1.11 -17.07
N ASP RB 181 39.72 -1.17 -15.78
CA ASP RB 181 39.30 -2.42 -15.08
C ASP RB 181 38.20 -3.19 -15.83
N ILE RB 182 37.14 -2.45 -16.17
CA ILE RB 182 36.00 -3.02 -16.86
C ILE RB 182 36.35 -3.43 -18.30
N MET RB 183 37.48 -2.98 -18.86
CA MET RB 183 38.09 -3.54 -20.07
C MET RB 183 39.03 -4.73 -19.79
N ARG RB 184 39.88 -4.67 -18.74
CA ARG RB 184 40.85 -5.72 -18.35
C ARG RB 184 40.18 -7.03 -17.99
N LEU RB 185 39.10 -7.01 -17.20
CA LEU RB 185 38.28 -8.20 -16.95
C LEU RB 185 37.48 -8.62 -18.20
N ARG RB 186 37.15 -7.71 -19.12
CA ARG RB 186 36.48 -8.06 -20.38
C ARG RB 186 37.39 -8.70 -21.42
N GLU RB 187 38.66 -8.31 -21.54
CA GLU RB 187 39.59 -8.83 -22.55
C GLU RB 187 39.74 -10.37 -22.40
N LYS RB 188 40.09 -10.79 -21.18
CA LYS RB 188 39.93 -12.13 -20.62
C LYS RB 188 38.59 -12.81 -20.94
N LEU RB 189 37.47 -12.22 -20.51
CA LEU RB 189 36.15 -12.83 -20.67
C LEU RB 189 35.66 -12.91 -22.12
N GLN RB 190 36.15 -12.05 -23.02
CA GLN RB 190 35.78 -12.00 -24.43
C GLN RB 190 36.58 -13.01 -25.25
N GLU RB 191 37.87 -13.15 -24.97
CA GLU RB 191 38.72 -14.19 -25.55
C GLU RB 191 38.32 -15.60 -25.07
N GLU RB 192 37.95 -15.75 -23.79
CA GLU RB 192 37.31 -16.98 -23.29
C GLU RB 192 35.95 -17.22 -23.94
N MET RB 193 35.14 -16.18 -24.20
CA MET RB 193 33.86 -16.34 -24.89
C MET RB 193 34.01 -16.78 -26.35
N LEU RB 194 35.06 -16.35 -27.06
CA LEU RB 194 35.35 -16.78 -28.43
C LEU RB 194 35.65 -18.28 -28.50
N GLN RB 195 36.57 -18.77 -27.65
CA GLN RB 195 36.81 -20.20 -27.53
C GLN RB 195 35.56 -20.98 -27.10
N ARG RB 196 34.80 -20.46 -26.12
CA ARG RB 196 33.63 -21.14 -25.56
C ARG RB 196 32.52 -21.38 -26.58
N GLU RB 197 32.43 -20.57 -27.64
CA GLU RB 197 31.40 -20.68 -28.69
C GLU RB 197 31.73 -21.70 -29.79
N GLU RB 198 33.02 -21.92 -30.14
CA GLU RB 198 33.46 -23.10 -30.92
C GLU RB 198 33.38 -24.39 -30.07
N ALA RB 199 33.87 -24.30 -28.83
CA ALA RB 199 34.00 -25.42 -27.89
C ALA RB 199 32.68 -26.07 -27.44
N GLU RB 200 31.51 -25.55 -27.85
CA GLU RB 200 30.20 -26.18 -27.60
C GLU RB 200 30.07 -27.55 -28.28
N ASN RB 201 30.45 -27.63 -29.55
CA ASN RB 201 30.14 -28.79 -30.41
C ASN RB 201 31.32 -29.73 -30.59
N THR RB 202 32.55 -29.18 -30.65
CA THR RB 202 33.80 -29.95 -30.78
C THR RB 202 34.01 -30.93 -29.62
N LEU RB 203 33.59 -30.58 -28.40
CA LEU RB 203 33.59 -31.50 -27.24
C LEU RB 203 32.67 -32.74 -27.39
N GLN RB 204 31.62 -32.68 -28.22
CA GLN RB 204 30.83 -33.88 -28.56
C GLN RB 204 31.42 -34.68 -29.73
N SER RB 205 32.14 -34.02 -30.63
CA SER RB 205 32.97 -34.65 -31.67
C SER RB 205 34.13 -35.43 -31.04
N PHE RB 206 34.88 -34.78 -30.14
CA PHE RB 206 36.05 -35.36 -29.45
C PHE RB 206 35.75 -36.70 -28.75
N ARG RB 207 34.59 -36.76 -28.11
CA ARG RB 207 34.13 -37.94 -27.36
C ARG RB 207 33.58 -39.04 -28.26
N GLN RB 208 32.93 -38.70 -29.38
CA GLN RB 208 32.60 -39.64 -30.45
C GLN RB 208 33.85 -40.17 -31.18
N ASP RB 209 34.89 -39.35 -31.37
CA ASP RB 209 36.17 -39.79 -31.92
C ASP RB 209 36.92 -40.78 -31.01
N VAL RB 210 36.88 -40.57 -29.69
CA VAL RB 210 37.40 -41.49 -28.68
C VAL RB 210 36.54 -42.75 -28.52
N ASP RB 211 35.22 -42.64 -28.69
CA ASP RB 211 34.30 -43.79 -28.75
C ASP RB 211 34.56 -44.67 -30.00
N ASN RB 212 34.76 -44.07 -31.19
CA ASN RB 212 35.06 -44.81 -32.43
C ASN RB 212 36.40 -45.57 -32.36
N ALA RB 213 37.44 -44.96 -31.81
CA ALA RB 213 38.69 -45.66 -31.49
C ALA RB 213 38.53 -46.75 -30.42
N SER RB 214 37.56 -46.61 -29.53
CA SER RB 214 37.26 -47.64 -28.53
C SER RB 214 36.45 -48.78 -29.13
N LEU RB 215 35.59 -48.54 -30.13
CA LEU RB 215 34.93 -49.59 -30.92
C LEU RB 215 35.93 -50.42 -31.74
N ALA RB 216 36.94 -49.77 -32.35
CA ALA RB 216 38.03 -50.48 -33.01
C ALA RB 216 38.81 -51.40 -32.06
N ARG RB 217 39.29 -50.84 -30.92
CA ARG RB 217 40.07 -51.60 -29.94
C ARG RB 217 39.27 -52.73 -29.25
N LEU RB 218 37.94 -52.57 -29.14
CA LEU RB 218 37.01 -53.50 -28.49
C LEU RB 218 36.82 -54.85 -29.23
N ASP RB 219 36.97 -54.90 -30.56
CA ASP RB 219 36.88 -56.17 -31.30
C ASP RB 219 38.06 -57.09 -30.99
N LEU RB 220 39.26 -56.53 -30.95
CA LEU RB 220 40.50 -57.26 -30.67
C LEU RB 220 40.66 -57.64 -29.19
N GLU RB 221 40.09 -56.86 -28.28
CA GLU RB 221 39.94 -57.24 -26.86
C GLU RB 221 39.07 -58.49 -26.68
N ARG RB 222 37.82 -58.44 -27.18
CA ARG RB 222 36.86 -59.55 -27.06
C ARG RB 222 37.32 -60.79 -27.81
N LYS RB 223 38.03 -60.61 -28.93
CA LYS RB 223 38.66 -61.69 -29.68
C LYS RB 223 39.79 -62.34 -28.90
N VAL RB 224 40.79 -61.58 -28.40
CA VAL RB 224 41.94 -62.20 -27.71
C VAL RB 224 41.56 -62.82 -26.36
N GLU RB 225 40.49 -62.33 -25.71
CA GLU RB 225 39.84 -63.04 -24.59
C GLU RB 225 39.27 -64.39 -25.02
N SER RB 226 38.39 -64.40 -26.03
CA SER RB 226 37.72 -65.62 -26.52
C SER RB 226 38.70 -66.66 -27.07
N LEU RB 227 39.79 -66.21 -27.69
CA LEU RB 227 40.77 -67.09 -28.35
C LEU RB 227 41.69 -67.83 -27.37
N GLN RB 228 41.71 -67.44 -26.08
CA GLN RB 228 42.30 -68.27 -25.03
C GLN RB 228 41.50 -69.57 -24.79
N GLU RB 229 40.17 -69.50 -24.86
CA GLU RB 229 39.33 -70.71 -24.84
C GLU RB 229 39.47 -71.53 -26.14
N GLU RB 230 39.59 -70.88 -27.30
CA GLU RB 230 39.77 -71.58 -28.58
C GLU RB 230 41.12 -72.32 -28.70
N ILE RB 231 42.22 -71.86 -28.06
CA ILE RB 231 43.44 -72.67 -27.88
C ILE RB 231 43.18 -73.88 -26.97
N ALA RB 232 42.50 -73.65 -25.83
CA ALA RB 232 42.22 -74.70 -24.85
C ALA RB 232 41.27 -75.78 -25.38
N PHE RB 233 40.44 -75.44 -26.38
CA PHE RB 233 39.70 -76.39 -27.21
C PHE RB 233 40.59 -77.03 -28.30
N LEU RB 234 41.42 -76.25 -29.00
CA LEU RB 234 42.26 -76.72 -30.13
C LEU RB 234 43.08 -77.94 -29.75
N LYS RB 235 43.80 -77.87 -28.63
CA LYS RB 235 44.72 -78.93 -28.23
C LYS RB 235 43.99 -80.27 -28.10
N LYS RB 236 42.81 -80.25 -27.48
CA LYS RB 236 42.01 -81.43 -27.18
C LYS RB 236 41.41 -82.04 -28.43
N LEU RB 237 40.63 -81.23 -29.15
CA LEU RB 237 39.88 -81.71 -30.30
C LEU RB 237 40.77 -82.07 -31.51
N HIS RB 238 42.01 -81.56 -31.56
CA HIS RB 238 43.07 -82.06 -32.43
C HIS RB 238 43.67 -83.41 -31.98
N GLU RB 239 44.03 -83.52 -30.71
CA GLU RB 239 44.66 -84.74 -30.17
C GLU RB 239 43.65 -85.88 -30.01
N GLU RB 240 42.36 -85.57 -29.90
CA GLU RB 240 41.22 -86.48 -29.96
C GLU RB 240 40.98 -86.96 -31.41
N GLU RB 241 40.91 -86.04 -32.38
CA GLU RB 241 40.83 -86.34 -33.83
C GLU RB 241 41.98 -87.23 -34.34
N ILE RB 242 43.24 -86.86 -34.09
CA ILE RB 242 44.40 -87.65 -34.54
C ILE RB 242 44.42 -89.05 -33.90
N GLN RB 243 43.91 -89.22 -32.67
CA GLN RB 243 43.91 -90.52 -31.99
C GLN RB 243 42.78 -91.44 -32.44
N GLU RB 244 41.57 -90.93 -32.70
CA GLU RB 244 40.48 -91.71 -33.29
C GLU RB 244 40.77 -92.09 -34.75
N LEU RB 245 41.38 -91.17 -35.53
CA LEU RB 245 41.90 -91.46 -36.89
C LEU RB 245 43.01 -92.53 -36.88
N GLN RB 246 43.96 -92.48 -35.94
CA GLN RB 246 45.01 -93.50 -35.82
C GLN RB 246 44.56 -94.78 -35.12
N ALA RB 247 43.31 -94.85 -34.62
CA ALA RB 247 42.59 -96.08 -34.28
C ALA RB 247 41.86 -96.68 -35.50
N GLN RB 248 41.22 -95.85 -36.34
CA GLN RB 248 40.65 -96.23 -37.65
C GLN RB 248 41.70 -96.93 -38.53
N ILE RB 249 42.90 -96.33 -38.62
CA ILE RB 249 43.98 -96.86 -39.47
C ILE RB 249 44.51 -98.22 -38.97
N GLN RB 250 44.25 -98.58 -37.70
CA GLN RB 250 44.51 -99.92 -37.15
C GLN RB 250 43.34 -100.89 -37.36
N GLU RB 251 42.09 -100.44 -37.21
CA GLU RB 251 40.88 -101.23 -37.53
C GLU RB 251 40.72 -101.51 -39.05
N GLN RB 252 41.52 -100.86 -39.89
CA GLN RB 252 41.55 -101.05 -41.36
C GLN RB 252 41.86 -102.50 -41.83
N HIS RB 253 42.25 -103.46 -40.96
CA HIS RB 253 43.32 -104.43 -41.30
C HIS RB 253 42.98 -105.96 -41.47
N VAL RB 254 43.10 -106.89 -40.48
CA VAL RB 254 42.84 -108.35 -40.71
C VAL RB 254 42.42 -109.29 -39.53
N GLN RB 255 41.41 -110.13 -39.84
CA GLN RB 255 41.21 -111.50 -39.30
C GLN RB 255 41.30 -112.63 -40.35
N ILE RB 256 41.48 -113.89 -39.89
CA ILE RB 256 41.54 -115.09 -40.76
C ILE RB 256 40.74 -116.31 -40.22
N ASP RB 257 40.94 -116.74 -38.96
CA ASP RB 257 40.67 -118.12 -38.46
C ASP RB 257 41.58 -119.17 -39.15
N VAL RB 258 41.57 -120.42 -38.67
CA VAL RB 258 42.60 -121.43 -38.93
C VAL RB 258 42.01 -122.84 -39.08
N ASP RB 259 42.64 -123.66 -39.93
CA ASP RB 259 42.31 -125.10 -40.05
C ASP RB 259 42.72 -125.92 -38.80
N VAL RB 260 43.52 -125.36 -37.88
CA VAL RB 260 43.88 -126.05 -36.63
C VAL RB 260 42.83 -125.92 -35.51
N SER RB 261 41.78 -125.11 -35.70
CA SER RB 261 40.63 -125.01 -34.79
C SER RB 261 39.83 -126.33 -34.66
N LYS RB 262 39.98 -127.23 -35.64
CA LYS RB 262 39.63 -128.68 -35.57
C LYS RB 262 40.59 -129.43 -36.51
N PRO RB 263 41.12 -130.60 -36.13
CA PRO RB 263 42.33 -131.14 -36.78
C PRO RB 263 42.24 -131.44 -38.28
N ASP RB 264 41.04 -131.75 -38.82
CA ASP RB 264 40.66 -132.14 -40.20
C ASP RB 264 41.53 -133.19 -40.95
N LEU RB 265 42.86 -133.02 -41.00
CA LEU RB 265 43.90 -133.96 -41.44
C LEU RB 265 43.78 -135.39 -40.88
N THR RB 266 43.24 -135.58 -39.67
CA THR RB 266 42.99 -136.91 -39.10
C THR RB 266 42.01 -137.74 -39.95
N ALA RB 267 41.15 -137.10 -40.74
CA ALA RB 267 40.33 -137.79 -41.74
C ALA RB 267 41.17 -138.31 -42.92
N ALA RB 268 42.04 -137.48 -43.50
CA ALA RB 268 42.95 -137.89 -44.59
C ALA RB 268 43.90 -139.05 -44.20
N LEU RB 269 44.36 -139.08 -42.94
CA LEU RB 269 45.15 -140.20 -42.39
C LEU RB 269 44.34 -141.50 -42.21
N ARG RB 270 43.02 -141.42 -41.96
CA ARG RB 270 42.10 -142.58 -41.98
C ARG RB 270 41.80 -143.04 -43.42
N ASP RB 271 41.79 -142.15 -44.39
CA ASP RB 271 41.53 -142.51 -45.79
C ASP RB 271 42.75 -143.19 -46.44
N VAL RB 272 43.97 -142.79 -46.06
CA VAL RB 272 45.20 -143.56 -46.31
C VAL RB 272 45.16 -144.95 -45.67
N ARG RB 273 44.58 -145.07 -44.46
CA ARG RB 273 44.40 -146.37 -43.79
C ARG RB 273 43.34 -147.25 -44.49
N GLN RB 274 42.23 -146.67 -44.93
CA GLN RB 274 41.19 -147.35 -45.70
C GLN RB 274 41.67 -147.75 -47.12
N GLN RB 275 42.57 -146.98 -47.73
CA GLN RB 275 43.30 -147.38 -48.95
C GLN RB 275 44.18 -148.60 -48.69
N TYR RB 276 44.96 -148.61 -47.60
CA TYR RB 276 45.80 -149.75 -47.22
C TYR RB 276 44.96 -151.02 -46.95
N GLU RB 277 43.83 -150.90 -46.24
CA GLU RB 277 42.94 -152.03 -45.95
C GLU RB 277 42.19 -152.55 -47.18
N SER RB 278 41.84 -151.65 -48.12
CA SER RB 278 41.25 -152.01 -49.42
C SER RB 278 42.25 -152.73 -50.33
N MET SB 1 1.31 -34.69 1.91
CA MET SB 1 1.37 -34.92 0.44
C MET SB 1 1.77 -36.36 0.20
N SER SB 2 1.25 -37.00 -0.85
CA SER SB 2 1.60 -38.37 -1.24
C SER SB 2 1.66 -38.49 -2.76
N THR SB 3 2.81 -38.91 -3.30
CA THR SB 3 3.04 -38.93 -4.76
C THR SB 3 2.18 -40.00 -5.44
N ARG SB 4 1.18 -39.57 -6.22
CA ARG SB 4 0.32 -40.42 -7.08
C ARG SB 4 1.11 -41.06 -8.23
N SER SB 5 1.96 -42.03 -7.92
CA SER SB 5 2.82 -42.71 -8.87
C SER SB 5 2.06 -43.81 -9.62
N VAL SB 6 1.56 -43.49 -10.82
CA VAL SB 6 1.05 -44.46 -11.81
C VAL SB 6 2.21 -45.22 -12.48
N SER SB 7 2.96 -45.93 -11.64
CA SER SB 7 4.30 -46.47 -11.94
C SER SB 7 4.29 -47.48 -13.09
N SER SB 8 5.45 -47.70 -13.69
CA SER SB 8 5.79 -49.05 -14.13
C SER SB 8 6.06 -49.94 -12.91
N SER SB 9 5.07 -50.79 -12.63
CA SER SB 9 4.93 -51.49 -11.37
C SER SB 9 6.10 -52.44 -11.14
N SER SB 10 6.52 -52.57 -9.88
CA SER SB 10 7.70 -53.33 -9.44
C SER SB 10 7.61 -54.84 -9.63
N TYR SB 11 6.65 -55.34 -10.41
CA TYR SB 11 6.56 -56.72 -10.89
C TYR SB 11 6.87 -56.88 -12.39
N ARG SB 12 6.98 -55.79 -13.17
CA ARG SB 12 7.40 -55.84 -14.58
C ARG SB 12 8.34 -54.73 -15.08
N ARG SB 13 8.59 -53.67 -14.30
CA ARG SB 13 9.57 -52.61 -14.66
C ARG SB 13 10.97 -53.17 -14.98
N MET SB 14 11.51 -53.99 -14.07
CA MET SB 14 12.82 -54.64 -14.25
C MET SB 14 12.72 -56.05 -14.86
N PHE SB 15 11.56 -56.42 -15.43
CA PHE SB 15 11.24 -57.82 -15.80
C PHE SB 15 10.57 -57.95 -17.19
N GLY SB 16 10.73 -56.97 -18.08
CA GLY SB 16 10.47 -57.06 -19.53
C GLY SB 16 9.17 -57.78 -19.97
N GLY SB 17 8.05 -57.50 -19.30
CA GLY SB 17 6.80 -58.27 -19.43
C GLY SB 17 6.00 -57.97 -20.70
N PRO SB 18 5.21 -58.97 -21.16
CA PRO SB 18 4.67 -59.13 -22.52
C PRO SB 18 5.17 -58.21 -23.65
N GLY SB 19 6.45 -58.23 -24.06
CA GLY SB 19 7.63 -58.76 -23.34
C GLY SB 19 8.42 -59.90 -23.97
N THR SB 20 9.75 -59.75 -23.89
CA THR SB 20 10.75 -60.80 -24.18
C THR SB 20 11.19 -61.60 -22.95
N ALA SB 21 10.85 -61.17 -21.73
CA ALA SB 21 11.02 -61.98 -20.51
C ALA SB 21 9.90 -63.02 -20.32
N SER SB 22 8.70 -62.74 -20.83
CA SER SB 22 7.68 -63.74 -21.19
C SER SB 22 8.03 -64.59 -22.43
N ARG SB 23 9.21 -64.36 -23.01
CA ARG SB 23 10.00 -65.28 -23.86
C ARG SB 23 9.16 -66.03 -24.92
N PRO SB 24 8.79 -65.34 -26.03
CA PRO SB 24 8.33 -65.98 -27.26
C PRO SB 24 9.46 -66.76 -27.96
N SER SB 25 9.86 -67.88 -27.36
CA SER SB 25 10.92 -68.83 -27.77
C SER SB 25 10.58 -69.64 -29.03
N SER SB 26 9.71 -69.11 -29.88
CA SER SB 26 9.12 -69.79 -31.04
C SER SB 26 10.07 -69.82 -32.25
N SER SB 27 11.19 -70.53 -32.13
CA SER SB 27 11.93 -71.02 -33.31
C SER SB 27 11.03 -71.96 -34.13
N ARG SB 28 10.68 -71.54 -35.36
CA ARG SB 28 9.57 -72.13 -36.13
C ARG SB 28 10.00 -73.33 -36.98
N SER SB 29 10.64 -74.32 -36.34
CA SER SB 29 10.91 -75.61 -36.99
C SER SB 29 9.61 -76.30 -37.43
N TYR SB 30 9.37 -76.40 -38.73
CA TYR SB 30 8.21 -77.11 -39.26
C TYR SB 30 8.37 -78.64 -39.10
N VAL SB 31 7.39 -79.28 -38.45
CA VAL SB 31 7.43 -80.71 -38.12
C VAL SB 31 7.12 -81.57 -39.35
N THR SB 32 8.13 -81.66 -40.24
CA THR SB 32 8.03 -82.29 -41.56
C THR SB 32 7.81 -83.80 -41.44
N THR SB 33 6.55 -84.22 -41.43
CA THR SB 33 6.17 -85.64 -41.33
C THR SB 33 6.39 -86.35 -42.67
N SER SB 34 7.65 -86.74 -42.92
CA SER SB 34 8.12 -87.22 -44.23
C SER SB 34 7.32 -88.44 -44.74
N THR SB 35 6.52 -88.21 -45.80
CA THR SB 35 5.67 -89.24 -46.41
C THR SB 35 6.47 -90.08 -47.40
N ARG SB 36 6.71 -91.36 -47.07
CA ARG SB 36 7.31 -92.33 -48.00
C ARG SB 36 6.25 -93.21 -48.68
N THR SB 37 6.48 -93.56 -49.93
CA THR SB 37 5.65 -94.49 -50.73
C THR SB 37 5.98 -95.97 -50.44
N TYR SB 38 5.96 -96.39 -49.16
CA TYR SB 38 6.36 -97.75 -48.78
C TYR SB 38 5.53 -98.40 -47.64
N SER SB 39 4.80 -99.46 -48.01
CA SER SB 39 4.28 -100.47 -47.08
C SER SB 39 5.38 -101.48 -46.73
N LEU SB 40 5.48 -101.89 -45.46
CA LEU SB 40 6.60 -102.67 -44.98
C LEU SB 40 6.62 -104.09 -45.59
N GLY SB 41 7.73 -104.47 -46.22
CA GLY SB 41 7.91 -105.75 -46.93
C GLY SB 41 7.44 -105.76 -48.39
N SER SB 42 6.86 -104.66 -48.91
CA SER SB 42 6.28 -104.64 -50.25
C SER SB 42 7.32 -104.72 -51.39
N ALA SB 43 8.60 -104.43 -51.11
CA ALA SB 43 9.69 -104.47 -52.09
C ALA SB 43 10.03 -105.87 -52.59
N LEU SB 44 9.84 -106.91 -51.77
CA LEU SB 44 10.13 -108.29 -52.14
C LEU SB 44 9.13 -109.26 -51.52
N ARG SB 45 8.37 -109.92 -52.40
CA ARG SB 45 7.64 -111.16 -52.13
C ARG SB 45 8.21 -112.25 -53.07
N PRO SB 46 9.13 -113.11 -52.62
CA PRO SB 46 9.81 -114.08 -53.48
C PRO SB 46 8.80 -115.11 -54.01
N SER SB 47 8.43 -114.96 -55.29
CA SER SB 47 7.28 -115.66 -55.87
C SER SB 47 7.66 -117.06 -56.35
N THR SB 48 7.53 -118.05 -55.47
CA THR SB 48 7.70 -119.49 -55.79
C THR SB 48 6.49 -120.07 -56.54
N SER SB 49 5.53 -119.23 -56.93
CA SER SB 49 4.50 -119.54 -57.92
C SER SB 49 5.13 -119.76 -59.30
N ARG SB 50 5.39 -121.03 -59.61
CA ARG SB 50 5.87 -121.57 -60.90
C ARG SB 50 5.12 -122.86 -61.19
N SER SB 51 3.79 -122.77 -61.19
CA SER SB 51 2.82 -123.89 -61.15
C SER SB 51 2.81 -124.74 -62.44
N LEU SB 52 3.93 -125.40 -62.73
CA LEU SB 52 4.13 -126.22 -63.92
C LEU SB 52 3.67 -127.67 -63.68
N TYR SB 53 2.94 -128.23 -64.65
CA TYR SB 53 2.61 -129.66 -64.68
C TYR SB 53 3.10 -130.31 -65.98
N ALA SB 54 4.12 -131.15 -65.88
CA ALA SB 54 4.63 -131.97 -66.98
C ALA SB 54 4.25 -133.44 -66.76
N SER SB 55 3.00 -133.80 -67.08
CA SER SB 55 2.49 -135.18 -67.08
C SER SB 55 3.02 -136.05 -68.23
N SER SB 56 3.92 -135.51 -69.07
CA SER SB 56 4.31 -136.10 -70.36
C SER SB 56 4.90 -137.52 -70.21
N PRO SB 57 4.41 -138.51 -70.97
CA PRO SB 57 4.93 -139.88 -70.95
C PRO SB 57 6.27 -139.98 -71.69
N ILE SB 92 30.68 -138.17 -76.74
CA ILE SB 92 30.10 -137.93 -75.40
C ILE SB 92 31.13 -138.10 -74.27
N ASN SB 93 32.06 -139.06 -74.37
CA ASN SB 93 33.20 -139.17 -73.45
C ASN SB 93 34.14 -137.95 -73.55
N THR SB 94 34.29 -137.39 -74.75
CA THR SB 94 35.03 -136.16 -74.98
C THR SB 94 34.26 -134.92 -74.50
N GLU SB 95 32.93 -134.90 -74.61
CA GLU SB 95 32.06 -133.89 -74.01
C GLU SB 95 32.01 -133.99 -72.48
N PHE SB 96 32.21 -135.16 -71.87
CA PHE SB 96 32.40 -135.29 -70.42
C PHE SB 96 33.77 -134.78 -69.96
N LYS SB 97 34.84 -135.01 -70.75
CA LYS SB 97 36.15 -134.35 -70.52
C LYS SB 97 36.06 -132.84 -70.69
N ASN SB 98 35.36 -132.35 -71.72
CA ASN SB 98 35.16 -130.92 -71.98
C ASN SB 98 34.29 -130.28 -70.89
N THR SB 99 33.22 -130.95 -70.45
CA THR SB 99 32.35 -130.43 -69.39
C THR SB 99 33.07 -130.40 -68.04
N ARG SB 100 33.92 -131.40 -67.74
CA ARG SB 100 34.84 -131.32 -66.59
C ARG SB 100 35.88 -130.21 -66.74
N THR SB 101 36.38 -130.00 -67.95
CA THR SB 101 37.40 -128.97 -68.23
C THR SB 101 36.78 -127.57 -68.18
N ASN SB 102 35.49 -127.42 -68.48
CA ASN SB 102 34.71 -126.22 -68.17
C ASN SB 102 34.47 -126.09 -66.67
N GLU SB 103 34.08 -127.17 -65.98
CA GLU SB 103 33.90 -127.18 -64.52
C GLU SB 103 35.23 -126.86 -63.76
N LYS SB 104 36.40 -127.19 -64.34
CA LYS SB 104 37.75 -126.74 -63.92
C LYS SB 104 38.12 -125.32 -64.36
N VAL SB 105 37.83 -124.91 -65.59
CA VAL SB 105 38.14 -123.55 -66.07
C VAL SB 105 37.25 -122.52 -65.41
N GLU SB 106 36.04 -122.89 -65.02
CA GLU SB 106 35.16 -122.10 -64.13
C GLU SB 106 35.74 -122.02 -62.71
N LEU SB 107 36.22 -123.11 -62.08
CA LEU SB 107 36.88 -122.98 -60.77
C LEU SB 107 38.19 -122.15 -60.84
N GLN SB 108 38.91 -122.19 -61.96
CA GLN SB 108 40.12 -121.37 -62.20
C GLN SB 108 39.81 -119.90 -62.49
N GLU SB 109 38.82 -119.60 -63.32
CA GLU SB 109 38.30 -118.23 -63.53
C GLU SB 109 37.74 -117.65 -62.23
N LEU SB 110 37.15 -118.46 -61.35
CA LEU SB 110 36.65 -118.00 -60.05
C LEU SB 110 37.74 -117.94 -58.96
N ASN SB 111 38.87 -118.63 -59.14
CA ASN SB 111 40.12 -118.42 -58.38
C ASN SB 111 40.79 -117.09 -58.77
N ASP SB 112 40.95 -116.86 -60.08
CA ASP SB 112 41.43 -115.59 -60.64
C ASP SB 112 40.46 -114.44 -60.40
N ARG SB 113 39.15 -114.70 -60.30
CA ARG SB 113 38.17 -113.69 -59.88
C ARG SB 113 38.26 -113.38 -58.40
N PHE SB 114 38.59 -114.35 -57.54
CA PHE SB 114 38.91 -114.04 -56.14
C PHE SB 114 40.27 -113.31 -56.02
N ALA SB 115 41.23 -113.56 -56.90
CA ALA SB 115 42.45 -112.74 -57.01
C ALA SB 115 42.16 -111.30 -57.50
N ASN SB 116 41.25 -111.12 -58.46
CA ASN SB 116 40.72 -109.80 -58.86
C ASN SB 116 40.03 -109.08 -57.69
N TYR SB 117 39.25 -109.77 -56.86
CA TYR SB 117 38.63 -109.16 -55.68
C TYR SB 117 39.57 -109.00 -54.47
N ILE SB 118 40.68 -109.74 -54.38
CA ILE SB 118 41.81 -109.43 -53.51
C ILE SB 118 42.55 -108.18 -53.99
N ASP SB 119 42.66 -107.97 -55.30
CA ASP SB 119 43.20 -106.73 -55.87
C ASP SB 119 42.20 -105.57 -55.85
N LYS SB 120 40.89 -105.82 -55.69
CA LYS SB 120 39.92 -104.79 -55.27
C LYS SB 120 39.95 -104.50 -53.76
N VAL SB 121 40.27 -105.49 -52.92
CA VAL SB 121 40.57 -105.30 -51.49
C VAL SB 121 41.80 -104.39 -51.34
N ARG SB 122 42.89 -104.71 -52.06
CA ARG SB 122 44.07 -103.85 -52.16
C ARG SB 122 43.78 -102.51 -52.83
N PHE SB 123 42.85 -102.42 -53.77
CA PHE SB 123 42.47 -101.15 -54.39
C PHE SB 123 41.70 -100.24 -53.43
N LEU SB 124 40.73 -100.73 -52.67
CA LEU SB 124 40.01 -99.91 -51.67
C LEU SB 124 40.88 -99.60 -50.43
N GLU SB 125 41.80 -100.49 -50.07
CA GLU SB 125 42.92 -100.22 -49.16
C GLU SB 125 43.86 -99.13 -49.71
N GLN SB 126 44.20 -99.16 -51.00
CA GLN SB 126 45.06 -98.15 -51.61
C GLN SB 126 44.33 -96.81 -51.81
N GLN SB 127 43.03 -96.83 -52.11
CA GLN SB 127 42.21 -95.62 -52.20
C GLN SB 127 42.05 -94.97 -50.81
N ASN SB 128 41.80 -95.75 -49.75
CA ASN SB 128 41.71 -95.20 -48.39
C ASN SB 128 43.06 -94.68 -47.87
N LYS SB 129 44.18 -95.28 -48.28
CA LYS SB 129 45.54 -94.76 -48.05
C LYS SB 129 45.91 -93.52 -48.88
N ILE SB 130 45.34 -93.33 -50.07
CA ILE SB 130 45.48 -92.08 -50.83
C ILE SB 130 44.68 -90.96 -50.15
N LEU SB 131 43.45 -91.26 -49.73
CA LEU SB 131 42.61 -90.30 -49.00
C LEU SB 131 43.21 -89.93 -47.64
N LEU SB 132 43.93 -90.87 -46.98
CA LEU SB 132 44.77 -90.59 -45.81
C LEU SB 132 45.94 -89.64 -46.10
N ALA SB 133 46.70 -89.89 -47.17
CA ALA SB 133 47.80 -89.01 -47.57
C ALA SB 133 47.35 -87.62 -48.04
N GLU SB 134 46.11 -87.51 -48.54
CA GLU SB 134 45.48 -86.25 -48.93
C GLU SB 134 44.84 -85.51 -47.74
N LEU SB 135 44.17 -86.21 -46.81
CA LEU SB 135 43.56 -85.60 -45.62
C LEU SB 135 44.61 -85.09 -44.61
N GLU SB 136 45.77 -85.74 -44.45
CA GLU SB 136 46.84 -85.19 -43.59
C GLU SB 136 47.40 -83.87 -44.15
N GLN SB 137 47.54 -83.76 -45.47
CA GLN SB 137 47.91 -82.51 -46.16
C GLN SB 137 46.80 -81.45 -46.06
N LEU SB 138 45.53 -81.87 -46.16
CA LEU SB 138 44.37 -80.99 -46.13
C LEU SB 138 43.91 -80.58 -44.72
N LYS SB 139 44.31 -81.29 -43.68
CA LYS SB 139 44.22 -80.84 -42.27
C LYS SB 139 45.35 -79.86 -41.95
N GLY SB 140 46.60 -80.23 -42.29
CA GLY SB 140 47.78 -79.42 -42.01
C GLY SB 140 47.83 -78.09 -42.78
N GLN SB 141 47.44 -78.09 -44.06
CA GLN SB 141 47.48 -76.90 -44.92
C GLN SB 141 46.10 -76.37 -45.33
N GLY SB 142 45.00 -77.11 -45.21
CA GLY SB 142 43.70 -76.69 -45.76
C GLY SB 142 43.01 -75.57 -44.97
N LYS SB 143 43.25 -75.48 -43.65
CA LYS SB 143 43.00 -74.25 -42.89
C LYS SB 143 43.86 -73.08 -43.39
N SER SB 144 45.18 -73.26 -43.44
CA SER SB 144 46.09 -72.14 -43.68
C SER SB 144 46.01 -71.58 -45.10
N ARG SB 145 45.88 -72.44 -46.12
CA ARG SB 145 45.71 -72.03 -47.53
C ARG SB 145 44.41 -71.27 -47.84
N LEU SB 146 43.38 -71.47 -47.03
CA LEU SB 146 42.15 -70.68 -47.11
C LEU SB 146 42.14 -69.49 -46.14
N GLY SB 147 42.98 -69.51 -45.11
CA GLY SB 147 43.18 -68.39 -44.21
C GLY SB 147 44.04 -67.33 -44.84
N ASP SB 148 45.20 -67.71 -45.38
CA ASP SB 148 46.25 -66.81 -45.86
C ASP SB 148 45.79 -65.75 -46.88
N LEU SB 149 44.75 -66.04 -47.69
CA LEU SB 149 44.10 -65.04 -48.54
C LEU SB 149 43.40 -63.93 -47.72
N TYR SB 150 42.57 -64.31 -46.76
CA TYR SB 150 41.80 -63.42 -45.91
C TYR SB 150 42.70 -62.80 -44.82
N GLU SB 151 43.48 -63.63 -44.14
CA GLU SB 151 44.36 -63.22 -43.05
C GLU SB 151 45.54 -62.36 -43.54
N GLU SB 152 45.96 -62.43 -44.82
CA GLU SB 152 46.91 -61.46 -45.39
C GLU SB 152 46.26 -60.14 -45.83
N GLU SB 153 44.94 -60.10 -46.11
CA GLU SB 153 44.23 -58.80 -46.08
C GLU SB 153 44.35 -58.23 -44.67
N MET SB 154 43.92 -58.97 -43.65
CA MET SB 154 43.89 -58.53 -42.24
C MET SB 154 45.26 -58.14 -41.67
N ARG SB 155 46.33 -58.84 -42.08
CA ARG SB 155 47.72 -58.47 -41.71
C ARG SB 155 48.20 -57.19 -42.38
N GLU SB 156 47.80 -56.92 -43.62
CA GLU SB 156 48.02 -55.61 -44.27
C GLU SB 156 47.14 -54.52 -43.66
N LEU SB 157 45.89 -54.82 -43.28
CA LEU SB 157 44.99 -53.88 -42.58
C LEU SB 157 45.65 -53.41 -41.27
N ARG SB 158 46.07 -54.34 -40.41
CA ARG SB 158 46.66 -54.01 -39.11
C ARG SB 158 48.07 -53.41 -39.22
N ARG SB 159 48.80 -53.66 -40.31
CA ARG SB 159 50.03 -52.93 -40.63
C ARG SB 159 49.76 -51.49 -41.09
N GLN SB 160 48.65 -51.26 -41.81
CA GLN SB 160 48.18 -49.89 -42.06
C GLN SB 160 47.77 -49.21 -40.75
N VAL SB 161 47.16 -49.92 -39.80
CA VAL SB 161 46.88 -49.38 -38.45
C VAL SB 161 48.16 -48.90 -37.77
N ASP SB 162 49.21 -49.73 -37.67
CA ASP SB 162 50.39 -49.41 -36.84
C ASP SB 162 51.16 -48.19 -37.37
N GLN SB 163 51.22 -48.05 -38.69
CA GLN SB 163 51.92 -46.97 -39.36
C GLN SB 163 51.08 -45.69 -39.47
N LEU SB 164 49.74 -45.81 -39.51
CA LEU SB 164 48.83 -44.67 -39.52
C LEU SB 164 48.63 -44.07 -38.13
N THR SB 165 48.32 -44.87 -37.11
CA THR SB 165 48.01 -44.33 -35.78
C THR SB 165 49.22 -43.69 -35.12
N ASN SB 166 50.45 -44.15 -35.44
CA ASN SB 166 51.66 -43.66 -34.79
C ASN SB 166 52.24 -42.37 -35.41
N ASP SB 167 52.17 -42.16 -36.72
CA ASP SB 167 52.47 -40.83 -37.30
C ASP SB 167 51.43 -39.78 -36.91
N LYS SB 168 50.16 -40.19 -36.73
CA LYS SB 168 49.17 -39.31 -36.10
C LYS SB 168 49.49 -39.02 -34.64
N ALA SB 169 49.87 -40.00 -33.84
CA ALA SB 169 50.28 -39.77 -32.45
C ALA SB 169 51.51 -38.88 -32.28
N ARG SB 170 52.43 -38.89 -33.27
CA ARG SB 170 53.53 -37.92 -33.37
C ARG SB 170 53.03 -36.50 -33.61
N VAL SB 171 52.11 -36.29 -34.56
CA VAL SB 171 51.48 -34.97 -34.80
C VAL SB 171 50.59 -34.53 -33.63
N GLU SB 172 49.92 -35.46 -32.95
CA GLU SB 172 49.09 -35.17 -31.79
C GLU SB 172 49.92 -34.76 -30.57
N VAL SB 173 51.06 -35.41 -30.29
CA VAL SB 173 51.93 -34.97 -29.19
C VAL SB 173 52.66 -33.65 -29.52
N GLU SB 174 52.88 -33.35 -30.79
CA GLU SB 174 53.27 -32.01 -31.27
C GLU SB 174 52.19 -30.91 -31.03
N ARG SB 175 50.98 -31.29 -30.56
CA ARG SB 175 49.91 -30.38 -30.09
C ARG SB 175 49.54 -30.53 -28.61
N ASP SB 176 49.64 -31.75 -28.04
CA ASP SB 176 49.41 -32.06 -26.62
C ASP SB 176 50.36 -31.27 -25.69
N ASN SB 177 51.60 -31.04 -26.12
CA ASN SB 177 52.53 -30.13 -25.44
C ASN SB 177 51.99 -28.68 -25.34
N LEU SB 178 51.35 -28.16 -26.40
CA LEU SB 178 50.77 -26.82 -26.40
C LEU SB 178 49.56 -26.74 -25.46
N ALA SB 179 48.73 -27.78 -25.44
CA ALA SB 179 47.55 -27.88 -24.60
C ALA SB 179 47.84 -28.19 -23.12
N GLU SB 180 48.96 -28.84 -22.82
CA GLU SB 180 49.44 -28.94 -21.44
C GLU SB 180 50.03 -27.60 -20.98
N ASP SB 181 50.83 -26.91 -21.80
CA ASP SB 181 51.36 -25.58 -21.46
C ASP SB 181 50.27 -24.52 -21.29
N ILE SB 182 49.23 -24.48 -22.12
CA ILE SB 182 48.08 -23.58 -21.90
C ILE SB 182 47.28 -23.94 -20.64
N MET SB 183 47.08 -25.22 -20.32
CA MET SB 183 46.34 -25.63 -19.12
C MET SB 183 47.14 -25.36 -17.82
N ARG SB 184 48.46 -25.55 -17.86
CA ARG SB 184 49.40 -25.13 -16.81
C ARG SB 184 49.40 -23.61 -16.64
N LEU SB 185 49.45 -22.88 -17.75
CA LEU SB 185 49.40 -21.42 -17.74
C LEU SB 185 48.02 -20.89 -17.33
N ARG SB 186 46.90 -21.60 -17.55
CA ARG SB 186 45.60 -21.21 -16.98
C ARG SB 186 45.65 -21.19 -15.46
N GLU SB 187 46.11 -22.27 -14.84
CA GLU SB 187 46.14 -22.40 -13.38
C GLU SB 187 46.96 -21.28 -12.73
N LYS SB 188 48.15 -21.02 -13.27
CA LYS SB 188 49.03 -19.92 -12.86
C LYS SB 188 48.43 -18.54 -13.15
N LEU SB 189 48.01 -18.27 -14.37
CA LEU SB 189 47.48 -16.96 -14.78
C LEU SB 189 46.17 -16.65 -14.05
N GLN SB 190 45.37 -17.65 -13.70
CA GLN SB 190 44.25 -17.45 -12.78
C GLN SB 190 44.69 -17.16 -11.35
N GLU SB 191 45.73 -17.80 -10.80
CA GLU SB 191 46.31 -17.39 -9.50
C GLU SB 191 46.84 -15.94 -9.53
N GLU SB 192 47.38 -15.50 -10.67
CA GLU SB 192 47.72 -14.09 -10.90
C GLU SB 192 46.46 -13.19 -10.89
N MET SB 193 45.37 -13.57 -11.59
CA MET SB 193 44.07 -12.85 -11.51
C MET SB 193 43.52 -12.77 -10.09
N LEU SB 194 43.61 -13.86 -9.31
CA LEU SB 194 43.06 -13.97 -7.95
C LEU SB 194 43.60 -12.86 -7.02
N GLN SB 195 44.84 -12.41 -7.22
CA GLN SB 195 45.41 -11.23 -6.55
C GLN SB 195 45.21 -9.92 -7.37
N ARG SB 196 45.49 -9.94 -8.68
CA ARG SB 196 45.61 -8.68 -9.44
C ARG SB 196 44.26 -8.04 -9.76
N GLU SB 197 43.26 -8.84 -10.14
CA GLU SB 197 41.91 -8.35 -10.41
C GLU SB 197 41.05 -8.11 -9.15
N GLU SB 198 41.44 -8.64 -7.97
CA GLU SB 198 40.87 -8.12 -6.71
C GLU SB 198 41.43 -6.74 -6.42
N ALA SB 199 42.75 -6.56 -6.56
CA ALA SB 199 43.42 -5.35 -6.16
C ALA SB 199 42.99 -4.18 -7.05
N GLU SB 200 43.05 -4.37 -8.37
CA GLU SB 200 42.61 -3.48 -9.44
C GLU SB 200 41.37 -2.65 -9.10
N ASN SB 201 40.18 -3.26 -9.11
CA ASN SB 201 38.93 -2.53 -8.85
C ASN SB 201 38.73 -2.14 -7.38
N THR SB 202 39.31 -2.88 -6.43
CA THR SB 202 39.28 -2.50 -5.01
C THR SB 202 39.97 -1.15 -4.78
N LEU SB 203 41.13 -0.99 -5.41
CA LEU SB 203 41.94 0.21 -5.38
C LEU SB 203 41.34 1.36 -6.24
N GLN SB 204 40.33 1.11 -7.08
CA GLN SB 204 39.51 2.16 -7.73
C GLN SB 204 38.44 2.78 -6.84
N SER SB 205 38.00 2.09 -5.78
CA SER SB 205 37.26 2.76 -4.70
C SER SB 205 38.14 3.82 -4.02
N PHE SB 206 39.45 3.57 -3.99
CA PHE SB 206 40.44 4.43 -3.34
C PHE SB 206 41.02 5.47 -4.29
N ARG SB 207 40.99 5.22 -5.61
CA ARG SB 207 41.32 6.19 -6.66
C ARG SB 207 40.50 7.46 -6.54
N GLN SB 208 39.20 7.29 -6.24
CA GLN SB 208 38.30 8.38 -5.87
C GLN SB 208 38.79 9.19 -4.67
N ASP SB 209 39.19 8.51 -3.60
CA ASP SB 209 39.59 9.13 -2.34
C ASP SB 209 41.01 9.75 -2.40
N VAL SB 210 41.91 9.34 -3.31
CA VAL SB 210 43.20 10.04 -3.58
C VAL SB 210 43.04 11.20 -4.55
N ASP SB 211 42.15 11.09 -5.53
CA ASP SB 211 41.87 12.19 -6.45
C ASP SB 211 41.18 13.34 -5.70
N ASN SB 212 40.24 12.99 -4.82
CA ASN SB 212 39.70 13.84 -3.76
C ASN SB 212 40.81 14.41 -2.85
N ALA SB 213 41.71 13.59 -2.32
CA ALA SB 213 42.77 14.03 -1.40
C ALA SB 213 43.89 14.88 -2.05
N SER SB 214 44.15 14.69 -3.35
CA SER SB 214 45.20 15.40 -4.10
C SER SB 214 44.70 16.76 -4.61
N LEU SB 215 43.41 16.83 -4.96
CA LEU SB 215 42.68 18.09 -5.06
C LEU SB 215 42.58 18.76 -3.67
N ALA SB 216 42.43 17.96 -2.61
CA ALA SB 216 42.48 18.46 -1.24
C ALA SB 216 43.86 19.01 -0.83
N ARG SB 217 44.98 18.51 -1.37
CA ARG SB 217 46.31 19.13 -1.21
C ARG SB 217 46.39 20.53 -1.81
N LEU SB 218 45.80 20.73 -2.99
CA LEU SB 218 45.66 22.06 -3.60
C LEU SB 218 44.68 22.95 -2.81
N ASP SB 219 43.72 22.37 -2.06
CA ASP SB 219 42.90 23.13 -1.13
C ASP SB 219 43.71 23.75 0.01
N LEU SB 220 44.74 23.07 0.53
CA LEU SB 220 45.57 23.65 1.59
C LEU SB 220 46.47 24.76 1.07
N GLU SB 221 46.90 24.72 -0.18
CA GLU SB 221 47.64 25.85 -0.77
C GLU SB 221 46.75 27.12 -0.79
N ARG SB 222 45.46 26.97 -1.09
CA ARG SB 222 44.43 28.03 -0.97
C ARG SB 222 44.05 28.38 0.48
N LYS SB 223 43.92 27.40 1.37
CA LYS SB 223 43.53 27.63 2.78
C LYS SB 223 44.69 28.23 3.59
N VAL SB 224 45.93 27.84 3.34
CA VAL SB 224 47.15 28.44 3.92
C VAL SB 224 47.35 29.86 3.42
N GLU SB 225 47.07 30.15 2.15
CA GLU SB 225 46.98 31.51 1.62
C GLU SB 225 45.91 32.35 2.33
N SER SB 226 44.69 31.81 2.49
CA SER SB 226 43.57 32.49 3.17
C SER SB 226 43.87 32.74 4.67
N LEU SB 227 44.37 31.73 5.38
CA LEU SB 227 44.75 31.79 6.79
C LEU SB 227 46.00 32.67 7.04
N GLN SB 228 46.88 32.87 6.07
CA GLN SB 228 47.99 33.81 6.21
C GLN SB 228 47.55 35.28 6.16
N GLU SB 229 46.50 35.61 5.40
CA GLU SB 229 45.84 36.92 5.50
C GLU SB 229 44.85 37.04 6.68
N GLU SB 230 44.23 35.96 7.15
CA GLU SB 230 43.51 35.95 8.45
C GLU SB 230 44.47 36.25 9.60
N ILE SB 231 45.64 35.59 9.64
CA ILE SB 231 46.70 35.87 10.60
C ILE SB 231 47.33 37.27 10.38
N ALA SB 232 47.21 37.87 9.20
CA ALA SB 232 47.56 39.28 8.98
C ALA SB 232 46.49 40.25 9.51
N PHE SB 233 45.19 39.96 9.38
CA PHE SB 233 44.10 40.68 10.06
C PHE SB 233 44.16 40.54 11.58
N LEU SB 234 44.58 39.37 12.09
CA LEU SB 234 44.79 39.13 13.50
C LEU SB 234 46.06 39.84 14.04
N LYS SB 235 47.11 40.02 13.23
CA LYS SB 235 48.28 40.86 13.59
C LYS SB 235 47.94 42.35 13.61
N LYS SB 236 47.22 42.84 12.59
CA LYS SB 236 46.65 44.20 12.58
C LYS SB 236 45.70 44.41 13.76
N LEU SB 237 44.92 43.40 14.13
CA LEU SB 237 44.08 43.42 15.33
C LEU SB 237 44.90 43.55 16.62
N HIS SB 238 46.07 42.90 16.73
CA HIS SB 238 46.96 43.09 17.89
C HIS SB 238 47.58 44.50 17.94
N GLU SB 239 47.87 45.10 16.79
CA GLU SB 239 48.42 46.46 16.70
C GLU SB 239 47.36 47.53 17.04
N GLU SB 240 46.10 47.31 16.64
CA GLU SB 240 44.94 48.10 17.07
C GLU SB 240 44.57 47.87 18.56
N GLU SB 241 44.69 46.64 19.05
CA GLU SB 241 44.50 46.23 20.45
C GLU SB 241 45.56 46.82 21.39
N ILE SB 242 46.80 47.00 20.92
CA ILE SB 242 47.86 47.72 21.66
C ILE SB 242 47.62 49.24 21.67
N GLN SB 243 47.16 49.83 20.55
CA GLN SB 243 46.76 51.24 20.52
C GLN SB 243 45.56 51.51 21.43
N GLU SB 244 44.58 50.59 21.46
CA GLU SB 244 43.42 50.66 22.35
C GLU SB 244 43.78 50.50 23.83
N LEU SB 245 44.75 49.64 24.18
CA LEU SB 245 45.29 49.58 25.55
C LEU SB 245 45.95 50.90 25.98
N GLN SB 246 46.71 51.55 25.09
CA GLN SB 246 47.30 52.87 25.38
C GLN SB 246 46.26 54.00 25.44
N ALA SB 247 45.17 53.90 24.68
CA ALA SB 247 44.03 54.80 24.77
C ALA SB 247 43.27 54.61 26.11
N GLN SB 248 42.98 53.36 26.49
CA GLN SB 248 42.34 52.98 27.75
C GLN SB 248 43.14 53.41 28.99
N ILE SB 249 44.47 53.29 28.96
CA ILE SB 249 45.37 53.79 30.03
C ILE SB 249 45.30 55.32 30.19
N GLN SB 250 45.22 56.08 29.09
CA GLN SB 250 45.05 57.54 29.13
C GLN SB 250 43.61 57.94 29.48
N GLU SB 251 42.62 57.15 29.06
CA GLU SB 251 41.19 57.39 29.23
C GLU SB 251 40.72 57.16 30.66
N GLN SB 252 41.21 56.11 31.33
CA GLN SB 252 40.93 55.86 32.74
C GLN SB 252 41.60 56.86 33.69
N HIS SB 253 42.67 57.55 33.28
CA HIS SB 253 43.45 58.44 34.17
C HIS SB 253 43.88 59.76 33.50
N VAL SB 254 42.98 60.75 33.64
CA VAL SB 254 43.30 62.20 33.62
C VAL SB 254 42.39 63.03 34.53
N GLN SB 255 41.31 62.43 35.04
CA GLN SB 255 40.37 62.97 36.03
C GLN SB 255 40.96 63.30 37.42
N ILE SB 256 42.20 62.91 37.70
CA ILE SB 256 42.87 63.10 38.99
C ILE SB 256 42.23 62.29 40.14
N ASP SB 257 42.19 60.97 39.96
CA ASP SB 257 42.22 59.97 41.04
C ASP SB 257 41.04 60.04 42.05
N VAL SB 258 41.22 59.56 43.30
CA VAL SB 258 40.35 59.94 44.43
C VAL SB 258 40.85 61.26 45.01
N ASP SB 259 39.92 62.07 45.53
CA ASP SB 259 40.29 63.39 46.05
C ASP SB 259 39.60 63.70 47.42
N VAL SB 260 39.85 62.81 48.42
CA VAL SB 260 39.13 62.78 49.73
C VAL SB 260 39.57 63.80 50.80
N SER SB 261 40.43 64.76 50.48
CA SER SB 261 41.05 65.65 51.49
C SER SB 261 40.40 67.04 51.53
N LYS SB 262 40.33 67.78 51.89
CA LYS SB 262 39.47 67.36 53.03
C LYS SB 262 38.03 67.78 52.71
N PRO SB 263 37.05 67.50 53.58
CA PRO SB 263 35.95 68.42 53.88
C PRO SB 263 36.34 69.51 54.89
N ASP SB 264 34.16 69.30 55.33
CA ASP SB 264 33.69 70.67 55.30
C ASP SB 264 34.22 71.49 56.50
N LEU SB 265 35.25 72.30 56.20
CA LEU SB 265 35.72 73.60 56.78
C LEU SB 265 37.25 73.60 56.84
N THR SB 266 37.84 74.63 56.24
CA THR SB 266 39.17 75.14 56.64
C THR SB 266 39.21 76.67 56.67
N ALA SB 267 38.30 77.32 55.93
CA ALA SB 267 38.18 78.77 55.75
C ALA SB 267 38.22 79.55 57.06
N ALA SB 268 37.18 79.49 57.89
CA ALA SB 268 37.06 80.41 59.04
C ALA SB 268 38.25 80.39 60.02
N LEU SB 269 38.99 79.28 60.17
CA LEU SB 269 40.23 79.24 60.96
C LEU SB 269 41.44 79.88 60.24
N ARG SB 270 41.55 79.73 58.92
CA ARG SB 270 42.52 80.39 58.05
C ARG SB 270 42.20 81.88 57.86
N ASP SB 271 40.93 82.21 57.65
CA ASP SB 271 40.44 83.56 57.42
C ASP SB 271 40.54 84.44 58.65
N VAL SB 272 40.05 83.99 59.81
CA VAL SB 272 40.17 84.76 61.05
C VAL SB 272 41.63 85.02 61.44
N ARG SB 273 42.57 84.12 61.08
CA ARG SB 273 44.02 84.37 61.24
C ARG SB 273 44.56 85.39 60.24
N GLN SB 274 44.37 85.21 58.93
CA GLN SB 274 44.89 86.13 57.91
C GLN SB 274 44.23 87.52 57.96
N GLN SB 275 42.97 87.57 58.39
CA GLN SB 275 42.28 88.77 58.82
C GLN SB 275 42.99 89.39 60.04
N TYR SB 276 43.28 88.66 61.12
CA TYR SB 276 44.02 89.21 62.27
C TYR SB 276 45.45 89.69 61.93
N GLU SB 277 46.17 89.05 61.00
CA GLU SB 277 47.44 89.57 60.46
C GLU SB 277 47.24 90.90 59.71
N SER SB 278 46.32 90.92 58.74
CA SER SB 278 45.95 92.13 57.98
C SER SB 278 45.40 93.25 58.88
N VAL SB 279 44.74 92.89 59.98
CA VAL SB 279 44.16 93.77 61.00
C VAL SB 279 45.21 94.29 61.98
N ALA SB 280 46.36 93.63 62.17
CA ALA SB 280 47.47 94.20 62.92
C ALA SB 280 48.07 95.42 62.20
N ALA SB 281 48.18 95.38 60.87
CA ALA SB 281 48.55 96.54 60.06
C ALA SB 281 47.42 97.58 59.97
N LYS SB 282 46.15 97.15 59.86
CA LYS SB 282 44.98 98.04 59.85
C LYS SB 282 44.85 98.85 61.14
N ASN SB 283 44.99 98.20 62.30
CA ASN SB 283 44.89 98.82 63.62
C ASN SB 283 46.06 99.80 63.91
N LEU SB 284 47.20 99.63 63.25
CA LEU SB 284 48.30 100.60 63.25
C LEU SB 284 48.01 101.81 62.34
N GLN SB 285 47.27 101.63 61.25
CA GLN SB 285 46.69 102.74 60.47
C GLN SB 285 45.50 103.43 61.19
N GLU SB 286 44.67 102.71 61.95
CA GLU SB 286 43.72 103.35 62.88
C GLU SB 286 44.44 104.14 63.98
N ALA SB 287 45.59 103.67 64.47
CA ALA SB 287 46.43 104.46 65.36
C ALA SB 287 46.97 105.74 64.69
N GLU SB 288 47.40 105.68 63.42
CA GLU SB 288 47.77 106.86 62.62
C GLU SB 288 46.60 107.87 62.45
N GLU SB 289 45.36 107.40 62.25
CA GLU SB 289 44.16 108.26 62.24
C GLU SB 289 43.83 108.85 63.63
N TRP SB 290 43.93 108.04 64.70
CA TRP SB 290 43.72 108.47 66.09
C TRP SB 290 44.77 109.50 66.53
N TYR SB 291 46.02 109.33 66.10
CA TYR SB 291 47.10 110.27 66.32
C TYR SB 291 46.85 111.56 65.54
N LYS SB 292 46.48 111.52 64.26
CA LYS SB 292 46.09 112.72 63.49
C LYS SB 292 44.95 113.50 64.13
N SER SB 293 43.93 112.84 64.68
CA SER SB 293 42.84 113.52 65.40
C SER SB 293 43.30 114.18 66.71
N LYS SB 294 44.01 113.44 67.57
CA LYS SB 294 44.56 113.98 68.84
C LYS SB 294 45.60 115.09 68.60
N PHE SB 295 46.34 114.99 67.51
CA PHE SB 295 47.33 115.98 67.10
C PHE SB 295 46.69 117.21 66.44
N ALA SB 296 45.50 117.08 65.83
CA ALA SB 296 44.66 118.22 65.47
C ALA SB 296 44.07 118.92 66.72
N ASP SB 297 43.71 118.17 67.77
CA ASP SB 297 43.29 118.75 69.06
C ASP SB 297 44.41 119.54 69.77
N LEU SB 298 45.64 119.01 69.77
CA LEU SB 298 46.83 119.74 70.23
C LEU SB 298 47.18 120.93 69.31
N SER SB 299 47.01 120.76 67.99
CA SER SB 299 47.20 121.84 67.02
C SER SB 299 46.14 122.94 67.14
N GLU SB 300 44.96 122.66 67.71
CA GLU SB 300 43.95 123.67 68.04
C GLU SB 300 44.23 124.39 69.37
N ALA SB 301 44.80 123.69 70.35
CA ALA SB 301 45.40 124.35 71.52
C ALA SB 301 46.57 125.29 71.13
N ALA SB 302 47.30 124.94 70.07
CA ALA SB 302 48.28 125.79 69.40
C ALA SB 302 47.67 126.89 68.50
N ASN SB 303 46.54 126.65 67.81
CA ASN SB 303 45.85 127.69 67.02
C ASN SB 303 45.33 128.82 67.89
N ARG SB 304 44.90 128.54 69.13
CA ARG SB 304 44.56 129.57 70.12
C ARG SB 304 45.73 130.51 70.47
N ASN SB 305 46.96 130.05 70.29
CA ASN SB 305 48.18 130.86 70.43
C ASN SB 305 48.55 131.61 69.14
N ASN SB 306 48.34 131.00 67.98
CA ASN SB 306 48.49 131.68 66.68
C ASN SB 306 47.45 132.81 66.51
N ASP SB 307 46.21 132.59 66.95
CA ASP SB 307 45.18 133.62 67.03
C ASP SB 307 45.53 134.74 68.01
N ALA SB 308 46.08 134.43 69.18
CA ALA SB 308 46.59 135.46 70.08
C ALA SB 308 47.71 136.30 69.43
N LEU SB 309 48.66 135.68 68.72
CA LEU SB 309 49.72 136.35 67.95
C LEU SB 309 49.20 137.14 66.73
N ARG SB 310 48.08 136.73 66.13
CA ARG SB 310 47.45 137.46 65.00
C ARG SB 310 46.59 138.63 65.50
N GLN SB 311 45.88 138.45 66.61
CA GLN SB 311 45.06 139.46 67.26
C GLN SB 311 45.92 140.54 67.96
N MET TB 1 5.77 -29.45 -11.35
CA MET TB 1 6.33 -30.73 -10.85
C MET TB 1 6.37 -31.76 -11.97
N SER TB 2 7.18 -32.81 -11.83
CA SER TB 2 6.99 -34.08 -12.55
C SER TB 2 5.63 -34.70 -12.22
N THR TB 3 5.09 -35.52 -13.11
CA THR TB 3 4.00 -36.47 -12.80
C THR TB 3 4.33 -37.84 -13.37
N ARG TB 4 4.41 -38.86 -12.50
CA ARG TB 4 4.57 -40.27 -12.88
C ARG TB 4 3.21 -40.85 -13.32
N SER TB 5 2.69 -40.33 -14.44
CA SER TB 5 1.49 -40.85 -15.12
C SER TB 5 1.83 -42.10 -15.94
N VAL TB 6 0.84 -42.70 -16.63
CA VAL TB 6 1.09 -43.74 -17.64
C VAL TB 6 2.00 -43.19 -18.73
N SER TB 7 3.23 -43.68 -18.71
CA SER TB 7 4.35 -43.25 -19.55
C SER TB 7 5.32 -44.43 -19.61
N SER TB 8 5.85 -44.77 -18.43
CA SER TB 8 6.16 -46.14 -18.04
C SER TB 8 4.85 -46.86 -17.60
N SER TB 9 4.38 -47.87 -18.36
CA SER TB 9 3.08 -48.53 -18.11
C SER TB 9 3.05 -49.40 -16.84
N SER TB 10 1.92 -49.39 -16.11
CA SER TB 10 1.67 -50.28 -14.97
C SER TB 10 1.13 -51.65 -15.41
N TYR TB 11 1.79 -52.72 -14.96
CA TYR TB 11 1.19 -54.05 -14.91
C TYR TB 11 0.26 -54.15 -13.69
N ARG TB 12 -0.99 -53.70 -13.88
CA ARG TB 12 -2.17 -53.98 -13.02
C ARG TB 12 -2.76 -55.37 -13.29
N ARG TB 13 -2.63 -55.83 -14.54
CA ARG TB 13 -3.06 -57.14 -15.07
C ARG TB 13 -2.22 -57.43 -16.32
N MET TB 14 -2.76 -58.11 -17.34
CA MET TB 14 -2.09 -58.52 -18.60
C MET TB 14 -1.02 -59.61 -18.44
N PHE TB 15 -0.42 -59.71 -17.25
CA PHE TB 15 0.16 -60.94 -16.72
C PHE TB 15 -0.42 -61.17 -15.31
N GLY TB 16 -1.19 -62.23 -15.05
CA GLY TB 16 -1.59 -63.32 -15.95
C GLY TB 16 -0.54 -64.41 -16.09
N GLY TB 17 -0.21 -64.80 -17.32
CA GLY TB 17 0.62 -65.97 -17.63
C GLY TB 17 -0.15 -67.29 -17.81
N PRO TB 18 -1.25 -67.33 -18.59
CA PRO TB 18 -2.09 -68.52 -18.73
C PRO TB 18 -1.37 -69.74 -19.35
N GLY TB 19 -0.26 -69.52 -20.06
CA GLY TB 19 0.61 -70.58 -20.59
C GLY TB 19 1.32 -71.41 -19.52
N THR TB 20 1.27 -71.04 -18.24
CA THR TB 20 1.87 -71.78 -17.12
C THR TB 20 1.34 -73.23 -17.01
N ALA TB 21 0.08 -73.47 -17.43
CA ALA TB 21 -0.54 -74.79 -17.40
C ALA TB 21 -1.57 -74.98 -18.53
N SER TB 22 -1.20 -74.67 -19.78
CA SER TB 22 -2.09 -74.81 -20.95
C SER TB 22 -1.36 -75.31 -22.18
N ARG TB 23 -0.91 -76.58 -22.12
CA ARG TB 23 -0.26 -77.34 -23.20
C ARG TB 23 -0.38 -78.84 -22.92
N PRO TB 24 -1.54 -79.49 -23.24
CA PRO TB 24 -1.86 -80.82 -22.71
C PRO TB 24 -0.85 -81.91 -23.10
N SER TB 25 -0.45 -82.75 -22.15
CA SER TB 25 0.23 -84.03 -22.40
C SER TB 25 -0.70 -85.10 -22.99
N SER TB 26 -2.02 -84.94 -22.82
CA SER TB 26 -3.06 -85.69 -23.54
C SER TB 26 -3.24 -85.27 -25.01
N SER TB 27 -2.35 -84.44 -25.57
CA SER TB 27 -2.24 -84.24 -27.01
C SER TB 27 -1.88 -85.56 -27.70
N ARG TB 28 -2.82 -86.15 -28.43
CA ARG TB 28 -2.71 -87.53 -28.95
C ARG TB 28 -1.46 -87.71 -29.81
N SER TB 29 -0.61 -88.67 -29.42
CA SER TB 29 0.32 -89.32 -30.34
C SER TB 29 -0.45 -90.17 -31.36
N TYR TB 30 -0.53 -89.68 -32.60
CA TYR TB 30 -1.16 -90.40 -33.70
C TYR TB 30 -0.17 -91.40 -34.32
N VAL TB 31 -0.05 -92.57 -33.68
CA VAL TB 31 0.96 -93.59 -34.01
C VAL TB 31 0.86 -94.01 -35.48
N THR TB 32 1.79 -93.50 -36.29
CA THR TB 32 1.93 -93.86 -37.70
C THR TB 32 2.78 -95.12 -37.82
N THR TB 33 2.31 -96.10 -38.59
CA THR TB 33 3.05 -97.33 -38.88
C THR TB 33 2.85 -97.73 -40.34
N SER TB 34 3.91 -98.15 -41.03
CA SER TB 34 3.77 -98.89 -42.29
C SER TB 34 3.07 -100.23 -42.03
N THR TB 35 1.92 -100.47 -42.63
CA THR TB 35 1.21 -101.77 -42.54
C THR TB 35 2.13 -102.90 -43.02
N ARG TB 36 2.18 -103.99 -42.24
CA ARG TB 36 3.00 -105.17 -42.56
C ARG TB 36 2.38 -105.94 -43.73
N THR TB 37 3.12 -106.02 -44.83
CA THR TB 37 2.96 -107.10 -45.83
C THR TB 37 3.91 -108.26 -45.48
N TYR TB 38 3.90 -109.34 -46.28
CA TYR TB 38 4.71 -110.54 -46.01
C TYR TB 38 5.12 -111.27 -47.29
N SER TB 39 6.13 -112.14 -47.18
CA SER TB 39 6.70 -113.00 -48.23
C SER TB 39 5.84 -114.23 -48.60
N LEU TB 40 4.53 -114.04 -48.74
CA LEU TB 40 3.54 -115.09 -49.05
C LEU TB 40 3.74 -115.80 -50.41
N GLY TB 41 4.63 -115.32 -51.27
CA GLY TB 41 5.06 -116.04 -52.48
C GLY TB 41 5.83 -117.34 -52.19
N SER TB 42 6.32 -117.52 -50.96
CA SER TB 42 6.87 -118.79 -50.45
C SER TB 42 5.79 -119.78 -49.97
N ALA TB 43 4.64 -119.28 -49.50
CA ALA TB 43 3.49 -120.12 -49.14
C ALA TB 43 2.77 -120.66 -50.39
N LEU TB 44 2.73 -119.86 -51.46
CA LEU TB 44 2.34 -120.31 -52.81
C LEU TB 44 3.47 -121.13 -53.46
N ARG TB 45 3.67 -122.38 -53.01
CA ARG TB 45 4.63 -123.35 -53.55
C ARG TB 45 3.99 -124.51 -54.36
N PRO TB 46 3.18 -124.26 -55.42
CA PRO TB 46 2.68 -125.32 -56.28
C PRO TB 46 3.82 -125.86 -57.17
N SER TB 47 4.20 -127.12 -56.96
CA SER TB 47 4.87 -127.94 -57.98
C SER TB 47 4.05 -129.21 -58.18
N THR TB 48 3.12 -129.15 -59.12
CA THR TB 48 2.08 -130.19 -59.34
C THR TB 48 2.61 -131.40 -60.11
N SER TB 49 3.93 -131.63 -60.14
CA SER TB 49 4.52 -132.72 -60.91
C SER TB 49 4.13 -134.10 -60.36
N ARG TB 50 3.66 -134.96 -61.25
CA ARG TB 50 3.62 -136.43 -61.16
C ARG TB 50 3.86 -136.94 -62.58
N SER TB 51 4.62 -138.02 -62.73
CA SER TB 51 4.97 -138.60 -64.04
C SER TB 51 4.77 -140.13 -64.02
N LEU TB 52 5.26 -140.83 -65.04
CA LEU TB 52 5.10 -142.28 -65.21
C LEU TB 52 5.93 -143.07 -64.18
N THR TB 94 30.01 -143.21 -64.04
CA THR TB 94 29.64 -142.51 -62.81
C THR TB 94 30.82 -141.77 -62.18
N GLU TB 95 32.06 -142.22 -62.41
CA GLU TB 95 33.29 -141.54 -61.95
C GLU TB 95 33.90 -140.52 -62.95
N PHE TB 96 33.57 -140.59 -64.24
CA PHE TB 96 33.71 -139.54 -65.28
C PHE TB 96 32.73 -138.36 -65.05
N LYS TB 97 32.12 -138.33 -63.87
CA LYS TB 97 30.97 -137.53 -63.45
C LYS TB 97 30.99 -137.29 -61.92
N ASN TB 98 31.65 -138.16 -61.14
CA ASN TB 98 32.18 -137.84 -59.80
C ASN TB 98 33.43 -136.95 -59.87
N THR TB 99 34.31 -137.19 -60.85
CA THR TB 99 35.36 -136.25 -61.26
C THR TB 99 34.80 -134.89 -61.65
N ARG TB 100 33.62 -134.82 -62.30
CA ARG TB 100 32.91 -133.55 -62.56
C ARG TB 100 32.26 -132.95 -61.31
N THR TB 101 31.82 -133.79 -60.38
CA THR TB 101 31.19 -133.38 -59.12
C THR TB 101 32.21 -132.74 -58.17
N ASN TB 102 33.42 -133.32 -58.04
CA ASN TB 102 34.48 -132.76 -57.19
C ASN TB 102 35.03 -131.44 -57.75
N GLU TB 103 35.30 -131.37 -59.06
CA GLU TB 103 35.72 -130.13 -59.74
C GLU TB 103 34.64 -129.03 -59.63
N LYS TB 104 33.35 -129.41 -59.64
CA LYS TB 104 32.23 -128.47 -59.47
C LYS TB 104 31.92 -128.12 -58.00
N VAL TB 105 32.27 -128.96 -57.05
CA VAL TB 105 32.26 -128.63 -55.61
C VAL TB 105 33.36 -127.61 -55.32
N GLU TB 106 34.54 -127.78 -55.93
CA GLU TB 106 35.62 -126.79 -55.90
C GLU TB 106 35.25 -125.50 -56.67
N LEU TB 107 34.50 -125.57 -57.78
CA LEU TB 107 33.88 -124.41 -58.44
C LEU TB 107 32.97 -123.63 -57.48
N GLN TB 108 32.07 -124.29 -56.75
CA GLN TB 108 31.18 -123.61 -55.80
C GLN TB 108 31.92 -123.08 -54.57
N GLU TB 109 32.91 -123.80 -54.05
CA GLU TB 109 33.75 -123.37 -52.92
C GLU TB 109 34.64 -122.16 -53.29
N LEU TB 110 35.13 -122.09 -54.53
CA LEU TB 110 35.89 -120.96 -55.06
C LEU TB 110 34.99 -119.81 -55.56
N ASN TB 111 33.75 -120.08 -55.97
CA ASN TB 111 32.70 -119.08 -56.16
C ASN TB 111 32.39 -118.37 -54.83
N ASP TB 112 32.15 -119.15 -53.79
CA ASP TB 112 31.81 -118.62 -52.47
C ASP TB 112 33.05 -118.04 -51.77
N ARG TB 113 34.27 -118.47 -52.13
CA ARG TB 113 35.53 -117.77 -51.79
C ARG TB 113 35.66 -116.40 -52.46
N PHE TB 114 35.31 -116.23 -53.74
CA PHE TB 114 35.26 -114.89 -54.35
C PHE TB 114 34.13 -114.03 -53.77
N ALA TB 115 33.00 -114.62 -53.34
CA ALA TB 115 31.96 -113.90 -52.61
C ALA TB 115 32.43 -113.40 -51.23
N ASN TB 116 33.20 -114.21 -50.49
CA ASN TB 116 33.86 -113.77 -49.24
C ASN TB 116 34.86 -112.62 -49.48
N TYR TB 117 35.67 -112.67 -50.54
CA TYR TB 117 36.54 -111.54 -50.89
C TYR TB 117 35.79 -110.31 -51.47
N ILE TB 118 34.57 -110.44 -52.01
CA ILE TB 118 33.69 -109.29 -52.29
C ILE TB 118 33.18 -108.66 -50.99
N ASP TB 119 32.85 -109.44 -49.97
CA ASP TB 119 32.50 -108.88 -48.66
C ASP TB 119 33.69 -108.17 -48.00
N LYS TB 120 34.92 -108.69 -48.21
CA LYS TB 120 36.16 -107.97 -47.89
C LYS TB 120 36.36 -106.68 -48.71
N VAL TB 121 35.89 -106.62 -49.98
CA VAL TB 121 35.82 -105.37 -50.75
C VAL TB 121 34.81 -104.39 -50.14
N ARG TB 122 33.62 -104.84 -49.74
CA ARG TB 122 32.58 -103.96 -49.13
C ARG TB 122 33.07 -103.35 -47.83
N PHE TB 123 33.85 -104.09 -47.05
CA PHE TB 123 34.45 -103.63 -45.80
C PHE TB 123 35.52 -102.55 -46.03
N LEU TB 124 36.40 -102.74 -47.02
CA LEU TB 124 37.36 -101.68 -47.40
C LEU TB 124 36.75 -100.53 -48.19
N GLU TB 125 35.63 -100.72 -48.90
CA GLU TB 125 34.84 -99.62 -49.48
C GLU TB 125 34.15 -98.78 -48.39
N GLN TB 126 33.84 -99.37 -47.23
CA GLN TB 126 33.34 -98.63 -46.06
C GLN TB 126 34.46 -97.82 -45.38
N GLN TB 127 35.67 -98.39 -45.28
CA GLN TB 127 36.85 -97.65 -44.77
C GLN TB 127 37.19 -96.48 -45.71
N ASN TB 128 37.12 -96.72 -47.03
CA ASN TB 128 37.29 -95.69 -48.06
C ASN TB 128 36.23 -94.55 -48.02
N LYS TB 129 35.08 -94.75 -47.37
CA LYS TB 129 34.08 -93.68 -47.14
C LYS TB 129 34.32 -92.91 -45.84
N ILE TB 130 34.98 -93.51 -44.86
CA ILE TB 130 35.42 -92.86 -43.63
C ILE TB 130 36.55 -91.86 -43.93
N LEU TB 131 37.65 -92.34 -44.55
CA LEU TB 131 38.78 -91.49 -44.92
C LEU TB 131 38.42 -90.42 -45.99
N LEU TB 132 37.33 -90.61 -46.76
CA LEU TB 132 36.79 -89.59 -47.66
C LEU TB 132 36.03 -88.47 -46.92
N ALA TB 133 35.21 -88.82 -45.92
CA ALA TB 133 34.52 -87.83 -45.09
C ALA TB 133 35.53 -86.98 -44.31
N GLU TB 134 36.59 -87.62 -43.85
CA GLU TB 134 37.68 -87.02 -43.08
C GLU TB 134 38.64 -86.12 -43.88
N LEU TB 135 38.63 -86.28 -45.20
CA LEU TB 135 39.32 -85.40 -46.15
C LEU TB 135 38.61 -84.04 -46.35
N GLU TB 136 37.29 -84.04 -46.43
CA GLU TB 136 36.52 -82.87 -46.90
C GLU TB 136 36.31 -81.76 -45.87
N GLN TB 137 36.12 -82.11 -44.59
CA GLN TB 137 35.42 -81.23 -43.64
C GLN TB 137 36.15 -79.92 -43.33
N LEU TB 138 37.40 -79.97 -42.88
CA LEU TB 138 38.23 -78.82 -42.53
C LEU TB 138 38.60 -78.00 -43.77
N LYS TB 139 39.14 -78.67 -44.79
CA LYS TB 139 39.50 -78.08 -46.09
C LYS TB 139 38.30 -77.43 -46.78
N GLY TB 140 37.16 -78.11 -46.87
CA GLY TB 140 36.02 -77.66 -47.66
C GLY TB 140 35.14 -76.65 -46.91
N GLN TB 141 34.71 -77.02 -45.70
CA GLN TB 141 33.66 -76.31 -44.97
C GLN TB 141 34.14 -75.53 -43.74
N GLY TB 142 35.36 -75.79 -43.28
CA GLY TB 142 35.97 -75.08 -42.15
C GLY TB 142 36.32 -73.64 -42.50
N LYS TB 143 37.53 -73.43 -43.03
CA LYS TB 143 38.05 -72.06 -43.20
C LYS TB 143 37.35 -71.25 -44.28
N SER TB 144 36.67 -71.87 -45.24
CA SER TB 144 35.87 -71.15 -46.24
C SER TB 144 34.80 -70.24 -45.59
N ARG TB 145 34.01 -70.78 -44.65
CA ARG TB 145 32.95 -70.04 -43.94
C ARG TB 145 33.46 -69.33 -42.68
N LEU TB 146 34.36 -69.95 -41.92
CA LEU TB 146 34.86 -69.36 -40.67
C LEU TB 146 35.88 -68.24 -40.92
N GLY TB 147 36.56 -68.27 -42.08
CA GLY TB 147 37.34 -67.16 -42.63
C GLY TB 147 36.46 -65.99 -43.06
N ASP TB 148 35.49 -66.24 -43.96
CA ASP TB 148 34.47 -65.28 -44.44
C ASP TB 148 33.76 -64.49 -43.30
N LEU TB 149 33.38 -65.16 -42.22
CA LEU TB 149 32.76 -64.51 -41.06
C LEU TB 149 33.70 -63.58 -40.29
N TYR TB 150 34.94 -63.99 -40.05
CA TYR TB 150 35.95 -63.21 -39.35
C TYR TB 150 36.59 -62.13 -40.22
N GLU TB 151 36.68 -62.40 -41.53
CA GLU TB 151 37.15 -61.46 -42.54
C GLU TB 151 36.25 -60.23 -42.60
N GLU TB 152 34.92 -60.39 -42.44
CA GLU TB 152 34.01 -59.26 -42.28
C GLU TB 152 34.07 -58.59 -40.88
N GLU TB 153 34.38 -59.32 -39.80
CA GLU TB 153 34.64 -58.73 -38.48
C GLU TB 153 35.91 -57.86 -38.47
N MET TB 154 37.03 -58.34 -39.02
CA MET TB 154 38.29 -57.58 -39.06
C MET TB 154 38.30 -56.52 -40.18
N ARG TB 155 37.49 -56.68 -41.23
CA ARG TB 155 37.15 -55.58 -42.14
C ARG TB 155 36.38 -54.47 -41.43
N GLU TB 156 35.43 -54.80 -40.54
CA GLU TB 156 34.74 -53.78 -39.75
C GLU TB 156 35.68 -53.09 -38.76
N LEU TB 157 36.54 -53.83 -38.06
CA LEU TB 157 37.67 -53.29 -37.29
C LEU TB 157 38.55 -52.33 -38.11
N ARG TB 158 38.93 -52.70 -39.33
CA ARG TB 158 39.71 -51.82 -40.22
C ARG TB 158 38.92 -50.59 -40.66
N ARG TB 159 37.63 -50.70 -40.96
CA ARG TB 159 36.78 -49.51 -41.18
C ARG TB 159 36.75 -48.63 -39.94
N GLN TB 160 36.68 -49.22 -38.74
CA GLN TB 160 36.76 -48.51 -37.46
C GLN TB 160 38.15 -47.89 -37.21
N VAL TB 161 39.26 -48.41 -37.77
CA VAL TB 161 40.60 -47.77 -37.67
C VAL TB 161 40.92 -46.78 -38.78
N ASP TB 162 40.52 -47.03 -40.02
CA ASP TB 162 40.51 -46.02 -41.08
C ASP TB 162 39.68 -44.81 -40.61
N GLN TB 163 38.55 -45.09 -39.97
CA GLN TB 163 37.74 -44.10 -39.28
C GLN TB 163 38.48 -43.49 -38.07
N LEU TB 164 39.07 -44.26 -37.16
CA LEU TB 164 39.78 -43.69 -36.00
C LEU TB 164 41.02 -42.86 -36.39
N THR TB 165 41.64 -43.12 -37.54
CA THR TB 165 42.77 -42.37 -38.10
C THR TB 165 42.31 -41.05 -38.74
N ASN TB 166 41.23 -41.09 -39.52
CA ASN TB 166 40.60 -39.89 -40.08
C ASN TB 166 39.96 -39.02 -38.97
N ASP TB 167 39.39 -39.66 -37.96
CA ASP TB 167 38.95 -39.05 -36.70
C ASP TB 167 40.12 -38.42 -35.97
N LYS TB 168 41.20 -39.17 -35.63
CA LYS TB 168 42.46 -38.66 -35.04
C LYS TB 168 42.97 -37.39 -35.74
N ALA TB 169 43.02 -37.40 -37.07
CA ALA TB 169 43.43 -36.23 -37.85
C ALA TB 169 42.41 -35.07 -37.87
N ARG TB 170 41.11 -35.33 -37.99
CA ARG TB 170 40.04 -34.32 -37.90
C ARG TB 170 40.03 -33.68 -36.53
N VAL TB 171 39.95 -34.51 -35.50
CA VAL TB 171 39.77 -34.11 -34.12
C VAL TB 171 41.02 -33.47 -33.52
N GLU TB 172 42.19 -33.78 -34.06
CA GLU TB 172 43.39 -32.99 -33.76
C GLU TB 172 43.27 -31.57 -34.33
N VAL TB 173 42.72 -31.38 -35.53
CA VAL TB 173 42.38 -30.04 -36.05
C VAL TB 173 41.23 -29.38 -35.29
N GLU TB 174 40.19 -30.11 -34.87
CA GLU TB 174 39.10 -29.54 -34.06
C GLU TB 174 39.52 -29.19 -32.63
N ARG TB 175 40.58 -29.81 -32.09
CA ARG TB 175 41.27 -29.35 -30.86
C ARG TB 175 42.27 -28.25 -31.13
N ASP TB 176 42.96 -28.26 -32.26
CA ASP TB 176 43.85 -27.19 -32.70
C ASP TB 176 43.09 -25.87 -32.88
N ASN TB 177 41.81 -25.90 -33.29
CA ASN TB 177 40.93 -24.72 -33.25
C ASN TB 177 40.79 -24.14 -31.82
N LEU TB 178 40.42 -24.98 -30.85
CA LEU TB 178 40.22 -24.57 -29.45
C LEU TB 178 41.54 -24.16 -28.80
N ALA TB 179 42.55 -25.01 -28.89
CA ALA TB 179 43.86 -24.83 -28.28
C ALA TB 179 44.71 -23.75 -28.97
N GLU TB 180 44.44 -23.36 -30.23
CA GLU TB 180 45.03 -22.17 -30.86
C GLU TB 180 44.36 -20.88 -30.39
N ASP TB 181 43.04 -20.86 -30.16
CA ASP TB 181 42.38 -19.75 -29.47
C ASP TB 181 42.77 -19.68 -27.98
N ILE TB 182 42.92 -20.81 -27.27
CA ILE TB 182 43.52 -20.80 -25.93
C ILE TB 182 45.01 -20.44 -25.99
N MET TB 183 45.79 -20.78 -27.02
CA MET TB 183 47.21 -20.42 -27.12
C MET TB 183 47.41 -18.92 -27.35
N ARG TB 184 46.61 -18.34 -28.26
CA ARG TB 184 46.52 -16.88 -28.46
C ARG TB 184 46.06 -16.19 -27.18
N LEU TB 185 45.01 -16.71 -26.54
CA LEU TB 185 44.54 -16.23 -25.25
C LEU TB 185 45.65 -16.33 -24.20
N ARG TB 186 46.33 -17.46 -24.01
CA ARG TB 186 47.43 -17.68 -23.05
C ARG TB 186 48.58 -16.69 -23.23
N GLU TB 187 49.00 -16.41 -24.45
CA GLU TB 187 50.04 -15.40 -24.73
C GLU TB 187 49.56 -13.98 -24.41
N LYS TB 188 48.35 -13.63 -24.88
CA LYS TB 188 47.66 -12.38 -24.51
C LYS TB 188 47.32 -12.29 -23.02
N LEU TB 189 47.22 -13.42 -22.32
CA LEU TB 189 46.81 -13.55 -20.92
C LEU TB 189 48.02 -13.44 -20.00
N GLN TB 190 49.21 -13.82 -20.47
CA GLN TB 190 50.50 -13.39 -19.89
C GLN TB 190 50.70 -11.87 -20.03
N GLU TB 191 50.36 -11.31 -21.19
CA GLU TB 191 50.33 -9.83 -21.38
C GLU TB 191 49.25 -9.16 -20.51
N GLU TB 192 48.07 -9.75 -20.37
CA GLU TB 192 47.03 -9.24 -19.46
C GLU TB 192 47.44 -9.33 -18.00
N MET TB 193 48.07 -10.41 -17.51
CA MET TB 193 48.50 -10.45 -16.11
C MET TB 193 49.56 -9.39 -15.79
N LEU TB 194 50.36 -8.99 -16.77
CA LEU TB 194 51.18 -7.77 -16.67
C LEU TB 194 50.34 -6.48 -16.68
N GLN TB 195 49.30 -6.36 -17.50
CA GLN TB 195 48.36 -5.23 -17.45
C GLN TB 195 47.60 -5.11 -16.12
N ARG TB 196 47.20 -6.23 -15.50
CA ARG TB 196 46.48 -6.23 -14.21
C ARG TB 196 47.43 -6.16 -13.01
N GLU TB 197 48.69 -6.60 -13.13
CA GLU TB 197 49.73 -6.31 -12.13
C GLU TB 197 50.22 -4.85 -12.20
N GLU TB 198 50.18 -4.25 -13.39
CA GLU TB 198 50.29 -2.80 -13.58
C GLU TB 198 49.12 -2.07 -12.90
N ALA TB 199 47.89 -2.57 -13.03
CA ALA TB 199 46.73 -2.03 -12.31
C ALA TB 199 46.85 -2.20 -10.78
N GLU TB 200 47.26 -3.36 -10.27
CA GLU TB 200 47.52 -3.56 -8.84
C GLU TB 200 48.57 -2.56 -8.31
N ASN TB 201 49.76 -2.52 -8.91
CA ASN TB 201 50.86 -1.70 -8.40
C ASN TB 201 50.61 -0.19 -8.58
N THR TB 202 50.00 0.21 -9.69
CA THR TB 202 49.65 1.60 -9.98
C THR TB 202 48.56 2.10 -9.03
N LEU TB 203 47.46 1.36 -8.93
CA LEU TB 203 46.35 1.74 -8.06
C LEU TB 203 46.67 1.50 -6.57
N GLN TB 204 47.64 0.65 -6.21
CA GLN TB 204 48.13 0.50 -4.84
C GLN TB 204 49.12 1.59 -4.42
N SER TB 205 49.88 2.13 -5.38
CA SER TB 205 50.63 3.38 -5.18
C SER TB 205 49.68 4.56 -4.99
N PHE TB 206 48.59 4.62 -5.76
CA PHE TB 206 47.52 5.59 -5.58
C PHE TB 206 46.67 5.37 -4.32
N ARG TB 207 46.58 4.14 -3.78
CA ARG TB 207 46.05 3.87 -2.42
C ARG TB 207 46.97 4.38 -1.32
N GLN TB 208 48.29 4.21 -1.46
CA GLN TB 208 49.25 4.86 -0.55
C GLN TB 208 49.13 6.38 -0.63
N ASP TB 209 48.81 6.94 -1.81
CA ASP TB 209 48.57 8.37 -1.96
C ASP TB 209 47.16 8.86 -1.57
N VAL TB 210 46.19 7.98 -1.25
CA VAL TB 210 45.04 8.39 -0.41
C VAL TB 210 45.55 8.76 0.97
N ASP TB 211 46.30 7.85 1.59
CA ASP TB 211 46.86 8.01 2.93
C ASP TB 211 47.86 9.17 2.96
N ASN TB 212 48.84 9.22 2.05
CA ASN TB 212 49.83 10.29 1.96
C ASN TB 212 49.21 11.66 1.66
N ALA TB 213 48.31 11.78 0.67
CA ALA TB 213 47.79 13.08 0.27
C ALA TB 213 46.77 13.63 1.28
N SER TB 214 45.91 12.78 1.84
CA SER TB 214 45.00 13.19 2.91
C SER TB 214 45.71 13.33 4.26
N LEU TB 215 46.86 12.67 4.48
CA LEU TB 215 47.70 12.89 5.66
C LEU TB 215 48.57 14.14 5.54
N ALA TB 216 48.99 14.52 4.32
CA ALA TB 216 49.59 15.83 4.06
C ALA TB 216 48.59 16.99 4.21
N ARG TB 217 47.31 16.74 3.92
CA ARG TB 217 46.19 17.61 4.34
C ARG TB 217 46.12 17.70 5.86
N LEU TB 218 46.04 16.57 6.55
CA LEU TB 218 45.83 16.55 8.00
C LEU TB 218 47.00 17.05 8.84
N ASP TB 219 48.24 16.81 8.44
CA ASP TB 219 49.42 17.19 9.22
C ASP TB 219 49.61 18.72 9.26
N LEU TB 220 49.13 19.41 8.21
CA LEU TB 220 48.96 20.86 8.18
C LEU TB 220 47.67 21.31 8.88
N GLU TB 221 46.53 20.67 8.62
CA GLU TB 221 45.26 21.06 9.26
C GLU TB 221 45.26 20.91 10.77
N ARG TB 222 45.87 19.84 11.31
CA ARG TB 222 46.07 19.66 12.77
C ARG TB 222 46.98 20.72 13.36
N LYS TB 223 47.98 21.21 12.61
CA LYS TB 223 48.84 22.32 13.05
C LYS TB 223 48.04 23.61 13.15
N VAL TB 224 47.23 23.95 12.15
CA VAL TB 224 46.38 25.14 12.19
C VAL TB 224 45.23 24.98 13.21
N GLU TB 225 44.67 23.77 13.39
CA GLU TB 225 43.63 23.43 14.38
C GLU TB 225 44.15 23.62 15.82
N SER TB 226 45.36 23.11 16.08
CA SER TB 226 46.06 23.31 17.35
C SER TB 226 46.44 24.78 17.58
N LEU TB 227 46.95 25.47 16.56
CA LEU TB 227 47.30 26.89 16.65
C LEU TB 227 46.08 27.80 16.85
N GLN TB 228 44.90 27.44 16.32
CA GLN TB 228 43.66 28.20 16.54
C GLN TB 228 43.03 27.92 17.91
N GLU TB 229 43.14 26.70 18.46
CA GLU TB 229 42.86 26.47 19.89
C GLU TB 229 43.88 27.18 20.81
N GLU TB 230 45.16 27.22 20.43
CA GLU TB 230 46.18 28.00 21.13
C GLU TB 230 45.96 29.52 21.03
N ILE TB 231 45.45 30.06 19.91
CA ILE TB 231 45.05 31.46 19.82
C ILE TB 231 43.83 31.73 20.71
N ALA TB 232 42.81 30.86 20.71
CA ALA TB 232 41.69 30.96 21.64
C ALA TB 232 42.16 30.87 23.11
N PHE TB 233 43.15 30.03 23.42
CA PHE TB 233 43.73 29.87 24.76
C PHE TB 233 44.56 31.08 25.18
N LEU TB 234 45.42 31.60 24.30
CA LEU TB 234 46.14 32.87 24.48
C LEU TB 234 45.21 34.08 24.59
N LYS TB 235 44.01 34.05 23.99
CA LYS TB 235 43.03 35.14 24.09
C LYS TB 235 42.11 35.06 25.31
N LYS TB 236 41.77 33.84 25.79
CA LYS TB 236 41.17 33.66 27.13
C LYS TB 236 42.17 33.81 28.29
N LEU TB 237 43.49 33.79 28.02
CA LEU TB 237 44.55 34.25 28.93
C LEU TB 237 44.83 35.77 28.83
N HIS TB 238 44.78 36.35 27.63
CA HIS TB 238 44.88 37.82 27.47
C HIS TB 238 43.70 38.55 28.13
N GLU TB 239 42.57 37.88 28.35
CA GLU TB 239 41.49 38.35 29.21
C GLU TB 239 41.95 38.62 30.66
N GLU TB 240 42.84 37.78 31.19
CA GLU TB 240 43.46 37.91 32.52
C GLU TB 240 44.57 38.99 32.53
N GLU TB 241 45.30 39.18 31.43
CA GLU TB 241 46.24 40.31 31.26
C GLU TB 241 45.52 41.68 31.21
N ILE TB 242 44.38 41.78 30.52
CA ILE TB 242 43.53 42.99 30.60
C ILE TB 242 42.88 43.09 32.00
N GLN TB 243 42.69 41.98 32.73
CA GLN TB 243 42.20 42.04 34.11
C GLN TB 243 43.25 42.54 35.12
N GLU TB 244 44.55 42.38 34.87
CA GLU TB 244 45.57 43.09 35.64
C GLU TB 244 45.62 44.60 35.32
N LEU TB 245 45.32 45.01 34.07
CA LEU TB 245 45.09 46.42 33.75
C LEU TB 245 43.83 46.98 34.45
N GLN TB 246 42.70 46.25 34.41
CA GLN TB 246 41.48 46.66 35.10
C GLN TB 246 41.67 46.69 36.64
N ALA TB 247 42.55 45.83 37.19
CA ALA TB 247 42.96 45.89 38.59
C ALA TB 247 43.78 47.14 38.93
N GLN TB 248 44.68 47.61 38.06
CA GLN TB 248 45.33 48.93 38.23
C GLN TB 248 44.29 50.06 38.27
N ILE TB 249 43.34 50.07 37.33
CA ILE TB 249 42.26 51.09 37.32
C ILE TB 249 41.39 51.01 38.58
N GLN TB 250 41.21 49.82 39.14
CA GLN TB 250 40.50 49.57 40.40
C GLN TB 250 41.27 50.01 41.65
N GLU TB 251 42.60 49.98 41.62
CA GLU TB 251 43.50 50.42 42.71
C GLU TB 251 43.81 51.92 42.73
N GLN TB 252 43.59 52.68 41.65
CA GLN TB 252 43.85 54.14 41.53
C GLN TB 252 42.96 55.07 42.40
N HIS TB 253 42.48 54.59 43.55
CA HIS TB 253 41.30 55.08 44.28
C HIS TB 253 41.50 55.52 45.77
N VAL TB 254 42.63 55.81 46.42
CA VAL TB 254 43.99 56.38 46.16
C VAL TB 254 44.03 57.83 45.66
N GLN TB 255 44.90 58.65 46.31
CA GLN TB 255 45.08 60.13 46.26
C GLN TB 255 44.21 61.01 47.19
N ILE TB 256 44.40 62.33 47.06
CA ILE TB 256 43.94 63.42 47.95
C ILE TB 256 43.31 64.56 47.13
N ASP TB 257 42.51 65.39 47.79
CA ASP TB 257 41.84 66.57 47.23
C ASP TB 257 42.83 67.57 46.58
N VAL TB 258 42.51 67.92 45.33
CA VAL TB 258 43.35 68.71 44.41
C VAL TB 258 43.02 70.20 44.52
N ASP TB 259 44.04 71.00 44.83
CA ASP TB 259 44.02 72.46 45.04
C ASP TB 259 43.04 73.02 46.10
N VAL TB 260 42.02 72.27 46.55
CA VAL TB 260 41.22 72.63 47.74
C VAL TB 260 41.80 72.09 49.05
N SER TB 261 42.47 70.94 49.08
CA SER TB 261 43.25 70.48 50.24
C SER TB 261 44.56 71.24 50.47
N LYS TB 262 44.65 72.47 49.94
CA LYS TB 262 45.77 73.39 50.03
C LYS TB 262 45.32 74.69 50.74
N PRO TB 263 44.77 74.62 51.98
CA PRO TB 263 44.22 75.77 52.69
C PRO TB 263 45.35 76.77 53.01
N ASP TB 264 45.50 77.79 52.17
CA ASP TB 264 46.84 78.08 51.59
C ASP TB 264 47.89 78.56 52.61
N LEU TB 265 49.02 77.83 52.64
CA LEU TB 265 50.23 78.23 53.34
C LEU TB 265 50.94 79.41 52.67
N THR TB 266 50.89 79.51 51.34
CA THR TB 266 51.51 80.63 50.61
C THR TB 266 50.72 81.92 50.80
N ALA TB 267 49.41 81.86 51.02
CA ALA TB 267 48.59 82.96 51.52
C ALA TB 267 49.00 83.38 52.94
N ALA TB 268 49.22 82.43 53.86
CA ALA TB 268 49.68 82.77 55.21
C ALA TB 268 51.11 83.42 55.22
N LEU TB 269 52.00 82.97 54.33
CA LEU TB 269 53.32 83.60 54.13
C LEU TB 269 53.27 84.92 53.33
N ARG TB 270 52.21 85.16 52.55
CA ARG TB 270 51.94 86.37 51.77
C ARG TB 270 51.36 87.47 52.67
N ASP TB 271 50.44 87.10 53.56
CA ASP TB 271 49.92 87.93 54.64
C ASP TB 271 51.03 88.49 55.52
N VAL TB 272 51.88 87.63 56.11
CA VAL TB 272 52.98 88.06 56.99
C VAL TB 272 53.96 89.01 56.30
N ARG TB 273 54.20 88.87 55.00
CA ARG TB 273 55.07 89.79 54.22
C ARG TB 273 54.40 91.13 53.95
N GLN TB 274 53.16 91.12 53.43
CA GLN TB 274 52.40 92.34 53.13
C GLN TB 274 51.99 93.11 54.38
N GLN TB 275 51.82 92.40 55.50
CA GLN TB 275 51.62 92.93 56.84
C GLN TB 275 52.90 93.58 57.39
N TYR TB 276 54.09 92.97 57.24
CA TYR TB 276 55.36 93.62 57.61
C TYR TB 276 55.71 94.82 56.70
N GLU TB 277 55.42 94.76 55.40
CA GLU TB 277 55.58 95.89 54.47
C GLU TB 277 54.68 97.08 54.86
N SER TB 278 53.42 96.79 55.23
CA SER TB 278 52.46 97.79 55.72
C SER TB 278 52.84 98.36 57.10
N VAL TB 279 53.27 97.50 58.03
CA VAL TB 279 53.70 97.89 59.39
C VAL TB 279 54.97 98.75 59.34
N ALA TB 280 55.95 98.39 58.51
CA ALA TB 280 57.18 99.17 58.35
C ALA TB 280 56.89 100.56 57.78
N ALA TB 281 56.01 100.67 56.78
CA ALA TB 281 55.57 101.96 56.26
C ALA TB 281 54.82 102.80 57.30
N LYS TB 282 53.83 102.21 58.01
CA LYS TB 282 52.97 102.94 58.95
C LYS TB 282 53.67 103.34 60.25
N ASN TB 283 54.57 102.50 60.78
CA ASN TB 283 55.43 102.84 61.91
C ASN TB 283 56.39 104.01 61.61
N LEU TB 284 56.84 104.15 60.35
CA LEU TB 284 57.64 105.32 59.93
C LEU TB 284 56.78 106.57 59.71
N GLN TB 285 55.59 106.43 59.11
CA GLN TB 285 54.68 107.54 58.84
C GLN TB 285 54.04 108.13 60.11
N GLU TB 286 53.72 107.29 61.11
CA GLU TB 286 53.30 107.72 62.46
C GLU TB 286 54.38 108.58 63.14
N ALA TB 287 55.65 108.17 63.05
CA ALA TB 287 56.77 108.88 63.64
C ALA TB 287 57.05 110.24 62.96
N GLU TB 288 56.87 110.32 61.64
CA GLU TB 288 56.95 111.59 60.89
C GLU TB 288 55.77 112.53 61.22
N GLU TB 289 54.56 111.99 61.34
CA GLU TB 289 53.36 112.79 61.60
C GLU TB 289 53.29 113.31 63.04
N TRP TB 290 53.78 112.52 64.02
CA TRP TB 290 54.04 113.02 65.37
C TRP TB 290 55.18 114.05 65.40
N TYR TB 291 56.22 113.91 64.58
CA TYR TB 291 57.25 114.95 64.49
C TYR TB 291 56.71 116.31 63.99
N LYS TB 292 55.85 116.32 62.96
CA LYS TB 292 55.16 117.55 62.48
C LYS TB 292 54.27 118.14 63.57
N SER TB 293 53.50 117.29 64.23
CA SER TB 293 52.48 117.69 65.21
C SER TB 293 53.08 118.23 66.51
N LYS TB 294 54.14 117.58 66.99
CA LYS TB 294 54.99 118.05 68.09
C LYS TB 294 55.72 119.35 67.75
N PHE TB 295 56.15 119.51 66.51
CA PHE TB 295 56.75 120.76 66.04
C PHE TB 295 55.74 121.93 66.02
N ALA TB 296 54.47 121.69 65.69
CA ALA TB 296 53.41 122.68 65.76
C ALA TB 296 53.09 123.13 67.20
N ASP TB 297 52.93 122.17 68.11
CA ASP TB 297 52.73 122.40 69.56
C ASP TB 297 53.87 123.24 70.18
N LEU TB 298 55.12 122.78 70.02
CA LEU TB 298 56.30 123.47 70.55
C LEU TB 298 56.50 124.86 69.94
N SER TB 299 56.24 125.02 68.63
CA SER TB 299 56.38 126.31 67.94
C SER TB 299 55.33 127.32 68.39
N GLU TB 300 54.07 126.91 68.54
CA GLU TB 300 53.00 127.81 68.96
C GLU TB 300 52.93 128.04 70.49
N ALA TB 301 53.46 127.12 71.30
CA ALA TB 301 53.78 127.39 72.71
C ALA TB 301 54.92 128.42 72.83
N ALA TB 302 55.95 128.32 72.00
CA ALA TB 302 57.01 129.33 71.91
C ALA TB 302 56.50 130.68 71.36
N ASN TB 303 55.56 130.68 70.41
CA ASN TB 303 54.88 131.89 69.95
C ASN TB 303 54.00 132.51 71.04
N ARG TB 304 53.27 131.71 71.84
CA ARG TB 304 52.44 132.23 72.94
C ARG TB 304 53.27 132.95 73.99
N ASN TB 305 54.39 132.34 74.37
CA ASN TB 305 55.32 132.95 75.32
C ASN TB 305 55.97 134.20 74.74
N ASN TB 306 56.37 134.19 73.45
CA ASN TB 306 56.82 135.40 72.76
C ASN TB 306 55.75 136.51 72.73
N ASP TB 307 54.49 136.16 72.55
CA ASP TB 307 53.40 137.12 72.31
C ASP TB 307 52.78 137.71 73.57
N MET UB 1 9.69 -79.77 -21.34
CA MET UB 1 10.57 -78.58 -21.36
C MET UB 1 10.33 -77.68 -20.15
N SER UB 2 11.30 -77.59 -19.24
CA SER UB 2 11.50 -76.45 -18.34
C SER UB 2 12.66 -75.58 -18.87
N THR UB 3 13.14 -74.66 -18.04
CA THR UB 3 14.38 -73.85 -18.15
C THR UB 3 14.86 -73.59 -16.71
N ARG UB 4 16.00 -72.93 -16.48
CA ARG UB 4 16.38 -72.38 -15.15
C ARG UB 4 16.32 -70.86 -15.12
N SER UB 5 15.22 -70.32 -15.64
CA SER UB 5 14.94 -68.89 -15.63
C SER UB 5 14.41 -68.48 -14.24
N VAL UB 6 15.00 -67.44 -13.64
CA VAL UB 6 14.61 -66.91 -12.33
C VAL UB 6 13.15 -66.46 -12.32
N SER UB 7 12.38 -66.86 -11.30
CA SER UB 7 10.92 -66.67 -11.25
C SER UB 7 10.43 -65.59 -10.27
N SER UB 8 11.20 -64.49 -10.13
CA SER UB 8 10.77 -63.31 -9.37
C SER UB 8 9.45 -62.74 -9.92
N SER UB 9 8.37 -62.89 -9.15
CA SER UB 9 7.20 -62.00 -9.19
C SER UB 9 7.52 -60.70 -8.44
N SER UB 10 6.54 -60.08 -7.77
CA SER UB 10 6.81 -59.14 -6.66
C SER UB 10 7.59 -59.81 -5.52
N TYR UB 11 7.23 -61.06 -5.19
CA TYR UB 11 8.01 -62.12 -4.53
C TYR UB 11 8.58 -61.86 -3.12
N ARG UB 12 8.91 -60.63 -2.76
CA ARG UB 12 9.23 -60.17 -1.39
C ARG UB 12 8.18 -59.13 -0.99
N ARG UB 13 7.00 -59.63 -0.58
CA ARG UB 13 5.75 -58.87 -0.38
C ARG UB 13 5.36 -58.10 -1.68
N MET UB 14 4.64 -56.98 -1.58
CA MET UB 14 4.20 -56.19 -2.75
C MET UB 14 4.09 -54.66 -2.54
N PHE UB 15 4.40 -54.17 -1.33
CA PHE UB 15 3.93 -52.87 -0.85
C PHE UB 15 4.89 -51.71 -1.18
N GLY UB 16 4.98 -51.34 -2.46
CA GLY UB 16 5.59 -50.07 -2.87
C GLY UB 16 7.12 -50.08 -2.81
N GLY UB 17 7.67 -49.15 -2.04
CA GLY UB 17 9.06 -49.12 -1.57
C GLY UB 17 9.05 -48.91 -0.05
N PRO UB 18 10.20 -48.76 0.63
CA PRO UB 18 10.29 -48.83 2.10
C PRO UB 18 9.31 -47.94 2.90
N GLY UB 19 9.02 -46.67 2.57
CA GLY UB 19 9.60 -45.85 1.49
C GLY UB 19 9.05 -44.43 1.42
N THR UB 20 7.87 -44.15 2.00
CA THR UB 20 7.37 -42.77 2.25
C THR UB 20 6.35 -42.78 3.39
N ALA UB 21 6.80 -42.63 4.63
CA ALA UB 21 5.95 -42.49 5.82
C ALA UB 21 5.27 -41.10 5.95
N SER UB 22 5.14 -40.35 4.84
CA SER UB 22 4.38 -39.08 4.76
C SER UB 22 4.76 -38.00 5.79
N ARG UB 23 6.06 -37.79 6.03
CA ARG UB 23 6.61 -36.71 6.89
C ARG UB 23 5.88 -35.37 6.66
N PRO UB 24 5.14 -34.83 7.65
CA PRO UB 24 4.13 -33.80 7.39
C PRO UB 24 4.76 -32.46 7.00
N SER UB 25 4.55 -32.06 5.74
CA SER UB 25 4.96 -30.76 5.20
C SER UB 25 4.06 -29.63 5.72
N SER UB 26 4.38 -29.11 6.92
CA SER UB 26 3.67 -27.96 7.52
C SER UB 26 3.59 -26.76 6.56
N SER UB 27 2.54 -25.94 6.69
CA SER UB 27 2.27 -24.78 5.83
C SER UB 27 3.18 -23.56 6.10
N ARG UB 28 4.46 -23.77 6.42
CA ARG UB 28 5.52 -22.73 6.37
C ARG UB 28 5.89 -22.32 4.93
N SER UB 29 5.17 -22.84 3.94
CA SER UB 29 4.97 -22.29 2.59
C SER UB 29 3.95 -21.13 2.52
N TYR UB 30 3.34 -20.71 3.64
CA TYR UB 30 2.73 -19.39 3.81
C TYR UB 30 3.79 -18.28 3.98
N VAL UB 31 3.35 -17.02 3.87
CA VAL UB 31 4.17 -15.83 4.18
C VAL UB 31 4.27 -15.69 5.71
N THR UB 32 5.46 -15.42 6.25
CA THR UB 32 5.63 -15.16 7.69
C THR UB 32 4.90 -13.86 8.08
N THR UB 33 4.19 -13.88 9.22
CA THR UB 33 3.19 -12.86 9.55
C THR UB 33 3.73 -11.42 9.55
N SER UB 34 2.86 -10.46 9.21
CA SER UB 34 3.16 -9.04 9.30
C SER UB 34 3.16 -8.60 10.77
N THR UB 35 4.33 -8.27 11.34
CA THR UB 35 4.45 -7.88 12.77
C THR UB 35 3.98 -6.44 13.06
N ARG UB 36 2.98 -5.95 12.29
CA ARG UB 36 2.49 -4.56 12.29
C ARG UB 36 1.77 -4.18 13.58
N THR UB 37 2.56 -3.97 14.62
CA THR UB 37 2.21 -3.26 15.85
C THR UB 37 2.50 -1.76 15.70
N TYR UB 38 1.99 -0.93 16.62
CA TYR UB 38 2.12 0.54 16.56
C TYR UB 38 2.28 1.13 17.96
N SER UB 39 3.17 2.11 18.11
CA SER UB 39 3.36 2.84 19.37
C SER UB 39 2.78 4.26 19.26
N LEU UB 40 1.68 4.50 19.98
CA LEU UB 40 1.08 5.82 20.21
C LEU UB 40 1.94 6.65 21.19
N GLY UB 41 3.18 6.96 20.82
CA GLY UB 41 4.16 7.58 21.72
C GLY UB 41 3.96 9.08 21.99
N SER UB 42 2.99 9.74 21.35
CA SER UB 42 2.78 11.19 21.40
C SER UB 42 1.61 11.61 22.30
N ALA UB 43 0.42 11.08 22.06
CA ALA UB 43 -0.80 11.46 22.80
C ALA UB 43 -0.74 11.09 24.30
N LEU UB 44 0.08 10.11 24.68
CA LEU UB 44 0.34 9.70 26.07
C LEU UB 44 1.16 10.72 26.90
N ARG UB 45 1.40 11.92 26.38
CA ARG UB 45 1.89 13.10 27.12
C ARG UB 45 1.13 14.35 26.60
N PRO UB 46 -0.11 14.62 27.08
CA PRO UB 46 -1.05 15.59 26.49
C PRO UB 46 -0.56 17.04 26.60
N SER UB 47 0.29 17.41 25.65
CA SER UB 47 1.12 18.61 25.65
C SER UB 47 0.34 19.84 25.17
N THR UB 48 -0.39 20.48 26.08
CA THR UB 48 -1.25 21.64 25.77
C THR UB 48 -1.07 22.78 26.79
N SER UB 49 -0.93 24.01 26.29
CA SER UB 49 -0.89 25.22 27.12
C SER UB 49 -2.25 25.52 27.74
N ARG UB 50 -2.44 25.13 29.00
CA ARG UB 50 -3.52 25.63 29.87
C ARG UB 50 -3.32 27.09 30.31
N SER UB 51 -2.14 27.68 30.02
CA SER UB 51 -1.89 29.12 30.16
C SER UB 51 -2.60 29.90 29.04
N LEU UB 52 -3.89 30.16 29.22
CA LEU UB 52 -4.75 30.95 28.32
C LEU UB 52 -5.63 31.99 29.06
N TYR UB 53 -5.48 32.10 30.38
CA TYR UB 53 -6.12 33.13 31.21
C TYR UB 53 -5.47 34.51 31.00
N ALA UB 54 -6.23 35.59 31.24
CA ALA UB 54 -5.76 36.97 31.10
C ALA UB 54 -6.41 37.92 32.13
N SER UB 55 -5.79 38.06 33.31
CA SER UB 55 -6.24 38.97 34.36
C SER UB 55 -5.96 40.44 34.01
N SER UB 56 -6.98 41.30 34.11
CA SER UB 56 -6.82 42.75 33.93
C SER UB 56 -6.33 43.42 35.23
N PRO UB 57 -5.29 44.29 35.18
CA PRO UB 57 -4.92 45.18 36.29
C PRO UB 57 -5.70 46.51 36.31
N GLY UB 58 -6.73 46.65 35.46
CA GLY UB 58 -7.58 47.85 35.42
C GLY UB 58 -8.37 48.07 36.72
N GLY UB 59 -8.75 49.32 37.00
CA GLY UB 59 -9.47 49.71 38.23
C GLY UB 59 -8.60 50.43 39.28
N VAL UB 60 -7.27 50.43 39.11
CA VAL UB 60 -6.33 51.18 39.98
C VAL UB 60 -6.37 52.68 39.68
N TYR UB 61 -7.37 53.39 40.21
CA TYR UB 61 -7.54 54.84 40.07
C TYR UB 61 -7.04 55.61 41.30
N ALA UB 62 -5.76 55.99 41.30
CA ALA UB 62 -5.16 56.80 42.35
C ALA UB 62 -5.78 58.22 42.42
N THR UB 63 -6.48 58.52 43.51
CA THR UB 63 -7.12 59.83 43.71
C THR UB 63 -6.10 60.89 44.13
N ARG UB 64 -5.81 61.85 43.25
CA ARG UB 64 -4.96 63.02 43.56
C ARG UB 64 -5.65 63.94 44.57
N SER UB 65 -5.21 63.90 45.82
CA SER UB 65 -5.56 64.92 46.82
C SER UB 65 -5.12 66.32 46.36
N SER UB 66 -6.03 67.29 46.49
CA SER UB 66 -5.85 68.67 46.02
C SER UB 66 -6.30 69.67 47.09
N ALA UB 67 -5.79 69.50 48.32
CA ALA UB 67 -5.90 70.49 49.39
C ALA UB 67 -5.52 71.91 48.91
N VAL UB 68 -6.09 72.94 49.53
CA VAL UB 68 -5.92 74.35 49.13
C VAL UB 68 -4.45 74.81 49.19
N ARG UB 69 -3.65 74.25 50.12
CA ARG UB 69 -2.20 74.54 50.31
C ARG UB 69 -1.89 76.04 50.46
N LEU UB 70 -2.85 76.77 51.03
CA LEU UB 70 -2.75 78.17 51.43
C LEU UB 70 -3.36 78.30 52.84
N ARG UB 71 -2.64 78.92 53.78
CA ARG UB 71 -3.12 79.18 55.14
C ARG UB 71 -4.15 80.31 55.16
N SER UB 72 -4.89 80.45 56.25
CA SER UB 72 -6.11 81.28 56.35
C SER UB 72 -6.00 82.68 55.71
N SER UB 73 -6.84 82.89 54.69
CA SER UB 73 -6.98 84.12 53.88
C SER UB 73 -5.76 84.39 52.99
N VAL UB 74 -5.21 85.61 52.99
CA VAL UB 74 -3.89 85.94 52.44
C VAL UB 74 -2.79 85.29 53.32
N PRO UB 75 -1.47 85.53 53.11
CA PRO UB 75 -0.45 85.21 54.11
C PRO UB 75 -0.87 85.54 55.56
N GLY UB 76 -0.86 84.51 56.41
CA GLY UB 76 -2.00 84.19 57.28
C GLY UB 76 -2.29 85.10 58.48
N VAL UB 77 -3.52 84.99 58.98
CA VAL UB 77 -3.97 85.57 60.27
C VAL UB 77 -4.11 84.54 61.41
N ARG UB 78 -3.80 83.27 61.11
CA ARG UB 78 -3.64 82.13 62.03
C ARG UB 78 -2.53 81.23 61.48
N LEU UB 79 -1.91 80.40 62.33
CA LEU UB 79 -0.80 79.53 61.95
C LEU UB 79 -0.83 78.16 62.66
N LEU UB 80 -0.94 78.14 64.01
CA LEU UB 80 -1.08 76.93 64.84
C LEU UB 80 -2.10 75.88 64.34
N GLN UB 81 -3.29 76.33 63.93
CA GLN UB 81 -4.38 75.44 63.52
C GLN UB 81 -4.38 75.26 61.99
N ASP UB 82 -3.51 74.38 61.51
CA ASP UB 82 -3.47 73.91 60.12
C ASP UB 82 -3.38 72.37 59.99
N SER UB 83 -3.62 71.66 61.10
CA SER UB 83 -3.64 70.19 61.20
C SER UB 83 -2.33 69.54 60.75
N VAL UB 84 -1.30 69.71 61.58
CA VAL UB 84 -0.13 68.82 61.58
C VAL UB 84 -0.60 67.40 61.92
N ASP UB 85 -0.50 66.54 60.92
CA ASP UB 85 -1.11 65.21 60.87
C ASP UB 85 -0.49 64.40 59.72
N PHE UB 86 -0.63 64.93 58.49
CA PHE UB 86 -0.68 64.17 57.22
C PHE UB 86 0.40 63.11 56.93
N SER UB 87 1.54 63.14 57.62
CA SER UB 87 2.43 61.99 57.68
C SER UB 87 1.78 60.77 58.34
N LEU UB 88 0.69 60.93 59.10
CA LEU UB 88 -0.29 59.87 59.42
C LEU UB 88 -0.94 59.30 58.16
N ALA UB 89 -1.42 60.12 57.24
CA ALA UB 89 -2.05 59.63 56.01
C ALA UB 89 -1.06 58.93 55.07
N ASP UB 90 0.21 59.34 55.07
CA ASP UB 90 1.28 58.64 54.33
C ASP UB 90 1.86 57.42 55.07
N ALA UB 91 1.80 57.37 56.40
CA ALA UB 91 2.01 56.16 57.20
C ALA UB 91 0.84 55.17 57.11
N ILE UB 92 -0.38 55.65 56.84
CA ILE UB 92 -1.52 54.81 56.44
C ILE UB 92 -1.40 54.35 54.98
N ASN UB 93 -0.71 55.09 54.10
CA ASN UB 93 -0.34 54.59 52.77
C ASN UB 93 0.68 53.45 52.84
N THR UB 94 1.61 53.46 53.81
CA THR UB 94 2.47 52.29 54.11
C THR UB 94 1.78 51.22 54.97
N GLU UB 95 0.76 51.56 55.78
CA GLU UB 95 -0.15 50.55 56.36
C GLU UB 95 -0.88 49.80 55.27
N PHE UB 96 -1.39 50.46 54.23
CA PHE UB 96 -2.01 49.77 53.09
C PHE UB 96 -1.02 49.12 52.10
N LYS UB 97 0.28 49.45 52.15
CA LYS UB 97 1.34 48.63 51.52
C LYS UB 97 1.51 47.31 52.29
N ASN UB 98 1.69 47.39 53.60
CA ASN UB 98 1.95 46.23 54.45
C ASN UB 98 0.70 45.36 54.66
N THR UB 99 -0.50 45.96 54.59
CA THR UB 99 -1.81 45.29 54.50
C THR UB 99 -1.95 44.45 53.24
N ARG UB 100 -1.46 44.91 52.08
CA ARG UB 100 -1.47 44.13 50.82
C ARG UB 100 -0.37 43.09 50.72
N THR UB 101 0.69 43.27 51.52
CA THR UB 101 1.77 42.29 51.67
C THR UB 101 1.30 41.16 52.59
N ASN UB 102 0.49 41.51 53.60
CA ASN UB 102 -0.33 40.62 54.42
C ASN UB 102 -1.45 39.91 53.62
N GLU UB 103 -2.44 40.64 53.13
CA GLU UB 103 -3.72 40.15 52.57
C GLU UB 103 -3.52 39.16 51.42
N LYS UB 104 -2.56 39.44 50.53
CA LYS UB 104 -2.25 38.54 49.41
C LYS UB 104 -1.53 37.27 49.81
N VAL UB 105 -0.98 37.22 51.02
CA VAL UB 105 -0.13 36.16 51.55
C VAL UB 105 -0.82 35.38 52.69
N GLU UB 106 -1.84 36.00 53.32
CA GLU UB 106 -3.07 35.37 53.83
C GLU UB 106 -3.88 34.68 52.72
N LEU UB 107 -3.62 35.08 51.46
CA LEU UB 107 -4.08 34.42 50.23
C LEU UB 107 -2.94 33.72 49.44
N GLN UB 108 -1.73 33.48 50.01
CA GLN UB 108 -0.64 32.72 49.36
C GLN UB 108 -0.11 31.52 50.16
N GLU UB 109 -0.15 31.56 51.51
CA GLU UB 109 -0.38 30.34 52.32
C GLU UB 109 -1.60 29.60 51.78
N LEU UB 110 -2.58 30.37 51.34
CA LEU UB 110 -3.84 29.85 50.88
C LEU UB 110 -3.78 29.03 49.60
N ASN UB 111 -3.27 29.64 48.53
CA ASN UB 111 -3.17 28.99 47.23
C ASN UB 111 -2.18 27.82 47.27
N ASP UB 112 -1.27 27.82 48.24
CA ASP UB 112 -0.21 26.82 48.38
C ASP UB 112 -0.51 25.72 49.41
N ARG UB 113 -1.48 25.96 50.29
CA ARG UB 113 -2.28 24.93 50.97
C ARG UB 113 -3.21 24.20 49.99
N PHE UB 114 -3.91 24.95 49.13
CA PHE UB 114 -4.58 24.36 47.96
C PHE UB 114 -3.62 23.63 47.01
N ALA UB 115 -2.40 24.16 46.78
CA ALA UB 115 -1.41 23.51 45.93
C ALA UB 115 -0.90 22.22 46.55
N ASN UB 116 -0.57 22.17 47.84
CA ASN UB 116 -0.14 20.94 48.50
C ASN UB 116 -1.29 19.89 48.54
N TYR UB 117 -2.56 20.31 48.63
CA TYR UB 117 -3.69 19.39 48.36
C TYR UB 117 -3.85 18.96 46.89
N ILE UB 118 -3.46 19.76 45.89
CA ILE UB 118 -3.34 19.30 44.50
C ILE UB 118 -2.09 18.44 44.29
N ASP UB 119 -1.10 18.57 45.15
CA ASP UB 119 0.21 17.99 44.95
C ASP UB 119 0.32 16.64 45.68
N LYS UB 120 -0.47 16.46 46.74
CA LYS UB 120 -1.16 15.23 47.14
C LYS UB 120 -1.82 14.46 45.97
N VAL UB 121 -2.53 15.13 45.05
CA VAL UB 121 -3.11 14.43 43.88
C VAL UB 121 -2.01 14.01 42.91
N ARG UB 122 -0.98 14.83 42.73
CA ARG UB 122 0.24 14.51 41.96
C ARG UB 122 1.11 13.41 42.61
N PHE UB 123 1.14 13.29 43.93
CA PHE UB 123 1.89 12.28 44.68
C PHE UB 123 1.23 10.92 44.54
N LEU UB 124 -0.10 10.89 44.67
CA LEU UB 124 -0.86 9.70 44.32
C LEU UB 124 -0.85 9.41 42.83
N GLU UB 125 -0.88 10.40 41.94
CA GLU UB 125 -0.76 10.17 40.49
C GLU UB 125 0.61 9.59 40.11
N GLN UB 126 1.68 9.98 40.80
CA GLN UB 126 3.03 9.43 40.62
C GLN UB 126 3.22 8.04 41.25
N GLN UB 127 2.77 7.83 42.49
CA GLN UB 127 2.82 6.52 43.16
C GLN UB 127 1.91 5.51 42.45
N ASN UB 128 0.72 5.95 42.00
CA ASN UB 128 -0.18 5.22 41.13
C ASN UB 128 0.38 5.01 39.70
N LYS UB 129 1.28 5.87 39.21
CA LYS UB 129 1.97 5.66 37.91
C LYS UB 129 3.12 4.64 38.01
N ILE UB 130 3.82 4.58 39.14
CA ILE UB 130 4.83 3.54 39.41
C ILE UB 130 4.12 2.18 39.60
N LEU UB 131 3.05 2.17 40.39
CA LEU UB 131 2.06 1.08 40.52
C LEU UB 131 1.52 0.58 39.18
N LEU UB 132 1.07 1.46 38.28
CA LEU UB 132 0.55 1.08 36.95
C LEU UB 132 1.64 0.82 35.88
N ALA UB 133 2.92 1.04 36.19
CA ALA UB 133 4.03 0.51 35.39
C ALA UB 133 4.46 -0.88 35.90
N GLU UB 134 4.57 -1.01 37.22
CA GLU UB 134 4.87 -2.23 37.97
C GLU UB 134 3.81 -3.32 37.77
N LEU UB 135 2.52 -2.95 37.70
CA LEU UB 135 1.41 -3.82 37.33
C LEU UB 135 1.50 -4.35 35.89
N GLU UB 136 2.04 -3.57 34.94
CA GLU UB 136 2.28 -4.03 33.57
C GLU UB 136 3.56 -4.87 33.44
N GLN UB 137 4.58 -4.61 34.27
CA GLN UB 137 5.78 -5.46 34.41
C GLN UB 137 5.46 -6.81 35.07
N LEU UB 138 4.59 -6.80 36.07
CA LEU UB 138 3.95 -7.94 36.74
C LEU UB 138 3.24 -8.86 35.73
N LYS UB 139 2.27 -8.33 34.97
CA LYS UB 139 1.52 -9.08 33.95
C LYS UB 139 2.39 -9.53 32.78
N GLY UB 140 3.34 -8.68 32.39
CA GLY UB 140 4.22 -8.91 31.26
C GLY UB 140 5.23 -10.01 31.52
N GLN UB 141 5.81 -10.05 32.73
CA GLN UB 141 6.80 -11.05 33.11
C GLN UB 141 6.18 -12.32 33.71
N GLY UB 142 5.37 -12.19 34.76
CA GLY UB 142 5.00 -13.29 35.66
C GLY UB 142 4.27 -14.43 34.96
N LYS UB 143 3.10 -14.15 34.41
CA LYS UB 143 2.26 -15.12 33.71
C LYS UB 143 2.54 -15.21 32.22
N SER UB 144 2.68 -14.07 31.52
CA SER UB 144 2.95 -14.09 30.08
C SER UB 144 4.38 -14.53 29.82
N ARG UB 145 5.38 -13.65 29.90
CA ARG UB 145 6.72 -13.95 29.33
C ARG UB 145 7.36 -15.20 29.89
N LEU UB 146 7.29 -15.45 31.20
CA LEU UB 146 7.84 -16.66 31.81
C LEU UB 146 7.01 -17.93 31.46
N GLY UB 147 5.69 -17.81 31.32
CA GLY UB 147 4.85 -18.87 30.76
C GLY UB 147 5.12 -19.15 29.27
N ASP UB 148 5.19 -18.10 28.46
CA ASP UB 148 5.43 -18.15 27.00
C ASP UB 148 6.75 -18.87 26.64
N LEU UB 149 7.79 -18.70 27.46
CA LEU UB 149 9.11 -19.36 27.30
C LEU UB 149 9.08 -20.83 27.73
N TYR UB 150 8.72 -21.09 29.00
CA TYR UB 150 8.81 -22.43 29.56
C TYR UB 150 7.72 -23.38 29.01
N GLU UB 151 6.63 -22.85 28.46
CA GLU UB 151 5.71 -23.62 27.62
C GLU UB 151 6.27 -24.01 26.24
N GLU UB 152 7.30 -23.36 25.69
CA GLU UB 152 8.04 -23.85 24.50
C GLU UB 152 9.21 -24.78 24.88
N GLU UB 153 9.91 -24.56 26.00
CA GLU UB 153 10.93 -25.51 26.51
C GLU UB 153 10.31 -26.87 26.89
N MET UB 154 9.15 -26.84 27.57
CA MET UB 154 8.41 -28.07 27.85
C MET UB 154 7.95 -28.76 26.56
N ARG UB 155 7.71 -28.05 25.45
CA ARG UB 155 7.41 -28.66 24.14
C ARG UB 155 8.66 -29.26 23.47
N GLU UB 156 9.85 -28.73 23.71
CA GLU UB 156 11.12 -29.29 23.22
C GLU UB 156 11.62 -30.50 24.03
N LEU UB 157 11.21 -30.63 25.28
CA LEU UB 157 11.30 -31.85 26.08
C LEU UB 157 10.21 -32.86 25.68
N ARG UB 158 8.96 -32.40 25.60
CA ARG UB 158 7.80 -33.18 25.21
C ARG UB 158 7.87 -33.73 23.77
N ARG UB 159 8.60 -33.07 22.87
CA ARG UB 159 8.90 -33.58 21.51
C ARG UB 159 9.67 -34.90 21.53
N GLN UB 160 10.59 -35.07 22.48
CA GLN UB 160 11.36 -36.30 22.67
C GLN UB 160 10.60 -37.33 23.55
N VAL UB 161 9.69 -36.87 24.40
CA VAL UB 161 8.70 -37.72 25.10
C VAL UB 161 7.68 -38.35 24.13
N ASP UB 162 7.20 -37.58 23.17
CA ASP UB 162 6.41 -38.09 22.03
C ASP UB 162 7.27 -38.94 21.08
N GLN UB 163 8.61 -38.75 21.02
CA GLN UB 163 9.51 -39.61 20.24
C GLN UB 163 9.55 -41.05 20.78
N LEU UB 164 9.78 -41.29 22.09
CA LEU UB 164 9.61 -42.66 22.66
C LEU UB 164 8.19 -43.17 22.47
N THR UB 165 7.19 -42.30 22.58
CA THR UB 165 5.79 -42.73 22.50
C THR UB 165 5.41 -43.18 21.08
N ASN UB 166 6.21 -42.81 20.06
CA ASN UB 166 6.30 -43.54 18.80
C ASN UB 166 7.25 -44.76 18.90
N ASP UB 167 8.52 -44.56 19.28
CA ASP UB 167 9.58 -45.59 19.27
C ASP UB 167 9.16 -46.91 19.97
N LYS UB 168 8.74 -46.83 21.23
CA LYS UB 168 8.34 -48.00 22.05
C LYS UB 168 7.14 -48.75 21.47
N ALA UB 169 6.06 -48.01 21.17
CA ALA UB 169 4.85 -48.60 20.59
C ALA UB 169 5.11 -49.21 19.21
N ARG UB 170 6.05 -48.64 18.45
CA ARG UB 170 6.48 -49.15 17.15
C ARG UB 170 7.32 -50.42 17.28
N VAL UB 171 8.32 -50.49 18.16
CA VAL UB 171 9.14 -51.71 18.32
C VAL UB 171 8.34 -52.89 18.87
N GLU UB 172 7.36 -52.62 19.74
CA GLU UB 172 6.42 -53.64 20.23
C GLU UB 172 5.48 -54.14 19.13
N VAL UB 173 4.89 -53.24 18.33
CA VAL UB 173 4.01 -53.63 17.21
C VAL UB 173 4.76 -54.30 16.06
N GLU UB 174 5.96 -53.83 15.71
CA GLU UB 174 6.77 -54.45 14.65
C GLU UB 174 7.33 -55.83 15.07
N ARG UB 175 7.63 -56.06 16.37
CA ARG UB 175 8.09 -57.38 16.88
C ARG UB 175 7.05 -58.46 16.65
N ASP UB 176 5.82 -58.23 17.12
CA ASP UB 176 4.77 -59.25 17.11
C ASP UB 176 4.14 -59.45 15.71
N ASN UB 177 4.29 -58.49 14.79
CA ASN UB 177 3.89 -58.65 13.38
C ASN UB 177 4.92 -59.42 12.56
N LEU UB 178 6.20 -59.01 12.61
CA LEU UB 178 7.24 -59.59 11.76
C LEU UB 178 7.69 -60.99 12.21
N ALA UB 179 7.35 -61.37 13.44
CA ALA UB 179 7.43 -62.75 13.93
C ALA UB 179 6.71 -63.73 12.98
N GLU UB 180 5.41 -63.53 12.74
CA GLU UB 180 4.66 -64.32 11.74
C GLU UB 180 5.08 -64.02 10.28
N ASP UB 181 5.28 -62.76 9.87
CA ASP UB 181 5.61 -62.44 8.45
C ASP UB 181 6.95 -63.02 7.97
N ILE UB 182 7.92 -63.25 8.87
CA ILE UB 182 9.24 -63.83 8.53
C ILE UB 182 9.35 -65.31 8.94
N MET UB 183 8.65 -65.77 9.98
CA MET UB 183 8.51 -67.20 10.30
C MET UB 183 7.83 -67.98 9.17
N ARG UB 184 6.81 -67.38 8.53
CA ARG UB 184 6.14 -67.85 7.31
C ARG UB 184 6.94 -67.64 6.00
N LEU UB 185 8.18 -67.13 6.10
CA LEU UB 185 9.22 -67.15 5.05
C LEU UB 185 10.38 -68.11 5.37
N ARG UB 186 10.49 -68.68 6.58
CA ARG UB 186 11.40 -69.79 6.91
C ARG UB 186 10.74 -71.14 6.74
N GLU UB 187 9.44 -71.24 7.07
CA GLU UB 187 8.57 -72.40 6.86
C GLU UB 187 8.52 -72.86 5.39
N LYS UB 188 8.61 -71.92 4.44
CA LYS UB 188 8.61 -72.21 3.00
C LYS UB 188 9.98 -72.61 2.44
N LEU UB 189 11.06 -72.27 3.15
CA LEU UB 189 12.40 -72.79 2.83
C LEU UB 189 12.60 -74.19 3.42
N GLN UB 190 11.91 -74.50 4.53
CA GLN UB 190 11.74 -75.86 5.05
C GLN UB 190 10.94 -76.74 4.09
N GLU UB 191 9.85 -76.23 3.49
CA GLU UB 191 9.16 -76.91 2.38
C GLU UB 191 10.11 -77.21 1.20
N GLU UB 192 10.94 -76.24 0.78
CA GLU UB 192 11.88 -76.43 -0.35
C GLU UB 192 13.03 -77.42 -0.05
N MET UB 193 13.49 -77.55 1.20
CA MET UB 193 14.59 -78.46 1.58
C MET UB 193 14.14 -79.85 2.04
N LEU UB 194 12.95 -79.99 2.64
CA LEU UB 194 12.40 -81.32 2.90
C LEU UB 194 12.04 -82.05 1.59
N GLN UB 195 11.69 -81.33 0.52
CA GLN UB 195 11.60 -81.88 -0.86
C GLN UB 195 12.96 -82.21 -1.53
N ARG UB 196 14.08 -81.94 -0.86
CA ARG UB 196 15.43 -82.39 -1.25
C ARG UB 196 15.88 -83.57 -0.41
N GLU UB 197 15.69 -83.50 0.90
CA GLU UB 197 16.21 -84.52 1.82
C GLU UB 197 15.28 -85.75 1.94
N GLU UB 198 13.98 -85.60 1.64
CA GLU UB 198 13.07 -86.70 1.25
C GLU UB 198 13.62 -87.43 0.01
N ALA UB 199 14.05 -86.66 -0.99
CA ALA UB 199 14.54 -87.15 -2.26
C ALA UB 199 15.98 -87.73 -2.21
N GLU UB 200 16.66 -87.64 -1.06
CA GLU UB 200 17.94 -88.27 -0.76
C GLU UB 200 17.78 -89.48 0.17
N ASN UB 201 17.32 -89.26 1.40
CA ASN UB 201 17.27 -90.27 2.46
C ASN UB 201 16.36 -91.45 2.11
N THR UB 202 15.15 -91.16 1.61
CA THR UB 202 14.20 -92.20 1.17
C THR UB 202 14.75 -93.04 0.02
N LEU UB 203 15.66 -92.47 -0.78
CA LEU UB 203 16.32 -93.16 -1.89
C LEU UB 203 17.54 -93.99 -1.45
N GLN UB 204 18.07 -93.84 -0.23
CA GLN UB 204 18.91 -94.87 0.44
C GLN UB 204 18.06 -95.98 1.06
N SER UB 205 16.94 -95.63 1.68
CA SER UB 205 16.08 -96.61 2.35
C SER UB 205 15.39 -97.56 1.35
N PHE UB 206 15.02 -97.04 0.17
CA PHE UB 206 14.57 -97.83 -0.99
C PHE UB 206 15.67 -98.71 -1.62
N ARG UB 207 16.95 -98.55 -1.29
CA ARG UB 207 18.06 -99.40 -1.74
C ARG UB 207 18.36 -100.53 -0.77
N GLN UB 208 18.22 -100.27 0.54
CA GLN UB 208 18.25 -101.31 1.56
C GLN UB 208 17.02 -102.24 1.49
N ASP UB 209 15.82 -101.69 1.26
CA ASP UB 209 14.64 -102.54 0.99
C ASP UB 209 14.56 -103.08 -0.46
N VAL UB 210 15.39 -102.59 -1.38
CA VAL UB 210 15.68 -103.33 -2.63
C VAL UB 210 16.50 -104.60 -2.35
N ASP UB 211 17.45 -104.57 -1.41
CA ASP UB 211 18.19 -105.76 -0.99
C ASP UB 211 17.35 -106.76 -0.18
N ASN UB 212 16.61 -106.28 0.84
CA ASN UB 212 15.69 -107.12 1.61
C ASN UB 212 14.64 -107.80 0.71
N ALA UB 213 14.13 -107.07 -0.29
CA ALA UB 213 13.25 -107.63 -1.31
C ALA UB 213 13.98 -108.62 -2.25
N SER UB 214 15.23 -108.36 -2.64
CA SER UB 214 16.02 -109.21 -3.55
C SER UB 214 16.43 -110.55 -2.92
N LEU UB 215 16.80 -110.57 -1.63
CA LEU UB 215 16.99 -111.81 -0.88
C LEU UB 215 15.69 -112.65 -0.82
N ALA UB 216 14.55 -111.99 -0.67
CA ALA UB 216 13.25 -112.65 -0.81
C ALA UB 216 12.95 -113.10 -2.26
N ARG UB 217 13.38 -112.36 -3.30
CA ARG UB 217 13.28 -112.81 -4.70
C ARG UB 217 14.12 -114.05 -4.98
N LEU UB 218 15.28 -114.23 -4.36
CA LEU UB 218 16.15 -115.41 -4.57
C LEU UB 218 15.59 -116.69 -3.95
N ASP UB 219 14.85 -116.58 -2.85
CA ASP UB 219 14.08 -117.71 -2.30
C ASP UB 219 12.88 -118.07 -3.20
N LEU UB 220 12.29 -117.09 -3.89
CA LEU UB 220 11.28 -117.32 -4.94
C LEU UB 220 11.91 -117.89 -6.23
N GLU UB 221 13.08 -117.40 -6.65
CA GLU UB 221 13.85 -117.91 -7.79
C GLU UB 221 14.30 -119.35 -7.61
N ARG UB 222 14.72 -119.72 -6.39
CA ARG UB 222 15.00 -121.11 -6.03
C ARG UB 222 13.81 -122.04 -6.23
N LYS UB 223 12.59 -121.54 -6.00
CA LYS UB 223 11.36 -122.27 -6.33
C LYS UB 223 11.17 -122.29 -7.84
N VAL UB 224 11.25 -121.15 -8.52
CA VAL UB 224 11.09 -121.03 -9.99
C VAL UB 224 12.05 -121.93 -10.77
N GLU UB 225 13.36 -121.92 -10.51
CA GLU UB 225 14.40 -122.78 -11.16
C GLU UB 225 14.03 -124.27 -11.07
N SER UB 226 13.79 -124.72 -9.84
CA SER UB 226 13.39 -126.10 -9.54
C SER UB 226 12.07 -126.46 -10.23
N LEU UB 227 11.13 -125.53 -10.24
CA LEU UB 227 9.82 -125.64 -10.89
C LEU UB 227 9.85 -125.42 -12.42
N GLN UB 228 11.02 -125.16 -12.99
CA GLN UB 228 11.24 -124.93 -14.42
C GLN UB 228 12.11 -126.03 -15.07
N GLU UB 229 12.81 -126.86 -14.30
CA GLU UB 229 12.85 -128.29 -14.65
C GLU UB 229 11.44 -128.85 -14.83
N GLU UB 230 10.55 -128.51 -13.87
CA GLU UB 230 9.20 -129.05 -13.81
C GLU UB 230 8.22 -128.46 -14.84
N ILE UB 231 8.48 -127.27 -15.40
CA ILE UB 231 7.82 -126.81 -16.65
C ILE UB 231 8.26 -127.70 -17.81
N ALA UB 232 9.55 -127.96 -17.96
CA ALA UB 232 10.03 -128.74 -19.10
C ALA UB 232 9.53 -130.20 -19.09
N PHE UB 233 9.46 -130.78 -17.88
CA PHE UB 233 8.70 -132.00 -17.55
C PHE UB 233 7.24 -131.86 -18.00
N LEU UB 234 6.49 -130.92 -17.41
CA LEU UB 234 5.06 -130.73 -17.64
C LEU UB 234 4.68 -130.52 -19.12
N LYS UB 235 5.36 -129.61 -19.84
CA LYS UB 235 5.03 -129.30 -21.24
C LYS UB 235 5.30 -130.47 -22.20
N LYS UB 236 6.10 -131.47 -21.82
CA LYS UB 236 6.34 -132.68 -22.64
C LYS UB 236 5.73 -133.97 -22.10
N LEU UB 237 5.47 -134.05 -20.80
CA LEU UB 237 4.52 -135.03 -20.24
C LEU UB 237 3.11 -134.84 -20.83
N HIS UB 238 2.74 -133.62 -21.26
CA HIS UB 238 1.51 -133.45 -22.05
C HIS UB 238 1.60 -133.88 -23.52
N GLU UB 239 2.76 -133.74 -24.17
CA GLU UB 239 2.92 -134.27 -25.53
C GLU UB 239 2.90 -135.80 -25.52
N GLU UB 240 3.43 -136.38 -24.43
CA GLU UB 240 3.49 -137.79 -24.08
C GLU UB 240 2.11 -138.37 -23.66
N GLU UB 241 1.26 -137.64 -22.92
CA GLU UB 241 -0.17 -137.96 -22.78
C GLU UB 241 -0.93 -137.99 -24.12
N ILE UB 242 -0.54 -137.14 -25.08
CA ILE UB 242 -1.13 -137.17 -26.43
C ILE UB 242 -0.55 -138.31 -27.27
N GLN UB 243 0.65 -138.83 -26.98
CA GLN UB 243 1.19 -140.05 -27.57
C GLN UB 243 0.56 -141.30 -26.96
N GLU UB 244 0.35 -141.35 -25.65
CA GLU UB 244 -0.21 -142.50 -24.94
C GLU UB 244 -1.74 -142.57 -24.95
N LEU UB 245 -2.44 -141.45 -25.15
CA LEU UB 245 -3.84 -141.47 -25.60
C LEU UB 245 -3.95 -141.88 -27.09
N GLN UB 246 -2.97 -141.52 -27.92
CA GLN UB 246 -2.83 -142.14 -29.25
C GLN UB 246 -2.34 -143.58 -29.18
N ALA UB 247 -1.76 -144.04 -28.06
CA ALA UB 247 -1.45 -145.45 -27.79
C ALA UB 247 -2.72 -146.23 -27.40
N GLN UB 248 -3.49 -145.79 -26.41
CA GLN UB 248 -4.75 -146.45 -26.06
C GLN UB 248 -5.80 -146.40 -27.21
N ILE UB 249 -5.85 -145.34 -28.04
CA ILE UB 249 -6.65 -145.37 -29.30
C ILE UB 249 -6.02 -146.31 -30.32
N GLN UB 250 -4.70 -146.30 -30.49
CA GLN UB 250 -4.01 -147.21 -31.41
C GLN UB 250 -4.29 -148.68 -31.03
N GLU UB 251 -4.09 -149.10 -29.76
CA GLU UB 251 -3.82 -150.44 -29.22
C GLU UB 251 -4.95 -151.44 -28.93
N GLN UB 252 -6.18 -150.84 -29.09
CA GLN UB 252 -7.33 -151.75 -29.44
C GLN UB 252 -7.32 -152.13 -31.00
N HIS UB 253 -6.45 -151.48 -31.81
CA HIS UB 253 -6.36 -151.39 -33.28
C HIS UB 253 -4.84 -151.38 -33.65
N VAL UB 254 -3.93 -151.82 -32.82
CA VAL UB 254 -3.46 -153.12 -32.58
C VAL UB 254 -2.62 -153.00 -31.28
N GLN UB 255 -2.59 -154.16 -30.65
CA GLN UB 255 -3.52 -155.27 -30.66
C GLN UB 255 -3.76 -155.59 -29.20
N ILE UB 256 -4.85 -156.33 -29.15
CA ILE UB 256 -6.16 -155.87 -28.62
C ILE UB 256 -6.12 -155.54 -27.13
N ASP UB 257 -5.05 -155.78 -26.38
CA ASP UB 257 -4.33 -157.01 -25.94
C ASP UB 257 -3.77 -158.12 -26.93
N VAL UB 258 -2.45 -158.14 -27.20
CA VAL UB 258 -1.84 -158.72 -28.46
C VAL UB 258 -2.12 -160.22 -28.82
N MET VB 1 8.77 -74.29 -19.71
CA MET VB 1 9.68 -73.17 -19.40
C MET VB 1 9.56 -72.89 -17.91
N SER VB 2 10.65 -72.74 -17.16
CA SER VB 2 10.54 -72.04 -15.87
C SER VB 2 10.26 -70.57 -16.17
N THR VB 3 9.14 -70.05 -15.67
CA THR VB 3 8.68 -68.74 -16.12
C THR VB 3 9.62 -67.66 -15.58
N ARG VB 4 10.24 -66.90 -16.49
CA ARG VB 4 10.83 -65.59 -16.18
C ARG VB 4 9.71 -64.62 -15.77
N SER VB 5 9.32 -64.70 -14.51
CA SER VB 5 8.23 -63.91 -13.95
C SER VB 5 8.56 -62.41 -13.98
N VAL VB 6 7.52 -61.59 -14.01
CA VAL VB 6 7.67 -60.14 -14.08
C VAL VB 6 8.02 -59.60 -12.69
N SER VB 7 9.32 -59.40 -12.46
CA SER VB 7 9.82 -58.76 -11.23
C SER VB 7 9.32 -57.31 -11.16
N SER VB 8 8.33 -57.07 -10.30
CA SER VB 8 7.42 -55.92 -10.40
C SER VB 8 7.58 -54.96 -9.22
N SER VB 9 8.81 -54.50 -8.99
CA SER VB 9 9.09 -53.38 -8.09
C SER VB 9 8.43 -52.06 -8.53
N SER VB 10 8.52 -51.02 -7.72
CA SER VB 10 7.87 -49.71 -7.90
C SER VB 10 8.42 -48.81 -9.01
N TYR VB 11 8.85 -49.39 -10.14
CA TYR VB 11 9.11 -48.67 -11.41
C TYR VB 11 7.87 -47.91 -11.96
N ARG VB 12 6.69 -48.13 -11.37
CA ARG VB 12 5.39 -47.55 -11.78
C ARG VB 12 5.13 -46.13 -11.25
N ARG VB 13 5.64 -45.80 -10.05
CA ARG VB 13 5.44 -44.52 -9.31
C ARG VB 13 6.48 -44.40 -8.19
N MET VB 14 6.22 -43.64 -7.12
CA MET VB 14 7.20 -43.22 -6.10
C MET VB 14 8.29 -42.25 -6.61
N PHE VB 15 8.41 -42.08 -7.93
CA PHE VB 15 9.14 -41.01 -8.57
C PHE VB 15 8.21 -39.85 -8.96
N GLY VB 16 8.67 -38.60 -9.00
CA GLY VB 16 10.02 -38.12 -8.64
C GLY VB 16 10.54 -37.08 -9.64
N GLY VB 17 11.30 -36.11 -9.15
CA GLY VB 17 11.55 -34.83 -9.83
C GLY VB 17 10.86 -33.65 -9.15
N PRO VB 18 9.51 -33.59 -9.09
CA PRO VB 18 8.78 -32.58 -8.31
C PRO VB 18 8.73 -32.91 -6.80
N GLY VB 19 9.82 -33.42 -6.23
CA GLY VB 19 10.01 -33.54 -4.77
C GLY VB 19 10.17 -32.19 -4.07
N THR VB 20 10.36 -31.11 -4.85
CA THR VB 20 10.38 -29.70 -4.45
C THR VB 20 9.00 -29.20 -3.97
N ALA VB 21 8.53 -29.73 -2.84
CA ALA VB 21 7.24 -29.44 -2.24
C ALA VB 21 7.20 -28.05 -1.55
N SER VB 22 7.26 -28.00 -0.21
CA SER VB 22 7.29 -26.75 0.56
C SER VB 22 8.63 -26.02 0.44
N ARG VB 23 8.80 -25.27 -0.66
CA ARG VB 23 9.78 -24.18 -0.72
C ARG VB 23 9.42 -23.11 0.34
N PRO VB 24 10.40 -22.51 1.04
CA PRO VB 24 10.15 -21.57 2.14
C PRO VB 24 9.66 -20.21 1.62
N SER VB 25 8.35 -20.05 1.47
CA SER VB 25 7.72 -18.73 1.29
C SER VB 25 7.90 -17.82 2.51
N SER VB 26 8.24 -18.38 3.66
CA SER VB 26 8.73 -17.69 4.86
C SER VB 26 9.99 -16.85 4.65
N SER VB 27 10.74 -17.07 3.55
CA SER VB 27 11.81 -16.18 3.07
C SER VB 27 11.29 -14.76 2.78
N ARG VB 28 10.02 -14.64 2.40
CA ARG VB 28 9.23 -13.42 2.61
C ARG VB 28 8.69 -13.45 4.04
N SER VB 29 9.36 -12.73 4.92
CA SER VB 29 8.79 -12.19 6.14
C SER VB 29 8.47 -10.69 6.00
N TYR VB 30 7.64 -10.15 6.89
CA TYR VB 30 7.51 -8.70 7.08
C TYR VB 30 7.59 -8.37 8.57
N VAL VB 31 8.83 -8.13 9.03
CA VAL VB 31 9.09 -7.64 10.37
C VAL VB 31 9.14 -6.11 10.36
N THR VB 32 8.50 -5.49 11.34
CA THR VB 32 8.54 -4.07 11.65
C THR VB 32 8.42 -3.87 13.15
N THR VB 33 9.09 -2.86 13.69
CA THR VB 33 8.92 -2.45 15.10
C THR VB 33 7.56 -1.80 15.32
N SER VB 34 7.15 -1.72 16.58
CA SER VB 34 5.96 -1.00 17.07
C SER VB 34 6.09 0.50 16.83
N THR VB 35 5.82 0.91 15.60
CA THR VB 35 6.37 2.17 15.04
C THR VB 35 5.88 3.38 15.83
N ARG VB 36 6.81 4.17 16.37
CA ARG VB 36 6.51 5.33 17.22
C ARG VB 36 6.04 6.52 16.40
N THR VB 37 4.94 7.13 16.84
CA THR VB 37 4.82 8.60 16.77
C THR VB 37 5.49 9.20 18.01
N TYR VB 38 6.46 10.08 17.84
CA TYR VB 38 7.22 10.69 18.94
C TYR VB 38 6.47 11.85 19.61
N SER VB 39 6.61 11.99 20.93
CA SER VB 39 6.13 13.13 21.70
C SER VB 39 7.01 14.37 21.52
N LEU VB 40 6.42 15.56 21.68
CA LEU VB 40 7.13 16.85 21.67
C LEU VB 40 6.47 17.81 22.68
N GLY VB 41 7.28 18.37 23.58
CA GLY VB 41 6.82 19.39 24.54
C GLY VB 41 6.56 20.79 23.93
N SER VB 42 6.71 20.96 22.62
CA SER VB 42 6.62 22.26 21.94
C SER VB 42 5.23 22.91 21.99
N ALA VB 43 4.16 22.13 22.17
CA ALA VB 43 2.81 22.64 22.39
C ALA VB 43 2.41 22.74 23.88
N LEU VB 44 3.21 22.16 24.80
CA LEU VB 44 3.12 22.40 26.24
C LEU VB 44 3.80 23.71 26.67
N ARG VB 45 4.81 24.16 25.92
CA ARG VB 45 5.61 25.37 26.20
C ARG VB 45 5.04 26.62 25.48
N PRO VB 46 4.29 27.51 26.17
CA PRO VB 46 3.91 28.82 25.63
C PRO VB 46 5.06 29.84 25.68
N SER VB 47 4.83 31.03 25.13
CA SER VB 47 5.67 32.22 25.31
C SER VB 47 5.27 33.02 26.55
N THR VB 48 6.05 32.93 27.63
CA THR VB 48 5.92 33.82 28.81
C THR VB 48 6.45 35.22 28.49
N SER VB 49 5.58 36.08 27.93
CA SER VB 49 5.94 37.45 27.53
C SER VB 49 6.15 38.39 28.73
N ARG VB 50 7.30 39.07 28.81
CA ARG VB 50 7.57 40.12 29.80
C ARG VB 50 7.07 41.49 29.32
N SER VB 51 5.91 41.90 29.81
CA SER VB 51 5.47 43.30 29.80
C SER VB 51 6.35 44.17 30.70
N LEU VB 52 6.89 45.28 30.16
CA LEU VB 52 7.61 46.30 30.93
C LEU VB 52 6.74 47.54 31.12
N TYR VB 53 6.67 48.06 32.35
CA TYR VB 53 5.82 49.19 32.72
C TYR VB 53 6.67 50.44 33.04
N ALA VB 54 6.93 51.26 32.02
CA ALA VB 54 7.80 52.43 32.10
C ALA VB 54 7.13 53.62 32.85
N SER VB 55 7.06 53.55 34.18
CA SER VB 55 6.58 54.66 35.01
C SER VB 55 7.59 55.82 35.06
N SER VB 56 7.14 57.01 34.68
CA SER VB 56 7.83 58.29 34.94
C SER VB 56 6.97 59.17 35.87
N PRO VB 57 7.34 59.35 37.15
CA PRO VB 57 6.59 60.18 38.09
C PRO VB 57 6.42 61.64 37.64
N GLY VB 58 5.33 62.28 38.09
CA GLY VB 58 5.00 63.66 37.74
C GLY VB 58 5.90 64.70 38.40
N GLY VB 59 6.39 65.67 37.63
CA GLY VB 59 7.25 66.75 38.12
C GLY VB 59 6.58 67.68 39.15
N VAL VB 60 7.37 68.23 40.08
CA VAL VB 60 6.87 69.05 41.20
C VAL VB 60 6.60 70.51 40.76
N TYR VB 61 5.38 70.72 40.26
CA TYR VB 61 4.83 72.05 39.94
C TYR VB 61 3.86 72.52 41.03
N ALA VB 62 4.13 73.71 41.57
CA ALA VB 62 3.35 74.42 42.58
C ALA VB 62 3.63 75.93 42.47
N THR VB 63 2.91 76.76 43.23
CA THR VB 63 2.83 78.22 43.04
C THR VB 63 4.10 79.00 43.41
N ARG VB 64 5.18 78.84 42.63
CA ARG VB 64 6.47 79.56 42.79
C ARG VB 64 6.37 81.07 42.53
N SER VB 65 5.25 81.54 41.97
CA SER VB 65 4.88 82.96 41.84
C SER VB 65 4.14 83.52 43.07
N SER VB 66 3.87 82.70 44.10
CA SER VB 66 3.49 83.18 45.42
C SER VB 66 4.66 83.91 46.11
N ALA VB 67 4.38 84.60 47.21
CA ALA VB 67 5.40 85.16 48.12
C ALA VB 67 6.43 86.13 47.50
N VAL VB 68 6.10 86.77 46.35
CA VAL VB 68 6.84 87.93 45.76
C VAL VB 68 7.16 89.00 46.81
N ARG VB 69 6.20 89.24 47.70
CA ARG VB 69 6.41 89.32 49.15
C ARG VB 69 5.31 88.48 49.81
N LEU VB 70 5.47 88.09 51.07
CA LEU VB 70 4.29 87.84 51.91
C LEU VB 70 3.51 89.16 52.07
N ARG VB 71 2.18 89.09 52.04
CA ARG VB 71 1.35 90.29 52.19
C ARG VB 71 1.48 90.84 53.62
N SER VB 72 1.38 92.15 53.75
CA SER VB 72 1.18 92.88 55.01
C SER VB 72 -0.21 93.53 55.11
N SER VB 73 -1.02 93.48 54.03
CA SER VB 73 -2.40 93.97 53.98
C SER VB 73 -3.32 93.24 54.97
N VAL VB 74 -3.03 91.95 55.18
CA VAL VB 74 -3.15 91.28 56.48
C VAL VB 74 -1.79 90.61 56.70
N PRO VB 75 -1.02 90.96 57.75
CA PRO VB 75 0.28 90.36 58.01
C PRO VB 75 0.14 89.01 58.73
N GLY VB 76 1.26 88.28 58.80
CA GLY VB 76 1.45 87.02 59.53
C GLY VB 76 1.19 87.10 61.05
N VAL VB 77 -0.07 87.19 61.51
CA VAL VB 77 -0.43 87.07 62.93
C VAL VB 77 -0.32 85.60 63.34
N ARG VB 78 0.82 85.28 63.94
CA ARG VB 78 1.43 83.94 63.92
C ARG VB 78 1.46 83.29 65.29
N LEU VB 79 0.27 82.96 65.78
CA LEU VB 79 -0.05 81.74 66.54
C LEU VB 79 1.07 80.67 66.45
N LEU VB 80 1.99 80.66 67.42
CA LEU VB 80 2.94 79.56 67.65
C LEU VB 80 2.37 78.59 68.70
N GLN VB 81 3.25 77.94 69.46
CA GLN VB 81 2.99 76.72 70.24
C GLN VB 81 2.80 75.50 69.32
N ASP VB 82 3.09 74.36 69.93
CA ASP VB 82 3.76 73.19 69.37
C ASP VB 82 3.54 72.02 70.35
N SER VB 83 4.18 70.87 70.11
CA SER VB 83 3.74 69.56 70.64
C SER VB 83 2.41 69.15 70.01
N VAL VB 84 2.53 68.68 68.77
CA VAL VB 84 1.42 68.38 67.85
C VAL VB 84 1.70 67.06 67.12
N ASP VB 85 0.63 66.38 66.73
CA ASP VB 85 0.61 65.03 66.18
C ASP VB 85 1.67 64.76 65.09
N PHE VB 86 2.63 63.84 65.25
CA PHE VB 86 2.84 62.75 66.24
C PHE VB 86 1.84 61.57 66.23
N SER VB 87 0.62 61.79 65.74
CA SER VB 87 -0.24 60.74 65.18
C SER VB 87 0.43 59.98 64.01
N LEU VB 88 1.40 60.60 63.34
CA LEU VB 88 2.24 59.96 62.33
C LEU VB 88 3.10 58.81 62.89
N ALA VB 89 3.51 58.85 64.16
CA ALA VB 89 4.25 57.77 64.81
C ALA VB 89 3.32 56.63 65.27
N ASP VB 90 2.09 56.95 65.69
CA ASP VB 90 1.04 55.96 65.94
C ASP VB 90 0.61 55.26 64.63
N ALA VB 91 0.53 56.00 63.53
CA ALA VB 91 0.25 55.47 62.20
C ALA VB 91 1.45 54.69 61.60
N ILE VB 92 2.69 55.01 61.96
CA ILE VB 92 3.85 54.11 61.71
C ILE VB 92 3.73 52.83 62.56
N ASN VB 93 3.04 52.86 63.71
CA ASN VB 93 2.71 51.66 64.46
C ASN VB 93 1.40 50.96 64.03
N THR VB 94 0.53 51.58 63.23
CA THR VB 94 -0.51 50.85 62.46
C THR VB 94 0.03 50.27 61.14
N GLU VB 95 1.05 50.91 60.55
CA GLU VB 95 1.94 50.29 59.57
C GLU VB 95 2.63 49.05 60.18
N PHE VB 96 3.24 49.18 61.35
CA PHE VB 96 3.92 48.06 62.01
C PHE VB 96 2.96 46.99 62.54
N LYS VB 97 1.69 47.31 62.85
CA LYS VB 97 0.62 46.30 63.08
C LYS VB 97 0.41 45.44 61.85
N ASN VB 98 0.17 46.05 60.69
CA ASN VB 98 -0.10 45.27 59.47
C ASN VB 98 1.21 44.74 58.83
N THR VB 99 2.35 45.17 59.35
CA THR VB 99 3.66 44.51 59.19
C THR VB 99 3.79 43.29 60.09
N ARG VB 100 3.27 43.27 61.33
CA ARG VB 100 3.17 42.02 62.12
C ARG VB 100 2.29 40.99 61.41
N THR VB 101 1.17 41.39 60.79
CA THR VB 101 0.38 40.43 60.00
C THR VB 101 1.15 39.94 58.76
N ASN VB 102 1.96 40.80 58.10
CA ASN VB 102 2.79 40.35 56.97
C ASN VB 102 4.05 39.53 57.35
N GLU VB 103 4.67 39.75 58.52
CA GLU VB 103 5.74 38.91 59.05
C GLU VB 103 5.26 37.50 59.42
N LYS VB 104 4.10 37.41 60.07
CA LYS VB 104 3.52 36.13 60.51
C LYS VB 104 2.98 35.31 59.34
N VAL VB 105 2.61 35.97 58.25
CA VAL VB 105 2.15 35.29 57.04
C VAL VB 105 3.22 35.10 55.97
N GLU VB 106 4.33 35.85 55.99
CA GLU VB 106 5.59 35.44 55.33
C GLU VB 106 6.25 34.25 56.05
N LEU VB 107 6.09 34.11 57.38
CA LEU VB 107 6.47 32.88 58.09
C LEU VB 107 5.59 31.68 57.70
N GLN VB 108 4.30 31.89 57.43
CA GLN VB 108 3.40 30.80 57.01
C GLN VB 108 3.53 30.46 55.53
N GLU VB 109 3.64 31.46 54.65
CA GLU VB 109 4.04 31.33 53.23
C GLU VB 109 5.43 30.70 53.05
N LEU VB 110 6.32 30.80 54.04
CA LEU VB 110 7.57 30.05 54.02
C LEU VB 110 7.38 28.54 54.30
N ASN VB 111 6.42 28.12 55.13
CA ASN VB 111 6.02 26.71 55.24
C ASN VB 111 5.29 26.23 53.98
N ASP VB 112 4.49 27.09 53.36
CA ASP VB 112 3.75 26.76 52.13
C ASP VB 112 4.62 26.75 50.87
N ARG VB 113 5.71 27.51 50.88
CA ARG VB 113 6.84 27.35 49.98
C ARG VB 113 7.75 26.19 50.36
N PHE VB 114 7.83 25.77 51.62
CA PHE VB 114 8.42 24.47 51.94
C PHE VB 114 7.60 23.35 51.30
N ALA VB 115 6.26 23.32 51.43
CA ALA VB 115 5.42 22.34 50.73
C ALA VB 115 5.56 22.38 49.20
N ASN VB 116 5.50 23.55 48.56
CA ASN VB 116 5.69 23.68 47.12
C ASN VB 116 7.15 23.42 46.65
N TYR VB 117 8.15 23.54 47.52
CA TYR VB 117 9.52 23.09 47.24
C TYR VB 117 9.73 21.61 47.58
N ILE VB 118 8.93 21.03 48.49
CA ILE VB 118 8.90 19.59 48.75
C ILE VB 118 8.15 18.88 47.62
N ASP VB 119 7.08 19.44 47.03
CA ASP VB 119 6.48 19.02 45.73
C ASP VB 119 7.53 18.92 44.63
N LYS VB 120 8.33 19.98 44.50
CA LYS VB 120 9.43 20.04 43.54
C LYS VB 120 10.54 19.01 43.80
N VAL VB 121 10.77 18.60 45.05
CA VAL VB 121 11.70 17.51 45.43
C VAL VB 121 11.06 16.12 45.29
N ARG VB 122 9.77 15.98 45.60
CA ARG VB 122 8.95 14.78 45.39
C ARG VB 122 8.88 14.46 43.91
N PHE VB 123 8.64 15.44 43.04
CA PHE VB 123 8.74 15.29 41.57
C PHE VB 123 10.16 15.04 41.07
N LEU VB 124 11.19 15.66 41.66
CA LEU VB 124 12.57 15.40 41.26
C LEU VB 124 12.93 13.93 41.50
N GLU VB 125 12.65 13.42 42.69
CA GLU VB 125 12.84 12.01 42.99
C GLU VB 125 11.88 11.11 42.21
N GLN VB 126 10.58 11.39 42.18
CA GLN VB 126 9.60 10.51 41.52
C GLN VB 126 9.66 10.50 39.99
N GLN VB 127 10.11 11.56 39.32
CA GLN VB 127 10.42 11.46 37.88
C GLN VB 127 11.71 10.69 37.60
N ASN VB 128 12.66 10.67 38.55
CA ASN VB 128 13.73 9.67 38.55
C ASN VB 128 13.19 8.26 38.90
N LYS VB 129 12.27 8.10 39.87
CA LYS VB 129 11.76 6.79 40.31
C LYS VB 129 10.89 6.10 39.26
N ILE VB 130 10.02 6.83 38.57
CA ILE VB 130 9.29 6.32 37.39
C ILE VB 130 10.27 5.91 36.30
N LEU VB 131 11.34 6.68 36.07
CA LEU VB 131 12.36 6.35 35.06
C LEU VB 131 13.25 5.16 35.47
N LEU VB 132 13.51 4.95 36.76
CA LEU VB 132 14.23 3.79 37.26
C LEU VB 132 13.36 2.51 37.19
N ALA VB 133 12.09 2.61 37.60
CA ALA VB 133 11.11 1.52 37.47
C ALA VB 133 10.79 1.16 36.00
N GLU VB 134 10.56 2.14 35.11
CA GLU VB 134 10.42 1.93 33.65
C GLU VB 134 11.75 1.54 32.95
N LEU VB 135 12.87 1.36 33.68
CA LEU VB 135 14.17 0.88 33.17
C LEU VB 135 14.75 -0.39 33.84
N GLU VB 136 14.51 -0.68 35.12
CA GLU VB 136 15.37 -1.64 35.86
C GLU VB 136 15.15 -3.11 35.43
N GLN VB 137 13.92 -3.40 35.00
CA GLN VB 137 13.56 -4.62 34.27
C GLN VB 137 14.13 -4.67 32.83
N LEU VB 138 14.63 -3.55 32.31
CA LEU VB 138 15.37 -3.44 31.03
C LEU VB 138 16.90 -3.45 31.23
N LYS VB 139 17.40 -3.51 32.47
CA LYS VB 139 18.84 -3.50 32.82
C LYS VB 139 19.29 -4.82 33.44
N GLY VB 140 18.84 -5.13 34.65
CA GLY VB 140 19.36 -6.26 35.44
C GLY VB 140 18.77 -7.60 35.04
N GLN VB 141 17.43 -7.67 35.11
CA GLN VB 141 16.64 -8.63 34.35
C GLN VB 141 16.85 -8.48 32.82
N GLY VB 142 17.24 -7.30 32.35
CA GLY VB 142 17.64 -7.00 30.97
C GLY VB 142 18.94 -7.65 30.49
N LYS VB 143 19.69 -8.36 31.36
CA LYS VB 143 20.72 -9.34 30.97
C LYS VB 143 20.39 -10.76 31.37
N SER VB 144 19.78 -10.98 32.53
CA SER VB 144 19.43 -12.35 32.95
C SER VB 144 18.36 -13.00 32.07
N ARG VB 145 17.30 -12.26 31.68
CA ARG VB 145 16.29 -12.69 30.68
C ARG VB 145 16.81 -12.82 29.24
N LEU VB 146 18.00 -12.28 28.96
CA LEU VB 146 18.63 -12.41 27.65
C LEU VB 146 19.48 -13.69 27.56
N GLY VB 147 20.09 -14.14 28.66
CA GLY VB 147 20.65 -15.49 28.78
C GLY VB 147 19.57 -16.58 28.84
N ASP VB 148 18.49 -16.31 29.61
CA ASP VB 148 17.25 -17.12 29.68
C ASP VB 148 16.67 -17.42 28.28
N LEU VB 149 16.66 -16.42 27.39
CA LEU VB 149 16.24 -16.55 25.98
C LEU VB 149 17.29 -17.21 25.08
N TYR VB 150 18.58 -16.89 25.23
CA TYR VB 150 19.63 -17.50 24.41
C TYR VB 150 19.80 -18.99 24.69
N GLU VB 151 19.43 -19.49 25.87
CA GLU VB 151 19.40 -20.93 26.13
C GLU VB 151 18.15 -21.65 25.56
N GLU VB 152 17.03 -20.95 25.34
CA GLU VB 152 15.91 -21.43 24.49
C GLU VB 152 16.30 -21.48 22.99
N GLU VB 153 16.94 -20.43 22.48
CA GLU VB 153 17.50 -20.42 21.12
C GLU VB 153 18.58 -21.50 20.93
N MET VB 154 19.39 -21.74 21.97
CA MET VB 154 20.35 -22.84 22.03
C MET VB 154 19.67 -24.20 22.14
N ARG VB 155 18.49 -24.34 22.77
CA ARG VB 155 17.76 -25.62 22.85
C ARG VB 155 17.26 -26.09 21.50
N GLU VB 156 16.61 -25.27 20.67
CA GLU VB 156 16.21 -25.77 19.34
C GLU VB 156 17.45 -26.15 18.52
N LEU VB 157 18.54 -25.36 18.59
CA LEU VB 157 19.79 -25.68 17.90
C LEU VB 157 20.44 -26.99 18.43
N ARG VB 158 20.44 -27.19 19.74
CA ARG VB 158 20.87 -28.41 20.44
C ARG VB 158 20.05 -29.60 19.98
N ARG VB 159 18.71 -29.51 20.01
CA ARG VB 159 17.81 -30.57 19.53
C ARG VB 159 17.96 -30.86 18.04
N GLN VB 160 18.22 -29.86 17.19
CA GLN VB 160 18.50 -30.08 15.76
C GLN VB 160 19.85 -30.79 15.52
N VAL VB 161 20.93 -30.38 16.20
CA VAL VB 161 22.26 -31.01 16.11
C VAL VB 161 22.27 -32.43 16.69
N ASP VB 162 21.56 -32.62 17.79
CA ASP VB 162 21.33 -33.89 18.46
C ASP VB 162 20.53 -34.87 17.57
N GLN VB 163 19.42 -34.44 16.96
CA GLN VB 163 18.67 -35.26 15.99
C GLN VB 163 19.50 -35.66 14.75
N LEU VB 164 20.42 -34.80 14.29
CA LEU VB 164 21.36 -35.13 13.20
C LEU VB 164 22.49 -36.08 13.65
N THR VB 165 22.89 -36.01 14.91
CA THR VB 165 23.87 -36.94 15.51
C THR VB 165 23.28 -38.34 15.65
N ASN VB 166 22.03 -38.40 16.10
CA ASN VB 166 21.27 -39.63 16.28
C ASN VB 166 20.99 -40.31 14.93
N ASP VB 167 20.47 -39.59 13.93
CA ASP VB 167 20.24 -40.15 12.58
C ASP VB 167 21.52 -40.58 11.85
N LYS VB 168 22.66 -39.92 12.11
CA LYS VB 168 23.96 -40.31 11.54
C LYS VB 168 24.43 -41.66 12.07
N ALA VB 169 24.71 -41.74 13.39
CA ALA VB 169 25.34 -42.93 13.97
C ALA VB 169 24.36 -44.10 14.22
N ARG VB 170 23.04 -43.83 14.12
CA ARG VB 170 21.99 -44.82 13.84
C ARG VB 170 22.33 -45.69 12.63
N VAL VB 171 22.58 -45.07 11.47
CA VAL VB 171 22.90 -45.79 10.22
C VAL VB 171 24.25 -46.51 10.30
N GLU VB 172 25.14 -46.10 11.20
CA GLU VB 172 26.46 -46.70 11.33
C GLU VB 172 26.39 -48.11 11.94
N VAL VB 173 25.56 -48.31 12.97
CA VAL VB 173 25.40 -49.60 13.67
C VAL VB 173 24.20 -50.42 13.18
N GLU VB 174 23.14 -49.76 12.65
CA GLU VB 174 22.08 -50.37 11.82
C GLU VB 174 22.68 -51.22 10.70
N ARG VB 175 23.55 -50.60 9.91
CA ARG VB 175 24.10 -51.14 8.67
C ARG VB 175 24.92 -52.41 8.92
N ASP VB 176 25.74 -52.41 9.97
CA ASP VB 176 26.69 -53.48 10.22
C ASP VB 176 26.01 -54.74 10.74
N ASN VB 177 25.01 -54.60 11.62
CA ASN VB 177 24.11 -55.72 11.95
C ASN VB 177 23.22 -56.15 10.76
N LEU VB 178 22.67 -55.21 9.97
CA LEU VB 178 21.91 -55.54 8.75
C LEU VB 178 22.77 -56.21 7.66
N ALA VB 179 24.08 -55.99 7.63
CA ALA VB 179 25.01 -56.74 6.79
C ALA VB 179 25.26 -58.16 7.31
N GLU VB 180 25.17 -58.39 8.62
CA GLU VB 180 25.25 -59.69 9.28
C GLU VB 180 24.00 -60.54 9.06
N ASP VB 181 22.76 -60.04 9.26
CA ASP VB 181 21.49 -60.73 8.88
C ASP VB 181 21.49 -61.19 7.42
N ILE VB 182 21.81 -60.24 6.53
CA ILE VB 182 21.82 -60.49 5.10
C ILE VB 182 22.97 -61.44 4.70
N MET VB 183 23.96 -61.68 5.57
CA MET VB 183 24.91 -62.79 5.46
C MET VB 183 24.41 -64.09 6.10
N ARG VB 184 23.79 -64.05 7.28
CA ARG VB 184 23.26 -65.21 8.03
C ARG VB 184 22.19 -65.96 7.27
N LEU VB 185 21.22 -65.28 6.67
CA LEU VB 185 20.25 -65.89 5.76
C LEU VB 185 20.90 -66.33 4.43
N ARG VB 186 22.00 -65.70 3.99
CA ARG VB 186 22.73 -66.13 2.78
C ARG VB 186 23.58 -67.37 2.98
N GLU VB 187 24.21 -67.58 4.14
CA GLU VB 187 25.10 -68.73 4.41
C GLU VB 187 24.35 -70.06 4.21
N LYS VB 188 23.22 -70.18 4.92
CA LYS VB 188 22.10 -71.09 4.67
C LYS VB 188 21.69 -71.24 3.21
N LEU VB 189 21.28 -70.15 2.56
CA LEU VB 189 20.77 -70.21 1.18
C LEU VB 189 21.83 -70.54 0.13
N GLN VB 190 23.11 -70.27 0.39
CA GLN VB 190 24.24 -70.53 -0.52
C GLN VB 190 24.71 -71.97 -0.41
N GLU VB 191 24.77 -72.53 0.81
CA GLU VB 191 25.04 -73.94 1.04
C GLU VB 191 23.90 -74.85 0.54
N GLU VB 192 22.65 -74.42 0.72
CA GLU VB 192 21.50 -75.06 0.06
C GLU VB 192 21.55 -74.93 -1.47
N MET VB 193 22.02 -73.81 -2.01
CA MET VB 193 22.17 -73.64 -3.46
C MET VB 193 23.26 -74.55 -4.05
N LEU VB 194 24.35 -74.82 -3.32
CA LEU VB 194 25.41 -75.73 -3.74
C LEU VB 194 24.89 -77.17 -3.90
N GLN VB 195 24.20 -77.68 -2.86
CA GLN VB 195 23.54 -78.98 -2.95
C GLN VB 195 22.46 -79.01 -4.07
N ARG VB 196 21.65 -77.95 -4.19
CA ARG VB 196 20.54 -77.90 -5.14
C ARG VB 196 21.00 -77.99 -6.61
N GLU VB 197 22.23 -77.59 -6.92
CA GLU VB 197 22.78 -77.61 -8.28
C GLU VB 197 23.36 -78.97 -8.71
N GLU VB 198 23.93 -79.77 -7.80
CA GLU VB 198 24.20 -81.21 -8.03
C GLU VB 198 22.88 -82.02 -8.07
N ALA VB 199 22.00 -81.75 -7.10
CA ALA VB 199 20.74 -82.47 -6.87
C ALA VB 199 19.69 -82.36 -8.00
N GLU VB 200 19.95 -81.58 -9.06
CA GLU VB 200 19.10 -81.52 -10.25
C GLU VB 200 19.03 -82.87 -10.99
N ASN VB 201 20.18 -83.49 -11.22
CA ASN VB 201 20.32 -84.62 -12.14
C ASN VB 201 20.38 -85.97 -11.41
N THR VB 202 21.01 -86.00 -10.24
CA THR VB 202 21.14 -87.20 -9.39
C THR VB 202 19.78 -87.76 -8.97
N LEU VB 203 18.79 -86.91 -8.73
CA LEU VB 203 17.40 -87.33 -8.48
C LEU VB 203 16.71 -88.08 -9.66
N GLN VB 204 17.14 -87.88 -10.90
CA GLN VB 204 16.68 -88.70 -12.03
C GLN VB 204 17.48 -90.00 -12.20
N SER VB 205 18.75 -90.00 -11.79
CA SER VB 205 19.59 -91.20 -11.66
C SER VB 205 19.04 -92.14 -10.58
N PHE VB 206 18.76 -91.60 -9.39
CA PHE VB 206 18.26 -92.34 -8.22
C PHE VB 206 16.99 -93.15 -8.52
N ARG VB 207 16.08 -92.54 -9.29
CA ARG VB 207 14.80 -93.14 -9.66
C ARG VB 207 14.91 -94.14 -10.80
N GLN VB 208 15.84 -93.94 -11.74
CA GLN VB 208 16.24 -94.97 -12.72
C GLN VB 208 16.98 -96.15 -12.07
N ASP VB 209 17.79 -95.92 -11.03
CA ASP VB 209 18.43 -96.98 -10.25
C ASP VB 209 17.43 -97.85 -9.47
N VAL VB 210 16.40 -97.23 -8.90
CA VAL VB 210 15.26 -97.92 -8.24
C VAL VB 210 14.33 -98.60 -9.26
N ASP VB 211 14.15 -98.04 -10.45
CA ASP VB 211 13.44 -98.69 -11.57
C ASP VB 211 14.18 -99.93 -12.09
N ASN VB 212 15.51 -99.88 -12.26
CA ASN VB 212 16.33 -101.02 -12.69
C ASN VB 212 16.30 -102.19 -11.69
N ALA VB 213 16.40 -101.90 -10.39
CA ALA VB 213 16.19 -102.90 -9.35
C ALA VB 213 14.75 -103.45 -9.31
N SER VB 214 13.78 -102.66 -9.75
CA SER VB 214 12.38 -103.11 -9.85
C SER VB 214 12.15 -103.96 -11.09
N LEU VB 215 12.87 -103.72 -12.21
CA LEU VB 215 12.90 -104.61 -13.37
C LEU VB 215 13.51 -105.98 -13.05
N ALA VB 216 14.59 -106.02 -12.27
CA ALA VB 216 15.17 -107.28 -11.76
C ALA VB 216 14.16 -108.07 -10.92
N ARG VB 217 13.57 -107.43 -9.90
CA ARG VB 217 12.62 -108.08 -8.98
C ARG VB 217 11.31 -108.51 -9.68
N LEU VB 218 10.91 -107.82 -10.75
CA LEU VB 218 9.68 -108.04 -11.53
C LEU VB 218 9.66 -109.36 -12.33
N ASP VB 219 10.81 -109.88 -12.77
CA ASP VB 219 10.85 -111.18 -13.47
C ASP VB 219 10.52 -112.34 -12.55
N LEU VB 220 11.08 -112.32 -11.35
CA LEU VB 220 10.86 -113.36 -10.32
C LEU VB 220 9.48 -113.29 -9.66
N GLU VB 221 8.88 -112.09 -9.60
CA GLU VB 221 7.47 -111.91 -9.21
C GLU VB 221 6.52 -112.59 -10.22
N ARG VB 222 6.61 -112.20 -11.49
CA ARG VB 222 5.75 -112.74 -12.56
C ARG VB 222 5.97 -114.23 -12.79
N LYS VB 223 7.20 -114.71 -12.60
CA LYS VB 223 7.53 -116.13 -12.62
C LYS VB 223 6.91 -116.89 -11.47
N VAL VB 224 7.09 -116.48 -10.21
CA VAL VB 224 6.56 -117.25 -9.08
C VAL VB 224 5.02 -117.20 -8.99
N GLU VB 225 4.38 -116.16 -9.52
CA GLU VB 225 2.94 -116.15 -9.80
C GLU VB 225 2.55 -117.23 -10.83
N SER VB 226 3.16 -117.21 -12.02
CA SER VB 226 2.85 -118.14 -13.12
C SER VB 226 3.13 -119.60 -12.74
N LEU VB 227 4.16 -119.85 -11.93
CA LEU VB 227 4.61 -121.19 -11.60
C LEU VB 227 3.72 -121.89 -10.55
N GLN VB 228 2.79 -121.16 -9.90
CA GLN VB 228 1.69 -121.78 -9.14
C GLN VB 228 0.70 -122.50 -10.08
N GLU VB 229 0.41 -121.94 -11.25
CA GLU VB 229 -0.38 -122.63 -12.28
C GLU VB 229 0.40 -123.81 -12.90
N GLU VB 230 1.71 -123.66 -13.12
CA GLU VB 230 2.54 -124.75 -13.67
C GLU VB 230 2.70 -125.96 -12.73
N ILE VB 231 2.66 -125.79 -11.40
CA ILE VB 231 2.50 -126.92 -10.45
C ILE VB 231 1.11 -127.57 -10.60
N ALA VB 232 0.06 -126.75 -10.65
CA ALA VB 232 -1.33 -127.23 -10.75
C ALA VB 232 -1.62 -127.95 -12.08
N PHE VB 233 -0.85 -127.64 -13.12
CA PHE VB 233 -0.78 -128.42 -14.36
C PHE VB 233 0.12 -129.67 -14.21
N LEU VB 234 1.31 -129.55 -13.58
CA LEU VB 234 2.29 -130.65 -13.43
C LEU VB 234 1.66 -131.91 -12.87
N LYS VB 235 0.95 -131.78 -11.75
CA LYS VB 235 0.38 -132.93 -11.05
C LYS VB 235 -0.51 -133.75 -11.97
N LYS VB 236 -1.37 -133.07 -12.73
CA LYS VB 236 -2.38 -133.68 -13.60
C LYS VB 236 -1.75 -134.35 -14.80
N LEU VB 237 -1.00 -133.58 -15.58
CA LEU VB 237 -0.43 -134.05 -16.84
C LEU VB 237 0.67 -135.10 -16.65
N HIS VB 238 1.29 -135.16 -15.47
CA HIS VB 238 2.11 -136.30 -15.02
C HIS VB 238 1.30 -137.56 -14.65
N GLU VB 239 0.28 -137.39 -13.83
CA GLU VB 239 -0.55 -138.52 -13.37
C GLU VB 239 -1.48 -139.05 -14.47
N GLU VB 240 -1.79 -138.24 -15.47
CA GLU VB 240 -2.48 -138.59 -16.72
C GLU VB 240 -1.51 -139.35 -17.66
N GLU VB 241 -0.30 -138.85 -17.89
CA GLU VB 241 0.77 -139.53 -18.64
C GLU VB 241 1.14 -140.91 -18.07
N ILE VB 242 1.45 -141.02 -16.78
CA ILE VB 242 1.82 -142.31 -16.15
C ILE VB 242 0.66 -143.32 -16.21
N GLN VB 243 -0.61 -142.87 -16.19
CA GLN VB 243 -1.76 -143.78 -16.23
C GLN VB 243 -2.11 -144.26 -17.64
N GLU VB 244 -1.99 -143.42 -18.67
CA GLU VB 244 -2.15 -143.85 -20.06
C GLU VB 244 -0.98 -144.75 -20.52
N LEU VB 245 0.25 -144.45 -20.09
CA LEU VB 245 1.42 -145.33 -20.27
C LEU VB 245 1.26 -146.69 -19.56
N GLN VB 246 0.74 -146.73 -18.33
CA GLN VB 246 0.50 -147.99 -17.62
C GLN VB 246 -0.81 -148.69 -18.04
N ALA VB 247 -1.60 -148.10 -18.94
CA ALA VB 247 -2.64 -148.77 -19.73
C ALA VB 247 -2.08 -149.38 -21.03
N GLN VB 248 -1.18 -148.67 -21.73
CA GLN VB 248 -0.38 -149.18 -22.86
C GLN VB 248 0.34 -150.48 -22.50
N ILE VB 249 1.03 -150.47 -21.34
CA ILE VB 249 1.83 -151.63 -20.88
C ILE VB 249 0.94 -152.85 -20.55
N GLN VB 250 -0.37 -152.66 -20.34
CA GLN VB 250 -1.36 -153.75 -20.21
C GLN VB 250 -1.94 -154.18 -21.57
N GLU VB 251 -2.22 -153.25 -22.48
CA GLU VB 251 -2.63 -153.55 -23.87
C GLU VB 251 -1.51 -154.20 -24.72
N GLN VB 252 -0.27 -154.23 -24.22
CA GLN VB 252 0.89 -154.87 -24.84
C GLN VB 252 0.74 -156.39 -25.13
N HIS VB 253 -0.31 -157.09 -24.67
CA HIS VB 253 -0.17 -158.46 -24.13
C HIS VB 253 -0.79 -159.70 -24.87
N VAL VB 254 -2.00 -160.24 -24.58
CA VAL VB 254 -2.53 -161.46 -25.27
C VAL VB 254 -4.06 -161.74 -25.37
N MET WB 1 -17.94 -68.03 -25.25
CA MET WB 1 -16.77 -68.71 -25.87
C MET WB 1 -17.09 -70.19 -25.99
N SER WB 2 -16.61 -70.87 -27.04
CA SER WB 2 -16.80 -72.31 -27.24
C SER WB 2 -15.53 -72.92 -27.85
N THR WB 3 -14.94 -73.90 -27.18
CA THR WB 3 -13.65 -74.47 -27.60
C THR WB 3 -13.79 -75.27 -28.90
N ARG WB 4 -13.20 -74.74 -30.00
CA ARG WB 4 -13.10 -75.41 -31.31
C ARG WB 4 -12.17 -76.63 -31.26
N SER WB 5 -12.64 -77.71 -30.64
CA SER WB 5 -11.87 -78.94 -30.46
C SER WB 5 -11.94 -79.82 -31.71
N VAL WB 6 -10.92 -79.73 -32.56
CA VAL WB 6 -10.65 -80.67 -33.68
C VAL WB 6 -10.09 -82.00 -33.11
N SER WB 7 -10.91 -82.65 -32.29
CA SER WB 7 -10.51 -83.74 -31.39
C SER WB 7 -9.98 -84.96 -32.14
N SER WB 8 -9.23 -85.81 -31.42
CA SER WB 8 -9.36 -87.25 -31.65
C SER WB 8 -10.72 -87.72 -31.14
N SER WB 9 -11.61 -87.98 -32.10
CA SER WB 9 -13.04 -88.13 -31.86
C SER WB 9 -13.31 -89.35 -30.97
N SER WB 10 -14.34 -89.22 -30.12
CA SER WB 10 -14.71 -90.21 -29.09
C SER WB 10 -15.25 -91.54 -29.63
N TYR WB 11 -15.07 -91.83 -30.92
CA TYR WB 11 -15.30 -93.13 -31.54
C TYR WB 11 -14.01 -93.86 -31.95
N ARG WB 12 -12.83 -93.22 -31.90
CA ARG WB 12 -11.53 -93.88 -32.14
C ARG WB 12 -10.35 -93.45 -31.24
N ARG WB 13 -10.47 -92.39 -30.44
CA ARG WB 13 -9.43 -91.99 -29.46
C ARG WB 13 -9.01 -93.12 -28.52
N MET WB 14 -9.98 -93.76 -27.87
CA MET WB 14 -9.76 -94.90 -26.96
C MET WB 14 -9.89 -96.26 -27.66
N PHE WB 15 -9.90 -96.30 -29.01
CA PHE WB 15 -10.29 -97.49 -29.79
C PHE WB 15 -9.36 -97.78 -30.99
N GLY WB 16 -8.11 -97.28 -30.97
CA GLY WB 16 -7.00 -97.71 -31.83
C GLY WB 16 -7.29 -97.95 -33.32
N GLY WB 17 -8.06 -97.05 -33.96
CA GLY WB 17 -8.64 -97.26 -35.29
C GLY WB 17 -7.66 -97.07 -36.46
N PRO WB 18 -7.93 -97.77 -37.58
CA PRO WB 18 -7.00 -98.12 -38.66
C PRO WB 18 -5.48 -97.89 -38.47
N GLY WB 19 -4.79 -98.56 -37.53
CA GLY WB 19 -5.30 -99.24 -36.33
C GLY WB 19 -5.05 -100.74 -36.18
N THR WB 20 -4.67 -101.12 -34.96
CA THR WB 20 -4.60 -102.51 -34.47
C THR WB 20 -5.89 -102.99 -33.77
N ALA WB 21 -6.84 -102.09 -33.45
CA ALA WB 21 -8.18 -102.48 -32.99
C ALA WB 21 -9.12 -102.87 -34.15
N SER WB 22 -8.89 -102.31 -35.35
CA SER WB 22 -9.32 -102.88 -36.63
C SER WB 22 -8.54 -104.14 -37.05
N ARG WB 23 -7.61 -104.60 -36.21
CA ARG WB 23 -7.08 -105.96 -36.12
C ARG WB 23 -6.73 -106.62 -37.47
N PRO WB 24 -5.60 -106.23 -38.09
CA PRO WB 24 -4.96 -106.98 -39.17
C PRO WB 24 -4.39 -108.33 -38.67
N SER WB 25 -5.28 -109.26 -38.35
CA SER WB 25 -5.06 -110.62 -37.84
C SER WB 25 -4.44 -111.58 -38.86
N SER WB 26 -3.72 -111.05 -39.85
CA SER WB 26 -3.20 -111.77 -41.01
C SER WB 26 -1.92 -112.55 -40.70
N SER WB 27 -2.01 -113.58 -39.85
CA SER WB 27 -1.02 -114.66 -39.81
C SER WB 27 -0.99 -115.37 -41.18
N ARG WB 28 0.13 -115.26 -41.90
CA ARG WB 28 0.23 -115.57 -43.33
C ARG WB 28 0.53 -117.04 -43.62
N SER WB 29 -0.27 -117.95 -43.04
CA SER WB 29 -0.20 -119.37 -43.39
C SER WB 29 -0.50 -119.59 -44.89
N TYR WB 30 0.49 -119.99 -45.67
CA TYR WB 30 0.31 -120.31 -47.09
C TYR WB 30 -0.46 -121.63 -47.26
N VAL WB 31 -1.57 -121.59 -48.00
CA VAL WB 31 -2.48 -122.74 -48.19
C VAL WB 31 -1.89 -123.75 -49.18
N THR WB 32 -0.90 -124.50 -48.70
CA THR WB 32 -0.07 -125.42 -49.49
C THR WB 32 -0.90 -126.60 -50.01
N THR WB 33 -1.45 -126.45 -51.22
CA THR WB 33 -2.28 -127.49 -51.86
C THR WB 33 -1.39 -128.61 -52.41
N SER WB 34 -1.00 -129.53 -51.52
CA SER WB 34 0.03 -130.55 -51.78
C SER WB 34 -0.28 -131.43 -52.99
N THR WB 35 0.48 -131.26 -54.07
CA THR WB 35 0.31 -132.00 -55.33
C THR WB 35 1.01 -133.35 -55.25
N ARG WB 36 0.24 -134.45 -55.22
CA ARG WB 36 0.76 -135.82 -55.33
C ARG WB 36 0.65 -136.37 -56.76
N THR WB 37 1.64 -137.15 -57.18
CA THR WB 37 1.67 -137.88 -58.46
C THR WB 37 0.85 -139.19 -58.43
N TYR WB 38 -0.42 -139.14 -58.02
CA TYR WB 38 -1.24 -140.35 -57.84
C TYR WB 38 -2.72 -140.21 -58.26
N SER WB 39 -3.08 -140.96 -59.31
CA SER WB 39 -4.47 -141.33 -59.63
C SER WB 39 -4.91 -142.53 -58.78
N LEU WB 40 -6.14 -142.52 -58.27
CA LEU WB 40 -6.58 -143.49 -57.27
C LEU WB 40 -6.68 -144.91 -57.87
N PHE WB 123 11.22 -160.48 -29.25
CA PHE WB 123 12.21 -159.43 -29.52
C PHE WB 123 11.58 -158.04 -29.56
N LEU WB 124 10.43 -157.83 -30.21
CA LEU WB 124 9.74 -156.52 -30.22
C LEU WB 124 9.07 -156.21 -28.87
N GLU WB 125 8.62 -157.23 -28.13
CA GLU WB 125 8.28 -157.15 -26.71
C GLU WB 125 9.50 -156.77 -25.84
N GLN WB 126 10.68 -157.34 -26.09
CA GLN WB 126 11.89 -157.00 -25.35
C GLN WB 126 12.46 -155.62 -25.73
N GLN WB 127 12.32 -155.21 -27.00
CA GLN WB 127 12.71 -153.87 -27.45
C GLN WB 127 11.77 -152.81 -26.85
N ASN WB 128 10.45 -153.05 -26.81
CA ASN WB 128 9.52 -152.11 -26.19
C ASN WB 128 9.68 -152.03 -24.65
N LYS WB 129 10.09 -153.13 -24.01
CA LYS WB 129 10.49 -153.15 -22.58
C LYS WB 129 11.85 -152.49 -22.30
N ILE WB 130 12.79 -152.48 -23.26
CA ILE WB 130 14.04 -151.69 -23.13
C ILE WB 130 13.72 -150.20 -23.26
N LEU WB 131 12.89 -149.83 -24.24
CA LEU WB 131 12.45 -148.44 -24.42
C LEU WB 131 11.62 -147.93 -23.23
N LEU WB 132 10.85 -148.82 -22.58
CA LEU WB 132 10.21 -148.54 -21.28
C LEU WB 132 11.21 -148.28 -20.13
N ALA WB 133 12.22 -149.14 -19.99
CA ALA WB 133 13.26 -148.95 -18.96
C ALA WB 133 14.15 -147.72 -19.22
N GLU WB 134 14.28 -147.29 -20.47
CA GLU WB 134 15.00 -146.07 -20.88
C GLU WB 134 14.13 -144.81 -20.75
N LEU WB 135 12.83 -144.84 -21.12
CA LEU WB 135 11.91 -143.70 -21.00
C LEU WB 135 11.58 -143.37 -19.54
N GLU WB 136 11.48 -144.33 -18.63
CA GLU WB 136 11.30 -144.02 -17.19
C GLU WB 136 12.51 -143.27 -16.61
N GLN WB 137 13.72 -143.66 -17.01
CA GLN WB 137 14.96 -142.95 -16.67
C GLN WB 137 15.03 -141.56 -17.33
N LEU WB 138 14.58 -141.44 -18.58
CA LEU WB 138 14.63 -140.22 -19.37
C LEU WB 138 13.48 -139.23 -19.08
N LYS WB 139 12.37 -139.68 -18.46
CA LYS WB 139 11.36 -138.81 -17.84
C LYS WB 139 11.84 -138.32 -16.47
N GLY WB 140 12.31 -139.24 -15.62
CA GLY WB 140 12.77 -138.93 -14.26
C GLY WB 140 14.02 -138.04 -14.21
N GLN WB 141 15.00 -138.28 -15.09
CA GLN WB 141 16.27 -137.55 -15.11
C GLN WB 141 16.48 -136.67 -16.36
N GLY WB 142 15.72 -136.84 -17.46
CA GLY WB 142 16.01 -136.13 -18.71
C GLY WB 142 15.65 -134.64 -18.71
N LYS WB 143 14.63 -134.24 -17.92
CA LYS WB 143 14.46 -132.84 -17.51
C LYS WB 143 15.64 -132.34 -16.68
N SER WB 144 15.97 -133.04 -15.59
CA SER WB 144 16.93 -132.51 -14.62
C SER WB 144 18.36 -132.44 -15.14
N ARG WB 145 18.81 -133.45 -15.90
CA ARG WB 145 20.15 -133.47 -16.53
C ARG WB 145 20.39 -132.40 -17.60
N LEU WB 146 19.32 -131.90 -18.22
CA LEU WB 146 19.39 -130.76 -19.14
C LEU WB 146 19.08 -129.43 -18.44
N GLY WB 147 18.44 -129.46 -17.27
CA GLY WB 147 18.22 -128.28 -16.44
C GLY WB 147 19.47 -127.91 -15.69
N ASP WB 148 20.08 -128.87 -15.00
CA ASP WB 148 21.18 -128.67 -14.06
C ASP WB 148 22.39 -127.89 -14.63
N LEU WB 149 22.67 -127.99 -15.93
CA LEU WB 149 23.64 -127.13 -16.62
C LEU WB 149 23.25 -125.63 -16.61
N TYR WB 150 22.02 -125.33 -17.02
CA TYR WB 150 21.48 -123.99 -17.11
C TYR WB 150 21.08 -123.47 -15.72
N GLU WB 151 20.35 -124.28 -14.96
CA GLU WB 151 19.84 -123.93 -13.63
C GLU WB 151 20.98 -123.82 -12.60
N GLU WB 152 22.15 -124.46 -12.78
CA GLU WB 152 23.35 -124.17 -11.94
C GLU WB 152 24.11 -122.91 -12.38
N GLU WB 153 24.01 -122.44 -13.63
CA GLU WB 153 24.36 -121.03 -13.91
C GLU WB 153 23.44 -120.14 -13.07
N MET WB 154 22.12 -120.29 -13.21
CA MET WB 154 21.10 -119.46 -12.54
C MET WB 154 21.18 -119.49 -10.99
N ARG WB 155 21.52 -120.65 -10.40
CA ARG WB 155 21.76 -120.76 -8.96
C ARG WB 155 23.03 -120.05 -8.49
N GLU WB 156 24.09 -120.06 -9.29
CA GLU WB 156 25.28 -119.23 -9.04
C GLU WB 156 25.00 -117.74 -9.28
N LEU WB 157 24.19 -117.38 -10.30
CA LEU WB 157 23.75 -116.00 -10.55
C LEU WB 157 23.03 -115.43 -9.32
N ARG WB 158 22.01 -116.13 -8.81
CA ARG WB 158 21.22 -115.67 -7.66
C ARG WB 158 21.98 -115.76 -6.34
N ARG WB 159 22.99 -116.61 -6.22
CA ARG WB 159 23.94 -116.57 -5.09
C ARG WB 159 24.88 -115.37 -5.17
N GLN WB 160 25.30 -114.95 -6.37
CA GLN WB 160 25.97 -113.67 -6.54
C GLN WB 160 25.05 -112.51 -6.18
N VAL WB 161 23.75 -112.57 -6.50
CA VAL WB 161 22.77 -111.57 -6.04
C VAL WB 161 22.76 -111.45 -4.52
N ASP WB 162 22.59 -112.55 -3.77
CA ASP WB 162 22.37 -112.49 -2.31
C ASP WB 162 23.57 -111.90 -1.56
N GLN WB 163 24.78 -112.23 -2.02
CA GLN WB 163 26.02 -111.79 -1.41
C GLN WB 163 26.44 -110.38 -1.88
N LEU WB 164 26.05 -109.97 -3.09
CA LEU WB 164 26.31 -108.62 -3.60
C LEU WB 164 25.33 -107.59 -3.05
N THR WB 165 24.03 -107.83 -3.09
CA THR WB 165 23.05 -106.83 -2.68
C THR WB 165 23.11 -106.55 -1.18
N ASN WB 166 23.51 -107.53 -0.36
CA ASN WB 166 23.52 -107.39 1.09
C ASN WB 166 24.78 -106.71 1.67
N ASP WB 167 25.97 -106.91 1.10
CA ASP WB 167 27.14 -106.07 1.47
C ASP WB 167 26.98 -104.63 0.97
N LYS WB 168 26.29 -104.42 -0.15
CA LYS WB 168 25.87 -103.07 -0.55
C LYS WB 168 24.85 -102.48 0.42
N ALA WB 169 23.83 -103.22 0.85
CA ALA WB 169 22.85 -102.75 1.84
C ALA WB 169 23.47 -102.42 3.21
N ARG WB 170 24.56 -103.11 3.60
CA ARG WB 170 25.39 -102.75 4.76
C ARG WB 170 26.08 -101.39 4.57
N VAL WB 171 26.72 -101.15 3.42
CA VAL WB 171 27.32 -99.83 3.10
C VAL WB 171 26.27 -98.73 2.94
N GLU WB 172 25.10 -99.05 2.41
CA GLU WB 172 23.99 -98.11 2.24
C GLU WB 172 23.38 -97.70 3.57
N VAL WB 173 23.17 -98.63 4.52
CA VAL WB 173 22.68 -98.25 5.86
C VAL WB 173 23.74 -97.50 6.68
N GLU WB 174 25.03 -97.73 6.41
CA GLU WB 174 26.13 -96.88 6.90
C GLU WB 174 26.11 -95.44 6.32
N ARG WB 175 25.20 -95.13 5.38
CA ARG WB 175 24.90 -93.77 4.86
C ARG WB 175 23.47 -93.29 5.12
N ASP WB 176 22.48 -94.19 5.13
CA ASP WB 176 21.07 -93.92 5.45
C ASP WB 176 20.88 -93.33 6.86
N ASN WB 177 21.71 -93.77 7.83
CA ASN WB 177 21.78 -93.14 9.16
C ASN WB 177 22.20 -91.64 9.09
N LEU WB 178 23.15 -91.27 8.22
CA LEU WB 178 23.58 -89.88 8.05
C LEU WB 178 22.48 -89.03 7.40
N ALA WB 179 21.76 -89.60 6.42
CA ALA WB 179 20.67 -88.94 5.72
C ALA WB 179 19.36 -88.86 6.52
N GLU WB 180 19.13 -89.77 7.46
CA GLU WB 180 18.05 -89.61 8.43
C GLU WB 180 18.40 -88.55 9.47
N ASP WB 181 19.64 -88.53 10.00
CA ASP WB 181 20.09 -87.50 10.94
C ASP WB 181 20.09 -86.09 10.32
N ILE WB 182 20.54 -85.90 9.08
CA ILE WB 182 20.42 -84.60 8.40
C ILE WB 182 18.97 -84.19 8.13
N MET WB 183 18.07 -85.11 7.77
CA MET WB 183 16.65 -84.80 7.53
C MET WB 183 15.90 -84.47 8.83
N ARG WB 184 16.22 -85.17 9.93
CA ARG WB 184 15.77 -84.85 11.29
C ARG WB 184 16.30 -83.49 11.75
N LEU WB 185 17.58 -83.23 11.50
CA LEU WB 185 18.20 -81.95 11.82
C LEU WB 185 17.70 -80.82 10.93
N ARG WB 186 17.26 -81.05 9.68
CA ARG WB 186 16.58 -80.02 8.87
C ARG WB 186 15.32 -79.54 9.56
N GLU WB 187 14.43 -80.46 9.96
CA GLU WB 187 13.14 -80.12 10.56
C GLU WB 187 13.31 -79.28 11.82
N LYS WB 188 14.23 -79.71 12.71
CA LYS WB 188 14.61 -78.98 13.92
C LYS WB 188 15.29 -77.63 13.62
N LEU WB 189 16.34 -77.62 12.81
CA LEU WB 189 17.12 -76.42 12.51
C LEU WB 189 16.27 -75.40 11.75
N GLN WB 190 15.28 -75.83 10.95
CA GLN WB 190 14.29 -74.92 10.40
C GLN WB 190 13.32 -74.39 11.46
N GLU WB 191 12.86 -75.18 12.43
CA GLU WB 191 12.10 -74.66 13.60
C GLU WB 191 12.91 -73.63 14.41
N GLU WB 192 14.23 -73.82 14.51
CA GLU WB 192 15.15 -72.82 15.05
C GLU WB 192 15.18 -71.54 14.19
N MET WB 193 15.31 -71.65 12.85
CA MET WB 193 15.19 -70.49 11.93
C MET WB 193 13.85 -69.75 12.05
N LEU WB 194 12.74 -70.48 12.20
CA LEU WB 194 11.38 -69.92 12.25
C LEU WB 194 11.24 -68.88 13.39
N GLN WB 195 11.95 -69.06 14.51
CA GLN WB 195 12.07 -68.06 15.58
C GLN WB 195 13.28 -67.10 15.38
N ARG WB 196 14.47 -67.64 15.07
CA ARG WB 196 15.71 -66.86 15.18
C ARG WB 196 15.87 -65.87 14.03
N GLU WB 197 15.56 -66.28 12.80
CA GLU WB 197 15.64 -65.40 11.63
C GLU WB 197 14.42 -64.45 11.47
N GLU WB 198 13.30 -64.70 12.17
CA GLU WB 198 12.30 -63.62 12.33
C GLU WB 198 12.82 -62.56 13.28
N ALA WB 199 13.37 -62.98 14.42
CA ALA WB 199 13.77 -62.09 15.48
C ALA WB 199 14.92 -61.18 15.02
N GLU WB 200 15.97 -61.79 14.46
CA GLU WB 200 17.16 -61.18 13.87
C GLU WB 200 16.89 -59.86 13.12
N ASN WB 201 16.28 -59.91 11.93
CA ASN WB 201 16.04 -58.71 11.14
C ASN WB 201 14.89 -57.83 11.68
N THR WB 202 13.92 -58.40 12.39
CA THR WB 202 12.88 -57.61 13.06
C THR WB 202 13.47 -56.66 14.09
N LEU WB 203 14.41 -57.18 14.88
CA LEU WB 203 15.15 -56.46 15.90
C LEU WB 203 16.21 -55.49 15.31
N GLN WB 204 16.54 -55.58 14.01
CA GLN WB 204 17.33 -54.55 13.29
C GLN WB 204 16.54 -53.31 12.87
N SER WB 205 15.21 -53.39 12.77
CA SER WB 205 14.37 -52.18 12.74
C SER WB 205 14.52 -51.40 14.06
N PHE WB 206 14.74 -52.12 15.15
CA PHE WB 206 14.85 -51.57 16.51
C PHE WB 206 16.29 -51.22 16.88
N ARG WB 207 17.28 -51.83 16.23
CA ARG WB 207 18.70 -51.46 16.32
C ARG WB 207 18.93 -50.00 15.97
N GLN WB 208 18.24 -49.54 14.93
CA GLN WB 208 18.15 -48.13 14.57
C GLN WB 208 17.62 -47.24 15.69
N ASP WB 209 16.53 -47.65 16.32
CA ASP WB 209 15.85 -46.87 17.35
C ASP WB 209 16.56 -46.92 18.72
N VAL WB 210 17.41 -47.92 19.02
CA VAL WB 210 18.32 -47.92 20.21
C VAL WB 210 19.61 -47.17 19.96
N ASP WB 211 20.15 -47.21 18.74
CA ASP WB 211 21.34 -46.44 18.38
C ASP WB 211 21.01 -44.95 18.39
N ASN WB 212 19.84 -44.59 17.85
CA ASN WB 212 19.17 -43.31 18.03
C ASN WB 212 18.95 -42.97 19.52
N ALA WB 213 18.38 -43.88 20.33
CA ALA WB 213 18.10 -43.62 21.75
C ALA WB 213 19.35 -43.55 22.67
N SER WB 214 20.44 -44.22 22.31
CA SER WB 214 21.69 -44.26 23.08
C SER WB 214 22.58 -43.06 22.77
N LEU WB 215 22.55 -42.59 21.52
CA LEU WB 215 22.99 -41.25 21.16
C LEU WB 215 22.08 -40.19 21.81
N ALA WB 216 20.77 -40.49 21.94
CA ALA WB 216 19.85 -39.64 22.68
C ALA WB 216 20.13 -39.59 24.18
N ARG WB 217 20.67 -40.64 24.82
CA ARG WB 217 21.19 -40.59 26.20
C ARG WB 217 22.34 -39.60 26.37
N LEU WB 218 23.27 -39.57 25.41
CA LEU WB 218 24.33 -38.55 25.36
C LEU WB 218 23.77 -37.15 25.06
N ASP WB 219 22.62 -37.03 24.38
CA ASP WB 219 21.93 -35.75 24.25
C ASP WB 219 21.47 -35.18 25.60
N LEU WB 220 21.01 -36.02 26.54
CA LEU WB 220 20.60 -35.51 27.86
C LEU WB 220 21.78 -35.07 28.70
N GLU WB 221 22.96 -35.67 28.54
CA GLU WB 221 24.15 -35.18 29.22
C GLU WB 221 24.50 -33.75 28.76
N ARG WB 222 24.31 -33.45 27.46
CA ARG WB 222 24.39 -32.10 26.89
C ARG WB 222 23.21 -31.17 27.24
N LYS WB 223 21.98 -31.69 27.25
CA LYS WB 223 20.77 -30.90 27.58
C LYS WB 223 20.67 -30.58 29.06
N VAL WB 224 21.07 -31.49 29.95
CA VAL WB 224 21.16 -31.28 31.40
C VAL WB 224 22.29 -30.29 31.74
N GLU WB 225 23.41 -30.33 31.02
CA GLU WB 225 24.45 -29.29 31.06
C GLU WB 225 23.91 -27.92 30.64
N SER WB 226 23.20 -27.85 29.51
CA SER WB 226 22.60 -26.61 28.99
C SER WB 226 21.51 -26.04 29.93
N LEU WB 227 20.60 -26.88 30.42
CA LEU WB 227 19.54 -26.53 31.36
C LEU WB 227 20.07 -26.19 32.76
N GLN WB 228 21.24 -26.68 33.17
CA GLN WB 228 21.84 -26.27 34.45
C GLN WB 228 22.41 -24.84 34.41
N GLU WB 229 22.89 -24.38 33.25
CA GLU WB 229 23.21 -22.95 33.04
C GLU WB 229 21.98 -22.08 32.71
N GLU WB 230 20.92 -22.62 32.09
CA GLU WB 230 19.61 -21.93 32.01
C GLU WB 230 19.03 -21.69 33.41
N ILE WB 231 19.04 -22.71 34.27
CA ILE WB 231 18.64 -22.59 35.68
C ILE WB 231 19.63 -21.71 36.48
N ALA WB 232 20.87 -21.51 36.03
CA ALA WB 232 21.78 -20.51 36.60
C ALA WB 232 21.45 -19.08 36.13
N PHE WB 233 21.07 -18.85 34.86
CA PHE WB 233 20.51 -17.59 34.38
C PHE WB 233 19.16 -17.26 35.03
N LEU WB 234 18.33 -18.26 35.31
CA LEU WB 234 17.08 -18.12 36.04
C LEU WB 234 17.29 -17.83 37.55
N LYS WB 235 18.35 -18.35 38.16
CA LYS WB 235 18.75 -17.98 39.55
C LYS WB 235 19.30 -16.56 39.64
N LYS WB 236 20.17 -16.17 38.71
CA LYS WB 236 20.63 -14.78 38.53
C LYS WB 236 19.45 -13.84 38.26
N LEU WB 237 18.47 -14.28 37.47
CA LEU WB 237 17.22 -13.56 37.25
C LEU WB 237 16.41 -13.36 38.54
N HIS WB 238 16.36 -14.35 39.45
CA HIS WB 238 15.70 -14.18 40.77
C HIS WB 238 16.46 -13.20 41.67
N GLU WB 239 17.79 -13.16 41.60
CA GLU WB 239 18.62 -12.23 42.37
C GLU WB 239 18.51 -10.78 41.86
N GLU WB 240 18.39 -10.60 40.54
CA GLU WB 240 18.05 -9.31 39.90
C GLU WB 240 16.58 -8.90 40.14
N GLU WB 241 15.65 -9.85 40.15
CA GLU WB 241 14.22 -9.69 40.47
C GLU WB 241 13.98 -9.30 41.94
N ILE WB 242 14.80 -9.79 42.87
CA ILE WB 242 14.80 -9.35 44.27
C ILE WB 242 15.39 -7.95 44.46
N GLN WB 243 16.48 -7.62 43.74
CA GLN WB 243 17.02 -6.25 43.72
C GLN WB 243 16.02 -5.25 43.11
N GLU WB 244 15.31 -5.64 42.05
CA GLU WB 244 14.26 -4.84 41.42
C GLU WB 244 13.03 -4.65 42.33
N LEU WB 245 12.62 -5.67 43.10
CA LEU WB 245 11.58 -5.51 44.13
C LEU WB 245 11.98 -4.49 45.22
N GLN WB 246 13.24 -4.52 45.67
CA GLN WB 246 13.74 -3.53 46.64
C GLN WB 246 13.90 -2.12 46.04
N ALA WB 247 14.20 -2.01 44.74
CA ALA WB 247 14.20 -0.75 44.01
C ALA WB 247 12.77 -0.19 43.86
N GLN WB 248 11.80 -1.03 43.45
CA GLN WB 248 10.38 -0.70 43.32
C GLN WB 248 9.75 -0.26 44.65
N ILE WB 249 10.09 -0.91 45.77
CA ILE WB 249 9.65 -0.49 47.12
C ILE WB 249 10.18 0.90 47.51
N GLN WB 250 11.42 1.24 47.18
CA GLN WB 250 11.99 2.58 47.41
C GLN WB 250 11.46 3.61 46.39
N GLU WB 251 11.19 3.18 45.17
CA GLU WB 251 10.75 4.01 44.05
C GLU WB 251 9.30 4.45 44.17
N GLN WB 252 8.41 3.57 44.61
CA GLN WB 252 7.01 3.91 44.89
C GLN WB 252 6.83 4.80 46.14
N HIS WB 253 7.78 4.84 47.08
CA HIS WB 253 7.64 5.57 48.35
C HIS WB 253 8.92 6.34 48.77
N VAL WB 254 8.98 7.58 48.30
CA VAL WB 254 9.74 8.70 48.92
C VAL WB 254 9.06 10.07 48.73
N GLN WB 255 8.07 10.15 47.84
CA GLN WB 255 7.20 11.30 47.57
C GLN WB 255 6.32 11.79 48.75
N ILE WB 256 6.26 11.04 49.85
CA ILE WB 256 5.44 11.34 51.03
C ILE WB 256 3.92 11.27 50.74
N ASP WB 257 3.47 10.09 50.30
CA ASP WB 257 2.12 9.56 50.54
C ASP WB 257 0.95 10.40 49.95
N VAL WB 258 -0.26 10.31 50.50
CA VAL WB 258 -1.31 11.34 50.32
C VAL WB 258 -1.08 12.47 51.32
N ASP WB 259 -1.42 13.70 50.93
CA ASP WB 259 -1.18 14.86 51.80
C ASP WB 259 -2.40 15.82 51.86
N VAL WB 260 -3.57 15.28 52.26
CA VAL WB 260 -4.90 15.95 52.18
C VAL WB 260 -5.24 16.99 53.26
N SER WB 261 -4.30 17.37 54.12
CA SER WB 261 -4.60 18.21 55.31
C SER WB 261 -4.19 19.68 55.10
N LYS WB 262 -4.20 20.46 55.39
CA LYS WB 262 -5.59 20.80 55.01
C LYS WB 262 -5.54 21.63 53.72
N PRO WB 263 -6.68 22.05 53.16
CA PRO WB 263 -6.83 23.38 52.55
C PRO WB 263 -7.12 24.48 53.59
N ASP WB 264 -8.19 25.31 51.82
CA ASP WB 264 -7.69 26.66 51.74
C ASP WB 264 -8.20 27.54 52.91
N LEU WB 265 -7.30 27.73 53.89
CA LEU WB 265 -7.09 28.85 54.85
C LEU WB 265 -6.71 28.26 56.22
N THR WB 266 -5.58 28.72 56.74
CA THR WB 266 -5.31 28.76 58.20
C THR WB 266 -4.65 30.07 58.63
N ALA WB 267 -3.99 30.76 57.69
CA ALA WB 267 -3.22 31.99 57.87
C ALA WB 267 -3.99 33.06 58.65
N ALA WB 268 -5.01 33.70 58.07
CA ALA WB 268 -5.62 34.89 58.68
C ALA WB 268 -6.13 34.71 60.13
N LEU WB 269 -6.54 33.51 60.55
CA LEU WB 269 -6.88 33.23 61.96
C LEU WB 269 -5.65 33.07 62.88
N ARG WB 270 -4.56 32.49 62.37
CA ARG WB 270 -3.25 32.39 63.03
C ARG WB 270 -2.52 33.74 63.04
N ASP WB 271 -2.55 34.46 61.93
CA ASP WB 271 -1.90 35.75 61.74
C ASP WB 271 -2.53 36.86 62.56
N VAL WB 272 -3.86 37.03 62.51
CA VAL WB 272 -4.53 38.04 63.33
C VAL WB 272 -4.33 37.80 64.84
N ARG WB 273 -4.16 36.54 65.28
CA ARG WB 273 -3.78 36.23 66.66
C ARG WB 273 -2.33 36.58 66.98
N GLN WB 274 -1.36 36.09 66.22
CA GLN WB 274 0.07 36.35 66.48
C GLN WB 274 0.46 37.82 66.27
N GLN WB 275 -0.24 38.50 65.36
CA GLN WB 275 -0.27 39.95 65.25
C GLN WB 275 -0.83 40.58 66.52
N TYR WB 276 -1.99 40.18 67.05
CA TYR WB 276 -2.52 40.72 68.32
C TYR WB 276 -1.62 40.46 69.54
N GLU WB 277 -0.91 39.32 69.62
CA GLU WB 277 0.14 39.10 70.64
C GLU WB 277 1.32 40.09 70.47
N SER WB 278 1.90 40.17 69.27
CA SER WB 278 2.97 41.11 68.93
C SER WB 278 2.55 42.58 69.10
N VAL WB 279 1.26 42.88 68.90
CA VAL WB 279 0.62 44.20 69.05
C VAL WB 279 0.31 44.53 70.50
N ALA WB 280 0.17 43.57 71.41
CA ALA WB 280 0.10 43.86 72.84
C ALA WB 280 1.43 44.44 73.38
N ALA WB 281 2.57 43.93 72.90
CA ALA WB 281 3.88 44.53 73.17
C ALA WB 281 4.10 45.86 72.40
N LYS WB 282 3.63 45.95 71.15
CA LYS WB 282 3.72 47.18 70.35
C LYS WB 282 2.93 48.34 70.98
N ASN WB 283 1.70 48.08 71.42
CA ASN WB 283 0.83 49.08 72.05
C ASN WB 283 1.34 49.55 73.43
N LEU WB 284 2.16 48.74 74.11
CA LEU WB 284 2.89 49.14 75.31
C LEU WB 284 4.12 50.01 74.98
N GLN WB 285 4.76 49.80 73.82
CA GLN WB 285 5.75 50.75 73.27
C GLN WB 285 5.11 52.03 72.71
N GLU WB 286 3.90 51.98 72.13
CA GLU WB 286 3.13 53.21 71.84
C GLU WB 286 2.75 53.95 73.14
N ALA WB 287 2.44 53.25 74.22
CA ALA WB 287 2.27 53.87 75.53
C ALA WB 287 3.57 54.54 76.04
N GLU WB 288 4.74 53.93 75.87
CA GLU WB 288 6.05 54.54 76.15
C GLU WB 288 6.31 55.82 75.31
N GLU WB 289 5.92 55.85 74.03
CA GLU WB 289 5.96 57.07 73.19
C GLU WB 289 4.96 58.14 73.63
N TRP WB 290 3.71 57.75 73.96
CA TRP WB 290 2.67 58.64 74.47
C TRP WB 290 3.04 59.24 75.83
N TYR WB 291 3.67 58.46 76.69
CA TYR WB 291 4.22 58.91 77.96
C TYR WB 291 5.38 59.88 77.75
N LYS WB 292 6.35 59.58 76.87
CA LYS WB 292 7.42 60.53 76.52
C LYS WB 292 6.90 61.86 75.98
N SER WB 293 5.85 61.87 75.16
CA SER WB 293 5.23 63.12 74.67
C SER WB 293 4.54 63.91 75.79
N LYS WB 294 3.68 63.28 76.59
CA LYS WB 294 2.99 63.91 77.74
C LYS WB 294 3.98 64.38 78.82
N PHE WB 295 5.07 63.66 78.99
CA PHE WB 295 6.14 63.99 79.92
C PHE WB 295 7.06 65.09 79.39
N ALA WB 296 7.19 65.26 78.07
CA ALA WB 296 7.76 66.46 77.48
C ALA WB 296 6.85 67.69 77.66
N ASP WB 297 5.52 67.52 77.60
CA ASP WB 297 4.55 68.60 77.91
C ASP WB 297 4.62 69.06 79.38
N LEU WB 298 4.73 68.10 80.33
CA LEU WB 298 5.00 68.40 81.75
C LEU WB 298 6.40 69.00 81.95
N SER WB 299 7.40 68.50 81.22
CA SER WB 299 8.76 69.06 81.24
C SER WB 299 8.84 70.46 80.65
N GLU WB 300 7.90 70.88 79.78
CA GLU WB 300 7.79 72.25 79.28
C GLU WB 300 7.05 73.18 80.27
N ALA WB 301 6.06 72.66 81.01
CA ALA WB 301 5.54 73.36 82.18
C ALA WB 301 6.61 73.58 83.27
N ALA WB 302 7.57 72.65 83.39
CA ALA WB 302 8.79 72.78 84.17
C ALA WB 302 9.87 73.69 83.53
N ASN WB 303 10.04 73.72 82.21
CA ASN WB 303 10.97 74.63 81.53
C ASN WB 303 10.58 76.10 81.72
N ARG WB 304 9.28 76.41 81.80
CA ARG WB 304 8.79 77.75 82.17
C ARG WB 304 9.24 78.20 83.57
N ASN WB 305 9.54 77.25 84.46
CA ASN WB 305 10.12 77.51 85.78
C ASN WB 305 11.65 77.61 85.75
N ASN WB 306 12.32 76.80 84.93
CA ASN WB 306 13.76 76.91 84.70
C ASN WB 306 14.12 78.24 84.00
N ASP WB 307 13.31 78.69 83.05
CA ASP WB 307 13.38 80.01 82.43
C ASP WB 307 13.15 81.14 83.42
N ALA WB 308 12.17 81.02 84.32
CA ALA WB 308 12.00 81.99 85.41
C ALA WB 308 13.25 82.07 86.31
N LEU WB 309 13.84 80.93 86.69
CA LEU WB 309 15.09 80.84 87.46
C LEU WB 309 16.34 81.35 86.69
N ARG WB 310 16.36 81.25 85.37
CA ARG WB 310 17.46 81.78 84.52
C ARG WB 310 17.30 83.28 84.27
N GLN WB 311 16.08 83.76 84.08
CA GLN WB 311 15.75 85.16 83.89
C GLN WB 311 15.87 85.97 85.20
N ALA WB 312 15.49 85.40 86.34
CA ALA WB 312 15.70 86.01 87.67
C ALA WB 312 17.18 86.19 88.04
N LYS WB 313 18.08 85.32 87.55
CA LYS WB 313 19.53 85.51 87.67
C LYS WB 313 20.03 86.67 86.81
N GLN WB 314 19.52 86.82 85.59
CA GLN WB 314 19.86 87.93 84.69
C GLN WB 314 19.32 89.27 85.24
N GLU WB 315 18.03 89.27 85.58
CA GLU WB 315 17.28 90.34 86.27
C GLU WB 315 18.02 90.84 87.51
N SER WB 316 18.51 89.93 88.37
CA SER WB 316 19.23 90.28 89.60
C SER WB 316 20.43 91.23 89.39
N THR WB 317 21.03 91.22 88.20
CA THR WB 317 22.20 92.04 87.85
C THR WB 317 21.87 93.50 87.61
N GLU WB 318 20.66 93.79 87.14
CA GLU WB 318 20.07 95.14 87.17
C GLU WB 318 19.30 95.39 88.47
N TYR WB 319 18.60 94.37 88.99
CA TYR WB 319 17.74 94.52 90.17
C TYR WB 319 18.54 94.95 91.41
N ARG WB 320 19.75 94.40 91.64
CA ARG WB 320 20.63 94.90 92.71
C ARG WB 320 21.01 96.38 92.56
N ARG WB 321 21.25 96.86 91.33
CA ARG WB 321 21.49 98.29 91.06
C ARG WB 321 20.21 99.12 91.19
N GLN WB 322 19.08 98.65 90.70
CA GLN WB 322 17.78 99.34 90.79
C GLN WB 322 17.35 99.51 92.26
N VAL WB 323 17.47 98.45 93.06
CA VAL WB 323 17.30 98.46 94.52
C VAL WB 323 18.22 99.46 95.21
N GLN WB 324 19.52 99.41 94.90
CA GLN WB 324 20.50 100.28 95.55
C GLN WB 324 20.37 101.75 95.11
N SER WB 325 19.99 102.02 93.86
CA SER WB 325 19.75 103.37 93.33
C SER WB 325 18.46 103.96 93.91
N LEU WB 326 17.36 103.21 93.88
CA LEU WB 326 16.09 103.60 94.49
C LEU WB 326 16.17 103.68 96.03
N THR WB 327 17.02 102.88 96.67
CA THR WB 327 17.36 103.10 98.09
C THR WB 327 18.05 104.44 98.28
N CYS WB 328 19.16 104.71 97.57
CA CYS WB 328 19.94 105.95 97.72
C CYS WB 328 19.21 107.20 97.23
N GLU WB 329 18.27 107.09 96.29
CA GLU WB 329 17.44 108.18 95.80
C GLU WB 329 16.30 108.49 96.78
N VAL WB 330 15.73 107.47 97.44
CA VAL WB 330 14.89 107.68 98.63
C VAL WB 330 15.70 108.30 99.77
N ASP WB 331 16.86 107.75 100.12
CA ASP WB 331 17.75 108.22 101.19
C ASP WB 331 18.27 109.66 100.95
N ALA WB 332 18.54 110.01 99.69
CA ALA WB 332 18.85 111.39 99.29
C ALA WB 332 17.64 112.32 99.34
N LEU WB 333 16.43 111.87 98.99
CA LEU WB 333 15.19 112.62 99.27
C LEU WB 333 14.93 112.76 100.78
N LYS WB 334 15.44 111.84 101.61
CA LYS WB 334 15.24 111.85 103.08
C LYS WB 334 16.19 112.80 103.79
N GLY WB 335 17.46 112.82 103.36
CA GLY WB 335 18.42 113.88 103.67
C GLY WB 335 18.07 115.24 103.04
N THR WB 336 17.31 115.25 101.94
CA THR WB 336 16.74 116.49 101.37
C THR WB 336 15.55 116.99 102.19
N ASN WB 337 14.66 116.12 102.67
CA ASN WB 337 13.50 116.52 103.45
C ASN WB 337 13.85 117.01 104.86
N GLU WB 338 14.82 116.39 105.56
CA GLU WB 338 15.36 116.96 106.82
C GLU WB 338 16.02 118.32 106.57
N SER WB 339 16.70 118.48 105.43
CA SER WB 339 17.39 119.74 105.07
C SER WB 339 16.44 120.79 104.49
N LEU WB 340 15.25 120.39 104.03
CA LEU WB 340 14.17 121.28 103.63
C LEU WB 340 13.40 121.78 104.86
N GLU WB 341 13.25 120.95 105.89
CA GLU WB 341 12.77 121.43 107.19
C GLU WB 341 13.80 122.36 107.87
N MET XB 1 -3.07 -69.48 -25.60
CA MET XB 1 -3.91 -70.65 -25.22
C MET XB 1 -3.40 -71.90 -25.91
N SER XB 2 -3.75 -73.09 -25.41
CA SER XB 2 -3.75 -74.32 -26.20
C SER XB 2 -4.69 -74.21 -27.41
N THR XB 3 -4.44 -74.99 -28.45
CA THR XB 3 -5.43 -75.27 -29.51
C THR XB 3 -5.48 -76.77 -29.80
N ARG XB 4 -6.64 -77.40 -29.62
CA ARG XB 4 -6.89 -78.80 -30.00
C ARG XB 4 -7.15 -78.89 -31.52
N SER XB 5 -6.12 -78.59 -32.31
CA SER XB 5 -6.11 -78.78 -33.77
C SER XB 5 -5.86 -80.25 -34.13
N VAL XB 6 -5.83 -80.59 -35.43
CA VAL XB 6 -5.36 -81.90 -35.90
C VAL XB 6 -3.93 -82.13 -35.42
N SER XB 7 -3.81 -83.04 -34.45
CA SER XB 7 -2.59 -83.39 -33.73
C SER XB 7 -2.80 -84.81 -33.20
N SER XB 8 -3.79 -84.94 -32.32
CA SER XB 8 -4.65 -86.12 -32.24
C SER XB 8 -5.70 -86.08 -33.37
N SER XB 9 -5.63 -86.99 -34.36
CA SER XB 9 -6.51 -86.97 -35.56
C SER XB 9 -7.98 -87.31 -35.27
N SER XB 10 -8.91 -86.62 -35.95
CA SER XB 10 -10.35 -86.93 -35.91
C SER XB 10 -10.74 -88.03 -36.91
N TYR XB 11 -11.41 -89.07 -36.41
CA TYR XB 11 -12.21 -89.95 -37.25
C TYR XB 11 -13.55 -89.29 -37.58
N ARG XB 12 -13.55 -88.46 -38.63
CA ARG XB 12 -14.73 -87.97 -39.36
C ARG XB 12 -15.28 -89.02 -40.35
N ARG XB 13 -14.39 -89.86 -40.87
CA ARG XB 13 -14.63 -90.99 -41.79
C ARG XB 13 -13.46 -91.98 -41.66
N MET XB 14 -13.04 -92.65 -42.73
CA MET XB 14 -11.97 -93.67 -42.78
C MET XB 14 -12.28 -94.99 -42.04
N PHE XB 15 -13.16 -94.94 -41.04
CA PHE XB 15 -14.00 -96.06 -40.62
C PHE XB 15 -15.46 -95.58 -40.60
N GLY XB 16 -16.38 -96.11 -41.42
CA GLY XB 16 -16.20 -97.16 -42.43
C GLY XB 16 -16.28 -98.57 -41.84
N GLY XB 17 -15.29 -99.42 -42.17
CA GLY XB 17 -15.32 -100.86 -41.85
C GLY XB 17 -15.97 -101.74 -42.94
N PRO XB 18 -15.63 -101.59 -44.24
CA PRO XB 18 -16.28 -102.33 -45.33
C PRO XB 18 -16.09 -103.86 -45.26
N GLY XB 19 -15.07 -104.34 -44.54
CA GLY XB 19 -14.85 -105.76 -44.27
C GLY XB 19 -15.92 -106.43 -43.41
N THR XB 20 -16.86 -105.67 -42.82
CA THR XB 20 -17.99 -106.20 -42.02
C THR XB 20 -18.86 -107.20 -42.80
N ALA XB 21 -18.97 -107.04 -44.13
CA ALA XB 21 -19.74 -107.93 -44.98
C ALA XB 21 -19.16 -108.03 -46.41
N SER XB 22 -17.85 -108.30 -46.53
CA SER XB 22 -17.18 -108.44 -47.83
C SER XB 22 -16.13 -109.56 -47.84
N ARG XB 23 -16.62 -110.80 -47.73
CA ARG XB 23 -15.86 -112.06 -47.81
C ARG XB 23 -16.80 -113.22 -48.18
N PRO XB 24 -17.14 -113.42 -49.47
CA PRO XB 24 -18.27 -114.26 -49.87
C PRO XB 24 -18.12 -115.73 -49.43
N SER XB 25 -19.21 -116.31 -48.89
CA SER XB 25 -19.36 -117.76 -48.72
C SER XB 25 -19.58 -118.50 -50.05
N SER XB 26 -20.04 -117.79 -51.09
CA SER XB 26 -20.05 -118.24 -52.49
C SER XB 26 -18.67 -118.28 -53.16
N SER XB 27 -17.58 -118.08 -52.41
CA SER XB 27 -16.21 -118.41 -52.87
C SER XB 27 -16.11 -119.92 -53.16
N ARG XB 28 -16.03 -120.28 -54.45
CA ARG XB 28 -16.16 -121.67 -54.91
C ARG XB 28 -15.15 -122.60 -54.22
N SER XB 29 -15.68 -123.64 -53.56
CA SER XB 29 -14.92 -124.86 -53.29
C SER XB 29 -14.63 -125.60 -54.61
N TYR XB 30 -13.38 -125.55 -55.07
CA TYR XB 30 -12.95 -126.26 -56.26
C TYR XB 30 -12.58 -127.71 -55.90
N VAL XB 31 -13.61 -128.57 -55.82
CA VAL XB 31 -13.50 -129.95 -55.34
C VAL XB 31 -12.45 -130.74 -56.14
N THR XB 32 -11.28 -130.93 -55.55
CA THR XB 32 -10.20 -131.73 -56.10
C THR XB 32 -10.41 -133.19 -55.74
N THR XB 33 -10.32 -134.09 -56.71
CA THR XB 33 -10.40 -135.55 -56.49
C THR XB 33 -9.41 -136.27 -57.38
N SER XB 34 -8.71 -137.27 -56.84
CA SER XB 34 -7.99 -138.25 -57.68
C SER XB 34 -9.02 -139.05 -58.50
N THR XB 35 -8.93 -138.98 -59.83
CA THR XB 35 -9.77 -139.79 -60.73
C THR XB 35 -9.61 -141.28 -60.43
N ARG XB 36 -10.74 -142.00 -60.32
CA ARG XB 36 -10.76 -143.44 -60.03
C ARG XB 36 -10.27 -144.23 -61.25
N PHE XB 123 2.22 -156.21 -34.72
CA PHE XB 123 1.53 -155.66 -33.55
C PHE XB 123 2.51 -155.23 -32.45
N LEU XB 124 3.52 -156.05 -32.14
CA LEU XB 124 4.57 -155.64 -31.20
C LEU XB 124 5.59 -154.66 -31.76
N GLU XB 125 5.80 -154.60 -33.08
CA GLU XB 125 6.56 -153.53 -33.74
C GLU XB 125 5.80 -152.18 -33.68
N GLN XB 126 4.46 -152.20 -33.61
CA GLN XB 126 3.67 -151.00 -33.37
C GLN XB 126 3.74 -150.53 -31.91
N GLN XB 127 3.75 -151.47 -30.95
CA GLN XB 127 3.97 -151.14 -29.53
C GLN XB 127 5.39 -150.57 -29.33
N ASN XB 128 6.38 -151.16 -30.00
CA ASN XB 128 7.76 -150.67 -30.03
C ASN XB 128 7.93 -149.26 -30.65
N LYS XB 129 6.97 -148.76 -31.44
CA LYS XB 129 6.98 -147.37 -31.94
C LYS XB 129 6.28 -146.38 -31.00
N ILE XB 130 5.36 -146.86 -30.16
CA ILE XB 130 4.72 -146.09 -29.09
C ILE XB 130 5.74 -145.77 -27.99
N LEU XB 131 6.36 -146.81 -27.41
CA LEU XB 131 7.38 -146.65 -26.36
C LEU XB 131 8.65 -145.92 -26.86
N LEU XB 132 8.92 -145.90 -28.17
CA LEU XB 132 9.98 -145.09 -28.77
C LEU XB 132 9.64 -143.59 -28.85
N ALA XB 133 8.40 -143.24 -29.23
CA ALA XB 133 7.94 -141.85 -29.23
C ALA XB 133 7.94 -141.28 -27.82
N GLU XB 134 7.56 -142.11 -26.85
CA GLU XB 134 7.46 -141.79 -25.43
C GLU XB 134 8.82 -141.65 -24.70
N LEU XB 135 9.89 -142.20 -25.30
CA LEU XB 135 11.27 -142.01 -24.88
C LEU XB 135 11.83 -140.62 -25.24
N GLU XB 136 11.53 -140.11 -26.44
CA GLU XB 136 12.24 -138.95 -27.00
C GLU XB 136 11.78 -137.59 -26.48
N GLN XB 137 10.49 -137.41 -26.20
CA GLN XB 137 9.87 -136.07 -26.19
C GLN XB 137 10.39 -135.13 -25.10
N LEU XB 138 10.33 -135.54 -23.83
CA LEU XB 138 10.79 -134.77 -22.66
C LEU XB 138 12.31 -134.59 -22.66
N LYS XB 139 13.03 -135.72 -22.79
CA LYS XB 139 14.50 -135.76 -22.86
C LYS XB 139 15.05 -134.94 -24.04
N GLY XB 140 14.50 -135.10 -25.24
CA GLY XB 140 15.05 -134.50 -26.46
C GLY XB 140 14.61 -133.06 -26.66
N GLN XB 141 13.29 -132.81 -26.62
CA GLN XB 141 12.69 -131.55 -27.06
C GLN XB 141 12.12 -130.69 -25.93
N GLY XB 142 11.96 -131.25 -24.72
CA GLY XB 142 11.48 -130.52 -23.55
C GLY XB 142 12.52 -129.53 -23.03
N LYS XB 143 13.40 -130.00 -22.15
CA LYS XB 143 14.29 -129.09 -21.41
C LYS XB 143 15.38 -128.45 -22.28
N SER XB 144 15.73 -129.02 -23.43
CA SER XB 144 16.67 -128.38 -24.37
C SER XB 144 16.22 -126.98 -24.79
N ARG XB 145 14.96 -126.83 -25.23
CA ARG XB 145 14.39 -125.55 -25.67
C ARG XB 145 13.77 -124.74 -24.52
N LEU XB 146 13.09 -125.40 -23.57
CA LEU XB 146 12.44 -124.69 -22.46
C LEU XB 146 13.44 -124.21 -21.40
N GLY XB 147 14.59 -124.87 -21.30
CA GLY XB 147 15.78 -124.40 -20.57
C GLY XB 147 16.40 -123.18 -21.23
N ASP XB 148 16.79 -123.29 -22.51
CA ASP XB 148 17.33 -122.21 -23.36
C ASP XB 148 16.53 -120.89 -23.31
N LEU XB 149 15.20 -120.97 -23.36
CA LEU XB 149 14.32 -119.80 -23.26
C LEU XB 149 14.34 -119.13 -21.87
N TYR XB 150 14.31 -119.91 -20.79
CA TYR XB 150 14.33 -119.41 -19.42
C TYR XB 150 15.74 -119.01 -18.96
N GLU XB 151 16.76 -119.69 -19.48
CA GLU XB 151 18.17 -119.39 -19.27
C GLU XB 151 18.51 -117.99 -19.78
N GLU XB 152 17.92 -117.55 -20.91
CA GLU XB 152 18.03 -116.16 -21.35
C GLU XB 152 17.16 -115.17 -20.54
N GLU XB 153 16.00 -115.58 -20.01
CA GLU XB 153 15.20 -114.75 -19.08
C GLU XB 153 15.95 -114.50 -17.75
N MET XB 154 16.51 -115.54 -17.12
CA MET XB 154 17.25 -115.40 -15.86
C MET XB 154 18.67 -114.85 -16.04
N ARG XB 155 19.26 -114.99 -17.24
CA ARG XB 155 20.43 -114.20 -17.64
C ARG XB 155 20.09 -112.71 -17.73
N GLU XB 156 18.93 -112.34 -18.27
CA GLU XB 156 18.51 -110.94 -18.28
C GLU XB 156 18.24 -110.40 -16.88
N LEU XB 157 17.55 -111.16 -16.02
CA LEU XB 157 17.45 -110.90 -14.58
C LEU XB 157 18.82 -110.69 -13.90
N ARG XB 158 19.81 -111.54 -14.18
CA ARG XB 158 21.17 -111.37 -13.65
C ARG XB 158 21.87 -110.14 -14.22
N ARG XB 159 21.72 -109.81 -15.50
CA ARG XB 159 22.19 -108.52 -16.04
C ARG XB 159 21.51 -107.35 -15.32
N GLN XB 160 20.21 -107.46 -15.03
CA GLN XB 160 19.46 -106.48 -14.24
C GLN XB 160 19.90 -106.42 -12.77
N VAL XB 161 20.47 -107.48 -12.17
CA VAL XB 161 21.04 -107.44 -10.80
C VAL XB 161 22.52 -107.06 -10.72
N ASP XB 162 23.36 -107.51 -11.66
CA ASP XB 162 24.71 -106.97 -11.86
C ASP XB 162 24.60 -105.46 -12.09
N GLN XB 163 23.61 -105.04 -12.88
CA GLN XB 163 23.23 -103.64 -13.04
C GLN XB 163 22.68 -103.03 -11.74
N LEU XB 164 21.73 -103.65 -11.04
CA LEU XB 164 21.20 -103.07 -9.79
C LEU XB 164 22.24 -102.96 -8.67
N THR XB 165 23.28 -103.81 -8.68
CA THR XB 165 24.41 -103.78 -7.73
C THR XB 165 25.41 -102.67 -8.06
N ASN XB 166 25.76 -102.51 -9.34
CA ASN XB 166 26.58 -101.40 -9.83
C ASN XB 166 25.85 -100.06 -9.70
N ASP XB 167 24.53 -100.06 -9.94
CA ASP XB 167 23.62 -98.96 -9.65
C ASP XB 167 23.60 -98.66 -8.16
N LYS XB 168 23.29 -99.62 -7.27
CA LYS XB 168 23.35 -99.49 -5.79
C LYS XB 168 24.65 -98.83 -5.33
N ALA XB 169 25.80 -99.28 -5.84
CA ALA XB 169 27.10 -98.69 -5.51
C ALA XB 169 27.34 -97.28 -6.12
N ARG XB 170 26.97 -97.03 -7.38
CA ARG XB 170 27.04 -95.70 -8.01
C ARG XB 170 26.15 -94.72 -7.28
N VAL XB 171 24.88 -95.08 -7.13
CA VAL XB 171 23.82 -94.22 -6.62
C VAL XB 171 23.95 -93.97 -5.12
N GLU XB 172 24.60 -94.88 -4.38
CA GLU XB 172 25.04 -94.58 -3.02
C GLU XB 172 26.11 -93.49 -3.01
N VAL XB 173 27.07 -93.49 -3.95
CA VAL XB 173 28.01 -92.37 -4.12
C VAL XB 173 27.33 -91.08 -4.64
N GLU XB 174 26.36 -91.18 -5.56
CA GLU XB 174 25.61 -89.99 -6.04
C GLU XB 174 24.66 -89.41 -4.96
N ARG XB 175 24.23 -90.20 -3.98
CA ARG XB 175 23.58 -89.69 -2.76
C ARG XB 175 24.58 -89.22 -1.72
N ASP XB 176 25.74 -89.86 -1.59
CA ASP XB 176 26.83 -89.43 -0.72
C ASP XB 176 27.36 -88.05 -1.13
N ASN XB 177 27.33 -87.70 -2.43
CA ASN XB 177 27.57 -86.32 -2.88
C ASN XB 177 26.57 -85.31 -2.26
N LEU XB 178 25.26 -85.59 -2.39
CA LEU XB 178 24.20 -84.71 -1.88
C LEU XB 178 24.20 -84.68 -0.35
N ALA XB 179 24.19 -85.84 0.29
CA ALA XB 179 24.12 -86.02 1.73
C ALA XB 179 25.42 -85.64 2.44
N GLU XB 180 26.58 -85.59 1.78
CA GLU XB 180 27.81 -85.00 2.33
C GLU XB 180 27.80 -83.47 2.26
N ASP XB 181 27.25 -82.86 1.22
CA ASP XB 181 26.95 -81.42 1.21
C ASP XB 181 25.83 -81.05 2.18
N ILE XB 182 24.76 -81.86 2.33
CA ILE XB 182 23.80 -81.66 3.42
C ILE XB 182 24.42 -81.97 4.79
N MET XB 183 25.37 -82.90 4.95
CA MET XB 183 26.02 -83.18 6.24
C MET XB 183 26.93 -82.04 6.69
N ARG XB 184 27.74 -81.51 5.76
CA ARG XB 184 28.52 -80.28 5.96
C ARG XB 184 27.61 -79.09 6.27
N LEU XB 185 26.54 -78.93 5.49
CA LEU XB 185 25.51 -77.92 5.73
C LEU XB 185 24.90 -78.11 7.12
N ARG XB 186 24.44 -79.30 7.51
CA ARG XB 186 23.82 -79.62 8.82
C ARG XB 186 24.73 -79.29 10.00
N GLU XB 187 26.02 -79.60 9.92
CA GLU XB 187 27.00 -79.23 10.97
C GLU XB 187 27.23 -77.72 11.03
N LYS XB 188 27.43 -77.08 9.87
CA LYS XB 188 27.47 -75.61 9.74
C LYS XB 188 26.15 -74.93 10.09
N LEU XB 189 25.03 -75.64 10.01
CA LEU XB 189 23.68 -75.15 10.21
C LEU XB 189 23.27 -75.24 11.68
N GLN XB 190 23.83 -76.20 12.43
CA GLN XB 190 23.89 -76.15 13.89
C GLN XB 190 24.74 -74.97 14.39
N GLU XB 191 25.89 -74.71 13.75
CA GLU XB 191 26.68 -73.50 14.02
C GLU XB 191 25.94 -72.21 13.61
N GLU XB 192 25.23 -72.20 12.48
CA GLU XB 192 24.39 -71.06 12.08
C GLU XB 192 23.22 -70.85 13.03
N MET XB 193 22.50 -71.87 13.52
CA MET XB 193 21.41 -71.64 14.47
C MET XB 193 21.90 -71.04 15.79
N LEU XB 194 23.15 -71.32 16.18
CA LEU XB 194 23.82 -70.58 17.25
C LEU XB 194 24.17 -69.13 16.84
N GLN XB 195 24.63 -68.87 15.61
CA GLN XB 195 24.83 -67.50 15.09
C GLN XB 195 23.52 -66.68 15.01
N ARG XB 196 22.39 -67.29 14.64
CA ARG XB 196 21.09 -66.60 14.56
C ARG XB 196 20.36 -66.53 15.91
N GLU XB 197 20.63 -67.45 16.84
CA GLU XB 197 20.19 -67.31 18.25
C GLU XB 197 21.04 -66.26 19.01
N GLU XB 198 22.31 -66.10 18.63
CA GLU XB 198 23.15 -64.96 19.01
C GLU XB 198 22.57 -63.66 18.45
N ALA XB 199 22.10 -63.63 17.20
CA ALA XB 199 21.41 -62.48 16.62
C ALA XB 199 20.07 -62.19 17.32
N GLU XB 200 19.23 -63.19 17.60
CA GLU XB 200 17.99 -63.02 18.38
C GLU XB 200 18.29 -62.41 19.76
N ASN XB 201 19.15 -63.03 20.57
CA ASN XB 201 19.38 -62.60 21.95
C ASN XB 201 20.13 -61.27 22.03
N THR XB 202 21.08 -61.02 21.13
CA THR XB 202 21.85 -59.77 21.05
C THR XB 202 20.96 -58.61 20.63
N LEU XB 203 20.23 -58.78 19.53
CA LEU XB 203 19.34 -57.74 19.01
C LEU XB 203 18.05 -57.60 19.85
N GLN XB 204 17.66 -58.61 20.64
CA GLN XB 204 16.55 -58.50 21.60
C GLN XB 204 16.96 -57.82 22.91
N SER XB 205 18.23 -57.96 23.31
CA SER XB 205 18.82 -57.12 24.36
C SER XB 205 18.92 -55.66 23.91
N PHE XB 206 19.29 -55.43 22.65
CA PHE XB 206 19.28 -54.10 22.04
C PHE XB 206 17.85 -53.56 21.76
N ARG XB 207 16.82 -54.41 21.60
CA ARG XB 207 15.40 -54.00 21.65
C ARG XB 207 14.96 -53.58 23.03
N GLN XB 208 15.37 -54.30 24.08
CA GLN XB 208 15.14 -53.83 25.46
C GLN XB 208 15.86 -52.50 25.71
N ASP XB 209 17.01 -52.27 25.09
CA ASP XB 209 17.70 -50.98 25.16
C ASP XB 209 17.19 -49.88 24.22
N VAL XB 210 16.27 -50.15 23.29
CA VAL XB 210 15.40 -49.08 22.74
C VAL XB 210 14.53 -48.52 23.85
N ASP XB 211 13.82 -49.40 24.53
CA ASP XB 211 12.90 -49.08 25.62
C ASP XB 211 13.67 -48.46 26.79
N ASN XB 212 14.74 -49.10 27.29
CA ASN XB 212 15.57 -48.60 28.39
C ASN XB 212 16.26 -47.26 28.05
N ALA XB 213 16.90 -47.12 26.89
CA ALA XB 213 17.66 -45.91 26.60
C ALA XB 213 16.76 -44.72 26.27
N SER XB 214 15.67 -44.93 25.53
CA SER XB 214 14.69 -43.87 25.29
C SER XB 214 13.80 -43.61 26.51
N LEU XB 215 13.64 -44.57 27.44
CA LEU XB 215 12.97 -44.35 28.73
C LEU XB 215 13.88 -43.65 29.75
N ALA XB 216 15.19 -43.87 29.70
CA ALA XB 216 16.17 -43.07 30.45
C ALA XB 216 16.26 -41.62 29.92
N ARG XB 217 16.05 -41.41 28.61
CA ARG XB 217 15.76 -40.09 28.03
C ARG XB 217 14.47 -39.50 28.63
N LEU XB 218 13.37 -40.23 28.56
CA LEU XB 218 12.07 -39.71 28.99
C LEU XB 218 11.91 -39.48 30.49
N ASP XB 219 12.49 -40.31 31.35
CA ASP XB 219 12.33 -40.20 32.79
C ASP XB 219 13.03 -38.95 33.35
N LEU XB 220 14.09 -38.49 32.68
CA LEU XB 220 14.71 -37.18 32.87
C LEU XB 220 13.95 -36.06 32.15
N GLU XB 221 13.55 -36.24 30.89
CA GLU XB 221 12.83 -35.20 30.13
C GLU XB 221 11.47 -34.85 30.74
N ARG XB 222 10.71 -35.84 31.23
CA ARG XB 222 9.45 -35.62 31.96
C ARG XB 222 9.67 -34.89 33.28
N LYS XB 223 10.81 -35.09 33.96
CA LYS XB 223 11.16 -34.34 35.18
C LYS XB 223 11.43 -32.88 34.84
N VAL XB 224 12.20 -32.58 33.79
CA VAL XB 224 12.45 -31.20 33.37
C VAL XB 224 11.19 -30.56 32.75
N GLU XB 225 10.35 -31.33 32.04
CA GLU XB 225 9.06 -30.89 31.46
C GLU XB 225 8.07 -30.48 32.56
N SER XB 226 7.96 -31.32 33.60
CA SER XB 226 7.16 -31.02 34.79
C SER XB 226 7.72 -29.84 35.59
N LEU XB 227 9.04 -29.77 35.78
CA LEU XB 227 9.69 -28.66 36.48
C LEU XB 227 9.58 -27.33 35.73
N GLN XB 228 9.54 -27.33 34.39
CA GLN XB 228 9.35 -26.12 33.58
C GLN XB 228 7.87 -25.67 33.54
N GLU XB 229 6.89 -26.59 33.56
CA GLU XB 229 5.50 -26.23 33.85
C GLU XB 229 5.31 -25.73 35.30
N GLU XB 230 6.02 -26.33 36.28
CA GLU XB 230 6.05 -25.84 37.66
C GLU XB 230 6.75 -24.48 37.80
N ILE XB 231 7.79 -24.16 37.02
CA ILE XB 231 8.38 -22.82 36.99
C ILE XB 231 7.39 -21.82 36.36
N ALA XB 232 6.72 -22.17 35.26
CA ALA XB 232 5.66 -21.34 34.69
C ALA XB 232 4.51 -21.14 35.70
N PHE XB 233 4.16 -22.17 36.48
CA PHE XB 233 3.10 -22.12 37.51
C PHE XB 233 3.51 -21.26 38.72
N LEU XB 234 4.73 -21.43 39.22
CA LEU XB 234 5.34 -20.58 40.25
C LEU XB 234 5.53 -19.13 39.77
N LYS XB 235 5.68 -18.87 38.48
CA LYS XB 235 5.80 -17.51 37.93
C LYS XB 235 4.46 -16.83 37.62
N LYS XB 236 3.43 -17.58 37.22
CA LYS XB 236 2.04 -17.08 37.21
C LYS XB 236 1.40 -16.98 38.61
N LEU XB 237 1.98 -17.60 39.64
CA LEU XB 237 1.70 -17.34 41.06
C LEU XB 237 2.56 -16.19 41.65
N HIS XB 238 3.82 -16.04 41.24
CA HIS XB 238 4.63 -14.86 41.62
C HIS XB 238 4.06 -13.55 41.05
N GLU XB 239 3.25 -13.62 40.00
CA GLU XB 239 2.43 -12.50 39.53
C GLU XB 239 1.44 -12.00 40.61
N GLU XB 240 0.87 -12.91 41.40
CA GLU XB 240 -0.03 -12.62 42.52
C GLU XB 240 0.75 -12.14 43.77
N GLU XB 241 1.98 -12.61 44.00
CA GLU XB 241 2.89 -12.06 45.03
C GLU XB 241 3.34 -10.62 44.73
N ILE XB 242 3.64 -10.29 43.46
CA ILE XB 242 3.86 -8.89 43.06
C ILE XB 242 2.54 -8.10 43.10
N GLN XB 243 1.38 -8.75 42.96
CA GLN XB 243 0.08 -8.07 43.13
C GLN XB 243 -0.26 -7.73 44.59
N GLU XB 244 0.26 -8.47 45.58
CA GLU XB 244 0.21 -8.02 46.97
C GLU XB 244 1.16 -6.84 47.26
N LEU XB 245 2.31 -6.76 46.58
CA LEU XB 245 3.15 -5.55 46.59
C LEU XB 245 2.44 -4.36 45.93
N GLN XB 246 1.84 -4.55 44.75
CA GLN XB 246 1.08 -3.49 44.07
C GLN XB 246 -0.15 -3.05 44.89
N ALA XB 247 -0.76 -3.96 45.67
CA ALA XB 247 -1.81 -3.64 46.63
C ALA XB 247 -1.32 -2.78 47.80
N GLN XB 248 -0.11 -3.01 48.33
CA GLN XB 248 0.50 -2.08 49.31
C GLN XB 248 0.69 -0.68 48.70
N ILE XB 249 1.21 -0.58 47.48
CA ILE XB 249 1.38 0.72 46.79
C ILE XB 249 0.02 1.39 46.54
N GLN XB 250 -1.04 0.61 46.32
CA GLN XB 250 -2.41 1.08 46.15
C GLN XB 250 -3.08 1.55 47.46
N GLU XB 251 -2.68 0.98 48.61
CA GLU XB 251 -3.16 1.35 49.95
C GLU XB 251 -2.43 2.52 50.62
N GLN XB 252 -1.23 2.92 50.16
CA GLN XB 252 -0.41 4.03 50.70
C GLN XB 252 -0.99 5.47 50.52
N HIS XB 253 -2.33 5.61 50.46
CA HIS XB 253 -3.06 6.73 49.87
C HIS XB 253 -4.08 7.50 50.77
N VAL XB 254 -4.19 7.51 52.11
CA VAL XB 254 -3.33 7.38 53.32
C VAL XB 254 -2.25 8.46 53.51
N GLN XB 255 -2.20 9.02 54.74
CA GLN XB 255 -1.44 10.20 55.25
C GLN XB 255 -2.09 11.60 55.10
N ILE XB 256 -1.35 12.62 55.55
CA ILE XB 256 -1.75 14.02 55.79
C ILE XB 256 -0.73 15.00 55.18
N ASP XB 257 -1.15 16.24 54.97
CA ASP XB 257 -0.33 17.34 54.44
C ASP XB 257 0.94 17.61 55.29
N VAL XB 258 2.07 17.64 54.58
CA VAL XB 258 3.43 17.70 55.11
C VAL XB 258 3.91 19.15 55.25
N ASP XB 259 4.28 19.53 56.48
CA ASP XB 259 4.75 20.86 56.90
C ASP XB 259 3.81 22.06 56.63
N VAL XB 260 2.82 21.97 55.74
CA VAL XB 260 1.73 22.97 55.64
C VAL XB 260 0.53 22.69 56.55
N SER XB 261 0.19 21.45 56.86
CA SER XB 261 -0.78 21.10 57.92
C SER XB 261 -0.26 21.31 59.35
N LYS XB 262 0.75 22.16 59.51
CA LYS XB 262 1.40 22.54 60.75
C LYS XB 262 1.24 24.06 60.98
N PRO XB 263 0.01 24.61 61.01
CA PRO XB 263 -0.25 26.04 61.12
C PRO XB 263 0.24 26.56 62.48
N ASP XB 264 1.45 27.11 62.52
CA ASP XB 264 2.44 26.64 63.51
C ASP XB 264 2.09 26.95 64.98
N LEU XB 265 2.06 25.89 65.79
CA LEU XB 265 1.97 25.97 67.25
C LEU XB 265 3.27 26.50 67.88
N THR XB 266 4.44 26.18 67.30
CA THR XB 266 5.72 26.67 67.82
C THR XB 266 5.91 28.16 67.54
N ALA XB 267 5.33 28.69 66.46
CA ALA XB 267 5.16 30.12 66.24
C ALA XB 267 4.25 30.77 67.29
N ALA XB 268 3.10 30.17 67.63
CA ALA XB 268 2.24 30.69 68.69
C ALA XB 268 2.92 30.69 70.09
N LEU XB 269 3.73 29.66 70.40
CA LEU XB 269 4.55 29.61 71.62
C LEU XB 269 5.79 30.53 71.57
N ARG XB 270 6.27 30.90 70.38
CA ARG XB 270 7.39 31.81 70.12
C ARG XB 270 6.96 33.27 70.26
N ASP XB 271 5.78 33.60 69.74
CA ASP XB 271 5.07 34.86 69.94
C ASP XB 271 4.88 35.18 71.43
N VAL XB 272 4.25 34.29 72.19
CA VAL XB 272 3.99 34.50 73.62
C VAL XB 272 5.28 34.71 74.44
N ARG XB 273 6.39 34.08 74.06
CA ARG XB 273 7.70 34.28 74.73
C ARG XB 273 8.34 35.62 74.36
N GLN XB 274 8.43 35.93 73.08
CA GLN XB 274 9.01 37.19 72.58
C GLN XB 274 8.16 38.41 72.95
N GLN XB 275 6.85 38.23 73.08
CA GLN XB 275 5.89 39.19 73.61
C GLN XB 275 6.07 39.41 75.11
N TYR XB 276 6.26 38.36 75.94
CA TYR XB 276 6.60 38.53 77.36
C TYR XB 276 7.99 39.14 77.58
N GLU XB 277 8.99 38.80 76.77
CA GLU XB 277 10.33 39.41 76.81
C GLU XB 277 10.27 40.92 76.49
N SER XB 278 9.48 41.29 75.47
CA SER XB 278 9.23 42.68 75.09
C SER XB 278 8.42 43.46 76.14
N VAL XB 279 7.36 42.84 76.68
CA VAL XB 279 6.50 43.43 77.73
C VAL XB 279 7.27 43.65 79.03
N ALA XB 280 8.10 42.69 79.45
CA ALA XB 280 8.92 42.82 80.65
C ALA XB 280 9.95 43.95 80.51
N ALA XB 281 10.60 44.09 79.34
CA ALA XB 281 11.50 45.21 79.08
C ALA XB 281 10.76 46.56 79.06
N LYS XB 282 9.63 46.67 78.35
CA LYS XB 282 8.89 47.93 78.18
C LYS XB 282 8.16 48.41 79.43
N ASN XB 283 7.60 47.50 80.23
CA ASN XB 283 7.02 47.81 81.53
C ASN XB 283 8.07 48.34 82.53
N LEU XB 284 9.33 47.88 82.45
CA LEU XB 284 10.43 48.43 83.26
C LEU XB 284 10.93 49.78 82.72
N GLN XB 285 11.03 49.94 81.40
CA GLN XB 285 11.51 51.18 80.76
C GLN XB 285 10.51 52.34 80.89
N GLU XB 286 9.19 52.07 80.82
CA GLU XB 286 8.12 53.02 81.13
C GLU XB 286 8.22 53.55 82.57
N ALA XB 287 8.47 52.66 83.54
CA ALA XB 287 8.61 53.02 84.95
C ALA XB 287 9.87 53.86 85.24
N GLU XB 288 10.98 53.59 84.56
CA GLU XB 288 12.19 54.41 84.62
C GLU XB 288 12.00 55.79 83.97
N GLU XB 289 11.31 55.85 82.82
CA GLU XB 289 11.11 57.10 82.08
C GLU XB 289 10.09 58.02 82.76
N TRP XB 290 9.06 57.46 83.40
CA TRP XB 290 8.20 58.22 84.32
C TRP XB 290 8.94 58.66 85.58
N TYR XB 291 9.88 57.87 86.12
CA TYR XB 291 10.70 58.32 87.24
C TYR XB 291 11.56 59.55 86.89
N LYS XB 292 12.21 59.57 85.71
CA LYS XB 292 12.97 60.75 85.22
C LYS XB 292 12.06 61.97 85.04
N SER XB 293 10.90 61.76 84.43
CA SER XB 293 9.95 62.81 84.06
C SER XB 293 9.26 63.45 85.26
N LYS XB 294 8.86 62.61 86.23
CA LYS XB 294 8.36 63.03 87.54
C LYS XB 294 9.43 63.76 88.36
N PHE XB 295 10.69 63.33 88.25
CA PHE XB 295 11.81 64.01 88.90
C PHE XB 295 12.05 65.42 88.31
N ALA XB 296 11.88 65.61 87.00
CA ALA XB 296 11.96 66.91 86.34
C ALA XB 296 10.84 67.87 86.79
N ASP XB 297 9.58 67.40 86.78
CA ASP XB 297 8.41 68.14 87.28
C ASP XB 297 8.57 68.60 88.74
N LEU XB 298 8.86 67.66 89.64
CA LEU XB 298 9.03 67.95 91.06
C LEU XB 298 10.24 68.87 91.35
N SER XB 299 11.35 68.70 90.61
CA SER XB 299 12.54 69.55 90.76
C SER XB 299 12.31 70.97 90.28
N GLU XB 300 11.64 71.17 89.15
CA GLU XB 300 11.38 72.51 88.62
C GLU XB 300 10.17 73.21 89.26
N ALA XB 301 9.21 72.47 89.82
CA ALA XB 301 8.23 73.01 90.75
C ALA XB 301 8.90 73.48 92.06
N ALA XB 302 9.85 72.72 92.59
CA ALA XB 302 10.66 73.15 93.73
C ALA XB 302 11.60 74.33 93.39
N ASN XB 303 12.14 74.41 92.17
CA ASN XB 303 12.87 75.58 91.69
C ASN XB 303 11.97 76.81 91.53
N ARG XB 304 10.73 76.66 91.03
CA ARG XB 304 9.80 77.79 90.90
C ARG XB 304 9.45 78.41 92.24
N ASN XB 305 9.17 77.55 93.23
CA ASN XB 305 8.90 78.00 94.59
C ASN XB 305 10.13 78.65 95.22
N ASN XB 306 11.32 78.07 95.04
CA ASN XB 306 12.58 78.72 95.44
C ASN XB 306 12.79 80.08 94.77
N ASP XB 307 12.43 80.24 93.50
CA ASP XB 307 12.76 81.42 92.70
C ASP XB 307 11.78 82.57 92.83
N ALA XB 308 10.48 82.28 92.97
CA ALA XB 308 9.50 83.27 93.43
C ALA XB 308 9.81 83.75 94.87
N LEU XB 309 10.28 82.83 95.73
CA LEU XB 309 10.84 83.17 97.05
C LEU XB 309 12.23 83.85 97.02
N ARG XB 310 12.87 84.04 95.85
CA ARG XB 310 14.08 84.85 95.66
C ARG XB 310 13.78 86.22 95.05
N GLN XB 311 12.87 86.27 94.08
CA GLN XB 311 12.31 87.51 93.52
C GLN XB 311 11.67 88.37 94.62
N ALA XB 312 10.80 87.74 95.42
CA ALA XB 312 10.17 88.35 96.60
C ALA XB 312 11.14 88.68 97.75
N LYS XB 313 12.36 88.09 97.78
CA LYS XB 313 13.40 88.45 98.75
C LYS XB 313 14.30 89.59 98.30
N GLN XB 314 14.49 89.78 96.99
CA GLN XB 314 15.14 90.97 96.44
C GLN XB 314 14.23 92.20 96.59
N GLU XB 315 12.95 92.02 96.28
CA GLU XB 315 11.83 92.95 96.56
C GLU XB 315 11.66 93.24 98.08
N SER XB 316 11.68 92.21 98.93
CA SER XB 316 11.68 92.42 100.39
C SER XB 316 12.92 93.16 100.90
N THR XB 317 14.07 93.02 100.25
CA THR XB 317 15.29 93.74 100.65
C THR XB 317 15.24 95.21 100.22
N GLU XB 318 14.54 95.50 99.12
CA GLU XB 318 14.31 96.83 98.58
C GLU XB 318 13.37 97.67 99.44
N TYR XB 319 12.12 97.21 99.61
CA TYR XB 319 11.13 97.97 100.36
C TYR XB 319 11.48 98.10 101.84
N ARG XB 320 12.22 97.14 102.43
CA ARG XB 320 12.79 97.31 103.78
C ARG XB 320 13.82 98.42 103.86
N ARG XB 321 14.73 98.54 102.88
CA ARG XB 321 15.71 99.64 102.83
C ARG XB 321 15.05 101.00 102.62
N GLN XB 322 14.08 101.07 101.71
CA GLN XB 322 13.34 102.31 101.45
C GLN XB 322 12.50 102.76 102.67
N VAL XB 323 11.87 101.81 103.39
CA VAL XB 323 11.17 102.06 104.66
C VAL XB 323 12.12 102.44 105.80
N GLN XB 324 13.31 101.83 105.89
CA GLN XB 324 14.32 102.20 106.89
C GLN XB 324 14.93 103.59 106.61
N SER XB 325 15.09 103.95 105.34
CA SER XB 325 15.51 105.30 104.92
C SER XB 325 14.44 106.35 105.25
N LEU XB 326 13.16 106.02 105.00
CA LEU XB 326 12.00 106.81 105.46
C LEU XB 326 11.86 106.88 106.98
N THR XB 327 12.31 105.88 107.73
CA THR XB 327 12.33 105.94 109.20
C THR XB 327 13.39 106.94 109.69
N CYS XB 328 14.55 106.99 109.02
CA CYS XB 328 15.58 107.99 109.28
C CYS XB 328 15.12 109.41 108.91
N GLU XB 329 14.30 109.58 107.86
CA GLU XB 329 13.61 110.84 107.58
C GLU XB 329 12.71 111.27 108.73
N VAL XB 330 11.79 110.41 109.16
CA VAL XB 330 10.75 110.76 110.13
C VAL XB 330 11.33 111.14 111.49
N ASP XB 331 12.51 110.63 111.86
CA ASP XB 331 13.20 111.00 113.09
C ASP XB 331 14.23 112.14 112.93
N ALA XB 332 14.78 112.37 111.73
CA ALA XB 332 15.57 113.57 111.40
C ALA XB 332 14.72 114.84 111.15
N LEU XB 333 13.48 114.67 110.65
CA LEU XB 333 12.45 115.70 110.58
C LEU XB 333 12.05 116.15 111.99
N LYS XB 334 11.75 115.22 112.91
CA LYS XB 334 11.44 115.56 114.32
C LYS XB 334 12.56 116.30 115.05
N GLY XB 335 13.83 115.92 114.86
CA GLY XB 335 14.97 116.68 115.41
C GLY XB 335 15.19 118.06 114.77
N THR XB 336 14.53 118.31 113.63
CA THR XB 336 14.45 119.60 112.95
C THR XB 336 13.14 120.37 113.27
N MET YB 1 -15.71 -117.53 -38.96
CA MET YB 1 -14.92 -116.86 -37.90
C MET YB 1 -15.62 -115.62 -37.37
N SER YB 2 -16.08 -115.64 -36.12
CA SER YB 2 -16.29 -114.44 -35.29
C SER YB 2 -15.13 -114.32 -34.28
N THR YB 3 -15.30 -113.46 -33.28
CA THR YB 3 -14.49 -113.29 -32.04
C THR YB 3 -15.46 -112.80 -30.96
N ARG YB 4 -15.05 -112.61 -29.71
CA ARG YB 4 -15.83 -111.87 -28.68
C ARG YB 4 -15.20 -110.53 -28.33
N SER YB 5 -14.83 -109.80 -29.38
CA SER YB 5 -14.29 -108.44 -29.26
C SER YB 5 -15.43 -107.44 -29.05
N VAL YB 6 -15.32 -106.60 -28.01
CA VAL YB 6 -16.32 -105.56 -27.66
C VAL YB 6 -16.53 -104.59 -28.84
N SER YB 7 -17.81 -104.31 -29.17
CA SER YB 7 -18.16 -103.55 -30.37
C SER YB 7 -18.66 -102.12 -30.12
N SER YB 8 -18.09 -101.43 -29.12
CA SER YB 8 -18.32 -100.00 -28.88
C SER YB 8 -17.98 -99.17 -30.12
N SER YB 9 -19.00 -98.62 -30.78
CA SER YB 9 -18.90 -97.40 -31.59
C SER YB 9 -18.88 -96.17 -30.67
N SER YB 10 -19.44 -95.03 -31.10
CA SER YB 10 -19.90 -93.98 -30.16
C SER YB 10 -20.95 -94.51 -29.17
N TYR YB 11 -21.89 -95.33 -29.66
CA TYR YB 11 -22.69 -96.36 -28.96
C TYR YB 11 -23.62 -95.92 -27.81
N ARG YB 12 -23.29 -94.87 -27.06
CA ARG YB 12 -24.17 -94.17 -26.10
C ARG YB 12 -24.34 -92.72 -26.59
N ARG YB 13 -25.25 -92.57 -27.57
CA ARG YB 13 -25.42 -91.34 -28.40
C ARG YB 13 -24.09 -90.94 -29.08
N MET YB 14 -23.88 -89.65 -29.38
CA MET YB 14 -22.66 -89.16 -30.07
C MET YB 14 -22.20 -87.74 -29.68
N PHE YB 15 -22.92 -87.06 -28.79
CA PHE YB 15 -22.90 -85.60 -28.66
C PHE YB 15 -21.82 -85.09 -27.67
N GLY YB 16 -20.55 -85.21 -28.05
CA GLY YB 16 -19.46 -84.49 -27.37
C GLY YB 16 -19.08 -85.09 -26.01
N GLY YB 17 -19.18 -84.26 -24.98
CA GLY YB 17 -19.17 -84.65 -23.55
C GLY YB 17 -20.38 -83.97 -22.88
N PRO YB 18 -20.56 -84.09 -21.55
CA PRO YB 18 -21.82 -83.72 -20.88
C PRO YB 18 -22.39 -82.31 -21.17
N GLY YB 19 -21.63 -81.21 -21.25
CA GLY YB 19 -20.19 -81.07 -20.99
C GLY YB 19 -19.65 -79.65 -21.15
N THR YB 20 -20.35 -78.76 -21.85
CA THR YB 20 -20.09 -77.30 -21.83
C THR YB 20 -21.35 -76.54 -22.25
N ALA YB 21 -22.21 -76.20 -21.30
CA ALA YB 21 -23.41 -75.35 -21.53
C ALA YB 21 -23.10 -73.85 -21.72
N SER YB 22 -21.86 -73.50 -22.10
CA SER YB 22 -21.44 -72.14 -22.48
C SER YB 22 -21.73 -71.02 -21.46
N ARG YB 23 -21.47 -71.29 -20.16
CA ARG YB 23 -21.58 -70.31 -19.04
C ARG YB 23 -20.99 -68.93 -19.45
N PRO YB 24 -21.80 -67.87 -19.54
CA PRO YB 24 -21.41 -66.66 -20.27
C PRO YB 24 -20.31 -65.87 -19.55
N SER YB 25 -19.13 -65.85 -20.17
CA SER YB 25 -17.98 -65.06 -19.71
C SER YB 25 -18.17 -63.56 -19.98
N SER YB 26 -18.87 -62.86 -19.08
CA SER YB 26 -19.07 -61.40 -19.16
C SER YB 26 -17.75 -60.63 -19.33
N SER YB 27 -17.80 -59.48 -19.99
CA SER YB 27 -16.62 -58.64 -20.29
C SER YB 27 -16.05 -57.87 -19.08
N ARG YB 28 -16.06 -58.46 -17.88
CA ARG YB 28 -15.27 -57.99 -16.72
C ARG YB 28 -13.74 -58.25 -16.89
N SER YB 29 -13.34 -58.72 -18.07
CA SER YB 29 -12.00 -58.59 -18.67
C SER YB 29 -11.71 -57.20 -19.30
N TYR YB 30 -12.66 -56.26 -19.25
CA TYR YB 30 -12.39 -54.82 -19.39
C TYR YB 30 -11.74 -54.23 -18.12
N VAL YB 31 -11.22 -53.00 -18.23
CA VAL YB 31 -10.73 -52.21 -17.09
C VAL YB 31 -11.93 -51.64 -16.33
N THR YB 32 -11.94 -51.72 -14.99
CA THR YB 32 -13.00 -51.10 -14.18
C THR YB 32 -12.97 -49.58 -14.32
N THR YB 33 -14.15 -48.94 -14.48
CA THR YB 33 -14.26 -47.56 -14.96
C THR YB 33 -13.47 -46.54 -14.12
N SER YB 34 -13.01 -45.48 -14.78
CA SER YB 34 -12.36 -44.34 -14.12
C SER YB 34 -13.42 -43.50 -13.40
N THR YB 35 -13.44 -43.50 -12.06
CA THR YB 35 -14.44 -42.76 -11.26
C THR YB 35 -14.17 -41.24 -11.19
N ARG YB 36 -13.59 -40.67 -12.25
CA ARG YB 36 -13.12 -39.27 -12.34
C ARG YB 36 -14.26 -38.25 -12.33
N THR YB 37 -14.82 -38.06 -11.15
CA THR YB 37 -15.65 -36.91 -10.77
C THR YB 37 -14.78 -35.79 -10.20
N TYR YB 38 -15.33 -34.58 -10.06
CA TYR YB 38 -14.61 -33.38 -9.60
C TYR YB 38 -15.48 -32.49 -8.73
N SER YB 39 -14.93 -31.96 -7.63
CA SER YB 39 -15.62 -31.01 -6.76
C SER YB 39 -15.07 -29.59 -6.96
N LEU YB 40 -15.89 -28.72 -7.55
CA LEU YB 40 -15.67 -27.27 -7.65
C LEU YB 40 -15.90 -26.59 -6.29
N GLY YB 41 -15.09 -26.93 -5.28
CA GLY YB 41 -15.31 -26.51 -3.90
C GLY YB 41 -14.94 -25.05 -3.57
N SER YB 42 -14.37 -24.30 -4.53
CA SER YB 42 -13.83 -22.95 -4.32
C SER YB 42 -14.73 -21.84 -4.87
N ALA YB 43 -15.10 -21.89 -6.15
CA ALA YB 43 -15.91 -20.85 -6.80
C ALA YB 43 -17.34 -20.71 -6.22
N LEU YB 44 -17.86 -21.77 -5.58
CA LEU YB 44 -19.14 -21.79 -4.87
C LEU YB 44 -19.18 -20.97 -3.56
N ARG YB 45 -18.13 -20.20 -3.26
CA ARG YB 45 -18.10 -19.14 -2.23
C ARG YB 45 -17.32 -17.93 -2.80
N PRO YB 46 -17.96 -17.05 -3.61
CA PRO YB 46 -17.30 -16.03 -4.44
C PRO YB 46 -16.61 -14.94 -3.60
N SER YB 47 -15.39 -15.27 -3.16
CA SER YB 47 -14.63 -14.56 -2.14
C SER YB 47 -13.91 -13.34 -2.71
N THR YB 48 -14.60 -12.21 -2.81
CA THR YB 48 -14.07 -10.96 -3.39
C THR YB 48 -14.37 -9.73 -2.54
N SER YB 49 -13.37 -8.89 -2.31
CA SER YB 49 -13.53 -7.60 -1.62
C SER YB 49 -14.30 -6.60 -2.49
N ARG YB 50 -15.61 -6.47 -2.21
CA ARG YB 50 -16.43 -5.33 -2.67
C ARG YB 50 -16.10 -4.01 -1.94
N SER YB 51 -15.27 -4.06 -0.90
CA SER YB 51 -14.67 -2.88 -0.25
C SER YB 51 -13.57 -2.28 -1.14
N LEU YB 52 -13.98 -1.48 -2.14
CA LEU YB 52 -13.10 -0.74 -3.05
C LEU YB 52 -13.52 0.73 -3.26
N TYR YB 53 -14.55 1.19 -2.55
CA TYR YB 53 -14.98 2.58 -2.50
C TYR YB 53 -14.01 3.45 -1.68
N ALA YB 54 -13.96 4.76 -1.97
CA ALA YB 54 -13.09 5.72 -1.26
C ALA YB 54 -13.73 7.12 -1.17
N SER YB 55 -14.50 7.36 -0.10
CA SER YB 55 -15.13 8.66 0.18
C SER YB 55 -14.09 9.70 0.64
N SER YB 56 -14.07 10.88 0.01
CA SER YB 56 -13.25 12.01 0.43
C SER YB 56 -13.91 12.80 1.58
N PRO YB 57 -13.20 13.13 2.68
CA PRO YB 57 -13.64 14.09 3.69
C PRO YB 57 -13.30 15.55 3.35
N GLY YB 58 -12.81 15.82 2.13
CA GLY YB 58 -12.48 17.18 1.67
C GLY YB 58 -13.71 18.09 1.58
N GLY YB 59 -13.49 19.41 1.67
CA GLY YB 59 -14.57 20.42 1.67
C GLY YB 59 -14.90 21.02 3.04
N VAL YB 60 -14.39 20.44 4.14
CA VAL YB 60 -14.53 20.99 5.50
C VAL YB 60 -13.62 22.20 5.72
N TYR YB 61 -14.04 23.37 5.25
CA TYR YB 61 -13.33 24.65 5.40
C TYR YB 61 -13.90 25.49 6.55
N ALA YB 62 -13.36 25.32 7.76
CA ALA YB 62 -13.74 26.11 8.93
C ALA YB 62 -13.34 27.59 8.77
N THR YB 63 -14.34 28.48 8.69
CA THR YB 63 -14.10 29.93 8.54
C THR YB 63 -13.70 30.57 9.88
N ARG YB 64 -12.45 31.01 9.99
CA ARG YB 64 -11.96 31.77 11.16
C ARG YB 64 -12.60 33.16 11.21
N SER YB 65 -13.56 33.34 12.11
CA SER YB 65 -14.06 34.67 12.48
C SER YB 65 -12.93 35.56 13.02
N SER YB 66 -12.86 36.79 12.52
CA SER YB 66 -11.81 37.77 12.83
C SER YB 66 -12.39 39.15 13.14
N ALA YB 67 -13.37 39.18 14.06
CA ALA YB 67 -13.88 40.41 14.65
C ALA YB 67 -12.74 41.33 15.14
N VAL YB 68 -12.98 42.64 15.16
CA VAL YB 68 -11.97 43.67 15.50
C VAL YB 68 -11.40 43.50 16.91
N ARG YB 69 -12.21 42.99 17.86
CA ARG YB 69 -11.83 42.71 19.27
C ARG YB 69 -11.22 43.93 19.98
N LEU YB 70 -11.64 45.13 19.57
CA LEU YB 70 -11.34 46.43 20.18
C LEU YB 70 -12.65 47.22 20.27
N ARG YB 71 -12.97 47.76 21.45
CA ARG YB 71 -14.16 48.60 21.66
C ARG YB 71 -13.95 50.00 21.05
N SER YB 72 -15.04 50.76 20.89
CA SER YB 72 -15.10 51.99 20.09
C SER YB 72 -13.91 52.95 20.26
N SER YB 73 -13.17 53.14 19.15
CA SER YB 73 -11.98 54.00 19.00
C SER YB 73 -10.75 53.46 19.77
N VAL YB 74 -10.07 54.30 20.55
CA VAL YB 74 -9.08 53.89 21.55
C VAL YB 74 -9.81 53.17 22.72
N PRO YB 75 -9.16 52.79 23.84
CA PRO YB 75 -9.87 52.40 25.06
C PRO YB 75 -11.07 53.32 25.40
N GLY YB 76 -12.25 52.70 25.49
CA GLY YB 76 -13.44 53.15 24.78
C GLY YB 76 -14.15 54.43 25.26
N VAL YB 77 -14.97 54.98 24.37
CA VAL YB 77 -15.94 56.08 24.67
C VAL YB 77 -17.40 55.60 24.76
N ARG YB 78 -17.62 54.28 24.60
CA ARG YB 78 -18.87 53.53 24.83
C ARG YB 78 -18.48 52.14 25.35
N LEU YB 79 -19.40 51.45 26.03
CA LEU YB 79 -19.15 50.13 26.63
C LEU YB 79 -20.37 49.19 26.56
N LEU YB 80 -21.56 49.65 27.01
CA LEU YB 80 -22.83 48.92 26.94
C LEU YB 80 -23.16 48.26 25.57
N GLN YB 81 -22.96 49.00 24.48
CA GLN YB 81 -23.30 48.53 23.13
C GLN YB 81 -22.07 47.89 22.45
N ASP YB 82 -21.81 46.64 22.79
CA ASP YB 82 -20.83 45.78 22.12
C ASP YB 82 -21.36 44.37 21.76
N SER YB 83 -22.69 44.21 21.84
CA SER YB 83 -23.44 42.99 21.50
C SER YB 83 -22.97 41.76 22.29
N VAL YB 84 -23.32 41.76 23.58
CA VAL YB 84 -23.38 40.53 24.38
C VAL YB 84 -24.42 39.60 23.75
N ASP YB 85 -23.93 38.51 23.20
CA ASP YB 85 -24.65 37.58 22.32
C ASP YB 85 -23.84 36.28 22.17
N PHE YB 86 -22.60 36.40 21.67
CA PHE YB 86 -21.87 35.36 20.90
C PHE YB 86 -21.79 33.93 21.46
N SER YB 87 -22.04 33.72 22.75
CA SER YB 87 -22.36 32.39 23.28
C SER YB 87 -23.64 31.81 22.67
N LEU YB 88 -24.52 32.63 22.07
CA LEU YB 88 -25.55 32.20 21.10
C LEU YB 88 -24.91 31.57 19.85
N ALA YB 89 -23.89 32.18 19.26
CA ALA YB 89 -23.24 31.62 18.06
C ALA YB 89 -22.47 30.32 18.36
N ASP YB 90 -21.93 30.17 19.57
CA ASP YB 90 -21.31 28.91 20.03
C ASP YB 90 -22.31 27.86 20.53
N ALA YB 91 -23.48 28.27 21.02
CA ALA YB 91 -24.63 27.39 21.25
C ALA YB 91 -25.34 26.97 19.94
N ILE YB 92 -25.23 27.79 18.87
CA ILE YB 92 -25.60 27.39 17.50
C ILE YB 92 -24.51 26.49 16.88
N ASN YB 93 -23.24 26.57 17.31
CA ASN YB 93 -22.22 25.58 16.94
C ASN YB 93 -22.50 24.21 17.58
N THR YB 94 -23.07 24.15 18.79
CA THR YB 94 -23.60 22.91 19.38
C THR YB 94 -25.00 22.52 18.87
N GLU YB 95 -25.82 23.47 18.41
CA GLU YB 95 -27.02 23.15 17.60
C GLU YB 95 -26.62 22.45 16.32
N PHE YB 96 -25.59 22.89 15.60
CA PHE YB 96 -25.10 22.19 14.41
C PHE YB 96 -24.27 20.92 14.70
N LYS YB 97 -23.80 20.70 15.93
CA LYS YB 97 -23.33 19.37 16.39
C LYS YB 97 -24.51 18.41 16.53
N ASN YB 98 -25.55 18.82 17.26
CA ASN YB 98 -26.71 17.99 17.55
C ASN YB 98 -27.63 17.81 16.33
N THR YB 99 -27.64 18.78 15.41
CA THR YB 99 -28.23 18.69 14.06
C THR YB 99 -27.56 17.63 13.20
N ARG YB 100 -26.24 17.46 13.26
CA ARG YB 100 -25.51 16.40 12.51
C ARG YB 100 -25.58 15.03 13.19
N THR YB 101 -25.87 15.02 14.48
CA THR YB 101 -26.14 13.79 15.25
C THR YB 101 -27.56 13.30 14.93
N ASN YB 102 -28.49 14.24 14.73
CA ASN YB 102 -29.81 14.06 14.14
C ASN YB 102 -29.76 13.63 12.66
N GLU YB 103 -29.30 14.51 11.77
CA GLU YB 103 -29.39 14.42 10.29
C GLU YB 103 -28.79 13.12 9.75
N LYS YB 104 -27.65 12.70 10.28
CA LYS YB 104 -27.00 11.45 9.85
C LYS YB 104 -27.70 10.19 10.33
N VAL YB 105 -28.60 10.32 11.30
CA VAL YB 105 -29.28 9.23 12.00
C VAL YB 105 -30.79 9.20 11.68
N GLU YB 106 -31.34 10.34 11.20
CA GLU YB 106 -32.41 10.44 10.19
C GLU YB 106 -31.98 9.82 8.84
N LEU YB 107 -30.67 9.67 8.65
CA LEU YB 107 -30.03 8.89 7.56
C LEU YB 107 -29.36 7.58 8.06
N GLN YB 108 -29.60 7.08 9.28
CA GLN YB 108 -29.07 5.78 9.79
C GLN YB 108 -30.14 4.79 10.28
N GLU YB 109 -31.28 5.26 10.82
CA GLU YB 109 -32.58 4.56 10.65
C GLU YB 109 -32.79 4.24 9.18
N LEU YB 110 -32.35 5.16 8.33
CA LEU YB 110 -32.55 5.07 6.90
C LEU YB 110 -31.81 3.93 6.21
N ASN YB 111 -30.48 3.92 6.36
CA ASN YB 111 -29.63 2.91 5.74
C ASN YB 111 -29.90 1.52 6.33
N ASP YB 112 -30.47 1.46 7.53
CA ASP YB 112 -30.73 0.22 8.26
C ASP YB 112 -32.18 -0.29 8.16
N ARG YB 113 -33.10 0.58 7.74
CA ARG YB 113 -34.35 0.24 7.07
C ARG YB 113 -34.10 -0.34 5.67
N PHE YB 114 -33.25 0.32 4.88
CA PHE YB 114 -32.71 -0.29 3.66
C PHE YB 114 -31.94 -1.61 3.92
N ALA YB 115 -31.16 -1.70 5.01
CA ALA YB 115 -30.45 -2.92 5.37
C ALA YB 115 -31.41 -4.04 5.75
N ASN YB 116 -32.44 -3.81 6.56
CA ASN YB 116 -33.42 -4.84 6.90
C ASN YB 116 -34.23 -5.27 5.66
N TYR YB 117 -34.49 -4.37 4.69
CA TYR YB 117 -34.99 -4.80 3.36
C TYR YB 117 -33.97 -5.57 2.49
N ILE YB 118 -32.66 -5.35 2.62
CA ILE YB 118 -31.63 -6.24 2.03
C ILE YB 118 -31.48 -7.54 2.82
N ASP YB 119 -31.87 -7.55 4.08
CA ASP YB 119 -31.60 -8.64 4.99
C ASP YB 119 -32.78 -9.61 5.04
N LYS YB 120 -33.99 -9.11 4.76
CA LYS YB 120 -35.07 -9.78 4.02
C LYS YB 120 -34.60 -10.54 2.76
N VAL YB 121 -33.72 -9.98 1.93
CA VAL YB 121 -33.19 -10.72 0.75
C VAL YB 121 -32.24 -11.82 1.20
N ARG YB 122 -31.44 -11.59 2.23
CA ARG YB 122 -30.58 -12.59 2.89
C ARG YB 122 -31.38 -13.67 3.64
N PHE YB 123 -32.56 -13.38 4.19
CA PHE YB 123 -33.42 -14.31 4.91
C PHE YB 123 -34.10 -15.26 3.94
N LEU YB 124 -34.58 -14.72 2.83
CA LEU YB 124 -35.04 -15.55 1.71
C LEU YB 124 -33.90 -16.27 1.03
N GLU YB 125 -32.71 -15.69 0.88
CA GLU YB 125 -31.53 -16.39 0.32
C GLU YB 125 -31.09 -17.56 1.21
N GLN YB 126 -31.20 -17.43 2.53
CA GLN YB 126 -30.91 -18.50 3.49
C GLN YB 126 -32.01 -19.57 3.58
N GLN YB 127 -33.28 -19.18 3.65
CA GLN YB 127 -34.41 -20.12 3.64
C GLN YB 127 -34.51 -20.85 2.29
N ASN YB 128 -34.27 -20.14 1.19
CA ASN YB 128 -34.10 -20.69 -0.15
C ASN YB 128 -32.82 -21.54 -0.31
N LYS YB 129 -31.77 -21.31 0.49
CA LYS YB 129 -30.56 -22.18 0.49
C LYS YB 129 -30.77 -23.48 1.27
N ILE YB 130 -31.56 -23.46 2.35
CA ILE YB 130 -31.98 -24.67 3.08
C ILE YB 130 -32.94 -25.50 2.21
N LEU YB 131 -33.91 -24.83 1.60
CA LEU YB 131 -34.78 -25.33 0.53
C LEU YB 131 -34.02 -25.97 -0.64
N LEU YB 132 -32.99 -25.32 -1.19
CA LEU YB 132 -32.18 -25.86 -2.29
C LEU YB 132 -31.07 -26.85 -1.85
N ALA YB 133 -30.88 -27.08 -0.55
CA ALA YB 133 -30.12 -28.23 -0.05
C ALA YB 133 -31.05 -29.44 0.19
N GLU YB 134 -32.19 -29.17 0.80
CA GLU YB 134 -33.28 -30.11 1.07
C GLU YB 134 -33.90 -30.69 -0.21
N LEU YB 135 -34.03 -29.87 -1.27
CA LEU YB 135 -34.43 -30.30 -2.61
C LEU YB 135 -33.40 -31.25 -3.27
N GLU YB 136 -32.10 -31.09 -3.01
CA GLU YB 136 -31.06 -32.01 -3.48
C GLU YB 136 -30.97 -33.29 -2.62
N GLN YB 137 -31.28 -33.21 -1.32
CA GLN YB 137 -31.43 -34.38 -0.43
C GLN YB 137 -32.67 -35.21 -0.77
N LEU YB 138 -33.77 -34.53 -1.12
CA LEU YB 138 -35.02 -35.04 -1.68
C LEU YB 138 -34.77 -35.88 -2.94
N LYS YB 139 -34.16 -35.27 -3.98
CA LYS YB 139 -33.83 -35.94 -5.25
C LYS YB 139 -32.80 -37.05 -5.08
N GLY YB 140 -31.82 -36.82 -4.21
CA GLY YB 140 -30.71 -37.71 -3.98
C GLY YB 140 -31.13 -38.99 -3.26
N GLN YB 141 -32.01 -38.87 -2.26
CA GLN YB 141 -32.50 -40.01 -1.49
C GLN YB 141 -33.74 -40.67 -2.09
N GLY YB 142 -34.81 -39.90 -2.33
CA GLY YB 142 -36.17 -40.41 -2.55
C GLY YB 142 -36.29 -41.33 -3.76
N LYS YB 143 -36.01 -40.79 -4.95
CA LYS YB 143 -36.10 -41.51 -6.22
C LYS YB 143 -34.78 -42.18 -6.62
N SER YB 144 -33.65 -41.47 -6.50
CA SER YB 144 -32.35 -42.05 -6.88
C SER YB 144 -31.92 -43.08 -5.84
N ARG YB 145 -31.31 -42.70 -4.71
CA ARG YB 145 -30.59 -43.66 -3.87
C ARG YB 145 -31.45 -44.83 -3.37
N LEU YB 146 -32.68 -44.59 -2.96
CA LEU YB 146 -33.59 -45.66 -2.53
C LEU YB 146 -34.07 -46.53 -3.71
N GLY YB 147 -34.29 -45.95 -4.90
CA GLY YB 147 -34.51 -46.71 -6.13
C GLY YB 147 -33.29 -47.52 -6.59
N ASP YB 148 -32.11 -46.91 -6.60
CA ASP YB 148 -30.84 -47.51 -7.01
C ASP YB 148 -30.46 -48.77 -6.19
N LEU YB 149 -30.81 -48.78 -4.90
CA LEU YB 149 -30.58 -49.91 -3.99
C LEU YB 149 -31.61 -51.03 -4.20
N TYR YB 150 -32.90 -50.71 -4.05
CA TYR YB 150 -33.95 -51.73 -4.07
C TYR YB 150 -34.21 -52.29 -5.48
N GLU YB 151 -33.81 -51.57 -6.53
CA GLU YB 151 -33.70 -52.13 -7.89
C GLU YB 151 -32.53 -53.13 -8.07
N GLU YB 152 -31.49 -53.15 -7.23
CA GLU YB 152 -30.48 -54.24 -7.20
C GLU YB 152 -30.89 -55.40 -6.26
N GLU YB 153 -31.55 -55.13 -5.12
CA GLU YB 153 -32.12 -56.19 -4.26
C GLU YB 153 -33.21 -56.99 -4.98
N MET YB 154 -34.11 -56.30 -5.70
CA MET YB 154 -35.10 -56.97 -6.54
C MET YB 154 -34.43 -57.79 -7.65
N ARG YB 155 -33.25 -57.43 -8.15
CA ARG YB 155 -32.47 -58.26 -9.11
C ARG YB 155 -31.83 -59.47 -8.46
N GLU YB 156 -31.46 -59.42 -7.17
CA GLU YB 156 -30.93 -60.56 -6.42
C GLU YB 156 -32.02 -61.54 -5.95
N LEU YB 157 -33.26 -61.09 -5.81
CA LEU YB 157 -34.46 -61.93 -5.71
C LEU YB 157 -34.86 -62.50 -7.08
N ARG YB 158 -34.93 -61.62 -8.09
CA ARG YB 158 -35.27 -61.96 -9.46
C ARG YB 158 -34.28 -62.91 -10.13
N ARG YB 159 -33.01 -62.92 -9.71
CA ARG YB 159 -32.01 -63.91 -10.13
C ARG YB 159 -32.39 -65.35 -9.80
N GLN YB 160 -33.02 -65.56 -8.64
CA GLN YB 160 -33.51 -66.87 -8.19
C GLN YB 160 -34.92 -67.18 -8.75
N VAL YB 161 -35.70 -66.15 -9.07
CA VAL YB 161 -36.94 -66.26 -9.85
C VAL YB 161 -36.69 -66.70 -11.31
N ASP YB 162 -35.65 -66.15 -11.94
CA ASP YB 162 -35.14 -66.64 -13.22
C ASP YB 162 -34.46 -68.02 -13.09
N GLN YB 163 -33.95 -68.40 -11.91
CA GLN YB 163 -33.41 -69.75 -11.66
C GLN YB 163 -34.50 -70.84 -11.75
N LEU YB 164 -35.65 -70.72 -11.06
CA LEU YB 164 -36.80 -71.66 -11.31
C LEU YB 164 -37.25 -71.59 -12.77
N THR YB 165 -37.25 -70.40 -13.37
CA THR YB 165 -37.77 -70.24 -14.73
C THR YB 165 -36.86 -70.93 -15.78
N ASN YB 166 -35.61 -71.24 -15.41
CA ASN YB 166 -34.82 -72.31 -16.04
C ASN YB 166 -35.18 -73.70 -15.47
N ASP YB 167 -35.07 -73.92 -14.16
CA ASP YB 167 -35.21 -75.24 -13.50
C ASP YB 167 -36.50 -75.98 -13.90
N LYS YB 168 -37.67 -75.35 -13.72
CA LYS YB 168 -38.99 -75.93 -14.02
C LYS YB 168 -39.17 -76.28 -15.50
N ALA YB 169 -38.89 -75.32 -16.38
CA ALA YB 169 -39.00 -75.52 -17.83
C ALA YB 169 -38.02 -76.58 -18.33
N ARG YB 170 -36.85 -76.71 -17.69
CA ARG YB 170 -35.85 -77.73 -17.97
C ARG YB 170 -36.28 -79.12 -17.51
N VAL YB 171 -36.80 -79.30 -16.28
CA VAL YB 171 -37.23 -80.63 -15.81
C VAL YB 171 -38.45 -81.15 -16.58
N GLU YB 172 -39.34 -80.25 -17.00
CA GLU YB 172 -40.48 -80.60 -17.87
C GLU YB 172 -40.03 -81.01 -19.27
N VAL YB 173 -39.12 -80.25 -19.90
CA VAL YB 173 -38.58 -80.58 -21.23
C VAL YB 173 -37.68 -81.83 -21.22
N GLU YB 174 -36.83 -82.01 -20.21
CA GLU YB 174 -35.98 -83.20 -20.10
C GLU YB 174 -36.80 -84.47 -19.79
N ARG YB 175 -37.92 -84.39 -19.03
CA ARG YB 175 -38.81 -85.54 -18.75
C ARG YB 175 -39.39 -86.13 -20.03
N ASP YB 176 -40.03 -85.30 -20.84
CA ASP YB 176 -40.76 -85.77 -22.02
C ASP YB 176 -39.85 -86.13 -23.20
N ASN YB 177 -38.59 -85.64 -23.22
CA ASN YB 177 -37.58 -86.08 -24.20
C ASN YB 177 -36.92 -87.41 -23.83
N LEU YB 178 -36.42 -87.54 -22.59
CA LEU YB 178 -35.66 -88.73 -22.18
C LEU YB 178 -36.54 -89.96 -21.96
N ALA YB 179 -37.86 -89.77 -21.83
CA ALA YB 179 -38.85 -90.84 -21.91
C ALA YB 179 -38.69 -91.69 -23.18
N GLU YB 180 -38.76 -91.08 -24.36
CA GLU YB 180 -38.47 -91.78 -25.62
C GLU YB 180 -36.97 -92.15 -25.79
N ASP YB 181 -36.00 -91.27 -25.48
CA ASP YB 181 -34.57 -91.57 -25.71
C ASP YB 181 -34.03 -92.76 -24.88
N ILE YB 182 -34.62 -93.06 -23.72
CA ILE YB 182 -34.23 -94.19 -22.86
C ILE YB 182 -35.20 -95.38 -22.96
N MET YB 183 -36.49 -95.17 -23.24
CA MET YB 183 -37.43 -96.25 -23.59
C MET YB 183 -36.99 -97.00 -24.86
N ARG YB 184 -36.48 -96.28 -25.86
CA ARG YB 184 -35.83 -96.81 -27.08
C ARG YB 184 -34.41 -97.36 -26.87
N LEU YB 185 -33.92 -97.38 -25.62
CA LEU YB 185 -32.75 -98.14 -25.16
C LEU YB 185 -33.12 -99.34 -24.25
N ARG YB 186 -34.36 -99.48 -23.79
CA ARG YB 186 -34.87 -100.70 -23.13
C ARG YB 186 -35.52 -101.66 -24.13
N GLU YB 187 -36.20 -101.12 -25.13
CA GLU YB 187 -36.79 -101.84 -26.29
C GLU YB 187 -35.74 -102.68 -27.05
N LYS YB 188 -34.50 -102.20 -27.14
CA LYS YB 188 -33.40 -102.91 -27.82
C LYS YB 188 -32.72 -103.97 -26.95
N LEU YB 189 -32.86 -103.89 -25.62
CA LEU YB 189 -32.45 -104.97 -24.72
C LEU YB 189 -33.51 -106.06 -24.65
N GLN YB 190 -34.79 -105.71 -24.87
CA GLN YB 190 -35.88 -106.65 -25.13
C GLN YB 190 -35.68 -107.39 -26.46
N GLU YB 191 -35.25 -106.71 -27.53
CA GLU YB 191 -34.80 -107.37 -28.77
C GLU YB 191 -33.65 -108.38 -28.51
N GLU YB 192 -32.63 -108.01 -27.71
CA GLU YB 192 -31.50 -108.90 -27.41
C GLU YB 192 -31.87 -110.11 -26.54
N MET YB 193 -32.86 -110.01 -25.64
CA MET YB 193 -33.28 -111.12 -24.75
C MET YB 193 -34.42 -111.99 -25.31
N LEU YB 194 -35.31 -111.44 -26.12
CA LEU YB 194 -36.28 -112.29 -26.83
C LEU YB 194 -35.59 -113.20 -27.87
N GLN YB 195 -34.45 -112.77 -28.45
CA GLN YB 195 -33.55 -113.64 -29.25
C GLN YB 195 -32.75 -114.67 -28.42
N ARG YB 196 -32.87 -114.68 -27.09
CA ARG YB 196 -32.37 -115.73 -26.19
C ARG YB 196 -33.49 -116.67 -25.74
N GLU YB 197 -34.61 -116.11 -25.35
CA GLU YB 197 -35.70 -116.91 -24.75
C GLU YB 197 -36.61 -117.56 -25.82
N GLU YB 198 -36.66 -117.01 -27.04
CA GLU YB 198 -37.06 -117.72 -28.27
C GLU YB 198 -36.18 -118.96 -28.50
N ALA YB 199 -34.87 -118.78 -28.35
CA ALA YB 199 -33.85 -119.80 -28.58
C ALA YB 199 -33.75 -120.85 -27.45
N GLU YB 200 -34.50 -120.68 -26.36
CA GLU YB 200 -34.68 -121.64 -25.26
C GLU YB 200 -36.05 -122.33 -25.32
N ASN YB 201 -37.13 -121.57 -25.15
CA ASN YB 201 -38.50 -122.08 -25.00
C ASN YB 201 -38.97 -122.85 -26.24
N THR YB 202 -38.76 -122.27 -27.42
CA THR YB 202 -39.12 -122.92 -28.70
C THR YB 202 -38.35 -124.23 -28.91
N LEU YB 203 -37.15 -124.35 -28.31
CA LEU YB 203 -36.33 -125.56 -28.38
C LEU YB 203 -36.74 -126.63 -27.33
N GLN YB 204 -37.56 -126.33 -26.31
CA GLN YB 204 -38.35 -127.33 -25.57
C GLN YB 204 -39.60 -127.75 -26.33
N SER YB 205 -40.29 -126.81 -26.96
CA SER YB 205 -41.54 -127.10 -27.68
C SER YB 205 -41.29 -127.96 -28.93
N PHE YB 206 -40.16 -127.73 -29.63
CA PHE YB 206 -39.65 -128.61 -30.69
C PHE YB 206 -39.20 -130.00 -30.22
N ARG YB 207 -39.05 -130.27 -28.92
CA ARG YB 207 -38.72 -131.59 -28.35
C ARG YB 207 -39.98 -132.38 -27.97
N GLN YB 208 -41.01 -131.68 -27.48
CA GLN YB 208 -42.33 -132.26 -27.28
C GLN YB 208 -43.02 -132.60 -28.61
N ASP YB 209 -42.93 -131.72 -29.62
CA ASP YB 209 -43.39 -132.07 -30.98
C ASP YB 209 -42.44 -132.96 -31.79
N VAL YB 210 -41.20 -133.16 -31.34
CA VAL YB 210 -40.38 -134.30 -31.79
C VAL YB 210 -40.95 -135.63 -31.28
N ASP YB 211 -41.47 -135.69 -30.05
CA ASP YB 211 -42.14 -136.88 -29.51
C ASP YB 211 -43.51 -137.14 -30.17
N ASN YB 212 -44.37 -136.12 -30.27
CA ASN YB 212 -45.67 -136.23 -30.96
C ASN YB 212 -45.49 -136.69 -32.42
N ALA YB 213 -44.47 -136.17 -33.11
CA ALA YB 213 -44.09 -136.63 -34.43
C ALA YB 213 -43.52 -138.06 -34.44
N SER YB 214 -42.72 -138.46 -33.44
CA SER YB 214 -42.10 -139.79 -33.35
C SER YB 214 -43.12 -140.90 -33.06
N LEU YB 215 -44.11 -140.67 -32.21
CA LEU YB 215 -45.26 -141.58 -32.04
C LEU YB 215 -46.04 -141.77 -33.35
N ALA YB 216 -46.20 -140.69 -34.13
CA ALA YB 216 -46.74 -140.79 -35.49
C ALA YB 216 -45.78 -141.52 -36.46
N ARG YB 217 -44.45 -141.37 -36.34
CA ARG YB 217 -43.48 -142.16 -37.11
C ARG YB 217 -43.55 -143.66 -36.81
N LEU YB 218 -43.84 -144.08 -35.59
CA LEU YB 218 -43.94 -145.50 -35.21
C LEU YB 218 -45.18 -146.19 -35.76
N ASP YB 219 -46.29 -145.45 -35.93
CA ASP YB 219 -47.47 -145.95 -36.65
C ASP YB 219 -47.20 -146.06 -38.17
N LEU YB 220 -46.34 -145.20 -38.73
CA LEU YB 220 -45.84 -145.33 -40.10
C LEU YB 220 -44.82 -146.47 -40.24
N GLU YB 221 -43.92 -146.66 -39.26
CA GLU YB 221 -42.95 -147.76 -39.20
C GLU YB 221 -43.62 -149.12 -39.09
N ARG YB 222 -44.70 -149.22 -38.31
CA ARG YB 222 -45.54 -150.41 -38.26
C ARG YB 222 -46.12 -150.81 -39.61
N LYS YB 223 -46.43 -149.82 -40.46
CA LYS YB 223 -46.82 -150.06 -41.85
C LYS YB 223 -45.59 -150.48 -42.66
N VAL YB 224 -44.48 -149.75 -42.58
CA VAL YB 224 -43.24 -150.04 -43.31
C VAL YB 224 -42.70 -151.45 -43.02
N MET ZB 1 -14.94 -111.93 -37.71
CA MET ZB 1 -14.45 -111.23 -36.50
C MET ZB 1 -15.63 -110.47 -35.91
N SER ZB 2 -15.89 -110.54 -34.60
CA SER ZB 2 -16.72 -109.48 -33.99
C SER ZB 2 -15.89 -108.20 -33.99
N THR ZB 3 -16.40 -107.15 -34.63
CA THR ZB 3 -15.57 -105.98 -34.89
C THR ZB 3 -15.28 -105.26 -33.57
N ARG ZB 4 -13.99 -105.13 -33.22
CA ARG ZB 4 -13.52 -104.14 -32.24
C ARG ZB 4 -13.75 -102.73 -32.81
N SER ZB 5 -14.97 -102.25 -32.65
CA SER ZB 5 -15.40 -100.95 -33.17
C SER ZB 5 -14.62 -99.81 -32.51
N VAL ZB 6 -14.53 -98.69 -33.24
CA VAL ZB 6 -13.78 -97.53 -32.76
C VAL ZB 6 -14.63 -96.77 -31.74
N SER ZB 7 -14.38 -97.03 -30.46
CA SER ZB 7 -14.99 -96.29 -29.36
C SER ZB 7 -14.55 -94.83 -29.39
N SER ZB 8 -15.46 -93.96 -29.84
CA SER ZB 8 -15.13 -92.64 -30.38
C SER ZB 8 -15.66 -91.49 -29.51
N SER ZB 9 -15.31 -91.52 -28.23
CA SER ZB 9 -15.51 -90.38 -27.31
C SER ZB 9 -14.71 -89.12 -27.75
N SER ZB 10 -14.93 -88.00 -27.07
CA SER ZB 10 -14.38 -86.67 -27.40
C SER ZB 10 -12.88 -86.47 -27.15
N TYR ZB 11 -12.05 -87.50 -27.40
CA TYR ZB 11 -10.59 -87.38 -27.52
C TYR ZB 11 -10.12 -86.41 -28.64
N ARG ZB 12 -11.05 -85.94 -29.48
CA ARG ZB 12 -10.82 -85.05 -30.64
C ARG ZB 12 -10.72 -83.56 -30.28
N ARG ZB 13 -11.44 -83.10 -29.25
CA ARG ZB 13 -11.56 -81.68 -28.81
C ARG ZB 13 -12.17 -81.63 -27.40
N MET ZB 14 -12.82 -80.54 -26.99
CA MET ZB 14 -13.23 -80.25 -25.60
C MET ZB 14 -12.06 -80.01 -24.62
N PHE ZB 15 -10.83 -80.32 -25.03
CA PHE ZB 15 -9.59 -79.89 -24.39
C PHE ZB 15 -9.02 -78.65 -25.07
N GLY ZB 16 -8.30 -77.77 -24.37
CA GLY ZB 16 -8.02 -77.77 -22.92
C GLY ZB 16 -6.56 -77.40 -22.63
N GLY ZB 17 -6.33 -76.72 -21.51
CA GLY ZB 17 -5.12 -75.95 -21.26
C GLY ZB 17 -5.37 -74.43 -21.29
N PRO ZB 18 -5.77 -73.82 -22.42
CA PRO ZB 18 -6.20 -72.41 -22.48
C PRO ZB 18 -7.64 -72.20 -21.97
N GLY ZB 19 -8.05 -72.90 -20.91
CA GLY ZB 19 -9.29 -72.61 -20.16
C GLY ZB 19 -9.24 -71.29 -19.40
N THR ZB 20 -8.05 -70.68 -19.29
CA THR ZB 20 -7.76 -69.35 -18.74
C THR ZB 20 -8.33 -68.22 -19.62
N ALA ZB 21 -9.66 -68.13 -19.69
CA ALA ZB 21 -10.41 -67.17 -20.50
C ALA ZB 21 -10.40 -65.75 -19.90
N SER ZB 22 -11.50 -65.31 -19.27
CA SER ZB 22 -11.59 -64.00 -18.62
C SER ZB 22 -10.79 -63.94 -17.31
N ARG ZB 23 -9.48 -63.71 -17.42
CA ARG ZB 23 -8.66 -63.17 -16.33
C ARG ZB 23 -9.20 -61.78 -15.93
N PRO ZB 24 -9.25 -61.44 -14.62
CA PRO ZB 24 -9.84 -60.18 -14.15
C PRO ZB 24 -8.93 -58.98 -14.46
N SER ZB 25 -9.10 -58.37 -15.63
CA SER ZB 25 -8.54 -57.03 -15.92
C SER ZB 25 -9.12 -55.94 -15.02
N SER ZB 26 -10.27 -56.19 -14.39
CA SER ZB 26 -10.84 -55.42 -13.29
C SER ZB 26 -9.93 -55.25 -12.06
N SER ZB 27 -8.89 -56.10 -11.93
CA SER ZB 27 -7.79 -55.90 -10.97
C SER ZB 27 -7.06 -54.57 -11.18
N ARG ZB 28 -7.02 -54.07 -12.43
CA ARG ZB 28 -6.90 -52.65 -12.72
C ARG ZB 28 -8.28 -52.00 -12.61
N SER ZB 29 -8.52 -51.37 -11.47
CA SER ZB 29 -9.48 -50.29 -11.32
C SER ZB 29 -8.80 -48.92 -11.28
N TYR ZB 30 -9.55 -47.84 -11.49
CA TYR ZB 30 -9.10 -46.48 -11.18
C TYR ZB 30 -10.19 -45.76 -10.40
N VAL ZB 31 -10.13 -45.90 -9.07
CA VAL ZB 31 -11.00 -45.16 -8.14
C VAL ZB 31 -10.29 -43.87 -7.72
N THR ZB 32 -11.02 -42.77 -7.72
CA THR ZB 32 -10.65 -41.46 -7.20
C THR ZB 32 -11.88 -40.77 -6.63
N THR ZB 33 -11.70 -39.99 -5.56
CA THR ZB 33 -12.77 -39.13 -5.03
C THR ZB 33 -13.04 -37.96 -5.96
N SER ZB 34 -14.21 -37.33 -5.77
CA SER ZB 34 -14.64 -36.08 -6.41
C SER ZB 34 -13.74 -34.91 -6.03
N THR ZB 35 -12.58 -34.84 -6.67
CA THR ZB 35 -11.40 -34.16 -6.11
C THR ZB 35 -11.67 -32.67 -5.91
N ARG ZB 36 -11.51 -32.18 -4.67
CA ARG ZB 36 -11.82 -30.80 -4.28
C ARG ZB 36 -10.72 -29.85 -4.75
N THR ZB 37 -11.13 -28.74 -5.37
CA THR ZB 37 -10.46 -27.45 -5.13
C THR ZB 37 -11.06 -26.81 -3.88
N TYR ZB 38 -10.24 -26.49 -2.89
CA TYR ZB 38 -10.70 -25.93 -1.60
C TYR ZB 38 -10.97 -24.42 -1.69
N SER ZB 39 -12.00 -23.94 -0.98
CA SER ZB 39 -12.29 -22.51 -0.80
C SER ZB 39 -11.34 -21.86 0.22
N LEU ZB 40 -11.10 -20.55 0.06
CA LEU ZB 40 -10.33 -19.72 0.99
C LEU ZB 40 -10.95 -18.32 1.09
N GLY ZB 41 -11.23 -17.86 2.31
CA GLY ZB 41 -11.73 -16.50 2.56
C GLY ZB 41 -10.68 -15.39 2.43
N SER ZB 42 -9.43 -15.72 2.06
CA SER ZB 42 -8.30 -14.78 2.02
C SER ZB 42 -8.47 -13.65 1.00
N ALA ZB 43 -9.26 -13.84 -0.06
CA ALA ZB 43 -9.60 -12.78 -1.02
C ALA ZB 43 -10.95 -12.07 -0.72
N LEU ZB 44 -11.74 -12.60 0.22
CA LEU ZB 44 -12.90 -11.90 0.80
C LEU ZB 44 -12.49 -10.91 1.90
N ARG ZB 45 -11.37 -11.16 2.59
CA ARG ZB 45 -10.84 -10.35 3.70
C ARG ZB 45 -9.84 -9.27 3.21
N PRO ZB 46 -10.24 -7.99 3.07
CA PRO ZB 46 -9.31 -6.88 2.84
C PRO ZB 46 -8.59 -6.44 4.13
N SER ZB 47 -7.65 -5.50 3.99
CA SER ZB 47 -7.05 -4.76 5.10
C SER ZB 47 -7.86 -3.51 5.46
N THR ZB 48 -8.60 -3.56 6.58
CA THR ZB 48 -9.24 -2.37 7.19
C THR ZB 48 -8.20 -1.47 7.86
N SER ZB 49 -7.60 -0.56 7.08
CA SER ZB 49 -6.54 0.34 7.57
C SER ZB 49 -7.09 1.45 8.48
N ARG ZB 50 -6.53 1.60 9.70
CA ARG ZB 50 -6.84 2.71 10.61
C ARG ZB 50 -5.96 3.94 10.31
N SER ZB 51 -6.53 4.91 9.61
CA SER ZB 51 -6.02 6.29 9.57
C SER ZB 51 -6.15 6.97 10.94
N LEU ZB 52 -5.07 7.54 11.46
CA LEU ZB 52 -5.06 8.37 12.67
C LEU ZB 52 -4.92 9.85 12.30
N TYR ZB 53 -5.75 10.71 12.88
CA TYR ZB 53 -5.80 12.14 12.57
C TYR ZB 53 -5.29 12.98 13.76
N ALA ZB 54 -3.99 13.26 13.77
CA ALA ZB 54 -3.30 13.96 14.85
C ALA ZB 54 -3.59 15.48 14.88
N SER ZB 55 -4.76 15.87 15.36
CA SER ZB 55 -5.13 17.27 15.57
C SER ZB 55 -4.37 17.89 16.76
N SER ZB 56 -3.64 18.97 16.51
CA SER ZB 56 -3.10 19.88 17.53
C SER ZB 56 -3.75 21.27 17.40
N PRO ZB 57 -4.65 21.68 18.31
CA PRO ZB 57 -5.30 23.00 18.24
C PRO ZB 57 -4.32 24.18 18.27
N GLY ZB 58 -4.73 25.31 17.66
CA GLY ZB 58 -3.91 26.52 17.57
C GLY ZB 58 -3.77 27.26 18.91
N GLY ZB 59 -2.54 27.65 19.26
CA GLY ZB 59 -2.24 28.40 20.48
C GLY ZB 59 -2.89 29.79 20.55
N VAL ZB 60 -3.21 30.25 21.77
CA VAL ZB 60 -3.94 31.51 22.01
C VAL ZB 60 -3.01 32.72 21.95
N TYR ZB 61 -2.84 33.24 20.74
CA TYR ZB 61 -2.13 34.50 20.46
C TYR ZB 61 -3.12 35.64 20.18
N ALA ZB 62 -2.97 36.73 20.95
CA ALA ZB 62 -3.74 37.97 20.86
C ALA ZB 62 -2.89 39.13 21.43
N THR ZB 63 -3.38 40.36 21.34
CA THR ZB 63 -2.60 41.60 21.54
C THR ZB 63 -2.21 41.87 23.01
N ARG ZB 64 -1.31 41.06 23.58
CA ARG ZB 64 -0.77 41.22 24.95
C ARG ZB 64 0.09 42.47 25.14
N SER ZB 65 0.46 43.15 24.04
CA SER ZB 65 1.09 44.49 24.02
C SER ZB 65 0.09 45.65 24.04
N SER ZB 66 -1.22 45.37 24.02
CA SER ZB 66 -2.24 46.36 24.36
C SER ZB 66 -2.18 46.73 25.86
N ALA ZB 67 -2.89 47.79 26.25
CA ALA ZB 67 -3.13 48.14 27.66
C ALA ZB 67 -1.88 48.38 28.54
N VAL ZB 68 -0.71 48.70 27.94
CA VAL ZB 68 0.50 49.22 28.62
C VAL ZB 68 0.18 50.34 29.62
N ARG ZB 69 -0.74 51.21 29.20
CA ARG ZB 69 -1.89 51.66 30.01
C ARG ZB 69 -3.13 51.57 29.11
N LEU ZB 70 -4.32 51.58 29.69
CA LEU ZB 70 -5.48 52.10 28.96
C LEU ZB 70 -5.25 53.59 28.66
N ARG ZB 71 -5.64 54.06 27.47
CA ARG ZB 71 -5.47 55.47 27.10
C ARG ZB 71 -6.41 56.34 27.96
N SER ZB 72 -5.95 57.55 28.25
CA SER ZB 72 -6.77 58.65 28.79
C SER ZB 72 -6.96 59.80 27.78
N SER ZB 73 -6.29 59.74 26.62
CA SER ZB 73 -6.43 60.70 25.50
C SER ZB 73 -7.84 60.74 24.94
N VAL ZB 74 -8.51 59.58 24.96
CA VAL ZB 74 -9.95 59.46 25.23
C VAL ZB 74 -10.05 58.41 26.34
N PRO ZB 75 -10.58 58.74 27.53
CA PRO ZB 75 -10.69 57.79 28.63
C PRO ZB 75 -11.94 56.91 28.47
N GLY ZB 76 -12.01 55.86 29.29
CA GLY ZB 76 -13.14 54.94 29.44
C GLY ZB 76 -14.46 55.57 29.88
N VAL ZB 77 -15.17 56.30 29.00
CA VAL ZB 77 -16.54 56.79 29.24
C VAL ZB 77 -17.51 55.61 29.14
N ARG ZB 78 -17.84 55.07 30.31
CA ARG ZB 78 -18.24 53.67 30.49
C ARG ZB 78 -19.70 53.53 30.94
N LEU ZB 79 -20.59 53.87 30.02
CA LEU ZB 79 -21.86 53.19 29.76
C LEU ZB 79 -21.94 51.79 30.43
N LEU ZB 80 -22.52 51.72 31.63
CA LEU ZB 80 -22.93 50.47 32.29
C LEU ZB 80 -24.41 50.20 31.98
N GLN ZB 81 -25.11 49.52 32.91
CA GLN ZB 81 -26.38 48.82 32.70
C GLN ZB 81 -26.19 47.56 31.85
N ASP ZB 82 -27.14 46.65 32.06
CA ASP ZB 82 -26.98 45.21 32.12
C ASP ZB 82 -28.39 44.59 32.06
N SER ZB 83 -28.52 43.26 32.21
CA SER ZB 83 -29.68 42.48 31.73
C SER ZB 83 -29.70 42.46 30.21
N VAL ZB 84 -28.81 41.62 29.67
CA VAL ZB 84 -28.48 41.51 28.24
C VAL ZB 84 -28.35 40.03 27.86
N ASP ZB 85 -28.63 39.75 26.59
CA ASP ZB 85 -28.77 38.42 25.99
C ASP ZB 85 -27.65 37.42 26.40
N PHE ZB 86 -27.93 36.29 27.07
CA PHE ZB 86 -29.19 35.60 27.41
C PHE ZB 86 -29.98 34.97 26.24
N SER ZB 87 -29.83 35.49 25.01
CA SER ZB 87 -30.05 34.75 23.76
C SER ZB 87 -29.20 33.46 23.66
N LEU ZB 88 -28.08 33.40 24.39
CA LEU ZB 88 -27.27 32.19 24.54
C LEU ZB 88 -28.00 31.03 25.23
N ALA ZB 89 -28.95 31.30 26.13
CA ALA ZB 89 -29.78 30.28 26.78
C ALA ZB 89 -30.94 29.82 25.88
N ASP ZB 90 -31.50 30.72 25.07
CA ASP ZB 90 -32.45 30.36 24.00
C ASP ZB 90 -31.76 29.52 22.90
N ALA ZB 91 -30.51 29.84 22.55
CA ALA ZB 91 -29.70 29.07 21.63
C ALA ZB 91 -29.20 27.74 22.22
N ILE ZB 92 -29.01 27.63 23.54
CA ILE ZB 92 -28.87 26.32 24.22
C ILE ZB 92 -30.19 25.53 24.16
N ASN ZB 93 -31.35 26.19 24.04
CA ASN ZB 93 -32.62 25.53 23.77
C ASN ZB 93 -32.93 25.31 22.27
N THR ZB 94 -32.22 25.93 21.31
CA THR ZB 94 -32.18 25.48 19.91
C THR ZB 94 -31.16 24.35 19.69
N GLU ZB 95 -30.09 24.31 20.49
CA GLU ZB 95 -29.28 23.11 20.70
C GLU ZB 95 -30.15 21.96 21.24
N PHE ZB 96 -30.92 22.20 22.31
CA PHE ZB 96 -31.78 21.17 22.90
C PHE ZB 96 -32.98 20.80 22.01
N LYS ZB 97 -33.46 21.68 21.11
CA LYS ZB 97 -34.40 21.30 20.03
C LYS ZB 97 -33.80 20.26 19.10
N ASN ZB 98 -32.61 20.51 18.56
CA ASN ZB 98 -31.98 19.57 17.63
C ASN ZB 98 -31.30 18.39 18.37
N THR ZB 99 -31.24 18.46 19.69
CA THR ZB 99 -31.03 17.33 20.59
C THR ZB 99 -32.30 16.50 20.78
N ARG ZB 100 -33.51 17.08 20.85
CA ARG ZB 100 -34.76 16.31 20.76
C ARG ZB 100 -34.85 15.54 19.44
N THR ZB 101 -34.46 16.13 18.32
CA THR ZB 101 -34.44 15.38 17.05
C THR ZB 101 -33.39 14.25 17.09
N ASN ZB 102 -32.22 14.46 17.73
CA ASN ZB 102 -31.23 13.39 17.87
C ASN ZB 102 -31.56 12.30 18.91
N GLU ZB 103 -32.27 12.61 20.00
CA GLU ZB 103 -32.80 11.63 20.96
C GLU ZB 103 -33.87 10.73 20.34
N LYS ZB 104 -34.80 11.31 19.57
CA LYS ZB 104 -35.89 10.59 18.93
C LYS ZB 104 -35.41 9.73 17.76
N VAL ZB 105 -34.29 10.09 17.15
CA VAL ZB 105 -33.70 9.30 16.07
C VAL ZB 105 -32.58 8.38 16.51
N GLU ZB 106 -31.95 8.59 17.68
CA GLU ZB 106 -31.21 7.53 18.40
C GLU ZB 106 -32.16 6.47 18.98
N LEU ZB 107 -33.40 6.83 19.36
CA LEU ZB 107 -34.44 5.85 19.68
C LEU ZB 107 -34.89 5.04 18.46
N GLN ZB 108 -34.93 5.64 17.26
CA GLN ZB 108 -35.31 4.93 16.03
C GLN ZB 108 -34.16 4.12 15.44
N GLU ZB 109 -32.93 4.66 15.41
CA GLU ZB 109 -31.68 3.94 15.13
C GLU ZB 109 -31.41 2.80 16.11
N LEU ZB 110 -31.95 2.84 17.33
CA LEU ZB 110 -31.92 1.68 18.23
C LEU ZB 110 -32.88 0.55 17.80
N ASN ZB 111 -34.05 0.82 17.21
CA ASN ZB 111 -34.87 -0.19 16.55
C ASN ZB 111 -34.21 -0.72 15.27
N ASP ZB 112 -33.54 0.15 14.52
CA ASP ZB 112 -32.83 -0.23 13.29
C ASP ZB 112 -31.52 -0.98 13.51
N ARG ZB 113 -30.90 -0.75 14.65
CA ARG ZB 113 -29.88 -1.63 15.23
C ARG ZB 113 -30.47 -2.86 15.89
N PHE ZB 114 -31.70 -2.87 16.39
CA PHE ZB 114 -32.37 -4.12 16.71
C PHE ZB 114 -32.56 -4.96 15.44
N ALA ZB 115 -33.05 -4.42 14.32
CA ALA ZB 115 -33.13 -5.14 13.04
C ALA ZB 115 -31.77 -5.64 12.54
N ASN ZB 116 -30.72 -4.81 12.51
CA ASN ZB 116 -29.39 -5.23 12.11
C ASN ZB 116 -28.69 -6.18 13.11
N TYR ZB 117 -29.09 -6.20 14.38
CA TYR ZB 117 -28.68 -7.23 15.35
C TYR ZB 117 -29.57 -8.48 15.31
N ILE ZB 118 -30.82 -8.37 14.84
CA ILE ZB 118 -31.68 -9.52 14.57
C ILE ZB 118 -31.24 -10.18 13.25
N ASP ZB 119 -30.80 -9.46 12.21
CA ASP ZB 119 -30.05 -10.00 11.05
C ASP ZB 119 -28.85 -10.85 11.48
N LYS ZB 120 -28.05 -10.30 12.39
CA LYS ZB 120 -26.90 -10.99 12.96
C LYS ZB 120 -27.26 -12.23 13.78
N VAL ZB 121 -28.45 -12.29 14.40
CA VAL ZB 121 -28.99 -13.48 15.10
C VAL ZB 121 -29.66 -14.46 14.14
N ARG ZB 122 -30.35 -13.97 13.10
CA ARG ZB 122 -30.94 -14.74 12.00
C ARG ZB 122 -29.83 -15.46 11.24
N PHE ZB 123 -28.73 -14.79 10.90
CA PHE ZB 123 -27.53 -15.42 10.35
C PHE ZB 123 -26.81 -16.36 11.31
N LEU ZB 124 -26.75 -16.06 12.61
CA LEU ZB 124 -26.12 -16.95 13.58
C LEU ZB 124 -26.87 -18.28 13.63
N GLU ZB 125 -28.20 -18.24 13.76
CA GLU ZB 125 -29.02 -19.44 13.70
C GLU ZB 125 -29.02 -20.07 12.31
N GLN ZB 126 -29.24 -19.33 11.23
CA GLN ZB 126 -29.34 -19.90 9.88
C GLN ZB 126 -28.02 -20.42 9.28
N GLN ZB 127 -26.86 -19.89 9.67
CA GLN ZB 127 -25.59 -20.55 9.30
C GLN ZB 127 -25.34 -21.82 10.13
N ASN ZB 128 -25.88 -21.92 11.35
CA ASN ZB 128 -26.03 -23.21 12.02
C ASN ZB 128 -27.10 -24.10 11.35
N LYS ZB 129 -28.25 -23.57 10.92
CA LYS ZB 129 -29.36 -24.34 10.32
C LYS ZB 129 -29.00 -24.93 8.95
N ILE ZB 130 -28.33 -24.16 8.08
CA ILE ZB 130 -27.76 -24.68 6.82
C ILE ZB 130 -26.74 -25.78 7.12
N LEU ZB 131 -25.90 -25.61 8.16
CA LEU ZB 131 -24.91 -26.61 8.53
C LEU ZB 131 -25.53 -27.87 9.19
N LEU ZB 132 -26.65 -27.75 9.90
CA LEU ZB 132 -27.39 -28.88 10.45
C LEU ZB 132 -28.14 -29.65 9.34
N ALA ZB 133 -28.80 -28.93 8.43
CA ALA ZB 133 -29.44 -29.52 7.24
C ALA ZB 133 -28.44 -30.17 6.26
N GLU ZB 134 -27.32 -29.51 5.94
CA GLU ZB 134 -26.20 -30.09 5.15
C GLU ZB 134 -25.40 -31.19 5.93
N LEU ZB 135 -25.80 -31.56 7.16
CA LEU ZB 135 -25.20 -32.65 7.96
C LEU ZB 135 -26.17 -33.76 8.43
N GLU ZB 136 -27.46 -33.52 8.69
CA GLU ZB 136 -28.27 -34.45 9.50
C GLU ZB 136 -28.62 -35.76 8.77
N GLN ZB 137 -28.72 -35.65 7.44
CA GLN ZB 137 -28.74 -36.79 6.51
C GLN ZB 137 -27.39 -37.52 6.40
N LEU ZB 138 -26.29 -36.91 6.89
CA LEU ZB 138 -24.96 -37.53 7.04
C LEU ZB 138 -24.70 -38.08 8.45
N LYS ZB 139 -25.65 -37.93 9.39
CA LYS ZB 139 -25.53 -38.38 10.78
C LYS ZB 139 -26.51 -39.51 11.12
N GLY ZB 140 -27.81 -39.23 11.16
CA GLY ZB 140 -28.84 -40.14 11.65
C GLY ZB 140 -29.25 -41.20 10.63
N GLN ZB 141 -29.72 -40.70 9.48
CA GLN ZB 141 -29.72 -41.45 8.23
C GLN ZB 141 -28.30 -41.88 7.81
N GLY ZB 142 -27.26 -41.17 8.25
CA GLY ZB 142 -25.84 -41.51 8.10
C GLY ZB 142 -25.35 -42.75 8.87
N LYS ZB 143 -26.20 -43.38 9.71
CA LYS ZB 143 -26.00 -44.75 10.20
C LYS ZB 143 -27.07 -45.72 9.71
N SER ZB 144 -28.32 -45.30 9.61
CA SER ZB 144 -29.39 -46.20 9.15
C SER ZB 144 -29.23 -46.62 7.69
N ARG ZB 145 -28.87 -45.68 6.78
CA ARG ZB 145 -28.50 -45.96 5.37
C ARG ZB 145 -27.18 -46.74 5.19
N LEU ZB 146 -26.37 -46.84 6.25
CA LEU ZB 146 -25.13 -47.62 6.22
C LEU ZB 146 -25.37 -49.09 6.61
N GLY ZB 147 -26.35 -49.37 7.49
CA GLY ZB 147 -26.89 -50.72 7.69
C GLY ZB 147 -27.72 -51.20 6.49
N ASP ZB 148 -28.55 -50.30 5.94
CA ASP ZB 148 -29.33 -50.49 4.69
C ASP ZB 148 -28.43 -50.95 3.52
N LEU ZB 149 -27.23 -50.36 3.38
CA LEU ZB 149 -26.22 -50.76 2.40
C LEU ZB 149 -25.43 -52.03 2.77
N TYR ZB 150 -25.06 -52.21 4.04
CA TYR ZB 150 -24.35 -53.42 4.47
C TYR ZB 150 -25.18 -54.68 4.35
N GLU ZB 151 -26.52 -54.59 4.40
CA GLU ZB 151 -27.38 -55.74 4.12
C GLU ZB 151 -27.57 -56.04 2.61
N GLU ZB 152 -27.39 -55.05 1.71
CA GLU ZB 152 -27.19 -55.30 0.26
C GLU ZB 152 -25.83 -55.97 -0.03
N GLU ZB 153 -24.75 -55.48 0.57
CA GLU ZB 153 -23.42 -56.12 0.49
C GLU ZB 153 -23.45 -57.54 1.08
N MET ZB 154 -24.20 -57.75 2.17
CA MET ZB 154 -24.47 -59.06 2.76
C MET ZB 154 -25.35 -59.92 1.86
N ARG ZB 155 -26.28 -59.38 1.07
CA ARG ZB 155 -27.12 -60.16 0.15
C ARG ZB 155 -26.32 -60.80 -0.97
N GLU ZB 156 -25.44 -60.09 -1.69
CA GLU ZB 156 -24.65 -60.78 -2.71
C GLU ZB 156 -23.76 -61.86 -2.07
N LEU ZB 157 -23.16 -61.59 -0.90
CA LEU ZB 157 -22.37 -62.58 -0.17
C LEU ZB 157 -23.20 -63.80 0.28
N ARG ZB 158 -24.42 -63.56 0.78
CA ARG ZB 158 -25.43 -64.56 1.16
C ARG ZB 158 -25.80 -65.40 -0.06
N ARG ZB 159 -26.17 -64.78 -1.19
CA ARG ZB 159 -26.47 -65.48 -2.45
C ARG ZB 159 -25.28 -66.27 -3.01
N GLN ZB 160 -24.05 -65.79 -2.88
CA GLN ZB 160 -22.85 -66.53 -3.29
C GLN ZB 160 -22.58 -67.76 -2.39
N VAL ZB 161 -22.68 -67.62 -1.07
CA VAL ZB 161 -22.50 -68.72 -0.10
C VAL ZB 161 -23.63 -69.77 -0.20
N ASP ZB 162 -24.84 -69.29 -0.42
CA ASP ZB 162 -26.05 -70.09 -0.65
C ASP ZB 162 -25.94 -70.90 -1.97
N GLN ZB 163 -25.55 -70.27 -3.08
CA GLN ZB 163 -25.29 -70.99 -4.35
C GLN ZB 163 -24.18 -72.05 -4.24
N LEU ZB 164 -23.13 -71.82 -3.43
CA LEU ZB 164 -22.11 -72.83 -3.13
C LEU ZB 164 -22.58 -73.95 -2.20
N THR ZB 165 -23.53 -73.66 -1.30
CA THR ZB 165 -24.16 -74.66 -0.43
C THR ZB 165 -25.05 -75.59 -1.24
N ASN ZB 166 -25.82 -75.00 -2.16
CA ASN ZB 166 -26.73 -75.69 -3.06
C ASN ZB 166 -25.97 -76.60 -4.03
N ASP ZB 167 -24.94 -76.08 -4.72
CA ASP ZB 167 -24.10 -76.90 -5.63
C ASP ZB 167 -23.32 -78.01 -4.92
N LYS ZB 168 -22.93 -77.82 -3.65
CA LYS ZB 168 -22.25 -78.84 -2.86
C LYS ZB 168 -23.17 -80.03 -2.56
N ALA ZB 169 -24.24 -79.80 -1.79
CA ALA ZB 169 -25.08 -80.89 -1.29
C ALA ZB 169 -26.09 -81.41 -2.33
N ARG ZB 170 -26.25 -80.70 -3.46
CA ARG ZB 170 -26.75 -81.23 -4.74
C ARG ZB 170 -26.01 -82.49 -5.18
N VAL ZB 171 -24.68 -82.42 -5.28
CA VAL ZB 171 -23.84 -83.56 -5.70
C VAL ZB 171 -23.84 -84.70 -4.67
N GLU ZB 172 -24.18 -84.41 -3.42
CA GLU ZB 172 -24.19 -85.42 -2.35
C GLU ZB 172 -25.35 -86.41 -2.51
N VAL ZB 173 -26.55 -85.93 -2.86
CA VAL ZB 173 -27.76 -86.75 -3.04
C VAL ZB 173 -28.05 -87.14 -4.50
N GLU ZB 174 -27.61 -86.32 -5.47
CA GLU ZB 174 -27.47 -86.68 -6.90
C GLU ZB 174 -26.72 -88.00 -7.06
N ARG ZB 175 -25.52 -88.07 -6.47
CA ARG ZB 175 -24.55 -89.15 -6.64
C ARG ZB 175 -25.09 -90.48 -6.15
N ASP ZB 176 -25.75 -90.47 -5.00
CA ASP ZB 176 -26.17 -91.70 -4.32
C ASP ZB 176 -27.37 -92.35 -5.01
N ASN ZB 177 -28.34 -91.55 -5.49
CA ASN ZB 177 -29.37 -92.05 -6.41
C ASN ZB 177 -28.79 -92.44 -7.79
N LEU ZB 178 -27.86 -91.66 -8.36
CA LEU ZB 178 -27.18 -92.03 -9.62
C LEU ZB 178 -26.31 -93.29 -9.50
N ALA ZB 179 -25.82 -93.64 -8.31
CA ALA ZB 179 -25.17 -94.91 -8.05
C ALA ZB 179 -26.17 -96.09 -7.97
N GLU ZB 180 -27.41 -95.82 -7.55
CA GLU ZB 180 -28.53 -96.77 -7.52
C GLU ZB 180 -29.07 -97.08 -8.93
N ASP ZB 181 -29.37 -96.09 -9.80
CA ASP ZB 181 -29.70 -96.29 -11.24
C ASP ZB 181 -28.67 -97.15 -11.96
N ILE ZB 182 -27.40 -96.74 -11.82
CA ILE ZB 182 -26.29 -97.41 -12.48
C ILE ZB 182 -26.05 -98.82 -11.87
N MET ZB 183 -26.61 -99.14 -10.70
CA MET ZB 183 -26.74 -100.51 -10.20
C MET ZB 183 -28.00 -101.23 -10.70
N ARG ZB 184 -29.17 -100.57 -10.73
CA ARG ZB 184 -30.46 -101.13 -11.17
C ARG ZB 184 -30.45 -101.59 -12.62
N LEU ZB 185 -29.91 -100.79 -13.53
CA LEU ZB 185 -29.67 -101.22 -14.92
C LEU ZB 185 -28.56 -102.29 -15.01
N ARG ZB 186 -27.60 -102.32 -14.08
CA ARG ZB 186 -26.56 -103.36 -14.06
C ARG ZB 186 -27.04 -104.71 -13.54
N GLU ZB 187 -27.93 -104.78 -12.56
CA GLU ZB 187 -28.42 -106.03 -11.95
C GLU ZB 187 -29.05 -106.94 -13.03
N LYS ZB 188 -30.02 -106.36 -13.75
CA LYS ZB 188 -30.54 -106.79 -15.06
C LYS ZB 188 -29.47 -107.22 -16.07
N LEU ZB 189 -28.55 -106.32 -16.43
CA LEU ZB 189 -27.54 -106.60 -17.47
C LEU ZB 189 -26.50 -107.65 -17.06
N GLN ZB 190 -26.24 -107.83 -15.76
CA GLN ZB 190 -25.26 -108.79 -15.23
C GLN ZB 190 -25.87 -110.19 -15.13
N GLU ZB 191 -27.12 -110.31 -14.70
CA GLU ZB 191 -27.88 -111.56 -14.73
C GLU ZB 191 -28.16 -112.04 -16.16
N GLU ZB 192 -28.48 -111.12 -17.07
CA GLU ZB 192 -28.52 -111.43 -18.51
C GLU ZB 192 -27.16 -111.82 -19.07
N MET ZB 193 -26.06 -111.20 -18.62
CA MET ZB 193 -24.72 -111.58 -19.04
C MET ZB 193 -24.30 -112.98 -18.57
N LEU ZB 194 -24.73 -113.41 -17.38
CA LEU ZB 194 -24.48 -114.76 -16.85
C LEU ZB 194 -25.15 -115.84 -17.73
N GLN ZB 195 -26.44 -115.68 -18.03
CA GLN ZB 195 -27.13 -116.56 -18.98
C GLN ZB 195 -26.49 -116.52 -20.37
N ARG ZB 196 -26.15 -115.32 -20.88
CA ARG ZB 196 -25.63 -115.13 -22.24
C ARG ZB 196 -24.29 -115.85 -22.46
N GLU ZB 197 -23.50 -116.10 -21.42
CA GLU ZB 197 -22.19 -116.76 -21.51
C GLU ZB 197 -22.26 -118.30 -21.53
N GLU ZB 198 -23.24 -118.92 -20.85
CA GLU ZB 198 -23.60 -120.35 -21.08
C GLU ZB 198 -24.30 -120.54 -22.44
N ALA ZB 199 -25.26 -119.64 -22.74
CA ALA ZB 199 -26.12 -119.69 -23.92
C ALA ZB 199 -25.41 -119.53 -25.28
N GLU ZB 200 -24.09 -119.30 -25.31
CA GLU ZB 200 -23.29 -119.29 -26.55
C GLU ZB 200 -23.27 -120.65 -27.25
N ASN ZB 201 -23.03 -121.72 -26.49
CA ASN ZB 201 -22.70 -123.04 -27.04
C ASN ZB 201 -23.90 -124.00 -27.02
N THR ZB 202 -24.74 -123.90 -25.98
CA THR ZB 202 -25.95 -124.72 -25.81
C THR ZB 202 -26.94 -124.53 -26.97
N LEU ZB 203 -27.05 -123.32 -27.52
CA LEU ZB 203 -27.84 -123.05 -28.74
C LEU ZB 203 -27.37 -123.80 -30.01
N GLN ZB 204 -26.09 -124.19 -30.11
CA GLN ZB 204 -25.63 -125.07 -31.19
C GLN ZB 204 -25.82 -126.56 -30.88
N SER ZB 205 -25.82 -126.94 -29.61
CA SER ZB 205 -26.22 -128.26 -29.12
C SER ZB 205 -27.72 -128.51 -29.38
N PHE ZB 206 -28.58 -127.56 -28.99
CA PHE ZB 206 -30.04 -127.62 -29.13
C PHE ZB 206 -30.50 -127.92 -30.57
N ARG ZB 207 -29.83 -127.27 -31.53
CA ARG ZB 207 -30.14 -127.39 -32.95
C ARG ZB 207 -29.57 -128.66 -33.58
N GLN ZB 208 -28.42 -129.16 -33.11
CA GLN ZB 208 -27.94 -130.51 -33.44
C GLN ZB 208 -28.80 -131.62 -32.81
N ASP ZB 209 -29.35 -131.41 -31.61
CA ASP ZB 209 -30.31 -132.34 -30.98
C ASP ZB 209 -31.64 -132.44 -31.75
N VAL ZB 210 -32.14 -131.31 -32.27
CA VAL ZB 210 -33.32 -131.25 -33.15
C VAL ZB 210 -33.02 -131.78 -34.56
N ASP ZB 211 -31.81 -131.60 -35.08
CA ASP ZB 211 -31.35 -132.24 -36.32
C ASP ZB 211 -31.25 -133.77 -36.21
N ASN ZB 212 -30.70 -134.30 -35.10
CA ASN ZB 212 -30.60 -135.75 -34.85
C ASN ZB 212 -31.99 -136.43 -34.76
N ALA ZB 213 -32.93 -135.81 -34.05
CA ALA ZB 213 -34.32 -136.26 -34.05
C ALA ZB 213 -35.01 -136.14 -35.43
N SER ZB 214 -34.55 -135.21 -36.27
CA SER ZB 214 -35.06 -135.07 -37.63
C SER ZB 214 -34.44 -136.11 -38.57
N LEU ZB 215 -33.19 -136.54 -38.36
CA LEU ZB 215 -32.58 -137.69 -39.03
C LEU ZB 215 -33.29 -139.02 -38.71
N ALA ZB 216 -33.67 -139.23 -37.44
CA ALA ZB 216 -34.48 -140.38 -37.05
C ALA ZB 216 -35.85 -140.40 -37.77
N ARG ZB 217 -36.60 -139.29 -37.70
CA ARG ZB 217 -37.94 -139.18 -38.31
C ARG ZB 217 -37.91 -139.25 -39.85
N LEU ZB 218 -36.80 -138.83 -40.47
CA LEU ZB 218 -36.58 -138.78 -41.93
C LEU ZB 218 -36.48 -140.16 -42.61
N ASP ZB 219 -36.01 -141.20 -41.93
CA ASP ZB 219 -35.97 -142.56 -42.51
C ASP ZB 219 -37.37 -143.13 -42.70
N LEU ZB 220 -38.23 -142.96 -41.71
CA LEU ZB 220 -39.62 -143.45 -41.73
C LEU ZB 220 -40.54 -142.63 -42.63
N GLU ZB 221 -40.24 -141.34 -42.84
CA GLU ZB 221 -40.88 -140.50 -43.86
C GLU ZB 221 -40.60 -141.02 -45.28
N ARG ZB 222 -39.31 -141.13 -45.64
CA ARG ZB 222 -38.88 -141.58 -46.98
C ARG ZB 222 -39.27 -143.03 -47.25
N LYS ZB 223 -39.30 -143.87 -46.22
CA LYS ZB 223 -39.81 -145.24 -46.29
C LYS ZB 223 -41.33 -145.28 -46.54
N VAL ZB 224 -42.16 -144.60 -45.75
CA VAL ZB 224 -43.61 -144.69 -45.94
C VAL ZB 224 -44.10 -144.01 -47.23
N GLU ZB 225 -43.36 -143.03 -47.75
CA GLU ZB 225 -43.53 -142.53 -49.13
C GLU ZB 225 -43.25 -143.62 -50.17
N SER ZB 226 -42.05 -144.23 -50.12
CA SER ZB 226 -41.62 -145.25 -51.09
C SER ZB 226 -42.50 -146.51 -51.05
N LEU ZB 227 -43.00 -146.87 -49.87
CA LEU ZB 227 -43.76 -148.11 -49.67
C LEU ZB 227 -45.21 -148.02 -50.20
N GLN ZB 228 -45.70 -146.82 -50.54
CA GLN ZB 228 -46.92 -146.67 -51.35
C GLN ZB 228 -46.74 -147.19 -52.79
#